data_6W1N
#
_entry.id   6W1N
#
_cell.length_a   1.00
_cell.length_b   1.00
_cell.length_c   1.00
_cell.angle_alpha   90.00
_cell.angle_beta   90.00
_cell.angle_gamma   90.00
#
_symmetry.space_group_name_H-M   'P 1'
#
loop_
_entity.id
_entity.type
_entity.pdbx_description
1 polymer 'Peptidyl-prolyl cis-trans isomerase FKBP1B'
2 polymer 'Ryanodine Receptor'
3 non-polymer 'ZINC ION'
#
loop_
_entity_poly.entity_id
_entity_poly.type
_entity_poly.pdbx_seq_one_letter_code
_entity_poly.pdbx_strand_id
1 'polypeptide(L)'
;SNAGVEIETISPGDGRTFPKKGQTCVVHYTGMLQNGKKFDSSRDRNKPFKFRIGKQEVIKGFEEGAAQMSLGQRAKLTCT
PDVAYGATGHPGVIPPNATLIFDVELLNLE
;
A,C,E,G
2 'polypeptide(L)'
;MGDGGEGEDEVQFLRTDDEVVLQCNATVLKEQLKLCLAAEGFGNRLCFLEPTSNAQNVPPDLAICCFVLEQSLSVRALQE
MLANTVEAGVESSQGGGHRTLLYGHAILLRHAHSGMYLSCLTTSRSMTDKLAFDVGLQEDATGEACWWTTHPASKQRSEG
EKVRVGDDLILVSVSSERYLHLSTASGELQVDASFMQTLWNMNPICSGCEEGYVTGGHVLRLFHGHMDECLTISPADSDD
QRRLVYYEGGSVCTHARSLWRLEPLRISWSGSHLRWGQPLRIRHVTTGRYLALIEDQGLVVVDASKAHTKATSFCFRISK
EKLDTAPKRDVEGMGPPEIKYGESLCFVQHVASGLWLTYAAPDPKALRLGVLKKKAILHQEGHMDDALSLTRCQQEESQA
ARMIYSTAGLYNHFIKGLDSFSGKPRGSGAPAGTALPLEGVILSLQDLIGYFEPPSEELQHEEKQSKLRSLRNRQSLFQE
EGMLSLVLNCIDRLNVYTTAAHFAEFAGEEAAESWKEIVNLLYEILASLIRGNRANCALFSNNLDWLVSKLDRLEASSGI
LEVLYCVLIESPEVLNIIQENHIKSIISLLDKHGRNHKVLDVLCSLCVCNGVAVRSNQDLITENLLPGRELLLQTNLINY
VTSIRPNIFVGRAEGTTQYSKWYFEVMVDEVVPFLTAQATHLRVGWALTEGYSPYPGGGEGWGGNGVGDDLYSYGFDGLH
LWTGHVPRLVTSPGQHLLAPEDVVSCCLDLSVPSISFRINGCPVQGVFEAFNLNGLFFPVVSFSAGVKVRFLLGGRHGEF
KFLPPPGYAPCHEAVLPRERLRLEPIKEYRREGPRGPHLVGPSRCLSHTDFVPCPVDTVQIVLPPHLERIREKLAENIHE
LWALTRIEQGWTYGPVRDDNKRLHPCLVDFHSLPEPERNYNLQMSGETLKTLLALGCHVGMADEKAEDNLRKTKLPKTYM
MSNGYKPAPLDLSHVRLTPAQTTLVDRLAENGHNVWARDRVAQGWSYSAVQDIPARRNPRLVPYRLLDEATKRSNRDSLC
QAVRTLLGYGYNIEPPDQEPSQVESQSRWDRVRIFRAEKSYAVQSGRWYFEFEAVTTGEMRVGWARPELRPDVELGADEL
AYVFNGHRGQRWHLGSELFGRPWQSGDVVGCMIDLTENTIIFTLNGEVLMSDSGSETAFRDIEVGDGFLPVCSLGPGQVG
HLNLGQDVSSLRFFAICGLQEGFEPFAINMQRPVTTWFSKSLPQFEAVPLEHPHYEVSRVDGTVDTPPCLRLTHRTWGSQ
NSLVEMLFLRLSLPVQFHQHFRCTAGATPLAPPGLQPPAEDEARAAEPDPDYENLRRSAGRWGEAEGGKEGTAKEGAPGG
TAQAGVEAQPPRAENEKDATTEKNKKRGFLFKAKKAAMMTQPPATPTLPRLPHEVVPADDRDDPDIILNTTTYYYSVRVF
AGQEPSCVWVGWVTPDYHQHDMNFDLTKVRAVTVTMGDEQGNIHSSLKCSNCYMVWGGDFVSPGQQGRISHTDLVIGCLV
DLATGLMTFTANGKESNTFFQVEPNTKLFPAVFVLPTHQNVIQFELGKQKNIMPLSAAMFLSERKNPAPQCPPRLEMQML
MPVSWSRMPNHFLRVETRRAGERLGWAVQCQEPLTMMALHIPEENRCMDILELSERLDLQQFHSHTLRLYRAVCALGNNR
VAHALCSHVDQAQLLHALEDAHLPGPLRAGYYDLLISIHLESACRSRRSMLSEYIVPLTPETRAITLFPPGKRTENGPRR
HGLPGVGVTTSLRPPHHFSAPCFVAALPAVGAAEAPARLSPSIPLEALRDKALRMLGEAVRDGGQHARDPVGGSVEFQFV
PVLKLVSTLLVMGIFGDEDVKQILKMIEPEVFTEEEEEEEEEEEEEEEDEEEKEEDEEEEAREKEDEEKEEEETAEGEKE
EYLEEGLLQMKLPESVKLQMCNLLEYFCDQELQHRVESLAAFAERYVDKLQANQRDRYGILMKAFTMTAAETARRTREFR
SPPQEQINMLLHFKDGEDEEDCPLPDEIRQDLLEFHQDLLTHCGIQLEGEEEEPEEEATLGSRLMSLLEKVRLVKKKEEK
SEEEPPAEESKLQSLQELVSHTVVRWAQEDFVQSPELVRAMFSLLHRQYDGLGELLRALPRAYTISPSSVEDTMSLLECL
GQIRSLLIVQMGPQEENLMIQSIGNIMNNKVFYQHPNLMRALGMHETVMEVMVNVLGGGESKEIRFPKMVTSCCRFLCYF
CRISRQNQRSMFDHLSYLLENSGIGLGMQGSTPLDVAAASVIDNNELALALQEQDLEKVVSYLAGCGLQSCPMLLAKGYP
DIGWNPCGGERYLDFLRFAVFVNGESVEENANVVVRLLIRKPECFGPALRGEGGSGLLATIEEAIRISEDPARDGPGVRR
DRRREHFGEEPPEENRVHLGHAIMSFYAALIDLLGRCAPEMHLIQAGKGEALRIRAILRSLVPLDDLVGIISLPLQIPTL
GKDGALVQPKMSASFVPDHKASMVLFLDRVYGIENQDFLLHVLDVGFLPDMRAAASLDTATFSTTEMALALNRYLCLAVL
PLITKCAPLFAGTEHRAIMVDSMLHTVYRLSRGRSLTKAQRDVIEECLMALCRYIRPSMLQHLLRRLVFDVP(UNK)
(UNK)(UNK)(UNK)(UNK)(UNK)(UNK)(UNK)(UNK)(UNK)(UNK)(UNK)(UNK)(UNK)(UNK)(UNK)(UNK)
(UNK)(UNK)(UNK)(UNK)(UNK)(UNK)(UNK)(UNK)(UNK)(UNK)(UNK)(UNK)(UNK)(UNK)(UNK)(UNK)
(UNK)(UNK)(UNK)(UNK)(UNK)(UNK)(UNK)(UNK)(UNK)(UNK)(UNK)(UNK)(UNK)DPRPVETLNVIIPEK
LDSFINKFAEYTHEKWAFDKIQNNWSYGENIDEELKTHPMLRPYKTFSEKDKEIYRWPIKESLKAMIAWEWTIEKAREGE
EEKTEKKKTRKISQSAQTYDAREGYNPQPPDLSGVTLSRELQAMAEQLAENYHNTWGRKKKQELEAKGGGTHPLLVPYDT
LTAKEKARDREKAQELLKFLQMNGYAVTR(UNK)(UNK)(UNK)(UNK)(UNK)(UNK)(UNK)(UNK)(UNK)(UNK)
(UNK)(UNK)(UNK)(UNK)(UNK)(UNK)(UNK)(UNK)(UNK)(UNK)(UNK)(UNK)(UNK)(UNK)(UNK)(UNK)
(UNK)(UNK)(UNK)(UNK)(UNK)(UNK)(UNK)(UNK)(UNK)(UNK)(UNK)(UNK)(UNK)(UNK)(UNK)(UNK)
(UNK)(UNK)(UNK)(UNK)(UNK)(UNK)(UNK)(UNK)(UNK)(UNK)(UNK)(UNK)(UNK)(UNK)(UNK)(UNK)
(UNK)(UNK)(UNK)(UNK)(UNK)(UNK)(UNK)(UNK)(UNK)(UNK)(UNK)(UNK)(UNK)(UNK)(UNK)(UNK)
(UNK)(UNK)(UNK)(UNK)(UNK)(UNK)(UNK)(UNK)(UNK)(UNK)(UNK)(UNK)(UNK)(UNK)(UNK)(UNK)
(UNK)(UNK)(UNK)(UNK)(UNK)(UNK)(UNK)(UNK)(UNK)(UNK)(UNK)(UNK)(UNK)(UNK)(UNK)(UNK)
(UNK)(UNK)(UNK)(UNK)(UNK)(UNK)(UNK)(UNK)(UNK)(UNK)(UNK)(UNK)(UNK)(UNK)(UNK)(UNK)
(UNK)(UNK)(UNK)(UNK)(UNK)(UNK)(UNK)(UNK)(UNK)(UNK)(UNK)(UNK)(UNK)(UNK)(UNK)(UNK)
(UNK)(UNK)(UNK)(UNK)(UNK)(UNK)(UNK)(UNK)(UNK)(UNK)(UNK)(UNK)(UNK)(UNK)(UNK)(UNK)
(UNK)(UNK)(UNK)(UNK)(UNK)(UNK)(UNK)(UNK)(UNK)(UNK)(UNK)(UNK)(UNK)(UNK)(UNK)(UNK)
(UNK)(UNK)(UNK)(UNK)(UNK)(UNK)(UNK)(UNK)(UNK)(UNK)(UNK)(UNK)(UNK)(UNK)(UNK)(UNK)
(UNK)(UNK)(UNK)(UNK)(UNK)(UNK)(UNK)(UNK)(UNK)(UNK)(UNK)(UNK)(UNK)(UNK)(UNK)(UNK)
(UNK)(UNK)(UNK)(UNK)(UNK)(UNK)(UNK)(UNK)(UNK)(UNK)(UNK)(UNK)(UNK)(UNK)(UNK)(UNK)
(UNK)PLLIRYVDNNRAHWLTEPNPSAEELFRMVGEIFIYWSK(UNK)(UNK)(UNK)(UNK)(UNK)(UNK)(UNK)
(UNK)(UNK)(UNK)(UNK)(UNK)(UNK)(UNK)(UNK)(UNK)(UNK)(UNK)(UNK)(UNK)(UNK)(UNK)(UNK)
(UNK)(UNK)(UNK)(UNK)(UNK)(UNK)(UNK)(UNK)(UNK)(UNK)(UNK)(UNK)(UNK)(UNK)SLRWQMALYR
GLPGREEDADDPEKIVRRVQEVSAVLYHLEQMEHPYKSK(UNK)(UNK)(UNK)(UNK)(UNK)(UNK)(UNK)(UNK)
(UNK)(UNK)(UNK)(UNK)(UNK)(UNK)(UNK)(UNK)(UNK)(UNK)(UNK)(UNK)(UNK)MTPLYNLPTHRACNM
FLESYKAAWILTEDHSFEDRMIDDLSKAGEQEEEEEEVEEKKPDPLHQLVLHFSRTALTEKSKLDEDYLYMAYADIMAKS
CHLEEGGENGEAQEEVEVSFEEKEMEKQRLLYQQARLHNRGAAEMVLQMISACKGETGAMVSSTLKLGISILNGGNADVQ
QKMLDYLKDKKEVGFFQSIQALMQTCSVLDLNAFERQNKAEGLGMVNEDGTVINRQNGEKVMADDEFTQDLFRFLQLLCE
GHNNDFQNYLRTQTGNTTTINIIICTVDYLLRLQESISDFYWYYSGKDVIEEQGKRNFSKAMSVAKQVFNSLTEYIQGPC
TGNQQSLAHSRLWDAVVGFLHVFAHMMMKLAQDSSQIELLKELLDLQKDMVVMLLSLLEGNVVNGMIARQMVDMLVESSS
NVEMILKFFDMFLKLKDIVGSEAFQDYVTDPRGLISKKDFQK(UNK)(UNK)(UNK)(UNK)(UNK)(UNK)EEFANRFQ
EPARDIGFNVAVLLTNLSEHVPHDPRLRNFLELAESILEYFRPYLGRIEIMGASRRIERIYFEISETNRAQWEMPQVKES
KRQFIFDVVNEGGESEKMELFVSFCEDTIFEMQIAAQISEPEGEPEEDEDEGAGLAEAGAEGAEEGAVGPEGAAGTAAAG
LTARLAAATSRALRGLSYRSLRRRVRRLRRLTAREAATALAALLWAALAHAGAAGAGAAAGALRLLWGSLFGGGLVEGAK
KVTVTELLAGMPDPTGDEVHGEQPAGPGGEADGEGAGEGAGEAWEGAGDEEVAVQEAGPGGADGAVAVAEGGPFRPEGAG
GLGDMGDTTPAEPPTPEGSPIIKRKLGVDGEEEELPPEPEPEPEPEPEKADAENGEKEEVPKPPPEPPKKTAPPPPPPKK
EEGGSGGLEFWGELEVQRVKFLNYLSRNFYTLRFLALFLAFAINFILLFYKVSDSPPGEDDMEGSAAGDLSGAGSGGGSG
WGSGAGEEVEGDEDENMVYYFLEESTGYMEPALRCLSLLHTLVAFLCIIGYNCLKVPLVIFKREKELARKLEFDGLYITE
QPEDDDVKGQWDRLVLNTPSFPSNYWDKFVKRKVLDKHGDIYGRERIAELLGMDLATLEITAHNERKPEPPPGLLTWLMS
IDVKYQIWKFGVIFTDNSFLYLGWYMVMSLLGHYNNFFFAAHLLDIAMGVKTLRTILSSVTHNGKQLVMTVGLLAVVVYL
YTVVAFNFFRKFYNKSEDEDEPDMKCDDMMTCYLFHMYVGVRAGGGIGDEIEDPAGDEYELYRVVFDITFFFFVIVILLA
IIQGLIIDAFGELRDQQEQVREDMETKCFICGIGSDYFDTTPHRFETHTLEEHNLANYMFFLMYLINKDETEHTGQESYV
WKMYQERCWDFFPAGDCFRKQYEDQLS
;
B,D,F,H
#
loop_
_chem_comp.id
_chem_comp.type
_chem_comp.name
_chem_comp.formula
ZN non-polymer 'ZINC ION' 'Zn 2'
#
# COMPACT_ATOMS: atom_id res chain seq x y z
N GLY A 4 -3.21 -125.76 -24.05
CA GLY A 4 -4.10 -126.40 -23.10
C GLY A 4 -5.55 -125.96 -23.23
N VAL A 5 -6.29 -126.65 -24.09
CA VAL A 5 -7.70 -126.36 -24.33
C VAL A 5 -8.52 -127.57 -23.94
N GLU A 6 -9.49 -127.37 -23.05
CA GLU A 6 -10.38 -128.44 -22.61
C GLU A 6 -11.71 -128.30 -23.32
N ILE A 7 -12.16 -129.38 -23.95
CA ILE A 7 -13.39 -129.39 -24.74
C ILE A 7 -14.36 -130.38 -24.10
N GLU A 8 -15.56 -129.90 -23.78
CA GLU A 8 -16.65 -130.72 -23.29
C GLU A 8 -17.79 -130.67 -24.28
N THR A 9 -18.24 -131.84 -24.74
CA THR A 9 -19.27 -131.90 -25.77
C THR A 9 -20.63 -131.61 -25.14
N ILE A 10 -21.11 -130.38 -25.31
CA ILE A 10 -22.43 -130.01 -24.81
C ILE A 10 -23.53 -130.29 -25.84
N SER A 11 -23.18 -130.66 -27.06
CA SER A 11 -24.12 -131.06 -28.10
C SER A 11 -23.66 -132.36 -28.73
N PRO A 12 -24.60 -133.20 -29.21
CA PRO A 12 -24.20 -134.47 -29.84
C PRO A 12 -23.31 -134.27 -31.06
N GLY A 13 -23.78 -133.49 -32.03
CA GLY A 13 -23.02 -133.25 -33.23
C GLY A 13 -22.75 -134.49 -34.04
N ASP A 14 -23.81 -135.09 -34.60
CA ASP A 14 -23.67 -136.33 -35.37
C ASP A 14 -22.93 -136.15 -36.68
N GLY A 15 -22.74 -134.91 -37.14
CA GLY A 15 -22.03 -134.67 -38.38
C GLY A 15 -20.60 -135.15 -38.36
N ARG A 16 -20.20 -135.89 -39.39
CA ARG A 16 -18.85 -136.42 -39.49
C ARG A 16 -17.90 -135.50 -40.25
N THR A 17 -18.40 -134.40 -40.80
CA THR A 17 -17.54 -133.47 -41.52
C THR A 17 -16.57 -132.77 -40.57
N PHE A 18 -15.32 -132.65 -41.00
CA PHE A 18 -14.29 -132.00 -40.20
C PHE A 18 -13.62 -130.89 -41.00
N PRO A 19 -13.29 -129.76 -40.36
CA PRO A 19 -12.60 -128.69 -41.07
C PRO A 19 -11.23 -129.13 -41.55
N LYS A 20 -10.85 -128.66 -42.73
CA LYS A 20 -9.55 -128.94 -43.32
C LYS A 20 -8.81 -127.63 -43.60
N LYS A 21 -7.55 -127.78 -44.03
CA LYS A 21 -6.73 -126.61 -44.32
C LYS A 21 -7.27 -125.86 -45.54
N GLY A 22 -7.16 -124.54 -45.50
CA GLY A 22 -7.63 -123.71 -46.59
C GLY A 22 -9.13 -123.75 -46.82
N GLN A 23 -9.91 -123.71 -45.74
CA GLN A 23 -11.36 -123.73 -45.85
C GLN A 23 -11.95 -122.66 -44.96
N THR A 24 -13.11 -122.14 -45.37
CA THR A 24 -13.86 -121.23 -44.53
C THR A 24 -14.67 -122.00 -43.49
N CYS A 25 -15.00 -121.33 -42.40
CA CYS A 25 -15.72 -121.98 -41.31
C CYS A 25 -16.54 -120.91 -40.57
N VAL A 26 -17.81 -121.20 -40.33
CA VAL A 26 -18.71 -120.25 -39.68
C VAL A 26 -19.01 -120.74 -38.28
N VAL A 27 -18.81 -119.87 -37.28
CA VAL A 27 -19.06 -120.20 -35.89
C VAL A 27 -19.80 -119.05 -35.22
N HIS A 28 -20.84 -119.39 -34.47
CA HIS A 28 -21.56 -118.45 -33.62
C HIS A 28 -20.96 -118.57 -32.23
N TYR A 29 -20.05 -117.65 -31.89
CA TYR A 29 -19.27 -117.77 -30.67
C TYR A 29 -19.76 -116.78 -29.62
N THR A 30 -19.73 -117.22 -28.37
CA THR A 30 -20.06 -116.37 -27.22
C THR A 30 -18.98 -116.58 -26.17
N GLY A 31 -18.25 -115.51 -25.85
CA GLY A 31 -17.14 -115.57 -24.92
C GLY A 31 -17.46 -114.87 -23.61
N MET A 32 -17.01 -115.49 -22.52
CA MET A 32 -17.18 -114.92 -21.19
C MET A 32 -15.88 -115.04 -20.42
N LEU A 33 -15.65 -114.08 -19.54
CA LEU A 33 -14.50 -114.14 -18.65
C LEU A 33 -14.84 -115.03 -17.45
N GLN A 34 -13.82 -115.71 -16.91
CA GLN A 34 -14.08 -116.82 -16.01
C GLN A 34 -14.81 -116.39 -14.74
N ASN A 35 -14.73 -115.11 -14.38
CA ASN A 35 -15.53 -114.61 -13.27
C ASN A 35 -17.02 -114.63 -13.61
N GLY A 36 -17.38 -114.33 -14.86
CA GLY A 36 -18.75 -114.45 -15.30
C GLY A 36 -19.26 -113.42 -16.28
N LYS A 37 -18.51 -112.34 -16.50
CA LYS A 37 -18.93 -111.30 -17.42
C LYS A 37 -18.46 -111.63 -18.84
N LYS A 38 -19.34 -111.40 -19.81
CA LYS A 38 -19.04 -111.69 -21.21
C LYS A 38 -18.44 -110.46 -21.88
N PHE A 39 -17.64 -110.68 -22.93
CA PHE A 39 -17.10 -109.57 -23.70
C PHE A 39 -17.52 -109.58 -25.17
N ASP A 40 -17.83 -110.75 -25.71
CA ASP A 40 -18.15 -110.85 -27.13
C ASP A 40 -19.28 -111.86 -27.32
N SER A 41 -20.15 -111.57 -28.29
CA SER A 41 -21.20 -112.50 -28.67
C SER A 41 -21.56 -112.19 -30.11
N SER A 42 -21.15 -113.06 -31.03
CA SER A 42 -21.50 -112.84 -32.43
C SER A 42 -23.00 -112.88 -32.66
N ARG A 43 -23.73 -113.57 -31.80
CA ARG A 43 -25.16 -113.67 -32.02
C ARG A 43 -25.90 -112.38 -31.70
N ASP A 44 -25.29 -111.52 -30.89
CA ASP A 44 -25.83 -110.17 -30.65
C ASP A 44 -25.81 -109.33 -31.91
N ARG A 45 -24.85 -109.60 -32.79
CA ARG A 45 -24.79 -108.91 -34.07
C ARG A 45 -25.64 -109.58 -35.14
N ASN A 46 -26.18 -110.77 -34.87
CA ASN A 46 -26.99 -111.53 -35.81
C ASN A 46 -26.24 -111.85 -37.09
N LYS A 47 -24.91 -111.91 -37.05
CA LYS A 47 -24.10 -112.23 -38.20
C LYS A 47 -23.13 -113.35 -37.88
N PRO A 48 -23.11 -114.43 -38.67
CA PRO A 48 -22.14 -115.51 -38.41
C PRO A 48 -20.71 -115.02 -38.61
N PHE A 49 -19.82 -115.46 -37.73
CA PHE A 49 -18.43 -115.03 -37.79
C PHE A 49 -17.66 -115.94 -38.73
N LYS A 50 -17.37 -115.44 -39.93
CA LYS A 50 -16.64 -116.19 -40.96
C LYS A 50 -15.15 -116.07 -40.66
N PHE A 51 -14.49 -117.20 -40.45
CA PHE A 51 -13.04 -117.21 -40.33
C PHE A 51 -12.49 -118.44 -41.05
N ARG A 52 -11.31 -118.27 -41.66
CA ARG A 52 -10.65 -119.37 -42.35
C ARG A 52 -9.62 -120.02 -41.44
N ILE A 53 -9.53 -121.35 -41.52
CA ILE A 53 -8.56 -122.08 -40.72
C ILE A 53 -7.16 -121.73 -41.21
N GLY A 54 -6.34 -121.21 -40.31
CA GLY A 54 -4.99 -120.78 -40.66
C GLY A 54 -4.89 -119.27 -40.79
N LYS A 55 -3.73 -118.85 -41.29
CA LYS A 55 -3.41 -117.45 -41.54
C LYS A 55 -3.36 -116.62 -40.27
N GLN A 56 -3.49 -117.28 -39.10
CA GLN A 56 -3.39 -116.64 -37.80
C GLN A 56 -4.35 -115.46 -37.66
N GLU A 57 -5.55 -115.62 -38.21
CA GLU A 57 -6.56 -114.57 -38.09
C GLU A 57 -7.17 -114.53 -36.70
N VAL A 58 -7.23 -115.67 -36.01
CA VAL A 58 -7.81 -115.77 -34.67
C VAL A 58 -6.79 -116.48 -33.79
N ILE A 59 -6.92 -116.28 -32.47
CA ILE A 59 -5.99 -116.89 -31.53
C ILE A 59 -5.94 -118.41 -31.72
N LYS A 60 -4.80 -118.99 -31.33
CA LYS A 60 -4.55 -120.40 -31.62
C LYS A 60 -5.52 -121.31 -30.89
N GLY A 61 -5.92 -120.96 -29.67
CA GLY A 61 -6.84 -121.82 -28.93
C GLY A 61 -8.19 -121.95 -29.61
N PHE A 62 -8.74 -120.82 -30.07
CA PHE A 62 -10.03 -120.84 -30.77
C PHE A 62 -9.95 -121.66 -32.05
N GLU A 63 -8.88 -121.47 -32.83
CA GLU A 63 -8.73 -122.22 -34.07
C GLU A 63 -8.57 -123.70 -33.82
N GLU A 64 -7.76 -124.09 -32.82
CA GLU A 64 -7.60 -125.50 -32.51
C GLU A 64 -8.90 -126.12 -32.02
N GLY A 65 -9.64 -125.40 -31.17
CA GLY A 65 -10.93 -125.90 -30.73
C GLY A 65 -11.89 -126.10 -31.88
N ALA A 66 -11.98 -125.12 -32.78
CA ALA A 66 -12.85 -125.26 -33.95
C ALA A 66 -12.41 -126.42 -34.83
N ALA A 67 -11.10 -126.65 -34.95
CA ALA A 67 -10.61 -127.77 -35.75
C ALA A 67 -11.01 -129.11 -35.14
N GLN A 68 -10.93 -129.24 -33.81
CA GLN A 68 -11.17 -130.53 -33.19
C GLN A 68 -12.65 -130.89 -33.11
N MET A 69 -13.55 -129.92 -33.24
CA MET A 69 -14.98 -130.17 -33.19
C MET A 69 -15.62 -129.91 -34.56
N SER A 70 -16.81 -130.49 -34.77
CA SER A 70 -17.31 -130.76 -36.11
C SER A 70 -18.63 -130.03 -36.35
N LEU A 71 -19.28 -130.36 -37.46
CA LEU A 71 -20.53 -129.71 -37.87
C LEU A 71 -21.67 -130.08 -36.94
N GLY A 72 -22.54 -129.10 -36.67
CA GLY A 72 -23.69 -129.35 -35.83
C GLY A 72 -23.37 -129.67 -34.39
N GLN A 73 -22.15 -129.35 -33.95
CA GLN A 73 -21.69 -129.66 -32.61
C GLN A 73 -21.46 -128.37 -31.84
N ARG A 74 -21.67 -128.43 -30.53
CA ARG A 74 -21.42 -127.30 -29.64
C ARG A 74 -20.46 -127.74 -28.54
N ALA A 75 -19.58 -126.83 -28.13
CA ALA A 75 -18.60 -127.13 -27.10
C ALA A 75 -18.17 -125.85 -26.41
N LYS A 76 -17.57 -126.00 -25.23
CA LYS A 76 -17.04 -124.88 -24.46
C LYS A 76 -15.52 -125.04 -24.40
N LEU A 77 -14.81 -123.98 -24.78
CA LEU A 77 -13.35 -124.01 -24.85
C LEU A 77 -12.77 -123.28 -23.65
N THR A 78 -11.84 -123.94 -22.96
CA THR A 78 -11.10 -123.35 -21.85
C THR A 78 -9.75 -122.87 -22.38
N CYS A 79 -9.62 -121.57 -22.58
CA CYS A 79 -8.43 -120.98 -23.17
C CYS A 79 -7.54 -120.42 -22.08
N THR A 80 -6.32 -120.95 -21.97
CA THR A 80 -5.33 -120.44 -21.03
C THR A 80 -4.77 -119.12 -21.53
N PRO A 81 -4.32 -118.25 -20.62
CA PRO A 81 -3.70 -116.98 -21.07
C PRO A 81 -2.47 -117.17 -21.93
N ASP A 82 -1.79 -118.31 -21.84
CA ASP A 82 -0.63 -118.56 -22.69
C ASP A 82 -1.03 -118.60 -24.16
N VAL A 83 -2.16 -119.24 -24.48
CA VAL A 83 -2.65 -119.30 -25.85
C VAL A 83 -3.59 -118.14 -26.16
N ALA A 84 -3.73 -117.20 -25.24
CA ALA A 84 -4.60 -116.03 -25.37
C ALA A 84 -3.74 -114.77 -25.37
N TYR A 85 -4.41 -113.62 -25.26
CA TYR A 85 -3.70 -112.34 -25.25
C TYR A 85 -2.63 -112.29 -24.17
N GLY A 86 -2.87 -112.93 -23.02
CA GLY A 86 -1.85 -113.00 -21.99
C GLY A 86 -1.58 -111.64 -21.37
N ALA A 87 -0.29 -111.34 -21.17
CA ALA A 87 0.10 -110.07 -20.60
C ALA A 87 -0.32 -108.90 -21.48
N THR A 88 -0.16 -109.03 -22.79
CA THR A 88 -0.59 -108.01 -23.74
C THR A 88 -2.07 -108.19 -24.05
N GLY A 89 -2.89 -107.89 -23.05
CA GLY A 89 -4.32 -108.04 -23.18
C GLY A 89 -4.94 -107.01 -24.09
N HIS A 90 -6.20 -107.25 -24.44
CA HIS A 90 -6.92 -106.33 -25.30
C HIS A 90 -7.11 -105.00 -24.58
N PRO A 91 -6.85 -103.87 -25.24
CA PRO A 91 -6.94 -102.57 -24.55
C PRO A 91 -8.36 -102.23 -24.12
N GLY A 92 -8.60 -102.20 -22.81
CA GLY A 92 -9.89 -101.84 -22.28
C GLY A 92 -10.95 -102.90 -22.38
N VAL A 93 -10.60 -104.14 -22.73
CA VAL A 93 -11.59 -105.20 -22.90
C VAL A 93 -11.27 -106.36 -21.96
N ILE A 94 -10.09 -106.95 -22.11
CA ILE A 94 -9.71 -108.14 -21.37
C ILE A 94 -8.52 -107.79 -20.50
N PRO A 95 -8.59 -107.99 -19.19
CA PRO A 95 -7.43 -107.73 -18.33
C PRO A 95 -6.31 -108.72 -18.60
N PRO A 96 -5.07 -108.33 -18.37
CA PRO A 96 -3.94 -109.24 -18.63
C PRO A 96 -4.00 -110.48 -17.76
N ASN A 97 -3.53 -111.59 -18.32
CA ASN A 97 -3.47 -112.89 -17.65
C ASN A 97 -4.86 -113.33 -17.19
N ALA A 98 -5.74 -113.53 -18.18
CA ALA A 98 -7.11 -113.97 -17.92
C ALA A 98 -7.47 -115.11 -18.87
N THR A 99 -8.30 -116.02 -18.37
CA THR A 99 -8.78 -117.13 -19.17
C THR A 99 -10.09 -116.76 -19.88
N LEU A 100 -10.36 -117.47 -20.97
CA LEU A 100 -11.49 -117.18 -21.83
C LEU A 100 -12.28 -118.45 -22.09
N ILE A 101 -13.61 -118.35 -22.01
CA ILE A 101 -14.52 -119.46 -22.25
C ILE A 101 -15.39 -119.11 -23.44
N PHE A 102 -15.39 -119.96 -24.46
CA PHE A 102 -16.08 -119.70 -25.72
C PHE A 102 -17.23 -120.68 -25.93
N ASP A 103 -18.33 -120.18 -26.50
CA ASP A 103 -19.48 -120.99 -26.87
C ASP A 103 -19.46 -121.17 -28.38
N VAL A 104 -18.68 -122.16 -28.85
CA VAL A 104 -18.38 -122.35 -30.26
C VAL A 104 -19.32 -123.38 -30.87
N GLU A 105 -19.61 -123.22 -32.16
CA GLU A 105 -20.52 -124.10 -32.90
C GLU A 105 -20.40 -123.81 -34.38
N LEU A 106 -20.11 -124.82 -35.21
CA LEU A 106 -20.20 -124.63 -36.65
C LEU A 106 -21.63 -124.69 -37.14
N LEU A 107 -21.88 -124.09 -38.30
CA LEU A 107 -23.12 -124.20 -39.03
C LEU A 107 -22.90 -124.80 -40.42
N ASN A 108 -21.77 -124.49 -41.05
CA ASN A 108 -21.45 -124.94 -42.39
C ASN A 108 -19.93 -124.97 -42.54
N LEU A 109 -19.44 -125.97 -43.27
CA LEU A 109 -18.01 -126.11 -43.57
C LEU A 109 -17.14 -126.10 -42.30
N GLN B 12 -19.92 -23.37 10.90
CA GLN B 12 -20.67 -24.24 9.99
C GLN B 12 -21.63 -25.12 10.78
N PHE B 13 -22.50 -25.83 10.08
CA PHE B 13 -23.50 -26.69 10.69
C PHE B 13 -23.36 -28.09 10.13
N LEU B 14 -23.34 -29.09 11.01
CA LEU B 14 -23.22 -30.47 10.56
C LEU B 14 -24.51 -30.94 9.92
N ARG B 15 -24.39 -31.56 8.75
CA ARG B 15 -25.52 -32.05 7.98
C ARG B 15 -25.27 -33.50 7.57
N THR B 16 -26.22 -34.06 6.83
CA THR B 16 -26.11 -35.43 6.38
C THR B 16 -25.15 -35.54 5.20
N ASP B 17 -24.74 -36.78 4.90
CA ASP B 17 -23.75 -37.07 3.87
C ASP B 17 -22.43 -36.34 4.13
N ASP B 18 -22.09 -36.15 5.40
CA ASP B 18 -20.85 -35.50 5.80
C ASP B 18 -19.98 -36.51 6.52
N GLU B 19 -18.74 -36.66 6.08
CA GLU B 19 -17.81 -37.58 6.72
C GLU B 19 -17.30 -36.96 8.02
N VAL B 20 -17.51 -37.67 9.13
CA VAL B 20 -17.09 -37.19 10.45
C VAL B 20 -16.30 -38.29 11.14
N VAL B 21 -15.41 -37.88 12.04
CA VAL B 21 -14.59 -38.79 12.83
C VAL B 21 -14.85 -38.51 14.30
N LEU B 22 -15.27 -39.54 15.03
CA LEU B 22 -15.51 -39.39 16.46
C LEU B 22 -14.19 -39.20 17.20
N GLN B 23 -14.19 -38.27 18.16
CA GLN B 23 -12.99 -37.95 18.93
C GLN B 23 -13.37 -37.79 20.39
N CYS B 24 -12.43 -38.11 21.26
CA CYS B 24 -12.61 -37.96 22.70
C CYS B 24 -11.29 -37.57 23.35
N ASN B 25 -11.37 -36.66 24.33
CA ASN B 25 -10.18 -36.20 25.05
C ASN B 25 -10.10 -36.94 26.38
N ALA B 26 -9.67 -38.21 26.30
CA ALA B 26 -9.52 -39.07 27.45
C ALA B 26 -8.12 -39.63 27.50
N THR B 27 -7.46 -39.51 28.65
CA THR B 27 -6.11 -40.02 28.82
C THR B 27 -5.86 -40.23 30.30
N VAL B 28 -4.83 -41.02 30.61
CA VAL B 28 -4.45 -41.33 31.99
C VAL B 28 -2.94 -41.19 32.13
N LEU B 29 -2.51 -40.53 33.19
CA LEU B 29 -1.10 -40.38 33.56
C LEU B 29 -0.29 -39.69 32.48
N LYS B 30 -0.92 -38.85 31.66
CA LYS B 30 -0.23 -38.13 30.59
C LYS B 30 -1.12 -36.97 30.15
N GLU B 31 -0.66 -36.27 29.11
CA GLU B 31 -1.45 -35.19 28.54
C GLU B 31 -2.65 -35.76 27.79
N GLN B 32 -3.57 -34.87 27.43
CA GLN B 32 -4.79 -35.29 26.74
C GLN B 32 -4.46 -35.92 25.40
N LEU B 33 -4.87 -37.17 25.22
CA LEU B 33 -4.64 -37.91 23.98
C LEU B 33 -5.97 -38.04 23.24
N LYS B 34 -5.99 -37.58 21.99
CA LYS B 34 -7.21 -37.63 21.19
C LYS B 34 -7.39 -39.04 20.63
N LEU B 35 -8.36 -39.77 21.18
CA LEU B 35 -8.68 -41.11 20.72
C LEU B 35 -9.86 -41.06 19.76
N CYS B 36 -9.83 -41.94 18.76
CA CYS B 36 -10.86 -42.01 17.74
C CYS B 36 -11.47 -43.39 17.70
N LEU B 37 -12.72 -43.46 17.21
CA LEU B 37 -13.45 -44.72 17.09
C LEU B 37 -13.10 -45.35 15.75
N ALA B 38 -12.24 -46.36 15.78
CA ALA B 38 -11.79 -47.06 14.59
C ALA B 38 -12.17 -48.53 14.67
N ALA B 39 -12.67 -49.07 13.56
CA ALA B 39 -13.08 -50.46 13.50
C ALA B 39 -12.77 -51.01 12.11
N GLU B 40 -12.19 -52.22 12.07
CA GLU B 40 -11.79 -52.81 10.80
C GLU B 40 -13.01 -53.22 9.97
N GLY B 41 -13.98 -53.88 10.60
CA GLY B 41 -15.15 -54.35 9.88
C GLY B 41 -14.98 -55.74 9.31
N PHE B 42 -14.12 -55.86 8.30
CA PHE B 42 -13.84 -57.16 7.69
C PHE B 42 -12.80 -57.90 8.52
N GLY B 43 -13.14 -59.11 8.97
CA GLY B 43 -12.29 -59.90 9.82
C GLY B 43 -12.42 -59.60 11.30
N ASN B 44 -12.74 -58.36 11.65
CA ASN B 44 -12.93 -57.95 13.04
C ASN B 44 -14.23 -57.17 13.13
N ARG B 45 -15.26 -57.79 13.71
CA ARG B 45 -16.55 -57.14 13.86
C ARG B 45 -16.62 -56.22 15.06
N LEU B 46 -15.61 -56.23 15.93
CA LEU B 46 -15.59 -55.38 17.11
C LEU B 46 -14.84 -54.08 16.82
N CYS B 47 -14.98 -53.13 17.73
CA CYS B 47 -14.35 -51.83 17.61
C CYS B 47 -13.16 -51.70 18.56
N PHE B 48 -12.34 -50.69 18.31
CA PHE B 48 -11.15 -50.43 19.11
C PHE B 48 -10.87 -48.94 19.09
N LEU B 49 -9.68 -48.55 19.58
CA LEU B 49 -9.28 -47.16 19.67
C LEU B 49 -7.91 -46.97 19.04
N GLU B 50 -7.65 -45.73 18.62
CA GLU B 50 -6.39 -45.36 17.99
C GLU B 50 -6.00 -43.95 18.40
N PRO B 51 -4.93 -43.77 19.17
CA PRO B 51 -4.52 -42.41 19.55
C PRO B 51 -4.04 -41.63 18.33
N THR B 52 -4.55 -40.40 18.20
CA THR B 52 -4.19 -39.51 17.11
C THR B 52 -3.55 -38.22 17.62
N SER B 53 -3.05 -38.22 18.86
CA SER B 53 -2.47 -37.01 19.43
C SER B 53 -1.08 -36.73 18.85
N ASN B 54 -0.18 -37.70 18.95
CA ASN B 54 1.19 -37.53 18.46
C ASN B 54 1.21 -37.78 16.96
N ALA B 55 1.05 -36.71 16.18
CA ALA B 55 1.09 -36.80 14.73
C ALA B 55 2.51 -36.73 14.17
N GLN B 56 3.44 -36.10 14.89
CA GLN B 56 4.81 -36.01 14.40
C GLN B 56 5.56 -37.33 14.55
N ASN B 57 5.21 -38.14 15.55
CA ASN B 57 5.91 -39.40 15.77
C ASN B 57 5.39 -40.50 14.84
N VAL B 58 4.11 -40.83 14.94
CA VAL B 58 3.50 -41.86 14.13
C VAL B 58 2.24 -41.29 13.48
N PRO B 59 2.14 -41.26 12.16
CA PRO B 59 0.93 -40.71 11.52
C PRO B 59 -0.22 -41.69 11.63
N PRO B 60 -1.34 -41.27 12.22
CA PRO B 60 -2.50 -42.15 12.33
C PRO B 60 -3.21 -42.32 10.98
N ASP B 61 -4.05 -43.35 10.92
CA ASP B 61 -4.86 -43.63 9.74
C ASP B 61 -6.28 -43.08 9.91
N LEU B 62 -6.90 -42.72 8.79
CA LEU B 62 -8.24 -42.15 8.80
C LEU B 62 -9.28 -43.00 8.11
N ALA B 63 -8.87 -43.96 7.28
CA ALA B 63 -9.85 -44.81 6.58
C ALA B 63 -10.59 -45.71 7.56
N ILE B 64 -9.90 -46.22 8.58
CA ILE B 64 -10.55 -47.12 9.53
C ILE B 64 -11.54 -46.37 10.41
N CYS B 65 -11.21 -45.15 10.84
CA CYS B 65 -12.05 -44.37 11.74
C CYS B 65 -12.89 -43.32 11.02
N CYS B 66 -13.33 -43.62 9.80
CA CYS B 66 -14.14 -42.69 9.02
C CYS B 66 -15.59 -43.14 9.01
N PHE B 67 -16.49 -42.24 9.37
CA PHE B 67 -17.92 -42.51 9.37
C PHE B 67 -18.64 -41.38 8.65
N VAL B 68 -19.77 -41.73 8.03
CA VAL B 68 -20.57 -40.79 7.26
C VAL B 68 -22.00 -40.80 7.79
N LEU B 69 -22.62 -39.62 7.84
CA LEU B 69 -23.98 -39.47 8.33
C LEU B 69 -24.94 -39.49 7.15
N GLU B 70 -25.63 -40.61 6.97
CA GLU B 70 -26.54 -40.76 5.84
C GLU B 70 -27.96 -40.33 6.15
N GLN B 71 -28.45 -40.52 7.38
CA GLN B 71 -29.80 -40.15 7.73
C GLN B 71 -29.85 -39.74 9.19
N SER B 72 -30.68 -38.74 9.50
CA SER B 72 -30.85 -38.27 10.86
C SER B 72 -32.32 -37.90 11.05
N LEU B 73 -33.05 -38.71 11.82
CA LEU B 73 -34.46 -38.49 12.07
C LEU B 73 -34.72 -38.46 13.58
N SER B 74 -35.92 -38.03 13.94
CA SER B 74 -36.29 -37.89 15.34
C SER B 74 -36.63 -39.25 15.95
N VAL B 75 -36.90 -39.24 17.26
CA VAL B 75 -37.25 -40.46 17.96
C VAL B 75 -38.63 -40.95 17.53
N ARG B 76 -39.61 -40.04 17.46
CA ARG B 76 -40.96 -40.43 17.06
C ARG B 76 -41.00 -40.93 15.62
N ALA B 77 -40.29 -40.24 14.72
CA ALA B 77 -40.21 -40.69 13.33
C ALA B 77 -39.53 -42.05 13.24
N LEU B 78 -38.48 -42.25 14.03
CA LEU B 78 -37.80 -43.54 14.06
C LEU B 78 -38.72 -44.65 14.51
N GLN B 79 -39.51 -44.38 15.57
CA GLN B 79 -40.46 -45.38 16.06
C GLN B 79 -41.52 -45.69 15.02
N GLU B 80 -42.03 -44.66 14.34
CA GLU B 80 -43.04 -44.87 13.31
C GLU B 80 -42.48 -45.69 12.15
N MET B 81 -41.25 -45.41 11.74
CA MET B 81 -40.65 -46.16 10.64
C MET B 81 -40.33 -47.60 11.04
N LEU B 82 -39.88 -47.79 12.28
CA LEU B 82 -39.59 -49.15 12.75
C LEU B 82 -40.86 -49.98 12.88
N ALA B 83 -41.96 -49.36 13.31
CA ALA B 83 -43.23 -50.07 13.40
C ALA B 83 -43.70 -50.53 12.01
N ASN B 84 -43.55 -49.67 11.01
CA ASN B 84 -43.95 -50.01 9.65
C ASN B 84 -42.74 -50.07 8.72
N GLY B 97 -31.35 -33.76 -1.17
CA GLY B 97 -32.22 -33.81 -0.01
C GLY B 97 -31.46 -33.80 1.30
N HIS B 98 -30.43 -32.95 1.37
CA HIS B 98 -29.64 -32.84 2.59
C HIS B 98 -30.44 -32.18 3.70
N ARG B 99 -30.34 -32.72 4.91
CA ARG B 99 -31.05 -32.22 6.07
C ARG B 99 -30.05 -31.90 7.17
N THR B 100 -30.27 -30.77 7.85
CA THR B 100 -29.39 -30.39 8.96
C THR B 100 -29.61 -31.29 10.16
N LEU B 101 -28.58 -31.37 11.01
CA LEU B 101 -28.61 -32.21 12.20
C LEU B 101 -29.00 -31.35 13.39
N LEU B 102 -29.96 -31.82 14.18
CA LEU B 102 -30.44 -31.10 15.35
C LEU B 102 -30.37 -32.00 16.59
N TYR B 103 -30.28 -31.35 17.74
CA TYR B 103 -30.27 -32.07 19.00
C TYR B 103 -31.60 -32.77 19.22
N GLY B 104 -31.54 -33.98 19.79
CA GLY B 104 -32.72 -34.78 20.02
C GLY B 104 -33.08 -35.73 18.90
N HIS B 105 -32.42 -35.64 17.76
CA HIS B 105 -32.65 -36.55 16.65
C HIS B 105 -31.85 -37.83 16.88
N ALA B 106 -31.92 -38.75 15.92
CA ALA B 106 -31.19 -40.01 15.97
C ALA B 106 -30.33 -40.13 14.72
N ILE B 107 -29.03 -40.31 14.92
CA ILE B 107 -28.09 -40.37 13.81
C ILE B 107 -27.84 -41.83 13.44
N LEU B 108 -27.38 -42.04 12.21
CA LEU B 108 -27.04 -43.38 11.70
C LEU B 108 -25.60 -43.36 11.25
N LEU B 109 -24.75 -44.13 11.92
CA LEU B 109 -23.32 -44.16 11.61
C LEU B 109 -23.06 -45.24 10.57
N ARG B 110 -22.51 -44.85 9.42
CA ARG B 110 -22.15 -45.77 8.36
C ARG B 110 -20.64 -45.72 8.15
N HIS B 111 -20.01 -46.90 8.11
CA HIS B 111 -18.59 -46.98 7.82
C HIS B 111 -18.34 -46.69 6.34
N ALA B 112 -17.14 -46.18 6.05
CA ALA B 112 -16.77 -45.83 4.69
C ALA B 112 -16.11 -46.99 3.96
N HIS B 113 -15.15 -47.64 4.62
CA HIS B 113 -14.43 -48.74 3.98
C HIS B 113 -15.26 -50.03 3.98
N SER B 114 -15.61 -50.52 5.17
CA SER B 114 -16.39 -51.75 5.25
C SER B 114 -17.81 -51.57 4.73
N GLY B 115 -18.42 -50.42 5.00
CA GLY B 115 -19.78 -50.15 4.58
C GLY B 115 -20.86 -50.60 5.55
N MET B 116 -20.49 -51.30 6.62
CA MET B 116 -21.48 -51.74 7.60
C MET B 116 -21.88 -50.58 8.51
N TYR B 117 -23.03 -50.74 9.16
CA TYR B 117 -23.56 -49.75 10.08
C TYR B 117 -23.11 -50.05 11.49
N LEU B 118 -22.89 -48.99 12.27
CA LEU B 118 -22.48 -49.14 13.66
C LEU B 118 -23.69 -49.44 14.53
N SER B 119 -23.58 -50.46 15.37
CA SER B 119 -24.69 -50.88 16.23
C SER B 119 -24.12 -51.52 17.49
N CYS B 120 -25.01 -51.85 18.42
CA CYS B 120 -24.63 -52.50 19.66
C CYS B 120 -24.84 -54.00 19.54
N LEU B 121 -23.89 -54.77 20.08
CA LEU B 121 -23.93 -56.21 20.04
C LEU B 121 -24.22 -56.77 21.42
N THR B 122 -25.13 -57.75 21.48
CA THR B 122 -25.50 -58.34 22.76
C THR B 122 -24.36 -59.12 23.40
N THR B 123 -23.37 -59.54 22.63
CA THR B 123 -22.22 -60.24 23.17
C THR B 123 -21.36 -59.27 23.99
N SER B 124 -20.99 -59.68 25.20
CA SER B 124 -20.20 -58.85 26.10
C SER B 124 -18.83 -59.49 26.27
N ARG B 125 -17.78 -58.74 25.91
CA ARG B 125 -16.42 -59.20 26.10
C ARG B 125 -15.82 -58.77 27.43
N SER B 126 -16.53 -57.95 28.21
CA SER B 126 -16.04 -57.52 29.50
C SER B 126 -16.25 -58.61 30.55
N MET B 127 -15.67 -58.41 31.72
CA MET B 127 -15.75 -59.36 32.82
C MET B 127 -16.38 -58.70 34.04
N THR B 128 -17.17 -59.49 34.77
CA THR B 128 -17.83 -59.10 36.01
C THR B 128 -18.81 -57.95 35.83
N ASP B 129 -19.25 -57.69 34.60
CA ASP B 129 -20.23 -56.62 34.36
C ASP B 129 -21.04 -57.03 33.12
N LYS B 130 -22.23 -57.59 33.35
CA LYS B 130 -23.12 -57.96 32.26
C LYS B 130 -23.82 -56.76 31.64
N LEU B 131 -23.81 -55.60 32.30
CA LEU B 131 -24.47 -54.43 31.75
C LEU B 131 -23.70 -53.85 30.57
N ALA B 132 -22.38 -54.01 30.57
CA ALA B 132 -21.57 -53.46 29.48
C ALA B 132 -21.78 -54.27 28.21
N PHE B 133 -22.09 -53.58 27.12
CA PHE B 133 -22.33 -54.19 25.82
C PHE B 133 -21.30 -53.69 24.82
N ASP B 134 -20.66 -54.61 24.11
CA ASP B 134 -19.70 -54.23 23.08
C ASP B 134 -20.42 -53.59 21.89
N VAL B 135 -19.77 -52.62 21.28
CA VAL B 135 -20.30 -51.94 20.10
C VAL B 135 -19.58 -52.47 18.87
N GLY B 136 -20.36 -52.76 17.82
CA GLY B 136 -19.79 -53.36 16.63
C GLY B 136 -20.53 -53.01 15.35
N LEU B 137 -20.23 -53.72 14.26
CA LEU B 137 -20.80 -53.42 12.96
C LEU B 137 -21.72 -54.54 12.50
N GLN B 138 -22.81 -54.17 11.85
CA GLN B 138 -23.75 -55.13 11.29
C GLN B 138 -24.19 -54.67 9.91
N GLU B 139 -24.32 -55.62 9.00
CA GLU B 139 -24.74 -55.32 7.64
C GLU B 139 -26.22 -55.57 7.41
N ASP B 140 -26.96 -56.01 8.44
CA ASP B 140 -28.39 -56.27 8.29
C ASP B 140 -29.20 -54.99 8.20
N ALA B 141 -28.67 -53.86 8.65
CA ALA B 141 -29.33 -52.56 8.57
C ALA B 141 -30.67 -52.56 9.30
N THR B 142 -30.80 -53.36 10.36
CA THR B 142 -32.02 -53.36 11.15
C THR B 142 -32.06 -52.11 12.03
N GLY B 143 -33.21 -51.43 12.04
CA GLY B 143 -33.38 -50.21 12.78
C GLY B 143 -33.67 -50.37 14.25
N GLU B 144 -33.70 -51.61 14.75
CA GLU B 144 -34.01 -51.84 16.16
C GLU B 144 -32.93 -51.25 17.07
N ALA B 145 -31.65 -51.43 16.70
CA ALA B 145 -30.56 -50.99 17.55
C ALA B 145 -29.42 -50.30 16.80
N CYS B 146 -29.53 -50.15 15.48
CA CYS B 146 -28.44 -49.53 14.72
C CYS B 146 -28.43 -48.02 14.80
N TRP B 147 -29.47 -47.41 15.38
CA TRP B 147 -29.56 -45.97 15.48
C TRP B 147 -29.00 -45.48 16.82
N TRP B 148 -28.48 -44.24 16.80
CA TRP B 148 -27.98 -43.59 17.99
C TRP B 148 -28.54 -42.18 18.05
N THR B 149 -29.01 -41.77 19.22
CA THR B 149 -29.58 -40.44 19.42
C THR B 149 -28.57 -39.54 20.12
N THR B 150 -28.78 -38.23 19.95
CA THR B 150 -27.88 -37.22 20.49
C THR B 150 -28.61 -36.36 21.52
N HIS B 151 -27.85 -35.90 22.50
CA HIS B 151 -28.36 -35.06 23.58
C HIS B 151 -27.37 -33.94 23.83
N PRO B 152 -27.82 -32.79 24.36
CA PRO B 152 -26.89 -31.69 24.61
C PRO B 152 -26.17 -31.86 25.94
N ALA B 153 -24.84 -31.72 25.90
CA ALA B 153 -24.03 -31.93 27.09
C ALA B 153 -24.03 -30.69 27.99
N SER B 154 -23.63 -29.54 27.44
CA SER B 154 -23.56 -28.32 28.23
C SER B 154 -24.97 -27.80 28.53
N LYS B 155 -25.05 -26.96 29.56
CA LYS B 155 -26.34 -26.45 30.01
C LYS B 155 -26.94 -25.44 29.03
N GLN B 156 -26.12 -24.57 28.45
CA GLN B 156 -26.66 -23.56 27.53
C GLN B 156 -27.23 -24.20 26.28
N ARG B 157 -26.58 -25.25 25.77
CA ARG B 157 -27.08 -25.94 24.59
C ARG B 157 -28.39 -26.64 24.91
N SER B 158 -29.44 -26.28 24.19
CA SER B 158 -30.75 -26.86 24.40
C SER B 158 -30.98 -27.97 23.37
N GLU B 159 -32.11 -28.65 23.52
CA GLU B 159 -32.53 -29.63 22.54
C GLU B 159 -33.14 -28.93 21.32
N GLY B 160 -32.96 -29.52 20.15
CA GLY B 160 -33.47 -28.91 18.93
C GLY B 160 -32.67 -27.71 18.48
N GLU B 161 -31.38 -27.90 18.21
CA GLU B 161 -30.48 -26.80 17.89
C GLU B 161 -29.76 -27.10 16.58
N LYS B 162 -29.31 -26.04 15.92
CA LYS B 162 -28.29 -26.21 14.88
C LYS B 162 -26.95 -26.53 15.55
N VAL B 163 -26.41 -27.70 15.23
CA VAL B 163 -25.25 -28.24 15.92
C VAL B 163 -24.00 -27.55 15.39
N ARG B 164 -23.21 -26.98 16.29
CA ARG B 164 -21.98 -26.28 15.93
C ARG B 164 -20.84 -27.26 15.70
N VAL B 165 -19.84 -26.81 14.94
CA VAL B 165 -18.67 -27.63 14.68
C VAL B 165 -17.78 -27.68 15.90
N GLY B 166 -17.31 -28.88 16.24
CA GLY B 166 -16.44 -29.02 17.38
C GLY B 166 -17.15 -28.88 18.71
N ASP B 167 -18.48 -28.99 18.70
CA ASP B 167 -19.26 -28.97 19.92
C ASP B 167 -19.29 -30.36 20.54
N ASP B 168 -19.14 -30.41 21.86
CA ASP B 168 -19.07 -31.68 22.56
C ASP B 168 -20.45 -32.31 22.65
N LEU B 169 -20.59 -33.54 22.17
CA LEU B 169 -21.86 -34.24 22.08
C LEU B 169 -21.84 -35.49 22.95
N ILE B 170 -22.98 -36.16 23.02
CA ILE B 170 -23.11 -37.42 23.75
C ILE B 170 -24.05 -38.34 22.96
N LEU B 171 -23.75 -39.64 22.97
CA LEU B 171 -24.52 -40.62 22.22
C LEU B 171 -25.22 -41.58 23.18
N VAL B 172 -26.49 -41.85 22.90
CA VAL B 172 -27.32 -42.74 23.71
C VAL B 172 -27.90 -43.81 22.80
N SER B 173 -27.78 -45.08 23.21
CA SER B 173 -28.36 -46.17 22.46
C SER B 173 -29.88 -46.11 22.50
N VAL B 174 -30.51 -46.49 21.39
CA VAL B 174 -31.97 -46.42 21.30
C VAL B 174 -32.61 -47.61 22.00
N SER B 175 -32.21 -48.83 21.63
CA SER B 175 -32.84 -50.02 22.20
C SER B 175 -32.27 -50.36 23.57
N SER B 176 -30.93 -50.42 23.67
CA SER B 176 -30.31 -50.82 24.93
C SER B 176 -30.35 -49.71 25.97
N GLU B 177 -30.49 -48.46 25.56
CA GLU B 177 -30.56 -47.31 26.45
C GLU B 177 -29.32 -47.26 27.35
N ARG B 178 -28.16 -47.10 26.70
CA ARG B 178 -26.89 -46.95 27.39
C ARG B 178 -26.04 -45.93 26.67
N TYR B 179 -25.26 -45.18 27.43
CA TYR B 179 -24.36 -44.19 26.87
C TYR B 179 -23.11 -44.86 26.29
N LEU B 180 -22.42 -44.13 25.43
CA LEU B 180 -21.19 -44.63 24.81
C LEU B 180 -20.04 -44.44 25.80
N HIS B 181 -20.03 -45.31 26.80
CA HIS B 181 -19.03 -45.23 27.87
C HIS B 181 -17.65 -45.62 27.35
N LEU B 182 -16.63 -44.98 27.91
CA LEU B 182 -15.24 -45.26 27.60
C LEU B 182 -14.62 -45.94 28.82
N SER B 183 -14.30 -47.22 28.69
CA SER B 183 -13.71 -47.96 29.79
C SER B 183 -12.21 -47.65 29.89
N THR B 184 -11.66 -47.90 31.07
CA THR B 184 -10.24 -47.66 31.32
C THR B 184 -9.58 -48.89 31.94
N LEU B 189 -7.50 -49.54 26.84
CA LEU B 189 -8.53 -48.57 26.50
C LEU B 189 -9.44 -49.09 25.40
N GLN B 190 -10.72 -49.27 25.74
CA GLN B 190 -11.72 -49.76 24.80
C GLN B 190 -13.08 -49.18 25.16
N VAL B 191 -14.01 -49.27 24.23
CA VAL B 191 -15.32 -48.63 24.34
C VAL B 191 -16.39 -49.71 24.48
N ASP B 192 -17.27 -49.53 25.47
CA ASP B 192 -18.42 -50.38 25.70
C ASP B 192 -19.65 -49.51 25.97
N ALA B 193 -20.82 -50.00 25.55
CA ALA B 193 -22.07 -49.30 25.84
C ALA B 193 -22.54 -49.69 27.24
N SER B 194 -22.53 -48.72 28.15
CA SER B 194 -22.94 -48.97 29.53
C SER B 194 -23.64 -47.73 30.07
N PHE B 195 -23.96 -47.76 31.37
CA PHE B 195 -24.76 -46.71 31.98
C PHE B 195 -23.97 -45.43 32.25
N MET B 196 -22.67 -45.52 32.51
CA MET B 196 -21.87 -44.31 32.68
C MET B 196 -21.77 -43.55 31.36
N GLN B 197 -21.79 -42.22 31.46
CA GLN B 197 -21.80 -41.35 30.29
C GLN B 197 -20.41 -40.81 30.00
N THR B 198 -20.12 -40.64 28.72
CA THR B 198 -18.82 -40.16 28.27
C THR B 198 -19.04 -39.12 27.18
N LEU B 199 -18.24 -38.05 27.20
CA LEU B 199 -18.42 -36.94 26.29
C LEU B 199 -17.64 -37.16 25.01
N TRP B 200 -18.33 -37.06 23.87
CA TRP B 200 -17.75 -37.37 22.57
C TRP B 200 -18.01 -36.22 21.60
N ASN B 201 -16.95 -35.70 20.99
CA ASN B 201 -17.07 -34.67 19.96
C ASN B 201 -16.55 -35.18 18.63
N MET B 202 -17.24 -34.82 17.55
CA MET B 202 -16.86 -35.25 16.21
C MET B 202 -16.31 -34.06 15.41
N ASN B 203 -15.41 -34.38 14.49
CA ASN B 203 -14.81 -33.40 13.60
C ASN B 203 -15.10 -33.76 12.16
N PRO B 204 -15.77 -32.89 11.40
CA PRO B 204 -16.10 -33.22 10.01
C PRO B 204 -14.85 -33.30 9.15
N ILE B 205 -14.94 -34.11 8.10
CA ILE B 205 -13.86 -34.26 7.14
C ILE B 205 -14.11 -33.46 5.87
N CYS B 206 -15.29 -33.63 5.28
CA CYS B 206 -15.65 -32.88 4.07
C CYS B 206 -17.17 -32.76 4.00
N SER B 207 -17.67 -31.52 4.03
CA SER B 207 -19.10 -31.30 3.92
C SER B 207 -19.59 -31.60 2.50
N GLY B 208 -18.78 -31.26 1.50
CA GLY B 208 -19.15 -31.50 0.12
C GLY B 208 -18.03 -31.15 -0.84
N CYS B 209 -17.78 -32.04 -1.80
CA CYS B 209 -16.69 -31.87 -2.77
C CYS B 209 -17.27 -31.67 -4.16
N GLU B 210 -16.78 -30.65 -4.86
CA GLU B 210 -17.19 -30.42 -6.23
C GLU B 210 -16.76 -31.58 -7.13
N GLU B 211 -17.59 -31.90 -8.11
CA GLU B 211 -17.34 -33.05 -8.98
C GLU B 211 -16.10 -32.80 -9.83
N GLY B 212 -15.22 -33.78 -9.89
CA GLY B 212 -14.07 -33.73 -10.76
C GLY B 212 -12.92 -32.88 -10.26
N TYR B 213 -12.82 -32.67 -8.94
CA TYR B 213 -11.72 -31.93 -8.38
C TYR B 213 -11.03 -32.77 -7.31
N VAL B 214 -9.69 -32.72 -7.29
CA VAL B 214 -8.91 -33.54 -6.37
C VAL B 214 -9.05 -33.00 -4.95
N THR B 215 -9.30 -33.90 -4.00
CA THR B 215 -9.43 -33.55 -2.59
C THR B 215 -8.55 -34.48 -1.76
N GLY B 216 -8.55 -34.25 -0.45
CA GLY B 216 -7.73 -35.05 0.44
C GLY B 216 -8.41 -36.34 0.87
N GLY B 217 -7.58 -37.35 1.14
CA GLY B 217 -8.05 -38.63 1.61
C GLY B 217 -8.44 -39.62 0.53
N HIS B 218 -8.62 -39.17 -0.71
CA HIS B 218 -8.98 -40.07 -1.78
C HIS B 218 -7.78 -40.91 -2.21
N VAL B 219 -8.08 -42.06 -2.80
CA VAL B 219 -7.06 -42.95 -3.36
C VAL B 219 -6.90 -42.58 -4.83
N LEU B 220 -5.73 -42.03 -5.18
CA LEU B 220 -5.48 -41.53 -6.52
C LEU B 220 -4.45 -42.40 -7.22
N ARG B 221 -4.27 -42.14 -8.51
CA ARG B 221 -3.34 -42.88 -9.34
C ARG B 221 -2.39 -41.91 -10.02
N LEU B 222 -1.09 -42.07 -9.76
CA LEU B 222 -0.08 -41.11 -10.21
C LEU B 222 0.44 -41.52 -11.58
N PHE B 223 0.02 -40.78 -12.62
CA PHE B 223 0.51 -41.01 -13.98
C PHE B 223 1.72 -40.14 -14.27
N HIS B 224 2.77 -40.76 -14.78
CA HIS B 224 3.98 -40.06 -15.21
C HIS B 224 3.73 -39.46 -16.58
N GLY B 225 3.27 -38.20 -16.61
CA GLY B 225 3.00 -37.52 -17.86
C GLY B 225 1.71 -37.99 -18.52
N HIS B 226 1.49 -37.50 -19.73
CA HIS B 226 0.30 -37.86 -20.49
C HIS B 226 0.37 -39.25 -21.08
N MET B 227 1.55 -39.87 -21.12
CA MET B 227 1.71 -41.20 -21.67
C MET B 227 1.20 -42.25 -20.69
N ASP B 228 1.20 -43.51 -21.12
CA ASP B 228 0.71 -44.62 -20.29
C ASP B 228 1.85 -45.12 -19.39
N GLU B 229 2.30 -44.21 -18.51
CA GLU B 229 3.34 -44.51 -17.55
C GLU B 229 2.89 -44.01 -16.19
N CYS B 230 3.09 -44.82 -15.16
CA CYS B 230 2.67 -44.49 -13.81
C CYS B 230 3.70 -45.00 -12.81
N LEU B 231 3.81 -44.29 -11.69
CA LEU B 231 4.77 -44.65 -10.65
C LEU B 231 4.18 -45.75 -9.77
N THR B 232 4.88 -46.88 -9.68
CA THR B 232 4.44 -48.01 -8.88
C THR B 232 5.59 -48.46 -7.98
N ILE B 233 5.42 -49.62 -7.37
CA ILE B 233 6.39 -50.19 -6.46
C ILE B 233 6.77 -51.58 -6.95
N SER B 234 7.86 -52.12 -6.41
CA SER B 234 8.37 -53.40 -6.88
C SER B 234 7.34 -54.50 -6.69
N PRO B 235 7.28 -55.47 -7.60
CA PRO B 235 6.27 -56.52 -7.52
C PRO B 235 6.43 -57.37 -6.25
N ALA B 236 5.40 -58.16 -5.98
CA ALA B 236 5.36 -58.98 -4.79
C ALA B 236 6.40 -60.11 -4.87
N ASP B 237 6.78 -60.61 -3.70
CA ASP B 237 7.74 -61.71 -3.57
C ASP B 237 9.08 -61.37 -4.21
N SER B 238 9.48 -60.11 -4.14
CA SER B 238 10.75 -59.67 -4.71
C SER B 238 11.81 -59.56 -3.61
N ASP B 239 13.07 -59.61 -4.03
CA ASP B 239 14.17 -59.49 -3.07
C ASP B 239 14.31 -58.08 -2.51
N ASP B 240 13.81 -57.07 -3.22
CA ASP B 240 13.89 -55.70 -2.74
C ASP B 240 12.95 -55.41 -1.58
N GLN B 241 12.00 -56.31 -1.31
CA GLN B 241 11.04 -56.16 -0.20
C GLN B 241 10.24 -54.87 -0.32
N ARG B 242 9.95 -54.45 -1.56
CA ARG B 242 9.14 -53.26 -1.84
C ARG B 242 9.70 -52.00 -1.20
N ARG B 243 11.02 -51.90 -1.06
CA ARG B 243 11.60 -50.70 -0.46
C ARG B 243 11.71 -49.56 -1.47
N LEU B 244 11.85 -49.88 -2.75
CA LEU B 244 12.12 -48.89 -3.77
C LEU B 244 10.98 -48.82 -4.78
N VAL B 245 10.80 -47.65 -5.37
CA VAL B 245 9.71 -47.38 -6.30
C VAL B 245 10.29 -47.11 -7.69
N TYR B 246 9.50 -47.45 -8.71
CA TYR B 246 9.94 -47.35 -10.10
C TYR B 246 8.75 -47.04 -10.99
N TYR B 247 9.05 -46.60 -12.21
CA TYR B 247 8.03 -46.33 -13.22
C TYR B 247 7.78 -47.56 -14.08
N GLU B 248 6.51 -47.88 -14.29
CA GLU B 248 6.10 -48.99 -15.13
C GLU B 248 5.02 -48.53 -16.10
N GLY B 249 4.86 -49.29 -17.18
CA GLY B 249 3.89 -48.95 -18.22
C GLY B 249 2.48 -49.40 -17.91
N GLY B 250 1.79 -49.88 -18.94
CA GLY B 250 0.40 -50.28 -18.82
C GLY B 250 0.17 -51.64 -18.19
N SER B 251 1.22 -52.43 -17.97
CA SER B 251 1.03 -53.69 -17.26
C SER B 251 0.49 -53.45 -15.86
N VAL B 252 1.20 -52.65 -15.06
CA VAL B 252 0.81 -52.39 -13.67
C VAL B 252 -0.13 -51.20 -13.56
N CYS B 253 -0.46 -50.54 -14.67
CA CYS B 253 -1.33 -49.38 -14.64
C CYS B 253 -2.70 -49.70 -14.06
N THR B 254 -3.28 -50.84 -14.45
CA THR B 254 -4.58 -51.27 -13.95
C THR B 254 -4.48 -51.79 -12.52
N HIS B 255 -3.28 -52.11 -12.06
CA HIS B 255 -3.11 -53.07 -11.00
C HIS B 255 -3.34 -52.38 -9.65
N ALA B 256 -3.21 -53.14 -8.55
CA ALA B 256 -3.36 -52.55 -7.21
C ALA B 256 -2.16 -51.71 -6.79
N ARG B 257 -0.98 -51.94 -7.36
CA ARG B 257 0.22 -51.19 -7.00
C ARG B 257 0.26 -49.79 -7.59
N SER B 258 -0.56 -49.49 -8.59
CA SER B 258 -0.56 -48.15 -9.18
C SER B 258 -1.44 -47.17 -8.39
N LEU B 259 -2.13 -47.63 -7.36
CA LEU B 259 -2.96 -46.77 -6.54
C LEU B 259 -2.14 -46.09 -5.46
N TRP B 260 -2.49 -44.86 -5.14
CA TRP B 260 -1.76 -44.03 -4.20
C TRP B 260 -2.75 -43.19 -3.39
N ARG B 261 -2.59 -43.18 -2.07
CA ARG B 261 -3.48 -42.44 -1.19
C ARG B 261 -2.69 -41.38 -0.43
N LEU B 262 -3.09 -40.12 -0.59
CA LEU B 262 -2.44 -39.01 0.08
C LEU B 262 -3.12 -38.70 1.42
N GLU B 263 -2.31 -38.34 2.40
CA GLU B 263 -2.81 -38.04 3.75
C GLU B 263 -2.42 -36.63 4.15
N PRO B 264 -3.36 -35.69 4.23
CA PRO B 264 -3.02 -34.33 4.66
C PRO B 264 -2.56 -34.29 6.10
N LEU B 265 -1.73 -33.29 6.40
CA LEU B 265 -1.24 -33.12 7.77
C LEU B 265 -2.37 -32.79 8.73
N ARG B 266 -3.29 -31.94 8.33
CA ARG B 266 -4.41 -31.58 9.20
C ARG B 266 -5.35 -32.77 9.38
N ILE B 267 -5.82 -32.94 10.62
CA ILE B 267 -6.76 -34.02 10.93
C ILE B 267 -8.20 -33.58 10.69
N SER B 268 -8.60 -32.46 11.30
CA SER B 268 -9.91 -31.90 11.09
C SER B 268 -10.00 -31.29 9.70
N TRP B 269 -11.15 -31.50 9.05
CA TRP B 269 -11.41 -30.98 7.70
C TRP B 269 -10.33 -31.45 6.72
N SER B 270 -9.92 -32.71 6.85
CA SER B 270 -8.88 -33.26 5.99
C SER B 270 -9.38 -33.49 4.56
N GLY B 271 -10.69 -33.42 4.34
CA GLY B 271 -11.27 -33.60 3.02
C GLY B 271 -11.32 -32.36 2.17
N SER B 272 -10.71 -31.27 2.61
CA SER B 272 -10.70 -30.03 1.84
C SER B 272 -9.84 -30.18 0.60
N HIS B 273 -10.13 -29.35 -0.40
CA HIS B 273 -9.35 -29.35 -1.64
C HIS B 273 -7.92 -28.94 -1.35
N LEU B 274 -6.97 -29.65 -1.96
CA LEU B 274 -5.56 -29.35 -1.75
C LEU B 274 -5.16 -28.07 -2.48
N ARG B 275 -4.28 -27.30 -1.85
CA ARG B 275 -3.77 -26.06 -2.42
C ARG B 275 -2.34 -26.25 -2.88
N TRP B 276 -1.92 -25.36 -3.78
CA TRP B 276 -0.54 -25.39 -4.29
C TRP B 276 0.43 -25.05 -3.16
N GLY B 277 1.39 -25.94 -2.93
CA GLY B 277 2.37 -25.75 -1.88
C GLY B 277 1.96 -26.24 -0.51
N GLN B 278 0.75 -26.75 -0.36
CA GLN B 278 0.26 -27.26 0.92
C GLN B 278 0.92 -28.61 1.20
N PRO B 279 1.36 -28.85 2.44
CA PRO B 279 2.17 -30.05 2.72
C PRO B 279 1.32 -31.32 2.73
N LEU B 280 1.71 -32.29 1.90
CA LEU B 280 1.02 -33.58 1.80
C LEU B 280 1.85 -34.68 2.45
N ARG B 281 1.33 -35.91 2.31
CA ARG B 281 2.06 -37.11 2.76
C ARG B 281 1.52 -38.29 1.96
N ILE B 282 2.36 -38.88 1.12
CA ILE B 282 1.94 -39.96 0.23
C ILE B 282 2.01 -41.29 0.96
N ARG B 283 0.94 -42.09 0.85
CA ARG B 283 0.85 -43.36 1.54
C ARG B 283 0.31 -44.42 0.58
N HIS B 284 0.83 -45.64 0.69
CA HIS B 284 0.35 -46.74 -0.13
C HIS B 284 -0.81 -47.45 0.55
N VAL B 285 -1.76 -47.92 -0.25
CA VAL B 285 -2.96 -48.54 0.30
C VAL B 285 -2.70 -49.97 0.75
N THR B 286 -1.97 -50.75 -0.06
CA THR B 286 -1.76 -52.16 0.27
C THR B 286 -0.46 -52.36 1.05
N THR B 287 0.63 -51.73 0.59
CA THR B 287 1.90 -51.84 1.30
C THR B 287 1.82 -51.19 2.67
N GLY B 288 1.01 -50.14 2.81
CA GLY B 288 0.86 -49.46 4.08
C GLY B 288 2.09 -48.73 4.56
N ARG B 289 2.84 -48.12 3.65
CA ARG B 289 4.02 -47.34 4.00
C ARG B 289 3.90 -45.95 3.38
N TYR B 290 4.85 -45.08 3.73
CA TYR B 290 4.84 -43.69 3.29
C TYR B 290 6.08 -43.40 2.46
N LEU B 291 5.95 -42.42 1.57
CA LEU B 291 7.05 -42.01 0.69
C LEU B 291 7.91 -41.00 1.44
N ALA B 292 9.16 -41.37 1.71
CA ALA B 292 10.09 -40.52 2.44
C ALA B 292 11.42 -40.48 1.70
N LEU B 293 12.28 -39.56 2.13
CA LEU B 293 13.61 -39.37 1.57
C LEU B 293 14.64 -39.76 2.63
N ILE B 294 15.49 -40.72 2.32
CA ILE B 294 16.54 -41.18 3.22
C ILE B 294 17.88 -40.76 2.62
N GLU B 295 18.69 -40.06 3.41
CA GLU B 295 19.97 -39.57 2.94
C GLU B 295 20.99 -40.68 2.72
N ASP B 296 20.72 -41.89 3.22
CA ASP B 296 21.67 -42.98 3.07
C ASP B 296 21.39 -43.84 1.84
N GLN B 297 20.14 -43.87 1.36
CA GLN B 297 19.77 -44.69 0.21
C GLN B 297 19.02 -43.94 -0.88
N GLY B 298 18.38 -42.81 -0.57
CA GLY B 298 17.63 -42.07 -1.57
C GLY B 298 16.13 -42.10 -1.32
N LEU B 299 15.35 -42.19 -2.39
CA LEU B 299 13.90 -42.22 -2.28
C LEU B 299 13.49 -43.66 -1.95
N VAL B 300 13.40 -43.94 -0.65
CA VAL B 300 13.05 -45.27 -0.15
C VAL B 300 11.87 -45.12 0.79
N VAL B 301 10.85 -45.98 0.61
CA VAL B 301 9.67 -45.93 1.46
C VAL B 301 10.04 -46.33 2.89
N VAL B 302 9.30 -45.79 3.86
CA VAL B 302 9.56 -46.03 5.27
C VAL B 302 8.27 -46.49 5.93
N ASP B 303 8.40 -47.39 6.89
CA ASP B 303 7.25 -47.92 7.60
C ASP B 303 6.53 -46.80 8.37
N ALA B 304 5.29 -47.09 8.75
CA ALA B 304 4.47 -46.10 9.43
C ALA B 304 5.07 -45.70 10.78
N SER B 305 5.55 -46.68 11.55
CA SER B 305 6.13 -46.40 12.86
C SER B 305 7.50 -45.76 12.75
N LYS B 306 8.31 -46.17 11.77
CA LYS B 306 9.66 -45.66 11.62
C LYS B 306 9.70 -44.26 10.99
N ALA B 307 8.59 -43.79 10.44
CA ALA B 307 8.57 -42.46 9.83
C ALA B 307 8.72 -41.37 10.89
N HIS B 308 9.52 -40.36 10.57
CA HIS B 308 9.75 -39.24 11.47
C HIS B 308 9.00 -37.98 11.08
N THR B 309 8.31 -38.00 9.94
CA THR B 309 7.43 -36.90 9.50
C THR B 309 8.17 -35.57 9.39
N LYS B 310 9.48 -35.60 9.14
CA LYS B 310 10.25 -34.39 8.91
C LYS B 310 10.81 -34.28 7.51
N ALA B 311 10.96 -35.41 6.80
CA ALA B 311 11.42 -35.42 5.41
C ALA B 311 10.46 -36.19 4.53
N THR B 312 9.19 -36.25 4.93
CA THR B 312 8.16 -36.95 4.16
C THR B 312 7.13 -36.02 3.53
N SER B 313 7.13 -34.74 3.89
CA SER B 313 6.14 -33.80 3.39
C SER B 313 6.42 -33.43 1.94
N PHE B 314 5.40 -33.53 1.10
CA PHE B 314 5.49 -33.15 -0.31
C PHE B 314 4.38 -32.16 -0.65
N CYS B 315 4.62 -31.37 -1.69
CA CYS B 315 3.66 -30.39 -2.14
C CYS B 315 3.62 -30.39 -3.67
N PHE B 316 2.52 -29.88 -4.21
CA PHE B 316 2.30 -29.80 -5.65
C PHE B 316 2.46 -28.36 -6.09
N ARG B 317 3.36 -28.13 -7.05
CA ARG B 317 3.59 -26.80 -7.62
C ARG B 317 3.22 -26.81 -9.10
N ILE B 318 2.99 -25.61 -9.63
CA ILE B 318 2.60 -25.44 -11.02
C ILE B 318 3.80 -25.06 -11.89
N SER B 319 4.73 -24.28 -11.35
CA SER B 319 5.91 -23.83 -12.08
C SER B 319 7.17 -24.36 -11.40
N LYS B 320 8.29 -24.14 -12.08
CA LYS B 320 9.60 -24.59 -11.60
C LYS B 320 10.42 -23.35 -11.23
N GLU B 321 10.40 -22.99 -9.95
CA GLU B 321 11.11 -21.83 -9.44
C GLU B 321 12.07 -22.25 -8.34
N LYS B 322 12.79 -21.28 -7.79
CA LYS B 322 13.72 -21.54 -6.70
C LYS B 322 12.98 -21.79 -5.40
N LEU B 323 13.53 -22.69 -4.59
CA LEU B 323 12.94 -23.03 -3.31
C LEU B 323 13.96 -22.89 -2.17
N LYS B 328 -0.45 -21.17 3.57
CA LYS B 328 0.12 -21.19 4.91
C LYS B 328 -0.86 -20.62 5.93
N ARG B 329 -2.06 -20.25 5.46
CA ARG B 329 -3.06 -19.69 6.36
C ARG B 329 -3.69 -20.75 7.25
N ASP B 330 -3.83 -21.98 6.75
CA ASP B 330 -4.44 -23.08 7.48
C ASP B 330 -5.87 -22.73 7.91
N VAL B 331 -6.71 -22.46 6.91
CA VAL B 331 -8.09 -22.09 7.15
C VAL B 331 -8.89 -23.35 7.51
N GLU B 332 -9.74 -23.23 8.53
CA GLU B 332 -10.58 -24.34 8.97
C GLU B 332 -11.88 -24.39 8.17
N GLY B 333 -11.74 -24.58 6.87
CA GLY B 333 -12.89 -24.64 6.00
C GLY B 333 -12.53 -25.16 4.63
N MET B 334 -13.52 -25.09 3.73
CA MET B 334 -13.32 -25.52 2.35
C MET B 334 -12.30 -24.65 1.64
N GLY B 335 -11.43 -25.28 0.86
CA GLY B 335 -10.45 -24.58 0.08
C GLY B 335 -10.95 -24.27 -1.32
N PRO B 336 -10.20 -23.45 -2.06
CA PRO B 336 -10.62 -23.10 -3.42
C PRO B 336 -10.57 -24.30 -4.33
N PRO B 337 -11.47 -24.40 -5.31
CA PRO B 337 -11.47 -25.48 -6.31
C PRO B 337 -10.56 -25.22 -7.52
N GLU B 338 -9.28 -25.58 -7.39
CA GLU B 338 -8.32 -25.37 -8.47
C GLU B 338 -7.79 -26.65 -9.10
N ILE B 339 -7.64 -27.72 -8.36
CA ILE B 339 -7.01 -28.93 -8.87
C ILE B 339 -8.01 -29.73 -9.70
N LYS B 340 -7.54 -30.24 -10.84
CA LYS B 340 -8.36 -30.98 -11.79
C LYS B 340 -7.93 -32.45 -11.83
N TYR B 341 -8.67 -33.24 -12.61
CA TYR B 341 -8.39 -34.67 -12.81
C TYR B 341 -7.91 -34.89 -14.23
N GLY B 342 -6.58 -34.93 -14.40
CA GLY B 342 -5.97 -35.23 -15.68
C GLY B 342 -5.27 -34.06 -16.34
N GLU B 343 -5.82 -32.85 -16.18
CA GLU B 343 -5.24 -31.65 -16.77
C GLU B 343 -4.73 -30.71 -15.69
N SER B 344 -4.22 -31.28 -14.60
CA SER B 344 -3.67 -30.49 -13.51
C SER B 344 -2.20 -30.16 -13.73
N LEU B 345 -1.44 -31.12 -14.26
CA LEU B 345 -0.01 -30.94 -14.58
C LEU B 345 0.77 -30.48 -13.35
N CYS B 346 0.63 -31.24 -12.27
CA CYS B 346 1.31 -30.93 -11.03
C CYS B 346 2.76 -31.39 -11.07
N PHE B 347 3.58 -30.74 -10.24
CA PHE B 347 5.00 -31.09 -10.11
C PHE B 347 5.26 -31.47 -8.65
N VAL B 348 5.77 -32.67 -8.44
CA VAL B 348 6.05 -33.16 -7.10
C VAL B 348 7.44 -32.70 -6.67
N GLN B 349 7.53 -32.11 -5.48
CA GLN B 349 8.80 -31.61 -4.97
C GLN B 349 8.83 -31.77 -3.46
N HIS B 350 10.04 -31.76 -2.92
CA HIS B 350 10.28 -31.87 -1.49
C HIS B 350 10.57 -30.50 -0.89
N VAL B 351 10.04 -30.28 0.32
CA VAL B 351 10.25 -29.02 1.02
C VAL B 351 11.30 -29.12 2.13
N ALA B 352 11.53 -30.31 2.68
CA ALA B 352 12.55 -30.46 3.71
C ALA B 352 13.96 -30.32 3.13
N SER B 353 14.17 -30.82 1.91
CA SER B 353 15.48 -30.79 1.27
C SER B 353 15.51 -29.91 0.02
N GLY B 354 14.44 -29.92 -0.79
CA GLY B 354 14.35 -29.05 -1.93
C GLY B 354 14.56 -29.68 -3.29
N LEU B 355 14.66 -31.00 -3.38
CA LEU B 355 14.85 -31.66 -4.67
C LEU B 355 13.51 -31.79 -5.39
N TRP B 356 13.53 -32.41 -6.58
CA TRP B 356 12.36 -32.60 -7.40
C TRP B 356 12.25 -34.07 -7.79
N LEU B 357 11.01 -34.56 -7.92
CA LEU B 357 10.76 -35.95 -8.28
C LEU B 357 10.78 -36.08 -9.80
N THR B 358 11.84 -36.69 -10.32
CA THR B 358 12.01 -36.85 -11.75
C THR B 358 12.65 -38.22 -12.02
N TYR B 359 12.42 -38.75 -13.21
CA TYR B 359 12.97 -40.04 -13.59
C TYR B 359 14.48 -39.93 -13.74
N ALA B 360 15.12 -41.06 -14.04
CA ALA B 360 16.57 -41.10 -14.18
C ALA B 360 16.95 -41.80 -15.47
N ALA B 361 18.15 -41.50 -15.96
CA ALA B 361 18.67 -42.12 -17.17
C ALA B 361 20.04 -42.75 -16.93
N LEU B 372 13.06 -53.14 -18.89
CA LEU B 372 13.03 -51.77 -19.42
C LEU B 372 12.25 -50.87 -18.48
N LYS B 373 12.74 -50.75 -17.25
CA LYS B 373 12.06 -50.01 -16.19
C LYS B 373 13.02 -49.00 -15.56
N LYS B 374 12.54 -47.77 -15.39
CA LYS B 374 13.38 -46.66 -14.97
C LYS B 374 13.18 -46.36 -13.49
N LYS B 375 14.29 -46.12 -12.79
CA LYS B 375 14.25 -45.83 -11.36
C LYS B 375 13.95 -44.37 -11.11
N ALA B 376 13.15 -44.11 -10.07
CA ALA B 376 12.78 -42.75 -9.69
C ALA B 376 13.73 -42.25 -8.60
N ILE B 377 14.50 -41.20 -8.91
CA ILE B 377 15.42 -40.59 -7.96
C ILE B 377 15.12 -39.10 -7.91
N LEU B 378 15.03 -38.56 -6.69
CA LEU B 378 14.88 -37.12 -6.53
C LEU B 378 16.12 -36.41 -7.06
N HIS B 379 15.91 -35.33 -7.81
CA HIS B 379 17.00 -34.56 -8.39
C HIS B 379 16.82 -33.09 -8.08
N GLN B 380 17.94 -32.38 -7.93
CA GLN B 380 17.89 -30.95 -7.64
C GLN B 380 17.29 -30.17 -8.80
N GLU B 381 17.62 -30.53 -10.03
CA GLU B 381 17.13 -29.84 -11.22
C GLU B 381 16.19 -30.74 -11.99
N GLY B 382 15.00 -30.24 -12.29
CA GLY B 382 14.03 -31.02 -13.03
C GLY B 382 14.40 -31.16 -14.49
N HIS B 383 13.79 -32.15 -15.13
CA HIS B 383 14.03 -32.44 -16.54
C HIS B 383 12.89 -31.96 -17.44
N MET B 384 11.99 -31.11 -16.92
CA MET B 384 10.82 -30.56 -17.59
C MET B 384 9.76 -31.63 -17.85
N ASP B 385 10.08 -32.90 -17.58
CA ASP B 385 9.14 -34.01 -17.79
C ASP B 385 8.70 -34.63 -16.47
N ASP B 386 8.72 -33.86 -15.38
CA ASP B 386 8.35 -34.36 -14.06
C ASP B 386 6.87 -34.16 -13.76
N ALA B 387 6.11 -33.63 -14.70
CA ALA B 387 4.68 -33.41 -14.48
C ALA B 387 3.95 -34.73 -14.33
N LEU B 388 3.12 -34.84 -13.29
CA LEU B 388 2.37 -36.05 -13.01
C LEU B 388 0.89 -35.77 -13.11
N SER B 389 0.18 -36.57 -13.91
CA SER B 389 -1.26 -36.42 -14.06
C SER B 389 -1.99 -37.15 -12.94
N LEU B 390 -3.18 -36.66 -12.63
CA LEU B 390 -4.01 -37.22 -11.57
C LEU B 390 -5.31 -37.76 -12.16
N THR B 391 -5.61 -39.02 -11.86
CA THR B 391 -6.84 -39.65 -12.29
C THR B 391 -7.43 -40.44 -11.13
N ARG B 392 -8.76 -40.59 -11.15
CA ARG B 392 -9.49 -41.26 -10.08
C ARG B 392 -9.90 -42.67 -10.52
N CYS B 393 -9.68 -43.63 -9.63
CA CYS B 393 -10.04 -45.02 -9.88
C CYS B 393 -11.40 -45.32 -9.24
N GLN B 394 -11.89 -46.53 -9.50
CA GLN B 394 -13.19 -46.94 -8.96
C GLN B 394 -13.09 -47.17 -7.46
N GLN B 395 -14.23 -46.99 -6.78
CA GLN B 395 -14.27 -47.20 -5.33
C GLN B 395 -14.11 -48.68 -4.98
N GLU B 396 -14.51 -49.59 -5.88
CA GLU B 396 -14.34 -51.01 -5.62
C GLU B 396 -12.87 -51.40 -5.53
N GLU B 397 -12.03 -50.84 -6.41
CA GLU B 397 -10.61 -51.13 -6.37
C GLU B 397 -9.98 -50.63 -5.08
N SER B 398 -10.35 -49.42 -4.65
CA SER B 398 -9.81 -48.89 -3.40
C SER B 398 -10.25 -49.73 -2.21
N GLN B 399 -11.53 -50.14 -2.18
CA GLN B 399 -12.00 -51.01 -1.10
C GLN B 399 -11.30 -52.35 -1.13
N ALA B 400 -11.09 -52.92 -2.33
CA ALA B 400 -10.40 -54.19 -2.43
C ALA B 400 -8.94 -54.06 -2.00
N ALA B 401 -8.30 -52.95 -2.35
CA ALA B 401 -6.89 -52.75 -1.98
C ALA B 401 -6.72 -52.72 -0.47
N ARG B 402 -7.63 -52.04 0.23
CA ARG B 402 -7.57 -52.04 1.69
C ARG B 402 -7.86 -53.42 2.26
N MET B 403 -8.74 -54.18 1.62
CA MET B 403 -9.04 -55.54 2.08
C MET B 403 -7.82 -56.44 1.99
N ILE B 404 -7.00 -56.26 0.95
CA ILE B 404 -5.82 -57.09 0.77
C ILE B 404 -4.85 -56.92 1.94
N TYR B 405 -4.64 -55.67 2.36
CA TYR B 405 -3.71 -55.40 3.46
C TYR B 405 -4.19 -56.02 4.76
N SER B 406 -5.50 -55.98 5.01
CA SER B 406 -6.04 -56.53 6.25
C SER B 406 -5.91 -58.04 6.29
N THR B 407 -6.33 -58.73 5.21
CA THR B 407 -6.30 -60.19 5.20
C THR B 407 -4.88 -60.73 5.18
N ALA B 408 -3.97 -60.04 4.49
CA ALA B 408 -2.58 -60.51 4.43
C ALA B 408 -1.93 -60.49 5.80
N GLY B 409 -2.18 -59.43 6.60
CA GLY B 409 -1.59 -59.36 7.92
C GLY B 409 -2.09 -60.46 8.84
N LEU B 410 -3.40 -60.74 8.80
CA LEU B 410 -3.96 -61.79 9.63
C LEU B 410 -3.42 -63.16 9.21
N TYR B 411 -3.30 -63.41 7.91
CA TYR B 411 -2.77 -64.69 7.45
C TYR B 411 -1.29 -64.83 7.76
N ASN B 412 -0.54 -63.74 7.64
CA ASN B 412 0.90 -63.80 7.95
C ASN B 412 1.15 -64.09 9.42
N HIS B 413 0.34 -63.55 10.31
CA HIS B 413 0.47 -63.88 11.73
C HIS B 413 0.12 -65.33 12.02
N PHE B 414 -0.81 -65.91 11.27
CA PHE B 414 -1.22 -67.29 11.51
C PHE B 414 -0.15 -68.28 11.08
N ILE B 415 0.47 -68.06 9.91
CA ILE B 415 1.48 -69.00 9.42
C ILE B 415 2.71 -69.00 10.31
N LYS B 416 3.08 -67.83 10.84
CA LYS B 416 4.25 -67.75 11.71
C LYS B 416 3.99 -68.36 13.09
N GLY B 417 2.77 -68.21 13.61
CA GLY B 417 2.47 -68.75 14.93
C GLY B 417 2.51 -70.27 14.97
N LEU B 418 1.96 -70.91 13.94
CA LEU B 418 1.93 -72.38 13.93
C LEU B 418 3.32 -72.95 13.66
N ASP B 419 4.19 -72.20 12.99
CA ASP B 419 5.54 -72.69 12.71
C ASP B 419 6.33 -72.93 13.98
N SER B 420 6.22 -72.03 14.96
CA SER B 420 6.92 -72.21 16.23
C SER B 420 6.42 -73.44 16.97
N PHE B 421 5.10 -73.65 16.97
CA PHE B 421 4.54 -74.80 17.69
C PHE B 421 4.85 -76.12 16.99
N SER B 422 4.79 -76.15 15.66
CA SER B 422 5.02 -77.39 14.93
C SER B 422 6.45 -77.89 15.06
N GLY B 423 7.41 -76.99 15.28
CA GLY B 423 8.81 -77.39 15.41
C GLY B 423 9.11 -78.19 16.67
N LYS B 424 8.46 -77.84 17.78
CA LYS B 424 8.74 -78.48 19.06
C LYS B 424 7.53 -79.30 19.51
N PRO B 425 7.73 -80.58 19.84
CA PRO B 425 6.60 -81.38 20.35
C PRO B 425 6.08 -80.82 21.66
N ARG B 426 4.77 -80.96 21.85
CA ARG B 426 4.11 -80.44 23.04
C ARG B 426 4.10 -81.50 24.13
N GLY B 427 4.49 -81.10 25.34
CA GLY B 427 4.51 -82.00 26.47
C GLY B 427 3.14 -82.14 27.11
N SER B 428 3.12 -82.86 28.23
CA SER B 428 1.87 -83.09 28.95
C SER B 428 1.43 -81.82 29.66
N GLY B 429 0.29 -81.27 29.23
CA GLY B 429 -0.23 -80.06 29.85
C GLY B 429 0.50 -78.79 29.47
N ALA B 430 1.32 -78.83 28.42
CA ALA B 430 2.07 -77.67 27.99
C ALA B 430 1.70 -77.30 26.56
N PRO B 431 1.21 -76.08 26.32
CA PRO B 431 0.88 -75.70 24.93
C PRO B 431 2.08 -75.74 24.00
N ALA B 432 3.26 -75.37 24.48
CA ALA B 432 4.49 -75.39 23.70
C ALA B 432 4.36 -74.57 22.41
N GLY B 433 3.62 -73.48 22.46
CA GLY B 433 3.45 -72.63 21.30
C GLY B 433 2.70 -71.37 21.64
N THR B 434 2.91 -70.36 20.80
CA THR B 434 2.23 -69.09 20.97
C THR B 434 0.74 -69.23 20.63
N ALA B 435 -0.08 -68.48 21.35
CA ALA B 435 -1.52 -68.49 21.09
C ALA B 435 -1.81 -68.06 19.66
N LEU B 436 -2.67 -68.81 18.98
CA LEU B 436 -2.97 -68.56 17.58
C LEU B 436 -4.36 -67.93 17.44
N PRO B 437 -4.52 -67.00 16.49
CA PRO B 437 -5.84 -66.39 16.28
C PRO B 437 -6.81 -67.36 15.62
N LEU B 438 -7.89 -67.67 16.33
CA LEU B 438 -8.93 -68.55 15.81
C LEU B 438 -10.22 -67.82 15.47
N GLU B 439 -10.70 -66.96 16.37
CA GLU B 439 -11.89 -66.16 16.06
C GLU B 439 -11.63 -65.20 14.91
N GLY B 440 -10.43 -64.61 14.85
CA GLY B 440 -10.11 -63.70 13.77
C GLY B 440 -10.03 -64.36 12.41
N VAL B 441 -9.52 -65.59 12.35
CA VAL B 441 -9.36 -66.24 11.05
C VAL B 441 -10.67 -66.86 10.57
N ILE B 442 -11.51 -67.37 11.47
CA ILE B 442 -12.77 -67.97 11.05
C ILE B 442 -13.70 -66.92 10.45
N LEU B 443 -13.84 -65.78 11.11
CA LEU B 443 -14.71 -64.72 10.60
C LEU B 443 -14.17 -64.16 9.28
N SER B 444 -12.87 -63.93 9.19
CA SER B 444 -12.30 -63.32 8.00
C SER B 444 -12.49 -64.23 6.79
N LEU B 445 -12.32 -65.54 6.95
CA LEU B 445 -12.58 -66.45 5.85
C LEU B 445 -14.03 -66.42 5.42
N GLN B 446 -14.96 -66.32 6.38
CA GLN B 446 -16.38 -66.23 6.04
C GLN B 446 -16.69 -64.97 5.24
N ASP B 447 -16.12 -63.82 5.64
CA ASP B 447 -16.33 -62.60 4.87
C ASP B 447 -15.70 -62.71 3.48
N LEU B 448 -14.49 -63.26 3.40
CA LEU B 448 -13.84 -63.43 2.10
C LEU B 448 -14.59 -64.43 1.24
N ILE B 449 -15.12 -65.50 1.85
CA ILE B 449 -16.03 -66.38 1.14
C ILE B 449 -17.29 -65.63 0.76
N GLY B 450 -17.78 -64.77 1.65
CA GLY B 450 -18.94 -63.94 1.37
C GLY B 450 -18.66 -62.81 0.41
N TYR B 451 -17.50 -62.86 -0.25
CA TYR B 451 -17.10 -61.84 -1.20
C TYR B 451 -16.81 -62.38 -2.59
N PHE B 452 -16.73 -63.71 -2.75
CA PHE B 452 -16.32 -64.33 -4.01
C PHE B 452 -17.40 -65.26 -4.59
N GLU B 453 -18.67 -65.12 -4.17
CA GLU B 453 -19.66 -66.01 -4.75
C GLU B 453 -19.89 -65.69 -6.24
N PRO B 454 -20.13 -66.71 -7.06
CA PRO B 454 -20.59 -66.44 -8.42
C PRO B 454 -21.99 -65.87 -8.40
N PRO B 455 -22.34 -65.05 -9.39
CA PRO B 455 -23.72 -64.53 -9.45
C PRO B 455 -24.73 -65.62 -9.74
N SER B 456 -25.95 -65.41 -9.26
CA SER B 456 -27.03 -66.35 -9.49
C SER B 456 -27.47 -66.32 -10.94
N GLU B 457 -27.88 -67.48 -11.45
CA GLU B 457 -28.34 -67.60 -12.83
C GLU B 457 -29.72 -67.02 -13.05
N GLU B 458 -30.48 -66.74 -11.98
CA GLU B 458 -31.82 -66.16 -12.14
C GLU B 458 -31.79 -64.70 -12.56
N LEU B 459 -30.64 -64.04 -12.43
CA LEU B 459 -30.54 -62.64 -12.81
C LEU B 459 -30.57 -62.49 -14.33
N GLN B 460 -30.83 -61.27 -14.77
CA GLN B 460 -30.89 -60.97 -16.19
C GLN B 460 -29.49 -61.06 -16.81
N HIS B 461 -29.46 -61.12 -18.15
CA HIS B 461 -28.19 -61.24 -18.86
C HIS B 461 -27.30 -60.02 -18.62
N GLU B 462 -27.89 -58.82 -18.64
CA GLU B 462 -27.10 -57.61 -18.40
C GLU B 462 -26.55 -57.58 -16.98
N GLU B 463 -27.36 -57.98 -15.99
CA GLU B 463 -26.90 -57.98 -14.61
C GLU B 463 -25.90 -59.09 -14.33
N LYS B 464 -26.08 -60.27 -14.94
CA LYS B 464 -25.18 -61.39 -14.69
C LYS B 464 -23.77 -61.07 -15.19
N GLN B 465 -23.64 -60.48 -16.38
CA GLN B 465 -22.32 -60.18 -16.90
C GLN B 465 -21.65 -59.04 -16.14
N SER B 466 -22.44 -58.09 -15.61
CA SER B 466 -21.87 -57.01 -14.81
C SER B 466 -21.20 -57.56 -13.55
N LYS B 467 -21.85 -58.50 -12.88
CA LYS B 467 -21.23 -59.14 -11.71
C LYS B 467 -20.09 -60.05 -12.12
N LEU B 468 -20.20 -60.73 -13.25
CA LEU B 468 -19.13 -61.61 -13.71
C LEU B 468 -17.87 -60.81 -14.05
N ARG B 469 -18.03 -59.65 -14.70
CA ARG B 469 -16.86 -58.82 -15.01
C ARG B 469 -16.17 -58.33 -13.74
N SER B 470 -16.96 -57.89 -12.76
CA SER B 470 -16.36 -57.46 -11.50
C SER B 470 -15.74 -58.62 -10.74
N LEU B 471 -16.34 -59.80 -10.80
CA LEU B 471 -15.77 -60.96 -10.12
C LEU B 471 -14.40 -61.32 -10.70
N ARG B 472 -14.28 -61.36 -12.03
CA ARG B 472 -12.99 -61.65 -12.63
C ARG B 472 -12.03 -60.49 -12.48
N ASN B 473 -12.53 -59.25 -12.52
CA ASN B 473 -11.66 -58.11 -12.29
C ASN B 473 -11.05 -58.16 -10.88
N ARG B 474 -11.89 -58.40 -9.87
CA ARG B 474 -11.37 -58.49 -8.51
C ARG B 474 -10.40 -59.65 -8.37
N GLN B 475 -10.73 -60.81 -8.93
CA GLN B 475 -9.86 -61.98 -8.82
C GLN B 475 -8.48 -61.71 -9.38
N SER B 476 -8.38 -60.79 -10.35
CA SER B 476 -7.06 -60.39 -10.84
C SER B 476 -6.35 -59.51 -9.82
N LEU B 477 -7.10 -58.75 -9.01
CA LEU B 477 -6.48 -57.91 -7.99
C LEU B 477 -6.12 -58.67 -6.71
N PHE B 478 -6.43 -59.97 -6.61
CA PHE B 478 -6.09 -60.67 -5.37
C PHE B 478 -4.99 -61.72 -5.57
N GLN B 479 -4.96 -62.38 -6.73
CA GLN B 479 -3.90 -63.35 -6.99
C GLN B 479 -2.55 -62.71 -7.18
N GLU B 480 -2.52 -61.44 -7.59
CA GLU B 480 -1.27 -60.77 -7.91
C GLU B 480 -0.59 -60.22 -6.67
N GLU B 481 -1.35 -60.06 -5.58
CA GLU B 481 -0.82 -59.65 -4.29
C GLU B 481 -0.24 -60.82 -3.50
N GLY B 482 -0.22 -62.00 -4.10
CA GLY B 482 0.30 -63.18 -3.45
C GLY B 482 -0.66 -63.91 -2.54
N MET B 483 -1.94 -63.52 -2.52
CA MET B 483 -2.88 -64.15 -1.60
C MET B 483 -3.07 -65.62 -1.93
N LEU B 484 -3.15 -65.96 -3.23
CA LEU B 484 -3.21 -67.38 -3.60
C LEU B 484 -1.96 -68.11 -3.14
N SER B 485 -0.80 -67.45 -3.17
CA SER B 485 0.39 -68.04 -2.57
C SER B 485 0.27 -68.16 -1.06
N LEU B 486 -0.40 -67.20 -0.41
CA LEU B 486 -0.56 -67.26 1.03
C LEU B 486 -1.45 -68.42 1.44
N VAL B 487 -2.58 -68.61 0.76
CA VAL B 487 -3.49 -69.70 1.11
C VAL B 487 -2.84 -71.05 0.79
N LEU B 488 -2.10 -71.13 -0.31
CA LEU B 488 -1.34 -72.35 -0.61
C LEU B 488 -0.26 -72.60 0.44
N ASN B 489 0.40 -71.54 0.90
CA ASN B 489 1.42 -71.70 1.95
C ASN B 489 0.80 -72.20 3.25
N CYS B 490 -0.38 -71.70 3.61
CA CYS B 490 -1.03 -72.13 4.84
C CYS B 490 -1.52 -73.58 4.76
N ILE B 491 -2.01 -73.99 3.58
CA ILE B 491 -2.53 -75.35 3.43
C ILE B 491 -1.41 -76.37 3.58
N ASP B 492 -0.27 -76.11 2.94
CA ASP B 492 0.85 -77.06 2.97
C ASP B 492 1.43 -77.22 4.36
N ARG B 493 1.21 -76.27 5.26
CA ARG B 493 1.78 -76.33 6.61
C ARG B 493 0.77 -76.77 7.66
N LEU B 494 -0.53 -76.56 7.42
CA LEU B 494 -1.55 -76.95 8.39
C LEU B 494 -2.04 -78.38 8.18
N ASN B 495 -2.03 -78.88 6.94
CA ASN B 495 -2.48 -80.23 6.65
C ASN B 495 -1.45 -81.29 7.03
N VAL B 496 -0.30 -80.87 7.57
CA VAL B 496 0.72 -81.83 7.99
C VAL B 496 0.20 -82.74 9.09
N TYR B 497 -0.73 -82.24 9.92
CA TYR B 497 -1.25 -83.03 11.03
C TYR B 497 -1.93 -84.29 10.52
N THR B 498 -3.03 -84.14 9.78
CA THR B 498 -3.70 -85.23 9.09
C THR B 498 -4.06 -86.38 10.03
N THR B 499 -4.67 -86.04 11.18
CA THR B 499 -5.05 -87.06 12.13
C THR B 499 -6.43 -86.81 12.74
N ALA B 500 -7.29 -86.05 12.06
CA ALA B 500 -8.64 -85.74 12.56
C ALA B 500 -8.58 -85.11 13.95
N ALA B 501 -7.79 -84.06 14.07
CA ALA B 501 -7.59 -83.27 15.29
C ALA B 501 -6.93 -84.05 16.41
N HIS B 502 -6.48 -85.28 16.18
CA HIS B 502 -5.78 -86.03 17.22
C HIS B 502 -4.35 -85.54 17.37
N PHE B 503 -3.60 -85.49 16.26
CA PHE B 503 -2.25 -84.95 16.32
C PHE B 503 -2.27 -83.45 16.58
N ALA B 504 -3.32 -82.75 16.12
CA ALA B 504 -3.46 -81.33 16.37
C ALA B 504 -3.84 -81.02 17.81
N GLU B 505 -4.19 -82.03 18.60
CA GLU B 505 -4.55 -81.82 20.00
C GLU B 505 -3.31 -81.79 20.88
N PHE B 506 -2.34 -80.96 20.52
CA PHE B 506 -1.11 -80.79 21.28
C PHE B 506 -0.93 -79.40 21.84
N ALA B 507 -1.16 -78.36 21.03
CA ALA B 507 -1.09 -77.00 21.54
C ALA B 507 -2.19 -76.72 22.55
N GLY B 508 -3.36 -77.34 22.38
CA GLY B 508 -4.45 -77.18 23.31
C GLY B 508 -5.72 -77.88 22.86
N GLU B 509 -6.51 -78.35 23.83
CA GLU B 509 -7.77 -79.02 23.50
C GLU B 509 -8.74 -78.04 22.85
N GLU B 510 -8.81 -76.81 23.35
CA GLU B 510 -9.74 -75.83 22.80
C GLU B 510 -9.37 -75.44 21.38
N ALA B 511 -8.08 -75.38 21.07
CA ALA B 511 -7.65 -74.99 19.72
C ALA B 511 -7.91 -76.09 18.71
N ALA B 512 -8.04 -77.34 19.15
CA ALA B 512 -8.17 -78.47 18.24
C ALA B 512 -9.56 -78.60 17.61
N GLU B 513 -10.61 -78.11 18.28
CA GLU B 513 -11.95 -78.24 17.73
C GLU B 513 -12.14 -77.36 16.51
N SER B 514 -11.41 -76.26 16.40
CA SER B 514 -11.47 -75.37 15.25
C SER B 514 -10.59 -75.85 14.10
N TRP B 515 -9.82 -76.93 14.30
CA TRP B 515 -8.97 -77.44 13.24
C TRP B 515 -9.79 -78.00 12.08
N LYS B 516 -10.95 -78.59 12.37
CA LYS B 516 -11.78 -79.15 11.31
C LYS B 516 -12.46 -78.06 10.49
N GLU B 517 -12.84 -76.94 11.11
CA GLU B 517 -13.54 -75.89 10.39
C GLU B 517 -12.60 -75.10 9.48
N ILE B 518 -11.35 -74.90 9.90
CA ILE B 518 -10.44 -74.06 9.12
C ILE B 518 -10.06 -74.75 7.81
N VAL B 519 -9.91 -76.07 7.82
CA VAL B 519 -9.54 -76.78 6.59
C VAL B 519 -10.67 -76.75 5.58
N ASN B 520 -11.92 -76.83 6.03
CA ASN B 520 -13.05 -76.81 5.10
C ASN B 520 -13.22 -75.44 4.47
N LEU B 521 -13.03 -74.36 5.25
CA LEU B 521 -13.15 -73.02 4.70
C LEU B 521 -11.97 -72.67 3.81
N LEU B 522 -10.77 -73.17 4.14
CA LEU B 522 -9.60 -72.88 3.32
C LEU B 522 -9.72 -73.48 1.92
N TYR B 523 -10.28 -74.69 1.82
CA TYR B 523 -10.52 -75.27 0.51
C TYR B 523 -11.71 -74.63 -0.21
N GLU B 524 -12.68 -74.12 0.55
CA GLU B 524 -13.81 -73.44 -0.06
C GLU B 524 -13.42 -72.09 -0.65
N ILE B 525 -12.60 -71.32 0.08
CA ILE B 525 -12.15 -70.03 -0.44
C ILE B 525 -11.22 -70.22 -1.64
N LEU B 526 -10.41 -71.28 -1.63
CA LEU B 526 -9.50 -71.53 -2.75
C LEU B 526 -10.28 -71.85 -4.02
N ALA B 527 -11.32 -72.68 -3.90
CA ALA B 527 -12.11 -73.05 -5.08
C ALA B 527 -12.82 -71.86 -5.68
N SER B 528 -13.38 -70.98 -4.83
CA SER B 528 -14.07 -69.80 -5.33
C SER B 528 -13.10 -68.78 -5.93
N LEU B 529 -11.85 -68.76 -5.47
CA LEU B 529 -10.86 -67.84 -6.01
C LEU B 529 -10.34 -68.26 -7.38
N ILE B 530 -10.18 -69.56 -7.61
CA ILE B 530 -9.61 -70.04 -8.87
C ILE B 530 -10.68 -70.30 -9.94
N ARG B 531 -11.94 -70.41 -9.55
CA ARG B 531 -13.00 -70.70 -10.51
C ARG B 531 -13.25 -69.49 -11.41
N GLY B 532 -13.28 -69.72 -12.71
CA GLY B 532 -13.59 -68.65 -13.65
C GLY B 532 -12.38 -68.06 -14.33
N ASN B 533 -11.29 -67.88 -13.57
CA ASN B 533 -10.09 -67.23 -14.08
C ASN B 533 -9.12 -68.30 -14.61
N ARG B 534 -8.75 -68.17 -15.88
CA ARG B 534 -7.79 -69.09 -16.47
C ARG B 534 -6.36 -68.82 -16.00
N ALA B 535 -6.05 -67.56 -15.65
CA ALA B 535 -4.71 -67.25 -15.17
C ALA B 535 -4.39 -67.95 -13.87
N ASN B 536 -5.36 -68.01 -12.95
CA ASN B 536 -5.16 -68.72 -11.70
C ASN B 536 -4.93 -70.20 -11.93
N CYS B 537 -5.71 -70.81 -12.84
CA CYS B 537 -5.50 -72.21 -13.16
C CYS B 537 -4.21 -72.46 -13.91
N ALA B 538 -3.65 -71.42 -14.54
CA ALA B 538 -2.40 -71.60 -15.30
C ALA B 538 -1.22 -71.77 -14.35
N LEU B 539 -1.14 -70.94 -13.30
CA LEU B 539 -0.02 -71.04 -12.37
C LEU B 539 -0.13 -72.26 -11.46
N PHE B 540 -1.28 -72.93 -11.44
CA PHE B 540 -1.48 -74.12 -10.62
C PHE B 540 -1.07 -75.39 -11.33
N SER B 541 -0.50 -75.28 -12.55
CA SER B 541 -0.12 -76.44 -13.34
C SER B 541 1.29 -76.94 -13.02
N ASN B 542 1.81 -76.63 -11.84
CA ASN B 542 3.15 -77.05 -11.46
C ASN B 542 3.19 -77.97 -10.24
N ASN B 543 2.08 -78.19 -9.56
CA ASN B 543 2.03 -79.02 -8.36
C ASN B 543 0.85 -79.99 -8.42
N LEU B 544 0.69 -80.65 -9.56
CA LEU B 544 -0.40 -81.62 -9.71
C LEU B 544 -0.19 -82.83 -8.80
N ASP B 545 1.05 -83.30 -8.65
CA ASP B 545 1.31 -84.43 -7.77
C ASP B 545 0.97 -84.12 -6.32
N TRP B 546 1.07 -82.85 -5.91
CA TRP B 546 0.70 -82.48 -4.56
C TRP B 546 -0.81 -82.51 -4.35
N LEU B 547 -1.59 -82.08 -5.34
CA LEU B 547 -3.05 -82.06 -5.20
C LEU B 547 -3.62 -83.48 -5.20
N VAL B 548 -3.17 -84.31 -6.15
CA VAL B 548 -3.70 -85.67 -6.22
C VAL B 548 -3.29 -86.51 -5.02
N SER B 549 -2.21 -86.13 -4.33
CA SER B 549 -1.86 -86.81 -3.09
C SER B 549 -2.86 -86.49 -1.99
N LYS B 550 -3.51 -85.33 -2.06
CA LYS B 550 -4.49 -84.93 -1.06
C LYS B 550 -5.89 -85.46 -1.33
N LEU B 551 -6.12 -86.07 -2.49
CA LEU B 551 -7.42 -86.67 -2.75
C LEU B 551 -7.70 -87.84 -1.80
N ASP B 552 -6.67 -88.64 -1.50
CA ASP B 552 -6.80 -89.74 -0.55
C ASP B 552 -6.77 -89.14 0.85
N ARG B 553 -7.90 -88.56 1.25
CA ARG B 553 -8.03 -87.91 2.54
C ARG B 553 -9.46 -88.06 3.03
N LEU B 554 -9.61 -88.50 4.28
CA LEU B 554 -10.95 -88.69 4.85
C LEU B 554 -11.58 -87.39 5.31
N GLU B 555 -10.76 -86.39 5.63
CA GLU B 555 -11.26 -85.11 6.14
C GLU B 555 -11.34 -84.09 5.00
N ALA B 556 -12.50 -83.45 4.89
CA ALA B 556 -12.75 -82.42 3.86
C ALA B 556 -12.50 -82.97 2.46
N SER B 557 -13.10 -84.14 2.20
CA SER B 557 -12.96 -84.77 0.90
C SER B 557 -13.69 -84.02 -0.21
N SER B 558 -14.86 -83.45 0.10
CA SER B 558 -15.64 -82.74 -0.91
C SER B 558 -14.99 -81.42 -1.33
N GLY B 559 -14.30 -80.75 -0.41
CA GLY B 559 -13.67 -79.48 -0.76
C GLY B 559 -12.56 -79.63 -1.78
N ILE B 560 -11.72 -80.65 -1.60
CA ILE B 560 -10.62 -80.89 -2.54
C ILE B 560 -11.15 -81.32 -3.90
N LEU B 561 -12.22 -82.13 -3.92
CA LEU B 561 -12.80 -82.56 -5.19
C LEU B 561 -13.34 -81.37 -5.98
N GLU B 562 -13.95 -80.39 -5.30
CA GLU B 562 -14.41 -79.20 -5.98
C GLU B 562 -13.26 -78.40 -6.57
N VAL B 563 -12.11 -78.39 -5.90
CA VAL B 563 -10.94 -77.68 -6.43
C VAL B 563 -10.47 -78.36 -7.72
N LEU B 564 -10.38 -79.69 -7.72
CA LEU B 564 -9.94 -80.40 -8.91
C LEU B 564 -10.93 -80.24 -10.06
N TYR B 565 -12.23 -80.20 -9.75
CA TYR B 565 -13.23 -80.02 -10.79
C TYR B 565 -13.17 -78.65 -11.44
N CYS B 566 -12.56 -77.66 -10.77
CA CYS B 566 -12.49 -76.31 -11.31
C CYS B 566 -11.21 -76.05 -12.10
N VAL B 567 -10.14 -76.82 -11.86
CA VAL B 567 -8.89 -76.57 -12.57
C VAL B 567 -8.83 -77.27 -13.91
N LEU B 568 -9.62 -78.33 -14.11
CA LEU B 568 -9.58 -79.08 -15.36
C LEU B 568 -10.45 -78.47 -16.46
N ILE B 569 -11.52 -77.76 -16.09
CA ILE B 569 -12.40 -77.18 -17.09
C ILE B 569 -11.84 -75.88 -17.64
N GLU B 570 -11.22 -75.05 -16.79
CA GLU B 570 -10.78 -73.73 -17.22
C GLU B 570 -9.54 -73.80 -18.10
N SER B 571 -8.43 -74.32 -17.57
CA SER B 571 -7.17 -74.34 -18.27
C SER B 571 -6.91 -75.71 -18.86
N PRO B 572 -6.81 -75.84 -20.19
CA PRO B 572 -6.52 -77.16 -20.78
C PRO B 572 -5.06 -77.56 -20.72
N GLU B 573 -4.15 -76.67 -20.31
CA GLU B 573 -2.75 -77.02 -20.24
C GLU B 573 -2.48 -78.04 -19.14
N VAL B 574 -3.33 -78.10 -18.11
CA VAL B 574 -3.19 -79.11 -17.08
C VAL B 574 -3.42 -80.50 -17.67
N LEU B 575 -4.36 -80.63 -18.60
CA LEU B 575 -4.65 -81.91 -19.22
C LEU B 575 -3.50 -82.44 -20.07
N ASN B 576 -2.56 -81.57 -20.47
CA ASN B 576 -1.44 -82.01 -21.30
C ASN B 576 -0.34 -82.66 -20.49
N ILE B 577 -0.37 -82.55 -19.17
CA ILE B 577 0.68 -83.10 -18.31
C ILE B 577 0.14 -84.23 -17.42
N ILE B 578 -1.07 -84.71 -17.72
CA ILE B 578 -1.68 -85.75 -16.90
C ILE B 578 -0.89 -87.05 -17.07
N GLN B 579 -0.52 -87.66 -15.94
CA GLN B 579 0.23 -88.89 -15.91
C GLN B 579 -0.61 -90.00 -15.27
N GLU B 580 -0.26 -91.24 -15.59
CA GLU B 580 -1.13 -92.38 -15.27
C GLU B 580 -1.44 -92.50 -13.78
N ASN B 581 -0.51 -92.09 -12.91
CA ASN B 581 -0.78 -92.18 -11.48
C ASN B 581 -1.90 -91.23 -11.06
N HIS B 582 -2.07 -90.11 -11.76
CA HIS B 582 -3.21 -89.23 -11.50
C HIS B 582 -4.52 -89.95 -11.81
N ILE B 583 -4.56 -90.75 -12.87
CA ILE B 583 -5.75 -91.52 -13.19
C ILE B 583 -6.03 -92.56 -12.10
N LYS B 584 -4.99 -93.22 -11.59
CA LYS B 584 -5.17 -94.20 -10.53
C LYS B 584 -5.76 -93.56 -9.28
N SER B 585 -5.30 -92.37 -8.92
CA SER B 585 -5.78 -91.71 -7.71
C SER B 585 -7.26 -91.35 -7.82
N ILE B 586 -7.69 -90.87 -8.99
CA ILE B 586 -9.10 -90.50 -9.16
C ILE B 586 -9.99 -91.74 -9.14
N ILE B 587 -9.55 -92.83 -9.78
CA ILE B 587 -10.31 -94.08 -9.75
C ILE B 587 -10.39 -94.61 -8.32
N SER B 588 -9.30 -94.46 -7.55
CA SER B 588 -9.32 -94.87 -6.16
C SER B 588 -10.33 -94.06 -5.34
N LEU B 589 -10.54 -92.79 -5.71
CA LEU B 589 -11.54 -91.98 -5.03
C LEU B 589 -12.95 -92.53 -5.24
N LEU B 590 -13.27 -92.97 -6.46
CA LEU B 590 -14.57 -93.59 -6.72
C LEU B 590 -14.75 -94.87 -5.91
N ASP B 591 -13.65 -95.56 -5.62
CA ASP B 591 -13.74 -96.83 -4.89
C ASP B 591 -13.70 -96.61 -3.38
N LYS B 592 -12.85 -95.72 -2.90
CA LYS B 592 -12.76 -95.50 -1.46
C LYS B 592 -13.94 -94.70 -0.92
N HIS B 593 -14.37 -93.67 -1.65
CA HIS B 593 -15.41 -92.76 -1.17
C HIS B 593 -16.79 -93.12 -1.70
N GLY B 594 -16.98 -94.35 -2.16
CA GLY B 594 -18.28 -94.81 -2.61
C GLY B 594 -18.66 -94.26 -3.98
N ARG B 595 -19.88 -94.57 -4.38
CA ARG B 595 -20.40 -94.16 -5.68
C ARG B 595 -20.89 -92.72 -5.58
N ASN B 596 -20.17 -91.79 -6.21
CA ASN B 596 -20.51 -90.38 -6.21
C ASN B 596 -20.61 -89.89 -7.64
N HIS B 597 -21.62 -89.07 -7.92
CA HIS B 597 -21.81 -88.53 -9.26
C HIS B 597 -20.82 -87.43 -9.58
N LYS B 598 -20.24 -86.78 -8.58
CA LYS B 598 -19.30 -85.68 -8.83
C LYS B 598 -17.96 -86.20 -9.33
N VAL B 599 -17.45 -87.28 -8.73
CA VAL B 599 -16.16 -87.82 -9.16
C VAL B 599 -16.25 -88.38 -10.57
N LEU B 600 -17.39 -88.97 -10.94
CA LEU B 600 -17.57 -89.46 -12.30
C LEU B 600 -17.59 -88.31 -13.31
N ASP B 601 -18.16 -87.17 -12.94
CA ASP B 601 -18.19 -86.01 -13.83
C ASP B 601 -16.81 -85.39 -13.99
N VAL B 602 -15.90 -85.61 -13.04
CA VAL B 602 -14.54 -85.08 -13.16
C VAL B 602 -13.83 -85.70 -14.35
N LEU B 603 -13.97 -87.02 -14.52
CA LEU B 603 -13.32 -87.70 -15.64
C LEU B 603 -13.87 -87.23 -16.99
N CYS B 604 -15.13 -86.80 -17.03
CA CYS B 604 -15.71 -86.32 -18.28
C CYS B 604 -14.98 -85.08 -18.78
N SER B 605 -14.68 -84.15 -17.88
CA SER B 605 -13.92 -82.96 -18.28
C SER B 605 -12.45 -83.28 -18.53
N LEU B 606 -11.95 -84.40 -18.02
CA LEU B 606 -10.57 -84.77 -18.23
C LEU B 606 -10.32 -85.28 -19.65
N CYS B 607 -11.34 -85.85 -20.28
CA CYS B 607 -11.19 -86.38 -21.63
C CYS B 607 -11.26 -85.27 -22.68
N VAL B 608 -12.37 -84.54 -22.70
CA VAL B 608 -12.59 -83.48 -23.69
C VAL B 608 -12.66 -82.14 -22.96
N CYS B 609 -12.02 -81.13 -23.54
CA CYS B 609 -12.03 -79.79 -22.97
C CYS B 609 -11.82 -78.79 -24.08
N ASN B 610 -12.72 -77.79 -24.17
CA ASN B 610 -12.65 -76.74 -25.17
C ASN B 610 -12.65 -77.32 -26.59
N GLY B 611 -13.38 -78.41 -26.78
CA GLY B 611 -13.45 -79.03 -28.09
C GLY B 611 -12.22 -79.82 -28.49
N VAL B 612 -11.30 -80.05 -27.57
CA VAL B 612 -10.06 -80.77 -27.84
C VAL B 612 -9.95 -81.94 -26.88
N ALA B 613 -9.71 -83.13 -27.42
CA ALA B 613 -9.60 -84.35 -26.63
C ALA B 613 -8.18 -84.90 -26.73
N VAL B 614 -7.61 -85.25 -25.58
CA VAL B 614 -6.26 -85.80 -25.52
C VAL B 614 -6.33 -87.32 -25.60
N ARG B 615 -5.48 -87.89 -26.46
CA ARG B 615 -5.49 -89.33 -26.66
C ARG B 615 -4.90 -90.10 -25.50
N SER B 616 -3.93 -89.50 -24.79
CA SER B 616 -3.26 -90.21 -23.70
C SER B 616 -4.21 -90.51 -22.55
N ASN B 617 -5.04 -89.54 -22.17
CA ASN B 617 -5.91 -89.74 -21.00
C ASN B 617 -7.06 -90.71 -21.32
N GLN B 618 -7.62 -90.61 -22.52
CA GLN B 618 -8.73 -91.51 -22.87
C GLN B 618 -8.27 -92.96 -22.91
N ASP B 619 -7.08 -93.22 -23.44
CA ASP B 619 -6.56 -94.58 -23.47
C ASP B 619 -6.22 -95.10 -22.09
N LEU B 620 -5.94 -94.20 -21.13
CA LEU B 620 -5.59 -94.64 -19.78
C LEU B 620 -6.82 -94.94 -18.94
N ILE B 621 -7.86 -94.11 -19.05
CA ILE B 621 -9.05 -94.31 -18.23
C ILE B 621 -9.79 -95.56 -18.67
N THR B 622 -9.82 -95.84 -19.97
CA THR B 622 -10.50 -97.03 -20.46
C THR B 622 -9.75 -98.31 -20.13
N GLU B 623 -8.47 -98.23 -19.77
CA GLU B 623 -7.68 -99.40 -19.44
C GLU B 623 -7.71 -99.76 -17.97
N ASN B 624 -7.92 -98.77 -17.09
CA ASN B 624 -7.90 -98.98 -15.64
C ASN B 624 -9.30 -99.03 -15.04
N LEU B 625 -10.35 -98.76 -15.82
CA LEU B 625 -11.71 -98.74 -15.32
C LEU B 625 -12.64 -99.72 -16.01
N LEU B 626 -12.52 -99.89 -17.34
CA LEU B 626 -13.40 -100.80 -18.04
C LEU B 626 -13.05 -102.27 -17.80
N PRO B 627 -11.80 -102.72 -17.93
CA PRO B 627 -11.52 -104.14 -17.71
C PRO B 627 -11.81 -104.61 -16.30
N GLY B 628 -11.82 -103.71 -15.31
CA GLY B 628 -12.09 -104.15 -13.95
C GLY B 628 -13.49 -104.70 -13.77
N ARG B 629 -14.49 -104.01 -14.33
CA ARG B 629 -15.89 -104.43 -14.26
C ARG B 629 -16.34 -104.66 -12.81
N GLU B 630 -15.87 -103.79 -11.91
CA GLU B 630 -16.20 -103.90 -10.50
C GLU B 630 -16.73 -102.60 -9.90
N LEU B 631 -16.70 -101.50 -10.65
CA LEU B 631 -17.20 -100.21 -10.17
C LEU B 631 -18.45 -99.76 -10.90
N LEU B 632 -18.44 -99.79 -12.22
CA LEU B 632 -19.60 -99.35 -12.99
C LEU B 632 -20.62 -100.48 -13.11
N LEU B 633 -21.80 -100.14 -13.64
CA LEU B 633 -22.91 -101.07 -13.73
C LEU B 633 -23.03 -101.59 -15.16
N GLN B 634 -23.18 -102.91 -15.29
CA GLN B 634 -23.29 -103.57 -16.57
C GLN B 634 -24.74 -103.93 -16.87
N THR B 635 -25.06 -104.01 -18.16
CA THR B 635 -26.42 -104.27 -18.63
C THR B 635 -26.41 -105.47 -19.57
N ASN B 636 -27.44 -106.31 -19.45
CA ASN B 636 -27.60 -107.46 -20.33
C ASN B 636 -29.09 -107.76 -20.45
N LEU B 637 -29.43 -108.50 -21.51
CA LEU B 637 -30.81 -108.91 -21.78
C LEU B 637 -30.97 -110.36 -21.34
N ILE B 638 -31.94 -110.60 -20.44
CA ILE B 638 -32.16 -111.91 -19.86
C ILE B 638 -33.61 -112.32 -20.09
N ASN B 639 -33.80 -113.60 -20.42
CA ASN B 639 -35.13 -114.16 -20.60
C ASN B 639 -35.83 -114.34 -19.25
N TYR B 640 -37.15 -114.50 -19.31
CA TYR B 640 -37.94 -114.79 -18.12
C TYR B 640 -37.97 -116.29 -17.86
N VAL B 641 -38.19 -116.64 -16.59
CA VAL B 641 -38.26 -118.03 -16.15
C VAL B 641 -39.53 -118.23 -15.35
N THR B 642 -40.18 -119.38 -15.56
CA THR B 642 -41.42 -119.73 -14.87
C THR B 642 -41.35 -121.17 -14.41
N SER B 643 -41.82 -121.41 -13.19
CA SER B 643 -41.81 -122.74 -12.59
C SER B 643 -43.25 -123.22 -12.40
N ILE B 644 -43.51 -124.46 -12.81
CA ILE B 644 -44.82 -125.08 -12.68
C ILE B 644 -44.67 -126.34 -11.85
N ARG B 645 -45.52 -126.49 -10.85
CA ARG B 645 -45.46 -127.63 -9.93
C ARG B 645 -46.84 -128.25 -9.77
N PRO B 646 -46.90 -129.55 -9.50
CA PRO B 646 -48.17 -130.18 -9.13
C PRO B 646 -48.52 -129.87 -7.68
N ASN B 647 -49.78 -130.16 -7.34
CA ASN B 647 -50.27 -129.93 -5.98
C ASN B 647 -50.07 -131.16 -5.10
N ILE B 648 -48.83 -131.65 -5.06
CA ILE B 648 -48.44 -132.79 -4.21
C ILE B 648 -47.28 -132.35 -3.34
N PHE B 649 -47.37 -132.65 -2.04
CA PHE B 649 -46.37 -132.25 -1.07
C PHE B 649 -45.82 -133.47 -0.35
N VAL B 650 -44.49 -133.57 -0.27
CA VAL B 650 -43.82 -134.69 0.38
C VAL B 650 -42.88 -134.12 1.43
N GLY B 651 -43.05 -134.57 2.67
CA GLY B 651 -42.22 -134.09 3.76
C GLY B 651 -41.95 -135.19 4.77
N ARG B 652 -40.88 -135.01 5.53
CA ARG B 652 -40.47 -135.95 6.56
C ARG B 652 -40.43 -135.25 7.91
N ALA B 653 -40.98 -135.91 8.92
CA ALA B 653 -41.00 -135.36 10.28
C ALA B 653 -41.19 -136.51 11.26
N GLU B 654 -41.04 -136.21 12.54
CA GLU B 654 -41.23 -137.21 13.58
C GLU B 654 -42.68 -137.66 13.60
N GLY B 655 -42.88 -138.98 13.62
CA GLY B 655 -44.23 -139.54 13.56
C GLY B 655 -44.96 -139.22 12.28
N THR B 656 -44.28 -139.28 11.14
CA THR B 656 -44.91 -138.96 9.86
C THR B 656 -45.89 -140.04 9.45
N THR B 657 -46.86 -139.65 8.63
CA THR B 657 -47.87 -140.57 8.11
C THR B 657 -47.77 -140.76 6.61
N GLN B 658 -46.70 -140.29 5.98
CA GLN B 658 -46.51 -140.40 4.55
C GLN B 658 -45.24 -141.20 4.24
N TYR B 659 -45.24 -141.85 3.09
CA TYR B 659 -44.08 -142.65 2.68
C TYR B 659 -42.90 -141.73 2.37
N SER B 660 -41.71 -142.16 2.78
CA SER B 660 -40.53 -141.31 2.68
C SER B 660 -40.09 -141.12 1.24
N LYS B 661 -40.02 -142.21 0.48
CA LYS B 661 -39.44 -142.19 -0.86
C LYS B 661 -40.52 -142.08 -1.92
N TRP B 662 -40.27 -141.25 -2.93
CA TRP B 662 -41.20 -141.07 -4.03
C TRP B 662 -40.42 -140.94 -5.32
N TYR B 663 -41.03 -141.37 -6.43
CA TYR B 663 -40.37 -141.45 -7.72
C TYR B 663 -41.31 -140.93 -8.81
N PHE B 664 -40.75 -140.21 -9.77
CA PHE B 664 -41.53 -139.75 -10.92
C PHE B 664 -40.61 -139.62 -12.12
N GLU B 665 -41.21 -139.32 -13.27
CA GLU B 665 -40.47 -139.12 -14.51
C GLU B 665 -41.03 -137.92 -15.23
N VAL B 666 -40.19 -137.29 -16.05
CA VAL B 666 -40.59 -136.16 -16.88
C VAL B 666 -39.96 -136.33 -18.26
N MET B 667 -40.74 -136.11 -19.30
CA MET B 667 -40.30 -136.31 -20.67
C MET B 667 -40.63 -135.08 -21.51
N VAL B 668 -39.66 -134.67 -22.33
CA VAL B 668 -39.79 -133.50 -23.19
C VAL B 668 -40.36 -133.93 -24.53
N ASP B 669 -41.18 -133.07 -25.13
CA ASP B 669 -41.77 -133.34 -26.43
C ASP B 669 -41.00 -132.67 -27.56
N GLU B 670 -40.85 -131.36 -27.51
CA GLU B 670 -40.13 -130.63 -28.54
C GLU B 670 -39.70 -129.28 -27.97
N VAL B 671 -38.40 -129.00 -28.06
CA VAL B 671 -37.84 -127.74 -27.61
C VAL B 671 -36.93 -127.20 -28.72
N VAL B 672 -37.08 -125.92 -29.03
CA VAL B 672 -36.20 -125.23 -29.96
C VAL B 672 -35.07 -124.59 -29.16
N PRO B 673 -33.82 -124.99 -29.35
CA PRO B 673 -32.73 -124.41 -28.57
C PRO B 673 -32.32 -123.05 -29.09
N PHE B 674 -31.82 -122.23 -28.16
CA PHE B 674 -31.07 -121.02 -28.51
C PHE B 674 -31.97 -119.98 -29.19
N LEU B 675 -33.19 -119.85 -28.70
CA LEU B 675 -34.13 -118.85 -29.19
C LEU B 675 -33.78 -117.47 -28.64
N THR B 676 -34.24 -116.44 -29.36
CA THR B 676 -34.07 -115.03 -29.03
C THR B 676 -32.69 -114.69 -28.49
N ALA B 677 -31.66 -115.35 -29.05
CA ALA B 677 -30.25 -115.03 -28.78
C ALA B 677 -29.91 -115.25 -27.30
N GLN B 678 -30.33 -116.39 -26.76
CA GLN B 678 -29.92 -116.81 -25.43
C GLN B 678 -30.19 -118.30 -25.28
N ALA B 679 -29.41 -118.94 -24.41
CA ALA B 679 -29.56 -120.37 -24.18
C ALA B 679 -30.87 -120.67 -23.45
N THR B 680 -31.46 -121.82 -23.78
CA THR B 680 -32.70 -122.23 -23.16
C THR B 680 -32.44 -122.82 -21.78
N HIS B 681 -33.07 -122.24 -20.77
CA HIS B 681 -32.93 -122.66 -19.38
C HIS B 681 -34.02 -123.68 -19.05
N LEU B 682 -33.65 -124.96 -19.04
CA LEU B 682 -34.61 -126.03 -18.82
C LEU B 682 -34.01 -127.04 -17.84
N ARG B 683 -34.64 -127.17 -16.67
CA ARG B 683 -34.16 -128.01 -15.57
C ARG B 683 -35.36 -128.70 -14.91
N VAL B 684 -35.08 -129.82 -14.25
CA VAL B 684 -36.08 -130.55 -13.48
C VAL B 684 -35.46 -130.95 -12.14
N GLY B 685 -36.31 -131.05 -11.13
CA GLY B 685 -35.85 -131.45 -9.80
C GLY B 685 -36.88 -131.10 -8.74
N TRP B 686 -36.41 -131.11 -7.50
CA TRP B 686 -37.24 -130.80 -6.34
C TRP B 686 -37.00 -129.38 -5.87
N ALA B 687 -37.81 -128.96 -4.89
CA ALA B 687 -37.68 -127.66 -4.25
C ALA B 687 -38.44 -127.67 -2.94
N LEU B 688 -37.87 -127.04 -1.93
CA LEU B 688 -38.54 -126.93 -0.64
C LEU B 688 -39.72 -125.98 -0.73
N THR B 689 -40.73 -126.24 0.10
CA THR B 689 -41.93 -125.42 0.11
C THR B 689 -41.70 -124.04 0.73
N GLU B 690 -40.62 -123.88 1.49
CA GLU B 690 -40.29 -122.60 2.13
C GLU B 690 -38.89 -122.19 1.70
N GLY B 691 -38.74 -120.93 1.27
CA GLY B 691 -37.47 -120.38 0.86
C GLY B 691 -37.25 -120.37 -0.64
N TYR B 692 -38.12 -121.00 -1.42
CA TYR B 692 -37.95 -121.00 -2.88
C TYR B 692 -38.27 -119.63 -3.45
N SER B 693 -39.52 -119.18 -3.31
CA SER B 693 -40.00 -117.86 -3.72
C SER B 693 -39.55 -117.47 -5.11
N PRO B 694 -40.07 -118.10 -6.17
CA PRO B 694 -39.75 -117.67 -7.54
C PRO B 694 -40.31 -116.28 -7.79
N TYR B 695 -39.52 -115.42 -8.44
CA TYR B 695 -39.95 -114.08 -8.82
C TYR B 695 -39.43 -113.79 -10.22
N PRO B 696 -40.29 -113.68 -11.23
CA PRO B 696 -39.81 -113.45 -12.60
C PRO B 696 -39.24 -112.06 -12.82
N GLY B 697 -39.57 -111.08 -11.98
CA GLY B 697 -39.10 -109.73 -12.17
C GLY B 697 -37.60 -109.58 -11.96
N GLY B 698 -37.11 -110.01 -10.80
CA GLY B 698 -35.70 -109.91 -10.48
C GLY B 698 -35.18 -111.21 -9.93
N GLY B 699 -33.86 -111.35 -9.97
CA GLY B 699 -33.20 -112.54 -9.48
C GLY B 699 -31.87 -112.21 -8.82
N GLU B 700 -31.42 -113.14 -7.97
CA GLU B 700 -30.14 -112.95 -7.29
C GLU B 700 -28.99 -112.97 -8.28
N GLY B 701 -28.95 -113.98 -9.15
CA GLY B 701 -27.93 -114.03 -10.17
C GLY B 701 -28.28 -113.16 -11.37
N TRP B 702 -27.31 -113.01 -12.27
CA TRP B 702 -27.52 -112.19 -13.45
C TRP B 702 -28.63 -112.76 -14.32
N GLY B 703 -28.65 -114.08 -14.51
CA GLY B 703 -29.72 -114.72 -15.26
C GLY B 703 -30.95 -114.97 -14.41
N GLY B 704 -32.01 -115.42 -15.08
CA GLY B 704 -33.25 -115.74 -14.39
C GLY B 704 -33.06 -116.91 -13.45
N ASN B 705 -33.35 -116.72 -12.17
CA ASN B 705 -33.18 -117.76 -11.18
C ASN B 705 -34.31 -118.78 -11.27
N GLY B 706 -33.93 -120.06 -11.32
CA GLY B 706 -34.92 -121.13 -11.37
C GLY B 706 -34.60 -122.23 -10.36
N VAL B 707 -34.97 -123.47 -10.69
CA VAL B 707 -34.67 -124.59 -9.81
C VAL B 707 -33.17 -124.85 -9.82
N GLY B 708 -32.60 -125.06 -8.63
CA GLY B 708 -31.18 -125.27 -8.48
C GLY B 708 -30.36 -124.01 -8.35
N ASP B 709 -30.96 -122.83 -8.52
CA ASP B 709 -30.24 -121.58 -8.37
C ASP B 709 -30.02 -121.20 -6.91
N ASP B 710 -30.78 -121.77 -5.99
CA ASP B 710 -30.65 -121.48 -4.57
C ASP B 710 -30.50 -122.79 -3.80
N LEU B 711 -30.17 -122.66 -2.52
CA LEU B 711 -29.99 -123.83 -1.67
C LEU B 711 -31.30 -124.55 -1.38
N TYR B 712 -32.44 -123.90 -1.61
CA TYR B 712 -33.73 -124.50 -1.34
C TYR B 712 -34.27 -125.30 -2.51
N SER B 713 -33.56 -125.35 -3.64
CA SER B 713 -33.97 -126.10 -4.80
C SER B 713 -32.82 -126.97 -5.29
N TYR B 714 -33.18 -128.11 -5.88
CA TYR B 714 -32.21 -129.06 -6.42
C TYR B 714 -32.66 -129.46 -7.82
N GLY B 715 -31.72 -129.46 -8.76
CA GLY B 715 -32.07 -129.81 -10.12
C GLY B 715 -30.84 -129.94 -10.99
N PHE B 716 -31.08 -130.25 -12.26
CA PHE B 716 -30.01 -130.43 -13.23
C PHE B 716 -30.56 -130.16 -14.62
N ASP B 717 -29.66 -129.82 -15.53
CA ASP B 717 -30.00 -129.60 -16.93
C ASP B 717 -29.57 -130.75 -17.82
N GLY B 718 -29.17 -131.89 -17.24
CA GLY B 718 -28.73 -133.04 -17.97
C GLY B 718 -27.21 -133.17 -18.07
N LEU B 719 -26.49 -132.07 -17.84
CA LEU B 719 -25.04 -132.11 -17.91
C LEU B 719 -24.41 -131.55 -16.64
N HIS B 720 -25.02 -130.53 -16.06
CA HIS B 720 -24.48 -129.86 -14.89
C HIS B 720 -25.39 -130.05 -13.69
N LEU B 721 -24.76 -130.19 -12.51
CA LEU B 721 -25.47 -130.26 -11.24
C LEU B 721 -25.46 -128.88 -10.61
N TRP B 722 -26.63 -128.29 -10.46
CA TRP B 722 -26.79 -126.91 -10.02
C TRP B 722 -27.37 -126.87 -8.61
N THR B 723 -26.56 -126.46 -7.64
CA THR B 723 -27.00 -126.29 -6.26
C THR B 723 -26.54 -124.92 -5.77
N GLY B 724 -27.49 -124.02 -5.54
CA GLY B 724 -27.15 -122.68 -5.09
C GLY B 724 -26.35 -121.88 -6.09
N HIS B 725 -26.74 -121.91 -7.37
CA HIS B 725 -26.07 -121.14 -8.43
C HIS B 725 -24.59 -121.53 -8.56
N VAL B 726 -24.29 -122.81 -8.38
CA VAL B 726 -22.93 -123.31 -8.49
C VAL B 726 -22.88 -124.39 -9.56
N PRO B 727 -22.49 -124.05 -10.79
CA PRO B 727 -22.32 -125.06 -11.84
C PRO B 727 -21.37 -126.16 -11.40
N ARG B 728 -21.88 -127.39 -11.31
CA ARG B 728 -21.07 -128.55 -11.00
C ARG B 728 -21.22 -129.57 -12.13
N LEU B 729 -20.09 -129.95 -12.72
CA LEU B 729 -20.07 -130.89 -13.83
C LEU B 729 -19.78 -132.29 -13.32
N VAL B 730 -20.64 -133.24 -13.70
CA VAL B 730 -20.50 -134.63 -13.31
C VAL B 730 -20.42 -135.48 -14.56
N THR B 731 -19.49 -136.45 -14.56
CA THR B 731 -19.33 -137.34 -15.70
C THR B 731 -20.46 -138.36 -15.75
N SER B 732 -20.90 -138.69 -16.96
CA SER B 732 -21.97 -139.65 -17.18
C SER B 732 -21.82 -140.23 -18.58
N PRO B 733 -22.23 -141.47 -18.79
CA PRO B 733 -22.15 -142.06 -20.14
C PRO B 733 -23.06 -141.33 -21.12
N GLY B 734 -22.48 -140.88 -22.23
CA GLY B 734 -23.24 -140.15 -23.22
C GLY B 734 -23.78 -138.84 -22.70
N GLN B 735 -22.95 -138.07 -22.01
CA GLN B 735 -23.40 -136.83 -21.40
C GLN B 735 -23.74 -135.79 -22.45
N HIS B 736 -24.91 -135.19 -22.32
CA HIS B 736 -25.36 -134.11 -23.20
C HIS B 736 -26.53 -133.40 -22.54
N LEU B 737 -26.83 -132.20 -23.05
CA LEU B 737 -27.96 -131.44 -22.54
C LEU B 737 -29.27 -132.08 -22.97
N LEU B 738 -30.37 -131.52 -22.47
CA LEU B 738 -31.69 -132.06 -22.75
C LEU B 738 -32.03 -131.87 -24.22
N ALA B 739 -32.38 -132.97 -24.89
CA ALA B 739 -32.74 -132.99 -26.29
C ALA B 739 -34.14 -133.54 -26.48
N PRO B 740 -34.82 -133.20 -27.58
CA PRO B 740 -36.18 -133.71 -27.80
C PRO B 740 -36.21 -135.22 -27.88
N GLU B 741 -37.36 -135.78 -27.48
CA GLU B 741 -37.60 -137.23 -27.45
C GLU B 741 -36.64 -137.93 -26.50
N ASP B 742 -36.52 -137.38 -25.29
CA ASP B 742 -35.72 -137.97 -24.22
C ASP B 742 -36.55 -138.00 -22.95
N VAL B 743 -36.32 -139.02 -22.13
CA VAL B 743 -37.04 -139.21 -20.86
C VAL B 743 -36.09 -138.90 -19.70
N VAL B 744 -36.61 -138.18 -18.71
CA VAL B 744 -35.84 -137.79 -17.54
C VAL B 744 -36.55 -138.33 -16.30
N SER B 745 -35.81 -139.03 -15.44
CA SER B 745 -36.36 -139.63 -14.24
C SER B 745 -35.62 -139.12 -13.02
N CYS B 746 -36.37 -138.83 -11.96
CA CYS B 746 -35.82 -138.33 -10.71
C CYS B 746 -36.44 -139.08 -9.54
N CYS B 747 -35.64 -139.30 -8.51
CA CYS B 747 -36.10 -139.97 -7.29
C CYS B 747 -35.47 -139.31 -6.08
N LEU B 748 -36.15 -139.43 -4.94
CA LEU B 748 -35.65 -138.87 -3.69
C LEU B 748 -36.00 -139.81 -2.55
N ASP B 749 -35.14 -139.84 -1.55
CA ASP B 749 -35.35 -140.63 -0.33
C ASP B 749 -35.34 -139.69 0.86
N LEU B 750 -36.31 -139.89 1.77
CA LEU B 750 -36.45 -139.01 2.93
C LEU B 750 -35.94 -139.63 4.21
N SER B 751 -35.95 -140.96 4.33
CA SER B 751 -35.39 -141.60 5.52
C SER B 751 -33.90 -141.33 5.63
N VAL B 752 -33.19 -141.42 4.51
CA VAL B 752 -31.77 -141.06 4.44
C VAL B 752 -31.64 -139.95 3.41
N PRO B 753 -30.84 -138.91 3.67
CA PRO B 753 -30.73 -137.82 2.69
C PRO B 753 -30.01 -138.25 1.41
N SER B 754 -30.79 -138.40 0.34
CA SER B 754 -30.24 -138.80 -0.95
C SER B 754 -31.20 -138.34 -2.05
N ILE B 755 -30.64 -137.74 -3.10
CA ILE B 755 -31.41 -137.29 -4.25
C ILE B 755 -30.80 -137.94 -5.48
N SER B 756 -31.52 -138.91 -6.05
CA SER B 756 -31.04 -139.67 -7.19
C SER B 756 -31.67 -139.17 -8.48
N PHE B 757 -30.93 -139.28 -9.58
CA PHE B 757 -31.39 -138.83 -10.88
C PHE B 757 -31.14 -139.92 -11.91
N ARG B 758 -31.91 -139.87 -13.00
CA ARG B 758 -31.77 -140.84 -14.07
C ARG B 758 -32.13 -140.18 -15.40
N ILE B 759 -31.32 -140.45 -16.42
CA ILE B 759 -31.56 -139.94 -17.77
C ILE B 759 -31.56 -141.10 -18.74
N ASN B 760 -32.69 -141.30 -19.42
CA ASN B 760 -32.86 -142.38 -20.40
C ASN B 760 -32.50 -143.74 -19.81
N GLY B 761 -32.86 -143.95 -18.54
CA GLY B 761 -32.56 -145.21 -17.88
C GLY B 761 -31.10 -145.42 -17.54
N CYS B 762 -30.30 -144.34 -17.52
CA CYS B 762 -28.89 -144.45 -17.20
C CYS B 762 -28.64 -143.88 -15.81
N PRO B 763 -27.87 -144.56 -14.96
CA PRO B 763 -27.61 -144.04 -13.61
C PRO B 763 -26.75 -142.78 -13.67
N VAL B 764 -27.13 -141.80 -12.86
CA VAL B 764 -26.39 -140.54 -12.76
C VAL B 764 -25.45 -140.62 -11.58
N GLN B 765 -24.19 -140.25 -11.80
CA GLN B 765 -23.13 -140.35 -10.81
C GLN B 765 -23.14 -139.20 -9.80
N GLY B 766 -24.24 -138.44 -9.73
CA GLY B 766 -24.33 -137.36 -8.77
C GLY B 766 -25.53 -137.48 -7.85
N VAL B 767 -25.28 -137.50 -6.53
CA VAL B 767 -26.33 -137.61 -5.53
C VAL B 767 -26.06 -136.61 -4.43
N PHE B 768 -27.12 -135.93 -3.98
CA PHE B 768 -27.01 -134.97 -2.89
C PHE B 768 -27.23 -135.68 -1.55
N GLU B 769 -26.67 -135.09 -0.50
CA GLU B 769 -26.76 -135.70 0.83
C GLU B 769 -26.58 -134.62 1.89
N ALA B 770 -26.91 -134.98 3.12
CA ALA B 770 -26.74 -134.11 4.29
C ALA B 770 -27.45 -132.77 4.11
N PHE B 771 -28.67 -132.82 3.60
CA PHE B 771 -29.50 -131.64 3.45
C PHE B 771 -30.66 -131.68 4.44
N ASN B 772 -31.06 -130.51 4.92
CA ASN B 772 -32.11 -130.41 5.92
C ASN B 772 -33.42 -130.95 5.38
N LEU B 773 -34.13 -131.71 6.23
CA LEU B 773 -35.39 -132.34 5.87
C LEU B 773 -36.60 -131.55 6.33
N ASN B 774 -36.40 -130.34 6.86
CA ASN B 774 -37.52 -129.52 7.30
C ASN B 774 -38.36 -129.07 6.11
N GLY B 775 -39.65 -128.89 6.37
CA GLY B 775 -40.57 -128.49 5.32
C GLY B 775 -41.02 -129.66 4.46
N LEU B 776 -41.55 -129.31 3.30
CA LEU B 776 -42.08 -130.28 2.35
C LEU B 776 -41.41 -130.11 0.99
N PHE B 777 -41.45 -131.19 0.20
CA PHE B 777 -40.83 -131.22 -1.12
C PHE B 777 -41.90 -131.44 -2.18
N PHE B 778 -41.58 -131.05 -3.41
CA PHE B 778 -42.50 -131.18 -4.53
C PHE B 778 -41.72 -131.15 -5.82
N PRO B 779 -42.15 -131.89 -6.84
CA PRO B 779 -41.52 -131.76 -8.16
C PRO B 779 -41.77 -130.38 -8.74
N VAL B 780 -40.79 -129.90 -9.51
CA VAL B 780 -40.87 -128.58 -10.12
C VAL B 780 -39.96 -128.56 -11.34
N VAL B 781 -40.42 -127.90 -12.41
CA VAL B 781 -39.66 -127.74 -13.64
C VAL B 781 -39.62 -126.26 -14.00
N SER B 782 -38.43 -125.78 -14.35
CA SER B 782 -38.24 -124.39 -14.79
C SER B 782 -37.96 -124.42 -16.29
N PHE B 783 -38.93 -123.99 -17.08
CA PHE B 783 -38.84 -124.00 -18.53
C PHE B 783 -38.80 -122.58 -19.06
N SER B 784 -38.01 -122.36 -20.11
CA SER B 784 -37.90 -121.05 -20.73
C SER B 784 -38.90 -120.94 -21.89
N ALA B 785 -38.76 -119.89 -22.68
CA ALA B 785 -39.67 -119.69 -23.82
C ALA B 785 -39.44 -120.75 -24.88
N GLY B 786 -40.53 -121.15 -25.55
CA GLY B 786 -40.44 -122.16 -26.59
C GLY B 786 -40.03 -123.53 -26.11
N VAL B 787 -40.49 -123.93 -24.92
CA VAL B 787 -40.17 -125.23 -24.35
C VAL B 787 -41.48 -125.98 -24.11
N LYS B 788 -41.57 -127.20 -24.64
CA LYS B 788 -42.73 -128.05 -24.46
C LYS B 788 -42.28 -129.30 -23.70
N VAL B 789 -42.75 -129.44 -22.46
CA VAL B 789 -42.38 -130.55 -21.60
C VAL B 789 -43.65 -131.24 -21.13
N ARG B 790 -43.53 -132.53 -20.83
CA ARG B 790 -44.68 -133.35 -20.45
C ARG B 790 -44.35 -134.15 -19.20
N PHE B 791 -45.29 -134.17 -18.26
CA PHE B 791 -45.10 -134.85 -16.99
C PHE B 791 -45.53 -136.32 -17.09
N LEU B 792 -44.76 -137.17 -16.41
CA LEU B 792 -45.09 -138.60 -16.24
C LEU B 792 -45.19 -138.84 -14.73
N LEU B 793 -46.38 -138.60 -14.18
CA LEU B 793 -46.59 -138.71 -12.74
C LEU B 793 -46.97 -140.11 -12.29
N GLY B 794 -47.20 -141.03 -13.22
CA GLY B 794 -47.52 -142.40 -12.85
C GLY B 794 -48.98 -142.59 -12.51
N GLY B 795 -49.28 -143.80 -12.04
CA GLY B 795 -50.65 -144.16 -11.73
C GLY B 795 -51.50 -144.27 -12.99
N ARG B 796 -52.79 -144.04 -12.82
CA ARG B 796 -53.70 -144.01 -13.96
C ARG B 796 -53.57 -142.73 -14.78
N HIS B 797 -52.97 -141.67 -14.21
CA HIS B 797 -52.83 -140.42 -14.92
C HIS B 797 -51.62 -140.40 -15.85
N GLY B 798 -50.54 -141.07 -15.46
CA GLY B 798 -49.33 -141.07 -16.27
C GLY B 798 -48.80 -142.47 -16.49
N GLU B 799 -48.14 -142.67 -17.62
CA GLU B 799 -47.56 -143.94 -18.00
C GLU B 799 -46.04 -143.87 -17.87
N PHE B 800 -45.46 -144.85 -17.18
CA PHE B 800 -44.02 -144.89 -16.98
C PHE B 800 -43.32 -145.52 -18.18
N LYS B 801 -42.42 -144.76 -18.80
CA LYS B 801 -41.59 -145.33 -19.86
C LYS B 801 -40.56 -146.29 -19.29
N PHE B 802 -40.09 -146.04 -18.07
CA PHE B 802 -39.16 -146.91 -17.38
C PHE B 802 -39.76 -147.32 -16.04
N LEU B 803 -39.56 -148.59 -15.67
CA LEU B 803 -40.10 -149.09 -14.42
C LEU B 803 -39.43 -148.40 -13.23
N PRO B 804 -40.19 -148.12 -12.17
CA PRO B 804 -39.61 -147.50 -10.97
C PRO B 804 -38.63 -148.45 -10.31
N PRO B 805 -37.53 -147.93 -9.76
CA PRO B 805 -36.63 -148.78 -8.99
C PRO B 805 -37.30 -149.29 -7.74
N PRO B 806 -36.93 -150.48 -7.27
CA PRO B 806 -37.59 -151.05 -6.10
C PRO B 806 -37.40 -150.19 -4.86
N GLY B 807 -38.41 -150.18 -4.00
CA GLY B 807 -38.38 -149.40 -2.78
C GLY B 807 -38.85 -147.96 -2.92
N TYR B 808 -39.32 -147.56 -4.10
CA TYR B 808 -39.80 -146.21 -4.32
C TYR B 808 -41.15 -146.26 -5.02
N ALA B 809 -42.10 -145.43 -4.55
CA ALA B 809 -43.47 -145.41 -5.05
C ALA B 809 -43.69 -144.22 -6.00
N PRO B 810 -44.59 -144.36 -6.97
CA PRO B 810 -44.88 -143.25 -7.87
C PRO B 810 -45.52 -142.08 -7.13
N CYS B 811 -45.24 -140.87 -7.62
CA CYS B 811 -45.73 -139.66 -6.97
C CYS B 811 -47.24 -139.48 -7.12
N HIS B 812 -47.87 -140.23 -8.02
CA HIS B 812 -49.32 -140.09 -8.21
C HIS B 812 -50.09 -140.45 -6.96
N GLU B 813 -49.53 -141.32 -6.10
CA GLU B 813 -50.20 -141.66 -4.85
C GLU B 813 -50.09 -140.54 -3.82
N ALA B 814 -49.11 -139.65 -3.96
CA ALA B 814 -48.90 -138.56 -3.00
C ALA B 814 -49.96 -137.47 -3.08
N VAL B 815 -51.01 -137.63 -3.90
CA VAL B 815 -52.05 -136.62 -3.98
C VAL B 815 -52.82 -136.57 -2.67
N LEU B 816 -53.28 -135.37 -2.30
CA LEU B 816 -54.01 -135.20 -1.06
C LEU B 816 -55.36 -135.91 -1.14
N PRO B 817 -55.83 -136.49 -0.03
CA PRO B 817 -57.13 -137.17 -0.05
C PRO B 817 -58.29 -136.26 -0.38
N ARG B 818 -58.24 -135.00 0.06
CA ARG B 818 -59.34 -134.06 -0.16
C ARG B 818 -59.09 -133.10 -1.30
N GLU B 819 -57.97 -133.22 -2.01
CA GLU B 819 -57.64 -132.33 -3.12
C GLU B 819 -57.27 -133.15 -4.34
N ARG B 820 -57.75 -132.70 -5.49
CA ARG B 820 -57.44 -133.37 -6.75
C ARG B 820 -56.03 -132.99 -7.20
N LEU B 821 -55.59 -133.58 -8.31
CA LEU B 821 -54.25 -133.33 -8.86
C LEU B 821 -54.36 -132.28 -9.96
N ARG B 822 -53.54 -131.25 -9.86
CA ARG B 822 -53.54 -130.16 -10.83
C ARG B 822 -52.19 -129.46 -10.80
N LEU B 823 -51.91 -128.72 -11.86
CA LEU B 823 -50.67 -127.98 -12.01
C LEU B 823 -50.92 -126.50 -11.77
N GLU B 824 -50.17 -125.90 -10.86
CA GLU B 824 -50.32 -124.50 -10.51
C GLU B 824 -48.96 -123.86 -10.34
N PRO B 825 -48.84 -122.56 -10.59
CA PRO B 825 -47.57 -121.87 -10.37
C PRO B 825 -47.28 -121.72 -8.88
N ILE B 826 -46.05 -121.29 -8.59
CA ILE B 826 -45.56 -121.15 -7.22
C ILE B 826 -45.49 -119.67 -6.89
N LYS B 827 -46.19 -119.28 -5.82
CA LYS B 827 -46.17 -117.91 -5.31
C LYS B 827 -46.55 -116.91 -6.40
N GLU B 828 -47.56 -117.25 -7.20
CA GLU B 828 -48.02 -116.37 -8.26
C GLU B 828 -48.82 -115.22 -7.68
N TYR B 829 -48.32 -114.00 -7.84
CA TYR B 829 -48.98 -112.81 -7.33
C TYR B 829 -49.97 -112.21 -8.33
N ARG B 830 -50.08 -112.78 -9.53
CA ARG B 830 -51.06 -112.32 -10.51
C ARG B 830 -51.45 -113.49 -11.40
N ARG B 831 -52.73 -113.58 -11.72
CA ARG B 831 -53.26 -114.65 -12.57
C ARG B 831 -54.17 -114.05 -13.62
N GLU B 832 -54.30 -114.76 -14.74
CA GLU B 832 -55.16 -114.32 -15.82
C GLU B 832 -56.62 -114.45 -15.41
N GLY B 833 -57.40 -113.40 -15.68
CA GLY B 833 -58.80 -113.38 -15.32
C GLY B 833 -59.69 -113.03 -16.49
N PRO B 834 -60.97 -113.39 -16.41
CA PRO B 834 -61.88 -113.06 -17.53
C PRO B 834 -62.05 -111.57 -17.75
N ARG B 835 -62.45 -110.83 -16.72
CA ARG B 835 -62.61 -109.39 -16.87
C ARG B 835 -61.27 -108.66 -16.94
N GLY B 836 -60.31 -109.08 -16.13
CA GLY B 836 -59.01 -108.48 -16.09
C GLY B 836 -58.06 -109.23 -15.19
N PRO B 837 -56.82 -108.74 -15.06
CA PRO B 837 -55.85 -109.40 -14.19
C PRO B 837 -56.31 -109.39 -12.74
N HIS B 838 -56.24 -110.55 -12.10
CA HIS B 838 -56.65 -110.71 -10.71
C HIS B 838 -55.42 -110.72 -9.82
N LEU B 839 -55.36 -109.78 -8.89
CA LEU B 839 -54.24 -109.71 -7.96
C LEU B 839 -54.39 -110.76 -6.87
N VAL B 840 -53.30 -111.50 -6.61
CA VAL B 840 -53.30 -112.58 -5.64
C VAL B 840 -52.24 -112.27 -4.58
N GLY B 841 -52.62 -112.34 -3.31
CA GLY B 841 -51.70 -112.13 -2.23
C GLY B 841 -51.01 -113.42 -1.84
N PRO B 842 -50.42 -113.46 -0.64
CA PRO B 842 -49.78 -114.68 -0.17
C PRO B 842 -50.79 -115.82 -0.01
N SER B 843 -50.33 -117.04 -0.26
CA SER B 843 -51.16 -118.22 -0.18
C SER B 843 -50.62 -119.15 0.90
N ARG B 844 -51.50 -119.62 1.77
CA ARG B 844 -51.10 -120.53 2.82
C ARG B 844 -50.72 -121.89 2.24
N CYS B 845 -49.77 -122.55 2.91
CA CYS B 845 -49.29 -123.86 2.46
C CYS B 845 -49.03 -124.75 3.67
N LEU B 846 -49.02 -126.05 3.42
CA LEU B 846 -48.79 -127.02 4.47
C LEU B 846 -47.31 -127.00 4.89
N SER B 847 -47.04 -127.59 6.05
CA SER B 847 -45.69 -127.65 6.59
C SER B 847 -45.45 -129.04 7.17
N HIS B 848 -44.24 -129.26 7.67
CA HIS B 848 -43.85 -130.58 8.16
C HIS B 848 -44.52 -130.94 9.48
N THR B 849 -45.00 -129.96 10.24
CA THR B 849 -45.63 -130.27 11.53
C THR B 849 -47.00 -130.92 11.37
N ASP B 850 -47.61 -130.81 10.20
CA ASP B 850 -48.88 -131.46 9.94
C ASP B 850 -48.61 -132.90 9.49
N PHE B 851 -49.67 -133.62 9.13
CA PHE B 851 -49.63 -135.05 8.79
C PHE B 851 -49.03 -135.89 9.92
N VAL B 852 -49.06 -135.39 11.15
CA VAL B 852 -48.49 -136.07 12.31
C VAL B 852 -49.57 -136.13 13.39
N PRO B 853 -49.97 -137.33 13.84
CA PRO B 853 -50.96 -137.39 14.93
C PRO B 853 -50.39 -136.88 16.23
N CYS B 854 -51.27 -136.26 17.02
CA CYS B 854 -50.92 -135.72 18.33
C CYS B 854 -51.79 -136.39 19.39
N PRO B 855 -51.26 -137.34 20.18
CA PRO B 855 -52.03 -138.06 21.19
C PRO B 855 -52.49 -137.17 22.34
N HIS B 866 -69.63 -145.40 39.35
CA HIS B 866 -70.59 -144.67 38.53
C HIS B 866 -70.15 -144.62 37.07
N LEU B 867 -68.88 -144.31 36.85
CA LEU B 867 -68.35 -144.25 35.49
C LEU B 867 -68.39 -145.63 34.83
N GLU B 868 -68.01 -146.67 35.57
CA GLU B 868 -68.04 -148.02 35.02
C GLU B 868 -69.48 -148.46 34.71
N ARG B 869 -70.42 -148.14 35.61
CA ARG B 869 -71.81 -148.49 35.37
C ARG B 869 -72.37 -147.77 34.15
N ILE B 870 -72.04 -146.49 33.99
CA ILE B 870 -72.51 -145.74 32.83
C ILE B 870 -71.86 -146.26 31.55
N ARG B 871 -70.58 -146.64 31.63
CA ARG B 871 -69.89 -147.18 30.47
C ARG B 871 -70.50 -148.50 30.02
N GLU B 872 -70.89 -149.37 30.95
CA GLU B 872 -71.50 -150.63 30.59
C GLU B 872 -72.83 -150.42 29.88
N LYS B 873 -73.65 -149.48 30.38
CA LYS B 873 -74.92 -149.19 29.74
C LYS B 873 -74.71 -148.61 28.34
N LEU B 874 -73.76 -147.69 28.19
CA LEU B 874 -73.48 -147.11 26.88
C LEU B 874 -72.93 -148.14 25.90
N ALA B 875 -72.05 -149.03 26.39
CA ALA B 875 -71.51 -150.08 25.52
C ALA B 875 -72.61 -151.03 25.06
N GLU B 876 -73.53 -151.40 25.95
CA GLU B 876 -74.64 -152.25 25.56
C GLU B 876 -75.53 -151.57 24.53
N ASN B 877 -75.80 -150.28 24.72
CA ASN B 877 -76.56 -149.54 23.72
C ASN B 877 -75.79 -149.40 22.41
N ILE B 878 -74.48 -149.20 22.49
CA ILE B 878 -73.66 -149.16 21.28
C ILE B 878 -73.70 -150.50 20.55
N HIS B 879 -73.60 -151.59 21.29
CA HIS B 879 -73.74 -152.92 20.69
C HIS B 879 -75.14 -153.10 20.10
N GLU B 880 -76.17 -152.63 20.80
CA GLU B 880 -77.52 -152.64 20.23
C GLU B 880 -77.62 -151.72 19.02
N LEU B 881 -76.93 -150.58 19.06
CA LEU B 881 -76.92 -149.68 17.90
C LEU B 881 -76.22 -150.32 16.71
N TRP B 882 -75.22 -151.18 16.96
CA TRP B 882 -74.56 -151.87 15.86
C TRP B 882 -75.52 -152.81 15.17
N ALA B 883 -76.38 -153.48 15.94
CA ALA B 883 -77.40 -154.36 15.35
C ALA B 883 -78.47 -153.54 14.64
N LEU B 884 -78.70 -152.30 15.05
CA LEU B 884 -79.67 -151.45 14.39
C LEU B 884 -79.27 -151.17 12.95
N THR B 885 -77.99 -150.86 12.73
CA THR B 885 -77.50 -150.67 11.37
C THR B 885 -77.19 -151.99 10.68
N ARG B 886 -77.05 -153.08 11.44
CA ARG B 886 -76.83 -154.39 10.84
C ARG B 886 -78.11 -154.93 10.22
N ILE B 887 -79.23 -154.80 10.92
CA ILE B 887 -80.51 -155.27 10.38
C ILE B 887 -80.96 -154.37 9.22
N GLU B 888 -80.54 -153.11 9.22
CA GLU B 888 -80.86 -152.23 8.10
C GLU B 888 -80.20 -152.70 6.82
N GLN B 889 -78.97 -153.21 6.90
CA GLN B 889 -78.29 -153.76 5.74
C GLN B 889 -78.69 -155.20 5.45
N GLY B 890 -79.48 -155.82 6.31
CA GLY B 890 -79.93 -157.18 6.10
C GLY B 890 -79.18 -158.26 6.87
N TRP B 891 -78.26 -157.88 7.76
CA TRP B 891 -77.50 -158.87 8.52
C TRP B 891 -78.37 -159.52 9.58
N THR B 892 -78.08 -160.80 9.83
CA THR B 892 -78.74 -161.59 10.87
C THR B 892 -77.68 -162.05 11.88
N TYR B 893 -78.11 -162.92 12.79
CA TYR B 893 -77.23 -163.45 13.82
C TYR B 893 -76.78 -164.87 13.46
N GLY B 894 -75.49 -165.13 13.61
CA GLY B 894 -74.93 -166.43 13.32
C GLY B 894 -73.66 -166.69 14.11
N PRO B 895 -73.05 -167.86 13.90
CA PRO B 895 -71.83 -168.20 14.63
C PRO B 895 -70.65 -167.33 14.25
N VAL B 896 -70.50 -167.02 12.96
CA VAL B 896 -69.38 -166.24 12.46
C VAL B 896 -69.93 -165.09 11.62
N ARG B 897 -69.09 -164.06 11.46
CA ARG B 897 -69.44 -162.89 10.66
C ARG B 897 -68.97 -163.10 9.24
N ASP B 898 -69.91 -163.31 8.32
CA ASP B 898 -69.61 -163.51 6.91
C ASP B 898 -70.46 -162.58 6.06
N ASP B 899 -69.85 -162.01 5.02
CA ASP B 899 -70.59 -161.11 4.14
C ASP B 899 -71.65 -161.86 3.34
N ASN B 900 -71.31 -163.03 2.83
CA ASN B 900 -72.25 -163.81 2.02
C ASN B 900 -73.30 -164.52 2.85
N LYS B 901 -72.95 -165.00 4.05
CA LYS B 901 -73.88 -165.73 4.88
C LYS B 901 -74.92 -164.84 5.56
N ARG B 902 -74.72 -163.52 5.55
CA ARG B 902 -75.64 -162.57 6.15
C ARG B 902 -75.89 -162.88 7.63
N LEU B 903 -74.83 -163.27 8.33
CA LEU B 903 -74.90 -163.60 9.75
C LEU B 903 -73.75 -162.92 10.47
N HIS B 904 -74.03 -162.35 11.64
CA HIS B 904 -73.02 -161.69 12.46
C HIS B 904 -73.23 -162.09 13.92
N PRO B 905 -72.16 -162.34 14.67
CA PRO B 905 -72.34 -162.92 16.01
C PRO B 905 -72.81 -161.92 17.05
N CYS B 906 -72.42 -160.65 16.95
CA CYS B 906 -72.80 -159.67 17.96
C CYS B 906 -74.09 -158.94 17.63
N LEU B 907 -74.77 -159.32 16.54
CA LEU B 907 -76.07 -158.72 16.24
C LEU B 907 -77.12 -159.04 17.28
N VAL B 908 -76.90 -160.10 18.08
CA VAL B 908 -77.77 -160.44 19.19
C VAL B 908 -77.40 -159.51 20.34
N ASP B 909 -78.22 -159.49 21.40
CA ASP B 909 -77.98 -158.58 22.52
C ASP B 909 -76.58 -158.75 23.09
N PHE B 910 -76.08 -157.68 23.71
CA PHE B 910 -74.71 -157.67 24.21
C PHE B 910 -74.51 -158.72 25.30
N HIS B 911 -75.51 -158.88 26.18
CA HIS B 911 -75.42 -159.90 27.22
C HIS B 911 -75.34 -161.30 26.63
N SER B 912 -76.15 -161.57 25.60
CA SER B 912 -76.09 -162.85 24.91
C SER B 912 -74.90 -162.94 23.96
N LEU B 913 -74.28 -161.79 23.62
CA LEU B 913 -73.09 -161.79 22.81
C LEU B 913 -71.92 -162.38 23.61
N PRO B 914 -70.88 -162.86 22.92
CA PRO B 914 -69.72 -163.41 23.64
C PRO B 914 -69.14 -162.40 24.63
N GLU B 915 -68.82 -162.89 25.83
CA GLU B 915 -68.32 -162.01 26.88
C GLU B 915 -67.00 -161.33 26.52
N PRO B 916 -65.98 -162.00 25.97
CA PRO B 916 -64.77 -161.26 25.58
C PRO B 916 -65.04 -160.17 24.57
N GLU B 917 -65.97 -160.38 23.62
CA GLU B 917 -66.33 -159.32 22.69
C GLU B 917 -67.02 -158.17 23.41
N ARG B 918 -67.90 -158.48 24.36
CA ARG B 918 -68.55 -157.43 25.15
C ARG B 918 -67.56 -156.73 26.07
N ASN B 919 -66.59 -157.48 26.62
CA ASN B 919 -65.58 -156.86 27.46
C ASN B 919 -64.71 -155.88 26.69
N TYR B 920 -64.44 -156.17 25.42
CA TYR B 920 -63.70 -155.23 24.58
C TYR B 920 -64.46 -153.93 24.40
N ASN B 921 -65.79 -154.00 24.26
CA ASN B 921 -66.59 -152.79 24.17
C ASN B 921 -66.53 -151.97 25.46
N LEU B 922 -66.47 -152.64 26.62
CA LEU B 922 -66.30 -151.92 27.87
C LEU B 922 -64.97 -151.19 27.92
N GLN B 923 -63.90 -151.83 27.43
CA GLN B 923 -62.60 -151.16 27.35
C GLN B 923 -62.65 -149.96 26.42
N MET B 924 -63.33 -150.10 25.27
CA MET B 924 -63.51 -148.96 24.38
C MET B 924 -64.34 -147.86 25.03
N SER B 925 -65.40 -148.25 25.73
CA SER B 925 -66.19 -147.27 26.49
C SER B 925 -65.36 -146.66 27.62
N GLY B 926 -64.56 -147.49 28.30
CA GLY B 926 -63.68 -146.96 29.32
C GLY B 926 -62.64 -146.01 28.77
N GLU B 927 -62.07 -146.35 27.60
CA GLU B 927 -61.16 -145.44 26.93
C GLU B 927 -61.88 -144.17 26.48
N THR B 928 -63.12 -144.30 26.00
CA THR B 928 -63.92 -143.13 25.66
C THR B 928 -64.16 -142.25 26.88
N LEU B 929 -64.48 -142.88 28.02
CA LEU B 929 -64.66 -142.13 29.25
C LEU B 929 -63.38 -141.45 29.69
N LYS B 930 -62.23 -142.08 29.43
CA LYS B 930 -60.94 -141.46 29.74
C LYS B 930 -60.67 -140.24 28.88
N THR B 931 -61.31 -140.12 27.72
CA THR B 931 -61.14 -138.95 26.88
C THR B 931 -62.05 -137.79 27.32
N LEU B 932 -63.17 -138.11 27.98
CA LEU B 932 -64.06 -137.06 28.46
C LEU B 932 -63.40 -136.20 29.51
N LEU B 933 -62.65 -136.80 30.43
CA LEU B 933 -61.97 -136.03 31.47
C LEU B 933 -60.85 -135.18 30.89
N ALA B 934 -60.23 -135.63 29.79
CA ALA B 934 -59.20 -134.83 29.16
C ALA B 934 -59.74 -133.51 28.60
N LEU B 935 -60.93 -133.56 27.98
CA LEU B 935 -61.53 -132.34 27.45
C LEU B 935 -62.01 -131.43 28.58
N GLY B 936 -62.56 -132.00 29.65
CA GLY B 936 -63.05 -131.24 30.78
C GLY B 936 -64.55 -131.14 30.90
N CYS B 937 -65.32 -131.87 30.08
CA CYS B 937 -66.76 -131.83 30.14
C CYS B 937 -67.26 -132.55 31.39
N HIS B 938 -68.35 -132.03 31.95
CA HIS B 938 -68.99 -132.61 33.13
C HIS B 938 -70.32 -133.21 32.71
N VAL B 939 -70.53 -134.48 33.07
CA VAL B 939 -71.76 -135.20 32.74
C VAL B 939 -72.43 -135.64 34.03
N GLY B 940 -73.76 -135.55 34.05
CA GLY B 940 -74.51 -135.97 35.23
C GLY B 940 -75.98 -135.99 34.92
N MET B 941 -76.68 -136.93 35.55
CA MET B 941 -78.12 -137.11 35.37
C MET B 941 -78.82 -136.87 36.70
N ALA B 942 -79.83 -135.99 36.68
CA ALA B 942 -80.61 -135.66 37.87
C ALA B 942 -81.99 -136.32 37.88
N ASP B 943 -82.35 -137.03 36.81
CA ASP B 943 -83.65 -137.71 36.73
C ASP B 943 -83.41 -139.19 36.52
N GLU B 944 -83.85 -140.00 37.48
CA GLU B 944 -83.70 -141.45 37.38
C GLU B 944 -84.69 -142.08 36.41
N LYS B 945 -85.82 -141.41 36.14
CA LYS B 945 -86.81 -141.97 35.22
C LYS B 945 -86.30 -141.97 33.79
N ALA B 946 -85.51 -140.97 33.40
CA ALA B 946 -84.99 -140.92 32.04
C ALA B 946 -84.05 -142.10 31.76
N GLU B 947 -83.19 -142.43 32.73
CA GLU B 947 -82.30 -143.57 32.54
C GLU B 947 -83.06 -144.89 32.51
N ASP B 948 -84.11 -145.02 33.34
CA ASP B 948 -84.89 -146.25 33.37
C ASP B 948 -85.70 -146.45 32.10
N ASN B 949 -86.03 -145.39 31.38
CA ASN B 949 -86.80 -145.52 30.15
C ASN B 949 -85.98 -146.20 29.07
N LEU B 950 -86.61 -147.11 28.33
CA LEU B 950 -85.96 -147.86 27.27
C LEU B 950 -86.88 -147.92 26.07
N ARG B 951 -86.30 -148.16 24.90
CA ARG B 951 -87.07 -148.26 23.67
C ARG B 951 -87.99 -149.48 23.71
N LYS B 952 -89.23 -149.28 23.30
CA LYS B 952 -90.24 -150.34 23.30
C LYS B 952 -90.98 -150.33 21.97
N THR B 953 -91.25 -151.52 21.44
CA THR B 953 -91.97 -151.72 20.19
C THR B 953 -91.29 -151.07 19.00
N LYS B 954 -90.02 -150.67 19.13
CA LYS B 954 -89.29 -150.06 18.03
C LYS B 954 -88.69 -151.10 17.08
N LEU B 955 -88.72 -152.38 17.43
CA LEU B 955 -88.16 -153.44 16.59
C LEU B 955 -89.28 -154.33 16.09
N PRO B 956 -89.71 -154.18 14.83
CA PRO B 956 -90.78 -155.05 14.31
C PRO B 956 -90.27 -156.45 14.01
N LYS B 957 -91.14 -157.28 13.41
CA LYS B 957 -90.72 -158.64 13.04
C LYS B 957 -89.60 -158.62 12.02
N THR B 958 -89.53 -157.57 11.20
CA THR B 958 -88.42 -157.45 10.26
C THR B 958 -87.09 -157.23 10.98
N TYR B 959 -87.11 -156.52 12.11
CA TYR B 959 -85.88 -156.29 12.88
C TYR B 959 -85.38 -157.56 13.54
N MET B 960 -86.25 -158.56 13.73
CA MET B 960 -85.82 -159.81 14.33
C MET B 960 -84.88 -160.56 13.40
N MET B 961 -83.83 -161.15 13.96
CA MET B 961 -82.84 -161.89 13.18
C MET B 961 -83.38 -163.29 12.86
N SER B 962 -82.51 -164.15 12.34
CA SER B 962 -82.92 -165.51 12.02
C SER B 962 -83.30 -166.29 13.27
N ASN B 963 -82.65 -166.01 14.40
CA ASN B 963 -82.96 -166.70 15.64
C ASN B 963 -84.28 -166.22 16.24
N GLY B 964 -84.66 -164.98 15.99
CA GLY B 964 -85.90 -164.42 16.48
C GLY B 964 -85.76 -163.28 17.46
N TYR B 965 -84.55 -162.94 17.91
CA TYR B 965 -84.36 -161.84 18.85
C TYR B 965 -84.47 -160.50 18.12
N LYS B 966 -85.14 -159.55 18.77
CA LYS B 966 -85.31 -158.21 18.22
C LYS B 966 -84.43 -157.24 18.98
N PRO B 967 -83.43 -156.64 18.34
CA PRO B 967 -82.57 -155.69 19.05
C PRO B 967 -83.34 -154.44 19.46
N ALA B 968 -83.00 -153.92 20.64
CA ALA B 968 -83.64 -152.72 21.17
C ALA B 968 -82.56 -151.73 21.58
N PRO B 969 -82.57 -150.50 21.05
CA PRO B 969 -81.55 -149.51 21.46
C PRO B 969 -81.62 -149.15 22.93
N LEU B 970 -82.77 -149.33 23.58
CA LEU B 970 -82.96 -149.01 25.00
C LEU B 970 -82.64 -147.54 25.30
N ASP B 971 -82.92 -146.67 24.35
CA ASP B 971 -82.68 -145.23 24.52
C ASP B 971 -83.60 -144.47 23.58
N LEU B 972 -84.61 -143.80 24.16
CA LEU B 972 -85.54 -143.03 23.34
C LEU B 972 -84.85 -141.86 22.67
N SER B 973 -83.96 -141.17 23.39
CA SER B 973 -83.24 -140.00 22.88
C SER B 973 -84.21 -138.94 22.36
N HIS B 974 -85.31 -138.74 23.10
CA HIS B 974 -86.29 -137.74 22.68
C HIS B 974 -85.76 -136.33 22.80
N VAL B 975 -84.93 -136.05 23.81
CA VAL B 975 -84.39 -134.71 24.00
C VAL B 975 -83.38 -134.41 22.89
N ARG B 976 -83.18 -133.13 22.62
CA ARG B 976 -82.26 -132.68 21.59
C ARG B 976 -80.94 -132.25 22.22
N LEU B 977 -79.84 -132.59 21.54
CA LEU B 977 -78.52 -132.23 22.03
C LEU B 977 -78.31 -130.72 21.95
N THR B 978 -77.56 -130.20 22.91
CA THR B 978 -77.28 -128.78 22.96
C THR B 978 -76.37 -128.37 21.79
N PRO B 979 -76.46 -127.12 21.34
CA PRO B 979 -75.57 -126.67 20.26
C PRO B 979 -74.10 -126.79 20.61
N ALA B 980 -73.75 -126.61 21.89
CA ALA B 980 -72.38 -126.85 22.33
C ALA B 980 -72.05 -128.34 22.42
N GLN B 981 -73.05 -129.19 22.65
CA GLN B 981 -72.79 -130.62 22.78
C GLN B 981 -72.24 -131.22 21.50
N THR B 982 -72.82 -130.85 20.35
CA THR B 982 -72.32 -131.39 19.09
C THR B 982 -70.93 -130.85 18.76
N THR B 983 -70.60 -129.64 19.21
CA THR B 983 -69.23 -129.15 19.07
C THR B 983 -68.26 -129.96 19.92
N LEU B 984 -68.67 -130.28 21.15
CA LEU B 984 -67.85 -131.14 22.00
C LEU B 984 -67.76 -132.56 21.44
N VAL B 985 -68.86 -133.07 20.86
CA VAL B 985 -68.84 -134.42 20.29
C VAL B 985 -67.88 -134.48 19.11
N ASP B 986 -67.79 -133.41 18.32
CA ASP B 986 -66.84 -133.37 17.22
C ASP B 986 -65.40 -133.44 17.71
N ARG B 987 -65.11 -132.79 18.84
CA ARG B 987 -63.77 -132.85 19.41
C ARG B 987 -63.41 -134.28 19.81
N LEU B 988 -64.35 -134.99 20.44
CA LEU B 988 -64.11 -136.39 20.79
C LEU B 988 -63.93 -137.25 19.55
N ALA B 989 -64.73 -136.99 18.50
CA ALA B 989 -64.57 -137.73 17.25
C ALA B 989 -63.20 -137.47 16.62
N GLU B 990 -62.72 -136.23 16.67
CA GLU B 990 -61.38 -135.94 16.18
C GLU B 990 -60.32 -136.63 17.02
N ASN B 991 -60.49 -136.63 18.34
CA ASN B 991 -59.55 -137.32 19.22
C ASN B 991 -59.62 -138.83 19.04
N GLY B 992 -60.83 -139.37 18.87
CA GLY B 992 -60.97 -140.80 18.66
C GLY B 992 -60.30 -141.28 17.38
N HIS B 993 -60.43 -140.50 16.30
CA HIS B 993 -59.69 -140.82 15.08
C HIS B 993 -58.21 -140.57 15.23
N ASN B 994 -57.82 -139.63 16.11
CA ASN B 994 -56.42 -139.31 16.29
C ASN B 994 -55.66 -140.47 16.95
N VAL B 995 -56.20 -141.01 18.04
CA VAL B 995 -55.53 -142.12 18.72
C VAL B 995 -55.48 -143.36 17.84
N TRP B 996 -56.52 -143.58 17.02
CA TRP B 996 -56.49 -144.68 16.07
C TRP B 996 -55.36 -144.51 15.07
N ALA B 997 -55.15 -143.29 14.58
CA ALA B 997 -54.01 -143.02 13.71
C ALA B 997 -52.68 -143.18 14.44
N ARG B 998 -52.64 -142.82 15.73
CA ARG B 998 -51.42 -143.00 16.52
C ARG B 998 -51.07 -144.49 16.64
N ASP B 999 -52.08 -145.34 16.82
CA ASP B 999 -51.85 -146.78 16.84
C ASP B 999 -51.53 -147.34 15.46
N ARG B 1000 -51.98 -146.67 14.39
CA ARG B 1000 -51.71 -147.15 13.05
C ARG B 1000 -50.24 -146.95 12.67
N VAL B 1001 -49.69 -145.78 12.97
CA VAL B 1001 -48.28 -145.52 12.67
C VAL B 1001 -47.38 -146.36 13.57
N ALA B 1002 -47.81 -146.62 14.82
CA ALA B 1002 -47.01 -147.45 15.71
C ALA B 1002 -46.91 -148.88 15.19
N GLN B 1003 -47.98 -149.41 14.61
CA GLN B 1003 -47.93 -150.76 14.05
C GLN B 1003 -46.97 -150.84 12.86
N GLY B 1004 -46.88 -149.77 12.07
CA GLY B 1004 -45.96 -149.69 10.95
C GLY B 1004 -46.59 -149.29 9.63
N TRP B 1005 -47.91 -149.34 9.51
CA TRP B 1005 -48.60 -149.01 8.27
C TRP B 1005 -49.04 -147.55 8.33
N SER B 1006 -48.31 -146.68 7.65
CA SER B 1006 -48.64 -145.26 7.54
C SER B 1006 -48.68 -144.91 6.06
N TYR B 1007 -49.82 -144.39 5.60
CA TYR B 1007 -50.00 -144.09 4.18
C TYR B 1007 -51.22 -143.20 4.03
N SER B 1008 -51.20 -142.35 3.00
CA SER B 1008 -52.26 -141.37 2.80
C SER B 1008 -52.70 -141.28 1.34
N ALA B 1009 -52.72 -142.41 0.64
CA ALA B 1009 -53.14 -142.44 -0.76
C ALA B 1009 -54.48 -143.16 -0.90
N VAL B 1010 -55.20 -142.80 -1.98
CA VAL B 1010 -56.52 -143.38 -2.23
C VAL B 1010 -56.46 -144.78 -2.82
N GLN B 1011 -55.28 -145.24 -3.21
CA GLN B 1011 -55.12 -146.57 -3.81
C GLN B 1011 -54.92 -147.62 -2.72
N ASP B 1012 -55.08 -148.88 -3.12
CA ASP B 1012 -54.94 -150.02 -2.21
C ASP B 1012 -53.57 -150.66 -2.43
N ILE B 1013 -52.76 -150.67 -1.38
CA ILE B 1013 -51.40 -151.22 -1.43
C ILE B 1013 -51.23 -152.18 -0.25
N PRO B 1014 -50.62 -153.35 -0.46
CA PRO B 1014 -50.48 -154.31 0.66
C PRO B 1014 -49.73 -153.76 1.85
N ALA B 1015 -48.77 -152.86 1.64
CA ALA B 1015 -48.07 -152.26 2.78
C ALA B 1015 -49.01 -151.47 3.66
N ARG B 1016 -49.87 -150.64 3.04
CA ARG B 1016 -50.89 -149.90 3.77
C ARG B 1016 -51.92 -149.42 2.76
N ARG B 1017 -53.15 -149.91 2.88
CA ARG B 1017 -54.22 -149.64 1.92
C ARG B 1017 -55.35 -148.83 2.55
N ASN B 1018 -55.01 -147.84 3.37
CA ASN B 1018 -56.01 -147.02 4.05
C ASN B 1018 -55.84 -145.56 3.62
N PRO B 1019 -56.83 -144.97 2.95
CA PRO B 1019 -56.72 -143.55 2.58
C PRO B 1019 -57.10 -142.59 3.70
N ARG B 1020 -57.87 -143.04 4.68
CA ARG B 1020 -58.33 -142.19 5.77
C ARG B 1020 -57.38 -142.16 6.95
N LEU B 1021 -56.11 -142.52 6.74
CA LEU B 1021 -55.12 -142.51 7.82
C LEU B 1021 -54.64 -141.12 8.17
N VAL B 1022 -54.97 -140.11 7.35
CA VAL B 1022 -54.56 -138.73 7.58
C VAL B 1022 -55.24 -138.22 8.84
N PRO B 1023 -54.71 -137.18 9.49
CA PRO B 1023 -55.37 -136.64 10.69
C PRO B 1023 -56.78 -136.16 10.38
N TYR B 1024 -57.54 -135.92 11.46
CA TYR B 1024 -58.95 -135.58 11.33
C TYR B 1024 -59.16 -134.29 10.54
N ARG B 1025 -58.20 -133.38 10.58
CA ARG B 1025 -58.34 -132.14 9.84
C ARG B 1025 -58.25 -132.37 8.33
N LEU B 1026 -57.55 -133.42 7.90
CA LEU B 1026 -57.34 -133.70 6.49
C LEU B 1026 -58.30 -134.76 5.93
N LEU B 1027 -59.21 -135.27 6.75
CA LEU B 1027 -60.15 -136.27 6.27
C LEU B 1027 -61.21 -135.65 5.36
N ASP B 1028 -61.76 -136.49 4.48
CA ASP B 1028 -62.85 -136.05 3.62
C ASP B 1028 -64.14 -135.91 4.43
N GLU B 1029 -65.06 -135.11 3.91
CA GLU B 1029 -66.33 -134.87 4.59
C GLU B 1029 -67.20 -136.11 4.67
N ALA B 1030 -67.02 -137.06 3.75
CA ALA B 1030 -67.84 -138.28 3.77
C ALA B 1030 -67.48 -139.16 4.95
N THR B 1031 -66.18 -139.45 5.14
CA THR B 1031 -65.77 -140.33 6.23
C THR B 1031 -65.89 -139.62 7.58
N LYS B 1032 -65.61 -138.31 7.62
CA LYS B 1032 -65.72 -137.57 8.87
C LYS B 1032 -67.15 -137.52 9.39
N ARG B 1033 -68.12 -137.36 8.50
CA ARG B 1033 -69.52 -137.32 8.92
C ARG B 1033 -69.96 -138.63 9.54
N SER B 1034 -69.55 -139.76 8.94
CA SER B 1034 -69.93 -141.07 9.48
C SER B 1034 -69.32 -141.29 10.85
N ASN B 1035 -68.05 -140.94 11.04
CA ASN B 1035 -67.41 -141.09 12.34
C ASN B 1035 -68.06 -140.17 13.37
N ARG B 1036 -68.36 -138.93 12.98
CA ARG B 1036 -69.01 -137.99 13.90
C ARG B 1036 -70.43 -138.44 14.24
N ASP B 1037 -71.16 -138.98 13.26
CA ASP B 1037 -72.53 -139.43 13.51
C ASP B 1037 -72.55 -140.59 14.51
N SER B 1038 -71.61 -141.53 14.38
CA SER B 1038 -71.56 -142.64 15.32
C SER B 1038 -71.26 -142.16 16.74
N LEU B 1039 -70.34 -141.20 16.88
CA LEU B 1039 -70.07 -140.62 18.19
C LEU B 1039 -71.23 -139.77 18.68
N CYS B 1040 -71.96 -139.13 17.76
CA CYS B 1040 -73.11 -138.32 18.14
C CYS B 1040 -74.21 -139.16 18.77
N GLN B 1041 -74.45 -140.36 18.23
CA GLN B 1041 -75.47 -141.24 18.80
C GLN B 1041 -75.10 -141.66 20.22
N ALA B 1042 -73.82 -141.83 20.52
CA ALA B 1042 -73.40 -142.12 21.89
C ALA B 1042 -73.77 -140.97 22.83
N VAL B 1043 -73.54 -139.73 22.40
CA VAL B 1043 -73.97 -138.58 23.19
C VAL B 1043 -75.49 -138.50 23.21
N ARG B 1044 -76.15 -138.81 22.10
CA ARG B 1044 -77.61 -138.84 22.08
C ARG B 1044 -78.15 -139.90 23.03
N THR B 1045 -77.52 -141.06 23.07
CA THR B 1045 -77.89 -142.08 24.04
C THR B 1045 -77.65 -141.60 25.46
N LEU B 1046 -76.52 -140.90 25.68
CA LEU B 1046 -76.25 -140.32 26.99
C LEU B 1046 -77.30 -139.28 27.36
N LEU B 1047 -77.70 -138.45 26.37
CA LEU B 1047 -78.77 -137.48 26.63
C LEU B 1047 -80.11 -138.16 26.82
N GLY B 1048 -80.31 -139.33 26.20
CA GLY B 1048 -81.56 -140.06 26.39
C GLY B 1048 -81.76 -140.53 27.80
N TYR B 1049 -80.68 -140.84 28.52
CA TYR B 1049 -80.76 -141.28 29.90
C TYR B 1049 -80.89 -140.13 30.89
N GLY B 1050 -80.87 -138.89 30.42
CA GLY B 1050 -80.98 -137.74 31.29
C GLY B 1050 -79.67 -137.12 31.71
N TYR B 1051 -78.55 -137.56 31.15
CA TYR B 1051 -77.25 -137.01 31.51
C TYR B 1051 -77.02 -135.72 30.72
N ASN B 1052 -76.78 -134.63 31.45
CA ASN B 1052 -76.54 -133.34 30.83
C ASN B 1052 -75.09 -133.23 30.39
N ILE B 1053 -74.75 -132.10 29.77
CA ILE B 1053 -73.40 -131.87 29.28
C ILE B 1053 -72.99 -130.43 29.52
N ARG B 1071 -46.29 -111.67 6.14
CA ARG B 1071 -47.28 -112.43 5.40
C ARG B 1071 -48.38 -111.54 4.83
N VAL B 1072 -48.03 -110.28 4.58
CA VAL B 1072 -48.95 -109.29 4.04
C VAL B 1072 -48.35 -108.71 2.77
N ARG B 1073 -49.15 -108.64 1.71
CA ARG B 1073 -48.72 -108.10 0.43
C ARG B 1073 -49.50 -106.82 0.15
N ILE B 1074 -48.78 -105.78 -0.26
CA ILE B 1074 -49.37 -104.46 -0.50
C ILE B 1074 -49.11 -104.08 -1.96
N PHE B 1075 -50.17 -103.68 -2.66
CA PHE B 1075 -50.09 -103.27 -4.04
C PHE B 1075 -50.44 -101.79 -4.17
N ARG B 1076 -49.60 -101.04 -4.87
CA ARG B 1076 -49.85 -99.63 -5.14
C ARG B 1076 -49.31 -99.31 -6.52
N ALA B 1077 -49.37 -98.03 -6.90
CA ALA B 1077 -48.86 -97.55 -8.17
C ALA B 1077 -47.51 -96.89 -7.99
N GLU B 1078 -46.88 -96.54 -9.11
CA GLU B 1078 -45.58 -95.91 -9.07
C GLU B 1078 -45.69 -94.46 -8.59
N LYS B 1079 -44.59 -93.96 -8.02
CA LYS B 1079 -44.59 -92.60 -7.49
C LYS B 1079 -44.68 -91.54 -8.58
N SER B 1080 -44.44 -91.91 -9.84
CA SER B 1080 -44.49 -90.95 -10.93
C SER B 1080 -45.91 -90.52 -11.28
N TYR B 1081 -46.93 -91.23 -10.79
CA TYR B 1081 -48.33 -90.90 -11.05
C TYR B 1081 -48.98 -90.17 -9.89
N ALA B 1082 -48.20 -89.41 -9.12
CA ALA B 1082 -48.75 -88.65 -8.00
C ALA B 1082 -49.68 -87.56 -8.50
N VAL B 1083 -50.81 -87.40 -7.83
CA VAL B 1083 -51.82 -86.42 -8.19
C VAL B 1083 -51.84 -85.31 -7.15
N GLN B 1084 -51.99 -84.07 -7.63
CA GLN B 1084 -52.01 -82.91 -6.75
C GLN B 1084 -53.28 -82.09 -6.85
N SER B 1085 -54.09 -82.26 -7.89
CA SER B 1085 -55.34 -81.53 -8.03
C SER B 1085 -56.30 -82.34 -8.89
N GLY B 1086 -57.56 -81.92 -8.91
CA GLY B 1086 -58.57 -82.59 -9.71
C GLY B 1086 -59.33 -83.65 -8.93
N ARG B 1087 -60.06 -84.46 -9.69
CA ARG B 1087 -60.90 -85.51 -9.14
C ARG B 1087 -60.54 -86.84 -9.80
N TRP B 1088 -60.47 -87.90 -9.00
CA TRP B 1088 -60.08 -89.21 -9.47
C TRP B 1088 -60.96 -90.27 -8.82
N TYR B 1089 -61.11 -91.40 -9.51
CA TYR B 1089 -61.90 -92.51 -9.01
C TYR B 1089 -61.38 -93.80 -9.62
N PHE B 1090 -61.51 -94.90 -8.88
CA PHE B 1090 -61.12 -96.21 -9.37
C PHE B 1090 -61.98 -97.26 -8.68
N GLU B 1091 -62.17 -98.38 -9.37
CA GLU B 1091 -62.99 -99.47 -8.85
C GLU B 1091 -62.11 -100.63 -8.36
N PHE B 1092 -62.72 -101.52 -7.59
CA PHE B 1092 -62.02 -102.69 -7.07
C PHE B 1092 -63.04 -103.80 -6.85
N GLU B 1093 -62.87 -104.91 -7.58
CA GLU B 1093 -63.76 -106.06 -7.45
C GLU B 1093 -63.05 -107.14 -6.64
N ALA B 1094 -63.69 -107.59 -5.57
CA ALA B 1094 -63.15 -108.63 -4.70
C ALA B 1094 -63.99 -109.90 -4.84
N VAL B 1095 -63.41 -110.92 -5.46
CA VAL B 1095 -64.14 -112.17 -5.67
C VAL B 1095 -64.19 -113.04 -4.43
N THR B 1096 -63.22 -112.91 -3.53
CA THR B 1096 -63.17 -113.70 -2.30
C THR B 1096 -63.21 -112.76 -1.11
N THR B 1097 -64.15 -112.99 -0.19
CA THR B 1097 -64.26 -112.17 1.00
C THR B 1097 -63.16 -112.51 2.00
N GLY B 1098 -62.71 -111.50 2.73
CA GLY B 1098 -61.67 -111.69 3.72
C GLY B 1098 -61.10 -110.39 4.25
N GLU B 1099 -59.77 -110.35 4.43
CA GLU B 1099 -59.08 -109.16 4.93
C GLU B 1099 -58.50 -108.41 3.73
N MET B 1100 -59.22 -107.39 3.27
CA MET B 1100 -58.78 -106.55 2.17
C MET B 1100 -58.95 -105.09 2.54
N ARG B 1101 -57.93 -104.30 2.26
CA ARG B 1101 -57.94 -102.87 2.54
C ARG B 1101 -57.69 -102.11 1.25
N VAL B 1102 -58.64 -101.25 0.88
CA VAL B 1102 -58.53 -100.43 -0.32
C VAL B 1102 -58.55 -98.98 0.10
N GLY B 1103 -57.53 -98.24 -0.31
CA GLY B 1103 -57.39 -96.85 0.11
C GLY B 1103 -56.19 -96.20 -0.55
N TRP B 1104 -55.83 -95.04 -0.02
CA TRP B 1104 -54.82 -94.16 -0.59
C TRP B 1104 -53.76 -93.81 0.44
N ALA B 1105 -52.59 -93.45 -0.06
CA ALA B 1105 -51.45 -93.14 0.81
C ALA B 1105 -50.48 -92.25 0.05
N ARG B 1106 -49.60 -91.60 0.82
CA ARG B 1106 -48.53 -90.82 0.23
C ARG B 1106 -47.52 -91.73 -0.46
N PRO B 1107 -46.78 -91.20 -1.45
CA PRO B 1107 -45.78 -92.05 -2.12
C PRO B 1107 -44.74 -92.62 -1.18
N GLU B 1108 -44.38 -91.89 -0.13
CA GLU B 1108 -43.41 -92.37 0.87
C GLU B 1108 -44.15 -93.25 1.87
N LEU B 1109 -44.20 -94.55 1.58
CA LEU B 1109 -44.87 -95.53 2.42
C LEU B 1109 -43.85 -96.53 2.95
N ARG B 1110 -43.91 -96.80 4.24
CA ARG B 1110 -43.04 -97.80 4.85
C ARG B 1110 -43.66 -99.17 4.69
N PRO B 1111 -43.00 -100.12 4.00
CA PRO B 1111 -43.63 -101.43 3.77
C PRO B 1111 -43.65 -102.32 5.00
N ASP B 1112 -42.79 -102.09 5.98
CA ASP B 1112 -42.77 -102.93 7.18
C ASP B 1112 -44.07 -102.80 7.96
N VAL B 1113 -44.56 -101.57 8.13
CA VAL B 1113 -45.79 -101.37 8.89
C VAL B 1113 -47.00 -101.75 8.03
N GLU B 1114 -48.05 -102.24 8.70
CA GLU B 1114 -49.26 -102.61 8.01
C GLU B 1114 -49.96 -101.37 7.45
N LEU B 1115 -50.61 -101.54 6.31
CA LEU B 1115 -51.27 -100.42 5.65
C LEU B 1115 -52.38 -99.85 6.52
N GLY B 1116 -52.34 -98.53 6.73
CA GLY B 1116 -53.33 -97.84 7.53
C GLY B 1116 -52.97 -97.69 8.99
N ALA B 1117 -51.96 -98.42 9.48
CA ALA B 1117 -51.57 -98.30 10.88
C ALA B 1117 -51.03 -96.90 11.19
N ASP B 1118 -50.23 -96.35 10.29
CA ASP B 1118 -49.70 -95.01 10.45
C ASP B 1118 -50.60 -93.99 9.76
N GLU B 1119 -50.23 -92.72 9.88
CA GLU B 1119 -50.98 -91.63 9.27
C GLU B 1119 -50.70 -91.48 7.78
N LEU B 1120 -49.77 -92.26 7.24
CA LEU B 1120 -49.43 -92.16 5.83
C LEU B 1120 -50.52 -92.71 4.92
N ALA B 1121 -51.28 -93.69 5.38
CA ALA B 1121 -52.25 -94.39 4.56
C ALA B 1121 -53.66 -94.13 5.05
N TYR B 1122 -54.58 -94.01 4.08
CA TYR B 1122 -56.01 -93.85 4.35
C TYR B 1122 -56.73 -95.02 3.68
N VAL B 1123 -56.83 -96.13 4.39
CA VAL B 1123 -57.43 -97.34 3.84
C VAL B 1123 -58.76 -97.62 4.56
N PHE B 1124 -59.48 -98.61 4.05
CA PHE B 1124 -60.77 -99.01 4.62
C PHE B 1124 -60.84 -100.53 4.62
N ASN B 1125 -60.92 -101.12 5.81
CA ASN B 1125 -61.01 -102.57 5.92
C ASN B 1125 -62.36 -103.07 5.45
N GLY B 1126 -62.37 -104.30 4.93
CA GLY B 1126 -63.59 -104.89 4.42
C GLY B 1126 -64.02 -106.15 5.15
N HIS B 1127 -63.22 -106.58 6.12
CA HIS B 1127 -63.56 -107.80 6.86
C HIS B 1127 -64.75 -107.56 7.77
N ARG B 1128 -64.62 -106.63 8.72
CA ARG B 1128 -65.70 -106.26 9.61
C ARG B 1128 -66.33 -104.92 9.25
N GLY B 1129 -65.84 -104.25 8.21
CA GLY B 1129 -66.39 -102.97 7.80
C GLY B 1129 -66.07 -101.84 8.76
N GLN B 1130 -64.80 -101.49 8.86
CA GLN B 1130 -64.37 -100.41 9.76
C GLN B 1130 -63.14 -99.74 9.18
N ARG B 1131 -62.95 -98.47 9.55
CA ARG B 1131 -61.77 -97.74 9.11
C ARG B 1131 -60.58 -98.06 10.02
N TRP B 1132 -59.42 -98.23 9.41
CA TRP B 1132 -58.21 -98.61 10.14
C TRP B 1132 -57.19 -97.47 10.24
N HIS B 1133 -57.53 -96.27 9.78
CA HIS B 1133 -56.58 -95.16 9.84
C HIS B 1133 -56.45 -94.69 11.29
N LEU B 1134 -55.30 -95.00 11.89
CA LEU B 1134 -54.99 -94.59 13.27
C LEU B 1134 -56.06 -95.09 14.24
N GLY B 1135 -56.20 -96.41 14.31
CA GLY B 1135 -57.17 -97.04 15.17
C GLY B 1135 -58.32 -97.65 14.38
N SER B 1136 -59.14 -98.41 15.09
CA SER B 1136 -60.28 -99.11 14.52
C SER B 1136 -61.55 -98.32 14.83
N GLU B 1137 -62.19 -97.79 13.78
CA GLU B 1137 -63.44 -97.05 13.92
C GLU B 1137 -64.45 -97.65 12.95
N LEU B 1138 -65.62 -98.04 13.48
CA LEU B 1138 -66.63 -98.66 12.64
C LEU B 1138 -67.16 -97.69 11.60
N PHE B 1139 -67.35 -98.18 10.38
CA PHE B 1139 -67.84 -97.35 9.28
C PHE B 1139 -68.38 -98.28 8.20
N GLY B 1140 -69.68 -98.17 7.92
CA GLY B 1140 -70.30 -99.00 6.91
C GLY B 1140 -70.48 -100.43 7.36
N ARG B 1141 -70.76 -101.29 6.38
CA ARG B 1141 -71.00 -102.71 6.63
C ARG B 1141 -70.06 -103.56 5.77
N PRO B 1142 -69.67 -104.73 6.25
CA PRO B 1142 -68.81 -105.60 5.45
C PRO B 1142 -69.51 -106.05 4.16
N TRP B 1143 -68.73 -106.16 3.10
CA TRP B 1143 -69.28 -106.51 1.79
C TRP B 1143 -69.22 -108.01 1.56
N GLN B 1144 -70.10 -108.48 0.67
CA GLN B 1144 -70.17 -109.89 0.30
C GLN B 1144 -69.28 -110.15 -0.91
N SER B 1145 -69.46 -111.31 -1.54
CA SER B 1145 -68.69 -111.65 -2.72
C SER B 1145 -68.97 -110.66 -3.85
N GLY B 1146 -67.95 -110.41 -4.67
CA GLY B 1146 -68.03 -109.35 -5.65
C GLY B 1146 -67.96 -108.00 -4.98
N ASP B 1147 -69.06 -107.25 -5.03
CA ASP B 1147 -69.22 -106.02 -4.25
C ASP B 1147 -68.10 -105.02 -4.56
N VAL B 1148 -68.12 -104.55 -5.81
CA VAL B 1148 -67.14 -103.56 -6.25
C VAL B 1148 -67.24 -102.32 -5.38
N VAL B 1149 -66.15 -101.99 -4.70
CA VAL B 1149 -66.09 -100.83 -3.81
C VAL B 1149 -65.28 -99.74 -4.49
N GLY B 1150 -65.78 -98.51 -4.46
CA GLY B 1150 -65.11 -97.40 -5.10
C GLY B 1150 -64.60 -96.36 -4.12
N CYS B 1151 -63.53 -95.68 -4.51
CA CYS B 1151 -62.93 -94.62 -3.72
C CYS B 1151 -62.86 -93.35 -4.56
N MET B 1152 -63.26 -92.23 -3.97
CA MET B 1152 -63.34 -90.96 -4.68
C MET B 1152 -62.49 -89.92 -3.97
N ILE B 1153 -62.43 -88.72 -4.57
CA ILE B 1153 -61.65 -87.62 -4.01
C ILE B 1153 -62.31 -86.30 -4.39
N ASP B 1154 -62.02 -85.28 -3.59
CA ASP B 1154 -62.28 -83.89 -3.95
C ASP B 1154 -61.19 -83.06 -3.27
N LEU B 1155 -60.09 -82.82 -3.99
CA LEU B 1155 -59.00 -82.05 -3.42
C LEU B 1155 -59.36 -80.57 -3.25
N THR B 1156 -60.31 -80.07 -4.04
CA THR B 1156 -60.84 -78.74 -3.78
C THR B 1156 -61.68 -78.68 -2.51
N GLU B 1157 -62.05 -79.84 -1.97
CA GLU B 1157 -62.80 -79.92 -0.72
C GLU B 1157 -62.09 -80.76 0.34
N ASN B 1158 -61.05 -81.52 -0.03
CA ASN B 1158 -60.29 -82.34 0.90
C ASN B 1158 -61.20 -83.35 1.62
N THR B 1159 -62.08 -83.99 0.85
CA THR B 1159 -62.98 -85.01 1.37
C THR B 1159 -62.79 -86.30 0.58
N ILE B 1160 -62.79 -87.43 1.29
CA ILE B 1160 -62.69 -88.75 0.70
C ILE B 1160 -63.92 -89.55 1.08
N ILE B 1161 -64.57 -90.14 0.08
CA ILE B 1161 -65.78 -90.93 0.30
C ILE B 1161 -65.59 -92.31 -0.34
N PHE B 1162 -66.21 -93.31 0.28
CA PHE B 1162 -66.15 -94.69 -0.18
C PHE B 1162 -67.55 -95.14 -0.59
N THR B 1163 -67.66 -95.71 -1.79
CA THR B 1163 -68.93 -96.19 -2.33
C THR B 1163 -68.90 -97.71 -2.42
N LEU B 1164 -69.93 -98.35 -1.87
CA LEU B 1164 -70.05 -99.80 -1.89
C LEU B 1164 -71.26 -100.18 -2.72
N ASN B 1165 -71.05 -101.02 -3.73
CA ASN B 1165 -72.11 -101.46 -4.65
C ASN B 1165 -72.81 -100.27 -5.32
N GLY B 1166 -72.06 -99.20 -5.56
CA GLY B 1166 -72.66 -97.99 -6.09
C GLY B 1166 -73.50 -97.21 -5.11
N GLU B 1167 -73.43 -97.55 -3.82
CA GLU B 1167 -74.20 -96.89 -2.79
C GLU B 1167 -73.27 -96.14 -1.85
N VAL B 1168 -73.67 -94.92 -1.48
CA VAL B 1168 -72.84 -94.08 -0.61
C VAL B 1168 -72.85 -94.67 0.81
N LEU B 1169 -71.67 -94.79 1.39
CA LEU B 1169 -71.52 -95.29 2.75
C LEU B 1169 -71.47 -94.12 3.72
N MET B 1170 -72.29 -94.19 4.78
CA MET B 1170 -72.38 -93.15 5.78
C MET B 1170 -71.78 -93.63 7.10
N SER B 1171 -71.57 -92.68 8.00
CA SER B 1171 -71.01 -92.96 9.31
C SER B 1171 -72.14 -93.18 10.31
N ASP B 1172 -71.79 -93.28 11.60
CA ASP B 1172 -72.81 -93.48 12.63
C ASP B 1172 -73.71 -92.26 12.77
N SER B 1173 -73.19 -91.07 12.47
CA SER B 1173 -73.95 -89.83 12.57
C SER B 1173 -74.68 -89.49 11.27
N GLY B 1174 -74.63 -90.36 10.27
CA GLY B 1174 -75.28 -90.08 9.00
C GLY B 1174 -74.48 -89.22 8.05
N SER B 1175 -73.21 -88.97 8.33
CA SER B 1175 -72.37 -88.16 7.47
C SER B 1175 -71.76 -89.03 6.37
N GLU B 1176 -71.91 -88.59 5.12
CA GLU B 1176 -71.39 -89.35 3.99
C GLU B 1176 -69.87 -89.27 3.87
N THR B 1177 -69.25 -88.24 4.44
CA THR B 1177 -67.80 -88.11 4.36
C THR B 1177 -67.12 -89.05 5.34
N ALA B 1178 -65.94 -89.52 4.95
CA ALA B 1178 -65.15 -90.40 5.81
C ALA B 1178 -64.01 -89.66 6.50
N PHE B 1179 -63.17 -88.98 5.72
CA PHE B 1179 -62.05 -88.20 6.24
C PHE B 1179 -62.19 -86.76 5.75
N ARG B 1180 -61.93 -85.82 6.65
CA ARG B 1180 -62.04 -84.40 6.35
C ARG B 1180 -60.80 -83.66 6.83
N ASP B 1181 -60.53 -82.52 6.19
CA ASP B 1181 -59.40 -81.67 6.51
C ASP B 1181 -58.08 -82.43 6.39
N ILE B 1182 -57.82 -82.94 5.19
CA ILE B 1182 -56.62 -83.70 4.88
C ILE B 1182 -55.64 -82.80 4.14
N GLU B 1183 -54.37 -82.88 4.53
CA GLU B 1183 -53.34 -82.09 3.87
C GLU B 1183 -53.08 -82.62 2.46
N VAL B 1184 -52.79 -81.69 1.54
CA VAL B 1184 -52.53 -82.08 0.16
C VAL B 1184 -51.25 -82.91 0.07
N GLY B 1185 -50.22 -82.53 0.80
CA GLY B 1185 -48.96 -83.28 0.80
C GLY B 1185 -48.31 -83.27 -0.57
N ASP B 1186 -47.51 -84.31 -0.82
CA ASP B 1186 -46.89 -84.48 -2.13
C ASP B 1186 -47.86 -85.08 -3.13
N GLY B 1187 -48.66 -86.04 -2.70
CA GLY B 1187 -49.62 -86.67 -3.59
C GLY B 1187 -50.27 -87.86 -2.91
N PHE B 1188 -51.17 -88.49 -3.67
CA PHE B 1188 -51.89 -89.67 -3.19
C PHE B 1188 -51.92 -90.71 -4.31
N LEU B 1189 -51.77 -91.98 -3.93
CA LEU B 1189 -51.71 -93.08 -4.87
C LEU B 1189 -52.73 -94.16 -4.48
N PRO B 1190 -53.27 -94.88 -5.47
CA PRO B 1190 -54.16 -96.01 -5.16
C PRO B 1190 -53.36 -97.17 -4.57
N VAL B 1191 -53.70 -97.55 -3.34
CA VAL B 1191 -52.99 -98.60 -2.61
C VAL B 1191 -53.98 -99.69 -2.22
N CYS B 1192 -53.58 -100.94 -2.43
CA CYS B 1192 -54.40 -102.08 -2.08
C CYS B 1192 -53.58 -103.08 -1.27
N SER B 1193 -54.26 -103.78 -0.36
CA SER B 1193 -53.63 -104.77 0.50
C SER B 1193 -54.44 -106.06 0.46
N LEU B 1194 -53.74 -107.19 0.39
CA LEU B 1194 -54.37 -108.50 0.36
C LEU B 1194 -53.79 -109.38 1.45
N GLY B 1195 -54.66 -110.14 2.11
CA GLY B 1195 -54.24 -111.03 3.16
C GLY B 1195 -53.93 -112.42 2.65
N PRO B 1196 -53.61 -113.35 3.55
CA PRO B 1196 -53.31 -114.73 3.13
C PRO B 1196 -54.54 -115.39 2.51
N GLY B 1197 -54.32 -116.09 1.40
CA GLY B 1197 -55.39 -116.80 0.73
C GLY B 1197 -56.52 -115.92 0.21
N GLN B 1198 -56.19 -114.72 -0.26
CA GLN B 1198 -57.18 -113.79 -0.76
C GLN B 1198 -56.91 -113.48 -2.24
N VAL B 1199 -57.97 -113.42 -3.03
CA VAL B 1199 -57.88 -113.12 -4.45
C VAL B 1199 -58.75 -111.90 -4.72
N GLY B 1200 -58.16 -110.85 -5.33
CA GLY B 1200 -58.88 -109.65 -5.64
C GLY B 1200 -58.54 -109.16 -7.05
N HIS B 1201 -59.35 -108.21 -7.53
CA HIS B 1201 -59.15 -107.62 -8.85
C HIS B 1201 -59.17 -106.12 -8.71
N LEU B 1202 -58.14 -105.46 -9.22
CA LEU B 1202 -58.01 -104.01 -9.18
C LEU B 1202 -58.20 -103.43 -10.57
N ASN B 1203 -59.06 -102.43 -10.68
CA ASN B 1203 -59.34 -101.75 -11.94
C ASN B 1203 -58.98 -100.28 -11.79
N LEU B 1204 -58.11 -99.77 -12.66
CA LEU B 1204 -57.70 -98.37 -12.62
C LEU B 1204 -58.56 -97.47 -13.50
N GLY B 1205 -59.61 -98.01 -14.12
CA GLY B 1205 -60.47 -97.20 -14.98
C GLY B 1205 -59.84 -96.84 -16.30
N GLN B 1206 -58.95 -97.68 -16.83
CA GLN B 1206 -58.32 -97.39 -18.12
C GLN B 1206 -59.34 -97.44 -19.24
N ASP B 1207 -60.27 -98.39 -19.21
CA ASP B 1207 -61.29 -98.55 -20.24
C ASP B 1207 -62.65 -98.22 -19.68
N VAL B 1208 -63.47 -97.54 -20.51
CA VAL B 1208 -64.81 -97.18 -20.09
C VAL B 1208 -65.68 -98.42 -19.90
N SER B 1209 -65.57 -99.39 -20.81
CA SER B 1209 -66.38 -100.61 -20.72
C SER B 1209 -66.05 -101.46 -19.50
N SER B 1210 -64.87 -101.29 -18.90
CA SER B 1210 -64.50 -102.05 -17.72
C SER B 1210 -65.19 -101.56 -16.46
N LEU B 1211 -65.43 -100.26 -16.35
CA LEU B 1211 -66.06 -99.71 -15.16
C LEU B 1211 -67.53 -100.13 -15.07
N ARG B 1212 -68.01 -100.25 -13.85
CA ARG B 1212 -69.38 -100.70 -13.60
C ARG B 1212 -70.23 -99.66 -12.87
N PHE B 1213 -69.71 -99.07 -11.79
CA PHE B 1213 -70.48 -98.12 -10.98
C PHE B 1213 -70.04 -96.68 -11.18
N PHE B 1214 -69.12 -96.42 -12.11
CA PHE B 1214 -68.73 -95.04 -12.38
C PHE B 1214 -69.81 -94.29 -13.13
N ALA B 1215 -70.56 -94.97 -13.99
CA ALA B 1215 -71.62 -94.33 -14.77
C ALA B 1215 -72.82 -93.93 -13.92
N ILE B 1216 -72.93 -94.44 -12.69
CA ILE B 1216 -74.06 -94.13 -11.82
C ILE B 1216 -73.67 -93.23 -10.64
N CYS B 1217 -72.38 -93.12 -10.32
CA CYS B 1217 -71.92 -92.27 -9.24
C CYS B 1217 -70.97 -91.17 -9.70
N GLY B 1218 -69.97 -91.51 -10.52
CA GLY B 1218 -69.03 -90.51 -10.98
C GLY B 1218 -69.66 -89.47 -11.89
N LEU B 1219 -70.53 -89.91 -12.80
CA LEU B 1219 -71.18 -88.98 -13.72
C LEU B 1219 -72.13 -88.05 -12.99
N GLN B 1220 -72.72 -88.50 -11.88
CA GLN B 1220 -73.63 -87.64 -11.12
C GLN B 1220 -72.91 -86.44 -10.54
N GLU B 1221 -71.71 -86.63 -10.01
CA GLU B 1221 -70.95 -85.53 -9.41
C GLU B 1221 -70.07 -84.81 -10.43
N GLY B 1222 -69.58 -85.52 -11.45
CA GLY B 1222 -68.74 -84.90 -12.46
C GLY B 1222 -67.27 -85.18 -12.25
N PHE B 1223 -66.93 -86.38 -11.80
CA PHE B 1223 -65.55 -86.76 -11.55
C PHE B 1223 -64.92 -87.34 -12.81
N GLU B 1224 -63.64 -87.71 -12.70
CA GLU B 1224 -62.89 -88.26 -13.83
C GLU B 1224 -62.14 -89.50 -13.40
N PRO B 1225 -61.96 -90.46 -14.31
CA PRO B 1225 -61.19 -91.67 -13.96
C PRO B 1225 -59.71 -91.36 -13.81
N PHE B 1226 -59.03 -92.26 -13.09
CA PHE B 1226 -57.59 -92.13 -12.86
C PHE B 1226 -56.78 -92.37 -14.13
N ALA B 1227 -57.29 -93.18 -15.06
CA ALA B 1227 -56.60 -93.52 -16.30
C ALA B 1227 -57.49 -93.24 -17.50
N ILE B 1228 -58.09 -92.03 -17.52
CA ILE B 1228 -59.02 -91.69 -18.60
C ILE B 1228 -58.30 -91.66 -19.94
N ASN B 1229 -57.12 -91.06 -19.99
CA ASN B 1229 -56.33 -90.94 -21.22
C ASN B 1229 -54.93 -91.46 -20.94
N MET B 1230 -54.74 -92.77 -21.11
CA MET B 1230 -53.44 -93.39 -20.91
C MET B 1230 -53.14 -94.32 -22.09
N GLN B 1231 -51.92 -94.23 -22.61
CA GLN B 1231 -51.49 -95.10 -23.71
C GLN B 1231 -51.02 -96.45 -23.22
N ARG B 1232 -50.49 -96.52 -22.00
CA ARG B 1232 -49.98 -97.75 -21.42
C ARG B 1232 -50.62 -98.00 -20.06
N PRO B 1233 -50.74 -99.26 -19.64
CA PRO B 1233 -51.32 -99.55 -18.33
C PRO B 1233 -50.48 -98.97 -17.20
N VAL B 1234 -51.15 -98.59 -16.13
CA VAL B 1234 -50.47 -98.00 -14.97
C VAL B 1234 -49.58 -99.06 -14.33
N THR B 1235 -48.31 -98.74 -14.15
CA THR B 1235 -47.36 -99.68 -13.56
C THR B 1235 -47.59 -99.78 -12.06
N THR B 1236 -47.76 -101.01 -11.58
CA THR B 1236 -48.02 -101.27 -10.18
C THR B 1236 -46.78 -101.85 -9.49
N TRP B 1237 -46.69 -101.61 -8.19
CA TRP B 1237 -45.59 -102.08 -7.38
C TRP B 1237 -46.12 -102.92 -6.22
N PHE B 1238 -45.45 -104.03 -5.94
CA PHE B 1238 -45.83 -104.93 -4.87
C PHE B 1238 -44.72 -105.01 -3.83
N SER B 1239 -45.10 -105.38 -2.62
CA SER B 1239 -44.17 -105.52 -1.51
C SER B 1239 -43.62 -106.93 -1.53
N LYS B 1240 -42.39 -107.08 -2.01
CA LYS B 1240 -41.73 -108.39 -2.06
C LYS B 1240 -41.30 -108.78 -0.66
N SER B 1241 -41.68 -109.99 -0.23
CA SER B 1241 -41.31 -110.48 1.09
C SER B 1241 -39.89 -111.02 1.15
N LEU B 1242 -39.14 -110.92 0.06
CA LEU B 1242 -37.79 -111.45 0.03
C LEU B 1242 -36.86 -110.58 0.88
N PRO B 1243 -36.23 -111.12 1.92
CA PRO B 1243 -35.43 -110.27 2.81
C PRO B 1243 -34.16 -109.79 2.12
N GLN B 1244 -34.03 -108.48 2.03
CA GLN B 1244 -32.93 -107.85 1.32
C GLN B 1244 -32.19 -106.95 2.29
N PHE B 1245 -30.86 -107.01 2.25
CA PHE B 1245 -30.03 -106.13 3.07
C PHE B 1245 -30.11 -104.70 2.59
N GLU B 1246 -30.26 -103.77 3.54
CA GLU B 1246 -30.31 -102.35 3.23
C GLU B 1246 -29.51 -101.58 4.26
N ALA B 1247 -29.02 -100.42 3.83
CA ALA B 1247 -28.18 -99.59 4.69
C ALA B 1247 -28.95 -99.10 5.91
N VAL B 1248 -28.26 -98.99 7.03
CA VAL B 1248 -28.90 -98.55 8.28
C VAL B 1248 -29.39 -97.11 8.12
N PRO B 1249 -30.61 -96.79 8.55
CA PRO B 1249 -31.05 -95.38 8.52
C PRO B 1249 -30.16 -94.52 9.41
N LEU B 1250 -29.92 -93.29 8.95
CA LEU B 1250 -29.06 -92.38 9.69
C LEU B 1250 -29.68 -91.99 11.03
N GLU B 1251 -31.00 -91.88 11.08
CA GLU B 1251 -31.72 -91.53 12.31
C GLU B 1251 -32.64 -92.71 12.65
N HIS B 1252 -32.11 -93.66 13.42
CA HIS B 1252 -32.88 -94.83 13.85
C HIS B 1252 -33.08 -94.76 15.36
N PRO B 1253 -34.32 -94.69 15.85
CA PRO B 1253 -34.52 -94.51 17.29
C PRO B 1253 -34.00 -95.68 18.14
N HIS B 1254 -34.10 -96.91 17.65
CA HIS B 1254 -33.75 -98.05 18.47
C HIS B 1254 -32.25 -98.30 18.49
N TYR B 1255 -31.63 -98.42 17.32
CA TYR B 1255 -30.22 -98.75 17.21
C TYR B 1255 -29.48 -97.61 16.53
N GLU B 1256 -28.37 -97.17 17.13
CA GLU B 1256 -27.55 -96.09 16.59
C GLU B 1256 -26.15 -96.63 16.29
N VAL B 1257 -25.67 -96.35 15.09
CA VAL B 1257 -24.36 -96.80 14.64
C VAL B 1257 -23.37 -95.65 14.74
N SER B 1258 -22.18 -95.95 15.28
CA SER B 1258 -21.13 -94.96 15.45
C SER B 1258 -19.80 -95.56 15.05
N ARG B 1259 -18.95 -94.75 14.43
CA ARG B 1259 -17.61 -95.16 14.03
C ARG B 1259 -16.57 -94.38 14.82
N VAL B 1260 -15.46 -95.03 15.14
CA VAL B 1260 -14.39 -94.44 15.95
C VAL B 1260 -13.19 -94.19 15.05
N ASP B 1261 -12.62 -92.99 15.15
CA ASP B 1261 -11.45 -92.64 14.36
C ASP B 1261 -10.24 -93.47 14.78
N GLY B 1262 -9.31 -93.63 13.86
CA GLY B 1262 -8.13 -94.44 14.11
C GLY B 1262 -7.28 -93.85 15.22
N THR B 1263 -7.00 -94.64 16.26
CA THR B 1263 -6.16 -94.22 17.36
C THR B 1263 -4.77 -94.81 17.22
N VAL B 1264 -3.82 -94.21 17.95
CA VAL B 1264 -2.43 -94.67 17.89
C VAL B 1264 -2.31 -96.08 18.47
N ASP B 1265 -2.96 -96.33 19.60
CA ASP B 1265 -2.86 -97.62 20.26
C ASP B 1265 -3.87 -98.64 19.74
N THR B 1266 -5.08 -98.19 19.41
CA THR B 1266 -6.15 -99.08 18.98
C THR B 1266 -6.55 -98.74 17.55
N PRO B 1267 -6.69 -99.73 16.67
CA PRO B 1267 -7.13 -99.46 15.30
C PRO B 1267 -8.56 -98.95 15.28
N PRO B 1268 -8.96 -98.24 14.23
CA PRO B 1268 -10.32 -97.69 14.18
C PRO B 1268 -11.37 -98.78 14.24
N CYS B 1269 -12.49 -98.47 14.89
CA CYS B 1269 -13.54 -99.45 15.13
C CYS B 1269 -14.90 -98.81 14.88
N LEU B 1270 -15.87 -99.65 14.53
CA LEU B 1270 -17.25 -99.24 14.34
C LEU B 1270 -18.11 -99.95 15.38
N ARG B 1271 -18.93 -99.19 16.10
CA ARG B 1271 -19.72 -99.71 17.21
C ARG B 1271 -21.20 -99.45 16.99
N LEU B 1272 -22.02 -100.38 17.46
CA LEU B 1272 -23.47 -100.23 17.46
C LEU B 1272 -23.96 -100.32 18.90
N THR B 1273 -24.69 -99.30 19.34
CA THR B 1273 -25.22 -99.25 20.70
C THR B 1273 -26.71 -98.95 20.65
N HIS B 1274 -27.48 -99.74 21.39
CA HIS B 1274 -28.93 -99.53 21.47
C HIS B 1274 -29.24 -98.31 22.31
N ARG B 1275 -30.20 -97.50 21.86
CA ARG B 1275 -30.59 -96.29 22.58
C ARG B 1275 -31.88 -96.52 23.35
N SER B 1282 -36.37 -99.94 23.83
CA SER B 1282 -37.69 -100.36 24.29
C SER B 1282 -38.15 -101.61 23.53
N LEU B 1283 -37.53 -101.87 22.39
CA LEU B 1283 -37.85 -103.01 21.55
C LEU B 1283 -36.62 -103.87 21.37
N VAL B 1284 -36.78 -105.18 21.55
CA VAL B 1284 -35.70 -106.16 21.34
C VAL B 1284 -36.01 -106.92 20.06
N GLU B 1285 -34.97 -107.13 19.26
CA GLU B 1285 -35.14 -107.73 17.94
C GLU B 1285 -33.79 -108.20 17.42
N MET B 1286 -33.77 -109.42 16.89
CA MET B 1286 -32.55 -109.97 16.31
C MET B 1286 -32.08 -109.11 15.15
N LEU B 1287 -30.79 -108.81 15.12
CA LEU B 1287 -30.19 -107.98 14.09
C LEU B 1287 -29.23 -108.82 13.26
N PHE B 1288 -29.39 -108.75 11.94
CA PHE B 1288 -28.52 -109.44 10.99
C PHE B 1288 -27.68 -108.37 10.30
N LEU B 1289 -26.49 -108.12 10.85
CA LEU B 1289 -25.61 -107.07 10.37
C LEU B 1289 -24.47 -107.64 9.54
N ARG B 1290 -24.04 -106.88 8.55
CA ARG B 1290 -22.88 -107.25 7.74
C ARG B 1290 -22.34 -106.00 7.07
N LEU B 1291 -21.10 -106.10 6.60
CA LEU B 1291 -20.47 -105.05 5.81
C LEU B 1291 -20.95 -105.14 4.36
N SER B 1292 -20.62 -104.11 3.57
CA SER B 1292 -21.13 -103.98 2.21
C SER B 1292 -20.02 -104.09 1.17
N LEU B 1293 -18.91 -104.73 1.54
CA LEU B 1293 -17.79 -104.92 0.62
C LEU B 1293 -17.34 -106.38 0.69
N PRO B 1294 -17.17 -107.04 -0.45
CA PRO B 1294 -16.86 -108.48 -0.45
C PRO B 1294 -15.36 -108.75 -0.37
N VAL B 1295 -15.04 -110.03 -0.18
CA VAL B 1295 -13.66 -110.54 -0.18
C VAL B 1295 -13.62 -111.74 -1.10
N GLN B 1296 -12.75 -111.68 -2.11
CA GLN B 1296 -12.63 -112.76 -3.10
C GLN B 1296 -11.39 -113.60 -2.82
N PHE B 1297 -11.32 -114.74 -3.50
CA PHE B 1297 -10.20 -115.68 -3.36
C PHE B 1297 -9.39 -115.82 -4.65
N HIS B 1298 -9.58 -114.89 -5.59
CA HIS B 1298 -8.89 -114.86 -6.88
C HIS B 1298 -8.76 -116.23 -7.53
N GLN B 1299 -9.83 -117.01 -7.51
CA GLN B 1299 -9.87 -118.35 -8.09
C GLN B 1299 -8.75 -119.24 -7.54
N LEU B 1428 4.57 -108.37 4.32
CA LEU B 1428 4.80 -109.68 3.73
C LEU B 1428 3.73 -110.00 2.69
N ASN B 1429 3.96 -111.06 1.92
CA ASN B 1429 3.02 -111.50 0.89
C ASN B 1429 1.97 -112.48 1.43
N THR B 1430 1.74 -112.48 2.74
CA THR B 1430 0.76 -113.40 3.32
C THR B 1430 -0.65 -113.05 2.86
N THR B 1431 -1.44 -114.07 2.56
CA THR B 1431 -2.78 -113.91 2.03
C THR B 1431 -3.86 -113.91 3.10
N THR B 1432 -3.48 -113.96 4.38
CA THR B 1432 -4.45 -114.00 5.46
C THR B 1432 -4.80 -112.57 5.88
N TYR B 1433 -6.10 -112.29 5.94
CA TYR B 1433 -6.61 -110.99 6.34
C TYR B 1433 -7.35 -111.13 7.66
N TYR B 1434 -7.04 -110.28 8.62
CA TYR B 1434 -7.54 -110.39 9.99
C TYR B 1434 -8.43 -109.19 10.33
N TYR B 1435 -9.59 -109.47 10.90
CA TYR B 1435 -10.42 -108.47 11.55
C TYR B 1435 -11.00 -109.09 12.81
N SER B 1436 -11.28 -108.25 13.81
CA SER B 1436 -11.74 -108.73 15.10
C SER B 1436 -13.05 -108.05 15.49
N VAL B 1437 -13.82 -108.75 16.32
CA VAL B 1437 -15.06 -108.25 16.87
C VAL B 1437 -15.00 -108.38 18.38
N ARG B 1438 -15.40 -107.32 19.08
CA ARG B 1438 -15.34 -107.27 20.54
C ARG B 1438 -16.77 -107.18 21.07
N VAL B 1439 -17.23 -108.25 21.70
CA VAL B 1439 -18.55 -108.25 22.35
C VAL B 1439 -18.39 -107.65 23.75
N PHE B 1440 -19.36 -106.84 24.14
CA PHE B 1440 -19.28 -106.15 25.42
C PHE B 1440 -19.55 -107.12 26.57
N ALA B 1441 -19.00 -106.79 27.74
CA ALA B 1441 -19.19 -107.63 28.92
C ALA B 1441 -20.65 -107.70 29.33
N GLY B 1442 -21.37 -106.58 29.23
CA GLY B 1442 -22.79 -106.60 29.55
C GLY B 1442 -23.61 -107.49 28.63
N GLN B 1443 -23.24 -107.55 27.36
CA GLN B 1443 -23.95 -108.39 26.41
C GLN B 1443 -23.76 -109.87 26.73
N GLU B 1444 -24.83 -110.64 26.69
CA GLU B 1444 -24.76 -112.07 26.94
C GLU B 1444 -24.13 -112.77 25.76
N PRO B 1445 -23.05 -113.54 25.95
CA PRO B 1445 -22.41 -114.22 24.82
C PRO B 1445 -23.19 -115.41 24.28
N SER B 1446 -24.27 -115.82 24.95
CA SER B 1446 -25.03 -116.97 24.48
C SER B 1446 -25.78 -116.67 23.19
N CYS B 1447 -26.14 -115.41 22.97
CA CYS B 1447 -26.88 -115.00 21.78
C CYS B 1447 -25.99 -114.26 20.77
N VAL B 1448 -24.70 -114.56 20.77
CA VAL B 1448 -23.74 -113.93 19.87
C VAL B 1448 -23.27 -114.97 18.87
N TRP B 1449 -23.42 -114.65 17.58
CA TRP B 1449 -23.00 -115.53 16.50
C TRP B 1449 -22.09 -114.74 15.56
N VAL B 1450 -20.81 -115.10 15.55
CA VAL B 1450 -19.79 -114.39 14.77
C VAL B 1450 -19.33 -115.26 13.62
N GLY B 1451 -19.25 -114.68 12.44
CA GLY B 1451 -18.75 -115.43 11.30
C GLY B 1451 -18.81 -114.63 10.01
N TRP B 1452 -19.17 -115.31 8.94
CA TRP B 1452 -19.20 -114.77 7.58
C TRP B 1452 -20.58 -115.03 6.98
N VAL B 1453 -20.79 -114.47 5.78
CA VAL B 1453 -22.04 -114.64 5.06
C VAL B 1453 -21.76 -114.52 3.57
N THR B 1454 -22.56 -115.19 2.76
CA THR B 1454 -22.58 -115.25 1.32
C THR B 1454 -23.71 -114.39 0.77
N PRO B 1455 -23.45 -113.57 -0.25
CA PRO B 1455 -24.42 -112.54 -0.67
C PRO B 1455 -25.82 -113.03 -1.02
N ASP B 1456 -26.08 -114.34 -1.12
CA ASP B 1456 -27.45 -114.81 -1.30
C ASP B 1456 -28.09 -115.25 0.01
N TYR B 1457 -27.87 -114.50 1.09
CA TYR B 1457 -28.56 -114.72 2.36
C TYR B 1457 -29.90 -114.00 2.32
N HIS B 1458 -30.98 -114.76 2.18
CA HIS B 1458 -32.31 -114.21 2.00
C HIS B 1458 -33.35 -114.95 2.83
N GLN B 1459 -33.01 -115.31 4.07
CA GLN B 1459 -33.94 -115.96 4.99
C GLN B 1459 -33.84 -115.31 6.36
N HIS B 1460 -34.93 -114.71 6.80
CA HIS B 1460 -35.00 -113.90 8.02
C HIS B 1460 -36.12 -114.43 8.91
N ASP B 1461 -35.75 -115.23 9.90
CA ASP B 1461 -36.72 -115.85 10.81
C ASP B 1461 -36.30 -115.62 12.26
N MET B 1462 -37.28 -115.66 13.15
CA MET B 1462 -37.06 -115.53 14.57
C MET B 1462 -36.44 -116.80 15.16
N ASN B 1463 -35.88 -116.66 16.36
CA ASN B 1463 -35.25 -117.75 17.08
C ASN B 1463 -34.16 -118.42 16.25
N PHE B 1464 -33.31 -117.60 15.62
CA PHE B 1464 -32.25 -118.13 14.78
C PHE B 1464 -31.26 -118.93 15.60
N ASP B 1465 -30.83 -120.06 15.05
CA ASP B 1465 -29.89 -120.96 15.71
C ASP B 1465 -28.90 -121.48 14.66
N LEU B 1466 -27.91 -122.24 15.14
CA LEU B 1466 -26.88 -122.76 14.24
C LEU B 1466 -27.43 -123.80 13.28
N THR B 1467 -28.39 -124.61 13.73
CA THR B 1467 -28.91 -125.70 12.92
C THR B 1467 -29.88 -125.24 11.84
N LYS B 1468 -30.25 -123.96 11.83
CA LYS B 1468 -31.22 -123.45 10.85
C LYS B 1468 -30.59 -123.12 9.51
N VAL B 1469 -29.27 -123.21 9.38
CA VAL B 1469 -28.62 -122.87 8.11
C VAL B 1469 -28.85 -123.97 7.09
N ARG B 1470 -29.14 -123.57 5.86
CA ARG B 1470 -29.27 -124.51 4.76
C ARG B 1470 -27.88 -125.00 4.34
N ALA B 1471 -27.74 -126.31 4.21
CA ALA B 1471 -26.45 -126.92 3.91
C ALA B 1471 -26.65 -128.15 3.05
N VAL B 1472 -25.89 -128.26 1.97
CA VAL B 1472 -26.00 -129.35 1.02
C VAL B 1472 -24.61 -129.89 0.72
N THR B 1473 -24.47 -131.21 0.70
CA THR B 1473 -23.23 -131.88 0.28
C THR B 1473 -23.50 -132.51 -1.08
N VAL B 1474 -22.82 -132.02 -2.10
CA VAL B 1474 -22.88 -132.64 -3.43
C VAL B 1474 -21.74 -133.66 -3.52
N THR B 1475 -22.10 -134.93 -3.66
CA THR B 1475 -21.14 -136.03 -3.66
C THR B 1475 -21.10 -136.65 -5.05
N MET B 1476 -19.89 -136.78 -5.60
CA MET B 1476 -19.67 -137.39 -6.90
C MET B 1476 -18.81 -138.63 -6.73
N GLY B 1477 -19.05 -139.63 -7.57
CA GLY B 1477 -18.29 -140.86 -7.50
C GLY B 1477 -18.54 -141.71 -8.73
N ASP B 1478 -17.56 -142.55 -9.06
CA ASP B 1478 -17.64 -143.45 -10.22
C ASP B 1478 -17.95 -142.69 -11.51
N SER B 1486 -16.40 -134.55 -3.47
CA SER B 1486 -17.44 -134.14 -2.53
C SER B 1486 -17.16 -132.76 -1.97
N LEU B 1487 -18.03 -131.80 -2.29
CA LEU B 1487 -17.88 -130.43 -1.84
C LEU B 1487 -19.08 -130.03 -0.98
N LYS B 1488 -18.82 -129.13 -0.04
CA LYS B 1488 -19.83 -128.64 0.89
C LYS B 1488 -20.19 -127.20 0.53
N CYS B 1489 -21.47 -126.96 0.28
CA CYS B 1489 -21.98 -125.63 -0.04
C CYS B 1489 -22.99 -125.22 1.02
N SER B 1490 -22.86 -123.99 1.50
CA SER B 1490 -23.78 -123.45 2.50
C SER B 1490 -23.77 -121.93 2.40
N ASN B 1491 -24.80 -121.31 2.95
CA ASN B 1491 -24.95 -119.87 2.91
C ASN B 1491 -24.33 -119.16 4.11
N CYS B 1492 -24.21 -119.84 5.25
CA CYS B 1492 -23.72 -119.22 6.47
C CYS B 1492 -22.57 -120.03 7.03
N TYR B 1493 -21.51 -119.33 7.44
CA TYR B 1493 -20.33 -119.94 8.05
C TYR B 1493 -20.05 -119.17 9.34
N MET B 1494 -20.65 -119.63 10.44
CA MET B 1494 -20.58 -118.95 11.73
C MET B 1494 -20.46 -119.97 12.84
N VAL B 1495 -20.13 -119.46 14.03
CA VAL B 1495 -19.98 -120.28 15.22
C VAL B 1495 -21.13 -119.97 16.18
N TRP B 1496 -21.41 -120.93 17.06
CA TRP B 1496 -22.49 -120.75 18.03
C TRP B 1496 -22.18 -119.62 19.00
N GLY B 1497 -20.93 -119.50 19.44
CA GLY B 1497 -20.51 -118.49 20.37
C GLY B 1497 -20.68 -118.87 21.83
N GLY B 1498 -21.70 -119.67 22.15
CA GLY B 1498 -21.90 -120.09 23.53
C GLY B 1498 -20.78 -120.98 24.04
N ASP B 1499 -20.21 -121.83 23.18
CA ASP B 1499 -19.16 -122.73 23.62
C ASP B 1499 -17.87 -121.97 23.96
N PHE B 1500 -17.66 -120.79 23.38
CA PHE B 1500 -16.45 -120.04 23.67
C PHE B 1500 -16.51 -119.42 25.07
N VAL B 1501 -17.71 -119.14 25.57
CA VAL B 1501 -17.87 -118.55 26.90
C VAL B 1501 -17.62 -119.59 27.97
N ASP B 1513 -15.94 -109.62 28.69
CA ASP B 1513 -15.64 -109.22 27.31
C ASP B 1513 -14.90 -110.32 26.57
N LEU B 1514 -15.38 -110.65 25.37
CA LEU B 1514 -14.79 -111.69 24.54
C LEU B 1514 -14.46 -111.09 23.18
N VAL B 1515 -13.26 -111.36 22.68
CA VAL B 1515 -12.82 -110.93 21.36
C VAL B 1515 -12.68 -112.16 20.48
N ILE B 1516 -13.27 -112.09 19.29
CA ILE B 1516 -13.24 -113.20 18.33
C ILE B 1516 -12.44 -112.76 17.13
N GLY B 1517 -11.38 -113.51 16.83
CA GLY B 1517 -10.51 -113.22 15.70
C GLY B 1517 -10.85 -114.09 14.51
N CYS B 1518 -10.78 -113.50 13.32
CA CYS B 1518 -11.09 -114.19 12.07
C CYS B 1518 -9.92 -114.01 11.11
N LEU B 1519 -9.31 -115.11 10.71
CA LEU B 1519 -8.20 -115.11 9.77
C LEU B 1519 -8.65 -115.84 8.51
N VAL B 1520 -8.52 -115.19 7.35
CA VAL B 1520 -9.07 -115.69 6.10
C VAL B 1520 -7.95 -115.73 5.07
N ASP B 1521 -7.67 -116.93 4.56
CA ASP B 1521 -6.63 -117.11 3.55
C ASP B 1521 -7.24 -116.99 2.15
N LEU B 1522 -6.62 -116.13 1.33
CA LEU B 1522 -7.14 -115.90 -0.03
C LEU B 1522 -6.87 -117.07 -0.96
N ALA B 1523 -5.95 -117.96 -0.61
CA ALA B 1523 -5.62 -119.10 -1.45
C ALA B 1523 -6.45 -120.33 -1.10
N THR B 1524 -7.78 -120.14 -1.07
CA THR B 1524 -8.74 -121.20 -0.76
C THR B 1524 -8.42 -121.86 0.59
N GLY B 1525 -8.02 -121.05 1.57
CA GLY B 1525 -7.62 -121.58 2.86
C GLY B 1525 -8.81 -121.88 3.75
N LEU B 1526 -8.56 -122.68 4.78
CA LEU B 1526 -9.58 -123.04 5.76
C LEU B 1526 -9.97 -121.82 6.58
N MET B 1527 -11.23 -121.81 7.02
CA MET B 1527 -11.80 -120.65 7.69
C MET B 1527 -11.74 -120.87 9.21
N THR B 1528 -10.75 -120.27 9.86
CA THR B 1528 -10.48 -120.51 11.29
C THR B 1528 -10.85 -119.26 12.08
N PHE B 1529 -11.71 -119.44 13.09
CA PHE B 1529 -12.10 -118.35 13.98
C PHE B 1529 -11.42 -118.54 15.34
N THR B 1530 -10.65 -117.53 15.74
CA THR B 1530 -9.89 -117.59 16.99
C THR B 1530 -10.59 -116.76 18.05
N ALA B 1531 -10.72 -117.31 19.25
CA ALA B 1531 -11.41 -116.65 20.35
C ALA B 1531 -10.42 -115.86 21.21
N ASN B 1532 -10.89 -115.41 22.37
CA ASN B 1532 -10.05 -114.70 23.34
C ASN B 1532 -9.26 -115.72 24.15
N GLY B 1533 -8.01 -115.92 23.78
CA GLY B 1533 -7.17 -116.88 24.47
C GLY B 1533 -7.64 -118.32 24.35
N LYS B 1534 -8.04 -118.72 23.13
CA LYS B 1534 -8.50 -120.08 22.88
C LYS B 1534 -8.04 -120.49 21.48
N GLU B 1535 -8.39 -121.71 21.10
CA GLU B 1535 -8.02 -122.25 19.80
C GLU B 1535 -9.13 -122.01 18.78
N SER B 1536 -8.83 -122.33 17.52
CA SER B 1536 -9.80 -122.15 16.45
C SER B 1536 -11.01 -123.05 16.65
N ASN B 1537 -10.81 -124.36 16.61
CA ASN B 1537 -11.81 -125.41 16.83
C ASN B 1537 -12.87 -125.47 15.74
N THR B 1538 -12.83 -124.57 14.75
CA THR B 1538 -13.78 -124.58 13.65
C THR B 1538 -13.05 -124.29 12.35
N PHE B 1539 -13.53 -124.90 11.27
CA PHE B 1539 -12.95 -124.70 9.95
C PHE B 1539 -13.98 -125.09 8.90
N PHE B 1540 -13.99 -124.35 7.79
CA PHE B 1540 -14.92 -124.61 6.70
C PHE B 1540 -14.19 -124.49 5.38
N GLN B 1541 -14.39 -125.46 4.49
CA GLN B 1541 -13.79 -125.42 3.17
C GLN B 1541 -14.52 -124.41 2.29
N VAL B 1542 -13.76 -123.72 1.45
CA VAL B 1542 -14.28 -122.64 0.61
C VAL B 1542 -13.95 -122.94 -0.84
N GLU B 1543 -14.92 -122.73 -1.73
CA GLU B 1543 -14.71 -122.91 -3.15
C GLU B 1543 -13.72 -121.87 -3.68
N PRO B 1544 -12.99 -122.20 -4.74
CA PRO B 1544 -11.99 -121.25 -5.25
C PRO B 1544 -12.56 -119.90 -5.66
N ASN B 1545 -13.76 -119.87 -6.22
CA ASN B 1545 -14.38 -118.63 -6.69
C ASN B 1545 -15.65 -118.40 -5.86
N THR B 1546 -15.52 -117.62 -4.79
CA THR B 1546 -16.66 -117.31 -3.93
C THR B 1546 -16.41 -115.97 -3.25
N LYS B 1547 -17.46 -115.16 -3.16
CA LYS B 1547 -17.42 -113.88 -2.48
C LYS B 1547 -18.13 -114.01 -1.14
N LEU B 1548 -17.47 -113.56 -0.07
CA LEU B 1548 -18.00 -113.68 1.28
C LEU B 1548 -17.96 -112.33 1.97
N PHE B 1549 -18.98 -112.06 2.79
CA PHE B 1549 -19.06 -110.84 3.58
C PHE B 1549 -19.00 -111.14 5.07
N PRO B 1550 -18.36 -110.28 5.86
CA PRO B 1550 -18.35 -110.49 7.32
C PRO B 1550 -19.68 -110.09 7.93
N ALA B 1551 -20.22 -110.98 8.77
CA ALA B 1551 -21.52 -110.74 9.40
C ALA B 1551 -21.54 -111.36 10.78
N VAL B 1552 -22.24 -110.69 11.71
CA VAL B 1552 -22.50 -111.22 13.04
C VAL B 1552 -23.99 -111.10 13.32
N PHE B 1553 -24.58 -112.16 13.88
CA PHE B 1553 -25.98 -112.15 14.28
C PHE B 1553 -26.05 -112.14 15.80
N VAL B 1554 -26.84 -111.21 16.35
CA VAL B 1554 -26.81 -110.93 17.78
C VAL B 1554 -28.12 -110.30 18.20
N LEU B 1555 -28.48 -110.48 19.48
CA LEU B 1555 -29.54 -109.99 20.36
C LEU B 1555 -29.09 -108.71 21.05
N PRO B 1556 -29.87 -107.62 20.94
CA PRO B 1556 -29.45 -106.35 21.54
C PRO B 1556 -29.35 -106.39 23.06
N THR B 1557 -30.36 -106.96 23.71
CA THR B 1557 -30.41 -107.10 25.17
C THR B 1557 -30.37 -105.76 25.90
N HIS B 1558 -30.67 -104.67 25.18
CA HIS B 1558 -30.83 -103.33 25.77
C HIS B 1558 -29.56 -102.87 26.50
N GLN B 1559 -28.46 -102.85 25.75
CA GLN B 1559 -27.17 -102.38 26.24
C GLN B 1559 -26.26 -102.19 25.04
N ASN B 1560 -24.97 -101.93 25.30
CA ASN B 1560 -23.98 -101.92 24.22
C ASN B 1560 -23.82 -103.33 23.69
N VAL B 1561 -23.91 -103.49 22.37
CA VAL B 1561 -24.12 -104.81 21.81
C VAL B 1561 -22.86 -105.37 21.15
N ILE B 1562 -22.42 -104.75 20.06
CA ILE B 1562 -21.32 -105.24 19.22
C ILE B 1562 -20.51 -104.06 18.72
N GLN B 1563 -19.19 -104.24 18.66
CA GLN B 1563 -18.30 -103.29 18.02
C GLN B 1563 -17.45 -104.03 17.00
N PHE B 1564 -17.27 -103.43 15.83
CA PHE B 1564 -16.46 -104.00 14.76
C PHE B 1564 -15.09 -103.35 14.77
N GLU B 1565 -14.03 -104.15 14.87
CA GLU B 1565 -12.67 -103.67 14.90
C GLU B 1565 -11.96 -104.06 13.61
N LEU B 1566 -11.28 -103.11 12.98
CA LEU B 1566 -10.53 -103.34 11.75
C LEU B 1566 -9.06 -103.09 12.05
N GLY B 1567 -8.33 -104.14 12.41
CA GLY B 1567 -6.93 -104.02 12.74
C GLY B 1567 -6.14 -105.20 12.20
N LYS B 1568 -4.82 -105.02 12.17
CA LYS B 1568 -3.89 -106.04 11.69
C LYS B 1568 -3.21 -106.69 12.89
N GLN B 1569 -3.31 -108.01 12.97
CA GLN B 1569 -2.71 -108.76 14.06
C GLN B 1569 -2.23 -110.12 13.54
N LYS B 1570 -1.30 -110.72 14.28
CA LYS B 1570 -0.74 -112.03 13.95
C LYS B 1570 -0.12 -112.02 12.55
N ASN B 1571 0.54 -110.92 12.21
CA ASN B 1571 1.21 -110.76 10.91
C ASN B 1571 0.25 -110.99 9.75
N ILE B 1572 -0.97 -110.48 9.89
CA ILE B 1572 -2.01 -110.62 8.87
C ILE B 1572 -2.41 -109.23 8.40
N MET B 1573 -2.59 -109.08 7.09
CA MET B 1573 -2.94 -107.79 6.52
C MET B 1573 -4.32 -107.35 7.01
N PRO B 1574 -4.56 -106.05 7.11
CA PRO B 1574 -5.88 -105.57 7.51
C PRO B 1574 -6.94 -105.93 6.49
N LEU B 1575 -8.17 -106.04 6.97
CA LEU B 1575 -9.29 -106.43 6.11
C LEU B 1575 -9.51 -105.40 5.00
N SER B 1576 -9.14 -104.14 5.22
CA SER B 1576 -9.25 -103.13 4.20
C SER B 1576 -8.36 -103.41 2.98
N ALA B 1577 -7.24 -104.10 3.17
CA ALA B 1577 -6.38 -104.43 2.05
C ALA B 1577 -7.06 -105.39 1.08
N ALA B 1578 -7.82 -106.36 1.61
CA ALA B 1578 -8.48 -107.34 0.75
C ALA B 1578 -9.60 -106.71 -0.07
N MET B 1579 -10.45 -105.91 0.58
CA MET B 1579 -11.66 -105.43 -0.09
C MET B 1579 -11.32 -104.34 -1.11
N PHE B 1580 -10.34 -103.48 -0.77
CA PHE B 1580 -9.96 -102.38 -1.63
C PHE B 1580 -8.76 -102.80 -2.47
N LEU B 1581 -8.89 -102.69 -3.79
CA LEU B 1581 -7.78 -103.05 -4.68
C LEU B 1581 -6.66 -102.01 -4.62
N SER B 1582 -7.00 -100.74 -4.40
CA SER B 1582 -5.98 -99.70 -4.31
C SER B 1582 -5.09 -99.88 -3.09
N GLU B 1583 -5.66 -100.30 -1.96
CA GLU B 1583 -4.91 -100.53 -0.74
C GLU B 1583 -4.43 -101.96 -0.60
N ARG B 1584 -4.21 -102.65 -1.73
CA ARG B 1584 -3.81 -104.06 -1.69
C ARG B 1584 -2.47 -104.22 -0.97
N LYS B 1585 -1.51 -103.34 -1.24
CA LYS B 1585 -0.19 -103.40 -0.64
C LYS B 1585 -0.02 -102.42 0.52
N ASN B 1586 -1.10 -101.81 0.99
CA ASN B 1586 -1.03 -100.85 2.08
C ASN B 1586 -1.19 -101.58 3.40
N PRO B 1587 -0.17 -101.59 4.28
CA PRO B 1587 -0.32 -102.29 5.56
C PRO B 1587 -1.08 -101.50 6.61
N ALA B 1588 -1.18 -100.19 6.48
CA ALA B 1588 -1.87 -99.38 7.49
C ALA B 1588 -3.39 -99.54 7.33
N PRO B 1589 -4.11 -99.87 8.39
CA PRO B 1589 -5.56 -100.05 8.27
C PRO B 1589 -6.30 -98.72 8.29
N GLN B 1590 -7.17 -98.53 7.30
CA GLN B 1590 -8.01 -97.35 7.21
C GLN B 1590 -9.46 -97.77 7.02
N CYS B 1591 -10.37 -96.84 7.31
CA CYS B 1591 -11.80 -97.04 7.16
C CYS B 1591 -12.36 -95.98 6.24
N PRO B 1592 -12.39 -96.23 4.94
CA PRO B 1592 -12.97 -95.26 3.99
C PRO B 1592 -14.46 -95.11 4.21
N PRO B 1593 -15.05 -93.99 3.78
CA PRO B 1593 -16.48 -93.77 4.03
C PRO B 1593 -17.39 -94.78 3.36
N ARG B 1594 -16.93 -95.50 2.35
CA ARG B 1594 -17.79 -96.47 1.67
C ARG B 1594 -18.23 -97.58 2.61
N LEU B 1595 -17.33 -98.05 3.47
CA LEU B 1595 -17.67 -99.12 4.40
C LEU B 1595 -18.69 -98.63 5.44
N GLU B 1596 -19.71 -99.45 5.67
CA GLU B 1596 -20.73 -99.13 6.67
C GLU B 1596 -21.44 -100.42 7.06
N MET B 1597 -22.13 -100.38 8.20
CA MET B 1597 -22.93 -101.50 8.66
C MET B 1597 -24.24 -101.54 7.91
N GLN B 1598 -24.73 -102.75 7.62
CA GLN B 1598 -25.92 -102.96 6.81
C GLN B 1598 -26.79 -104.02 7.46
N MET B 1599 -27.98 -103.64 7.89
CA MET B 1599 -28.92 -104.57 8.51
C MET B 1599 -29.79 -105.22 7.45
N LEU B 1600 -30.76 -106.01 7.89
CA LEU B 1600 -31.65 -106.76 7.02
C LEU B 1600 -33.08 -106.26 7.16
N MET B 1601 -33.69 -105.92 6.02
CA MET B 1601 -35.09 -105.50 6.00
C MET B 1601 -35.97 -106.65 5.57
N PRO B 1602 -36.95 -107.04 6.38
CA PRO B 1602 -37.78 -108.21 6.01
C PRO B 1602 -38.54 -108.02 4.72
N VAL B 1603 -38.94 -106.79 4.40
CA VAL B 1603 -39.75 -106.51 3.22
C VAL B 1603 -39.13 -105.36 2.44
N SER B 1604 -39.31 -105.38 1.12
CA SER B 1604 -38.82 -104.33 0.24
C SER B 1604 -39.77 -104.19 -0.94
N TRP B 1605 -39.67 -103.06 -1.63
CA TRP B 1605 -40.53 -102.78 -2.76
C TRP B 1605 -39.92 -103.32 -4.05
N SER B 1606 -40.77 -103.89 -4.90
CA SER B 1606 -40.35 -104.44 -6.19
C SER B 1606 -41.35 -104.01 -7.26
N ARG B 1607 -40.87 -103.96 -8.50
CA ARG B 1607 -41.70 -103.57 -9.63
C ARG B 1607 -42.31 -104.79 -10.30
N MET B 1608 -43.58 -104.65 -10.69
CA MET B 1608 -44.32 -105.74 -11.31
C MET B 1608 -44.11 -105.71 -12.82
N PRO B 1609 -43.73 -106.84 -13.43
CA PRO B 1609 -43.50 -106.84 -14.89
C PRO B 1609 -44.77 -106.56 -15.67
N ASN B 1610 -44.60 -105.97 -16.85
CA ASN B 1610 -45.75 -105.61 -17.68
C ASN B 1610 -46.37 -106.82 -18.36
N HIS B 1611 -45.56 -107.77 -18.82
CA HIS B 1611 -46.04 -108.94 -19.53
C HIS B 1611 -45.49 -110.20 -18.87
N PHE B 1612 -46.25 -111.29 -19.02
CA PHE B 1612 -45.94 -112.57 -18.38
C PHE B 1612 -46.10 -113.69 -19.41
N LEU B 1613 -45.41 -114.80 -19.13
CA LEU B 1613 -45.46 -115.97 -20.01
C LEU B 1613 -46.79 -116.70 -19.87
N ARG B 1614 -47.16 -117.42 -20.92
CA ARG B 1614 -48.41 -118.16 -20.96
C ARG B 1614 -48.14 -119.66 -20.78
N VAL B 1615 -48.83 -120.27 -19.83
CA VAL B 1615 -48.70 -121.70 -19.53
C VAL B 1615 -50.08 -122.34 -19.65
N GLU B 1616 -50.14 -123.46 -20.39
CA GLU B 1616 -51.38 -124.21 -20.56
C GLU B 1616 -51.16 -125.65 -20.11
N THR B 1617 -52.19 -126.22 -19.50
CA THR B 1617 -52.10 -127.57 -18.95
C THR B 1617 -53.35 -128.36 -19.31
N ARG B 1618 -53.15 -129.60 -19.74
CA ARG B 1618 -54.25 -130.53 -19.96
C ARG B 1618 -53.83 -131.91 -19.48
N ARG B 1619 -54.84 -132.73 -19.16
CA ARG B 1619 -54.56 -134.12 -18.81
C ARG B 1619 -53.96 -134.88 -19.98
N ALA B 1620 -54.42 -134.58 -21.20
CA ALA B 1620 -53.89 -135.18 -22.42
C ALA B 1620 -53.97 -136.70 -22.41
N GLY B 1621 -55.08 -137.24 -21.91
CA GLY B 1621 -55.27 -138.68 -21.87
C GLY B 1621 -54.64 -139.32 -20.67
N GLU B 1622 -54.68 -140.66 -20.66
CA GLU B 1622 -54.12 -141.45 -19.58
C GLU B 1622 -52.67 -141.83 -19.81
N ARG B 1623 -52.29 -142.14 -21.05
CA ARG B 1623 -50.89 -142.46 -21.34
C ARG B 1623 -49.99 -141.26 -21.09
N LEU B 1624 -50.41 -140.07 -21.49
CA LEU B 1624 -49.66 -138.84 -21.27
C LEU B 1624 -50.18 -138.19 -19.98
N GLY B 1625 -49.27 -137.91 -19.05
CA GLY B 1625 -49.66 -137.38 -17.76
C GLY B 1625 -50.17 -135.96 -17.80
N TRP B 1626 -49.28 -135.00 -18.08
CA TRP B 1626 -49.64 -133.59 -18.12
C TRP B 1626 -48.70 -132.89 -19.09
N ALA B 1627 -49.23 -131.90 -19.80
CA ALA B 1627 -48.48 -131.22 -20.85
C ALA B 1627 -48.31 -129.75 -20.52
N VAL B 1628 -47.11 -129.24 -20.74
CA VAL B 1628 -46.78 -127.82 -20.59
C VAL B 1628 -46.13 -127.34 -21.88
N GLN B 1629 -46.60 -126.20 -22.39
CA GLN B 1629 -46.10 -125.67 -23.66
C GLN B 1629 -46.02 -124.15 -23.57
N CYS B 1630 -45.13 -123.58 -24.39
CA CYS B 1630 -44.95 -122.14 -24.48
C CYS B 1630 -44.96 -121.73 -25.93
N GLN B 1631 -45.63 -120.61 -26.23
CA GLN B 1631 -45.82 -120.15 -27.60
C GLN B 1631 -44.95 -118.94 -27.93
N GLU B 1632 -45.06 -117.86 -27.15
CA GLU B 1632 -44.35 -116.64 -27.50
C GLU B 1632 -43.24 -116.34 -26.49
N PRO B 1633 -42.11 -115.83 -26.96
CA PRO B 1633 -41.01 -115.47 -26.05
C PRO B 1633 -41.22 -114.07 -25.48
N LEU B 1634 -40.36 -113.72 -24.51
CA LEU B 1634 -40.44 -112.41 -23.86
C LEU B 1634 -39.10 -112.13 -23.18
N THR B 1635 -38.57 -110.94 -23.41
CA THR B 1635 -37.29 -110.53 -22.87
C THR B 1635 -37.46 -109.32 -21.96
N MET B 1636 -36.36 -108.93 -21.32
CA MET B 1636 -36.35 -107.77 -20.45
C MET B 1636 -34.92 -107.24 -20.35
N MET B 1637 -34.80 -106.00 -19.90
CA MET B 1637 -33.52 -105.32 -19.77
C MET B 1637 -33.24 -105.13 -18.29
N ALA B 1638 -32.06 -105.61 -17.85
CA ALA B 1638 -31.75 -105.66 -16.43
C ALA B 1638 -30.32 -105.16 -16.20
N LEU B 1639 -30.03 -104.84 -14.94
CA LEU B 1639 -28.73 -104.35 -14.51
C LEU B 1639 -28.03 -105.41 -13.65
N HIS B 1640 -26.88 -105.05 -13.11
CA HIS B 1640 -26.12 -105.94 -12.24
C HIS B 1640 -25.23 -105.10 -11.35
N ILE B 1641 -25.19 -105.43 -10.06
CA ILE B 1641 -24.35 -104.71 -9.10
C ILE B 1641 -23.14 -105.57 -8.76
N PRO B 1642 -21.94 -105.19 -9.23
CA PRO B 1642 -20.75 -105.98 -8.88
C PRO B 1642 -20.54 -106.16 -7.39
N GLU B 1643 -20.86 -105.15 -6.58
CA GLU B 1643 -20.59 -105.21 -5.15
C GLU B 1643 -21.49 -106.21 -4.44
N GLU B 1644 -22.75 -106.31 -4.83
CA GLU B 1644 -23.70 -107.21 -4.18
C GLU B 1644 -24.02 -108.46 -5.00
N ASN B 1645 -23.57 -108.52 -6.25
CA ASN B 1645 -23.84 -109.65 -7.13
C ASN B 1645 -25.35 -109.92 -7.22
N ARG B 1646 -26.12 -108.86 -7.40
CA ARG B 1646 -27.57 -108.93 -7.41
C ARG B 1646 -28.10 -108.23 -8.67
N CYS B 1647 -29.02 -108.89 -9.35
CA CYS B 1647 -29.58 -108.36 -10.59
C CYS B 1647 -30.91 -107.65 -10.32
N MET B 1648 -31.09 -106.51 -11.00
CA MET B 1648 -32.30 -105.72 -10.84
C MET B 1648 -32.73 -105.20 -12.21
N ASP B 1649 -34.02 -104.92 -12.34
CA ASP B 1649 -34.55 -104.38 -13.58
C ASP B 1649 -34.16 -102.91 -13.73
N ILE B 1650 -34.08 -102.47 -14.99
CA ILE B 1650 -33.75 -101.07 -15.26
C ILE B 1650 -34.95 -100.15 -15.05
N LEU B 1651 -36.17 -100.67 -15.12
CA LEU B 1651 -37.35 -99.85 -14.95
C LEU B 1651 -37.57 -99.41 -13.50
N GLU B 1652 -36.81 -99.97 -12.56
CA GLU B 1652 -36.88 -99.55 -11.17
C GLU B 1652 -36.08 -98.29 -10.89
N LEU B 1653 -35.24 -97.85 -11.83
CA LEU B 1653 -34.48 -96.62 -11.64
C LEU B 1653 -35.34 -95.38 -11.62
N SER B 1654 -36.59 -95.45 -12.12
CA SER B 1654 -37.48 -94.31 -12.05
C SER B 1654 -37.87 -93.99 -10.61
N GLU B 1655 -37.87 -94.98 -9.73
CA GLU B 1655 -38.19 -94.77 -8.33
C GLU B 1655 -36.94 -94.67 -7.45
N ARG B 1656 -35.85 -95.34 -7.82
CA ARG B 1656 -34.60 -95.27 -7.07
C ARG B 1656 -33.74 -94.17 -7.69
N LEU B 1657 -33.85 -92.97 -7.13
CA LEU B 1657 -33.10 -91.83 -7.64
C LEU B 1657 -31.63 -91.87 -7.26
N ASP B 1658 -31.24 -92.73 -6.32
CA ASP B 1658 -29.84 -92.81 -5.93
C ASP B 1658 -28.97 -93.48 -7.00
N LEU B 1659 -29.58 -94.25 -7.92
CA LEU B 1659 -28.85 -94.90 -8.98
C LEU B 1659 -29.09 -94.30 -10.36
N GLN B 1660 -30.18 -93.54 -10.54
CA GLN B 1660 -30.43 -92.91 -11.82
C GLN B 1660 -29.37 -91.86 -12.14
N GLN B 1661 -28.96 -91.07 -11.14
CA GLN B 1661 -27.95 -90.05 -11.36
C GLN B 1661 -26.61 -90.66 -11.75
N PHE B 1662 -26.21 -91.73 -11.09
CA PHE B 1662 -24.93 -92.39 -11.41
C PHE B 1662 -24.98 -93.01 -12.80
N HIS B 1663 -26.08 -93.66 -13.15
CA HIS B 1663 -26.19 -94.29 -14.46
C HIS B 1663 -26.29 -93.24 -15.58
N SER B 1664 -26.96 -92.12 -15.31
CA SER B 1664 -27.03 -91.06 -16.30
C SER B 1664 -25.65 -90.47 -16.58
N HIS B 1665 -24.85 -90.28 -15.54
CA HIS B 1665 -23.48 -89.83 -15.72
C HIS B 1665 -22.57 -90.92 -16.27
N THR B 1666 -22.95 -92.19 -16.08
CA THR B 1666 -22.21 -93.27 -16.73
C THR B 1666 -22.26 -93.16 -18.24
N LEU B 1667 -23.46 -92.90 -18.79
CA LEU B 1667 -23.60 -92.69 -20.23
C LEU B 1667 -22.99 -91.37 -20.68
N ARG B 1668 -22.80 -90.42 -19.77
CA ARG B 1668 -22.08 -89.20 -20.10
C ARG B 1668 -20.58 -89.48 -20.29
N LEU B 1669 -20.00 -90.34 -19.45
CA LEU B 1669 -18.60 -90.68 -19.61
C LEU B 1669 -18.35 -91.39 -20.93
N TYR B 1670 -19.22 -92.33 -21.29
CA TYR B 1670 -19.12 -92.97 -22.59
C TYR B 1670 -19.32 -92.00 -23.74
N ARG B 1671 -20.07 -90.91 -23.50
CA ARG B 1671 -20.23 -89.88 -24.52
C ARG B 1671 -18.97 -89.02 -24.65
N ALA B 1672 -18.35 -88.65 -23.54
CA ALA B 1672 -17.13 -87.87 -23.59
C ALA B 1672 -16.00 -88.64 -24.26
N VAL B 1673 -15.81 -89.90 -23.86
CA VAL B 1673 -14.90 -90.77 -24.59
C VAL B 1673 -15.49 -91.09 -25.95
N CYS B 1674 -14.65 -91.59 -26.85
CA CYS B 1674 -15.07 -92.00 -28.20
C CYS B 1674 -15.52 -90.80 -29.03
N ALA B 1675 -14.92 -89.64 -28.77
CA ALA B 1675 -15.28 -88.40 -29.41
C ALA B 1675 -14.14 -87.89 -30.28
N LEU B 1676 -14.47 -86.90 -31.12
CA LEU B 1676 -13.51 -86.27 -32.04
C LEU B 1676 -12.84 -87.31 -32.94
N GLY B 1677 -13.68 -88.12 -33.59
CA GLY B 1677 -13.20 -89.08 -34.57
C GLY B 1677 -12.51 -90.29 -34.00
N ASN B 1678 -12.58 -90.51 -32.68
CA ASN B 1678 -11.89 -91.64 -32.08
C ASN B 1678 -12.60 -92.94 -32.45
N ASN B 1679 -11.84 -93.90 -32.96
CA ASN B 1679 -12.40 -95.18 -33.39
C ASN B 1679 -11.68 -96.40 -32.83
N ARG B 1680 -10.45 -96.28 -32.35
CA ARG B 1680 -9.79 -97.43 -31.71
C ARG B 1680 -10.51 -97.81 -30.43
N VAL B 1681 -10.95 -96.83 -29.65
CA VAL B 1681 -11.67 -97.11 -28.42
C VAL B 1681 -13.16 -97.30 -28.67
N ALA B 1682 -13.65 -96.91 -29.85
CA ALA B 1682 -15.06 -97.14 -30.19
C ALA B 1682 -15.39 -98.63 -30.24
N HIS B 1683 -14.49 -99.44 -30.79
CA HIS B 1683 -14.71 -100.88 -30.79
C HIS B 1683 -14.71 -101.45 -29.38
N ALA B 1684 -13.84 -100.93 -28.51
CA ALA B 1684 -13.75 -101.45 -27.14
C ALA B 1684 -15.05 -101.23 -26.37
N LEU B 1685 -15.68 -100.06 -26.51
CA LEU B 1685 -16.92 -99.78 -25.79
C LEU B 1685 -18.11 -100.60 -26.31
N CYS B 1686 -17.97 -101.26 -27.46
CA CYS B 1686 -19.06 -102.08 -27.96
C CYS B 1686 -19.30 -103.32 -27.10
N SER B 1687 -18.26 -103.79 -26.40
CA SER B 1687 -18.40 -104.98 -25.57
C SER B 1687 -19.31 -104.73 -24.36
N HIS B 1688 -19.09 -103.60 -23.66
CA HIS B 1688 -19.85 -103.33 -22.46
C HIS B 1688 -21.34 -103.12 -22.76
N VAL B 1689 -21.65 -102.37 -23.81
CA VAL B 1689 -23.04 -102.07 -24.17
C VAL B 1689 -23.22 -102.58 -25.60
N ASP B 1690 -23.71 -103.80 -25.73
CA ASP B 1690 -23.85 -104.45 -27.03
C ASP B 1690 -25.09 -103.92 -27.76
N GLN B 1691 -25.18 -104.26 -29.05
CA GLN B 1691 -26.19 -103.64 -29.92
C GLN B 1691 -27.61 -103.93 -29.46
N ALA B 1692 -27.92 -105.16 -29.05
CA ALA B 1692 -29.28 -105.45 -28.58
C ALA B 1692 -29.65 -104.57 -27.40
N GLN B 1693 -28.69 -104.27 -26.54
CA GLN B 1693 -28.95 -103.35 -25.44
C GLN B 1693 -29.26 -101.96 -25.95
N LEU B 1694 -28.64 -101.54 -27.07
CA LEU B 1694 -29.04 -100.30 -27.71
C LEU B 1694 -30.40 -100.45 -28.37
N LEU B 1695 -30.56 -101.46 -29.24
CA LEU B 1695 -31.78 -101.59 -30.04
C LEU B 1695 -33.00 -101.81 -29.17
N HIS B 1696 -32.87 -102.61 -28.11
CA HIS B 1696 -33.99 -102.79 -27.19
C HIS B 1696 -34.35 -101.49 -26.47
N ALA B 1697 -33.34 -100.68 -26.15
CA ALA B 1697 -33.61 -99.40 -25.48
C ALA B 1697 -34.39 -98.42 -26.35
N LEU B 1698 -34.35 -98.59 -27.67
CA LEU B 1698 -35.12 -97.71 -28.54
C LEU B 1698 -36.62 -97.96 -28.39
N GLU B 1699 -37.07 -99.18 -28.67
CA GLU B 1699 -38.49 -99.48 -28.63
C GLU B 1699 -39.07 -99.48 -27.22
N ASP B 1700 -38.23 -99.52 -26.19
CA ASP B 1700 -38.72 -99.49 -24.82
C ASP B 1700 -39.29 -98.11 -24.50
N ALA B 1701 -40.51 -98.08 -23.97
CA ALA B 1701 -41.18 -96.84 -23.63
C ALA B 1701 -41.19 -96.54 -22.14
N HIS B 1702 -41.04 -97.56 -21.31
CA HIS B 1702 -41.04 -97.39 -19.86
C HIS B 1702 -39.68 -96.92 -19.33
N LEU B 1703 -38.67 -96.82 -20.18
CA LEU B 1703 -37.38 -96.33 -19.75
C LEU B 1703 -37.50 -94.87 -19.32
N PRO B 1704 -36.86 -94.47 -18.21
CA PRO B 1704 -36.99 -93.09 -17.74
C PRO B 1704 -36.45 -92.08 -18.74
N GLY B 1705 -36.83 -90.82 -18.53
CA GLY B 1705 -36.51 -89.74 -19.42
C GLY B 1705 -35.03 -89.56 -19.68
N PRO B 1706 -34.25 -89.22 -18.65
CA PRO B 1706 -32.81 -89.03 -18.84
C PRO B 1706 -32.11 -90.25 -19.40
N LEU B 1707 -32.56 -91.45 -19.04
CA LEU B 1707 -31.95 -92.67 -19.60
C LEU B 1707 -32.32 -92.85 -21.07
N ARG B 1708 -33.53 -92.45 -21.46
CA ARG B 1708 -33.95 -92.60 -22.85
C ARG B 1708 -33.11 -91.73 -23.77
N ALA B 1709 -32.86 -90.48 -23.37
CA ALA B 1709 -32.05 -89.59 -24.21
C ALA B 1709 -30.59 -90.00 -24.23
N GLY B 1710 -30.07 -90.50 -23.10
CA GLY B 1710 -28.68 -90.91 -23.06
C GLY B 1710 -28.39 -92.10 -23.96
N TYR B 1711 -29.26 -93.09 -23.96
CA TYR B 1711 -29.06 -94.26 -24.81
C TYR B 1711 -29.16 -93.92 -26.29
N TYR B 1712 -30.08 -93.02 -26.65
CA TYR B 1712 -30.18 -92.59 -28.04
C TYR B 1712 -28.92 -91.86 -28.48
N ASP B 1713 -28.40 -90.97 -27.63
CA ASP B 1713 -27.16 -90.27 -27.95
C ASP B 1713 -25.99 -91.23 -27.99
N LEU B 1714 -26.02 -92.29 -27.17
CA LEU B 1714 -24.97 -93.30 -27.21
C LEU B 1714 -24.91 -94.00 -28.57
N LEU B 1715 -26.07 -94.25 -29.18
CA LEU B 1715 -26.10 -94.83 -30.52
C LEU B 1715 -25.41 -93.93 -31.53
N ILE B 1716 -25.67 -92.63 -31.46
CA ILE B 1716 -25.06 -91.69 -32.40
C ILE B 1716 -23.57 -91.55 -32.14
N SER B 1717 -23.16 -91.54 -30.87
CA SER B 1717 -21.80 -91.17 -30.50
C SER B 1717 -20.76 -92.24 -30.78
N ILE B 1718 -21.16 -93.48 -31.07
CA ILE B 1718 -20.22 -94.58 -31.24
C ILE B 1718 -20.28 -95.14 -32.67
N HIS B 1719 -21.47 -95.21 -33.26
CA HIS B 1719 -21.60 -95.74 -34.62
C HIS B 1719 -21.80 -94.67 -35.69
N LEU B 1720 -22.32 -93.50 -35.31
CA LEU B 1720 -22.66 -92.47 -36.29
C LEU B 1720 -21.96 -91.14 -36.03
N GLU B 1721 -21.00 -91.10 -35.10
CA GLU B 1721 -20.35 -89.83 -34.77
C GLU B 1721 -19.21 -89.52 -35.73
N SER B 1722 -18.34 -90.49 -36.00
CA SER B 1722 -17.17 -90.24 -36.82
C SER B 1722 -17.51 -90.13 -38.30
N ALA B 1723 -18.69 -90.59 -38.72
CA ALA B 1723 -19.01 -90.62 -40.15
C ALA B 1723 -19.76 -89.37 -40.59
N CYS B 1724 -20.67 -88.85 -39.75
CA CYS B 1724 -21.43 -87.66 -40.12
C CYS B 1724 -20.52 -86.44 -40.26
N ARG B 1725 -19.56 -86.29 -39.35
CA ARG B 1725 -18.70 -85.10 -39.37
C ARG B 1725 -17.77 -85.12 -40.56
N SER B 1726 -17.28 -86.31 -40.94
CA SER B 1726 -16.52 -86.43 -42.18
C SER B 1726 -17.39 -86.09 -43.39
N ARG B 1727 -18.68 -86.42 -43.33
CA ARG B 1727 -19.60 -86.04 -44.39
C ARG B 1727 -19.92 -84.55 -44.34
N ARG B 1728 -20.18 -84.02 -43.13
CA ARG B 1728 -20.51 -82.61 -43.00
C ARG B 1728 -19.33 -81.71 -43.37
N SER B 1729 -18.10 -82.14 -43.08
CA SER B 1729 -16.94 -81.35 -43.44
C SER B 1729 -16.80 -81.19 -44.95
N MET B 1730 -17.35 -82.13 -45.72
CA MET B 1730 -17.24 -82.11 -47.17
C MET B 1730 -18.49 -81.57 -47.84
N LEU B 1731 -19.49 -81.13 -47.07
CA LEU B 1731 -20.70 -80.57 -47.62
C LEU B 1731 -20.48 -79.21 -48.27
N SER B 1732 -19.48 -78.45 -47.81
CA SER B 1732 -19.20 -77.14 -48.37
C SER B 1732 -18.54 -77.21 -49.74
N GLU B 1733 -17.95 -78.36 -50.10
CA GLU B 1733 -17.30 -78.52 -51.38
C GLU B 1733 -18.32 -78.98 -52.43
N TYR B 1734 -18.15 -78.48 -53.65
CA TYR B 1734 -19.05 -78.81 -54.77
C TYR B 1734 -18.18 -79.20 -55.97
N ILE B 1735 -17.93 -80.49 -56.12
CA ILE B 1735 -17.16 -81.02 -57.24
C ILE B 1735 -18.14 -81.70 -58.19
N VAL B 1736 -18.19 -81.23 -59.43
CA VAL B 1736 -19.14 -81.74 -60.42
C VAL B 1736 -18.39 -82.41 -61.56
N PRO B 1737 -18.31 -83.74 -61.58
CA PRO B 1737 -17.67 -84.42 -62.70
C PRO B 1737 -18.49 -84.29 -63.98
N LEU B 1738 -17.78 -84.35 -65.11
CA LEU B 1738 -18.42 -84.27 -66.43
C LEU B 1738 -18.88 -85.67 -66.82
N THR B 1739 -20.12 -85.98 -66.47
CA THR B 1739 -20.72 -87.29 -66.72
C THR B 1739 -22.07 -87.08 -67.40
N PRO B 1740 -22.44 -87.97 -68.34
CA PRO B 1740 -23.75 -87.84 -68.99
C PRO B 1740 -24.91 -87.85 -67.99
N GLU B 1741 -24.71 -88.50 -66.84
CA GLU B 1741 -25.69 -88.42 -65.77
C GLU B 1741 -25.84 -86.98 -65.27
N THR B 1742 -24.72 -86.27 -65.14
CA THR B 1742 -24.77 -84.86 -64.75
C THR B 1742 -25.35 -83.98 -65.86
N ARG B 1743 -25.17 -84.36 -67.12
CA ARG B 1743 -25.72 -83.58 -68.22
C ARG B 1743 -27.24 -83.54 -68.18
N ALA B 1744 -27.88 -84.67 -67.88
CA ALA B 1744 -29.34 -84.74 -67.84
C ALA B 1744 -29.87 -84.28 -66.48
N ILE B 1745 -29.51 -83.06 -66.11
CA ILE B 1745 -29.95 -82.44 -64.87
C ILE B 1745 -30.60 -81.12 -65.21
N THR B 1746 -31.86 -80.95 -64.82
CA THR B 1746 -32.61 -79.73 -65.07
C THR B 1746 -32.98 -79.07 -63.74
N LEU B 1747 -32.85 -77.75 -63.70
CA LEU B 1747 -33.17 -77.02 -62.48
C LEU B 1747 -34.65 -77.10 -62.15
N PHE B 1748 -35.51 -77.07 -63.17
CA PHE B 1748 -36.92 -77.32 -62.91
C PHE B 1748 -37.27 -78.77 -63.23
N PRO B 1749 -38.05 -79.42 -62.37
CA PRO B 1749 -38.45 -80.81 -62.65
C PRO B 1749 -39.30 -80.90 -63.89
N PRO B 1750 -39.17 -81.98 -64.68
CA PRO B 1750 -39.95 -82.17 -65.90
C PRO B 1750 -41.41 -82.52 -65.63
N ARG B 1760 -43.25 -75.01 -60.73
CA ARG B 1760 -43.39 -75.90 -59.58
C ARG B 1760 -42.04 -76.47 -59.16
N HIS B 1761 -41.57 -76.05 -57.98
CA HIS B 1761 -40.30 -76.52 -57.47
C HIS B 1761 -40.40 -77.98 -57.06
N GLY B 1762 -39.35 -78.75 -57.38
CA GLY B 1762 -39.33 -80.15 -57.02
C GLY B 1762 -39.04 -80.37 -55.54
N LEU B 1763 -39.31 -81.60 -55.11
CA LEU B 1763 -39.07 -81.95 -53.70
C LEU B 1763 -37.57 -81.98 -53.43
N PRO B 1764 -37.13 -81.46 -52.29
CA PRO B 1764 -35.70 -81.47 -51.98
C PRO B 1764 -35.22 -82.87 -51.61
N GLY B 1765 -34.04 -83.22 -52.12
CA GLY B 1765 -33.39 -84.47 -51.80
C GLY B 1765 -33.78 -85.64 -52.67
N VAL B 1766 -34.86 -85.52 -53.45
CA VAL B 1766 -35.27 -86.63 -54.30
C VAL B 1766 -34.42 -86.68 -55.57
N GLY B 1767 -33.82 -85.57 -55.96
CA GLY B 1767 -32.96 -85.55 -57.12
C GLY B 1767 -31.57 -86.09 -56.79
N VAL B 1768 -31.00 -86.82 -57.75
CA VAL B 1768 -29.67 -87.39 -57.55
C VAL B 1768 -28.63 -86.27 -57.66
N THR B 1769 -27.73 -86.23 -56.69
CA THR B 1769 -26.74 -85.15 -56.66
C THR B 1769 -25.65 -85.33 -57.70
N THR B 1770 -25.18 -86.57 -57.91
CA THR B 1770 -24.06 -86.86 -58.81
C THR B 1770 -22.84 -86.00 -58.48
N SER B 1771 -22.55 -85.85 -57.19
CA SER B 1771 -21.40 -85.09 -56.71
C SER B 1771 -20.40 -86.04 -56.08
N LEU B 1772 -19.11 -85.77 -56.32
CA LEU B 1772 -18.06 -86.61 -55.76
C LEU B 1772 -17.98 -86.42 -54.26
N ARG B 1773 -18.25 -87.48 -53.51
CA ARG B 1773 -18.22 -87.45 -52.05
C ARG B 1773 -17.43 -88.63 -51.52
N PRO B 1774 -16.77 -88.48 -50.37
CA PRO B 1774 -16.02 -89.60 -49.79
C PRO B 1774 -16.96 -90.69 -49.31
N PRO B 1775 -16.81 -91.90 -49.83
CA PRO B 1775 -17.71 -92.99 -49.43
C PRO B 1775 -17.53 -93.37 -47.96
N HIS B 1776 -18.61 -93.84 -47.36
CA HIS B 1776 -18.58 -94.26 -45.97
C HIS B 1776 -17.73 -95.52 -45.81
N HIS B 1777 -17.07 -95.63 -44.66
CA HIS B 1777 -16.25 -96.79 -44.35
C HIS B 1777 -16.60 -97.29 -42.96
N PHE B 1778 -16.88 -98.59 -42.85
CA PHE B 1778 -17.24 -99.22 -41.59
C PHE B 1778 -16.61 -100.60 -41.52
N SER B 1779 -16.52 -101.12 -40.30
CA SER B 1779 -15.95 -102.45 -40.07
C SER B 1779 -16.63 -103.09 -38.87
N ALA B 1780 -16.65 -104.42 -38.87
CA ALA B 1780 -17.21 -105.18 -37.76
C ALA B 1780 -16.28 -105.13 -36.55
N PRO B 1781 -16.83 -105.24 -35.34
CA PRO B 1781 -15.96 -105.26 -34.15
C PRO B 1781 -15.00 -106.43 -34.14
N CYS B 1782 -15.53 -107.65 -34.23
CA CYS B 1782 -14.74 -108.87 -34.33
C CYS B 1782 -13.75 -108.96 -33.16
N PHE B 1783 -14.32 -109.07 -31.95
CA PHE B 1783 -13.52 -109.04 -30.73
C PHE B 1783 -12.58 -110.23 -30.65
N VAL B 1784 -12.97 -111.38 -31.21
CA VAL B 1784 -12.16 -112.59 -31.10
C VAL B 1784 -10.92 -112.56 -31.99
N ALA B 1785 -10.81 -111.57 -32.88
CA ALA B 1785 -9.67 -111.51 -33.79
C ALA B 1785 -8.37 -111.31 -33.03
N ALA B 1786 -7.31 -111.94 -33.53
CA ALA B 1786 -5.99 -111.83 -32.93
C ALA B 1786 -5.41 -110.44 -33.15
N LEU B 1787 -4.69 -109.95 -32.14
CA LEU B 1787 -4.06 -108.65 -32.21
C LEU B 1787 -2.56 -108.80 -32.43
N PRO B 1788 -1.97 -108.06 -33.37
CA PRO B 1788 -0.53 -108.13 -33.65
C PRO B 1788 0.28 -107.14 -32.82
N GLU B 1794 3.33 -96.98 -35.81
CA GLU B 1794 3.04 -97.62 -37.08
C GLU B 1794 1.87 -98.60 -36.96
N ALA B 1795 0.70 -98.07 -36.61
CA ALA B 1795 -0.49 -98.87 -36.44
C ALA B 1795 -1.56 -98.42 -37.44
N PRO B 1796 -2.12 -99.33 -38.24
CA PRO B 1796 -3.17 -98.94 -39.18
C PRO B 1796 -4.40 -98.40 -38.46
N ALA B 1797 -5.05 -97.42 -39.08
CA ALA B 1797 -6.24 -96.84 -38.51
C ALA B 1797 -7.42 -97.80 -38.63
N ARG B 1798 -8.21 -97.90 -37.56
CA ARG B 1798 -9.36 -98.78 -37.53
C ARG B 1798 -10.64 -97.97 -37.71
N LEU B 1799 -11.56 -98.50 -38.52
CA LEU B 1799 -12.82 -97.83 -38.79
C LEU B 1799 -13.78 -97.99 -37.62
N SER B 1800 -14.86 -97.22 -37.66
CA SER B 1800 -15.85 -97.25 -36.60
C SER B 1800 -16.66 -98.55 -36.66
N PRO B 1801 -17.24 -98.97 -35.53
CA PRO B 1801 -18.08 -100.17 -35.53
C PRO B 1801 -19.21 -100.07 -36.53
N SER B 1802 -19.55 -101.20 -37.14
CA SER B 1802 -20.57 -101.27 -38.17
C SER B 1802 -21.83 -101.95 -37.65
N ILE B 1803 -22.97 -101.32 -37.89
CA ILE B 1803 -24.28 -101.90 -37.59
C ILE B 1803 -25.18 -101.77 -38.80
N PRO B 1804 -26.17 -102.66 -38.93
CA PRO B 1804 -27.05 -102.63 -40.10
C PRO B 1804 -27.77 -101.30 -40.24
N LEU B 1805 -27.46 -100.58 -41.32
CA LEU B 1805 -28.11 -99.30 -41.57
C LEU B 1805 -29.57 -99.48 -41.95
N GLU B 1806 -29.88 -100.57 -42.67
CA GLU B 1806 -31.26 -100.81 -43.08
C GLU B 1806 -32.18 -101.01 -41.88
N ALA B 1807 -31.72 -101.71 -40.85
CA ALA B 1807 -32.52 -101.90 -39.65
C ALA B 1807 -32.81 -100.57 -38.96
N LEU B 1808 -31.83 -99.68 -38.89
CA LEU B 1808 -32.04 -98.38 -38.27
C LEU B 1808 -33.08 -97.55 -39.02
N ARG B 1809 -33.05 -97.59 -40.35
CA ARG B 1809 -33.97 -96.78 -41.14
C ARG B 1809 -35.41 -97.17 -40.87
N ASP B 1810 -35.73 -98.47 -40.94
CA ASP B 1810 -37.10 -98.91 -40.70
C ASP B 1810 -37.52 -98.62 -39.27
N LYS B 1811 -36.62 -98.82 -38.31
CA LYS B 1811 -36.94 -98.52 -36.91
C LYS B 1811 -37.16 -97.03 -36.68
N ALA B 1812 -36.34 -96.18 -37.29
CA ALA B 1812 -36.50 -94.74 -37.12
C ALA B 1812 -37.81 -94.24 -37.71
N LEU B 1813 -38.18 -94.72 -38.90
CA LEU B 1813 -39.46 -94.37 -39.48
C LEU B 1813 -40.62 -94.87 -38.63
N ARG B 1814 -40.55 -96.10 -38.13
CA ARG B 1814 -41.62 -96.61 -37.29
C ARG B 1814 -41.72 -95.83 -35.98
N MET B 1815 -40.57 -95.52 -35.37
CA MET B 1815 -40.59 -94.76 -34.12
C MET B 1815 -41.10 -93.34 -34.33
N LEU B 1816 -40.65 -92.67 -35.41
CA LEU B 1816 -41.15 -91.33 -35.69
C LEU B 1816 -42.62 -91.33 -36.07
N GLY B 1817 -43.12 -92.42 -36.64
CA GLY B 1817 -44.53 -92.50 -36.98
C GLY B 1817 -45.44 -92.49 -35.76
N GLU B 1818 -45.09 -93.28 -34.75
CA GLU B 1818 -45.93 -93.37 -33.56
C GLU B 1818 -45.80 -92.16 -32.64
N ALA B 1819 -44.69 -91.44 -32.71
CA ALA B 1819 -44.55 -90.23 -31.91
C ALA B 1819 -45.56 -89.17 -32.33
N VAL B 1820 -45.79 -89.02 -33.63
CA VAL B 1820 -46.79 -88.07 -34.12
C VAL B 1820 -48.19 -88.50 -33.70
N ARG B 1821 -48.48 -89.80 -33.81
CA ARG B 1821 -49.79 -90.30 -33.40
C ARG B 1821 -49.99 -90.12 -31.90
N ASP B 1822 -48.95 -90.40 -31.10
CA ASP B 1822 -49.04 -90.18 -29.66
C ASP B 1822 -49.14 -88.70 -29.33
N GLY B 1823 -48.42 -87.85 -30.04
CA GLY B 1823 -48.50 -86.42 -29.80
C GLY B 1823 -49.87 -85.85 -30.11
N GLY B 1824 -50.48 -86.32 -31.21
CA GLY B 1824 -51.82 -85.87 -31.56
C GLY B 1824 -52.88 -86.27 -30.55
N GLN B 1825 -52.73 -87.46 -29.96
CA GLN B 1825 -53.69 -87.92 -28.97
C GLN B 1825 -53.57 -87.13 -27.67
N HIS B 1826 -52.38 -86.61 -27.37
CA HIS B 1826 -52.11 -85.84 -26.15
C HIS B 1826 -52.45 -86.66 -24.91
N ALA B 1827 -51.74 -87.78 -24.76
CA ALA B 1827 -51.94 -88.65 -23.62
C ALA B 1827 -51.38 -88.00 -22.35
N ARG B 1828 -51.97 -88.35 -21.21
CA ARG B 1828 -51.51 -87.81 -19.94
C ARG B 1828 -50.14 -88.32 -19.56
N ASP B 1829 -49.73 -89.47 -20.11
CA ASP B 1829 -48.42 -90.07 -19.84
C ASP B 1829 -47.66 -90.18 -21.16
N PRO B 1830 -46.88 -89.18 -21.55
CA PRO B 1830 -46.14 -89.24 -22.81
C PRO B 1830 -44.94 -90.19 -22.71
N VAL B 1831 -44.40 -90.50 -23.89
CA VAL B 1831 -43.23 -91.38 -23.96
C VAL B 1831 -42.02 -90.63 -23.37
N GLY B 1832 -41.36 -91.25 -22.40
CA GLY B 1832 -40.24 -90.64 -21.73
C GLY B 1832 -40.60 -89.75 -20.57
N GLY B 1833 -41.89 -89.55 -20.29
CA GLY B 1833 -42.32 -88.73 -19.17
C GLY B 1833 -42.56 -87.27 -19.52
N SER B 1834 -42.16 -86.83 -20.72
CA SER B 1834 -42.36 -85.45 -21.13
C SER B 1834 -42.41 -85.39 -22.65
N VAL B 1835 -42.96 -84.28 -23.15
CA VAL B 1835 -43.05 -84.08 -24.59
C VAL B 1835 -41.66 -83.88 -25.18
N GLU B 1836 -40.77 -83.18 -24.46
CA GLU B 1836 -39.43 -82.94 -24.97
C GLU B 1836 -38.65 -84.24 -25.11
N PHE B 1837 -38.75 -85.13 -24.12
CA PHE B 1837 -38.04 -86.39 -24.18
C PHE B 1837 -38.60 -87.34 -25.23
N GLN B 1838 -39.78 -87.04 -25.78
CA GLN B 1838 -40.38 -87.87 -26.82
C GLN B 1838 -39.98 -87.42 -28.22
N PHE B 1839 -39.76 -86.11 -28.42
CA PHE B 1839 -39.52 -85.59 -29.76
C PHE B 1839 -38.09 -85.19 -30.01
N VAL B 1840 -37.40 -84.59 -29.03
CA VAL B 1840 -36.03 -84.13 -29.20
C VAL B 1840 -35.08 -85.31 -29.46
N PRO B 1841 -35.04 -86.36 -28.62
CA PRO B 1841 -34.06 -87.42 -28.88
C PRO B 1841 -34.28 -88.19 -30.17
N VAL B 1842 -35.54 -88.40 -30.56
CA VAL B 1842 -35.80 -89.15 -31.80
C VAL B 1842 -35.40 -88.33 -33.02
N LEU B 1843 -35.51 -87.00 -32.95
CA LEU B 1843 -35.11 -86.16 -34.07
C LEU B 1843 -33.60 -86.15 -34.26
N LYS B 1844 -32.84 -86.48 -33.22
CA LYS B 1844 -31.39 -86.57 -33.36
C LYS B 1844 -31.00 -87.68 -34.32
N LEU B 1845 -31.63 -88.85 -34.21
CA LEU B 1845 -31.29 -89.97 -35.09
C LEU B 1845 -31.67 -89.67 -36.54
N VAL B 1846 -32.83 -89.04 -36.75
CA VAL B 1846 -33.27 -88.73 -38.11
C VAL B 1846 -32.37 -87.66 -38.73
N SER B 1847 -32.05 -86.61 -37.98
CA SER B 1847 -31.20 -85.55 -38.51
C SER B 1847 -29.81 -86.05 -38.83
N THR B 1848 -29.25 -86.91 -37.96
CA THR B 1848 -27.93 -87.45 -38.22
C THR B 1848 -27.92 -88.32 -39.48
N LEU B 1849 -28.92 -89.18 -39.64
CA LEU B 1849 -28.95 -90.08 -40.79
C LEU B 1849 -29.18 -89.32 -42.10
N LEU B 1850 -29.93 -88.22 -42.06
CA LEU B 1850 -30.12 -87.42 -43.25
C LEU B 1850 -28.80 -86.82 -43.75
N VAL B 1851 -27.96 -86.35 -42.82
CA VAL B 1851 -26.65 -85.85 -43.20
C VAL B 1851 -25.81 -86.97 -43.80
N MET B 1852 -25.85 -88.15 -43.21
CA MET B 1852 -25.14 -89.30 -43.76
C MET B 1852 -25.60 -89.63 -45.18
N GLY B 1853 -26.88 -89.42 -45.48
CA GLY B 1853 -27.43 -89.81 -46.75
C GLY B 1853 -27.89 -91.26 -46.82
N ILE B 1854 -28.03 -91.93 -45.68
CA ILE B 1854 -28.46 -93.32 -45.68
C ILE B 1854 -29.89 -93.44 -46.17
N PHE B 1855 -30.75 -92.46 -45.84
CA PHE B 1855 -32.14 -92.49 -46.28
C PHE B 1855 -32.21 -92.44 -47.79
N GLY B 1856 -33.02 -93.31 -48.38
CA GLY B 1856 -33.19 -93.36 -49.82
C GLY B 1856 -34.19 -92.33 -50.31
N ASP B 1857 -34.48 -92.42 -51.62
CA ASP B 1857 -35.43 -91.50 -52.23
C ASP B 1857 -36.82 -91.66 -51.62
N GLU B 1858 -37.24 -92.91 -51.39
CA GLU B 1858 -38.54 -93.14 -50.76
C GLU B 1858 -38.52 -92.71 -49.29
N ASP B 1859 -37.40 -92.89 -48.60
CA ASP B 1859 -37.31 -92.50 -47.20
C ASP B 1859 -37.44 -91.00 -47.02
N VAL B 1860 -36.85 -90.21 -47.92
CA VAL B 1860 -36.94 -88.75 -47.82
C VAL B 1860 -38.39 -88.30 -47.92
N LYS B 1861 -39.17 -88.96 -48.79
CA LYS B 1861 -40.58 -88.60 -48.95
C LYS B 1861 -41.36 -88.78 -47.64
N GLN B 1862 -41.08 -89.86 -46.91
CA GLN B 1862 -41.78 -90.09 -45.64
C GLN B 1862 -41.46 -89.01 -44.63
N ILE B 1863 -40.18 -88.62 -44.53
CA ILE B 1863 -39.80 -87.52 -43.63
C ILE B 1863 -40.41 -86.21 -44.10
N LEU B 1864 -40.36 -85.95 -45.42
CA LEU B 1864 -40.85 -84.68 -45.94
C LEU B 1864 -42.36 -84.56 -45.82
N LYS B 1865 -43.09 -85.65 -46.01
CA LYS B 1865 -44.55 -85.60 -45.91
C LYS B 1865 -45.03 -85.50 -44.48
N MET B 1866 -44.26 -86.03 -43.52
CA MET B 1866 -44.69 -86.02 -42.13
C MET B 1866 -44.59 -84.63 -41.51
N ILE B 1867 -43.54 -83.88 -41.86
CA ILE B 1867 -43.38 -82.53 -41.31
C ILE B 1867 -44.44 -81.59 -41.87
N GLU B 1868 -44.79 -81.75 -43.15
CA GLU B 1868 -45.80 -80.90 -43.77
C GLU B 1868 -46.51 -81.68 -44.85
N PRO B 1869 -47.83 -81.56 -44.98
CA PRO B 1869 -48.56 -82.32 -46.01
C PRO B 1869 -48.41 -81.72 -47.39
N GLU B 1870 -48.23 -80.38 -47.46
CA GLU B 1870 -48.10 -79.72 -48.75
C GLU B 1870 -46.83 -80.14 -49.48
N VAL B 1871 -45.73 -80.25 -48.75
CA VAL B 1871 -44.45 -80.61 -49.36
C VAL B 1871 -43.99 -81.98 -48.85
N GLU B 1925 -51.84 -84.44 -38.72
CA GLU B 1925 -51.35 -83.07 -38.75
C GLU B 1925 -49.83 -83.03 -38.91
N GLY B 1926 -49.34 -82.00 -39.59
CA GLY B 1926 -47.91 -81.87 -39.79
C GLY B 1926 -47.18 -81.50 -38.51
N LEU B 1927 -45.87 -81.74 -38.53
CA LEU B 1927 -45.05 -81.44 -37.35
C LEU B 1927 -44.87 -79.94 -37.17
N LEU B 1928 -44.97 -79.17 -38.24
CA LEU B 1928 -44.83 -77.72 -38.13
C LEU B 1928 -45.97 -77.11 -37.34
N GLN B 1929 -47.20 -77.56 -37.57
CA GLN B 1929 -48.37 -76.95 -36.94
C GLN B 1929 -48.46 -77.28 -35.46
N MET B 1930 -48.09 -78.50 -35.06
CA MET B 1930 -48.25 -78.92 -33.68
C MET B 1930 -47.32 -78.13 -32.76
N LYS B 1931 -47.84 -77.71 -31.61
CA LYS B 1931 -47.03 -76.99 -30.64
C LYS B 1931 -46.01 -77.91 -30.00
N LEU B 1932 -44.85 -77.36 -29.67
CA LEU B 1932 -43.75 -78.13 -29.11
C LEU B 1932 -42.89 -77.18 -28.29
N PRO B 1933 -42.12 -77.72 -27.33
CA PRO B 1933 -41.23 -76.85 -26.55
C PRO B 1933 -40.11 -76.28 -27.41
N GLU B 1934 -39.35 -75.38 -26.81
CA GLU B 1934 -38.24 -74.74 -27.52
C GLU B 1934 -37.16 -75.74 -27.89
N SER B 1935 -36.99 -76.80 -27.09
CA SER B 1935 -35.98 -77.81 -27.41
C SER B 1935 -36.30 -78.55 -28.70
N VAL B 1936 -37.58 -78.86 -28.94
CA VAL B 1936 -37.97 -79.53 -30.18
C VAL B 1936 -37.73 -78.61 -31.38
N LYS B 1937 -38.03 -77.31 -31.22
CA LYS B 1937 -37.86 -76.37 -32.32
C LYS B 1937 -36.40 -76.22 -32.73
N LEU B 1938 -35.47 -76.31 -31.77
CA LEU B 1938 -34.05 -76.21 -32.10
C LEU B 1938 -33.64 -77.34 -33.04
N GLN B 1939 -34.07 -78.56 -32.75
CA GLN B 1939 -33.74 -79.68 -33.62
C GLN B 1939 -34.61 -79.69 -34.86
N MET B 1940 -35.77 -79.02 -34.81
CA MET B 1940 -36.61 -78.91 -35.99
C MET B 1940 -35.97 -77.99 -37.03
N CYS B 1941 -35.29 -76.94 -36.57
CA CYS B 1941 -34.57 -76.06 -37.49
C CYS B 1941 -33.43 -76.79 -38.19
N ASN B 1942 -32.69 -77.64 -37.45
CA ASN B 1942 -31.62 -78.42 -38.07
C ASN B 1942 -32.18 -79.38 -39.12
N LEU B 1943 -33.35 -79.96 -38.87
CA LEU B 1943 -33.98 -80.82 -39.87
C LEU B 1943 -34.28 -80.05 -41.15
N LEU B 1944 -34.84 -78.84 -41.03
CA LEU B 1944 -35.03 -77.98 -42.18
C LEU B 1944 -33.73 -77.40 -42.71
N GLU B 1945 -32.69 -77.33 -41.87
CA GLU B 1945 -31.40 -76.84 -42.34
C GLU B 1945 -30.84 -77.73 -43.43
N TYR B 1946 -31.00 -79.05 -43.29
CA TYR B 1946 -30.49 -79.98 -44.29
C TYR B 1946 -31.23 -79.83 -45.62
N PHE B 1947 -32.57 -79.74 -45.58
CA PHE B 1947 -33.35 -79.66 -46.81
C PHE B 1947 -33.08 -78.37 -47.56
N CYS B 1948 -32.80 -77.29 -46.84
CA CYS B 1948 -32.55 -76.00 -47.47
C CYS B 1948 -31.21 -75.97 -48.18
N ASP B 1949 -30.25 -76.77 -47.72
CA ASP B 1949 -28.99 -76.92 -48.43
C ASP B 1949 -29.13 -77.79 -49.68
N GLN B 1950 -30.07 -78.73 -49.69
CA GLN B 1950 -30.24 -79.61 -50.84
C GLN B 1950 -30.65 -78.84 -52.08
N GLU B 1951 -31.58 -77.89 -51.95
CA GLU B 1951 -31.97 -77.08 -53.10
C GLU B 1951 -30.84 -76.14 -53.51
N LEU B 1952 -30.05 -75.66 -52.54
CA LEU B 1952 -28.88 -74.85 -52.89
C LEU B 1952 -27.86 -75.68 -53.66
N GLN B 1953 -27.66 -76.94 -53.27
CA GLN B 1953 -26.78 -77.83 -54.01
C GLN B 1953 -27.29 -78.09 -55.42
N HIS B 1954 -28.62 -78.20 -55.58
CA HIS B 1954 -29.19 -78.44 -56.89
C HIS B 1954 -28.98 -77.25 -57.83
N ARG B 1955 -29.04 -76.03 -57.30
CA ARG B 1955 -28.87 -74.84 -58.12
C ARG B 1955 -27.44 -74.71 -58.65
N VAL B 1956 -26.44 -74.87 -57.78
CA VAL B 1956 -25.06 -74.74 -58.22
C VAL B 1956 -24.69 -75.85 -59.19
N GLU B 1957 -25.23 -77.06 -58.99
CA GLU B 1957 -24.92 -78.16 -59.89
C GLU B 1957 -25.58 -77.96 -61.25
N SER B 1958 -26.81 -77.44 -61.25
CA SER B 1958 -27.48 -77.15 -62.53
C SER B 1958 -26.74 -76.07 -63.32
N LEU B 1959 -26.10 -75.13 -62.63
CA LEU B 1959 -25.28 -74.15 -63.32
C LEU B 1959 -24.07 -74.80 -64.00
N ALA B 1960 -23.44 -75.76 -63.33
CA ALA B 1960 -22.32 -76.47 -63.94
C ALA B 1960 -22.74 -77.27 -65.16
N ALA B 1961 -23.89 -77.94 -65.09
CA ALA B 1961 -24.37 -78.73 -66.22
C ALA B 1961 -24.66 -77.84 -67.43
N PHE B 1962 -25.28 -76.69 -67.21
CA PHE B 1962 -25.54 -75.77 -68.31
C PHE B 1962 -24.24 -75.17 -68.84
N ALA B 1963 -23.26 -74.95 -67.96
CA ALA B 1963 -21.98 -74.41 -68.41
C ALA B 1963 -21.30 -75.36 -69.40
N GLU B 1964 -21.41 -76.67 -69.17
CA GLU B 1964 -20.81 -77.64 -70.08
C GLU B 1964 -21.45 -77.58 -71.47
N ARG B 1965 -22.78 -77.46 -71.53
CA ARG B 1965 -23.45 -77.38 -72.82
C ARG B 1965 -23.20 -76.05 -73.51
N TYR B 1966 -23.16 -74.95 -72.76
CA TYR B 1966 -22.96 -73.64 -73.35
C TYR B 1966 -21.56 -73.48 -73.94
N VAL B 1967 -20.54 -73.96 -73.23
CA VAL B 1967 -19.17 -73.79 -73.71
C VAL B 1967 -18.92 -74.60 -74.98
N ASP B 1968 -19.60 -75.73 -75.15
CA ASP B 1968 -19.42 -76.52 -76.37
C ASP B 1968 -19.90 -75.76 -77.59
N LYS B 1969 -21.03 -75.05 -77.48
CA LYS B 1969 -21.52 -74.26 -78.60
C LYS B 1969 -20.58 -73.11 -78.92
N LEU B 1970 -20.05 -72.43 -77.89
CA LEU B 1970 -19.12 -71.34 -78.11
C LEU B 1970 -17.82 -71.84 -78.73
N GLN B 1971 -17.34 -73.01 -78.29
CA GLN B 1971 -16.13 -73.57 -78.87
C GLN B 1971 -16.31 -73.89 -80.34
N ALA B 1972 -17.46 -74.47 -80.71
CA ALA B 1972 -17.73 -74.76 -82.11
C ALA B 1972 -17.90 -73.47 -82.92
N ASN B 1973 -18.60 -72.48 -82.36
CA ASN B 1973 -18.79 -71.22 -83.06
C ASN B 1973 -17.48 -70.47 -83.23
N GLN B 1974 -16.62 -70.49 -82.21
CA GLN B 1974 -15.33 -69.82 -82.33
C GLN B 1974 -14.46 -70.47 -83.39
N ARG B 1975 -14.44 -71.81 -83.44
CA ARG B 1975 -13.68 -72.50 -84.47
C ARG B 1975 -14.24 -72.23 -85.86
N ASP B 1976 -15.56 -72.20 -86.00
CA ASP B 1976 -16.16 -71.90 -87.29
C ASP B 1976 -15.82 -70.48 -87.74
N ARG B 1977 -15.84 -69.52 -86.82
CA ARG B 1977 -15.49 -68.15 -87.19
C ARG B 1977 -14.01 -67.99 -87.44
N TYR B 1978 -13.18 -68.88 -86.88
CA TYR B 1978 -11.75 -68.83 -87.14
C TYR B 1978 -11.45 -69.13 -88.61
N GLY B 1979 -12.07 -70.17 -89.17
CA GLY B 1979 -11.81 -70.52 -90.55
C GLY B 1979 -12.30 -69.49 -91.54
N ILE B 1980 -13.46 -68.89 -91.27
CA ILE B 1980 -14.02 -67.91 -92.19
C ILE B 1980 -13.11 -66.69 -92.30
N LEU B 1981 -12.63 -66.18 -91.15
CA LEU B 1981 -11.75 -65.02 -91.17
C LEU B 1981 -10.38 -65.36 -91.76
N MET B 1982 -9.90 -66.60 -91.53
CA MET B 1982 -8.57 -66.96 -91.99
C MET B 1982 -8.56 -67.34 -93.47
N LYS B 1983 -9.51 -68.18 -93.90
CA LYS B 1983 -9.52 -68.63 -95.29
C LYS B 1983 -9.87 -67.49 -96.24
N ALA B 1984 -10.93 -66.74 -95.93
CA ALA B 1984 -11.33 -65.64 -96.80
C ALA B 1984 -10.40 -64.45 -96.64
N PHE B 1985 -10.13 -63.78 -97.75
CA PHE B 1985 -9.25 -62.62 -97.73
C PHE B 1985 -9.93 -61.44 -97.04
N THR B 1986 -9.12 -60.60 -96.39
CA THR B 1986 -9.63 -59.42 -95.70
C THR B 1986 -9.53 -58.21 -96.61
N MET B 1987 -10.69 -57.59 -96.88
CA MET B 1987 -10.71 -56.42 -97.76
C MET B 1987 -9.95 -55.25 -97.15
N THR B 1988 -10.15 -55.00 -95.85
CA THR B 1988 -9.51 -53.90 -95.15
C THR B 1988 -8.65 -54.45 -94.01
N ALA B 1989 -7.45 -53.88 -93.86
CA ALA B 1989 -6.56 -54.30 -92.79
C ALA B 1989 -7.09 -53.91 -91.41
N ALA B 1990 -7.88 -52.84 -91.32
CA ALA B 1990 -8.44 -52.44 -90.03
C ALA B 1990 -9.39 -53.50 -89.49
N GLU B 1991 -10.22 -54.08 -90.36
CA GLU B 1991 -11.12 -55.15 -89.93
C GLU B 1991 -10.34 -56.38 -89.47
N THR B 1992 -9.27 -56.73 -90.20
CA THR B 1992 -8.44 -57.86 -89.81
C THR B 1992 -7.69 -57.58 -88.51
N ALA B 1993 -7.35 -56.31 -88.26
CA ALA B 1993 -6.67 -55.97 -87.02
C ALA B 1993 -7.56 -56.25 -85.80
N ARG B 1994 -8.85 -55.92 -85.91
CA ARG B 1994 -9.77 -56.22 -84.81
C ARG B 1994 -9.94 -57.72 -84.61
N ARG B 1995 -10.00 -58.49 -85.71
CA ARG B 1995 -10.11 -59.94 -85.59
C ARG B 1995 -8.88 -60.55 -84.92
N THR B 1996 -7.69 -60.05 -85.27
CA THR B 1996 -6.47 -60.58 -84.67
C THR B 1996 -6.35 -60.21 -83.20
N ARG B 1997 -6.90 -59.05 -82.80
CA ARG B 1997 -6.86 -58.64 -81.41
C ARG B 1997 -7.63 -59.60 -80.50
N GLU B 1998 -8.78 -60.09 -80.94
CA GLU B 1998 -9.53 -61.10 -80.21
C GLU B 1998 -8.87 -62.47 -80.29
N PHE B 1999 -8.28 -62.81 -81.44
CA PHE B 1999 -7.77 -64.15 -81.65
C PHE B 1999 -6.46 -64.36 -80.89
N ARG B 2000 -5.58 -63.36 -80.89
CA ARG B 2000 -4.33 -63.46 -80.15
C ARG B 2000 -4.50 -63.16 -78.66
N SER B 2001 -5.67 -62.69 -78.24
CA SER B 2001 -5.90 -62.40 -76.84
C SER B 2001 -5.95 -63.69 -76.02
N PRO B 2002 -5.65 -63.61 -74.73
CA PRO B 2002 -5.75 -64.80 -73.88
C PRO B 2002 -7.18 -65.29 -73.82
N PRO B 2003 -7.37 -66.60 -73.67
CA PRO B 2003 -8.74 -67.13 -73.62
C PRO B 2003 -9.57 -66.58 -72.48
N GLN B 2004 -8.95 -66.16 -71.37
CA GLN B 2004 -9.71 -65.56 -70.28
C GLN B 2004 -10.42 -64.29 -70.73
N GLU B 2005 -9.70 -63.40 -71.42
CA GLU B 2005 -10.33 -62.20 -71.94
C GLU B 2005 -11.22 -62.50 -73.15
N GLN B 2006 -10.95 -63.58 -73.87
CA GLN B 2006 -11.78 -63.94 -75.01
C GLN B 2006 -13.20 -64.30 -74.58
N ILE B 2007 -13.33 -65.04 -73.48
CA ILE B 2007 -14.65 -65.40 -72.98
C ILE B 2007 -15.40 -64.16 -72.48
N ASN B 2008 -14.70 -63.27 -71.79
CA ASN B 2008 -15.34 -62.08 -71.25
C ASN B 2008 -15.91 -61.19 -72.35
N MET B 2009 -15.16 -61.02 -73.45
CA MET B 2009 -15.65 -60.19 -74.55
C MET B 2009 -16.91 -60.76 -75.18
N LEU B 2010 -16.96 -62.09 -75.36
CA LEU B 2010 -18.13 -62.72 -75.94
C LEU B 2010 -19.33 -62.74 -74.99
N LEU B 2011 -19.09 -62.81 -73.69
CA LEU B 2011 -20.17 -62.92 -72.71
C LEU B 2011 -20.75 -61.56 -72.30
N HIS B 2012 -20.15 -60.46 -72.75
CA HIS B 2012 -20.64 -59.13 -72.40
C HIS B 2012 -21.55 -58.64 -73.52
N PHE B 2013 -22.83 -59.01 -73.43
CA PHE B 2013 -23.81 -58.60 -74.42
C PHE B 2013 -25.13 -58.15 -73.81
N LYS B 2014 -25.13 -57.83 -72.51
CA LYS B 2014 -26.35 -57.39 -71.83
C LYS B 2014 -26.83 -56.06 -72.37
N PRO B 2023 -20.77 -60.40 -81.53
CA PRO B 2023 -19.68 -61.26 -82.00
C PRO B 2023 -20.07 -62.73 -82.02
N LEU B 2024 -21.37 -62.99 -81.88
CA LEU B 2024 -21.90 -64.36 -81.89
C LEU B 2024 -23.36 -64.30 -82.29
N PRO B 2025 -23.86 -65.34 -82.98
CA PRO B 2025 -25.26 -65.31 -83.43
C PRO B 2025 -26.23 -65.22 -82.26
N ASP B 2026 -27.33 -64.50 -82.49
CA ASP B 2026 -28.31 -64.28 -81.42
C ASP B 2026 -28.99 -65.57 -80.98
N GLU B 2027 -28.98 -66.60 -81.82
CA GLU B 2027 -29.57 -67.88 -81.42
C GLU B 2027 -28.81 -68.50 -80.26
N ILE B 2028 -27.48 -68.42 -80.28
CA ILE B 2028 -26.68 -68.96 -79.18
C ILE B 2028 -26.90 -68.14 -77.92
N ARG B 2029 -26.96 -66.81 -78.05
CA ARG B 2029 -27.15 -65.95 -76.89
C ARG B 2029 -28.49 -66.16 -76.21
N GLN B 2030 -29.50 -66.66 -76.93
CA GLN B 2030 -30.80 -66.90 -76.32
C GLN B 2030 -30.78 -68.05 -75.33
N ASP B 2031 -29.83 -68.99 -75.47
CA ASP B 2031 -29.74 -70.10 -74.53
C ASP B 2031 -29.40 -69.61 -73.12
N LEU B 2032 -28.48 -68.66 -73.01
CA LEU B 2032 -28.10 -68.14 -71.70
C LEU B 2032 -29.25 -67.39 -71.04
N LEU B 2033 -30.05 -66.68 -71.85
CA LEU B 2033 -31.19 -65.94 -71.30
C LEU B 2033 -32.22 -66.87 -70.68
N GLU B 2034 -32.42 -68.05 -71.26
CA GLU B 2034 -33.37 -69.01 -70.70
C GLU B 2034 -32.94 -69.46 -69.32
N PHE B 2035 -31.64 -69.73 -69.14
CA PHE B 2035 -31.15 -70.15 -67.83
C PHE B 2035 -31.05 -68.98 -66.86
N HIS B 2036 -30.85 -67.76 -67.37
CA HIS B 2036 -30.70 -66.61 -66.48
C HIS B 2036 -31.99 -66.33 -65.71
N GLN B 2037 -33.13 -66.29 -66.41
CA GLN B 2037 -34.40 -66.07 -65.74
C GLN B 2037 -34.83 -67.30 -64.94
N ASP B 2038 -34.54 -68.49 -65.46
CA ASP B 2038 -34.86 -69.71 -64.73
C ASP B 2038 -34.10 -69.81 -63.42
N LEU B 2039 -32.82 -69.42 -63.42
CA LEU B 2039 -32.06 -69.39 -62.18
C LEU B 2039 -32.65 -68.39 -61.20
N LEU B 2040 -33.05 -67.21 -61.69
CA LEU B 2040 -33.66 -66.21 -60.81
C LEU B 2040 -35.01 -66.67 -60.28
N THR B 2041 -35.78 -67.40 -61.09
CA THR B 2041 -37.07 -67.89 -60.65
C THR B 2041 -36.94 -68.89 -59.51
N HIS B 2042 -35.93 -69.77 -59.57
CA HIS B 2042 -35.74 -70.77 -58.52
C HIS B 2042 -35.41 -70.11 -57.19
N CYS B 2043 -34.59 -69.06 -57.19
CA CYS B 2043 -34.26 -68.36 -55.96
C CYS B 2043 -35.42 -67.54 -55.40
N GLY B 2044 -36.50 -67.37 -56.17
CA GLY B 2044 -37.66 -66.64 -55.71
C GLY B 2044 -37.78 -65.24 -56.27
N ILE B 2045 -36.75 -64.72 -56.93
CA ILE B 2045 -36.79 -63.39 -57.50
C ILE B 2045 -37.62 -63.41 -58.77
N GLN B 2046 -38.59 -62.50 -58.87
CA GLN B 2046 -39.46 -62.42 -60.05
C GLN B 2046 -38.70 -61.92 -61.26
N LEU B 2092 -47.48 -70.96 -48.78
CA LEU B 2092 -47.08 -72.37 -48.84
C LEU B 2092 -46.72 -72.77 -50.26
N GLN B 2093 -46.89 -74.06 -50.56
CA GLN B 2093 -46.63 -74.65 -51.87
C GLN B 2093 -45.17 -74.52 -52.30
N SER B 2094 -44.27 -74.20 -51.38
CA SER B 2094 -42.86 -74.08 -51.70
C SER B 2094 -42.06 -74.21 -50.43
N LEU B 2095 -40.89 -74.84 -50.53
CA LEU B 2095 -40.02 -75.02 -49.36
C LEU B 2095 -39.56 -73.69 -48.80
N GLN B 2096 -39.14 -72.76 -49.67
CA GLN B 2096 -38.70 -71.45 -49.20
C GLN B 2096 -39.86 -70.66 -48.60
N GLU B 2097 -41.05 -70.77 -49.18
CA GLU B 2097 -42.21 -70.07 -48.62
C GLU B 2097 -42.70 -70.71 -47.32
N LEU B 2098 -42.62 -72.05 -47.23
CA LEU B 2098 -43.10 -72.73 -46.03
C LEU B 2098 -42.24 -72.40 -44.82
N VAL B 2099 -40.91 -72.51 -44.95
CA VAL B 2099 -40.02 -72.28 -43.83
C VAL B 2099 -40.06 -70.83 -43.38
N SER B 2100 -40.37 -69.90 -44.28
CA SER B 2100 -40.41 -68.49 -43.92
C SER B 2100 -41.60 -68.16 -43.02
N HIS B 2101 -42.75 -68.80 -43.23
CA HIS B 2101 -43.94 -68.54 -42.42
C HIS B 2101 -43.86 -69.15 -41.04
N THR B 2102 -43.29 -70.35 -40.91
CA THR B 2102 -43.24 -71.00 -39.62
C THR B 2102 -42.23 -70.35 -38.68
N VAL B 2103 -41.10 -69.89 -39.21
CA VAL B 2103 -40.09 -69.26 -38.37
C VAL B 2103 -40.59 -67.93 -37.82
N VAL B 2104 -41.35 -67.17 -38.61
CA VAL B 2104 -41.88 -65.91 -38.12
C VAL B 2104 -43.09 -66.13 -37.22
N ARG B 2105 -43.81 -67.24 -37.41
CA ARG B 2105 -44.94 -67.55 -36.53
C ARG B 2105 -44.47 -67.97 -35.15
N TRP B 2106 -43.32 -68.64 -35.07
CA TRP B 2106 -42.79 -69.03 -33.76
C TRP B 2106 -42.44 -67.82 -32.91
N ALA B 2107 -41.87 -66.78 -33.53
CA ALA B 2107 -41.52 -65.58 -32.80
C ALA B 2107 -42.77 -64.85 -32.30
N GLN B 2108 -43.85 -64.87 -33.08
CA GLN B 2108 -45.07 -64.19 -32.68
C GLN B 2108 -45.80 -64.91 -31.54
N GLU B 2109 -45.44 -66.16 -31.26
CA GLU B 2109 -46.12 -66.91 -30.21
C GLU B 2109 -45.77 -66.35 -28.83
N ASP B 2110 -44.49 -66.38 -28.46
CA ASP B 2110 -44.03 -65.89 -27.16
C ASP B 2110 -42.54 -65.62 -27.27
N PHE B 2111 -41.93 -65.26 -26.14
CA PHE B 2111 -40.50 -65.00 -26.11
C PHE B 2111 -39.74 -66.32 -26.13
N VAL B 2112 -38.64 -66.33 -26.89
CA VAL B 2112 -37.90 -67.58 -27.10
C VAL B 2112 -37.11 -67.97 -25.85
N GLN B 2113 -36.41 -67.00 -25.24
CA GLN B 2113 -35.59 -67.24 -24.04
C GLN B 2113 -34.59 -68.38 -24.25
N SER B 2114 -33.96 -68.44 -25.42
CA SER B 2114 -32.99 -69.49 -25.70
C SER B 2114 -31.96 -68.99 -26.71
N PRO B 2115 -30.73 -68.70 -26.27
CA PRO B 2115 -29.73 -68.16 -27.21
C PRO B 2115 -29.41 -69.09 -28.37
N GLU B 2116 -29.42 -70.40 -28.16
CA GLU B 2116 -29.13 -71.32 -29.24
C GLU B 2116 -30.27 -71.41 -30.25
N LEU B 2117 -31.49 -71.05 -29.85
CA LEU B 2117 -32.62 -71.11 -30.77
C LEU B 2117 -32.70 -69.87 -31.65
N VAL B 2118 -32.38 -68.69 -31.09
CA VAL B 2118 -32.50 -67.46 -31.86
C VAL B 2118 -31.57 -67.49 -33.07
N ARG B 2119 -30.34 -67.95 -32.87
CA ARG B 2119 -29.39 -68.01 -33.98
C ARG B 2119 -29.85 -69.01 -35.03
N ALA B 2120 -30.43 -70.14 -34.60
CA ALA B 2120 -30.89 -71.15 -35.55
C ALA B 2120 -32.07 -70.62 -36.38
N MET B 2121 -33.06 -70.02 -35.72
CA MET B 2121 -34.20 -69.50 -36.46
C MET B 2121 -33.79 -68.37 -37.41
N PHE B 2122 -32.92 -67.48 -36.95
CA PHE B 2122 -32.48 -66.38 -37.81
C PHE B 2122 -31.51 -66.85 -38.89
N SER B 2123 -30.80 -67.95 -38.66
CA SER B 2123 -30.01 -68.54 -39.74
C SER B 2123 -30.91 -69.02 -40.87
N LEU B 2124 -32.06 -69.60 -40.54
CA LEU B 2124 -33.03 -69.97 -41.55
C LEU B 2124 -33.64 -68.75 -42.22
N LEU B 2125 -33.78 -67.64 -41.50
CA LEU B 2125 -34.46 -66.47 -42.05
C LEU B 2125 -33.65 -65.83 -43.18
N HIS B 2126 -32.36 -65.61 -42.97
CA HIS B 2126 -31.58 -64.81 -43.92
C HIS B 2126 -31.34 -65.54 -45.23
N ARG B 2127 -31.06 -66.84 -45.17
CA ARG B 2127 -30.64 -67.57 -46.37
C ARG B 2127 -31.79 -67.73 -47.35
N GLN B 2128 -33.03 -67.79 -46.86
CA GLN B 2128 -34.16 -68.09 -47.74
C GLN B 2128 -34.78 -66.85 -48.37
N TYR B 2129 -34.29 -65.66 -48.00
CA TYR B 2129 -34.76 -64.42 -48.60
C TYR B 2129 -33.82 -63.87 -49.66
N ASP B 2130 -32.55 -64.29 -49.66
CA ASP B 2130 -31.57 -63.91 -50.67
C ASP B 2130 -31.01 -65.19 -51.29
N GLY B 2131 -31.70 -65.70 -52.30
CA GLY B 2131 -31.21 -66.88 -53.00
C GLY B 2131 -29.96 -66.61 -53.81
N LEU B 2132 -29.89 -65.46 -54.48
CA LEU B 2132 -28.72 -65.13 -55.27
C LEU B 2132 -27.47 -64.94 -54.42
N GLY B 2133 -27.63 -64.31 -53.24
CA GLY B 2133 -26.48 -64.10 -52.37
C GLY B 2133 -25.88 -65.41 -51.87
N GLU B 2134 -26.73 -66.37 -51.51
CA GLU B 2134 -26.23 -67.68 -51.07
C GLU B 2134 -25.52 -68.39 -52.20
N LEU B 2135 -26.07 -68.33 -53.42
CA LEU B 2135 -25.40 -68.93 -54.56
C LEU B 2135 -24.12 -68.18 -54.91
N LEU B 2136 -24.07 -66.87 -54.62
CA LEU B 2136 -22.88 -66.08 -54.93
C LEU B 2136 -21.68 -66.55 -54.13
N ARG B 2137 -21.87 -66.93 -52.87
CA ARG B 2137 -20.78 -67.35 -52.01
C ARG B 2137 -20.35 -68.80 -52.25
N ALA B 2138 -21.23 -69.64 -52.78
CA ALA B 2138 -20.91 -71.04 -53.00
C ALA B 2138 -20.20 -71.31 -54.32
N LEU B 2139 -20.35 -70.42 -55.30
CA LEU B 2139 -19.74 -70.57 -56.62
C LEU B 2139 -18.20 -70.61 -56.55
N PRO B 2140 -17.53 -69.75 -55.77
CA PRO B 2140 -16.06 -69.86 -55.69
C PRO B 2140 -15.58 -71.21 -55.19
N ARG B 2141 -16.35 -71.89 -54.36
CA ARG B 2141 -15.98 -73.22 -53.88
C ARG B 2141 -16.30 -74.33 -54.87
N ALA B 2142 -17.01 -74.02 -55.96
CA ALA B 2142 -17.36 -75.02 -56.95
C ALA B 2142 -16.18 -75.28 -57.88
N TYR B 2143 -16.14 -76.50 -58.43
CA TYR B 2143 -15.08 -76.89 -59.35
C TYR B 2143 -15.60 -78.00 -60.25
N THR B 2144 -15.05 -78.07 -61.46
CA THR B 2144 -15.42 -79.08 -62.44
C THR B 2144 -14.22 -79.97 -62.72
N ILE B 2145 -14.43 -81.28 -62.70
CA ILE B 2145 -13.36 -82.26 -62.87
C ILE B 2145 -13.70 -83.17 -64.04
N SER B 2146 -12.66 -83.63 -64.73
CA SER B 2146 -12.84 -84.54 -65.85
C SER B 2146 -13.34 -85.91 -65.34
N PRO B 2147 -14.16 -86.60 -66.13
CA PRO B 2147 -14.62 -87.93 -65.71
C PRO B 2147 -13.49 -88.93 -65.53
N SER B 2148 -12.43 -88.83 -66.32
CA SER B 2148 -11.31 -89.75 -66.17
C SER B 2148 -10.51 -89.51 -64.90
N SER B 2149 -10.65 -88.34 -64.28
CA SER B 2149 -9.92 -87.99 -63.07
C SER B 2149 -10.77 -88.17 -61.81
N VAL B 2150 -11.93 -88.80 -61.93
CA VAL B 2150 -12.80 -89.00 -60.76
C VAL B 2150 -12.12 -89.91 -59.74
N GLU B 2151 -11.51 -91.01 -60.21
CA GLU B 2151 -10.86 -91.94 -59.31
C GLU B 2151 -9.70 -91.30 -58.56
N ASP B 2152 -8.88 -90.49 -59.26
CA ASP B 2152 -7.76 -89.83 -58.60
C ASP B 2152 -8.25 -88.80 -57.58
N THR B 2153 -9.31 -88.07 -57.91
CA THR B 2153 -9.82 -87.06 -56.99
C THR B 2153 -10.49 -87.69 -55.78
N MET B 2154 -11.08 -88.88 -55.94
CA MET B 2154 -11.72 -89.55 -54.81
C MET B 2154 -10.70 -89.88 -53.73
N SER B 2155 -9.51 -90.36 -54.12
CA SER B 2155 -8.47 -90.64 -53.14
C SER B 2155 -7.97 -89.38 -52.46
N LEU B 2156 -7.86 -88.27 -53.20
CA LEU B 2156 -7.47 -87.00 -52.60
C LEU B 2156 -8.54 -86.49 -51.65
N LEU B 2157 -9.82 -86.68 -51.99
CA LEU B 2157 -10.89 -86.20 -51.12
C LEU B 2157 -10.89 -86.96 -49.79
N GLU B 2158 -10.66 -88.27 -49.83
CA GLU B 2158 -10.62 -89.06 -48.60
C GLU B 2158 -9.43 -88.69 -47.73
N CYS B 2159 -8.27 -88.42 -48.35
CA CYS B 2159 -7.10 -88.01 -47.58
C CYS B 2159 -7.31 -86.68 -46.88
N LEU B 2160 -8.02 -85.74 -47.53
CA LEU B 2160 -8.29 -84.46 -46.91
C LEU B 2160 -9.16 -84.61 -45.66
N GLY B 2161 -10.08 -85.58 -45.66
CA GLY B 2161 -10.91 -85.79 -44.49
C GLY B 2161 -10.13 -86.18 -43.26
N GLN B 2162 -9.07 -86.97 -43.43
CA GLN B 2162 -8.22 -87.34 -42.30
C GLN B 2162 -7.50 -86.14 -41.71
N ILE B 2163 -7.03 -85.22 -42.55
CA ILE B 2163 -6.35 -84.04 -42.06
C ILE B 2163 -7.32 -83.11 -41.33
N ARG B 2164 -8.50 -82.88 -41.90
CA ARG B 2164 -9.47 -81.99 -41.27
C ARG B 2164 -9.96 -82.56 -39.94
N SER B 2165 -10.18 -83.87 -39.87
CA SER B 2165 -10.53 -84.50 -38.61
C SER B 2165 -9.38 -84.44 -37.61
N LEU B 2166 -8.14 -84.36 -38.09
CA LEU B 2166 -6.99 -84.24 -37.20
C LEU B 2166 -6.84 -82.85 -36.62
N LEU B 2167 -7.39 -81.82 -37.26
CA LEU B 2167 -7.23 -80.46 -36.79
C LEU B 2167 -7.90 -80.23 -35.45
N ILE B 2168 -9.03 -80.90 -35.20
CA ILE B 2168 -9.80 -80.66 -33.98
C ILE B 2168 -9.29 -81.48 -32.80
N VAL B 2169 -8.60 -82.58 -33.05
CA VAL B 2169 -8.12 -83.47 -32.00
C VAL B 2169 -6.71 -83.06 -31.61
N GLN B 2170 -6.36 -83.24 -30.33
CA GLN B 2170 -5.00 -82.96 -29.91
C GLN B 2170 -4.05 -83.99 -30.50
N MET B 2171 -2.95 -83.51 -31.03
CA MET B 2171 -2.02 -84.33 -31.80
C MET B 2171 -1.31 -85.36 -30.92
N GLY B 2172 -0.99 -86.52 -31.52
CA GLY B 2172 -0.37 -87.59 -30.78
C GLY B 2172 0.61 -88.39 -31.63
N PRO B 2173 1.25 -89.40 -31.00
CA PRO B 2173 2.24 -90.21 -31.73
C PRO B 2173 1.64 -90.99 -32.89
N GLN B 2174 0.54 -91.69 -32.64
CA GLN B 2174 -0.15 -92.40 -33.72
C GLN B 2174 -0.69 -91.42 -34.76
N GLU B 2175 -1.22 -90.28 -34.31
CA GLU B 2175 -1.76 -89.29 -35.25
C GLU B 2175 -0.67 -88.69 -36.11
N GLU B 2176 0.57 -88.62 -35.61
CA GLU B 2176 1.66 -88.12 -36.42
C GLU B 2176 1.93 -89.00 -37.62
N ASN B 2177 1.89 -90.33 -37.43
CA ASN B 2177 2.15 -91.26 -38.53
C ASN B 2177 1.09 -91.15 -39.62
N LEU B 2178 -0.18 -90.96 -39.24
CA LEU B 2178 -1.23 -90.85 -40.23
C LEU B 2178 -1.05 -89.64 -41.15
N MET B 2179 -0.67 -88.50 -40.58
CA MET B 2179 -0.47 -87.30 -41.39
C MET B 2179 0.72 -87.44 -42.32
N ILE B 2180 1.79 -88.11 -41.87
CA ILE B 2180 2.94 -88.33 -42.73
C ILE B 2180 2.53 -89.16 -43.94
N GLN B 2181 1.74 -90.22 -43.72
CA GLN B 2181 1.18 -90.98 -44.82
C GLN B 2181 0.20 -90.15 -45.65
N SER B 2182 -0.46 -89.16 -45.03
CA SER B 2182 -1.41 -88.32 -45.76
C SER B 2182 -0.69 -87.37 -46.70
N ILE B 2183 0.40 -86.74 -46.22
CA ILE B 2183 1.16 -85.84 -47.07
C ILE B 2183 1.80 -86.59 -48.23
N GLY B 2184 2.33 -87.78 -47.96
CA GLY B 2184 2.92 -88.57 -49.03
C GLY B 2184 1.91 -88.98 -50.08
N ASN B 2185 0.68 -89.29 -49.68
CA ASN B 2185 -0.36 -89.64 -50.63
C ASN B 2185 -0.73 -88.46 -51.52
N ILE B 2186 -0.83 -87.26 -50.96
CA ILE B 2186 -1.12 -86.07 -51.77
C ILE B 2186 0.03 -85.76 -52.71
N MET B 2187 1.26 -85.90 -52.23
CA MET B 2187 2.44 -85.61 -53.04
C MET B 2187 2.54 -86.50 -54.27
N ASN B 2188 1.97 -87.71 -54.22
CA ASN B 2188 2.02 -88.65 -55.34
C ASN B 2188 0.75 -88.62 -56.19
N ASN B 2189 -0.13 -87.65 -55.98
CA ASN B 2189 -1.38 -87.57 -56.71
C ASN B 2189 -1.24 -86.66 -57.92
N LYS B 2190 -1.85 -87.07 -59.03
CA LYS B 2190 -1.75 -86.31 -60.27
C LYS B 2190 -2.55 -85.02 -60.25
N VAL B 2191 -3.72 -85.02 -59.59
CA VAL B 2191 -4.56 -83.84 -59.57
C VAL B 2191 -3.90 -82.70 -58.81
N PHE B 2192 -3.08 -83.01 -57.80
CA PHE B 2192 -2.44 -81.97 -57.00
C PHE B 2192 -1.58 -81.05 -57.86
N TYR B 2193 -0.72 -81.65 -58.70
CA TYR B 2193 0.14 -80.84 -59.57
C TYR B 2193 -0.63 -80.29 -60.78
N GLN B 2194 -1.55 -81.08 -61.34
CA GLN B 2194 -2.24 -80.67 -62.56
C GLN B 2194 -3.32 -79.63 -62.29
N HIS B 2195 -3.93 -79.62 -61.11
CA HIS B 2195 -5.05 -78.74 -60.78
C HIS B 2195 -4.73 -77.95 -59.52
N PRO B 2196 -3.95 -76.88 -59.64
CA PRO B 2196 -3.69 -76.02 -58.46
C PRO B 2196 -4.91 -75.23 -58.03
N ASN B 2197 -5.81 -74.90 -58.96
CA ASN B 2197 -6.98 -74.10 -58.59
C ASN B 2197 -7.95 -74.89 -57.72
N LEU B 2198 -8.09 -76.20 -57.96
CA LEU B 2198 -8.92 -77.02 -57.11
C LEU B 2198 -8.41 -77.04 -55.68
N MET B 2199 -7.10 -77.10 -55.50
CA MET B 2199 -6.53 -77.30 -54.17
C MET B 2199 -6.68 -76.06 -53.31
N ARG B 2200 -6.59 -74.87 -53.91
CA ARG B 2200 -6.81 -73.62 -53.17
C ARG B 2200 -8.29 -73.39 -52.91
N ALA B 2201 -9.17 -73.81 -53.82
CA ALA B 2201 -10.60 -73.59 -53.65
C ALA B 2201 -11.13 -74.33 -52.42
N LEU B 2202 -10.58 -75.49 -52.10
CA LEU B 2202 -10.98 -76.22 -50.91
C LEU B 2202 -10.27 -75.74 -49.66
N GLY B 2203 -9.39 -74.75 -49.77
CA GLY B 2203 -8.72 -74.17 -48.62
C GLY B 2203 -7.78 -75.13 -47.91
N MET B 2204 -6.98 -75.88 -48.67
CA MET B 2204 -6.02 -76.79 -48.08
C MET B 2204 -4.94 -76.07 -47.30
N HIS B 2205 -4.40 -74.98 -47.85
CA HIS B 2205 -3.26 -74.31 -47.22
C HIS B 2205 -3.64 -73.76 -45.85
N GLU B 2206 -4.91 -73.41 -45.65
CA GLU B 2206 -5.36 -73.01 -44.33
C GLU B 2206 -5.33 -74.18 -43.34
N THR B 2207 -5.73 -75.36 -43.78
CA THR B 2207 -5.81 -76.51 -42.89
C THR B 2207 -4.43 -76.96 -42.43
N VAL B 2208 -3.48 -77.11 -43.35
CA VAL B 2208 -2.14 -77.56 -42.98
C VAL B 2208 -1.42 -76.49 -42.15
N MET B 2209 -1.60 -75.21 -42.50
CA MET B 2209 -0.99 -74.15 -41.72
C MET B 2209 -1.52 -74.12 -40.29
N GLU B 2210 -2.83 -74.33 -40.12
CA GLU B 2210 -3.41 -74.35 -38.79
C GLU B 2210 -2.95 -75.55 -37.97
N VAL B 2211 -2.63 -76.67 -38.62
CA VAL B 2211 -2.20 -77.86 -37.88
C VAL B 2211 -0.82 -77.65 -37.27
N MET B 2212 0.13 -77.08 -38.03
CA MET B 2212 1.50 -76.96 -37.54
C MET B 2212 1.62 -75.91 -36.45
N VAL B 2213 0.71 -74.92 -36.42
CA VAL B 2213 0.74 -73.96 -35.31
C VAL B 2213 0.31 -74.64 -34.01
N ASN B 2214 -0.62 -75.59 -34.08
CA ASN B 2214 -1.10 -76.28 -32.88
C ASN B 2214 0.02 -77.05 -32.19
N VAL B 2215 0.92 -77.67 -32.95
CA VAL B 2215 2.07 -78.31 -32.33
C VAL B 2215 3.11 -77.31 -31.85
N LEU B 2216 3.37 -76.24 -32.62
CA LEU B 2216 4.44 -75.33 -32.26
C LEU B 2216 4.10 -74.50 -31.02
N GLY B 2217 2.82 -74.24 -30.78
CA GLY B 2217 2.39 -73.57 -29.57
C GLY B 2217 2.08 -74.56 -28.46
N ARG B 2225 7.96 -80.48 -29.98
CA ARG B 2225 7.86 -81.93 -29.89
C ARG B 2225 7.59 -82.56 -31.25
N PHE B 2226 7.91 -83.86 -31.37
CA PHE B 2226 7.75 -84.62 -32.60
C PHE B 2226 8.42 -83.91 -33.78
N PRO B 2227 9.75 -84.00 -33.88
CA PRO B 2227 10.45 -83.32 -34.98
C PRO B 2227 10.18 -83.95 -36.35
N LYS B 2228 9.67 -85.17 -36.42
CA LYS B 2228 9.46 -85.82 -37.72
C LYS B 2228 8.42 -85.08 -38.54
N MET B 2229 7.31 -84.69 -37.92
CA MET B 2229 6.22 -84.02 -38.62
C MET B 2229 6.53 -82.57 -38.97
N VAL B 2230 7.27 -81.86 -38.10
CA VAL B 2230 7.46 -80.43 -38.30
C VAL B 2230 8.26 -80.16 -39.57
N THR B 2231 9.21 -81.04 -39.90
CA THR B 2231 9.94 -80.89 -41.15
C THR B 2231 9.08 -81.23 -42.36
N SER B 2232 8.25 -82.26 -42.26
CA SER B 2232 7.47 -82.72 -43.42
C SER B 2232 6.50 -81.66 -43.91
N CYS B 2233 5.80 -80.98 -42.99
CA CYS B 2233 4.85 -79.96 -43.43
C CYS B 2233 5.56 -78.78 -44.08
N CYS B 2234 6.76 -78.44 -43.60
CA CYS B 2234 7.53 -77.37 -44.25
C CYS B 2234 7.94 -77.76 -45.66
N ARG B 2235 8.35 -79.00 -45.87
CA ARG B 2235 8.59 -79.48 -47.24
C ARG B 2235 7.34 -79.30 -48.10
N PHE B 2236 6.18 -79.69 -47.58
CA PHE B 2236 4.95 -79.65 -48.36
C PHE B 2236 4.52 -78.22 -48.66
N LEU B 2237 4.81 -77.27 -47.76
CA LEU B 2237 4.44 -75.89 -48.01
C LEU B 2237 5.34 -75.24 -49.05
N CYS B 2238 6.65 -75.48 -48.99
CA CYS B 2238 7.55 -74.96 -50.02
C CYS B 2238 7.26 -75.56 -51.38
N TYR B 2239 6.93 -76.86 -51.42
CA TYR B 2239 6.52 -77.48 -52.67
C TYR B 2239 5.23 -76.87 -53.21
N PHE B 2240 4.35 -76.43 -52.32
CA PHE B 2240 3.08 -75.84 -52.74
C PHE B 2240 3.28 -74.54 -53.51
N CYS B 2241 4.25 -73.73 -53.09
CA CYS B 2241 4.50 -72.45 -53.76
C CYS B 2241 5.11 -72.64 -55.15
N ARG B 2242 5.85 -73.73 -55.36
CA ARG B 2242 6.52 -73.96 -56.64
C ARG B 2242 5.56 -74.42 -57.74
N ILE B 2243 4.34 -74.83 -57.39
CA ILE B 2243 3.40 -75.28 -58.42
C ILE B 2243 3.00 -74.13 -59.31
N SER B 2244 2.66 -72.98 -58.73
CA SER B 2244 2.19 -71.84 -59.50
C SER B 2244 2.48 -70.55 -58.73
N ARG B 2245 2.46 -69.44 -59.47
CA ARG B 2245 2.66 -68.13 -58.87
C ARG B 2245 1.50 -67.75 -57.97
N GLN B 2246 0.27 -68.08 -58.35
CA GLN B 2246 -0.89 -67.78 -57.52
C GLN B 2246 -0.80 -68.48 -56.18
N ASN B 2247 -0.35 -69.74 -56.16
CA ASN B 2247 -0.21 -70.47 -54.90
C ASN B 2247 0.80 -69.81 -53.99
N GLN B 2248 1.91 -69.30 -54.56
CA GLN B 2248 2.89 -68.58 -53.76
C GLN B 2248 2.34 -67.28 -53.22
N ARG B 2249 1.44 -66.63 -53.97
CA ARG B 2249 0.84 -65.38 -53.49
C ARG B 2249 -0.07 -65.62 -52.30
N SER B 2250 -0.75 -66.77 -52.26
CA SER B 2250 -1.63 -67.08 -51.13
C SER B 2250 -0.84 -67.17 -49.82
N MET B 2251 0.34 -67.80 -49.87
CA MET B 2251 1.18 -67.90 -48.69
C MET B 2251 1.73 -66.55 -48.26
N PHE B 2252 1.88 -65.60 -49.19
CA PHE B 2252 2.40 -64.29 -48.84
C PHE B 2252 1.46 -63.54 -47.90
N ASP B 2253 0.15 -63.70 -48.08
CA ASP B 2253 -0.80 -63.04 -47.18
C ASP B 2253 -0.67 -63.56 -45.76
N HIS B 2254 -0.44 -64.86 -45.60
CA HIS B 2254 -0.27 -65.48 -44.30
C HIS B 2254 1.18 -65.52 -43.85
N LEU B 2255 2.09 -64.89 -44.60
CA LEU B 2255 3.50 -64.91 -44.24
C LEU B 2255 3.76 -64.20 -42.92
N SER B 2256 2.94 -63.21 -42.57
CA SER B 2256 3.10 -62.52 -41.29
C SER B 2256 2.86 -63.45 -40.12
N TYR B 2257 1.88 -64.36 -40.23
CA TYR B 2257 1.61 -65.31 -39.16
C TYR B 2257 2.79 -66.27 -38.96
N LEU B 2258 3.42 -66.71 -40.06
CA LEU B 2258 4.54 -67.64 -39.96
C LEU B 2258 5.73 -67.01 -39.25
N LEU B 2259 6.01 -65.73 -39.51
CA LEU B 2259 7.15 -65.07 -38.87
C LEU B 2259 6.97 -64.98 -37.36
N GLU B 2260 5.73 -64.80 -36.89
CA GLU B 2260 5.49 -64.71 -35.45
C GLU B 2260 5.81 -66.03 -34.76
N ASN B 2261 5.45 -67.15 -35.38
CA ASN B 2261 5.71 -68.46 -34.77
C ASN B 2261 7.16 -68.89 -34.90
N SER B 2262 7.92 -68.29 -35.81
CA SER B 2262 9.32 -68.68 -35.97
C SER B 2262 10.17 -68.25 -34.77
N GLY B 2263 9.86 -67.10 -34.20
CA GLY B 2263 10.61 -66.60 -33.06
C GLY B 2263 10.40 -67.41 -31.79
N SER B 2271 12.09 -77.18 -42.66
CA SER B 2271 12.38 -77.58 -41.29
C SER B 2271 11.72 -76.63 -40.30
N THR B 2272 11.66 -75.35 -40.65
CA THR B 2272 11.10 -74.32 -39.80
C THR B 2272 10.09 -73.52 -40.60
N PRO B 2273 9.10 -72.91 -39.93
CA PRO B 2273 8.17 -72.02 -40.66
C PRO B 2273 8.86 -70.82 -41.28
N LEU B 2274 10.04 -70.44 -40.80
CA LEU B 2274 10.78 -69.35 -41.43
C LEU B 2274 11.18 -69.70 -42.85
N ASP B 2275 11.55 -70.96 -43.11
CA ASP B 2275 11.88 -71.38 -44.46
C ASP B 2275 10.68 -71.28 -45.40
N VAL B 2276 9.47 -71.50 -44.87
CA VAL B 2276 8.27 -71.33 -45.68
C VAL B 2276 8.10 -69.87 -46.10
N ALA B 2277 8.38 -68.94 -45.18
CA ALA B 2277 8.28 -67.52 -45.52
C ALA B 2277 9.28 -67.14 -46.60
N ALA B 2278 10.50 -67.68 -46.55
CA ALA B 2278 11.49 -67.40 -47.58
C ALA B 2278 11.04 -67.90 -48.94
N ALA B 2279 10.42 -69.09 -48.99
CA ALA B 2279 9.95 -69.64 -50.26
C ALA B 2279 8.78 -68.86 -50.85
N SER B 2280 8.03 -68.14 -50.01
CA SER B 2280 6.89 -67.38 -50.50
C SER B 2280 7.29 -66.07 -51.16
N VAL B 2281 8.53 -65.63 -50.96
CA VAL B 2281 9.01 -64.38 -51.54
C VAL B 2281 10.03 -64.61 -52.66
N ILE B 2282 10.78 -65.70 -52.62
CA ILE B 2282 11.83 -65.94 -53.61
C ILE B 2282 11.21 -66.11 -55.00
N ASP B 2283 11.98 -65.69 -56.02
CA ASP B 2283 11.64 -65.85 -57.43
C ASP B 2283 10.39 -65.08 -57.84
N ASN B 2284 10.02 -64.04 -57.10
CA ASN B 2284 8.87 -63.20 -57.44
C ASN B 2284 9.18 -61.77 -57.05
N ASN B 2285 9.27 -60.89 -58.05
CA ASN B 2285 9.59 -59.49 -57.79
C ASN B 2285 8.39 -58.71 -57.26
N GLU B 2286 7.17 -59.14 -57.62
CA GLU B 2286 5.98 -58.40 -57.19
C GLU B 2286 5.82 -58.45 -55.67
N LEU B 2287 5.99 -59.63 -55.06
CA LEU B 2287 5.83 -59.74 -53.62
C LEU B 2287 7.01 -59.11 -52.87
N ALA B 2288 8.19 -59.09 -53.49
CA ALA B 2288 9.34 -58.43 -52.86
C ALA B 2288 9.10 -56.94 -52.67
N LEU B 2289 8.50 -56.28 -53.66
CA LEU B 2289 8.19 -54.86 -53.53
C LEU B 2289 7.09 -54.62 -52.49
N ALA B 2290 6.15 -55.55 -52.37
CA ALA B 2290 5.02 -55.40 -51.47
C ALA B 2290 5.30 -55.92 -50.07
N LEU B 2291 6.53 -56.36 -49.78
CA LEU B 2291 6.87 -56.83 -48.45
C LEU B 2291 6.77 -55.68 -47.46
N GLN B 2292 6.02 -55.90 -46.37
CA GLN B 2292 5.76 -54.85 -45.41
C GLN B 2292 6.99 -54.56 -44.56
N GLU B 2293 7.15 -53.29 -44.19
CA GLU B 2293 8.31 -52.89 -43.40
C GLU B 2293 8.28 -53.48 -41.99
N GLN B 2294 7.08 -53.69 -41.44
CA GLN B 2294 6.98 -54.26 -40.10
C GLN B 2294 7.49 -55.70 -40.06
N ASP B 2295 7.29 -56.45 -41.15
CA ASP B 2295 7.83 -57.81 -41.23
C ASP B 2295 9.36 -57.79 -41.17
N LEU B 2296 9.98 -56.86 -41.91
CA LEU B 2296 11.43 -56.73 -41.84
C LEU B 2296 11.88 -56.26 -40.46
N GLU B 2297 11.12 -55.36 -39.84
CA GLU B 2297 11.44 -54.91 -38.49
C GLU B 2297 11.38 -56.07 -37.49
N LYS B 2298 10.52 -57.06 -37.75
CA LYS B 2298 10.49 -58.23 -36.88
C LYS B 2298 11.75 -59.07 -37.02
N VAL B 2299 12.23 -59.27 -38.26
CA VAL B 2299 13.38 -60.14 -38.48
C VAL B 2299 14.62 -59.57 -37.80
N VAL B 2300 14.84 -58.25 -37.92
CA VAL B 2300 16.01 -57.65 -37.30
C VAL B 2300 15.91 -57.69 -35.78
N SER B 2301 14.69 -57.60 -35.24
CA SER B 2301 14.53 -57.69 -33.79
C SER B 2301 14.95 -59.06 -33.26
N TYR B 2302 14.54 -60.14 -33.96
CA TYR B 2302 14.99 -61.47 -33.56
C TYR B 2302 16.48 -61.64 -33.82
N LEU B 2303 17.02 -60.96 -34.82
CA LEU B 2303 18.47 -61.01 -35.06
C LEU B 2303 19.23 -60.42 -33.89
N ALA B 2304 18.72 -59.33 -33.30
CA ALA B 2304 19.34 -58.77 -32.11
C ALA B 2304 19.28 -59.73 -30.93
N GLY B 2305 18.17 -60.47 -30.80
CA GLY B 2305 18.06 -61.46 -29.73
C GLY B 2305 19.07 -62.58 -29.86
N CYS B 2306 19.36 -63.01 -31.10
CA CYS B 2306 20.37 -64.03 -31.30
C CYS B 2306 21.76 -63.54 -30.94
N GLY B 2307 22.03 -62.25 -31.11
CA GLY B 2307 23.31 -61.68 -30.75
C GLY B 2307 23.49 -61.39 -29.28
N LEU B 2308 22.44 -61.54 -28.47
CA LEU B 2308 22.51 -61.27 -27.05
C LEU B 2308 22.77 -62.54 -26.24
N GLN B 2309 22.06 -63.62 -26.55
CA GLN B 2309 22.18 -64.88 -25.83
C GLN B 2309 22.41 -66.02 -26.82
N SER B 2310 22.90 -67.14 -26.30
CA SER B 2310 23.19 -68.33 -27.10
C SER B 2310 22.63 -69.57 -26.40
N CYS B 2311 21.37 -69.49 -25.98
CA CYS B 2311 20.74 -70.60 -25.29
C CYS B 2311 20.70 -71.88 -26.11
N PRO B 2312 20.33 -71.89 -27.39
CA PRO B 2312 20.32 -73.15 -28.14
C PRO B 2312 21.72 -73.71 -28.33
N MET B 2313 21.76 -75.03 -28.50
CA MET B 2313 23.03 -75.77 -28.69
C MET B 2313 23.98 -75.56 -27.52
N LEU B 2314 23.42 -75.54 -26.30
CA LEU B 2314 24.23 -75.39 -25.10
C LEU B 2314 24.67 -76.74 -24.54
N LEU B 2315 23.79 -77.73 -24.53
CA LEU B 2315 24.14 -79.04 -23.99
C LEU B 2315 25.13 -79.76 -24.91
N ALA B 2316 24.88 -79.73 -26.21
CA ALA B 2316 25.72 -80.39 -27.21
C ALA B 2316 26.48 -79.34 -28.01
N LYS B 2317 27.80 -79.54 -28.12
CA LYS B 2317 28.68 -78.64 -28.86
C LYS B 2317 28.62 -77.21 -28.31
N GLY B 2318 28.35 -77.08 -27.02
CA GLY B 2318 28.27 -75.77 -26.39
C GLY B 2318 29.38 -75.51 -25.39
N TYR B 2319 30.45 -76.30 -25.47
CA TYR B 2319 31.59 -76.16 -24.58
C TYR B 2319 32.21 -74.77 -24.71
N PRO B 2320 32.32 -74.24 -25.93
CA PRO B 2320 32.87 -72.88 -26.08
C PRO B 2320 32.05 -71.83 -25.35
N ASP B 2321 30.73 -71.99 -25.29
CA ASP B 2321 29.84 -71.07 -24.56
C ASP B 2321 30.02 -69.62 -25.02
N ILE B 2322 29.92 -69.41 -26.33
CA ILE B 2322 30.02 -68.06 -26.87
C ILE B 2322 28.75 -67.27 -26.53
N GLY B 2323 28.91 -65.96 -26.43
CA GLY B 2323 27.81 -65.12 -25.98
C GLY B 2323 26.64 -65.08 -26.95
N TRP B 2324 26.91 -64.94 -28.24
CA TRP B 2324 25.87 -64.77 -29.24
C TRP B 2324 25.60 -66.07 -29.97
N ASN B 2325 24.35 -66.25 -30.39
CA ASN B 2325 23.93 -67.47 -31.08
C ASN B 2325 24.03 -67.25 -32.59
N PRO B 2326 24.95 -67.91 -33.29
CA PRO B 2326 25.05 -67.72 -34.74
C PRO B 2326 24.04 -68.56 -35.51
N CYS B 2327 23.67 -69.72 -34.97
CA CYS B 2327 22.76 -70.62 -35.67
C CYS B 2327 21.38 -69.99 -35.83
N GLY B 2328 20.89 -69.33 -34.79
CA GLY B 2328 19.58 -68.69 -34.88
C GLY B 2328 19.57 -67.55 -35.87
N GLY B 2329 20.59 -66.69 -35.84
CA GLY B 2329 20.64 -65.54 -36.73
C GLY B 2329 20.95 -65.89 -38.17
N GLU B 2330 21.52 -67.06 -38.42
CA GLU B 2330 21.81 -67.46 -39.80
C GLU B 2330 20.54 -67.63 -40.61
N ARG B 2331 19.50 -68.22 -40.02
CA ARG B 2331 18.24 -68.40 -40.72
C ARG B 2331 17.59 -67.06 -41.04
N TYR B 2332 17.63 -66.12 -40.10
CA TYR B 2332 17.05 -64.80 -40.34
C TYR B 2332 17.79 -64.06 -41.46
N LEU B 2333 19.12 -64.18 -41.49
CA LEU B 2333 19.90 -63.58 -42.56
C LEU B 2333 19.58 -64.19 -43.92
N ASP B 2334 19.25 -65.48 -43.96
CA ASP B 2334 18.88 -66.12 -45.21
C ASP B 2334 17.57 -65.55 -45.77
N PHE B 2335 16.60 -65.29 -44.89
CA PHE B 2335 15.33 -64.71 -45.34
C PHE B 2335 15.51 -63.31 -45.90
N LEU B 2336 16.40 -62.51 -45.31
CA LEU B 2336 16.62 -61.15 -45.79
C LEU B 2336 17.30 -61.14 -47.16
N ARG B 2337 18.10 -62.17 -47.46
CA ARG B 2337 18.77 -62.23 -48.76
C ARG B 2337 17.77 -62.33 -49.91
N PHE B 2338 16.74 -63.17 -49.76
CA PHE B 2338 15.77 -63.33 -50.82
C PHE B 2338 14.84 -62.12 -50.96
N ALA B 2339 14.73 -61.30 -49.91
CA ALA B 2339 13.87 -60.13 -49.97
C ALA B 2339 14.51 -59.01 -50.78
N VAL B 2340 15.83 -58.85 -50.69
CA VAL B 2340 16.51 -57.75 -51.36
C VAL B 2340 17.06 -58.17 -52.72
N PHE B 2341 17.46 -59.44 -52.87
CA PHE B 2341 18.03 -59.95 -54.10
C PHE B 2341 17.03 -60.89 -54.75
N VAL B 2342 16.47 -60.47 -55.89
CA VAL B 2342 15.54 -61.28 -56.65
C VAL B 2342 15.85 -61.13 -58.14
N ASN B 2343 15.86 -62.25 -58.86
CA ASN B 2343 16.09 -62.27 -60.30
C ASN B 2343 17.40 -61.59 -60.70
N GLY B 2344 18.39 -61.64 -59.81
CA GLY B 2344 19.67 -61.03 -60.10
C GLY B 2344 19.69 -59.51 -60.06
N GLU B 2345 18.63 -58.89 -59.56
CA GLU B 2345 18.54 -57.43 -59.49
C GLU B 2345 18.25 -57.02 -58.05
N SER B 2346 18.90 -55.96 -57.61
CA SER B 2346 18.74 -55.48 -56.25
C SER B 2346 17.55 -54.51 -56.17
N VAL B 2347 16.71 -54.70 -55.16
CA VAL B 2347 15.58 -53.81 -54.93
C VAL B 2347 16.03 -52.72 -53.98
N GLU B 2348 16.06 -51.47 -54.46
CA GLU B 2348 16.56 -50.38 -53.63
C GLU B 2348 15.60 -50.03 -52.50
N GLU B 2349 14.30 -50.29 -52.68
CA GLU B 2349 13.35 -50.08 -51.60
C GLU B 2349 13.64 -51.01 -50.42
N ASN B 2350 13.78 -52.31 -50.70
CA ASN B 2350 14.12 -53.25 -49.64
C ASN B 2350 15.53 -53.01 -49.11
N ALA B 2351 16.49 -52.71 -49.98
CA ALA B 2351 17.86 -52.52 -49.54
C ALA B 2351 17.99 -51.31 -48.61
N ASN B 2352 17.31 -50.20 -48.96
CA ASN B 2352 17.40 -49.00 -48.14
C ASN B 2352 16.79 -49.24 -46.76
N VAL B 2353 15.68 -49.97 -46.69
CA VAL B 2353 15.06 -50.26 -45.41
C VAL B 2353 15.95 -51.18 -44.58
N VAL B 2354 16.57 -52.18 -45.22
CA VAL B 2354 17.42 -53.12 -44.48
C VAL B 2354 18.63 -52.41 -43.89
N VAL B 2355 19.32 -51.60 -44.70
CA VAL B 2355 20.53 -50.93 -44.20
C VAL B 2355 20.18 -49.92 -43.12
N ARG B 2356 18.99 -49.32 -43.19
CA ARG B 2356 18.58 -48.37 -42.17
C ARG B 2356 18.42 -49.04 -40.81
N LEU B 2357 17.83 -50.23 -40.78
CA LEU B 2357 17.62 -50.93 -39.51
C LEU B 2357 18.86 -51.69 -39.05
N LEU B 2358 19.65 -52.23 -40.00
CA LEU B 2358 20.83 -52.99 -39.62
C LEU B 2358 21.86 -52.12 -38.91
N ILE B 2359 22.09 -50.89 -39.40
CA ILE B 2359 23.06 -50.00 -38.77
C ILE B 2359 22.50 -49.25 -37.58
N ARG B 2360 21.17 -49.21 -37.43
CA ARG B 2360 20.59 -48.48 -36.31
C ARG B 2360 20.87 -49.18 -34.98
N LYS B 2361 20.74 -50.51 -34.96
CA LYS B 2361 20.96 -51.28 -33.74
C LYS B 2361 22.24 -52.09 -33.87
N PRO B 2362 23.27 -51.80 -33.07
CA PRO B 2362 24.51 -52.60 -33.14
C PRO B 2362 24.35 -54.03 -32.63
N GLU B 2363 23.26 -54.34 -31.91
CA GLU B 2363 23.08 -55.69 -31.40
C GLU B 2363 22.92 -56.71 -32.51
N CYS B 2364 22.20 -56.36 -33.58
CA CYS B 2364 22.02 -57.28 -34.70
C CYS B 2364 23.34 -57.55 -35.41
N PHE B 2365 24.22 -56.55 -35.50
CA PHE B 2365 25.54 -56.75 -36.07
C PHE B 2365 26.41 -57.59 -35.15
N GLY B 2366 27.58 -57.97 -35.64
CA GLY B 2366 28.54 -58.72 -34.85
C GLY B 2366 28.98 -57.95 -33.62
N PRO B 2367 28.95 -58.61 -32.46
CA PRO B 2367 29.35 -57.94 -31.21
C PRO B 2367 30.80 -57.52 -31.18
N ALA B 2368 31.66 -58.09 -32.03
CA ALA B 2368 33.07 -57.72 -32.02
C ALA B 2368 33.31 -56.29 -32.44
N LEU B 2369 32.42 -55.71 -33.23
CA LEU B 2369 32.57 -54.32 -33.67
C LEU B 2369 31.67 -53.39 -32.85
N LEU B 2377 36.62 -56.93 -38.10
CA LEU B 2377 35.89 -58.03 -38.72
C LEU B 2377 36.86 -59.14 -39.14
N LEU B 2378 38.06 -58.75 -39.56
CA LEU B 2378 39.06 -59.73 -39.96
C LEU B 2378 39.53 -60.56 -38.78
N ALA B 2379 39.67 -59.95 -37.61
CA ALA B 2379 40.14 -60.68 -36.43
C ALA B 2379 39.18 -61.78 -36.04
N THR B 2380 37.87 -61.50 -36.09
CA THR B 2380 36.89 -62.52 -35.73
C THR B 2380 36.89 -63.67 -36.73
N ILE B 2381 37.01 -63.35 -38.03
CA ILE B 2381 37.01 -64.40 -39.05
C ILE B 2381 38.26 -65.25 -38.93
N GLU B 2382 39.41 -64.65 -38.60
CA GLU B 2382 40.63 -65.42 -38.44
C GLU B 2382 40.56 -66.34 -37.23
N GLU B 2383 39.83 -65.93 -36.19
CA GLU B 2383 39.68 -66.76 -34.99
C GLU B 2383 38.76 -67.94 -35.25
N GLY B 2420 31.94 -72.83 -33.80
CA GLY B 2420 33.08 -72.54 -34.64
C GLY B 2420 32.71 -72.29 -36.09
N HIS B 2421 32.19 -73.33 -36.74
CA HIS B 2421 31.78 -73.19 -38.14
C HIS B 2421 30.63 -72.20 -38.30
N ALA B 2422 29.67 -72.22 -37.37
CA ALA B 2422 28.55 -71.29 -37.46
C ALA B 2422 28.97 -69.84 -37.21
N ILE B 2423 30.10 -69.64 -36.52
CA ILE B 2423 30.59 -68.28 -36.28
C ILE B 2423 30.97 -67.61 -37.59
N MET B 2424 31.75 -68.30 -38.42
CA MET B 2424 32.16 -67.74 -39.70
C MET B 2424 31.03 -67.76 -40.71
N SER B 2425 30.06 -68.67 -40.54
CA SER B 2425 28.91 -68.71 -41.44
C SER B 2425 27.99 -67.51 -41.23
N PHE B 2426 27.82 -67.08 -39.98
CA PHE B 2426 26.97 -65.91 -39.69
C PHE B 2426 27.55 -64.66 -40.33
N TYR B 2427 28.86 -64.46 -40.19
CA TYR B 2427 29.49 -63.28 -40.78
C TYR B 2427 29.49 -63.35 -42.30
N ALA B 2428 29.65 -64.54 -42.88
CA ALA B 2428 29.61 -64.68 -44.32
C ALA B 2428 28.24 -64.30 -44.87
N ALA B 2429 27.17 -64.73 -44.20
CA ALA B 2429 25.82 -64.36 -44.63
C ALA B 2429 25.56 -62.88 -44.40
N LEU B 2430 26.18 -62.29 -43.38
CA LEU B 2430 25.98 -60.86 -43.12
C LEU B 2430 26.60 -60.00 -44.23
N ILE B 2431 27.84 -60.32 -44.61
CA ILE B 2431 28.49 -59.56 -45.69
C ILE B 2431 27.80 -59.84 -47.03
N ASP B 2432 27.36 -61.08 -47.26
CA ASP B 2432 26.63 -61.38 -48.48
C ASP B 2432 25.32 -60.60 -48.54
N LEU B 2433 24.62 -60.48 -47.42
CA LEU B 2433 23.42 -59.66 -47.37
C LEU B 2433 23.73 -58.20 -47.65
N LEU B 2434 24.82 -57.69 -47.06
CA LEU B 2434 25.20 -56.30 -47.28
C LEU B 2434 25.58 -56.06 -48.73
N GLY B 2435 26.20 -57.05 -49.38
CA GLY B 2435 26.55 -56.91 -50.79
C GLY B 2435 25.35 -56.72 -51.69
N ARG B 2436 24.24 -57.41 -51.41
CA ARG B 2436 23.03 -57.25 -52.20
C ARG B 2436 22.41 -55.86 -52.06
N CYS B 2437 22.70 -55.16 -50.97
CA CYS B 2437 22.15 -53.82 -50.79
C CYS B 2437 22.77 -52.79 -51.73
N ALA B 2438 23.93 -53.08 -52.29
CA ALA B 2438 24.57 -52.14 -53.21
C ALA B 2438 23.74 -52.00 -54.49
N PRO B 2439 23.67 -50.80 -55.06
CA PRO B 2439 22.89 -50.61 -56.30
C PRO B 2439 23.45 -51.45 -57.44
N GLU B 2440 22.55 -52.04 -58.22
CA GLU B 2440 22.97 -52.93 -59.31
C GLU B 2440 23.44 -52.13 -60.52
N MET B 2441 22.68 -51.14 -60.95
CA MET B 2441 23.03 -50.38 -62.13
C MET B 2441 24.19 -49.44 -61.85
N HIS B 2442 25.17 -49.42 -62.75
CA HIS B 2442 26.26 -48.47 -62.63
C HIS B 2442 25.76 -47.04 -62.76
N LEU B 2443 24.73 -46.82 -63.59
CA LEU B 2443 24.11 -45.50 -63.66
C LEU B 2443 23.44 -45.15 -62.33
N ILE B 2444 22.78 -46.12 -61.69
CA ILE B 2444 22.18 -45.88 -60.39
C ILE B 2444 23.23 -45.61 -59.32
N GLN B 2445 24.37 -46.31 -59.38
CA GLN B 2445 25.41 -46.12 -58.39
C GLN B 2445 26.05 -44.73 -58.49
N ALA B 2446 26.31 -44.25 -59.71
CA ALA B 2446 26.99 -42.99 -59.91
C ALA B 2446 26.15 -41.95 -60.63
N GLY B 2447 25.62 -42.28 -61.80
CA GLY B 2447 24.92 -41.28 -62.60
C GLY B 2447 23.62 -40.82 -61.97
N LYS B 2448 22.79 -41.76 -61.51
CA LYS B 2448 21.49 -41.41 -60.98
C LYS B 2448 21.60 -40.65 -59.67
N GLY B 2449 22.52 -41.06 -58.80
CA GLY B 2449 22.66 -40.43 -57.50
C GLY B 2449 21.70 -41.00 -56.48
N GLU B 2450 21.66 -40.32 -55.33
CA GLU B 2450 20.82 -40.69 -54.19
C GLU B 2450 21.19 -42.07 -53.64
N ALA B 2451 22.31 -42.63 -54.11
CA ALA B 2451 22.80 -43.91 -53.64
C ALA B 2451 24.26 -43.85 -53.19
N LEU B 2452 24.91 -42.69 -53.30
CA LEU B 2452 26.30 -42.57 -52.88
C LEU B 2452 26.44 -42.75 -51.38
N ARG B 2453 25.50 -42.22 -50.59
CA ARG B 2453 25.57 -42.35 -49.14
C ARG B 2453 25.50 -43.81 -48.71
N ILE B 2454 24.58 -44.58 -49.30
CA ILE B 2454 24.47 -46.00 -48.95
C ILE B 2454 25.75 -46.73 -49.30
N ARG B 2455 26.36 -46.42 -50.45
CA ARG B 2455 27.66 -46.99 -50.78
C ARG B 2455 28.71 -46.58 -49.77
N ALA B 2456 28.68 -45.32 -49.32
CA ALA B 2456 29.62 -44.87 -48.29
C ALA B 2456 29.37 -45.57 -46.96
N ILE B 2457 28.11 -45.75 -46.58
CA ILE B 2457 27.80 -46.45 -45.34
C ILE B 2457 28.27 -47.90 -45.41
N LEU B 2458 28.00 -48.56 -46.54
CA LEU B 2458 28.49 -49.93 -46.73
C LEU B 2458 30.02 -49.97 -46.72
N ARG B 2459 30.66 -48.96 -47.31
CA ARG B 2459 32.12 -48.90 -47.29
C ARG B 2459 32.67 -48.74 -45.89
N SER B 2460 32.03 -47.92 -45.06
CA SER B 2460 32.50 -47.71 -43.70
C SER B 2460 32.37 -48.96 -42.84
N LEU B 2461 31.27 -49.70 -43.00
CA LEU B 2461 31.07 -50.91 -42.20
C LEU B 2461 32.11 -51.97 -42.51
N VAL B 2462 32.46 -52.14 -43.78
CA VAL B 2462 33.40 -53.18 -44.20
C VAL B 2462 34.58 -52.54 -44.92
N PRO B 2463 35.77 -52.51 -44.31
CA PRO B 2463 36.90 -51.84 -44.94
C PRO B 2463 37.58 -52.69 -46.01
N LEU B 2464 38.48 -52.03 -46.76
CA LEU B 2464 39.29 -52.72 -47.76
C LEU B 2464 40.24 -53.74 -47.13
N ASP B 2465 40.87 -53.36 -46.02
CA ASP B 2465 41.88 -54.22 -45.41
C ASP B 2465 41.29 -55.55 -44.96
N ASP B 2466 40.06 -55.53 -44.44
CA ASP B 2466 39.43 -56.77 -43.98
C ASP B 2466 39.04 -57.69 -45.13
N LEU B 2467 38.62 -57.13 -46.26
CA LEU B 2467 38.16 -57.96 -47.37
C LEU B 2467 39.30 -58.76 -47.98
N VAL B 2468 40.42 -58.11 -48.30
CA VAL B 2468 41.52 -58.80 -48.95
C VAL B 2468 42.19 -59.82 -48.04
N GLY B 2469 42.27 -59.54 -46.74
CA GLY B 2469 42.91 -60.47 -45.83
C GLY B 2469 42.16 -61.78 -45.66
N ILE B 2470 40.84 -61.72 -45.60
CA ILE B 2470 40.04 -62.93 -45.40
C ILE B 2470 40.12 -63.83 -46.64
N ILE B 2471 40.15 -63.23 -47.83
CA ILE B 2471 40.32 -64.01 -49.06
C ILE B 2471 41.68 -64.71 -49.05
N SER B 2472 42.71 -64.03 -48.55
CA SER B 2472 44.04 -64.61 -48.48
C SER B 2472 44.09 -65.64 -47.36
N LEU B 2473 44.32 -66.90 -47.72
CA LEU B 2473 44.35 -67.98 -46.75
C LEU B 2473 45.41 -69.02 -47.10
N PRO B 2489 40.78 -86.02 -46.38
CA PRO B 2489 39.75 -85.07 -46.81
C PRO B 2489 39.40 -84.05 -45.73
N LYS B 2490 39.32 -82.77 -46.11
CA LYS B 2490 38.99 -81.72 -45.16
C LYS B 2490 37.53 -81.83 -44.72
N MET B 2491 37.30 -81.72 -43.42
CA MET B 2491 35.95 -81.80 -42.89
C MET B 2491 35.15 -80.57 -43.29
N SER B 2492 33.86 -80.79 -43.58
CA SER B 2492 32.99 -79.67 -43.94
C SER B 2492 32.80 -78.71 -42.77
N ALA B 2493 32.94 -79.20 -41.53
CA ALA B 2493 32.82 -78.36 -40.36
C ALA B 2493 34.04 -77.49 -40.11
N SER B 2494 35.16 -77.77 -40.78
CA SER B 2494 36.37 -76.97 -40.60
C SER B 2494 36.30 -75.67 -41.39
N PHE B 2495 36.17 -75.78 -42.72
CA PHE B 2495 36.11 -74.61 -43.58
C PHE B 2495 35.28 -74.94 -44.81
N VAL B 2496 34.56 -73.94 -45.31
CA VAL B 2496 33.78 -74.06 -46.53
C VAL B 2496 34.19 -72.92 -47.46
N PRO B 2497 34.62 -73.20 -48.69
CA PRO B 2497 35.05 -72.12 -49.59
C PRO B 2497 33.92 -71.22 -50.07
N ASP B 2498 32.66 -71.63 -49.88
CA ASP B 2498 31.54 -70.81 -50.34
C ASP B 2498 31.45 -69.50 -49.58
N HIS B 2499 31.91 -69.47 -48.33
CA HIS B 2499 31.83 -68.25 -47.53
C HIS B 2499 32.65 -67.12 -48.13
N LYS B 2500 33.71 -67.45 -48.87
CA LYS B 2500 34.52 -66.42 -49.50
C LYS B 2500 33.84 -65.79 -50.71
N ALA B 2501 32.79 -66.43 -51.23
CA ALA B 2501 32.02 -65.83 -52.32
C ALA B 2501 31.30 -64.57 -51.86
N SER B 2502 30.95 -64.49 -50.58
CA SER B 2502 30.35 -63.28 -50.04
C SER B 2502 31.31 -62.10 -50.07
N MET B 2503 32.61 -62.38 -50.09
CA MET B 2503 33.60 -61.30 -50.04
C MET B 2503 33.89 -60.75 -51.42
N VAL B 2504 34.03 -61.64 -52.41
CA VAL B 2504 34.18 -61.18 -53.79
C VAL B 2504 32.92 -60.51 -54.30
N LEU B 2505 31.75 -60.96 -53.83
CA LEU B 2505 30.51 -60.26 -54.18
C LEU B 2505 30.50 -58.85 -53.64
N PHE B 2506 30.93 -58.66 -52.39
CA PHE B 2506 30.98 -57.33 -51.80
C PHE B 2506 32.06 -56.45 -52.42
N LEU B 2507 33.14 -57.06 -52.93
CA LEU B 2507 34.24 -56.27 -53.47
C LEU B 2507 33.84 -55.58 -54.76
N ASP B 2508 33.22 -56.31 -55.69
CA ASP B 2508 32.85 -55.73 -56.98
C ASP B 2508 31.55 -54.94 -56.92
N ARG B 2509 30.75 -55.13 -55.87
CA ARG B 2509 29.44 -54.49 -55.80
C ARG B 2509 29.53 -53.15 -55.08
N VAL B 2510 30.43 -53.01 -54.11
CA VAL B 2510 30.57 -51.78 -53.35
C VAL B 2510 31.83 -51.06 -53.80
N TYR B 2511 32.96 -51.76 -53.75
CA TYR B 2511 34.26 -51.19 -54.06
C TYR B 2511 34.68 -51.38 -55.51
N GLY B 2512 33.88 -52.08 -56.31
CA GLY B 2512 34.23 -52.35 -57.70
C GLY B 2512 35.35 -53.35 -57.85
N PHE B 2518 47.64 -52.60 -56.23
CA PHE B 2518 46.66 -52.28 -57.26
C PHE B 2518 45.71 -53.44 -57.49
N LEU B 2519 45.05 -53.43 -58.65
CA LEU B 2519 44.12 -54.51 -58.98
C LEU B 2519 44.85 -55.84 -59.14
N LEU B 2520 46.03 -55.82 -59.75
CA LEU B 2520 46.79 -57.06 -59.93
C LEU B 2520 47.28 -57.64 -58.61
N HIS B 2521 47.36 -56.82 -57.55
CA HIS B 2521 47.78 -57.33 -56.25
C HIS B 2521 46.77 -58.31 -55.66
N VAL B 2522 45.51 -58.23 -56.07
CA VAL B 2522 44.50 -59.15 -55.57
C VAL B 2522 44.43 -60.43 -56.42
N LEU B 2523 44.77 -60.35 -57.70
CA LEU B 2523 44.69 -61.52 -58.57
C LEU B 2523 45.66 -62.61 -58.14
N ASP B 2524 46.89 -62.24 -57.76
CA ASP B 2524 47.85 -63.23 -57.31
C ASP B 2524 47.37 -63.94 -56.05
N VAL B 2525 46.64 -63.24 -55.18
CA VAL B 2525 46.02 -63.89 -54.04
C VAL B 2525 44.98 -64.91 -54.51
N GLY B 2526 44.16 -64.54 -55.49
CA GLY B 2526 43.17 -65.46 -56.02
C GLY B 2526 43.73 -66.52 -56.95
N PHE B 2527 44.98 -66.35 -57.41
CA PHE B 2527 45.61 -67.35 -58.26
C PHE B 2527 46.06 -68.57 -57.47
N LEU B 2528 46.34 -68.42 -56.17
CA LEU B 2528 46.74 -69.57 -55.37
C LEU B 2528 45.66 -70.65 -55.31
N PRO B 2529 44.39 -70.33 -55.05
CA PRO B 2529 43.36 -71.39 -55.16
C PRO B 2529 43.26 -71.99 -56.55
N ASP B 2530 43.50 -71.19 -57.60
CA ASP B 2530 43.48 -71.74 -58.95
C ASP B 2530 44.58 -72.78 -59.15
N MET B 2531 45.78 -72.51 -58.64
CA MET B 2531 46.85 -73.49 -58.72
C MET B 2531 46.58 -74.69 -57.84
N ARG B 2532 45.96 -74.48 -56.67
CA ARG B 2532 45.65 -75.60 -55.78
C ARG B 2532 44.58 -76.51 -56.37
N ALA B 2533 43.65 -75.95 -57.15
CA ALA B 2533 42.61 -76.78 -57.76
C ALA B 2533 43.18 -77.72 -58.81
N ALA B 2534 44.29 -77.35 -59.44
CA ALA B 2534 44.91 -78.19 -60.45
C ALA B 2534 45.60 -79.40 -59.82
N ALA B 2548 37.26 -79.51 -53.54
CA ALA B 2548 36.76 -80.56 -54.42
C ALA B 2548 35.74 -80.00 -55.41
N LEU B 2549 34.54 -80.58 -55.41
CA LEU B 2549 33.49 -80.11 -56.29
C LEU B 2549 33.03 -78.70 -55.93
N ALA B 2550 32.97 -78.39 -54.63
CA ALA B 2550 32.57 -77.05 -54.22
C ALA B 2550 33.58 -76.00 -54.69
N LEU B 2551 34.87 -76.31 -54.61
CA LEU B 2551 35.90 -75.38 -55.08
C LEU B 2551 35.80 -75.15 -56.59
N ASN B 2552 35.52 -76.20 -57.35
CA ASN B 2552 35.39 -76.04 -58.80
C ASN B 2552 34.21 -75.14 -59.15
N ARG B 2553 33.08 -75.32 -58.46
CA ARG B 2553 31.94 -74.42 -58.68
C ARG B 2553 32.21 -73.03 -58.13
N TYR B 2554 33.08 -72.92 -57.12
CA TYR B 2554 33.43 -71.61 -56.59
C TYR B 2554 34.17 -70.76 -57.61
N LEU B 2555 35.21 -71.32 -58.23
CA LEU B 2555 36.02 -70.54 -59.17
C LEU B 2555 35.22 -70.14 -60.40
N CYS B 2556 34.32 -71.00 -60.87
CA CYS B 2556 33.52 -70.69 -62.05
C CYS B 2556 32.55 -69.55 -61.79
N LEU B 2557 31.96 -69.48 -60.60
CA LEU B 2557 30.96 -68.47 -60.29
C LEU B 2557 31.56 -67.15 -59.79
N ALA B 2558 32.75 -67.20 -59.21
CA ALA B 2558 33.36 -66.00 -58.63
C ALA B 2558 34.64 -65.58 -59.34
N VAL B 2559 35.62 -66.47 -59.46
CA VAL B 2559 36.90 -66.10 -60.06
C VAL B 2559 36.74 -65.86 -61.56
N LEU B 2560 36.02 -66.73 -62.24
CA LEU B 2560 35.83 -66.64 -63.68
C LEU B 2560 35.09 -65.35 -64.06
N PRO B 2561 34.02 -65.01 -63.34
CA PRO B 2561 33.26 -63.81 -63.70
C PRO B 2561 34.00 -62.52 -63.39
N LEU B 2562 34.77 -62.51 -62.29
CA LEU B 2562 35.51 -61.31 -61.90
C LEU B 2562 36.60 -60.98 -62.92
N ILE B 2563 37.30 -62.00 -63.42
CA ILE B 2563 38.38 -61.76 -64.37
C ILE B 2563 37.84 -61.26 -65.70
N THR B 2564 36.68 -61.77 -66.13
CA THR B 2564 36.11 -61.37 -67.41
C THR B 2564 35.76 -59.88 -67.42
N LYS B 2565 35.21 -59.37 -66.33
CA LYS B 2565 34.82 -57.96 -66.27
C LYS B 2565 36.03 -57.04 -66.19
N CYS B 2566 37.13 -57.51 -65.59
CA CYS B 2566 38.33 -56.70 -65.42
C CYS B 2566 39.39 -57.00 -66.47
N ALA B 2567 38.98 -57.52 -67.62
CA ALA B 2567 39.90 -57.83 -68.71
C ALA B 2567 40.61 -56.61 -69.27
N PRO B 2568 39.92 -55.50 -69.58
CA PRO B 2568 40.62 -54.34 -70.16
C PRO B 2568 41.65 -53.70 -69.23
N LEU B 2569 41.61 -53.98 -67.93
CA LEU B 2569 42.55 -53.36 -67.00
C LEU B 2569 43.99 -53.76 -67.27
N PHE B 2570 44.22 -54.93 -67.88
CA PHE B 2570 45.59 -55.37 -68.15
C PHE B 2570 46.23 -54.48 -69.21
N ALA B 2571 47.49 -54.11 -68.97
CA ALA B 2571 48.23 -53.25 -69.89
C ALA B 2571 49.73 -53.43 -69.70
N MET B 2579 53.91 -63.12 -63.52
CA MET B 2579 52.61 -63.35 -62.91
C MET B 2579 51.53 -63.57 -63.95
N VAL B 2580 51.62 -62.84 -65.06
CA VAL B 2580 50.65 -62.97 -66.13
C VAL B 2580 50.74 -64.34 -66.78
N ASP B 2581 51.96 -64.82 -67.04
CA ASP B 2581 52.13 -66.10 -67.72
C ASP B 2581 51.55 -67.25 -66.91
N SER B 2582 51.57 -67.16 -65.58
CA SER B 2582 50.99 -68.22 -64.76
C SER B 2582 49.47 -68.20 -64.85
N MET B 2583 48.86 -67.04 -65.08
CA MET B 2583 47.41 -66.95 -65.15
C MET B 2583 46.86 -67.74 -66.33
N LEU B 2584 47.49 -67.60 -67.50
CA LEU B 2584 47.04 -68.34 -68.68
C LEU B 2584 47.25 -69.84 -68.52
N HIS B 2585 48.34 -70.24 -67.88
CA HIS B 2585 48.61 -71.67 -67.67
C HIS B 2585 47.59 -72.30 -66.72
N THR B 2586 47.22 -71.60 -65.64
CA THR B 2586 46.31 -72.16 -64.67
C THR B 2586 44.91 -72.34 -65.25
N VAL B 2587 44.42 -71.36 -66.00
CA VAL B 2587 43.09 -71.47 -66.60
C VAL B 2587 43.06 -72.61 -67.62
N TYR B 2588 44.11 -72.71 -68.44
CA TYR B 2588 44.20 -73.84 -69.36
C TYR B 2588 44.31 -75.16 -68.63
N ARG B 2589 45.06 -75.21 -67.54
CA ARG B 2589 45.20 -76.45 -66.77
C ARG B 2589 43.87 -76.90 -66.20
N LEU B 2590 43.08 -75.96 -65.67
CA LEU B 2590 41.79 -76.31 -65.10
C LEU B 2590 40.75 -76.64 -66.17
N SER B 2591 40.96 -76.19 -67.41
CA SER B 2591 40.01 -76.50 -68.47
C SER B 2591 39.97 -77.99 -68.76
N ARG B 2592 41.13 -78.65 -68.78
CA ARG B 2592 41.21 -80.08 -69.04
C ARG B 2592 41.06 -80.86 -67.74
N GLY B 2593 39.87 -80.75 -67.15
CA GLY B 2593 39.57 -81.43 -65.90
C GLY B 2593 38.42 -82.39 -66.00
N ARG B 2594 38.65 -83.65 -65.61
CA ARG B 2594 37.61 -84.68 -65.66
C ARG B 2594 36.56 -84.52 -64.56
N SER B 2595 36.84 -83.71 -63.54
CA SER B 2595 35.90 -83.52 -62.45
C SER B 2595 34.99 -82.32 -62.66
N LEU B 2596 35.52 -81.23 -63.20
CA LEU B 2596 34.73 -80.02 -63.42
C LEU B 2596 34.14 -80.03 -64.84
N THR B 2597 33.17 -80.93 -65.02
CA THR B 2597 32.48 -81.09 -66.29
C THR B 2597 30.99 -80.75 -66.21
N LYS B 2598 30.51 -80.29 -65.05
CA LYS B 2598 29.08 -79.97 -64.89
C LYS B 2598 28.81 -78.59 -65.49
N ALA B 2599 28.80 -78.57 -66.83
CA ALA B 2599 28.57 -77.35 -67.61
C ALA B 2599 29.55 -76.25 -67.26
N GLN B 2600 30.78 -76.63 -66.89
CA GLN B 2600 31.81 -75.66 -66.54
C GLN B 2600 32.56 -75.12 -67.75
N ARG B 2601 32.50 -75.80 -68.88
CA ARG B 2601 33.22 -75.34 -70.07
C ARG B 2601 32.58 -74.10 -70.68
N ASP B 2602 31.30 -73.84 -70.39
CA ASP B 2602 30.62 -72.67 -70.94
C ASP B 2602 31.05 -71.37 -70.28
N VAL B 2603 31.57 -71.42 -69.06
CA VAL B 2603 31.97 -70.21 -68.35
C VAL B 2603 33.48 -70.02 -68.42
N ILE B 2604 34.22 -71.13 -68.49
CA ILE B 2604 35.67 -71.03 -68.64
C ILE B 2604 36.05 -70.55 -70.02
N GLU B 2605 35.41 -71.09 -71.07
CA GLU B 2605 35.73 -70.67 -72.43
C GLU B 2605 35.28 -69.24 -72.69
N GLU B 2606 34.18 -68.81 -72.07
CA GLU B 2606 33.72 -67.42 -72.24
C GLU B 2606 34.74 -66.45 -71.69
N CYS B 2607 35.32 -66.76 -70.52
CA CYS B 2607 36.34 -65.89 -69.95
C CYS B 2607 37.67 -66.03 -70.67
N LEU B 2608 38.00 -67.23 -71.17
CA LEU B 2608 39.26 -67.43 -71.87
C LEU B 2608 39.34 -66.59 -73.14
N MET B 2609 38.25 -66.53 -73.90
CA MET B 2609 38.24 -65.73 -75.11
C MET B 2609 38.38 -64.24 -74.80
N ALA B 2610 37.71 -63.78 -73.73
CA ALA B 2610 37.83 -62.38 -73.35
C ALA B 2610 39.20 -62.06 -72.78
N LEU B 2611 39.86 -63.05 -72.17
CA LEU B 2611 41.19 -62.83 -71.58
C LEU B 2611 42.31 -62.97 -72.60
N CYS B 2612 42.09 -63.74 -73.67
CA CYS B 2612 43.14 -63.92 -74.68
C CYS B 2612 43.42 -62.62 -75.42
N ARG B 2613 42.41 -61.78 -75.62
CA ARG B 2613 42.58 -60.52 -76.31
C ARG B 2613 43.32 -59.51 -75.43
N TYR B 2614 44.14 -58.69 -76.07
CA TYR B 2614 44.95 -57.65 -75.44
C TYR B 2614 45.57 -58.13 -74.12
N ILE B 2615 46.20 -59.31 -74.18
CA ILE B 2615 46.84 -59.84 -72.99
C ILE B 2615 48.04 -58.99 -72.58
N ARG B 2616 48.77 -58.44 -73.56
CA ARG B 2616 49.94 -57.60 -73.31
C ARG B 2616 50.38 -56.93 -74.61
N PRO B 2617 51.26 -55.94 -74.55
CA PRO B 2617 51.80 -55.38 -75.80
C PRO B 2617 52.50 -56.41 -76.66
N SER B 2618 53.20 -57.36 -76.03
CA SER B 2618 53.81 -58.50 -76.71
C SER B 2618 53.16 -59.77 -76.19
N MET B 2619 52.63 -60.59 -77.10
CA MET B 2619 51.93 -61.79 -76.69
C MET B 2619 52.90 -62.78 -76.04
N LEU B 2620 52.45 -63.41 -74.96
CA LEU B 2620 53.25 -64.40 -74.24
C LEU B 2620 53.03 -65.76 -74.90
N GLN B 2621 54.11 -66.36 -75.39
CA GLN B 2621 54.04 -67.62 -76.11
C GLN B 2621 54.21 -68.83 -75.21
N HIS B 2622 54.26 -68.63 -73.89
CA HIS B 2622 54.40 -69.76 -72.97
C HIS B 2622 53.17 -70.67 -73.03
N LEU B 2623 51.97 -70.09 -73.10
CA LEU B 2623 50.76 -70.90 -73.17
C LEU B 2623 50.64 -71.61 -74.50
N LEU B 2624 50.87 -70.90 -75.61
CA LEU B 2624 50.74 -71.53 -76.92
C LEU B 2624 51.81 -72.58 -77.17
N ARG B 2625 52.92 -72.53 -76.43
CA ARG B 2625 53.94 -73.56 -76.56
C ARG B 2625 53.38 -74.93 -76.16
N ARG B 2626 52.59 -74.97 -75.09
CA ARG B 2626 51.89 -76.19 -74.70
C ARG B 2626 50.62 -76.43 -75.49
N LEU B 2627 50.12 -75.41 -76.20
CA LEU B 2627 48.91 -75.59 -77.00
C LEU B 2627 49.17 -76.41 -78.25
N VAL B 2628 50.28 -76.15 -78.95
CA VAL B 2628 50.59 -76.89 -80.16
C VAL B 2628 50.87 -78.35 -79.82
N PHE B 2629 51.58 -78.60 -78.72
CA PHE B 2629 51.87 -79.95 -78.28
C PHE B 2629 50.60 -80.73 -77.95
N ASP B 2630 49.62 -80.07 -77.34
CA ASP B 2630 48.36 -80.73 -77.01
C ASP B 2630 47.49 -80.98 -78.23
N VAL B 2631 47.64 -80.20 -79.30
CA VAL B 2631 46.85 -80.37 -80.51
C VAL B 2631 47.27 -81.66 -81.20
N PRO B 2632 46.34 -82.58 -81.49
CA PRO B 2632 46.67 -83.85 -82.15
C PRO B 2632 46.95 -83.68 -83.63
N UNK B 2633 38.95 -78.13 -79.25
CA UNK B 2633 38.08 -77.39 -80.15
C UNK B 2633 38.03 -75.91 -79.76
N UNK B 2634 37.96 -75.65 -78.45
CA UNK B 2634 37.91 -74.29 -77.95
C UNK B 2634 39.28 -73.61 -78.09
N UNK B 2635 40.33 -74.42 -78.11
CA UNK B 2635 41.69 -73.90 -78.24
C UNK B 2635 41.94 -73.40 -79.66
N UNK B 2636 41.28 -74.04 -80.64
CA UNK B 2636 41.43 -73.66 -82.03
C UNK B 2636 40.75 -72.33 -82.31
N UNK B 2637 39.69 -72.04 -81.58
CA UNK B 2637 38.96 -70.79 -81.74
C UNK B 2637 39.78 -69.62 -81.19
N UNK B 2638 40.52 -69.88 -80.12
CA UNK B 2638 41.35 -68.86 -79.50
C UNK B 2638 42.57 -68.55 -80.39
N UNK B 2639 43.05 -69.56 -81.10
CA UNK B 2639 44.19 -69.40 -81.99
C UNK B 2639 43.78 -68.64 -83.25
N UNK B 2640 42.50 -68.76 -83.62
CA UNK B 2640 41.97 -68.08 -84.79
C UNK B 2640 41.84 -66.58 -84.54
N UNK B 2641 41.53 -66.22 -83.30
CA UNK B 2641 41.38 -64.82 -82.92
C UNK B 2641 42.75 -64.19 -82.67
N UNK B 2642 43.68 -64.99 -82.18
CA UNK B 2642 45.03 -64.51 -81.90
C UNK B 2642 45.79 -64.25 -83.19
N UNK B 2643 45.58 -65.11 -84.19
CA UNK B 2643 46.23 -64.97 -85.48
C UNK B 2643 45.63 -63.81 -86.26
N UNK B 2644 44.36 -63.51 -85.99
CA UNK B 2644 43.66 -62.42 -86.66
C UNK B 2644 44.12 -61.07 -86.09
N UNK B 2645 44.57 -61.09 -84.84
CA UNK B 2645 45.03 -59.87 -84.18
C UNK B 2645 46.45 -59.51 -84.63
N UNK B 2646 62.55 -67.92 -83.59
CA UNK B 2646 62.02 -69.03 -82.81
C UNK B 2646 60.49 -69.00 -82.79
N UNK B 2647 59.93 -67.79 -82.74
CA UNK B 2647 58.48 -67.62 -82.71
C UNK B 2647 57.88 -67.96 -84.07
N UNK B 2648 58.63 -67.69 -85.13
CA UNK B 2648 58.16 -67.98 -86.48
C UNK B 2648 58.17 -69.49 -86.75
N UNK B 2649 59.11 -70.19 -86.12
CA UNK B 2649 59.23 -71.62 -86.26
C UNK B 2649 58.11 -72.33 -85.49
N UNK B 2650 57.66 -71.71 -84.41
CA UNK B 2650 56.59 -72.27 -83.59
C UNK B 2650 55.26 -72.19 -84.32
N UNK B 2651 55.10 -71.15 -85.14
CA UNK B 2651 53.88 -70.95 -85.91
C UNK B 2651 53.82 -71.94 -87.08
N UNK B 2652 54.99 -72.34 -87.57
CA UNK B 2652 55.07 -73.28 -88.68
C UNK B 2652 54.70 -74.69 -88.22
N UNK B 2653 54.99 -74.98 -86.95
CA UNK B 2653 54.67 -76.29 -86.37
C UNK B 2653 53.17 -76.43 -86.16
N UNK B 2654 52.53 -75.33 -85.82
CA UNK B 2654 51.08 -75.32 -85.61
C UNK B 2654 50.34 -75.44 -86.94
N UNK B 2655 50.93 -74.87 -87.99
CA UNK B 2655 50.34 -74.93 -89.32
C UNK B 2655 50.46 -76.33 -89.90
N UNK B 2656 51.54 -77.02 -89.54
CA UNK B 2656 51.78 -78.38 -90.01
C UNK B 2656 50.87 -79.36 -89.27
N UNK B 2657 50.55 -79.03 -88.03
CA UNK B 2657 49.68 -79.87 -87.21
C UNK B 2657 48.24 -79.77 -87.69
N UNK B 2658 47.87 -78.59 -88.19
CA UNK B 2658 46.52 -78.36 -88.70
C UNK B 2658 46.34 -79.06 -90.03
N UNK B 2659 47.40 -79.13 -90.81
CA UNK B 2659 47.37 -79.79 -92.11
C UNK B 2659 47.34 -81.30 -91.95
N UNK B 2660 47.91 -81.79 -90.85
CA UNK B 2660 47.94 -83.22 -90.56
C UNK B 2660 46.57 -83.70 -90.10
N UNK B 2661 45.83 -82.81 -89.46
CA UNK B 2661 44.49 -83.15 -88.96
C UNK B 2661 43.50 -83.20 -90.12
N UNK B 2662 43.70 -82.33 -91.11
CA UNK B 2662 42.83 -82.28 -92.27
C UNK B 2662 43.09 -83.46 -93.20
N UNK B 2663 44.33 -83.97 -93.15
CA UNK B 2663 44.71 -85.11 -93.99
C UNK B 2663 44.28 -86.42 -93.33
N UNK B 2664 44.20 -86.41 -92.01
CA UNK B 2664 43.79 -87.60 -91.27
C UNK B 2664 42.28 -87.81 -91.35
N UNK B 2665 41.54 -86.70 -91.29
CA UNK B 2665 40.08 -86.75 -91.37
C UNK B 2665 39.59 -86.19 -92.69
N UNK B 2666 33.11 -79.21 -86.91
CA UNK B 2666 34.46 -79.71 -86.73
C UNK B 2666 35.39 -79.21 -87.83
N UNK B 2667 35.09 -79.60 -89.07
CA UNK B 2667 35.90 -79.18 -90.22
C UNK B 2667 35.63 -77.72 -90.56
N UNK B 2668 34.43 -77.25 -90.21
CA UNK B 2668 34.06 -75.87 -90.49
C UNK B 2668 34.79 -74.90 -89.56
N UNK B 2669 35.10 -75.38 -88.36
CA UNK B 2669 35.82 -74.56 -87.37
C UNK B 2669 37.32 -74.60 -87.63
N UNK B 2670 37.79 -75.69 -88.22
CA UNK B 2670 39.22 -75.85 -88.50
C UNK B 2670 39.59 -75.14 -89.80
N UNK B 2671 38.60 -74.95 -90.66
CA UNK B 2671 38.84 -74.28 -91.94
C UNK B 2671 39.09 -72.79 -91.74
N UNK B 2672 38.42 -72.21 -90.75
CA UNK B 2672 38.58 -70.80 -90.43
C UNK B 2672 39.89 -70.54 -89.71
N UNK B 2673 40.35 -71.55 -88.97
CA UNK B 2673 41.60 -71.45 -88.21
C UNK B 2673 42.80 -71.55 -89.14
N UNK B 2674 42.67 -72.36 -90.19
CA UNK B 2674 43.75 -72.55 -91.15
C UNK B 2674 43.92 -71.32 -92.02
N UNK B 2675 42.80 -70.69 -92.39
CA UNK B 2675 42.82 -69.50 -93.22
C UNK B 2675 43.35 -68.31 -92.44
N UNK B 2676 43.06 -68.27 -91.14
CA UNK B 2676 43.51 -67.18 -90.28
C UNK B 2676 45.00 -67.30 -89.99
N UNK B 2677 45.49 -68.53 -89.96
CA UNK B 2677 46.90 -68.79 -89.70
C UNK B 2677 47.75 -68.42 -90.90
N UNK B 2678 47.16 -68.47 -92.08
CA UNK B 2678 47.86 -68.13 -93.32
C UNK B 2678 47.86 -66.62 -93.54
N ASP B 2679 53.47 -90.18 -78.89
CA ASP B 2679 53.67 -91.61 -78.64
C ASP B 2679 54.93 -92.11 -79.34
N PRO B 2680 56.09 -91.91 -78.73
CA PRO B 2680 57.34 -92.37 -79.34
C PRO B 2680 57.43 -93.89 -79.32
N ARG B 2681 57.80 -94.47 -80.46
CA ARG B 2681 57.93 -95.92 -80.61
C ARG B 2681 59.30 -96.23 -81.21
N PRO B 2682 60.34 -96.27 -80.38
CA PRO B 2682 61.68 -96.58 -80.89
C PRO B 2682 61.77 -98.02 -81.38
N VAL B 2683 62.68 -98.24 -82.33
CA VAL B 2683 62.88 -99.57 -82.89
C VAL B 2683 63.46 -100.49 -81.82
N GLU B 2684 62.95 -101.72 -81.77
CA GLU B 2684 63.39 -102.71 -80.80
C GLU B 2684 64.74 -103.27 -81.22
N THR B 2685 65.77 -103.02 -80.42
CA THR B 2685 67.12 -103.50 -80.70
C THR B 2685 67.59 -104.55 -79.70
N LEU B 2686 66.69 -105.05 -78.85
CA LEU B 2686 67.08 -106.06 -77.87
C LEU B 2686 67.49 -107.36 -78.54
N ASN B 2687 66.75 -107.78 -79.58
CA ASN B 2687 67.02 -109.03 -80.28
C ASN B 2687 67.90 -108.84 -81.51
N VAL B 2688 68.37 -107.61 -81.76
CA VAL B 2688 69.20 -107.33 -82.92
C VAL B 2688 70.64 -107.71 -82.59
N ILE B 2689 71.26 -108.52 -83.44
CA ILE B 2689 72.64 -108.98 -83.26
C ILE B 2689 73.50 -108.34 -84.33
N ILE B 2690 74.53 -107.62 -83.92
CA ILE B 2690 75.45 -106.95 -84.83
C ILE B 2690 76.44 -107.97 -85.39
N PRO B 2691 76.95 -107.77 -86.61
CA PRO B 2691 77.94 -108.71 -87.15
C PRO B 2691 79.26 -108.61 -86.40
N GLU B 2692 80.00 -109.73 -86.41
CA GLU B 2692 81.30 -109.76 -85.75
C GLU B 2692 82.32 -108.89 -86.47
N LYS B 2693 82.16 -108.71 -87.79
CA LYS B 2693 83.09 -107.87 -88.53
C LYS B 2693 82.95 -106.40 -88.17
N LEU B 2694 81.81 -106.00 -87.61
CA LEU B 2694 81.58 -104.62 -87.22
C LEU B 2694 82.16 -104.28 -85.85
N ASP B 2695 82.75 -105.26 -85.14
CA ASP B 2695 83.33 -104.98 -83.84
C ASP B 2695 84.53 -104.04 -83.95
N SER B 2696 85.35 -104.21 -84.99
CA SER B 2696 86.49 -103.31 -85.17
C SER B 2696 86.05 -101.88 -85.42
N PHE B 2697 85.00 -101.69 -86.23
CA PHE B 2697 84.49 -100.36 -86.49
C PHE B 2697 83.87 -99.74 -85.24
N ILE B 2698 83.22 -100.54 -84.40
CA ILE B 2698 82.61 -100.02 -83.19
C ILE B 2698 83.69 -99.51 -82.24
N ASN B 2699 84.79 -100.26 -82.09
CA ASN B 2699 85.87 -99.81 -81.23
C ASN B 2699 86.52 -98.54 -81.77
N LYS B 2700 86.72 -98.46 -83.08
CA LYS B 2700 87.29 -97.26 -83.68
C LYS B 2700 86.36 -96.06 -83.50
N PHE B 2701 85.06 -96.26 -83.69
CA PHE B 2701 84.11 -95.17 -83.49
C PHE B 2701 84.04 -94.73 -82.03
N ALA B 2702 84.09 -95.68 -81.10
CA ALA B 2702 84.08 -95.32 -79.68
C ALA B 2702 85.32 -94.52 -79.29
N GLU B 2703 86.48 -94.91 -79.81
CA GLU B 2703 87.70 -94.16 -79.51
C GLU B 2703 87.65 -92.75 -80.09
N TYR B 2704 87.11 -92.61 -81.31
CA TYR B 2704 86.98 -91.27 -81.90
C TYR B 2704 86.05 -90.39 -81.10
N THR B 2705 84.91 -90.94 -80.64
CA THR B 2705 83.98 -90.16 -79.84
CA THR B 2705 83.98 -90.16 -79.84
C THR B 2705 84.61 -89.75 -78.51
N HIS B 2706 85.34 -90.65 -77.87
CA HIS B 2706 86.00 -90.32 -76.61
C HIS B 2706 87.09 -89.27 -76.82
N GLU B 2707 87.85 -89.39 -77.92
CA GLU B 2707 88.88 -88.41 -78.21
C GLU B 2707 88.30 -87.04 -78.49
N LYS B 2708 87.17 -86.98 -79.21
CA LYS B 2708 86.53 -85.69 -79.49
C LYS B 2708 86.07 -85.03 -78.20
N TRP B 2709 85.47 -85.79 -77.29
CA TRP B 2709 85.09 -85.23 -75.99
C TRP B 2709 86.30 -84.80 -75.18
N ALA B 2710 87.36 -85.61 -75.19
CA ALA B 2710 88.59 -85.24 -74.48
C ALA B 2710 89.24 -84.00 -75.08
N PHE B 2711 89.24 -83.88 -76.41
CA PHE B 2711 89.83 -82.70 -77.05
C PHE B 2711 89.08 -81.44 -76.66
N ASP B 2712 87.74 -81.50 -76.64
CA ASP B 2712 86.95 -80.35 -76.20
C ASP B 2712 87.20 -80.02 -74.73
N LYS B 2713 87.30 -81.05 -73.88
CA LYS B 2713 87.60 -80.81 -72.47
C LYS B 2713 89.00 -80.24 -72.30
N ILE B 2714 89.97 -80.72 -73.08
CA ILE B 2714 91.33 -80.22 -72.98
C ILE B 2714 91.40 -78.74 -73.34
N GLN B 2715 90.59 -78.31 -74.32
CA GLN B 2715 90.54 -76.89 -74.69
C GLN B 2715 89.96 -76.03 -73.59
N ASN B 2716 89.23 -76.63 -72.63
CA ASN B 2716 88.64 -75.90 -71.51
C ASN B 2716 89.52 -75.94 -70.27
N ASN B 2717 90.84 -76.06 -70.44
CA ASN B 2717 91.80 -76.09 -69.34
C ASN B 2717 91.50 -77.20 -68.34
N TRP B 2718 91.10 -78.37 -68.84
CA TRP B 2718 90.83 -79.51 -67.99
C TRP B 2718 91.98 -80.50 -68.06
N SER B 2719 92.18 -81.23 -66.95
CA SER B 2719 93.27 -82.20 -66.85
C SER B 2719 92.75 -83.45 -66.15
N TYR B 2720 93.52 -84.54 -66.28
CA TYR B 2720 93.15 -85.79 -65.67
C TYR B 2720 93.22 -85.69 -64.14
N GLY B 2721 92.33 -86.44 -63.48
CA GLY B 2721 92.29 -86.43 -62.03
C GLY B 2721 91.71 -87.73 -61.52
N GLU B 2722 91.95 -87.98 -60.22
CA GLU B 2722 91.44 -89.20 -59.60
C GLU B 2722 89.93 -89.20 -59.52
N ASN B 2723 89.32 -88.05 -59.22
CA ASN B 2723 87.89 -87.93 -59.10
C ASN B 2723 87.40 -86.73 -59.89
N ILE B 2724 86.14 -86.81 -60.32
CA ILE B 2724 85.55 -85.72 -61.10
C ILE B 2724 85.30 -84.52 -60.20
N ASP B 2725 85.78 -83.35 -60.63
CA ASP B 2725 85.59 -82.13 -59.86
C ASP B 2725 85.39 -80.97 -60.83
N GLU B 2726 84.21 -80.35 -60.76
CA GLU B 2726 83.92 -79.22 -61.64
C GLU B 2726 84.79 -78.01 -61.31
N GLU B 2727 85.03 -77.75 -60.02
CA GLU B 2727 85.84 -76.61 -59.63
C GLU B 2727 87.28 -76.76 -60.12
N LEU B 2728 87.84 -77.95 -59.99
CA LEU B 2728 89.22 -78.21 -60.39
C LEU B 2728 89.35 -78.64 -61.85
N LYS B 2729 88.24 -78.79 -62.56
CA LYS B 2729 88.25 -79.22 -63.96
C LYS B 2729 89.00 -80.53 -64.14
N THR B 2730 88.70 -81.49 -63.27
CA THR B 2730 89.33 -82.80 -63.29
C THR B 2730 88.31 -83.87 -63.67
N HIS B 2731 88.75 -84.86 -64.45
CA HIS B 2731 87.89 -85.93 -64.89
C HIS B 2731 88.72 -87.21 -65.02
N PRO B 2732 88.24 -88.34 -64.49
CA PRO B 2732 89.00 -89.59 -64.62
C PRO B 2732 89.07 -90.11 -66.05
N MET B 2733 88.20 -89.65 -66.95
CA MET B 2733 88.18 -90.12 -68.32
C MET B 2733 89.14 -89.35 -69.22
N LEU B 2734 89.86 -88.38 -68.70
CA LEU B 2734 90.82 -87.59 -69.50
C LEU B 2734 92.12 -88.38 -69.65
N ARG B 2735 92.03 -89.43 -70.49
CA ARG B 2735 93.17 -90.30 -70.76
C ARG B 2735 92.95 -91.05 -72.06
N PRO B 2736 93.93 -91.81 -72.53
CA PRO B 2736 93.74 -92.58 -73.77
C PRO B 2736 92.67 -93.64 -73.61
N TYR B 2737 91.93 -93.89 -74.69
CA TYR B 2737 90.87 -94.88 -74.68
C TYR B 2737 91.42 -96.31 -74.57
N LYS B 2738 92.65 -96.54 -75.03
CA LYS B 2738 93.24 -97.87 -74.95
C LYS B 2738 93.54 -98.30 -73.53
N THR B 2739 93.75 -97.34 -72.62
CA THR B 2739 94.04 -97.65 -71.23
C THR B 2739 92.79 -97.85 -70.39
N PHE B 2740 91.60 -97.62 -70.96
CA PHE B 2740 90.36 -97.80 -70.22
C PHE B 2740 89.97 -99.27 -70.17
N SER B 2741 89.24 -99.63 -69.11
CA SER B 2741 88.79 -101.00 -68.94
C SER B 2741 87.60 -101.29 -69.86
N GLU B 2742 87.11 -102.53 -69.79
CA GLU B 2742 85.96 -102.91 -70.61
C GLU B 2742 84.71 -102.14 -70.24
N LYS B 2743 84.46 -101.95 -68.94
CA LYS B 2743 83.31 -101.19 -68.51
C LYS B 2743 83.41 -99.73 -68.94
N ASP B 2744 84.61 -99.13 -68.80
CA ASP B 2744 84.80 -97.75 -69.22
C ASP B 2744 84.63 -97.61 -70.74
N LYS B 2745 85.16 -98.55 -71.51
CA LYS B 2745 85.03 -98.50 -72.96
C LYS B 2745 83.61 -98.75 -73.43
N GLU B 2746 82.81 -99.47 -72.63
CA GLU B 2746 81.42 -99.74 -73.01
C GLU B 2746 80.54 -98.51 -72.90
N ILE B 2747 80.99 -97.45 -72.24
CA ILE B 2747 80.18 -96.23 -72.13
C ILE B 2747 79.96 -95.62 -73.51
N TYR B 2748 81.01 -95.54 -74.33
CA TYR B 2748 80.90 -95.01 -75.68
C TYR B 2748 80.47 -96.04 -76.70
N ARG B 2749 80.74 -97.33 -76.44
CA ARG B 2749 80.36 -98.38 -77.37
C ARG B 2749 78.87 -98.68 -77.34
N TRP B 2750 78.20 -98.49 -76.20
CA TRP B 2750 76.77 -98.74 -76.08
C TRP B 2750 75.99 -97.84 -77.02
N PRO B 2751 76.25 -96.54 -77.02
CA PRO B 2751 75.55 -95.66 -77.97
C PRO B 2751 75.82 -96.01 -79.42
N ILE B 2752 77.03 -96.46 -79.75
CA ILE B 2752 77.33 -96.84 -81.12
C ILE B 2752 76.61 -98.13 -81.49
N LYS B 2753 76.57 -99.10 -80.57
CA LYS B 2753 75.90 -100.37 -80.85
C LYS B 2753 74.40 -100.18 -81.04
N GLU B 2754 73.78 -99.30 -80.24
CA GLU B 2754 72.35 -99.06 -80.38
C GLU B 2754 72.02 -98.45 -81.75
N SER B 2755 72.83 -97.50 -82.20
CA SER B 2755 72.61 -96.90 -83.52
C SER B 2755 72.82 -97.94 -84.63
N LEU B 2756 73.85 -98.78 -84.50
CA LEU B 2756 74.09 -99.82 -85.50
C LEU B 2756 72.96 -100.84 -85.51
N LYS B 2757 72.45 -101.20 -84.33
CA LYS B 2757 71.37 -102.17 -84.25
C LYS B 2757 70.08 -101.62 -84.86
N ALA B 2758 69.83 -100.32 -84.69
CA ALA B 2758 68.64 -99.72 -85.29
C ALA B 2758 68.69 -99.80 -86.81
N MET B 2759 69.86 -99.55 -87.41
CA MET B 2759 70.00 -99.68 -88.86
C MET B 2759 69.80 -101.13 -89.30
N ILE B 2760 70.32 -102.08 -88.53
CA ILE B 2760 70.16 -103.49 -88.87
C ILE B 2760 68.69 -103.89 -88.82
N ALA B 2761 67.93 -103.37 -87.86
CA ALA B 2761 66.51 -103.67 -87.78
C ALA B 2761 65.74 -103.11 -88.97
N TRP B 2762 66.27 -102.06 -89.60
CA TRP B 2762 65.64 -101.44 -90.76
C TRP B 2762 66.06 -102.10 -92.07
N GLU B 2763 66.65 -103.30 -92.01
CA GLU B 2763 67.09 -104.03 -93.19
C GLU B 2763 68.08 -103.21 -94.03
N TRP B 2764 68.95 -102.47 -93.36
CA TRP B 2764 69.97 -101.69 -94.03
C TRP B 2764 71.23 -102.52 -94.22
N THR B 2765 71.97 -102.22 -95.29
CA THR B 2765 73.18 -102.94 -95.64
C THR B 2765 74.40 -102.09 -95.29
N ILE B 2766 75.35 -102.71 -94.60
CA ILE B 2766 76.58 -102.03 -94.20
C ILE B 2766 77.77 -102.94 -94.45
N GLU B 2767 78.50 -102.69 -95.54
CA GLU B 2767 79.66 -103.50 -95.91
C GLU B 2767 80.80 -102.58 -96.29
N LYS B 2768 82.03 -103.01 -96.02
CA LYS B 2768 83.22 -102.24 -96.35
C LYS B 2768 83.53 -102.44 -97.84
N ALA B 2769 83.15 -101.47 -98.65
CA ALA B 2769 83.37 -101.55 -100.09
C ALA B 2769 84.76 -101.08 -100.51
N ARG B 2770 85.38 -100.20 -99.73
CA ARG B 2770 86.69 -99.66 -100.06
C ARG B 2770 87.51 -99.52 -98.79
N GLU B 2771 88.81 -99.27 -98.96
CA GLU B 2771 89.70 -99.08 -97.83
C GLU B 2771 89.44 -97.74 -97.17
N GLY B 2772 89.90 -97.63 -95.92
CA GLY B 2772 89.72 -96.40 -95.17
C GLY B 2772 90.61 -95.28 -95.68
N GLU B 2773 90.29 -94.07 -95.23
CA GLU B 2773 91.03 -92.88 -95.62
C GLU B 2773 92.37 -92.80 -94.88
N TYR B 2798 98.42 -86.24 -71.82
CA TYR B 2798 97.51 -86.71 -72.85
C TYR B 2798 97.18 -85.59 -73.83
N ASN B 2799 97.39 -85.85 -75.12
CA ASN B 2799 97.12 -84.87 -76.18
C ASN B 2799 96.30 -85.54 -77.26
N PRO B 2800 95.00 -85.73 -77.02
CA PRO B 2800 94.15 -86.37 -78.03
C PRO B 2800 93.92 -85.44 -79.22
N GLN B 2801 94.11 -85.99 -80.42
CA GLN B 2801 93.94 -85.26 -81.67
C GLN B 2801 93.04 -86.06 -82.59
N PRO B 2802 91.73 -86.06 -82.35
CA PRO B 2802 90.82 -86.82 -83.20
C PRO B 2802 90.76 -86.24 -84.59
N PRO B 2803 90.47 -87.06 -85.59
CA PRO B 2803 90.36 -86.54 -86.96
C PRO B 2803 89.16 -85.62 -87.13
N ASP B 2804 89.29 -84.69 -88.08
CA ASP B 2804 88.23 -83.73 -88.35
C ASP B 2804 87.26 -84.29 -89.37
N LEU B 2805 85.97 -84.23 -89.06
CA LEU B 2805 84.91 -84.73 -89.93
C LEU B 2805 84.20 -83.61 -90.67
N SER B 2806 84.72 -82.38 -90.62
CA SER B 2806 84.08 -81.26 -91.32
C SER B 2806 84.19 -81.41 -92.83
N GLY B 2807 85.25 -82.04 -93.31
CA GLY B 2807 85.47 -82.23 -94.73
C GLY B 2807 84.77 -83.42 -95.35
N VAL B 2808 83.99 -84.16 -94.57
CA VAL B 2808 83.28 -85.34 -95.08
C VAL B 2808 81.92 -84.89 -95.59
N THR B 2809 81.65 -85.17 -96.86
CA THR B 2809 80.39 -84.80 -97.50
C THR B 2809 79.52 -86.03 -97.67
N LEU B 2810 78.27 -85.94 -97.22
CA LEU B 2810 77.32 -87.03 -97.31
C LEU B 2810 76.35 -86.79 -98.46
N SER B 2811 76.02 -87.85 -99.19
CA SER B 2811 75.12 -87.75 -100.32
C SER B 2811 73.68 -87.50 -99.84
N ARG B 2812 72.80 -87.22 -100.79
CA ARG B 2812 71.39 -86.99 -100.47
C ARG B 2812 70.74 -88.22 -99.85
N GLU B 2813 71.05 -89.41 -100.37
CA GLU B 2813 70.51 -90.64 -99.79
C GLU B 2813 71.04 -90.84 -98.38
N LEU B 2814 72.33 -90.58 -98.16
CA LEU B 2814 72.89 -90.69 -96.82
C LEU B 2814 72.27 -89.67 -95.86
N GLN B 2815 72.05 -88.44 -96.34
CA GLN B 2815 71.42 -87.42 -95.50
C GLN B 2815 69.99 -87.83 -95.13
N ALA B 2816 69.25 -88.41 -96.07
CA ALA B 2816 67.90 -88.88 -95.77
C ALA B 2816 67.92 -90.01 -94.74
N MET B 2817 68.89 -90.91 -94.83
CA MET B 2817 69.00 -91.99 -93.85
C MET B 2817 69.34 -91.44 -92.47
N ALA B 2818 70.09 -90.34 -92.41
CA ALA B 2818 70.40 -89.73 -91.12
C ALA B 2818 69.16 -89.17 -90.44
N GLU B 2819 68.18 -88.71 -91.22
CA GLU B 2819 66.93 -88.23 -90.64
C GLU B 2819 66.18 -89.33 -89.91
N GLN B 2820 66.15 -90.55 -90.48
CA GLN B 2820 65.51 -91.66 -89.79
C GLN B 2820 66.23 -92.00 -88.50
N LEU B 2821 67.57 -91.99 -88.52
CA LEU B 2821 68.32 -92.22 -87.30
C LEU B 2821 68.10 -91.12 -86.28
N ALA B 2822 68.02 -89.87 -86.73
CA ALA B 2822 67.75 -88.75 -85.82
C ALA B 2822 66.35 -88.89 -85.21
N GLU B 2823 65.37 -89.30 -86.01
CA GLU B 2823 64.02 -89.51 -85.48
C GLU B 2823 63.99 -90.64 -84.46
N ASN B 2824 64.74 -91.71 -84.70
CA ASN B 2824 64.80 -92.80 -83.73
C ASN B 2824 65.43 -92.37 -82.42
N TYR B 2825 66.48 -91.54 -82.49
CA TYR B 2825 67.10 -91.03 -81.27
C TYR B 2825 66.14 -90.16 -80.48
N HIS B 2826 65.37 -89.30 -81.18
CA HIS B 2826 64.38 -88.49 -80.50
C HIS B 2826 63.28 -89.34 -79.87
N ASN B 2827 62.84 -90.38 -80.59
CA ASN B 2827 61.83 -91.28 -80.04
C ASN B 2827 62.35 -92.04 -78.82
N THR B 2828 63.60 -92.51 -78.87
CA THR B 2828 64.18 -93.20 -77.73
C THR B 2828 64.31 -92.28 -76.53
N TRP B 2829 64.76 -91.03 -76.75
CA TRP B 2829 64.84 -90.07 -75.67
C TRP B 2829 63.47 -89.69 -75.14
N GLY B 2830 62.50 -89.53 -76.03
CA GLY B 2830 61.15 -89.19 -75.58
C GLY B 2830 60.50 -90.31 -74.79
N ARG B 2831 60.71 -91.55 -75.20
CA ARG B 2831 60.15 -92.68 -74.46
C ARG B 2831 60.78 -92.79 -73.07
N LYS B 2832 62.09 -92.59 -72.98
CA LYS B 2832 62.75 -92.59 -71.67
C LYS B 2832 62.30 -91.42 -70.81
N LYS B 2833 62.11 -90.25 -71.41
CA LYS B 2833 61.65 -89.09 -70.64
C LYS B 2833 60.25 -89.30 -70.08
N LYS B 2834 59.36 -89.94 -70.86
CA LYS B 2834 58.01 -90.19 -70.37
C LYS B 2834 58.03 -91.13 -69.15
N GLN B 2835 58.85 -92.18 -69.19
CA GLN B 2835 58.97 -93.06 -68.05
C GLN B 2835 59.60 -92.36 -66.85
N GLU B 2836 60.62 -91.53 -67.09
CA GLU B 2836 61.24 -90.80 -65.99
C GLU B 2836 60.29 -89.80 -65.36
N LEU B 2837 59.51 -89.10 -66.18
CA LEU B 2837 58.54 -88.13 -65.64
C LEU B 2837 57.47 -88.83 -64.80
N GLU B 2838 56.97 -89.97 -65.28
CA GLU B 2838 55.96 -90.71 -64.53
C GLU B 2838 56.50 -91.22 -63.20
N ALA B 2839 57.76 -91.70 -63.19
CA ALA B 2839 58.35 -92.20 -61.96
C ALA B 2839 58.66 -91.09 -60.97
N LYS B 2840 58.74 -89.84 -61.43
CA LYS B 2840 59.01 -88.70 -60.57
C LYS B 2840 57.74 -88.02 -60.07
N GLY B 2841 56.57 -88.54 -60.42
CA GLY B 2841 55.31 -87.95 -60.00
C GLY B 2841 54.50 -87.30 -61.10
N GLY B 2842 54.97 -87.34 -62.33
CA GLY B 2842 54.27 -86.73 -63.45
C GLY B 2842 54.99 -85.51 -63.97
N GLY B 2843 54.32 -84.83 -64.91
CA GLY B 2843 54.84 -83.64 -65.53
C GLY B 2843 54.78 -83.72 -67.04
N THR B 2844 55.39 -82.74 -67.68
CA THR B 2844 55.44 -82.68 -69.14
C THR B 2844 56.77 -82.07 -69.56
N HIS B 2845 57.01 -82.05 -70.87
CA HIS B 2845 58.23 -81.51 -71.43
C HIS B 2845 57.92 -80.86 -72.78
N PRO B 2846 58.50 -79.69 -73.07
CA PRO B 2846 58.25 -79.05 -74.37
C PRO B 2846 58.75 -79.86 -75.56
N LEU B 2847 59.71 -80.75 -75.34
CA LEU B 2847 60.28 -81.55 -76.42
C LEU B 2847 59.54 -82.87 -76.65
N LEU B 2848 58.47 -83.13 -75.89
CA LEU B 2848 57.70 -84.36 -76.03
C LEU B 2848 56.69 -84.23 -77.17
N VAL B 2849 57.22 -84.09 -78.38
CA VAL B 2849 56.40 -83.95 -79.59
C VAL B 2849 57.02 -84.76 -80.71
N PRO B 2850 56.38 -84.84 -81.87
CA PRO B 2850 56.97 -85.60 -82.99
C PRO B 2850 58.24 -84.94 -83.50
N TYR B 2851 59.12 -85.77 -84.06
CA TYR B 2851 60.38 -85.26 -84.60
C TYR B 2851 60.15 -84.34 -85.78
N ASP B 2852 59.18 -84.65 -86.64
CA ASP B 2852 58.90 -83.82 -87.79
C ASP B 2852 58.35 -82.45 -87.40
N THR B 2853 57.69 -82.35 -86.24
CA THR B 2853 57.14 -81.09 -85.77
C THR B 2853 58.15 -80.21 -85.06
N LEU B 2854 59.33 -80.74 -84.74
CA LEU B 2854 60.35 -79.95 -84.06
C LEU B 2854 61.00 -78.96 -85.02
N THR B 2855 61.56 -77.90 -84.44
CA THR B 2855 62.23 -76.87 -85.22
C THR B 2855 63.61 -77.36 -85.66
N ALA B 2856 64.24 -76.57 -86.53
CA ALA B 2856 65.58 -76.93 -87.01
C ALA B 2856 66.61 -76.93 -85.89
N LYS B 2857 66.55 -75.95 -84.99
CA LYS B 2857 67.49 -75.90 -83.87
C LYS B 2857 67.30 -77.08 -82.94
N GLU B 2858 66.05 -77.48 -82.68
CA GLU B 2858 65.79 -78.61 -81.80
C GLU B 2858 66.32 -79.91 -82.39
N LYS B 2859 66.20 -80.10 -83.70
CA LYS B 2859 66.65 -81.32 -84.36
C LYS B 2859 68.13 -81.30 -84.69
N ALA B 2860 68.83 -80.21 -84.39
CA ALA B 2860 70.27 -80.15 -84.68
C ALA B 2860 71.05 -81.16 -83.86
N ARG B 2861 70.69 -81.34 -82.58
CA ARG B 2861 71.39 -82.30 -81.74
C ARG B 2861 71.23 -83.72 -82.25
N ASP B 2862 70.01 -84.10 -82.65
CA ASP B 2862 69.78 -85.43 -83.17
C ASP B 2862 70.41 -85.64 -84.55
N ARG B 2863 70.37 -84.62 -85.41
CA ARG B 2863 70.97 -84.74 -86.73
C ARG B 2863 72.48 -84.85 -86.67
N GLU B 2864 73.12 -84.13 -85.75
CA GLU B 2864 74.58 -84.17 -85.64
C GLU B 2864 75.06 -85.56 -85.25
N LYS B 2865 74.38 -86.22 -84.31
CA LYS B 2865 74.79 -87.57 -83.91
C LYS B 2865 74.64 -88.56 -85.05
N ALA B 2866 73.55 -88.47 -85.80
CA ALA B 2866 73.35 -89.37 -86.93
C ALA B 2866 74.36 -89.09 -88.04
N GLN B 2867 74.66 -87.82 -88.30
CA GLN B 2867 75.63 -87.47 -89.33
C GLN B 2867 77.04 -87.91 -88.94
N GLU B 2868 77.39 -87.83 -87.66
CA GLU B 2868 78.72 -88.24 -87.23
C GLU B 2868 78.93 -89.73 -87.47
N LEU B 2869 77.92 -90.56 -87.16
CA LEU B 2869 78.03 -91.99 -87.40
C LEU B 2869 78.14 -92.30 -88.90
N LEU B 2870 77.35 -91.62 -89.73
CA LEU B 2870 77.43 -91.83 -91.17
C LEU B 2870 78.77 -91.38 -91.73
N LYS B 2871 79.27 -90.23 -91.26
CA LYS B 2871 80.57 -89.74 -91.74
C LYS B 2871 81.70 -90.67 -91.33
N PHE B 2872 81.65 -91.20 -90.11
CA PHE B 2872 82.70 -92.12 -89.65
C PHE B 2872 82.70 -93.40 -90.48
N LEU B 2873 81.52 -93.94 -90.78
CA LEU B 2873 81.43 -95.14 -91.60
C LEU B 2873 81.93 -94.88 -93.02
N GLN B 2874 81.59 -93.73 -93.59
CA GLN B 2874 82.07 -93.37 -94.92
C GLN B 2874 83.58 -93.19 -94.95
N MET B 2875 84.15 -92.57 -93.91
CA MET B 2875 85.59 -92.37 -93.86
C MET B 2875 86.34 -93.69 -93.74
N ASN B 2876 85.69 -94.73 -93.20
CA ASN B 2876 86.28 -96.05 -93.06
C ASN B 2876 86.07 -96.93 -94.28
N GLY B 2877 85.44 -96.41 -95.33
CA GLY B 2877 85.19 -97.19 -96.52
C GLY B 2877 83.99 -98.10 -96.45
N TYR B 2878 83.07 -97.86 -95.51
CA TYR B 2878 81.86 -98.66 -95.36
C TYR B 2878 80.72 -98.00 -96.10
N ALA B 2879 80.00 -98.78 -96.90
CA ALA B 2879 78.88 -98.28 -97.70
C ALA B 2879 77.57 -98.61 -96.99
N VAL B 2880 76.71 -97.61 -96.87
CA VAL B 2880 75.42 -97.75 -96.22
C VAL B 2880 74.33 -97.60 -97.27
N THR B 2881 73.47 -98.61 -97.37
CA THR B 2881 72.38 -98.61 -98.34
C THR B 2881 71.17 -99.29 -97.74
N ARG B 2882 70.01 -98.99 -98.29
CA ARG B 2882 68.75 -99.56 -97.83
C ARG B 2882 68.06 -100.35 -98.94
N UNK B 2883 56.50 -71.76 -97.64
CA UNK B 2883 55.85 -71.04 -98.74
C UNK B 2883 55.87 -71.88 -100.01
N UNK B 2884 57.07 -72.18 -100.51
CA UNK B 2884 57.22 -72.97 -101.72
C UNK B 2884 56.86 -74.43 -101.46
N UNK B 2885 57.11 -74.88 -100.23
CA UNK B 2885 56.79 -76.25 -99.84
C UNK B 2885 55.28 -76.45 -99.72
N UNK B 2886 54.59 -75.38 -99.34
CA UNK B 2886 53.13 -75.42 -99.22
C UNK B 2886 52.48 -75.51 -100.58
N UNK B 2887 53.08 -74.86 -101.58
CA UNK B 2887 52.59 -74.90 -102.94
C UNK B 2887 52.85 -76.27 -103.56
N UNK B 2888 53.94 -76.90 -103.14
CA UNK B 2888 54.30 -78.22 -103.63
C UNK B 2888 53.35 -79.27 -103.05
N UNK B 2889 52.94 -79.07 -101.81
CA UNK B 2889 52.00 -79.97 -101.15
C UNK B 2889 50.61 -79.82 -101.75
N UNK B 2890 50.30 -78.60 -102.20
CA UNK B 2890 49.02 -78.32 -102.84
C UNK B 2890 48.99 -78.94 -104.24
N UNK B 2891 50.15 -79.01 -104.87
CA UNK B 2891 50.27 -79.62 -106.19
C UNK B 2891 50.12 -81.14 -106.08
N UNK B 2892 50.61 -81.69 -104.98
CA UNK B 2892 50.49 -83.13 -104.72
C UNK B 2892 49.05 -83.49 -104.41
N UNK B 2893 48.33 -82.55 -103.79
CA UNK B 2893 46.92 -82.75 -103.48
C UNK B 2893 46.09 -82.59 -104.73
N UNK B 2894 46.60 -81.81 -105.68
CA UNK B 2894 45.92 -81.59 -106.96
C UNK B 2894 45.99 -82.86 -107.81
N UNK B 2895 47.07 -83.62 -107.66
CA UNK B 2895 47.24 -84.86 -108.37
C UNK B 2895 46.31 -85.93 -107.80
N UNK B 2896 46.10 -85.87 -106.49
CA UNK B 2896 45.20 -86.80 -105.82
C UNK B 2896 43.75 -86.44 -106.14
N UNK B 2897 43.50 -85.16 -106.39
CA UNK B 2897 42.17 -84.68 -106.75
C UNK B 2897 41.81 -85.13 -108.16
N UNK B 2898 42.84 -85.24 -109.02
CA UNK B 2898 42.64 -85.69 -110.38
C UNK B 2898 42.31 -87.18 -110.42
N UNK B 2899 42.86 -87.92 -109.46
CA UNK B 2899 42.60 -89.35 -109.35
C UNK B 2899 41.21 -89.58 -108.78
N UNK B 2900 40.76 -88.66 -107.94
CA UNK B 2900 39.44 -88.74 -107.34
C UNK B 2900 38.36 -88.40 -108.38
N UNK B 2901 38.70 -87.51 -109.29
CA UNK B 2901 37.80 -87.11 -110.36
C UNK B 2901 37.64 -88.24 -111.38
N UNK B 2902 38.71 -89.00 -111.57
CA UNK B 2902 38.69 -90.13 -112.49
C UNK B 2902 37.91 -91.30 -111.89
N UNK B 2903 37.92 -91.39 -110.56
CA UNK B 2903 37.20 -92.44 -109.85
C UNK B 2903 35.71 -92.14 -109.82
N UNK B 2904 35.37 -90.86 -109.88
CA UNK B 2904 33.98 -90.43 -109.86
C UNK B 2904 33.35 -90.59 -111.23
N UNK B 2905 34.19 -90.63 -112.26
CA UNK B 2905 33.72 -90.78 -113.64
C UNK B 2905 33.34 -92.23 -113.92
N UNK B 2906 36.19 -89.31 -98.98
CA UNK B 2906 37.05 -88.83 -97.91
C UNK B 2906 38.03 -87.80 -98.45
N UNK B 2907 38.69 -88.13 -99.57
CA UNK B 2907 39.66 -87.23 -100.18
C UNK B 2907 38.95 -86.07 -100.87
N UNK B 2908 37.73 -86.30 -101.33
CA UNK B 2908 36.95 -85.28 -102.00
C UNK B 2908 36.45 -84.23 -101.00
N UNK B 2909 36.17 -84.68 -99.78
CA UNK B 2909 35.70 -83.79 -98.72
C UNK B 2909 36.85 -82.93 -98.20
N UNK B 2910 38.05 -83.51 -98.18
CA UNK B 2910 39.23 -82.81 -97.72
C UNK B 2910 39.66 -81.74 -98.72
N UNK B 2911 39.40 -82.00 -99.99
CA UNK B 2911 39.74 -81.06 -101.05
C UNK B 2911 38.75 -79.90 -101.10
N UNK B 2912 37.55 -80.14 -100.58
CA UNK B 2912 36.51 -79.12 -100.54
C UNK B 2912 36.80 -78.09 -99.45
N UNK B 2913 37.52 -78.52 -98.41
CA UNK B 2913 37.87 -77.64 -97.31
C UNK B 2913 39.22 -76.97 -97.56
N UNK B 2914 40.00 -77.55 -98.46
CA UNK B 2914 41.32 -77.02 -98.80
C UNK B 2914 41.21 -76.02 -99.95
N UNK B 2915 40.07 -76.00 -100.61
CA UNK B 2915 39.83 -75.09 -101.73
C UNK B 2915 39.66 -73.66 -101.25
N UNK B 2916 39.03 -73.52 -100.09
CA UNK B 2916 38.79 -72.20 -99.50
C UNK B 2916 40.06 -71.64 -98.88
N UNK B 2917 40.92 -72.54 -98.40
CA UNK B 2917 42.17 -72.13 -97.77
C UNK B 2917 43.18 -71.68 -98.83
N UNK B 2918 43.04 -72.20 -100.05
CA UNK B 2918 43.93 -71.85 -101.14
C UNK B 2918 43.54 -70.51 -101.76
N UNK B 2919 42.24 -70.21 -101.72
CA UNK B 2919 41.73 -68.98 -102.29
C UNK B 2919 42.02 -67.80 -101.38
N UNK B 2920 42.10 -68.06 -100.08
CA UNK B 2920 42.37 -67.01 -99.11
C UNK B 2920 43.87 -66.73 -98.99
N UNK B 2921 44.67 -67.77 -99.18
CA UNK B 2921 46.13 -67.65 -99.09
C UNK B 2921 46.68 -66.85 -100.27
N UNK B 2922 46.07 -67.02 -101.44
CA UNK B 2922 46.49 -66.31 -102.64
C UNK B 2922 46.04 -64.85 -102.60
N UNK B 2923 44.92 -64.60 -101.93
CA UNK B 2923 44.38 -63.25 -101.84
C UNK B 2923 45.14 -62.44 -100.79
N UNK B 2924 45.56 -63.11 -99.72
CA UNK B 2924 46.29 -62.45 -98.64
C UNK B 2924 47.72 -62.12 -99.07
N UNK B 2925 48.39 -63.11 -99.66
CA UNK B 2925 49.76 -62.93 -100.11
C UNK B 2925 49.83 -62.87 -101.64
N UNK B 2926 55.33 -69.16 -112.26
CA UNK B 2926 56.25 -70.16 -111.71
C UNK B 2926 55.52 -71.48 -111.43
N UNK B 2927 55.71 -72.01 -110.23
CA UNK B 2927 55.07 -73.26 -109.84
C UNK B 2927 53.57 -73.05 -109.64
N UNK B 2928 53.19 -71.85 -109.23
CA UNK B 2928 51.79 -71.52 -109.01
C UNK B 2928 51.06 -71.40 -110.34
N UNK B 2929 51.78 -70.97 -111.37
CA UNK B 2929 51.21 -70.83 -112.71
C UNK B 2929 50.95 -72.19 -113.31
N UNK B 2930 51.80 -73.15 -112.99
CA UNK B 2930 51.65 -74.52 -113.49
C UNK B 2930 50.50 -75.22 -112.77
N UNK B 2931 50.28 -74.85 -111.52
CA UNK B 2931 49.20 -75.43 -110.72
C UNK B 2931 47.86 -74.85 -111.15
N UNK B 2932 47.88 -73.60 -111.62
CA UNK B 2932 46.66 -72.94 -112.08
C UNK B 2932 46.19 -73.54 -113.40
N UNK B 2933 47.15 -73.97 -114.23
CA UNK B 2933 46.84 -74.58 -115.51
C UNK B 2933 46.34 -76.00 -115.31
N UNK B 2934 46.88 -76.68 -114.30
CA UNK B 2934 46.47 -78.04 -113.99
C UNK B 2934 45.08 -78.06 -113.36
N UNK B 2935 44.78 -77.02 -112.59
CA UNK B 2935 43.47 -76.90 -111.95
C UNK B 2935 42.41 -76.52 -112.98
N UNK B 2936 42.81 -75.77 -113.99
CA UNK B 2936 41.91 -75.36 -115.06
C UNK B 2936 41.56 -76.54 -115.95
N UNK B 2937 42.51 -77.47 -116.09
CA UNK B 2937 42.31 -78.66 -116.91
C UNK B 2937 41.43 -79.66 -116.17
N UNK B 2938 41.50 -79.65 -114.84
CA UNK B 2938 40.71 -80.55 -114.02
C UNK B 2938 39.26 -80.09 -113.97
N UNK B 2939 39.05 -78.79 -114.15
CA UNK B 2939 37.71 -78.22 -114.13
C UNK B 2939 37.01 -78.44 -115.48
N UNK B 2940 37.80 -78.50 -116.55
CA UNK B 2940 37.26 -78.70 -117.89
C UNK B 2940 36.90 -80.16 -118.11
N UNK B 2941 31.88 -76.83 -107.24
CA UNK B 2941 31.31 -76.28 -108.47
C UNK B 2941 31.68 -74.81 -108.63
N UNK B 2942 31.03 -73.96 -107.84
CA UNK B 2942 31.29 -72.52 -107.90
C UNK B 2942 32.58 -72.18 -107.17
N UNK B 2943 33.01 -73.07 -106.28
CA UNK B 2943 34.23 -72.86 -105.51
C UNK B 2943 35.46 -73.04 -106.38
N UNK B 2944 35.36 -73.93 -107.37
CA UNK B 2944 36.46 -74.20 -108.28
C UNK B 2944 36.66 -73.02 -109.24
N UNK B 2945 35.56 -72.42 -109.67
CA UNK B 2945 35.62 -71.28 -110.58
C UNK B 2945 36.12 -70.04 -109.86
N UNK B 2946 35.78 -69.92 -108.59
CA UNK B 2946 36.21 -68.79 -107.79
C UNK B 2946 37.70 -68.89 -107.45
N UNK B 2947 38.18 -70.11 -107.28
CA UNK B 2947 39.58 -70.35 -106.98
C UNK B 2947 40.46 -70.06 -108.20
N UNK B 2948 39.92 -70.34 -109.38
CA UNK B 2948 40.64 -70.10 -110.63
C UNK B 2948 40.73 -68.59 -110.91
N UNK B 2949 39.67 -67.87 -110.53
CA UNK B 2949 39.63 -66.43 -110.72
C UNK B 2949 40.52 -65.72 -109.71
N UNK B 2950 40.70 -66.36 -108.56
CA UNK B 2950 41.55 -65.80 -107.50
C UNK B 2950 43.03 -66.03 -107.83
N UNK B 2951 43.31 -67.09 -108.57
CA UNK B 2951 44.67 -67.42 -108.95
C UNK B 2951 45.16 -66.51 -110.06
N UNK B 2952 44.22 -65.94 -110.81
CA UNK B 2952 44.56 -65.04 -111.90
C UNK B 2952 44.97 -63.67 -111.37
N UNK B 2953 49.99 -74.09 -120.69
CA UNK B 2953 49.40 -72.77 -120.92
C UNK B 2953 48.85 -72.67 -122.34
N UNK B 2954 49.63 -73.12 -123.30
CA UNK B 2954 49.22 -73.09 -124.70
C UNK B 2954 48.12 -74.10 -124.97
N UNK B 2955 48.16 -75.22 -124.25
CA UNK B 2955 47.15 -76.26 -124.39
C UNK B 2955 45.83 -75.82 -123.80
N UNK B 2956 45.89 -74.98 -122.76
CA UNK B 2956 44.70 -74.46 -122.11
C UNK B 2956 44.02 -73.43 -123.01
N UNK B 2957 44.83 -72.66 -123.74
CA UNK B 2957 44.30 -71.65 -124.65
C UNK B 2957 43.69 -72.33 -125.88
N UNK B 2958 44.26 -73.46 -126.26
CA UNK B 2958 43.76 -74.22 -127.41
C UNK B 2958 42.45 -74.91 -127.06
N UNK B 2959 42.32 -75.34 -125.81
CA UNK B 2959 41.11 -75.99 -125.33
C UNK B 2959 39.98 -74.98 -125.18
N UNK B 2960 40.35 -73.75 -124.84
CA UNK B 2960 39.37 -72.67 -124.68
C UNK B 2960 38.84 -72.23 -126.05
N UNK B 2961 39.71 -72.29 -127.05
CA UNK B 2961 39.33 -71.91 -128.41
C UNK B 2961 38.43 -72.98 -129.02
N UNK B 2962 38.64 -74.23 -128.61
CA UNK B 2962 37.83 -75.34 -129.10
C UNK B 2962 36.44 -75.32 -128.45
N UNK B 2963 36.40 -74.91 -127.18
CA UNK B 2963 35.14 -74.82 -126.45
C UNK B 2963 34.33 -73.62 -126.93
N UNK B 2964 35.03 -72.58 -127.36
CA UNK B 2964 34.38 -71.38 -127.87
C UNK B 2964 33.77 -71.63 -129.23
N UNK B 2965 34.43 -72.48 -130.02
CA UNK B 2965 33.95 -72.83 -131.35
C UNK B 2965 32.72 -73.72 -131.26
N UNK B 2966 32.70 -74.59 -130.25
CA UNK B 2966 31.57 -75.49 -130.02
C UNK B 2966 30.38 -74.72 -129.46
N UNK B 2967 30.66 -73.69 -128.69
CA UNK B 2967 29.62 -72.86 -128.10
C UNK B 2967 28.99 -71.97 -129.17
N UNK B 2968 29.79 -71.57 -130.15
CA UNK B 2968 29.31 -70.74 -131.25
C UNK B 2968 28.44 -71.56 -132.19
N UNK B 2969 28.74 -72.84 -132.31
CA UNK B 2969 27.98 -73.74 -133.16
C UNK B 2969 26.63 -74.07 -132.52
N UNK B 2970 26.61 -74.14 -131.19
CA UNK B 2970 25.38 -74.42 -130.46
C UNK B 2970 24.46 -73.21 -130.46
N UNK B 2971 25.05 -72.02 -130.50
CA UNK B 2971 24.27 -70.79 -130.52
C UNK B 2971 23.65 -70.58 -131.90
N UNK B 2972 24.31 -71.09 -132.93
CA UNK B 2972 23.82 -70.97 -134.30
C UNK B 2972 22.72 -72.00 -134.57
N UNK B 2973 22.70 -73.05 -133.76
CA UNK B 2973 21.70 -74.11 -133.90
C UNK B 2973 20.38 -73.69 -133.25
N UNK B 2974 30.62 -78.78 -123.13
CA UNK B 2974 29.27 -78.44 -122.67
C UNK B 2974 29.02 -76.94 -122.73
N UNK B 2975 27.75 -76.56 -122.73
CA UNK B 2975 27.38 -75.15 -122.79
C UNK B 2975 27.65 -74.46 -121.45
N UNK B 2976 27.42 -75.19 -120.36
CA UNK B 2976 27.64 -74.65 -119.03
C UNK B 2976 29.13 -74.50 -118.74
N UNK B 2977 29.92 -75.44 -119.27
CA UNK B 2977 31.36 -75.42 -119.09
C UNK B 2977 32.00 -74.30 -119.92
N UNK B 2978 31.38 -74.00 -121.05
CA UNK B 2978 31.86 -72.95 -121.94
C UNK B 2978 31.58 -71.57 -121.35
N UNK B 2979 30.48 -71.46 -120.60
CA UNK B 2979 30.10 -70.21 -119.97
C UNK B 2979 31.01 -69.90 -118.80
N UNK B 2980 31.44 -70.94 -118.09
CA UNK B 2980 32.33 -70.78 -116.95
C UNK B 2980 33.76 -70.51 -117.43
N UNK B 2981 34.11 -71.07 -118.57
CA UNK B 2981 35.45 -70.89 -119.14
C UNK B 2981 35.59 -69.48 -119.72
N UNK B 2982 34.47 -68.92 -120.18
CA UNK B 2982 34.47 -67.58 -120.76
C UNK B 2982 34.67 -66.53 -119.68
N UNK B 2983 34.16 -66.80 -118.48
CA UNK B 2983 34.29 -65.89 -117.36
C UNK B 2983 35.71 -65.91 -116.81
N UNK B 2984 36.34 -67.09 -116.85
CA UNK B 2984 37.71 -67.25 -116.37
C UNK B 2984 38.69 -66.65 -117.38
N UNK B 2985 38.34 -66.72 -118.66
CA UNK B 2985 39.18 -66.18 -119.72
C UNK B 2985 39.10 -64.66 -119.75
N UNK B 2986 37.93 -64.12 -119.38
CA UNK B 2986 37.72 -62.69 -119.35
C UNK B 2986 38.53 -62.05 -118.22
N UNK B 2987 38.67 -62.78 -117.11
CA UNK B 2987 39.42 -62.29 -115.97
C UNK B 2987 40.92 -62.47 -116.20
N UNK B 2988 41.28 -63.51 -116.95
CA UNK B 2988 42.68 -63.79 -117.26
C UNK B 2988 43.21 -62.79 -118.28
N UNK B 2989 42.37 -62.39 -119.23
CA UNK B 2989 42.74 -61.43 -120.24
C UNK B 2989 42.84 -60.03 -119.65
N UNK B 2990 42.02 -59.77 -118.63
CA UNK B 2990 42.04 -58.47 -117.96
C UNK B 2990 43.28 -58.34 -117.10
N UNK B 2991 43.76 -59.46 -116.58
CA UNK B 2991 44.96 -59.48 -115.74
C UNK B 2991 46.21 -59.31 -116.60
N UNK B 2992 46.14 -59.80 -117.83
CA UNK B 2992 47.27 -59.70 -118.76
C UNK B 2992 47.40 -58.28 -119.28
N UNK B 2993 46.29 -57.55 -119.32
CA UNK B 2993 46.28 -56.18 -119.79
C UNK B 2993 46.82 -55.24 -118.71
N UNK B 2994 46.70 -55.66 -117.45
CA UNK B 2994 47.17 -54.86 -116.32
C UNK B 2994 48.66 -55.08 -116.10
N UNK B 2995 53.81 -65.54 -128.69
CA UNK B 2995 52.46 -66.04 -128.48
C UNK B 2995 51.77 -66.35 -129.81
N UNK B 2996 52.45 -67.11 -130.66
CA UNK B 2996 51.91 -67.48 -131.97
C UNK B 2996 50.75 -68.45 -131.81
N UNK B 2997 50.88 -69.36 -130.85
CA UNK B 2997 49.83 -70.34 -130.58
C UNK B 2997 48.62 -69.66 -129.94
N UNK B 2998 48.88 -68.61 -129.16
CA UNK B 2998 47.82 -67.85 -128.51
C UNK B 2998 47.11 -66.96 -129.52
N UNK B 2999 47.85 -66.55 -130.55
CA UNK B 2999 47.28 -65.71 -131.60
C UNK B 2999 46.30 -66.50 -132.45
N UNK B 3000 46.58 -67.79 -132.64
CA UNK B 3000 45.72 -68.67 -133.39
C UNK B 3000 44.42 -68.93 -132.63
N UNK B 3001 44.54 -69.03 -131.31
CA UNK B 3001 43.40 -69.25 -130.45
C UNK B 3001 42.57 -67.96 -130.34
N UNK B 3002 43.25 -66.83 -130.45
CA UNK B 3002 42.59 -65.52 -130.40
C UNK B 3002 41.82 -65.28 -131.69
N UNK B 3003 42.36 -65.80 -132.80
CA UNK B 3003 41.70 -65.66 -134.10
C UNK B 3003 40.46 -66.53 -134.15
N UNK B 3004 40.52 -67.69 -133.49
CA UNK B 3004 39.38 -68.58 -133.41
C UNK B 3004 38.31 -68.01 -132.49
N UNK B 3005 38.75 -67.27 -131.47
CA UNK B 3005 37.83 -66.63 -130.54
C UNK B 3005 37.12 -65.47 -131.22
N UNK B 3006 37.83 -64.80 -132.12
CA UNK B 3006 37.26 -63.69 -132.88
C UNK B 3006 36.28 -64.21 -133.92
N UNK B 3007 36.54 -65.43 -134.40
CA UNK B 3007 35.66 -66.07 -135.38
C UNK B 3007 34.41 -66.62 -134.70
N UNK B 3008 34.54 -66.93 -133.42
CA UNK B 3008 33.42 -67.46 -132.63
C UNK B 3008 32.44 -66.34 -132.31
N UNK B 3009 32.95 -65.11 -132.24
CA UNK B 3009 32.10 -63.95 -131.95
C UNK B 3009 31.26 -63.59 -133.16
N UNK B 3010 31.84 -63.68 -134.35
CA UNK B 3010 31.16 -63.38 -135.61
C UNK B 3010 30.57 -61.97 -135.60
N UNK B 3011 25.14 -62.61 -124.52
CA UNK B 3011 26.03 -62.03 -125.53
C UNK B 3011 26.87 -60.91 -124.92
N UNK B 3012 26.48 -60.46 -123.73
CA UNK B 3012 27.20 -59.38 -123.05
C UNK B 3012 28.53 -59.89 -122.52
N UNK B 3013 28.56 -61.16 -122.11
CA UNK B 3013 29.78 -61.76 -121.58
C UNK B 3013 30.79 -62.00 -122.71
N UNK B 3014 30.28 -62.29 -123.90
CA UNK B 3014 31.13 -62.51 -125.06
C UNK B 3014 31.71 -61.20 -125.56
N UNK B 3015 30.95 -60.12 -125.41
CA UNK B 3015 31.38 -58.80 -125.82
C UNK B 3015 32.48 -58.28 -124.88
N UNK B 3016 32.39 -58.67 -123.62
CA UNK B 3016 33.38 -58.28 -122.63
C UNK B 3016 34.69 -59.04 -122.84
N UNK B 3017 34.57 -60.28 -123.31
CA UNK B 3017 35.73 -61.11 -123.59
C UNK B 3017 36.45 -60.62 -124.84
N UNK B 3018 35.69 -60.08 -125.78
CA UNK B 3018 36.25 -59.54 -127.01
C UNK B 3018 36.94 -58.21 -126.76
N UNK B 3019 36.41 -57.45 -125.81
CA UNK B 3019 36.97 -56.16 -125.43
C UNK B 3019 38.29 -56.36 -124.67
N UNK B 3020 38.35 -57.42 -123.88
CA UNK B 3020 39.55 -57.74 -123.12
C UNK B 3020 40.63 -58.29 -124.03
N UNK B 3021 40.21 -58.98 -125.09
CA UNK B 3021 41.15 -59.54 -126.07
C UNK B 3021 41.72 -58.45 -126.95
N UNK B 3022 40.94 -57.39 -127.14
CA UNK B 3022 41.36 -56.26 -127.96
C UNK B 3022 42.41 -55.42 -127.22
N UNK B 3023 42.32 -55.43 -125.89
CA UNK B 3023 43.26 -54.69 -125.07
C UNK B 3023 44.58 -55.45 -124.93
N UNK B 3024 44.51 -56.76 -125.11
CA UNK B 3024 45.69 -57.61 -125.01
C UNK B 3024 46.52 -57.53 -126.29
N UNK B 3025 38.71 -51.69 -140.85
CA UNK B 3025 38.95 -50.99 -139.60
C UNK B 3025 38.33 -49.59 -139.62
N UNK B 3026 38.76 -48.78 -140.57
CA UNK B 3026 38.25 -47.42 -140.71
C UNK B 3026 36.81 -47.43 -141.23
N UNK B 3027 36.51 -48.42 -142.07
CA UNK B 3027 35.18 -48.55 -142.64
C UNK B 3027 34.18 -49.01 -141.59
N UNK B 3028 34.65 -49.79 -140.63
CA UNK B 3028 33.81 -50.28 -139.55
C UNK B 3028 33.45 -49.15 -138.58
N UNK B 3029 34.38 -48.23 -138.40
CA UNK B 3029 34.17 -47.09 -137.51
C UNK B 3029 33.21 -46.08 -138.16
N UNK B 3030 33.27 -46.01 -139.49
CA UNK B 3030 32.40 -45.10 -140.23
C UNK B 3030 30.97 -45.61 -140.26
N UNK B 3031 30.82 -46.92 -140.28
CA UNK B 3031 29.50 -47.55 -140.30
C UNK B 3031 28.83 -47.42 -138.94
N UNK B 3032 29.64 -47.44 -137.88
CA UNK B 3032 29.13 -47.30 -136.52
C UNK B 3032 28.70 -45.87 -136.24
N UNK B 3033 29.35 -44.92 -136.90
CA UNK B 3033 29.04 -43.51 -136.74
C UNK B 3033 27.75 -43.16 -137.47
N UNK B 3034 27.47 -43.88 -138.55
CA UNK B 3034 26.26 -43.66 -139.35
C UNK B 3034 25.06 -44.34 -138.70
N UNK B 3035 25.33 -45.31 -137.83
CA UNK B 3035 24.27 -46.04 -137.15
C UNK B 3035 23.63 -45.18 -136.06
N UNK B 3036 19.89 -53.02 -133.06
CA UNK B 3036 21.02 -53.87 -133.44
C UNK B 3036 21.95 -54.12 -132.26
N UNK B 3037 21.94 -55.35 -131.76
CA UNK B 3037 22.78 -55.72 -130.63
C UNK B 3037 24.23 -55.89 -131.06
N UNK B 3038 24.44 -56.22 -132.33
CA UNK B 3038 25.78 -56.41 -132.87
C UNK B 3038 26.50 -55.08 -133.03
N UNK B 3039 25.73 -54.02 -133.26
CA UNK B 3039 26.29 -52.68 -133.43
C UNK B 3039 26.78 -52.12 -132.10
N UNK B 3040 26.08 -52.45 -131.02
CA UNK B 3040 26.45 -51.98 -129.69
C UNK B 3040 27.67 -52.73 -129.17
N UNK B 3041 27.77 -54.00 -129.53
CA UNK B 3041 28.89 -54.83 -129.11
C UNK B 3041 30.16 -54.47 -129.87
N UNK B 3042 29.99 -54.03 -131.11
CA UNK B 3042 31.12 -53.66 -131.95
C UNK B 3042 31.66 -52.29 -131.54
N UNK B 3043 30.78 -51.44 -131.04
CA UNK B 3043 31.16 -50.09 -130.61
C UNK B 3043 32.00 -50.15 -129.34
N UNK B 3044 31.68 -51.11 -128.48
CA UNK B 3044 32.40 -51.28 -127.21
C UNK B 3044 33.78 -51.88 -127.45
N UNK B 3045 33.88 -52.71 -128.49
CA UNK B 3045 35.14 -53.36 -128.83
C UNK B 3045 36.06 -52.39 -129.58
N UNK B 3046 35.47 -51.52 -130.37
CA UNK B 3046 36.23 -50.54 -131.14
C UNK B 3046 36.76 -49.43 -130.25
N UNK B 3047 36.04 -49.15 -129.16
CA UNK B 3047 36.45 -48.12 -128.23
C UNK B 3047 37.68 -48.56 -127.44
N UNK B 3048 37.72 -49.84 -127.09
CA UNK B 3048 38.84 -50.41 -126.35
C UNK B 3048 40.06 -50.58 -127.26
N UNK B 3049 39.80 -50.76 -128.55
CA UNK B 3049 40.87 -50.94 -129.53
C UNK B 3049 41.49 -49.60 -129.89
N UNK B 3050 40.67 -48.55 -129.90
CA UNK B 3050 41.14 -47.21 -130.23
C UNK B 3050 41.95 -46.63 -129.10
N UNK B 3051 41.67 -47.08 -127.88
CA UNK B 3051 42.39 -46.61 -126.70
C UNK B 3051 43.77 -47.24 -126.61
N UNK B 3052 43.89 -48.46 -127.14
CA UNK B 3052 45.16 -49.18 -127.12
C UNK B 3052 46.12 -48.60 -128.14
N UNK B 3053 45.05 -40.56 -135.08
CA UNK B 3053 44.45 -41.52 -134.17
C UNK B 3053 43.66 -40.80 -133.07
N UNK B 3054 44.14 -39.63 -132.69
CA UNK B 3054 43.49 -38.83 -131.64
C UNK B 3054 42.17 -38.26 -132.16
N UNK B 3055 42.15 -37.90 -133.44
CA UNK B 3055 40.94 -37.35 -134.06
C UNK B 3055 39.91 -38.45 -134.28
N UNK B 3056 40.39 -39.68 -134.49
CA UNK B 3056 39.51 -40.82 -134.70
C UNK B 3056 38.82 -41.21 -133.39
N UNK B 3057 39.53 -41.03 -132.28
CA UNK B 3057 38.98 -41.35 -130.97
C UNK B 3057 37.93 -40.34 -130.56
N UNK B 3058 38.09 -39.10 -131.01
CA UNK B 3058 37.14 -38.03 -130.72
C UNK B 3058 35.87 -38.22 -131.54
N UNK B 3059 36.02 -38.73 -132.76
CA UNK B 3059 34.89 -38.97 -133.64
C UNK B 3059 34.07 -40.15 -133.14
N UNK B 3060 34.74 -41.11 -132.52
CA UNK B 3060 34.09 -42.29 -131.98
C UNK B 3060 33.28 -41.92 -130.73
N UNK B 3061 33.79 -40.96 -129.97
CA UNK B 3061 33.11 -40.51 -128.76
C UNK B 3061 31.90 -39.66 -129.12
N UNK B 3062 32.01 -38.91 -130.22
CA UNK B 3062 30.91 -38.07 -130.68
C UNK B 3062 29.78 -38.92 -131.27
N UNK B 3063 30.15 -40.03 -131.88
CA UNK B 3063 29.18 -40.95 -132.47
C UNK B 3063 28.45 -41.72 -131.38
N UNK B 3064 29.18 -42.04 -130.31
CA UNK B 3064 28.60 -42.77 -129.19
C UNK B 3064 27.68 -41.86 -128.37
N UNK B 3065 27.99 -40.56 -128.38
CA UNK B 3065 27.18 -39.58 -127.65
C UNK B 3065 25.85 -39.35 -128.35
N UNK B 3066 25.87 -39.45 -129.68
CA UNK B 3066 24.66 -39.26 -130.47
C UNK B 3066 23.72 -40.47 -130.34
N UNK B 3067 24.31 -41.64 -130.12
CA UNK B 3067 23.54 -42.87 -129.97
C UNK B 3067 23.13 -43.08 -128.52
N UNK B 3068 23.88 -48.00 -120.26
CA UNK B 3068 24.50 -48.30 -118.97
C UNK B 3068 25.79 -49.08 -119.17
N UNK B 3069 25.71 -50.19 -119.90
CA UNK B 3069 26.87 -51.03 -120.17
C UNK B 3069 27.81 -50.35 -121.15
N UNK B 3070 27.24 -49.56 -122.07
CA UNK B 3070 28.03 -48.85 -123.07
C UNK B 3070 28.69 -47.62 -122.46
N UNK B 3071 28.12 -47.13 -121.37
CA UNK B 3071 28.65 -45.95 -120.69
C UNK B 3071 29.94 -46.30 -119.94
N UNK B 3072 29.95 -47.46 -119.31
CA UNK B 3072 31.12 -47.91 -118.56
C UNK B 3072 32.20 -48.43 -119.50
N UNK B 3073 31.79 -48.87 -120.68
CA UNK B 3073 32.72 -49.39 -121.67
C UNK B 3073 33.42 -48.26 -122.41
N UNK B 3074 32.74 -47.12 -122.52
CA UNK B 3074 33.30 -45.96 -123.19
C UNK B 3074 33.75 -44.91 -122.18
N UNK B 3075 34.07 -45.36 -120.97
CA UNK B 3075 34.51 -44.46 -119.91
C UNK B 3075 35.95 -44.00 -120.15
N UNK B 3076 36.79 -44.91 -120.65
CA UNK B 3076 38.18 -44.60 -120.93
C UNK B 3076 38.31 -43.72 -122.16
N UNK B 3077 37.40 -43.93 -123.12
CA UNK B 3077 37.41 -43.15 -124.35
C UNK B 3077 36.93 -41.72 -124.09
N UNK B 3078 36.05 -41.57 -123.10
CA UNK B 3078 35.53 -40.27 -122.74
C UNK B 3078 36.57 -39.45 -121.99
N UNK B 3079 37.53 -40.13 -121.37
CA UNK B 3079 38.59 -39.47 -120.62
C UNK B 3079 39.69 -39.00 -121.56
N UNK B 3080 39.71 -39.54 -122.76
CA UNK B 3080 40.72 -39.17 -123.75
C UNK B 3080 40.32 -37.88 -124.47
N UNK B 3081 27.66 -32.41 -129.42
CA UNK B 3081 27.78 -31.42 -128.35
C UNK B 3081 27.12 -31.93 -127.07
N UNK B 3082 27.81 -31.78 -125.95
CA UNK B 3082 27.30 -32.22 -124.66
C UNK B 3082 26.42 -31.14 -124.03
N UNK B 3083 26.52 -29.92 -124.56
CA UNK B 3083 25.74 -28.80 -124.06
C UNK B 3083 24.29 -28.91 -124.51
N UNK B 3084 24.08 -29.43 -125.71
CA UNK B 3084 22.74 -29.59 -126.27
C UNK B 3084 22.02 -30.76 -125.60
N UNK B 3085 22.77 -31.80 -125.27
CA UNK B 3085 22.19 -32.97 -124.62
C UNK B 3085 21.82 -32.68 -123.17
N UNK B 3086 22.62 -31.83 -122.53
CA UNK B 3086 22.36 -31.44 -121.14
C UNK B 3086 21.18 -30.50 -121.05
N UNK B 3087 21.00 -29.68 -122.09
CA UNK B 3087 19.89 -28.74 -122.14
C UNK B 3087 18.57 -29.46 -122.36
N UNK B 3088 18.63 -30.56 -123.12
CA UNK B 3088 17.43 -31.35 -123.40
C UNK B 3088 16.99 -32.12 -122.15
N UNK B 3089 17.96 -32.55 -121.36
CA UNK B 3089 17.69 -33.26 -120.12
C UNK B 3089 17.13 -32.32 -119.07
N UNK B 3090 17.48 -31.04 -119.19
CA UNK B 3090 17.00 -30.01 -118.26
C UNK B 3090 15.55 -29.68 -118.56
N UNK B 3091 15.18 -29.75 -119.83
CA UNK B 3091 13.81 -29.46 -120.24
C UNK B 3091 12.89 -30.64 -119.92
N UNK B 3092 13.45 -31.84 -119.98
CA UNK B 3092 12.69 -33.05 -119.67
C UNK B 3092 12.38 -33.11 -118.18
N UNK B 3093 13.33 -32.68 -117.37
CA UNK B 3093 13.15 -32.64 -115.92
C UNK B 3093 12.27 -31.46 -115.54
N UNK B 3094 12.21 -30.46 -116.41
CA UNK B 3094 11.40 -29.27 -116.17
C UNK B 3094 9.91 -29.60 -116.22
N UNK B 3095 9.54 -30.48 -117.15
CA UNK B 3095 8.15 -30.90 -117.30
C UNK B 3095 7.81 -32.03 -116.34
N UNK B 3096 8.85 -32.62 -115.74
CA UNK B 3096 8.68 -33.72 -114.81
C UNK B 3096 8.12 -33.23 -113.48
N UNK B 3097 8.76 -32.22 -112.91
CA UNK B 3097 8.34 -31.66 -111.64
C UNK B 3097 7.13 -30.74 -111.82
N UNK B 3098 6.93 -30.27 -113.05
CA UNK B 3098 5.79 -29.42 -113.36
C UNK B 3098 4.50 -30.23 -113.28
N UNK B 3099 4.60 -31.51 -113.61
CA UNK B 3099 3.46 -32.41 -113.53
C UNK B 3099 3.28 -32.91 -112.10
N UNK B 3100 4.36 -32.85 -111.32
CA UNK B 3100 4.33 -33.26 -109.93
C UNK B 3100 3.74 -32.17 -109.05
N UNK B 3101 3.80 -30.93 -109.53
CA UNK B 3101 3.27 -29.79 -108.80
C UNK B 3101 1.84 -29.50 -109.21
N PRO B 3102 27.71 -39.01 -114.63
CA PRO B 3102 27.71 -39.80 -115.87
C PRO B 3102 28.98 -39.61 -116.68
N LEU B 3103 28.85 -39.58 -118.00
CA LEU B 3103 30.00 -39.40 -118.87
C LEU B 3103 30.57 -37.98 -118.81
N LEU B 3104 29.72 -36.99 -118.51
CA LEU B 3104 30.21 -35.61 -118.42
C LEU B 3104 31.08 -35.38 -117.20
N ILE B 3105 30.95 -36.21 -116.16
CA ILE B 3105 31.79 -36.05 -114.97
C ILE B 3105 33.25 -36.31 -115.29
N ARG B 3106 33.52 -37.36 -116.09
CA ARG B 3106 34.90 -37.66 -116.47
C ARG B 3106 35.49 -36.57 -117.35
N TYR B 3107 34.66 -35.88 -118.13
CA TYR B 3107 35.13 -34.80 -118.98
C TYR B 3107 35.18 -33.45 -118.28
N VAL B 3108 34.43 -33.29 -117.19
CA VAL B 3108 34.39 -32.01 -116.49
C VAL B 3108 35.73 -31.73 -115.81
N ASP B 3109 36.26 -32.71 -115.07
CA ASP B 3109 37.49 -32.47 -114.33
C ASP B 3109 38.70 -32.38 -115.24
N ASN B 3110 38.69 -33.09 -116.37
CA ASN B 3110 39.80 -33.02 -117.31
C ASN B 3110 39.93 -31.62 -117.91
N ASN B 3111 38.80 -30.98 -118.23
CA ASN B 3111 38.80 -29.64 -118.80
C ASN B 3111 38.58 -28.56 -117.76
N ARG B 3112 38.46 -28.93 -116.48
CA ARG B 3112 38.25 -27.93 -115.44
C ARG B 3112 39.45 -26.99 -115.30
N ALA B 3113 40.67 -27.52 -115.46
CA ALA B 3113 41.85 -26.68 -115.38
C ALA B 3113 41.86 -25.61 -116.47
N HIS B 3114 41.49 -26.00 -117.69
CA HIS B 3114 41.41 -25.01 -118.78
C HIS B 3114 40.28 -24.02 -118.54
N TRP B 3115 39.16 -24.48 -117.95
CA TRP B 3115 38.03 -23.60 -117.70
C TRP B 3115 38.32 -22.61 -116.58
N LEU B 3116 39.24 -22.92 -115.67
CA LEU B 3116 39.54 -22.02 -114.57
C LEU B 3116 40.48 -20.90 -114.99
N THR B 3117 41.55 -21.24 -115.71
CA THR B 3117 42.51 -20.22 -116.13
C THR B 3117 41.99 -19.38 -117.28
N GLU B 3118 41.00 -19.86 -118.04
CA GLU B 3118 40.46 -19.13 -119.16
C GLU B 3118 38.94 -19.15 -119.07
N PRO B 3119 38.28 -17.99 -118.95
CA PRO B 3119 36.81 -17.97 -118.90
C PRO B 3119 36.22 -18.50 -120.21
N ASN B 3120 35.11 -19.22 -120.09
CA ASN B 3120 34.44 -19.86 -121.22
C ASN B 3120 32.94 -19.63 -121.07
N PRO B 3121 32.27 -18.99 -122.04
CA PRO B 3121 30.83 -18.75 -121.84
C PRO B 3121 29.97 -19.98 -121.99
N SER B 3122 30.47 -21.03 -122.65
CA SER B 3122 29.76 -22.30 -122.63
C SER B 3122 29.87 -22.98 -121.28
N ALA B 3123 31.01 -22.83 -120.60
CA ALA B 3123 31.16 -23.38 -119.25
C ALA B 3123 30.19 -22.72 -118.27
N GLU B 3124 30.06 -21.39 -118.35
CA GLU B 3124 29.09 -20.70 -117.50
C GLU B 3124 27.67 -21.12 -117.85
N GLU B 3125 27.36 -21.27 -119.14
CA GLU B 3125 26.06 -21.76 -119.53
C GLU B 3125 25.86 -23.22 -119.13
N LEU B 3126 26.94 -23.99 -119.05
CA LEU B 3126 26.84 -25.37 -118.59
C LEU B 3126 26.42 -25.44 -117.12
N PHE B 3127 26.86 -24.48 -116.31
CA PHE B 3127 26.44 -24.44 -114.91
C PHE B 3127 24.95 -24.20 -114.80
N ARG B 3128 24.39 -23.34 -115.66
CA ARG B 3128 22.95 -23.11 -115.64
C ARG B 3128 22.14 -24.36 -115.96
N MET B 3129 22.74 -25.31 -116.68
CA MET B 3129 22.05 -26.56 -116.97
C MET B 3129 22.07 -27.49 -115.76
N VAL B 3130 23.26 -27.77 -115.22
CA VAL B 3130 23.35 -28.62 -114.03
C VAL B 3130 22.77 -27.92 -112.81
N GLY B 3131 22.87 -26.59 -112.76
CA GLY B 3131 22.28 -25.86 -111.65
C GLY B 3131 20.77 -26.02 -111.57
N GLU B 3132 20.09 -26.03 -112.72
CA GLU B 3132 18.66 -26.31 -112.72
C GLU B 3132 18.35 -27.72 -112.27
N ILE B 3133 19.20 -28.69 -112.65
CA ILE B 3133 19.02 -30.07 -112.20
C ILE B 3133 19.18 -30.16 -110.68
N PHE B 3134 20.20 -29.51 -110.14
CA PHE B 3134 20.40 -29.51 -108.70
C PHE B 3134 19.25 -28.80 -107.98
N ILE B 3135 18.76 -27.70 -108.54
CA ILE B 3135 17.62 -27.02 -107.94
C ILE B 3135 16.38 -27.91 -107.97
N TYR B 3136 16.16 -28.60 -109.10
CA TYR B 3136 15.01 -29.50 -109.20
C TYR B 3136 15.18 -30.76 -108.36
N TRP B 3137 16.41 -31.21 -108.16
CA TRP B 3137 16.65 -32.37 -107.31
C TRP B 3137 16.29 -32.07 -105.86
N SER B 3138 16.59 -30.86 -105.38
CA SER B 3138 16.29 -30.51 -104.00
C SER B 3138 14.79 -30.55 -103.73
N LYS B 3139 13.98 -30.06 -104.66
CA LYS B 3139 12.53 -30.07 -104.51
C LYS B 3139 11.84 -30.43 -105.82
N UNK B 3140 23.80 -38.98 -105.71
CA UNK B 3140 25.22 -38.83 -105.44
C UNK B 3140 25.96 -38.32 -106.67
N UNK B 3141 25.54 -38.79 -107.84
CA UNK B 3141 26.16 -38.39 -109.11
C UNK B 3141 25.77 -36.96 -109.46
N UNK B 3142 24.58 -36.55 -109.04
CA UNK B 3142 24.09 -35.20 -109.32
C UNK B 3142 24.80 -34.18 -108.44
N UNK B 3143 25.14 -34.59 -107.22
CA UNK B 3143 25.83 -33.71 -106.28
C UNK B 3143 27.28 -33.54 -106.66
N UNK B 3144 27.87 -34.58 -107.23
CA UNK B 3144 29.27 -34.54 -107.65
C UNK B 3144 29.46 -33.64 -108.87
N UNK B 3145 28.49 -33.68 -109.78
CA UNK B 3145 28.54 -32.87 -110.98
C UNK B 3145 28.26 -31.40 -110.66
N UNK B 3146 27.48 -31.17 -109.61
CA UNK B 3146 27.15 -29.82 -109.18
C UNK B 3146 28.30 -29.20 -108.38
N UNK B 3147 29.14 -30.06 -107.81
CA UNK B 3147 30.27 -29.62 -107.02
C UNK B 3147 31.45 -29.25 -107.92
N UNK B 3148 31.66 -30.03 -108.96
CA UNK B 3148 32.75 -29.80 -109.90
C UNK B 3148 32.47 -28.55 -110.73
N UNK B 3149 31.19 -28.28 -110.99
CA UNK B 3149 30.79 -27.11 -111.76
C UNK B 3149 30.83 -25.86 -110.89
N UNK B 3150 30.70 -26.06 -109.58
CA UNK B 3150 30.73 -24.94 -108.63
C UNK B 3150 32.12 -24.31 -108.56
N UNK B 3151 33.12 -25.06 -108.99
CA UNK B 3151 34.50 -24.59 -108.99
C UNK B 3151 34.73 -23.59 -110.12
N UNK B 3152 33.94 -23.72 -111.18
CA UNK B 3152 34.09 -22.84 -112.34
C UNK B 3152 33.20 -21.62 -112.24
N UNK B 3153 32.07 -21.75 -111.54
CA UNK B 3153 31.13 -20.64 -111.39
C UNK B 3153 31.66 -19.58 -110.45
N UNK B 3154 32.32 -20.02 -109.38
CA UNK B 3154 32.88 -19.10 -108.39
C UNK B 3154 34.02 -18.28 -108.99
N UNK B 3155 34.73 -18.87 -109.93
CA UNK B 3155 35.84 -18.19 -110.60
C UNK B 3155 35.31 -17.21 -111.64
N UNK B 3156 34.12 -17.48 -112.15
CA UNK B 3156 33.50 -16.63 -113.16
C UNK B 3156 32.77 -15.47 -112.50
N UNK B 3157 32.28 -15.69 -111.28
CA UNK B 3157 31.56 -14.66 -110.55
C UNK B 3157 32.51 -13.85 -109.69
N UNK B 3158 25.13 -11.64 -102.60
CA UNK B 3158 26.07 -12.32 -101.72
C UNK B 3158 25.32 -13.14 -100.67
N UNK B 3159 25.72 -12.99 -99.41
CA UNK B 3159 25.08 -13.71 -98.32
C UNK B 3159 23.68 -13.19 -98.06
N UNK B 3160 23.48 -11.89 -98.31
CA UNK B 3160 22.17 -11.26 -98.13
C UNK B 3160 21.20 -11.73 -99.21
N UNK B 3161 21.74 -12.02 -100.39
CA UNK B 3161 20.94 -12.49 -101.51
C UNK B 3161 20.48 -13.93 -101.26
N UNK B 3162 21.31 -14.70 -100.57
CA UNK B 3162 21.00 -16.08 -100.24
C UNK B 3162 19.91 -16.13 -99.17
N UNK B 3163 19.91 -15.15 -98.29
CA UNK B 3163 18.90 -15.05 -97.24
C UNK B 3163 17.56 -14.63 -97.81
N UNK B 3164 17.60 -13.82 -98.86
CA UNK B 3164 16.38 -13.36 -99.54
C UNK B 3164 15.78 -14.49 -100.37
N UNK B 3165 16.63 -15.39 -100.85
CA UNK B 3165 16.18 -16.53 -101.63
C UNK B 3165 15.58 -17.60 -100.72
N UNK B 3166 16.04 -17.62 -99.47
CA UNK B 3166 15.54 -18.57 -98.48
C UNK B 3166 14.16 -18.16 -97.99
N UNK B 3167 13.87 -16.86 -98.05
CA UNK B 3167 12.58 -16.34 -97.64
C UNK B 3167 11.57 -16.41 -98.79
N UNK B 3168 12.08 -16.58 -100.00
CA UNK B 3168 11.27 -16.67 -101.20
C UNK B 3168 10.35 -15.46 -101.36
N UNK B 3169 15.23 -11.83 -107.75
CA UNK B 3169 16.13 -10.79 -108.23
C UNK B 3169 15.60 -9.40 -107.90
N UNK B 3170 14.36 -9.35 -107.42
CA UNK B 3170 13.74 -8.08 -107.05
C UNK B 3170 14.35 -7.54 -105.76
N UNK B 3171 14.68 -8.44 -104.84
CA UNK B 3171 15.28 -8.04 -103.57
C UNK B 3171 16.72 -7.60 -103.78
N UNK B 3172 17.39 -8.19 -104.77
CA UNK B 3172 18.77 -7.85 -105.07
C UNK B 3172 18.84 -6.50 -105.79
N UNK B 3173 17.79 -6.19 -106.54
CA UNK B 3173 17.74 -4.93 -107.27
C UNK B 3173 17.47 -3.77 -106.32
N UNK B 3174 16.77 -4.04 -105.23
CA UNK B 3174 16.46 -3.02 -104.24
C UNK B 3174 17.67 -2.73 -103.37
N UNK B 3175 18.52 -3.73 -103.21
CA UNK B 3175 19.74 -3.59 -102.41
C UNK B 3175 20.82 -2.85 -103.19
N UNK B 3176 20.81 -3.04 -104.50
CA UNK B 3176 21.79 -2.40 -105.40
C UNK B 3176 23.22 -2.72 -105.00
N SER B 3177 42.21 -7.77 -97.48
CA SER B 3177 41.75 -9.05 -98.03
C SER B 3177 41.17 -8.87 -99.42
N LEU B 3178 40.57 -7.71 -99.67
CA LEU B 3178 39.98 -7.43 -100.98
C LEU B 3178 41.02 -6.99 -102.01
N ARG B 3179 42.23 -6.64 -101.57
CA ARG B 3179 43.26 -6.20 -102.52
C ARG B 3179 43.70 -7.34 -103.43
N TRP B 3180 44.03 -8.50 -102.84
CA TRP B 3180 44.47 -9.62 -103.64
C TRP B 3180 43.33 -10.31 -104.36
N GLN B 3181 42.12 -10.31 -103.79
CA GLN B 3181 40.97 -10.88 -104.48
C GLN B 3181 40.63 -10.11 -105.74
N MET B 3182 40.70 -8.78 -105.68
CA MET B 3182 40.40 -7.96 -106.86
C MET B 3182 41.45 -8.15 -107.95
N ALA B 3183 42.70 -8.41 -107.57
CA ALA B 3183 43.74 -8.62 -108.56
C ALA B 3183 43.47 -9.85 -109.40
N LEU B 3184 43.02 -10.94 -108.77
CA LEU B 3184 42.67 -12.15 -109.52
C LEU B 3184 41.38 -11.96 -110.30
N TYR B 3185 40.46 -11.13 -109.80
CA TYR B 3185 39.23 -10.86 -110.54
C TYR B 3185 39.50 -10.11 -111.84
N ARG B 3186 40.28 -9.04 -111.76
CA ARG B 3186 40.60 -8.27 -112.96
C ARG B 3186 41.57 -9.02 -113.87
N GLY B 3187 42.55 -9.70 -113.28
CA GLY B 3187 43.53 -10.43 -114.06
C GLY B 3187 42.98 -11.72 -114.64
N UNK B 3226 23.23 -8.12 -115.86
CA UNK B 3226 24.06 -9.30 -116.00
C UNK B 3226 24.64 -9.71 -114.64
N UNK B 3227 25.03 -8.71 -113.85
CA UNK B 3227 25.60 -8.97 -112.53
C UNK B 3227 24.52 -9.41 -111.55
N UNK B 3228 23.30 -8.92 -111.74
CA UNK B 3228 22.19 -9.27 -110.88
C UNK B 3228 21.66 -10.67 -111.20
N UNK B 3229 21.90 -11.11 -112.43
CA UNK B 3229 21.45 -12.43 -112.87
C UNK B 3229 22.42 -13.51 -112.39
N UNK B 3230 23.70 -13.17 -112.31
CA UNK B 3230 24.71 -14.11 -111.87
C UNK B 3230 24.68 -14.29 -110.36
N UNK B 3231 24.18 -13.28 -109.66
CA UNK B 3231 24.10 -13.32 -108.20
C UNK B 3231 22.86 -14.08 -107.75
N UNK B 3232 21.85 -14.13 -108.61
CA UNK B 3232 20.60 -14.81 -108.29
C UNK B 3232 20.75 -16.32 -108.44
N UNK B 3233 21.57 -16.74 -109.40
CA UNK B 3233 21.79 -18.16 -109.65
C UNK B 3233 22.80 -18.74 -108.66
N UNK B 3234 23.72 -17.91 -108.21
CA UNK B 3234 24.75 -18.33 -107.28
C UNK B 3234 24.19 -18.48 -105.87
N UNK B 3235 23.30 -17.56 -105.50
CA UNK B 3235 22.70 -17.58 -104.17
C UNK B 3235 21.69 -18.72 -104.05
N UNK B 3236 21.03 -19.05 -105.15
CA UNK B 3236 20.04 -20.13 -105.17
C UNK B 3236 20.72 -21.49 -105.06
N UNK B 3237 21.89 -21.62 -105.68
CA UNK B 3237 22.64 -22.86 -105.64
C UNK B 3237 23.31 -23.06 -104.28
N UNK B 3238 23.71 -21.95 -103.66
CA UNK B 3238 24.36 -22.00 -102.36
C UNK B 3238 23.36 -22.31 -101.26
N UNK B 3239 22.13 -21.80 -101.42
CA UNK B 3239 21.09 -22.02 -100.44
C UNK B 3239 20.60 -23.47 -100.48
N UNK B 3240 20.58 -24.04 -101.69
CA UNK B 3240 20.16 -25.43 -101.87
C UNK B 3240 21.24 -26.38 -101.37
N UNK B 3241 22.50 -25.98 -101.50
CA UNK B 3241 23.61 -26.79 -101.05
C UNK B 3241 23.69 -26.80 -99.54
N UNK B 3242 23.33 -25.68 -98.92
CA UNK B 3242 23.34 -25.56 -97.46
C UNK B 3242 22.19 -26.36 -96.85
N UNK B 3243 21.08 -26.45 -97.58
CA UNK B 3243 19.93 -27.21 -97.12
C UNK B 3243 20.17 -28.70 -97.25
N UNK B 3244 21.00 -29.08 -98.22
CA UNK B 3244 21.34 -30.48 -98.44
C UNK B 3244 22.29 -30.99 -97.36
N UNK B 3245 23.13 -30.08 -96.85
CA UNK B 3245 24.09 -30.44 -95.81
C UNK B 3245 23.39 -30.53 -94.45
N UNK B 3246 22.28 -29.81 -94.30
CA UNK B 3246 21.53 -29.83 -93.06
C UNK B 3246 20.67 -31.08 -92.95
N MET B 3247 -2.34 -65.80 -78.54
CA MET B 3247 -2.44 -66.82 -77.50
C MET B 3247 -3.15 -68.06 -78.01
N THR B 3248 -3.39 -69.01 -77.12
CA THR B 3248 -4.06 -70.25 -77.49
C THR B 3248 -5.53 -69.97 -77.81
N PRO B 3249 -6.06 -70.48 -78.92
CA PRO B 3249 -7.48 -70.26 -79.23
C PRO B 3249 -8.38 -70.94 -78.22
N LEU B 3250 -9.62 -70.43 -78.14
CA LEU B 3250 -10.58 -70.92 -77.15
C LEU B 3250 -10.96 -72.37 -77.43
N TYR B 3251 -11.11 -72.74 -78.70
CA TYR B 3251 -11.59 -74.08 -79.03
C TYR B 3251 -10.56 -75.17 -78.71
N ASN B 3252 -9.27 -74.82 -78.67
CA ASN B 3252 -8.25 -75.79 -78.32
C ASN B 3252 -8.23 -76.13 -76.83
N LEU B 3253 -8.92 -75.36 -76.00
CA LEU B 3253 -8.96 -75.66 -74.57
C LEU B 3253 -9.82 -76.90 -74.33
N PRO B 3254 -9.38 -77.80 -73.46
CA PRO B 3254 -10.22 -78.95 -73.11
C PRO B 3254 -11.49 -78.50 -72.39
N THR B 3255 -12.53 -79.34 -72.52
CA THR B 3255 -13.82 -78.99 -71.94
C THR B 3255 -13.76 -78.89 -70.42
N HIS B 3256 -12.97 -79.76 -69.78
CA HIS B 3256 -12.92 -79.78 -68.32
C HIS B 3256 -12.34 -78.49 -67.75
N ARG B 3257 -11.48 -77.81 -68.52
CA ARG B 3257 -10.86 -76.58 -68.04
C ARG B 3257 -11.63 -75.34 -68.47
N ALA B 3258 -12.30 -75.40 -69.62
CA ALA B 3258 -13.04 -74.23 -70.11
C ALA B 3258 -14.21 -73.89 -69.20
N CYS B 3259 -14.83 -74.90 -68.59
CA CYS B 3259 -15.95 -74.64 -67.68
C CYS B 3259 -15.50 -73.91 -66.43
N ASN B 3260 -14.24 -74.11 -66.01
CA ASN B 3260 -13.76 -73.46 -64.80
C ASN B 3260 -13.73 -71.95 -64.96
N MET B 3261 -13.23 -71.45 -66.10
CA MET B 3261 -13.22 -70.02 -66.36
C MET B 3261 -14.60 -69.48 -66.71
N PHE B 3262 -15.48 -70.33 -67.25
CA PHE B 3262 -16.84 -69.89 -67.53
C PHE B 3262 -17.59 -69.54 -66.25
N LEU B 3263 -17.41 -70.35 -65.19
CA LEU B 3263 -18.08 -70.07 -63.92
C LEU B 3263 -17.60 -68.76 -63.31
N GLU B 3264 -16.30 -68.50 -63.35
CA GLU B 3264 -15.77 -67.24 -62.82
C GLU B 3264 -16.26 -66.04 -63.61
N SER B 3265 -16.29 -66.15 -64.94
CA SER B 3265 -16.75 -65.04 -65.77
C SER B 3265 -18.25 -64.81 -65.64
N TYR B 3266 -19.04 -65.88 -65.64
CA TYR B 3266 -20.48 -65.75 -65.55
C TYR B 3266 -20.93 -65.20 -64.19
N LYS B 3267 -20.20 -65.51 -63.13
CA LYS B 3267 -20.59 -65.03 -61.80
C LYS B 3267 -20.50 -63.51 -61.71
N ALA B 3268 -19.41 -62.93 -62.21
CA ALA B 3268 -19.19 -61.50 -62.09
C ALA B 3268 -19.90 -60.69 -63.18
N ALA B 3269 -20.19 -61.29 -64.32
CA ALA B 3269 -20.80 -60.57 -65.43
C ALA B 3269 -22.31 -60.48 -65.32
N TRP B 3270 -22.97 -61.50 -64.77
CA TRP B 3270 -24.43 -61.53 -64.70
C TRP B 3270 -24.95 -61.59 -63.26
N ILE B 3271 -24.43 -62.50 -62.44
CA ILE B 3271 -24.94 -62.67 -61.08
C ILE B 3271 -24.57 -61.49 -60.21
N LEU B 3272 -23.34 -60.99 -60.33
CA LEU B 3272 -22.87 -59.92 -59.46
C LEU B 3272 -23.67 -58.63 -59.66
N THR B 3273 -23.97 -58.29 -60.91
CA THR B 3273 -24.69 -57.05 -61.21
C THR B 3273 -26.21 -57.29 -61.23
N GLU B 3274 -26.69 -57.84 -60.12
CA GLU B 3274 -28.10 -58.13 -59.94
C GLU B 3274 -28.68 -57.24 -58.85
N ASP B 3275 -29.93 -56.84 -59.02
CA ASP B 3275 -30.63 -55.97 -58.08
C ASP B 3275 -31.55 -56.81 -57.20
N HIS B 3276 -31.36 -56.72 -55.89
CA HIS B 3276 -32.19 -57.45 -54.93
C HIS B 3276 -32.67 -56.48 -53.86
N SER B 3277 -33.98 -56.31 -53.77
CA SER B 3277 -34.60 -55.41 -52.79
C SER B 3277 -35.25 -56.17 -51.64
N PHE B 3278 -34.68 -57.32 -51.27
CA PHE B 3278 -35.22 -58.12 -50.18
C PHE B 3278 -35.00 -57.47 -48.82
N GLU B 3279 -34.16 -56.44 -48.73
CA GLU B 3279 -33.94 -55.77 -47.45
C GLU B 3279 -35.20 -55.07 -46.95
N ASP B 3280 -35.95 -54.43 -47.86
CA ASP B 3280 -37.14 -53.70 -47.46
C ASP B 3280 -38.23 -54.66 -47.00
N ARG B 3281 -38.48 -55.72 -47.79
CA ARG B 3281 -39.56 -56.65 -47.46
C ARG B 3281 -39.31 -57.39 -46.15
N MET B 3282 -38.05 -57.75 -45.88
CA MET B 3282 -37.74 -58.50 -44.67
C MET B 3282 -37.99 -57.67 -43.41
N ILE B 3283 -37.61 -56.38 -43.44
CA ILE B 3283 -37.80 -55.53 -42.27
C ILE B 3283 -39.27 -55.33 -41.98
N ASP B 3284 -40.08 -55.08 -43.01
CA ASP B 3284 -41.52 -54.91 -42.81
C ASP B 3284 -42.18 -56.19 -42.31
N ASP B 3285 -41.72 -57.35 -42.78
CA ASP B 3285 -42.30 -58.61 -42.33
C ASP B 3285 -42.06 -58.83 -40.84
N LEU B 3286 -40.85 -58.53 -40.35
CA LEU B 3286 -40.55 -58.72 -38.94
C LEU B 3286 -41.21 -57.65 -38.07
N SER B 3287 -41.24 -56.40 -38.55
CA SER B 3287 -41.85 -55.33 -37.77
C SER B 3287 -43.36 -55.54 -37.61
N LYS B 3288 -44.04 -55.94 -38.68
CA LYS B 3288 -45.47 -56.15 -38.62
C LYS B 3288 -45.84 -57.41 -37.86
N ALA B 3289 -44.89 -58.35 -37.72
CA ALA B 3289 -45.19 -59.59 -37.00
C ALA B 3289 -45.44 -59.34 -35.53
N GLY B 3290 -44.70 -58.40 -34.91
CA GLY B 3290 -44.92 -58.10 -33.51
C GLY B 3290 -46.28 -57.51 -33.22
N GLU B 3291 -46.81 -56.70 -34.13
CA GLU B 3291 -48.13 -56.11 -34.01
C GLU B 3291 -49.16 -56.82 -34.87
N GLN B 3292 -49.01 -58.14 -35.04
CA GLN B 3292 -49.94 -58.89 -35.88
C GLN B 3292 -51.35 -58.89 -35.29
N GLU B 3293 -51.46 -59.12 -33.98
CA GLU B 3293 -52.76 -59.15 -33.33
C GLU B 3293 -52.59 -58.77 -31.86
N GLU B 3294 -53.68 -58.33 -31.25
CA GLU B 3294 -53.67 -57.97 -29.84
C GLU B 3294 -53.59 -59.22 -28.98
N GLU B 3295 -52.70 -59.19 -27.98
CA GLU B 3295 -52.54 -60.34 -27.10
C GLU B 3295 -53.77 -60.50 -26.22
N GLU B 3296 -54.21 -61.75 -26.05
CA GLU B 3296 -55.36 -62.04 -25.19
C GLU B 3296 -55.05 -61.78 -23.72
N GLU B 3297 -53.82 -62.06 -23.29
CA GLU B 3297 -53.44 -61.83 -21.90
C GLU B 3297 -53.43 -60.34 -21.57
N GLU B 3298 -53.02 -59.49 -22.53
CA GLU B 3298 -52.95 -58.04 -22.33
C GLU B 3298 -52.06 -57.69 -21.14
N VAL B 3299 -50.88 -58.29 -21.10
CA VAL B 3299 -49.94 -58.02 -20.01
C VAL B 3299 -49.35 -56.62 -20.17
N GLU B 3300 -48.77 -56.12 -19.08
CA GLU B 3300 -48.16 -54.79 -19.10
C GLU B 3300 -46.98 -54.75 -20.06
N GLU B 3301 -46.15 -55.80 -20.05
CA GLU B 3301 -44.99 -55.90 -20.95
C GLU B 3301 -45.40 -56.73 -22.16
N LYS B 3302 -45.61 -56.06 -23.29
CA LYS B 3302 -46.01 -56.75 -24.50
C LYS B 3302 -44.87 -57.61 -25.04
N LYS B 3303 -45.25 -58.63 -25.82
CA LYS B 3303 -44.26 -59.52 -26.40
C LYS B 3303 -43.42 -58.76 -27.44
N PRO B 3304 -42.10 -58.78 -27.33
CA PRO B 3304 -41.26 -58.05 -28.29
C PRO B 3304 -41.44 -58.58 -29.71
N ASP B 3305 -41.33 -57.67 -30.67
CA ASP B 3305 -41.43 -58.02 -32.07
C ASP B 3305 -40.21 -58.84 -32.49
N PRO B 3306 -40.32 -59.62 -33.58
CA PRO B 3306 -39.15 -60.34 -34.08
C PRO B 3306 -37.98 -59.42 -34.41
N LEU B 3307 -38.26 -58.22 -34.94
CA LEU B 3307 -37.22 -57.22 -35.09
C LEU B 3307 -36.69 -56.77 -33.73
N HIS B 3308 -37.60 -56.58 -32.77
CA HIS B 3308 -37.18 -56.26 -31.41
C HIS B 3308 -36.40 -57.42 -30.78
N GLN B 3309 -36.81 -58.66 -31.05
CA GLN B 3309 -36.05 -59.81 -30.57
C GLN B 3309 -34.70 -59.93 -31.26
N LEU B 3310 -34.58 -59.38 -32.47
CA LEU B 3310 -33.33 -59.50 -33.22
C LEU B 3310 -32.23 -58.65 -32.59
N VAL B 3311 -32.54 -57.40 -32.26
CA VAL B 3311 -31.53 -56.52 -31.67
C VAL B 3311 -31.18 -56.97 -30.27
N LEU B 3312 -32.13 -57.58 -29.54
CA LEU B 3312 -31.82 -58.08 -28.20
C LEU B 3312 -30.84 -59.25 -28.25
N HIS B 3313 -30.92 -60.09 -29.28
CA HIS B 3313 -29.97 -61.19 -29.41
C HIS B 3313 -28.56 -60.68 -29.69
N PHE B 3314 -28.43 -59.70 -30.58
CA PHE B 3314 -27.11 -59.17 -30.91
C PHE B 3314 -26.52 -58.37 -29.76
N SER B 3315 -27.36 -57.65 -29.01
CA SER B 3315 -26.86 -56.93 -27.84
C SER B 3315 -26.49 -57.88 -26.71
N ARG B 3316 -27.11 -59.06 -26.65
CA ARG B 3316 -26.79 -60.02 -25.60
C ARG B 3316 -25.35 -60.53 -25.74
N THR B 3317 -24.93 -60.86 -26.97
CA THR B 3317 -23.58 -61.34 -27.18
C THR B 3317 -22.55 -60.21 -27.11
N ALA B 3318 -22.98 -58.96 -27.28
CA ALA B 3318 -22.05 -57.84 -27.15
C ALA B 3318 -21.64 -57.63 -25.69
N LEU B 3319 -22.57 -57.82 -24.76
CA LEU B 3319 -22.28 -57.67 -23.34
C LEU B 3319 -21.60 -58.89 -22.74
N THR B 3320 -21.47 -59.98 -23.50
CA THR B 3320 -20.77 -61.16 -23.00
C THR B 3320 -19.30 -60.84 -22.79
N GLU B 3321 -18.79 -61.18 -21.60
CA GLU B 3321 -17.40 -60.90 -21.24
C GLU B 3321 -16.48 -61.80 -22.04
N LYS B 3322 -15.76 -61.23 -23.01
CA LYS B 3322 -14.84 -61.98 -23.84
C LYS B 3322 -13.59 -61.15 -24.09
N SER B 3323 -12.50 -61.83 -24.43
CA SER B 3323 -11.24 -61.15 -24.70
C SER B 3323 -11.33 -60.33 -25.98
N LYS B 3324 -11.64 -60.99 -27.10
CA LYS B 3324 -11.77 -60.33 -28.39
C LYS B 3324 -13.11 -60.67 -28.99
N LEU B 3325 -13.66 -59.73 -29.76
CA LEU B 3325 -14.96 -59.92 -30.41
C LEU B 3325 -14.76 -60.77 -31.66
N ASP B 3326 -15.20 -62.02 -31.59
CA ASP B 3326 -15.01 -62.95 -32.69
C ASP B 3326 -15.85 -62.55 -33.90
N GLU B 3327 -15.36 -62.93 -35.08
CA GLU B 3327 -16.07 -62.63 -36.32
C GLU B 3327 -17.36 -63.43 -36.39
N ASP B 3328 -18.44 -62.76 -36.80
CA ASP B 3328 -19.76 -63.38 -36.91
C ASP B 3328 -20.36 -62.97 -38.24
N TYR B 3329 -20.62 -63.96 -39.11
CA TYR B 3329 -21.17 -63.65 -40.43
C TYR B 3329 -22.65 -63.26 -40.35
N LEU B 3330 -23.39 -63.82 -39.39
CA LEU B 3330 -24.82 -63.53 -39.29
C LEU B 3330 -25.07 -62.07 -38.93
N TYR B 3331 -24.26 -61.50 -38.05
CA TYR B 3331 -24.44 -60.09 -37.68
C TYR B 3331 -24.12 -59.17 -38.85
N MET B 3332 -23.14 -59.54 -39.67
CA MET B 3332 -22.78 -58.70 -40.82
C MET B 3332 -23.94 -58.54 -41.79
N ALA B 3333 -24.66 -59.63 -42.08
CA ALA B 3333 -25.78 -59.54 -43.01
C ALA B 3333 -26.92 -58.71 -42.44
N TYR B 3334 -27.28 -58.94 -41.17
CA TYR B 3334 -28.40 -58.21 -40.57
C TYR B 3334 -28.08 -56.74 -40.35
N ALA B 3335 -26.82 -56.40 -40.09
CA ALA B 3335 -26.45 -55.00 -39.94
C ALA B 3335 -26.64 -54.23 -41.24
N ASP B 3336 -26.33 -54.85 -42.37
CA ASP B 3336 -26.49 -54.18 -43.67
C ASP B 3336 -27.95 -53.98 -44.04
N ILE B 3337 -28.80 -54.97 -43.77
CA ILE B 3337 -30.22 -54.87 -44.14
C ILE B 3337 -30.88 -53.75 -43.35
N MET B 3338 -30.63 -53.69 -42.04
CA MET B 3338 -31.27 -52.69 -41.20
C MET B 3338 -30.85 -51.28 -41.56
N ALA B 3339 -29.58 -51.07 -41.88
CA ALA B 3339 -29.11 -49.76 -42.31
C ALA B 3339 -29.65 -49.39 -43.68
N LYS B 3340 -29.68 -50.35 -44.60
CA LYS B 3340 -30.16 -50.07 -45.96
C LYS B 3340 -31.65 -49.81 -45.99
N SER B 3341 -32.42 -50.52 -45.15
CA SER B 3341 -33.87 -50.33 -45.14
C SER B 3341 -34.24 -48.93 -44.65
N CYS B 3342 -33.59 -48.47 -43.58
CA CYS B 3342 -33.89 -47.15 -43.04
C CYS B 3342 -33.25 -46.04 -43.86
N HIS B 3343 -32.25 -46.35 -44.67
CA HIS B 3343 -31.64 -45.33 -45.52
C HIS B 3343 -32.61 -44.82 -46.59
N LEU B 3344 -33.39 -45.71 -47.19
CA LEU B 3344 -34.35 -45.33 -48.21
C LEU B 3344 -35.56 -46.27 -48.21
N SER B 3360 -40.41 -27.31 -54.00
CA SER B 3360 -40.78 -28.65 -53.58
C SER B 3360 -40.77 -28.78 -52.06
N PHE B 3361 -41.45 -27.85 -51.38
CA PHE B 3361 -41.51 -27.90 -49.93
C PHE B 3361 -42.23 -29.15 -49.44
N GLU B 3362 -43.32 -29.53 -50.09
CA GLU B 3362 -44.05 -30.72 -49.69
C GLU B 3362 -43.25 -31.99 -49.97
N GLU B 3363 -42.49 -32.02 -51.06
CA GLU B 3363 -41.68 -33.20 -51.38
C GLU B 3363 -40.60 -33.43 -50.34
N LYS B 3364 -39.94 -32.36 -49.89
CA LYS B 3364 -38.89 -32.51 -48.89
C LYS B 3364 -39.45 -32.98 -47.55
N GLU B 3365 -40.60 -32.43 -47.14
CA GLU B 3365 -41.21 -32.85 -45.89
C GLU B 3365 -41.64 -34.31 -45.95
N MET B 3366 -42.19 -34.75 -47.09
CA MET B 3366 -42.60 -36.14 -47.25
C MET B 3366 -41.40 -37.08 -47.15
N GLU B 3367 -40.28 -36.70 -47.76
CA GLU B 3367 -39.07 -37.50 -47.64
C GLU B 3367 -38.50 -37.43 -46.22
N LYS B 3368 -38.65 -36.28 -45.56
CA LYS B 3368 -38.15 -36.16 -44.19
C LYS B 3368 -38.94 -37.03 -43.23
N GLN B 3369 -40.27 -37.04 -43.34
CA GLN B 3369 -41.07 -37.87 -42.45
C GLN B 3369 -40.94 -39.35 -42.79
N ARG B 3370 -40.68 -39.68 -44.05
CA ARG B 3370 -40.40 -41.06 -44.42
C ARG B 3370 -39.10 -41.54 -43.81
N LEU B 3371 -38.05 -40.71 -43.87
CA LEU B 3371 -36.78 -41.08 -43.27
C LEU B 3371 -36.89 -41.19 -41.76
N LEU B 3372 -37.68 -40.32 -41.14
CA LEU B 3372 -37.90 -40.41 -39.69
C LEU B 3372 -38.64 -41.68 -39.32
N TYR B 3373 -39.65 -42.07 -40.11
CA TYR B 3373 -40.46 -43.23 -39.78
C TYR B 3373 -39.64 -44.52 -39.83
N GLN B 3374 -38.80 -44.67 -40.86
CA GLN B 3374 -37.98 -45.87 -40.97
C GLN B 3374 -36.98 -45.97 -39.82
N GLN B 3375 -36.39 -44.84 -39.43
CA GLN B 3375 -35.47 -44.83 -38.29
C GLN B 3375 -36.19 -45.07 -36.97
N ALA B 3376 -37.47 -44.68 -36.88
CA ALA B 3376 -38.22 -44.89 -35.64
C ALA B 3376 -38.44 -46.38 -35.36
N ARG B 3377 -38.60 -47.19 -36.39
CA ARG B 3377 -38.76 -48.63 -36.20
C ARG B 3377 -37.53 -49.23 -35.53
N LEU B 3378 -36.34 -48.82 -35.96
CA LEU B 3378 -35.12 -49.34 -35.36
C LEU B 3378 -34.84 -48.72 -34.00
N HIS B 3379 -35.16 -47.43 -33.84
CA HIS B 3379 -34.89 -46.77 -32.56
C HIS B 3379 -35.76 -47.35 -31.45
N ASN B 3380 -37.05 -47.58 -31.73
CA ASN B 3380 -37.95 -48.11 -30.72
C ASN B 3380 -37.60 -49.55 -30.35
N ARG B 3381 -37.11 -50.33 -31.32
CA ARG B 3381 -36.74 -51.72 -31.04
C ARG B 3381 -35.54 -51.82 -30.11
N GLY B 3382 -34.71 -50.80 -30.04
CA GLY B 3382 -33.54 -50.80 -29.20
C GLY B 3382 -32.20 -50.83 -29.94
N ALA B 3383 -32.19 -50.62 -31.25
CA ALA B 3383 -30.93 -50.63 -31.99
C ALA B 3383 -30.04 -49.44 -31.65
N ALA B 3384 -30.60 -48.38 -31.06
CA ALA B 3384 -29.79 -47.23 -30.68
C ALA B 3384 -28.75 -47.60 -29.64
N GLU B 3385 -29.12 -48.41 -28.66
CA GLU B 3385 -28.16 -48.88 -27.67
C GLU B 3385 -27.24 -49.97 -28.21
N MET B 3386 -27.70 -50.74 -29.21
CA MET B 3386 -26.90 -51.84 -29.73
C MET B 3386 -25.61 -51.34 -30.38
N VAL B 3387 -25.69 -50.24 -31.14
CA VAL B 3387 -24.51 -49.74 -31.82
C VAL B 3387 -23.47 -49.23 -30.83
N LEU B 3388 -23.90 -48.72 -29.68
CA LEU B 3388 -22.96 -48.27 -28.67
C LEU B 3388 -22.29 -49.43 -27.95
N GLN B 3389 -23.02 -50.51 -27.68
CA GLN B 3389 -22.41 -51.67 -27.04
C GLN B 3389 -21.43 -52.38 -27.96
N MET B 3390 -21.72 -52.42 -29.26
CA MET B 3390 -20.81 -53.06 -30.20
C MET B 3390 -19.50 -52.27 -30.34
N ILE B 3391 -19.58 -50.93 -30.29
CA ILE B 3391 -18.40 -50.10 -30.38
C ILE B 3391 -17.47 -50.36 -29.19
N SER B 3392 -18.04 -50.45 -27.99
CA SER B 3392 -17.25 -50.79 -26.82
C SER B 3392 -16.73 -52.22 -26.85
N ALA B 3393 -17.33 -53.09 -27.67
CA ALA B 3393 -16.94 -54.49 -27.71
C ALA B 3393 -15.64 -54.73 -28.48
N CYS B 3394 -15.33 -53.90 -29.47
CA CYS B 3394 -14.14 -54.15 -30.28
C CYS B 3394 -12.86 -53.87 -29.50
N LYS B 3395 -12.95 -53.08 -28.44
CA LYS B 3395 -11.81 -52.74 -27.59
C LYS B 3395 -10.66 -52.12 -28.39
N GLY B 3396 -11.00 -51.26 -29.35
CA GLY B 3396 -10.00 -50.59 -30.17
C GLY B 3396 -9.54 -51.37 -31.38
N GLU B 3397 -10.01 -52.59 -31.58
CA GLU B 3397 -9.62 -53.37 -32.74
C GLU B 3397 -10.30 -52.82 -33.99
N THR B 3398 -9.67 -53.11 -35.14
CA THR B 3398 -10.16 -52.65 -36.43
C THR B 3398 -10.52 -53.84 -37.31
N GLY B 3399 -11.46 -53.63 -38.22
CA GLY B 3399 -11.89 -54.68 -39.12
C GLY B 3399 -13.27 -54.37 -39.67
N ALA B 3400 -13.90 -55.42 -40.22
CA ALA B 3400 -15.26 -55.29 -40.74
C ALA B 3400 -16.31 -55.26 -39.65
N MET B 3401 -15.97 -55.71 -38.44
CA MET B 3401 -16.93 -55.68 -37.33
C MET B 3401 -17.27 -54.25 -36.95
N VAL B 3402 -16.25 -53.40 -36.76
CA VAL B 3402 -16.50 -52.01 -36.42
C VAL B 3402 -17.08 -51.25 -37.61
N SER B 3403 -16.68 -51.63 -38.83
CA SER B 3403 -17.18 -50.95 -40.02
C SER B 3403 -18.68 -51.14 -40.20
N SER B 3404 -19.16 -52.37 -39.98
CA SER B 3404 -20.59 -52.64 -40.14
C SER B 3404 -21.42 -51.87 -39.11
N THR B 3405 -20.96 -51.85 -37.86
CA THR B 3405 -21.70 -51.15 -36.81
C THR B 3405 -21.72 -49.64 -37.03
N LEU B 3406 -20.60 -49.07 -37.47
CA LEU B 3406 -20.52 -47.62 -37.64
C LEU B 3406 -21.48 -47.11 -38.71
N LYS B 3407 -21.61 -47.84 -39.82
CA LYS B 3407 -22.52 -47.42 -40.87
C LYS B 3407 -23.98 -47.56 -40.43
N LEU B 3408 -24.25 -48.53 -39.55
CA LEU B 3408 -25.61 -48.67 -39.01
C LEU B 3408 -25.99 -47.46 -38.17
N GLY B 3409 -25.06 -46.95 -37.36
CA GLY B 3409 -25.34 -45.77 -36.55
C GLY B 3409 -25.54 -44.52 -37.39
N ILE B 3410 -24.74 -44.37 -38.45
CA ILE B 3410 -24.86 -43.18 -39.31
C ILE B 3410 -26.24 -43.15 -39.97
N SER B 3411 -26.71 -44.29 -40.45
CA SER B 3411 -28.02 -44.35 -41.11
C SER B 3411 -29.13 -43.95 -40.15
N ILE B 3412 -29.06 -44.42 -38.90
CA ILE B 3412 -30.04 -44.04 -37.90
C ILE B 3412 -29.89 -42.57 -37.53
N LEU B 3413 -28.66 -42.07 -37.46
CA LEU B 3413 -28.38 -40.69 -37.11
C LEU B 3413 -28.33 -39.77 -38.32
N ASN B 3414 -28.68 -40.26 -39.51
CA ASN B 3414 -28.66 -39.43 -40.70
C ASN B 3414 -29.69 -38.31 -40.59
N GLY B 3415 -29.32 -37.13 -41.06
CA GLY B 3415 -30.21 -35.99 -40.98
C GLY B 3415 -30.37 -35.49 -39.55
N GLY B 3416 -31.51 -34.83 -39.31
CA GLY B 3416 -31.82 -34.31 -38.00
C GLY B 3416 -32.69 -35.27 -37.21
N ASN B 3417 -32.16 -35.76 -36.09
CA ASN B 3417 -32.86 -36.72 -35.24
C ASN B 3417 -32.74 -36.23 -33.80
N ALA B 3418 -33.71 -35.41 -33.37
CA ALA B 3418 -33.70 -34.92 -32.00
C ALA B 3418 -33.97 -36.04 -30.99
N ASP B 3419 -34.88 -36.95 -31.31
CA ASP B 3419 -35.21 -38.03 -30.40
C ASP B 3419 -34.10 -39.07 -30.32
N VAL B 3420 -33.46 -39.39 -31.44
CA VAL B 3420 -32.43 -40.41 -31.46
C VAL B 3420 -31.18 -39.93 -30.72
N GLN B 3421 -30.76 -38.68 -30.97
CA GLN B 3421 -29.59 -38.15 -30.30
C GLN B 3421 -29.82 -38.02 -28.80
N GLN B 3422 -31.07 -37.76 -28.38
CA GLN B 3422 -31.37 -37.69 -26.95
C GLN B 3422 -31.16 -39.04 -26.27
N LYS B 3423 -31.56 -40.13 -26.93
CA LYS B 3423 -31.36 -41.46 -26.35
C LYS B 3423 -29.90 -41.86 -26.31
N MET B 3424 -29.06 -41.28 -27.16
CA MET B 3424 -27.63 -41.59 -27.14
C MET B 3424 -26.93 -40.92 -25.97
N LEU B 3425 -27.48 -39.81 -25.47
CA LEU B 3425 -26.83 -39.06 -24.40
C LEU B 3425 -27.10 -39.70 -23.03
N ASP B 3426 -28.37 -39.88 -22.69
CA ASP B 3426 -28.72 -40.42 -21.38
C ASP B 3426 -28.30 -41.86 -21.19
N TYR B 3427 -28.13 -42.61 -22.29
CA TYR B 3427 -27.69 -44.00 -22.17
C TYR B 3427 -26.28 -44.09 -21.61
N LEU B 3428 -25.40 -43.19 -22.01
CA LEU B 3428 -24.02 -43.20 -21.54
C LEU B 3428 -23.84 -42.56 -20.17
N LYS B 3429 -24.87 -41.89 -19.65
CA LYS B 3429 -24.75 -41.23 -18.35
C LYS B 3429 -24.99 -42.20 -17.20
N ASP B 3430 -26.17 -42.84 -17.17
CA ASP B 3430 -26.49 -43.76 -16.09
C ASP B 3430 -25.64 -45.03 -16.16
N LYS B 3431 -25.23 -45.46 -17.35
CA LYS B 3431 -24.38 -46.64 -17.46
C LYS B 3431 -23.03 -46.42 -16.82
N LYS B 3432 -22.46 -45.22 -16.98
CA LYS B 3432 -21.15 -44.86 -16.42
C LYS B 3432 -20.07 -45.83 -16.88
N GLU B 3433 -20.04 -46.08 -18.18
CA GLU B 3433 -19.06 -46.99 -18.79
C GLU B 3433 -18.11 -46.21 -19.67
N VAL B 3434 -16.81 -46.53 -19.56
CA VAL B 3434 -15.78 -45.84 -20.33
C VAL B 3434 -15.39 -46.60 -21.58
N GLY B 3435 -16.07 -47.70 -21.89
CA GLY B 3435 -15.72 -48.50 -23.06
C GLY B 3435 -16.03 -47.84 -24.38
N PHE B 3436 -16.99 -46.92 -24.41
CA PHE B 3436 -17.34 -46.25 -25.66
C PHE B 3436 -16.24 -45.29 -26.10
N PHE B 3437 -15.75 -44.46 -25.17
CA PHE B 3437 -14.72 -43.49 -25.50
C PHE B 3437 -13.33 -44.11 -25.60
N GLN B 3438 -13.10 -45.25 -24.94
CA GLN B 3438 -11.81 -45.91 -25.04
C GLN B 3438 -11.56 -46.51 -26.42
N SER B 3439 -12.63 -46.89 -27.13
CA SER B 3439 -12.49 -47.46 -28.47
C SER B 3439 -12.40 -46.40 -29.55
N ILE B 3440 -13.10 -45.27 -29.39
CA ILE B 3440 -13.06 -44.22 -30.40
C ILE B 3440 -11.66 -43.63 -30.51
N GLN B 3441 -11.01 -43.40 -29.37
CA GLN B 3441 -9.65 -42.87 -29.40
C GLN B 3441 -8.68 -43.84 -30.07
N ALA B 3442 -8.82 -45.13 -29.78
CA ALA B 3442 -7.93 -46.13 -30.39
C ALA B 3442 -8.13 -46.24 -31.89
N LEU B 3443 -9.38 -46.17 -32.35
CA LEU B 3443 -9.64 -46.23 -33.78
C LEU B 3443 -9.02 -45.05 -34.51
N MET B 3444 -9.13 -43.87 -33.92
CA MET B 3444 -8.59 -42.65 -34.52
C MET B 3444 -7.07 -42.54 -34.35
N GLN B 3445 -6.51 -43.22 -33.36
CA GLN B 3445 -5.07 -43.15 -33.14
C GLN B 3445 -4.31 -43.85 -34.26
N THR B 3446 -4.86 -44.92 -34.81
CA THR B 3446 -4.24 -45.65 -35.93
C THR B 3446 -5.13 -45.49 -37.16
N CYS B 3447 -4.63 -44.77 -38.15
CA CYS B 3447 -5.34 -44.55 -39.40
C CYS B 3447 -4.32 -44.44 -40.53
N SER B 3448 -4.67 -45.00 -41.68
CA SER B 3448 -3.75 -44.97 -42.83
C SER B 3448 -3.68 -43.56 -43.41
N VAL B 3449 -2.47 -43.08 -43.64
CA VAL B 3449 -2.24 -41.79 -44.26
C VAL B 3449 -1.45 -42.00 -45.55
N LEU B 3450 -1.43 -40.97 -46.38
CA LEU B 3450 -0.73 -41.04 -47.67
C LEU B 3450 0.77 -41.06 -47.42
N ASP B 3451 1.42 -42.16 -47.77
CA ASP B 3451 2.85 -42.32 -47.60
C ASP B 3451 3.54 -42.24 -48.95
N LEU B 3452 4.59 -41.42 -49.05
CA LEU B 3452 5.30 -41.26 -50.31
C LEU B 3452 6.01 -42.55 -50.70
N ASN B 3453 6.54 -43.30 -49.73
CA ASN B 3453 7.20 -44.57 -50.04
C ASN B 3453 6.21 -45.62 -50.51
N ALA B 3454 5.00 -45.62 -49.96
CA ALA B 3454 3.99 -46.59 -50.39
C ALA B 3454 3.59 -46.35 -51.85
N PHE B 3455 3.42 -45.08 -52.24
CA PHE B 3455 3.06 -44.79 -53.63
C PHE B 3455 4.21 -45.06 -54.58
N GLU B 3456 5.45 -44.83 -54.14
CA GLU B 3456 6.60 -45.10 -54.99
C GLU B 3456 6.70 -46.58 -55.32
N ARG B 3457 6.46 -47.44 -54.33
CA ARG B 3457 6.45 -48.88 -54.60
C ARG B 3457 5.26 -49.27 -55.47
N GLN B 3458 4.14 -48.57 -55.33
CA GLN B 3458 2.99 -48.85 -56.18
C GLN B 3458 3.28 -48.54 -57.64
N ASN B 3459 3.85 -47.37 -57.92
CA ASN B 3459 4.16 -46.99 -59.29
C ASN B 3459 5.23 -47.89 -59.90
N LYS B 3460 6.27 -48.22 -59.13
CA LYS B 3460 7.34 -49.06 -59.66
C LYS B 3460 6.84 -50.46 -59.99
N ALA B 3461 5.99 -51.03 -59.13
CA ALA B 3461 5.44 -52.35 -59.38
C ALA B 3461 4.50 -52.37 -60.58
N GLU B 3462 3.85 -51.24 -60.89
CA GLU B 3462 2.97 -51.19 -62.05
C GLU B 3462 3.73 -51.38 -63.35
N GLY B 3463 4.90 -50.77 -63.49
CA GLY B 3463 5.70 -50.90 -64.69
C GLY B 3463 6.34 -52.26 -64.83
N GLU B 3480 -4.90 -49.58 -54.12
CA GLU B 3480 -5.43 -50.12 -52.87
C GLU B 3480 -4.34 -50.25 -51.82
N LYS B 3481 -3.09 -50.07 -52.24
CA LYS B 3481 -1.94 -50.16 -51.36
C LYS B 3481 -1.39 -48.81 -50.94
N VAL B 3482 -1.84 -47.71 -51.57
CA VAL B 3482 -1.37 -46.39 -51.16
C VAL B 3482 -1.87 -46.04 -49.77
N MET B 3483 -3.13 -46.38 -49.46
CA MET B 3483 -3.70 -46.13 -48.15
C MET B 3483 -4.97 -46.96 -48.01
N ALA B 3484 -5.23 -47.41 -46.78
CA ALA B 3484 -6.38 -48.24 -46.48
C ALA B 3484 -7.41 -47.45 -45.68
N ASP B 3485 -8.51 -48.12 -45.34
CA ASP B 3485 -9.62 -47.52 -44.59
C ASP B 3485 -10.14 -46.27 -45.29
N ASP B 3486 -10.44 -46.40 -46.58
CA ASP B 3486 -10.82 -45.25 -47.39
C ASP B 3486 -12.20 -44.73 -46.98
N GLU B 3487 -13.23 -45.56 -47.13
CA GLU B 3487 -14.57 -45.17 -46.71
C GLU B 3487 -14.76 -45.28 -45.21
N PHE B 3488 -13.93 -46.08 -44.53
CA PHE B 3488 -14.04 -46.22 -43.08
C PHE B 3488 -13.70 -44.92 -42.37
N THR B 3489 -12.64 -44.23 -42.82
CA THR B 3489 -12.25 -42.98 -42.17
C THR B 3489 -13.30 -41.89 -42.42
N GLN B 3490 -13.88 -41.83 -43.61
CA GLN B 3490 -14.94 -40.86 -43.88
C GLN B 3490 -16.17 -41.09 -43.02
N ASP B 3491 -16.39 -42.32 -42.55
CA ASP B 3491 -17.53 -42.63 -41.71
C ASP B 3491 -17.26 -42.45 -40.22
N LEU B 3492 -16.01 -42.61 -39.79
CA LEU B 3492 -15.68 -42.44 -38.38
C LEU B 3492 -15.91 -41.01 -37.93
N PHE B 3493 -15.46 -40.04 -38.73
CA PHE B 3493 -15.67 -38.64 -38.41
C PHE B 3493 -17.12 -38.21 -38.64
N ARG B 3494 -17.77 -38.79 -39.66
CA ARG B 3494 -19.17 -38.46 -39.91
C ARG B 3494 -20.08 -38.92 -38.79
N PHE B 3495 -19.76 -40.07 -38.17
CA PHE B 3495 -20.56 -40.55 -37.05
C PHE B 3495 -20.51 -39.57 -35.88
N LEU B 3496 -19.32 -39.04 -35.59
CA LEU B 3496 -19.20 -38.05 -34.52
C LEU B 3496 -19.79 -36.70 -34.93
N GLN B 3497 -19.81 -36.38 -36.23
CA GLN B 3497 -20.37 -35.11 -36.66
C GLN B 3497 -21.88 -35.08 -36.48
N LEU B 3498 -22.57 -36.16 -36.87
CA LEU B 3498 -24.03 -36.21 -36.72
C LEU B 3498 -24.47 -36.31 -35.27
N LEU B 3499 -23.56 -36.64 -34.35
CA LEU B 3499 -23.91 -36.64 -32.93
C LEU B 3499 -24.22 -35.23 -32.44
N CYS B 3500 -23.60 -34.21 -33.02
CA CYS B 3500 -23.76 -32.82 -32.61
C CYS B 3500 -24.32 -31.96 -33.75
N GLU B 3501 -25.03 -32.58 -34.69
CA GLU B 3501 -25.56 -31.85 -35.84
C GLU B 3501 -26.77 -30.99 -35.47
N GLY B 3502 -27.53 -31.41 -34.47
CA GLY B 3502 -28.75 -30.72 -34.08
C GLY B 3502 -28.59 -29.60 -33.09
N HIS B 3503 -27.36 -29.21 -32.76
CA HIS B 3503 -27.09 -28.16 -31.77
C HIS B 3503 -27.72 -28.51 -30.42
N ASN B 3504 -27.26 -29.64 -29.87
CA ASN B 3504 -27.83 -30.14 -28.62
C ASN B 3504 -27.46 -29.24 -27.45
N ASN B 3505 -26.32 -28.54 -27.52
CA ASN B 3505 -25.80 -27.62 -26.52
C ASN B 3505 -25.38 -28.33 -25.23
N ASP B 3506 -25.55 -29.65 -25.14
CA ASP B 3506 -25.14 -30.38 -23.94
C ASP B 3506 -24.28 -31.59 -24.32
N PHE B 3507 -24.53 -32.16 -25.50
CA PHE B 3507 -23.72 -33.29 -25.95
C PHE B 3507 -22.31 -32.85 -26.31
N GLN B 3508 -22.14 -31.62 -26.77
CA GLN B 3508 -20.81 -31.11 -27.07
C GLN B 3508 -19.95 -31.06 -25.80
N ASN B 3509 -20.54 -30.60 -24.69
CA ASN B 3509 -19.81 -30.58 -23.42
C ASN B 3509 -19.48 -31.99 -22.96
N TYR B 3510 -20.43 -32.92 -23.10
CA TYR B 3510 -20.19 -34.30 -22.71
C TYR B 3510 -19.10 -34.93 -23.59
N LEU B 3511 -19.05 -34.56 -24.87
CA LEU B 3511 -18.00 -35.07 -25.75
C LEU B 3511 -16.62 -34.61 -25.31
N ARG B 3512 -16.51 -33.36 -24.87
CA ARG B 3512 -15.21 -32.82 -24.47
C ARG B 3512 -14.75 -33.38 -23.13
N THR B 3513 -15.66 -33.48 -22.16
CA THR B 3513 -15.30 -33.91 -20.82
C THR B 3513 -16.47 -34.66 -20.20
N GLN B 3514 -16.18 -35.79 -19.57
CA GLN B 3514 -17.17 -36.62 -18.90
C GLN B 3514 -17.05 -36.47 -17.40
N THR B 3515 -18.20 -36.34 -16.72
CA THR B 3515 -18.24 -36.17 -15.28
C THR B 3515 -18.55 -37.46 -14.53
N GLY B 3516 -19.54 -38.22 -14.98
CA GLY B 3516 -19.91 -39.44 -14.28
C GLY B 3516 -18.89 -40.55 -14.42
N ASN B 3517 -18.11 -40.54 -15.50
CA ASN B 3517 -17.11 -41.58 -15.72
C ASN B 3517 -15.92 -41.38 -14.77
N THR B 3518 -15.28 -42.50 -14.42
CA THR B 3518 -14.15 -42.44 -13.51
C THR B 3518 -12.92 -41.81 -14.16
N THR B 3519 -12.85 -41.84 -15.49
CA THR B 3519 -11.75 -41.24 -16.23
C THR B 3519 -12.31 -40.37 -17.36
N THR B 3520 -11.57 -39.31 -17.69
CA THR B 3520 -11.97 -38.36 -18.71
C THR B 3520 -11.12 -38.61 -19.96
N ILE B 3521 -11.78 -38.89 -21.07
CA ILE B 3521 -11.13 -39.08 -22.37
C ILE B 3521 -11.71 -38.03 -23.31
N ASN B 3522 -10.86 -37.14 -23.81
CA ASN B 3522 -11.32 -36.06 -24.65
C ASN B 3522 -11.16 -36.43 -26.13
N ILE B 3523 -12.24 -36.22 -26.88
CA ILE B 3523 -12.21 -36.41 -28.33
C ILE B 3523 -11.91 -35.10 -29.07
N ILE B 3524 -12.16 -33.96 -28.44
CA ILE B 3524 -11.93 -32.68 -29.10
C ILE B 3524 -10.46 -32.50 -29.46
N ILE B 3525 -9.57 -32.75 -28.50
CA ILE B 3525 -8.14 -32.48 -28.71
C ILE B 3525 -7.51 -33.50 -29.66
N CYS B 3526 -7.84 -34.78 -29.51
CA CYS B 3526 -7.21 -35.81 -30.33
C CYS B 3526 -7.70 -35.79 -31.77
N THR B 3527 -8.82 -35.13 -32.05
CA THR B 3527 -9.25 -34.96 -33.44
C THR B 3527 -8.25 -34.11 -34.21
N VAL B 3528 -7.71 -33.07 -33.57
CA VAL B 3528 -6.67 -32.26 -34.20
C VAL B 3528 -5.40 -33.07 -34.38
N ASP B 3529 -5.16 -34.06 -33.50
CA ASP B 3529 -3.95 -34.87 -33.60
C ASP B 3529 -3.93 -35.64 -34.92
N TYR B 3530 -5.06 -36.21 -35.32
CA TYR B 3530 -5.13 -36.85 -36.63
C TYR B 3530 -4.96 -35.84 -37.75
N LEU B 3531 -5.54 -34.65 -37.60
CA LEU B 3531 -5.42 -33.63 -38.63
C LEU B 3531 -3.96 -33.19 -38.81
N LEU B 3532 -3.22 -33.06 -37.72
CA LEU B 3532 -1.80 -32.71 -37.83
C LEU B 3532 -1.03 -33.83 -38.53
N ARG B 3533 -1.31 -35.08 -38.18
CA ARG B 3533 -0.64 -36.19 -38.86
C ARG B 3533 -0.99 -36.23 -40.34
N LEU B 3534 -2.19 -35.77 -40.71
CA LEU B 3534 -2.55 -35.64 -42.11
C LEU B 3534 -1.85 -34.45 -42.76
N GLN B 3535 -1.53 -33.41 -41.98
CA GLN B 3535 -0.86 -32.24 -42.52
C GLN B 3535 0.51 -32.60 -43.11
N GLU B 3536 1.28 -33.43 -42.39
CA GLU B 3536 2.57 -33.86 -42.91
C GLU B 3536 2.42 -34.75 -44.14
N SER B 3537 1.43 -35.63 -44.14
CA SER B 3537 1.25 -36.54 -45.26
C SER B 3537 1.01 -35.77 -46.56
N ILE B 3538 0.18 -34.73 -46.50
CA ILE B 3538 -0.02 -33.87 -47.66
C ILE B 3538 1.21 -33.01 -47.93
N SER B 3539 1.84 -32.49 -46.88
CA SER B 3539 2.98 -31.59 -47.06
C SER B 3539 4.15 -32.31 -47.75
N ASP B 3540 4.51 -33.50 -47.25
CA ASP B 3540 5.60 -34.24 -47.86
C ASP B 3540 5.21 -34.83 -49.21
N PHE B 3541 3.92 -34.93 -49.50
CA PHE B 3541 3.46 -35.48 -50.77
C PHE B 3541 3.60 -34.47 -51.91
N TYR B 3542 3.78 -33.19 -51.59
CA TYR B 3542 3.97 -32.17 -52.60
C TYR B 3542 5.43 -31.93 -52.95
N TRP B 3543 6.31 -31.94 -51.96
CA TRP B 3543 7.72 -31.67 -52.24
C TRP B 3543 8.34 -32.77 -53.09
N TYR B 3544 7.74 -33.96 -53.07
CA TYR B 3544 8.14 -35.00 -54.02
C TYR B 3544 7.64 -34.69 -55.43
N TYR B 3545 6.50 -34.01 -55.54
CA TYR B 3545 5.96 -33.56 -56.82
C TYR B 3545 6.43 -32.16 -57.20
N SER B 3546 7.15 -31.47 -56.32
CA SER B 3546 7.60 -30.12 -56.64
C SER B 3546 8.57 -30.12 -57.81
N GLY B 3547 9.51 -31.07 -57.83
CA GLY B 3547 10.42 -31.18 -58.96
C GLY B 3547 9.75 -31.60 -60.24
N LYS B 3548 8.76 -32.49 -60.16
CA LYS B 3548 8.06 -32.96 -61.33
C LYS B 3548 7.21 -31.85 -61.94
N ASP B 3549 7.07 -31.89 -63.27
CA ASP B 3549 6.32 -30.85 -63.98
C ASP B 3549 4.82 -31.14 -63.96
N VAL B 3550 4.45 -32.39 -64.22
CA VAL B 3550 3.04 -32.79 -64.29
C VAL B 3550 2.83 -34.01 -63.40
N ILE B 3551 1.79 -33.96 -62.58
CA ILE B 3551 1.44 -35.09 -61.72
C ILE B 3551 0.80 -36.17 -62.57
N GLU B 3552 1.28 -37.41 -62.42
CA GLU B 3552 0.76 -38.52 -63.21
C GLU B 3552 -0.68 -38.84 -62.78
N GLU B 3553 -1.37 -39.56 -63.67
CA GLU B 3553 -2.77 -39.91 -63.40
C GLU B 3553 -2.90 -40.82 -62.19
N GLN B 3554 -1.89 -41.66 -61.94
CA GLN B 3554 -1.93 -42.53 -60.75
C GLN B 3554 -1.91 -41.72 -59.47
N GLY B 3555 -1.09 -40.67 -59.41
CA GLY B 3555 -1.02 -39.84 -58.24
C GLY B 3555 -2.08 -38.76 -58.20
N LYS B 3556 -2.65 -38.44 -59.37
CA LYS B 3556 -3.70 -37.44 -59.43
C LYS B 3556 -4.97 -37.90 -58.73
N ARG B 3557 -5.33 -39.18 -58.87
CA ARG B 3557 -6.52 -39.70 -58.22
C ARG B 3557 -6.36 -39.78 -56.71
N ASN B 3558 -5.13 -39.78 -56.21
CA ASN B 3558 -4.92 -39.82 -54.77
C ASN B 3558 -5.36 -38.52 -54.10
N PHE B 3559 -5.21 -37.38 -54.78
CA PHE B 3559 -5.59 -36.10 -54.19
C PHE B 3559 -7.08 -36.02 -53.95
N SER B 3560 -7.89 -36.39 -54.95
CA SER B 3560 -9.34 -36.32 -54.80
C SER B 3560 -9.82 -37.16 -53.63
N LYS B 3561 -9.18 -38.30 -53.38
CA LYS B 3561 -9.50 -39.10 -52.21
C LYS B 3561 -8.92 -38.50 -50.94
N ALA B 3562 -7.73 -37.89 -51.02
CA ALA B 3562 -7.11 -37.29 -49.85
C ALA B 3562 -7.83 -36.02 -49.42
N MET B 3563 -8.25 -35.18 -50.38
CA MET B 3563 -8.93 -33.95 -50.02
C MET B 3563 -10.37 -34.20 -49.57
N SER B 3564 -10.95 -35.34 -49.94
CA SER B 3564 -12.31 -35.66 -49.50
C SER B 3564 -12.35 -36.06 -48.03
N VAL B 3565 -11.40 -36.87 -47.57
CA VAL B 3565 -11.39 -37.29 -46.18
C VAL B 3565 -11.07 -36.11 -45.26
N ALA B 3566 -10.21 -35.19 -45.71
CA ALA B 3566 -9.92 -34.00 -44.92
C ALA B 3566 -11.09 -33.03 -44.89
N LYS B 3567 -11.93 -33.03 -45.93
CA LYS B 3567 -13.11 -32.18 -45.92
C LYS B 3567 -14.09 -32.59 -44.83
N GLN B 3568 -14.28 -33.90 -44.64
CA GLN B 3568 -15.18 -34.38 -43.59
C GLN B 3568 -14.64 -34.06 -42.20
N VAL B 3569 -13.32 -34.14 -42.01
CA VAL B 3569 -12.72 -33.77 -40.73
C VAL B 3569 -12.96 -32.29 -40.45
N PHE B 3570 -12.81 -31.44 -41.47
CA PHE B 3570 -13.05 -30.01 -41.32
C PHE B 3570 -14.50 -29.72 -40.94
N ASN B 3571 -15.46 -30.40 -41.58
CA ASN B 3571 -16.85 -30.21 -41.22
C ASN B 3571 -17.13 -30.74 -39.81
N SER B 3572 -16.49 -31.85 -39.44
CA SER B 3572 -16.67 -32.39 -38.10
C SER B 3572 -16.18 -31.40 -37.03
N LEU B 3573 -15.04 -30.74 -37.29
CA LEU B 3573 -14.54 -29.76 -36.33
C LEU B 3573 -15.45 -28.54 -36.25
N THR B 3574 -16.17 -28.23 -37.34
CA THR B 3574 -17.05 -27.07 -37.33
C THR B 3574 -18.26 -27.30 -36.42
N GLU B 3575 -18.91 -28.45 -36.54
CA GLU B 3575 -20.04 -28.77 -35.67
C GLU B 3575 -19.62 -28.95 -34.23
N TYR B 3576 -18.34 -29.24 -33.98
CA TYR B 3576 -17.86 -29.34 -32.61
C TYR B 3576 -17.94 -28.00 -31.90
N ILE B 3577 -17.73 -26.91 -32.63
CA ILE B 3577 -17.71 -25.56 -32.09
C ILE B 3577 -18.74 -24.66 -32.79
N GLN B 3578 -19.71 -25.25 -33.48
CA GLN B 3578 -20.74 -24.45 -34.15
C GLN B 3578 -21.55 -23.65 -33.15
N GLY B 3579 -21.96 -24.29 -32.05
CA GLY B 3579 -22.70 -23.62 -31.01
C GLY B 3579 -21.81 -22.73 -30.17
N PRO B 3580 -22.40 -21.74 -29.51
CA PRO B 3580 -21.60 -20.85 -28.65
C PRO B 3580 -21.10 -21.56 -27.41
N CYS B 3581 -20.13 -22.46 -27.59
CA CYS B 3581 -19.58 -23.24 -26.49
C CYS B 3581 -18.25 -22.65 -26.06
N THR B 3582 -18.18 -22.18 -24.81
CA THR B 3582 -16.93 -21.64 -24.29
C THR B 3582 -15.89 -22.74 -24.11
N GLY B 3583 -16.30 -23.88 -23.55
CA GLY B 3583 -15.36 -24.96 -23.31
C GLY B 3583 -14.73 -25.51 -24.57
N ASN B 3584 -15.53 -25.68 -25.63
CA ASN B 3584 -15.00 -26.19 -26.88
C ASN B 3584 -14.08 -25.17 -27.56
N GLN B 3585 -14.45 -23.89 -27.50
CA GLN B 3585 -13.64 -22.86 -28.16
C GLN B 3585 -12.32 -22.64 -27.41
N GLN B 3586 -12.35 -22.66 -26.08
CA GLN B 3586 -11.12 -22.52 -25.31
C GLN B 3586 -10.18 -23.69 -25.55
N SER B 3587 -10.71 -24.91 -25.66
CA SER B 3587 -9.87 -26.07 -25.86
C SER B 3587 -9.10 -25.98 -27.18
N LEU B 3588 -9.79 -25.61 -28.26
CA LEU B 3588 -9.14 -25.53 -29.57
C LEU B 3588 -8.09 -24.43 -29.62
N ALA B 3589 -8.35 -23.29 -28.97
CA ALA B 3589 -7.37 -22.22 -28.94
C ALA B 3589 -6.09 -22.67 -28.23
N HIS B 3590 -6.23 -23.34 -27.09
CA HIS B 3590 -5.09 -23.94 -26.41
C HIS B 3590 -4.66 -25.26 -27.01
N SER B 3591 -5.43 -25.81 -27.94
CA SER B 3591 -5.05 -27.05 -28.61
C SER B 3591 -3.95 -26.75 -29.63
N ARG B 3592 -3.59 -27.76 -30.41
CA ARG B 3592 -2.48 -27.66 -31.33
C ARG B 3592 -2.93 -27.36 -32.76
N LEU B 3593 -4.04 -26.65 -32.91
CA LEU B 3593 -4.58 -26.32 -34.22
C LEU B 3593 -3.77 -25.23 -34.90
N TRP B 3594 -3.21 -24.30 -34.13
CA TRP B 3594 -2.52 -23.15 -34.74
C TRP B 3594 -1.26 -23.57 -35.48
N ASP B 3595 -0.64 -24.69 -35.09
CA ASP B 3595 0.47 -25.23 -35.87
C ASP B 3595 0.00 -25.92 -37.14
N ALA B 3596 -1.14 -26.62 -37.10
CA ALA B 3596 -1.66 -27.26 -38.29
C ALA B 3596 -2.06 -26.23 -39.34
N VAL B 3597 -2.72 -25.16 -38.93
CA VAL B 3597 -3.27 -24.21 -39.89
C VAL B 3597 -2.17 -23.47 -40.65
N VAL B 3598 -1.06 -23.13 -39.99
CA VAL B 3598 0.00 -22.38 -40.66
C VAL B 3598 0.73 -23.27 -41.66
N GLY B 3599 0.99 -24.53 -41.30
CA GLY B 3599 1.59 -25.47 -42.24
C GLY B 3599 0.61 -25.99 -43.27
N PHE B 3600 -0.69 -25.95 -42.96
CA PHE B 3600 -1.71 -26.33 -43.92
C PHE B 3600 -1.81 -25.32 -45.05
N LEU B 3601 -1.80 -24.03 -44.73
CA LEU B 3601 -1.87 -22.99 -45.75
C LEU B 3601 -0.61 -22.91 -46.59
N HIS B 3602 0.54 -23.32 -46.04
CA HIS B 3602 1.79 -23.22 -46.78
C HIS B 3602 1.76 -24.10 -48.02
N VAL B 3603 1.21 -25.31 -47.91
CA VAL B 3603 1.23 -26.23 -49.03
C VAL B 3603 0.33 -25.77 -50.18
N PHE B 3604 -0.79 -25.10 -49.90
CA PHE B 3604 -1.61 -24.62 -51.01
C PHE B 3604 -1.01 -23.43 -51.73
N ALA B 3605 -0.32 -22.55 -51.00
CA ALA B 3605 0.26 -21.36 -51.65
C ALA B 3605 1.08 -21.73 -52.87
N HIS B 3606 1.61 -22.95 -52.93
CA HIS B 3606 2.28 -23.47 -54.10
C HIS B 3606 1.42 -24.46 -54.88
N MET B 3607 0.18 -24.72 -54.44
CA MET B 3607 -0.69 -25.66 -55.15
C MET B 3607 -1.27 -25.05 -56.42
N MET B 3608 -2.09 -24.00 -56.28
CA MET B 3608 -2.85 -23.51 -57.41
C MET B 3608 -1.97 -22.88 -58.49
N MET B 3609 -0.71 -22.58 -58.18
CA MET B 3609 0.19 -22.06 -59.20
C MET B 3609 0.51 -23.11 -60.27
N LYS B 3610 0.41 -24.40 -59.92
CA LYS B 3610 0.73 -25.45 -60.88
C LYS B 3610 -0.51 -25.91 -61.64
N LEU B 3611 -1.59 -26.24 -60.93
CA LEU B 3611 -2.79 -26.76 -61.59
C LEU B 3611 -3.43 -25.75 -62.52
N ALA B 3612 -3.27 -24.45 -62.26
CA ALA B 3612 -3.80 -23.45 -63.17
C ALA B 3612 -3.05 -23.40 -64.49
N GLN B 3613 -1.77 -23.82 -64.50
CA GLN B 3613 -1.01 -23.81 -65.74
C GLN B 3613 -1.53 -24.84 -66.74
N ASP B 3614 -1.91 -26.02 -66.24
CA ASP B 3614 -2.40 -27.10 -67.10
C ASP B 3614 -3.91 -27.06 -67.22
N SER B 3615 -4.40 -27.32 -68.44
CA SER B 3615 -5.83 -27.32 -68.72
C SER B 3615 -6.46 -28.70 -68.58
N SER B 3616 -5.68 -29.74 -68.33
CA SER B 3616 -6.21 -31.09 -68.20
C SER B 3616 -6.56 -31.46 -66.77
N GLN B 3617 -6.00 -30.76 -65.78
CA GLN B 3617 -6.24 -31.05 -64.37
C GLN B 3617 -7.06 -29.93 -63.72
N ILE B 3618 -7.96 -29.31 -64.50
CA ILE B 3618 -8.81 -28.27 -63.95
C ILE B 3618 -9.83 -28.82 -62.97
N GLU B 3619 -10.26 -30.07 -63.14
CA GLU B 3619 -11.20 -30.67 -62.20
C GLU B 3619 -10.55 -31.00 -60.86
N LEU B 3620 -9.26 -31.34 -60.87
CA LEU B 3620 -8.56 -31.57 -59.61
C LEU B 3620 -8.43 -30.28 -58.81
N LEU B 3621 -8.33 -29.14 -59.49
CA LEU B 3621 -8.30 -27.85 -58.80
C LEU B 3621 -9.62 -27.55 -58.12
N LYS B 3622 -10.72 -28.09 -58.64
CA LYS B 3622 -12.02 -27.82 -58.03
C LYS B 3622 -12.09 -28.34 -56.60
N GLU B 3623 -11.76 -29.61 -56.40
CA GLU B 3623 -11.78 -30.18 -55.05
C GLU B 3623 -10.79 -29.50 -54.12
N LEU B 3624 -9.76 -28.85 -54.67
CA LEU B 3624 -8.84 -28.08 -53.83
C LEU B 3624 -9.54 -26.89 -53.19
N LEU B 3625 -10.38 -26.18 -53.96
CA LEU B 3625 -11.04 -25.00 -53.43
C LEU B 3625 -12.16 -25.34 -52.45
N ASP B 3626 -12.88 -26.44 -52.66
CA ASP B 3626 -13.93 -26.82 -51.70
C ASP B 3626 -13.34 -27.15 -50.34
N LEU B 3627 -12.19 -27.82 -50.31
CA LEU B 3627 -11.55 -28.11 -49.02
C LEU B 3627 -11.09 -26.83 -48.34
N GLN B 3628 -10.45 -25.93 -49.09
CA GLN B 3628 -10.02 -24.66 -48.50
C GLN B 3628 -11.20 -23.80 -48.13
N LYS B 3629 -12.36 -24.02 -48.78
CA LYS B 3629 -13.60 -23.36 -48.38
C LYS B 3629 -13.96 -23.71 -46.93
N ASP B 3630 -13.85 -24.99 -46.57
CA ASP B 3630 -14.17 -25.43 -45.22
C ASP B 3630 -13.19 -24.90 -44.19
N MET B 3631 -12.05 -24.37 -44.60
CA MET B 3631 -11.02 -23.94 -43.66
C MET B 3631 -11.31 -22.55 -43.11
N VAL B 3632 -11.75 -21.63 -43.96
CA VAL B 3632 -12.07 -20.28 -43.49
C VAL B 3632 -13.32 -20.28 -42.62
N VAL B 3633 -14.32 -21.08 -43.00
CA VAL B 3633 -15.54 -21.16 -42.19
C VAL B 3633 -15.25 -21.76 -40.83
N MET B 3634 -14.36 -22.74 -40.77
CA MET B 3634 -13.97 -23.33 -39.50
C MET B 3634 -13.33 -22.29 -38.59
N LEU B 3635 -12.45 -21.45 -39.14
CA LEU B 3635 -11.88 -20.36 -38.34
C LEU B 3635 -12.93 -19.31 -38.00
N LEU B 3636 -13.90 -19.09 -38.89
CA LEU B 3636 -15.03 -18.22 -38.55
C LEU B 3636 -15.84 -18.80 -37.40
N SER B 3637 -16.05 -20.13 -37.41
CA SER B 3637 -16.74 -20.78 -36.31
C SER B 3637 -15.93 -20.73 -35.03
N LEU B 3638 -14.60 -20.79 -35.12
CA LEU B 3638 -13.76 -20.65 -33.94
C LEU B 3638 -13.82 -19.24 -33.38
N LEU B 3639 -13.68 -18.25 -34.26
CA LEU B 3639 -13.81 -16.84 -33.86
C LEU B 3639 -15.27 -16.39 -33.97
N GLU B 3640 -16.14 -17.10 -33.27
CA GLU B 3640 -17.58 -16.82 -33.29
C GLU B 3640 -17.96 -15.88 -32.16
N GLY B 3641 -17.73 -16.30 -30.92
CA GLY B 3641 -17.98 -15.46 -29.77
C GLY B 3641 -16.70 -15.10 -29.04
N ASN B 3642 -16.30 -13.84 -29.11
CA ASN B 3642 -15.02 -13.43 -28.55
C ASN B 3642 -15.13 -12.00 -28.03
N VAL B 3643 -14.28 -11.68 -27.06
CA VAL B 3643 -14.16 -10.34 -26.51
C VAL B 3643 -13.07 -9.62 -27.30
N VAL B 3644 -13.16 -8.28 -27.35
CA VAL B 3644 -12.18 -7.50 -28.10
C VAL B 3644 -10.77 -7.72 -27.58
N ASN B 3645 -10.63 -8.12 -26.32
CA ASN B 3645 -9.34 -8.43 -25.73
C ASN B 3645 -9.19 -9.93 -25.45
N GLY B 3646 -9.88 -10.77 -26.23
CA GLY B 3646 -9.83 -12.19 -26.03
C GLY B 3646 -8.53 -12.83 -26.49
N MET B 3647 -8.26 -14.01 -25.95
CA MET B 3647 -7.03 -14.72 -26.28
C MET B 3647 -7.10 -15.39 -27.65
N ILE B 3648 -8.28 -15.83 -28.08
CA ILE B 3648 -8.41 -16.52 -29.36
C ILE B 3648 -8.01 -15.58 -30.50
N ALA B 3649 -8.44 -14.32 -30.44
CA ALA B 3649 -8.06 -13.36 -31.46
C ALA B 3649 -6.55 -13.10 -31.46
N ARG B 3650 -5.95 -13.05 -30.27
CA ARG B 3650 -4.50 -12.85 -30.17
C ARG B 3650 -3.73 -14.05 -30.68
N GLN B 3651 -4.30 -15.25 -30.55
CA GLN B 3651 -3.69 -16.41 -31.19
C GLN B 3651 -3.88 -16.37 -32.71
N MET B 3652 -4.94 -15.73 -33.18
CA MET B 3652 -5.22 -15.69 -34.60
C MET B 3652 -4.29 -14.73 -35.34
N VAL B 3653 -3.95 -13.60 -34.70
CA VAL B 3653 -3.08 -12.62 -35.33
C VAL B 3653 -1.66 -13.18 -35.47
N ASP B 3654 -1.23 -13.98 -34.48
CA ASP B 3654 0.10 -14.56 -34.54
C ASP B 3654 0.22 -15.61 -35.65
N MET B 3655 -0.89 -16.27 -36.03
CA MET B 3655 -0.83 -17.27 -37.09
C MET B 3655 -0.67 -16.61 -38.46
N LEU B 3656 -1.29 -15.44 -38.67
CA LEU B 3656 -1.11 -14.74 -39.93
C LEU B 3656 0.31 -14.23 -40.11
N VAL B 3657 0.94 -13.74 -39.04
CA VAL B 3657 2.31 -13.25 -39.15
C VAL B 3657 3.27 -14.37 -39.47
N GLU B 3658 3.04 -15.56 -38.92
CA GLU B 3658 3.90 -16.71 -39.22
C GLU B 3658 3.83 -17.09 -40.70
N SER B 3659 2.64 -17.03 -41.30
CA SER B 3659 2.44 -17.32 -42.71
C SER B 3659 2.20 -16.05 -43.52
N SER B 3660 2.86 -14.96 -43.13
CA SER B 3660 2.66 -13.69 -43.81
C SER B 3660 3.07 -13.77 -45.28
N SER B 3661 4.21 -14.40 -45.55
CA SER B 3661 4.63 -14.59 -46.94
C SER B 3661 3.67 -15.51 -47.68
N ASN B 3662 3.18 -16.56 -47.02
CA ASN B 3662 2.23 -17.47 -47.66
C ASN B 3662 0.89 -16.79 -47.92
N VAL B 3663 0.30 -16.14 -46.92
CA VAL B 3663 -1.05 -15.61 -47.06
C VAL B 3663 -1.10 -14.56 -48.15
N GLU B 3664 0.01 -13.84 -48.38
CA GLU B 3664 0.08 -12.92 -49.50
C GLU B 3664 -0.05 -13.67 -50.83
N MET B 3665 0.51 -14.88 -50.92
CA MET B 3665 0.39 -15.66 -52.15
C MET B 3665 -1.05 -16.09 -52.39
N ILE B 3666 -1.75 -16.52 -51.34
CA ILE B 3666 -3.18 -16.79 -51.47
C ILE B 3666 -3.93 -15.50 -51.81
N LEU B 3667 -3.62 -14.42 -51.11
CA LEU B 3667 -4.35 -13.17 -51.30
C LEU B 3667 -4.20 -12.65 -52.72
N LYS B 3668 -3.02 -12.79 -53.32
CA LYS B 3668 -2.79 -12.30 -54.67
C LYS B 3668 -3.25 -13.26 -55.75
N PHE B 3669 -3.55 -14.52 -55.41
CA PHE B 3669 -3.94 -15.48 -56.43
C PHE B 3669 -5.38 -15.24 -56.90
N PHE B 3670 -6.33 -15.26 -55.97
CA PHE B 3670 -7.71 -15.02 -56.37
C PHE B 3670 -7.98 -13.56 -56.71
N ASP B 3671 -7.03 -12.66 -56.42
CA ASP B 3671 -7.23 -11.25 -56.72
C ASP B 3671 -7.15 -10.99 -58.22
N MET B 3672 -6.04 -11.41 -58.85
CA MET B 3672 -5.87 -11.15 -60.27
C MET B 3672 -6.82 -11.97 -61.12
N PHE B 3673 -7.26 -13.13 -60.63
CA PHE B 3673 -8.39 -13.81 -61.26
C PHE B 3673 -9.68 -13.03 -61.09
N LEU B 3674 -9.89 -12.43 -59.91
CA LEU B 3674 -11.08 -11.61 -59.71
C LEU B 3674 -11.09 -10.41 -60.64
N LYS B 3675 -9.94 -9.76 -60.81
CA LYS B 3675 -9.85 -8.67 -61.78
C LYS B 3675 -9.98 -9.19 -63.20
N LEU B 3676 -9.52 -10.41 -63.47
CA LEU B 3676 -9.60 -10.97 -64.81
C LEU B 3676 -11.03 -11.04 -65.31
N LYS B 3677 -11.99 -11.28 -64.41
CA LYS B 3677 -13.40 -11.19 -64.79
C LYS B 3677 -13.78 -9.78 -65.17
N ASP B 3678 -13.23 -8.78 -64.48
CA ASP B 3678 -13.50 -7.39 -64.81
C ASP B 3678 -12.74 -6.93 -66.06
N ILE B 3679 -11.51 -7.43 -66.25
CA ILE B 3679 -10.73 -7.04 -67.43
C ILE B 3679 -11.42 -7.51 -68.70
N VAL B 3680 -11.86 -8.77 -68.72
CA VAL B 3680 -12.54 -9.31 -69.90
C VAL B 3680 -13.88 -8.64 -70.13
N GLY B 3681 -14.48 -8.07 -69.09
CA GLY B 3681 -15.74 -7.37 -69.24
C GLY B 3681 -15.57 -5.91 -69.60
N SER B 3682 -14.43 -5.33 -69.23
CA SER B 3682 -14.17 -3.93 -69.54
C SER B 3682 -13.67 -3.78 -70.97
N GLU B 3683 -13.76 -2.53 -71.46
CA GLU B 3683 -13.32 -2.22 -72.81
C GLU B 3683 -11.80 -2.09 -72.93
N ALA B 3684 -11.08 -2.05 -71.81
CA ALA B 3684 -9.62 -1.94 -71.87
C ALA B 3684 -9.01 -3.18 -72.52
N PHE B 3685 -9.51 -4.37 -72.18
CA PHE B 3685 -9.01 -5.59 -72.82
C PHE B 3685 -9.37 -5.62 -74.30
N GLN B 3686 -10.55 -5.15 -74.66
CA GLN B 3686 -10.93 -5.10 -76.07
C GLN B 3686 -10.08 -4.11 -76.85
N ASP B 3687 -9.62 -3.04 -76.20
CA ASP B 3687 -8.73 -2.09 -76.87
C ASP B 3687 -7.40 -2.74 -77.24
N TYR B 3688 -6.83 -3.54 -76.32
CA TYR B 3688 -5.58 -4.22 -76.61
C TYR B 3688 -5.78 -5.29 -77.67
N VAL B 3689 -6.82 -6.10 -77.54
CA VAL B 3689 -7.13 -7.15 -78.50
C VAL B 3689 -8.64 -7.09 -78.78
N THR B 3690 -9.00 -6.67 -80.00
CA THR B 3690 -10.41 -6.59 -80.36
C THR B 3690 -11.06 -7.97 -80.44
N ASP B 3691 -10.32 -8.96 -80.93
CA ASP B 3691 -10.80 -10.33 -81.09
C ASP B 3691 -12.06 -10.37 -81.96
N PRO B 3692 -11.95 -10.07 -83.26
CA PRO B 3692 -13.16 -10.10 -84.09
C PRO B 3692 -13.68 -11.50 -84.35
N ARG B 3693 -12.78 -12.46 -84.59
CA ARG B 3693 -13.19 -13.84 -84.83
C ARG B 3693 -13.62 -14.56 -83.57
N GLY B 3694 -13.33 -14.01 -82.39
CA GLY B 3694 -13.67 -14.61 -81.12
C GLY B 3694 -12.50 -15.17 -80.35
N LEU B 3695 -11.35 -15.33 -80.99
CA LEU B 3695 -10.15 -15.84 -80.33
C LEU B 3695 -9.00 -14.88 -80.58
N ILE B 3696 -8.19 -14.66 -79.54
CA ILE B 3696 -7.01 -13.80 -79.62
C ILE B 3696 -5.83 -14.62 -79.14
N SER B 3697 -4.92 -14.94 -80.07
CA SER B 3697 -3.73 -15.72 -79.74
C SER B 3697 -2.52 -14.81 -79.73
N LYS B 3698 -1.76 -14.85 -78.63
CA LYS B 3698 -0.59 -14.00 -78.43
C LYS B 3698 -0.94 -12.52 -78.60
N LYS B 3699 -2.11 -12.14 -78.10
CA LYS B 3699 -2.61 -10.78 -78.19
C LYS B 3699 -2.91 -10.24 -76.79
N ASP B 3700 -3.05 -8.92 -76.72
CA ASP B 3700 -3.34 -8.21 -75.47
C ASP B 3700 -2.26 -8.45 -74.42
N PHE B 3701 -1.02 -8.69 -74.87
CA PHE B 3701 0.07 -8.88 -73.93
C PHE B 3701 0.42 -7.59 -73.19
N GLN B 3702 0.35 -6.45 -73.88
CA GLN B 3702 0.63 -5.15 -73.29
C GLN B 3702 -0.69 -4.38 -73.23
N LYS B 3703 -1.09 -3.99 -72.02
CA LYS B 3703 -2.34 -3.26 -71.83
C LYS B 3703 -2.16 -2.12 -70.84
N UNK B 3704 1.39 -12.36 -66.99
CA UNK B 3704 2.12 -13.39 -67.75
C UNK B 3704 1.73 -14.78 -67.27
N UNK B 3705 1.19 -14.87 -66.07
CA UNK B 3705 0.78 -16.14 -65.50
C UNK B 3705 -0.48 -16.66 -66.19
N UNK B 3706 -1.32 -15.74 -66.64
CA UNK B 3706 -2.56 -16.10 -67.33
C UNK B 3706 -2.27 -16.58 -68.75
N UNK B 3707 -1.23 -16.01 -69.35
CA UNK B 3707 -0.83 -16.38 -70.71
C UNK B 3707 -0.23 -17.78 -70.73
N UNK B 3708 0.50 -18.11 -69.67
CA UNK B 3708 1.12 -19.43 -69.56
C UNK B 3708 0.09 -20.47 -69.15
N UNK B 3709 -1.05 -20.00 -68.63
CA UNK B 3709 -2.13 -20.88 -68.21
C UNK B 3709 -3.00 -21.28 -69.39
N GLU B 3710 -8.70 -19.71 -77.31
CA GLU B 3710 -7.88 -18.61 -76.82
C GLU B 3710 -8.72 -17.62 -76.02
N GLU B 3711 -9.99 -17.92 -75.86
CA GLU B 3711 -10.92 -17.08 -75.12
C GLU B 3711 -11.61 -17.91 -74.06
N PHE B 3712 -11.64 -17.40 -72.84
CA PHE B 3712 -12.28 -18.05 -71.70
C PHE B 3712 -13.32 -17.13 -71.10
N ALA B 3713 -14.49 -17.69 -70.77
CA ALA B 3713 -15.56 -16.90 -70.18
C ALA B 3713 -15.15 -16.36 -68.81
N ASN B 3714 -14.54 -17.21 -67.98
CA ASN B 3714 -14.11 -16.80 -66.66
C ASN B 3714 -13.04 -17.77 -66.17
N ARG B 3715 -12.18 -17.27 -65.29
CA ARG B 3715 -11.11 -18.08 -64.71
C ARG B 3715 -11.57 -18.70 -63.39
N PHE B 3716 -12.63 -19.50 -63.49
CA PHE B 3716 -13.26 -20.16 -62.33
C PHE B 3716 -13.66 -19.13 -61.28
N GLN B 3717 -14.35 -18.08 -61.73
CA GLN B 3717 -14.77 -17.02 -60.83
C GLN B 3717 -15.96 -17.43 -59.97
N GLU B 3718 -16.80 -18.36 -60.46
CA GLU B 3718 -17.95 -18.79 -59.68
C GLU B 3718 -17.56 -19.42 -58.35
N PRO B 3719 -16.60 -20.36 -58.27
CA PRO B 3719 -16.15 -20.81 -56.95
C PRO B 3719 -15.23 -19.82 -56.25
N ALA B 3720 -14.58 -18.93 -56.98
CA ALA B 3720 -13.68 -17.95 -56.38
C ALA B 3720 -14.43 -16.82 -55.69
N ARG B 3721 -15.67 -16.54 -56.09
CA ARG B 3721 -16.42 -15.45 -55.47
C ARG B 3721 -16.75 -15.74 -54.02
N ASP B 3722 -17.20 -16.95 -53.71
CA ASP B 3722 -17.57 -17.28 -52.33
C ASP B 3722 -16.35 -17.30 -51.42
N ILE B 3723 -15.26 -17.94 -51.87
CA ILE B 3723 -14.06 -18.02 -51.05
C ILE B 3723 -13.45 -16.64 -50.85
N GLY B 3724 -13.61 -15.74 -51.83
CA GLY B 3724 -13.10 -14.40 -51.69
C GLY B 3724 -13.78 -13.59 -50.59
N PHE B 3725 -15.09 -13.78 -50.43
CA PHE B 3725 -15.82 -13.03 -49.41
C PHE B 3725 -15.58 -13.61 -48.02
N ASN B 3726 -15.46 -14.94 -47.92
CA ASN B 3726 -15.24 -15.57 -46.62
C ASN B 3726 -13.89 -15.15 -46.03
N VAL B 3727 -12.84 -15.10 -46.85
CA VAL B 3727 -11.56 -14.60 -46.37
C VAL B 3727 -11.64 -13.10 -46.14
N ALA B 3728 -12.43 -12.38 -46.94
CA ALA B 3728 -12.62 -10.95 -46.71
C ALA B 3728 -13.31 -10.72 -45.38
N VAL B 3729 -14.30 -11.54 -45.03
CA VAL B 3729 -14.89 -11.49 -43.70
C VAL B 3729 -13.87 -11.86 -42.65
N LEU B 3730 -13.02 -12.85 -42.94
CA LEU B 3730 -12.01 -13.27 -41.98
C LEU B 3730 -11.11 -12.11 -41.58
N LEU B 3731 -10.81 -11.21 -42.52
CA LEU B 3731 -9.97 -10.07 -42.20
C LEU B 3731 -10.69 -9.03 -41.35
N THR B 3732 -11.95 -8.73 -41.68
CA THR B 3732 -12.66 -7.68 -40.95
C THR B 3732 -13.10 -8.15 -39.57
N ASN B 3733 -13.20 -9.47 -39.35
CA ASN B 3733 -13.39 -9.97 -37.99
C ASN B 3733 -12.18 -9.66 -37.12
N LEU B 3734 -10.99 -9.98 -37.60
CA LEU B 3734 -9.79 -9.81 -36.79
C LEU B 3734 -9.42 -8.34 -36.64
N SER B 3735 -9.57 -7.55 -37.71
CA SER B 3735 -9.23 -6.12 -37.62
C SER B 3735 -10.12 -5.40 -36.61
N GLU B 3736 -11.42 -5.72 -36.60
CA GLU B 3736 -12.36 -5.03 -35.72
C GLU B 3736 -12.25 -5.50 -34.28
N HIS B 3737 -11.98 -6.79 -34.05
CA HIS B 3737 -11.88 -7.30 -32.69
C HIS B 3737 -10.69 -6.70 -31.95
N VAL B 3738 -9.51 -6.74 -32.54
CA VAL B 3738 -8.32 -6.14 -31.97
C VAL B 3738 -7.96 -4.91 -32.81
N PRO B 3739 -8.13 -3.71 -32.29
CA PRO B 3739 -7.83 -2.50 -33.09
C PRO B 3739 -6.43 -1.95 -32.85
N HIS B 3740 -5.73 -2.51 -31.87
CA HIS B 3740 -4.43 -1.99 -31.43
C HIS B 3740 -3.28 -2.93 -31.83
N ASP B 3741 -3.40 -3.54 -33.00
CA ASP B 3741 -2.35 -4.43 -33.52
C ASP B 3741 -1.77 -3.85 -34.79
N PRO B 3742 -0.53 -3.36 -34.78
CA PRO B 3742 0.07 -2.81 -36.00
C PRO B 3742 0.24 -3.83 -37.11
N ARG B 3743 0.28 -5.13 -36.77
CA ARG B 3743 0.44 -6.15 -37.81
C ARG B 3743 -0.77 -6.22 -38.73
N LEU B 3744 -1.96 -5.92 -38.22
CA LEU B 3744 -3.16 -5.96 -39.05
C LEU B 3744 -3.16 -4.84 -40.08
N ARG B 3745 -2.56 -3.69 -39.76
CA ARG B 3745 -2.48 -2.60 -40.72
C ARG B 3745 -1.69 -2.99 -41.96
N ASN B 3746 -0.57 -3.70 -41.77
CA ASN B 3746 0.19 -4.17 -42.92
C ASN B 3746 -0.59 -5.22 -43.70
N PHE B 3747 -1.24 -6.16 -42.99
CA PHE B 3747 -2.00 -7.21 -43.66
C PHE B 3747 -3.19 -6.63 -44.40
N LEU B 3748 -3.87 -5.64 -43.81
CA LEU B 3748 -4.97 -4.99 -44.50
C LEU B 3748 -4.49 -4.25 -45.75
N GLU B 3749 -3.27 -3.73 -45.72
CA GLU B 3749 -2.71 -3.06 -46.90
C GLU B 3749 -2.52 -4.04 -48.05
N LEU B 3750 -2.04 -5.25 -47.75
CA LEU B 3750 -1.86 -6.25 -48.80
C LEU B 3750 -3.19 -6.74 -49.35
N ALA B 3751 -4.24 -6.75 -48.52
CA ALA B 3751 -5.56 -7.19 -48.93
C ALA B 3751 -6.49 -6.02 -49.22
N GLU B 3752 -5.95 -4.80 -49.38
CA GLU B 3752 -6.76 -3.63 -49.63
C GLU B 3752 -7.49 -3.70 -50.98
N SER B 3753 -7.01 -4.51 -51.92
CA SER B 3753 -7.68 -4.62 -53.22
C SER B 3753 -9.05 -5.28 -53.08
N ILE B 3754 -9.12 -6.42 -52.39
CA ILE B 3754 -10.40 -7.10 -52.23
C ILE B 3754 -11.32 -6.33 -51.28
N LEU B 3755 -10.77 -5.72 -50.23
CA LEU B 3755 -11.62 -5.02 -49.25
C LEU B 3755 -12.40 -3.89 -49.89
N GLU B 3756 -11.86 -3.29 -50.96
CA GLU B 3756 -12.62 -2.27 -51.68
C GLU B 3756 -13.69 -2.89 -52.57
N TYR B 3757 -13.43 -4.06 -53.13
CA TYR B 3757 -14.40 -4.68 -54.04
C TYR B 3757 -15.57 -5.29 -53.29
N PHE B 3758 -15.30 -6.03 -52.21
CA PHE B 3758 -16.35 -6.67 -51.42
C PHE B 3758 -16.98 -5.74 -50.39
N ARG B 3759 -16.59 -4.45 -50.37
CA ARG B 3759 -17.15 -3.53 -49.39
C ARG B 3759 -18.67 -3.39 -49.51
N PRO B 3760 -19.25 -3.12 -50.69
CA PRO B 3760 -20.72 -2.98 -50.74
C PRO B 3760 -21.46 -4.28 -50.48
N TYR B 3761 -20.85 -5.43 -50.78
CA TYR B 3761 -21.53 -6.70 -50.59
C TYR B 3761 -21.57 -7.13 -49.13
N LEU B 3762 -20.73 -6.57 -48.28
CA LEU B 3762 -20.66 -6.97 -46.88
C LEU B 3762 -21.77 -6.29 -46.08
N GLY B 3763 -22.33 -7.04 -45.13
CA GLY B 3763 -23.36 -6.51 -44.25
C GLY B 3763 -22.91 -6.47 -42.79
N ARG B 3764 -23.54 -5.60 -42.00
CA ARG B 3764 -23.09 -5.41 -40.62
C ARG B 3764 -24.28 -5.02 -39.75
N ILE B 3765 -24.59 -5.84 -38.75
CA ILE B 3765 -25.59 -5.56 -37.74
C ILE B 3765 -25.03 -6.00 -36.39
N GLU B 3766 -25.77 -5.70 -35.32
CA GLU B 3766 -25.45 -6.19 -33.98
C GLU B 3766 -26.65 -6.93 -33.43
N ILE B 3767 -26.41 -8.10 -32.84
CA ILE B 3767 -27.39 -8.85 -32.08
C ILE B 3767 -26.80 -9.13 -30.70
N MET B 3768 -27.58 -8.81 -29.66
CA MET B 3768 -27.09 -8.87 -28.28
C MET B 3768 -27.66 -10.06 -27.51
N GLY B 3769 -28.87 -10.50 -27.82
CA GLY B 3769 -29.54 -11.52 -27.01
C GLY B 3769 -28.91 -12.91 -27.09
N ALA B 3770 -27.92 -13.11 -27.95
CA ALA B 3770 -27.31 -14.43 -28.09
C ALA B 3770 -26.66 -14.87 -26.79
N SER B 3771 -25.94 -13.96 -26.13
CA SER B 3771 -25.26 -14.27 -24.87
C SER B 3771 -25.42 -13.12 -23.87
N ARG B 3772 -26.52 -12.38 -23.97
CA ARG B 3772 -26.76 -11.19 -23.14
C ARG B 3772 -25.59 -10.21 -23.25
N ARG B 3773 -25.05 -10.07 -24.45
CA ARG B 3773 -23.75 -9.45 -24.65
C ARG B 3773 -23.71 -8.87 -26.06
N ILE B 3774 -23.17 -7.65 -26.19
CA ILE B 3774 -23.09 -7.02 -27.49
C ILE B 3774 -22.14 -7.82 -28.38
N GLU B 3775 -22.58 -8.10 -29.60
CA GLU B 3775 -21.82 -8.97 -30.51
C GLU B 3775 -22.10 -8.57 -31.95
N ARG B 3776 -21.15 -8.89 -32.83
CA ARG B 3776 -21.23 -8.54 -34.24
C ARG B 3776 -21.67 -9.75 -35.05
N ILE B 3777 -22.45 -9.49 -36.10
CA ILE B 3777 -22.91 -10.53 -37.03
C ILE B 3777 -22.74 -10.01 -38.45
N TYR B 3778 -22.18 -10.85 -39.32
CA TYR B 3778 -21.96 -10.55 -40.73
C TYR B 3778 -22.73 -11.51 -41.61
N PHE B 3779 -23.00 -11.09 -42.84
CA PHE B 3779 -23.86 -11.87 -43.72
C PHE B 3779 -23.63 -11.45 -45.17
N GLU B 3780 -24.17 -12.25 -46.08
CA GLU B 3780 -24.16 -11.98 -47.51
C GLU B 3780 -25.18 -10.91 -47.84
N ILE B 3781 -24.82 -10.00 -48.74
CA ILE B 3781 -25.79 -9.16 -49.43
C ILE B 3781 -25.60 -9.38 -50.92
N SER B 3782 -26.52 -10.13 -51.52
CA SER B 3782 -26.38 -10.50 -52.92
C SER B 3782 -26.61 -9.30 -53.83
N GLU B 3783 -26.03 -9.36 -55.02
CA GLU B 3783 -26.10 -8.23 -55.95
C GLU B 3783 -27.51 -8.07 -56.52
N THR B 3784 -28.20 -9.19 -56.78
CA THR B 3784 -29.50 -9.11 -57.44
C THR B 3784 -30.55 -8.45 -56.55
N ASN B 3785 -30.44 -8.60 -55.23
CA ASN B 3785 -31.38 -7.94 -54.34
C ASN B 3785 -30.92 -6.55 -53.93
N ARG B 3786 -29.60 -6.33 -53.82
CA ARG B 3786 -29.11 -4.99 -53.54
C ARG B 3786 -29.42 -4.04 -54.69
N ALA B 3787 -29.28 -4.51 -55.94
CA ALA B 3787 -29.72 -3.72 -57.08
C ALA B 3787 -31.23 -3.52 -57.05
N GLN B 3788 -31.98 -4.56 -56.67
CA GLN B 3788 -33.42 -4.43 -56.51
C GLN B 3788 -33.77 -3.54 -55.33
N TRP B 3789 -32.88 -3.46 -54.33
CA TRP B 3789 -33.10 -2.55 -53.21
C TRP B 3789 -33.13 -1.09 -53.68
N GLU B 3790 -32.23 -0.74 -54.60
CA GLU B 3790 -32.18 0.63 -55.15
C GLU B 3790 -33.31 0.77 -56.18
N MET B 3791 -34.50 1.07 -55.66
CA MET B 3791 -35.69 1.27 -56.48
C MET B 3791 -36.56 2.31 -55.78
N PRO B 3792 -37.19 3.21 -56.53
CA PRO B 3792 -38.03 4.24 -55.90
C PRO B 3792 -39.17 3.66 -55.05
N GLN B 3793 -39.71 2.51 -55.44
CA GLN B 3793 -40.77 1.90 -54.64
C GLN B 3793 -40.26 1.49 -53.26
N VAL B 3794 -39.06 0.91 -53.20
CA VAL B 3794 -38.50 0.50 -51.92
C VAL B 3794 -38.12 1.73 -51.08
N LYS B 3795 -37.52 2.74 -51.72
CA LYS B 3795 -37.17 3.96 -51.00
C LYS B 3795 -38.42 4.67 -50.45
N GLU B 3796 -39.52 4.61 -51.19
CA GLU B 3796 -40.77 5.18 -50.69
C GLU B 3796 -41.27 4.44 -49.46
N SER B 3797 -41.13 3.11 -49.45
CA SER B 3797 -41.57 2.32 -48.29
C SER B 3797 -40.78 2.68 -47.05
N LYS B 3798 -39.45 2.86 -47.18
CA LYS B 3798 -38.62 3.20 -46.04
C LYS B 3798 -38.81 4.64 -45.59
N ARG B 3799 -39.10 5.56 -46.51
CA ARG B 3799 -39.26 6.97 -46.14
C ARG B 3799 -40.56 7.20 -45.39
N GLN B 3800 -41.66 6.62 -45.86
CA GLN B 3800 -42.95 6.80 -45.21
C GLN B 3800 -43.05 6.04 -43.90
N PHE B 3801 -42.32 4.93 -43.77
CA PHE B 3801 -42.39 4.13 -42.54
C PHE B 3801 -41.90 4.92 -41.33
N ILE B 3802 -40.98 5.86 -41.53
CA ILE B 3802 -40.48 6.66 -40.42
C ILE B 3802 -41.59 7.54 -39.85
N PHE B 3803 -42.44 8.10 -40.72
CA PHE B 3803 -43.54 8.94 -40.25
C PHE B 3803 -44.57 8.12 -39.49
N ASP B 3804 -44.78 6.85 -39.88
CA ASP B 3804 -45.74 6.00 -39.19
C ASP B 3804 -45.27 5.63 -37.79
N VAL B 3805 -43.98 5.80 -37.49
CA VAL B 3805 -43.49 5.47 -36.16
C VAL B 3805 -43.46 6.69 -35.24
N VAL B 3806 -43.32 7.90 -35.80
CA VAL B 3806 -43.29 9.11 -34.98
C VAL B 3806 -44.60 9.27 -34.21
N ASN B 3807 -45.73 9.01 -34.88
CA ASN B 3807 -47.01 9.06 -34.19
C ASN B 3807 -47.13 7.94 -33.15
N GLU B 3808 -46.49 6.80 -33.39
CA GLU B 3808 -46.52 5.71 -32.43
C GLU B 3808 -45.69 6.07 -31.20
N GLY B 3809 -46.26 5.79 -30.02
CA GLY B 3809 -45.61 6.14 -28.77
C GLY B 3809 -45.08 4.94 -28.01
N GLY B 3810 -44.96 3.80 -28.66
CA GLY B 3810 -44.50 2.59 -27.99
C GLY B 3810 -43.20 2.05 -28.53
N GLU B 3811 -42.25 1.79 -27.62
CA GLU B 3811 -40.99 1.17 -28.05
C GLU B 3811 -41.20 -0.28 -28.45
N SER B 3812 -42.04 -1.01 -27.71
CA SER B 3812 -42.31 -2.41 -28.04
C SER B 3812 -43.00 -2.55 -29.38
N GLU B 3813 -44.00 -1.70 -29.67
CA GLU B 3813 -44.67 -1.77 -30.95
C GLU B 3813 -43.75 -1.32 -32.08
N LYS B 3814 -42.87 -0.36 -31.80
CA LYS B 3814 -41.95 0.11 -32.84
C LYS B 3814 -41.08 -1.03 -33.36
N MET B 3815 -40.66 -1.93 -32.47
CA MET B 3815 -39.97 -3.14 -32.92
C MET B 3815 -40.89 -4.01 -33.77
N GLU B 3816 -42.16 -4.14 -33.36
CA GLU B 3816 -43.11 -4.95 -34.12
C GLU B 3816 -43.36 -4.37 -35.51
N LEU B 3817 -43.55 -3.06 -35.61
CA LEU B 3817 -43.71 -2.43 -36.92
C LEU B 3817 -42.45 -2.53 -37.76
N PHE B 3818 -41.27 -2.38 -37.14
CA PHE B 3818 -40.03 -2.50 -37.89
C PHE B 3818 -39.87 -3.90 -38.48
N VAL B 3819 -40.12 -4.92 -37.66
CA VAL B 3819 -40.01 -6.30 -38.14
C VAL B 3819 -41.05 -6.58 -39.22
N SER B 3820 -42.29 -6.14 -38.99
CA SER B 3820 -43.35 -6.37 -39.97
C SER B 3820 -43.08 -5.63 -41.27
N PHE B 3821 -42.37 -4.50 -41.21
CA PHE B 3821 -42.07 -3.73 -42.42
C PHE B 3821 -41.06 -4.46 -43.29
N CYS B 3822 -40.03 -5.05 -42.68
CA CYS B 3822 -38.99 -5.73 -43.45
C CYS B 3822 -39.53 -6.98 -44.15
N GLU B 3823 -40.28 -7.79 -43.42
CA GLU B 3823 -40.83 -9.02 -44.01
C GLU B 3823 -41.84 -8.72 -45.12
N ASP B 3824 -42.52 -7.58 -45.05
CA ASP B 3824 -43.42 -7.19 -46.13
C ASP B 3824 -42.66 -6.76 -47.38
N THR B 3825 -41.47 -6.15 -47.21
CA THR B 3825 -40.67 -5.74 -48.36
C THR B 3825 -40.06 -6.94 -49.08
N ILE B 3826 -39.79 -8.03 -48.35
CA ILE B 3826 -39.26 -9.22 -48.98
C ILE B 3826 -40.28 -9.83 -49.94
N PHE B 3827 -41.56 -9.79 -49.57
CA PHE B 3827 -42.60 -10.29 -50.46
C PHE B 3827 -42.70 -9.45 -51.74
N GLU B 3828 -42.29 -8.19 -51.67
CA GLU B 3828 -42.27 -7.34 -52.86
C GLU B 3828 -41.17 -7.74 -53.83
N MET B 3829 -40.08 -8.34 -53.34
CA MET B 3829 -38.98 -8.72 -54.21
C MET B 3829 -39.37 -9.85 -55.17
N GLN B 3830 -40.20 -10.79 -54.71
CA GLN B 3830 -40.52 -11.96 -55.54
C GLN B 3830 -41.48 -11.63 -56.67
N ILE B 3831 -42.34 -10.61 -56.50
CA ILE B 3831 -43.28 -10.29 -57.56
C ILE B 3831 -42.61 -9.49 -58.68
N ALA B 3832 -41.58 -8.72 -58.36
CA ALA B 3832 -40.87 -7.96 -59.39
C ALA B 3832 -39.78 -8.80 -60.06
N ALA B 3833 -39.20 -9.75 -59.34
CA ALA B 3833 -38.17 -10.61 -59.93
C ALA B 3833 -38.75 -11.63 -60.90
N GLN B 3834 -40.03 -11.96 -60.77
CA GLN B 3834 -40.68 -12.92 -61.65
C GLN B 3834 -41.24 -12.24 -62.88
N GLU B 4132 -52.47 -16.61 -74.37
CA GLU B 4132 -52.16 -17.85 -73.67
C GLU B 4132 -50.75 -18.31 -73.96
N VAL B 4133 -50.39 -18.39 -75.25
CA VAL B 4133 -49.06 -18.82 -75.64
C VAL B 4133 -48.02 -17.79 -75.19
N GLN B 4134 -48.31 -16.51 -75.42
CA GLN B 4134 -47.41 -15.42 -75.04
C GLN B 4134 -48.02 -14.52 -73.97
N ARG B 4135 -48.96 -15.07 -73.17
CA ARG B 4135 -49.60 -14.28 -72.13
C ARG B 4135 -48.63 -13.91 -71.01
N VAL B 4136 -47.71 -14.81 -70.66
CA VAL B 4136 -46.80 -14.55 -69.56
C VAL B 4136 -45.89 -13.35 -69.87
N LYS B 4137 -45.50 -13.18 -71.14
CA LYS B 4137 -44.71 -12.03 -71.51
C LYS B 4137 -45.51 -10.74 -71.48
N PHE B 4138 -46.79 -10.79 -71.88
CA PHE B 4138 -47.62 -9.59 -71.89
C PHE B 4138 -47.95 -9.13 -70.47
N LEU B 4139 -48.27 -10.06 -69.58
CA LEU B 4139 -48.58 -9.69 -68.20
C LEU B 4139 -47.38 -9.10 -67.48
N ASN B 4140 -46.19 -9.65 -67.71
CA ASN B 4140 -44.98 -9.09 -67.11
C ASN B 4140 -44.71 -7.69 -67.66
N TYR B 4141 -44.94 -7.49 -68.96
CA TYR B 4141 -44.79 -6.17 -69.55
C TYR B 4141 -45.79 -5.17 -68.95
N LEU B 4142 -47.01 -5.62 -68.68
CA LEU B 4142 -48.03 -4.72 -68.14
C LEU B 4142 -47.75 -4.34 -66.69
N SER B 4143 -47.15 -5.25 -65.92
CA SER B 4143 -46.91 -4.99 -64.50
C SER B 4143 -45.88 -3.88 -64.28
N ARG B 4144 -44.80 -3.88 -65.06
CA ARG B 4144 -43.74 -2.90 -64.87
C ARG B 4144 -44.18 -1.50 -65.25
N ASN B 4145 -45.05 -1.37 -66.25
CA ASN B 4145 -45.49 -0.08 -66.76
C ASN B 4145 -46.84 0.36 -66.18
N PHE B 4146 -47.17 -0.10 -64.97
CA PHE B 4146 -48.42 0.32 -64.34
C PHE B 4146 -48.41 1.81 -64.02
N TYR B 4147 -47.25 2.36 -63.67
CA TYR B 4147 -47.16 3.79 -63.36
C TYR B 4147 -47.33 4.64 -64.61
N THR B 4148 -46.66 4.27 -65.70
CA THR B 4148 -46.81 5.03 -66.94
C THR B 4148 -48.19 4.83 -67.55
N LEU B 4149 -48.78 3.65 -67.36
CA LEU B 4149 -50.13 3.40 -67.88
C LEU B 4149 -51.15 4.32 -67.21
N ARG B 4150 -51.02 4.52 -65.89
CA ARG B 4150 -51.90 5.45 -65.19
C ARG B 4150 -51.67 6.88 -65.67
N PHE B 4151 -50.42 7.24 -65.94
CA PHE B 4151 -50.13 8.57 -66.46
C PHE B 4151 -50.72 8.77 -67.85
N LEU B 4152 -50.73 7.71 -68.67
CA LEU B 4152 -51.33 7.81 -70.00
C LEU B 4152 -52.84 7.98 -69.91
N ALA B 4153 -53.48 7.34 -68.92
CA ALA B 4153 -54.93 7.44 -68.78
C ALA B 4153 -55.37 8.87 -68.50
N LEU B 4154 -54.65 9.57 -67.61
CA LEU B 4154 -55.02 10.94 -67.29
C LEU B 4154 -54.70 11.90 -68.42
N PHE B 4155 -53.60 11.67 -69.15
CA PHE B 4155 -53.22 12.57 -70.24
C PHE B 4155 -54.26 12.54 -71.35
N LEU B 4156 -54.78 11.37 -71.67
CA LEU B 4156 -55.83 11.27 -72.68
C LEU B 4156 -57.09 12.01 -72.25
N ALA B 4157 -57.40 11.99 -70.94
CA ALA B 4157 -58.59 12.67 -70.46
C ALA B 4157 -58.52 14.16 -70.72
N PHE B 4158 -57.36 14.78 -70.48
CA PHE B 4158 -57.20 16.20 -70.75
C PHE B 4158 -57.48 16.53 -72.22
N ALA B 4159 -57.05 15.66 -73.13
CA ALA B 4159 -57.41 15.83 -74.54
C ALA B 4159 -58.90 15.68 -74.73
N ILE B 4160 -59.52 14.71 -74.05
CA ILE B 4160 -60.95 14.48 -74.21
C ILE B 4160 -61.76 15.66 -73.68
N ASN B 4161 -61.40 16.15 -72.49
CA ASN B 4161 -62.08 17.33 -71.97
C ASN B 4161 -61.81 18.57 -72.82
N PHE B 4162 -60.65 18.61 -73.48
CA PHE B 4162 -60.37 19.72 -74.40
C PHE B 4162 -61.29 19.66 -75.61
N ILE B 4163 -61.59 18.46 -76.09
CA ILE B 4163 -62.59 18.32 -77.15
C ILE B 4163 -63.97 18.72 -76.65
N LEU B 4164 -64.28 18.37 -75.40
CA LEU B 4164 -65.52 18.81 -74.78
C LEU B 4164 -65.56 20.32 -74.55
N LEU B 4165 -64.41 21.00 -74.65
CA LEU B 4165 -64.38 22.45 -74.54
C LEU B 4165 -64.92 23.13 -75.78
N PHE B 4166 -64.66 22.60 -76.97
CA PHE B 4166 -65.17 23.18 -78.19
C PHE B 4166 -66.63 22.79 -78.45
N TYR B 4167 -67.32 22.30 -77.43
CA TYR B 4167 -68.69 21.83 -77.55
C TYR B 4167 -69.65 23.00 -77.76
N LYS B 4168 -70.84 22.68 -78.27
CA LYS B 4168 -71.88 23.67 -78.48
C LYS B 4168 -73.23 22.95 -78.55
N VAL B 4169 -74.31 23.72 -78.53
CA VAL B 4169 -75.66 23.16 -78.61
C VAL B 4169 -76.46 24.01 -79.59
N SER B 4170 -77.45 23.38 -80.22
CA SER B 4170 -78.37 24.07 -81.11
C SER B 4170 -79.79 23.59 -80.84
N ASP B 4171 -80.75 24.50 -81.02
CA ASP B 4171 -82.15 24.16 -80.77
C ASP B 4171 -82.70 23.27 -81.88
N SER B 4172 -82.25 23.47 -83.11
CA SER B 4172 -82.75 22.69 -84.24
C SER B 4172 -81.63 21.85 -84.84
N PRO B 4173 -81.93 20.61 -85.23
CA PRO B 4173 -80.91 19.76 -85.85
C PRO B 4173 -80.49 20.31 -87.21
N PRO B 4174 -79.22 20.12 -87.60
CA PRO B 4174 -78.69 20.60 -88.88
C PRO B 4174 -77.46 19.81 -89.33
N VAL B 4215 -87.36 19.08 -78.27
CA VAL B 4215 -86.09 18.99 -77.55
C VAL B 4215 -85.02 19.80 -78.25
N TYR B 4216 -83.76 19.46 -78.00
CA TYR B 4216 -82.62 20.15 -78.59
C TYR B 4216 -81.67 19.13 -79.21
N TYR B 4217 -80.93 19.57 -80.23
CA TYR B 4217 -79.98 18.74 -80.94
C TYR B 4217 -78.57 19.08 -80.48
N PHE B 4218 -77.79 18.04 -80.16
CA PHE B 4218 -76.44 18.21 -79.65
C PHE B 4218 -75.42 18.00 -80.75
N LEU B 4219 -74.44 18.89 -80.83
CA LEU B 4219 -73.45 18.88 -81.90
C LEU B 4219 -72.11 19.33 -81.37
N GLU B 4220 -71.06 19.03 -82.13
CA GLU B 4220 -69.68 19.32 -81.77
C GLU B 4220 -69.20 20.58 -82.47
N GLU B 4221 -67.90 20.86 -82.36
CA GLU B 4221 -67.32 22.07 -82.92
C GLU B 4221 -67.42 22.06 -84.45
N SER B 4222 -67.35 23.27 -85.03
CA SER B 4222 -67.45 23.41 -86.47
C SER B 4222 -66.22 22.87 -87.20
N THR B 4223 -65.09 22.74 -86.51
CA THR B 4223 -63.90 22.19 -87.14
C THR B 4223 -64.10 20.72 -87.49
N GLY B 4224 -63.63 20.35 -88.68
CA GLY B 4224 -63.81 18.98 -89.15
C GLY B 4224 -62.92 17.96 -88.46
N TYR B 4225 -61.83 18.41 -87.84
CA TYR B 4225 -60.93 17.49 -87.16
C TYR B 4225 -61.46 17.03 -85.81
N MET B 4226 -62.42 17.75 -85.23
CA MET B 4226 -62.92 17.39 -83.91
C MET B 4226 -63.80 16.15 -83.95
N GLU B 4227 -64.54 15.95 -85.04
CA GLU B 4227 -65.46 14.81 -85.10
C GLU B 4227 -64.74 13.47 -85.02
N PRO B 4228 -63.68 13.19 -85.80
CA PRO B 4228 -63.02 11.89 -85.67
C PRO B 4228 -62.00 11.81 -84.55
N ALA B 4229 -61.57 12.95 -84.00
CA ALA B 4229 -60.59 12.94 -82.93
C ALA B 4229 -61.14 12.29 -81.67
N LEU B 4230 -62.41 12.57 -81.35
CA LEU B 4230 -63.01 12.01 -80.14
C LEU B 4230 -63.21 10.50 -80.23
N ARG B 4231 -63.39 9.97 -81.44
CA ARG B 4231 -63.61 8.53 -81.58
C ARG B 4231 -62.36 7.73 -81.21
N CYS B 4232 -61.20 8.15 -81.72
CA CYS B 4232 -59.97 7.41 -81.46
C CYS B 4232 -59.48 7.62 -80.04
N LEU B 4233 -59.57 8.86 -79.54
CA LEU B 4233 -59.09 9.15 -78.19
C LEU B 4233 -59.93 8.42 -77.15
N SER B 4234 -61.26 8.40 -77.31
CA SER B 4234 -62.10 7.69 -76.37
C SER B 4234 -61.94 6.19 -76.49
N LEU B 4235 -61.71 5.68 -77.69
CA LEU B 4235 -61.48 4.25 -77.88
C LEU B 4235 -60.21 3.81 -77.14
N LEU B 4236 -59.13 4.59 -77.27
CA LEU B 4236 -57.90 4.27 -76.56
C LEU B 4236 -58.08 4.41 -75.05
N HIS B 4237 -58.85 5.40 -74.62
CA HIS B 4237 -59.06 5.61 -73.18
C HIS B 4237 -59.80 4.44 -72.55
N THR B 4238 -60.80 3.90 -73.26
CA THR B 4238 -61.52 2.74 -72.74
C THR B 4238 -60.60 1.52 -72.66
N LEU B 4239 -59.75 1.32 -73.67
CA LEU B 4239 -58.87 0.16 -73.68
C LEU B 4239 -57.78 0.28 -72.61
N VAL B 4240 -57.20 1.46 -72.44
CA VAL B 4240 -56.14 1.62 -71.44
C VAL B 4240 -56.70 1.45 -70.04
N ALA B 4241 -57.99 1.78 -69.84
CA ALA B 4241 -58.64 1.52 -68.56
C ALA B 4241 -58.78 0.04 -68.27
N PHE B 4242 -58.80 -0.81 -69.30
CA PHE B 4242 -58.83 -2.25 -69.11
C PHE B 4242 -57.47 -2.80 -68.69
N LEU B 4243 -56.39 -2.24 -69.22
CA LEU B 4243 -55.06 -2.75 -68.92
C LEU B 4243 -54.62 -2.38 -67.50
N CYS B 4244 -55.06 -1.23 -66.99
CA CYS B 4244 -54.67 -0.83 -65.64
C CYS B 4244 -55.26 -1.77 -64.60
N ILE B 4245 -56.51 -2.20 -64.79
CA ILE B 4245 -57.11 -3.17 -63.87
C ILE B 4245 -56.37 -4.51 -63.94
N ILE B 4246 -56.05 -4.96 -65.16
CA ILE B 4246 -55.28 -6.18 -65.32
C ILE B 4246 -53.89 -6.04 -64.68
N GLY B 4247 -53.25 -4.89 -64.90
CA GLY B 4247 -52.00 -4.62 -64.23
C GLY B 4247 -52.15 -4.57 -62.72
N TYR B 4248 -53.24 -3.98 -62.25
CA TYR B 4248 -53.56 -4.00 -60.82
C TYR B 4248 -53.87 -5.41 -60.33
N ASN B 4249 -54.34 -6.29 -61.22
CA ASN B 4249 -54.68 -7.64 -60.82
C ASN B 4249 -53.46 -8.51 -60.54
N CYS B 4250 -52.28 -8.09 -61.02
CA CYS B 4250 -51.07 -8.89 -60.85
C CYS B 4250 -50.00 -8.23 -59.98
N LEU B 4251 -50.15 -6.93 -59.67
CA LEU B 4251 -49.14 -6.22 -58.89
C LEU B 4251 -49.58 -5.97 -57.46
N LYS B 4252 -50.74 -5.33 -57.26
CA LYS B 4252 -51.21 -4.99 -55.93
C LYS B 4252 -52.04 -6.07 -55.28
N VAL B 4253 -52.61 -6.99 -56.07
CA VAL B 4253 -53.37 -8.10 -55.49
C VAL B 4253 -52.52 -8.96 -54.56
N PRO B 4254 -51.32 -9.41 -54.94
CA PRO B 4254 -50.53 -10.22 -54.00
C PRO B 4254 -50.19 -9.48 -52.71
N LEU B 4255 -49.98 -8.16 -52.77
CA LEU B 4255 -49.64 -7.41 -51.58
C LEU B 4255 -50.83 -7.28 -50.63
N VAL B 4256 -52.02 -7.01 -51.17
CA VAL B 4256 -53.19 -6.80 -50.30
C VAL B 4256 -53.62 -8.11 -49.64
N ILE B 4257 -53.50 -9.24 -50.33
CA ILE B 4257 -53.90 -10.50 -49.72
C ILE B 4257 -52.87 -10.94 -48.69
N PHE B 4258 -51.59 -10.58 -48.89
CA PHE B 4258 -50.57 -10.90 -47.89
C PHE B 4258 -50.80 -10.15 -46.59
N LYS B 4259 -51.47 -9.00 -46.64
CA LYS B 4259 -51.76 -8.25 -45.43
C LYS B 4259 -52.75 -8.95 -44.52
N ARG B 4260 -53.51 -9.91 -45.04
CA ARG B 4260 -54.46 -10.67 -44.24
C ARG B 4260 -54.18 -12.15 -44.19
N GLU B 4261 -53.60 -12.74 -45.24
CA GLU B 4261 -53.25 -14.16 -45.21
C GLU B 4261 -52.19 -14.45 -44.15
N LYS B 4262 -51.17 -13.61 -44.08
CA LYS B 4262 -50.11 -13.80 -43.09
C LYS B 4262 -50.53 -13.28 -41.71
N GLU B 4263 -51.57 -12.45 -41.63
CA GLU B 4263 -51.99 -11.92 -40.34
C GLU B 4263 -52.67 -12.98 -39.50
N LEU B 4264 -53.41 -13.90 -40.13
CA LEU B 4264 -54.08 -14.95 -39.37
C LEU B 4264 -53.08 -15.91 -38.74
N ALA B 4265 -51.91 -16.09 -39.35
CA ALA B 4265 -50.89 -16.95 -38.77
C ALA B 4265 -50.39 -16.40 -37.44
N ARG B 4266 -50.32 -15.09 -37.31
CA ARG B 4266 -49.88 -14.46 -36.06
C ARG B 4266 -51.01 -14.34 -35.03
N LYS B 4267 -52.24 -14.73 -35.38
CA LYS B 4267 -53.37 -14.66 -34.47
C LYS B 4267 -53.71 -16.02 -33.87
N LEU B 4268 -53.70 -17.08 -34.67
CA LEU B 4268 -54.01 -18.41 -34.16
C LEU B 4268 -52.89 -18.99 -33.31
N GLU B 4269 -51.64 -18.56 -33.54
CA GLU B 4269 -50.50 -19.10 -32.81
C GLU B 4269 -50.25 -18.40 -31.48
N PHE B 4270 -50.56 -17.10 -31.40
CA PHE B 4270 -50.30 -16.32 -30.20
C PHE B 4270 -51.57 -15.87 -29.48
N ASP B 4271 -52.59 -15.45 -30.20
CA ASP B 4271 -53.84 -14.98 -29.59
C ASP B 4271 -54.89 -16.08 -29.47
N GLY B 4272 -54.99 -16.96 -30.46
CA GLY B 4272 -55.98 -18.01 -30.43
C GLY B 4272 -57.41 -17.50 -30.46
N LEU B 4273 -57.68 -16.56 -31.36
CA LEU B 4273 -58.99 -15.93 -31.46
C LEU B 4273 -60.03 -16.81 -32.13
N TYR B 4274 -59.65 -18.01 -32.58
CA TYR B 4274 -60.59 -18.95 -33.19
C TYR B 4274 -60.72 -20.24 -32.40
N ILE B 4275 -59.62 -20.90 -32.07
CA ILE B 4275 -59.65 -22.18 -31.39
C ILE B 4275 -59.76 -21.97 -29.88
N THR B 4276 -58.77 -21.28 -29.30
CA THR B 4276 -58.76 -21.09 -27.86
C THR B 4276 -59.88 -20.16 -27.41
N GLU B 4277 -60.21 -19.15 -28.21
CA GLU B 4277 -61.22 -18.17 -27.85
C GLU B 4277 -62.25 -18.07 -28.97
N GLN B 4278 -63.51 -17.95 -28.60
CA GLN B 4278 -64.58 -17.86 -29.58
C GLN B 4278 -64.51 -16.51 -30.29
N PRO B 4279 -64.62 -16.47 -31.62
CA PRO B 4279 -64.53 -15.19 -32.33
C PRO B 4279 -65.62 -14.22 -31.86
N GLU B 4280 -65.22 -12.95 -31.72
CA GLU B 4280 -66.15 -11.95 -31.20
C GLU B 4280 -67.18 -11.53 -32.24
N ASP B 4281 -66.83 -11.62 -33.53
CA ASP B 4281 -67.70 -11.21 -34.63
C ASP B 4281 -68.05 -9.73 -34.53
N ASP B 4282 -67.21 -8.95 -33.84
CA ASP B 4282 -67.43 -7.51 -33.78
C ASP B 4282 -67.03 -6.83 -35.08
N ASP B 4283 -65.90 -7.24 -35.67
CA ASP B 4283 -65.47 -6.68 -36.93
C ASP B 4283 -65.92 -7.56 -38.09
N VAL B 4284 -66.24 -6.92 -39.21
CA VAL B 4284 -66.70 -7.67 -40.38
C VAL B 4284 -65.57 -8.53 -40.95
N LYS B 4285 -64.33 -8.06 -40.87
CA LYS B 4285 -63.20 -8.82 -41.40
C LYS B 4285 -62.98 -10.11 -40.63
N GLY B 4286 -63.28 -10.12 -39.33
CA GLY B 4286 -63.10 -11.33 -38.54
C GLY B 4286 -64.01 -12.47 -38.98
N GLN B 4287 -65.25 -12.15 -39.33
CA GLN B 4287 -66.18 -13.18 -39.77
C GLN B 4287 -65.80 -13.72 -41.14
N TRP B 4288 -65.27 -12.87 -42.02
CA TRP B 4288 -64.90 -13.31 -43.36
C TRP B 4288 -63.69 -14.23 -43.34
N ASP B 4289 -62.95 -14.26 -42.23
CA ASP B 4289 -61.72 -15.04 -42.15
C ASP B 4289 -61.97 -16.48 -41.68
N ARG B 4290 -63.20 -16.83 -41.32
CA ARG B 4290 -63.46 -18.18 -40.82
C ARG B 4290 -63.47 -19.21 -41.94
N LEU B 4291 -63.83 -18.80 -43.16
CA LEU B 4291 -64.00 -19.74 -44.26
C LEU B 4291 -62.68 -20.20 -44.87
N VAL B 4292 -61.58 -19.49 -44.60
CA VAL B 4292 -60.29 -19.88 -45.16
C VAL B 4292 -59.59 -20.96 -44.34
N LEU B 4293 -60.03 -21.20 -43.10
CA LEU B 4293 -59.36 -22.16 -42.24
C LEU B 4293 -59.43 -23.57 -42.80
N ASN B 4294 -60.60 -23.95 -43.33
CA ASN B 4294 -60.78 -25.32 -43.81
C ASN B 4294 -60.01 -25.59 -45.09
N THR B 4295 -59.68 -24.57 -45.86
CA THR B 4295 -58.97 -24.76 -47.12
C THR B 4295 -57.52 -25.15 -46.86
N PRO B 4296 -57.03 -26.24 -47.47
CA PRO B 4296 -55.61 -26.61 -47.28
C PRO B 4296 -54.62 -25.59 -47.83
N SER B 4297 -55.05 -24.70 -48.73
CA SER B 4297 -54.18 -23.72 -49.35
C SER B 4297 -54.11 -22.42 -48.55
N PHE B 4298 -54.43 -22.48 -47.24
CA PHE B 4298 -54.33 -21.28 -46.41
C PHE B 4298 -52.89 -20.75 -46.31
N PRO B 4299 -51.87 -21.57 -46.01
CA PRO B 4299 -50.51 -21.02 -45.89
C PRO B 4299 -49.79 -20.90 -47.23
N SER B 4300 -50.54 -21.00 -48.34
CA SER B 4300 -49.92 -20.92 -49.65
C SER B 4300 -49.30 -19.54 -49.89
N ASN B 4301 -49.95 -18.48 -49.43
CA ASN B 4301 -49.43 -17.13 -49.62
C ASN B 4301 -48.15 -16.92 -48.83
N TYR B 4302 -48.16 -17.27 -47.55
CA TYR B 4302 -46.99 -17.07 -46.71
C TYR B 4302 -45.91 -18.09 -47.04
N TRP B 4303 -44.67 -17.71 -46.75
CA TRP B 4303 -43.54 -18.60 -47.02
C TRP B 4303 -43.62 -19.86 -46.18
N ASP B 4304 -43.96 -19.73 -44.91
CA ASP B 4304 -44.03 -20.88 -44.01
C ASP B 4304 -45.36 -21.60 -44.19
N LYS B 4305 -45.29 -22.88 -44.55
CA LYS B 4305 -46.47 -23.72 -44.72
C LYS B 4305 -46.72 -24.63 -43.51
N PHE B 4306 -46.04 -24.39 -42.39
CA PHE B 4306 -46.15 -25.23 -41.21
C PHE B 4306 -47.09 -24.63 -40.16
N VAL B 4307 -47.87 -23.60 -40.54
CA VAL B 4307 -48.81 -23.01 -39.60
C VAL B 4307 -49.91 -23.99 -39.19
N LYS B 4308 -50.20 -24.98 -40.04
CA LYS B 4308 -51.19 -25.99 -39.68
C LYS B 4308 -50.67 -26.92 -38.59
N ARG B 4309 -49.38 -27.27 -38.65
CA ARG B 4309 -48.79 -28.12 -37.62
C ARG B 4309 -48.40 -27.35 -36.38
N LYS B 4310 -48.32 -26.02 -36.45
CA LYS B 4310 -47.96 -25.23 -35.29
C LYS B 4310 -49.15 -24.98 -34.37
N VAL B 4311 -50.36 -24.86 -34.92
CA VAL B 4311 -51.53 -24.59 -34.09
C VAL B 4311 -51.86 -25.79 -33.21
N LEU B 4312 -51.68 -27.01 -33.72
CA LEU B 4312 -51.98 -28.20 -32.92
C LEU B 4312 -50.99 -28.37 -31.77
N ASP B 4313 -49.72 -28.02 -31.97
CA ASP B 4313 -48.73 -28.12 -30.91
C ASP B 4313 -48.87 -27.00 -29.89
N LYS B 4314 -49.19 -25.78 -30.35
CA LYS B 4314 -49.31 -24.65 -29.43
C LYS B 4314 -50.49 -24.84 -28.48
N HIS B 4315 -51.64 -25.26 -29.00
CA HIS B 4315 -52.85 -25.48 -28.21
C HIS B 4315 -53.39 -26.86 -28.56
N GLY B 4316 -52.90 -27.88 -27.84
CA GLY B 4316 -53.34 -29.24 -28.08
C GLY B 4316 -53.83 -29.94 -26.83
N ASP B 4317 -53.47 -29.40 -25.66
CA ASP B 4317 -53.86 -30.00 -24.39
C ASP B 4317 -55.03 -29.32 -23.73
N ILE B 4318 -55.22 -28.02 -23.96
CA ILE B 4318 -56.36 -27.32 -23.36
C ILE B 4318 -57.67 -27.83 -23.93
N TYR B 4319 -57.77 -27.94 -25.25
CA TYR B 4319 -58.96 -28.47 -25.91
C TYR B 4319 -58.55 -29.69 -26.73
N GLY B 4320 -59.56 -30.44 -27.17
CA GLY B 4320 -59.33 -31.66 -27.93
C GLY B 4320 -58.55 -31.46 -29.21
N ARG B 4321 -57.57 -32.35 -29.46
CA ARG B 4321 -56.79 -32.26 -30.68
C ARG B 4321 -57.64 -32.52 -31.92
N GLU B 4322 -58.58 -33.45 -31.83
CA GLU B 4322 -59.45 -33.72 -32.98
C GLU B 4322 -60.43 -32.58 -33.23
N ARG B 4323 -60.86 -31.88 -32.19
CA ARG B 4323 -61.79 -30.78 -32.35
C ARG B 4323 -61.15 -29.59 -33.06
N ILE B 4324 -59.93 -29.23 -32.65
CA ILE B 4324 -59.25 -28.10 -33.28
C ILE B 4324 -58.84 -28.43 -34.71
N ALA B 4325 -58.54 -29.70 -34.98
CA ALA B 4325 -58.17 -30.09 -36.34
C ALA B 4325 -59.37 -30.08 -37.28
N GLU B 4326 -60.57 -30.28 -36.75
CA GLU B 4326 -61.78 -30.28 -37.57
C GLU B 4326 -62.15 -28.85 -37.99
N ILE B 4358 -58.38 -27.06 -57.76
CA ILE B 4358 -58.73 -25.74 -57.24
C ILE B 4358 -59.81 -25.86 -56.16
N ASP B 4359 -59.56 -25.27 -55.00
CA ASP B 4359 -60.50 -25.30 -53.89
C ASP B 4359 -61.43 -24.09 -54.00
N VAL B 4360 -62.73 -24.36 -54.16
CA VAL B 4360 -63.70 -23.28 -54.32
C VAL B 4360 -63.81 -22.42 -53.08
N LYS B 4361 -63.49 -22.95 -51.90
CA LYS B 4361 -63.52 -22.15 -50.67
C LYS B 4361 -62.45 -21.06 -50.70
N TYR B 4362 -61.26 -21.36 -51.22
CA TYR B 4362 -60.24 -20.33 -51.35
C TYR B 4362 -60.57 -19.37 -52.48
N GLN B 4363 -61.23 -19.85 -53.53
CA GLN B 4363 -61.59 -18.98 -54.65
C GLN B 4363 -62.54 -17.87 -54.22
N ILE B 4364 -63.56 -18.21 -53.41
CA ILE B 4364 -64.49 -17.20 -52.95
C ILE B 4364 -63.83 -16.26 -51.94
N TRP B 4365 -62.95 -16.80 -51.09
CA TRP B 4365 -62.28 -15.97 -50.10
C TRP B 4365 -61.30 -14.99 -50.75
N LYS B 4366 -60.59 -15.45 -51.78
CA LYS B 4366 -59.66 -14.56 -52.49
C LYS B 4366 -60.42 -13.45 -53.21
N PHE B 4367 -61.59 -13.77 -53.77
CA PHE B 4367 -62.40 -12.75 -54.44
C PHE B 4367 -63.01 -11.76 -53.44
N GLY B 4368 -63.34 -12.24 -52.24
CA GLY B 4368 -63.88 -11.33 -51.23
C GLY B 4368 -62.88 -10.29 -50.77
N VAL B 4369 -61.60 -10.66 -50.71
CA VAL B 4369 -60.56 -9.71 -50.33
C VAL B 4369 -60.48 -8.58 -51.34
N ILE B 4370 -60.51 -8.91 -52.63
CA ILE B 4370 -60.37 -7.89 -53.67
C ILE B 4370 -61.61 -7.01 -53.72
N PHE B 4371 -62.80 -7.60 -53.57
CA PHE B 4371 -64.04 -6.84 -53.67
C PHE B 4371 -64.20 -5.85 -52.53
N THR B 4372 -63.63 -6.11 -51.36
CA THR B 4372 -63.70 -5.18 -50.23
C THR B 4372 -62.58 -4.14 -50.24
N ASP B 4373 -61.61 -4.28 -51.14
CA ASP B 4373 -60.50 -3.33 -51.20
C ASP B 4373 -60.97 -2.02 -51.83
N ASN B 4374 -60.61 -0.90 -51.18
CA ASN B 4374 -61.05 0.40 -51.68
C ASN B 4374 -60.33 0.78 -52.97
N SER B 4375 -59.02 0.49 -53.05
CA SER B 4375 -58.27 0.84 -54.25
C SER B 4375 -58.74 0.08 -55.48
N PHE B 4376 -59.07 -1.21 -55.32
CA PHE B 4376 -59.60 -1.98 -56.43
C PHE B 4376 -60.93 -1.41 -56.92
N LEU B 4377 -61.80 -1.02 -55.98
CA LEU B 4377 -63.08 -0.43 -56.37
C LEU B 4377 -62.88 0.88 -57.10
N TYR B 4378 -61.89 1.69 -56.68
CA TYR B 4378 -61.63 2.96 -57.34
C TYR B 4378 -61.24 2.74 -58.80
N LEU B 4379 -60.37 1.77 -59.06
CA LEU B 4379 -60.01 1.46 -60.45
C LEU B 4379 -61.18 0.83 -61.20
N GLY B 4380 -62.00 0.03 -60.52
CA GLY B 4380 -63.25 -0.40 -61.11
C GLY B 4380 -64.21 0.76 -61.31
N TRP B 4381 -64.23 1.70 -60.36
CA TRP B 4381 -64.98 2.94 -60.54
C TRP B 4381 -64.45 3.74 -61.70
N TYR B 4382 -63.14 3.64 -61.98
CA TYR B 4382 -62.58 4.29 -63.16
C TYR B 4382 -63.14 3.67 -64.44
N MET B 4383 -63.31 2.35 -64.46
CA MET B 4383 -63.78 1.65 -65.66
C MET B 4383 -65.22 2.01 -66.00
N VAL B 4384 -66.10 2.04 -64.99
CA VAL B 4384 -67.54 2.08 -65.26
C VAL B 4384 -67.91 3.37 -65.99
N MET B 4385 -67.34 4.51 -65.59
CA MET B 4385 -67.68 5.76 -66.26
C MET B 4385 -67.06 5.83 -67.65
N SER B 4386 -66.01 5.07 -67.90
CA SER B 4386 -65.49 4.96 -69.26
C SER B 4386 -66.49 4.26 -70.18
N LEU B 4387 -67.15 3.22 -69.68
CA LEU B 4387 -68.17 2.54 -70.47
C LEU B 4387 -69.37 3.44 -70.72
N LEU B 4388 -69.84 4.15 -69.68
CA LEU B 4388 -70.90 5.12 -69.86
C LEU B 4388 -70.44 6.37 -70.60
N GLY B 4389 -69.14 6.56 -70.78
CA GLY B 4389 -68.66 7.68 -71.56
C GLY B 4389 -69.07 7.58 -73.02
N HIS B 4390 -69.15 6.36 -73.55
CA HIS B 4390 -69.63 6.18 -74.92
C HIS B 4390 -71.08 6.60 -75.06
N TYR B 4391 -71.91 6.28 -74.07
CA TYR B 4391 -73.32 6.68 -74.11
C TYR B 4391 -73.45 8.20 -74.08
N ASN B 4392 -72.69 8.87 -73.21
CA ASN B 4392 -72.72 10.32 -73.09
C ASN B 4392 -71.30 10.81 -72.88
N ASN B 4393 -70.83 11.69 -73.77
CA ASN B 4393 -69.47 12.19 -73.68
C ASN B 4393 -69.24 13.07 -72.47
N PHE B 4394 -70.31 13.61 -71.87
CA PHE B 4394 -70.16 14.45 -70.68
C PHE B 4394 -69.72 13.67 -69.45
N PHE B 4395 -69.94 12.35 -69.43
CA PHE B 4395 -69.52 11.55 -68.30
C PHE B 4395 -68.00 11.44 -68.18
N PHE B 4396 -67.26 11.86 -69.21
CA PHE B 4396 -65.81 11.90 -69.14
C PHE B 4396 -65.29 12.98 -68.20
N ALA B 4397 -66.15 13.92 -67.77
CA ALA B 4397 -65.73 14.99 -66.88
C ALA B 4397 -65.35 14.47 -65.49
N ALA B 4398 -66.00 13.41 -65.02
CA ALA B 4398 -65.62 12.82 -63.74
C ALA B 4398 -64.22 12.23 -63.79
N HIS B 4399 -63.72 11.92 -64.99
CA HIS B 4399 -62.37 11.41 -65.14
C HIS B 4399 -61.31 12.48 -64.89
N LEU B 4400 -61.69 13.76 -64.99
CA LEU B 4400 -60.74 14.85 -64.78
C LEU B 4400 -60.44 15.07 -63.30
N LEU B 4401 -61.29 14.61 -62.40
CA LEU B 4401 -61.08 14.77 -60.97
C LEU B 4401 -59.96 13.89 -60.44
N ASP B 4402 -59.44 12.95 -61.23
CA ASP B 4402 -58.48 11.98 -60.75
C ASP B 4402 -57.03 12.46 -60.84
N ILE B 4403 -56.79 13.66 -61.37
CA ILE B 4403 -55.45 14.25 -61.23
C ILE B 4403 -55.28 14.85 -59.85
N ALA B 4404 -56.38 15.10 -59.13
CA ALA B 4404 -56.28 15.62 -57.77
C ALA B 4404 -55.55 14.64 -56.86
N MET B 4405 -55.76 13.34 -57.07
CA MET B 4405 -55.01 12.33 -56.33
C MET B 4405 -53.77 11.84 -57.06
N GLY B 4406 -53.72 11.99 -58.39
CA GLY B 4406 -52.62 11.41 -59.15
C GLY B 4406 -51.28 12.04 -58.83
N VAL B 4407 -51.23 13.37 -58.77
CA VAL B 4407 -49.96 14.05 -58.54
C VAL B 4407 -49.72 14.17 -57.03
N LYS B 4408 -48.48 13.94 -56.61
CA LYS B 4408 -48.17 13.89 -55.18
C LYS B 4408 -48.44 15.22 -54.49
N THR B 4409 -48.01 16.33 -55.11
CA THR B 4409 -48.19 17.64 -54.47
C THR B 4409 -49.64 18.08 -54.45
N LEU B 4410 -50.49 17.54 -55.33
CA LEU B 4410 -51.92 17.74 -55.19
C LEU B 4410 -52.48 17.07 -53.94
N ARG B 4411 -51.97 15.88 -53.60
CA ARG B 4411 -52.48 15.18 -52.44
C ARG B 4411 -52.19 15.94 -51.15
N THR B 4412 -51.00 16.55 -51.05
CA THR B 4412 -50.64 17.26 -49.83
C THR B 4412 -51.55 18.46 -49.59
N ILE B 4413 -51.81 19.26 -50.64
CA ILE B 4413 -52.68 20.42 -50.48
C ILE B 4413 -54.09 19.99 -50.15
N LEU B 4414 -54.61 18.96 -50.83
CA LEU B 4414 -55.95 18.47 -50.54
C LEU B 4414 -56.00 17.73 -49.20
N SER B 4415 -54.85 17.33 -48.66
CA SER B 4415 -54.82 16.67 -47.36
C SER B 4415 -55.02 17.64 -46.21
N SER B 4416 -54.85 18.95 -46.45
CA SER B 4416 -55.02 19.92 -45.37
C SER B 4416 -56.46 19.97 -44.89
N VAL B 4417 -57.42 20.00 -45.82
CA VAL B 4417 -58.82 20.06 -45.44
C VAL B 4417 -59.26 18.74 -44.81
N THR B 4418 -58.74 17.62 -45.30
CA THR B 4418 -59.13 16.32 -44.76
C THR B 4418 -58.58 16.10 -43.35
N HIS B 4419 -57.46 16.73 -43.00
CA HIS B 4419 -56.91 16.59 -41.65
C HIS B 4419 -57.87 17.14 -40.61
N ASN B 4420 -58.51 18.28 -40.89
CA ASN B 4420 -59.47 18.90 -40.00
C ASN B 4420 -60.89 18.73 -40.52
N GLY B 4421 -61.11 17.76 -41.40
CA GLY B 4421 -62.44 17.56 -41.98
C GLY B 4421 -63.44 17.02 -40.98
N LYS B 4422 -62.97 16.35 -39.93
CA LYS B 4422 -63.88 15.88 -38.89
C LYS B 4422 -64.56 17.06 -38.20
N GLN B 4423 -63.82 18.13 -37.93
CA GLN B 4423 -64.39 19.34 -37.37
C GLN B 4423 -64.95 20.28 -38.44
N LEU B 4424 -64.63 20.05 -39.71
CA LEU B 4424 -65.07 20.97 -40.76
C LEU B 4424 -66.52 20.69 -41.17
N VAL B 4425 -66.89 19.42 -41.30
CA VAL B 4425 -68.26 19.06 -41.66
C VAL B 4425 -69.23 19.47 -40.56
N MET B 4426 -68.73 19.83 -39.39
CA MET B 4426 -69.58 20.10 -38.24
C MET B 4426 -69.68 21.58 -37.88
N THR B 4427 -68.67 22.39 -38.19
CA THR B 4427 -68.80 23.84 -38.01
C THR B 4427 -69.87 24.41 -38.92
N VAL B 4428 -69.94 23.92 -40.16
CA VAL B 4428 -71.06 24.29 -41.03
C VAL B 4428 -72.37 23.74 -40.47
N GLY B 4429 -72.31 22.62 -39.74
CA GLY B 4429 -73.48 22.14 -39.03
C GLY B 4429 -73.89 23.06 -37.89
N LEU B 4430 -72.92 23.64 -37.19
CA LEU B 4430 -73.24 24.65 -36.18
C LEU B 4430 -73.88 25.88 -36.82
N LEU B 4431 -73.49 26.20 -38.06
CA LEU B 4431 -74.14 27.30 -38.77
C LEU B 4431 -75.60 27.01 -39.04
N ALA B 4432 -75.98 25.73 -39.17
CA ALA B 4432 -77.37 25.38 -39.45
C ALA B 4432 -78.27 25.65 -38.23
N VAL B 4433 -77.77 25.42 -37.02
CA VAL B 4433 -78.59 25.58 -35.83
C VAL B 4433 -78.63 27.02 -35.32
N VAL B 4434 -77.68 27.87 -35.72
CA VAL B 4434 -77.68 29.26 -35.28
C VAL B 4434 -78.52 30.13 -36.23
N VAL B 4435 -78.47 29.86 -37.53
CA VAL B 4435 -79.31 30.60 -38.47
C VAL B 4435 -80.78 30.27 -38.24
N TYR B 4436 -81.10 29.03 -37.88
CA TYR B 4436 -82.48 28.67 -37.59
C TYR B 4436 -83.01 29.46 -36.40
N LEU B 4437 -82.18 29.70 -35.38
CA LEU B 4437 -82.62 30.51 -34.26
C LEU B 4437 -82.85 31.96 -34.67
N TYR B 4438 -82.07 32.44 -35.64
CA TYR B 4438 -82.23 33.83 -36.09
C TYR B 4438 -83.44 33.98 -37.01
N THR B 4439 -83.82 32.92 -37.74
CA THR B 4439 -84.93 33.06 -38.68
C THR B 4439 -86.30 32.98 -38.01
N VAL B 4440 -86.37 32.55 -36.74
CA VAL B 4440 -87.66 32.52 -36.05
C VAL B 4440 -87.95 33.85 -35.37
N VAL B 4441 -86.91 34.51 -34.85
CA VAL B 4441 -87.10 35.85 -34.30
C VAL B 4441 -87.30 36.87 -35.41
N ALA B 4442 -86.67 36.65 -36.56
CA ALA B 4442 -86.87 37.54 -37.70
C ALA B 4442 -88.28 37.41 -38.27
N PHE B 4443 -88.84 36.20 -38.26
CA PHE B 4443 -90.18 35.99 -38.77
C PHE B 4443 -91.26 36.54 -37.84
N ASN B 4444 -91.05 36.45 -36.53
CA ASN B 4444 -92.08 36.88 -35.59
C ASN B 4444 -92.21 38.41 -35.53
N PHE B 4445 -91.07 39.11 -35.57
CA PHE B 4445 -91.05 40.56 -35.36
C PHE B 4445 -90.55 41.33 -36.57
N PHE B 4446 -89.47 40.88 -37.21
CA PHE B 4446 -88.87 41.60 -38.34
C PHE B 4446 -89.47 41.20 -39.67
N ARG B 4447 -90.64 40.54 -39.67
CA ARG B 4447 -91.27 40.15 -40.93
C ARG B 4447 -91.72 41.35 -41.74
N LYS B 4448 -92.25 42.39 -41.08
CA LYS B 4448 -92.71 43.57 -41.80
C LYS B 4448 -91.56 44.30 -42.50
N PHE B 4449 -90.34 44.18 -41.95
CA PHE B 4449 -89.19 44.84 -42.58
C PHE B 4449 -88.81 44.17 -43.89
N TYR B 4450 -89.02 42.85 -44.00
CA TYR B 4450 -88.73 42.16 -45.25
C TYR B 4450 -89.63 42.65 -46.37
N ASN B 4451 -90.92 42.85 -46.09
CA ASN B 4451 -91.87 43.29 -47.10
C ASN B 4451 -91.69 44.77 -47.39
N LYS B 4452 -91.95 45.15 -48.64
CA LYS B 4452 -91.85 46.54 -49.06
C LYS B 4452 -93.05 47.35 -48.57
N ASP B 4460 -95.20 35.13 -53.95
CA ASP B 4460 -94.46 34.46 -52.89
C ASP B 4460 -93.43 35.40 -52.27
N MET B 4461 -93.59 35.69 -50.99
CA MET B 4461 -92.70 36.58 -50.26
C MET B 4461 -91.99 35.81 -49.16
N LYS B 4462 -90.74 36.21 -48.88
CA LYS B 4462 -89.95 35.54 -47.87
C LYS B 4462 -90.48 35.79 -46.46
N CYS B 4463 -91.25 36.85 -46.25
CA CYS B 4463 -91.76 37.17 -44.93
C CYS B 4463 -93.09 36.51 -44.62
N ASP B 4464 -93.92 36.24 -45.63
CA ASP B 4464 -95.22 35.64 -45.41
C ASP B 4464 -95.09 34.24 -44.83
N ASP B 4465 -94.16 33.45 -45.35
CA ASP B 4465 -93.93 32.08 -44.88
C ASP B 4465 -92.55 31.98 -44.25
N MET B 4466 -92.48 31.31 -43.10
CA MET B 4466 -91.21 31.20 -42.38
C MET B 4466 -90.36 30.04 -42.89
N MET B 4467 -90.91 29.22 -43.79
CA MET B 4467 -90.08 28.38 -44.63
C MET B 4467 -89.47 29.15 -45.80
N THR B 4468 -90.21 30.11 -46.35
CA THR B 4468 -89.57 31.05 -47.28
C THR B 4468 -88.56 31.93 -46.56
N CYS B 4469 -88.77 32.19 -45.28
CA CYS B 4469 -87.81 32.97 -44.50
C CYS B 4469 -86.55 32.17 -44.18
N TYR B 4470 -86.70 30.87 -43.86
CA TYR B 4470 -85.54 30.05 -43.56
C TYR B 4470 -84.59 29.95 -44.76
N LEU B 4471 -85.15 29.76 -45.95
CA LEU B 4471 -84.33 29.78 -47.15
C LEU B 4471 -83.74 31.16 -47.41
N PHE B 4472 -84.49 32.21 -47.07
CA PHE B 4472 -84.00 33.58 -47.27
C PHE B 4472 -82.82 33.91 -46.37
N HIS B 4473 -82.69 33.23 -45.23
CA HIS B 4473 -81.59 33.49 -44.30
C HIS B 4473 -80.35 32.66 -44.62
N MET B 4474 -80.53 31.42 -45.05
CA MET B 4474 -79.40 30.53 -45.33
C MET B 4474 -78.87 30.69 -46.75
N TYR B 4475 -79.76 30.68 -47.74
CA TYR B 4475 -79.32 30.76 -49.14
C TYR B 4475 -78.86 32.16 -49.51
N VAL B 4476 -79.53 33.19 -48.98
CA VAL B 4476 -79.25 34.57 -49.34
C VAL B 4476 -78.46 35.30 -48.28
N GLY B 4477 -78.85 35.16 -47.00
CA GLY B 4477 -78.18 35.90 -45.95
C GLY B 4477 -76.73 35.51 -45.77
N VAL B 4478 -76.45 34.20 -45.79
CA VAL B 4478 -75.07 33.74 -45.62
C VAL B 4478 -74.23 34.08 -46.85
N ARG B 4479 -74.80 33.94 -48.05
CA ARG B 4479 -74.05 34.20 -49.26
C ARG B 4479 -73.68 35.68 -49.39
N ALA B 4480 -74.61 36.57 -49.02
CA ALA B 4480 -74.36 38.00 -49.13
C ALA B 4480 -73.33 38.44 -48.10
N GLY B 4481 -72.33 39.21 -48.56
CA GLY B 4481 -71.30 39.69 -47.65
C GLY B 4481 -71.75 40.83 -46.77
N GLY B 4482 -72.76 41.59 -47.20
CA GLY B 4482 -73.25 42.70 -46.41
C GLY B 4482 -74.07 42.30 -45.21
N GLY B 4483 -74.63 41.08 -45.23
CA GLY B 4483 -75.43 40.57 -44.14
C GLY B 4483 -76.88 40.42 -44.57
N ILE B 4484 -77.72 40.04 -43.59
CA ILE B 4484 -79.14 39.86 -43.85
C ILE B 4484 -79.80 41.20 -44.17
N GLY B 4485 -79.26 42.30 -43.64
CA GLY B 4485 -79.84 43.60 -43.85
C GLY B 4485 -79.61 44.21 -45.22
N ASP B 4486 -78.76 43.58 -46.04
CA ASP B 4486 -78.53 44.08 -47.39
C ASP B 4486 -79.66 43.74 -48.35
N GLU B 4487 -80.51 42.75 -48.00
CA GLU B 4487 -81.58 42.31 -48.88
C GLU B 4487 -82.96 42.69 -48.38
N ILE B 4488 -83.06 43.36 -47.23
CA ILE B 4488 -84.36 43.75 -46.68
C ILE B 4488 -84.92 44.90 -47.50
N GLU B 4489 -86.22 45.18 -47.31
CA GLU B 4489 -86.84 46.28 -48.03
C GLU B 4489 -86.36 47.63 -47.51
N ASP B 4490 -86.60 47.91 -46.24
CA ASP B 4490 -86.17 49.15 -45.62
C ASP B 4490 -86.16 49.02 -44.10
N PRO B 4491 -85.05 49.33 -43.44
CA PRO B 4491 -85.01 49.27 -41.97
C PRO B 4491 -85.53 50.53 -41.30
N ALA B 4492 -85.90 51.56 -42.05
CA ALA B 4492 -86.35 52.83 -41.48
C ALA B 4492 -87.85 52.74 -41.15
N GLY B 4493 -88.16 51.94 -40.15
CA GLY B 4493 -89.52 51.78 -39.67
C GLY B 4493 -89.65 52.30 -38.26
N ASP B 4494 -90.75 53.00 -37.99
CA ASP B 4494 -90.97 53.56 -36.66
C ASP B 4494 -91.08 52.47 -35.61
N GLU B 4495 -91.80 51.39 -35.91
CA GLU B 4495 -91.96 50.28 -34.98
C GLU B 4495 -90.69 49.43 -34.99
N TYR B 4496 -90.17 49.14 -33.79
CA TYR B 4496 -88.96 48.32 -33.63
C TYR B 4496 -87.79 48.89 -34.44
N GLU B 4497 -87.62 50.20 -34.36
CA GLU B 4497 -86.52 50.85 -35.08
C GLU B 4497 -85.17 50.44 -34.51
N LEU B 4498 -85.02 50.52 -33.19
CA LEU B 4498 -83.77 50.11 -32.56
C LEU B 4498 -83.59 48.60 -32.61
N TYR B 4499 -84.68 47.84 -32.53
CA TYR B 4499 -84.59 46.38 -32.54
C TYR B 4499 -84.05 45.86 -33.87
N ARG B 4500 -84.37 46.54 -34.97
CA ARG B 4500 -83.88 46.11 -36.28
C ARG B 4500 -82.38 46.31 -36.43
N VAL B 4501 -81.85 47.43 -35.92
CA VAL B 4501 -80.42 47.71 -36.07
C VAL B 4501 -79.58 46.70 -35.31
N VAL B 4502 -79.95 46.42 -34.05
CA VAL B 4502 -79.19 45.47 -33.24
C VAL B 4502 -79.30 44.07 -33.81
N PHE B 4503 -80.44 43.72 -34.42
CA PHE B 4503 -80.59 42.40 -35.00
C PHE B 4503 -79.59 42.15 -36.12
N ASP B 4504 -79.34 43.15 -36.95
CA ASP B 4504 -78.37 43.02 -38.04
C ASP B 4504 -76.93 43.03 -37.54
N ILE B 4505 -76.61 43.88 -36.56
CA ILE B 4505 -75.25 43.98 -36.06
C ILE B 4505 -74.83 42.66 -35.42
N THR B 4506 -75.69 42.07 -34.60
CA THR B 4506 -75.39 40.77 -34.01
C THR B 4506 -75.30 39.69 -35.07
N PHE B 4507 -76.19 39.72 -36.07
CA PHE B 4507 -76.13 38.75 -37.15
C PHE B 4507 -74.90 38.93 -38.02
N PHE B 4508 -74.58 40.18 -38.37
CA PHE B 4508 -73.41 40.43 -39.21
C PHE B 4508 -72.12 40.02 -38.52
N PHE B 4509 -72.00 40.27 -37.22
CA PHE B 4509 -70.78 39.93 -36.50
C PHE B 4509 -70.62 38.43 -36.31
N PHE B 4510 -71.72 37.71 -36.07
CA PHE B 4510 -71.61 36.31 -35.65
C PHE B 4510 -71.39 35.36 -36.84
N VAL B 4511 -72.36 35.28 -37.75
CA VAL B 4511 -72.30 34.26 -38.78
C VAL B 4511 -71.55 34.71 -40.03
N ILE B 4512 -71.40 36.00 -40.25
CA ILE B 4512 -70.61 36.49 -41.37
C ILE B 4512 -69.14 36.69 -40.98
N VAL B 4513 -68.86 37.11 -39.75
CA VAL B 4513 -67.50 37.41 -39.35
C VAL B 4513 -66.92 36.28 -38.51
N ILE B 4514 -67.56 35.98 -37.38
CA ILE B 4514 -67.00 35.00 -36.44
C ILE B 4514 -67.03 33.60 -37.03
N LEU B 4515 -68.20 33.17 -37.52
CA LEU B 4515 -68.35 31.81 -38.00
C LEU B 4515 -67.53 31.54 -39.26
N LEU B 4516 -67.47 32.50 -40.18
CA LEU B 4516 -66.64 32.31 -41.37
C LEU B 4516 -65.15 32.30 -41.00
N ALA B 4517 -64.78 33.03 -39.94
CA ALA B 4517 -63.41 32.96 -39.45
C ALA B 4517 -63.09 31.59 -38.87
N ILE B 4518 -64.10 30.91 -38.32
CA ILE B 4518 -63.89 29.54 -37.83
C ILE B 4518 -63.50 28.63 -38.98
N ILE B 4519 -64.19 28.74 -40.12
CA ILE B 4519 -63.84 27.95 -41.29
C ILE B 4519 -62.44 28.29 -41.76
N GLN B 4520 -62.11 29.58 -41.79
CA GLN B 4520 -60.76 30.01 -42.15
C GLN B 4520 -59.73 29.51 -41.14
N GLY B 4521 -60.09 29.53 -39.85
CA GLY B 4521 -59.15 29.10 -38.83
C GLY B 4521 -58.77 27.64 -38.94
N LEU B 4522 -59.75 26.77 -39.23
CA LEU B 4522 -59.45 25.35 -39.36
C LEU B 4522 -58.57 25.05 -40.57
N ILE B 4523 -58.63 25.90 -41.60
CA ILE B 4523 -57.83 25.67 -42.80
C ILE B 4523 -56.43 26.23 -42.63
N ILE B 4524 -56.32 27.46 -42.15
CA ILE B 4524 -55.02 28.10 -41.98
C ILE B 4524 -54.18 27.32 -40.96
N ASP B 4525 -54.82 26.87 -39.88
CA ASP B 4525 -54.12 26.05 -38.90
C ASP B 4525 -53.65 24.73 -39.52
N ALA B 4526 -54.51 24.12 -40.35
CA ALA B 4526 -54.19 22.81 -40.92
C ALA B 4526 -52.96 22.87 -41.83
N PHE B 4527 -52.74 23.98 -42.51
CA PHE B 4527 -51.57 24.10 -43.37
C PHE B 4527 -50.28 24.00 -42.57
N GLY B 4528 -50.25 24.61 -41.38
CA GLY B 4528 -49.11 24.45 -40.51
C GLY B 4528 -49.09 23.09 -39.82
N GLU B 4529 -50.20 22.35 -39.90
CA GLU B 4529 -50.27 21.06 -39.24
C GLU B 4529 -49.53 19.99 -40.02
N LEU B 4530 -49.54 20.08 -41.35
CA LEU B 4530 -48.82 19.13 -42.18
C LEU B 4530 -47.31 19.38 -42.18
N ARG B 4531 -46.86 20.45 -41.52
CA ARG B 4531 -45.45 20.81 -41.44
C ARG B 4531 -44.81 20.30 -40.14
N ASP B 4532 -45.36 20.69 -39.00
CA ASP B 4532 -44.73 20.36 -37.72
C ASP B 4532 -44.70 18.85 -37.49
N GLN B 4533 -45.63 18.11 -38.10
CA GLN B 4533 -45.53 16.66 -38.11
C GLN B 4533 -44.32 16.22 -38.93
N GLN B 4534 -44.10 16.84 -40.10
CA GLN B 4534 -42.90 16.56 -40.87
C GLN B 4534 -41.65 17.11 -40.19
N GLU B 4535 -41.77 18.24 -39.49
CA GLU B 4535 -40.64 18.79 -38.77
C GLU B 4535 -40.27 17.94 -37.56
N GLN B 4536 -41.28 17.44 -36.84
CA GLN B 4536 -41.01 16.60 -35.68
C GLN B 4536 -40.32 15.30 -36.06
N VAL B 4537 -40.78 14.65 -37.14
CA VAL B 4537 -40.18 13.39 -37.55
C VAL B 4537 -38.78 13.61 -38.12
N ARG B 4538 -38.55 14.73 -38.80
CA ARG B 4538 -37.22 15.02 -39.34
C ARG B 4538 -36.22 15.34 -38.23
N GLU B 4539 -36.63 16.14 -37.24
CA GLU B 4539 -35.73 16.49 -36.15
C GLU B 4539 -35.45 15.32 -35.23
N ASP B 4540 -36.44 14.44 -35.02
CA ASP B 4540 -36.25 13.32 -34.11
C ASP B 4540 -35.19 12.35 -34.62
N MET B 4541 -35.07 12.21 -35.94
CA MET B 4541 -34.05 11.32 -36.49
C MET B 4541 -32.65 11.78 -36.16
N GLU B 4542 -32.40 13.09 -36.25
CA GLU B 4542 -31.06 13.63 -36.01
C GLU B 4542 -30.67 13.64 -34.53
N THR B 4543 -31.65 13.71 -33.62
CA THR B 4543 -31.32 13.77 -32.20
C THR B 4543 -30.80 12.43 -31.68
N LYS B 4544 -31.35 11.32 -32.17
CA LYS B 4544 -30.94 10.01 -31.68
C LYS B 4544 -31.21 8.96 -32.74
N CYS B 4545 -30.42 7.90 -32.70
CA CYS B 4545 -30.65 6.77 -33.59
C CYS B 4545 -31.87 5.98 -33.15
N PHE B 4546 -32.64 5.51 -34.13
CA PHE B 4546 -33.86 4.78 -33.81
C PHE B 4546 -33.57 3.39 -33.26
N ILE B 4547 -32.64 2.66 -33.86
CA ILE B 4547 -32.32 1.31 -33.40
C ILE B 4547 -31.68 1.36 -32.02
N CYS B 4548 -30.76 2.29 -31.82
CA CYS B 4548 -30.06 2.39 -30.53
C CYS B 4548 -30.91 3.10 -29.48
N GLY B 4549 -31.31 4.32 -29.77
CA GLY B 4549 -32.04 5.13 -28.80
C GLY B 4549 -31.17 5.93 -27.85
N ILE B 4550 -29.85 5.81 -27.95
CA ILE B 4550 -28.96 6.56 -27.08
C ILE B 4550 -28.87 8.01 -27.56
N GLY B 4551 -28.36 8.87 -26.68
CA GLY B 4551 -28.25 10.28 -27.00
C GLY B 4551 -27.17 10.57 -28.04
N SER B 4552 -27.27 11.76 -28.62
CA SER B 4552 -26.30 12.18 -29.63
C SER B 4552 -24.95 12.53 -29.03
N ASP B 4553 -24.93 12.99 -27.77
CA ASP B 4553 -23.69 13.44 -27.16
C ASP B 4553 -22.65 12.32 -27.11
N TYR B 4554 -23.08 11.11 -26.75
CA TYR B 4554 -22.17 9.97 -26.75
C TYR B 4554 -21.75 9.58 -28.17
N PHE B 4555 -22.49 10.02 -29.19
CA PHE B 4555 -22.25 9.60 -30.56
C PHE B 4555 -21.64 10.72 -31.40
N ASP B 4556 -21.07 11.74 -30.75
CA ASP B 4556 -20.35 12.81 -31.45
C ASP B 4556 -18.99 13.05 -30.82
N THR B 4557 -18.44 12.04 -30.14
CA THR B 4557 -17.12 12.18 -29.55
C THR B 4557 -16.04 12.24 -30.64
N THR B 4558 -15.92 11.17 -31.41
CA THR B 4558 -15.04 11.16 -32.57
C THR B 4558 -15.64 12.04 -33.68
N PRO B 4559 -14.81 12.79 -34.40
CA PRO B 4559 -15.33 13.55 -35.55
C PRO B 4559 -16.01 12.62 -36.55
N HIS B 4560 -17.17 13.06 -37.05
CA HIS B 4560 -17.99 12.29 -37.97
C HIS B 4560 -18.32 10.91 -37.41
N ARG B 4561 -18.93 10.91 -36.23
CA ARG B 4561 -19.30 9.67 -35.54
C ARG B 4561 -20.78 9.33 -35.68
N PHE B 4562 -21.66 10.33 -35.67
CA PHE B 4562 -23.09 10.05 -35.78
C PHE B 4562 -23.43 9.43 -37.12
N GLU B 4563 -22.95 10.02 -38.22
CA GLU B 4563 -23.15 9.43 -39.53
C GLU B 4563 -22.39 8.13 -39.70
N THR B 4564 -21.33 7.92 -38.93
CA THR B 4564 -20.65 6.63 -38.94
C THR B 4564 -21.52 5.54 -38.34
N HIS B 4565 -22.36 5.89 -37.37
CA HIS B 4565 -23.18 4.90 -36.67
C HIS B 4565 -24.43 4.54 -37.47
N THR B 4566 -25.15 5.54 -37.97
CA THR B 4566 -26.44 5.28 -38.60
C THR B 4566 -26.34 4.90 -40.07
N LEU B 4567 -25.16 4.97 -40.68
CA LEU B 4567 -24.98 4.54 -42.06
C LEU B 4567 -24.39 3.14 -42.18
N GLU B 4568 -23.46 2.77 -41.30
CA GLU B 4568 -22.80 1.48 -41.35
C GLU B 4568 -23.00 0.65 -40.08
N GLU B 4569 -23.01 1.29 -38.91
CA GLU B 4569 -23.08 0.55 -37.65
C GLU B 4569 -24.51 0.17 -37.32
N HIS B 4570 -25.42 1.14 -37.28
CA HIS B 4570 -26.83 0.91 -36.97
C HIS B 4570 -27.74 1.29 -38.14
N ASN B 4571 -27.35 0.90 -39.35
CA ASN B 4571 -28.15 1.20 -40.52
C ASN B 4571 -29.44 0.39 -40.49
N LEU B 4572 -30.57 1.08 -40.62
CA LEU B 4572 -31.86 0.39 -40.64
C LEU B 4572 -32.04 -0.48 -41.88
N ALA B 4573 -31.32 -0.17 -42.96
CA ALA B 4573 -31.38 -0.98 -44.16
C ALA B 4573 -30.62 -2.29 -44.01
N ASN B 4574 -29.52 -2.27 -43.24
CA ASN B 4574 -28.72 -3.48 -43.06
C ASN B 4574 -29.50 -4.59 -42.36
N TYR B 4575 -30.35 -4.23 -41.38
CA TYR B 4575 -31.15 -5.24 -40.69
C TYR B 4575 -32.15 -5.92 -41.61
N MET B 4576 -32.57 -5.25 -42.70
CA MET B 4576 -33.48 -5.89 -43.62
C MET B 4576 -32.78 -6.99 -44.41
N PHE B 4577 -31.53 -6.74 -44.84
CA PHE B 4577 -30.79 -7.74 -45.60
C PHE B 4577 -30.54 -8.99 -44.77
N PHE B 4578 -30.33 -8.84 -43.46
CA PHE B 4578 -30.17 -10.01 -42.59
C PHE B 4578 -31.43 -10.85 -42.54
N LEU B 4579 -32.60 -10.21 -42.55
CA LEU B 4579 -33.86 -10.95 -42.58
C LEU B 4579 -34.00 -11.75 -43.87
N MET B 4580 -33.61 -11.15 -45.00
CA MET B 4580 -33.61 -11.88 -46.26
C MET B 4580 -32.61 -13.02 -46.24
N TYR B 4581 -31.49 -12.84 -45.55
CA TYR B 4581 -30.49 -13.90 -45.44
C TYR B 4581 -31.04 -15.11 -44.69
N LEU B 4582 -31.81 -14.89 -43.62
CA LEU B 4582 -32.31 -16.00 -42.82
C LEU B 4582 -33.37 -16.82 -43.55
N ILE B 4583 -34.36 -16.14 -44.13
CA ILE B 4583 -35.51 -16.85 -44.69
C ILE B 4583 -35.13 -17.63 -45.94
N ASN B 4584 -34.25 -17.07 -46.77
CA ASN B 4584 -33.89 -17.76 -48.01
C ASN B 4584 -33.04 -18.99 -47.74
N LYS B 4585 -32.13 -18.91 -46.77
CA LYS B 4585 -31.25 -20.03 -46.48
C LYS B 4585 -32.02 -21.18 -45.84
N ASP B 4586 -31.59 -22.40 -46.17
CA ASP B 4586 -32.23 -23.60 -45.61
C ASP B 4586 -31.90 -23.74 -44.13
N GLU B 4587 -32.73 -24.51 -43.43
CA GLU B 4587 -32.65 -24.60 -41.98
C GLU B 4587 -31.50 -25.46 -41.48
N THR B 4588 -30.85 -26.22 -42.36
CA THR B 4588 -29.76 -27.10 -41.94
C THR B 4588 -28.39 -26.45 -42.00
N GLU B 4589 -28.28 -25.25 -42.56
CA GLU B 4589 -26.98 -24.59 -42.74
C GLU B 4589 -26.83 -23.34 -41.88
N HIS B 4590 -27.89 -22.89 -41.22
CA HIS B 4590 -27.79 -21.73 -40.34
C HIS B 4590 -26.78 -21.98 -39.23
N THR B 4591 -25.96 -20.95 -38.95
CA THR B 4591 -24.91 -21.04 -37.96
C THR B 4591 -25.50 -20.89 -36.56
N GLY B 4592 -24.62 -20.72 -35.57
CA GLY B 4592 -25.10 -20.60 -34.20
C GLY B 4592 -25.96 -19.37 -33.99
N GLN B 4593 -25.53 -18.23 -34.56
CA GLN B 4593 -26.31 -17.00 -34.40
C GLN B 4593 -27.56 -17.02 -35.26
N GLU B 4594 -27.45 -17.53 -36.50
CA GLU B 4594 -28.61 -17.58 -37.39
C GLU B 4594 -29.72 -18.46 -36.84
N SER B 4595 -29.36 -19.60 -36.24
CA SER B 4595 -30.37 -20.46 -35.62
C SER B 4595 -31.02 -19.78 -34.43
N TYR B 4596 -30.24 -19.06 -33.61
CA TYR B 4596 -30.80 -18.39 -32.44
C TYR B 4596 -31.77 -17.29 -32.85
N VAL B 4597 -31.37 -16.46 -33.81
CA VAL B 4597 -32.22 -15.34 -34.23
C VAL B 4597 -33.51 -15.86 -34.86
N TRP B 4598 -33.42 -16.93 -35.66
CA TRP B 4598 -34.62 -17.52 -36.25
C TRP B 4598 -35.57 -18.03 -35.17
N LYS B 4599 -35.03 -18.62 -34.10
CA LYS B 4599 -35.88 -19.11 -33.02
C LYS B 4599 -36.68 -17.97 -32.39
N MET B 4600 -36.02 -16.83 -32.16
CA MET B 4600 -36.75 -15.65 -31.70
C MET B 4600 -37.74 -15.16 -32.76
N TYR B 4601 -37.33 -15.17 -34.04
CA TYR B 4601 -38.21 -14.70 -35.10
C TYR B 4601 -39.45 -15.58 -35.23
N GLN B 4602 -39.27 -16.90 -35.10
CA GLN B 4602 -40.42 -17.79 -35.08
C GLN B 4602 -41.30 -17.52 -33.86
N GLU B 4603 -40.69 -17.25 -32.71
CA GLU B 4603 -41.42 -16.89 -31.51
C GLU B 4603 -41.87 -15.43 -31.51
N ARG B 4604 -41.45 -14.64 -32.50
CA ARG B 4604 -41.83 -13.23 -32.64
C ARG B 4604 -41.44 -12.42 -31.41
N CYS B 4605 -40.28 -12.70 -30.85
CA CYS B 4605 -39.73 -11.93 -29.75
C CYS B 4605 -38.64 -10.98 -30.27
N TRP B 4606 -38.64 -9.76 -29.72
CA TRP B 4606 -37.75 -8.70 -30.18
C TRP B 4606 -36.64 -8.39 -29.18
N ASP B 4607 -36.12 -9.44 -28.53
CA ASP B 4607 -35.02 -9.27 -27.58
C ASP B 4607 -33.65 -9.32 -28.24
N PHE B 4608 -33.57 -9.72 -29.52
CA PHE B 4608 -32.30 -9.75 -30.21
C PHE B 4608 -31.83 -8.37 -30.65
N PHE B 4609 -32.73 -7.39 -30.69
CA PHE B 4609 -32.37 -6.02 -30.99
C PHE B 4609 -31.52 -5.45 -29.86
N PRO B 4610 -30.66 -4.47 -30.14
CA PRO B 4610 -29.78 -3.97 -29.07
C PRO B 4610 -30.53 -3.22 -27.98
N ALA B 4611 -31.46 -2.33 -28.36
CA ALA B 4611 -32.39 -1.69 -27.43
C ALA B 4611 -31.65 -0.94 -26.32
N GLY B 4612 -30.93 0.10 -26.73
CA GLY B 4612 -30.26 0.98 -25.79
C GLY B 4612 -28.82 0.64 -25.48
N ASP B 4613 -28.22 -0.32 -26.17
CA ASP B 4613 -26.83 -0.68 -25.97
C ASP B 4613 -26.12 -0.76 -27.31
N CYS B 4614 -24.90 -0.24 -27.36
CA CYS B 4614 -24.09 -0.23 -28.56
C CYS B 4614 -22.69 -0.71 -28.25
N PHE B 4615 -21.98 -1.15 -29.30
CA PHE B 4615 -20.65 -1.70 -29.12
C PHE B 4615 -19.68 -0.68 -28.54
N ARG B 4616 -19.79 0.58 -28.97
CA ARG B 4616 -18.86 1.61 -28.50
C ARG B 4616 -19.01 1.86 -27.01
N LYS B 4617 -20.24 2.05 -26.53
CA LYS B 4617 -20.46 2.30 -25.11
C LYS B 4617 -20.23 1.05 -24.27
N GLN B 4618 -20.60 -0.13 -24.79
CA GLN B 4618 -20.51 -1.35 -24.01
C GLN B 4618 -19.05 -1.75 -23.77
N TYR B 4619 -18.22 -1.65 -24.79
CA TYR B 4619 -16.79 -1.96 -24.70
C TYR B 4619 -15.95 -0.71 -24.57
N GLU B 4620 -16.47 0.33 -23.90
CA GLU B 4620 -15.76 1.60 -23.82
C GLU B 4620 -14.44 1.46 -23.05
N ASP B 4621 -14.45 0.70 -21.96
CA ASP B 4621 -13.25 0.58 -21.13
C ASP B 4621 -12.10 -0.13 -21.85
N GLN B 4622 -12.41 -1.01 -22.81
CA GLN B 4622 -11.36 -1.76 -23.50
C GLN B 4622 -10.71 -0.93 -24.60
N LEU B 4623 -11.49 -0.51 -25.59
CA LEU B 4623 -10.99 0.28 -26.71
C LEU B 4623 -11.70 1.63 -26.74
N SER B 4624 -10.97 2.64 -27.19
CA SER B 4624 -11.52 3.99 -27.29
C SER B 4624 -12.39 4.13 -28.53
N GLY C 4 -49.33 -33.27 113.39
CA GLY C 4 -49.14 -32.18 114.33
C GLY C 4 -49.89 -30.92 113.95
N VAL C 5 -51.14 -30.83 114.41
CA VAL C 5 -52.01 -29.68 114.13
C VAL C 5 -52.36 -29.02 115.46
N GLU C 6 -52.08 -27.73 115.57
CA GLU C 6 -52.39 -26.96 116.76
C GLU C 6 -53.65 -26.13 116.50
N ILE C 7 -54.64 -26.25 117.38
CA ILE C 7 -55.92 -25.58 117.24
C ILE C 7 -56.10 -24.63 118.41
N GLU C 8 -56.35 -23.36 118.10
CA GLU C 8 -56.67 -22.34 119.10
C GLU C 8 -58.08 -21.85 118.83
N THR C 9 -58.94 -21.90 119.85
CA THR C 9 -60.34 -21.52 119.67
C THR C 9 -60.46 -20.00 119.64
N ILE C 10 -60.59 -19.44 118.44
CA ILE C 10 -60.77 -18.00 118.30
C ILE C 10 -62.24 -17.60 118.34
N SER C 11 -63.15 -18.56 118.34
CA SER C 11 -64.58 -18.33 118.47
C SER C 11 -65.16 -19.28 119.52
N PRO C 12 -66.22 -18.87 120.23
CA PRO C 12 -66.81 -19.75 121.25
C PRO C 12 -67.33 -21.06 120.68
N GLY C 13 -68.20 -20.98 119.68
CA GLY C 13 -68.76 -22.16 119.06
C GLY C 13 -69.56 -23.02 120.01
N ASP C 14 -70.69 -22.50 120.47
CA ASP C 14 -71.52 -23.22 121.44
C ASP C 14 -72.19 -24.45 120.86
N GLY C 15 -72.21 -24.60 119.54
CA GLY C 15 -72.82 -25.76 118.91
C GLY C 15 -72.16 -27.07 119.30
N ARG C 16 -72.98 -28.04 119.70
CA ARG C 16 -72.49 -29.35 120.11
C ARG C 16 -72.42 -30.35 118.96
N THR C 17 -72.89 -29.98 117.77
CA THR C 17 -72.86 -30.89 116.64
C THR C 17 -71.42 -31.11 116.18
N PHE C 18 -71.10 -32.38 115.88
CA PHE C 18 -69.77 -32.74 115.43
C PHE C 18 -69.85 -33.49 114.10
N PRO C 19 -68.91 -33.26 113.19
CA PRO C 19 -68.92 -33.99 111.91
C PRO C 19 -68.71 -35.48 112.13
N LYS C 20 -69.39 -36.28 111.33
CA LYS C 20 -69.27 -37.73 111.35
C LYS C 20 -68.84 -38.25 109.98
N LYS C 21 -68.58 -39.55 109.94
CA LYS C 21 -68.16 -40.18 108.69
C LYS C 21 -69.27 -40.16 107.67
N GLY C 22 -68.90 -39.99 106.40
CA GLY C 22 -69.88 -39.95 105.32
C GLY C 22 -70.84 -38.79 105.38
N GLN C 23 -70.34 -37.59 105.68
CA GLN C 23 -71.18 -36.40 105.75
C GLN C 23 -70.50 -35.25 105.01
N THR C 24 -71.33 -34.38 104.46
CA THR C 24 -70.83 -33.15 103.86
C THR C 24 -70.56 -32.11 104.94
N CYS C 25 -69.67 -31.17 104.63
CA CYS C 25 -69.27 -30.15 105.59
C CYS C 25 -68.85 -28.90 104.82
N VAL C 26 -69.37 -27.75 105.24
CA VAL C 26 -69.09 -26.49 104.55
C VAL C 26 -68.18 -25.63 105.44
N VAL C 27 -67.07 -25.18 104.87
CA VAL C 27 -66.10 -24.35 105.59
C VAL C 27 -65.69 -23.18 104.72
N HIS C 28 -65.68 -21.99 105.32
CA HIS C 28 -65.14 -20.78 104.69
C HIS C 28 -63.70 -20.65 105.17
N TYR C 29 -62.75 -21.10 104.35
CA TYR C 29 -61.36 -21.20 104.75
C TYR C 29 -60.54 -20.08 104.12
N THR C 30 -59.57 -19.59 104.90
CA THR C 30 -58.60 -18.59 104.43
C THR C 30 -57.23 -19.05 104.87
N GLY C 31 -56.35 -19.32 103.89
CA GLY C 31 -55.03 -19.84 104.15
C GLY C 31 -53.96 -18.80 103.87
N MET C 32 -52.94 -18.76 104.74
CA MET C 32 -51.81 -17.88 104.59
C MET C 32 -50.52 -18.65 104.84
N LEU C 33 -49.46 -18.24 104.16
CA LEU C 33 -48.15 -18.80 104.41
C LEU C 33 -47.52 -18.10 105.61
N GLN C 34 -46.71 -18.85 106.37
CA GLN C 34 -46.32 -18.41 107.70
C GLN C 34 -45.55 -17.08 107.68
N ASN C 35 -44.94 -16.74 106.54
CA ASN C 35 -44.32 -15.42 106.42
C ASN C 35 -45.38 -14.31 106.44
N GLY C 36 -46.53 -14.56 105.81
CA GLY C 36 -47.63 -13.61 105.89
C GLY C 36 -48.49 -13.45 104.64
N LYS C 37 -48.05 -14.00 103.51
CA LYS C 37 -48.81 -13.89 102.27
C LYS C 37 -49.81 -15.03 102.16
N LYS C 38 -51.02 -14.70 101.71
CA LYS C 38 -52.09 -15.69 101.58
C LYS C 38 -52.07 -16.29 100.18
N PHE C 39 -52.58 -17.51 100.05
CA PHE C 39 -52.69 -18.15 98.74
C PHE C 39 -54.13 -18.48 98.37
N ASP C 40 -55.00 -18.71 99.35
CA ASP C 40 -56.36 -19.13 99.07
C ASP C 40 -57.32 -18.45 100.04
N SER C 41 -58.51 -18.13 99.54
CA SER C 41 -59.57 -17.58 100.38
C SER C 41 -60.88 -17.91 99.69
N SER C 42 -61.63 -18.87 100.24
CA SER C 42 -62.93 -19.20 99.66
C SER C 42 -63.89 -18.03 99.71
N ARG C 43 -63.69 -17.12 100.65
CA ARG C 43 -64.64 -16.03 100.78
C ARG C 43 -64.48 -14.99 99.66
N ASP C 44 -63.31 -14.96 99.02
CA ASP C 44 -63.09 -14.13 97.84
C ASP C 44 -63.94 -14.59 96.68
N ARG C 45 -64.25 -15.89 96.63
CA ARG C 45 -65.12 -16.43 95.60
C ARG C 45 -66.59 -16.34 95.99
N ASN C 46 -66.89 -15.97 97.23
CA ASN C 46 -68.26 -15.88 97.75
C ASN C 46 -69.01 -17.20 97.65
N LYS C 47 -68.30 -18.32 97.65
CA LYS C 47 -68.92 -19.63 97.58
C LYS C 47 -68.39 -20.52 98.70
N PRO C 48 -69.26 -21.13 99.51
CA PRO C 48 -68.77 -22.03 100.56
C PRO C 48 -68.11 -23.26 99.96
N PHE C 49 -67.01 -23.68 100.58
CA PHE C 49 -66.25 -24.81 100.08
C PHE C 49 -66.83 -26.11 100.64
N LYS C 50 -67.57 -26.84 99.81
CA LYS C 50 -68.21 -28.09 100.20
C LYS C 50 -67.18 -29.20 100.08
N PHE C 51 -66.89 -29.88 101.19
CA PHE C 51 -66.06 -31.08 101.16
C PHE C 51 -66.63 -32.12 102.09
N ARG C 52 -66.50 -33.39 101.71
CA ARG C 52 -66.97 -34.50 102.52
C ARG C 52 -65.82 -35.08 103.34
N ILE C 53 -66.13 -35.43 104.59
CA ILE C 53 -65.12 -36.02 105.46
C ILE C 53 -64.73 -37.38 104.92
N GLY C 54 -63.45 -37.56 104.62
CA GLY C 54 -62.96 -38.79 104.04
C GLY C 54 -62.69 -38.66 102.56
N LYS C 55 -62.41 -39.82 101.94
CA LYS C 55 -62.16 -39.94 100.51
C LYS C 55 -60.89 -39.21 100.09
N GLN C 56 -60.15 -38.67 101.05
CA GLN C 56 -58.87 -38.01 100.79
C GLN C 56 -59.00 -36.89 99.76
N GLU C 57 -60.11 -36.16 99.82
CA GLU C 57 -60.30 -35.03 98.91
C GLU C 57 -59.44 -33.83 99.29
N VAL C 58 -59.15 -33.67 100.58
CA VAL C 58 -58.36 -32.55 101.08
C VAL C 58 -57.25 -33.14 101.96
N ILE C 59 -56.18 -32.35 102.15
CA ILE C 59 -55.05 -32.80 102.94
C ILE C 59 -55.51 -33.24 104.34
N LYS C 60 -54.73 -34.13 104.95
CA LYS C 60 -55.14 -34.75 106.20
C LYS C 60 -55.24 -33.74 107.34
N GLY C 61 -54.36 -32.74 107.36
CA GLY C 61 -54.40 -31.76 108.44
C GLY C 61 -55.69 -30.96 108.44
N PHE C 62 -56.12 -30.49 107.27
CA PHE C 62 -57.35 -29.74 107.16
C PHE C 62 -58.55 -30.57 107.58
N GLU C 63 -58.61 -31.82 107.13
CA GLU C 63 -59.72 -32.69 107.47
C GLU C 63 -59.76 -32.99 108.97
N GLU C 64 -58.60 -33.28 109.57
CA GLU C 64 -58.56 -33.55 111.00
C GLU C 64 -58.96 -32.31 111.81
N GLY C 65 -58.48 -31.13 111.40
CA GLY C 65 -58.88 -29.92 112.07
C GLY C 65 -60.37 -29.67 111.99
N ALA C 66 -60.95 -29.85 110.80
CA ALA C 66 -62.39 -29.69 110.66
C ALA C 66 -63.15 -30.72 111.49
N ALA C 67 -62.63 -31.93 111.61
CA ALA C 67 -63.28 -32.96 112.43
C ALA C 67 -63.27 -32.57 113.90
N GLN C 68 -62.15 -32.04 114.39
CA GLN C 68 -62.04 -31.77 115.82
C GLN C 68 -62.81 -30.53 116.27
N MET C 69 -63.17 -29.64 115.35
CA MET C 69 -63.92 -28.43 115.68
C MET C 69 -65.33 -28.50 115.10
N SER C 70 -66.24 -27.69 115.65
CA SER C 70 -67.68 -27.96 115.56
C SER C 70 -68.38 -26.80 114.86
N LEU C 71 -69.72 -26.85 114.89
CA LEU C 71 -70.56 -25.86 114.23
C LEU C 71 -70.46 -24.50 114.91
N GLY C 72 -70.47 -23.44 114.10
CA GLY C 72 -70.42 -22.10 114.61
C GLY C 72 -69.12 -21.75 115.33
N GLN C 73 -68.06 -22.51 115.08
CA GLN C 73 -66.78 -22.32 115.73
C GLN C 73 -65.75 -21.90 114.69
N ARG C 74 -64.77 -21.10 115.13
CA ARG C 74 -63.67 -20.67 114.29
C ARG C 74 -62.35 -21.05 114.97
N ALA C 75 -61.37 -21.42 114.16
CA ALA C 75 -60.08 -21.82 114.69
C ALA C 75 -59.00 -21.62 113.63
N LYS C 76 -57.75 -21.59 114.08
CA LYS C 76 -56.59 -21.47 113.20
C LYS C 76 -55.80 -22.76 113.28
N LEU C 77 -55.53 -23.36 112.12
CA LEU C 77 -54.84 -24.64 112.05
C LEU C 77 -53.37 -24.43 111.66
N THR C 78 -52.47 -25.01 112.43
CA THR C 78 -51.03 -25.00 112.14
C THR C 78 -50.69 -26.32 111.47
N CYS C 79 -50.51 -26.28 110.15
CA CYS C 79 -50.26 -27.47 109.35
C CYS C 79 -48.77 -27.60 109.07
N THR C 80 -48.17 -28.70 109.54
CA THR C 80 -46.77 -28.99 109.28
C THR C 80 -46.62 -29.46 107.83
N PRO C 81 -45.44 -29.25 107.23
CA PRO C 81 -45.22 -29.75 105.85
C PRO C 81 -45.34 -31.25 105.73
N ASP C 82 -45.15 -32.00 106.82
CA ASP C 82 -45.33 -33.46 106.75
C ASP C 82 -46.75 -33.83 106.39
N VAL C 83 -47.74 -33.14 106.98
CA VAL C 83 -49.14 -33.39 106.68
C VAL C 83 -49.64 -32.51 105.53
N ALA C 84 -48.73 -31.77 104.88
CA ALA C 84 -49.05 -30.88 103.79
C ALA C 84 -48.32 -31.37 102.53
N TYR C 85 -48.33 -30.52 101.49
CA TYR C 85 -47.68 -30.88 100.23
C TYR C 85 -46.22 -31.27 100.44
N GLY C 86 -45.53 -30.63 101.38
CA GLY C 86 -44.17 -31.01 101.69
C GLY C 86 -43.22 -30.69 100.54
N ALA C 87 -42.34 -31.65 100.24
CA ALA C 87 -41.38 -31.46 99.16
C ALA C 87 -42.08 -31.30 97.82
N THR C 88 -43.12 -32.10 97.57
CA THR C 88 -43.90 -31.99 96.34
C THR C 88 -44.97 -30.90 96.51
N GLY C 89 -44.48 -29.66 96.55
CA GLY C 89 -45.36 -28.53 96.73
C GLY C 89 -46.22 -28.25 95.51
N HIS C 90 -47.22 -27.39 95.72
CA HIS C 90 -48.10 -26.99 94.64
C HIS C 90 -47.30 -26.25 93.57
N PRO C 91 -47.48 -26.56 92.29
CA PRO C 91 -46.67 -25.91 91.25
C PRO C 91 -46.97 -24.42 91.11
N GLY C 92 -46.00 -23.59 91.47
CA GLY C 92 -46.15 -22.15 91.35
C GLY C 92 -47.01 -21.49 92.40
N VAL C 93 -47.39 -22.21 93.45
CA VAL C 93 -48.25 -21.64 94.48
C VAL C 93 -47.57 -21.68 95.84
N ILE C 94 -47.22 -22.87 96.31
CA ILE C 94 -46.66 -23.07 97.64
C ILE C 94 -45.24 -23.61 97.47
N PRO C 95 -44.23 -22.95 98.04
CA PRO C 95 -42.87 -23.48 97.98
C PRO C 95 -42.74 -24.76 98.78
N PRO C 96 -41.81 -25.64 98.40
CA PRO C 96 -41.65 -26.90 99.14
C PRO C 96 -41.23 -26.66 100.59
N ASN C 97 -41.70 -27.55 101.46
CA ASN C 97 -41.38 -27.52 102.89
C ASN C 97 -41.81 -26.20 103.52
N ALA C 98 -43.12 -25.95 103.49
CA ALA C 98 -43.71 -24.75 104.05
C ALA C 98 -44.93 -25.10 104.89
N THR C 99 -45.14 -24.33 105.94
CA THR C 99 -46.28 -24.51 106.82
C THR C 99 -47.46 -23.67 106.33
N LEU C 100 -48.67 -24.10 106.72
CA LEU C 100 -49.91 -23.49 106.25
C LEU C 100 -50.80 -23.17 107.44
N ILE C 101 -51.39 -21.98 107.44
CA ILE C 101 -52.30 -21.54 108.50
C ILE C 101 -53.66 -21.30 107.86
N PHE C 102 -54.69 -21.94 108.39
CA PHE C 102 -56.03 -21.91 107.83
C PHE C 102 -57.01 -21.21 108.76
N ASP C 103 -57.94 -20.45 108.17
CA ASP C 103 -59.01 -19.80 108.93
C ASP C 103 -60.30 -20.59 108.66
N VAL C 104 -60.49 -21.65 109.45
CA VAL C 104 -61.55 -22.63 109.21
C VAL C 104 -62.77 -22.32 110.08
N GLU C 105 -63.95 -22.67 109.57
CA GLU C 105 -65.22 -22.41 110.25
C GLU C 105 -66.33 -23.16 109.55
N LEU C 106 -67.07 -24.00 110.27
CA LEU C 106 -68.28 -24.59 109.69
C LEU C 106 -69.44 -23.59 109.69
N LEU C 107 -70.40 -23.84 108.80
CA LEU C 107 -71.67 -23.15 108.77
C LEU C 107 -72.84 -24.11 108.94
N ASN C 108 -72.72 -25.33 108.39
CA ASN C 108 -73.76 -26.34 108.43
C ASN C 108 -73.11 -27.71 108.34
N LEU C 109 -73.67 -28.67 109.07
CA LEU C 109 -73.21 -30.07 109.03
C LEU C 109 -71.72 -30.21 109.33
N GLN D 12 -6.40 17.71 26.59
CA GLN D 12 -7.73 17.74 27.20
C GLN D 12 -7.76 18.78 28.33
N PHE D 13 -8.96 19.04 28.85
CA PHE D 13 -9.15 20.03 29.91
C PHE D 13 -9.85 19.35 31.07
N LEU D 14 -9.34 19.56 32.29
CA LEU D 14 -9.95 18.97 33.47
C LEU D 14 -11.25 19.68 33.80
N ARG D 15 -12.29 18.90 34.06
CA ARG D 15 -13.62 19.39 34.36
C ARG D 15 -14.14 18.70 35.61
N THR D 16 -15.36 19.05 36.00
CA THR D 16 -15.99 18.48 37.17
C THR D 16 -16.49 17.06 36.87
N ASP D 17 -16.79 16.33 37.94
CA ASP D 17 -17.20 14.93 37.87
C ASP D 17 -16.16 14.06 37.18
N ASP D 18 -14.88 14.42 37.33
CA ASP D 18 -13.77 13.67 36.76
C ASP D 18 -12.94 13.09 37.89
N GLU D 19 -12.70 11.78 37.84
CA GLU D 19 -11.89 11.13 38.86
C GLU D 19 -10.42 11.43 38.61
N VAL D 20 -9.76 12.01 39.61
CA VAL D 20 -8.35 12.37 39.51
C VAL D 20 -7.62 11.82 40.72
N VAL D 21 -6.32 11.58 40.54
CA VAL D 21 -5.45 11.07 41.60
C VAL D 21 -4.30 12.05 41.77
N LEU D 22 -4.14 12.57 42.98
CA LEU D 22 -3.04 13.49 43.26
C LEU D 22 -1.71 12.75 43.21
N GLN D 23 -0.71 13.40 42.62
CA GLN D 23 0.61 12.80 42.46
C GLN D 23 1.67 13.87 42.74
N CYS D 24 2.82 13.42 43.25
CA CYS D 24 3.94 14.30 43.54
C CYS D 24 5.24 13.55 43.28
N ASN D 25 6.21 14.26 42.71
CA ASN D 25 7.53 13.69 42.40
C ASN D 25 8.49 14.11 43.49
N ALA D 26 8.37 13.46 44.65
CA ALA D 26 9.22 13.73 45.80
C ALA D 26 9.86 12.43 46.26
N THR D 27 11.18 12.45 46.45
CA THR D 27 11.91 11.28 46.91
C THR D 27 13.22 11.74 47.52
N VAL D 28 13.83 10.85 48.30
CA VAL D 28 15.09 11.12 48.98
C VAL D 28 16.02 9.93 48.81
N LEU D 29 17.27 10.21 48.46
CA LEU D 29 18.33 9.21 48.34
C LEU D 29 18.01 8.12 47.32
N LYS D 30 17.20 8.44 46.32
CA LYS D 30 16.83 7.48 45.29
C LYS D 30 16.25 8.26 44.11
N GLU D 31 15.79 7.51 43.10
CA GLU D 31 15.14 8.11 41.95
C GLU D 31 13.77 8.66 42.35
N GLN D 32 13.20 9.45 41.45
CA GLN D 32 11.91 10.08 41.72
C GLN D 32 10.83 9.03 41.91
N LEU D 33 10.20 9.04 43.08
CA LEU D 33 9.12 8.11 43.41
C LEU D 33 7.80 8.87 43.40
N LYS D 34 6.85 8.37 42.61
CA LYS D 34 5.55 9.02 42.48
C LYS D 34 4.68 8.64 43.68
N LEU D 35 4.47 9.58 44.59
CA LEU D 35 3.63 9.37 45.76
C LEU D 35 2.23 9.92 45.50
N CYS D 36 1.24 9.25 46.05
CA CYS D 36 -0.16 9.62 45.88
C CYS D 36 -0.81 9.86 47.23
N LEU D 37 -1.86 10.67 47.21
CA LEU D 37 -2.62 11.00 48.43
C LEU D 37 -3.69 9.93 48.63
N ALA D 38 -3.45 9.02 49.56
CA ALA D 38 -4.35 7.92 49.85
C ALA D 38 -4.80 8.00 51.30
N ALA D 39 -6.10 7.79 51.52
CA ALA D 39 -6.67 7.83 52.86
C ALA D 39 -7.78 6.79 52.97
N GLU D 40 -7.78 6.05 54.08
CA GLU D 40 -8.76 4.98 54.25
C GLU D 40 -10.16 5.54 54.47
N GLY D 41 -10.29 6.53 55.35
CA GLY D 41 -11.58 7.10 55.64
C GLY D 41 -12.28 6.40 56.80
N PHE D 42 -12.70 5.15 56.58
CA PHE D 42 -13.34 4.38 57.63
C PHE D 42 -12.27 3.74 58.51
N GLY D 43 -12.35 4.02 59.82
CA GLY D 43 -11.37 3.53 60.77
C GLY D 43 -10.16 4.42 60.92
N ASN D 44 -9.76 5.11 59.85
CA ASN D 44 -8.61 6.02 59.87
C ASN D 44 -9.04 7.33 59.23
N ARG D 45 -9.23 8.37 60.05
CA ARG D 45 -9.64 9.67 59.55
C ARG D 45 -8.46 10.49 59.00
N LEU D 46 -7.23 10.04 59.22
CA LEU D 46 -6.05 10.75 58.75
C LEU D 46 -5.63 10.22 57.38
N CYS D 47 -4.72 10.96 56.74
CA CYS D 47 -4.22 10.62 55.42
C CYS D 47 -2.80 10.09 55.51
N PHE D 48 -2.36 9.45 54.42
CA PHE D 48 -1.01 8.88 54.35
C PHE D 48 -0.57 8.92 52.89
N LEU D 49 0.53 8.23 52.60
CA LEU D 49 1.12 8.20 51.27
C LEU D 49 1.36 6.76 50.82
N GLU D 50 1.41 6.58 49.51
CA GLU D 50 1.62 5.26 48.91
C GLU D 50 2.47 5.41 47.65
N PRO D 51 3.70 4.90 47.65
CA PRO D 51 4.53 4.99 46.44
C PRO D 51 3.94 4.16 45.30
N THR D 52 3.83 4.77 44.13
CA THR D 52 3.33 4.10 42.94
C THR D 52 4.36 4.05 41.81
N SER D 53 5.63 4.23 42.15
CA SER D 53 6.67 4.24 41.13
C SER D 53 6.97 2.84 40.61
N ASN D 54 7.31 1.92 41.51
CA ASN D 54 7.65 0.55 41.14
C ASN D 54 6.36 -0.24 40.93
N ALA D 55 5.88 -0.27 39.69
CA ALA D 55 4.67 -1.02 39.36
C ALA D 55 4.95 -2.49 39.06
N GLN D 56 6.16 -2.81 38.61
CA GLN D 56 6.50 -4.20 38.31
C GLN D 56 6.72 -5.03 39.57
N ASN D 57 7.18 -4.41 40.65
CA ASN D 57 7.45 -5.14 41.88
C ASN D 57 6.17 -5.37 42.68
N VAL D 58 5.52 -4.28 43.10
CA VAL D 58 4.30 -4.35 43.90
C VAL D 58 3.25 -3.48 43.23
N PRO D 59 2.11 -4.02 42.82
CA PRO D 59 1.07 -3.19 42.19
C PRO D 59 0.35 -2.34 43.22
N PRO D 60 0.35 -1.02 43.05
CA PRO D 60 -0.36 -0.16 43.99
C PRO D 60 -1.87 -0.23 43.79
N ASP D 61 -2.58 0.26 44.81
CA ASP D 61 -4.03 0.33 44.78
C ASP D 61 -4.49 1.72 44.39
N LEU D 62 -5.68 1.80 43.76
CA LEU D 62 -6.22 3.05 43.28
C LEU D 62 -7.53 3.45 43.96
N ALA D 63 -8.22 2.50 44.61
CA ALA D 63 -9.48 2.84 45.27
C ALA D 63 -9.26 3.77 46.47
N ILE D 64 -8.16 3.58 47.21
CA ILE D 64 -7.90 4.41 48.38
C ILE D 64 -7.53 5.83 47.97
N CYS D 65 -6.73 5.99 46.91
CA CYS D 65 -6.25 7.29 46.48
C CYS D 65 -7.05 7.86 45.31
N CYS D 66 -8.35 7.60 45.26
CA CYS D 66 -9.22 8.09 44.19
C CYS D 66 -10.07 9.24 44.72
N PHE D 67 -10.04 10.37 44.00
CA PHE D 67 -10.84 11.53 44.33
C PHE D 67 -11.56 12.03 43.10
N VAL D 68 -12.73 12.62 43.31
CA VAL D 68 -13.58 13.12 42.22
C VAL D 68 -13.88 14.58 42.48
N LEU D 69 -13.90 15.36 41.40
CA LEU D 69 -14.15 16.80 41.46
C LEU D 69 -15.63 17.05 41.21
N GLU D 70 -16.39 17.33 42.27
CA GLU D 70 -17.83 17.54 42.13
C GLU D 70 -18.21 18.99 41.88
N GLN D 71 -17.49 19.95 42.46
CA GLN D 71 -17.81 21.36 42.27
C GLN D 71 -16.53 22.18 42.31
N SER D 72 -16.50 23.22 41.48
CA SER D 72 -15.35 24.13 41.43
C SER D 72 -15.87 25.55 41.22
N LEU D 73 -15.78 26.38 42.25
CA LEU D 73 -16.26 27.76 42.19
C LEU D 73 -15.14 28.69 42.61
N SER D 74 -15.36 29.98 42.37
CA SER D 74 -14.37 31.00 42.66
C SER D 74 -14.33 31.32 44.15
N VAL D 75 -13.38 32.18 44.54
CA VAL D 75 -13.26 32.58 45.94
C VAL D 75 -14.43 33.46 46.36
N ARG D 76 -14.80 34.44 45.52
CA ARG D 76 -15.91 35.32 45.85
C ARG D 76 -17.23 34.56 45.91
N ALA D 77 -17.46 33.66 44.95
CA ALA D 77 -18.66 32.84 44.98
C ALA D 77 -18.69 31.96 46.22
N LEU D 78 -17.53 31.40 46.58
CA LEU D 78 -17.45 30.57 47.77
C LEU D 78 -17.79 31.37 49.03
N GLN D 79 -17.26 32.59 49.12
CA GLN D 79 -17.57 33.44 50.26
C GLN D 79 -19.05 33.79 50.32
N GLU D 80 -19.65 34.10 49.17
CA GLU D 80 -21.06 34.43 49.12
C GLU D 80 -21.92 33.24 49.55
N MET D 81 -21.56 32.03 49.09
CA MET D 81 -22.33 30.85 49.45
C MET D 81 -22.15 30.50 50.92
N LEU D 82 -20.93 30.66 51.45
CA LEU D 82 -20.68 30.39 52.86
C LEU D 82 -21.41 31.37 53.76
N ALA D 83 -21.49 32.64 53.36
CA ALA D 83 -22.24 33.62 54.14
C ALA D 83 -23.72 33.27 54.20
N ASN D 84 -24.29 32.82 53.08
CA ASN D 84 -25.70 32.44 53.04
C ASN D 84 -25.85 30.95 52.76
N GLY D 97 -24.58 19.64 33.67
CA GLY D 97 -24.07 20.93 34.11
C GLY D 97 -22.59 20.92 34.43
N HIS D 98 -21.82 20.24 33.58
CA HIS D 98 -20.38 20.16 33.79
C HIS D 98 -19.73 21.52 33.51
N ARG D 99 -18.80 21.90 34.39
CA ARG D 99 -18.08 23.16 34.28
C ARG D 99 -16.58 22.91 34.24
N THR D 100 -15.88 23.64 33.38
CA THR D 100 -14.44 23.50 33.26
C THR D 100 -13.76 24.09 34.49
N LEU D 101 -12.55 23.60 34.76
CA LEU D 101 -11.75 24.04 35.90
C LEU D 101 -10.78 25.11 35.45
N LEU D 102 -10.73 26.22 36.18
CA LEU D 102 -9.85 27.33 35.85
C LEU D 102 -8.98 27.69 37.06
N TYR D 103 -7.84 28.29 36.77
CA TYR D 103 -6.95 28.76 37.83
C TYR D 103 -7.61 29.86 38.64
N GLY D 104 -7.37 29.85 39.94
CA GLY D 104 -7.96 30.82 40.85
C GLY D 104 -9.28 30.40 41.46
N HIS D 105 -9.87 29.29 41.00
CA HIS D 105 -11.11 28.79 41.57
C HIS D 105 -10.79 27.96 42.81
N ALA D 106 -11.82 27.38 43.42
CA ALA D 106 -11.68 26.54 44.59
C ALA D 106 -12.29 25.18 44.30
N ILE D 107 -11.50 24.12 44.45
CA ILE D 107 -11.96 22.77 44.14
C ILE D 107 -12.44 22.09 45.41
N LEU D 108 -13.27 21.06 45.24
CA LEU D 108 -13.81 20.28 46.34
C LEU D 108 -13.44 18.82 46.11
N LEU D 109 -12.61 18.28 47.00
CA LEU D 109 -12.14 16.91 46.86
C LEU D 109 -13.10 15.97 47.58
N ARG D 110 -13.67 15.02 46.84
CA ARG D 110 -14.57 14.02 47.39
C ARG D 110 -13.96 12.64 47.21
N HIS D 111 -13.92 11.86 48.28
CA HIS D 111 -13.45 10.49 48.19
C HIS D 111 -14.48 9.62 47.48
N ALA D 112 -13.98 8.55 46.84
CA ALA D 112 -14.85 7.65 46.09
C ALA D 112 -15.36 6.50 46.95
N HIS D 113 -14.47 5.87 47.72
CA HIS D 113 -14.87 4.74 48.55
C HIS D 113 -15.58 5.19 49.81
N SER D 114 -14.89 5.97 50.65
CA SER D 114 -15.50 6.43 51.90
C SER D 114 -16.61 7.44 51.65
N GLY D 115 -16.45 8.32 50.66
CA GLY D 115 -17.44 9.33 50.36
C GLY D 115 -17.29 10.63 51.12
N MET D 116 -16.37 10.70 52.09
CA MET D 116 -16.17 11.91 52.84
C MET D 116 -15.37 12.92 52.02
N TYR D 117 -15.46 14.19 52.42
CA TYR D 117 -14.75 15.27 51.77
C TYR D 117 -13.41 15.52 52.45
N LEU D 118 -12.42 15.91 51.65
CA LEU D 118 -11.09 16.19 52.17
C LEU D 118 -11.07 17.59 52.77
N SER D 119 -10.55 17.71 53.99
CA SER D 119 -10.49 18.98 54.69
C SER D 119 -9.30 18.97 55.64
N CYS D 120 -9.06 20.11 56.27
CA CYS D 120 -7.98 20.27 57.23
C CYS D 120 -8.51 20.10 58.64
N LEU D 121 -7.75 19.40 59.47
CA LEU D 121 -8.12 19.12 60.86
C LEU D 121 -7.25 19.93 61.79
N THR D 122 -7.89 20.54 62.80
CA THR D 122 -7.15 21.37 63.76
C THR D 122 -6.20 20.55 64.63
N THR D 123 -6.43 19.24 64.74
CA THR D 123 -5.52 18.38 65.50
C THR D 123 -4.19 18.24 64.77
N SER D 124 -3.10 18.43 65.48
CA SER D 124 -1.76 18.35 64.91
C SER D 124 -1.05 17.13 65.50
N ARG D 125 -0.64 16.21 64.62
CA ARG D 125 0.12 15.04 65.03
C ARG D 125 1.62 15.26 64.98
N SER D 126 2.07 16.39 64.45
CA SER D 126 3.51 16.68 64.39
C SER D 126 4.01 17.15 65.75
N MET D 127 5.34 17.26 65.85
CA MET D 127 5.99 17.67 67.08
C MET D 127 6.82 18.93 66.84
N THR D 128 6.86 19.79 67.85
CA THR D 128 7.62 21.04 67.87
C THR D 128 7.22 22.01 66.77
N ASP D 129 6.02 21.86 66.20
CA ASP D 129 5.55 22.78 65.17
C ASP D 129 4.02 22.80 65.24
N LYS D 130 3.48 23.82 65.91
CA LYS D 130 2.03 23.97 66.00
C LYS D 130 1.41 24.51 64.72
N LEU D 131 2.22 25.05 63.80
CA LEU D 131 1.68 25.58 62.55
C LEU D 131 1.24 24.46 61.61
N ALA D 132 1.87 23.29 61.68
CA ALA D 132 1.52 22.20 60.81
C ALA D 132 0.17 21.60 61.23
N PHE D 133 -0.73 21.47 60.26
CA PHE D 133 -2.07 20.93 60.50
C PHE D 133 -2.25 19.68 59.67
N ASP D 134 -2.71 18.60 60.31
CA ASP D 134 -2.98 17.36 59.59
C ASP D 134 -4.19 17.53 58.69
N VAL D 135 -4.16 16.86 57.54
CA VAL D 135 -5.25 16.89 56.57
C VAL D 135 -6.02 15.58 56.69
N GLY D 136 -7.36 15.67 56.71
CA GLY D 136 -8.18 14.51 56.90
C GLY D 136 -9.54 14.59 56.24
N LEU D 137 -10.44 13.67 56.58
CA LEU D 137 -11.76 13.59 55.96
C LEU D 137 -12.85 13.94 56.96
N GLN D 138 -13.88 14.62 56.47
CA GLN D 138 -15.03 14.98 57.28
C GLN D 138 -16.30 14.77 56.47
N GLU D 139 -17.33 14.26 57.13
CA GLU D 139 -18.61 14.03 56.46
C GLU D 139 -19.62 15.14 56.71
N ASP D 140 -19.23 16.17 57.48
CA ASP D 140 -20.16 17.26 57.76
C ASP D 140 -20.38 18.17 56.56
N ALA D 141 -19.48 18.15 55.57
CA ALA D 141 -19.60 18.94 54.35
C ALA D 141 -19.69 20.44 54.63
N THR D 142 -19.06 20.89 55.71
CA THR D 142 -19.02 22.32 56.00
C THR D 142 -18.05 23.03 55.07
N GLY D 143 -18.49 24.14 54.49
CA GLY D 143 -17.69 24.88 53.54
C GLY D 143 -16.66 25.81 54.14
N GLU D 144 -16.54 25.84 55.47
CA GLU D 144 -15.57 26.72 56.11
C GLU D 144 -14.14 26.36 55.75
N ALA D 145 -13.82 25.06 55.74
CA ALA D 145 -12.46 24.62 55.51
C ALA D 145 -12.34 23.42 54.57
N CYS D 146 -13.45 22.89 54.05
CA CYS D 146 -13.39 21.73 53.18
C CYS D 146 -12.98 22.06 51.75
N TRP D 147 -12.90 23.34 51.40
CA TRP D 147 -12.54 23.74 50.05
C TRP D 147 -11.05 24.00 49.93
N TRP D 148 -10.53 23.79 48.73
CA TRP D 148 -9.13 24.06 48.42
C TRP D 148 -9.07 24.84 47.12
N THR D 149 -8.25 25.89 47.09
CA THR D 149 -8.08 26.72 45.91
C THR D 149 -6.78 26.39 45.18
N THR D 150 -6.75 26.73 43.90
CA THR D 150 -5.61 26.43 43.04
C THR D 150 -4.95 27.72 42.56
N HIS D 151 -3.64 27.63 42.35
CA HIS D 151 -2.83 28.75 41.90
C HIS D 151 -1.87 28.23 40.84
N PRO D 152 -1.41 29.09 39.93
CA PRO D 152 -0.48 28.64 38.89
C PRO D 152 0.95 28.63 39.40
N ALA D 153 1.64 27.50 39.18
CA ALA D 153 3.01 27.34 39.67
C ALA D 153 4.01 28.02 38.75
N SER D 154 4.02 27.64 37.48
CA SER D 154 4.97 28.20 36.53
C SER D 154 4.62 29.65 36.19
N LYS D 155 5.61 30.38 35.70
CA LYS D 155 5.42 31.79 35.41
C LYS D 155 4.53 32.04 34.20
N GLN D 156 4.66 31.21 33.14
CA GLN D 156 3.85 31.44 31.95
C GLN D 156 2.37 31.18 32.23
N ARG D 157 2.06 30.19 33.06
CA ARG D 157 0.68 29.92 33.39
C ARG D 157 0.11 31.06 34.24
N SER D 158 -0.95 31.68 33.74
CA SER D 158 -1.59 32.78 34.43
C SER D 158 -2.79 32.27 35.20
N GLU D 159 -3.41 33.17 35.95
CA GLU D 159 -4.65 32.85 36.63
C GLU D 159 -5.82 32.93 35.65
N GLY D 160 -6.83 32.11 35.87
CA GLY D 160 -7.97 32.07 34.97
C GLY D 160 -7.67 31.40 33.64
N GLU D 161 -7.26 30.13 33.67
CA GLU D 161 -6.81 29.43 32.48
C GLU D 161 -7.60 28.12 32.34
N LYS D 162 -7.68 27.62 31.11
CA LYS D 162 -8.05 26.23 30.92
C LYS D 162 -6.88 25.33 31.34
N VAL D 163 -7.12 24.50 32.35
CA VAL D 163 -6.06 23.72 32.99
C VAL D 163 -5.71 22.53 32.11
N ARG D 164 -4.43 22.41 31.78
CA ARG D 164 -3.94 21.33 30.95
C ARG D 164 -3.75 20.05 31.75
N VAL D 165 -3.77 18.92 31.05
CA VAL D 165 -3.56 17.62 31.68
C VAL D 165 -2.10 17.45 32.03
N GLY D 166 -1.84 16.98 33.26
CA GLY D 166 -0.47 16.75 33.68
C GLY D 166 0.28 18.02 33.96
N ASP D 167 -0.43 19.14 34.13
CA ASP D 167 0.17 20.40 34.51
C ASP D 167 0.36 20.44 36.02
N ASP D 168 1.52 20.93 36.44
CA ASP D 168 1.86 20.97 37.86
C ASP D 168 1.08 22.07 38.56
N LEU D 169 0.35 21.71 39.60
CA LEU D 169 -0.53 22.63 40.32
C LEU D 169 -0.08 22.79 41.77
N ILE D 170 -0.76 23.67 42.49
CA ILE D 170 -0.51 23.87 43.92
C ILE D 170 -1.83 24.12 44.61
N LEU D 171 -1.96 23.62 45.84
CA LEU D 171 -3.19 23.72 46.61
C LEU D 171 -2.97 24.60 47.83
N VAL D 172 -3.92 25.50 48.09
CA VAL D 172 -3.87 26.42 49.22
C VAL D 172 -5.17 26.27 50.02
N SER D 173 -5.03 26.12 51.33
CA SER D 173 -6.20 26.03 52.19
C SER D 173 -6.93 27.37 52.22
N VAL D 174 -8.27 27.30 52.32
CA VAL D 174 -9.08 28.50 52.30
C VAL D 174 -9.10 29.17 53.68
N SER D 175 -9.46 28.42 54.72
CA SER D 175 -9.57 28.99 56.05
C SER D 175 -8.22 29.09 56.73
N SER D 176 -7.46 27.98 56.75
CA SER D 176 -6.19 27.97 57.45
C SER D 176 -5.10 28.73 56.70
N GLU D 177 -5.24 28.90 55.39
CA GLU D 177 -4.29 29.61 54.55
C GLU D 177 -2.89 28.99 54.71
N ARG D 178 -2.79 27.73 54.29
CA ARG D 178 -1.53 27.01 54.29
C ARG D 178 -1.47 26.13 53.05
N TYR D 179 -0.26 25.98 52.50
CA TYR D 179 -0.04 25.13 51.35
C TYR D 179 -0.03 23.66 51.76
N LEU D 180 -0.22 22.79 50.78
CA LEU D 180 -0.22 21.34 51.00
C LEU D 180 1.24 20.87 51.05
N HIS D 181 1.89 21.17 52.17
CA HIS D 181 3.30 20.85 52.33
C HIS D 181 3.50 19.34 52.48
N LEU D 182 4.63 18.86 51.97
CA LEU D 182 5.04 17.47 52.09
C LEU D 182 6.21 17.41 53.05
N SER D 183 5.98 16.82 54.22
CA SER D 183 7.04 16.69 55.20
C SER D 183 7.96 15.53 54.86
N THR D 184 9.18 15.58 55.40
CA THR D 184 10.17 14.53 55.17
C THR D 184 10.74 14.02 56.49
N LEU D 189 7.45 9.66 55.52
CA LEU D 189 6.86 10.56 54.54
C LEU D 189 5.36 10.72 54.78
N GLN D 190 4.94 11.94 55.11
CA GLN D 190 3.54 12.24 55.37
C GLN D 190 3.27 13.68 55.00
N VAL D 191 1.99 14.01 54.86
CA VAL D 191 1.56 15.32 54.36
C VAL D 191 0.89 16.09 55.50
N ASP D 192 1.29 17.35 55.66
CA ASP D 192 0.69 18.28 56.60
C ASP D 192 0.48 19.63 55.92
N ALA D 193 -0.57 20.33 56.32
CA ALA D 193 -0.84 21.67 55.81
C ALA D 193 -0.02 22.67 56.61
N SER D 194 0.96 23.30 55.96
CA SER D 194 1.84 24.27 56.61
C SER D 194 2.20 25.36 55.61
N PHE D 195 3.10 26.26 56.05
CA PHE D 195 3.44 27.44 55.26
C PHE D 195 4.34 27.14 54.07
N MET D 196 5.20 26.13 54.15
CA MET D 196 6.02 25.78 53.01
C MET D 196 5.15 25.20 51.89
N GLN D 197 5.51 25.52 50.65
CA GLN D 197 4.73 25.15 49.49
C GLN D 197 5.33 23.92 48.81
N THR D 198 4.45 23.08 48.26
CA THR D 198 4.86 21.85 47.59
C THR D 198 4.07 21.72 46.30
N LEU D 199 4.73 21.26 45.24
CA LEU D 199 4.14 21.19 43.92
C LEU D 199 3.42 19.85 43.72
N TRP D 200 2.15 19.92 43.33
CA TRP D 200 1.30 18.73 43.21
C TRP D 200 0.63 18.72 41.85
N ASN D 201 0.78 17.63 41.12
CA ASN D 201 0.09 17.44 39.85
C ASN D 201 -0.85 16.25 39.92
N MET D 202 -2.02 16.38 39.30
CA MET D 202 -3.03 15.34 39.30
C MET D 202 -3.16 14.71 37.92
N ASN D 203 -3.53 13.43 37.90
CA ASN D 203 -3.72 12.68 36.67
C ASN D 203 -5.16 12.17 36.62
N PRO D 204 -5.93 12.55 35.61
CA PRO D 204 -7.32 12.09 35.53
C PRO D 204 -7.41 10.59 35.29
N ILE D 205 -8.50 10.00 35.77
CA ILE D 205 -8.77 8.58 35.58
C ILE D 205 -9.78 8.36 34.46
N CYS D 206 -10.92 9.04 34.51
CA CYS D 206 -11.93 8.92 33.47
C CYS D 206 -12.74 10.20 33.43
N SER D 207 -12.70 10.89 32.28
CA SER D 207 -13.51 12.10 32.12
C SER D 207 -14.99 11.78 32.02
N GLY D 208 -15.33 10.68 31.36
CA GLY D 208 -16.71 10.28 31.20
C GLY D 208 -16.86 8.93 30.54
N CYS D 209 -17.71 8.07 31.09
CA CYS D 209 -17.90 6.71 30.59
C CYS D 209 -19.31 6.59 30.03
N GLU D 210 -19.42 6.02 28.83
CA GLU D 210 -20.73 5.76 28.24
C GLU D 210 -21.49 4.73 29.06
N GLU D 211 -22.80 4.91 29.13
CA GLU D 211 -23.64 4.06 29.96
C GLU D 211 -23.66 2.64 29.41
N GLY D 212 -23.47 1.66 30.29
CA GLY D 212 -23.58 0.27 29.93
C GLY D 212 -22.38 -0.31 29.19
N TYR D 213 -21.21 0.29 29.37
CA TYR D 213 -19.99 -0.25 28.75
C TYR D 213 -18.95 -0.48 29.83
N VAL D 214 -18.23 -1.60 29.72
CA VAL D 214 -17.24 -1.99 30.72
C VAL D 214 -16.02 -1.08 30.62
N THR D 215 -15.56 -0.59 31.77
CA THR D 215 -14.38 0.27 31.84
C THR D 215 -13.44 -0.27 32.92
N GLY D 216 -12.32 0.41 33.09
CA GLY D 216 -11.33 -0.01 34.06
C GLY D 216 -11.61 0.53 35.46
N GLY D 217 -11.18 -0.25 36.45
CA GLY D 217 -11.31 0.13 37.84
C GLY D 217 -12.62 -0.26 38.50
N HIS D 218 -13.64 -0.62 37.71
CA HIS D 218 -14.91 -1.00 38.28
C HIS D 218 -14.84 -2.40 38.90
N VAL D 219 -15.74 -2.66 39.85
CA VAL D 219 -15.87 -3.97 40.48
C VAL D 219 -16.91 -4.73 39.68
N LEU D 220 -16.49 -5.79 39.00
CA LEU D 220 -17.35 -6.55 38.12
C LEU D 220 -17.59 -7.94 38.69
N ARG D 221 -18.51 -8.67 38.06
CA ARG D 221 -18.89 -10.01 38.48
C ARG D 221 -18.74 -10.96 37.30
N LEU D 222 -17.88 -11.97 37.45
CA LEU D 222 -17.52 -12.86 36.35
C LEU D 222 -18.48 -14.04 36.32
N PHE D 223 -19.40 -14.04 35.34
CA PHE D 223 -20.32 -15.16 35.14
C PHE D 223 -19.74 -16.16 34.16
N HIS D 224 -19.77 -17.44 34.54
CA HIS D 224 -19.34 -18.54 33.68
C HIS D 224 -20.47 -18.87 32.72
N GLY D 225 -20.46 -18.24 31.55
CA GLY D 225 -21.48 -18.48 30.54
C GLY D 225 -22.78 -17.79 30.88
N HIS D 226 -23.80 -18.09 30.07
CA HIS D 226 -25.12 -17.50 30.26
C HIS D 226 -25.89 -18.13 31.42
N MET D 227 -25.44 -19.27 31.92
CA MET D 227 -26.11 -19.93 33.04
C MET D 227 -25.79 -19.22 34.35
N ASP D 228 -26.43 -19.68 35.43
CA ASP D 228 -26.24 -19.09 36.75
C ASP D 228 -25.01 -19.72 37.42
N GLU D 229 -23.86 -19.50 36.79
CA GLU D 229 -22.59 -19.98 37.30
C GLU D 229 -21.57 -18.85 37.23
N CYS D 230 -20.81 -18.68 38.30
CA CYS D 230 -19.82 -17.60 38.39
C CYS D 230 -18.58 -18.10 39.11
N LEU D 231 -17.44 -17.53 38.74
CA LEU D 231 -16.16 -17.91 39.34
C LEU D 231 -15.98 -17.20 40.68
N THR D 232 -15.79 -17.98 41.74
CA THR D 232 -15.61 -17.45 43.08
C THR D 232 -14.36 -18.08 43.70
N ILE D 233 -14.22 -17.86 45.01
CA ILE D 233 -13.07 -18.36 45.76
C ILE D 233 -13.60 -19.19 46.92
N SER D 234 -12.71 -19.98 47.53
CA SER D 234 -13.11 -20.89 48.59
C SER D 234 -13.72 -20.12 49.75
N PRO D 235 -14.73 -20.71 50.42
CA PRO D 235 -15.40 -20.01 51.52
C PRO D 235 -14.47 -19.70 52.67
N ALA D 236 -14.95 -18.84 53.57
CA ALA D 236 -14.15 -18.40 54.71
C ALA D 236 -13.94 -19.54 55.70
N ASP D 237 -12.88 -19.40 56.50
CA ASP D 237 -12.51 -20.37 57.53
C ASP D 237 -12.29 -21.76 56.94
N SER D 238 -11.75 -21.83 55.74
CA SER D 238 -11.45 -23.09 55.09
C SER D 238 -9.98 -23.45 55.22
N ASP D 239 -9.68 -24.74 55.08
CA ASP D 239 -8.31 -25.20 55.19
C ASP D 239 -7.46 -24.77 54.00
N ASP D 240 -8.08 -24.48 52.86
CA ASP D 240 -7.34 -24.06 51.67
C ASP D 240 -6.80 -22.64 51.79
N GLN D 241 -7.26 -21.86 52.78
CA GLN D 241 -6.80 -20.49 53.00
C GLN D 241 -7.04 -19.60 51.79
N ARG D 242 -8.11 -19.88 51.05
CA ARG D 242 -8.52 -19.09 49.87
C ARG D 242 -7.41 -19.01 48.81
N ARG D 243 -6.60 -20.05 48.69
CA ARG D 243 -5.54 -20.03 47.69
C ARG D 243 -6.06 -20.38 46.30
N LEU D 244 -7.12 -21.18 46.23
CA LEU D 244 -7.61 -21.71 44.96
C LEU D 244 -9.02 -21.20 44.67
N VAL D 245 -9.34 -21.11 43.38
CA VAL D 245 -10.62 -20.58 42.93
C VAL D 245 -11.41 -21.69 42.25
N TYR D 246 -12.74 -21.57 42.31
CA TYR D 246 -13.63 -22.59 41.79
C TYR D 246 -14.91 -21.94 41.30
N TYR D 247 -15.67 -22.70 40.52
CA TYR D 247 -16.97 -22.26 40.02
C TYR D 247 -18.08 -22.71 40.96
N GLU D 248 -18.99 -21.78 41.28
CA GLU D 248 -20.14 -22.04 42.13
C GLU D 248 -21.40 -21.50 41.47
N GLY D 249 -22.55 -22.04 41.88
CA GLY D 249 -23.82 -21.64 41.32
C GLY D 249 -24.40 -20.38 41.92
N GLY D 250 -25.72 -20.37 42.11
CA GLY D 250 -26.42 -19.21 42.61
C GLY D 250 -26.32 -18.97 44.10
N SER D 251 -25.76 -19.92 44.87
CA SER D 251 -25.55 -19.67 46.29
C SER D 251 -24.62 -18.48 46.48
N VAL D 252 -23.41 -18.54 45.91
CA VAL D 252 -22.41 -17.50 46.08
C VAL D 252 -22.55 -16.40 45.03
N CYS D 253 -23.50 -16.53 44.11
CA CYS D 253 -23.65 -15.54 43.05
C CYS D 253 -23.95 -14.15 43.61
N THR D 254 -24.83 -14.06 44.61
CA THR D 254 -25.17 -12.80 45.24
C THR D 254 -24.06 -12.30 46.15
N HIS D 255 -23.12 -13.17 46.50
CA HIS D 255 -22.37 -12.99 47.73
C HIS D 255 -21.21 -12.01 47.46
N ALA D 256 -20.41 -11.74 48.50
CA ALA D 256 -19.26 -10.86 48.34
C ALA D 256 -18.10 -11.51 47.58
N ARG D 257 -18.02 -12.84 47.58
CA ARG D 257 -16.93 -13.54 46.90
C ARG D 257 -17.08 -13.60 45.38
N SER D 258 -18.27 -13.31 44.85
CA SER D 258 -18.47 -13.33 43.41
C SER D 258 -18.06 -12.02 42.75
N LEU D 259 -17.65 -11.01 43.53
CA LEU D 259 -17.23 -9.73 42.98
C LEU D 259 -15.75 -9.79 42.60
N TRP D 260 -15.40 -9.09 41.53
CA TRP D 260 -14.05 -9.11 40.97
C TRP D 260 -13.72 -7.71 40.46
N ARG D 261 -12.54 -7.22 40.81
CA ARG D 261 -12.11 -5.87 40.42
C ARG D 261 -10.84 -5.99 39.57
N LEU D 262 -10.90 -5.47 38.35
CA LEU D 262 -9.76 -5.48 37.45
C LEU D 262 -8.95 -4.20 37.58
N GLU D 263 -7.63 -4.34 37.47
CA GLU D 263 -6.71 -3.22 37.60
C GLU D 263 -5.86 -3.08 36.34
N PRO D 264 -6.08 -2.05 35.52
CA PRO D 264 -5.25 -1.88 34.32
C PRO D 264 -3.81 -1.56 34.68
N LEU D 265 -2.90 -1.94 33.77
CA LEU D 265 -1.49 -1.67 33.96
C LEU D 265 -1.20 -0.17 34.00
N ARG D 266 -1.83 0.60 33.12
CA ARG D 266 -1.60 2.04 33.09
C ARG D 266 -2.19 2.69 34.33
N ILE D 267 -1.46 3.65 34.88
CA ILE D 267 -1.92 4.40 36.04
C ILE D 267 -2.76 5.61 35.63
N SER D 268 -2.21 6.44 34.77
CA SER D 268 -2.95 7.59 34.25
C SER D 268 -4.01 7.12 33.27
N TRP D 269 -5.19 7.74 33.34
CA TRP D 269 -6.33 7.41 32.47
C TRP D 269 -6.68 5.93 32.57
N SER D 270 -6.64 5.39 33.79
CA SER D 270 -6.95 3.98 34.02
C SER D 270 -8.43 3.68 33.85
N GLY D 271 -9.27 4.70 33.79
CA GLY D 271 -10.70 4.53 33.62
C GLY D 271 -11.17 4.40 32.19
N SER D 272 -10.23 4.31 31.24
CA SER D 272 -10.60 4.18 29.84
C SER D 272 -11.22 2.80 29.57
N HIS D 273 -12.01 2.74 28.51
CA HIS D 273 -12.64 1.48 28.11
C HIS D 273 -11.57 0.46 27.71
N LEU D 274 -11.74 -0.77 28.16
CA LEU D 274 -10.78 -1.82 27.87
C LEU D 274 -10.88 -2.25 26.41
N ARG D 275 -9.74 -2.55 25.81
CA ARG D 275 -9.68 -3.02 24.43
C ARG D 275 -9.35 -4.51 24.39
N TRP D 276 -9.69 -5.14 23.26
CA TRP D 276 -9.41 -6.55 23.07
C TRP D 276 -7.91 -6.78 23.01
N GLY D 277 -7.41 -7.66 23.87
CA GLY D 277 -6.00 -7.95 23.94
C GLY D 277 -5.18 -7.04 24.82
N GLN D 278 -5.79 -6.02 25.43
CA GLN D 278 -5.10 -5.10 26.31
C GLN D 278 -4.82 -5.79 27.65
N PRO D 279 -3.62 -5.62 28.21
CA PRO D 279 -3.23 -6.40 29.39
C PRO D 279 -3.94 -5.93 30.65
N LEU D 280 -4.64 -6.84 31.32
CA LEU D 280 -5.36 -6.56 32.56
C LEU D 280 -4.64 -7.16 33.76
N ARG D 281 -5.28 -7.03 34.92
CA ARG D 281 -4.81 -7.67 36.16
C ARG D 281 -6.01 -7.82 37.07
N ILE D 282 -6.40 -9.06 37.36
CA ILE D 282 -7.59 -9.34 38.15
C ILE D 282 -7.24 -9.31 39.63
N ARG D 283 -8.05 -8.61 40.42
CA ARG D 283 -7.81 -8.44 41.85
C ARG D 283 -9.12 -8.65 42.61
N HIS D 284 -9.04 -9.28 43.78
CA HIS D 284 -10.20 -9.48 44.61
C HIS D 284 -10.39 -8.29 45.56
N VAL D 285 -11.65 -7.96 45.83
CA VAL D 285 -11.95 -6.79 46.64
C VAL D 285 -11.76 -7.09 48.13
N THR D 286 -12.21 -8.25 48.60
CA THR D 286 -12.15 -8.55 50.03
C THR D 286 -10.87 -9.31 50.37
N THR D 287 -10.56 -10.35 49.59
CA THR D 287 -9.32 -11.11 49.82
C THR D 287 -8.10 -10.25 49.60
N GLY D 288 -8.17 -9.30 48.68
CA GLY D 288 -7.05 -8.42 48.41
C GLY D 288 -5.86 -9.10 47.77
N ARG D 289 -6.08 -10.05 46.88
CA ARG D 289 -5.02 -10.74 46.17
C ARG D 289 -5.29 -10.67 44.68
N TYR D 290 -4.31 -11.14 43.90
CA TYR D 290 -4.37 -11.08 42.45
C TYR D 290 -4.36 -12.49 41.85
N LEU D 291 -4.94 -12.61 40.67
CA LEU D 291 -5.02 -13.89 39.96
C LEU D 291 -3.74 -14.07 39.16
N ALA D 292 -2.95 -15.08 39.52
CA ALA D 292 -1.68 -15.35 38.88
C ALA D 292 -1.59 -16.84 38.55
N LEU D 293 -0.59 -17.18 37.74
CA LEU D 293 -0.33 -18.56 37.33
C LEU D 293 1.00 -19.00 37.95
N ILE D 294 0.96 -20.07 38.74
CA ILE D 294 2.16 -20.62 39.36
C ILE D 294 2.45 -21.98 38.73
N GLU D 295 3.67 -22.14 38.23
CA GLU D 295 4.05 -23.38 37.56
C GLU D 295 4.15 -24.57 38.50
N ASP D 296 4.16 -24.33 39.81
CA ASP D 296 4.27 -25.43 40.77
C ASP D 296 2.93 -25.94 41.24
N GLN D 297 1.88 -25.11 41.21
CA GLN D 297 0.56 -25.52 41.67
C GLN D 297 -0.56 -25.25 40.68
N GLY D 298 -0.39 -24.34 39.72
CA GLY D 298 -1.44 -24.03 38.78
C GLY D 298 -2.00 -22.64 38.96
N LEU D 299 -3.32 -22.50 38.78
CA LEU D 299 -3.99 -21.21 38.93
C LEU D 299 -4.24 -20.98 40.41
N VAL D 300 -3.28 -20.34 41.07
CA VAL D 300 -3.34 -20.06 42.50
C VAL D 300 -3.14 -18.56 42.70
N VAL D 301 -3.99 -17.95 43.51
CA VAL D 301 -3.88 -16.52 43.78
C VAL D 301 -2.60 -16.24 44.56
N VAL D 302 -2.07 -15.04 44.37
CA VAL D 302 -0.81 -14.61 44.99
C VAL D 302 -1.04 -13.29 45.69
N ASP D 303 -0.37 -13.11 46.83
CA ASP D 303 -0.49 -11.88 47.59
C ASP D 303 0.01 -10.68 46.79
N ALA D 304 -0.37 -9.49 47.24
CA ALA D 304 -0.01 -8.27 46.53
C ALA D 304 1.50 -8.07 46.51
N SER D 305 2.16 -8.29 47.65
CA SER D 305 3.61 -8.10 47.71
C SER D 305 4.38 -9.20 47.01
N LYS D 306 3.89 -10.44 47.07
CA LYS D 306 4.58 -11.57 46.45
C LYS D 306 4.37 -11.64 44.95
N ALA D 307 3.46 -10.85 44.39
CA ALA D 307 3.23 -10.87 42.94
C ALA D 307 4.43 -10.28 42.21
N HIS D 308 4.80 -10.92 41.10
CA HIS D 308 5.91 -10.47 40.28
C HIS D 308 5.47 -9.76 39.00
N THR D 309 4.17 -9.73 38.72
CA THR D 309 3.59 -8.98 37.59
C THR D 309 4.17 -9.40 36.25
N LYS D 310 4.64 -10.65 36.14
CA LYS D 310 5.11 -11.18 34.87
C LYS D 310 4.26 -12.31 34.34
N ALA D 311 3.51 -13.00 35.20
CA ALA D 311 2.60 -14.06 34.79
C ALA D 311 1.20 -13.82 35.33
N THR D 312 0.85 -12.55 35.57
CA THR D 312 -0.47 -12.19 36.07
C THR D 312 -1.31 -11.42 35.05
N SER D 313 -0.73 -11.01 33.93
CA SER D 313 -1.45 -10.21 32.94
C SER D 313 -2.41 -11.08 32.16
N PHE D 314 -3.66 -10.63 32.06
CA PHE D 314 -4.69 -11.31 31.30
C PHE D 314 -5.34 -10.33 30.32
N CYS D 315 -5.91 -10.89 29.24
CA CYS D 315 -6.56 -10.10 28.22
C CYS D 315 -7.84 -10.79 27.78
N PHE D 316 -8.75 -10.00 27.21
CA PHE D 316 -10.04 -10.50 26.73
C PHE D 316 -10.00 -10.57 25.21
N ARG D 317 -10.28 -11.75 24.67
CA ARG D 317 -10.35 -11.96 23.22
C ARG D 317 -11.76 -12.36 22.83
N ILE D 318 -12.05 -12.18 21.54
CA ILE D 318 -13.37 -12.49 20.99
C ILE D 318 -13.39 -13.86 20.31
N SER D 319 -12.29 -14.24 19.66
CA SER D 319 -12.18 -15.50 18.96
C SER D 319 -11.09 -16.37 19.59
N LYS D 320 -11.02 -17.61 19.14
CA LYS D 320 -10.04 -18.58 19.62
C LYS D 320 -9.05 -18.86 18.50
N GLU D 321 -7.92 -18.17 18.52
CA GLU D 321 -6.88 -18.31 17.51
C GLU D 321 -5.56 -18.66 18.19
N LYS D 322 -4.52 -18.83 17.38
CA LYS D 322 -3.20 -19.16 17.88
C LYS D 322 -2.56 -17.94 18.55
N LEU D 323 -1.80 -18.21 19.61
CA LEU D 323 -1.12 -17.14 20.34
C LEU D 323 0.37 -17.44 20.48
N LYS D 328 -1.93 -2.02 21.30
CA LYS D 328 -0.53 -1.87 21.66
C LYS D 328 -0.06 -0.43 21.48
N ARG D 329 -0.99 0.43 21.04
CA ARG D 329 -0.65 1.83 20.82
C ARG D 329 -0.47 2.60 22.13
N ASP D 330 -1.22 2.23 23.17
CA ASP D 330 -1.18 2.89 24.47
C ASP D 330 -1.47 4.39 24.34
N VAL D 331 -2.67 4.68 23.83
CA VAL D 331 -3.11 6.05 23.64
C VAL D 331 -3.50 6.65 24.99
N GLU D 332 -3.08 7.89 25.21
CA GLU D 332 -3.39 8.61 26.45
C GLU D 332 -4.73 9.33 26.33
N GLY D 333 -5.78 8.54 26.14
CA GLY D 333 -7.10 9.10 26.00
C GLY D 333 -8.17 8.03 26.08
N MET D 334 -9.41 8.45 25.81
CA MET D 334 -10.55 7.53 25.82
C MET D 334 -10.40 6.49 24.71
N GLY D 335 -10.75 5.25 25.05
CA GLY D 335 -10.74 4.17 24.10
C GLY D 335 -12.07 3.99 23.42
N PRO D 336 -12.13 3.15 22.39
CA PRO D 336 -13.39 2.93 21.69
C PRO D 336 -14.38 2.20 22.57
N PRO D 337 -15.68 2.49 22.43
CA PRO D 337 -16.75 1.79 23.17
C PRO D 337 -17.22 0.48 22.53
N GLU D 338 -16.52 -0.62 22.83
CA GLU D 338 -16.88 -1.92 22.26
C GLU D 338 -17.41 -2.93 23.27
N ILE D 339 -16.96 -2.89 24.52
CA ILE D 339 -17.32 -3.92 25.49
C ILE D 339 -18.70 -3.63 26.06
N LYS D 340 -19.52 -4.67 26.20
CA LYS D 340 -20.89 -4.58 26.68
C LYS D 340 -21.02 -5.25 28.05
N TYR D 341 -22.22 -5.15 28.62
CA TYR D 341 -22.55 -5.75 29.90
C TYR D 341 -23.52 -6.91 29.68
N GLY D 342 -23.00 -8.13 29.59
CA GLY D 342 -23.80 -9.33 29.48
C GLY D 342 -23.72 -10.00 28.13
N GLU D 343 -23.63 -9.23 27.06
CA GLU D 343 -23.55 -9.77 25.70
C GLU D 343 -22.18 -9.50 25.10
N SER D 344 -21.14 -9.52 25.92
CA SER D 344 -19.78 -9.32 25.45
C SER D 344 -19.13 -10.61 24.99
N LEU D 345 -19.38 -11.71 25.70
CA LEU D 345 -18.87 -13.04 25.37
C LEU D 345 -17.35 -13.03 25.25
N CYS D 346 -16.69 -12.53 26.29
CA CYS D 346 -15.25 -12.46 26.30
C CYS D 346 -14.63 -13.81 26.66
N PHE D 347 -13.38 -13.98 26.23
CA PHE D 347 -12.62 -15.19 26.52
C PHE D 347 -11.36 -14.80 27.28
N VAL D 348 -11.18 -15.38 28.47
CA VAL D 348 -10.04 -15.05 29.31
C VAL D 348 -8.87 -15.95 28.91
N GLN D 349 -7.71 -15.34 28.70
CA GLN D 349 -6.52 -16.08 28.29
C GLN D 349 -5.29 -15.42 28.88
N HIS D 350 -4.20 -16.19 28.95
CA HIS D 350 -2.93 -15.72 29.46
C HIS D 350 -1.99 -15.40 28.31
N VAL D 351 -1.21 -14.34 28.47
CA VAL D 351 -0.24 -13.93 27.46
C VAL D 351 1.19 -14.31 27.83
N ALA D 352 1.51 -14.47 29.11
CA ALA D 352 2.86 -14.88 29.49
C ALA D 352 3.13 -16.34 29.11
N SER D 353 2.12 -17.20 29.22
CA SER D 353 2.27 -18.62 28.94
C SER D 353 1.45 -19.08 27.73
N GLY D 354 0.24 -18.56 27.58
CA GLY D 354 -0.58 -18.86 26.41
C GLY D 354 -1.73 -19.82 26.60
N LEU D 355 -2.05 -20.21 27.84
CA LEU D 355 -3.15 -21.12 28.09
C LEU D 355 -4.47 -20.35 28.07
N TRP D 356 -5.57 -21.05 28.33
CA TRP D 356 -6.91 -20.48 28.34
C TRP D 356 -7.61 -20.87 29.63
N LEU D 357 -8.47 -19.97 30.13
CA LEU D 357 -9.20 -20.19 31.37
C LEU D 357 -10.47 -20.97 31.05
N THR D 358 -10.49 -22.24 31.44
CA THR D 358 -11.63 -23.11 31.16
C THR D 358 -11.81 -24.05 32.35
N TYR D 359 -13.04 -24.52 32.54
CA TYR D 359 -13.36 -25.43 33.63
C TYR D 359 -12.68 -26.79 33.40
N ALA D 360 -12.84 -27.69 34.35
CA ALA D 360 -12.21 -29.00 34.26
C ALA D 360 -13.24 -30.08 34.55
N ALA D 361 -12.95 -31.29 34.05
CA ALA D 361 -13.83 -32.44 34.26
C ALA D 361 -13.06 -33.61 34.85
N LEU D 372 -20.57 -30.63 44.61
CA LEU D 372 -20.72 -30.58 43.17
C LEU D 372 -20.15 -29.29 42.60
N LYS D 373 -18.85 -29.08 42.82
CA LYS D 373 -18.16 -27.86 42.46
C LYS D 373 -16.93 -28.18 41.63
N LYS D 374 -16.76 -27.44 40.52
CA LYS D 374 -15.74 -27.74 39.53
C LYS D 374 -14.55 -26.80 39.69
N LYS D 375 -13.35 -27.36 39.60
CA LYS D 375 -12.12 -26.59 39.74
C LYS D 375 -11.74 -25.92 38.42
N ALA D 376 -11.24 -24.69 38.52
CA ALA D 376 -10.82 -23.93 37.35
C ALA D 376 -9.31 -24.11 37.14
N ILE D 377 -8.95 -24.72 36.01
CA ILE D 377 -7.55 -24.93 35.64
C ILE D 377 -7.34 -24.35 34.25
N LEU D 378 -6.26 -23.59 34.08
CA LEU D 378 -5.88 -23.11 32.77
C LEU D 378 -5.51 -24.28 31.87
N HIS D 379 -6.01 -24.25 30.63
CA HIS D 379 -5.76 -25.32 29.67
C HIS D 379 -5.27 -24.71 28.36
N GLN D 380 -4.41 -25.48 27.67
CA GLN D 380 -3.89 -25.01 26.39
C GLN D 380 -4.98 -24.89 25.33
N GLU D 381 -5.92 -25.84 25.30
CA GLU D 381 -6.99 -25.86 24.32
C GLU D 381 -8.32 -25.60 25.02
N GLY D 382 -9.07 -24.63 24.53
CA GLY D 382 -10.36 -24.32 25.11
C GLY D 382 -11.41 -25.35 24.80
N HIS D 383 -12.48 -25.35 25.60
CA HIS D 383 -13.58 -26.27 25.46
C HIS D 383 -14.80 -25.65 24.79
N MET D 384 -14.64 -24.46 24.19
CA MET D 384 -15.68 -23.67 23.52
C MET D 384 -16.68 -23.11 24.54
N ASP D 385 -16.58 -23.49 25.82
CA ASP D 385 -17.47 -23.00 26.86
C ASP D 385 -16.75 -22.11 27.87
N ASP D 386 -15.67 -21.47 27.45
CA ASP D 386 -14.88 -20.61 28.32
C ASP D 386 -15.35 -19.15 28.29
N ALA D 387 -16.41 -18.85 27.57
CA ALA D 387 -16.91 -17.48 27.49
C ALA D 387 -17.45 -17.04 28.85
N LEU D 388 -17.04 -15.86 29.29
CA LEU D 388 -17.45 -15.32 30.58
C LEU D 388 -18.25 -14.05 30.35
N SER D 389 -19.45 -13.99 30.93
CA SER D 389 -20.29 -12.81 30.84
C SER D 389 -19.89 -11.78 31.90
N LEU D 390 -20.15 -10.51 31.58
CA LEU D 390 -19.83 -9.39 32.47
C LEU D 390 -21.10 -8.69 32.88
N THR D 391 -21.29 -8.53 34.20
CA THR D 391 -22.42 -7.80 34.74
C THR D 391 -21.94 -6.89 35.86
N ARG D 392 -22.67 -5.81 36.07
CA ARG D 392 -22.31 -4.79 37.06
C ARG D 392 -23.19 -4.93 38.29
N CYS D 393 -22.56 -4.87 39.46
CA CYS D 393 -23.25 -4.95 40.74
C CYS D 393 -23.50 -3.55 41.29
N GLN D 394 -24.23 -3.48 42.40
CA GLN D 394 -24.54 -2.20 43.01
C GLN D 394 -23.30 -1.60 43.67
N GLN D 395 -23.28 -0.27 43.76
CA GLN D 395 -22.16 0.42 44.38
C GLN D 395 -22.10 0.16 45.88
N GLU D 396 -23.25 -0.10 46.51
CA GLU D 396 -23.27 -0.40 47.94
C GLU D 396 -22.51 -1.68 48.24
N GLU D 397 -22.69 -2.71 47.41
CA GLU D 397 -21.99 -3.97 47.63
C GLU D 397 -20.48 -3.80 47.47
N SER D 398 -20.05 -3.03 46.48
CA SER D 398 -18.63 -2.79 46.29
C SER D 398 -18.05 -2.00 47.46
N GLN D 399 -18.78 -0.99 47.93
CA GLN D 399 -18.32 -0.23 49.10
C GLN D 399 -18.27 -1.10 50.35
N ALA D 400 -19.28 -1.96 50.53
CA ALA D 400 -19.29 -2.86 51.68
C ALA D 400 -18.15 -3.87 51.60
N ALA D 401 -17.87 -4.37 50.39
CA ALA D 401 -16.79 -5.35 50.24
C ALA D 401 -15.44 -4.77 50.62
N ARG D 402 -15.18 -3.52 50.23
CA ARG D 402 -13.94 -2.86 50.65
C ARG D 402 -13.93 -2.61 52.15
N MET D 403 -15.08 -2.32 52.75
CA MET D 403 -15.15 -2.10 54.19
C MET D 403 -14.79 -3.37 54.96
N ILE D 404 -15.19 -4.54 54.43
CA ILE D 404 -14.91 -5.79 55.12
C ILE D 404 -13.41 -6.02 55.23
N TYR D 405 -12.68 -5.77 54.14
CA TYR D 405 -11.23 -5.98 54.15
C TYR D 405 -10.53 -5.06 55.15
N SER D 406 -10.99 -3.81 55.27
CA SER D 406 -10.36 -2.86 56.18
C SER D 406 -10.60 -3.25 57.64
N THR D 407 -11.85 -3.54 57.99
CA THR D 407 -12.16 -3.85 59.39
C THR D 407 -11.58 -5.18 59.82
N ALA D 408 -11.54 -6.17 58.91
CA ALA D 408 -10.96 -7.46 59.26
C ALA D 408 -9.48 -7.36 59.59
N GLY D 409 -8.73 -6.56 58.84
CA GLY D 409 -7.31 -6.41 59.11
C GLY D 409 -7.05 -5.75 60.45
N LEU D 410 -7.82 -4.71 60.78
CA LEU D 410 -7.66 -4.04 62.07
C LEU D 410 -8.01 -4.97 63.22
N TYR D 411 -9.09 -5.74 63.08
CA TYR D 411 -9.49 -6.66 64.14
C TYR D 411 -8.49 -7.81 64.28
N ASN D 412 -7.95 -8.30 63.17
CA ASN D 412 -6.98 -9.39 63.22
C ASN D 412 -5.69 -8.96 63.92
N HIS D 413 -5.26 -7.72 63.70
CA HIS D 413 -4.08 -7.21 64.41
C HIS D 413 -4.34 -7.06 65.91
N PHE D 414 -5.58 -6.74 66.30
CA PHE D 414 -5.89 -6.55 67.71
C PHE D 414 -5.92 -7.87 68.47
N ILE D 415 -6.50 -8.91 67.89
CA ILE D 415 -6.60 -10.19 68.59
C ILE D 415 -5.23 -10.82 68.77
N LYS D 416 -4.34 -10.65 67.79
CA LYS D 416 -2.99 -11.22 67.91
C LYS D 416 -2.13 -10.45 68.89
N GLY D 417 -2.29 -9.12 68.97
CA GLY D 417 -1.47 -8.34 69.88
C GLY D 417 -1.75 -8.65 71.34
N LEU D 418 -3.03 -8.80 71.69
CA LEU D 418 -3.38 -9.08 73.09
C LEU D 418 -3.02 -10.49 73.49
N ASP D 419 -2.95 -11.42 72.53
CA ASP D 419 -2.60 -12.80 72.84
C ASP D 419 -1.18 -12.91 73.39
N SER D 420 -0.23 -12.16 72.82
CA SER D 420 1.14 -12.20 73.32
C SER D 420 1.22 -11.64 74.74
N PHE D 421 0.50 -10.56 75.02
CA PHE D 421 0.55 -9.95 76.35
C PHE D 421 -0.16 -10.82 77.39
N SER D 422 -1.30 -11.42 77.03
CA SER D 422 -2.06 -12.21 77.99
C SER D 422 -1.31 -13.46 78.43
N GLY D 423 -0.44 -14.01 77.59
CA GLY D 423 0.30 -15.21 77.93
C GLY D 423 1.30 -15.02 79.04
N LYS D 424 1.97 -13.87 79.06
CA LYS D 424 3.04 -13.61 80.03
C LYS D 424 2.61 -12.53 81.01
N PRO D 425 2.70 -12.78 82.31
CA PRO D 425 2.37 -11.73 83.28
C PRO D 425 3.31 -10.54 83.16
N ARG D 426 2.75 -9.35 83.42
CA ARG D 426 3.51 -8.12 83.31
C ARG D 426 4.18 -7.79 84.64
N GLY D 427 5.46 -7.47 84.59
CA GLY D 427 6.22 -7.11 85.77
C GLY D 427 6.00 -5.66 86.17
N SER D 428 6.76 -5.24 87.17
CA SER D 428 6.67 -3.88 87.68
C SER D 428 7.31 -2.91 86.69
N GLY D 429 6.49 -2.04 86.10
CA GLY D 429 6.99 -1.07 85.15
C GLY D 429 7.33 -1.61 83.79
N ALA D 430 6.88 -2.83 83.47
CA ALA D 430 7.17 -3.47 82.20
C ALA D 430 5.87 -3.75 81.46
N PRO D 431 5.69 -3.21 80.25
CA PRO D 431 4.45 -3.52 79.50
C PRO D 431 4.29 -5.00 79.21
N ALA D 432 5.39 -5.71 78.93
CA ALA D 432 5.37 -7.14 78.65
C ALA D 432 4.42 -7.49 77.51
N GLY D 433 4.31 -6.62 76.51
CA GLY D 433 3.44 -6.88 75.37
C GLY D 433 3.62 -5.82 74.32
N THR D 434 3.26 -6.20 73.09
CA THR D 434 3.32 -5.29 71.97
C THR D 434 2.25 -4.21 72.08
N ALA D 435 2.57 -3.01 71.62
CA ALA D 435 1.62 -1.92 71.64
C ALA D 435 0.38 -2.27 70.83
N LEU D 436 -0.80 -2.01 71.41
CA LEU D 436 -2.05 -2.37 70.78
C LEU D 436 -2.74 -1.14 70.20
N PRO D 437 -3.42 -1.28 69.06
CA PRO D 437 -4.13 -0.12 68.48
C PRO D 437 -5.39 0.19 69.26
N LEU D 438 -5.44 1.39 69.84
CA LEU D 438 -6.59 1.87 70.59
C LEU D 438 -7.37 2.95 69.86
N GLU D 439 -6.69 3.96 69.32
CA GLU D 439 -7.38 4.97 68.53
C GLU D 439 -7.99 4.39 67.28
N GLY D 440 -7.29 3.46 66.63
CA GLY D 440 -7.82 2.84 65.42
C GLY D 440 -9.05 1.99 65.66
N VAL D 441 -9.12 1.28 66.79
CA VAL D 441 -10.24 0.39 67.04
C VAL D 441 -11.45 1.16 67.55
N ILE D 442 -11.25 2.21 68.34
CA ILE D 442 -12.38 2.96 68.88
C ILE D 442 -13.13 3.68 67.75
N LEU D 443 -12.40 4.34 66.85
CA LEU D 443 -13.05 5.04 65.74
C LEU D 443 -13.74 4.06 64.80
N SER D 444 -13.08 2.95 64.47
CA SER D 444 -13.65 2.00 63.52
C SER D 444 -14.95 1.40 64.04
N LEU D 445 -15.01 1.08 65.33
CA LEU D 445 -16.25 0.59 65.91
C LEU D 445 -17.35 1.64 65.84
N GLN D 446 -17.01 2.91 66.06
CA GLN D 446 -18.00 3.98 65.96
C GLN D 446 -18.55 4.11 64.55
N ASP D 447 -17.68 4.04 63.54
CA ASP D 447 -18.15 4.08 62.16
C ASP D 447 -18.99 2.85 61.82
N LEU D 448 -18.56 1.67 62.26
CA LEU D 448 -19.34 0.46 62.00
C LEU D 448 -20.67 0.49 62.76
N ILE D 449 -20.66 1.03 63.98
CA ILE D 449 -21.92 1.29 64.67
C ILE D 449 -22.72 2.34 63.91
N GLY D 450 -22.04 3.35 63.37
CA GLY D 450 -22.69 4.37 62.57
C GLY D 450 -23.10 3.89 61.19
N TYR D 451 -23.06 2.58 60.98
CA TYR D 451 -23.42 1.97 59.72
C TYR D 451 -24.53 0.95 59.81
N PHE D 452 -24.92 0.54 61.04
CA PHE D 452 -25.88 -0.53 61.24
C PHE D 452 -27.12 -0.08 62.02
N GLU D 453 -27.39 1.24 62.08
CA GLU D 453 -28.60 1.64 62.82
C GLU D 453 -29.86 1.18 62.10
N PRO D 454 -30.90 0.78 62.84
CA PRO D 454 -32.20 0.57 62.23
C PRO D 454 -32.79 1.89 61.76
N PRO D 455 -33.61 1.89 60.72
CA PRO D 455 -34.25 3.13 60.27
C PRO D 455 -35.26 3.63 61.29
N SER D 456 -35.43 4.95 61.29
CA SER D 456 -36.39 5.58 62.19
C SER D 456 -37.82 5.27 61.76
N GLU D 457 -38.70 5.15 62.75
CA GLU D 457 -40.11 4.85 62.49
C GLU D 457 -40.88 6.05 61.95
N GLU D 458 -40.32 7.26 62.03
CA GLU D 458 -41.01 8.43 61.52
C GLU D 458 -41.03 8.49 60.00
N LEU D 459 -40.17 7.71 59.33
CA LEU D 459 -40.13 7.71 57.88
C LEU D 459 -41.37 7.04 57.30
N GLN D 460 -41.60 7.28 56.02
CA GLN D 460 -42.75 6.70 55.32
C GLN D 460 -42.56 5.19 55.16
N HIS D 461 -43.66 4.52 54.83
CA HIS D 461 -43.62 3.07 54.66
C HIS D 461 -42.70 2.66 53.52
N GLU D 462 -42.75 3.39 52.40
CA GLU D 462 -41.88 3.07 51.27
C GLU D 462 -40.42 3.28 51.63
N GLU D 463 -40.11 4.37 52.33
CA GLU D 463 -38.73 4.65 52.70
C GLU D 463 -38.22 3.70 53.80
N LYS D 464 -39.08 3.34 54.75
CA LYS D 464 -38.65 2.46 55.84
C LYS D 464 -38.26 1.09 55.32
N GLN D 465 -39.05 0.52 54.40
CA GLN D 465 -38.74 -0.80 53.88
C GLN D 465 -37.51 -0.78 52.98
N SER D 466 -37.27 0.33 52.28
CA SER D 466 -36.08 0.43 51.45
C SER D 466 -34.82 0.36 52.29
N LYS D 467 -34.79 1.06 53.43
CA LYS D 467 -33.65 0.98 54.33
C LYS D 467 -33.59 -0.39 55.02
N LEU D 468 -34.75 -0.97 55.35
CA LEU D 468 -34.77 -2.28 55.99
C LEU D 468 -34.22 -3.36 55.07
N ARG D 469 -34.58 -3.31 53.78
CA ARG D 469 -34.07 -4.29 52.84
C ARG D 469 -32.55 -4.18 52.69
N SER D 470 -32.04 -2.94 52.59
CA SER D 470 -30.59 -2.76 52.51
C SER D 470 -29.89 -3.17 53.80
N LEU D 471 -30.52 -2.91 54.96
CA LEU D 471 -29.92 -3.29 56.23
C LEU D 471 -29.76 -4.80 56.33
N ARG D 472 -30.81 -5.55 55.98
CA ARG D 472 -30.70 -7.01 56.01
C ARG D 472 -29.82 -7.53 54.89
N ASN D 473 -29.85 -6.88 53.72
CA ASN D 473 -28.95 -7.29 52.65
C ASN D 473 -27.50 -7.14 53.07
N ARG D 474 -27.14 -5.99 53.65
CA ARG D 474 -25.76 -5.79 54.09
C ARG D 474 -25.39 -6.78 55.18
N GLN D 475 -26.29 -6.99 56.16
CA GLN D 475 -26.00 -7.90 57.26
C GLN D 475 -25.70 -9.32 56.75
N SER D 476 -26.25 -9.68 55.60
CA SER D 476 -25.88 -10.96 54.99
C SER D 476 -24.47 -10.91 54.41
N LEU D 477 -24.03 -9.73 53.95
CA LEU D 477 -22.68 -9.61 53.42
C LEU D 477 -21.61 -9.44 54.49
N PHE D 478 -21.97 -9.39 55.78
CA PHE D 478 -20.92 -9.23 56.78
C PHE D 478 -20.75 -10.45 57.66
N GLN D 479 -21.83 -11.17 57.96
CA GLN D 479 -21.73 -12.39 58.76
C GLN D 479 -21.04 -13.52 58.01
N GLU D 480 -21.09 -13.48 56.68
CA GLU D 480 -20.56 -14.58 55.87
C GLU D 480 -19.05 -14.46 55.67
N GLU D 481 -18.52 -13.25 55.87
CA GLU D 481 -17.07 -13.00 55.82
C GLU D 481 -16.38 -13.35 57.13
N GLY D 482 -17.14 -13.88 58.09
CA GLY D 482 -16.58 -14.25 59.37
C GLY D 482 -16.50 -13.14 60.40
N MET D 483 -17.04 -11.95 60.09
CA MET D 483 -16.92 -10.82 61.02
C MET D 483 -17.61 -11.11 62.34
N LEU D 484 -18.79 -11.74 62.30
CA LEU D 484 -19.45 -12.14 63.55
C LEU D 484 -18.59 -13.14 64.31
N SER D 485 -17.85 -14.00 63.60
CA SER D 485 -16.88 -14.86 64.26
C SER D 485 -15.72 -14.04 64.83
N LEU D 486 -15.31 -12.98 64.14
CA LEU D 486 -14.22 -12.14 64.62
C LEU D 486 -14.59 -11.41 65.91
N VAL D 487 -15.79 -10.82 65.95
CA VAL D 487 -16.20 -10.08 67.14
C VAL D 487 -16.44 -11.05 68.30
N LEU D 488 -16.97 -12.23 68.02
CA LEU D 488 -17.10 -13.26 69.05
C LEU D 488 -15.73 -13.72 69.54
N ASN D 489 -14.77 -13.86 68.62
CA ASN D 489 -13.42 -14.26 69.02
C ASN D 489 -12.77 -13.20 69.91
N CYS D 490 -12.96 -11.93 69.60
CA CYS D 490 -12.38 -10.86 70.41
C CYS D 490 -13.02 -10.77 71.78
N ILE D 491 -14.34 -10.99 71.88
CA ILE D 491 -15.03 -10.89 73.16
C ILE D 491 -14.56 -11.98 74.11
N ASP D 492 -14.43 -13.21 73.61
CA ASP D 492 -14.04 -14.33 74.47
C ASP D 492 -12.62 -14.19 75.00
N ARG D 493 -11.78 -13.39 74.36
CA ARG D 493 -10.39 -13.23 74.77
C ARG D 493 -10.14 -11.94 75.55
N LEU D 494 -10.96 -10.91 75.35
CA LEU D 494 -10.77 -9.65 76.05
C LEU D 494 -11.49 -9.62 77.39
N ASN D 495 -12.63 -10.32 77.50
CA ASN D 495 -13.41 -10.33 78.75
C ASN D 495 -12.80 -11.25 79.80
N VAL D 496 -11.65 -11.88 79.51
CA VAL D 496 -11.00 -12.74 80.49
C VAL D 496 -10.55 -11.94 81.70
N TYR D 497 -10.24 -10.65 81.51
CA TYR D 497 -9.76 -9.82 82.61
C TYR D 497 -10.81 -9.73 83.72
N THR D 498 -11.96 -9.12 83.41
CA THR D 498 -13.12 -9.09 84.30
C THR D 498 -12.76 -8.56 85.69
N THR D 499 -12.07 -7.43 85.72
CA THR D 499 -11.69 -6.83 87.00
C THR D 499 -11.85 -5.31 87.01
N ALA D 500 -12.69 -4.75 86.14
CA ALA D 500 -12.91 -3.31 86.05
C ALA D 500 -11.59 -2.55 85.86
N ALA D 501 -10.84 -2.97 84.84
CA ALA D 501 -9.56 -2.41 84.42
C ALA D 501 -8.45 -2.58 85.46
N HIS D 502 -8.70 -3.31 86.54
CA HIS D 502 -7.64 -3.56 87.52
C HIS D 502 -6.67 -4.61 87.02
N PHE D 503 -7.18 -5.77 86.62
CA PHE D 503 -6.32 -6.80 86.03
C PHE D 503 -5.79 -6.36 84.67
N ALA D 504 -6.56 -5.55 83.94
CA ALA D 504 -6.11 -5.04 82.65
C ALA D 504 -5.05 -3.95 82.79
N GLU D 505 -4.80 -3.47 84.00
CA GLU D 505 -3.78 -2.45 84.22
C GLU D 505 -2.40 -3.08 84.38
N PHE D 506 -2.01 -3.92 83.43
CA PHE D 506 -0.71 -4.58 83.42
C PHE D 506 0.15 -4.18 82.24
N ALA D 507 -0.42 -4.17 81.03
CA ALA D 507 0.35 -3.73 79.87
C ALA D 507 0.68 -2.24 79.96
N GLY D 508 -0.21 -1.45 80.57
CA GLY D 508 0.03 -0.04 80.74
C GLY D 508 -1.14 0.69 81.36
N GLU D 509 -0.85 1.74 82.14
CA GLU D 509 -1.93 2.53 82.74
C GLU D 509 -2.76 3.24 81.68
N GLU D 510 -2.10 3.78 80.64
CA GLU D 510 -2.82 4.50 79.60
C GLU D 510 -3.72 3.57 78.79
N ALA D 511 -3.30 2.33 78.58
CA ALA D 511 -4.10 1.39 77.80
C ALA D 511 -5.32 0.92 78.57
N ALA D 512 -5.30 1.00 79.90
CA ALA D 512 -6.36 0.45 80.72
C ALA D 512 -7.63 1.31 80.74
N GLU D 513 -7.51 2.63 80.52
CA GLU D 513 -8.69 3.47 80.57
C GLU D 513 -9.61 3.23 79.38
N SER D 514 -9.07 2.77 78.26
CA SER D 514 -9.87 2.44 77.09
C SER D 514 -10.46 1.04 77.16
N TRP D 515 -10.14 0.27 78.20
CA TRP D 515 -10.70 -1.08 78.34
C TRP D 515 -12.20 -1.04 78.59
N LYS D 516 -12.68 -0.03 79.30
CA LYS D 516 -14.11 0.07 79.58
C LYS D 516 -14.91 0.47 78.34
N GLU D 517 -14.33 1.30 77.47
CA GLU D 517 -15.06 1.76 76.29
C GLU D 517 -15.17 0.68 75.22
N ILE D 518 -14.12 -0.15 75.08
CA ILE D 518 -14.11 -1.14 74.01
C ILE D 518 -15.16 -2.22 74.26
N VAL D 519 -15.37 -2.61 75.53
CA VAL D 519 -16.33 -3.66 75.82
C VAL D 519 -17.76 -3.18 75.56
N ASN D 520 -18.05 -1.90 75.84
CA ASN D 520 -19.39 -1.38 75.61
C ASN D 520 -19.71 -1.28 74.13
N LEU D 521 -18.73 -0.85 73.32
CA LEU D 521 -18.95 -0.75 71.89
C LEU D 521 -18.99 -2.11 71.22
N LEU D 522 -18.22 -3.08 71.74
CA LEU D 522 -18.23 -4.42 71.15
C LEU D 522 -19.57 -5.10 71.32
N TYR D 523 -20.22 -4.92 72.48
CA TYR D 523 -21.55 -5.45 72.67
C TYR D 523 -22.61 -4.66 71.93
N GLU D 524 -22.38 -3.35 71.71
CA GLU D 524 -23.32 -2.55 70.95
C GLU D 524 -23.30 -2.92 69.47
N ILE D 525 -22.11 -3.10 68.90
CA ILE D 525 -22.03 -3.50 67.49
C ILE D 525 -22.58 -4.90 67.28
N LEU D 526 -22.38 -5.81 68.24
CA LEU D 526 -22.90 -7.16 68.10
C LEU D 526 -24.42 -7.17 68.10
N ALA D 527 -25.05 -6.38 68.98
CA ALA D 527 -26.51 -6.36 69.04
C ALA D 527 -27.10 -5.80 67.76
N SER D 528 -26.50 -4.74 67.21
CA SER D 528 -27.02 -4.17 65.96
C SER D 528 -26.80 -5.08 64.77
N LEU D 529 -25.75 -5.92 64.80
CA LEU D 529 -25.49 -6.85 63.71
C LEU D 529 -26.45 -8.03 63.69
N ILE D 530 -26.85 -8.54 64.86
CA ILE D 530 -27.70 -9.72 64.91
C ILE D 530 -29.18 -9.38 64.92
N ARG D 531 -29.55 -8.13 65.22
CA ARG D 531 -30.96 -7.75 65.27
C ARG D 531 -31.55 -7.72 63.87
N GLY D 532 -32.70 -8.37 63.71
CA GLY D 532 -33.41 -8.36 62.45
C GLY D 532 -33.20 -9.60 61.60
N ASN D 533 -31.98 -10.13 61.59
CA ASN D 533 -31.64 -11.28 60.76
C ASN D 533 -31.81 -12.56 61.57
N ARG D 534 -32.65 -13.46 61.06
CA ARG D 534 -32.84 -14.76 61.72
C ARG D 534 -31.66 -15.69 61.52
N ALA D 535 -30.93 -15.55 60.40
CA ALA D 535 -29.77 -16.41 60.16
C ALA D 535 -28.68 -16.18 61.20
N ASN D 536 -28.43 -14.92 61.56
CA ASN D 536 -27.45 -14.62 62.59
C ASN D 536 -27.85 -15.22 63.94
N CYS D 537 -29.13 -15.13 64.30
CA CYS D 537 -29.60 -15.72 65.54
C CYS D 537 -29.60 -17.24 65.48
N ALA D 538 -29.62 -17.82 64.28
CA ALA D 538 -29.63 -19.28 64.16
C ALA D 538 -28.28 -19.87 64.53
N LEU D 539 -27.19 -19.28 64.04
CA LEU D 539 -25.86 -19.79 64.34
C LEU D 539 -25.43 -19.51 65.77
N PHE D 540 -26.15 -18.64 66.47
CA PHE D 540 -25.84 -18.31 67.86
C PHE D 540 -26.50 -19.26 68.86
N SER D 541 -27.18 -20.30 68.37
CA SER D 541 -27.90 -21.23 69.22
C SER D 541 -27.03 -22.39 69.70
N ASN D 542 -25.71 -22.19 69.74
CA ASN D 542 -24.79 -23.23 70.17
C ASN D 542 -23.96 -22.87 71.39
N ASN D 543 -24.03 -21.64 71.87
CA ASN D 543 -23.24 -21.17 73.01
C ASN D 543 -24.11 -20.39 73.98
N LEU D 544 -25.29 -20.92 74.29
CA LEU D 544 -26.17 -20.27 75.24
C LEU D 544 -25.58 -20.23 76.64
N ASP D 545 -24.93 -21.31 77.08
CA ASP D 545 -24.31 -21.33 78.38
C ASP D 545 -23.22 -20.29 78.53
N TRP D 546 -22.55 -19.93 77.43
CA TRP D 546 -21.54 -18.88 77.47
C TRP D 546 -22.15 -17.50 77.66
N LEU D 547 -23.29 -17.23 77.00
CA LEU D 547 -23.90 -15.91 77.10
C LEU D 547 -24.52 -15.71 78.49
N VAL D 548 -25.26 -16.69 79.00
CA VAL D 548 -25.89 -16.55 80.30
C VAL D 548 -24.87 -16.48 81.43
N SER D 549 -23.66 -17.00 81.21
CA SER D 549 -22.59 -16.83 82.19
C SER D 549 -22.12 -15.39 82.26
N LYS D 550 -22.27 -14.63 81.17
CA LYS D 550 -21.85 -13.24 81.13
C LYS D 550 -22.92 -12.28 81.63
N LEU D 551 -24.14 -12.76 81.89
CA LEU D 551 -25.16 -11.89 82.47
C LEU D 551 -24.77 -11.43 83.86
N ASP D 552 -24.17 -12.31 84.66
CA ASP D 552 -23.67 -11.97 86.00
C ASP D 552 -22.37 -11.20 85.84
N ARG D 553 -22.51 -9.92 85.45
CA ARG D 553 -21.36 -9.07 85.21
C ARG D 553 -21.73 -7.64 85.58
N LEU D 554 -20.87 -6.99 86.36
CA LEU D 554 -21.14 -5.62 86.79
C LEU D 554 -20.78 -4.61 85.71
N GLU D 555 -19.88 -4.94 84.80
CA GLU D 555 -19.44 -4.03 83.76
C GLU D 555 -20.19 -4.30 82.46
N ALA D 556 -20.75 -3.25 81.86
CA ALA D 556 -21.49 -3.33 80.61
C ALA D 556 -22.65 -4.33 80.71
N SER D 557 -23.43 -4.16 81.78
CA SER D 557 -24.58 -5.04 82.01
C SER D 557 -25.70 -4.80 81.01
N SER D 558 -25.93 -3.54 80.62
CA SER D 558 -27.00 -3.22 79.70
C SER D 558 -26.73 -3.72 78.29
N GLY D 559 -25.46 -3.73 77.87
CA GLY D 559 -25.15 -4.19 76.51
C GLY D 559 -25.45 -5.66 76.31
N ILE D 560 -25.10 -6.50 77.29
CA ILE D 560 -25.36 -7.92 77.17
C ILE D 560 -26.86 -8.21 77.23
N LEU D 561 -27.60 -7.46 78.05
CA LEU D 561 -29.04 -7.66 78.12
C LEU D 561 -29.72 -7.35 76.80
N GLU D 562 -29.26 -6.31 76.09
CA GLU D 562 -29.80 -6.01 74.77
C GLU D 562 -29.52 -7.13 73.78
N VAL D 563 -28.36 -7.78 73.89
CA VAL D 563 -28.05 -8.91 73.01
C VAL D 563 -29.02 -10.06 73.25
N LEU D 564 -29.26 -10.39 74.52
CA LEU D 564 -30.17 -11.48 74.83
C LEU D 564 -31.60 -11.15 74.41
N TYR D 565 -32.01 -9.90 74.53
CA TYR D 565 -33.35 -9.50 74.12
C TYR D 565 -33.55 -9.61 72.61
N CYS D 566 -32.47 -9.59 71.83
CA CYS D 566 -32.57 -9.66 70.37
C CYS D 566 -32.52 -11.08 69.83
N VAL D 567 -31.93 -12.02 70.56
CA VAL D 567 -31.82 -13.39 70.06
C VAL D 567 -33.06 -14.23 70.35
N LEU D 568 -33.86 -13.85 71.33
CA LEU D 568 -35.04 -14.63 71.69
C LEU D 568 -36.25 -14.30 70.84
N ILE D 569 -36.35 -13.07 70.32
CA ILE D 569 -37.52 -12.69 69.53
C ILE D 569 -37.39 -13.18 68.09
N GLU D 570 -36.19 -13.14 67.52
CA GLU D 570 -36.02 -13.46 66.10
C GLU D 570 -36.13 -14.96 65.85
N SER D 571 -35.23 -15.75 66.44
CA SER D 571 -35.16 -17.18 66.18
C SER D 571 -35.82 -17.94 67.32
N PRO D 572 -36.90 -18.70 67.05
CA PRO D 572 -37.53 -19.48 68.12
C PRO D 572 -36.81 -20.78 68.44
N GLU D 573 -35.80 -21.18 67.66
CA GLU D 573 -35.09 -22.42 67.93
C GLU D 573 -34.27 -22.32 69.21
N VAL D 574 -33.88 -21.11 69.61
CA VAL D 574 -33.17 -20.93 70.88
C VAL D 574 -34.07 -21.29 72.05
N LEU D 575 -35.37 -20.95 71.95
CA LEU D 575 -36.31 -21.25 73.02
C LEU D 575 -36.54 -22.75 73.20
N ASN D 576 -36.19 -23.58 72.21
CA ASN D 576 -36.40 -25.02 72.31
C ASN D 576 -35.30 -25.71 73.12
N ILE D 577 -34.19 -25.02 73.40
CA ILE D 577 -33.07 -25.61 74.11
C ILE D 577 -32.86 -24.93 75.47
N ILE D 578 -33.83 -24.14 75.91
CA ILE D 578 -33.70 -23.43 77.18
C ILE D 578 -33.71 -24.44 78.33
N GLN D 579 -32.73 -24.33 79.21
CA GLN D 579 -32.58 -25.20 80.37
C GLN D 579 -32.73 -24.38 81.65
N GLU D 580 -33.08 -25.08 82.74
CA GLU D 580 -33.53 -24.41 83.96
C GLU D 580 -32.48 -23.45 84.52
N ASN D 581 -31.18 -23.74 84.33
CA ASN D 581 -30.16 -22.84 84.84
C ASN D 581 -30.18 -21.50 84.13
N HIS D 582 -30.60 -21.47 82.85
CA HIS D 582 -30.79 -20.21 82.16
C HIS D 582 -31.87 -19.37 82.81
N ILE D 583 -32.94 -20.02 83.29
CA ILE D 583 -34.00 -19.29 84.00
C ILE D 583 -33.47 -18.73 85.31
N LYS D 584 -32.66 -19.51 86.03
CA LYS D 584 -32.08 -19.03 87.29
C LYS D 584 -31.21 -17.80 87.08
N SER D 585 -30.41 -17.79 86.02
CA SER D 585 -29.52 -16.66 85.75
C SER D 585 -30.30 -15.38 85.46
N ILE D 586 -31.39 -15.47 84.70
CA ILE D 586 -32.17 -14.30 84.37
C ILE D 586 -32.88 -13.76 85.61
N ILE D 587 -33.42 -14.66 86.44
CA ILE D 587 -34.06 -14.24 87.68
C ILE D 587 -33.04 -13.59 88.61
N SER D 588 -31.82 -14.11 88.63
CA SER D 588 -30.76 -13.50 89.43
C SER D 588 -30.44 -12.10 88.94
N LEU D 589 -30.56 -11.85 87.64
CA LEU D 589 -30.34 -10.50 87.11
C LEU D 589 -31.36 -9.51 87.66
N LEU D 590 -32.63 -9.91 87.74
CA LEU D 590 -33.64 -9.04 88.33
C LEU D 590 -33.35 -8.76 89.79
N ASP D 591 -32.70 -9.69 90.49
CA ASP D 591 -32.42 -9.51 91.90
C ASP D 591 -31.11 -8.77 92.14
N LYS D 592 -30.06 -9.09 91.37
CA LYS D 592 -28.77 -8.43 91.58
C LYS D 592 -28.77 -7.00 91.03
N HIS D 593 -29.37 -6.78 89.85
CA HIS D 593 -29.30 -5.49 89.19
C HIS D 593 -30.55 -4.64 89.45
N GLY D 594 -31.28 -4.94 90.51
CA GLY D 594 -32.43 -4.13 90.88
C GLY D 594 -33.63 -4.37 89.99
N ARG D 595 -34.67 -3.57 90.25
CA ARG D 595 -35.92 -3.68 89.50
C ARG D 595 -35.78 -2.92 88.18
N ASN D 596 -35.72 -3.66 87.08
CA ASN D 596 -35.60 -3.10 85.75
C ASN D 596 -36.73 -3.61 84.87
N HIS D 597 -37.30 -2.71 84.06
CA HIS D 597 -38.38 -3.09 83.17
C HIS D 597 -37.90 -3.89 81.96
N LYS D 598 -36.62 -3.76 81.60
CA LYS D 598 -36.10 -4.47 80.43
C LYS D 598 -35.93 -5.96 80.71
N VAL D 599 -35.42 -6.32 81.89
CA VAL D 599 -35.23 -7.73 82.21
C VAL D 599 -36.57 -8.44 82.34
N LEU D 600 -37.59 -7.75 82.85
CA LEU D 600 -38.91 -8.36 82.93
C LEU D 600 -39.51 -8.61 81.56
N ASP D 601 -39.25 -7.71 80.60
CA ASP D 601 -39.74 -7.90 79.25
C ASP D 601 -39.02 -9.03 78.51
N VAL D 602 -37.81 -9.39 78.96
CA VAL D 602 -37.10 -10.50 78.34
C VAL D 602 -37.84 -11.81 78.56
N LEU D 603 -38.36 -12.03 79.76
CA LEU D 603 -39.09 -13.26 80.05
C LEU D 603 -40.38 -13.35 79.25
N CYS D 604 -40.98 -12.20 78.91
CA CYS D 604 -42.21 -12.22 78.12
C CYS D 604 -41.98 -12.84 76.74
N SER D 605 -40.87 -12.49 76.09
CA SER D 605 -40.54 -13.08 74.80
C SER D 605 -40.07 -14.53 74.94
N LEU D 606 -39.63 -14.92 76.14
CA LEU D 606 -39.18 -16.29 76.36
C LEU D 606 -40.33 -17.27 76.42
N CYS D 607 -41.52 -16.82 76.84
CA CYS D 607 -42.66 -17.71 76.95
C CYS D 607 -43.33 -17.93 75.59
N VAL D 608 -43.75 -16.86 74.94
CA VAL D 608 -44.46 -16.92 73.67
C VAL D 608 -43.59 -16.25 72.60
N CYS D 609 -43.52 -16.88 71.43
CA CYS D 609 -42.75 -16.34 70.31
C CYS D 609 -43.35 -16.86 69.01
N ASN D 610 -43.66 -15.94 68.10
CA ASN D 610 -44.23 -16.28 66.80
C ASN D 610 -45.52 -17.08 66.94
N GLY D 611 -46.31 -16.75 67.96
CA GLY D 611 -47.56 -17.44 68.20
C GLY D 611 -47.43 -18.84 68.75
N VAL D 612 -46.24 -19.23 69.20
CA VAL D 612 -45.99 -20.57 69.73
C VAL D 612 -45.39 -20.42 71.13
N ALA D 613 -45.98 -21.12 72.09
CA ALA D 613 -45.54 -21.07 73.48
C ALA D 613 -45.00 -22.44 73.89
N VAL D 614 -43.84 -22.45 74.53
CA VAL D 614 -43.21 -23.68 74.99
C VAL D 614 -43.65 -23.96 76.42
N ARG D 615 -44.05 -25.20 76.68
CA ARG D 615 -44.55 -25.58 78.00
C ARG D 615 -43.43 -25.67 79.04
N SER D 616 -42.22 -26.03 78.61
CA SER D 616 -41.13 -26.22 79.56
C SER D 616 -40.72 -24.92 80.25
N ASN D 617 -40.62 -23.83 79.48
CA ASN D 617 -40.16 -22.57 80.04
C ASN D 617 -41.21 -21.93 80.94
N GLN D 618 -42.49 -22.00 80.54
CA GLN D 618 -43.55 -21.41 81.35
C GLN D 618 -43.66 -22.09 82.71
N ASP D 619 -43.55 -23.42 82.74
CA ASP D 619 -43.60 -24.14 84.00
C ASP D 619 -42.39 -23.87 84.88
N LEU D 620 -41.26 -23.47 84.28
CA LEU D 620 -40.06 -23.22 85.07
C LEU D 620 -40.06 -21.81 85.66
N ILE D 621 -40.50 -20.82 84.90
CA ILE D 621 -40.48 -19.44 85.39
C ILE D 621 -41.51 -19.26 86.51
N THR D 622 -42.66 -19.92 86.39
CA THR D 622 -43.68 -19.80 87.42
C THR D 622 -43.30 -20.54 88.70
N GLU D 623 -42.32 -21.44 88.65
CA GLU D 623 -41.91 -22.18 89.83
C GLU D 623 -40.77 -21.52 90.60
N ASN D 624 -39.93 -20.73 89.92
CA ASN D 624 -38.78 -20.08 90.53
C ASN D 624 -39.01 -18.62 90.84
N LEU D 625 -40.14 -18.05 90.42
CA LEU D 625 -40.43 -16.63 90.61
C LEU D 625 -41.70 -16.37 91.41
N LEU D 626 -42.76 -17.13 91.17
CA LEU D 626 -44.01 -16.89 91.89
C LEU D 626 -43.95 -17.37 93.34
N PRO D 627 -43.51 -18.60 93.66
CA PRO D 627 -43.49 -19.01 95.08
C PRO D 627 -42.58 -18.17 95.95
N GLY D 628 -41.57 -17.51 95.38
CA GLY D 628 -40.67 -16.69 96.19
C GLY D 628 -41.38 -15.53 96.86
N ARG D 629 -42.20 -14.81 96.10
CA ARG D 629 -42.95 -13.67 96.59
C ARG D 629 -42.04 -12.63 97.25
N GLU D 630 -40.86 -12.42 96.66
CA GLU D 630 -39.89 -11.47 97.19
C GLU D 630 -39.39 -10.49 96.15
N LEU D 631 -39.74 -10.65 94.87
CA LEU D 631 -39.32 -9.76 93.81
C LEU D 631 -40.47 -8.94 93.23
N LEU D 632 -41.58 -9.60 92.88
CA LEU D 632 -42.71 -8.90 92.30
C LEU D 632 -43.58 -8.29 93.40
N LEU D 633 -44.55 -7.49 92.99
CA LEU D 633 -45.40 -6.75 93.92
C LEU D 633 -46.77 -7.43 94.02
N GLN D 634 -47.23 -7.63 95.25
CA GLN D 634 -48.50 -8.28 95.52
C GLN D 634 -49.57 -7.25 95.85
N THR D 635 -50.83 -7.61 95.57
CA THR D 635 -51.96 -6.74 95.76
C THR D 635 -53.02 -7.42 96.63
N ASN D 636 -53.63 -6.65 97.52
CA ASN D 636 -54.69 -7.16 98.38
C ASN D 636 -55.63 -6.01 98.73
N LEU D 637 -56.85 -6.37 99.14
CA LEU D 637 -57.86 -5.41 99.53
C LEU D 637 -57.91 -5.33 101.06
N ILE D 638 -57.72 -4.13 101.59
CA ILE D 638 -57.64 -3.91 103.04
C ILE D 638 -58.67 -2.86 103.43
N ASN D 639 -59.32 -3.10 104.58
CA ASN D 639 -60.28 -2.16 105.12
C ASN D 639 -59.56 -0.96 105.75
N TYR D 640 -60.32 0.11 105.95
CA TYR D 640 -59.81 1.30 106.61
C TYR D 640 -59.94 1.17 108.12
N VAL D 641 -59.07 1.89 108.83
CA VAL D 641 -59.06 1.89 110.29
C VAL D 641 -59.11 3.33 110.79
N THR D 642 -59.87 3.56 111.86
CA THR D 642 -60.01 4.87 112.45
C THR D 642 -59.90 4.76 113.96
N SER D 643 -59.19 5.71 114.58
CA SER D 643 -58.98 5.73 116.02
C SER D 643 -59.66 6.95 116.61
N ILE D 644 -60.42 6.73 117.69
CA ILE D 644 -61.13 7.79 118.39
C ILE D 644 -60.64 7.82 119.84
N ARG D 645 -60.28 9.00 120.32
CA ARG D 645 -59.74 9.17 121.65
C ARG D 645 -60.45 10.30 122.38
N PRO D 646 -60.54 10.23 123.70
CA PRO D 646 -61.04 11.36 124.48
C PRO D 646 -59.95 12.43 124.62
N ASN D 647 -60.37 13.61 125.07
CA ASN D 647 -59.45 14.72 125.27
C ASN D 647 -58.89 14.74 126.69
N ILE D 648 -58.32 13.61 127.11
CA ILE D 648 -57.68 13.47 128.40
C ILE D 648 -56.26 12.97 128.18
N PHE D 649 -55.30 13.60 128.85
CA PHE D 649 -53.88 13.31 128.68
C PHE D 649 -53.28 12.95 130.03
N VAL D 650 -52.55 11.84 130.07
CA VAL D 650 -51.91 11.34 131.29
C VAL D 650 -50.43 11.17 131.00
N GLY D 651 -49.58 11.82 131.80
CA GLY D 651 -48.15 11.73 131.61
C GLY D 651 -47.43 11.78 132.94
N ARG D 652 -46.20 11.26 132.92
CA ARG D 652 -45.34 11.22 134.10
C ARG D 652 -44.05 11.97 133.81
N ALA D 653 -43.63 12.79 134.77
CA ALA D 653 -42.41 13.57 134.64
C ALA D 653 -41.95 13.98 136.03
N GLU D 654 -40.74 14.52 136.10
CA GLU D 654 -40.19 15.00 137.36
C GLU D 654 -41.04 16.16 137.89
N GLY D 655 -41.42 16.08 139.16
CA GLY D 655 -42.27 17.10 139.75
C GLY D 655 -43.65 17.17 139.12
N THR D 656 -44.25 16.03 138.82
CA THR D 656 -45.55 16.01 138.17
C THR D 656 -46.65 16.43 139.15
N THR D 657 -47.75 16.95 138.59
CA THR D 657 -48.90 17.39 139.37
C THR D 657 -50.13 16.54 139.11
N GLN D 658 -49.99 15.41 138.42
CA GLN D 658 -51.10 14.53 138.10
C GLN D 658 -50.87 13.15 138.72
N TYR D 659 -51.98 12.46 139.01
CA TYR D 659 -51.89 11.13 139.58
C TYR D 659 -51.33 10.15 138.56
N SER D 660 -50.47 9.25 139.02
CA SER D 660 -49.75 8.36 138.10
C SER D 660 -50.68 7.32 137.48
N LYS D 661 -51.51 6.68 138.31
CA LYS D 661 -52.32 5.55 137.86
C LYS D 661 -53.73 5.98 137.52
N TRP D 662 -54.25 5.45 136.42
CA TRP D 662 -55.61 5.74 135.98
C TRP D 662 -56.25 4.47 135.43
N TYR D 663 -57.57 4.39 135.56
CA TYR D 663 -58.33 3.19 135.23
C TYR D 663 -59.59 3.57 134.48
N PHE D 664 -59.94 2.77 133.46
CA PHE D 664 -61.18 2.97 132.74
C PHE D 664 -61.68 1.63 132.22
N GLU D 665 -62.87 1.64 131.64
CA GLU D 665 -63.47 0.46 131.06
C GLU D 665 -64.11 0.83 129.71
N VAL D 666 -64.20 -0.17 128.83
CA VAL D 666 -64.85 -0.01 127.54
C VAL D 666 -65.70 -1.24 127.27
N MET D 667 -66.92 -1.02 126.80
CA MET D 667 -67.88 -2.11 126.57
C MET D 667 -68.46 -2.00 125.18
N VAL D 668 -68.55 -3.13 124.50
CA VAL D 668 -69.08 -3.20 123.13
C VAL D 668 -70.57 -3.45 123.19
N ASP D 669 -71.30 -2.88 122.23
CA ASP D 669 -72.75 -3.03 122.15
C ASP D 669 -73.14 -4.12 121.15
N GLU D 670 -72.73 -3.96 119.90
CA GLU D 670 -73.05 -4.93 118.85
C GLU D 670 -72.07 -4.76 117.71
N VAL D 671 -71.40 -5.86 117.35
CA VAL D 671 -70.46 -5.88 116.24
C VAL D 671 -70.78 -7.08 115.35
N VAL D 672 -70.84 -6.85 114.06
CA VAL D 672 -71.01 -7.93 113.07
C VAL D 672 -69.61 -8.37 112.63
N PRO D 673 -69.23 -9.62 112.88
CA PRO D 673 -67.89 -10.06 112.51
C PRO D 673 -67.80 -10.39 111.02
N PHE D 674 -66.60 -10.21 110.48
CA PHE D 674 -66.24 -10.77 109.18
C PHE D 674 -67.04 -10.14 108.05
N LEU D 675 -67.23 -8.83 108.13
CA LEU D 675 -67.90 -8.07 107.09
C LEU D 675 -66.97 -7.83 105.91
N THR D 676 -67.57 -7.58 104.74
CA THR D 676 -66.90 -7.29 103.47
C THR D 676 -65.67 -8.16 103.22
N ALA D 677 -65.75 -9.44 103.63
CA ALA D 677 -64.72 -10.44 103.34
C ALA D 677 -63.37 -10.07 103.95
N GLN D 678 -63.39 -9.67 105.21
CA GLN D 678 -62.16 -9.46 105.98
C GLN D 678 -62.51 -9.44 107.46
N ALA D 679 -61.54 -9.82 108.29
CA ALA D 679 -61.73 -9.85 109.73
C ALA D 679 -61.88 -8.45 110.30
N THR D 680 -62.69 -8.33 111.34
CA THR D 680 -62.92 -7.04 111.98
C THR D 680 -61.76 -6.72 112.93
N HIS D 681 -61.13 -5.58 112.70
CA HIS D 681 -60.00 -5.11 113.49
C HIS D 681 -60.52 -4.23 114.62
N LEU D 682 -60.59 -4.79 115.83
CA LEU D 682 -61.14 -4.08 116.97
C LEU D 682 -60.24 -4.31 118.18
N ARG D 683 -59.63 -3.23 118.67
CA ARG D 683 -58.66 -3.27 119.77
C ARG D 683 -58.87 -2.07 120.68
N VAL D 684 -58.43 -2.21 121.93
CA VAL D 684 -58.47 -1.12 122.91
C VAL D 684 -57.13 -1.09 123.64
N GLY D 685 -56.75 0.10 124.09
CA GLY D 685 -55.51 0.27 124.82
C GLY D 685 -55.09 1.72 124.85
N TRP D 686 -53.82 1.93 125.19
CA TRP D 686 -53.22 3.26 125.28
C TRP D 686 -52.39 3.56 124.03
N ALA D 687 -51.91 4.80 123.97
CA ALA D 687 -51.03 5.23 122.90
C ALA D 687 -50.35 6.53 123.33
N LEU D 688 -49.07 6.65 122.98
CA LEU D 688 -48.32 7.86 123.30
C LEU D 688 -48.79 9.01 122.42
N THR D 689 -48.69 10.23 122.96
CA THR D 689 -49.11 11.42 122.24
C THR D 689 -48.18 11.78 121.10
N GLU D 690 -46.95 11.26 121.10
CA GLU D 690 -45.98 11.52 120.05
C GLU D 690 -45.52 10.21 119.45
N GLY D 691 -45.52 10.13 118.12
CA GLY D 691 -45.09 8.95 117.41
C GLY D 691 -46.21 8.04 116.94
N TYR D 692 -47.45 8.28 117.38
CA TYR D 692 -48.56 7.44 116.95
C TYR D 692 -48.91 7.70 115.48
N SER D 693 -49.33 8.93 115.17
CA SER D 693 -49.62 9.40 113.81
C SER D 693 -50.47 8.41 113.01
N PRO D 694 -51.75 8.22 113.35
CA PRO D 694 -52.62 7.38 112.51
C PRO D 694 -52.81 8.01 111.14
N TYR D 695 -52.75 7.19 110.10
CA TYR D 695 -53.00 7.63 108.73
C TYR D 695 -53.82 6.57 108.01
N PRO D 696 -55.08 6.86 107.67
CA PRO D 696 -55.91 5.83 107.02
C PRO D 696 -55.50 5.50 105.60
N GLY D 697 -54.76 6.38 104.93
CA GLY D 697 -54.36 6.14 103.55
C GLY D 697 -53.40 4.99 103.38
N GLY D 698 -52.27 5.05 104.10
CA GLY D 698 -51.27 4.02 104.02
C GLY D 698 -50.82 3.59 105.40
N GLY D 699 -50.20 2.41 105.45
CA GLY D 699 -49.72 1.86 106.70
C GLY D 699 -48.42 1.10 106.49
N GLU D 700 -47.68 0.95 107.59
CA GLU D 700 -46.43 0.22 107.54
C GLU D 700 -46.64 -1.25 107.21
N GLY D 701 -47.56 -1.90 107.93
CA GLY D 701 -47.91 -3.27 107.62
C GLY D 701 -48.88 -3.38 106.46
N TRP D 702 -49.09 -4.62 106.01
CA TRP D 702 -50.01 -4.85 104.89
C TRP D 702 -51.42 -4.42 105.25
N GLY D 703 -51.88 -4.75 106.46
CA GLY D 703 -53.17 -4.33 106.90
C GLY D 703 -53.17 -2.92 107.46
N GLY D 704 -54.37 -2.43 107.76
CA GLY D 704 -54.51 -1.10 108.33
C GLY D 704 -53.89 -1.04 109.71
N ASN D 705 -52.94 -0.13 109.91
CA ASN D 705 -52.26 -0.01 111.19
C ASN D 705 -53.14 0.72 112.20
N GLY D 706 -53.27 0.13 113.39
CA GLY D 706 -54.05 0.73 114.45
C GLY D 706 -53.30 0.73 115.76
N VAL D 707 -54.03 0.65 116.88
CA VAL D 707 -53.39 0.60 118.19
C VAL D 707 -52.69 -0.74 118.36
N GLY D 708 -51.46 -0.70 118.86
CA GLY D 708 -50.65 -1.89 119.03
C GLY D 708 -49.83 -2.27 117.82
N ASP D 709 -50.03 -1.61 116.68
CA ASP D 709 -49.25 -1.91 115.48
C ASP D 709 -47.85 -1.32 115.52
N ASP D 710 -47.61 -0.34 116.39
CA ASP D 710 -46.31 0.30 116.51
C ASP D 710 -45.88 0.28 117.97
N LEU D 711 -44.61 0.64 118.20
CA LEU D 711 -44.07 0.66 119.55
C LEU D 711 -44.68 1.78 120.40
N TYR D 712 -45.30 2.77 119.77
CA TYR D 712 -45.88 3.89 120.50
C TYR D 712 -47.32 3.63 120.95
N SER D 713 -47.88 2.47 120.64
CA SER D 713 -49.22 2.11 121.05
C SER D 713 -49.23 0.72 121.66
N TYR D 714 -50.15 0.53 122.61
CA TYR D 714 -50.30 -0.75 123.30
C TYR D 714 -51.77 -1.12 123.31
N GLY D 715 -52.07 -2.37 122.98
CA GLY D 715 -53.46 -2.79 122.94
C GLY D 715 -53.57 -4.29 122.75
N PHE D 716 -54.82 -4.74 122.69
CA PHE D 716 -55.11 -6.16 122.52
C PHE D 716 -56.48 -6.31 121.89
N ASP D 717 -56.70 -7.46 121.26
CA ASP D 717 -57.98 -7.80 120.66
C ASP D 717 -58.76 -8.83 121.49
N GLY D 718 -58.32 -9.09 122.72
CA GLY D 718 -58.95 -10.06 123.59
C GLY D 718 -58.28 -11.42 123.59
N LEU D 719 -57.46 -11.72 122.57
CA LEU D 719 -56.78 -13.00 122.50
C LEU D 719 -55.28 -12.82 122.30
N HIS D 720 -54.90 -11.81 121.52
CA HIS D 720 -53.50 -11.58 121.18
C HIS D 720 -53.01 -10.27 121.78
N LEU D 721 -51.75 -10.26 122.21
CA LEU D 721 -51.09 -9.06 122.69
C LEU D 721 -50.24 -8.50 121.54
N TRP D 722 -50.60 -7.30 121.09
CA TRP D 722 -50.01 -6.70 119.90
C TRP D 722 -49.14 -5.51 120.31
N THR D 723 -47.83 -5.65 120.15
CA THR D 723 -46.87 -4.58 120.42
C THR D 723 -45.94 -4.47 119.23
N GLY D 724 -46.03 -3.37 118.49
CA GLY D 724 -45.19 -3.19 117.31
C GLY D 724 -45.42 -4.20 116.21
N HIS D 725 -46.69 -4.49 115.90
CA HIS D 725 -47.06 -5.42 114.82
C HIS D 725 -46.48 -6.81 115.07
N VAL D 726 -46.47 -7.23 116.33
CA VAL D 726 -45.96 -8.55 116.69
C VAL D 726 -47.06 -9.33 117.41
N PRO D 727 -47.81 -10.17 116.72
CA PRO D 727 -48.81 -11.02 117.37
C PRO D 727 -48.20 -11.84 118.50
N ARG D 728 -48.66 -11.60 119.72
CA ARG D 728 -48.23 -12.37 120.88
C ARG D 728 -49.46 -12.99 121.53
N LEU D 729 -49.45 -14.31 121.66
CA LEU D 729 -50.58 -15.04 122.23
C LEU D 729 -50.32 -15.31 123.71
N VAL D 730 -51.27 -14.95 124.56
CA VAL D 730 -51.18 -15.16 126.00
C VAL D 730 -52.37 -16.00 126.45
N THR D 731 -52.11 -16.97 127.31
CA THR D 731 -53.16 -17.84 127.83
C THR D 731 -54.00 -17.09 128.85
N SER D 732 -55.31 -17.36 128.83
CA SER D 732 -56.24 -16.75 129.75
C SER D 732 -57.45 -17.66 129.89
N PRO D 733 -58.13 -17.65 131.04
CA PRO D 733 -59.32 -18.49 131.20
C PRO D 733 -60.44 -18.03 130.28
N GLY D 734 -60.97 -18.97 129.50
CA GLY D 734 -62.03 -18.67 128.55
C GLY D 734 -61.58 -17.68 127.48
N GLN D 735 -60.41 -17.93 126.90
CA GLN D 735 -59.86 -17.00 125.92
C GLN D 735 -60.68 -17.01 124.63
N HIS D 736 -61.05 -15.82 124.16
CA HIS D 736 -61.77 -15.67 122.90
C HIS D 736 -61.68 -14.21 122.48
N LEU D 737 -61.98 -13.96 121.21
CA LEU D 737 -61.98 -12.61 120.70
C LEU D 737 -63.16 -11.81 121.26
N LEU D 738 -63.18 -10.52 120.93
CA LEU D 738 -64.22 -9.63 121.43
C LEU D 738 -65.57 -10.02 120.85
N ALA D 739 -66.53 -10.25 121.72
CA ALA D 739 -67.89 -10.63 121.35
C ALA D 739 -68.90 -9.62 121.91
N PRO D 740 -70.07 -9.51 121.30
CA PRO D 740 -71.06 -8.55 121.80
C PRO D 740 -71.49 -8.86 123.23
N GLU D 741 -71.86 -7.79 123.94
CA GLU D 741 -72.29 -7.87 125.34
C GLU D 741 -71.16 -8.35 126.24
N ASP D 742 -69.97 -7.76 126.05
CA ASP D 742 -68.81 -8.04 126.88
C ASP D 742 -68.19 -6.73 127.32
N VAL D 743 -67.62 -6.73 128.52
CA VAL D 743 -66.99 -5.56 129.10
C VAL D 743 -65.48 -5.74 129.08
N VAL D 744 -64.76 -4.68 128.71
CA VAL D 744 -63.29 -4.70 128.65
C VAL D 744 -62.77 -3.60 129.55
N SER D 745 -61.82 -3.95 130.42
CA SER D 745 -61.25 -3.02 131.39
C SER D 745 -59.74 -2.97 131.22
N CYS D 746 -59.19 -1.76 131.27
CA CYS D 746 -57.76 -1.54 131.13
C CYS D 746 -57.27 -0.59 132.21
N CYS D 747 -56.05 -0.82 132.68
CA CYS D 747 -55.44 0.03 133.69
C CYS D 747 -53.96 0.20 133.38
N LEU D 748 -53.39 1.31 133.86
CA LEU D 748 -51.98 1.58 133.66
C LEU D 748 -51.43 2.26 134.91
N ASP D 749 -50.15 2.00 135.18
CA ASP D 749 -49.43 2.60 136.29
C ASP D 749 -48.23 3.37 135.75
N LEU D 750 -48.02 4.59 136.24
CA LEU D 750 -46.95 5.43 135.75
C LEU D 750 -45.75 5.50 136.69
N SER D 751 -45.96 5.31 137.99
CA SER D 751 -44.83 5.27 138.92
C SER D 751 -43.90 4.10 138.61
N VAL D 752 -44.48 2.94 138.33
CA VAL D 752 -43.73 1.76 137.89
C VAL D 752 -44.26 1.37 136.51
N PRO D 753 -43.41 1.01 135.55
CA PRO D 753 -43.92 0.66 134.22
C PRO D 753 -44.71 -0.64 134.23
N SER D 754 -46.02 -0.53 134.10
CA SER D 754 -46.90 -1.70 134.08
C SER D 754 -48.20 -1.32 133.39
N ILE D 755 -48.65 -2.18 132.48
CA ILE D 755 -49.89 -1.99 131.75
C ILE D 755 -50.75 -3.23 131.99
N SER D 756 -51.81 -3.08 132.78
CA SER D 756 -52.67 -4.18 133.16
C SER D 756 -53.96 -4.16 132.35
N PHE D 757 -54.50 -5.35 132.08
CA PHE D 757 -55.71 -5.50 131.31
C PHE D 757 -56.69 -6.42 132.04
N ARG D 758 -57.97 -6.27 131.72
CA ARG D 758 -59.00 -7.10 132.33
C ARG D 758 -60.14 -7.31 131.34
N ILE D 759 -60.63 -8.53 131.26
CA ILE D 759 -61.75 -8.89 130.39
C ILE D 759 -62.81 -9.58 131.22
N ASN D 760 -64.01 -8.97 131.28
CA ASN D 760 -65.14 -9.52 132.05
C ASN D 760 -64.76 -9.81 133.49
N GLY D 761 -63.95 -8.93 134.08
CA GLY D 761 -63.52 -9.11 135.45
C GLY D 761 -62.54 -10.23 135.67
N CYS D 762 -61.87 -10.70 134.61
CA CYS D 762 -60.89 -11.77 134.72
C CYS D 762 -59.49 -11.21 134.55
N PRO D 763 -58.55 -11.59 135.41
CA PRO D 763 -57.19 -11.06 135.29
C PRO D 763 -56.50 -11.58 134.03
N VAL D 764 -55.81 -10.67 133.34
CA VAL D 764 -55.08 -11.01 132.12
C VAL D 764 -53.62 -11.27 132.49
N GLN D 765 -53.08 -12.39 132.00
CA GLN D 765 -51.73 -12.82 132.33
C GLN D 765 -50.65 -12.10 131.52
N GLY D 766 -50.98 -10.98 130.87
CA GLY D 766 -50.00 -10.23 130.12
C GLY D 766 -49.89 -8.79 130.58
N VAL D 767 -48.69 -8.37 130.95
CA VAL D 767 -48.43 -7.01 131.41
C VAL D 767 -47.15 -6.51 130.74
N PHE D 768 -47.16 -5.26 130.28
CA PHE D 768 -46.00 -4.64 129.68
C PHE D 768 -45.16 -3.95 130.75
N GLU D 769 -43.87 -3.80 130.48
CA GLU D 769 -42.94 -3.21 131.44
C GLU D 769 -41.75 -2.65 130.70
N ALA D 770 -40.97 -1.84 131.43
CA ALA D 770 -39.72 -1.26 130.92
C ALA D 770 -39.95 -0.48 129.62
N PHE D 771 -41.01 0.32 129.60
CA PHE D 771 -41.31 1.19 128.47
C PHE D 771 -41.09 2.64 128.86
N ASN D 772 -40.65 3.44 127.89
CA ASN D 772 -40.34 4.83 128.15
C ASN D 772 -41.58 5.60 128.58
N LEU D 773 -41.41 6.47 129.59
CA LEU D 773 -42.49 7.24 130.16
C LEU D 773 -42.56 8.66 129.60
N ASN D 774 -41.76 8.98 128.59
CA ASN D 774 -41.79 10.30 128.00
C ASN D 774 -43.11 10.55 127.27
N GLY D 775 -43.53 11.81 127.25
CA GLY D 775 -44.78 12.17 126.61
C GLY D 775 -45.98 11.91 127.50
N LEU D 776 -47.15 11.86 126.87
CA LEU D 776 -48.41 11.67 127.56
C LEU D 776 -49.15 10.48 126.97
N PHE D 777 -50.06 9.91 127.76
CA PHE D 777 -50.84 8.76 127.37
C PHE D 777 -52.32 9.11 127.35
N PHE D 778 -53.09 8.32 126.59
CA PHE D 778 -54.52 8.55 126.46
C PHE D 778 -55.18 7.25 126.02
N PRO D 779 -56.41 6.99 126.45
CA PRO D 779 -57.14 5.84 125.90
C PRO D 779 -57.46 6.04 124.43
N VAL D 780 -57.48 4.94 123.69
CA VAL D 780 -57.74 4.97 122.26
C VAL D 780 -58.27 3.60 121.83
N VAL D 781 -59.25 3.62 120.93
CA VAL D 781 -59.84 2.40 120.38
C VAL D 781 -59.79 2.49 118.86
N SER D 782 -59.37 1.40 118.22
CA SER D 782 -59.32 1.29 116.77
C SER D 782 -60.42 0.32 116.35
N PHE D 783 -61.49 0.86 115.76
CA PHE D 783 -62.64 0.07 115.34
C PHE D 783 -62.75 0.07 113.82
N SER D 784 -63.15 -1.07 113.27
CA SER D 784 -63.34 -1.21 111.84
C SER D 784 -64.77 -0.88 111.46
N ALA D 785 -65.14 -1.19 110.21
CA ALA D 785 -66.49 -0.92 109.74
C ALA D 785 -67.50 -1.83 110.44
N GLY D 786 -68.69 -1.30 110.69
CA GLY D 786 -69.73 -2.07 111.34
C GLY D 786 -69.42 -2.45 112.78
N VAL D 787 -68.77 -1.57 113.53
CA VAL D 787 -68.41 -1.82 114.92
C VAL D 787 -69.05 -0.74 115.77
N LYS D 788 -69.82 -1.16 116.79
CA LYS D 788 -70.45 -0.25 117.73
C LYS D 788 -69.86 -0.51 119.11
N VAL D 789 -69.10 0.46 119.62
CA VAL D 789 -68.45 0.34 120.92
C VAL D 789 -68.87 1.52 121.78
N ARG D 790 -68.85 1.31 123.10
CA ARG D 790 -69.30 2.32 124.05
C ARG D 790 -68.27 2.49 125.16
N PHE D 791 -67.98 3.73 125.50
CA PHE D 791 -66.99 4.06 126.51
C PHE D 791 -67.60 4.09 127.91
N LEU D 792 -66.84 3.59 128.88
CA LEU D 792 -67.18 3.67 130.30
C LEU D 792 -66.05 4.43 130.98
N LEU D 793 -66.14 5.76 130.98
CA LEU D 793 -65.08 6.60 131.50
C LEU D 793 -65.22 6.88 132.99
N GLY D 794 -66.30 6.46 133.63
CA GLY D 794 -66.47 6.65 135.05
C GLY D 794 -66.98 8.03 135.42
N GLY D 795 -67.01 8.26 136.73
CA GLY D 795 -67.54 9.51 137.24
C GLY D 795 -69.04 9.61 137.02
N ARG D 796 -69.52 10.84 136.91
CA ARG D 796 -70.93 11.07 136.61
C ARG D 796 -71.25 10.82 135.15
N HIS D 797 -70.25 10.79 134.28
CA HIS D 797 -70.48 10.57 132.85
C HIS D 797 -70.63 9.09 132.51
N GLY D 798 -69.89 8.23 133.19
CA GLY D 798 -69.93 6.80 132.90
C GLY D 798 -70.15 5.97 134.15
N GLU D 799 -70.78 4.82 133.96
CA GLU D 799 -71.08 3.90 135.05
C GLU D 799 -70.18 2.68 134.93
N PHE D 800 -69.52 2.32 136.04
CA PHE D 800 -68.61 1.18 136.05
C PHE D 800 -69.40 -0.11 136.26
N LYS D 801 -69.28 -1.04 135.30
CA LYS D 801 -69.84 -2.37 135.50
C LYS D 801 -69.06 -3.17 136.53
N PHE D 802 -67.75 -2.93 136.61
CA PHE D 802 -66.88 -3.56 137.59
C PHE D 802 -66.17 -2.49 138.40
N LEU D 803 -66.04 -2.73 139.71
CA LEU D 803 -65.40 -1.76 140.58
C LEU D 803 -63.92 -1.62 140.24
N PRO D 804 -63.38 -0.41 140.30
CA PRO D 804 -61.95 -0.21 140.03
C PRO D 804 -61.09 -0.91 141.08
N PRO D 805 -59.96 -1.49 140.67
CA PRO D 805 -59.05 -2.06 141.65
C PRO D 805 -58.48 -0.98 142.54
N PRO D 806 -58.15 -1.30 143.79
CA PRO D 806 -57.65 -0.28 144.72
C PRO D 806 -56.34 0.32 144.24
N GLY D 807 -56.14 1.60 144.53
CA GLY D 807 -54.95 2.31 144.13
C GLY D 807 -54.99 2.92 142.76
N TYR D 808 -56.12 2.84 142.06
CA TYR D 808 -56.25 3.41 140.72
C TYR D 808 -57.55 4.20 140.64
N ALA D 809 -57.47 5.41 140.04
CA ALA D 809 -58.58 6.35 139.95
C ALA D 809 -59.22 6.30 138.57
N PRO D 810 -60.51 6.58 138.46
CA PRO D 810 -61.16 6.62 137.15
C PRO D 810 -60.62 7.75 136.29
N CYS D 811 -60.62 7.50 134.98
CA CYS D 811 -60.07 8.48 134.03
C CYS D 811 -60.93 9.73 133.90
N HIS D 812 -62.18 9.69 134.38
CA HIS D 812 -63.05 10.85 134.29
C HIS D 812 -62.48 12.06 135.04
N GLU D 813 -61.68 11.82 136.08
CA GLU D 813 -61.06 12.93 136.81
C GLU D 813 -59.91 13.55 136.03
N ALA D 814 -59.33 12.82 135.08
CA ALA D 814 -58.19 13.31 134.31
C ALA D 814 -58.56 14.39 133.30
N VAL D 815 -59.81 14.85 133.27
CA VAL D 815 -60.19 15.90 132.33
C VAL D 815 -59.49 17.21 132.71
N LEU D 816 -59.15 18.00 131.70
CA LEU D 816 -58.48 19.27 131.93
C LEU D 816 -59.39 20.24 132.67
N PRO D 817 -58.84 21.05 133.57
CA PRO D 817 -59.68 22.02 134.28
C PRO D 817 -60.36 23.04 133.38
N ARG D 818 -59.70 23.46 132.30
CA ARG D 818 -60.22 24.48 131.41
C ARG D 818 -60.84 23.90 130.13
N GLU D 819 -60.87 22.59 129.99
CA GLU D 819 -61.41 21.94 128.80
C GLU D 819 -62.42 20.88 129.21
N ARG D 820 -63.53 20.81 128.48
CA ARG D 820 -64.55 19.80 128.73
C ARG D 820 -64.12 18.46 128.16
N LEU D 821 -64.93 17.44 128.39
CA LEU D 821 -64.65 16.09 127.91
C LEU D 821 -65.38 15.86 126.60
N ARG D 822 -64.64 15.40 125.59
CA ARG D 822 -65.22 15.15 124.27
C ARG D 822 -64.34 14.15 123.54
N LEU D 823 -64.91 13.54 122.51
CA LEU D 823 -64.22 12.55 121.69
C LEU D 823 -63.84 13.17 120.35
N GLU D 824 -62.56 13.08 120.00
CA GLU D 824 -62.04 13.66 118.77
C GLU D 824 -61.06 12.69 118.13
N PRO D 825 -60.93 12.72 116.81
CA PRO D 825 -59.93 11.89 116.15
C PRO D 825 -58.51 12.38 116.41
N ILE D 826 -57.54 11.55 116.03
CA ILE D 826 -56.13 11.82 116.26
C ILE D 826 -55.48 12.22 114.94
N LYS D 827 -54.87 13.40 114.91
CA LYS D 827 -54.15 13.90 113.74
C LYS D 827 -55.02 13.90 112.49
N GLU D 828 -56.28 14.29 112.65
CA GLU D 828 -57.20 14.34 111.52
C GLU D 828 -56.88 15.54 110.64
N TYR D 829 -56.49 15.27 109.39
CA TYR D 829 -56.16 16.33 108.44
C TYR D 829 -57.36 16.80 107.63
N ARG D 830 -58.53 16.21 107.84
CA ARG D 830 -59.74 16.66 107.17
C ARG D 830 -60.94 16.34 108.05
N ARG D 831 -61.88 17.26 108.12
CA ARG D 831 -63.09 17.09 108.93
C ARG D 831 -64.30 17.49 108.11
N GLU D 832 -65.45 16.91 108.47
CA GLU D 832 -66.69 17.22 107.79
C GLU D 832 -67.14 18.65 108.11
N GLY D 833 -67.53 19.39 107.07
CA GLY D 833 -67.96 20.75 107.24
C GLY D 833 -69.31 21.01 106.60
N PRO D 834 -69.98 22.09 107.04
CA PRO D 834 -71.30 22.39 106.47
C PRO D 834 -71.25 22.71 104.98
N ARG D 835 -70.44 23.69 104.58
CA ARG D 835 -70.34 24.05 103.18
C ARG D 835 -69.54 23.01 102.39
N GLY D 836 -68.46 22.50 102.98
CA GLY D 836 -67.62 21.52 102.33
C GLY D 836 -66.55 20.99 103.26
N PRO D 837 -65.70 20.10 102.76
CA PRO D 837 -64.63 19.55 103.59
C PRO D 837 -63.66 20.64 104.02
N HIS D 838 -63.34 20.67 105.32
CA HIS D 838 -62.45 21.66 105.88
C HIS D 838 -61.07 21.04 106.09
N LEU D 839 -60.06 21.62 105.46
CA LEU D 839 -58.70 21.11 105.59
C LEU D 839 -58.11 21.55 106.92
N VAL D 840 -57.49 20.62 107.63
CA VAL D 840 -56.92 20.87 108.95
C VAL D 840 -55.44 20.52 108.90
N GLY D 841 -54.60 21.46 109.35
CA GLY D 841 -53.18 21.24 109.43
C GLY D 841 -52.77 20.58 110.73
N PRO D 842 -51.49 20.65 111.07
CA PRO D 842 -51.05 20.08 112.35
C PRO D 842 -51.68 20.79 113.53
N SER D 843 -51.92 20.05 114.60
CA SER D 843 -52.54 20.57 115.81
C SER D 843 -51.57 20.44 116.97
N ARG D 844 -51.40 21.53 117.72
CA ARG D 844 -50.53 21.51 118.88
C ARG D 844 -51.11 20.64 119.99
N CYS D 845 -50.23 20.02 120.76
CA CYS D 845 -50.63 19.14 121.84
C CYS D 845 -49.69 19.33 123.02
N LEU D 846 -50.18 18.95 124.21
CA LEU D 846 -49.40 19.06 125.42
C LEU D 846 -48.29 18.01 125.44
N SER D 847 -47.32 18.21 126.32
CA SER D 847 -46.18 17.31 126.46
C SER D 847 -45.89 17.12 127.94
N HIS D 848 -44.89 16.28 128.24
CA HIS D 848 -44.58 15.92 129.61
C HIS D 848 -43.92 17.05 130.38
N THR D 849 -43.32 18.03 129.69
CA THR D 849 -42.64 19.11 130.39
C THR D 849 -43.62 20.08 131.04
N ASP D 850 -44.88 20.07 130.63
CA ASP D 850 -45.89 20.91 131.24
C ASP D 850 -46.45 20.18 132.48
N PHE D 851 -47.45 20.77 133.13
CA PHE D 851 -48.02 20.30 134.39
C PHE D 851 -46.96 20.15 135.48
N VAL D 852 -45.85 20.87 135.36
CA VAL D 852 -44.76 20.82 136.32
C VAL D 852 -44.43 22.25 136.75
N PRO D 853 -44.52 22.57 138.04
CA PRO D 853 -44.15 23.92 138.48
C PRO D 853 -42.65 24.17 138.33
N CYS D 854 -42.32 25.42 138.02
CA CYS D 854 -40.94 25.85 137.86
C CYS D 854 -40.65 26.98 138.85
N PRO D 855 -39.95 26.71 139.96
CA PRO D 855 -39.67 27.73 140.98
C PRO D 855 -38.76 28.85 140.48
N HIS D 866 -35.33 50.06 154.21
CA HIS D 866 -36.35 50.65 153.34
C HIS D 866 -37.32 49.58 152.85
N LEU D 867 -36.77 48.44 152.41
CA LEU D 867 -37.62 47.34 151.94
C LEU D 867 -38.48 46.79 153.06
N GLU D 868 -37.91 46.62 154.25
CA GLU D 868 -38.68 46.13 155.39
C GLU D 868 -39.76 47.12 155.79
N ARG D 869 -39.45 48.41 155.79
CA ARG D 869 -40.44 49.42 156.15
C ARG D 869 -41.57 49.45 155.14
N ILE D 870 -41.25 49.33 153.84
CA ILE D 870 -42.29 49.33 152.82
C ILE D 870 -43.12 48.05 152.91
N ARG D 871 -42.48 46.93 153.23
CA ARG D 871 -43.21 45.67 153.38
C ARG D 871 -44.19 45.71 154.53
N GLU D 872 -43.80 46.33 155.65
CA GLU D 872 -44.71 46.42 156.80
C GLU D 872 -45.93 47.27 156.46
N LYS D 873 -45.74 48.39 155.75
CA LYS D 873 -46.86 49.22 155.36
C LYS D 873 -47.78 48.49 154.39
N LEU D 874 -47.20 47.78 153.41
CA LEU D 874 -48.02 47.03 152.46
C LEU D 874 -48.76 45.88 153.15
N ALA D 875 -48.11 45.20 154.09
CA ALA D 875 -48.78 44.11 154.80
C ALA D 875 -49.94 44.64 155.63
N GLU D 876 -49.75 45.78 156.30
CA GLU D 876 -50.83 46.38 157.06
C GLU D 876 -52.00 46.77 156.16
N ASN D 877 -51.71 47.35 155.00
CA ASN D 877 -52.76 47.67 154.04
C ASN D 877 -53.41 46.41 153.49
N ILE D 878 -52.63 45.35 153.26
CA ILE D 878 -53.19 44.08 152.82
C ILE D 878 -54.11 43.51 153.88
N HIS D 879 -53.69 43.57 155.15
CA HIS D 879 -54.56 43.14 156.25
C HIS D 879 -55.81 44.01 156.32
N GLU D 880 -55.65 45.33 156.13
CA GLU D 880 -56.81 46.20 156.06
C GLU D 880 -57.67 45.89 154.84
N LEU D 881 -57.03 45.53 153.72
CA LEU D 881 -57.79 45.15 152.53
C LEU D 881 -58.55 43.84 152.75
N TRP D 882 -58.02 42.95 153.58
CA TRP D 882 -58.74 41.72 153.90
C TRP D 882 -60.02 42.03 154.65
N ALA D 883 -59.97 43.00 155.57
CA ALA D 883 -61.17 43.41 156.28
C ALA D 883 -62.15 44.15 155.36
N LEU D 884 -61.63 44.78 154.30
CA LEU D 884 -62.51 45.47 153.36
C LEU D 884 -63.43 44.48 152.66
N THR D 885 -62.90 43.34 152.22
CA THR D 885 -63.73 42.30 151.62
C THR D 885 -64.42 41.44 152.67
N ARG D 886 -63.95 41.48 153.92
CA ARG D 886 -64.63 40.74 154.98
C ARG D 886 -65.92 41.44 155.40
N ILE D 887 -65.89 42.77 155.53
CA ILE D 887 -67.10 43.50 155.89
C ILE D 887 -68.09 43.51 154.74
N GLU D 888 -67.60 43.39 153.50
CA GLU D 888 -68.49 43.30 152.35
C GLU D 888 -69.33 42.02 152.40
N GLN D 889 -68.72 40.91 152.84
CA GLN D 889 -69.45 39.66 152.99
C GLN D 889 -70.23 39.58 154.30
N GLY D 890 -70.06 40.55 155.20
CA GLY D 890 -70.76 40.58 156.47
C GLY D 890 -69.97 40.10 157.66
N TRP D 891 -68.69 39.81 157.51
CA TRP D 891 -67.88 39.33 158.62
C TRP D 891 -67.59 40.46 159.62
N THR D 892 -67.52 40.09 160.89
CA THR D 892 -67.16 40.98 161.98
C THR D 892 -65.89 40.49 162.66
N TYR D 893 -65.54 41.11 163.77
CA TYR D 893 -64.35 40.75 164.53
C TYR D 893 -64.73 39.92 165.75
N GLY D 894 -64.00 38.84 165.97
CA GLY D 894 -64.23 37.96 167.10
C GLY D 894 -62.99 37.22 167.51
N PRO D 895 -63.11 36.37 168.53
CA PRO D 895 -61.94 35.61 169.00
C PRO D 895 -61.45 34.58 167.99
N VAL D 896 -62.37 33.90 167.32
CA VAL D 896 -62.04 32.86 166.36
C VAL D 896 -62.77 33.13 165.05
N ARG D 897 -62.24 32.55 163.98
CA ARG D 897 -62.82 32.69 162.64
C ARG D 897 -63.80 31.56 162.41
N ASP D 898 -65.10 31.88 162.39
CA ASP D 898 -66.15 30.91 162.17
C ASP D 898 -67.08 31.41 161.08
N ASP D 899 -67.52 30.50 160.20
CA ASP D 899 -68.43 30.88 159.12
C ASP D 899 -69.80 31.26 159.67
N ASN D 900 -70.32 30.49 160.63
CA ASN D 900 -71.63 30.76 161.19
C ASN D 900 -71.64 31.92 162.17
N LYS D 901 -70.57 32.09 162.95
CA LYS D 901 -70.52 33.15 163.95
C LYS D 901 -70.31 34.53 163.34
N ARG D 902 -69.91 34.61 162.06
CA ARG D 902 -69.69 35.89 161.38
C ARG D 902 -68.66 36.74 162.12
N LEU D 903 -67.62 36.10 162.63
CA LEU D 903 -66.55 36.78 163.36
C LEU D 903 -65.21 36.27 162.86
N HIS D 904 -64.26 37.20 162.66
CA HIS D 904 -62.92 36.85 162.21
C HIS D 904 -61.91 37.66 163.03
N PRO D 905 -60.80 37.05 163.43
CA PRO D 905 -59.90 37.74 164.38
C PRO D 905 -59.06 38.84 163.75
N CYS D 906 -58.67 38.70 162.50
CA CYS D 906 -57.81 39.69 161.87
C CYS D 906 -58.59 40.79 161.13
N LEU D 907 -59.92 40.78 161.22
CA LEU D 907 -60.71 41.85 160.63
C LEU D 907 -60.46 43.19 161.31
N VAL D 908 -59.93 43.19 162.53
CA VAL D 908 -59.53 44.39 163.23
C VAL D 908 -58.18 44.81 162.65
N ASP D 909 -57.72 46.02 162.97
CA ASP D 909 -56.48 46.54 162.42
C ASP D 909 -55.32 45.58 162.67
N PHE D 910 -54.31 45.66 161.80
CA PHE D 910 -53.19 44.72 161.87
C PHE D 910 -52.41 44.88 163.17
N HIS D 911 -52.24 46.13 163.63
CA HIS D 911 -51.55 46.35 164.90
C HIS D 911 -52.31 45.72 166.06
N SER D 912 -53.63 45.87 166.07
CA SER D 912 -54.45 45.23 167.08
C SER D 912 -54.65 43.75 166.82
N LEU D 913 -54.36 43.29 165.61
CA LEU D 913 -54.41 41.86 165.30
C LEU D 913 -53.28 41.13 166.03
N PRO D 914 -53.41 39.82 166.22
CA PRO D 914 -52.34 39.07 166.90
C PRO D 914 -51.01 39.25 166.19
N GLU D 915 -49.95 39.46 166.99
CA GLU D 915 -48.63 39.70 166.43
C GLU D 915 -48.10 38.55 165.59
N PRO D 916 -48.17 37.28 166.01
CA PRO D 916 -47.71 36.20 165.12
C PRO D 916 -48.45 36.15 163.80
N GLU D 917 -49.75 36.45 163.79
CA GLU D 917 -50.48 36.52 162.54
C GLU D 917 -49.98 37.68 161.68
N ARG D 918 -49.72 38.83 162.30
CA ARG D 918 -49.17 39.96 161.56
C ARG D 918 -47.74 39.70 161.11
N ASN D 919 -46.96 38.99 161.92
CA ASN D 919 -45.60 38.65 161.53
C ASN D 919 -45.58 37.74 160.31
N TYR D 920 -46.55 36.83 160.20
CA TYR D 920 -46.65 35.98 159.02
C TYR D 920 -46.91 36.80 157.76
N ASN D 921 -47.73 37.85 157.87
CA ASN D 921 -47.95 38.73 156.73
C ASN D 921 -46.67 39.45 156.31
N LEU D 922 -45.83 39.83 157.28
CA LEU D 922 -44.55 40.43 156.96
C LEU D 922 -43.66 39.45 156.19
N GLN D 923 -43.66 38.18 156.60
CA GLN D 923 -42.91 37.17 155.87
C GLN D 923 -43.44 37.00 154.45
N MET D 924 -44.76 37.00 154.30
CA MET D 924 -45.34 36.93 152.96
C MET D 924 -44.99 38.18 152.15
N SER D 925 -45.05 39.36 152.77
CA SER D 925 -44.61 40.56 152.10
C SER D 925 -43.11 40.53 151.80
N GLY D 926 -42.32 40.02 152.74
CA GLY D 926 -40.90 39.86 152.48
C GLY D 926 -40.62 38.88 151.35
N GLU D 927 -41.36 37.77 151.32
CA GLU D 927 -41.25 36.85 150.19
C GLU D 927 -41.71 37.50 148.89
N THR D 928 -42.77 38.30 148.96
CA THR D 928 -43.22 39.04 147.77
C THR D 928 -42.14 40.02 147.31
N LEU D 929 -41.50 40.71 148.26
CA LEU D 929 -40.41 41.61 147.89
C LEU D 929 -39.23 40.85 147.30
N LYS D 930 -38.99 39.61 147.76
CA LYS D 930 -37.94 38.79 147.19
C LYS D 930 -38.24 38.38 145.75
N THR D 931 -39.51 38.39 145.35
CA THR D 931 -39.86 38.07 143.97
C THR D 931 -39.71 39.28 143.06
N LEU D 932 -39.79 40.50 143.61
CA LEU D 932 -39.64 41.70 142.79
C LEU D 932 -38.23 41.81 142.23
N LEU D 933 -37.22 41.49 143.04
CA LEU D 933 -35.84 41.56 142.56
C LEU D 933 -35.55 40.49 141.52
N ALA D 934 -36.24 39.34 141.59
CA ALA D 934 -36.06 38.31 140.59
C ALA D 934 -36.51 38.77 139.21
N LEU D 935 -37.64 39.48 139.13
CA LEU D 935 -38.13 39.97 137.84
C LEU D 935 -37.25 41.11 137.33
N GLY D 936 -36.77 41.97 138.22
CA GLY D 936 -35.93 43.08 137.84
C GLY D 936 -36.57 44.45 137.88
N CYS D 937 -37.80 44.55 138.36
CA CYS D 937 -38.49 45.84 138.42
C CYS D 937 -37.88 46.72 139.50
N HIS D 938 -37.85 48.03 139.23
CA HIS D 938 -37.33 49.02 140.16
C HIS D 938 -38.50 49.85 140.69
N VAL D 939 -38.61 49.95 142.01
CA VAL D 939 -39.67 50.70 142.67
C VAL D 939 -39.04 51.80 143.52
N GLY D 940 -39.67 52.97 143.50
CA GLY D 940 -39.20 54.10 144.27
C GLY D 940 -40.21 55.21 144.30
N MET D 941 -40.26 55.92 145.42
CA MET D 941 -41.19 57.03 145.61
C MET D 941 -40.40 58.32 145.80
N ALA D 942 -40.74 59.34 145.02
CA ALA D 942 -40.09 60.64 145.10
C ALA D 942 -40.93 61.69 145.80
N ASP D 943 -42.15 61.36 146.20
CA ASP D 943 -43.04 62.29 146.89
C ASP D 943 -43.42 61.70 148.24
N GLU D 944 -43.03 62.38 149.31
CA GLU D 944 -43.37 61.91 150.66
C GLU D 944 -44.82 62.17 151.02
N LYS D 945 -45.46 63.14 150.38
CA LYS D 945 -46.86 63.43 150.70
C LYS D 945 -47.79 62.32 150.27
N ALA D 946 -47.49 61.65 149.15
CA ALA D 946 -48.32 60.55 148.69
C ALA D 946 -48.34 59.39 149.67
N GLU D 947 -47.17 59.05 150.23
CA GLU D 947 -47.11 57.98 151.21
C GLU D 947 -47.81 58.36 152.51
N ASP D 948 -47.71 59.62 152.92
CA ASP D 948 -48.36 60.06 154.15
C ASP D 948 -49.87 60.10 154.03
N ASN D 949 -50.40 60.25 152.81
CA ASN D 949 -51.84 60.30 152.63
C ASN D 949 -52.46 58.93 152.92
N LEU D 950 -53.59 58.95 153.61
CA LEU D 950 -54.30 57.74 153.98
C LEU D 950 -55.80 57.93 153.75
N ARG D 951 -56.51 56.81 153.61
CA ARG D 951 -57.95 56.87 153.40
C ARG D 951 -58.65 57.44 154.63
N LYS D 952 -59.59 58.35 154.39
CA LYS D 952 -60.34 58.99 155.46
C LYS D 952 -61.82 59.00 155.09
N THR D 953 -62.66 58.74 156.10
CA THR D 953 -64.12 58.71 155.98
C THR D 953 -64.61 57.68 154.96
N LYS D 954 -63.76 56.73 154.56
CA LYS D 954 -64.16 55.69 153.62
C LYS D 954 -64.86 54.52 154.29
N LEU D 955 -64.87 54.48 155.63
CA LEU D 955 -65.50 53.39 156.37
C LEU D 955 -66.70 53.92 157.14
N PRO D 956 -67.93 53.73 156.66
CA PRO D 956 -69.10 54.21 157.40
C PRO D 956 -69.40 53.36 158.62
N LYS D 957 -70.52 53.65 159.29
CA LYS D 957 -70.90 52.85 160.46
C LYS D 957 -71.17 51.40 160.09
N THR D 958 -71.58 51.15 158.84
CA THR D 958 -71.76 49.77 158.38
C THR D 958 -70.43 49.03 158.32
N TYR D 959 -69.35 49.73 157.95
CA TYR D 959 -68.04 49.10 157.89
C TYR D 959 -67.50 48.74 159.28
N MET D 960 -68.01 49.37 160.33
CA MET D 960 -67.57 49.06 161.68
C MET D 960 -68.02 47.65 162.06
N MET D 961 -67.14 46.92 162.74
CA MET D 961 -67.44 45.56 163.15
C MET D 961 -68.28 45.59 164.43
N SER D 962 -68.46 44.42 165.07
CA SER D 962 -69.23 44.35 166.29
C SER D 962 -68.56 45.13 167.43
N ASN D 963 -67.23 45.16 167.44
CA ASN D 963 -66.52 45.90 168.48
C ASN D 963 -66.60 47.41 168.27
N GLY D 964 -66.73 47.85 167.03
CA GLY D 964 -66.84 49.27 166.71
C GLY D 964 -65.70 49.83 165.88
N TYR D 965 -64.64 49.07 165.63
CA TYR D 965 -63.53 49.58 164.84
C TYR D 965 -63.87 49.59 163.35
N LYS D 966 -63.48 50.66 162.67
CA LYS D 966 -63.74 50.81 161.24
C LYS D 966 -62.44 50.61 160.48
N PRO D 967 -62.31 49.56 159.66
CA PRO D 967 -61.07 49.35 158.91
C PRO D 967 -60.86 50.44 157.87
N ALA D 968 -59.60 50.84 157.71
CA ALA D 968 -59.22 51.86 156.75
C ALA D 968 -58.11 51.34 155.85
N PRO D 969 -58.28 51.33 154.53
CA PRO D 969 -57.20 50.85 153.66
C PRO D 969 -55.93 51.68 153.73
N LEU D 970 -56.03 52.94 154.15
CA LEU D 970 -54.88 53.85 154.27
C LEU D 970 -54.15 54.00 152.94
N ASP D 971 -54.89 53.97 151.83
CA ASP D 971 -54.31 54.12 150.51
C ASP D 971 -55.39 54.61 149.56
N LEU D 972 -55.30 55.88 149.14
CA LEU D 972 -56.29 56.42 148.22
C LEU D 972 -56.23 55.74 146.87
N SER D 973 -55.01 55.46 146.37
CA SER D 973 -54.80 54.83 145.07
C SER D 973 -55.50 55.62 143.95
N HIS D 974 -55.41 56.95 144.03
CA HIS D 974 -56.05 57.79 143.02
C HIS D 974 -55.36 57.66 141.67
N VAL D 975 -54.04 57.50 141.65
CA VAL D 975 -53.32 57.38 140.40
C VAL D 975 -53.63 56.05 139.74
N ARG D 976 -53.47 55.99 138.42
CA ARG D 976 -53.76 54.81 137.64
C ARG D 976 -52.46 54.05 137.33
N LEU D 977 -52.53 52.73 137.40
CA LEU D 977 -51.37 51.91 137.13
C LEU D 977 -50.99 51.98 135.65
N THR D 978 -49.68 51.90 135.38
CA THR D 978 -49.20 51.96 134.02
C THR D 978 -49.61 50.71 133.25
N PRO D 979 -49.76 50.81 131.93
CA PRO D 979 -50.08 49.61 131.13
C PRO D 979 -49.05 48.51 131.27
N ALA D 980 -47.79 48.85 131.45
CA ALA D 980 -46.77 47.84 131.72
C ALA D 980 -46.84 47.32 133.15
N GLN D 981 -47.35 48.12 134.09
CA GLN D 981 -47.42 47.69 135.49
C GLN D 981 -48.34 46.48 135.66
N THR D 982 -49.50 46.49 135.00
CA THR D 982 -50.42 45.36 135.12
C THR D 982 -49.85 44.11 134.45
N THR D 983 -49.03 44.29 133.39
CA THR D 983 -48.35 43.14 132.80
C THR D 983 -47.32 42.57 133.77
N LEU D 984 -46.58 43.44 134.47
CA LEU D 984 -45.65 42.98 135.48
C LEU D 984 -46.38 42.36 136.67
N VAL D 985 -47.52 42.92 137.05
CA VAL D 985 -48.28 42.36 138.17
C VAL D 985 -48.78 40.97 137.85
N ASP D 986 -49.15 40.72 136.58
CA ASP D 986 -49.57 39.38 136.19
C ASP D 986 -48.44 38.38 136.30
N ARG D 987 -47.21 38.80 135.99
CA ARG D 987 -46.06 37.91 136.14
C ARG D 987 -45.84 37.53 137.61
N LEU D 988 -45.98 38.49 138.52
CA LEU D 988 -45.86 38.18 139.94
C LEU D 988 -46.99 37.26 140.39
N ALA D 989 -48.20 37.49 139.90
CA ALA D 989 -49.32 36.61 140.22
C ALA D 989 -49.07 35.19 139.72
N GLU D 990 -48.53 35.04 138.52
CA GLU D 990 -48.17 33.72 138.02
C GLU D 990 -47.08 33.08 138.88
N ASN D 991 -46.08 33.87 139.26
CA ASN D 991 -45.01 33.33 140.12
C ASN D 991 -45.53 33.02 141.51
N GLY D 992 -46.40 33.87 142.05
CA GLY D 992 -46.98 33.60 143.36
C GLY D 992 -47.79 32.33 143.41
N HIS D 993 -48.58 32.07 142.38
CA HIS D 993 -49.29 30.80 142.28
C HIS D 993 -48.33 29.64 142.01
N ASN D 994 -47.21 29.92 141.35
CA ASN D 994 -46.26 28.86 141.01
C ASN D 994 -45.58 28.31 142.26
N VAL D 995 -45.08 29.20 143.13
CA VAL D 995 -44.40 28.73 144.34
C VAL D 995 -45.39 28.03 145.26
N TRP D 996 -46.64 28.48 145.30
CA TRP D 996 -47.66 27.78 146.09
C TRP D 996 -47.87 26.37 145.57
N ALA D 997 -47.88 26.18 144.24
CA ALA D 997 -47.97 24.85 143.68
C ALA D 997 -46.71 24.04 143.97
N ARG D 998 -45.55 24.69 143.98
CA ARG D 998 -44.31 23.99 144.32
C ARG D 998 -44.35 23.46 145.75
N ASP D 999 -44.91 24.25 146.68
CA ASP D 999 -45.09 23.77 148.05
C ASP D 999 -46.19 22.73 148.16
N ARG D 1000 -47.15 22.73 147.24
CA ARG D 1000 -48.23 21.75 147.30
C ARG D 1000 -47.74 20.36 146.93
N VAL D 1001 -46.95 20.26 145.85
CA VAL D 1001 -46.42 18.96 145.45
C VAL D 1001 -45.39 18.47 146.46
N ALA D 1002 -44.64 19.38 147.08
CA ALA D 1002 -43.67 18.97 148.10
C ALA D 1002 -44.36 18.35 149.30
N GLN D 1003 -45.52 18.88 149.70
CA GLN D 1003 -46.24 18.30 150.83
C GLN D 1003 -46.75 16.90 150.50
N GLY D 1004 -47.13 16.65 149.26
CA GLY D 1004 -47.56 15.33 148.80
C GLY D 1004 -48.89 15.31 148.07
N TRP D 1005 -49.68 16.39 148.16
CA TRP D 1005 -50.99 16.44 147.52
C TRP D 1005 -50.84 17.13 146.17
N SER D 1006 -50.85 16.34 145.10
CA SER D 1006 -50.80 16.86 143.74
C SER D 1006 -51.96 16.25 142.96
N TYR D 1007 -52.82 17.09 142.40
CA TYR D 1007 -54.02 16.63 141.72
C TYR D 1007 -54.57 17.77 140.89
N SER D 1008 -55.24 17.41 139.77
CA SER D 1008 -55.73 18.42 138.84
C SER D 1008 -57.15 18.12 138.37
N ALA D 1009 -58.00 17.57 139.24
CA ALA D 1009 -59.38 17.26 138.89
C ALA D 1009 -60.34 18.20 139.61
N VAL D 1010 -61.52 18.37 139.00
CA VAL D 1010 -62.54 19.25 139.56
C VAL D 1010 -63.29 18.64 140.72
N GLN D 1011 -63.11 17.35 140.98
CA GLN D 1011 -63.81 16.67 142.07
C GLN D 1011 -63.05 16.83 143.37
N ASP D 1012 -63.73 16.52 144.48
CA ASP D 1012 -63.16 16.61 145.82
C ASP D 1012 -62.77 15.22 146.29
N ILE D 1013 -61.48 15.02 146.55
CA ILE D 1013 -60.95 13.74 146.99
C ILE D 1013 -60.10 13.97 148.24
N PRO D 1014 -60.22 13.12 149.27
CA PRO D 1014 -59.44 13.34 150.50
C PRO D 1014 -57.93 13.39 150.28
N ALA D 1015 -57.40 12.64 149.30
CA ALA D 1015 -55.98 12.70 149.02
C ALA D 1015 -55.57 14.10 148.57
N ARG D 1016 -56.32 14.69 147.64
CA ARG D 1016 -56.10 16.06 147.20
C ARG D 1016 -57.37 16.54 146.52
N ARG D 1017 -58.00 17.56 147.09
CA ARG D 1017 -59.28 18.06 146.61
C ARG D 1017 -59.18 19.50 146.08
N ASN D 1018 -58.10 19.79 145.35
CA ASN D 1018 -57.87 21.12 144.81
C ASN D 1018 -57.82 21.07 143.29
N PRO D 1019 -58.76 21.70 142.59
CA PRO D 1019 -58.69 21.70 141.12
C PRO D 1019 -57.76 22.76 140.54
N ARG D 1020 -57.43 23.80 141.30
CA ARG D 1020 -56.59 24.89 140.82
C ARG D 1020 -55.11 24.64 141.09
N LEU D 1021 -54.71 23.39 141.30
CA LEU D 1021 -53.31 23.07 141.55
C LEU D 1021 -52.46 23.09 140.28
N VAL D 1022 -53.09 23.16 139.12
CA VAL D 1022 -52.39 23.19 137.83
C VAL D 1022 -51.58 24.49 137.74
N PRO D 1023 -50.54 24.56 136.91
CA PRO D 1023 -49.78 25.80 136.78
C PRO D 1023 -50.65 26.96 136.31
N TYR D 1024 -50.09 28.17 136.43
CA TYR D 1024 -50.86 29.37 136.16
C TYR D 1024 -51.34 29.43 134.71
N ARG D 1025 -50.60 28.81 133.79
CA ARG D 1025 -51.02 28.80 132.39
C ARG D 1025 -52.27 27.96 132.17
N LEU D 1026 -52.49 26.95 133.01
CA LEU D 1026 -53.62 26.04 132.86
C LEU D 1026 -54.79 26.38 133.77
N LEU D 1027 -54.71 27.46 134.54
CA LEU D 1027 -55.81 27.84 135.43
C LEU D 1027 -56.97 28.42 134.63
N ASP D 1028 -58.17 28.31 135.19
CA ASP D 1028 -59.34 28.91 134.59
C ASP D 1028 -59.32 30.42 134.76
N GLU D 1029 -60.05 31.11 133.89
CA GLU D 1029 -60.08 32.57 133.93
C GLU D 1029 -60.74 33.11 135.20
N ALA D 1030 -61.62 32.33 135.83
CA ALA D 1030 -62.30 32.80 137.03
C ALA D 1030 -61.32 32.90 138.21
N THR D 1031 -60.58 31.82 138.47
CA THR D 1031 -59.64 31.83 139.59
C THR D 1031 -58.43 32.71 139.32
N LYS D 1032 -57.97 32.75 138.06
CA LYS D 1032 -56.81 33.59 137.72
C LYS D 1032 -57.11 35.07 137.91
N ARG D 1033 -58.33 35.50 137.55
CA ARG D 1033 -58.68 36.91 137.70
C ARG D 1033 -58.69 37.32 139.17
N SER D 1034 -59.22 36.47 140.05
CA SER D 1034 -59.26 36.79 141.47
C SER D 1034 -57.85 36.90 142.06
N ASN D 1035 -56.97 35.96 141.70
CA ASN D 1035 -55.60 36.03 142.18
C ASN D 1035 -54.87 37.25 141.63
N ARG D 1036 -55.08 37.56 140.35
CA ARG D 1036 -54.45 38.74 139.76
C ARG D 1036 -55.00 40.02 140.36
N ASP D 1037 -56.31 40.08 140.64
CA ASP D 1037 -56.90 41.28 141.21
C ASP D 1037 -56.34 41.55 142.61
N SER D 1038 -56.17 40.50 143.42
CA SER D 1038 -55.60 40.69 144.75
C SER D 1038 -54.18 41.22 144.68
N LEU D 1039 -53.38 40.69 143.75
CA LEU D 1039 -52.03 41.20 143.57
C LEU D 1039 -52.03 42.59 142.95
N CYS D 1040 -53.03 42.89 142.12
CA CYS D 1040 -53.12 44.22 141.52
C CYS D 1040 -53.36 45.30 142.57
N GLN D 1041 -54.19 45.01 143.58
CA GLN D 1041 -54.43 45.98 144.63
C GLN D 1041 -53.17 46.28 145.43
N ALA D 1042 -52.29 45.29 145.59
CA ALA D 1042 -51.01 45.54 146.25
C ALA D 1042 -50.17 46.53 145.45
N VAL D 1043 -50.14 46.37 144.12
CA VAL D 1043 -49.46 47.33 143.27
C VAL D 1043 -50.19 48.66 143.29
N ARG D 1044 -51.53 48.63 143.30
CA ARG D 1044 -52.31 49.86 143.40
C ARG D 1044 -52.04 50.58 144.72
N THR D 1045 -51.93 49.82 145.82
CA THR D 1045 -51.55 50.41 147.09
C THR D 1045 -50.13 50.98 147.02
N LEU D 1046 -49.21 50.26 146.36
CA LEU D 1046 -47.87 50.78 146.16
C LEU D 1046 -47.88 52.05 145.33
N LEU D 1047 -48.71 52.08 144.28
CA LEU D 1047 -48.84 53.29 143.49
C LEU D 1047 -49.52 54.41 144.27
N GLY D 1048 -50.40 54.05 145.22
CA GLY D 1048 -51.05 55.06 146.03
C GLY D 1048 -50.08 55.83 146.92
N TYR D 1049 -49.00 55.19 147.34
CA TYR D 1049 -47.98 55.84 148.17
C TYR D 1049 -46.98 56.65 147.37
N GLY D 1050 -47.10 56.66 146.04
CA GLY D 1050 -46.18 57.39 145.20
C GLY D 1050 -45.02 56.60 144.65
N TYR D 1051 -45.00 55.28 144.86
CA TYR D 1051 -43.91 54.44 144.36
C TYR D 1051 -44.15 54.12 142.89
N ASN D 1052 -43.20 54.49 142.04
CA ASN D 1052 -43.30 54.24 140.61
C ASN D 1052 -42.90 52.79 140.30
N ILE D 1053 -42.99 52.43 139.03
CA ILE D 1053 -42.64 51.09 138.59
C ILE D 1053 -41.91 51.13 137.26
N ARG D 1071 -43.36 20.73 111.08
CA ARG D 1071 -44.66 21.06 111.67
C ARG D 1071 -45.48 21.90 110.70
N VAL D 1072 -45.23 21.73 109.40
CA VAL D 1072 -45.95 22.45 108.35
C VAL D 1072 -46.56 21.43 107.40
N ARG D 1073 -47.84 21.62 107.09
CA ARG D 1073 -48.56 20.75 106.17
C ARG D 1073 -48.91 21.54 104.91
N ILE D 1074 -48.65 20.93 103.75
CA ILE D 1074 -48.87 21.56 102.46
C ILE D 1074 -49.85 20.72 101.66
N PHE D 1075 -50.89 21.37 101.13
CA PHE D 1075 -51.91 20.71 100.33
C PHE D 1075 -51.85 21.24 98.91
N ARG D 1076 -51.85 20.33 97.94
CA ARG D 1076 -51.89 20.70 96.53
C ARG D 1076 -52.69 19.62 95.79
N ALA D 1077 -52.74 19.74 94.47
CA ALA D 1077 -53.43 18.79 93.61
C ALA D 1077 -52.43 17.85 92.95
N GLU D 1078 -52.96 16.84 92.27
CA GLU D 1078 -52.12 15.87 91.59
C GLU D 1078 -51.46 16.49 90.37
N LYS D 1079 -50.31 15.92 89.98
CA LYS D 1079 -49.57 16.42 88.84
C LYS D 1079 -50.29 16.20 87.52
N SER D 1080 -51.29 15.31 87.49
CA SER D 1080 -52.01 15.02 86.25
C SER D 1080 -52.93 16.15 85.83
N TYR D 1081 -53.20 17.11 86.71
CA TYR D 1081 -54.08 18.24 86.39
C TYR D 1081 -53.28 19.50 86.07
N ALA D 1082 -52.09 19.36 85.52
CA ALA D 1082 -51.28 20.51 85.15
C ALA D 1082 -51.94 21.27 84.01
N VAL D 1083 -51.92 22.60 84.11
CA VAL D 1083 -52.53 23.48 83.12
C VAL D 1083 -51.43 24.22 82.37
N GLN D 1084 -51.63 24.36 81.06
CA GLN D 1084 -50.67 25.02 80.19
C GLN D 1084 -51.22 26.23 79.46
N SER D 1085 -52.54 26.38 79.37
CA SER D 1085 -53.14 27.52 78.69
C SER D 1085 -54.53 27.76 79.27
N GLY D 1086 -55.09 28.91 78.95
CA GLY D 1086 -56.42 29.27 79.41
C GLY D 1086 -56.41 30.09 80.69
N ARG D 1087 -57.60 30.19 81.28
CA ARG D 1087 -57.80 30.95 82.50
C ARG D 1087 -58.46 30.08 83.56
N TRP D 1088 -57.99 30.20 84.79
CA TRP D 1088 -58.47 29.38 85.89
C TRP D 1088 -58.62 30.24 87.14
N TYR D 1089 -59.51 29.81 88.03
CA TYR D 1089 -59.74 30.52 89.28
C TYR D 1089 -60.27 29.53 90.31
N PHE D 1090 -59.96 29.78 91.58
CA PHE D 1090 -60.47 28.95 92.66
C PHE D 1090 -60.56 29.81 93.92
N GLU D 1091 -61.48 29.43 94.80
CA GLU D 1091 -61.71 30.16 96.05
C GLU D 1091 -61.10 29.42 97.23
N PHE D 1092 -60.98 30.13 98.35
CA PHE D 1092 -60.44 29.56 99.57
C PHE D 1092 -61.03 30.31 100.75
N GLU D 1093 -61.79 29.62 101.59
CA GLU D 1093 -62.40 30.21 102.78
C GLU D 1093 -61.60 29.78 104.01
N ALA D 1094 -61.15 30.75 104.79
CA ALA D 1094 -60.37 30.50 106.00
C ALA D 1094 -61.20 30.90 107.21
N VAL D 1095 -61.63 29.92 107.99
CA VAL D 1095 -62.47 30.19 109.15
C VAL D 1095 -61.65 30.67 110.35
N THR D 1096 -60.37 30.31 110.43
CA THR D 1096 -59.50 30.69 111.53
C THR D 1096 -58.33 31.49 110.98
N THR D 1097 -58.11 32.68 111.52
CA THR D 1097 -56.99 33.51 111.09
C THR D 1097 -55.68 32.99 111.65
N GLY D 1098 -54.62 33.15 110.86
CA GLY D 1098 -53.30 32.70 111.27
C GLY D 1098 -52.29 32.71 110.14
N GLU D 1099 -51.45 31.68 110.09
CA GLU D 1099 -50.42 31.57 109.06
C GLU D 1099 -50.93 30.64 107.96
N MET D 1100 -51.47 31.23 106.89
CA MET D 1100 -51.98 30.48 105.75
C MET D 1100 -51.43 31.10 104.47
N ARG D 1101 -50.96 30.24 103.57
CA ARG D 1101 -50.42 30.67 102.29
C ARG D 1101 -51.19 29.98 101.18
N VAL D 1102 -51.81 30.77 100.30
CA VAL D 1102 -52.55 30.26 99.16
C VAL D 1102 -51.90 30.77 97.89
N GLY D 1103 -51.54 29.84 97.02
CA GLY D 1103 -50.83 30.21 95.81
C GLY D 1103 -50.61 28.99 94.93
N TRP D 1104 -49.72 29.17 93.94
CA TRP D 1104 -49.49 28.19 92.90
C TRP D 1104 -48.01 27.85 92.79
N ALA D 1105 -47.74 26.67 92.25
CA ALA D 1105 -46.37 26.19 92.13
C ALA D 1105 -46.29 25.17 91.00
N ARG D 1106 -45.06 24.90 90.57
CA ARG D 1106 -44.82 23.87 89.58
C ARG D 1106 -45.07 22.49 90.20
N PRO D 1107 -45.39 21.49 89.38
CA PRO D 1107 -45.62 20.14 89.93
C PRO D 1107 -44.43 19.58 90.69
N GLU D 1108 -43.21 19.94 90.28
CA GLU D 1108 -42.00 19.50 90.96
C GLU D 1108 -41.73 20.43 92.13
N LEU D 1109 -42.30 20.08 93.29
CA LEU D 1109 -42.16 20.88 94.51
C LEU D 1109 -41.41 20.06 95.55
N ARG D 1110 -40.43 20.68 96.20
CA ARG D 1110 -39.70 20.03 97.28
C ARG D 1110 -40.46 20.22 98.58
N PRO D 1111 -40.90 19.15 99.25
CA PRO D 1111 -41.70 19.31 100.47
C PRO D 1111 -40.89 19.75 101.68
N ASP D 1112 -39.57 19.53 101.68
CA ASP D 1112 -38.76 19.92 102.84
C ASP D 1112 -38.75 21.43 103.02
N VAL D 1113 -38.61 22.18 101.92
CA VAL D 1113 -38.56 23.63 102.01
C VAL D 1113 -39.98 24.18 102.20
N GLU D 1114 -40.06 25.30 102.91
CA GLU D 1114 -41.36 25.93 103.14
C GLU D 1114 -41.90 26.50 101.84
N LEU D 1115 -43.23 26.49 101.70
CA LEU D 1115 -43.87 26.94 100.47
C LEU D 1115 -43.58 28.42 100.25
N GLY D 1116 -43.11 28.74 99.04
CA GLY D 1116 -42.79 30.10 98.66
C GLY D 1116 -41.37 30.54 98.92
N ALA D 1117 -40.61 29.77 99.71
CA ALA D 1117 -39.22 30.13 99.98
C ALA D 1117 -38.38 30.08 98.70
N ASP D 1118 -38.59 29.08 97.86
CA ASP D 1118 -37.89 28.96 96.60
C ASP D 1118 -38.71 29.60 95.48
N GLU D 1119 -38.13 29.60 94.28
CA GLU D 1119 -38.79 30.15 93.10
C GLU D 1119 -39.84 29.22 92.52
N LEU D 1120 -39.98 28.00 93.06
CA LEU D 1120 -40.95 27.06 92.52
C LEU D 1120 -42.38 27.45 92.85
N ALA D 1121 -42.61 28.13 93.98
CA ALA D 1121 -43.95 28.42 94.45
C ALA D 1121 -44.22 29.92 94.43
N TYR D 1122 -45.46 30.27 94.09
CA TYR D 1122 -45.94 31.65 94.07
C TYR D 1122 -47.13 31.72 95.04
N VAL D 1123 -46.84 31.93 96.32
CA VAL D 1123 -47.86 31.94 97.36
C VAL D 1123 -48.01 33.35 97.90
N PHE D 1124 -49.03 33.55 98.74
CA PHE D 1124 -49.32 34.83 99.36
C PHE D 1124 -49.68 34.60 100.82
N ASN D 1125 -48.87 35.13 101.73
CA ASN D 1125 -49.13 34.97 103.15
C ASN D 1125 -50.34 35.81 103.57
N GLY D 1126 -51.04 35.32 104.58
CA GLY D 1126 -52.23 36.00 105.08
C GLY D 1126 -52.12 36.47 106.51
N HIS D 1127 -51.01 36.17 107.17
CA HIS D 1127 -50.82 36.58 108.57
C HIS D 1127 -50.63 38.09 108.67
N ARG D 1128 -49.59 38.61 108.04
CA ARG D 1128 -49.32 40.03 108.00
C ARG D 1128 -49.64 40.67 106.66
N GLY D 1129 -50.11 39.87 105.68
CA GLY D 1129 -50.45 40.40 104.38
C GLY D 1129 -49.24 40.81 103.56
N GLN D 1130 -48.41 39.84 103.18
CA GLN D 1130 -47.23 40.12 102.38
C GLN D 1130 -46.91 38.92 101.51
N ARG D 1131 -46.24 39.18 100.38
CA ARG D 1131 -45.83 38.11 99.49
C ARG D 1131 -44.54 37.47 100.00
N TRP D 1132 -44.48 36.14 99.92
CA TRP D 1132 -43.33 35.39 100.42
C TRP D 1132 -42.47 34.79 99.32
N HIS D 1133 -42.76 35.09 98.05
CA HIS D 1133 -41.98 34.53 96.95
C HIS D 1133 -40.61 35.20 96.92
N LEU D 1134 -39.58 34.45 97.32
CA LEU D 1134 -38.20 34.93 97.31
C LEU D 1134 -38.05 36.22 98.13
N GLY D 1135 -38.35 36.11 99.41
CA GLY D 1135 -38.28 37.22 100.32
C GLY D 1135 -39.67 37.71 100.73
N SER D 1136 -39.66 38.60 101.72
CA SER D 1136 -40.89 39.16 102.27
C SER D 1136 -41.11 40.55 101.68
N GLU D 1137 -42.18 40.70 100.91
CA GLU D 1137 -42.56 41.98 100.32
C GLU D 1137 -44.01 42.26 100.68
N LEU D 1138 -44.27 43.43 101.25
CA LEU D 1138 -45.63 43.78 101.67
C LEU D 1138 -46.54 43.91 100.46
N PHE D 1139 -47.75 43.38 100.59
CA PHE D 1139 -48.74 43.43 99.52
C PHE D 1139 -50.12 43.21 100.11
N GLY D 1140 -50.99 44.20 100.02
CA GLY D 1140 -52.33 44.08 100.54
C GLY D 1140 -52.37 44.19 102.06
N ARG D 1141 -53.51 43.78 102.61
CA ARG D 1141 -53.74 43.82 104.04
C ARG D 1141 -54.15 42.45 104.55
N PRO D 1142 -53.81 42.12 105.80
CA PRO D 1142 -54.23 40.82 106.35
C PRO D 1142 -55.74 40.71 106.44
N TRP D 1143 -56.25 39.51 106.20
CA TRP D 1143 -57.68 39.28 106.19
C TRP D 1143 -58.18 38.83 107.56
N GLN D 1144 -59.47 39.06 107.79
CA GLN D 1144 -60.13 38.68 109.03
C GLN D 1144 -60.74 37.28 108.89
N SER D 1145 -61.59 36.90 109.83
CA SER D 1145 -62.26 35.60 109.77
C SER D 1145 -63.11 35.50 108.51
N GLY D 1146 -63.21 34.28 107.98
CA GLY D 1146 -63.84 34.08 106.70
C GLY D 1146 -62.94 34.61 105.59
N ASP D 1147 -63.38 35.67 104.92
CA ASP D 1147 -62.55 36.43 103.97
C ASP D 1147 -62.01 35.51 102.86
N VAL D 1148 -62.95 35.02 102.06
CA VAL D 1148 -62.60 34.15 100.93
C VAL D 1148 -61.66 34.91 100.00
N VAL D 1149 -60.46 34.37 99.82
CA VAL D 1149 -59.44 34.97 98.97
C VAL D 1149 -59.34 34.15 97.68
N GLY D 1150 -59.30 34.85 96.55
CA GLY D 1150 -59.24 34.19 95.26
C GLY D 1150 -57.94 34.43 94.52
N CYS D 1151 -57.56 33.45 93.69
CA CYS D 1151 -56.36 33.52 92.88
C CYS D 1151 -56.75 33.31 91.42
N MET D 1152 -56.22 34.15 90.53
CA MET D 1152 -56.57 34.13 89.12
C MET D 1152 -55.31 33.95 88.28
N ILE D 1153 -55.51 33.84 86.96
CA ILE D 1153 -54.41 33.66 86.03
C ILE D 1153 -54.76 34.29 84.70
N ASP D 1154 -53.73 34.64 83.94
CA ASP D 1154 -53.86 34.96 82.51
C ASP D 1154 -52.56 34.52 81.86
N LEU D 1155 -52.53 33.28 81.36
CA LEU D 1155 -51.32 32.76 80.72
C LEU D 1155 -51.04 33.43 79.39
N THR D 1156 -52.07 33.98 78.73
CA THR D 1156 -51.85 34.80 77.55
C THR D 1156 -51.22 36.14 77.91
N GLU D 1157 -51.21 36.50 79.20
CA GLU D 1157 -50.57 37.72 79.68
C GLU D 1157 -49.52 37.47 80.74
N ASN D 1158 -49.46 36.26 81.31
CA ASN D 1158 -48.47 35.90 82.33
C ASN D 1158 -48.56 36.82 83.55
N THR D 1159 -49.79 37.07 83.99
CA THR D 1159 -50.06 37.89 85.17
C THR D 1159 -50.90 37.10 86.16
N ILE D 1160 -50.56 37.23 87.44
CA ILE D 1160 -51.29 36.58 88.53
C ILE D 1160 -51.79 37.67 89.47
N ILE D 1161 -53.08 37.63 89.79
CA ILE D 1161 -53.70 38.61 90.67
C ILE D 1161 -54.43 37.88 91.79
N PHE D 1162 -54.45 38.51 92.96
CA PHE D 1162 -55.12 37.96 94.13
C PHE D 1162 -56.28 38.87 94.53
N THR D 1163 -57.45 38.28 94.74
CA THR D 1163 -58.65 39.02 95.11
C THR D 1163 -59.05 38.65 96.54
N LEU D 1164 -59.26 39.67 97.37
CA LEU D 1164 -59.66 39.48 98.75
C LEU D 1164 -61.06 40.05 98.94
N ASN D 1165 -61.98 39.21 99.44
CA ASN D 1165 -63.37 39.58 99.65
C ASN D 1165 -64.03 40.09 98.38
N GLY D 1166 -63.62 39.55 97.24
CA GLY D 1166 -64.10 40.04 95.96
C GLY D 1166 -63.54 41.38 95.54
N GLU D 1167 -62.52 41.88 96.23
CA GLU D 1167 -61.91 43.17 95.94
C GLU D 1167 -60.48 42.97 95.44
N VAL D 1168 -60.12 43.72 94.40
CA VAL D 1168 -58.79 43.59 93.82
C VAL D 1168 -57.75 44.17 94.78
N LEU D 1169 -56.68 43.42 95.01
CA LEU D 1169 -55.58 43.85 95.87
C LEU D 1169 -54.50 44.51 95.03
N MET D 1170 -54.07 45.69 95.45
CA MET D 1170 -53.06 46.46 94.73
C MET D 1170 -51.77 46.49 95.55
N SER D 1171 -50.70 46.92 94.88
CA SER D 1171 -49.38 47.03 95.50
C SER D 1171 -49.19 48.44 96.06
N ASP D 1172 -47.97 48.73 96.52
CA ASP D 1172 -47.68 50.05 97.05
C ASP D 1172 -47.76 51.13 95.98
N SER D 1173 -47.49 50.78 94.73
CA SER D 1173 -47.53 51.72 93.62
C SER D 1173 -48.90 51.79 92.95
N GLY D 1174 -49.90 51.08 93.49
CA GLY D 1174 -51.22 51.09 92.89
C GLY D 1174 -51.41 50.12 91.76
N SER D 1175 -50.46 49.21 91.53
CA SER D 1175 -50.56 48.23 90.45
C SER D 1175 -51.34 47.02 90.93
N GLU D 1176 -52.36 46.63 90.17
CA GLU D 1176 -53.20 45.50 90.54
C GLU D 1176 -52.49 44.16 90.33
N THR D 1177 -51.47 44.10 89.49
CA THR D 1177 -50.76 42.86 89.25
C THR D 1177 -49.79 42.56 90.40
N ALA D 1178 -49.61 41.27 90.68
CA ALA D 1178 -48.70 40.83 91.72
C ALA D 1178 -47.37 40.34 91.14
N PHE D 1179 -47.43 39.38 90.22
CA PHE D 1179 -46.26 38.83 89.56
C PHE D 1179 -46.41 38.97 88.06
N ARG D 1180 -45.32 39.37 87.40
CA ARG D 1180 -45.33 39.61 85.96
C ARG D 1180 -44.12 38.92 85.33
N ASP D 1181 -44.27 38.61 84.04
CA ASP D 1181 -43.22 37.96 83.25
C ASP D 1181 -42.81 36.62 83.88
N ILE D 1182 -43.79 35.73 84.00
CA ILE D 1182 -43.59 34.40 84.57
C ILE D 1182 -43.49 33.39 83.44
N GLU D 1183 -42.54 32.47 83.56
CA GLU D 1183 -42.38 31.43 82.56
C GLU D 1183 -43.53 30.43 82.64
N VAL D 1184 -43.93 29.91 81.47
CA VAL D 1184 -45.02 28.95 81.43
C VAL D 1184 -44.64 27.65 82.13
N GLY D 1185 -43.40 27.19 81.92
CA GLY D 1185 -42.92 25.98 82.56
C GLY D 1185 -43.71 24.76 82.13
N ASP D 1186 -43.73 23.76 83.01
CA ASP D 1186 -44.53 22.57 82.74
C ASP D 1186 -46.00 22.79 83.09
N GLY D 1187 -46.28 23.49 84.18
CA GLY D 1187 -47.63 23.77 84.58
C GLY D 1187 -47.68 24.41 85.94
N PHE D 1188 -48.90 24.70 86.39
CA PHE D 1188 -49.14 25.30 87.68
C PHE D 1188 -50.31 24.60 88.36
N LEU D 1189 -50.18 24.40 89.67
CA LEU D 1189 -51.19 23.70 90.45
C LEU D 1189 -51.63 24.53 91.65
N PRO D 1190 -52.88 24.38 92.09
CA PRO D 1190 -53.33 25.08 93.31
C PRO D 1190 -52.69 24.45 94.53
N VAL D 1191 -51.93 25.26 95.28
CA VAL D 1191 -51.19 24.79 96.44
C VAL D 1191 -51.62 25.61 97.65
N CYS D 1192 -51.86 24.92 98.76
CA CYS D 1192 -52.24 25.57 100.01
C CYS D 1192 -51.37 25.06 101.14
N SER D 1193 -51.11 25.94 102.12
CA SER D 1193 -50.30 25.62 103.28
C SER D 1193 -51.03 26.05 104.54
N LEU D 1194 -50.97 25.20 105.56
CA LEU D 1194 -51.62 25.47 106.84
C LEU D 1194 -50.61 25.31 107.97
N GLY D 1195 -50.68 26.23 108.93
CA GLY D 1195 -49.78 26.21 110.07
C GLY D 1195 -50.37 25.42 111.23
N PRO D 1196 -49.65 25.41 112.36
CA PRO D 1196 -50.15 24.69 113.54
C PRO D 1196 -51.44 25.31 114.06
N GLY D 1197 -52.40 24.44 114.39
CA GLY D 1197 -53.66 24.90 114.94
C GLY D 1197 -54.47 25.77 114.02
N GLN D 1198 -54.44 25.52 112.72
CA GLN D 1198 -55.17 26.30 111.73
C GLN D 1198 -56.16 25.41 110.99
N VAL D 1199 -57.36 25.96 110.77
CA VAL D 1199 -58.43 25.25 110.06
C VAL D 1199 -58.83 26.11 108.86
N GLY D 1200 -58.80 25.51 107.67
CA GLY D 1200 -59.18 26.21 106.46
C GLY D 1200 -60.05 25.34 105.58
N HIS D 1201 -60.65 25.98 104.57
CA HIS D 1201 -61.51 25.29 103.62
C HIS D 1201 -61.08 25.67 102.21
N LEU D 1202 -60.83 24.66 101.37
CA LEU D 1202 -60.40 24.87 100.00
C LEU D 1202 -61.52 24.46 99.06
N ASN D 1203 -61.84 25.34 98.11
CA ASN D 1203 -62.88 25.10 97.12
C ASN D 1203 -62.24 25.17 95.73
N LEU D 1204 -62.41 24.11 94.95
CA LEU D 1204 -61.86 24.05 93.61
C LEU D 1204 -62.82 24.54 92.54
N GLY D 1205 -64.00 25.02 92.93
CA GLY D 1205 -64.98 25.49 91.97
C GLY D 1205 -65.67 24.40 91.19
N GLN D 1206 -65.83 23.22 91.80
CA GLN D 1206 -66.51 22.12 91.12
C GLN D 1206 -67.98 22.43 90.88
N ASP D 1207 -68.63 23.07 91.86
CA ASP D 1207 -70.04 23.41 91.78
C ASP D 1207 -70.23 24.92 91.70
N VAL D 1208 -71.18 25.34 90.86
CA VAL D 1208 -71.45 26.77 90.71
C VAL D 1208 -72.01 27.35 91.99
N SER D 1209 -72.92 26.63 92.66
CA SER D 1209 -73.54 27.13 93.89
C SER D 1209 -72.54 27.27 95.04
N SER D 1210 -71.41 26.57 94.97
CA SER D 1210 -70.40 26.67 96.04
C SER D 1210 -69.60 27.96 95.96
N LEU D 1211 -69.35 28.49 94.77
CA LEU D 1211 -68.57 29.70 94.61
C LEU D 1211 -69.35 30.91 95.12
N ARG D 1212 -68.61 31.90 95.63
CA ARG D 1212 -69.20 33.11 96.19
C ARG D 1212 -68.81 34.37 95.45
N PHE D 1213 -67.52 34.57 95.18
CA PHE D 1213 -67.05 35.80 94.55
C PHE D 1213 -66.66 35.61 93.10
N PHE D 1214 -66.90 34.42 92.52
CA PHE D 1214 -66.61 34.23 91.10
C PHE D 1214 -67.63 34.95 90.22
N ALA D 1215 -68.89 35.04 90.68
CA ALA D 1215 -69.93 35.69 89.91
C ALA D 1215 -69.76 37.21 89.83
N ILE D 1216 -68.91 37.79 90.68
CA ILE D 1216 -68.71 39.23 90.68
C ILE D 1216 -67.34 39.64 90.15
N CYS D 1217 -66.38 38.72 90.07
CA CYS D 1217 -65.05 39.01 89.53
C CYS D 1217 -64.71 38.18 88.30
N GLY D 1218 -64.94 36.88 88.34
CA GLY D 1218 -64.61 36.04 87.19
C GLY D 1218 -65.47 36.34 85.98
N LEU D 1219 -66.76 36.57 86.19
CA LEU D 1219 -67.66 36.86 85.07
C LEU D 1219 -67.34 38.20 84.43
N GLN D 1220 -66.83 39.16 85.22
CA GLN D 1220 -66.48 40.46 84.68
C GLN D 1220 -65.36 40.38 83.65
N GLU D 1221 -64.35 39.56 83.91
CA GLU D 1221 -63.22 39.41 82.99
C GLU D 1221 -63.44 38.30 81.96
N GLY D 1222 -64.19 37.27 82.32
CA GLY D 1222 -64.45 36.18 81.40
C GLY D 1222 -63.58 34.96 81.63
N PHE D 1223 -63.31 34.66 82.90
CA PHE D 1223 -62.47 33.54 83.25
C PHE D 1223 -63.31 32.26 83.41
N GLU D 1224 -62.65 31.15 83.71
CA GLU D 1224 -63.32 29.87 83.87
C GLU D 1224 -62.86 29.19 85.15
N PRO D 1225 -63.71 28.41 85.79
CA PRO D 1225 -63.30 27.68 87.00
C PRO D 1225 -62.34 26.55 86.68
N PHE D 1226 -61.58 26.15 87.70
CA PHE D 1226 -60.63 25.06 87.56
C PHE D 1226 -61.31 23.69 87.38
N ALA D 1227 -62.53 23.53 87.91
CA ALA D 1227 -63.27 22.28 87.84
C ALA D 1227 -64.66 22.52 87.27
N ILE D 1228 -64.73 23.25 86.15
CA ILE D 1228 -66.00 23.59 85.56
C ILE D 1228 -66.75 22.34 85.12
N ASN D 1229 -66.05 21.43 84.45
CA ASN D 1229 -66.63 20.19 83.95
C ASN D 1229 -65.79 19.01 84.45
N MET D 1230 -66.12 18.51 85.63
CA MET D 1230 -65.43 17.38 86.22
C MET D 1230 -66.46 16.38 86.75
N GLN D 1231 -66.24 15.10 86.44
CA GLN D 1231 -67.11 14.04 86.92
C GLN D 1231 -66.76 13.60 88.34
N ARG D 1232 -65.49 13.73 88.73
CA ARG D 1232 -65.02 13.33 90.04
C ARG D 1232 -64.27 14.48 90.71
N PRO D 1233 -64.27 14.54 92.05
CA PRO D 1233 -63.55 15.62 92.73
C PRO D 1233 -62.05 15.54 92.45
N VAL D 1234 -61.42 16.71 92.44
CA VAL D 1234 -59.99 16.80 92.17
C VAL D 1234 -59.24 16.15 93.32
N THR D 1235 -58.35 15.21 92.98
CA THR D 1235 -57.59 14.50 94.00
C THR D 1235 -56.48 15.39 94.55
N THR D 1236 -56.44 15.53 95.87
CA THR D 1236 -55.48 16.38 96.54
C THR D 1236 -54.40 15.54 97.21
N TRP D 1237 -53.21 16.14 97.36
CA TRP D 1237 -52.07 15.49 97.98
C TRP D 1237 -51.57 16.34 99.15
N PHE D 1238 -51.25 15.69 100.25
CA PHE D 1238 -50.76 16.35 101.45
C PHE D 1238 -49.34 15.88 101.76
N SER D 1239 -48.60 16.72 102.48
CA SER D 1239 -47.23 16.43 102.89
C SER D 1239 -47.28 15.67 104.21
N LYS D 1240 -47.09 14.36 104.13
CA LYS D 1240 -47.08 13.53 105.34
C LYS D 1240 -45.77 13.75 106.09
N SER D 1241 -45.88 14.05 107.38
CA SER D 1241 -44.70 14.27 108.22
C SER D 1241 -44.05 12.98 108.67
N LEU D 1242 -44.53 11.83 108.22
CA LEU D 1242 -43.98 10.55 108.64
C LEU D 1242 -42.61 10.35 108.00
N PRO D 1243 -41.53 10.20 108.79
CA PRO D 1243 -40.20 10.11 108.20
C PRO D 1243 -40.01 8.79 107.46
N GLN D 1244 -39.73 8.89 106.16
CA GLN D 1244 -39.61 7.73 105.30
C GLN D 1244 -38.22 7.74 104.68
N PHE D 1245 -37.58 6.57 104.65
CA PHE D 1245 -36.28 6.43 104.01
C PHE D 1245 -36.41 6.55 102.49
N GLU D 1246 -35.50 7.32 101.90
CA GLU D 1246 -35.47 7.49 100.45
C GLU D 1246 -34.03 7.45 99.96
N ALA D 1247 -33.88 7.05 98.70
CA ALA D 1247 -32.55 6.91 98.11
C ALA D 1247 -31.84 8.26 98.04
N VAL D 1248 -30.52 8.22 98.23
CA VAL D 1248 -29.73 9.46 98.20
C VAL D 1248 -29.79 10.08 96.80
N PRO D 1249 -29.99 11.38 96.68
CA PRO D 1249 -29.94 12.02 95.37
C PRO D 1249 -28.56 11.86 94.74
N LEU D 1250 -28.55 11.68 93.42
CA LEU D 1250 -27.29 11.47 92.72
C LEU D 1250 -26.41 12.73 92.76
N GLU D 1251 -27.02 13.90 92.74
CA GLU D 1251 -26.29 15.17 92.81
C GLU D 1251 -26.74 15.89 94.08
N HIS D 1252 -26.06 15.63 95.19
CA HIS D 1252 -26.35 16.26 96.48
C HIS D 1252 -25.19 17.17 96.85
N PRO D 1253 -25.41 18.48 97.00
CA PRO D 1253 -24.28 19.39 97.26
C PRO D 1253 -23.57 19.12 98.57
N HIS D 1254 -24.30 18.73 99.62
CA HIS D 1254 -23.68 18.60 100.94
C HIS D 1254 -22.94 17.27 101.10
N TYR D 1255 -23.62 16.17 100.84
CA TYR D 1255 -23.06 14.83 101.05
C TYR D 1255 -22.99 14.10 99.71
N GLU D 1256 -21.83 13.53 99.41
CA GLU D 1256 -21.61 12.78 98.18
C GLU D 1256 -21.25 11.34 98.52
N VAL D 1257 -21.94 10.40 97.88
CA VAL D 1257 -21.73 8.97 98.11
C VAL D 1257 -20.88 8.40 96.99
N SER D 1258 -19.89 7.58 97.36
CA SER D 1258 -18.99 6.97 96.40
C SER D 1258 -18.76 5.52 96.80
N ARG D 1259 -18.66 4.65 95.78
CA ARG D 1259 -18.40 3.23 95.99
C ARG D 1259 -17.02 2.88 95.41
N VAL D 1260 -16.33 1.96 96.06
CA VAL D 1260 -14.98 1.55 95.68
C VAL D 1260 -15.06 0.13 95.11
N ASP D 1261 -14.42 -0.06 93.96
CA ASP D 1261 -14.39 -1.37 93.33
C ASP D 1261 -13.59 -2.37 94.19
N GLY D 1262 -13.91 -3.65 94.01
CA GLY D 1262 -13.27 -4.69 94.79
C GLY D 1262 -11.78 -4.76 94.51
N THR D 1263 -10.97 -4.66 95.54
CA THR D 1263 -9.52 -4.76 95.40
C THR D 1263 -9.03 -6.14 95.86
N VAL D 1264 -7.82 -6.48 95.44
CA VAL D 1264 -7.26 -7.78 95.79
C VAL D 1264 -7.02 -7.88 97.29
N ASP D 1265 -6.48 -6.83 97.90
CA ASP D 1265 -6.16 -6.85 99.33
C ASP D 1265 -7.33 -6.43 100.20
N THR D 1266 -8.14 -5.47 99.74
CA THR D 1266 -9.24 -4.94 100.52
C THR D 1266 -10.56 -5.21 99.81
N PRO D 1267 -11.57 -5.73 100.51
CA PRO D 1267 -12.87 -5.95 99.88
C PRO D 1267 -13.51 -4.64 99.47
N PRO D 1268 -14.44 -4.66 98.51
CA PRO D 1268 -15.06 -3.41 98.05
C PRO D 1268 -15.80 -2.70 99.17
N CYS D 1269 -15.75 -1.37 99.12
CA CYS D 1269 -16.33 -0.56 100.17
C CYS D 1269 -17.09 0.62 99.56
N LEU D 1270 -18.06 1.11 100.32
CA LEU D 1270 -18.85 2.29 99.96
C LEU D 1270 -18.57 3.37 100.98
N ARG D 1271 -18.24 4.57 100.50
CA ARG D 1271 -17.85 5.67 101.37
C ARG D 1271 -18.74 6.89 101.14
N LEU D 1272 -18.98 7.64 102.21
CA LEU D 1272 -19.69 8.91 102.16
C LEU D 1272 -18.77 9.99 102.68
N THR D 1273 -18.57 11.04 101.88
CA THR D 1273 -17.70 12.15 102.25
C THR D 1273 -18.43 13.46 102.03
N HIS D 1274 -18.40 14.33 103.04
CA HIS D 1274 -19.04 15.63 102.94
C HIS D 1274 -18.23 16.55 102.03
N ARG D 1275 -18.92 17.30 101.19
CA ARG D 1275 -18.28 18.21 100.26
C ARG D 1275 -18.34 19.65 100.77
N SER D 1282 -21.01 23.05 104.43
CA SER D 1282 -21.42 24.32 105.04
C SER D 1282 -22.55 24.11 106.04
N LEU D 1283 -23.23 22.97 105.92
CA LEU D 1283 -24.35 22.62 106.80
C LEU D 1283 -24.04 21.31 107.50
N VAL D 1284 -24.26 21.27 108.81
CA VAL D 1284 -24.10 20.07 109.61
C VAL D 1284 -25.48 19.56 110.00
N GLU D 1285 -25.67 18.25 109.91
CA GLU D 1285 -26.97 17.64 110.11
C GLU D 1285 -26.81 16.15 110.34
N MET D 1286 -27.50 15.63 111.35
CA MET D 1286 -27.48 14.20 111.64
C MET D 1286 -28.00 13.42 110.45
N LEU D 1287 -27.28 12.36 110.08
CA LEU D 1287 -27.66 11.51 108.96
C LEU D 1287 -28.04 10.12 109.46
N PHE D 1288 -29.20 9.64 109.03
CA PHE D 1288 -29.68 8.30 109.37
C PHE D 1288 -29.58 7.46 108.10
N LEU D 1289 -28.46 6.76 107.95
CA LEU D 1289 -28.16 5.99 106.76
C LEU D 1289 -28.38 4.50 107.01
N ARG D 1290 -28.82 3.81 105.97
CA ARG D 1290 -28.98 2.35 106.02
C ARG D 1290 -28.98 1.80 104.60
N LEU D 1291 -28.75 0.49 104.50
CA LEU D 1291 -28.84 -0.20 103.22
C LEU D 1291 -30.31 -0.53 102.92
N SER D 1292 -30.57 -0.97 101.70
CA SER D 1292 -31.94 -1.17 101.20
C SER D 1292 -32.24 -2.64 100.95
N LEU D 1293 -31.50 -3.54 101.61
CA LEU D 1293 -31.73 -4.98 101.46
C LEU D 1293 -31.76 -5.61 102.85
N PRO D 1294 -32.76 -6.43 103.15
CA PRO D 1294 -32.91 -6.98 104.50
C PRO D 1294 -32.14 -8.28 104.70
N VAL D 1295 -32.09 -8.71 105.96
CA VAL D 1295 -31.50 -9.98 106.36
C VAL D 1295 -32.50 -10.71 107.25
N GLN D 1296 -32.88 -11.90 106.86
CA GLN D 1296 -33.86 -12.70 107.59
C GLN D 1296 -33.17 -13.79 108.40
N PHE D 1297 -33.95 -14.41 109.30
CA PHE D 1297 -33.46 -15.47 110.17
C PHE D 1297 -34.15 -16.80 109.88
N HIS D 1298 -34.83 -16.92 108.74
CA HIS D 1298 -35.52 -18.13 108.29
C HIS D 1298 -36.29 -18.82 109.41
N GLN D 1299 -37.01 -18.04 110.23
CA GLN D 1299 -37.80 -18.56 111.33
C GLN D 1299 -36.97 -19.41 112.29
N LEU D 1428 -17.88 -22.97 104.59
CA LEU D 1428 -18.54 -23.70 105.65
C LEU D 1428 -20.03 -23.35 105.71
N ASN D 1429 -20.78 -24.12 106.49
CA ASN D 1429 -22.21 -23.90 106.67
C ASN D 1429 -22.52 -22.95 107.81
N THR D 1430 -21.56 -22.11 108.21
CA THR D 1430 -21.78 -21.18 109.30
C THR D 1430 -22.81 -20.14 108.92
N THR D 1431 -23.68 -19.80 109.85
CA THR D 1431 -24.79 -18.88 109.62
C THR D 1431 -24.45 -17.44 110.00
N THR D 1432 -23.21 -17.16 110.40
CA THR D 1432 -22.83 -15.81 110.78
C THR D 1432 -22.35 -15.02 109.57
N TYR D 1433 -22.92 -13.84 109.38
CA TYR D 1433 -22.55 -12.95 108.28
C TYR D 1433 -21.88 -11.71 108.85
N TYR D 1434 -20.73 -11.35 108.28
CA TYR D 1434 -19.89 -10.29 108.81
C TYR D 1434 -19.79 -9.14 107.82
N TYR D 1435 -19.99 -7.91 108.32
CA TYR D 1435 -19.65 -6.70 107.59
C TYR D 1435 -19.04 -5.72 108.58
N SER D 1436 -18.18 -4.84 108.08
CA SER D 1436 -17.45 -3.92 108.94
C SER D 1436 -17.66 -2.48 108.47
N VAL D 1437 -17.54 -1.56 109.43
CA VAL D 1437 -17.60 -0.13 109.17
C VAL D 1437 -16.34 0.52 109.73
N ARG D 1438 -15.73 1.39 108.94
CA ARG D 1438 -14.50 2.07 109.32
C ARG D 1438 -14.78 3.56 109.46
N VAL D 1439 -14.72 4.05 110.70
CA VAL D 1439 -14.86 5.47 110.95
C VAL D 1439 -13.51 6.14 110.78
N PHE D 1440 -13.49 7.32 110.16
CA PHE D 1440 -12.23 8.00 109.88
C PHE D 1440 -11.64 8.60 111.14
N ALA D 1441 -10.31 8.75 111.13
CA ALA D 1441 -9.62 9.31 112.29
C ALA D 1441 -10.06 10.74 112.56
N GLY D 1442 -10.27 11.54 111.50
CA GLY D 1442 -10.74 12.90 111.68
C GLY D 1442 -12.11 12.98 112.32
N GLN D 1443 -12.99 12.03 111.99
CA GLN D 1443 -14.33 12.03 112.56
C GLN D 1443 -14.28 11.73 114.05
N GLU D 1444 -15.04 12.48 114.83
CA GLU D 1444 -15.11 12.26 116.28
C GLU D 1444 -15.92 11.00 116.57
N PRO D 1445 -15.36 10.03 117.30
CA PRO D 1445 -16.12 8.80 117.58
C PRO D 1445 -17.23 8.99 118.61
N SER D 1446 -17.32 10.15 119.26
CA SER D 1446 -18.36 10.35 120.26
C SER D 1446 -19.76 10.42 119.64
N CYS D 1447 -19.86 10.87 118.40
CA CYS D 1447 -21.13 11.02 117.71
C CYS D 1447 -21.34 9.92 116.66
N VAL D 1448 -20.74 8.75 116.87
CA VAL D 1448 -20.85 7.62 115.96
C VAL D 1448 -21.66 6.53 116.63
N TRP D 1449 -22.73 6.09 115.96
CA TRP D 1449 -23.61 5.05 116.48
C TRP D 1449 -23.73 3.98 115.40
N VAL D 1450 -23.17 2.81 115.65
CA VAL D 1450 -23.13 1.71 114.70
C VAL D 1450 -24.03 0.59 115.18
N GLY D 1451 -24.84 0.06 114.28
CA GLY D 1451 -25.71 -1.07 114.64
C GLY D 1451 -26.61 -1.48 113.50
N TRP D 1452 -27.83 -1.82 113.87
CA TRP D 1452 -28.86 -2.33 112.96
C TRP D 1452 -30.13 -1.50 113.10
N VAL D 1453 -31.10 -1.79 112.25
CA VAL D 1453 -32.39 -1.10 112.27
C VAL D 1453 -33.43 -2.03 111.71
N THR D 1454 -34.67 -1.87 112.16
CA THR D 1454 -35.89 -2.56 111.80
C THR D 1454 -36.74 -1.69 110.88
N PRO D 1455 -37.28 -2.25 109.78
CA PRO D 1455 -37.90 -1.41 108.73
C PRO D 1455 -39.02 -0.48 109.19
N ASP D 1456 -39.52 -0.56 110.43
CA ASP D 1456 -40.48 0.43 110.89
C ASP D 1456 -39.82 1.53 111.73
N TYR D 1457 -38.65 1.99 111.32
CA TYR D 1457 -38.01 3.16 111.93
C TYR D 1457 -38.57 4.42 111.31
N HIS D 1458 -39.41 5.13 112.06
CA HIS D 1458 -40.13 6.30 111.54
C HIS D 1458 -40.13 7.44 112.56
N GLN D 1459 -39.01 7.67 113.23
CA GLN D 1459 -38.88 8.77 114.18
C GLN D 1459 -37.54 9.48 113.94
N HIS D 1460 -37.62 10.75 113.56
CA HIS D 1460 -36.46 11.55 113.14
C HIS D 1460 -36.43 12.82 113.97
N ASP D 1461 -35.58 12.83 115.00
CA ASP D 1461 -35.47 13.97 115.90
C ASP D 1461 -34.00 14.36 116.07
N MET D 1462 -33.79 15.62 116.43
CA MET D 1462 -32.46 16.15 116.70
C MET D 1462 -31.94 15.65 118.05
N ASN D 1463 -30.62 15.77 118.22
CA ASN D 1463 -29.93 15.37 119.45
C ASN D 1463 -30.22 13.91 119.79
N PHE D 1464 -30.12 13.04 118.78
CA PHE D 1464 -30.38 11.63 118.97
C PHE D 1464 -29.36 11.01 119.93
N ASP D 1465 -29.85 10.17 120.83
CA ASP D 1465 -29.02 9.50 121.82
C ASP D 1465 -29.48 8.06 121.96
N LEU D 1466 -28.75 7.29 122.76
CA LEU D 1466 -29.06 5.87 122.94
C LEU D 1466 -30.37 5.68 123.70
N THR D 1467 -30.67 6.55 124.66
CA THR D 1467 -31.86 6.41 125.50
C THR D 1467 -33.15 6.80 124.79
N LYS D 1468 -33.07 7.36 123.59
CA LYS D 1468 -34.27 7.82 122.88
C LYS D 1468 -34.98 6.70 122.13
N VAL D 1469 -34.43 5.49 122.11
CA VAL D 1469 -35.05 4.38 121.38
C VAL D 1469 -36.27 3.88 122.15
N ARG D 1470 -37.35 3.61 121.42
CA ARG D 1470 -38.53 3.00 122.01
C ARG D 1470 -38.27 1.53 122.29
N ALA D 1471 -38.59 1.09 123.50
CA ALA D 1471 -38.30 -0.28 123.92
C ALA D 1471 -39.40 -0.76 124.86
N VAL D 1472 -39.92 -1.96 124.61
CA VAL D 1472 -41.01 -2.53 125.38
C VAL D 1472 -40.66 -3.97 125.73
N THR D 1473 -40.88 -4.36 126.98
CA THR D 1473 -40.74 -5.74 127.44
C THR D 1473 -42.14 -6.30 127.67
N VAL D 1474 -42.53 -7.28 126.86
CA VAL D 1474 -43.79 -7.98 127.07
C VAL D 1474 -43.51 -9.19 127.95
N THR D 1475 -44.09 -9.20 129.15
CA THR D 1475 -43.84 -10.23 130.14
C THR D 1475 -45.10 -11.06 130.33
N MET D 1476 -44.96 -12.39 130.23
CA MET D 1476 -46.06 -13.32 130.43
C MET D 1476 -45.75 -14.21 131.62
N GLY D 1477 -46.78 -14.60 132.35
CA GLY D 1477 -46.62 -15.47 133.50
C GLY D 1477 -47.94 -16.00 133.98
N ASP D 1478 -47.90 -17.17 134.62
CA ASP D 1478 -49.08 -17.84 135.15
C ASP D 1478 -50.14 -18.04 134.07
N SER D 1486 -40.91 -13.91 128.51
CA SER D 1486 -40.58 -12.48 128.46
C SER D 1486 -39.66 -12.18 127.28
N LEU D 1487 -40.17 -11.41 126.33
CA LEU D 1487 -39.42 -11.05 125.14
C LEU D 1487 -39.24 -9.54 125.06
N LYS D 1488 -38.12 -9.13 124.47
CA LYS D 1488 -37.77 -7.72 124.32
C LYS D 1488 -37.94 -7.31 122.87
N CYS D 1489 -38.76 -6.29 122.63
CA CYS D 1489 -38.99 -5.75 121.29
C CYS D 1489 -38.54 -4.29 121.27
N SER D 1490 -37.80 -3.93 120.23
CA SER D 1490 -37.34 -2.56 120.04
C SER D 1490 -37.08 -2.33 118.56
N ASN D 1491 -37.02 -1.05 118.19
CA ASN D 1491 -36.81 -0.67 116.80
C ASN D 1491 -35.34 -0.49 116.44
N CYS D 1492 -34.49 -0.17 117.41
CA CYS D 1492 -33.09 0.12 117.15
C CYS D 1492 -32.21 -0.76 118.03
N TYR D 1493 -31.17 -1.33 117.41
CA TYR D 1493 -30.18 -2.16 118.10
C TYR D 1493 -28.81 -1.61 117.73
N MET D 1494 -28.32 -0.67 118.51
CA MET D 1494 -27.06 0.03 118.23
C MET D 1494 -26.29 0.25 119.52
N VAL D 1495 -25.02 0.64 119.35
CA VAL D 1495 -24.15 0.93 120.47
C VAL D 1495 -23.89 2.43 120.52
N TRP D 1496 -23.51 2.91 121.71
CA TRP D 1496 -23.23 4.33 121.88
C TRP D 1496 -22.01 4.76 121.06
N GLY D 1497 -20.98 3.93 121.01
CA GLY D 1497 -19.77 4.22 120.28
C GLY D 1497 -18.73 4.99 121.07
N GLY D 1498 -19.17 5.86 121.99
CA GLY D 1498 -18.22 6.59 122.81
C GLY D 1498 -17.41 5.72 123.74
N ASP D 1499 -18.02 4.66 124.26
CA ASP D 1499 -17.31 3.78 125.19
C ASP D 1499 -16.20 3.01 124.50
N PHE D 1500 -16.32 2.78 123.19
CA PHE D 1500 -15.28 2.03 122.49
C PHE D 1500 -14.02 2.87 122.29
N VAL D 1501 -14.16 4.19 122.24
CA VAL D 1501 -13.02 5.08 122.07
C VAL D 1501 -12.22 5.18 123.36
N ASP D 1513 -8.58 6.03 113.95
CA ASP D 1513 -9.47 5.20 113.15
C ASP D 1513 -9.94 3.99 113.95
N LEU D 1514 -11.25 3.77 113.95
CA LEU D 1514 -11.87 2.65 114.66
C LEU D 1514 -12.69 1.83 113.67
N VAL D 1515 -12.53 0.51 113.73
CA VAL D 1515 -13.31 -0.41 112.91
C VAL D 1515 -14.25 -1.19 113.82
N ILE D 1516 -15.52 -1.25 113.45
CA ILE D 1516 -16.54 -1.94 114.23
C ILE D 1516 -17.02 -3.14 113.42
N GLY D 1517 -16.89 -4.32 113.99
CA GLY D 1517 -17.31 -5.55 113.33
C GLY D 1517 -18.67 -6.00 113.84
N CYS D 1518 -19.48 -6.52 112.92
CA CYS D 1518 -20.82 -7.00 113.24
C CYS D 1518 -20.97 -8.42 112.73
N LEU D 1519 -21.24 -9.35 113.65
CA LEU D 1519 -21.45 -10.76 113.30
C LEU D 1519 -22.88 -11.12 113.66
N VAL D 1520 -23.62 -11.66 112.69
CA VAL D 1520 -25.05 -11.89 112.84
C VAL D 1520 -25.34 -13.35 112.54
N ASP D 1521 -25.90 -14.07 113.51
CA ASP D 1521 -26.22 -15.47 113.33
C ASP D 1521 -27.66 -15.61 112.85
N LEU D 1522 -27.84 -16.37 111.77
CA LEU D 1522 -29.17 -16.52 111.18
C LEU D 1522 -30.07 -17.44 112.00
N ALA D 1523 -29.49 -18.23 112.91
CA ALA D 1523 -30.28 -19.15 113.74
C ALA D 1523 -30.69 -18.49 115.06
N THR D 1524 -31.30 -17.31 114.95
CA THR D 1524 -31.77 -16.55 116.12
C THR D 1524 -30.63 -16.30 117.11
N GLY D 1525 -29.44 -16.01 116.60
CA GLY D 1525 -28.29 -15.83 117.46
C GLY D 1525 -28.23 -14.44 118.07
N LEU D 1526 -27.41 -14.33 119.12
CA LEU D 1526 -27.22 -13.06 119.81
C LEU D 1526 -26.48 -12.07 118.90
N MET D 1527 -26.76 -10.79 119.08
CA MET D 1527 -26.23 -9.76 118.20
C MET D 1527 -25.01 -9.12 118.84
N THR D 1528 -23.81 -9.54 118.41
CA THR D 1528 -22.55 -9.12 119.02
C THR D 1528 -21.80 -8.19 118.09
N PHE D 1529 -21.45 -7.00 118.59
CA PHE D 1529 -20.69 -6.02 117.84
C PHE D 1529 -19.26 -5.99 118.36
N THR D 1530 -18.29 -6.26 117.48
CA THR D 1530 -16.88 -6.31 117.85
C THR D 1530 -16.18 -5.04 117.40
N ALA D 1531 -15.37 -4.47 118.28
CA ALA D 1531 -14.67 -3.22 118.01
C ALA D 1531 -13.28 -3.49 117.45
N ASN D 1532 -12.46 -2.45 117.37
CA ASN D 1532 -11.08 -2.57 116.92
C ASN D 1532 -10.22 -3.04 118.09
N GLY D 1533 -9.93 -4.34 118.11
CA GLY D 1533 -9.13 -4.91 119.18
C GLY D 1533 -9.80 -4.85 120.54
N LYS D 1534 -11.09 -5.17 120.60
CA LYS D 1534 -11.84 -5.15 121.85
C LYS D 1534 -12.84 -6.30 121.81
N GLU D 1535 -13.62 -6.42 122.88
CA GLU D 1535 -14.63 -7.47 123.01
C GLU D 1535 -15.99 -6.96 122.55
N SER D 1536 -16.94 -7.89 122.48
CA SER D 1536 -18.29 -7.54 122.05
C SER D 1536 -18.95 -6.58 123.03
N ASN D 1537 -19.15 -7.04 124.27
CA ASN D 1537 -19.72 -6.28 125.39
C ASN D 1537 -21.18 -5.92 125.19
N THR D 1538 -21.79 -6.25 124.04
CA THR D 1538 -23.19 -5.97 123.79
C THR D 1538 -23.83 -7.16 123.10
N PHE D 1539 -25.10 -7.38 123.40
CA PHE D 1539 -25.85 -8.48 122.79
C PHE D 1539 -27.34 -8.18 122.92
N PHE D 1540 -28.11 -8.55 121.89
CA PHE D 1540 -29.55 -8.34 121.88
C PHE D 1540 -30.23 -9.59 121.33
N GLN D 1541 -31.28 -10.02 122.03
CA GLN D 1541 -32.06 -11.16 121.58
C GLN D 1541 -32.94 -10.76 120.40
N VAL D 1542 -33.09 -11.68 119.44
CA VAL D 1542 -33.82 -11.43 118.20
C VAL D 1542 -34.91 -12.47 118.04
N GLU D 1543 -36.10 -12.02 117.64
CA GLU D 1543 -37.21 -12.93 117.41
C GLU D 1543 -36.91 -13.82 116.20
N PRO D 1544 -37.49 -15.03 116.16
CA PRO D 1544 -37.18 -15.95 115.05
C PRO D 1544 -37.51 -15.38 113.67
N ASN D 1545 -38.60 -14.63 113.55
CA ASN D 1545 -39.03 -14.07 112.27
C ASN D 1545 -38.95 -12.55 112.36
N THR D 1546 -37.82 -11.99 111.91
CA THR D 1546 -37.63 -10.55 111.92
C THR D 1546 -36.66 -10.17 110.82
N LYS D 1547 -36.94 -9.06 110.14
CA LYS D 1547 -36.07 -8.53 109.10
C LYS D 1547 -35.36 -7.30 109.65
N LEU D 1548 -34.03 -7.26 109.51
CA LEU D 1548 -33.21 -6.18 110.04
C LEU D 1548 -32.32 -5.62 108.94
N PHE D 1549 -32.11 -4.30 108.98
CA PHE D 1549 -31.24 -3.61 108.03
C PHE D 1549 -30.05 -3.01 108.75
N PRO D 1550 -28.86 -3.01 108.14
CA PRO D 1550 -27.69 -2.36 108.75
C PRO D 1550 -27.78 -0.85 108.63
N ALA D 1551 -27.57 -0.15 109.73
CA ALA D 1551 -27.66 1.30 109.76
C ALA D 1551 -26.66 1.87 110.76
N VAL D 1552 -26.11 3.04 110.42
CA VAL D 1552 -25.26 3.80 111.32
C VAL D 1552 -25.78 5.24 111.38
N PHE D 1553 -25.84 5.80 112.58
CA PHE D 1553 -26.23 7.19 112.77
C PHE D 1553 -25.02 7.99 113.20
N VAL D 1554 -24.75 9.10 112.51
CA VAL D 1554 -23.50 9.83 112.66
C VAL D 1554 -23.70 11.28 112.25
N LEU D 1555 -22.86 12.16 112.81
CA LEU D 1555 -22.58 13.58 112.65
C LEU D 1555 -21.49 13.78 111.60
N PRO D 1556 -21.74 14.60 110.58
CA PRO D 1556 -20.74 14.78 109.51
C PRO D 1556 -19.44 15.42 109.99
N THR D 1557 -19.54 16.48 110.77
CA THR D 1557 -18.40 17.21 111.33
C THR D 1557 -17.49 17.79 110.25
N HIS D 1558 -18.00 17.91 109.02
CA HIS D 1558 -17.30 18.59 107.93
C HIS D 1558 -15.95 17.94 107.63
N GLN D 1559 -15.99 16.64 107.32
CA GLN D 1559 -14.80 15.87 106.94
C GLN D 1559 -15.29 14.55 106.37
N ASN D 1560 -14.36 13.63 106.12
CA ASN D 1560 -14.73 12.27 105.74
C ASN D 1560 -15.40 11.60 106.93
N VAL D 1561 -16.57 11.00 106.70
CA VAL D 1561 -17.44 10.65 107.83
C VAL D 1561 -17.45 9.16 108.09
N ILE D 1562 -17.99 8.38 107.16
CA ILE D 1562 -18.22 6.94 107.34
C ILE D 1562 -17.96 6.23 106.01
N GLN D 1563 -17.37 5.05 106.09
CA GLN D 1563 -17.22 4.15 104.95
C GLN D 1563 -17.80 2.79 105.31
N PHE D 1564 -18.54 2.19 104.39
CA PHE D 1564 -19.13 0.87 104.59
C PHE D 1564 -18.28 -0.16 103.88
N GLU D 1565 -17.83 -1.17 104.63
CA GLU D 1565 -17.00 -2.24 104.09
C GLU D 1565 -17.78 -3.54 104.07
N LEU D 1566 -17.74 -4.23 102.93
CA LEU D 1566 -18.43 -5.51 102.75
C LEU D 1566 -17.36 -6.58 102.51
N GLY D 1567 -16.92 -7.22 103.59
CA GLY D 1567 -15.90 -8.24 103.49
C GLY D 1567 -16.18 -9.41 104.42
N LYS D 1568 -15.50 -10.51 104.16
CA LYS D 1568 -15.63 -11.73 104.94
C LYS D 1568 -14.44 -11.86 105.88
N GLN D 1569 -14.70 -12.01 107.18
CA GLN D 1569 -13.66 -12.15 108.17
C GLN D 1569 -14.14 -13.06 109.29
N LYS D 1570 -13.18 -13.61 110.03
CA LYS D 1570 -13.45 -14.51 111.15
C LYS D 1570 -14.29 -15.72 110.71
N ASN D 1571 -13.99 -16.24 109.51
CA ASN D 1571 -14.68 -17.40 108.95
C ASN D 1571 -16.19 -17.18 108.89
N ILE D 1572 -16.60 -15.97 108.52
CA ILE D 1572 -18.00 -15.60 108.41
C ILE D 1572 -18.30 -15.21 106.97
N MET D 1573 -19.43 -15.66 106.46
CA MET D 1573 -19.80 -15.38 105.08
C MET D 1573 -20.02 -13.88 104.88
N PRO D 1574 -19.76 -13.38 103.67
CA PRO D 1574 -20.01 -11.96 103.40
C PRO D 1574 -21.49 -11.62 103.51
N LEU D 1575 -21.75 -10.35 103.82
CA LEU D 1575 -23.12 -9.89 104.01
C LEU D 1575 -23.93 -10.04 102.73
N SER D 1576 -23.28 -10.00 101.57
CA SER D 1576 -23.96 -10.20 100.30
C SER D 1576 -24.58 -11.59 100.18
N ALA D 1577 -23.99 -12.60 100.83
CA ALA D 1577 -24.54 -13.94 100.76
C ALA D 1577 -25.91 -14.00 101.44
N ALA D 1578 -26.07 -13.29 102.56
CA ALA D 1578 -27.34 -13.34 103.29
C ALA D 1578 -28.46 -12.65 102.52
N MET D 1579 -28.20 -11.45 101.99
CA MET D 1579 -29.26 -10.65 101.39
C MET D 1579 -29.68 -11.22 100.04
N PHE D 1580 -28.72 -11.72 99.27
CA PHE D 1580 -28.99 -12.25 97.93
C PHE D 1580 -29.15 -13.76 98.03
N LEU D 1581 -30.31 -14.26 97.56
CA LEU D 1581 -30.53 -15.71 97.57
C LEU D 1581 -29.68 -16.43 96.54
N SER D 1582 -29.39 -15.79 95.41
CA SER D 1582 -28.56 -16.42 94.39
C SER D 1582 -27.13 -16.62 94.86
N GLU D 1583 -26.59 -15.67 95.61
CA GLU D 1583 -25.23 -15.77 96.15
C GLU D 1583 -25.20 -16.40 97.54
N ARG D 1584 -26.16 -17.26 97.86
CA ARG D 1584 -26.22 -17.86 99.19
C ARG D 1584 -24.98 -18.69 99.47
N LYS D 1585 -24.52 -19.47 98.50
CA LYS D 1585 -23.35 -20.32 98.65
C LYS D 1585 -22.08 -19.72 98.05
N ASN D 1586 -22.13 -18.45 97.66
CA ASN D 1586 -20.97 -17.80 97.05
C ASN D 1586 -20.11 -17.17 98.14
N PRO D 1587 -18.87 -17.62 98.35
CA PRO D 1587 -18.04 -17.01 99.39
C PRO D 1587 -17.39 -15.69 98.99
N ALA D 1588 -17.26 -15.42 97.70
CA ALA D 1588 -16.62 -14.19 97.26
C ALA D 1588 -17.56 -13.01 97.44
N PRO D 1589 -17.13 -11.94 98.11
CA PRO D 1589 -18.01 -10.78 98.33
C PRO D 1589 -18.08 -9.88 97.10
N GLN D 1590 -19.31 -9.59 96.69
CA GLN D 1590 -19.56 -8.68 95.57
C GLN D 1590 -20.55 -7.61 96.01
N CYS D 1591 -20.58 -6.51 95.26
CA CYS D 1591 -21.49 -5.39 95.49
C CYS D 1591 -22.31 -5.16 94.22
N PRO D 1592 -23.46 -5.81 94.09
CA PRO D 1592 -24.32 -5.59 92.93
C PRO D 1592 -24.89 -4.17 92.93
N PRO D 1593 -25.30 -3.66 91.77
CA PRO D 1593 -25.78 -2.27 91.70
C PRO D 1593 -27.03 -2.01 92.53
N ARG D 1594 -27.78 -3.05 92.91
CA ARG D 1594 -29.01 -2.82 93.67
C ARG D 1594 -28.70 -2.21 95.04
N LEU D 1595 -27.62 -2.64 95.69
CA LEU D 1595 -27.26 -2.12 97.00
C LEU D 1595 -26.82 -0.66 96.89
N GLU D 1596 -27.33 0.17 97.79
CA GLU D 1596 -26.97 1.59 97.83
C GLU D 1596 -27.29 2.12 99.22
N MET D 1597 -26.69 3.27 99.54
CA MET D 1597 -26.97 3.96 100.80
C MET D 1597 -28.29 4.71 100.70
N GLN D 1598 -29.04 4.75 101.80
CA GLN D 1598 -30.37 5.35 101.82
C GLN D 1598 -30.52 6.18 103.07
N MET D 1599 -30.69 7.49 102.89
CA MET D 1599 -30.87 8.40 104.03
C MET D 1599 -32.35 8.51 104.39
N LEU D 1600 -32.65 9.41 105.32
CA LEU D 1600 -33.99 9.60 105.84
C LEU D 1600 -34.50 10.98 105.47
N MET D 1601 -35.69 11.03 104.86
CA MET D 1601 -36.34 12.28 104.52
C MET D 1601 -37.41 12.61 105.55
N PRO D 1602 -37.31 13.76 106.23
CA PRO D 1602 -38.31 14.06 107.26
C PRO D 1602 -39.74 14.13 106.75
N VAL D 1603 -39.94 14.56 105.52
CA VAL D 1603 -41.27 14.74 104.95
C VAL D 1603 -41.33 14.06 103.58
N SER D 1604 -42.52 13.57 103.24
CA SER D 1604 -42.77 12.93 101.96
C SER D 1604 -44.20 13.20 101.54
N TRP D 1605 -44.47 13.01 100.25
CA TRP D 1605 -45.80 13.25 99.69
C TRP D 1605 -46.67 12.01 99.81
N SER D 1606 -47.94 12.21 100.15
CA SER D 1606 -48.91 11.13 100.29
C SER D 1606 -50.22 11.54 99.64
N ARG D 1607 -50.98 10.55 99.19
CA ARG D 1607 -52.26 10.79 98.53
C ARG D 1607 -53.40 10.76 99.55
N MET D 1608 -54.34 11.68 99.38
CA MET D 1608 -55.49 11.80 100.28
C MET D 1608 -56.62 10.90 99.80
N PRO D 1609 -57.18 10.06 100.68
CA PRO D 1609 -58.26 9.17 100.26
C PRO D 1609 -59.50 9.93 99.83
N ASN D 1610 -60.27 9.33 98.92
CA ASN D 1610 -61.46 9.98 98.39
C ASN D 1610 -62.62 9.95 99.39
N HIS D 1611 -62.77 8.85 100.13
CA HIS D 1611 -63.87 8.69 101.06
C HIS D 1611 -63.32 8.30 102.43
N PHE D 1612 -64.07 8.66 103.47
CA PHE D 1612 -63.68 8.44 104.85
C PHE D 1612 -64.85 7.87 105.65
N LEU D 1613 -64.52 7.20 106.74
CA LEU D 1613 -65.52 6.60 107.60
C LEU D 1613 -66.25 7.66 108.41
N ARG D 1614 -67.47 7.33 108.84
CA ARG D 1614 -68.30 8.23 109.60
C ARG D 1614 -68.34 7.78 111.06
N VAL D 1615 -68.06 8.72 111.97
CA VAL D 1615 -68.05 8.48 113.40
C VAL D 1615 -69.00 9.46 114.06
N GLU D 1616 -69.89 8.95 114.92
CA GLU D 1616 -70.84 9.76 115.65
C GLU D 1616 -70.67 9.53 117.14
N THR D 1617 -70.81 10.59 117.93
CA THR D 1617 -70.62 10.51 119.38
C THR D 1617 -71.73 11.25 120.09
N ARG D 1618 -72.26 10.63 121.15
CA ARG D 1618 -73.22 11.29 122.02
C ARG D 1618 -72.90 10.90 123.46
N ARG D 1619 -73.34 11.74 124.39
CA ARG D 1619 -73.22 11.41 125.81
C ARG D 1619 -74.04 10.18 126.16
N ALA D 1620 -75.22 10.04 125.55
CA ALA D 1620 -76.10 8.88 125.74
C ALA D 1620 -76.45 8.67 127.21
N GLY D 1621 -76.74 9.74 127.93
CA GLY D 1621 -77.11 9.65 129.32
C GLY D 1621 -75.93 9.56 130.26
N GLU D 1622 -76.25 9.34 131.53
CA GLU D 1622 -75.23 9.24 132.57
C GLU D 1622 -74.75 7.80 132.78
N ARG D 1623 -75.65 6.82 132.70
CA ARG D 1623 -75.24 5.42 132.84
C ARG D 1623 -74.30 5.00 131.72
N LEU D 1624 -74.61 5.40 130.49
CA LEU D 1624 -73.76 5.12 129.35
C LEU D 1624 -72.82 6.29 129.13
N GLY D 1625 -71.51 6.03 129.08
CA GLY D 1625 -70.53 7.08 128.96
C GLY D 1625 -70.51 7.78 127.61
N TRP D 1626 -70.08 7.07 126.58
CA TRP D 1626 -69.98 7.63 125.23
C TRP D 1626 -70.14 6.50 124.23
N ALA D 1627 -70.79 6.80 123.11
CA ALA D 1627 -71.13 5.80 122.10
C ALA D 1627 -70.44 6.10 120.78
N VAL D 1628 -69.89 5.05 120.17
CA VAL D 1628 -69.29 5.13 118.85
C VAL D 1628 -69.91 4.05 117.98
N GLN D 1629 -70.33 4.42 116.76
CA GLN D 1629 -71.01 3.50 115.86
C GLN D 1629 -70.55 3.75 114.44
N CYS D 1630 -70.64 2.72 113.60
CA CYS D 1630 -70.31 2.80 112.19
C CYS D 1630 -71.44 2.19 111.38
N GLN D 1631 -71.78 2.84 110.26
CA GLN D 1631 -72.90 2.43 109.44
C GLN D 1631 -72.47 1.76 108.14
N GLU D 1632 -71.63 2.44 107.34
CA GLU D 1632 -71.29 1.91 106.03
C GLU D 1632 -69.82 1.49 105.98
N PRO D 1633 -69.50 0.41 105.28
CA PRO D 1633 -68.11 -0.02 105.13
C PRO D 1633 -67.43 0.71 103.99
N LEU D 1634 -66.12 0.52 103.88
CA LEU D 1634 -65.33 1.15 102.83
C LEU D 1634 -64.03 0.38 102.67
N THR D 1635 -63.67 0.05 101.44
CA THR D 1635 -62.47 -0.71 101.13
C THR D 1635 -61.54 0.10 100.24
N MET D 1636 -60.35 -0.44 100.01
CA MET D 1636 -59.37 0.19 99.14
C MET D 1636 -58.45 -0.88 98.58
N MET D 1637 -57.74 -0.51 97.51
CA MET D 1637 -56.81 -1.41 96.82
C MET D 1637 -55.40 -0.92 97.06
N ALA D 1638 -54.54 -1.79 97.59
CA ALA D 1638 -53.20 -1.40 98.02
C ALA D 1638 -52.18 -2.41 97.53
N LEU D 1639 -50.92 -1.99 97.56
CA LEU D 1639 -49.78 -2.79 97.16
C LEU D 1639 -48.94 -3.17 98.38
N HIS D 1640 -47.81 -3.84 98.12
CA HIS D 1640 -46.90 -4.24 99.20
C HIS D 1640 -45.52 -4.40 98.60
N ILE D 1641 -44.50 -3.88 99.28
CA ILE D 1641 -43.11 -4.00 98.82
C ILE D 1641 -42.40 -5.05 99.67
N PRO D 1642 -42.08 -6.21 99.11
CA PRO D 1642 -41.35 -7.22 99.90
C PRO D 1642 -40.05 -6.72 100.49
N GLU D 1643 -39.33 -5.85 99.77
CA GLU D 1643 -38.02 -5.41 100.23
C GLU D 1643 -38.10 -4.49 101.45
N GLU D 1644 -39.11 -3.62 101.49
CA GLU D 1644 -39.25 -2.68 102.60
C GLU D 1644 -40.37 -3.04 103.56
N ASN D 1645 -41.19 -4.03 103.24
CA ASN D 1645 -42.31 -4.45 104.08
C ASN D 1645 -43.22 -3.26 104.40
N ARG D 1646 -43.53 -2.49 103.37
CA ARG D 1646 -44.32 -1.26 103.51
C ARG D 1646 -45.46 -1.28 102.52
N CYS D 1647 -46.66 -0.95 103.00
CA CYS D 1647 -47.86 -0.96 102.18
C CYS D 1647 -48.16 0.44 101.65
N MET D 1648 -48.56 0.49 100.37
CA MET D 1648 -48.88 1.75 99.72
C MET D 1648 -50.13 1.56 98.87
N ASP D 1649 -50.83 2.66 98.63
CA ASP D 1649 -52.02 2.63 97.78
C ASP D 1649 -51.62 2.51 96.32
N ILE D 1650 -52.52 1.92 95.52
CA ILE D 1650 -52.26 1.78 94.09
C ILE D 1650 -52.50 3.08 93.33
N LEU D 1651 -53.32 3.99 93.87
CA LEU D 1651 -53.60 5.25 93.20
C LEU D 1651 -52.42 6.20 93.22
N GLU D 1652 -51.37 5.90 93.99
CA GLU D 1652 -50.16 6.72 94.00
C GLU D 1652 -49.24 6.42 92.83
N LEU D 1653 -49.49 5.34 92.07
CA LEU D 1653 -48.66 5.01 90.92
C LEU D 1653 -48.82 6.01 89.78
N SER D 1654 -49.90 6.81 89.79
CA SER D 1654 -50.06 7.83 88.76
C SER D 1654 -48.99 8.92 88.88
N GLU D 1655 -48.49 9.15 90.09
CA GLU D 1655 -47.43 10.14 90.32
C GLU D 1655 -46.05 9.51 90.40
N ARG D 1656 -45.94 8.27 90.87
CA ARG D 1656 -44.66 7.58 90.96
C ARG D 1656 -44.48 6.76 89.69
N LEU D 1657 -43.82 7.36 88.69
CA LEU D 1657 -43.59 6.70 87.41
C LEU D 1657 -42.53 5.61 87.47
N ASP D 1658 -41.74 5.55 88.55
CA ASP D 1658 -40.71 4.53 88.68
C ASP D 1658 -41.30 3.15 88.96
N LEU D 1659 -42.54 3.09 89.45
CA LEU D 1659 -43.19 1.81 89.73
C LEU D 1659 -44.31 1.48 88.76
N GLN D 1660 -44.86 2.47 88.06
CA GLN D 1660 -45.91 2.19 87.08
C GLN D 1660 -45.39 1.34 85.93
N GLN D 1661 -44.18 1.62 85.45
CA GLN D 1661 -43.62 0.85 84.35
C GLN D 1661 -43.40 -0.61 84.75
N PHE D 1662 -42.87 -0.84 85.95
CA PHE D 1662 -42.62 -2.21 86.40
C PHE D 1662 -43.92 -2.96 86.61
N HIS D 1663 -44.94 -2.31 87.18
CA HIS D 1663 -46.21 -2.98 87.40
C HIS D 1663 -46.95 -3.23 86.10
N SER D 1664 -46.84 -2.30 85.15
CA SER D 1664 -47.46 -2.51 83.84
C SER D 1664 -46.85 -3.71 83.13
N HIS D 1665 -45.53 -3.86 83.19
CA HIS D 1665 -44.87 -5.03 82.63
C HIS D 1665 -45.09 -6.28 83.47
N THR D 1666 -45.42 -6.12 84.76
CA THR D 1666 -45.81 -7.27 85.57
C THR D 1666 -47.07 -7.92 85.02
N LEU D 1667 -48.07 -7.12 84.68
CA LEU D 1667 -49.29 -7.66 84.08
C LEU D 1667 -49.07 -8.14 82.66
N ARG D 1668 -48.00 -7.67 82.00
CA ARG D 1668 -47.63 -8.22 80.69
C ARG D 1668 -47.09 -9.64 80.82
N LEU D 1669 -46.28 -9.89 81.84
CA LEU D 1669 -45.75 -11.24 82.06
C LEU D 1669 -46.87 -12.22 82.34
N TYR D 1670 -47.84 -11.83 83.17
CA TYR D 1670 -49.00 -12.67 83.42
C TYR D 1670 -49.84 -12.86 82.16
N ARG D 1671 -49.79 -11.89 81.23
CA ARG D 1671 -50.48 -12.05 79.96
C ARG D 1671 -49.76 -13.02 79.04
N ALA D 1672 -48.43 -12.94 78.98
CA ALA D 1672 -47.67 -13.86 78.13
C ALA D 1672 -47.81 -15.30 78.62
N VAL D 1673 -47.67 -15.51 79.93
CA VAL D 1673 -47.98 -16.81 80.50
C VAL D 1673 -49.50 -17.01 80.45
N CYS D 1674 -49.92 -18.27 80.60
CA CYS D 1674 -51.33 -18.64 80.65
C CYS D 1674 -51.99 -18.43 79.28
N ALA D 1675 -51.21 -18.59 78.21
CA ALA D 1675 -51.67 -18.35 76.85
C ALA D 1675 -51.67 -19.64 76.06
N LEU D 1676 -52.31 -19.57 74.89
CA LEU D 1676 -52.45 -20.70 73.97
C LEU D 1676 -53.08 -21.91 74.67
N GLY D 1677 -54.23 -21.67 75.29
CA GLY D 1677 -55.01 -22.73 75.91
C GLY D 1677 -54.44 -23.29 77.19
N ASN D 1678 -53.44 -22.64 77.78
CA ASN D 1678 -52.84 -23.15 79.00
C ASN D 1678 -53.79 -22.98 80.17
N ASN D 1679 -54.04 -24.07 80.90
CA ASN D 1679 -54.95 -24.04 82.04
C ASN D 1679 -54.39 -24.62 83.32
N ARG D 1680 -53.32 -25.43 83.28
CA ARG D 1680 -52.71 -25.90 84.51
C ARG D 1680 -52.11 -24.75 85.31
N VAL D 1681 -51.48 -23.80 84.61
CA VAL D 1681 -50.88 -22.65 85.28
C VAL D 1681 -51.91 -21.53 85.47
N ALA D 1682 -53.06 -21.60 84.78
CA ALA D 1682 -54.11 -20.61 84.98
C ALA D 1682 -54.64 -20.64 86.40
N HIS D 1683 -54.81 -21.83 86.98
CA HIS D 1683 -55.25 -21.93 88.36
C HIS D 1683 -54.20 -21.37 89.31
N ALA D 1684 -52.92 -21.58 89.02
CA ALA D 1684 -51.86 -21.10 89.91
C ALA D 1684 -51.84 -19.58 90.00
N LEU D 1685 -52.02 -18.88 88.87
CA LEU D 1685 -52.02 -17.42 88.88
C LEU D 1685 -53.23 -16.82 89.58
N CYS D 1686 -54.26 -17.61 89.87
CA CYS D 1686 -55.42 -17.09 90.58
C CYS D 1686 -55.10 -16.72 92.01
N SER D 1687 -54.08 -17.35 92.62
CA SER D 1687 -53.74 -17.06 94.00
C SER D 1687 -53.15 -15.66 94.14
N HIS D 1688 -52.22 -15.29 93.27
CA HIS D 1688 -51.55 -14.00 93.39
C HIS D 1688 -52.51 -12.84 93.19
N VAL D 1689 -53.38 -12.93 92.20
CA VAL D 1689 -54.33 -11.87 91.88
C VAL D 1689 -55.71 -12.50 91.95
N ASP D 1690 -56.35 -12.38 93.12
CA ASP D 1690 -57.64 -13.00 93.37
C ASP D 1690 -58.77 -12.19 92.72
N GLN D 1691 -59.96 -12.80 92.67
CA GLN D 1691 -61.06 -12.24 91.90
C GLN D 1691 -61.48 -10.86 92.38
N ALA D 1692 -61.57 -10.64 93.69
CA ALA D 1692 -61.95 -9.32 94.18
C ALA D 1692 -60.97 -8.26 93.70
N GLN D 1693 -59.69 -8.60 93.62
CA GLN D 1693 -58.71 -7.67 93.06
C GLN D 1693 -58.99 -7.37 91.59
N LEU D 1694 -59.51 -8.37 90.85
CA LEU D 1694 -59.98 -8.09 89.50
C LEU D 1694 -61.26 -7.27 89.52
N LEU D 1695 -62.28 -7.75 90.24
CA LEU D 1695 -63.59 -7.13 90.20
C LEU D 1695 -63.55 -5.70 90.73
N HIS D 1696 -62.79 -5.45 91.79
CA HIS D 1696 -62.64 -4.10 92.31
C HIS D 1696 -61.94 -3.19 91.29
N ALA D 1697 -60.99 -3.73 90.54
CA ALA D 1697 -60.28 -2.94 89.54
C ALA D 1697 -61.19 -2.50 88.40
N LEU D 1698 -62.31 -3.19 88.17
CA LEU D 1698 -63.24 -2.78 87.12
C LEU D 1698 -63.94 -1.49 87.47
N GLU D 1699 -64.67 -1.47 88.60
CA GLU D 1699 -65.44 -0.29 88.97
C GLU D 1699 -64.57 0.88 89.41
N ASP D 1700 -63.29 0.64 89.70
CA ASP D 1700 -62.39 1.73 90.10
C ASP D 1700 -62.13 2.63 88.90
N ALA D 1701 -62.31 3.94 89.09
CA ALA D 1701 -62.10 4.92 88.03
C ALA D 1701 -60.81 5.71 88.19
N HIS D 1702 -60.26 5.78 89.40
CA HIS D 1702 -59.02 6.51 89.64
C HIS D 1702 -57.78 5.70 89.28
N LEU D 1703 -57.94 4.45 88.87
CA LEU D 1703 -56.81 3.63 88.46
C LEU D 1703 -56.19 4.24 87.20
N PRO D 1704 -54.86 4.30 87.11
CA PRO D 1704 -54.24 4.92 85.92
C PRO D 1704 -54.57 4.17 84.64
N GLY D 1705 -54.30 4.84 83.52
CA GLY D 1705 -54.64 4.34 82.21
C GLY D 1705 -54.06 2.98 81.88
N PRO D 1706 -52.73 2.90 81.81
CA PRO D 1706 -52.10 1.60 81.49
C PRO D 1706 -52.46 0.49 82.46
N LEU D 1707 -52.67 0.81 83.74
CA LEU D 1707 -53.08 -0.21 84.70
C LEU D 1707 -54.53 -0.63 84.48
N ARG D 1708 -55.38 0.29 84.04
CA ARG D 1708 -56.79 -0.05 83.81
C ARG D 1708 -56.93 -1.05 82.66
N ALA D 1709 -56.20 -0.83 81.57
CA ALA D 1709 -56.28 -1.75 80.43
C ALA D 1709 -55.62 -3.09 80.75
N GLY D 1710 -54.54 -3.08 81.52
CA GLY D 1710 -53.87 -4.33 81.85
C GLY D 1710 -54.72 -5.24 82.70
N TYR D 1711 -55.40 -4.69 83.71
CA TYR D 1711 -56.25 -5.50 84.57
C TYR D 1711 -57.44 -6.06 83.81
N TYR D 1712 -58.04 -5.27 82.91
CA TYR D 1712 -59.15 -5.77 82.10
C TYR D 1712 -58.69 -6.91 81.19
N ASP D 1713 -57.53 -6.78 80.56
CA ASP D 1713 -57.01 -7.86 79.74
C ASP D 1713 -56.63 -9.07 80.58
N LEU D 1714 -56.21 -8.84 81.83
CA LEU D 1714 -55.92 -9.96 82.71
C LEU D 1714 -57.16 -10.79 82.99
N LEU D 1715 -58.32 -10.15 83.13
CA LEU D 1715 -59.57 -10.88 83.30
C LEU D 1715 -59.86 -11.78 82.11
N ILE D 1716 -59.64 -11.28 80.89
CA ILE D 1716 -59.90 -12.07 79.69
C ILE D 1716 -58.88 -13.20 79.55
N SER D 1717 -57.62 -12.93 79.88
CA SER D 1717 -56.54 -13.84 79.55
C SER D 1717 -56.46 -15.08 80.44
N ILE D 1718 -57.18 -15.10 81.57
CA ILE D 1718 -57.09 -16.20 82.52
C ILE D 1718 -58.41 -16.96 82.64
N HIS D 1719 -59.55 -16.24 82.61
CA HIS D 1719 -60.84 -16.89 82.72
C HIS D 1719 -61.59 -17.02 81.40
N LEU D 1720 -61.30 -16.16 80.43
CA LEU D 1720 -62.06 -16.14 79.18
C LEU D 1720 -61.19 -16.35 77.95
N GLU D 1721 -59.91 -16.72 78.12
CA GLU D 1721 -59.02 -16.87 76.98
C GLU D 1721 -59.17 -18.24 76.32
N SER D 1722 -59.15 -19.30 77.14
CA SER D 1722 -59.18 -20.65 76.59
C SER D 1722 -60.55 -21.06 76.07
N ALA D 1723 -61.61 -20.35 76.46
CA ALA D 1723 -62.96 -20.76 76.08
C ALA D 1723 -63.44 -20.08 74.81
N CYS D 1724 -63.10 -18.81 74.61
CA CYS D 1724 -63.54 -18.11 73.42
C CYS D 1724 -62.92 -18.70 72.15
N ARG D 1725 -61.63 -19.05 72.21
CA ARG D 1725 -60.94 -19.57 71.04
C ARG D 1725 -61.46 -20.95 70.65
N SER D 1726 -61.78 -21.78 71.65
CA SER D 1726 -62.45 -23.04 71.36
C SER D 1726 -63.81 -22.81 70.74
N ARG D 1727 -64.51 -21.76 71.15
CA ARG D 1727 -65.78 -21.39 70.53
C ARG D 1727 -65.56 -20.81 69.14
N ARG D 1728 -64.58 -19.91 68.99
CA ARG D 1728 -64.33 -19.29 67.69
C ARG D 1728 -63.84 -20.29 66.66
N SER D 1729 -63.07 -21.29 67.10
CA SER D 1729 -62.58 -22.31 66.17
C SER D 1729 -63.73 -23.11 65.57
N MET D 1730 -64.85 -23.20 66.27
CA MET D 1730 -65.98 -24.00 65.83
C MET D 1730 -67.07 -23.15 65.20
N LEU D 1731 -66.84 -21.84 65.05
CA LEU D 1731 -67.81 -20.94 64.42
C LEU D 1731 -67.93 -21.19 62.93
N SER D 1732 -66.87 -21.68 62.29
CA SER D 1732 -66.91 -21.92 60.85
C SER D 1732 -67.72 -23.16 60.49
N GLU D 1733 -67.94 -24.06 61.44
CA GLU D 1733 -68.72 -25.27 61.19
C GLU D 1733 -70.21 -25.00 61.39
N TYR D 1734 -71.03 -25.62 60.55
CA TYR D 1734 -72.48 -25.46 60.58
C TYR D 1734 -73.11 -26.85 60.56
N ILE D 1735 -73.39 -27.40 61.74
CA ILE D 1735 -74.04 -28.69 61.89
C ILE D 1735 -75.49 -28.45 62.32
N VAL D 1736 -76.44 -28.91 61.51
CA VAL D 1736 -77.86 -28.67 61.77
C VAL D 1736 -78.55 -29.99 62.04
N PRO D 1737 -78.82 -30.33 63.30
CA PRO D 1737 -79.58 -31.56 63.59
C PRO D 1737 -81.02 -31.45 63.14
N LEU D 1738 -81.61 -32.60 62.84
CA LEU D 1738 -83.01 -32.67 62.41
C LEU D 1738 -83.88 -32.74 63.66
N THR D 1739 -84.30 -31.57 64.13
CA THR D 1739 -85.10 -31.44 65.33
C THR D 1739 -86.32 -30.58 65.03
N PRO D 1740 -87.49 -30.88 65.62
CA PRO D 1740 -88.67 -30.04 65.39
C PRO D 1740 -88.44 -28.58 65.74
N GLU D 1741 -87.53 -28.33 66.69
CA GLU D 1741 -87.13 -26.95 66.97
C GLU D 1741 -86.48 -26.30 65.76
N THR D 1742 -85.63 -27.06 65.05
CA THR D 1742 -85.04 -26.54 63.82
C THR D 1742 -86.05 -26.41 62.69
N ARG D 1743 -87.09 -27.26 62.68
CA ARG D 1743 -88.11 -27.17 61.64
C ARG D 1743 -88.86 -25.83 61.69
N ALA D 1744 -89.18 -25.36 62.89
CA ALA D 1744 -89.93 -24.10 63.05
C ALA D 1744 -88.98 -22.91 63.04
N ILE D 1745 -88.20 -22.81 61.96
CA ILE D 1745 -87.27 -21.71 61.75
C ILE D 1745 -87.60 -21.06 60.41
N THR D 1746 -87.90 -19.77 60.45
CA THR D 1746 -88.22 -19.00 59.25
C THR D 1746 -87.17 -17.92 59.03
N LEU D 1747 -86.77 -17.75 57.77
CA LEU D 1747 -85.76 -16.75 57.43
C LEU D 1747 -86.27 -15.34 57.70
N PHE D 1748 -87.56 -15.10 57.42
CA PHE D 1748 -88.12 -13.81 57.82
C PHE D 1748 -88.90 -13.95 59.11
N PRO D 1749 -88.73 -13.00 60.03
CA PRO D 1749 -89.46 -13.06 61.31
C PRO D 1749 -90.96 -12.95 61.08
N PRO D 1750 -91.77 -13.65 61.89
CA PRO D 1750 -93.24 -13.61 61.76
C PRO D 1750 -93.84 -12.29 62.25
N ARG D 1760 -89.08 -6.91 56.59
CA ARG D 1760 -88.40 -6.40 57.77
C ARG D 1760 -87.47 -7.46 58.36
N HIS D 1761 -86.17 -7.22 58.27
CA HIS D 1761 -85.20 -8.15 58.81
C HIS D 1761 -85.23 -8.16 60.33
N GLY D 1762 -85.12 -9.35 60.91
CA GLY D 1762 -85.12 -9.48 62.35
C GLY D 1762 -83.80 -9.05 62.97
N LEU D 1763 -83.84 -8.84 64.29
CA LEU D 1763 -82.64 -8.45 65.01
C LEU D 1763 -81.64 -9.60 65.05
N PRO D 1764 -80.35 -9.32 64.85
CA PRO D 1764 -79.36 -10.40 64.87
C PRO D 1764 -79.11 -10.91 66.29
N GLY D 1765 -79.00 -12.23 66.41
CA GLY D 1765 -78.68 -12.88 67.66
C GLY D 1765 -79.87 -13.19 68.55
N VAL D 1766 -81.04 -12.63 68.27
CA VAL D 1766 -82.20 -12.90 69.11
C VAL D 1766 -82.82 -14.24 68.74
N GLY D 1767 -82.58 -14.72 67.52
CA GLY D 1767 -83.11 -16.02 67.13
C GLY D 1767 -82.24 -17.15 67.66
N VAL D 1768 -82.89 -18.24 68.04
CA VAL D 1768 -82.17 -19.40 68.57
C VAL D 1768 -81.47 -20.12 67.42
N THR D 1769 -80.18 -20.42 67.61
CA THR D 1769 -79.41 -21.03 66.54
C THR D 1769 -79.77 -22.50 66.34
N THR D 1770 -79.96 -23.24 67.44
CA THR D 1770 -80.19 -24.69 67.39
C THR D 1770 -79.09 -25.41 66.61
N SER D 1771 -77.85 -24.99 66.81
CA SER D 1771 -76.70 -25.60 66.17
C SER D 1771 -75.86 -26.35 67.20
N LEU D 1772 -75.33 -27.50 66.80
CA LEU D 1772 -74.51 -28.31 67.70
C LEU D 1772 -73.18 -27.61 67.95
N ARG D 1773 -72.93 -27.22 69.20
CA ARG D 1773 -71.71 -26.55 69.59
C ARG D 1773 -71.12 -27.20 70.83
N PRO D 1774 -69.79 -27.18 70.98
CA PRO D 1774 -69.17 -27.75 72.17
C PRO D 1774 -69.50 -26.93 73.40
N PRO D 1775 -70.12 -27.54 74.41
CA PRO D 1775 -70.49 -26.79 75.62
C PRO D 1775 -69.27 -26.32 76.38
N HIS D 1776 -69.44 -25.20 77.07
CA HIS D 1776 -68.36 -24.63 77.87
C HIS D 1776 -68.07 -25.53 79.07
N HIS D 1777 -66.80 -25.55 79.48
CA HIS D 1777 -66.36 -26.35 80.62
C HIS D 1777 -65.50 -25.47 81.53
N PHE D 1778 -65.85 -25.44 82.82
CA PHE D 1778 -65.12 -24.64 83.79
C PHE D 1778 -65.05 -25.41 85.11
N SER D 1779 -64.10 -25.01 85.96
CA SER D 1779 -63.93 -25.64 87.25
C SER D 1779 -63.41 -24.61 88.24
N ALA D 1780 -63.72 -24.85 89.52
CA ALA D 1780 -63.26 -23.98 90.59
C ALA D 1780 -61.77 -24.20 90.86
N PRO D 1781 -61.07 -23.16 91.34
CA PRO D 1781 -59.64 -23.33 91.65
C PRO D 1781 -59.39 -24.38 92.71
N CYS D 1782 -60.01 -24.21 93.88
CA CYS D 1782 -59.94 -25.17 94.98
C CYS D 1782 -58.48 -25.48 95.35
N PHE D 1783 -57.81 -24.42 95.82
CA PHE D 1783 -56.39 -24.52 96.11
C PHE D 1783 -56.08 -25.51 97.22
N VAL D 1784 -57.00 -25.68 98.17
CA VAL D 1784 -56.77 -26.55 99.32
C VAL D 1784 -56.85 -28.02 98.97
N ALA D 1785 -57.32 -28.36 97.77
CA ALA D 1785 -57.47 -29.75 97.38
C ALA D 1785 -56.12 -30.47 97.34
N ALA D 1786 -56.13 -31.73 97.73
CA ALA D 1786 -54.92 -32.54 97.73
C ALA D 1786 -54.50 -32.88 96.31
N LEU D 1787 -53.18 -32.91 96.09
CA LEU D 1787 -52.62 -33.23 94.78
C LEU D 1787 -52.07 -34.64 94.78
N PRO D 1788 -52.38 -35.46 93.76
CA PRO D 1788 -51.89 -36.84 93.68
C PRO D 1788 -50.57 -36.95 92.93
N GLU D 1794 -49.24 -38.99 82.18
CA GLU D 1794 -50.58 -39.49 82.44
C GLU D 1794 -51.29 -38.63 83.47
N ALA D 1795 -51.49 -37.35 83.14
CA ALA D 1795 -52.15 -36.40 84.01
C ALA D 1795 -53.42 -35.89 83.36
N PRO D 1796 -54.57 -35.97 84.04
CA PRO D 1796 -55.81 -35.45 83.44
C PRO D 1796 -55.73 -33.96 83.20
N ALA D 1797 -56.35 -33.50 82.12
CA ALA D 1797 -56.38 -32.09 81.79
C ALA D 1797 -57.29 -31.33 82.74
N ARG D 1798 -56.84 -30.16 83.19
CA ARG D 1798 -57.60 -29.33 84.12
C ARG D 1798 -58.24 -28.17 83.36
N LEU D 1799 -59.50 -27.89 83.69
CA LEU D 1799 -60.23 -26.81 83.04
C LEU D 1799 -59.79 -25.45 83.57
N SER D 1800 -60.22 -24.39 82.89
CA SER D 1800 -59.85 -23.04 83.28
C SER D 1800 -60.60 -22.64 84.56
N PRO D 1801 -60.05 -21.68 85.31
CA PRO D 1801 -60.76 -21.19 86.51
C PRO D 1801 -62.15 -20.70 86.17
N SER D 1802 -63.07 -20.91 87.12
CA SER D 1802 -64.48 -20.55 86.94
C SER D 1802 -64.85 -19.35 87.81
N ILE D 1803 -65.49 -18.37 87.19
CA ILE D 1803 -66.04 -17.22 87.92
C ILE D 1803 -67.48 -17.01 87.49
N PRO D 1804 -68.29 -16.40 88.36
CA PRO D 1804 -69.71 -16.22 88.03
C PRO D 1804 -69.90 -15.41 86.76
N LEU D 1805 -70.47 -16.05 85.74
CA LEU D 1805 -70.74 -15.37 84.48
C LEU D 1805 -71.85 -14.33 84.64
N GLU D 1806 -72.85 -14.61 85.48
CA GLU D 1806 -73.95 -13.69 85.67
C GLU D 1806 -73.48 -12.37 86.26
N ALA D 1807 -72.54 -12.41 87.20
CA ALA D 1807 -72.01 -11.17 87.77
C ALA D 1807 -71.29 -10.33 86.72
N LEU D 1808 -70.53 -10.97 85.84
CA LEU D 1808 -69.83 -10.23 84.78
C LEU D 1808 -70.81 -9.54 83.84
N ARG D 1809 -71.90 -10.22 83.48
CA ARG D 1809 -72.86 -9.65 82.52
C ARG D 1809 -73.47 -8.36 83.06
N ASP D 1810 -73.97 -8.39 84.30
CA ASP D 1810 -74.58 -7.19 84.87
C ASP D 1810 -73.54 -6.08 85.02
N LYS D 1811 -72.33 -6.42 85.44
CA LYS D 1811 -71.28 -5.43 85.58
C LYS D 1811 -70.88 -4.82 84.23
N ALA D 1812 -70.77 -5.67 83.19
CA ALA D 1812 -70.38 -5.16 81.88
C ALA D 1812 -71.44 -4.23 81.31
N LEU D 1813 -72.72 -4.59 81.44
CA LEU D 1813 -73.79 -3.69 81.01
C LEU D 1813 -73.80 -2.38 81.79
N ARG D 1814 -73.62 -2.45 83.12
CA ARG D 1814 -73.58 -1.22 83.91
C ARG D 1814 -72.38 -0.36 83.55
N MET D 1815 -71.21 -0.99 83.35
CA MET D 1815 -70.03 -0.23 82.99
C MET D 1815 -70.15 0.38 81.60
N LEU D 1816 -70.65 -0.38 80.63
CA LEU D 1816 -70.85 0.17 79.30
C LEU D 1816 -71.92 1.25 79.27
N GLY D 1817 -72.89 1.18 80.18
CA GLY D 1817 -73.93 2.21 80.22
C GLY D 1817 -73.39 3.57 80.62
N GLU D 1818 -72.54 3.61 81.65
CA GLU D 1818 -72.01 4.88 82.13
C GLU D 1818 -70.93 5.45 81.23
N ALA D 1819 -70.25 4.61 80.44
CA ALA D 1819 -69.24 5.11 79.51
C ALA D 1819 -69.88 5.98 78.44
N VAL D 1820 -71.05 5.57 77.93
CA VAL D 1820 -71.75 6.38 76.94
C VAL D 1820 -72.22 7.69 77.56
N ARG D 1821 -72.76 7.64 78.78
CA ARG D 1821 -73.19 8.86 79.45
C ARG D 1821 -72.01 9.79 79.72
N ASP D 1822 -70.88 9.22 80.17
CA ASP D 1822 -69.69 10.04 80.38
C ASP D 1822 -69.14 10.58 79.06
N GLY D 1823 -69.17 9.77 78.00
CA GLY D 1823 -68.69 10.25 76.71
C GLY D 1823 -69.54 11.37 76.15
N GLY D 1824 -70.86 11.27 76.33
CA GLY D 1824 -71.74 12.34 75.86
C GLY D 1824 -71.55 13.64 76.60
N GLN D 1825 -71.25 13.58 77.90
CA GLN D 1825 -71.02 14.80 78.67
C GLN D 1825 -69.71 15.47 78.29
N HIS D 1826 -68.73 14.69 77.81
CA HIS D 1826 -67.43 15.20 77.41
C HIS D 1826 -66.73 15.92 78.57
N ALA D 1827 -66.51 15.17 79.64
CA ALA D 1827 -65.84 15.72 80.82
C ALA D 1827 -64.37 15.98 80.52
N ARG D 1828 -63.80 16.96 81.24
CA ARG D 1828 -62.40 17.30 81.05
C ARG D 1828 -61.49 16.19 81.58
N ASP D 1829 -61.98 15.36 82.50
CA ASP D 1829 -61.22 14.25 83.06
C ASP D 1829 -61.95 12.95 82.75
N PRO D 1830 -61.63 12.28 81.64
CA PRO D 1830 -62.32 11.04 81.29
C PRO D 1830 -61.83 9.89 82.16
N VAL D 1831 -62.58 8.79 82.09
CA VAL D 1831 -62.23 7.59 82.83
C VAL D 1831 -60.96 6.99 82.23
N GLY D 1832 -59.95 6.77 83.07
CA GLY D 1832 -58.68 6.25 82.61
C GLY D 1832 -57.70 7.28 82.11
N GLY D 1833 -58.09 8.56 82.09
CA GLY D 1833 -57.23 9.63 81.64
C GLY D 1833 -57.30 9.94 80.16
N SER D 1834 -58.00 9.12 79.37
CA SER D 1834 -58.14 9.36 77.95
C SER D 1834 -59.40 8.68 77.44
N VAL D 1835 -59.86 9.14 76.27
CA VAL D 1835 -61.05 8.55 75.67
C VAL D 1835 -60.78 7.11 75.22
N GLU D 1836 -59.58 6.84 74.71
CA GLU D 1836 -59.25 5.49 74.26
C GLU D 1836 -59.25 4.50 75.43
N PHE D 1837 -58.69 4.89 76.57
CA PHE D 1837 -58.64 4.01 77.72
C PHE D 1837 -60.01 3.80 78.35
N GLN D 1838 -61.00 4.61 77.98
CA GLN D 1838 -62.35 4.46 78.51
C GLN D 1838 -63.20 3.53 77.64
N PHE D 1839 -62.97 3.49 76.33
CA PHE D 1839 -63.85 2.76 75.43
C PHE D 1839 -63.22 1.47 74.89
N VAL D 1840 -61.93 1.49 74.57
CA VAL D 1840 -61.26 0.32 74.00
C VAL D 1840 -61.25 -0.84 75.00
N PRO D 1841 -60.76 -0.68 76.24
CA PRO D 1841 -60.69 -1.85 77.13
C PRO D 1841 -62.05 -2.42 77.50
N VAL D 1842 -63.07 -1.58 77.67
CA VAL D 1842 -64.39 -2.10 78.04
C VAL D 1842 -65.01 -2.87 76.87
N LEU D 1843 -64.73 -2.48 75.63
CA LEU D 1843 -65.26 -3.20 74.49
C LEU D 1843 -64.64 -4.58 74.33
N LYS D 1844 -63.46 -4.80 74.91
CA LYS D 1844 -62.85 -6.12 74.87
C LYS D 1844 -63.68 -7.14 75.64
N LEU D 1845 -64.18 -6.78 76.83
CA LEU D 1845 -64.98 -7.71 77.62
C LEU D 1845 -66.30 -8.01 76.92
N VAL D 1846 -66.94 -7.01 76.33
CA VAL D 1846 -68.21 -7.22 75.67
C VAL D 1846 -68.04 -8.07 74.42
N SER D 1847 -67.01 -7.78 73.62
CA SER D 1847 -66.79 -8.56 72.39
C SER D 1847 -66.44 -10.01 72.72
N THR D 1848 -65.63 -10.23 73.75
CA THR D 1848 -65.27 -11.60 74.13
C THR D 1848 -66.49 -12.38 74.58
N LEU D 1849 -67.34 -11.77 75.41
CA LEU D 1849 -68.50 -12.48 75.94
C LEU D 1849 -69.54 -12.76 74.86
N LEU D 1850 -69.65 -11.87 73.86
CA LEU D 1850 -70.57 -12.14 72.75
C LEU D 1850 -70.16 -13.38 71.98
N VAL D 1851 -68.85 -13.56 71.74
CA VAL D 1851 -68.37 -14.76 71.08
C VAL D 1851 -68.69 -16.00 71.92
N MET D 1852 -68.49 -15.89 73.24
CA MET D 1852 -68.83 -16.99 74.14
C MET D 1852 -70.31 -17.35 74.07
N GLY D 1853 -71.17 -16.36 73.84
CA GLY D 1853 -72.60 -16.58 73.89
C GLY D 1853 -73.21 -16.51 75.27
N ILE D 1854 -72.48 -15.97 76.25
CA ILE D 1854 -73.01 -15.87 77.60
C ILE D 1854 -74.18 -14.90 77.66
N PHE D 1855 -74.13 -13.82 76.87
CA PHE D 1855 -75.22 -12.85 76.85
C PHE D 1855 -76.51 -13.52 76.37
N GLY D 1856 -77.60 -13.27 77.07
CA GLY D 1856 -78.88 -13.84 76.71
C GLY D 1856 -79.59 -13.02 75.65
N ASP D 1857 -80.83 -13.41 75.37
CA ASP D 1857 -81.62 -12.71 74.36
C ASP D 1857 -81.87 -11.26 74.78
N GLU D 1858 -82.18 -11.03 76.05
CA GLU D 1858 -82.38 -9.67 76.54
C GLU D 1858 -81.07 -8.88 76.54
N ASP D 1859 -79.96 -9.56 76.85
CA ASP D 1859 -78.65 -8.88 76.88
C ASP D 1859 -78.24 -8.39 75.50
N VAL D 1860 -78.51 -9.17 74.45
CA VAL D 1860 -78.15 -8.76 73.10
C VAL D 1860 -78.90 -7.49 72.70
N LYS D 1861 -80.15 -7.36 73.13
CA LYS D 1861 -80.93 -6.17 72.82
C LYS D 1861 -80.30 -4.92 73.42
N GLN D 1862 -79.78 -5.00 74.65
CA GLN D 1862 -79.16 -3.84 75.27
C GLN D 1862 -77.90 -3.41 74.51
N ILE D 1863 -77.07 -4.38 74.10
CA ILE D 1863 -75.91 -4.06 73.29
C ILE D 1863 -76.32 -3.51 71.94
N LEU D 1864 -77.32 -4.13 71.30
CA LEU D 1864 -77.72 -3.72 69.96
C LEU D 1864 -78.38 -2.35 69.96
N LYS D 1865 -79.15 -2.03 71.00
CA LYS D 1865 -79.82 -0.73 71.05
C LYS D 1865 -78.84 0.39 71.40
N MET D 1866 -77.78 0.09 72.14
CA MET D 1866 -76.86 1.14 72.56
C MET D 1866 -75.99 1.61 71.40
N ILE D 1867 -75.55 0.70 70.53
CA ILE D 1867 -74.73 1.10 69.39
C ILE D 1867 -75.54 1.91 68.39
N GLU D 1868 -76.81 1.57 68.18
CA GLU D 1868 -77.65 2.29 67.24
C GLU D 1868 -79.10 2.22 67.73
N PRO D 1869 -79.85 3.33 67.65
CA PRO D 1869 -81.24 3.29 68.11
C PRO D 1869 -82.18 2.62 67.12
N GLU D 1870 -81.85 2.69 65.84
CA GLU D 1870 -82.71 2.09 64.82
C GLU D 1870 -82.74 0.58 64.94
N VAL D 1871 -81.60 -0.05 65.20
CA VAL D 1871 -81.52 -1.49 65.30
C VAL D 1871 -81.16 -1.90 66.72
N GLU D 1925 -77.37 9.18 72.44
CA GLU D 1925 -76.84 9.02 71.09
C GLU D 1925 -76.18 7.65 70.92
N GLY D 1926 -76.26 7.11 69.71
CA GLY D 1926 -75.66 5.82 69.45
C GLY D 1926 -74.14 5.89 69.42
N LEU D 1927 -73.53 4.71 69.57
CA LEU D 1927 -72.07 4.64 69.58
C LEU D 1927 -71.49 4.86 68.19
N LEU D 1928 -72.27 4.58 67.14
CA LEU D 1928 -71.79 4.79 65.77
C LEU D 1928 -71.58 6.27 65.48
N GLN D 1929 -72.51 7.12 65.92
CA GLN D 1929 -72.45 8.53 65.59
C GLN D 1929 -71.35 9.27 66.34
N MET D 1930 -71.10 8.91 67.59
CA MET D 1930 -70.13 9.63 68.41
C MET D 1930 -68.72 9.42 67.86
N LYS D 1931 -67.95 10.50 67.82
CA LYS D 1931 -66.57 10.43 67.37
C LYS D 1931 -65.71 9.68 68.38
N LEU D 1932 -64.72 8.95 67.88
CA LEU D 1932 -63.86 8.13 68.72
C LEU D 1932 -62.52 7.97 68.01
N PRO D 1933 -61.45 7.68 68.75
CA PRO D 1933 -60.16 7.46 68.10
C PRO D 1933 -60.16 6.20 67.24
N GLU D 1934 -59.06 6.02 66.51
CA GLU D 1934 -58.95 4.86 65.63
C GLU D 1934 -58.91 3.55 66.42
N SER D 1935 -58.40 3.59 67.65
CA SER D 1935 -58.36 2.38 68.47
C SER D 1935 -59.76 1.89 68.82
N VAL D 1936 -60.69 2.81 69.12
CA VAL D 1936 -62.06 2.41 69.42
C VAL D 1936 -62.72 1.81 68.18
N LYS D 1937 -62.46 2.38 67.01
CA LYS D 1937 -63.08 1.89 65.78
C LYS D 1937 -62.64 0.49 65.44
N LEU D 1938 -61.38 0.14 65.75
CA LEU D 1938 -60.90 -1.21 65.48
C LEU D 1938 -61.70 -2.25 66.26
N GLN D 1939 -61.96 -1.98 67.54
CA GLN D 1939 -62.76 -2.90 68.33
C GLN D 1939 -64.25 -2.75 68.04
N MET D 1940 -64.65 -1.61 67.49
CA MET D 1940 -66.04 -1.43 67.07
C MET D 1940 -66.36 -2.29 65.86
N CYS D 1941 -65.40 -2.46 64.96
CA CYS D 1941 -65.60 -3.35 63.81
C CYS D 1941 -65.74 -4.79 64.25
N ASN D 1942 -64.95 -5.24 65.23
CA ASN D 1942 -65.08 -6.60 65.73
C ASN D 1942 -66.44 -6.82 66.39
N LEU D 1943 -66.97 -5.81 67.06
CA LEU D 1943 -68.31 -5.93 67.64
C LEU D 1943 -69.35 -6.12 66.55
N LEU D 1944 -69.27 -5.36 65.47
CA LEU D 1944 -70.15 -5.58 64.32
C LEU D 1944 -69.78 -6.84 63.54
N GLU D 1945 -68.53 -7.29 63.65
CA GLU D 1945 -68.14 -8.53 62.98
C GLU D 1945 -68.96 -9.72 63.48
N TYR D 1946 -69.20 -9.77 64.79
CA TYR D 1946 -69.99 -10.86 65.36
C TYR D 1946 -71.44 -10.83 64.89
N PHE D 1947 -72.06 -9.66 64.89
CA PHE D 1947 -73.47 -9.57 64.50
C PHE D 1947 -73.67 -9.91 63.03
N CYS D 1948 -72.68 -9.59 62.20
CA CYS D 1948 -72.80 -9.85 60.77
C CYS D 1948 -72.69 -11.34 60.45
N ASP D 1949 -71.99 -12.10 61.30
CA ASP D 1949 -71.97 -13.55 61.17
C ASP D 1949 -73.25 -14.19 61.65
N GLN D 1950 -73.96 -13.57 62.59
CA GLN D 1950 -75.19 -14.15 63.12
C GLN D 1950 -76.26 -14.25 62.04
N GLU D 1951 -76.42 -13.20 61.23
CA GLU D 1951 -77.38 -13.27 60.14
C GLU D 1951 -76.94 -14.25 59.06
N LEU D 1952 -75.64 -14.37 58.83
CA LEU D 1952 -75.13 -15.38 57.90
C LEU D 1952 -75.43 -16.79 58.41
N GLN D 1953 -75.28 -17.00 59.71
CA GLN D 1953 -75.63 -18.30 60.30
C GLN D 1953 -77.12 -18.59 60.18
N HIS D 1954 -77.96 -17.56 60.30
CA HIS D 1954 -79.41 -17.74 60.19
C HIS D 1954 -79.81 -18.14 58.77
N ARG D 1955 -79.12 -17.59 57.76
CA ARG D 1955 -79.47 -17.91 56.37
C ARG D 1955 -79.13 -19.35 56.01
N VAL D 1956 -77.93 -19.82 56.36
CA VAL D 1956 -77.56 -21.18 56.04
C VAL D 1956 -78.41 -22.19 56.80
N GLU D 1957 -78.78 -21.86 58.05
CA GLU D 1957 -79.62 -22.77 58.82
C GLU D 1957 -81.04 -22.82 58.28
N SER D 1958 -81.57 -21.68 57.83
CA SER D 1958 -82.89 -21.66 57.24
C SER D 1958 -82.94 -22.47 55.94
N LEU D 1959 -81.84 -22.50 55.19
CA LEU D 1959 -81.76 -23.33 54.00
C LEU D 1959 -81.85 -24.82 54.37
N ALA D 1960 -81.18 -25.23 55.45
CA ALA D 1960 -81.24 -26.62 55.88
C ALA D 1960 -82.65 -27.00 56.33
N ALA D 1961 -83.34 -26.10 57.05
CA ALA D 1961 -84.69 -26.41 57.50
C ALA D 1961 -85.65 -26.57 56.33
N PHE D 1962 -85.54 -25.70 55.32
CA PHE D 1962 -86.38 -25.84 54.14
C PHE D 1962 -86.02 -27.08 53.34
N ALA D 1963 -84.74 -27.46 53.32
CA ALA D 1963 -84.33 -28.67 52.62
C ALA D 1963 -84.99 -29.90 53.20
N GLU D 1964 -85.17 -29.95 54.52
CA GLU D 1964 -85.82 -31.09 55.14
C GLU D 1964 -87.28 -31.20 54.73
N ARG D 1965 -87.99 -30.07 54.68
CA ARG D 1965 -89.39 -30.10 54.26
C ARG D 1965 -89.54 -30.39 52.77
N TYR D 1966 -88.65 -29.86 51.94
CA TYR D 1966 -88.76 -30.05 50.49
C TYR D 1966 -88.47 -31.49 50.10
N VAL D 1967 -87.47 -32.13 50.71
CA VAL D 1967 -87.12 -33.49 50.34
C VAL D 1967 -88.22 -34.48 50.73
N ASP D 1968 -88.96 -34.20 51.80
CA ASP D 1968 -90.05 -35.08 52.20
C ASP D 1968 -91.15 -35.12 51.14
N LYS D 1969 -91.48 -33.97 50.56
CA LYS D 1969 -92.49 -33.93 49.50
C LYS D 1969 -92.01 -34.66 48.25
N LEU D 1970 -90.75 -34.48 47.88
CA LEU D 1970 -90.21 -35.18 46.72
C LEU D 1970 -90.16 -36.68 46.95
N GLN D 1971 -89.79 -37.11 48.16
CA GLN D 1971 -89.77 -38.54 48.46
C GLN D 1971 -91.16 -39.15 48.35
N ALA D 1972 -92.18 -38.44 48.86
CA ALA D 1972 -93.54 -38.95 48.74
C ALA D 1972 -94.02 -38.94 47.30
N ASN D 1973 -93.70 -37.88 46.56
CA ASN D 1973 -94.11 -37.81 45.16
C ASN D 1973 -93.40 -38.87 44.32
N GLN D 1974 -92.12 -39.11 44.57
CA GLN D 1974 -91.39 -40.15 43.83
C GLN D 1974 -91.98 -41.52 44.10
N ARG D 1975 -92.30 -41.82 45.37
CA ARG D 1975 -92.91 -43.11 45.70
C ARG D 1975 -94.29 -43.25 45.07
N ASP D 1976 -95.08 -42.17 45.06
CA ASP D 1976 -96.40 -42.23 44.44
C ASP D 1976 -96.29 -42.46 42.94
N ARG D 1977 -95.32 -41.82 42.28
CA ARG D 1977 -95.14 -42.01 40.84
C ARG D 1977 -94.54 -43.38 40.53
N TYR D 1978 -93.85 -43.99 41.51
CA TYR D 1978 -93.32 -45.33 41.31
C TYR D 1978 -94.44 -46.35 41.14
N GLY D 1979 -95.45 -46.29 42.02
CA GLY D 1979 -96.54 -47.24 41.95
C GLY D 1979 -97.40 -47.10 40.70
N ILE D 1980 -97.64 -45.86 40.27
CA ILE D 1980 -98.48 -45.63 39.09
C ILE D 1980 -97.82 -46.22 37.84
N LEU D 1981 -96.52 -45.99 37.66
CA LEU D 1981 -95.83 -46.53 36.50
C LEU D 1981 -95.67 -48.04 36.58
N MET D 1982 -95.51 -48.58 37.79
CA MET D 1982 -95.28 -50.02 37.94
C MET D 1982 -96.59 -50.81 37.87
N LYS D 1983 -97.61 -50.37 38.60
CA LYS D 1983 -98.87 -51.11 38.63
C LYS D 1983 -99.58 -51.05 37.28
N ALA D 1984 -99.72 -49.85 36.72
CA ALA D 1984 -100.40 -49.70 35.44
C ALA D 1984 -99.52 -50.20 34.31
N PHE D 1985 -100.16 -50.84 33.32
CA PHE D 1985 -99.42 -51.35 32.17
C PHE D 1985 -98.95 -50.20 31.29
N THR D 1986 -97.82 -50.41 30.62
CA THR D 1986 -97.24 -49.43 29.73
C THR D 1986 -97.69 -49.71 28.30
N MET D 1987 -98.36 -48.73 27.69
CA MET D 1987 -98.84 -48.91 26.33
C MET D 1987 -97.69 -49.03 25.33
N THR D 1988 -96.67 -48.19 25.48
CA THR D 1988 -95.51 -48.19 24.60
C THR D 1988 -94.25 -48.48 25.39
N ALA D 1989 -93.38 -49.32 24.83
CA ALA D 1989 -92.12 -49.65 25.50
C ALA D 1989 -91.17 -48.46 25.55
N ALA D 1990 -91.27 -47.52 24.60
CA ALA D 1990 -90.41 -46.35 24.63
C ALA D 1990 -90.68 -45.49 25.85
N GLU D 1991 -91.96 -45.31 26.20
CA GLU D 1991 -92.29 -44.53 27.39
C GLU D 1991 -91.79 -45.23 28.66
N THR D 1992 -91.92 -46.56 28.72
CA THR D 1992 -91.41 -47.29 29.87
C THR D 1992 -89.89 -47.27 29.92
N ALA D 1993 -89.23 -47.18 28.77
CA ALA D 1993 -87.77 -47.09 28.76
C ALA D 1993 -87.28 -45.81 29.42
N ARG D 1994 -87.96 -44.70 29.16
CA ARG D 1994 -87.61 -43.44 29.81
C ARG D 1994 -87.86 -43.49 31.31
N ARG D 1995 -88.95 -44.12 31.73
CA ARG D 1995 -89.24 -44.25 33.16
C ARG D 1995 -88.19 -45.10 33.86
N THR D 1996 -87.74 -46.18 33.23
CA THR D 1996 -86.74 -47.04 33.84
C THR D 1996 -85.37 -46.36 33.90
N ARG D 1997 -85.08 -45.47 32.94
CA ARG D 1997 -83.82 -44.75 32.95
C ARG D 1997 -83.67 -43.85 34.17
N GLU D 1998 -84.74 -43.18 34.57
CA GLU D 1998 -84.75 -42.38 35.79
C GLU D 1998 -84.77 -43.25 37.04
N PHE D 1999 -85.49 -44.37 36.99
CA PHE D 1999 -85.69 -45.18 38.19
C PHE D 1999 -84.43 -45.98 38.54
N ARG D 2000 -83.76 -46.52 37.54
CA ARG D 2000 -82.52 -47.25 37.78
C ARG D 2000 -81.31 -46.35 37.92
N SER D 2001 -81.46 -45.05 37.67
CA SER D 2001 -80.36 -44.11 37.81
C SER D 2001 -79.99 -43.93 39.28
N PRO D 2002 -78.74 -43.55 39.55
CA PRO D 2002 -78.36 -43.28 40.94
C PRO D 2002 -79.17 -42.13 41.50
N PRO D 2003 -79.42 -42.14 42.82
CA PRO D 2003 -80.21 -41.06 43.41
C PRO D 2003 -79.57 -39.68 43.26
N GLN D 2004 -78.24 -39.61 43.15
CA GLN D 2004 -77.59 -38.32 42.92
C GLN D 2004 -78.06 -37.68 41.63
N GLU D 2005 -78.06 -38.45 40.54
CA GLU D 2005 -78.55 -37.94 39.27
C GLU D 2005 -80.07 -37.82 39.25
N GLN D 2006 -80.77 -38.61 40.07
CA GLN D 2006 -82.23 -38.51 40.13
C GLN D 2006 -82.67 -37.17 40.67
N ILE D 2007 -81.99 -36.66 41.70
CA ILE D 2007 -82.34 -35.36 42.27
C ILE D 2007 -82.04 -34.24 41.28
N ASN D 2008 -80.92 -34.34 40.58
CA ASN D 2008 -80.53 -33.29 39.62
C ASN D 2008 -81.55 -33.17 38.49
N MET D 2009 -82.04 -34.30 37.98
CA MET D 2009 -83.02 -34.26 36.90
C MET D 2009 -84.31 -33.59 37.34
N LEU D 2010 -84.77 -33.89 38.56
CA LEU D 2010 -86.00 -33.30 39.06
C LEU D 2010 -85.84 -31.82 39.40
N LEU D 2011 -84.65 -31.40 39.85
CA LEU D 2011 -84.42 -30.03 40.28
C LEU D 2011 -84.10 -29.08 39.14
N HIS D 2012 -83.90 -29.59 37.92
CA HIS D 2012 -83.57 -28.75 36.77
C HIS D 2012 -84.87 -28.40 36.04
N PHE D 2013 -85.53 -27.35 36.49
CA PHE D 2013 -86.78 -26.90 35.86
C PHE D 2013 -86.84 -25.39 35.70
N LYS D 2014 -85.71 -24.70 35.76
CA LYS D 2014 -85.68 -23.25 35.60
C LYS D 2014 -86.07 -22.83 34.19
N PRO D 2023 -91.48 -33.28 35.36
CA PRO D 2023 -91.49 -34.59 35.99
C PRO D 2023 -92.05 -34.55 37.41
N LEU D 2024 -92.66 -33.43 37.78
CA LEU D 2024 -93.23 -33.25 39.11
C LEU D 2024 -94.31 -32.19 39.03
N PRO D 2025 -95.35 -32.29 39.84
CA PRO D 2025 -96.46 -31.31 39.76
C PRO D 2025 -95.97 -29.91 40.07
N ASP D 2026 -96.55 -28.93 39.38
CA ASP D 2026 -96.14 -27.54 39.52
C ASP D 2026 -96.41 -26.99 40.92
N GLU D 2027 -97.33 -27.61 41.67
CA GLU D 2027 -97.58 -27.16 43.04
C GLU D 2027 -96.36 -27.36 43.92
N ILE D 2028 -95.67 -28.50 43.77
CA ILE D 2028 -94.47 -28.75 44.55
C ILE D 2028 -93.35 -27.80 44.15
N ARG D 2029 -93.20 -27.56 42.85
CA ARG D 2029 -92.14 -26.67 42.36
C ARG D 2029 -92.33 -25.23 42.83
N GLN D 2030 -93.55 -24.83 43.16
CA GLN D 2030 -93.79 -23.47 43.64
C GLN D 2030 -93.20 -23.23 45.03
N ASP D 2031 -93.03 -24.30 45.82
CA ASP D 2031 -92.45 -24.13 47.16
C ASP D 2031 -91.01 -23.65 47.08
N LEU D 2032 -90.22 -24.20 46.15
CA LEU D 2032 -88.83 -23.79 46.02
C LEU D 2032 -88.72 -22.34 45.54
N LEU D 2033 -89.65 -21.91 44.67
CA LEU D 2033 -89.61 -20.54 44.19
C LEU D 2033 -89.85 -19.53 45.32
N GLU D 2034 -90.69 -19.87 46.29
CA GLU D 2034 -90.92 -18.97 47.42
C GLU D 2034 -89.64 -18.76 48.22
N PHE D 2035 -88.88 -19.83 48.47
CA PHE D 2035 -87.64 -19.71 49.22
C PHE D 2035 -86.53 -19.10 48.38
N HIS D 2036 -86.58 -19.28 47.06
CA HIS D 2036 -85.51 -18.75 46.21
C HIS D 2036 -85.49 -17.22 46.23
N GLN D 2037 -86.65 -16.59 46.05
CA GLN D 2037 -86.69 -15.13 46.10
C GLN D 2037 -86.53 -14.62 47.53
N ASP D 2038 -87.07 -15.36 48.51
CA ASP D 2038 -86.91 -14.97 49.90
C ASP D 2038 -85.44 -15.01 50.33
N LEU D 2039 -84.70 -16.02 49.89
CA LEU D 2039 -83.27 -16.07 50.18
C LEU D 2039 -82.53 -14.89 49.53
N LEU D 2040 -82.90 -14.56 48.29
CA LEU D 2040 -82.26 -13.43 47.62
C LEU D 2040 -82.62 -12.11 48.29
N THR D 2041 -83.86 -11.98 48.79
CA THR D 2041 -84.26 -10.75 49.46
C THR D 2041 -83.46 -10.52 50.74
N HIS D 2042 -83.20 -11.58 51.51
CA HIS D 2042 -82.45 -11.43 52.75
C HIS D 2042 -81.03 -10.93 52.49
N CYS D 2043 -80.38 -11.44 51.43
CA CYS D 2043 -79.03 -11.00 51.10
C CYS D 2043 -78.99 -9.58 50.55
N GLY D 2044 -80.13 -8.99 50.22
CA GLY D 2044 -80.20 -7.63 49.72
C GLY D 2044 -80.42 -7.53 48.22
N ILE D 2045 -80.32 -8.63 47.48
CA ILE D 2045 -80.52 -8.60 46.04
C ILE D 2045 -82.02 -8.51 45.75
N GLN D 2046 -82.39 -7.55 44.90
CA GLN D 2046 -83.79 -7.37 44.54
C GLN D 2046 -84.30 -8.50 43.65
N LEU D 2092 -80.48 3.25 56.41
CA LEU D 2092 -80.64 2.60 57.70
C LEU D 2092 -81.72 1.54 57.66
N GLN D 2093 -82.34 1.28 58.81
CA GLN D 2093 -83.41 0.32 59.00
C GLN D 2093 -83.00 -1.11 58.66
N SER D 2094 -81.70 -1.38 58.56
CA SER D 2094 -81.21 -2.72 58.27
C SER D 2094 -79.75 -2.81 58.73
N LEU D 2095 -79.38 -3.99 59.23
CA LEU D 2095 -78.01 -4.18 59.70
C LEU D 2095 -77.01 -4.05 58.56
N GLN D 2096 -77.31 -4.65 57.40
CA GLN D 2096 -76.41 -4.54 56.26
C GLN D 2096 -76.33 -3.11 55.74
N GLU D 2097 -77.45 -2.39 55.73
CA GLU D 2097 -77.44 -1.00 55.30
C GLU D 2097 -76.76 -0.09 56.31
N LEU D 2098 -76.93 -0.36 57.61
CA LEU D 2098 -76.34 0.48 58.64
C LEU D 2098 -74.82 0.40 58.61
N VAL D 2099 -74.28 -0.82 58.62
CA VAL D 2099 -72.83 -0.99 58.68
C VAL D 2099 -72.15 -0.47 57.42
N SER D 2100 -72.86 -0.45 56.29
CA SER D 2100 -72.26 0.04 55.05
C SER D 2100 -72.07 1.55 55.05
N HIS D 2101 -72.97 2.30 55.68
CA HIS D 2101 -72.87 3.75 55.71
C HIS D 2101 -71.81 4.24 56.71
N THR D 2102 -71.67 3.57 57.85
CA THR D 2102 -70.72 4.03 58.85
C THR D 2102 -69.28 3.74 58.45
N VAL D 2103 -69.04 2.61 57.78
CA VAL D 2103 -67.68 2.28 57.37
C VAL D 2103 -67.19 3.23 56.28
N VAL D 2104 -68.07 3.64 55.37
CA VAL D 2104 -67.66 4.59 54.33
C VAL D 2104 -67.59 6.00 54.88
N ARG D 2105 -68.37 6.32 55.92
CA ARG D 2105 -68.29 7.64 56.53
C ARG D 2105 -66.99 7.83 57.30
N TRP D 2106 -66.47 6.75 57.90
CA TRP D 2106 -65.21 6.85 58.62
C TRP D 2106 -64.05 7.20 57.70
N ALA D 2107 -64.04 6.60 56.49
CA ALA D 2107 -62.99 6.91 55.53
C ALA D 2107 -63.07 8.35 55.04
N GLN D 2108 -64.27 8.90 54.90
CA GLN D 2108 -64.43 10.28 54.44
C GLN D 2108 -64.01 11.29 55.49
N GLU D 2109 -63.87 10.87 56.76
CA GLU D 2109 -63.52 11.82 57.80
C GLU D 2109 -62.08 12.30 57.65
N ASP D 2110 -61.12 11.38 57.72
CA ASP D 2110 -59.71 11.70 57.60
C ASP D 2110 -58.95 10.43 57.22
N PHE D 2111 -57.63 10.53 57.17
CA PHE D 2111 -56.80 9.36 56.85
C PHE D 2111 -56.71 8.44 58.06
N VAL D 2112 -56.78 7.13 57.81
CA VAL D 2112 -56.85 6.15 58.88
C VAL D 2112 -55.49 6.01 59.57
N GLN D 2113 -54.42 5.89 58.80
CA GLN D 2113 -53.06 5.73 59.32
C GLN D 2113 -52.96 4.56 60.29
N SER D 2114 -53.62 3.44 59.98
CA SER D 2114 -53.58 2.26 60.84
C SER D 2114 -53.77 1.00 60.02
N PRO D 2115 -52.71 0.20 59.80
CA PRO D 2115 -52.85 -0.98 58.96
C PRO D 2115 -53.85 -2.00 59.48
N GLU D 2116 -53.96 -2.15 60.81
CA GLU D 2116 -54.92 -3.10 61.37
C GLU D 2116 -56.35 -2.63 61.21
N LEU D 2117 -56.57 -1.32 61.06
CA LEU D 2117 -57.93 -0.81 60.91
C LEU D 2117 -58.43 -0.92 59.48
N VAL D 2118 -57.55 -0.69 58.50
CA VAL D 2118 -57.97 -0.72 57.10
C VAL D 2118 -58.51 -2.10 56.73
N ARG D 2119 -57.80 -3.16 57.15
CA ARG D 2119 -58.25 -4.51 56.84
C ARG D 2119 -59.58 -4.82 57.52
N ALA D 2120 -59.76 -4.34 58.75
CA ALA D 2120 -61.01 -4.59 59.46
C ALA D 2120 -62.18 -3.88 58.80
N MET D 2121 -62.03 -2.60 58.47
CA MET D 2121 -63.12 -1.87 57.82
C MET D 2121 -63.44 -2.47 56.45
N PHE D 2122 -62.41 -2.82 55.67
CA PHE D 2122 -62.65 -3.39 54.35
C PHE D 2122 -63.15 -4.82 54.43
N SER D 2123 -62.84 -5.55 55.51
CA SER D 2123 -63.45 -6.85 55.72
C SER D 2123 -64.96 -6.73 55.89
N LEU D 2124 -65.40 -5.69 56.62
CA LEU D 2124 -66.82 -5.41 56.74
C LEU D 2124 -67.43 -4.99 55.40
N LEU D 2125 -66.66 -4.29 54.56
CA LEU D 2125 -67.21 -3.76 53.32
C LEU D 2125 -67.59 -4.87 52.35
N HIS D 2126 -66.69 -5.84 52.11
CA HIS D 2126 -66.90 -6.80 51.04
C HIS D 2126 -68.02 -7.78 51.35
N ARG D 2127 -68.11 -8.24 52.59
CA ARG D 2127 -69.05 -9.31 52.91
C ARG D 2127 -70.49 -8.83 52.85
N GLN D 2128 -70.75 -7.55 53.11
CA GLN D 2128 -72.11 -7.06 53.22
C GLN D 2128 -72.68 -6.60 51.88
N TYR D 2129 -71.86 -6.61 50.82
CA TYR D 2129 -72.33 -6.26 49.49
C TYR D 2129 -72.60 -7.47 48.61
N ASP D 2130 -72.05 -8.63 48.94
CA ASP D 2130 -72.28 -9.89 48.22
C ASP D 2130 -72.79 -10.90 49.23
N GLY D 2131 -74.11 -10.90 49.47
CA GLY D 2131 -74.68 -11.89 50.36
C GLY D 2131 -74.65 -13.30 49.81
N LEU D 2132 -74.91 -13.45 48.51
CA LEU D 2132 -74.89 -14.77 47.90
C LEU D 2132 -73.50 -15.38 47.90
N GLY D 2133 -72.47 -14.57 47.66
CA GLY D 2133 -71.11 -15.08 47.64
C GLY D 2133 -70.67 -15.61 49.00
N GLU D 2134 -71.02 -14.89 50.07
CA GLU D 2134 -70.68 -15.36 51.41
C GLU D 2134 -71.41 -16.66 51.73
N LEU D 2135 -72.69 -16.76 51.36
CA LEU D 2135 -73.43 -18.00 51.56
C LEU D 2135 -72.90 -19.12 50.66
N LEU D 2136 -72.34 -18.77 49.50
CA LEU D 2136 -71.80 -19.77 48.59
C LEU D 2136 -70.62 -20.51 49.21
N ARG D 2137 -69.76 -19.81 49.94
CA ARG D 2137 -68.58 -20.42 50.54
C ARG D 2137 -68.88 -21.19 51.82
N ALA D 2138 -69.96 -20.85 52.52
CA ALA D 2138 -70.29 -21.50 53.78
C ALA D 2138 -71.07 -22.80 53.61
N LEU D 2139 -71.76 -22.96 52.49
CA LEU D 2139 -72.55 -24.15 52.21
C LEU D 2139 -71.73 -25.43 52.19
N PRO D 2140 -70.55 -25.47 51.56
CA PRO D 2140 -69.74 -26.71 51.60
C PRO D 2140 -69.37 -27.15 53.01
N ARG D 2141 -69.24 -26.22 53.95
CA ARG D 2141 -68.94 -26.56 55.34
C ARG D 2141 -70.17 -26.97 56.13
N ALA D 2142 -71.36 -26.84 55.56
CA ALA D 2142 -72.58 -27.22 56.25
C ALA D 2142 -72.81 -28.72 56.16
N TYR D 2143 -73.51 -29.25 57.15
CA TYR D 2143 -73.80 -30.67 57.21
C TYR D 2143 -75.06 -30.88 58.04
N THR D 2144 -75.81 -31.95 57.73
CA THR D 2144 -77.02 -32.30 58.43
C THR D 2144 -76.83 -33.64 59.14
N ILE D 2145 -77.21 -33.71 60.41
CA ILE D 2145 -77.02 -34.90 61.22
C ILE D 2145 -78.36 -35.34 61.78
N SER D 2146 -78.49 -36.65 61.97
CA SER D 2146 -79.71 -37.22 62.53
C SER D 2146 -79.85 -36.82 64.00
N PRO D 2147 -81.08 -36.62 64.48
CA PRO D 2147 -81.27 -36.29 65.91
C PRO D 2147 -80.74 -37.35 66.85
N SER D 2148 -80.82 -38.63 66.46
CA SER D 2148 -80.33 -39.70 67.33
C SER D 2148 -78.81 -39.71 67.42
N SER D 2149 -78.12 -39.08 66.48
CA SER D 2149 -76.66 -39.04 66.46
C SER D 2149 -76.09 -37.75 67.04
N VAL D 2150 -76.94 -36.93 67.67
CA VAL D 2150 -76.46 -35.68 68.25
C VAL D 2150 -75.48 -35.94 69.38
N GLU D 2151 -75.79 -36.91 70.25
CA GLU D 2151 -74.90 -37.20 71.37
C GLU D 2151 -73.55 -37.72 70.90
N ASP D 2152 -73.52 -38.59 69.89
CA ASP D 2152 -72.25 -39.10 69.38
C ASP D 2152 -71.43 -38.00 68.72
N THR D 2153 -72.10 -37.10 67.98
CA THR D 2153 -71.38 -36.02 67.31
C THR D 2153 -70.85 -34.99 68.31
N MET D 2154 -71.55 -34.80 69.43
CA MET D 2154 -71.09 -33.84 70.42
C MET D 2154 -69.74 -34.25 71.01
N SER D 2155 -69.56 -35.54 71.27
CA SER D 2155 -68.27 -36.02 71.78
C SER D 2155 -67.18 -35.87 70.73
N LEU D 2156 -67.49 -36.12 69.46
CA LEU D 2156 -66.52 -35.91 68.39
C LEU D 2156 -66.17 -34.43 68.24
N LEU D 2157 -67.14 -33.55 68.39
CA LEU D 2157 -66.88 -32.12 68.26
C LEU D 2157 -65.94 -31.63 69.36
N GLU D 2158 -66.15 -32.09 70.59
CA GLU D 2158 -65.29 -31.69 71.70
C GLU D 2158 -63.87 -32.23 71.52
N CYS D 2159 -63.73 -33.45 71.03
CA CYS D 2159 -62.39 -34.01 70.79
C CYS D 2159 -61.63 -33.23 69.73
N LEU D 2160 -62.32 -32.76 68.70
CA LEU D 2160 -61.66 -31.97 67.66
C LEU D 2160 -61.12 -30.66 68.20
N GLY D 2161 -61.80 -30.06 69.19
CA GLY D 2161 -61.31 -28.83 69.78
C GLY D 2161 -59.97 -28.98 70.47
N GLN D 2162 -59.74 -30.13 71.11
CA GLN D 2162 -58.45 -30.38 71.75
C GLN D 2162 -57.33 -30.46 70.72
N ILE D 2163 -57.58 -31.10 69.57
CA ILE D 2163 -56.56 -31.21 68.53
C ILE D 2163 -56.26 -29.86 67.92
N ARG D 2164 -57.29 -29.07 67.61
CA ARG D 2164 -57.07 -27.77 67.00
C ARG D 2164 -56.34 -26.82 67.94
N SER D 2165 -56.69 -26.85 69.23
CA SER D 2165 -55.96 -26.07 70.22
C SER D 2165 -54.53 -26.56 70.39
N LEU D 2166 -54.27 -27.83 70.09
CA LEU D 2166 -52.92 -28.37 70.17
C LEU D 2166 -52.04 -27.94 69.01
N LEU D 2167 -52.64 -27.59 67.88
CA LEU D 2167 -51.86 -27.23 66.69
C LEU D 2167 -51.05 -25.96 66.91
N ILE D 2168 -51.58 -25.01 67.66
CA ILE D 2168 -50.91 -23.72 67.83
C ILE D 2168 -49.86 -23.74 68.94
N VAL D 2169 -49.95 -24.67 69.87
CA VAL D 2169 -49.02 -24.74 70.99
C VAL D 2169 -47.88 -25.68 70.64
N GLN D 2170 -46.69 -25.40 71.17
CA GLN D 2170 -45.57 -26.31 70.94
C GLN D 2170 -45.81 -27.61 71.71
N MET D 2171 -45.56 -28.72 71.03
CA MET D 2171 -45.90 -30.04 71.54
C MET D 2171 -45.04 -30.41 72.75
N GLY D 2172 -45.61 -31.20 73.65
CA GLY D 2172 -44.91 -31.59 74.86
C GLY D 2172 -45.29 -32.99 75.34
N PRO D 2173 -44.66 -33.44 76.45
CA PRO D 2173 -44.93 -34.80 76.95
C PRO D 2173 -46.37 -35.00 77.39
N GLN D 2174 -46.89 -34.07 78.20
CA GLN D 2174 -48.28 -34.13 78.59
C GLN D 2174 -49.21 -33.98 77.40
N GLU D 2175 -48.87 -33.08 76.46
CA GLU D 2175 -49.70 -32.88 75.29
C GLU D 2175 -49.73 -34.10 74.38
N GLU D 2176 -48.66 -34.91 74.39
CA GLU D 2176 -48.65 -36.14 73.62
C GLU D 2176 -49.70 -37.13 74.12
N ASN D 2177 -49.85 -37.26 75.44
CA ASN D 2177 -50.83 -38.18 75.99
C ASN D 2177 -52.26 -37.79 75.64
N LEU D 2178 -52.55 -36.49 75.63
CA LEU D 2178 -53.91 -36.03 75.30
C LEU D 2178 -54.29 -36.40 73.88
N MET D 2179 -53.37 -36.22 72.92
CA MET D 2179 -53.69 -36.54 71.53
C MET D 2179 -53.87 -38.04 71.33
N ILE D 2180 -53.09 -38.86 72.03
CA ILE D 2180 -53.26 -40.32 71.94
C ILE D 2180 -54.66 -40.71 72.41
N GLN D 2181 -55.11 -40.14 73.52
CA GLN D 2181 -56.48 -40.34 73.96
C GLN D 2181 -57.50 -39.73 72.98
N SER D 2182 -57.11 -38.68 72.27
CA SER D 2182 -58.01 -38.05 71.30
C SER D 2182 -58.21 -38.93 70.07
N ILE D 2183 -57.12 -39.51 69.55
CA ILE D 2183 -57.22 -40.39 68.39
C ILE D 2183 -58.02 -41.64 68.74
N GLY D 2184 -57.78 -42.21 69.94
CA GLY D 2184 -58.54 -43.37 70.36
C GLY D 2184 -60.02 -43.11 70.50
N ASN D 2185 -60.39 -41.91 70.98
CA ASN D 2185 -61.79 -41.54 71.10
C ASN D 2185 -62.47 -41.43 69.73
N ILE D 2186 -61.78 -40.85 68.74
CA ILE D 2186 -62.34 -40.75 67.40
C ILE D 2186 -62.45 -42.12 66.76
N MET D 2187 -61.45 -42.98 66.96
CA MET D 2187 -61.46 -44.31 66.38
C MET D 2187 -62.62 -45.18 66.89
N ASN D 2188 -63.14 -44.90 68.08
CA ASN D 2188 -64.24 -45.65 68.65
C ASN D 2188 -65.59 -44.97 68.45
N ASN D 2189 -65.65 -43.93 67.63
CA ASN D 2189 -66.89 -43.19 67.41
C ASN D 2189 -67.62 -43.72 66.19
N LYS D 2190 -68.95 -43.81 66.30
CA LYS D 2190 -69.76 -44.36 65.21
C LYS D 2190 -69.87 -43.41 64.02
N VAL D 2191 -69.93 -42.10 64.28
CA VAL D 2191 -70.08 -41.13 63.20
C VAL D 2191 -68.86 -41.10 62.29
N PHE D 2192 -67.68 -41.38 62.83
CA PHE D 2192 -66.45 -41.34 62.04
C PHE D 2192 -66.53 -42.31 60.87
N TYR D 2193 -66.89 -43.57 61.14
CA TYR D 2193 -67.01 -44.56 60.07
C TYR D 2193 -68.28 -44.38 59.25
N GLN D 2194 -69.39 -44.01 59.89
CA GLN D 2194 -70.67 -43.93 59.19
C GLN D 2194 -70.79 -42.68 58.33
N HIS D 2195 -70.10 -41.59 58.69
CA HIS D 2195 -70.22 -40.31 58.01
C HIS D 2195 -68.83 -39.82 57.60
N PRO D 2196 -68.29 -40.34 56.49
CA PRO D 2196 -67.00 -39.82 56.01
C PRO D 2196 -67.10 -38.41 55.43
N ASN D 2197 -68.26 -38.02 54.91
CA ASN D 2197 -68.39 -36.69 54.31
C ASN D 2197 -68.34 -35.60 55.37
N LEU D 2198 -68.91 -35.85 56.55
CA LEU D 2198 -68.80 -34.89 57.65
C LEU D 2198 -67.35 -34.64 58.04
N MET D 2199 -66.54 -35.70 58.07
CA MET D 2199 -65.20 -35.58 58.62
C MET D 2199 -64.29 -34.78 57.69
N ARG D 2200 -64.48 -34.92 56.38
CA ARG D 2200 -63.71 -34.14 55.41
C ARG D 2200 -64.20 -32.70 55.34
N ALA D 2201 -65.50 -32.47 55.53
CA ALA D 2201 -66.05 -31.11 55.46
C ALA D 2201 -65.47 -30.21 56.54
N LEU D 2202 -65.18 -30.77 57.71
CA LEU D 2202 -64.56 -30.00 58.78
C LEU D 2202 -63.04 -29.90 58.63
N GLY D 2203 -62.46 -30.52 57.61
CA GLY D 2203 -61.05 -30.41 57.36
C GLY D 2203 -60.18 -31.06 58.42
N MET D 2204 -60.57 -32.26 58.87
CA MET D 2204 -59.79 -32.98 59.87
C MET D 2204 -58.42 -33.38 59.33
N HIS D 2205 -58.36 -33.90 58.10
CA HIS D 2205 -57.11 -34.43 57.59
C HIS D 2205 -56.04 -33.36 57.47
N GLU D 2206 -56.46 -32.10 57.27
CA GLU D 2206 -55.51 -31.00 57.29
C GLU D 2206 -54.93 -30.78 58.68
N THR D 2207 -55.76 -30.87 59.72
CA THR D 2207 -55.30 -30.61 61.08
C THR D 2207 -54.31 -31.65 61.57
N VAL D 2208 -54.62 -32.94 61.39
CA VAL D 2208 -53.72 -33.98 61.86
C VAL D 2208 -52.44 -34.00 61.03
N MET D 2209 -52.54 -33.76 59.72
CA MET D 2209 -51.33 -33.70 58.89
C MET D 2209 -50.43 -32.55 59.31
N GLU D 2210 -51.01 -31.40 59.63
CA GLU D 2210 -50.21 -30.26 60.07
C GLU D 2210 -49.55 -30.50 61.42
N VAL D 2211 -50.16 -31.30 62.29
CA VAL D 2211 -49.60 -31.54 63.61
C VAL D 2211 -48.32 -32.39 63.51
N MET D 2212 -48.36 -33.45 62.70
CA MET D 2212 -47.21 -34.36 62.65
C MET D 2212 -46.01 -33.73 61.94
N VAL D 2213 -46.24 -32.76 61.07
CA VAL D 2213 -45.11 -32.06 60.47
C VAL D 2213 -44.39 -31.20 61.51
N ASN D 2214 -45.15 -30.61 62.45
CA ASN D 2214 -44.54 -29.77 63.48
C ASN D 2214 -43.56 -30.54 64.35
N VAL D 2215 -43.87 -31.79 64.69
CA VAL D 2215 -42.90 -32.60 65.42
C VAL D 2215 -41.75 -33.07 64.52
N LEU D 2216 -42.02 -33.45 63.27
CA LEU D 2216 -40.96 -34.02 62.44
C LEU D 2216 -39.93 -32.98 62.03
N GLY D 2217 -40.34 -31.72 61.93
CA GLY D 2217 -39.41 -30.63 61.66
C GLY D 2217 -38.86 -30.04 62.94
N ARG D 2225 -38.39 -36.93 67.83
CA ARG D 2225 -38.68 -37.08 69.25
C ARG D 2225 -40.10 -37.63 69.48
N PHE D 2226 -40.31 -38.21 70.67
CA PHE D 2226 -41.59 -38.82 71.05
C PHE D 2226 -42.05 -39.82 70.00
N PRO D 2227 -41.46 -41.02 69.97
CA PRO D 2227 -41.87 -42.02 68.97
C PRO D 2227 -43.27 -42.58 69.18
N LYS D 2228 -43.87 -42.40 70.36
CA LYS D 2228 -45.19 -42.98 70.61
C LYS D 2228 -46.26 -42.34 69.74
N MET D 2229 -46.22 -41.01 69.60
CA MET D 2229 -47.22 -40.31 68.82
C MET D 2229 -47.02 -40.45 67.32
N VAL D 2230 -45.77 -40.53 66.85
CA VAL D 2230 -45.53 -40.50 65.41
C VAL D 2230 -46.10 -41.74 64.74
N THR D 2231 -46.07 -42.88 65.43
CA THR D 2231 -46.69 -44.09 64.89
C THR D 2231 -48.21 -44.00 64.91
N SER D 2232 -48.81 -43.44 65.98
CA SER D 2232 -50.25 -43.42 66.12
C SER D 2232 -50.94 -42.62 65.02
N CYS D 2233 -50.39 -41.46 64.67
CA CYS D 2233 -51.01 -40.64 63.63
C CYS D 2233 -50.93 -41.33 62.27
N CYS D 2234 -49.84 -42.06 62.01
CA CYS D 2234 -49.74 -42.82 60.77
C CYS D 2234 -50.78 -43.92 60.70
N ARG D 2235 -51.02 -44.62 61.82
CA ARG D 2235 -52.13 -45.57 61.86
C ARG D 2235 -53.45 -44.89 61.52
N PHE D 2236 -53.70 -43.72 62.10
CA PHE D 2236 -54.97 -43.04 61.91
C PHE D 2236 -55.13 -42.53 60.48
N LEU D 2237 -54.03 -42.17 59.82
CA LEU D 2237 -54.11 -41.71 58.43
C LEU D 2237 -54.39 -42.86 57.47
N CYS D 2238 -53.70 -44.00 57.64
CA CYS D 2238 -53.97 -45.15 56.79
C CYS D 2238 -55.39 -45.68 57.00
N TYR D 2239 -55.87 -45.66 58.25
CA TYR D 2239 -57.26 -46.05 58.50
C TYR D 2239 -58.23 -45.08 57.84
N PHE D 2240 -57.86 -43.80 57.72
CA PHE D 2240 -58.74 -42.81 57.10
C PHE D 2240 -58.97 -43.11 55.63
N CYS D 2241 -57.95 -43.57 54.91
CA CYS D 2241 -58.10 -43.86 53.49
C CYS D 2241 -58.98 -45.08 53.24
N ARG D 2242 -59.00 -46.03 54.17
CA ARG D 2242 -59.77 -47.26 53.99
C ARG D 2242 -61.26 -47.06 54.16
N ILE D 2243 -61.70 -45.93 54.73
CA ILE D 2243 -63.14 -45.70 54.92
C ILE D 2243 -63.84 -45.56 53.57
N SER D 2244 -63.27 -44.78 52.67
CA SER D 2244 -63.90 -44.52 51.38
C SER D 2244 -62.84 -44.15 50.34
N ARG D 2245 -63.21 -44.29 49.07
CA ARG D 2245 -62.32 -43.91 47.98
C ARG D 2245 -62.08 -42.40 47.94
N GLN D 2246 -63.13 -41.60 48.22
CA GLN D 2246 -62.96 -40.16 48.23
C GLN D 2246 -61.96 -39.71 49.30
N ASN D 2247 -61.99 -40.34 50.48
CA ASN D 2247 -61.05 -39.99 51.53
C ASN D 2247 -59.62 -40.30 51.10
N GLN D 2248 -59.41 -41.40 50.40
CA GLN D 2248 -58.09 -41.73 49.88
C GLN D 2248 -57.63 -40.74 48.82
N ARG D 2249 -58.56 -40.21 48.03
CA ARG D 2249 -58.21 -39.23 47.01
C ARG D 2249 -57.74 -37.91 47.64
N SER D 2250 -58.31 -37.53 48.78
CA SER D 2250 -57.90 -36.30 49.44
C SER D 2250 -56.44 -36.37 49.88
N MET D 2251 -56.01 -37.52 50.39
CA MET D 2251 -54.61 -37.69 50.79
C MET D 2251 -53.67 -37.68 49.59
N PHE D 2252 -54.16 -38.08 48.41
CA PHE D 2252 -53.31 -38.10 47.22
C PHE D 2252 -52.86 -36.70 46.82
N ASP D 2253 -53.72 -35.69 47.00
CA ASP D 2253 -53.33 -34.32 46.69
C ASP D 2253 -52.19 -33.85 47.59
N HIS D 2254 -52.23 -34.23 48.87
CA HIS D 2254 -51.20 -33.86 49.82
C HIS D 2254 -50.08 -34.90 49.91
N LEU D 2255 -50.09 -35.91 49.04
CA LEU D 2255 -49.07 -36.95 49.09
C LEU D 2255 -47.69 -36.39 48.78
N SER D 2256 -47.61 -35.33 47.97
CA SER D 2256 -46.32 -34.73 47.67
C SER D 2256 -45.68 -34.13 48.92
N TYR D 2257 -46.47 -33.52 49.80
CA TYR D 2257 -45.94 -32.98 51.03
C TYR D 2257 -45.38 -34.06 51.94
N LEU D 2258 -46.05 -35.21 52.00
CA LEU D 2258 -45.60 -36.31 52.86
C LEU D 2258 -44.25 -36.87 52.41
N LEU D 2259 -44.05 -36.98 51.10
CA LEU D 2259 -42.78 -37.51 50.59
C LEU D 2259 -41.60 -36.61 50.94
N GLU D 2260 -41.82 -35.29 50.97
CA GLU D 2260 -40.73 -34.37 51.32
C GLU D 2260 -40.28 -34.58 52.76
N ASN D 2261 -41.22 -34.78 53.68
CA ASN D 2261 -40.88 -34.97 55.08
C ASN D 2261 -40.33 -36.35 55.38
N SER D 2262 -40.55 -37.33 54.50
CA SER D 2262 -40.06 -38.68 54.75
C SER D 2262 -38.54 -38.75 54.63
N GLY D 2263 -37.95 -37.98 53.72
CA GLY D 2263 -36.52 -37.97 53.52
C GLY D 2263 -35.76 -37.34 54.68
N SER D 2271 -46.03 -45.92 60.79
CA SER D 2271 -44.82 -45.59 61.54
C SER D 2271 -44.15 -44.35 60.97
N THR D 2272 -44.18 -44.23 59.65
CA THR D 2272 -43.55 -43.14 58.93
C THR D 2272 -44.55 -42.50 57.99
N PRO D 2273 -44.38 -41.22 57.66
CA PRO D 2273 -45.25 -40.60 56.66
C PRO D 2273 -45.16 -41.25 55.29
N LEU D 2274 -44.07 -41.97 55.00
CA LEU D 2274 -43.96 -42.69 53.73
C LEU D 2274 -45.02 -43.78 53.63
N ASP D 2275 -45.32 -44.45 54.74
CA ASP D 2275 -46.35 -45.48 54.73
C ASP D 2275 -47.72 -44.88 54.45
N VAL D 2276 -47.96 -43.63 54.86
CA VAL D 2276 -49.21 -42.96 54.54
C VAL D 2276 -49.33 -42.74 53.03
N ALA D 2277 -48.22 -42.35 52.39
CA ALA D 2277 -48.23 -42.16 50.95
C ALA D 2277 -48.53 -43.46 50.20
N ALA D 2278 -47.99 -44.58 50.68
CA ALA D 2278 -48.26 -45.87 50.04
C ALA D 2278 -49.74 -46.24 50.17
N ALA D 2279 -50.36 -45.96 51.32
CA ALA D 2279 -51.76 -46.29 51.51
C ALA D 2279 -52.68 -45.41 50.67
N SER D 2280 -52.23 -44.22 50.26
CA SER D 2280 -53.05 -43.33 49.45
C SER D 2280 -53.10 -43.74 47.98
N VAL D 2281 -52.21 -44.63 47.55
CA VAL D 2281 -52.17 -45.06 46.17
C VAL D 2281 -52.61 -46.51 46.00
N ILE D 2282 -52.42 -47.36 47.02
CA ILE D 2282 -52.75 -48.77 46.90
C ILE D 2282 -54.26 -48.95 46.69
N ASP D 2283 -54.62 -50.01 45.96
CA ASP D 2283 -55.99 -50.43 45.72
C ASP D 2283 -56.81 -49.41 44.93
N ASN D 2284 -56.16 -48.53 44.18
CA ASN D 2284 -56.85 -47.56 43.35
C ASN D 2284 -56.06 -47.35 42.07
N ASN D 2285 -56.64 -47.75 40.93
CA ASN D 2285 -55.96 -47.62 39.65
C ASN D 2285 -55.96 -46.19 39.14
N GLU D 2286 -56.98 -45.39 39.49
CA GLU D 2286 -57.08 -44.03 38.99
C GLU D 2286 -55.92 -43.16 39.48
N LEU D 2287 -55.58 -43.26 40.77
CA LEU D 2287 -54.49 -42.45 41.30
C LEU D 2287 -53.13 -42.96 40.86
N ALA D 2288 -53.03 -44.27 40.58
CA ALA D 2288 -51.78 -44.81 40.08
C ALA D 2288 -51.41 -44.24 38.72
N LEU D 2289 -52.40 -44.07 37.83
CA LEU D 2289 -52.12 -43.46 36.53
C LEU D 2289 -51.80 -41.98 36.67
N ALA D 2290 -52.39 -41.30 37.65
CA ALA D 2290 -52.18 -39.87 37.82
C ALA D 2290 -50.98 -39.54 38.70
N LEU D 2291 -50.23 -40.53 39.15
CA LEU D 2291 -49.04 -40.29 39.96
C LEU D 2291 -48.03 -39.49 39.15
N GLN D 2292 -47.56 -38.38 39.71
CA GLN D 2292 -46.67 -37.48 39.00
C GLN D 2292 -45.26 -38.07 38.90
N GLU D 2293 -44.60 -37.78 37.79
CA GLU D 2293 -43.25 -38.30 37.57
C GLU D 2293 -42.24 -37.71 38.54
N GLN D 2294 -42.44 -36.46 38.97
CA GLN D 2294 -41.51 -35.86 39.91
C GLN D 2294 -41.54 -36.55 41.27
N ASP D 2295 -42.70 -37.05 41.68
CA ASP D 2295 -42.77 -37.81 42.92
C ASP D 2295 -41.95 -39.08 42.84
N LEU D 2296 -42.03 -39.79 41.71
CA LEU D 2296 -41.20 -40.98 41.52
C LEU D 2296 -39.72 -40.60 41.44
N GLU D 2297 -39.40 -39.47 40.80
CA GLU D 2297 -38.01 -39.02 40.75
C GLU D 2297 -37.47 -38.70 42.13
N LYS D 2298 -38.34 -38.29 43.06
CA LYS D 2298 -37.92 -38.08 44.44
C LYS D 2298 -37.56 -39.39 45.13
N VAL D 2299 -38.38 -40.43 44.94
CA VAL D 2299 -38.15 -41.69 45.63
C VAL D 2299 -36.83 -42.31 45.21
N VAL D 2300 -36.52 -42.30 43.91
CA VAL D 2300 -35.28 -42.89 43.45
C VAL D 2300 -34.08 -42.07 43.92
N SER D 2301 -34.23 -40.75 44.08
CA SER D 2301 -33.13 -39.93 44.59
C SER D 2301 -32.79 -40.30 46.03
N TYR D 2302 -33.81 -40.50 46.87
CA TYR D 2302 -33.55 -40.95 48.23
C TYR D 2302 -33.03 -42.38 48.25
N LEU D 2303 -33.43 -43.20 47.27
CA LEU D 2303 -32.89 -44.55 47.17
C LEU D 2303 -31.39 -44.53 46.91
N ALA D 2304 -30.94 -43.60 46.06
CA ALA D 2304 -29.50 -43.45 45.83
C ALA D 2304 -28.78 -43.01 47.10
N GLY D 2305 -29.39 -42.15 47.90
CA GLY D 2305 -28.78 -41.74 49.16
C GLY D 2305 -28.62 -42.88 50.14
N CYS D 2306 -29.59 -43.80 50.17
CA CYS D 2306 -29.47 -44.97 51.05
C CYS D 2306 -28.33 -45.88 50.61
N GLY D 2307 -28.06 -45.94 49.30
CA GLY D 2307 -26.97 -46.75 48.79
C GLY D 2307 -25.60 -46.15 48.92
N LEU D 2308 -25.51 -44.89 49.35
CA LEU D 2308 -24.23 -44.21 49.51
C LEU D 2308 -23.71 -44.29 50.94
N GLN D 2309 -24.58 -44.05 51.93
CA GLN D 2309 -24.19 -44.06 53.33
C GLN D 2309 -25.14 -44.93 54.12
N SER D 2310 -24.70 -45.34 55.30
CA SER D 2310 -25.47 -46.19 56.21
C SER D 2310 -25.45 -45.63 57.62
N CYS D 2311 -25.73 -44.33 57.73
CA CYS D 2311 -25.74 -43.66 59.03
C CYS D 2311 -26.72 -44.29 60.03
N PRO D 2312 -27.97 -44.58 59.68
CA PRO D 2312 -28.88 -45.17 60.67
C PRO D 2312 -28.43 -46.57 61.07
N MET D 2313 -28.84 -46.96 62.29
CA MET D 2313 -28.51 -48.26 62.87
C MET D 2313 -27.00 -48.47 62.96
N LEU D 2314 -26.28 -47.41 63.31
CA LEU D 2314 -24.83 -47.49 63.48
C LEU D 2314 -24.43 -47.87 64.89
N LEU D 2315 -25.10 -47.29 65.90
CA LEU D 2315 -24.76 -47.61 67.28
C LEU D 2315 -25.17 -49.02 67.66
N ALA D 2316 -26.37 -49.43 67.25
CA ALA D 2316 -26.90 -50.76 67.56
C ALA D 2316 -26.94 -51.59 66.29
N LYS D 2317 -26.39 -52.81 66.36
CA LYS D 2317 -26.35 -53.74 65.24
C LYS D 2317 -25.62 -53.16 64.04
N GLY D 2318 -24.66 -52.27 64.29
CA GLY D 2318 -23.90 -51.65 63.23
C GLY D 2318 -22.44 -52.05 63.21
N TYR D 2319 -22.12 -53.16 63.88
CA TYR D 2319 -20.76 -53.68 63.94
C TYR D 2319 -20.25 -54.00 62.55
N PRO D 2320 -21.09 -54.59 61.68
CA PRO D 2320 -20.63 -54.86 60.30
C PRO D 2320 -20.22 -53.60 59.55
N ASP D 2321 -20.88 -52.48 59.79
CA ASP D 2321 -20.54 -51.19 59.19
C ASP D 2321 -20.50 -51.28 57.66
N ILE D 2322 -21.59 -51.79 57.08
CA ILE D 2322 -21.69 -51.87 55.64
C ILE D 2322 -21.90 -50.47 55.05
N GLY D 2323 -21.44 -50.29 53.80
CA GLY D 2323 -21.45 -48.97 53.19
C GLY D 2323 -22.85 -48.43 52.95
N TRP D 2324 -23.74 -49.26 52.42
CA TRP D 2324 -25.08 -48.82 52.02
C TRP D 2324 -26.10 -49.19 53.09
N ASN D 2325 -27.15 -48.36 53.20
CA ASN D 2325 -28.20 -48.58 54.18
C ASN D 2325 -29.34 -49.33 53.54
N PRO D 2326 -29.59 -50.58 53.92
CA PRO D 2326 -30.70 -51.33 53.32
C PRO D 2326 -32.05 -51.02 53.94
N CYS D 2327 -32.04 -50.67 55.23
CA CYS D 2327 -33.29 -50.40 55.94
C CYS D 2327 -34.00 -49.17 55.37
N GLY D 2328 -33.24 -48.12 55.06
CA GLY D 2328 -33.86 -46.92 54.49
C GLY D 2328 -34.43 -47.16 53.11
N GLY D 2329 -33.69 -47.85 52.26
CA GLY D 2329 -34.14 -48.11 50.90
C GLY D 2329 -35.25 -49.13 50.79
N GLU D 2330 -35.43 -49.97 51.82
CA GLU D 2330 -36.50 -50.96 51.79
C GLU D 2330 -37.88 -50.30 51.77
N ARG D 2331 -38.04 -49.24 52.58
CA ARG D 2331 -39.31 -48.53 52.61
C ARG D 2331 -39.63 -47.86 51.28
N TYR D 2332 -38.61 -47.26 50.64
CA TYR D 2332 -38.84 -46.63 49.35
C TYR D 2332 -39.20 -47.66 48.28
N LEU D 2333 -38.56 -48.83 48.31
CA LEU D 2333 -38.92 -49.90 47.38
C LEU D 2333 -40.34 -50.40 47.59
N ASP D 2334 -40.83 -50.39 48.84
CA ASP D 2334 -42.21 -50.79 49.11
C ASP D 2334 -43.21 -49.83 48.47
N PHE D 2335 -42.93 -48.52 48.52
CA PHE D 2335 -43.83 -47.55 47.92
C PHE D 2335 -43.90 -47.70 46.40
N LEU D 2336 -42.77 -48.01 45.77
CA LEU D 2336 -42.76 -48.18 44.31
C LEU D 2336 -43.55 -49.41 43.87
N ARG D 2337 -43.61 -50.44 44.72
CA ARG D 2337 -44.34 -51.65 44.37
C ARG D 2337 -45.82 -51.37 44.19
N PHE D 2338 -46.41 -50.58 45.09
CA PHE D 2338 -47.84 -50.29 44.99
C PHE D 2338 -48.16 -49.33 43.85
N ALA D 2339 -47.17 -48.57 43.38
CA ALA D 2339 -47.40 -47.63 42.28
C ALA D 2339 -47.50 -48.35 40.93
N VAL D 2340 -46.71 -49.40 40.74
CA VAL D 2340 -46.68 -50.09 39.46
C VAL D 2340 -47.62 -51.30 39.44
N PHE D 2341 -47.80 -51.96 40.59
CA PHE D 2341 -48.64 -53.14 40.69
C PHE D 2341 -49.92 -52.79 41.46
N VAL D 2342 -51.04 -52.77 40.76
CA VAL D 2342 -52.34 -52.50 41.37
C VAL D 2342 -53.37 -53.45 40.77
N ASN D 2343 -54.20 -54.02 41.63
CA ASN D 2343 -55.29 -54.92 41.22
C ASN D 2343 -54.80 -56.09 40.39
N GLY D 2344 -53.56 -56.53 40.63
CA GLY D 2344 -53.00 -57.64 39.90
C GLY D 2344 -52.62 -57.35 38.46
N GLU D 2345 -52.63 -56.08 38.06
CA GLU D 2345 -52.29 -55.68 36.70
C GLU D 2345 -51.17 -54.66 36.74
N SER D 2346 -50.21 -54.80 35.81
CA SER D 2346 -49.07 -53.90 35.74
C SER D 2346 -49.40 -52.67 34.91
N VAL D 2347 -49.06 -51.51 35.43
CA VAL D 2347 -49.25 -50.24 34.72
C VAL D 2347 -47.98 -49.96 33.92
N GLU D 2348 -48.10 -49.97 32.59
CA GLU D 2348 -46.91 -49.80 31.76
C GLU D 2348 -46.40 -48.35 31.80
N GLU D 2349 -47.28 -47.39 32.08
CA GLU D 2349 -46.81 -46.01 32.23
C GLU D 2349 -45.91 -45.88 33.44
N ASN D 2350 -46.34 -46.39 34.59
CA ASN D 2350 -45.50 -46.36 35.78
C ASN D 2350 -44.28 -47.24 35.63
N ALA D 2351 -44.44 -48.44 35.04
CA ALA D 2351 -43.32 -49.36 34.90
C ALA D 2351 -42.23 -48.78 34.01
N ASN D 2352 -42.61 -48.15 32.90
CA ASN D 2352 -41.64 -47.59 31.98
C ASN D 2352 -40.85 -46.46 32.63
N VAL D 2353 -41.54 -45.62 33.41
CA VAL D 2353 -40.85 -44.53 34.10
C VAL D 2353 -39.92 -45.07 35.17
N VAL D 2354 -40.33 -46.10 35.90
CA VAL D 2354 -39.51 -46.66 36.97
C VAL D 2354 -38.23 -47.27 36.39
N VAL D 2355 -38.35 -48.09 35.35
CA VAL D 2355 -37.19 -48.75 34.79
C VAL D 2355 -36.25 -47.74 34.15
N ARG D 2356 -36.79 -46.63 33.62
CA ARG D 2356 -35.94 -45.61 33.03
C ARG D 2356 -35.04 -44.95 34.07
N LEU D 2357 -35.59 -44.67 35.26
CA LEU D 2357 -34.81 -44.02 36.30
C LEU D 2357 -33.96 -45.00 37.09
N LEU D 2358 -34.44 -46.23 37.29
CA LEU D 2358 -33.68 -47.21 38.05
C LEU D 2358 -32.36 -47.57 37.37
N ILE D 2359 -32.40 -47.76 36.05
CA ILE D 2359 -31.18 -48.13 35.32
C ILE D 2359 -30.31 -46.92 34.97
N ARG D 2360 -30.86 -45.71 35.05
CA ARG D 2360 -30.08 -44.53 34.71
C ARG D 2360 -28.99 -44.26 35.75
N LYS D 2361 -29.32 -44.41 37.03
CA LYS D 2361 -28.38 -44.16 38.11
C LYS D 2361 -27.99 -45.47 38.78
N PRO D 2362 -26.74 -45.91 38.68
CA PRO D 2362 -26.34 -47.15 39.35
C PRO D 2362 -26.30 -47.05 40.86
N GLU D 2363 -26.34 -45.84 41.43
CA GLU D 2363 -26.31 -45.69 42.88
C GLU D 2363 -27.54 -46.31 43.54
N CYS D 2364 -28.72 -46.12 42.94
CA CYS D 2364 -29.93 -46.70 43.51
C CYS D 2364 -29.90 -48.22 43.49
N PHE D 2365 -29.30 -48.82 42.47
CA PHE D 2365 -29.14 -50.26 42.41
C PHE D 2365 -28.11 -50.72 43.44
N GLY D 2366 -28.00 -52.03 43.59
CA GLY D 2366 -27.02 -52.62 44.48
C GLY D 2366 -25.61 -52.25 44.08
N PRO D 2367 -24.79 -51.80 45.05
CA PRO D 2367 -23.42 -51.40 44.74
C PRO D 2367 -22.53 -52.55 44.27
N ALA D 2368 -22.93 -53.80 44.52
CA ALA D 2368 -22.11 -54.93 44.10
C ALA D 2368 -22.02 -55.06 42.58
N LEU D 2369 -23.00 -54.56 41.85
CA LEU D 2369 -22.99 -54.63 40.40
C LEU D 2369 -22.57 -53.30 39.78
N LEU D 2377 -25.14 -60.74 41.38
CA LEU D 2377 -26.27 -60.64 42.30
C LEU D 2377 -26.37 -61.87 43.18
N LEU D 2378 -26.02 -63.03 42.62
CA LEU D 2378 -26.04 -64.26 43.38
C LEU D 2378 -24.99 -64.27 44.49
N ALA D 2379 -23.81 -63.70 44.24
CA ALA D 2379 -22.76 -63.68 45.25
C ALA D 2379 -23.18 -62.87 46.47
N THR D 2380 -23.83 -61.73 46.26
CA THR D 2380 -24.27 -60.91 47.39
C THR D 2380 -25.35 -61.62 48.19
N ILE D 2381 -26.30 -62.28 47.52
CA ILE D 2381 -27.36 -62.99 48.22
C ILE D 2381 -26.80 -64.17 49.01
N GLU D 2382 -25.82 -64.87 48.45
CA GLU D 2382 -25.21 -65.98 49.17
C GLU D 2382 -24.45 -65.52 50.41
N GLU D 2383 -23.88 -64.32 50.37
CA GLU D 2383 -23.14 -63.78 51.50
C GLU D 2383 -24.09 -63.34 52.60
N GLY D 2420 -27.49 -57.77 58.08
CA GLY D 2420 -27.53 -59.10 57.49
C GLY D 2420 -28.87 -59.42 56.87
N HIS D 2421 -29.91 -59.50 57.69
CA HIS D 2421 -31.24 -59.80 57.18
C HIS D 2421 -31.76 -58.70 56.26
N ALA D 2422 -31.49 -57.44 56.59
CA ALA D 2422 -31.93 -56.34 55.73
C ALA D 2422 -31.19 -56.30 54.42
N ILE D 2423 -29.99 -56.89 54.34
CA ILE D 2423 -29.24 -56.93 53.09
C ILE D 2423 -29.99 -57.75 52.06
N MET D 2424 -30.42 -58.96 52.43
CA MET D 2424 -31.15 -59.81 51.50
C MET D 2424 -32.57 -59.32 51.29
N SER D 2425 -33.14 -58.60 52.27
CA SER D 2425 -34.47 -58.05 52.10
C SER D 2425 -34.51 -56.93 51.08
N PHE D 2426 -33.46 -56.10 51.03
CA PHE D 2426 -33.42 -55.02 50.05
C PHE D 2426 -33.36 -55.57 48.63
N TYR D 2427 -32.53 -56.58 48.40
CA TYR D 2427 -32.44 -57.17 47.07
C TYR D 2427 -33.71 -57.91 46.69
N ALA D 2428 -34.35 -58.57 47.67
CA ALA D 2428 -35.61 -59.25 47.38
C ALA D 2428 -36.69 -58.27 46.94
N ALA D 2429 -36.78 -57.12 47.61
CA ALA D 2429 -37.74 -56.11 47.20
C ALA D 2429 -37.37 -55.48 45.87
N LEU D 2430 -36.07 -55.40 45.55
CA LEU D 2430 -35.65 -54.84 44.28
C LEU D 2430 -36.05 -55.73 43.12
N ILE D 2431 -35.81 -57.04 43.23
CA ILE D 2431 -36.20 -57.95 42.17
C ILE D 2431 -37.71 -58.06 42.07
N ASP D 2432 -38.40 -58.05 43.22
CA ASP D 2432 -39.87 -58.05 43.20
C ASP D 2432 -40.42 -56.82 42.51
N LEU D 2433 -39.83 -55.65 42.76
CA LEU D 2433 -40.23 -54.44 42.06
C LEU D 2433 -39.97 -54.57 40.56
N LEU D 2434 -38.81 -55.12 40.18
CA LEU D 2434 -38.50 -55.28 38.77
C LEU D 2434 -39.45 -56.26 38.09
N GLY D 2435 -39.88 -57.29 38.82
CA GLY D 2435 -40.83 -58.23 38.27
C GLY D 2435 -42.16 -57.60 37.88
N ARG D 2436 -42.65 -56.65 38.69
CA ARG D 2436 -43.89 -55.98 38.38
C ARG D 2436 -43.80 -55.11 37.13
N CYS D 2437 -42.59 -54.69 36.74
CA CYS D 2437 -42.43 -53.87 35.55
C CYS D 2437 -42.66 -54.65 34.26
N ALA D 2438 -42.59 -55.97 34.31
CA ALA D 2438 -42.82 -56.78 33.12
C ALA D 2438 -44.28 -56.65 32.66
N PRO D 2439 -44.52 -56.65 31.35
CA PRO D 2439 -45.90 -56.54 30.86
C PRO D 2439 -46.74 -57.73 31.30
N GLU D 2440 -47.98 -57.44 31.68
CA GLU D 2440 -48.86 -58.49 32.19
C GLU D 2440 -49.44 -59.34 31.07
N MET D 2441 -49.97 -58.69 30.04
CA MET D 2441 -50.61 -59.41 28.95
C MET D 2441 -49.57 -60.08 28.06
N HIS D 2442 -49.81 -61.36 27.74
CA HIS D 2442 -48.93 -62.04 26.80
C HIS D 2442 -48.99 -61.40 25.42
N LEU D 2443 -50.15 -60.87 25.02
CA LEU D 2443 -50.25 -60.11 23.78
C LEU D 2443 -49.41 -58.84 23.86
N ILE D 2444 -49.44 -58.16 25.02
CA ILE D 2444 -48.62 -56.97 25.19
C ILE D 2444 -47.13 -57.30 25.19
N GLN D 2445 -46.75 -58.44 25.76
CA GLN D 2445 -45.33 -58.81 25.81
C GLN D 2445 -44.79 -59.13 24.42
N ALA D 2446 -45.57 -59.85 23.61
CA ALA D 2446 -45.09 -60.29 22.29
C ALA D 2446 -45.90 -59.71 21.14
N GLY D 2447 -47.22 -59.88 21.16
CA GLY D 2447 -48.02 -59.47 20.00
C GLY D 2447 -48.06 -57.97 19.81
N LYS D 2448 -48.32 -57.24 20.90
CA LYS D 2448 -48.48 -55.78 20.79
C LYS D 2448 -47.16 -55.10 20.45
N GLY D 2449 -46.07 -55.55 21.03
CA GLY D 2449 -44.79 -54.93 20.79
C GLY D 2449 -44.55 -53.72 21.68
N GLU D 2450 -43.46 -53.01 21.37
CA GLU D 2450 -43.05 -51.81 22.10
C GLU D 2450 -42.71 -52.14 23.55
N ALA D 2451 -42.63 -53.42 23.88
CA ALA D 2451 -42.28 -53.87 25.21
C ALA D 2451 -41.14 -54.88 25.20
N LEU D 2452 -40.64 -55.27 24.03
CA LEU D 2452 -39.54 -56.23 23.97
C LEU D 2452 -38.26 -55.67 24.56
N ARG D 2453 -37.99 -54.37 24.34
CA ARG D 2453 -36.78 -53.76 24.88
C ARG D 2453 -36.78 -53.77 26.40
N ILE D 2454 -37.92 -53.44 27.01
CA ILE D 2454 -38.00 -53.45 28.48
C ILE D 2454 -37.78 -54.85 29.02
N ARG D 2455 -38.35 -55.86 28.35
CA ARG D 2455 -38.08 -57.24 28.73
C ARG D 2455 -36.60 -57.58 28.57
N ALA D 2456 -35.97 -57.10 27.49
CA ALA D 2456 -34.55 -57.31 27.31
C ALA D 2456 -33.72 -56.60 28.38
N ILE D 2457 -34.09 -55.36 28.72
CA ILE D 2457 -33.38 -54.64 29.77
C ILE D 2457 -33.52 -55.36 31.11
N LEU D 2458 -34.74 -55.81 31.43
CA LEU D 2458 -34.94 -56.57 32.65
C LEU D 2458 -34.16 -57.88 32.61
N ARG D 2459 -34.09 -58.52 31.43
CA ARG D 2459 -33.31 -59.74 31.31
C ARG D 2459 -31.82 -59.51 31.54
N SER D 2460 -31.28 -58.41 31.01
CA SER D 2460 -29.86 -58.12 31.18
C SER D 2460 -29.50 -57.83 32.63
N LEU D 2461 -30.36 -57.12 33.36
CA LEU D 2461 -30.07 -56.79 34.75
C LEU D 2461 -30.02 -58.04 35.62
N VAL D 2462 -30.94 -58.98 35.41
CA VAL D 2462 -31.02 -60.19 36.22
C VAL D 2462 -30.87 -61.41 35.33
N PRO D 2463 -29.76 -62.14 35.42
CA PRO D 2463 -29.53 -63.28 34.52
C PRO D 2463 -30.25 -64.54 34.99
N LEU D 2464 -30.28 -65.54 34.10
CA LEU D 2464 -30.84 -66.85 34.43
C LEU D 2464 -30.04 -67.55 35.52
N ASP D 2465 -28.71 -67.48 35.45
CA ASP D 2465 -27.88 -68.22 36.40
C ASP D 2465 -28.10 -67.76 37.82
N ASP D 2466 -28.31 -66.45 38.03
CA ASP D 2466 -28.51 -65.93 39.37
C ASP D 2466 -29.87 -66.34 39.94
N LEU D 2467 -30.91 -66.41 39.10
CA LEU D 2467 -32.25 -66.72 39.60
C LEU D 2467 -32.33 -68.15 40.14
N VAL D 2468 -31.88 -69.12 39.35
CA VAL D 2468 -32.00 -70.52 39.76
C VAL D 2468 -31.13 -70.85 40.96
N GLY D 2469 -29.94 -70.23 41.07
CA GLY D 2469 -29.07 -70.52 42.19
C GLY D 2469 -29.60 -70.06 43.53
N ILE D 2470 -30.22 -68.88 43.57
CA ILE D 2470 -30.74 -68.35 44.83
C ILE D 2470 -31.91 -69.19 45.31
N ILE D 2471 -32.76 -69.67 44.39
CA ILE D 2471 -33.85 -70.55 44.78
C ILE D 2471 -33.30 -71.85 45.37
N SER D 2472 -32.20 -72.35 44.81
CA SER D 2472 -31.58 -73.58 45.31
C SER D 2472 -30.85 -73.28 46.62
N LEU D 2473 -31.31 -73.90 47.70
CA LEU D 2473 -30.73 -73.67 49.02
C LEU D 2473 -30.71 -74.94 49.85
N PRO D 2489 -36.24 -73.95 66.56
CA PRO D 2489 -36.92 -73.09 65.59
C PRO D 2489 -35.97 -72.08 64.95
N LYS D 2490 -36.06 -71.94 63.62
CA LYS D 2490 -35.20 -71.00 62.91
C LYS D 2490 -35.62 -69.57 63.23
N MET D 2491 -34.64 -68.72 63.51
CA MET D 2491 -34.91 -67.32 63.82
C MET D 2491 -35.39 -66.59 62.57
N SER D 2492 -36.35 -65.67 62.75
CA SER D 2492 -36.84 -64.88 61.64
C SER D 2492 -35.76 -63.97 61.06
N ALA D 2493 -34.77 -63.60 61.89
CA ALA D 2493 -33.68 -62.75 61.43
C ALA D 2493 -32.65 -63.52 60.60
N SER D 2494 -32.70 -64.85 60.60
CA SER D 2494 -31.74 -65.63 59.83
C SER D 2494 -32.15 -65.72 58.37
N PHE D 2495 -33.33 -66.25 58.09
CA PHE D 2495 -33.83 -66.39 56.73
C PHE D 2495 -35.34 -66.35 56.73
N VAL D 2496 -35.90 -65.77 55.67
CA VAL D 2496 -37.35 -65.71 55.48
C VAL D 2496 -37.66 -66.29 54.10
N PRO D 2497 -38.50 -67.30 53.98
CA PRO D 2497 -38.79 -67.89 52.67
C PRO D 2497 -39.58 -66.98 51.74
N ASP D 2498 -40.17 -65.89 52.25
CA ASP D 2498 -40.95 -65.01 51.40
C ASP D 2498 -40.07 -64.29 50.37
N HIS D 2499 -38.80 -64.08 50.68
CA HIS D 2499 -37.91 -63.38 49.75
C HIS D 2499 -37.73 -64.17 48.45
N LYS D 2500 -37.86 -65.49 48.49
CA LYS D 2500 -37.74 -66.29 47.28
C LYS D 2500 -38.96 -66.16 46.37
N ALA D 2501 -40.08 -65.63 46.89
CA ALA D 2501 -41.24 -65.39 46.04
C ALA D 2501 -40.95 -64.31 45.00
N SER D 2502 -40.05 -63.38 45.32
CA SER D 2502 -39.66 -62.36 44.35
C SER D 2502 -38.93 -62.97 43.16
N MET D 2503 -38.32 -64.16 43.36
CA MET D 2503 -37.53 -64.75 42.29
C MET D 2503 -38.42 -65.56 41.34
N VAL D 2504 -39.36 -66.33 41.89
CA VAL D 2504 -40.31 -67.04 41.05
C VAL D 2504 -41.25 -66.07 40.35
N LEU D 2505 -41.55 -64.93 40.96
CA LEU D 2505 -42.34 -63.91 40.27
C LEU D 2505 -41.58 -63.36 39.06
N PHE D 2506 -40.28 -63.09 39.22
CA PHE D 2506 -39.48 -62.58 38.12
C PHE D 2506 -39.24 -63.64 37.06
N LEU D 2507 -39.24 -64.92 37.42
CA LEU D 2507 -38.95 -65.98 36.46
C LEU D 2507 -40.07 -66.11 35.44
N ASP D 2508 -41.33 -66.18 35.90
CA ASP D 2508 -42.45 -66.38 34.99
C ASP D 2508 -42.90 -65.08 34.33
N ARG D 2509 -42.48 -63.92 34.87
CA ARG D 2509 -42.95 -62.65 34.34
C ARG D 2509 -42.03 -62.11 33.26
N VAL D 2510 -40.73 -62.38 33.36
CA VAL D 2510 -39.76 -61.90 32.39
C VAL D 2510 -39.31 -63.06 31.51
N TYR D 2511 -38.85 -64.14 32.13
CA TYR D 2511 -38.31 -65.28 31.41
C TYR D 2511 -39.34 -66.37 31.16
N GLY D 2512 -40.56 -66.21 31.65
CA GLY D 2512 -41.58 -67.23 31.48
C GLY D 2512 -41.35 -68.47 32.34
N PHE D 2518 -33.50 -78.04 31.41
CA PHE D 2518 -34.78 -77.64 30.85
C PHE D 2518 -35.73 -77.15 31.94
N LEU D 2519 -37.03 -77.14 31.63
CA LEU D 2519 -38.02 -76.73 32.62
C LEU D 2519 -38.06 -77.68 33.80
N LEU D 2520 -37.96 -78.98 33.56
CA LEU D 2520 -37.98 -79.97 34.63
C LEU D 2520 -36.77 -79.86 35.54
N HIS D 2521 -35.68 -79.25 35.07
CA HIS D 2521 -34.49 -79.09 35.91
C HIS D 2521 -34.73 -78.13 37.07
N VAL D 2522 -35.71 -77.23 36.95
CA VAL D 2522 -36.02 -76.31 38.03
C VAL D 2522 -37.03 -76.91 39.01
N LEU D 2523 -37.90 -77.80 38.53
CA LEU D 2523 -38.92 -78.38 39.40
C LEU D 2523 -38.31 -79.21 40.52
N ASP D 2524 -37.27 -80.01 40.20
CA ASP D 2524 -36.62 -80.81 41.24
C ASP D 2524 -35.99 -79.94 42.30
N VAL D 2525 -35.50 -78.76 41.92
CA VAL D 2525 -35.01 -77.80 42.92
C VAL D 2525 -36.15 -77.34 43.81
N GLY D 2526 -37.32 -77.04 43.22
CA GLY D 2526 -38.46 -76.64 44.00
C GLY D 2526 -39.17 -77.76 44.72
N PHE D 2527 -38.89 -79.01 44.35
CA PHE D 2527 -39.47 -80.15 45.03
C PHE D 2527 -38.85 -80.40 46.39
N LEU D 2528 -37.60 -79.99 46.61
CA LEU D 2528 -36.98 -80.18 47.91
C LEU D 2528 -37.72 -79.43 49.02
N PRO D 2529 -38.11 -78.15 48.87
CA PRO D 2529 -38.96 -77.54 49.90
C PRO D 2529 -40.29 -78.23 50.09
N ASP D 2530 -40.85 -78.79 49.00
CA ASP D 2530 -42.11 -79.53 49.13
C ASP D 2530 -41.94 -80.76 50.01
N MET D 2531 -40.83 -81.49 49.83
CA MET D 2531 -40.57 -82.65 50.68
C MET D 2531 -40.23 -82.22 52.11
N ARG D 2532 -39.55 -81.08 52.28
CA ARG D 2532 -39.21 -80.61 53.62
C ARG D 2532 -40.45 -80.16 54.38
N ALA D 2533 -41.46 -79.64 53.67
CA ALA D 2533 -42.67 -79.19 54.34
C ALA D 2533 -43.47 -80.37 54.91
N ALA D 2534 -43.33 -81.55 54.32
CA ALA D 2534 -44.03 -82.74 54.79
C ALA D 2534 -43.42 -83.25 56.08
N ALA D 2548 -42.54 -73.12 58.47
CA ALA D 2548 -43.76 -73.33 59.25
C ALA D 2548 -44.99 -72.82 58.49
N LEU D 2549 -45.73 -71.91 59.11
CA LEU D 2549 -46.90 -71.33 58.46
C LEU D 2549 -46.53 -70.50 57.25
N ALA D 2550 -45.42 -69.77 57.33
CA ALA D 2550 -44.98 -68.96 56.18
C ALA D 2550 -44.62 -69.85 54.99
N LEU D 2551 -43.96 -70.98 55.25
CA LEU D 2551 -43.61 -71.89 54.16
C LEU D 2551 -44.86 -72.49 53.51
N ASN D 2552 -45.88 -72.83 54.31
CA ASN D 2552 -47.11 -73.37 53.75
C ASN D 2552 -47.80 -72.36 52.84
N ARG D 2553 -47.86 -71.09 53.27
CA ARG D 2553 -48.44 -70.05 52.43
C ARG D 2553 -47.53 -69.74 51.24
N TYR D 2554 -46.22 -69.99 51.38
CA TYR D 2554 -45.31 -69.78 50.25
C TYR D 2554 -45.58 -70.73 49.11
N LEU D 2555 -45.69 -72.03 49.40
CA LEU D 2555 -45.88 -73.02 48.34
C LEU D 2555 -47.22 -72.85 47.64
N CYS D 2556 -48.26 -72.48 48.39
CA CYS D 2556 -49.58 -72.30 47.79
C CYS D 2556 -49.63 -71.12 46.83
N LEU D 2557 -48.93 -70.03 47.14
CA LEU D 2557 -48.96 -68.83 46.32
C LEU D 2557 -47.95 -68.86 45.19
N ALA D 2558 -46.85 -69.60 45.32
CA ALA D 2558 -45.80 -69.60 44.31
C ALA D 2558 -45.64 -70.95 43.63
N VAL D 2559 -45.43 -72.02 44.40
CA VAL D 2559 -45.18 -73.33 43.79
C VAL D 2559 -46.45 -73.87 43.14
N LEU D 2560 -47.59 -73.76 43.83
CA LEU D 2560 -48.86 -74.27 43.33
C LEU D 2560 -49.25 -73.57 42.03
N PRO D 2561 -49.15 -72.24 41.96
CA PRO D 2561 -49.58 -71.54 40.75
C PRO D 2561 -48.65 -71.78 39.57
N LEU D 2562 -47.35 -71.89 39.83
CA LEU D 2562 -46.39 -72.10 38.77
C LEU D 2562 -46.59 -73.45 38.09
N ILE D 2563 -46.86 -74.49 38.88
CA ILE D 2563 -47.04 -75.84 38.32
C ILE D 2563 -48.31 -75.90 37.49
N THR D 2564 -49.37 -75.22 37.92
CA THR D 2564 -50.64 -75.27 37.20
C THR D 2564 -50.51 -74.70 35.79
N LYS D 2565 -49.77 -73.59 35.65
CA LYS D 2565 -49.61 -72.96 34.35
C LYS D 2565 -48.72 -73.77 33.42
N CYS D 2566 -47.76 -74.52 33.96
CA CYS D 2566 -46.82 -75.30 33.18
C CYS D 2566 -47.20 -76.77 33.10
N ALA D 2567 -48.48 -77.08 33.29
CA ALA D 2567 -48.99 -78.46 33.24
C ALA D 2567 -48.80 -79.09 31.85
N PRO D 2568 -49.17 -78.43 30.75
CA PRO D 2568 -49.03 -79.08 29.44
C PRO D 2568 -47.60 -79.38 29.03
N LEU D 2569 -46.59 -78.78 29.68
CA LEU D 2569 -45.21 -79.02 29.31
C LEU D 2569 -44.78 -80.47 29.52
N PHE D 2570 -45.42 -81.17 30.44
CA PHE D 2570 -45.05 -82.55 30.72
C PHE D 2570 -45.39 -83.45 29.53
N ALA D 2571 -44.46 -84.33 29.17
CA ALA D 2571 -44.65 -85.24 28.05
C ALA D 2571 -43.75 -86.47 28.18
N MET D 2579 -38.62 -88.96 38.99
CA MET D 2579 -38.82 -87.60 39.47
C MET D 2579 -40.29 -87.22 39.44
N VAL D 2580 -41.00 -87.68 38.41
CA VAL D 2580 -42.43 -87.39 38.28
C VAL D 2580 -43.22 -88.05 39.40
N ASP D 2581 -42.90 -89.31 39.72
CA ASP D 2581 -43.66 -90.04 40.73
C ASP D 2581 -43.55 -89.37 42.10
N SER D 2582 -42.41 -88.75 42.40
CA SER D 2582 -42.27 -88.05 43.67
C SER D 2582 -43.13 -86.80 43.73
N MET D 2583 -43.37 -86.15 42.57
CA MET D 2583 -44.16 -84.93 42.56
C MET D 2583 -45.60 -85.19 43.00
N LEU D 2584 -46.20 -86.26 42.50
CA LEU D 2584 -47.58 -86.58 42.88
C LEU D 2584 -47.67 -86.98 44.34
N HIS D 2585 -46.65 -87.68 44.87
CA HIS D 2585 -46.66 -88.08 46.26
C HIS D 2585 -46.53 -86.89 47.21
N THR D 2586 -45.68 -85.92 46.86
CA THR D 2586 -45.48 -84.77 47.74
C THR D 2586 -46.72 -83.90 47.83
N VAL D 2587 -47.38 -83.64 46.69
CA VAL D 2587 -48.58 -82.82 46.70
C VAL D 2587 -49.68 -83.51 47.49
N TYR D 2588 -49.85 -84.82 47.30
CA TYR D 2588 -50.81 -85.57 48.10
C TYR D 2588 -50.45 -85.55 49.57
N ARG D 2589 -49.15 -85.69 49.89
CA ARG D 2589 -48.73 -85.69 51.29
C ARG D 2589 -49.04 -84.35 51.96
N LEU D 2590 -48.81 -83.24 51.26
CA LEU D 2590 -49.08 -81.92 51.83
C LEU D 2590 -50.56 -81.62 51.90
N SER D 2591 -51.38 -82.31 51.09
CA SER D 2591 -52.82 -82.07 51.13
C SER D 2591 -53.42 -82.46 52.48
N ARG D 2592 -52.98 -83.60 53.03
CA ARG D 2592 -53.47 -84.07 54.33
C ARG D 2592 -52.63 -83.47 55.46
N GLY D 2593 -52.74 -82.14 55.59
CA GLY D 2593 -52.01 -81.43 56.61
C GLY D 2593 -52.90 -80.68 57.57
N ARG D 2594 -52.73 -80.93 58.87
CA ARG D 2594 -53.54 -80.26 59.89
C ARG D 2594 -53.13 -78.82 60.12
N SER D 2595 -51.97 -78.40 59.63
CA SER D 2595 -51.51 -77.03 59.82
C SER D 2595 -51.89 -76.12 58.67
N LEU D 2596 -51.83 -76.61 57.43
CA LEU D 2596 -52.15 -75.82 56.25
C LEU D 2596 -53.63 -76.00 55.89
N THR D 2597 -54.47 -75.43 56.75
CA THR D 2597 -55.92 -75.47 56.56
C THR D 2597 -56.55 -74.10 56.35
N LYS D 2598 -55.74 -73.04 56.28
CA LYS D 2598 -56.26 -71.68 56.09
C LYS D 2598 -56.61 -71.47 54.62
N ALA D 2599 -57.71 -72.10 54.21
CA ALA D 2599 -58.21 -72.04 52.84
C ALA D 2599 -57.17 -72.51 51.83
N GLN D 2600 -56.31 -73.45 52.23
CA GLN D 2600 -55.27 -73.96 51.35
C GLN D 2600 -55.77 -75.08 50.44
N ARG D 2601 -56.89 -75.72 50.77
CA ARG D 2601 -57.40 -76.81 49.95
C ARG D 2601 -57.96 -76.31 48.61
N ASP D 2602 -58.32 -75.03 48.52
CA ASP D 2602 -58.87 -74.49 47.28
C ASP D 2602 -57.83 -74.29 46.20
N VAL D 2603 -56.55 -74.15 46.57
CA VAL D 2603 -55.49 -73.91 45.60
C VAL D 2603 -54.74 -75.20 45.32
N ILE D 2604 -54.66 -76.09 46.32
CA ILE D 2604 -54.00 -77.37 46.11
C ILE D 2604 -54.85 -78.27 45.21
N GLU D 2605 -56.16 -78.33 45.47
CA GLU D 2605 -57.03 -79.17 44.66
C GLU D 2605 -57.16 -78.64 43.24
N GLU D 2606 -57.14 -77.31 43.07
CA GLU D 2606 -57.20 -76.75 41.73
C GLU D 2606 -56.00 -77.15 40.88
N CYS D 2607 -54.81 -77.15 41.49
CA CYS D 2607 -53.61 -77.58 40.78
C CYS D 2607 -53.56 -79.10 40.61
N LEU D 2608 -54.07 -79.84 41.60
CA LEU D 2608 -54.02 -81.30 41.53
C LEU D 2608 -54.85 -81.81 40.35
N MET D 2609 -56.04 -81.24 40.15
CA MET D 2609 -56.88 -81.65 39.02
C MET D 2609 -56.21 -81.33 37.69
N ALA D 2610 -55.58 -80.16 37.60
CA ALA D 2610 -54.89 -79.80 36.36
C ALA D 2610 -53.64 -80.64 36.14
N LEU D 2611 -53.00 -81.11 37.22
CA LEU D 2611 -51.80 -81.91 37.11
C LEU D 2611 -52.09 -83.39 36.89
N CYS D 2612 -53.26 -83.87 37.31
CA CYS D 2612 -53.59 -85.27 37.14
C CYS D 2612 -53.77 -85.62 35.67
N ARG D 2613 -54.27 -84.68 34.87
CA ARG D 2613 -54.47 -84.92 33.46
C ARG D 2613 -53.15 -84.94 32.71
N TYR D 2614 -53.07 -85.79 31.69
CA TYR D 2614 -51.90 -85.97 30.83
C TYR D 2614 -50.60 -85.95 31.63
N ILE D 2615 -50.58 -86.74 32.70
CA ILE D 2615 -49.38 -86.83 33.53
C ILE D 2615 -48.24 -87.50 32.77
N ARG D 2616 -48.55 -88.48 31.91
CA ARG D 2616 -47.56 -89.19 31.12
C ARG D 2616 -48.26 -90.07 30.09
N PRO D 2617 -47.53 -90.60 29.10
CA PRO D 2617 -48.17 -91.55 28.18
C PRO D 2617 -48.74 -92.77 28.88
N SER D 2618 -48.07 -93.25 29.92
CA SER D 2618 -48.57 -94.32 30.77
C SER D 2618 -48.75 -93.75 32.18
N MET D 2619 -49.95 -93.90 32.73
CA MET D 2619 -50.24 -93.35 34.05
C MET D 2619 -49.41 -94.05 35.12
N LEU D 2620 -48.90 -93.27 36.06
CA LEU D 2620 -48.12 -93.80 37.17
C LEU D 2620 -49.07 -94.19 38.29
N GLN D 2621 -49.05 -95.47 38.66
CA GLN D 2621 -49.95 -96.01 39.66
C GLN D 2621 -49.39 -95.95 41.08
N HIS D 2622 -48.22 -95.32 41.26
CA HIS D 2622 -47.65 -95.21 42.60
C HIS D 2622 -48.53 -94.37 43.52
N LEU D 2623 -49.08 -93.27 43.00
CA LEU D 2623 -49.93 -92.42 43.82
C LEU D 2623 -51.26 -93.09 44.13
N LEU D 2624 -51.91 -93.69 43.12
CA LEU D 2624 -53.19 -94.33 43.34
C LEU D 2624 -53.07 -95.57 44.22
N ARG D 2625 -51.87 -96.16 44.33
CA ARG D 2625 -51.68 -97.29 45.22
C ARG D 2625 -51.94 -96.89 46.66
N ARG D 2626 -51.48 -95.70 47.06
CA ARG D 2626 -51.77 -95.16 48.38
C ARG D 2626 -53.15 -94.51 48.45
N LEU D 2627 -53.77 -94.21 47.30
CA LEU D 2627 -55.09 -93.60 47.30
C LEU D 2627 -56.17 -94.59 47.73
N VAL D 2628 -56.11 -95.82 47.20
CA VAL D 2628 -57.13 -96.81 47.56
C VAL D 2628 -57.02 -97.18 49.03
N PHE D 2629 -55.80 -97.30 49.53
CA PHE D 2629 -55.58 -97.60 50.94
C PHE D 2629 -56.14 -96.50 51.84
N ASP D 2630 -55.99 -95.24 51.44
CA ASP D 2630 -56.51 -94.14 52.25
C ASP D 2630 -58.03 -94.03 52.19
N VAL D 2631 -58.65 -94.53 51.12
CA VAL D 2631 -60.11 -94.46 50.99
C VAL D 2631 -60.74 -95.41 51.99
N PRO D 2632 -61.67 -94.93 52.85
CA PRO D 2632 -62.33 -95.78 53.84
C PRO D 2632 -63.38 -96.70 53.23
N UNK D 2633 -62.65 -86.68 49.64
CA UNK D 2633 -63.68 -86.22 48.72
C UNK D 2633 -63.06 -85.70 47.43
N UNK D 2634 -61.96 -84.97 47.57
CA UNK D 2634 -61.26 -84.41 46.40
C UNK D 2634 -60.53 -85.50 45.64
N UNK D 2635 -60.19 -86.58 46.34
CA UNK D 2635 -59.48 -87.71 45.74
C UNK D 2635 -60.42 -88.51 44.85
N UNK D 2636 -61.70 -88.53 45.20
CA UNK D 2636 -62.70 -89.26 44.43
C UNK D 2636 -62.98 -88.56 43.11
N UNK D 2637 -62.87 -87.24 43.11
CA UNK D 2637 -63.10 -86.45 41.91
C UNK D 2637 -61.97 -86.64 40.91
N UNK D 2638 -60.75 -86.82 41.42
CA UNK D 2638 -59.58 -87.05 40.57
C UNK D 2638 -59.62 -88.44 39.95
N UNK D 2639 -60.18 -89.39 40.69
CA UNK D 2639 -60.30 -90.76 40.21
C UNK D 2639 -61.39 -90.87 39.14
N UNK D 2640 -62.37 -89.98 39.23
CA UNK D 2640 -63.47 -89.96 38.26
C UNK D 2640 -63.00 -89.44 36.92
N UNK D 2641 -62.06 -88.50 36.96
CA UNK D 2641 -61.51 -87.92 35.73
C UNK D 2641 -60.46 -88.84 35.12
N UNK D 2642 -59.75 -89.57 35.97
CA UNK D 2642 -58.72 -90.49 35.52
C UNK D 2642 -59.34 -91.71 34.85
N UNK D 2643 -60.46 -92.17 35.41
CA UNK D 2643 -61.16 -93.33 34.86
C UNK D 2643 -61.87 -92.96 33.56
N UNK D 2644 -62.23 -91.69 33.42
CA UNK D 2644 -62.90 -91.21 32.22
C UNK D 2644 -61.90 -91.05 31.08
N UNK D 2645 -60.64 -90.83 31.43
CA UNK D 2645 -59.59 -90.69 30.43
C UNK D 2645 -59.15 -92.04 29.88
N UNK D 2646 -51.82 -106.94 37.32
CA UNK D 2646 -51.70 -106.32 38.64
C UNK D 2646 -52.46 -105.00 38.69
N UNK D 2647 -52.43 -104.26 37.58
CA UNK D 2647 -53.13 -102.98 37.50
C UNK D 2647 -54.63 -103.18 37.48
N UNK D 2648 -55.07 -104.27 36.87
CA UNK D 2648 -56.49 -104.59 36.78
C UNK D 2648 -57.04 -105.01 38.14
N UNK D 2649 -56.18 -105.66 38.94
CA UNK D 2649 -56.57 -106.11 40.27
C UNK D 2649 -56.66 -104.92 41.23
N UNK D 2650 -55.86 -103.89 40.97
CA UNK D 2650 -55.86 -102.70 41.80
C UNK D 2650 -57.13 -101.89 41.58
N UNK D 2651 -57.66 -101.95 40.36
CA UNK D 2651 -58.89 -101.24 40.03
C UNK D 2651 -60.10 -101.94 40.63
N UNK D 2652 -59.99 -103.24 40.81
CA UNK D 2652 -61.07 -104.04 41.39
C UNK D 2652 -61.18 -103.77 42.88
N UNK D 2653 -60.05 -103.48 43.52
CA UNK D 2653 -60.03 -103.19 44.95
C UNK D 2653 -60.66 -101.82 45.22
N UNK D 2654 -60.47 -100.89 44.30
CA UNK D 2654 -61.04 -99.55 44.45
C UNK D 2654 -62.54 -99.59 44.21
N UNK D 2655 -62.99 -100.48 43.34
CA UNK D 2655 -64.41 -100.63 43.05
C UNK D 2655 -65.13 -101.29 44.21
N UNK D 2656 -64.43 -102.18 44.91
CA UNK D 2656 -65.00 -102.85 46.06
C UNK D 2656 -65.06 -101.93 47.26
N UNK D 2657 -64.12 -100.98 47.32
CA UNK D 2657 -64.09 -100.01 48.41
C UNK D 2657 -65.20 -98.99 48.25
N UNK D 2658 -65.55 -98.68 47.01
CA UNK D 2658 -66.61 -97.73 46.72
C UNK D 2658 -67.98 -98.35 47.01
N UNK D 2659 -68.08 -99.66 46.79
CA UNK D 2659 -69.32 -100.38 47.04
C UNK D 2659 -69.53 -100.57 48.54
N UNK D 2660 -68.43 -100.62 49.28
CA UNK D 2660 -68.49 -100.79 50.74
C UNK D 2660 -68.92 -99.49 51.41
N UNK D 2661 -68.58 -98.37 50.79
CA UNK D 2661 -68.94 -97.07 51.32
C UNK D 2661 -70.42 -96.77 51.09
N UNK D 2662 -70.94 -97.25 49.97
CA UNK D 2662 -72.35 -97.07 49.63
C UNK D 2662 -73.23 -97.97 50.48
N UNK D 2663 -72.68 -99.10 50.91
CA UNK D 2663 -73.41 -100.05 51.74
C UNK D 2663 -73.38 -99.61 53.20
N UNK D 2664 -72.32 -98.91 53.59
CA UNK D 2664 -72.18 -98.44 54.97
C UNK D 2664 -73.08 -97.23 55.21
N UNK D 2665 -73.18 -96.35 54.22
CA UNK D 2665 -74.00 -95.16 54.33
C UNK D 2665 -75.23 -95.26 53.43
N UNK D 2666 -72.26 -85.58 48.80
CA UNK D 2666 -71.51 -86.75 49.25
C UNK D 2666 -71.84 -87.96 48.39
N UNK D 2667 -73.09 -88.38 48.42
CA UNK D 2667 -73.54 -89.54 47.66
C UNK D 2667 -73.65 -89.19 46.17
N UNK D 2668 -73.87 -87.92 45.88
CA UNK D 2668 -73.99 -87.45 44.50
C UNK D 2668 -72.62 -87.45 43.82
N UNK D 2669 -71.57 -87.24 44.59
CA UNK D 2669 -70.22 -87.20 44.06
C UNK D 2669 -69.65 -88.62 43.94
N UNK D 2670 -70.13 -89.52 44.80
CA UNK D 2670 -69.68 -90.90 44.78
C UNK D 2670 -70.40 -91.71 43.71
N UNK D 2671 -71.59 -91.25 43.32
CA UNK D 2671 -72.37 -91.93 42.31
C UNK D 2671 -71.74 -91.76 40.93
N UNK D 2672 -71.14 -90.59 40.70
CA UNK D 2672 -70.50 -90.31 39.42
C UNK D 2672 -69.16 -91.03 39.33
N UNK D 2673 -68.53 -91.26 40.48
CA UNK D 2673 -67.24 -91.94 40.52
C UNK D 2673 -67.41 -93.44 40.29
N UNK D 2674 -68.51 -93.98 40.76
CA UNK D 2674 -68.79 -95.41 40.62
C UNK D 2674 -69.17 -95.74 39.17
N UNK D 2675 -69.90 -94.83 38.53
CA UNK D 2675 -70.32 -95.03 37.15
C UNK D 2675 -69.14 -94.86 36.19
N UNK D 2676 -68.21 -93.99 36.56
CA UNK D 2676 -67.02 -93.74 35.73
C UNK D 2676 -66.04 -94.90 35.86
N UNK D 2677 -66.03 -95.54 37.02
CA UNK D 2677 -65.14 -96.68 37.26
C UNK D 2677 -65.62 -97.92 36.50
N UNK D 2678 -66.92 -97.97 36.24
CA UNK D 2678 -67.50 -99.10 35.53
C UNK D 2678 -67.36 -98.92 34.02
N ASP D 2679 -57.51 -101.26 60.46
CA ASP D 2679 -57.51 -101.59 61.88
C ASP D 2679 -57.57 -103.10 62.09
N PRO D 2680 -56.40 -103.76 62.00
CA PRO D 2680 -56.37 -105.21 62.20
C PRO D 2680 -56.64 -105.57 63.66
N ARG D 2681 -57.50 -106.55 63.86
CA ARG D 2681 -57.88 -107.02 65.19
C ARG D 2681 -57.74 -108.54 65.24
N PRO D 2682 -56.52 -109.04 65.46
CA PRO D 2682 -56.34 -110.49 65.53
C PRO D 2682 -57.01 -111.08 66.76
N VAL D 2683 -57.37 -112.36 66.65
CA VAL D 2683 -58.02 -113.05 67.75
C VAL D 2683 -57.05 -113.21 68.91
N GLU D 2684 -57.54 -113.00 70.13
CA GLU D 2684 -56.71 -113.10 71.32
C GLU D 2684 -56.50 -114.56 71.66
N THR D 2685 -55.24 -115.01 71.60
CA THR D 2685 -54.88 -116.39 71.90
C THR D 2685 -54.05 -116.51 73.17
N LEU D 2686 -53.92 -115.44 73.94
CA LEU D 2686 -53.13 -115.49 75.17
C LEU D 2686 -53.76 -116.42 76.20
N ASN D 2687 -55.08 -116.37 76.34
CA ASN D 2687 -55.80 -117.18 77.31
C ASN D 2687 -56.32 -118.49 76.73
N VAL D 2688 -56.03 -118.78 75.46
CA VAL D 2688 -56.49 -120.00 74.81
C VAL D 2688 -55.55 -121.14 75.19
N ILE D 2689 -56.12 -122.23 75.68
CA ILE D 2689 -55.37 -123.40 76.09
C ILE D 2689 -55.67 -124.54 75.12
N ILE D 2690 -54.62 -125.08 74.50
CA ILE D 2690 -54.77 -126.17 73.55
C ILE D 2690 -54.94 -127.49 74.30
N PRO D 2691 -55.64 -128.46 73.73
CA PRO D 2691 -55.78 -129.76 74.42
C PRO D 2691 -54.46 -130.51 74.47
N GLU D 2692 -54.33 -131.36 75.49
CA GLU D 2692 -53.12 -132.16 75.64
C GLU D 2692 -53.00 -133.21 74.54
N LYS D 2693 -54.13 -133.67 73.99
CA LYS D 2693 -54.08 -134.66 72.93
C LYS D 2693 -53.53 -134.08 71.63
N LEU D 2694 -53.57 -132.76 71.48
CA LEU D 2694 -53.06 -132.10 70.28
C LEU D 2694 -51.55 -131.88 70.32
N ASP D 2695 -50.89 -132.22 71.43
CA ASP D 2695 -49.44 -132.06 71.51
C ASP D 2695 -48.70 -132.94 70.51
N SER D 2696 -49.17 -134.18 70.32
CA SER D 2696 -48.54 -135.07 69.35
C SER D 2696 -48.67 -134.52 67.93
N PHE D 2697 -49.84 -133.99 67.59
CA PHE D 2697 -50.02 -133.41 66.27
C PHE D 2697 -49.17 -132.16 66.06
N ILE D 2698 -49.00 -131.35 67.11
CA ILE D 2698 -48.18 -130.15 67.00
C ILE D 2698 -46.73 -130.51 66.72
N ASN D 2699 -46.21 -131.52 67.42
CA ASN D 2699 -44.83 -131.96 67.18
C ASN D 2699 -44.66 -132.52 65.77
N LYS D 2700 -45.64 -133.31 65.30
CA LYS D 2700 -45.56 -133.85 63.96
C LYS D 2700 -45.63 -132.74 62.91
N PHE D 2701 -46.50 -131.75 63.13
CA PHE D 2701 -46.59 -130.63 62.19
C PHE D 2701 -45.33 -129.79 62.19
N ALA D 2702 -44.73 -129.57 63.36
CA ALA D 2702 -43.49 -128.80 63.44
C ALA D 2702 -42.36 -129.51 62.72
N GLU D 2703 -42.26 -130.83 62.88
CA GLU D 2703 -41.23 -131.59 62.17
C GLU D 2703 -41.42 -131.55 60.67
N TYR D 2704 -42.67 -131.64 60.20
CA TYR D 2704 -42.93 -131.56 58.76
C TYR D 2704 -42.55 -130.20 58.20
N THR D 2705 -42.89 -129.12 58.93
CA THR D 2705 -42.53 -127.79 58.46
CA THR D 2705 -42.53 -127.79 58.46
C THR D 2705 -41.02 -127.60 58.41
N HIS D 2706 -40.31 -128.10 59.42
CA HIS D 2706 -38.86 -127.99 59.43
C HIS D 2706 -38.23 -128.82 58.31
N GLU D 2707 -38.79 -130.01 58.07
CA GLU D 2707 -38.28 -130.86 56.99
C GLU D 2707 -38.52 -130.22 55.62
N LYS D 2708 -39.68 -129.58 55.43
CA LYS D 2708 -39.95 -128.92 54.16
C LYS D 2708 -38.98 -127.78 53.90
N TRP D 2709 -38.69 -126.98 54.93
CA TRP D 2709 -37.70 -125.92 54.80
C TRP D 2709 -36.30 -126.49 54.55
N ALA D 2710 -35.94 -127.56 55.26
CA ALA D 2710 -34.64 -128.18 55.04
C ALA D 2710 -34.52 -128.79 53.65
N PHE D 2711 -35.60 -129.41 53.15
CA PHE D 2711 -35.58 -129.97 51.81
C PHE D 2711 -35.36 -128.91 50.75
N ASP D 2712 -36.04 -127.76 50.89
CA ASP D 2712 -35.83 -126.66 49.97
C ASP D 2712 -34.42 -126.10 50.06
N LYS D 2713 -33.89 -125.98 51.28
CA LYS D 2713 -32.51 -125.51 51.46
C LYS D 2713 -31.52 -126.51 50.87
N ILE D 2714 -31.77 -127.81 51.06
CA ILE D 2714 -30.88 -128.84 50.52
C ILE D 2714 -30.82 -128.76 49.00
N GLN D 2715 -31.95 -128.46 48.35
CA GLN D 2715 -31.97 -128.33 46.90
C GLN D 2715 -31.16 -127.13 46.43
N ASN D 2716 -30.88 -126.17 47.31
CA ASN D 2716 -30.10 -124.98 46.98
C ASN D 2716 -28.62 -125.14 47.33
N ASN D 2717 -28.12 -126.38 47.31
CA ASN D 2717 -26.71 -126.67 47.60
C ASN D 2717 -26.28 -126.15 48.97
N TRP D 2718 -27.16 -126.27 49.97
CA TRP D 2718 -26.85 -125.85 51.33
C TRP D 2718 -26.53 -127.06 52.19
N SER D 2719 -25.67 -126.85 53.18
CA SER D 2719 -25.24 -127.92 54.08
C SER D 2719 -25.21 -127.38 55.51
N TYR D 2720 -25.16 -128.31 56.46
CA TYR D 2720 -25.11 -127.95 57.87
C TYR D 2720 -23.79 -127.25 58.21
N GLY D 2721 -23.87 -126.32 59.15
CA GLY D 2721 -22.69 -125.58 59.58
C GLY D 2721 -22.85 -125.09 60.99
N GLU D 2722 -21.71 -124.73 61.59
CA GLU D 2722 -21.71 -124.24 62.97
C GLU D 2722 -22.44 -122.89 63.07
N ASN D 2723 -22.24 -122.02 62.09
CA ASN D 2723 -22.86 -120.70 62.10
C ASN D 2723 -23.51 -120.43 60.75
N ILE D 2724 -24.53 -119.58 60.76
CA ILE D 2724 -25.24 -119.24 59.53
C ILE D 2724 -24.36 -118.36 58.67
N ASP D 2725 -24.22 -118.74 57.40
CA ASP D 2725 -23.39 -117.98 56.46
C ASP D 2725 -24.05 -118.05 55.09
N GLU D 2726 -24.47 -116.88 54.57
CA GLU D 2726 -25.10 -116.84 53.25
C GLU D 2726 -24.11 -117.18 52.15
N GLU D 2727 -22.87 -116.72 52.26
CA GLU D 2727 -21.87 -117.01 51.23
C GLU D 2727 -21.56 -118.49 51.16
N LEU D 2728 -21.43 -119.15 52.30
CA LEU D 2728 -21.10 -120.56 52.35
C LEU D 2728 -22.33 -121.47 52.34
N LYS D 2729 -23.54 -120.89 52.35
CA LYS D 2729 -24.79 -121.65 52.34
C LYS D 2729 -24.84 -122.64 53.51
N THR D 2730 -24.49 -122.15 54.69
CA THR D 2730 -24.47 -122.95 55.91
C THR D 2730 -25.54 -122.47 56.86
N HIS D 2731 -26.16 -123.42 57.57
CA HIS D 2731 -27.22 -123.11 58.52
C HIS D 2731 -27.19 -124.13 59.65
N PRO D 2732 -27.23 -123.68 60.90
CA PRO D 2732 -27.22 -124.64 62.02
C PRO D 2732 -28.48 -125.49 62.10
N MET D 2733 -29.57 -125.09 61.46
CA MET D 2733 -30.83 -125.81 61.50
C MET D 2733 -30.91 -126.93 60.47
N LEU D 2734 -29.89 -127.11 59.64
CA LEU D 2734 -29.88 -128.14 58.62
C LEU D 2734 -29.53 -129.49 59.25
N ARG D 2735 -30.47 -130.02 60.01
CA ARG D 2735 -30.31 -131.29 60.69
C ARG D 2735 -31.67 -131.88 61.06
N PRO D 2736 -31.71 -133.09 61.60
CA PRO D 2736 -33.01 -133.67 61.98
C PRO D 2736 -33.66 -132.89 63.10
N TYR D 2737 -34.99 -132.82 63.06
CA TYR D 2737 -35.74 -132.11 64.09
C TYR D 2737 -35.69 -132.81 65.44
N LYS D 2738 -35.48 -134.12 65.46
CA LYS D 2738 -35.42 -134.85 66.73
C LYS D 2738 -34.16 -134.51 67.52
N THR D 2739 -33.10 -134.06 66.87
CA THR D 2739 -31.86 -133.70 67.55
C THR D 2739 -31.86 -132.26 68.04
N PHE D 2740 -32.89 -131.48 67.73
CA PHE D 2740 -32.96 -130.10 68.18
C PHE D 2740 -33.44 -130.03 69.62
N SER D 2741 -33.03 -128.97 70.31
CA SER D 2741 -33.41 -128.77 71.69
C SER D 2741 -34.85 -128.25 71.78
N GLU D 2742 -35.32 -128.03 73.01
CA GLU D 2742 -36.68 -127.53 73.21
C GLU D 2742 -36.84 -126.12 72.64
N LYS D 2743 -35.85 -125.25 72.85
CA LYS D 2743 -35.93 -123.90 72.30
C LYS D 2743 -35.90 -123.92 70.78
N ASP D 2744 -35.05 -124.76 70.19
CA ASP D 2744 -35.01 -124.86 68.73
C ASP D 2744 -36.30 -125.42 68.16
N LYS D 2745 -36.87 -126.42 68.82
CA LYS D 2745 -38.13 -127.00 68.35
C LYS D 2745 -39.30 -126.06 68.54
N GLU D 2746 -39.22 -125.13 69.50
CA GLU D 2746 -40.30 -124.18 69.73
C GLU D 2746 -40.41 -123.12 68.64
N ILE D 2747 -39.39 -122.99 67.78
CA ILE D 2747 -39.46 -122.02 66.69
C ILE D 2747 -40.57 -122.37 65.72
N TYR D 2748 -40.69 -123.64 65.36
CA TYR D 2748 -41.74 -124.10 64.47
C TYR D 2748 -43.04 -124.42 65.19
N ARG D 2749 -42.97 -124.78 66.47
CA ARG D 2749 -44.17 -125.11 67.24
C ARG D 2749 -44.99 -123.87 67.61
N TRP D 2750 -44.34 -122.71 67.79
CA TRP D 2750 -45.03 -121.49 68.16
C TRP D 2750 -46.01 -121.09 67.07
N PRO D 2751 -45.59 -121.07 65.80
CA PRO D 2751 -46.54 -120.75 64.72
C PRO D 2751 -47.69 -121.74 64.62
N ILE D 2752 -47.44 -123.02 64.89
CA ILE D 2752 -48.51 -124.02 64.85
C ILE D 2752 -49.47 -123.84 66.02
N LYS D 2753 -48.93 -123.56 67.21
CA LYS D 2753 -49.79 -123.36 68.37
C LYS D 2753 -50.68 -122.13 68.22
N GLU D 2754 -50.14 -121.04 67.66
CA GLU D 2754 -50.95 -119.84 67.46
C GLU D 2754 -52.11 -120.10 66.51
N SER D 2755 -51.86 -120.83 65.42
CA SER D 2755 -52.94 -121.16 64.49
C SER D 2755 -53.97 -122.07 65.14
N LEU D 2756 -53.52 -123.05 65.91
CA LEU D 2756 -54.45 -123.94 66.61
C LEU D 2756 -55.26 -123.18 67.65
N LYS D 2757 -54.63 -122.24 68.37
CA LYS D 2757 -55.35 -121.47 69.37
C LYS D 2757 -56.38 -120.55 68.74
N ALA D 2758 -56.10 -120.01 67.56
CA ALA D 2758 -57.07 -119.16 66.87
C ALA D 2758 -58.32 -119.95 66.50
N MET D 2759 -58.16 -121.19 66.04
CA MET D 2759 -59.31 -122.03 65.74
C MET D 2759 -60.09 -122.36 67.00
N ILE D 2760 -59.40 -122.62 68.11
CA ILE D 2760 -60.09 -122.92 69.37
C ILE D 2760 -60.88 -121.72 69.85
N ALA D 2761 -60.36 -120.50 69.66
CA ALA D 2761 -61.10 -119.31 70.05
C ALA D 2761 -62.36 -119.12 69.21
N TRP D 2762 -62.37 -119.67 68.00
CA TRP D 2762 -63.53 -119.57 67.11
C TRP D 2762 -64.54 -120.69 67.34
N GLU D 2763 -64.44 -121.40 68.47
CA GLU D 2763 -65.35 -122.50 68.81
C GLU D 2763 -65.36 -123.57 67.73
N TRP D 2764 -64.19 -123.84 67.17
CA TRP D 2764 -64.04 -124.89 66.16
C TRP D 2764 -63.74 -126.22 66.84
N THR D 2765 -64.18 -127.30 66.19
CA THR D 2765 -64.00 -128.66 66.72
C THR D 2765 -62.90 -129.36 65.95
N ILE D 2766 -61.97 -129.96 66.68
CA ILE D 2766 -60.85 -130.68 66.07
C ILE D 2766 -60.65 -132.00 66.81
N GLU D 2767 -61.12 -133.11 66.22
CA GLU D 2767 -60.99 -134.42 66.81
C GLU D 2767 -60.53 -135.41 65.75
N LYS D 2768 -59.76 -136.42 66.19
CA LYS D 2768 -59.25 -137.44 65.29
C LYS D 2768 -60.36 -138.46 65.03
N ALA D 2769 -61.03 -138.34 63.88
CA ALA D 2769 -62.11 -139.23 63.54
C ALA D 2769 -61.64 -140.53 62.90
N ARG D 2770 -60.48 -140.51 62.23
CA ARG D 2770 -59.96 -141.69 61.56
C ARG D 2770 -58.45 -141.75 61.74
N GLU D 2771 -57.88 -142.89 61.39
CA GLU D 2771 -56.44 -143.07 61.49
C GLU D 2771 -55.72 -142.27 60.39
N GLY D 2772 -54.43 -142.04 60.62
CA GLY D 2772 -53.63 -141.29 59.68
C GLY D 2772 -53.34 -142.07 58.41
N GLU D 2773 -52.87 -141.34 57.40
CA GLU D 2773 -52.55 -141.94 56.11
C GLU D 2773 -51.23 -142.71 56.18
N TYR D 2798 -27.58 -135.50 56.23
CA TYR D 2798 -29.01 -135.31 56.42
C TYR D 2798 -29.74 -135.28 55.08
N ASN D 2799 -30.76 -136.13 54.95
CA ASN D 2799 -31.56 -136.23 53.73
C ASN D 2799 -33.04 -136.17 54.10
N PRO D 2800 -33.53 -134.98 54.42
CA PRO D 2800 -34.96 -134.86 54.79
C PRO D 2800 -35.85 -135.06 53.58
N GLN D 2801 -36.87 -135.90 53.74
CA GLN D 2801 -37.83 -136.22 52.69
C GLN D 2801 -39.24 -136.05 53.24
N PRO D 2802 -39.70 -134.82 53.39
CA PRO D 2802 -41.05 -134.59 53.93
C PRO D 2802 -42.11 -135.09 52.96
N PRO D 2803 -43.27 -135.49 53.48
CA PRO D 2803 -44.34 -135.96 52.59
C PRO D 2803 -44.89 -134.84 51.73
N ASP D 2804 -45.41 -135.21 50.57
CA ASP D 2804 -45.97 -134.26 49.61
C ASP D 2804 -47.45 -134.02 49.91
N LEU D 2805 -47.84 -132.76 50.02
CA LEU D 2805 -49.21 -132.37 50.30
C LEU D 2805 -49.95 -131.90 49.05
N SER D 2806 -49.36 -132.09 47.87
CA SER D 2806 -50.03 -131.65 46.64
C SER D 2806 -51.25 -132.51 46.33
N GLY D 2807 -51.25 -133.76 46.75
CA GLY D 2807 -52.35 -134.68 46.50
C GLY D 2807 -53.48 -134.61 47.50
N VAL D 2808 -53.41 -133.71 48.47
CA VAL D 2808 -54.45 -133.58 49.49
C VAL D 2808 -55.48 -132.57 49.00
N THR D 2809 -56.73 -133.01 48.91
CA THR D 2809 -57.82 -132.17 48.44
C THR D 2809 -58.69 -131.74 49.62
N LEU D 2810 -58.94 -130.44 49.72
CA LEU D 2810 -59.76 -129.89 50.80
C LEU D 2810 -61.15 -129.56 50.28
N SER D 2811 -62.15 -129.84 51.11
CA SER D 2811 -63.54 -129.59 50.74
C SER D 2811 -63.82 -128.09 50.73
N ARG D 2812 -65.01 -127.73 50.23
CA ARG D 2812 -65.41 -126.33 50.18
C ARG D 2812 -65.51 -125.73 51.58
N GLU D 2813 -66.06 -126.47 52.54
CA GLU D 2813 -66.11 -125.97 53.91
C GLU D 2813 -64.71 -125.78 54.49
N LEU D 2814 -63.81 -126.73 54.22
CA LEU D 2814 -62.43 -126.58 54.68
C LEU D 2814 -61.74 -125.40 54.02
N GLN D 2815 -61.98 -125.19 52.72
CA GLN D 2815 -61.38 -124.05 52.03
C GLN D 2815 -61.90 -122.73 52.60
N ALA D 2816 -63.19 -122.67 52.92
CA ALA D 2816 -63.74 -121.46 53.54
C ALA D 2816 -63.13 -121.19 54.90
N MET D 2817 -62.91 -122.25 55.70
CA MET D 2817 -62.27 -122.08 57.00
C MET D 2817 -60.83 -121.61 56.86
N ALA D 2818 -60.15 -122.00 55.78
CA ALA D 2818 -58.79 -121.53 55.56
C ALA D 2818 -58.75 -120.03 55.29
N GLU D 2819 -59.80 -119.48 54.68
CA GLU D 2819 -59.86 -118.04 54.45
C GLU D 2819 -59.88 -117.26 55.76
N GLN D 2820 -60.64 -117.74 56.75
CA GLN D 2820 -60.65 -117.09 58.06
C GLN D 2820 -59.28 -117.15 58.71
N LEU D 2821 -58.60 -118.29 58.62
CA LEU D 2821 -57.24 -118.40 59.15
C LEU D 2821 -56.27 -117.50 58.40
N ALA D 2822 -56.41 -117.41 57.08
CA ALA D 2822 -55.56 -116.51 56.30
C ALA D 2822 -55.80 -115.06 56.67
N GLU D 2823 -57.06 -114.68 56.90
CA GLU D 2823 -57.37 -113.31 57.32
C GLU D 2823 -56.78 -113.02 58.70
N ASN D 2824 -56.84 -113.98 59.62
CA ASN D 2824 -56.25 -113.79 60.94
C ASN D 2824 -54.74 -113.61 60.85
N TYR D 2825 -54.06 -114.38 59.99
CA TYR D 2825 -52.63 -114.22 59.82
C TYR D 2825 -52.28 -112.84 59.26
N HIS D 2826 -53.06 -112.36 58.30
CA HIS D 2826 -52.84 -111.02 57.76
C HIS D 2826 -53.08 -109.95 58.83
N ASN D 2827 -54.12 -110.13 59.63
CA ASN D 2827 -54.39 -109.17 60.72
C ASN D 2827 -53.27 -109.18 61.76
N THR D 2828 -52.77 -110.37 62.12
CA THR D 2828 -51.68 -110.45 63.09
C THR D 2828 -50.42 -109.79 62.53
N TRP D 2829 -50.10 -110.05 61.26
CA TRP D 2829 -48.94 -109.41 60.65
C TRP D 2829 -49.13 -107.90 60.50
N GLY D 2830 -50.34 -107.47 60.15
CA GLY D 2830 -50.58 -106.03 60.04
C GLY D 2830 -50.51 -105.31 61.36
N ARG D 2831 -51.03 -105.93 62.43
CA ARG D 2831 -50.94 -105.33 63.75
C ARG D 2831 -49.49 -105.22 64.21
N LYS D 2832 -48.69 -106.25 63.97
CA LYS D 2832 -47.28 -106.19 64.33
C LYS D 2832 -46.53 -105.15 63.49
N LYS D 2833 -46.88 -105.05 62.20
CA LYS D 2833 -46.22 -104.06 61.34
C LYS D 2833 -46.53 -102.64 61.78
N LYS D 2834 -47.76 -102.38 62.21
CA LYS D 2834 -48.11 -101.03 62.68
C LYS D 2834 -47.30 -100.65 63.91
N GLN D 2835 -47.15 -101.58 64.86
CA GLN D 2835 -46.32 -101.30 66.03
C GLN D 2835 -44.86 -101.12 65.67
N GLU D 2836 -44.34 -101.95 64.76
CA GLU D 2836 -42.96 -101.82 64.34
C GLU D 2836 -42.70 -100.51 63.61
N LEU D 2837 -43.63 -100.08 62.74
CA LEU D 2837 -43.47 -98.82 62.04
C LEU D 2837 -43.48 -97.64 63.00
N GLU D 2838 -44.38 -97.66 63.98
CA GLU D 2838 -44.44 -96.58 64.96
C GLU D 2838 -43.18 -96.50 65.80
N ALA D 2839 -42.64 -97.66 66.20
CA ALA D 2839 -41.41 -97.67 67.01
C ALA D 2839 -40.19 -97.25 66.21
N LYS D 2840 -40.26 -97.28 64.88
CA LYS D 2840 -39.16 -96.88 64.03
C LYS D 2840 -39.25 -95.43 63.57
N GLY D 2841 -40.26 -94.69 64.04
CA GLY D 2841 -40.43 -93.30 63.68
C GLY D 2841 -41.61 -93.01 62.78
N GLY D 2842 -42.40 -94.01 62.42
CA GLY D 2842 -43.56 -93.83 61.57
C GLY D 2842 -43.35 -94.46 60.21
N GLY D 2843 -44.32 -94.21 59.33
CA GLY D 2843 -44.31 -94.72 57.97
C GLY D 2843 -45.61 -95.41 57.63
N THR D 2844 -45.61 -96.06 56.46
CA THR D 2844 -46.77 -96.78 55.98
C THR D 2844 -46.30 -98.01 55.21
N HIS D 2845 -47.26 -98.83 54.80
CA HIS D 2845 -46.96 -100.05 54.05
C HIS D 2845 -48.09 -100.30 53.06
N PRO D 2846 -47.78 -100.71 51.83
CA PRO D 2846 -48.85 -100.99 50.85
C PRO D 2846 -49.74 -102.15 51.25
N LEU D 2847 -49.28 -103.04 52.12
CA LEU D 2847 -50.06 -104.21 52.53
C LEU D 2847 -50.90 -103.94 53.77
N LEU D 2848 -50.89 -102.71 54.30
CA LEU D 2848 -51.68 -102.36 55.48
C LEU D 2848 -53.12 -102.02 55.08
N VAL D 2849 -53.82 -103.03 54.57
CA VAL D 2849 -55.21 -102.87 54.13
C VAL D 2849 -55.99 -104.11 54.54
N PRO D 2850 -57.31 -104.13 54.32
CA PRO D 2850 -58.08 -105.33 54.70
C PRO D 2850 -57.71 -106.53 53.85
N TYR D 2851 -57.90 -107.71 54.44
CA TYR D 2851 -57.59 -108.95 53.73
C TYR D 2851 -58.48 -109.14 52.51
N ASP D 2852 -59.77 -108.80 52.62
CA ASP D 2852 -60.68 -108.94 51.49
C ASP D 2852 -60.33 -108.01 50.34
N THR D 2853 -59.68 -106.87 50.61
CA THR D 2853 -59.31 -105.93 49.58
C THR D 2853 -58.00 -106.28 48.89
N LEU D 2854 -57.25 -107.25 49.42
CA LEU D 2854 -55.99 -107.63 48.81
C LEU D 2854 -56.23 -108.45 47.54
N THR D 2855 -55.23 -108.45 46.66
CA THR D 2855 -55.30 -109.19 45.42
C THR D 2855 -55.06 -110.67 45.67
N ALA D 2856 -55.28 -111.50 44.64
CA ALA D 2856 -55.07 -112.93 44.77
C ALA D 2856 -53.60 -113.27 45.04
N LYS D 2857 -52.68 -112.59 44.36
CA LYS D 2857 -51.26 -112.86 44.59
C LYS D 2857 -50.84 -112.47 46.00
N GLU D 2858 -51.36 -111.36 46.51
CA GLU D 2858 -51.01 -110.93 47.87
C GLU D 2858 -51.51 -111.91 48.92
N LYS D 2859 -52.70 -112.48 48.73
CA LYS D 2859 -53.28 -113.41 49.67
C LYS D 2859 -52.79 -114.84 49.48
N ALA D 2860 -51.93 -115.09 48.48
CA ALA D 2860 -51.42 -116.44 48.26
C ALA D 2860 -50.56 -116.91 49.42
N ARG D 2861 -49.73 -116.02 49.98
CA ARG D 2861 -48.88 -116.42 51.10
C ARG D 2861 -49.70 -116.79 52.32
N ASP D 2862 -50.74 -116.02 52.63
CA ASP D 2862 -51.59 -116.33 53.77
C ASP D 2862 -52.44 -117.57 53.54
N ARG D 2863 -52.95 -117.75 52.31
CA ARG D 2863 -53.77 -118.92 52.01
C ARG D 2863 -52.96 -120.21 52.05
N GLU D 2864 -51.71 -120.17 51.59
CA GLU D 2864 -50.88 -121.36 51.59
C GLU D 2864 -50.60 -121.87 53.00
N LYS D 2865 -50.33 -120.96 53.94
CA LYS D 2865 -50.08 -121.38 55.31
C LYS D 2865 -51.32 -122.00 55.94
N ALA D 2866 -52.49 -121.40 55.71
CA ALA D 2866 -53.73 -121.97 56.25
C ALA D 2866 -54.05 -123.31 55.61
N GLN D 2867 -53.84 -123.43 54.29
CA GLN D 2867 -54.11 -124.69 53.62
C GLN D 2867 -53.16 -125.80 54.07
N GLU D 2868 -51.90 -125.46 54.34
CA GLU D 2868 -50.95 -126.46 54.80
C GLU D 2868 -51.36 -127.05 56.14
N LEU D 2869 -51.81 -126.20 57.07
CA LEU D 2869 -52.28 -126.70 58.36
C LEU D 2869 -53.51 -127.57 58.22
N LEU D 2870 -54.47 -127.17 57.37
CA LEU D 2870 -55.66 -127.97 57.15
C LEU D 2870 -55.34 -129.29 56.48
N LYS D 2871 -54.44 -129.28 55.49
CA LYS D 2871 -54.06 -130.51 54.82
C LYS D 2871 -53.33 -131.46 55.76
N PHE D 2872 -52.46 -130.94 56.62
CA PHE D 2872 -51.75 -131.79 57.58
C PHE D 2872 -52.72 -132.44 58.57
N LEU D 2873 -53.69 -131.67 59.05
CA LEU D 2873 -54.68 -132.23 59.97
C LEU D 2873 -55.53 -133.30 59.28
N GLN D 2874 -55.93 -133.05 58.03
CA GLN D 2874 -56.71 -134.03 57.29
C GLN D 2874 -55.92 -135.30 57.02
N MET D 2875 -54.63 -135.17 56.70
CA MET D 2875 -53.81 -136.34 56.44
C MET D 2875 -53.60 -137.18 57.70
N ASN D 2876 -53.73 -136.56 58.87
CA ASN D 2876 -53.58 -137.26 60.14
C ASN D 2876 -54.89 -137.84 60.65
N GLY D 2877 -55.97 -137.70 59.88
CA GLY D 2877 -57.26 -138.21 60.31
C GLY D 2877 -58.03 -137.33 61.26
N TYR D 2878 -57.67 -136.05 61.34
CA TYR D 2878 -58.34 -135.10 62.23
C TYR D 2878 -59.41 -134.34 61.44
N ALA D 2879 -60.62 -134.28 61.99
CA ALA D 2879 -61.74 -133.61 61.36
C ALA D 2879 -61.89 -132.21 61.94
N VAL D 2880 -62.03 -131.22 61.07
CA VAL D 2880 -62.18 -129.83 61.47
C VAL D 2880 -63.58 -129.38 61.08
N THR D 2881 -64.34 -128.88 62.07
CA THR D 2881 -65.69 -128.42 61.84
C THR D 2881 -65.97 -127.23 62.75
N ARG D 2882 -66.97 -126.44 62.35
CA ARG D 2882 -67.36 -125.25 63.11
C ARG D 2882 -68.80 -125.36 63.58
N UNK D 2883 -67.42 -109.27 37.27
CA UNK D 2883 -68.50 -109.12 36.31
C UNK D 2883 -69.73 -109.90 36.73
N UNK D 2884 -69.59 -111.22 36.81
CA UNK D 2884 -70.68 -112.09 37.21
C UNK D 2884 -70.97 -111.94 38.70
N UNK D 2885 -69.93 -111.65 39.47
CA UNK D 2885 -70.07 -111.46 40.91
C UNK D 2885 -70.79 -110.15 41.21
N UNK D 2886 -70.61 -109.16 40.34
CA UNK D 2886 -71.26 -107.87 40.49
C UNK D 2886 -72.76 -107.99 40.23
N UNK D 2887 -73.11 -108.86 39.29
CA UNK D 2887 -74.52 -109.09 38.96
C UNK D 2887 -75.19 -109.89 40.07
N UNK D 2888 -74.42 -110.74 40.73
CA UNK D 2888 -74.92 -111.54 41.84
C UNK D 2888 -75.17 -110.67 43.06
N UNK D 2889 -74.31 -109.67 43.24
CA UNK D 2889 -74.44 -108.73 44.35
C UNK D 2889 -75.63 -107.81 44.11
N UNK D 2890 -75.89 -107.52 42.83
CA UNK D 2890 -77.02 -106.67 42.46
C UNK D 2890 -78.33 -107.43 42.65
N UNK D 2891 -78.27 -108.74 42.47
CA UNK D 2891 -79.44 -109.60 42.67
C UNK D 2891 -79.76 -109.71 44.16
N UNK D 2892 -78.72 -109.71 44.98
CA UNK D 2892 -78.87 -109.77 46.42
C UNK D 2892 -79.45 -108.45 46.94
N UNK D 2893 -79.09 -107.36 46.27
CA UNK D 2893 -79.60 -106.05 46.62
C UNK D 2893 -81.04 -105.90 46.14
N UNK D 2894 -81.39 -106.66 45.11
CA UNK D 2894 -82.75 -106.65 44.57
C UNK D 2894 -83.70 -107.35 45.54
N UNK D 2895 -83.18 -108.36 46.23
CA UNK D 2895 -83.96 -109.09 47.22
C UNK D 2895 -84.21 -108.22 48.45
N UNK D 2896 -83.21 -107.41 48.79
CA UNK D 2896 -83.33 -106.49 49.91
C UNK D 2896 -84.26 -105.33 49.56
N UNK D 2897 -84.31 -105.00 48.28
CA UNK D 2897 -85.19 -103.94 47.79
C UNK D 2897 -86.64 -104.41 47.83
N UNK D 2898 -86.85 -105.70 47.63
CA UNK D 2898 -88.19 -106.29 47.67
C UNK D 2898 -88.71 -106.30 49.10
N UNK D 2899 -87.79 -106.48 50.06
CA UNK D 2899 -88.15 -106.48 51.47
C UNK D 2899 -88.45 -105.04 51.94
N UNK D 2900 -87.78 -104.07 51.33
CA UNK D 2900 -87.99 -102.67 51.65
C UNK D 2900 -89.32 -102.19 51.09
N UNK D 2901 -89.71 -102.76 49.95
CA UNK D 2901 -90.98 -102.40 49.32
C UNK D 2901 -92.15 -102.98 50.11
N UNK D 2902 -91.92 -104.13 50.73
CA UNK D 2902 -92.93 -104.78 51.54
C UNK D 2902 -93.10 -104.05 52.87
N UNK D 2903 -92.01 -103.45 53.33
CA UNK D 2903 -92.04 -102.71 54.60
C UNK D 2903 -92.70 -101.34 54.39
N UNK D 2904 -92.65 -100.84 53.17
CA UNK D 2904 -93.26 -99.55 52.84
C UNK D 2904 -94.76 -99.71 52.64
N UNK D 2905 -95.19 -100.93 52.32
CA UNK D 2905 -96.60 -101.22 52.11
C UNK D 2905 -97.34 -101.32 53.43
N UNK D 2906 -82.87 -95.98 54.80
CA UNK D 2906 -81.43 -96.11 54.58
C UNK D 2906 -81.14 -97.02 53.39
N UNK D 2907 -81.80 -98.18 53.35
CA UNK D 2907 -81.62 -99.12 52.26
C UNK D 2907 -82.29 -98.62 50.99
N UNK D 2908 -83.36 -97.85 51.15
CA UNK D 2908 -84.09 -97.31 50.02
C UNK D 2908 -83.29 -96.20 49.34
N UNK D 2909 -82.52 -95.45 50.13
CA UNK D 2909 -81.70 -94.38 49.61
C UNK D 2909 -80.47 -94.93 48.89
N UNK D 2910 -79.97 -96.07 49.37
CA UNK D 2910 -78.82 -96.71 48.76
C UNK D 2910 -79.19 -97.36 47.43
N UNK D 2911 -80.44 -97.79 47.33
CA UNK D 2911 -80.94 -98.41 46.11
C UNK D 2911 -81.22 -97.36 45.05
N UNK D 2912 -81.47 -96.13 45.49
CA UNK D 2912 -81.75 -95.03 44.58
C UNK D 2912 -80.47 -94.55 43.89
N UNK D 2913 -79.34 -94.74 44.57
CA UNK D 2913 -78.05 -94.34 44.03
C UNK D 2913 -77.41 -95.49 43.24
N UNK D 2914 -77.89 -96.71 43.49
CA UNK D 2914 -77.37 -97.88 42.80
C UNK D 2914 -78.16 -98.16 41.53
N UNK D 2915 -79.30 -97.49 41.38
CA UNK D 2915 -80.14 -97.66 40.20
C UNK D 2915 -79.51 -96.99 38.99
N UNK D 2916 -78.85 -95.86 39.21
CA UNK D 2916 -78.20 -95.13 38.13
C UNK D 2916 -76.90 -95.81 37.71
N UNK D 2917 -76.25 -96.48 38.66
CA UNK D 2917 -75.00 -97.18 38.38
C UNK D 2917 -75.25 -98.45 37.59
N UNK D 2918 -76.45 -99.02 37.75
CA UNK D 2918 -76.82 -100.24 37.05
C UNK D 2918 -77.25 -99.94 35.62
N UNK D 2919 -77.82 -98.76 35.41
CA UNK D 2919 -78.29 -98.36 34.08
C UNK D 2919 -77.12 -97.94 33.20
N UNK D 2920 -76.06 -97.43 33.82
CA UNK D 2920 -74.88 -96.98 33.10
C UNK D 2920 -73.96 -98.15 32.78
N UNK D 2921 -73.92 -99.13 33.68
CA UNK D 2921 -73.07 -100.30 33.50
C UNK D 2921 -73.58 -101.19 32.36
N UNK D 2922 -74.90 -101.26 32.21
CA UNK D 2922 -75.51 -102.07 31.17
C UNK D 2922 -75.40 -101.38 29.82
N UNK D 2923 -75.37 -100.06 29.83
CA UNK D 2923 -75.27 -99.28 28.60
C UNK D 2923 -73.84 -99.26 28.08
N UNK D 2924 -72.88 -99.24 29.01
CA UNK D 2924 -71.46 -99.21 28.64
C UNK D 2924 -71.02 -100.58 28.14
N UNK D 2925 -71.38 -101.63 28.87
CA UNK D 2925 -71.00 -102.99 28.49
C UNK D 2925 -72.21 -103.77 27.99
N UNK D 2926 -79.55 -114.81 30.64
CA UNK D 2926 -78.84 -115.52 31.70
C UNK D 2926 -79.28 -115.02 33.06
N UNK D 2927 -78.31 -114.71 33.92
CA UNK D 2927 -78.58 -114.22 35.26
C UNK D 2927 -79.14 -112.80 35.21
N UNK D 2928 -78.73 -112.04 34.20
CA UNK D 2928 -79.20 -110.67 34.02
C UNK D 2928 -80.66 -110.66 33.56
N UNK D 2929 -81.04 -111.69 32.82
CA UNK D 2929 -82.41 -111.82 32.33
C UNK D 2929 -83.36 -112.15 33.47
N UNK D 2930 -82.85 -112.92 34.43
CA UNK D 2930 -83.65 -113.30 35.60
C UNK D 2930 -83.80 -112.11 36.54
N UNK D 2931 -82.79 -111.25 36.56
CA UNK D 2931 -82.82 -110.05 37.40
C UNK D 2931 -83.74 -108.99 36.80
N UNK D 2932 -83.84 -109.00 35.48
CA UNK D 2932 -84.71 -108.05 34.78
C UNK D 2932 -86.18 -108.40 35.00
N UNK D 2933 -86.46 -109.70 35.11
CA UNK D 2933 -87.81 -110.17 35.34
C UNK D 2933 -88.22 -109.92 36.79
N UNK D 2934 -87.25 -110.04 37.70
CA UNK D 2934 -87.50 -109.80 39.12
C UNK D 2934 -87.71 -108.31 39.39
N UNK D 2935 -87.00 -107.48 38.64
CA UNK D 2935 -87.11 -106.03 38.77
C UNK D 2935 -88.42 -105.54 38.18
N UNK D 2936 -88.90 -106.24 37.14
CA UNK D 2936 -90.16 -105.90 36.50
C UNK D 2936 -91.34 -106.26 37.38
N UNK D 2937 -91.17 -107.32 38.17
CA UNK D 2937 -92.20 -107.77 39.09
C UNK D 2937 -92.28 -106.85 40.32
N UNK D 2938 -91.13 -106.29 40.68
CA UNK D 2938 -91.06 -105.38 41.82
C UNK D 2938 -91.67 -104.02 41.48
N UNK D 2939 -91.64 -103.68 40.20
CA UNK D 2939 -92.19 -102.42 39.74
C UNK D 2939 -93.71 -102.51 39.59
N UNK D 2940 -94.20 -103.71 39.29
CA UNK D 2940 -95.63 -103.93 39.13
C UNK D 2940 -96.32 -104.01 40.48
N UNK D 2941 -89.19 -93.84 40.73
CA UNK D 2941 -90.38 -93.85 39.87
C UNK D 2941 -89.99 -93.95 38.40
N UNK D 2942 -89.50 -92.85 37.84
CA UNK D 2942 -89.09 -92.82 36.44
C UNK D 2942 -87.74 -93.50 36.26
N UNK D 2943 -86.98 -93.61 37.34
CA UNK D 2943 -85.67 -94.24 37.29
C UNK D 2943 -85.80 -95.76 37.14
N UNK D 2944 -86.86 -96.32 37.72
CA UNK D 2944 -87.11 -97.75 37.64
C UNK D 2944 -87.54 -98.16 36.24
N UNK D 2945 -88.33 -97.30 35.60
CA UNK D 2945 -88.80 -97.56 34.25
C UNK D 2945 -87.68 -97.41 33.23
N UNK D 2946 -86.77 -96.48 33.51
CA UNK D 2946 -85.63 -96.24 32.63
C UNK D 2946 -84.62 -97.38 32.75
N UNK D 2947 -84.50 -97.94 33.93
CA UNK D 2947 -83.58 -99.04 34.17
C UNK D 2947 -84.06 -100.31 33.50
N UNK D 2948 -85.38 -100.49 33.45
CA UNK D 2948 -85.99 -101.64 32.80
C UNK D 2948 -85.85 -101.56 31.29
N UNK D 2949 -85.92 -100.34 30.77
CA UNK D 2949 -85.78 -100.11 29.34
C UNK D 2949 -84.33 -100.26 28.90
N UNK D 2950 -83.41 -99.98 29.83
CA UNK D 2950 -81.98 -100.09 29.56
C UNK D 2950 -81.54 -101.55 29.60
N UNK D 2951 -82.25 -102.34 30.39
CA UNK D 2951 -81.93 -103.76 30.52
C UNK D 2951 -82.39 -104.54 29.29
N UNK D 2952 -83.38 -103.99 28.59
CA UNK D 2952 -83.91 -104.62 27.39
C UNK D 2952 -82.95 -104.46 26.22
N UNK D 2953 -90.37 -115.26 33.21
CA UNK D 2953 -90.57 -114.61 31.92
C UNK D 2953 -92.00 -114.80 31.44
N UNK D 2954 -92.51 -116.03 31.55
CA UNK D 2954 -93.87 -116.34 31.13
C UNK D 2954 -94.88 -115.72 32.09
N UNK D 2955 -94.50 -115.63 33.36
CA UNK D 2955 -95.37 -115.04 34.37
C UNK D 2955 -95.47 -113.53 34.18
N UNK D 2956 -94.39 -112.93 33.70
CA UNK D 2956 -94.35 -111.50 33.44
C UNK D 2956 -95.22 -111.14 32.24
N UNK D 2957 -95.24 -112.03 31.25
CA UNK D 2957 -96.05 -111.83 30.06
C UNK D 2957 -97.53 -112.04 30.37
N UNK D 2958 -97.81 -112.93 31.32
CA UNK D 2958 -99.18 -113.20 31.74
C UNK D 2958 -99.71 -112.04 32.58
N UNK D 2959 -98.84 -111.42 33.35
CA UNK D 2959 -99.22 -110.28 34.18
C UNK D 2959 -99.45 -109.04 33.32
N UNK D 2960 -98.71 -108.94 32.22
CA UNK D 2960 -98.85 -107.83 31.29
C UNK D 2960 -100.15 -107.95 30.51
N UNK D 2961 -100.54 -109.18 30.21
CA UNK D 2961 -101.79 -109.45 29.50
C UNK D 2961 -103.00 -109.18 30.39
N UNK D 2962 -102.82 -109.40 31.68
CA UNK D 2962 -103.88 -109.15 32.65
C UNK D 2962 -104.05 -107.66 32.89
N UNK D 2963 -102.94 -106.94 32.88
CA UNK D 2963 -102.97 -105.49 33.07
C UNK D 2963 -103.51 -104.79 31.84
N UNK D 2964 -103.28 -105.39 30.67
CA UNK D 2964 -103.76 -104.84 29.41
C UNK D 2964 -105.28 -105.04 29.29
N UNK D 2965 -105.78 -106.14 29.85
CA UNK D 2965 -107.20 -106.43 29.82
C UNK D 2965 -107.95 -105.51 30.78
N UNK D 2966 -107.32 -105.18 31.89
CA UNK D 2966 -107.91 -104.29 32.88
C UNK D 2966 -107.89 -102.84 32.38
N UNK D 2967 -106.87 -102.52 31.59
CA UNK D 2967 -106.75 -101.17 31.02
C UNK D 2967 -107.76 -100.97 29.90
N UNK D 2968 -108.07 -102.06 29.20
CA UNK D 2968 -109.05 -102.02 28.12
C UNK D 2968 -110.46 -101.89 28.66
N UNK D 2969 -110.68 -102.44 29.85
CA UNK D 2969 -111.98 -102.38 30.51
C UNK D 2969 -112.22 -100.99 31.08
N UNK D 2970 -111.14 -100.35 31.53
CA UNK D 2970 -111.23 -99.00 32.08
C UNK D 2970 -111.45 -97.97 30.97
N UNK D 2971 -110.91 -98.26 29.79
CA UNK D 2971 -111.06 -97.38 28.65
C UNK D 2971 -112.47 -97.46 28.08
N UNK D 2972 -113.09 -98.62 28.24
CA UNK D 2972 -114.46 -98.83 27.76
C UNK D 2972 -115.47 -98.23 28.73
N UNK D 2973 -115.05 -98.03 29.97
CA UNK D 2973 -115.91 -97.44 30.99
C UNK D 2973 -115.98 -95.92 30.85
N UNK D 2974 -103.41 -100.79 38.06
CA UNK D 2974 -103.66 -99.36 37.96
C UNK D 2974 -103.51 -98.88 36.51
N UNK D 2975 -104.08 -97.72 36.21
CA UNK D 2975 -104.01 -97.15 34.87
C UNK D 2975 -102.62 -96.60 34.59
N UNK D 2976 -101.99 -96.03 35.61
CA UNK D 2976 -100.65 -95.47 35.47
C UNK D 2976 -99.61 -96.57 35.33
N UNK D 2977 -99.85 -97.69 36.02
CA UNK D 2977 -98.95 -98.83 35.97
C UNK D 2977 -99.06 -99.56 34.64
N UNK D 2978 -100.26 -99.50 34.05
CA UNK D 2978 -100.50 -100.15 32.77
C UNK D 2978 -99.86 -99.35 31.63
N UNK D 2979 -99.79 -98.03 31.81
CA UNK D 2979 -99.19 -97.16 30.81
C UNK D 2979 -97.67 -97.32 30.80
N UNK D 2980 -97.10 -97.54 31.98
CA UNK D 2980 -95.66 -97.73 32.11
C UNK D 2980 -95.25 -99.12 31.63
N UNK D 2981 -96.14 -100.09 31.82
CA UNK D 2981 -95.89 -101.46 31.40
C UNK D 2981 -95.99 -101.59 29.88
N UNK D 2982 -96.82 -100.75 29.28
CA UNK D 2982 -97.01 -100.76 27.83
C UNK D 2982 -95.77 -100.21 27.13
N UNK D 2983 -95.12 -99.24 27.76
CA UNK D 2983 -93.91 -98.63 27.21
C UNK D 2983 -92.73 -99.61 27.30
N UNK D 2984 -92.69 -100.37 28.39
CA UNK D 2984 -91.64 -101.34 28.60
C UNK D 2984 -91.83 -102.56 27.68
N UNK D 2985 -93.08 -102.89 27.40
CA UNK D 2985 -93.41 -104.02 26.53
C UNK D 2985 -93.14 -103.65 25.07
N UNK D 2986 -93.32 -102.39 24.74
CA UNK D 2986 -93.09 -101.91 23.37
C UNK D 2986 -91.59 -101.93 23.05
N UNK D 2987 -90.78 -101.66 24.06
CA UNK D 2987 -89.33 -101.66 23.89
C UNK D 2987 -88.78 -103.08 23.90
N UNK D 2988 -89.45 -103.95 24.66
CA UNK D 2988 -89.04 -105.35 24.76
C UNK D 2988 -89.38 -106.10 23.47
N UNK D 2989 -90.52 -105.76 22.88
CA UNK D 2989 -90.96 -106.39 21.64
C UNK D 2989 -90.11 -105.91 20.47
N UNK D 2990 -89.63 -104.67 20.55
CA UNK D 2990 -88.78 -104.10 19.51
C UNK D 2990 -87.39 -104.72 19.57
N UNK D 2991 -86.97 -105.11 20.76
CA UNK D 2991 -85.66 -105.73 20.95
C UNK D 2991 -85.68 -107.18 20.47
N UNK D 2992 -86.85 -107.81 20.60
CA UNK D 2992 -87.01 -109.20 20.16
C UNK D 2992 -87.06 -109.30 18.64
N UNK D 2993 -87.51 -108.21 18.01
CA UNK D 2993 -87.59 -108.16 16.56
C UNK D 2993 -86.22 -107.92 15.94
N UNK D 2994 -85.34 -107.30 16.71
CA UNK D 2994 -83.99 -107.01 16.24
C UNK D 2994 -83.08 -108.22 16.43
N UNK D 2995 -93.15 -120.71 22.52
CA UNK D 2995 -93.78 -119.55 23.13
C UNK D 2995 -95.30 -119.67 23.08
N UNK D 2996 -95.82 -120.81 23.51
CA UNK D 2996 -97.26 -121.04 23.53
C UNK D 2996 -97.95 -120.17 24.57
N UNK D 2997 -97.28 -119.98 25.71
CA UNK D 2997 -97.81 -119.14 26.78
C UNK D 2997 -97.75 -117.68 26.38
N UNK D 2998 -96.75 -117.32 25.59
CA UNK D 2998 -96.60 -115.95 25.11
C UNK D 2998 -97.60 -115.65 24.00
N UNK D 2999 -97.98 -116.70 23.27
CA UNK D 2999 -98.96 -116.55 22.20
C UNK D 2999 -100.35 -116.29 22.76
N UNK D 3000 -100.63 -116.88 23.92
CA UNK D 3000 -101.91 -116.66 24.60
C UNK D 3000 -101.99 -115.25 25.15
N UNK D 3001 -100.85 -114.74 25.61
CA UNK D 3001 -100.78 -113.37 26.13
C UNK D 3001 -100.84 -112.37 24.99
N UNK D 3002 -100.32 -112.79 23.83
CA UNK D 3002 -100.34 -111.94 22.63
C UNK D 3002 -101.75 -111.86 22.07
N UNK D 3003 -102.51 -112.94 22.21
CA UNK D 3003 -103.89 -112.99 21.75
C UNK D 3003 -104.77 -112.12 22.63
N UNK D 3004 -104.44 -112.07 23.92
CA UNK D 3004 -105.17 -111.24 24.87
C UNK D 3004 -104.83 -109.77 24.64
N UNK D 3005 -103.60 -109.52 24.21
CA UNK D 3005 -103.16 -108.16 23.92
C UNK D 3005 -103.83 -107.65 22.65
N UNK D 3006 -104.06 -108.55 21.70
CA UNK D 3006 -104.74 -108.21 20.46
C UNK D 3006 -106.22 -107.99 20.72
N UNK D 3007 -106.76 -108.67 21.72
CA UNK D 3007 -108.16 -108.53 22.10
C UNK D 3007 -108.36 -107.24 22.89
N UNK D 3008 -107.30 -106.78 23.56
CA UNK D 3008 -107.36 -105.56 24.34
C UNK D 3008 -107.34 -104.34 23.42
N UNK D 3009 -106.77 -104.51 22.24
CA UNK D 3009 -106.70 -103.43 21.26
C UNK D 3009 -108.06 -103.19 20.61
N UNK D 3010 -108.76 -104.30 20.32
CA UNK D 3010 -110.08 -104.26 19.71
C UNK D 3010 -110.08 -103.47 18.40
N UNK D 3011 -103.84 -93.63 22.52
CA UNK D 3011 -104.09 -94.76 21.63
C UNK D 3011 -102.91 -94.97 20.68
N UNK D 3012 -102.03 -93.98 20.60
CA UNK D 3012 -100.86 -94.04 19.74
C UNK D 3012 -99.83 -95.03 20.30
N UNK D 3013 -99.75 -95.11 21.63
CA UNK D 3013 -98.84 -96.02 22.30
C UNK D 3013 -99.29 -97.46 22.13
N UNK D 3014 -100.61 -97.66 22.11
CA UNK D 3014 -101.19 -98.99 21.93
C UNK D 3014 -101.01 -99.47 20.50
N UNK D 3015 -101.04 -98.53 19.55
CA UNK D 3015 -100.86 -98.85 18.15
C UNK D 3015 -99.41 -99.23 17.87
N UNK D 3016 -98.49 -98.63 18.61
CA UNK D 3016 -97.07 -98.91 18.47
C UNK D 3016 -96.75 -100.28 19.05
N UNK D 3017 -97.47 -100.64 20.11
CA UNK D 3017 -97.28 -101.94 20.76
C UNK D 3017 -97.83 -103.06 19.89
N UNK D 3018 -98.89 -102.75 19.14
CA UNK D 3018 -99.51 -103.72 18.24
C UNK D 3018 -98.64 -103.92 17.00
N UNK D 3019 -97.95 -102.86 16.58
CA UNK D 3019 -97.07 -102.93 15.42
C UNK D 3019 -95.81 -103.72 15.77
N UNK D 3020 -95.36 -103.60 17.00
CA UNK D 3020 -94.17 -104.31 17.46
C UNK D 3020 -94.49 -105.79 17.67
N UNK D 3021 -95.74 -106.08 18.04
CA UNK D 3021 -96.18 -107.45 18.25
C UNK D 3021 -96.39 -108.14 16.91
N UNK D 3022 -96.72 -107.37 15.88
CA UNK D 3022 -96.92 -107.91 14.54
C UNK D 3022 -95.59 -108.28 13.90
N UNK D 3023 -94.54 -107.57 14.29
CA UNK D 3023 -93.20 -107.83 13.77
C UNK D 3023 -92.58 -109.03 14.47
N UNK D 3024 -93.05 -109.33 15.68
CA UNK D 3024 -92.55 -110.46 16.44
C UNK D 3024 -93.16 -111.76 15.96
N UNK D 3025 -107.96 -110.95 6.61
CA UNK D 3025 -106.63 -110.42 6.29
C UNK D 3025 -106.67 -109.62 4.98
N UNK D 3026 -107.07 -110.29 3.90
CA UNK D 3026 -107.14 -109.65 2.59
C UNK D 3026 -108.32 -108.69 2.54
N UNK D 3027 -109.39 -109.02 3.25
CA UNK D 3027 -110.58 -108.18 3.28
C UNK D 3027 -110.32 -106.91 4.08
N UNK D 3028 -109.45 -107.01 5.08
CA UNK D 3028 -109.10 -105.86 5.91
C UNK D 3028 -108.24 -104.87 5.13
N UNK D 3029 -107.39 -105.40 4.25
CA UNK D 3029 -106.53 -104.56 3.43
C UNK D 3029 -107.33 -103.87 2.34
N UNK D 3030 -108.38 -104.53 1.88
CA UNK D 3030 -109.25 -103.97 0.83
C UNK D 3030 -110.13 -102.86 1.39
N UNK D 3031 -110.52 -103.01 2.66
CA UNK D 3031 -111.35 -102.00 3.32
C UNK D 3031 -110.54 -100.76 3.63
N UNK D 3032 -109.25 -100.94 3.90
CA UNK D 3032 -108.36 -99.83 4.20
C UNK D 3032 -108.04 -99.04 2.93
N UNK D 3033 -108.04 -99.73 1.80
CA UNK D 3033 -107.75 -99.11 0.51
C UNK D 3033 -108.95 -98.29 0.04
N UNK D 3034 -110.15 -98.71 0.44
CA UNK D 3034 -111.37 -98.02 0.07
C UNK D 3034 -111.61 -96.82 0.97
N UNK D 3035 -110.96 -96.82 2.13
CA UNK D 3035 -111.10 -95.73 3.09
C UNK D 3035 -110.35 -94.49 2.61
N UNK D 3036 -111.52 -91.39 11.19
CA UNK D 3036 -111.45 -92.70 11.81
C UNK D 3036 -110.04 -92.96 12.34
N UNK D 3037 -109.90 -92.96 13.66
CA UNK D 3037 -108.61 -93.21 14.30
C UNK D 3037 -108.24 -94.69 14.25
N UNK D 3038 -109.27 -95.55 14.19
CA UNK D 3038 -109.06 -96.98 14.15
C UNK D 3038 -108.53 -97.42 12.78
N UNK D 3039 -108.88 -96.66 11.75
CA UNK D 3039 -108.44 -96.97 10.39
C UNK D 3039 -106.96 -96.64 10.21
N UNK D 3040 -106.52 -95.58 10.87
CA UNK D 3040 -105.12 -95.15 10.79
C UNK D 3040 -104.22 -96.09 11.59
N UNK D 3041 -104.74 -96.61 12.70
CA UNK D 3041 -103.99 -97.52 13.55
C UNK D 3041 -103.89 -98.90 12.91
N UNK D 3042 -104.92 -99.28 12.15
CA UNK D 3042 -104.94 -100.56 11.48
C UNK D 3042 -104.03 -100.57 10.26
N UNK D 3043 -103.88 -99.40 9.63
CA UNK D 3043 -103.03 -99.27 8.46
C UNK D 3043 -101.56 -99.37 8.83
N UNK D 3044 -101.21 -98.88 10.02
CA UNK D 3044 -99.84 -98.92 10.50
C UNK D 3044 -99.46 -100.32 10.93
N UNK D 3045 -100.44 -101.08 11.42
CA UNK D 3045 -100.21 -102.45 11.87
C UNK D 3045 -100.15 -103.41 10.69
N UNK D 3046 -100.92 -103.10 9.65
CA UNK D 3046 -100.95 -103.94 8.45
C UNK D 3046 -99.69 -103.75 7.62
N UNK D 3047 -99.11 -102.56 7.69
CA UNK D 3047 -97.88 -102.25 6.96
C UNK D 3047 -96.69 -103.00 7.55
N UNK D 3048 -96.67 -103.12 8.87
CA UNK D 3048 -95.60 -103.83 9.55
C UNK D 3048 -95.76 -105.34 9.40
N UNK D 3049 -97.00 -105.78 9.21
CA UNK D 3049 -97.30 -107.19 9.04
C UNK D 3049 -97.00 -107.65 7.62
N UNK D 3050 -97.19 -106.74 6.66
CA UNK D 3050 -96.93 -107.05 5.26
C UNK D 3050 -95.43 -107.08 4.98
N UNK D 3051 -94.67 -106.34 5.78
CA UNK D 3051 -93.22 -106.29 5.64
C UNK D 3051 -92.58 -107.56 6.19
N UNK D 3052 -93.23 -108.15 7.19
CA UNK D 3052 -92.72 -109.36 7.81
C UNK D 3052 -92.93 -110.57 6.91
N UNK D 3053 -97.47 -111.43 -2.73
CA UNK D 3053 -97.22 -110.65 -1.50
C UNK D 3053 -96.57 -109.32 -1.82
N UNK D 3054 -95.74 -109.31 -2.87
CA UNK D 3054 -95.05 -108.10 -3.29
C UNK D 3054 -96.02 -107.11 -3.91
N UNK D 3055 -97.02 -107.63 -4.63
CA UNK D 3055 -98.03 -106.80 -5.25
C UNK D 3055 -98.99 -106.24 -4.22
N UNK D 3056 -99.18 -106.98 -3.14
CA UNK D 3056 -100.06 -106.55 -2.05
C UNK D 3056 -99.42 -105.42 -1.25
N UNK D 3057 -98.10 -105.45 -1.16
CA UNK D 3057 -97.36 -104.42 -0.44
C UNK D 3057 -97.35 -103.12 -1.24
N UNK D 3058 -97.36 -103.24 -2.55
CA UNK D 3058 -97.38 -102.07 -3.43
C UNK D 3058 -98.75 -101.41 -3.43
N UNK D 3059 -99.80 -102.23 -3.31
CA UNK D 3059 -101.16 -101.73 -3.26
C UNK D 3059 -101.44 -101.02 -1.94
N UNK D 3060 -100.78 -101.48 -0.88
CA UNK D 3060 -100.93 -100.89 0.44
C UNK D 3060 -100.24 -99.54 0.50
N UNK D 3061 -99.14 -99.41 -0.23
CA UNK D 3061 -98.39 -98.17 -0.29
C UNK D 3061 -99.12 -97.13 -1.14
N UNK D 3062 -99.81 -97.61 -2.16
CA UNK D 3062 -100.58 -96.74 -3.05
C UNK D 3062 -101.82 -96.22 -2.33
N UNK D 3063 -102.40 -97.05 -1.47
CA UNK D 3063 -103.58 -96.67 -0.71
C UNK D 3063 -103.22 -95.68 0.39
N UNK D 3064 -102.04 -95.85 0.96
CA UNK D 3064 -101.56 -94.95 2.01
C UNK D 3064 -101.16 -93.60 1.43
N UNK D 3065 -100.73 -93.61 0.17
CA UNK D 3065 -100.32 -92.39 -0.51
C UNK D 3065 -101.54 -91.55 -0.87
N UNK D 3066 -102.65 -92.21 -1.15
CA UNK D 3066 -103.89 -91.51 -1.49
C UNK D 3066 -104.52 -90.90 -0.25
N UNK D 3067 -104.29 -91.52 0.90
CA UNK D 3067 -104.84 -91.04 2.16
C UNK D 3067 -103.89 -90.03 2.80
N UNK D 3068 -97.76 -87.64 9.85
CA UNK D 3068 -96.44 -87.62 10.48
C UNK D 3068 -96.10 -88.97 11.09
N UNK D 3069 -97.00 -89.47 11.94
CA UNK D 3069 -96.80 -90.75 12.60
C UNK D 3069 -96.99 -91.90 11.61
N UNK D 3070 -97.86 -91.70 10.64
CA UNK D 3070 -98.13 -92.72 9.62
C UNK D 3070 -97.02 -92.75 8.59
N UNK D 3071 -96.30 -91.63 8.46
CA UNK D 3071 -95.20 -91.54 7.49
C UNK D 3071 -94.00 -92.35 7.97
N UNK D 3072 -93.72 -92.28 9.28
CA UNK D 3072 -92.59 -93.00 9.86
C UNK D 3072 -92.93 -94.48 10.02
N UNK D 3073 -94.22 -94.78 10.12
CA UNK D 3073 -94.67 -96.16 10.29
C UNK D 3073 -94.67 -96.88 8.95
N UNK D 3074 -94.86 -96.14 7.87
CA UNK D 3074 -94.86 -96.71 6.53
C UNK D 3074 -93.57 -96.40 5.80
N UNK D 3075 -92.50 -96.18 6.55
CA UNK D 3075 -91.19 -95.88 5.97
C UNK D 3075 -90.56 -97.13 5.39
N UNK D 3076 -90.74 -98.26 6.07
CA UNK D 3076 -90.18 -99.52 5.62
C UNK D 3076 -90.95 -100.06 4.41
N UNK D 3077 -92.25 -99.80 4.38
CA UNK D 3077 -93.10 -100.23 3.28
C UNK D 3077 -92.82 -99.42 2.02
N UNK D 3078 -92.41 -98.17 2.21
CA UNK D 3078 -92.10 -97.29 1.09
C UNK D 3078 -90.76 -97.66 0.47
N UNK D 3079 -89.90 -98.30 1.25
CA UNK D 3079 -88.59 -98.72 0.77
C UNK D 3079 -88.69 -100.03 -0.02
N UNK D 3080 -89.80 -100.74 0.16
CA UNK D 3080 -90.02 -102.01 -0.53
C UNK D 3080 -90.53 -101.76 -1.95
N UNK D 3081 -99.96 -92.25 -7.91
CA UNK D 3081 -98.80 -91.65 -8.54
C UNK D 3081 -98.20 -90.56 -7.66
N UNK D 3082 -96.87 -90.59 -7.52
CA UNK D 3082 -96.17 -89.61 -6.69
C UNK D 3082 -95.87 -88.35 -7.50
N UNK D 3083 -95.98 -88.45 -8.81
CA UNK D 3083 -95.72 -87.32 -9.70
C UNK D 3083 -96.87 -86.31 -9.64
N UNK D 3084 -98.09 -86.83 -9.48
CA UNK D 3084 -99.27 -85.98 -9.41
C UNK D 3084 -99.36 -85.26 -8.07
N UNK D 3085 -98.92 -85.94 -7.02
CA UNK D 3085 -98.94 -85.38 -5.67
C UNK D 3085 -97.86 -84.30 -5.53
N UNK D 3086 -96.74 -84.50 -6.19
CA UNK D 3086 -95.63 -83.55 -6.14
C UNK D 3086 -95.97 -82.31 -6.96
N UNK D 3087 -96.73 -82.49 -8.02
CA UNK D 3087 -97.13 -81.38 -8.88
C UNK D 3087 -98.17 -80.51 -8.18
N UNK D 3088 -99.00 -81.13 -7.36
CA UNK D 3088 -100.03 -80.40 -6.61
C UNK D 3088 -99.39 -79.58 -5.50
N UNK D 3089 -98.32 -80.11 -4.91
CA UNK D 3089 -97.61 -79.41 -3.85
C UNK D 3089 -96.81 -78.25 -4.43
N UNK D 3090 -96.45 -78.36 -5.69
CA UNK D 3090 -95.71 -77.31 -6.38
C UNK D 3090 -96.62 -76.13 -6.70
N UNK D 3091 -97.89 -76.44 -7.00
CA UNK D 3091 -98.88 -75.42 -7.30
C UNK D 3091 -99.33 -74.71 -6.03
N UNK D 3092 -99.37 -75.45 -4.93
CA UNK D 3092 -99.76 -74.88 -3.65
C UNK D 3092 -98.70 -73.92 -3.14
N UNK D 3093 -97.44 -74.25 -3.37
CA UNK D 3093 -96.33 -73.39 -2.99
C UNK D 3093 -96.20 -72.22 -3.96
N UNK D 3094 -96.75 -72.39 -5.15
CA UNK D 3094 -96.70 -71.36 -6.18
C UNK D 3094 -97.58 -70.17 -5.79
N UNK D 3095 -98.74 -70.48 -5.20
CA UNK D 3095 -99.67 -69.44 -4.78
C UNK D 3095 -99.30 -68.92 -3.39
N UNK D 3096 -98.41 -69.63 -2.71
CA UNK D 3096 -97.97 -69.24 -1.38
C UNK D 3096 -97.04 -68.03 -1.44
N UNK D 3097 -96.01 -68.12 -2.28
CA UNK D 3097 -95.05 -67.03 -2.42
C UNK D 3097 -95.62 -65.91 -3.28
N UNK D 3098 -96.64 -66.24 -4.08
CA UNK D 3098 -97.30 -65.25 -4.92
C UNK D 3098 -98.08 -64.26 -4.05
N UNK D 3099 -98.59 -64.75 -2.92
CA UNK D 3099 -99.31 -63.92 -1.97
C UNK D 3099 -98.32 -63.18 -1.07
N UNK D 3100 -97.11 -63.71 -0.98
CA UNK D 3100 -96.07 -63.09 -0.16
C UNK D 3100 -95.39 -61.95 -0.93
N UNK D 3101 -95.49 -62.01 -2.25
CA UNK D 3101 -94.91 -60.98 -3.10
C UNK D 3101 -95.92 -59.88 -3.41
N PRO D 3102 -89.15 -86.45 2.67
CA PRO D 3102 -90.34 -87.21 3.08
C PRO D 3102 -90.31 -88.66 2.58
N LEU D 3103 -91.48 -89.17 2.18
CA LEU D 3103 -91.56 -90.54 1.68
C LEU D 3103 -90.90 -90.71 0.32
N LEU D 3104 -90.87 -89.65 -0.49
CA LEU D 3104 -90.25 -89.75 -1.81
C LEU D 3104 -88.73 -89.87 -1.73
N ILE D 3105 -88.12 -89.42 -0.63
CA ILE D 3105 -86.68 -89.52 -0.49
C ILE D 3105 -86.25 -90.99 -0.41
N ARG D 3106 -86.99 -91.80 0.33
CA ARG D 3106 -86.65 -93.22 0.45
C ARG D 3106 -86.84 -93.95 -0.88
N TYR D 3107 -87.76 -93.47 -1.72
CA TYR D 3107 -88.00 -94.08 -3.02
C TYR D 3107 -87.09 -93.50 -4.12
N VAL D 3108 -86.53 -92.31 -3.90
CA VAL D 3108 -85.70 -91.70 -4.94
C VAL D 3108 -84.38 -92.45 -5.09
N ASP D 3109 -83.71 -92.74 -3.97
CA ASP D 3109 -82.40 -93.39 -4.04
C ASP D 3109 -82.52 -94.86 -4.47
N ASN D 3110 -83.62 -95.53 -4.10
CA ASN D 3110 -83.80 -96.92 -4.51
C ASN D 3110 -83.93 -97.04 -6.02
N ASN D 3111 -84.63 -96.11 -6.66
CA ASN D 3111 -84.82 -96.12 -8.11
C ASN D 3111 -83.82 -95.22 -8.83
N ARG D 3112 -82.91 -94.57 -8.11
CA ARG D 3112 -81.93 -93.69 -8.75
C ARG D 3112 -81.00 -94.47 -9.67
N ALA D 3113 -80.62 -95.69 -9.28
CA ALA D 3113 -79.75 -96.50 -10.13
C ALA D 3113 -80.42 -96.83 -11.46
N HIS D 3114 -81.71 -97.17 -11.43
CA HIS D 3114 -82.43 -97.43 -12.67
C HIS D 3114 -82.60 -96.16 -13.48
N TRP D 3115 -82.78 -95.02 -12.82
CA TRP D 3115 -82.97 -93.76 -13.52
C TRP D 3115 -81.68 -93.25 -14.16
N LEU D 3116 -80.53 -93.67 -13.65
CA LEU D 3116 -79.25 -93.22 -14.21
C LEU D 3116 -78.88 -94.01 -15.46
N THR D 3117 -78.99 -95.33 -15.40
CA THR D 3117 -78.62 -96.16 -16.54
C THR D 3117 -79.65 -96.11 -17.66
N GLU D 3118 -80.89 -95.71 -17.36
CA GLU D 3118 -81.96 -95.66 -18.36
C GLU D 3118 -82.66 -94.31 -18.23
N PRO D 3119 -82.65 -93.47 -19.27
CA PRO D 3119 -83.37 -92.19 -19.18
C PRO D 3119 -84.86 -92.41 -19.02
N ASN D 3120 -85.50 -91.54 -18.24
CA ASN D 3120 -86.92 -91.64 -17.92
C ASN D 3120 -87.52 -90.25 -18.01
N PRO D 3121 -88.52 -90.01 -18.86
CA PRO D 3121 -89.05 -88.64 -18.96
C PRO D 3121 -89.90 -88.22 -17.77
N SER D 3122 -90.41 -89.17 -16.99
CA SER D 3122 -91.04 -88.81 -15.72
C SER D 3122 -90.01 -88.37 -14.70
N ALA D 3123 -88.82 -88.99 -14.71
CA ALA D 3123 -87.76 -88.58 -13.80
C ALA D 3123 -87.29 -87.16 -14.10
N GLU D 3124 -87.14 -86.82 -15.39
CA GLU D 3124 -86.79 -85.45 -15.74
C GLU D 3124 -87.89 -84.48 -15.35
N GLU D 3125 -89.16 -84.87 -15.57
CA GLU D 3125 -90.28 -84.04 -15.14
C GLU D 3125 -90.35 -83.96 -13.62
N LEU D 3126 -89.89 -85.00 -12.92
CA LEU D 3126 -89.87 -84.96 -11.47
C LEU D 3126 -88.89 -83.92 -10.96
N PHE D 3127 -87.78 -83.70 -11.67
CA PHE D 3127 -86.84 -82.67 -11.27
C PHE D 3127 -87.46 -81.28 -11.39
N ARG D 3128 -88.27 -81.05 -12.42
CA ARG D 3128 -88.95 -79.78 -12.57
C ARG D 3128 -89.90 -79.49 -11.42
N MET D 3129 -90.40 -80.53 -10.74
CA MET D 3129 -91.26 -80.32 -9.59
C MET D 3129 -90.46 -79.93 -8.35
N VAL D 3130 -89.46 -80.73 -8.00
CA VAL D 3130 -88.63 -80.42 -6.84
C VAL D 3130 -87.76 -79.20 -7.13
N GLY D 3131 -87.37 -78.99 -8.39
CA GLY D 3131 -86.60 -77.81 -8.74
C GLY D 3131 -87.34 -76.51 -8.48
N GLU D 3132 -88.64 -76.50 -8.76
CA GLU D 3132 -89.46 -75.33 -8.42
C GLU D 3132 -89.54 -75.13 -6.91
N ILE D 3133 -89.63 -76.22 -6.15
CA ILE D 3133 -89.66 -76.11 -4.70
C ILE D 3133 -88.35 -75.54 -4.18
N PHE D 3134 -87.22 -76.04 -4.70
CA PHE D 3134 -85.92 -75.50 -4.29
C PHE D 3134 -85.76 -74.04 -4.69
N ILE D 3135 -86.24 -73.67 -5.88
CA ILE D 3135 -86.18 -72.27 -6.30
C ILE D 3135 -87.06 -71.41 -5.39
N TYR D 3136 -88.24 -71.89 -5.04
CA TYR D 3136 -89.12 -71.13 -4.15
C TYR D 3136 -88.61 -71.12 -2.72
N TRP D 3137 -87.91 -72.17 -2.29
CA TRP D 3137 -87.33 -72.19 -0.95
C TRP D 3137 -86.26 -71.12 -0.80
N SER D 3138 -85.44 -70.91 -1.82
CA SER D 3138 -84.38 -69.91 -1.75
C SER D 3138 -84.93 -68.51 -1.55
N LYS D 3139 -86.02 -68.19 -2.25
CA LYS D 3139 -86.64 -66.88 -2.11
C LYS D 3139 -88.16 -66.99 -2.11
N UNK D 3140 -83.78 -78.81 5.43
CA UNK D 3140 -82.79 -79.87 5.28
C UNK D 3140 -83.32 -81.00 4.41
N UNK D 3141 -84.61 -81.30 4.53
CA UNK D 3141 -85.23 -82.35 3.75
C UNK D 3141 -85.42 -81.92 2.30
N UNK D 3142 -85.60 -80.61 2.10
CA UNK D 3142 -85.78 -80.07 0.76
C UNK D 3142 -84.46 -80.05 0.00
N UNK D 3143 -83.36 -79.83 0.73
CA UNK D 3143 -82.04 -79.79 0.12
C UNK D 3143 -81.56 -81.19 -0.24
N UNK D 3144 -81.98 -82.17 0.55
CA UNK D 3144 -81.58 -83.56 0.32
C UNK D 3144 -82.30 -84.12 -0.90
N UNK D 3145 -83.55 -83.75 -1.07
CA UNK D 3145 -84.35 -84.22 -2.19
C UNK D 3145 -83.90 -83.54 -3.49
N UNK D 3146 -83.39 -82.32 -3.36
CA UNK D 3146 -82.91 -81.57 -4.52
C UNK D 3146 -81.52 -82.04 -4.93
N UNK D 3147 -80.80 -82.65 -3.99
CA UNK D 3147 -79.46 -83.15 -4.27
C UNK D 3147 -79.51 -84.52 -4.95
N UNK D 3148 -80.44 -85.36 -4.49
CA UNK D 3148 -80.61 -86.69 -5.06
C UNK D 3148 -81.17 -86.61 -6.48
N UNK D 3149 -81.98 -85.58 -6.73
CA UNK D 3149 -82.56 -85.38 -8.05
C UNK D 3149 -81.55 -84.75 -8.99
N UNK D 3150 -80.57 -84.06 -8.43
CA UNK D 3150 -79.53 -83.41 -9.22
C UNK D 3150 -78.62 -84.44 -9.87
N UNK D 3151 -78.61 -85.65 -9.33
CA UNK D 3151 -77.80 -86.74 -9.86
C UNK D 3151 -78.40 -87.28 -11.16
N UNK D 3152 -79.71 -87.13 -11.31
CA UNK D 3152 -80.42 -87.65 -12.48
C UNK D 3152 -80.52 -86.61 -13.58
N UNK D 3153 -80.55 -85.34 -13.19
CA UNK D 3153 -80.67 -84.24 -14.15
C UNK D 3153 -79.38 -84.03 -14.93
N UNK D 3154 -78.25 -84.17 -14.24
CA UNK D 3154 -76.94 -83.98 -14.85
C UNK D 3154 -76.66 -85.08 -15.87
N UNK D 3155 -77.21 -86.27 -15.61
CA UNK D 3155 -77.03 -87.40 -16.52
C UNK D 3155 -77.96 -87.27 -17.72
N UNK D 3156 -79.06 -86.54 -17.55
CA UNK D 3156 -80.02 -86.33 -18.62
C UNK D 3156 -79.60 -85.16 -19.50
N UNK D 3157 -78.90 -84.20 -18.91
CA UNK D 3157 -78.43 -83.02 -19.64
C UNK D 3157 -77.05 -83.27 -20.22
N UNK D 3158 -74.50 -73.14 -19.88
CA UNK D 3158 -73.43 -73.64 -19.03
C UNK D 3158 -73.13 -72.66 -17.90
N UNK D 3159 -71.86 -72.35 -17.71
CA UNK D 3159 -71.44 -71.43 -16.65
C UNK D 3159 -71.84 -70.00 -17.01
N UNK D 3160 -71.87 -69.70 -18.31
CA UNK D 3160 -72.25 -68.38 -18.78
C UNK D 3160 -73.75 -68.16 -18.60
N UNK D 3161 -74.51 -69.24 -18.70
CA UNK D 3161 -75.96 -69.17 -18.51
C UNK D 3161 -76.31 -68.95 -17.05
N UNK D 3162 -75.47 -69.48 -16.16
CA UNK D 3162 -75.66 -69.31 -14.72
C UNK D 3162 -75.36 -67.89 -14.31
N UNK D 3163 -74.40 -67.26 -15.00
CA UNK D 3163 -74.04 -65.88 -14.72
C UNK D 3163 -75.12 -64.93 -15.22
N UNK D 3164 -75.79 -65.32 -16.30
CA UNK D 3164 -76.87 -64.52 -16.86
C UNK D 3164 -78.11 -64.61 -15.98
N UNK D 3165 -78.28 -65.76 -15.32
CA UNK D 3165 -79.40 -65.96 -14.43
C UNK D 3165 -79.18 -65.22 -13.11
N UNK D 3166 -77.93 -65.01 -12.75
CA UNK D 3166 -77.58 -64.30 -11.53
C UNK D 3166 -77.79 -62.80 -11.71
N UNK D 3167 -77.71 -62.34 -12.95
CA UNK D 3167 -77.92 -60.92 -13.26
C UNK D 3167 -79.39 -60.63 -13.46
N UNK D 3168 -80.17 -61.69 -13.68
CA UNK D 3168 -81.62 -61.59 -13.89
C UNK D 3168 -81.96 -60.65 -15.06
N UNK D 3169 -83.93 -67.17 -20.63
CA UNK D 3169 -83.64 -67.98 -21.82
C UNK D 3169 -83.32 -67.09 -23.01
N UNK D 3170 -83.54 -65.79 -22.86
CA UNK D 3170 -83.29 -64.83 -23.92
C UNK D 3170 -81.79 -64.62 -24.11
N UNK D 3171 -81.05 -64.65 -23.01
CA UNK D 3171 -79.61 -64.47 -23.05
C UNK D 3171 -78.93 -65.71 -23.61
N UNK D 3172 -79.53 -66.88 -23.37
CA UNK D 3172 -79.00 -68.14 -23.86
C UNK D 3172 -79.26 -68.29 -25.35
N UNK D 3173 -80.35 -67.69 -25.82
CA UNK D 3173 -80.72 -67.75 -27.23
C UNK D 3173 -79.81 -66.84 -28.06
N UNK D 3174 -79.34 -65.76 -27.44
CA UNK D 3174 -78.46 -64.82 -28.10
C UNK D 3174 -77.04 -65.38 -28.20
N UNK D 3175 -76.68 -66.23 -27.24
CA UNK D 3175 -75.36 -66.84 -27.22
C UNK D 3175 -75.28 -68.01 -28.21
N UNK D 3176 -76.42 -68.68 -28.41
CA UNK D 3176 -76.53 -69.81 -29.33
C UNK D 3176 -75.52 -70.90 -28.99
N SER D 3177 -60.60 -84.50 -23.04
CA SER D 3177 -61.57 -84.61 -21.96
C SER D 3177 -62.99 -84.77 -22.50
N LEU D 3178 -63.26 -84.14 -23.65
CA LEU D 3178 -64.57 -84.22 -24.26
C LEU D 3178 -64.79 -85.51 -25.03
N ARG D 3179 -63.73 -86.26 -25.32
CA ARG D 3179 -63.88 -87.51 -26.06
C ARG D 3179 -64.66 -88.55 -25.26
N TRP D 3180 -64.25 -88.78 -24.01
CA TRP D 3180 -64.94 -89.77 -23.18
C TRP D 3180 -66.28 -89.27 -22.68
N GLN D 3181 -66.42 -87.96 -22.45
CA GLN D 3181 -67.71 -87.42 -22.02
C GLN D 3181 -68.77 -87.59 -23.11
N MET D 3182 -68.39 -87.35 -24.37
CA MET D 3182 -69.34 -87.51 -25.47
C MET D 3182 -69.73 -88.96 -25.68
N ALA D 3183 -68.83 -89.90 -25.39
CA ALA D 3183 -69.17 -91.31 -25.53
C ALA D 3183 -70.28 -91.72 -24.57
N LEU D 3184 -70.22 -91.25 -23.32
CA LEU D 3184 -71.29 -91.54 -22.37
C LEU D 3184 -72.57 -90.78 -22.70
N TYR D 3185 -72.45 -89.59 -23.30
CA TYR D 3185 -73.64 -88.84 -23.70
C TYR D 3185 -74.39 -89.56 -24.80
N ARG D 3186 -73.70 -89.98 -25.86
CA ARG D 3186 -74.36 -90.68 -26.95
C ARG D 3186 -74.78 -92.08 -26.55
N GLY D 3187 -73.93 -92.77 -25.80
CA GLY D 3187 -74.22 -94.12 -25.36
C GLY D 3187 -75.29 -94.19 -24.27
N UNK D 3226 -85.70 -77.19 -26.96
CA UNK D 3226 -85.62 -78.20 -25.92
C UNK D 3226 -84.30 -78.12 -25.17
N UNK D 3227 -83.23 -77.87 -25.92
CA UNK D 3227 -81.90 -77.78 -25.33
C UNK D 3227 -81.73 -76.47 -24.55
N UNK D 3228 -82.42 -75.43 -25.01
CA UNK D 3228 -82.36 -74.12 -24.37
C UNK D 3228 -83.20 -74.11 -23.10
N UNK D 3229 -84.19 -75.00 -23.04
CA UNK D 3229 -85.08 -75.08 -21.88
C UNK D 3229 -84.43 -75.88 -20.76
N UNK D 3230 -83.62 -76.87 -21.14
CA UNK D 3230 -82.94 -77.72 -20.17
C UNK D 3230 -81.74 -77.00 -19.56
N UNK D 3231 -81.21 -76.03 -20.29
CA UNK D 3231 -80.04 -75.27 -19.83
C UNK D 3231 -80.48 -74.13 -18.90
N UNK D 3232 -81.72 -73.69 -19.06
CA UNK D 3232 -82.26 -72.61 -18.24
C UNK D 3232 -82.62 -73.10 -16.85
N UNK D 3233 -83.09 -74.34 -16.77
CA UNK D 3233 -83.50 -74.93 -15.49
C UNK D 3233 -82.29 -75.43 -14.71
N UNK D 3234 -81.26 -75.85 -15.44
CA UNK D 3234 -80.05 -76.37 -14.80
C UNK D 3234 -79.20 -75.23 -14.23
N UNK D 3235 -79.15 -74.11 -14.95
CA UNK D 3235 -78.37 -72.95 -14.52
C UNK D 3235 -79.04 -72.26 -13.34
N UNK D 3236 -80.37 -72.30 -13.30
CA UNK D 3236 -81.12 -71.67 -12.23
C UNK D 3236 -80.99 -72.45 -10.93
N UNK D 3237 -80.91 -73.78 -11.05
CA UNK D 3237 -80.78 -74.65 -9.89
C UNK D 3237 -79.35 -74.61 -9.35
N UNK D 3238 -78.39 -74.44 -10.24
CA UNK D 3238 -76.98 -74.37 -9.86
C UNK D 3238 -76.66 -73.04 -9.19
N UNK D 3239 -77.30 -71.99 -9.66
CA UNK D 3239 -77.09 -70.65 -9.11
C UNK D 3239 -77.70 -70.55 -7.71
N UNK D 3240 -78.83 -71.21 -7.51
CA UNK D 3240 -79.50 -71.22 -6.21
C UNK D 3240 -78.74 -72.09 -5.21
N UNK D 3241 -78.11 -73.14 -5.71
CA UNK D 3241 -77.33 -74.05 -4.87
C UNK D 3241 -76.04 -73.38 -4.42
N UNK D 3242 -75.47 -72.55 -5.29
CA UNK D 3242 -74.25 -71.84 -4.99
C UNK D 3242 -74.50 -70.73 -3.98
N UNK D 3243 -75.69 -70.13 -4.05
CA UNK D 3243 -76.08 -69.07 -3.14
C UNK D 3243 -76.39 -69.64 -1.75
N UNK D 3244 -76.83 -70.89 -1.72
CA UNK D 3244 -77.16 -71.56 -0.46
C UNK D 3244 -75.88 -71.95 0.27
N UNK D 3245 -74.83 -72.24 -0.48
CA UNK D 3245 -73.55 -72.63 0.10
C UNK D 3245 -72.81 -71.40 0.63
N UNK D 3246 -73.10 -70.25 0.04
CA UNK D 3246 -72.46 -69.00 0.45
C UNK D 3246 -73.10 -68.45 1.73
N MET D 3247 -80.67 -48.63 40.37
CA MET D 3247 -80.09 -48.26 41.65
C MET D 3247 -81.15 -48.14 42.73
N THR D 3248 -80.74 -47.68 43.91
CA THR D 3248 -81.68 -47.53 45.01
C THR D 3248 -82.63 -46.37 44.73
N PRO D 3249 -83.94 -46.55 44.93
CA PRO D 3249 -84.88 -45.44 44.72
C PRO D 3249 -84.66 -44.32 45.70
N LEU D 3250 -85.12 -43.12 45.30
CA LEU D 3250 -84.91 -41.93 46.11
C LEU D 3250 -85.65 -42.01 47.45
N TYR D 3251 -86.86 -42.57 47.45
CA TYR D 3251 -87.67 -42.58 48.66
C TYR D 3251 -87.12 -43.52 49.72
N ASN D 3252 -86.34 -44.53 49.34
CA ASN D 3252 -85.74 -45.44 50.31
C ASN D 3252 -84.57 -44.80 51.06
N LEU D 3253 -84.06 -43.66 50.59
CA LEU D 3253 -82.98 -43.00 51.31
C LEU D 3253 -83.49 -42.39 52.61
N PRO D 3254 -82.75 -42.52 53.70
CA PRO D 3254 -83.14 -41.85 54.94
C PRO D 3254 -83.11 -40.34 54.79
N THR D 3255 -83.92 -39.67 55.60
CA THR D 3255 -84.05 -38.22 55.52
C THR D 3255 -82.72 -37.54 55.85
N HIS D 3256 -81.98 -38.05 56.83
CA HIS D 3256 -80.75 -37.40 57.27
C HIS D 3256 -79.70 -37.38 56.16
N ARG D 3257 -79.73 -38.34 55.25
CA ARG D 3257 -78.75 -38.40 54.18
C ARG D 3257 -79.23 -37.71 52.90
N ALA D 3258 -80.54 -37.71 52.66
CA ALA D 3258 -81.07 -37.08 51.45
C ALA D 3258 -80.86 -35.58 51.46
N CYS D 3259 -80.89 -34.95 52.63
CA CYS D 3259 -80.66 -33.51 52.71
C CYS D 3259 -79.23 -33.15 52.35
N ASN D 3260 -78.27 -34.05 52.59
CA ASN D 3260 -76.88 -33.77 52.28
C ASN D 3260 -76.68 -33.57 50.78
N MET D 3261 -77.25 -34.45 49.97
CA MET D 3261 -77.14 -34.30 48.53
C MET D 3261 -78.02 -33.19 47.98
N PHE D 3262 -79.10 -32.86 48.68
CA PHE D 3262 -79.95 -31.74 48.26
C PHE D 3262 -79.20 -30.41 48.33
N LEU D 3263 -78.41 -30.22 49.40
CA LEU D 3263 -77.65 -28.98 49.54
C LEU D 3263 -76.60 -28.85 48.44
N GLU D 3264 -75.90 -29.94 48.10
CA GLU D 3264 -74.92 -29.87 47.03
C GLU D 3264 -75.57 -29.60 45.67
N SER D 3265 -76.71 -30.23 45.40
CA SER D 3265 -77.38 -30.03 44.11
C SER D 3265 -77.99 -28.65 44.02
N TYR D 3266 -78.64 -28.17 45.09
CA TYR D 3266 -79.28 -26.87 45.07
C TYR D 3266 -78.27 -25.73 44.97
N LYS D 3267 -77.08 -25.89 45.53
CA LYS D 3267 -76.07 -24.84 45.47
C LYS D 3267 -75.62 -24.57 44.05
N ALA D 3268 -75.34 -25.64 43.28
CA ALA D 3268 -74.82 -25.48 41.94
C ALA D 3268 -75.90 -25.24 40.90
N ALA D 3269 -77.13 -25.66 41.16
CA ALA D 3269 -78.21 -25.53 40.18
C ALA D 3269 -78.89 -24.17 40.21
N TRP D 3270 -78.98 -23.54 41.38
CA TRP D 3270 -79.68 -22.27 41.52
C TRP D 3270 -78.79 -21.15 42.00
N ILE D 3271 -78.03 -21.37 43.08
CA ILE D 3271 -77.22 -20.31 43.67
C ILE D 3271 -76.03 -19.97 42.77
N LEU D 3272 -75.40 -20.99 42.19
CA LEU D 3272 -74.18 -20.76 41.39
C LEU D 3272 -74.48 -19.93 40.15
N THR D 3273 -75.61 -20.19 39.48
CA THR D 3273 -75.95 -19.49 38.25
C THR D 3273 -76.80 -18.24 38.55
N GLU D 3274 -76.26 -17.41 39.43
CA GLU D 3274 -76.90 -16.17 39.83
C GLU D 3274 -76.10 -14.98 39.32
N ASP D 3275 -76.80 -13.91 38.97
CA ASP D 3275 -76.19 -12.70 38.45
C ASP D 3275 -76.12 -11.66 39.56
N HIS D 3276 -74.92 -11.16 39.84
CA HIS D 3276 -74.70 -10.15 40.86
C HIS D 3276 -73.86 -9.02 40.26
N SER D 3277 -74.43 -7.82 40.21
CA SER D 3277 -73.73 -6.66 39.66
C SER D 3277 -73.28 -5.70 40.76
N PHE D 3278 -72.94 -6.23 41.93
CA PHE D 3278 -72.49 -5.39 43.04
C PHE D 3278 -71.10 -4.80 42.81
N GLU D 3279 -70.38 -5.27 41.80
CA GLU D 3279 -69.06 -4.72 41.51
C GLU D 3279 -69.15 -3.26 41.06
N ASP D 3280 -70.13 -2.94 40.22
CA ASP D 3280 -70.26 -1.58 39.70
C ASP D 3280 -70.66 -0.61 40.82
N ARG D 3281 -71.66 -0.98 41.62
CA ARG D 3281 -72.16 -0.08 42.66
C ARG D 3281 -71.11 0.18 43.72
N MET D 3282 -70.31 -0.83 44.08
CA MET D 3282 -69.31 -0.66 45.13
C MET D 3282 -68.22 0.32 44.71
N ILE D 3283 -67.77 0.23 43.46
CA ILE D 3283 -66.71 1.12 42.99
C ILE D 3283 -67.18 2.57 42.97
N ASP D 3284 -68.41 2.80 42.47
CA ASP D 3284 -68.94 4.17 42.44
C ASP D 3284 -69.14 4.72 43.85
N ASP D 3285 -69.55 3.88 44.79
CA ASP D 3285 -69.75 4.35 46.17
C ASP D 3285 -68.44 4.81 46.79
N LEU D 3286 -67.35 4.07 46.57
CA LEU D 3286 -66.07 4.46 47.15
C LEU D 3286 -65.46 5.64 46.42
N SER D 3287 -65.60 5.69 45.09
CA SER D 3287 -65.03 6.79 44.32
C SER D 3287 -65.72 8.11 44.65
N LYS D 3288 -67.05 8.10 44.75
CA LYS D 3288 -67.78 9.32 45.06
C LYS D 3288 -67.62 9.75 46.52
N ALA D 3289 -67.23 8.83 47.40
CA ALA D 3289 -67.05 9.18 48.80
C ALA D 3289 -65.90 10.16 49.01
N GLY D 3290 -64.82 10.00 48.25
CA GLY D 3290 -63.70 10.92 48.38
C GLY D 3290 -64.03 12.34 47.98
N GLU D 3291 -64.87 12.50 46.95
CA GLU D 3291 -65.33 13.82 46.50
C GLU D 3291 -66.73 14.14 47.00
N GLN D 3292 -67.09 13.68 48.20
CA GLN D 3292 -68.42 13.92 48.73
C GLN D 3292 -68.66 15.40 48.97
N GLU D 3293 -67.69 16.09 49.57
CA GLU D 3293 -67.81 17.51 49.86
C GLU D 3293 -66.44 18.14 49.92
N GLU D 3294 -66.41 19.45 49.73
CA GLU D 3294 -65.15 20.20 49.79
C GLU D 3294 -64.66 20.29 51.23
N GLU D 3295 -63.39 20.02 51.44
CA GLU D 3295 -62.81 20.09 52.78
C GLU D 3295 -62.75 21.53 53.26
N GLU D 3296 -63.11 21.74 54.53
CA GLU D 3296 -63.07 23.07 55.11
C GLU D 3296 -61.64 23.57 55.27
N GLU D 3297 -60.71 22.67 55.60
CA GLU D 3297 -59.31 23.06 55.75
C GLU D 3297 -58.70 23.51 54.43
N GLU D 3298 -59.10 22.87 53.33
CA GLU D 3298 -58.58 23.18 51.99
C GLU D 3298 -57.06 23.07 51.94
N VAL D 3299 -56.54 21.95 52.47
CA VAL D 3299 -55.11 21.73 52.47
C VAL D 3299 -54.62 21.42 51.05
N GLU D 3300 -53.31 21.56 50.86
CA GLU D 3300 -52.73 21.27 49.55
C GLU D 3300 -52.89 19.80 49.17
N GLU D 3301 -52.69 18.90 50.12
CA GLU D 3301 -52.85 17.47 49.90
C GLU D 3301 -54.25 17.07 50.37
N LYS D 3302 -55.14 16.82 49.42
CA LYS D 3302 -56.51 16.45 49.74
C LYS D 3302 -56.56 15.05 50.35
N LYS D 3303 -57.61 14.80 51.12
CA LYS D 3303 -57.79 13.50 51.73
C LYS D 3303 -58.03 12.44 50.66
N PRO D 3304 -57.27 11.35 50.65
CA PRO D 3304 -57.48 10.33 49.62
C PRO D 3304 -58.85 9.68 49.73
N ASP D 3305 -59.38 9.30 48.57
CA ASP D 3305 -60.68 8.64 48.52
C ASP D 3305 -60.58 7.24 49.11
N PRO D 3306 -61.72 6.67 49.55
CA PRO D 3306 -61.68 5.28 50.02
C PRO D 3306 -61.14 4.31 48.98
N LEU D 3307 -61.47 4.52 47.71
CA LEU D 3307 -60.83 3.75 46.65
C LEU D 3307 -59.34 4.04 46.57
N HIS D 3308 -58.97 5.33 46.72
CA HIS D 3308 -57.55 5.68 46.79
C HIS D 3308 -56.89 5.08 48.02
N GLN D 3309 -57.60 5.06 49.16
CA GLN D 3309 -57.05 4.43 50.36
C GLN D 3309 -56.96 2.92 50.19
N LEU D 3310 -57.79 2.33 49.32
CA LEU D 3310 -57.78 0.89 49.14
C LEU D 3310 -56.50 0.42 48.45
N VAL D 3311 -56.12 1.08 47.36
CA VAL D 3311 -54.92 0.69 46.64
C VAL D 3311 -53.66 0.96 47.47
N LEU D 3312 -53.69 2.00 48.30
CA LEU D 3312 -52.54 2.29 49.16
C LEU D 3312 -52.33 1.20 50.19
N HIS D 3313 -53.41 0.60 50.70
CA HIS D 3313 -53.27 -0.48 51.68
C HIS D 3313 -52.66 -1.72 51.03
N PHE D 3314 -53.12 -2.07 49.83
CA PHE D 3314 -52.58 -3.25 49.16
C PHE D 3314 -51.15 -3.05 48.69
N SER D 3315 -50.81 -1.83 48.25
CA SER D 3315 -49.43 -1.55 47.89
C SER D 3315 -48.50 -1.51 49.10
N ARG D 3316 -49.03 -1.19 50.28
CA ARG D 3316 -48.21 -1.15 51.48
C ARG D 3316 -47.70 -2.54 51.84
N THR D 3317 -48.57 -3.55 51.78
CA THR D 3317 -48.15 -4.90 52.10
C THR D 3317 -47.32 -5.52 50.99
N ALA D 3318 -47.40 -5.00 49.76
CA ALA D 3318 -46.56 -5.50 48.68
C ALA D 3318 -45.10 -5.12 48.88
N LEU D 3319 -44.85 -3.90 49.38
CA LEU D 3319 -43.50 -3.44 49.62
C LEU D 3319 -42.93 -3.97 50.94
N THR D 3320 -43.72 -4.67 51.74
CA THR D 3320 -43.21 -5.25 52.98
C THR D 3320 -42.18 -6.34 52.65
N GLU D 3321 -41.03 -6.28 53.30
CA GLU D 3321 -39.95 -7.24 53.04
C GLU D 3321 -40.34 -8.58 53.63
N LYS D 3322 -40.64 -9.55 52.77
CA LYS D 3322 -41.02 -10.89 53.19
C LYS D 3322 -40.39 -11.90 52.25
N SER D 3323 -40.27 -13.14 52.75
CA SER D 3323 -39.68 -14.21 51.95
C SER D 3323 -40.61 -14.60 50.81
N LYS D 3324 -41.84 -15.01 51.13
CA LYS D 3324 -42.83 -15.37 50.13
C LYS D 3324 -44.11 -14.58 50.36
N LEU D 3325 -44.82 -14.30 49.27
CA LEU D 3325 -46.06 -13.54 49.32
C LEU D 3325 -47.18 -14.48 49.77
N ASP D 3326 -47.63 -14.31 51.01
CA ASP D 3326 -48.64 -15.20 51.57
C ASP D 3326 -49.98 -14.98 50.89
N GLU D 3327 -50.79 -16.04 50.88
CA GLU D 3327 -52.12 -15.96 50.28
C GLU D 3327 -53.03 -15.05 51.10
N ASP D 3328 -53.78 -14.20 50.40
CA ASP D 3328 -54.68 -13.25 51.04
C ASP D 3328 -56.00 -13.30 50.29
N TYR D 3329 -57.08 -13.68 50.99
CA TYR D 3329 -58.38 -13.78 50.36
C TYR D 3329 -58.99 -12.41 50.09
N LEU D 3330 -58.70 -11.42 50.94
CA LEU D 3330 -59.30 -10.10 50.78
C LEU D 3330 -58.81 -9.42 49.50
N TYR D 3331 -57.53 -9.58 49.15
CA TYR D 3331 -57.01 -8.98 47.94
C TYR D 3331 -57.61 -9.63 46.70
N MET D 3332 -57.87 -10.94 46.75
CA MET D 3332 -58.44 -11.63 45.60
C MET D 3332 -59.81 -11.07 45.23
N ALA D 3333 -60.66 -10.81 46.23
CA ALA D 3333 -62.00 -10.28 45.94
C ALA D 3333 -61.93 -8.86 45.38
N TYR D 3334 -61.12 -8.00 45.98
CA TYR D 3334 -61.04 -6.62 45.53
C TYR D 3334 -60.37 -6.50 44.16
N ALA D 3335 -59.43 -7.39 43.84
CA ALA D 3335 -58.81 -7.35 42.52
C ALA D 3335 -59.80 -7.66 41.42
N ASP D 3336 -60.73 -8.59 41.67
CA ASP D 3336 -61.73 -8.95 40.66
C ASP D 3336 -62.75 -7.83 40.45
N ILE D 3337 -63.18 -7.17 41.52
CA ILE D 3337 -64.19 -6.12 41.40
C ILE D 3337 -63.64 -4.95 40.59
N MET D 3338 -62.42 -4.53 40.90
CA MET D 3338 -61.82 -3.38 40.23
C MET D 3338 -61.60 -3.64 38.75
N ALA D 3339 -61.16 -4.85 38.39
CA ALA D 3339 -60.98 -5.19 36.98
C ALA D 3339 -62.32 -5.32 36.26
N LYS D 3340 -63.31 -5.93 36.92
CA LYS D 3340 -64.61 -6.11 36.29
C LYS D 3340 -65.36 -4.79 36.11
N SER D 3341 -65.22 -3.88 37.06
CA SER D 3341 -65.91 -2.60 36.96
C SER D 3341 -65.38 -1.78 35.80
N CYS D 3342 -64.07 -1.72 35.63
CA CYS D 3342 -63.49 -0.95 34.53
C CYS D 3342 -63.59 -1.68 33.20
N HIS D 3343 -63.81 -2.99 33.20
CA HIS D 3343 -63.98 -3.72 31.96
C HIS D 3343 -65.25 -3.29 31.22
N LEU D 3344 -66.34 -3.09 31.95
CA LEU D 3344 -67.60 -2.68 31.33
C LEU D 3344 -68.43 -1.85 32.31
N SER D 3360 -71.56 3.21 12.77
CA SER D 3360 -71.70 3.48 14.20
C SER D 3360 -70.46 4.16 14.76
N PHE D 3361 -70.06 5.26 14.11
CA PHE D 3361 -68.89 6.00 14.57
C PHE D 3361 -69.13 6.61 15.95
N GLU D 3362 -70.33 7.15 16.18
CA GLU D 3362 -70.63 7.73 17.49
C GLU D 3362 -70.71 6.67 18.57
N GLU D 3363 -71.24 5.49 18.24
CA GLU D 3363 -71.35 4.42 19.23
C GLU D 3363 -69.98 3.95 19.70
N LYS D 3364 -69.03 3.80 18.77
CA LYS D 3364 -67.69 3.37 19.13
C LYS D 3364 -66.98 4.40 20.00
N GLU D 3365 -67.12 5.68 19.66
CA GLU D 3365 -66.48 6.72 20.46
C GLU D 3365 -67.08 6.78 21.86
N MET D 3366 -68.40 6.61 21.97
CA MET D 3366 -69.04 6.61 23.28
C MET D 3366 -68.55 5.46 24.14
N GLU D 3367 -68.40 4.28 23.54
CA GLU D 3367 -67.84 3.14 24.28
C GLU D 3367 -66.37 3.35 24.59
N LYS D 3368 -65.63 4.02 23.69
CA LYS D 3368 -64.21 4.27 23.94
C LYS D 3368 -64.02 5.25 25.09
N GLN D 3369 -64.82 6.32 25.15
CA GLN D 3369 -64.66 7.28 26.24
C GLN D 3369 -65.20 6.72 27.55
N ARG D 3370 -66.18 5.83 27.48
CA ARG D 3370 -66.65 5.15 28.68
C ARG D 3370 -65.58 4.23 29.25
N LEU D 3371 -64.91 3.47 28.38
CA LEU D 3371 -63.83 2.58 28.84
C LEU D 3371 -62.66 3.40 29.39
N LEU D 3372 -62.36 4.54 28.77
CA LEU D 3372 -61.31 5.40 29.28
C LEU D 3372 -61.66 5.97 30.65
N TYR D 3373 -62.92 6.38 30.84
CA TYR D 3373 -63.32 6.99 32.10
C TYR D 3373 -63.21 6.02 33.27
N GLN D 3374 -63.66 4.77 33.07
CA GLN D 3374 -63.60 3.79 34.15
C GLN D 3374 -62.16 3.46 34.50
N GLN D 3375 -61.27 3.38 33.51
CA GLN D 3375 -59.86 3.14 33.79
C GLN D 3375 -59.19 4.34 34.43
N ALA D 3376 -59.69 5.55 34.17
CA ALA D 3376 -59.10 6.75 34.76
C ALA D 3376 -59.30 6.79 36.26
N ARG D 3377 -60.43 6.26 36.76
CA ARG D 3377 -60.66 6.22 38.19
C ARG D 3377 -59.60 5.38 38.90
N LEU D 3378 -59.25 4.23 38.31
CA LEU D 3378 -58.24 3.37 38.91
C LEU D 3378 -56.84 3.89 38.69
N HIS D 3379 -56.57 4.50 37.53
CA HIS D 3379 -55.25 5.03 37.25
C HIS D 3379 -54.90 6.19 38.17
N ASN D 3380 -55.85 7.10 38.38
CA ASN D 3380 -55.59 8.25 39.25
C ASN D 3380 -55.42 7.85 40.70
N ARG D 3381 -56.15 6.83 41.15
CA ARG D 3381 -56.03 6.38 42.53
C ARG D 3381 -54.66 5.78 42.83
N GLY D 3382 -53.95 5.29 41.82
CA GLY D 3382 -52.65 4.69 42.00
C GLY D 3382 -52.57 3.19 41.75
N ALA D 3383 -53.61 2.59 41.16
CA ALA D 3383 -53.58 1.15 40.88
C ALA D 3383 -52.57 0.79 39.80
N ALA D 3384 -52.14 1.77 38.99
CA ALA D 3384 -51.16 1.48 37.95
C ALA D 3384 -49.84 1.01 38.55
N GLU D 3385 -49.40 1.66 39.63
CA GLU D 3385 -48.19 1.21 40.31
C GLU D 3385 -48.40 -0.04 41.14
N MET D 3386 -49.62 -0.28 41.61
CA MET D 3386 -49.88 -1.43 42.47
C MET D 3386 -49.65 -2.75 41.73
N VAL D 3387 -50.08 -2.83 40.47
CA VAL D 3387 -49.92 -4.07 39.72
C VAL D 3387 -48.45 -4.38 39.47
N LEU D 3388 -47.61 -3.35 39.34
CA LEU D 3388 -46.19 -3.59 39.14
C LEU D 3388 -45.50 -4.06 40.43
N GLN D 3389 -45.89 -3.50 41.58
CA GLN D 3389 -45.30 -3.94 42.84
C GLN D 3389 -45.71 -5.36 43.19
N MET D 3390 -46.95 -5.76 42.87
CA MET D 3390 -47.39 -7.11 43.16
C MET D 3390 -46.67 -8.13 42.29
N ILE D 3391 -46.38 -7.77 41.04
CA ILE D 3391 -45.65 -8.69 40.15
C ILE D 3391 -44.25 -8.94 40.69
N SER D 3392 -43.57 -7.89 41.16
CA SER D 3392 -42.26 -8.08 41.77
C SER D 3392 -42.34 -8.81 43.10
N ALA D 3393 -43.51 -8.86 43.72
CA ALA D 3393 -43.66 -9.49 45.03
C ALA D 3393 -43.67 -11.01 44.97
N CYS D 3394 -44.16 -11.61 43.87
CA CYS D 3394 -44.26 -13.06 43.81
C CYS D 3394 -42.89 -13.72 43.69
N LYS D 3395 -41.88 -12.97 43.25
CA LYS D 3395 -40.52 -13.47 43.10
C LYS D 3395 -40.45 -14.72 42.22
N GLY D 3396 -41.24 -14.73 41.14
CA GLY D 3396 -41.26 -15.84 40.21
C GLY D 3396 -42.19 -16.98 40.57
N GLU D 3397 -42.86 -16.90 41.72
CA GLU D 3397 -43.80 -17.94 42.11
C GLU D 3397 -45.06 -17.87 41.25
N THR D 3398 -45.75 -19.00 41.16
CA THR D 3398 -46.98 -19.12 40.38
C THR D 3398 -48.14 -19.47 41.29
N GLY D 3399 -49.34 -19.07 40.88
CA GLY D 3399 -50.53 -19.34 41.64
C GLY D 3399 -51.64 -18.36 41.27
N ALA D 3400 -52.64 -18.29 42.14
CA ALA D 3400 -53.75 -17.35 41.93
C ALA D 3400 -53.38 -15.92 42.29
N MET D 3401 -52.30 -15.72 43.06
CA MET D 3401 -51.87 -14.37 43.39
C MET D 3401 -51.42 -13.60 42.15
N VAL D 3402 -50.56 -14.23 41.34
CA VAL D 3402 -50.09 -13.57 40.12
C VAL D 3402 -51.20 -13.51 39.08
N SER D 3403 -52.09 -14.51 39.07
CA SER D 3403 -53.19 -14.52 38.10
C SER D 3403 -54.16 -13.36 38.32
N SER D 3404 -54.50 -13.08 39.59
CA SER D 3404 -55.42 -11.98 39.88
C SER D 3404 -54.84 -10.64 39.49
N THR D 3405 -53.55 -10.42 39.80
CA THR D 3405 -52.92 -9.14 39.48
C THR D 3405 -52.77 -8.94 37.98
N LEU D 3406 -52.43 -10.01 37.24
CA LEU D 3406 -52.21 -9.87 35.80
C LEU D 3406 -53.48 -9.47 35.07
N LYS D 3407 -54.63 -10.04 35.45
CA LYS D 3407 -55.88 -9.67 34.79
C LYS D 3407 -56.29 -8.24 35.13
N LEU D 3408 -55.93 -7.78 36.33
CA LEU D 3408 -56.20 -6.39 36.69
C LEU D 3408 -55.44 -5.42 35.79
N GLY D 3409 -54.18 -5.72 35.50
CA GLY D 3409 -53.41 -4.87 34.62
C GLY D 3409 -53.92 -4.85 33.19
N ILE D 3410 -54.35 -6.01 32.69
CA ILE D 3410 -54.86 -6.09 31.32
C ILE D 3410 -56.12 -5.24 31.17
N SER D 3411 -57.01 -5.29 32.16
CA SER D 3411 -58.24 -4.49 32.09
C SER D 3411 -57.92 -3.01 32.05
N ILE D 3412 -56.97 -2.55 32.86
CA ILE D 3412 -56.56 -1.15 32.83
C ILE D 3412 -55.85 -0.82 31.52
N LEU D 3413 -55.05 -1.74 31.01
CA LEU D 3413 -54.31 -1.54 29.77
C LEU D 3413 -55.09 -1.98 28.54
N ASN D 3414 -56.35 -2.36 28.68
CA ASN D 3414 -57.15 -2.78 27.55
C ASN D 3414 -57.35 -1.64 26.57
N GLY D 3415 -57.29 -1.94 25.28
CA GLY D 3415 -57.43 -0.92 24.26
C GLY D 3415 -56.23 0.00 24.20
N GLY D 3416 -56.46 1.22 23.71
CA GLY D 3416 -55.42 2.22 23.61
C GLY D 3416 -55.44 3.15 24.81
N ASN D 3417 -54.33 3.14 25.56
CA ASN D 3417 -54.19 3.96 26.77
C ASN D 3417 -52.84 4.65 26.72
N ALA D 3418 -52.81 5.83 26.10
CA ALA D 3418 -51.56 6.59 26.03
C ALA D 3418 -51.11 7.08 27.39
N ASP D 3419 -52.05 7.53 28.23
CA ASP D 3419 -51.70 8.05 29.55
C ASP D 3419 -51.27 6.92 30.50
N VAL D 3420 -51.97 5.78 30.45
CA VAL D 3420 -51.66 4.69 31.36
C VAL D 3420 -50.30 4.07 31.04
N GLN D 3421 -50.03 3.83 29.76
CA GLN D 3421 -48.73 3.26 29.38
C GLN D 3421 -47.58 4.21 29.70
N GLN D 3422 -47.83 5.53 29.64
CA GLN D 3422 -46.79 6.48 30.00
C GLN D 3422 -46.41 6.35 31.47
N LYS D 3423 -47.40 6.18 32.35
CA LYS D 3423 -47.12 6.03 33.78
C LYS D 3423 -46.41 4.72 34.10
N MET D 3424 -46.56 3.70 33.24
CA MET D 3424 -45.88 2.44 33.46
C MET D 3424 -44.39 2.54 33.12
N LEU D 3425 -44.02 3.46 32.24
CA LEU D 3425 -42.63 3.57 31.80
C LEU D 3425 -41.78 4.32 32.81
N ASP D 3426 -42.19 5.55 33.15
CA ASP D 3426 -41.40 6.37 34.06
C ASP D 3426 -41.36 5.81 35.48
N TYR D 3427 -42.34 5.00 35.86
CA TYR D 3427 -42.32 4.41 37.19
C TYR D 3427 -41.14 3.46 37.37
N LEU D 3428 -40.82 2.69 36.34
CA LEU D 3428 -39.72 1.73 36.42
C LEU D 3428 -38.36 2.37 36.19
N LYS D 3429 -38.31 3.63 35.76
CA LYS D 3429 -37.02 4.28 35.49
C LYS D 3429 -36.42 4.85 36.77
N ASP D 3430 -37.14 5.74 37.44
CA ASP D 3430 -36.62 6.35 38.66
C ASP D 3430 -36.50 5.36 39.81
N LYS D 3431 -37.37 4.35 39.85
CA LYS D 3431 -37.29 3.34 40.90
C LYS D 3431 -36.01 2.53 40.79
N LYS D 3432 -35.59 2.20 39.57
CA LYS D 3432 -34.37 1.43 39.32
C LYS D 3432 -34.40 0.09 40.06
N GLU D 3433 -35.52 -0.63 39.91
CA GLU D 3433 -35.72 -1.91 40.56
C GLU D 3433 -35.78 -3.01 39.49
N VAL D 3434 -35.10 -4.12 39.77
CA VAL D 3434 -35.05 -5.25 38.83
C VAL D 3434 -36.06 -6.33 39.18
N GLY D 3435 -36.91 -6.11 40.18
CA GLY D 3435 -37.87 -7.13 40.59
C GLY D 3435 -38.98 -7.37 39.58
N PHE D 3436 -39.29 -6.38 38.76
CA PHE D 3436 -40.36 -6.55 37.77
C PHE D 3436 -39.93 -7.51 36.67
N PHE D 3437 -38.73 -7.33 36.11
CA PHE D 3437 -38.27 -8.18 35.02
C PHE D 3437 -37.77 -9.53 35.52
N GLN D 3438 -37.35 -9.63 36.78
CA GLN D 3438 -36.90 -10.92 37.32
C GLN D 3438 -38.06 -11.90 37.48
N SER D 3439 -39.28 -11.41 37.70
CA SER D 3439 -40.44 -12.28 37.85
C SER D 3439 -41.06 -12.68 36.52
N ILE D 3440 -41.04 -11.78 35.53
CA ILE D 3440 -41.62 -12.09 34.23
C ILE D 3440 -40.87 -13.24 33.56
N GLN D 3441 -39.53 -13.21 33.63
CA GLN D 3441 -38.74 -14.27 33.03
C GLN D 3441 -39.01 -15.61 33.71
N ALA D 3442 -39.13 -15.61 35.04
CA ALA D 3442 -39.38 -16.85 35.77
C ALA D 3442 -40.76 -17.42 35.45
N LEU D 3443 -41.77 -16.57 35.33
CA LEU D 3443 -43.11 -17.04 34.98
C LEU D 3443 -43.11 -17.70 33.61
N MET D 3444 -42.43 -17.08 32.64
CA MET D 3444 -42.39 -17.60 31.29
C MET D 3444 -41.43 -18.78 31.14
N GLN D 3445 -40.47 -18.92 32.05
CA GLN D 3445 -39.53 -20.04 31.97
C GLN D 3445 -40.21 -21.37 32.28
N THR D 3446 -41.20 -21.36 33.17
CA THR D 3446 -41.96 -22.57 33.49
C THR D 3446 -43.41 -22.38 33.06
N CYS D 3447 -43.81 -23.15 32.04
CA CYS D 3447 -45.17 -23.09 31.51
C CYS D 3447 -45.54 -24.48 31.02
N SER D 3448 -46.80 -24.86 31.25
CA SER D 3448 -47.26 -26.18 30.84
C SER D 3448 -47.40 -26.24 29.32
N VAL D 3449 -46.86 -27.30 28.73
CA VAL D 3449 -46.97 -27.54 27.30
C VAL D 3449 -47.67 -28.87 27.08
N LEU D 3450 -48.13 -29.10 25.85
CA LEU D 3450 -48.86 -30.32 25.51
C LEU D 3450 -47.88 -31.49 25.52
N ASP D 3451 -48.08 -32.42 26.44
CA ASP D 3451 -47.23 -33.61 26.56
C ASP D 3451 -47.98 -34.83 26.05
N LEU D 3452 -47.33 -35.60 25.18
CA LEU D 3452 -47.98 -36.79 24.63
C LEU D 3452 -48.22 -37.85 25.71
N ASN D 3453 -47.30 -37.96 26.68
CA ASN D 3453 -47.49 -38.93 27.76
C ASN D 3453 -48.63 -38.52 28.68
N ALA D 3454 -48.80 -37.22 28.92
CA ALA D 3454 -49.89 -36.75 29.76
C ALA D 3454 -51.25 -37.06 29.15
N PHE D 3455 -51.38 -36.86 27.83
CA PHE D 3455 -52.64 -37.16 27.17
C PHE D 3455 -52.91 -38.65 27.09
N GLU D 3456 -51.85 -39.46 26.92
CA GLU D 3456 -52.03 -40.91 26.87
C GLU D 3456 -52.57 -41.44 28.19
N ARG D 3457 -52.06 -40.93 29.32
CA ARG D 3457 -52.60 -41.32 30.62
C ARG D 3457 -54.02 -40.80 30.80
N GLN D 3458 -54.34 -39.63 30.23
CA GLN D 3458 -55.70 -39.12 30.32
C GLN D 3458 -56.68 -40.02 29.59
N ASN D 3459 -56.37 -40.40 28.35
CA ASN D 3459 -57.26 -41.26 27.58
C ASN D 3459 -57.41 -42.64 28.20
N LYS D 3460 -56.30 -43.22 28.68
CA LYS D 3460 -56.38 -44.56 29.28
C LYS D 3460 -57.21 -44.57 30.55
N ALA D 3461 -57.06 -43.53 31.38
CA ALA D 3461 -57.85 -43.44 32.60
C ALA D 3461 -59.34 -43.22 32.33
N GLU D 3462 -59.68 -42.60 31.20
CA GLU D 3462 -61.08 -42.38 30.86
C GLU D 3462 -61.81 -43.70 30.62
N GLY D 3463 -61.17 -44.64 29.95
CA GLY D 3463 -61.78 -45.93 29.67
C GLY D 3463 -61.87 -46.83 30.89
N GLU D 3480 -58.22 -31.53 32.05
CA GLU D 3480 -57.58 -30.58 32.95
C GLU D 3480 -56.17 -31.03 33.31
N LYS D 3481 -55.85 -32.28 32.95
CA LYS D 3481 -54.53 -32.85 33.24
C LYS D 3481 -53.61 -32.84 32.03
N VAL D 3482 -54.12 -32.56 30.84
CA VAL D 3482 -53.26 -32.51 29.66
C VAL D 3482 -52.28 -31.33 29.75
N MET D 3483 -52.74 -30.18 30.23
CA MET D 3483 -51.90 -29.00 30.41
C MET D 3483 -52.62 -28.02 31.32
N ALA D 3484 -51.84 -27.29 32.10
CA ALA D 3484 -52.37 -26.32 33.05
C ALA D 3484 -52.05 -24.91 32.58
N ASP D 3485 -52.50 -23.93 33.39
CA ASP D 3485 -52.32 -22.52 33.09
C ASP D 3485 -52.89 -22.15 31.71
N ASP D 3486 -54.14 -22.56 31.50
CA ASP D 3486 -54.75 -22.39 30.19
C ASP D 3486 -55.02 -20.92 29.87
N GLU D 3487 -55.85 -20.27 30.70
CA GLU D 3487 -56.12 -18.85 30.51
C GLU D 3487 -54.99 -17.98 31.06
N PHE D 3488 -54.18 -18.51 31.97
CA PHE D 3488 -53.07 -17.75 32.53
C PHE D 3488 -52.00 -17.45 31.48
N THR D 3489 -51.68 -18.43 30.63
CA THR D 3489 -50.68 -18.22 29.59
C THR D 3489 -51.17 -17.22 28.55
N GLN D 3490 -52.46 -17.29 28.18
CA GLN D 3490 -53.02 -16.32 27.23
C GLN D 3490 -52.99 -14.90 27.77
N ASP D 3491 -52.98 -14.73 29.08
CA ASP D 3491 -52.95 -13.40 29.69
C ASP D 3491 -51.54 -12.89 29.93
N LEU D 3492 -50.57 -13.79 30.14
CA LEU D 3492 -49.19 -13.35 30.37
C LEU D 3492 -48.62 -12.65 29.13
N PHE D 3493 -48.83 -13.25 27.95
CA PHE D 3493 -48.37 -12.63 26.72
C PHE D 3493 -49.22 -11.43 26.32
N ARG D 3494 -50.52 -11.47 26.63
CA ARG D 3494 -51.38 -10.34 26.31
C ARG D 3494 -51.01 -9.11 27.13
N PHE D 3495 -50.61 -9.30 28.39
CA PHE D 3495 -50.19 -8.16 29.22
C PHE D 3495 -48.98 -7.46 28.62
N LEU D 3496 -48.01 -8.22 28.12
CA LEU D 3496 -46.85 -7.64 27.47
C LEU D 3496 -47.19 -7.05 26.11
N GLN D 3497 -48.20 -7.60 25.43
CA GLN D 3497 -48.58 -7.08 24.12
C GLN D 3497 -49.21 -5.69 24.23
N LEU D 3498 -50.12 -5.51 25.17
CA LEU D 3498 -50.76 -4.21 25.37
C LEU D 3498 -49.80 -3.14 25.89
N LEU D 3499 -48.64 -3.55 26.42
CA LEU D 3499 -47.65 -2.56 26.84
C LEU D 3499 -47.10 -1.78 25.67
N CYS D 3500 -47.03 -2.41 24.49
CA CYS D 3500 -46.48 -1.79 23.29
C CYS D 3500 -47.52 -1.69 22.17
N GLU D 3501 -48.80 -1.67 22.53
CA GLU D 3501 -49.85 -1.62 21.53
C GLU D 3501 -49.99 -0.25 20.89
N GLY D 3502 -49.65 0.81 21.60
CA GLY D 3502 -49.81 2.17 21.13
C GLY D 3502 -48.66 2.74 20.34
N HIS D 3503 -47.66 1.91 19.99
CA HIS D 3503 -46.48 2.36 19.25
C HIS D 3503 -45.75 3.48 20.02
N ASN D 3504 -45.31 3.13 21.24
CA ASN D 3504 -44.68 4.13 22.09
C ASN D 3504 -43.32 4.56 21.56
N ASN D 3505 -42.64 3.68 20.81
CA ASN D 3505 -41.34 3.91 20.19
C ASN D 3505 -40.21 4.01 21.22
N ASP D 3506 -40.51 3.96 22.51
CA ASP D 3506 -39.48 4.04 23.54
C ASP D 3506 -39.61 2.89 24.53
N PHE D 3507 -40.84 2.42 24.75
CA PHE D 3507 -41.04 1.29 25.66
C PHE D 3507 -40.51 0.00 25.06
N GLN D 3508 -40.53 -0.13 23.73
CA GLN D 3508 -39.98 -1.31 23.08
C GLN D 3508 -38.48 -1.42 23.35
N ASN D 3509 -37.76 -0.31 23.26
CA ASN D 3509 -36.34 -0.31 23.58
C ASN D 3509 -36.08 -0.64 25.04
N TYR D 3510 -36.90 -0.08 25.94
CA TYR D 3510 -36.76 -0.38 27.36
C TYR D 3510 -37.07 -1.84 27.65
N LEU D 3511 -38.01 -2.43 26.92
CA LEU D 3511 -38.32 -3.85 27.10
C LEU D 3511 -37.15 -4.73 26.70
N ARG D 3512 -36.44 -4.38 25.62
CA ARG D 3512 -35.32 -5.19 25.16
C ARG D 3512 -34.10 -5.04 26.06
N THR D 3513 -33.78 -3.81 26.48
CA THR D 3513 -32.59 -3.56 27.26
C THR D 3513 -32.85 -2.41 28.22
N GLN D 3514 -32.41 -2.57 29.47
CA GLN D 3514 -32.56 -1.57 30.50
C GLN D 3514 -31.22 -0.91 30.79
N THR D 3515 -31.23 0.41 30.93
CA THR D 3515 -30.01 1.17 31.18
C THR D 3515 -29.83 1.56 32.64
N GLY D 3516 -30.89 2.03 33.30
CA GLY D 3516 -30.77 2.45 34.69
C GLY D 3516 -30.59 1.28 35.65
N ASN D 3517 -31.09 0.11 35.29
CA ASN D 3517 -30.97 -1.05 36.16
C ASN D 3517 -29.54 -1.57 36.18
N THR D 3518 -29.17 -2.17 37.31
CA THR D 3518 -27.81 -2.69 37.45
C THR D 3518 -27.59 -3.93 36.60
N THR D 3519 -28.66 -4.64 36.23
CA THR D 3519 -28.57 -5.82 35.39
C THR D 3519 -29.58 -5.71 34.27
N THR D 3520 -29.25 -6.29 33.12
CA THR D 3520 -30.10 -6.27 31.94
C THR D 3520 -30.75 -7.64 31.76
N ILE D 3521 -32.07 -7.67 31.75
CA ILE D 3521 -32.85 -8.88 31.52
C ILE D 3521 -33.70 -8.63 30.28
N ASN D 3522 -33.48 -9.43 29.25
CA ASN D 3522 -34.17 -9.24 27.98
C ASN D 3522 -35.40 -10.13 27.90
N ILE D 3523 -36.53 -9.54 27.54
CA ILE D 3523 -37.75 -10.30 27.31
C ILE D 3523 -37.92 -10.66 25.84
N ILE D 3524 -37.28 -9.91 24.92
CA ILE D 3524 -37.42 -10.18 23.50
C ILE D 3524 -36.92 -11.58 23.16
N ILE D 3525 -35.73 -11.93 23.62
CA ILE D 3525 -35.11 -13.19 23.22
C ILE D 3525 -35.79 -14.38 23.88
N CYS D 3526 -36.12 -14.29 25.17
CA CYS D 3526 -36.70 -15.42 25.88
C CYS D 3526 -38.14 -15.69 25.48
N THR D 3527 -38.80 -14.74 24.82
CA THR D 3527 -40.13 -15.00 24.27
C THR D 3527 -40.07 -16.06 23.19
N VAL D 3528 -39.03 -16.02 22.35
CA VAL D 3528 -38.85 -17.05 21.34
C VAL D 3528 -38.51 -18.38 21.99
N ASP D 3529 -37.87 -18.36 23.17
CA ASP D 3529 -37.52 -19.59 23.86
C ASP D 3529 -38.76 -20.41 24.20
N TYR D 3530 -39.81 -19.74 24.70
CA TYR D 3530 -41.07 -20.43 24.94
C TYR D 3530 -41.69 -20.92 23.64
N LEU D 3531 -41.60 -20.12 22.57
CA LEU D 3531 -42.16 -20.52 21.29
C LEU D 3531 -41.47 -21.77 20.75
N LEU D 3532 -40.15 -21.85 20.89
CA LEU D 3532 -39.43 -23.05 20.46
C LEU D 3532 -39.85 -24.26 21.26
N ARG D 3533 -39.99 -24.11 22.59
CA ARG D 3533 -40.44 -25.22 23.42
C ARG D 3533 -41.86 -25.64 23.05
N LEU D 3534 -42.68 -24.71 22.57
CA LEU D 3534 -44.00 -25.04 22.05
C LEU D 3534 -43.91 -25.72 20.69
N GLN D 3535 -42.89 -25.41 19.91
CA GLN D 3535 -42.73 -26.03 18.59
C GLN D 3535 -42.58 -27.54 18.70
N GLU D 3536 -41.78 -28.01 19.65
CA GLU D 3536 -41.63 -29.45 19.84
C GLU D 3536 -42.92 -30.09 20.34
N SER D 3537 -43.63 -29.41 21.24
CA SER D 3537 -44.84 -29.99 21.79
C SER D 3537 -45.87 -30.25 20.70
N ILE D 3538 -46.02 -29.31 19.76
CA ILE D 3538 -46.91 -29.52 18.63
C ILE D 3538 -46.31 -30.54 17.66
N SER D 3539 -44.99 -30.47 17.42
CA SER D 3539 -44.37 -31.36 16.45
C SER D 3539 -44.48 -32.82 16.88
N ASP D 3540 -44.13 -33.13 18.13
CA ASP D 3540 -44.25 -34.50 18.61
C ASP D 3540 -45.70 -34.93 18.81
N PHE D 3541 -46.63 -33.98 18.89
CA PHE D 3541 -48.04 -34.31 19.07
C PHE D 3541 -48.69 -34.79 17.78
N TYR D 3542 -48.04 -34.54 16.63
CA TYR D 3542 -48.55 -34.98 15.34
C TYR D 3542 -48.04 -36.35 14.94
N TRP D 3543 -46.75 -36.63 15.19
CA TRP D 3543 -46.21 -37.92 14.76
C TRP D 3543 -46.84 -39.06 15.54
N TYR D 3544 -47.40 -38.79 16.71
CA TYR D 3544 -48.21 -39.78 17.41
C TYR D 3544 -49.56 -39.97 16.73
N TYR D 3545 -50.09 -38.91 16.12
CA TYR D 3545 -51.33 -38.99 15.34
C TYR D 3545 -51.09 -39.30 13.88
N SER D 3546 -49.84 -39.35 13.42
CA SER D 3546 -49.56 -39.63 12.02
C SER D 3546 -50.04 -41.03 11.63
N GLY D 3547 -49.79 -42.02 12.48
CA GLY D 3547 -50.26 -43.36 12.22
C GLY D 3547 -51.77 -43.48 12.28
N LYS D 3548 -52.41 -42.77 13.21
CA LYS D 3548 -53.85 -42.84 13.36
C LYS D 3548 -54.54 -42.19 12.16
N ASP D 3549 -55.72 -42.72 11.82
CA ASP D 3549 -56.46 -42.21 10.68
C ASP D 3549 -57.29 -40.98 11.05
N VAL D 3550 -57.98 -41.02 12.18
CA VAL D 3550 -58.85 -39.94 12.62
C VAL D 3550 -58.48 -39.57 14.05
N ILE D 3551 -58.34 -38.27 14.31
CA ILE D 3551 -58.05 -37.78 15.65
C ILE D 3551 -59.33 -37.85 16.48
N GLU D 3552 -59.23 -38.44 17.67
CA GLU D 3552 -60.38 -38.58 18.54
C GLU D 3552 -60.85 -37.22 19.04
N GLU D 3553 -62.11 -37.18 19.52
CA GLU D 3553 -62.68 -35.93 20.01
C GLU D 3553 -61.94 -35.42 21.24
N GLN D 3554 -61.39 -36.32 22.06
CA GLN D 3554 -60.64 -35.89 23.23
C GLN D 3554 -59.38 -35.12 22.83
N GLY D 3555 -58.68 -35.60 21.80
CA GLY D 3555 -57.49 -34.93 21.34
C GLY D 3555 -57.77 -33.80 20.37
N LYS D 3556 -58.96 -33.81 19.76
CA LYS D 3556 -59.33 -32.74 18.84
C LYS D 3556 -59.50 -31.41 19.56
N ARG D 3557 -60.09 -31.43 20.76
CA ARG D 3557 -60.28 -30.19 21.52
C ARG D 3557 -58.96 -29.62 22.02
N ASN D 3558 -57.91 -30.43 22.08
CA ASN D 3558 -56.62 -29.92 22.52
C ASN D 3558 -56.01 -28.97 21.51
N PHE D 3559 -56.24 -29.20 20.21
CA PHE D 3559 -55.67 -28.35 19.18
C PHE D 3559 -56.23 -26.94 19.26
N SER D 3560 -57.55 -26.81 19.37
CA SER D 3560 -58.17 -25.49 19.42
C SER D 3560 -57.63 -24.66 20.59
N LYS D 3561 -57.34 -25.31 21.71
CA LYS D 3561 -56.72 -24.63 22.84
C LYS D 3561 -55.23 -24.40 22.60
N ALA D 3562 -54.56 -25.34 21.93
CA ALA D 3562 -53.13 -25.19 21.66
C ALA D 3562 -52.87 -24.11 20.60
N MET D 3563 -53.68 -24.06 19.55
CA MET D 3563 -53.48 -23.06 18.51
C MET D 3563 -53.90 -21.67 18.97
N SER D 3564 -54.75 -21.57 19.99
CA SER D 3564 -55.16 -20.26 20.49
C SER D 3564 -54.05 -19.59 21.30
N VAL D 3565 -53.36 -20.35 22.15
CA VAL D 3565 -52.29 -19.76 22.95
C VAL D 3565 -51.11 -19.36 22.08
N ALA D 3566 -50.84 -20.14 21.02
CA ALA D 3566 -49.77 -19.77 20.09
C ALA D 3566 -50.13 -18.57 19.24
N LYS D 3567 -51.43 -18.35 18.98
CA LYS D 3567 -51.85 -17.17 18.24
C LYS D 3567 -51.54 -15.89 19.00
N GLN D 3568 -51.77 -15.89 20.32
CA GLN D 3568 -51.47 -14.72 21.14
C GLN D 3568 -49.97 -14.45 21.19
N VAL D 3569 -49.15 -15.50 21.25
CA VAL D 3569 -47.71 -15.32 21.23
C VAL D 3569 -47.27 -14.69 19.91
N PHE D 3570 -47.86 -15.15 18.80
CA PHE D 3570 -47.54 -14.59 17.49
C PHE D 3570 -47.91 -13.11 17.40
N ASN D 3571 -49.07 -12.74 17.92
CA ASN D 3571 -49.46 -11.33 17.92
C ASN D 3571 -48.56 -10.52 18.85
N SER D 3572 -48.16 -11.10 19.97
CA SER D 3572 -47.25 -10.41 20.89
C SER D 3572 -45.91 -10.13 20.24
N LEU D 3573 -45.39 -11.08 19.47
CA LEU D 3573 -44.12 -10.87 18.78
C LEU D 3573 -44.26 -9.82 17.68
N THR D 3574 -45.46 -9.65 17.11
CA THR D 3574 -45.65 -8.67 16.06
C THR D 3574 -45.57 -7.25 16.60
N GLU D 3575 -46.26 -6.97 17.71
CA GLU D 3575 -46.20 -5.66 18.32
C GLU D 3575 -44.82 -5.35 18.89
N TYR D 3576 -44.02 -6.38 19.17
CA TYR D 3576 -42.66 -6.16 19.63
C TYR D 3576 -41.82 -5.48 18.56
N ILE D 3577 -42.08 -5.79 17.30
CA ILE D 3577 -41.32 -5.29 16.16
C ILE D 3577 -42.23 -4.59 15.15
N GLN D 3578 -43.44 -4.20 15.57
CA GLN D 3578 -44.34 -3.49 14.67
C GLN D 3578 -43.77 -2.15 14.25
N GLY D 3579 -43.21 -1.40 15.20
CA GLY D 3579 -42.59 -0.14 14.90
C GLY D 3579 -41.23 -0.33 14.23
N PRO D 3580 -40.77 0.70 13.51
CA PRO D 3580 -39.46 0.60 12.86
C PRO D 3580 -38.31 0.63 13.87
N CYS D 3581 -38.16 -0.45 14.62
CA CYS D 3581 -37.15 -0.54 15.67
C CYS D 3581 -35.97 -1.36 15.15
N THR D 3582 -34.80 -0.73 15.05
CA THR D 3582 -33.61 -1.45 14.62
C THR D 3582 -33.16 -2.45 15.67
N GLY D 3583 -33.16 -2.07 16.94
CA GLY D 3583 -32.70 -2.96 17.99
C GLY D 3583 -33.54 -4.21 18.12
N ASN D 3584 -34.87 -4.07 18.02
CA ASN D 3584 -35.74 -5.24 18.11
C ASN D 3584 -35.61 -6.14 16.90
N GLN D 3585 -35.48 -5.55 15.71
CA GLN D 3585 -35.37 -6.35 14.49
C GLN D 3585 -34.03 -7.08 14.42
N GLN D 3586 -32.95 -6.41 14.83
CA GLN D 3586 -31.64 -7.07 14.85
C GLN D 3586 -31.60 -8.22 15.84
N SER D 3587 -32.24 -8.05 17.01
CA SER D 3587 -32.23 -9.11 18.01
C SER D 3587 -32.91 -10.37 17.50
N LEU D 3588 -34.08 -10.23 16.87
CA LEU D 3588 -34.80 -11.40 16.39
C LEU D 3588 -34.06 -12.11 15.25
N ALA D 3589 -33.41 -11.35 14.37
CA ALA D 3589 -32.63 -11.97 13.30
C ALA D 3589 -31.49 -12.80 13.86
N HIS D 3590 -30.77 -12.27 14.85
CA HIS D 3590 -29.74 -13.03 15.54
C HIS D 3590 -30.32 -13.95 16.62
N SER D 3591 -31.61 -13.85 16.92
CA SER D 3591 -32.23 -14.73 17.88
C SER D 3591 -32.44 -16.11 17.25
N ARG D 3592 -33.13 -16.98 17.95
CA ARG D 3592 -33.30 -18.36 17.53
C ARG D 3592 -34.63 -18.61 16.86
N LEU D 3593 -35.18 -17.58 16.21
CA LEU D 3593 -36.47 -17.69 15.55
C LEU D 3593 -36.39 -18.50 14.25
N TRP D 3594 -35.25 -18.43 13.55
CA TRP D 3594 -35.14 -19.08 12.25
C TRP D 3594 -35.20 -20.60 12.36
N ASP D 3595 -34.81 -21.15 13.51
CA ASP D 3595 -34.99 -22.58 13.74
C ASP D 3595 -36.43 -22.93 14.06
N ALA D 3596 -37.13 -22.07 14.81
CA ALA D 3596 -38.54 -22.33 15.10
C ALA D 3596 -39.39 -22.30 13.84
N VAL D 3597 -39.15 -21.31 12.96
CA VAL D 3597 -40.03 -21.13 11.82
C VAL D 3597 -39.92 -22.29 10.82
N VAL D 3598 -38.73 -22.85 10.62
CA VAL D 3598 -38.58 -23.94 9.66
C VAL D 3598 -39.23 -25.22 10.18
N GLY D 3599 -39.06 -25.52 11.47
CA GLY D 3599 -39.74 -26.65 12.07
C GLY D 3599 -41.21 -26.41 12.32
N PHE D 3600 -41.61 -25.15 12.44
CA PHE D 3600 -43.02 -24.82 12.59
C PHE D 3600 -43.78 -25.08 11.31
N LEU D 3601 -43.23 -24.67 10.17
CA LEU D 3601 -43.88 -24.90 8.87
C LEU D 3601 -43.92 -26.38 8.48
N HIS D 3602 -42.96 -27.16 8.98
CA HIS D 3602 -42.90 -28.57 8.60
C HIS D 3602 -44.13 -29.33 9.08
N VAL D 3603 -44.59 -29.03 10.29
CA VAL D 3603 -45.71 -29.76 10.85
C VAL D 3603 -47.02 -29.47 10.13
N PHE D 3604 -47.24 -28.24 9.64
CA PHE D 3604 -48.48 -27.98 8.91
C PHE D 3604 -48.49 -28.60 7.52
N ALA D 3605 -47.34 -28.68 6.85
CA ALA D 3605 -47.32 -29.24 5.50
C ALA D 3605 -47.97 -30.62 5.45
N HIS D 3606 -48.02 -31.32 6.57
CA HIS D 3606 -48.76 -32.56 6.69
C HIS D 3606 -50.08 -32.40 7.47
N MET D 3607 -50.40 -31.19 7.91
CA MET D 3607 -51.64 -30.95 8.65
C MET D 3607 -52.86 -30.95 7.73
N MET D 3608 -52.93 -29.98 6.82
CA MET D 3608 -54.16 -29.79 6.06
C MET D 3608 -54.45 -30.93 5.10
N MET D 3609 -53.48 -31.80 4.85
CA MET D 3609 -53.76 -32.96 4.00
C MET D 3609 -54.70 -33.95 4.68
N LYS D 3610 -54.75 -33.94 6.01
CA LYS D 3610 -55.61 -34.88 6.72
C LYS D 3610 -56.98 -34.29 7.01
N LEU D 3611 -57.02 -33.08 7.59
CA LEU D 3611 -58.29 -32.48 7.97
C LEU D 3611 -59.18 -32.18 6.77
N ALA D 3612 -58.60 -31.94 5.59
CA ALA D 3612 -59.40 -31.73 4.39
C ALA D 3612 -60.09 -33.00 3.92
N GLN D 3613 -59.54 -34.17 4.25
CA GLN D 3613 -60.17 -35.43 3.85
C GLN D 3613 -61.49 -35.65 4.58
N ASP D 3614 -61.54 -35.31 5.87
CA ASP D 3614 -62.73 -35.53 6.67
C ASP D 3614 -63.60 -34.28 6.68
N SER D 3615 -64.92 -34.50 6.60
CA SER D 3615 -65.89 -33.43 6.62
C SER D 3615 -66.41 -33.08 8.00
N SER D 3616 -66.02 -33.84 9.03
CA SER D 3616 -66.49 -33.58 10.39
C SER D 3616 -65.56 -32.66 11.18
N GLN D 3617 -64.30 -32.54 10.77
CA GLN D 3617 -63.32 -31.70 11.45
C GLN D 3617 -62.96 -30.47 10.62
N ILE D 3618 -63.94 -29.95 9.85
CA ILE D 3618 -63.70 -28.76 9.06
C ILE D 3618 -63.52 -27.53 9.93
N GLU D 3619 -64.17 -27.49 11.10
CA GLU D 3619 -64.02 -26.35 11.99
C GLU D 3619 -62.65 -26.32 12.66
N LEU D 3620 -62.06 -27.49 12.92
CA LEU D 3620 -60.70 -27.53 13.45
C LEU D 3620 -59.69 -27.00 12.44
N LEU D 3621 -59.95 -27.19 11.14
CA LEU D 3621 -59.07 -26.65 10.13
C LEU D 3621 -59.13 -25.12 10.10
N LYS D 3622 -60.25 -24.53 10.53
CA LYS D 3622 -60.36 -23.08 10.52
C LYS D 3622 -59.33 -22.44 11.43
N GLU D 3623 -59.26 -22.86 12.69
CA GLU D 3623 -58.28 -22.31 13.62
C GLU D 3623 -56.85 -22.58 13.18
N LEU D 3624 -56.63 -23.59 12.35
CA LEU D 3624 -55.30 -23.83 11.81
C LEU D 3624 -54.87 -22.70 10.89
N LEU D 3625 -55.77 -22.22 10.04
CA LEU D 3625 -55.43 -21.15 9.10
C LEU D 3625 -55.25 -19.79 9.77
N ASP D 3626 -56.05 -19.49 10.80
CA ASP D 3626 -55.88 -18.21 11.49
C ASP D 3626 -54.53 -18.12 12.17
N LEU D 3627 -54.05 -19.23 12.76
CA LEU D 3627 -52.72 -19.20 13.37
C LEU D 3627 -51.63 -19.02 12.31
N GLN D 3628 -51.73 -19.75 11.20
CA GLN D 3628 -50.74 -19.60 10.13
C GLN D 3628 -50.86 -18.23 9.48
N LYS D 3629 -52.03 -17.60 9.58
CA LYS D 3629 -52.19 -16.22 9.14
C LYS D 3629 -51.27 -15.29 9.90
N ASP D 3630 -51.19 -15.45 11.23
CA ASP D 3630 -50.33 -14.61 12.05
C ASP D 3630 -48.85 -14.85 11.79
N MET D 3631 -48.50 -15.93 11.10
CA MET D 3631 -47.09 -16.27 10.90
C MET D 3631 -46.48 -15.47 9.75
N VAL D 3632 -47.21 -15.34 8.64
CA VAL D 3632 -46.69 -14.58 7.50
C VAL D 3632 -46.62 -13.09 7.83
N VAL D 3633 -47.61 -12.56 8.54
CA VAL D 3633 -47.60 -11.15 8.92
C VAL D 3633 -46.45 -10.86 9.86
N MET D 3634 -46.16 -11.79 10.78
CA MET D 3634 -45.03 -11.62 11.69
C MET D 3634 -43.71 -11.53 10.91
N LEU D 3635 -43.53 -12.38 9.91
CA LEU D 3635 -42.35 -12.27 9.07
C LEU D 3635 -42.38 -11.01 8.22
N LEU D 3636 -43.56 -10.57 7.79
CA LEU D 3636 -43.67 -9.27 7.13
C LEU D 3636 -43.27 -8.14 8.07
N SER D 3637 -43.67 -8.23 9.34
CA SER D 3637 -43.27 -7.22 10.32
C SER D 3637 -41.77 -7.28 10.59
N LEU D 3638 -41.18 -8.49 10.54
CA LEU D 3638 -39.73 -8.60 10.72
C LEU D 3638 -39.00 -8.01 9.52
N LEU D 3639 -39.43 -8.35 8.31
CA LEU D 3639 -38.86 -7.77 7.10
C LEU D 3639 -39.61 -6.50 6.71
N GLU D 3640 -39.63 -5.55 7.65
CA GLU D 3640 -40.33 -4.29 7.44
C GLU D 3640 -39.38 -3.22 6.91
N GLY D 3641 -38.33 -2.91 7.65
CA GLY D 3641 -37.32 -1.97 7.19
C GLY D 3641 -35.98 -2.65 6.99
N ASN D 3642 -35.55 -2.78 5.73
CA ASN D 3642 -34.34 -3.51 5.44
C ASN D 3642 -33.66 -2.91 4.23
N VAL D 3643 -32.34 -3.09 4.16
CA VAL D 3643 -31.53 -2.68 3.03
C VAL D 3643 -31.45 -3.84 2.05
N VAL D 3644 -31.25 -3.53 0.76
CA VAL D 3644 -31.19 -4.57 -0.27
C VAL D 3644 -30.09 -5.57 0.02
N ASN D 3645 -29.05 -5.16 0.76
CA ASN D 3645 -27.97 -6.05 1.17
C ASN D 3645 -28.00 -6.33 2.67
N GLY D 3646 -29.18 -6.29 3.27
CA GLY D 3646 -29.30 -6.50 4.70
C GLY D 3646 -29.15 -7.95 5.09
N MET D 3647 -28.82 -8.17 6.36
CA MET D 3647 -28.62 -9.51 6.88
C MET D 3647 -29.93 -10.25 7.12
N ILE D 3648 -30.99 -9.53 7.49
CA ILE D 3648 -32.27 -10.16 7.78
C ILE D 3648 -32.81 -10.87 6.54
N ALA D 3649 -32.70 -10.22 5.38
CA ALA D 3649 -33.13 -10.86 4.13
C ALA D 3649 -32.30 -12.09 3.82
N ARG D 3650 -30.99 -12.03 4.07
CA ARG D 3650 -30.12 -13.18 3.82
C ARG D 3650 -30.41 -14.31 4.79
N GLN D 3651 -30.87 -14.01 6.00
CA GLN D 3651 -31.33 -15.07 6.89
C GLN D 3651 -32.67 -15.63 6.43
N MET D 3652 -33.46 -14.81 5.73
CA MET D 3652 -34.79 -15.26 5.30
C MET D 3652 -34.69 -16.21 4.11
N VAL D 3653 -33.75 -15.97 3.21
CA VAL D 3653 -33.60 -16.83 2.04
C VAL D 3653 -33.11 -18.22 2.47
N ASP D 3654 -32.25 -18.27 3.49
CA ASP D 3654 -31.74 -19.56 3.95
C ASP D 3654 -32.83 -20.39 4.63
N MET D 3655 -33.86 -19.75 5.21
CA MET D 3655 -34.93 -20.51 5.85
C MET D 3655 -35.83 -21.17 4.82
N LEU D 3656 -36.07 -20.52 3.68
CA LEU D 3656 -36.87 -21.15 2.63
C LEU D 3656 -36.17 -22.35 2.01
N VAL D 3657 -34.85 -22.28 1.82
CA VAL D 3657 -34.12 -23.40 1.23
C VAL D 3657 -34.14 -24.60 2.17
N GLU D 3658 -34.06 -24.36 3.48
CA GLU D 3658 -34.13 -25.47 4.44
C GLU D 3658 -35.46 -26.19 4.37
N SER D 3659 -36.55 -25.45 4.22
CA SER D 3659 -37.90 -26.02 4.11
C SER D 3659 -38.41 -25.95 2.67
N SER D 3660 -37.51 -26.12 1.70
CA SER D 3660 -37.90 -26.02 0.30
C SER D 3660 -38.91 -27.10 -0.07
N SER D 3661 -38.69 -28.34 0.39
CA SER D 3661 -39.67 -29.39 0.14
C SER D 3661 -40.98 -29.11 0.86
N ASN D 3662 -40.91 -28.57 2.08
CA ASN D 3662 -42.13 -28.25 2.82
C ASN D 3662 -42.90 -27.11 2.17
N VAL D 3663 -42.22 -25.99 1.88
CA VAL D 3663 -42.93 -24.80 1.41
C VAL D 3663 -43.62 -25.07 0.07
N GLU D 3664 -43.08 -25.99 -0.73
CA GLU D 3664 -43.78 -26.42 -1.94
C GLU D 3664 -45.10 -27.08 -1.60
N MET D 3665 -45.15 -27.84 -0.51
CA MET D 3665 -46.40 -28.49 -0.11
C MET D 3665 -47.44 -27.45 0.32
N ILE D 3666 -47.02 -26.43 1.08
CA ILE D 3666 -47.93 -25.32 1.38
C ILE D 3666 -48.32 -24.60 0.09
N LEU D 3667 -47.34 -24.31 -0.76
CA LEU D 3667 -47.61 -23.54 -1.97
C LEU D 3667 -48.59 -24.25 -2.90
N LYS D 3668 -48.50 -25.57 -2.99
CA LYS D 3668 -49.40 -26.33 -3.86
C LYS D 3668 -50.74 -26.64 -3.23
N PHE D 3669 -50.88 -26.46 -1.91
CA PHE D 3669 -52.15 -26.81 -1.26
C PHE D 3669 -53.21 -25.77 -1.55
N PHE D 3670 -52.96 -24.50 -1.21
CA PHE D 3670 -53.94 -23.47 -1.48
C PHE D 3670 -54.03 -23.12 -2.96
N ASP D 3671 -53.11 -23.61 -3.78
CA ASP D 3671 -53.15 -23.31 -5.22
C ASP D 3671 -54.29 -24.06 -5.89
N MET D 3672 -54.33 -25.38 -5.73
CA MET D 3672 -55.36 -26.16 -6.41
C MET D 3672 -56.74 -25.91 -5.81
N PHE D 3673 -56.82 -25.54 -4.54
CA PHE D 3673 -58.07 -25.01 -4.00
C PHE D 3673 -58.42 -23.67 -4.64
N LEU D 3674 -57.43 -22.80 -4.85
CA LEU D 3674 -57.69 -21.53 -5.50
C LEU D 3674 -58.21 -21.73 -6.93
N LYS D 3675 -57.61 -22.67 -7.66
CA LYS D 3675 -58.12 -23.01 -8.99
C LYS D 3675 -59.49 -23.68 -8.91
N LEU D 3676 -59.73 -24.45 -7.83
CA LEU D 3676 -61.02 -25.14 -7.68
C LEU D 3676 -62.19 -24.16 -7.68
N LYS D 3677 -61.99 -22.96 -7.13
CA LYS D 3677 -63.01 -21.92 -7.25
C LYS D 3677 -63.21 -21.50 -8.70
N ASP D 3678 -62.13 -21.44 -9.48
CA ASP D 3678 -62.25 -21.10 -10.89
C ASP D 3678 -62.78 -22.26 -11.72
N ILE D 3679 -62.41 -23.50 -11.38
CA ILE D 3679 -62.91 -24.65 -12.13
C ILE D 3679 -64.41 -24.76 -12.01
N VAL D 3680 -64.94 -24.65 -10.78
CA VAL D 3680 -66.38 -24.75 -10.57
C VAL D 3680 -67.11 -23.58 -11.21
N GLY D 3681 -66.43 -22.45 -11.41
CA GLY D 3681 -67.05 -21.30 -12.05
C GLY D 3681 -66.95 -21.34 -13.56
N SER D 3682 -65.93 -22.03 -14.08
CA SER D 3682 -65.73 -22.12 -15.51
C SER D 3682 -66.62 -23.20 -16.11
N GLU D 3683 -66.82 -23.13 -17.43
CA GLU D 3683 -67.64 -24.09 -18.14
C GLU D 3683 -66.92 -25.41 -18.38
N ALA D 3684 -65.62 -25.49 -18.14
CA ALA D 3684 -64.89 -26.74 -18.34
C ALA D 3684 -65.38 -27.83 -17.39
N PHE D 3685 -65.61 -27.47 -16.13
CA PHE D 3685 -66.15 -28.43 -15.18
C PHE D 3685 -67.57 -28.85 -15.54
N GLN D 3686 -68.38 -27.92 -16.04
CA GLN D 3686 -69.73 -28.27 -16.47
C GLN D 3686 -69.71 -29.18 -17.68
N ASP D 3687 -68.71 -29.04 -18.55
CA ASP D 3687 -68.60 -29.94 -19.70
C ASP D 3687 -68.35 -31.37 -19.25
N TYR D 3688 -67.47 -31.58 -18.27
CA TYR D 3688 -67.22 -32.92 -17.77
C TYR D 3688 -68.43 -33.48 -17.03
N VAL D 3689 -69.05 -32.68 -16.17
CA VAL D 3689 -70.24 -33.08 -15.41
C VAL D 3689 -71.23 -31.92 -15.48
N THR D 3690 -72.34 -32.11 -16.20
CA THR D 3690 -73.34 -31.06 -16.30
C THR D 3690 -74.05 -30.82 -14.98
N ASP D 3691 -74.28 -31.89 -14.20
CA ASP D 3691 -74.97 -31.82 -12.91
C ASP D 3691 -76.34 -31.17 -13.06
N PRO D 3692 -77.29 -31.81 -13.73
CA PRO D 3692 -78.62 -31.19 -13.88
C PRO D 3692 -79.40 -31.15 -12.58
N ARG D 3693 -79.34 -32.22 -11.78
CA ARG D 3693 -80.07 -32.26 -10.52
C ARG D 3693 -79.40 -31.42 -9.43
N GLY D 3694 -78.16 -31.00 -9.64
CA GLY D 3694 -77.42 -30.20 -8.68
C GLY D 3694 -76.29 -30.95 -7.98
N LEU D 3695 -76.26 -32.28 -8.07
CA LEU D 3695 -75.21 -33.07 -7.47
C LEU D 3695 -74.61 -34.00 -8.52
N ILE D 3696 -73.29 -34.15 -8.48
CA ILE D 3696 -72.56 -35.01 -9.40
C ILE D 3696 -71.73 -35.97 -8.53
N SER D 3697 -72.09 -37.24 -8.54
CA SER D 3697 -71.39 -38.26 -7.77
C SER D 3697 -70.54 -39.11 -8.70
N LYS D 3698 -69.25 -39.24 -8.39
CA LYS D 3698 -68.30 -39.98 -9.21
C LYS D 3698 -68.30 -39.46 -10.65
N LYS D 3699 -68.39 -38.15 -10.81
CA LYS D 3699 -68.43 -37.50 -12.12
C LYS D 3699 -67.31 -36.47 -12.21
N ASP D 3700 -67.04 -36.05 -13.44
CA ASP D 3700 -66.00 -35.07 -13.75
C ASP D 3700 -64.62 -35.53 -13.28
N PHE D 3701 -64.41 -36.85 -13.24
CA PHE D 3701 -63.11 -37.38 -12.85
C PHE D 3701 -62.04 -37.06 -13.89
N GLN D 3702 -62.38 -37.12 -15.17
CA GLN D 3702 -61.47 -36.81 -16.26
C GLN D 3702 -61.93 -35.50 -16.91
N LYS D 3703 -61.05 -34.51 -16.91
CA LYS D 3703 -61.38 -33.20 -17.47
C LYS D 3703 -60.22 -32.65 -18.30
N UNK D 3704 -57.45 -35.84 -7.59
CA UNK D 3704 -57.92 -37.02 -6.88
C UNK D 3704 -58.04 -36.74 -5.38
N UNK D 3705 -57.34 -35.71 -4.92
CA UNK D 3705 -57.36 -35.34 -3.51
C UNK D 3705 -58.70 -34.70 -3.14
N UNK D 3706 -59.31 -34.02 -4.11
CA UNK D 3706 -60.59 -33.36 -3.89
C UNK D 3706 -61.71 -34.39 -3.87
N UNK D 3707 -61.56 -35.46 -4.65
CA UNK D 3707 -62.56 -36.52 -4.70
C UNK D 3707 -62.57 -37.32 -3.40
N UNK D 3708 -61.38 -37.50 -2.82
CA UNK D 3708 -61.26 -38.22 -1.55
C UNK D 3708 -61.69 -37.34 -0.39
N UNK D 3709 -61.75 -36.04 -0.63
CA UNK D 3709 -62.15 -35.09 0.40
C UNK D 3709 -63.66 -34.99 0.49
N GLU D 3710 -72.82 -33.62 -2.97
CA GLU D 3710 -71.75 -33.87 -3.94
C GLU D 3710 -71.29 -32.58 -4.61
N GLU D 3711 -71.90 -31.47 -4.20
CA GLU D 3711 -71.58 -30.15 -4.74
C GLU D 3711 -71.23 -29.21 -3.60
N PHE D 3712 -70.11 -28.50 -3.74
CA PHE D 3712 -69.66 -27.54 -2.75
C PHE D 3712 -69.49 -26.17 -3.40
N ALA D 3713 -69.95 -25.13 -2.69
CA ALA D 3713 -69.83 -23.78 -3.23
C ALA D 3713 -68.37 -23.36 -3.36
N ASN D 3714 -67.57 -23.65 -2.35
CA ASN D 3714 -66.15 -23.30 -2.38
C ASN D 3714 -65.41 -24.18 -1.39
N ARG D 3715 -64.12 -24.39 -1.65
CA ARG D 3715 -63.26 -25.18 -0.77
C ARG D 3715 -62.55 -24.27 0.23
N PHE D 3716 -63.36 -23.57 1.02
CA PHE D 3716 -62.87 -22.61 2.02
C PHE D 3716 -61.99 -21.55 1.37
N GLN D 3717 -62.48 -20.98 0.26
CA GLN D 3717 -61.72 -19.96 -0.46
C GLN D 3717 -61.71 -18.63 0.25
N GLU D 3718 -62.75 -18.33 1.03
CA GLU D 3718 -62.80 -17.05 1.74
C GLU D 3718 -61.63 -16.87 2.71
N PRO D 3719 -61.28 -17.82 3.57
CA PRO D 3719 -60.05 -17.67 4.37
C PRO D 3719 -58.77 -17.92 3.57
N ALA D 3720 -58.86 -18.66 2.47
CA ALA D 3720 -57.68 -18.94 1.66
C ALA D 3720 -57.24 -17.75 0.81
N ARG D 3721 -58.15 -16.82 0.50
CA ARG D 3721 -57.78 -15.68 -0.32
C ARG D 3721 -56.80 -14.76 0.39
N ASP D 3722 -57.06 -14.46 1.67
CA ASP D 3722 -56.18 -13.54 2.40
C ASP D 3722 -54.81 -14.15 2.62
N ILE D 3723 -54.76 -15.42 3.03
CA ILE D 3723 -53.48 -16.07 3.28
C ILE D 3723 -52.69 -16.23 1.98
N GLY D 3724 -53.39 -16.38 0.86
CA GLY D 3724 -52.70 -16.49 -0.42
C GLY D 3724 -51.98 -15.23 -0.83
N PHE D 3725 -52.56 -14.06 -0.54
CA PHE D 3725 -51.92 -12.80 -0.91
C PHE D 3725 -50.78 -12.46 0.02
N ASN D 3726 -50.93 -12.76 1.31
CA ASN D 3726 -49.88 -12.46 2.27
C ASN D 3726 -48.60 -13.24 1.97
N VAL D 3727 -48.74 -14.52 1.63
CA VAL D 3727 -47.56 -15.28 1.22
C VAL D 3727 -47.07 -14.81 -0.15
N ALA D 3728 -47.99 -14.39 -1.02
CA ALA D 3728 -47.59 -13.83 -2.31
C ALA D 3728 -46.78 -12.55 -2.11
N VAL D 3729 -47.20 -11.71 -1.16
CA VAL D 3729 -46.39 -10.55 -0.80
C VAL D 3729 -45.07 -10.99 -0.19
N LEU D 3730 -45.09 -12.04 0.62
CA LEU D 3730 -43.86 -12.54 1.25
C LEU D 3730 -42.81 -12.89 0.20
N LEU D 3731 -43.23 -13.41 -0.96
CA LEU D 3731 -42.29 -13.76 -2.00
C LEU D 3731 -41.73 -12.52 -2.70
N THR D 3732 -42.59 -11.54 -3.02
CA THR D 3732 -42.12 -10.38 -3.76
C THR D 3732 -41.30 -9.43 -2.89
N ASN D 3733 -41.47 -9.51 -1.56
CA ASN D 3733 -40.55 -8.79 -0.69
C ASN D 3733 -39.14 -9.33 -0.79
N LEU D 3734 -38.99 -10.65 -0.70
CA LEU D 3734 -37.66 -11.26 -0.70
C LEU D 3734 -37.01 -11.22 -2.08
N SER D 3735 -37.80 -11.44 -3.13
CA SER D 3735 -37.25 -11.40 -4.48
C SER D 3735 -36.72 -10.02 -4.83
N GLU D 3736 -37.46 -8.97 -4.46
CA GLU D 3736 -37.05 -7.61 -4.81
C GLU D 3736 -35.90 -7.10 -3.94
N HIS D 3737 -35.86 -7.48 -2.67
CA HIS D 3737 -34.80 -7.00 -1.79
C HIS D 3737 -33.44 -7.54 -2.21
N VAL D 3738 -33.33 -8.85 -2.41
CA VAL D 3738 -32.11 -9.48 -2.89
C VAL D 3738 -32.34 -9.96 -4.33
N PRO D 3739 -31.74 -9.32 -5.33
CA PRO D 3739 -31.98 -9.72 -6.71
C PRO D 3739 -30.94 -10.69 -7.25
N HIS D 3740 -29.88 -10.93 -6.48
CA HIS D 3740 -28.74 -11.73 -6.92
C HIS D 3740 -28.69 -13.08 -6.20
N ASP D 3741 -29.85 -13.67 -5.95
CA ASP D 3741 -29.93 -14.98 -5.30
C ASP D 3741 -30.56 -15.99 -6.26
N PRO D 3742 -29.78 -16.94 -6.79
CA PRO D 3742 -30.38 -17.93 -7.70
C PRO D 3742 -31.43 -18.82 -7.05
N ARG D 3743 -31.43 -18.94 -5.72
CA ARG D 3743 -32.42 -19.78 -5.06
C ARG D 3743 -33.82 -19.20 -5.18
N LEU D 3744 -33.95 -17.86 -5.25
CA LEU D 3744 -35.27 -17.26 -5.40
C LEU D 3744 -35.88 -17.53 -6.76
N ARG D 3745 -35.03 -17.67 -7.79
CA ARG D 3745 -35.55 -17.97 -9.12
C ARG D 3745 -36.26 -19.33 -9.15
N ASN D 3746 -35.68 -20.34 -8.49
CA ASN D 3746 -36.35 -21.63 -8.40
C ASN D 3746 -37.63 -21.54 -7.58
N PHE D 3747 -37.58 -20.83 -6.46
CA PHE D 3747 -38.75 -20.70 -5.59
C PHE D 3747 -39.86 -19.93 -6.29
N LEU D 3748 -39.50 -18.88 -7.04
CA LEU D 3748 -40.50 -18.14 -7.79
C LEU D 3748 -41.12 -19.00 -8.89
N GLU D 3749 -40.35 -19.94 -9.45
CA GLU D 3749 -40.89 -20.85 -10.45
C GLU D 3749 -41.96 -21.76 -9.86
N LEU D 3750 -41.73 -22.27 -8.64
CA LEU D 3750 -42.73 -23.11 -8.00
C LEU D 3750 -43.97 -22.34 -7.63
N ALA D 3751 -43.84 -21.05 -7.31
CA ALA D 3751 -44.95 -20.20 -6.94
C ALA D 3751 -45.41 -19.32 -8.10
N GLU D 3752 -44.99 -19.63 -9.32
CA GLU D 3752 -45.38 -18.82 -10.47
C GLU D 3752 -46.87 -18.85 -10.75
N SER D 3753 -47.59 -19.88 -10.28
CA SER D 3753 -49.03 -19.94 -10.51
C SER D 3753 -49.77 -18.85 -9.77
N ILE D 3754 -49.48 -18.67 -8.48
CA ILE D 3754 -50.16 -17.63 -7.71
C ILE D 3754 -49.68 -16.24 -8.12
N LEU D 3755 -48.39 -16.08 -8.42
CA LEU D 3755 -47.87 -14.76 -8.76
C LEU D 3755 -48.56 -14.17 -9.99
N GLU D 3756 -49.03 -15.03 -10.90
CA GLU D 3756 -49.79 -14.54 -12.05
C GLU D 3756 -51.21 -14.16 -11.65
N TYR D 3757 -51.81 -14.88 -10.70
CA TYR D 3757 -53.19 -14.62 -10.31
C TYR D 3757 -53.31 -13.37 -9.45
N PHE D 3758 -52.44 -13.22 -8.45
CA PHE D 3758 -52.47 -12.08 -7.56
C PHE D 3758 -51.72 -10.86 -8.11
N ARG D 3759 -51.24 -10.93 -9.36
CA ARG D 3759 -50.51 -9.79 -9.92
C ARG D 3759 -51.36 -8.53 -10.01
N PRO D 3760 -52.58 -8.55 -10.58
CA PRO D 3760 -53.35 -7.30 -10.64
C PRO D 3760 -53.80 -6.79 -9.29
N TYR D 3761 -53.99 -7.67 -8.30
CA TYR D 3761 -54.47 -7.26 -6.99
C TYR D 3761 -53.38 -6.60 -6.16
N LEU D 3762 -52.10 -6.81 -6.50
CA LEU D 3762 -51.00 -6.27 -5.72
C LEU D 3762 -50.76 -4.80 -6.07
N GLY D 3763 -50.43 -4.01 -5.05
CA GLY D 3763 -50.12 -2.61 -5.24
C GLY D 3763 -48.68 -2.28 -4.89
N ARG D 3764 -48.15 -1.19 -5.45
CA ARG D 3764 -46.74 -0.86 -5.26
C ARG D 3764 -46.55 0.64 -5.32
N ILE D 3765 -46.06 1.22 -4.23
CA ILE D 3765 -45.67 2.62 -4.15
C ILE D 3765 -44.36 2.71 -3.37
N GLU D 3766 -43.79 3.92 -3.31
CA GLU D 3766 -42.63 4.19 -2.47
C GLU D 3766 -42.96 5.34 -1.53
N ILE D 3767 -42.59 5.17 -0.26
CA ILE D 3767 -42.64 6.25 0.73
C ILE D 3767 -41.25 6.35 1.36
N MET D 3768 -40.72 7.57 1.40
CA MET D 3768 -39.35 7.81 1.83
C MET D 3768 -39.25 8.44 3.21
N GLY D 3769 -40.24 9.24 3.63
CA GLY D 3769 -40.15 9.99 4.86
C GLY D 3769 -40.18 9.16 6.13
N ALA D 3770 -40.44 7.85 6.02
CA ALA D 3770 -40.52 7.01 7.21
C ALA D 3770 -39.20 7.00 7.97
N SER D 3771 -38.08 6.87 7.26
CA SER D 3771 -36.76 6.84 7.87
C SER D 3771 -35.76 7.68 7.08
N ARG D 3772 -36.25 8.72 6.40
CA ARG D 3772 -35.43 9.55 5.51
C ARG D 3772 -34.70 8.70 4.48
N ARG D 3773 -35.39 7.68 3.97
CA ARG D 3773 -34.74 6.60 3.24
C ARG D 3773 -35.76 5.99 2.29
N ILE D 3774 -35.32 5.71 1.05
CA ILE D 3774 -36.22 5.13 0.07
C ILE D 3774 -36.64 3.74 0.52
N GLU D 3775 -37.93 3.46 0.46
CA GLU D 3775 -38.48 2.22 0.98
C GLU D 3775 -39.74 1.85 0.21
N ARG D 3776 -40.04 0.55 0.20
CA ARG D 3776 -41.18 0.00 -0.53
C ARG D 3776 -42.35 -0.25 0.41
N ILE D 3777 -43.56 -0.04 -0.10
CA ILE D 3777 -44.80 -0.30 0.65
C ILE D 3777 -45.78 -1.03 -0.26
N TYR D 3778 -46.39 -2.08 0.27
CA TYR D 3778 -47.36 -2.90 -0.45
C TYR D 3778 -48.70 -2.85 0.28
N PHE D 3779 -49.77 -3.12 -0.47
CA PHE D 3779 -51.11 -2.97 0.05
C PHE D 3779 -52.10 -3.77 -0.77
N GLU D 3780 -53.31 -3.91 -0.23
CA GLU D 3780 -54.42 -4.56 -0.91
C GLU D 3780 -55.00 -3.63 -1.97
N ILE D 3781 -55.36 -4.19 -3.12
CA ILE D 3781 -56.23 -3.53 -4.08
C ILE D 3781 -57.43 -4.46 -4.29
N SER D 3782 -58.57 -4.11 -3.70
CA SER D 3782 -59.74 -4.98 -3.76
C SER D 3782 -60.34 -4.97 -5.16
N GLU D 3783 -61.04 -6.06 -5.48
CA GLU D 3783 -61.60 -6.22 -6.82
C GLU D 3783 -62.76 -5.27 -7.05
N THR D 3784 -63.58 -5.03 -6.02
CA THR D 3784 -64.78 -4.21 -6.22
C THR D 3784 -64.44 -2.76 -6.54
N ASN D 3785 -63.33 -2.25 -6.02
CA ASN D 3785 -62.92 -0.88 -6.34
C ASN D 3785 -62.04 -0.80 -7.58
N ARG D 3786 -61.23 -1.84 -7.83
CA ARG D 3786 -60.44 -1.87 -9.07
C ARG D 3786 -61.35 -1.96 -10.28
N ALA D 3787 -62.40 -2.77 -10.20
CA ALA D 3787 -63.41 -2.79 -11.26
C ALA D 3787 -64.12 -1.45 -11.36
N GLN D 3788 -64.42 -0.83 -10.20
CA GLN D 3788 -65.01 0.50 -10.21
C GLN D 3788 -64.01 1.54 -10.71
N TRP D 3789 -62.71 1.28 -10.54
CA TRP D 3789 -61.69 2.19 -11.07
C TRP D 3789 -61.77 2.26 -12.60
N GLU D 3790 -62.00 1.12 -13.26
CA GLU D 3790 -62.12 1.09 -14.71
C GLU D 3790 -63.53 1.58 -15.08
N MET D 3791 -63.65 2.90 -15.17
CA MET D 3791 -64.89 3.57 -15.52
C MET D 3791 -64.54 4.86 -16.26
N PRO D 3792 -65.29 5.20 -17.31
CA PRO D 3792 -64.97 6.44 -18.06
C PRO D 3792 -64.99 7.69 -17.21
N GLN D 3793 -65.84 7.76 -16.18
CA GLN D 3793 -65.86 8.92 -15.31
C GLN D 3793 -64.55 9.06 -14.54
N VAL D 3794 -64.00 7.96 -14.05
CA VAL D 3794 -62.73 8.01 -13.32
C VAL D 3794 -61.59 8.33 -14.26
N LYS D 3795 -61.58 7.72 -15.45
CA LYS D 3795 -60.54 8.00 -16.43
C LYS D 3795 -60.57 9.46 -16.87
N GLU D 3796 -61.76 10.04 -16.98
CA GLU D 3796 -61.88 11.46 -17.30
C GLU D 3796 -61.27 12.33 -16.21
N SER D 3797 -61.48 11.96 -14.95
CA SER D 3797 -60.92 12.74 -13.84
C SER D 3797 -59.40 12.73 -13.87
N LYS D 3798 -58.79 11.57 -14.14
CA LYS D 3798 -57.34 11.47 -14.20
C LYS D 3798 -56.75 12.14 -15.43
N ARG D 3799 -57.46 12.11 -16.56
CA ARG D 3799 -56.93 12.71 -17.79
C ARG D 3799 -56.92 14.23 -17.72
N GLN D 3800 -58.02 14.82 -17.24
CA GLN D 3800 -58.10 16.28 -17.16
C GLN D 3800 -57.24 16.84 -16.04
N PHE D 3801 -57.00 16.06 -14.98
CA PHE D 3801 -56.19 16.56 -13.86
C PHE D 3801 -54.77 16.88 -14.29
N ILE D 3802 -54.24 16.18 -15.31
CA ILE D 3802 -52.89 16.45 -15.77
C ILE D 3802 -52.79 17.84 -16.38
N PHE D 3803 -53.83 18.24 -17.13
CA PHE D 3803 -53.83 19.58 -17.72
C PHE D 3803 -53.92 20.67 -16.66
N ASP D 3804 -54.63 20.41 -15.56
CA ASP D 3804 -54.74 21.39 -14.49
C ASP D 3804 -53.42 21.60 -13.76
N VAL D 3805 -52.46 20.69 -13.91
CA VAL D 3805 -51.18 20.83 -13.24
C VAL D 3805 -50.14 21.49 -14.14
N VAL D 3806 -50.27 21.33 -15.46
CA VAL D 3806 -49.31 21.93 -16.38
C VAL D 3806 -49.31 23.45 -16.24
N ASN D 3807 -50.50 24.06 -16.13
CA ASN D 3807 -50.59 25.49 -15.90
C ASN D 3807 -50.04 25.87 -14.53
N GLU D 3808 -50.14 24.98 -13.55
CA GLU D 3808 -49.60 25.25 -12.22
C GLU D 3808 -48.08 25.21 -12.25
N GLY D 3809 -47.47 26.21 -11.62
CA GLY D 3809 -46.02 26.32 -11.62
C GLY D 3809 -45.36 26.01 -10.30
N GLY D 3810 -46.10 25.38 -9.39
CA GLY D 3810 -45.57 25.07 -8.08
C GLY D 3810 -45.46 23.59 -7.78
N GLU D 3811 -44.29 23.16 -7.32
CA GLU D 3811 -44.12 21.76 -6.92
C GLU D 3811 -44.89 21.47 -5.64
N SER D 3812 -44.87 22.39 -4.68
CA SER D 3812 -45.58 22.19 -3.43
C SER D 3812 -47.08 22.12 -3.64
N GLU D 3813 -47.64 23.00 -4.48
CA GLU D 3813 -49.08 22.94 -4.75
C GLU D 3813 -49.43 21.70 -5.55
N LYS D 3814 -48.54 21.25 -6.44
CA LYS D 3814 -48.81 20.07 -7.24
C LYS D 3814 -49.05 18.85 -6.35
N MET D 3815 -48.30 18.74 -5.25
CA MET D 3815 -48.58 17.70 -4.27
C MET D 3815 -49.95 17.92 -3.63
N GLU D 3816 -50.29 19.17 -3.32
CA GLU D 3816 -51.59 19.45 -2.71
C GLU D 3816 -52.74 19.12 -3.65
N LEU D 3817 -52.62 19.48 -4.93
CA LEU D 3817 -53.66 19.12 -5.89
C LEU D 3817 -53.72 17.62 -6.11
N PHE D 3818 -52.58 16.94 -6.14
CA PHE D 3818 -52.59 15.49 -6.31
C PHE D 3818 -53.29 14.80 -5.15
N VAL D 3819 -52.97 15.19 -3.92
CA VAL D 3819 -53.61 14.60 -2.75
C VAL D 3819 -55.10 14.93 -2.74
N SER D 3820 -55.46 16.18 -3.02
CA SER D 3820 -56.86 16.57 -3.03
C SER D 3820 -57.64 15.85 -4.13
N PHE D 3821 -56.97 15.49 -5.23
CA PHE D 3821 -57.66 14.81 -6.32
C PHE D 3821 -58.02 13.38 -5.94
N CYS D 3822 -57.11 12.68 -5.25
CA CYS D 3822 -57.36 11.29 -4.89
C CYS D 3822 -58.48 11.17 -3.87
N GLU D 3823 -58.46 12.01 -2.83
CA GLU D 3823 -59.50 11.95 -1.80
C GLU D 3823 -60.87 12.34 -2.35
N ASP D 3824 -60.91 13.18 -3.38
CA ASP D 3824 -62.19 13.50 -4.02
C ASP D 3824 -62.72 12.34 -4.84
N THR D 3825 -61.84 11.53 -5.42
CA THR D 3825 -62.29 10.37 -6.20
C THR D 3825 -62.83 9.27 -5.29
N ILE D 3826 -62.33 9.17 -4.06
CA ILE D 3826 -62.84 8.17 -3.13
C ILE D 3826 -64.29 8.47 -2.77
N PHE D 3827 -64.64 9.75 -2.63
CA PHE D 3827 -66.03 10.12 -2.35
C PHE D 3827 -66.94 9.75 -3.50
N GLU D 3828 -66.40 9.66 -4.72
CA GLU D 3828 -67.20 9.25 -5.88
C GLU D 3828 -67.52 7.76 -5.84
N MET D 3829 -66.67 6.96 -5.19
CA MET D 3829 -66.91 5.51 -5.12
C MET D 3829 -68.16 5.18 -4.31
N GLN D 3830 -68.41 5.92 -3.23
CA GLN D 3830 -69.52 5.56 -2.34
C GLN D 3830 -70.88 5.92 -2.93
N ILE D 3831 -70.96 6.92 -3.80
CA ILE D 3831 -72.25 7.28 -4.36
C ILE D 3831 -72.66 6.31 -5.48
N ALA D 3832 -71.69 5.74 -6.20
CA ALA D 3832 -72.01 4.80 -7.25
C ALA D 3832 -72.19 3.38 -6.70
N ALA D 3833 -71.51 3.04 -5.61
CA ALA D 3833 -71.65 1.71 -5.02
C ALA D 3833 -72.97 1.55 -4.30
N GLN D 3834 -73.60 2.64 -3.87
CA GLN D 3834 -74.87 2.56 -3.16
C GLN D 3834 -76.04 2.59 -4.14
N GLU D 4132 -92.30 5.80 -2.66
CA GLU D 4132 -91.84 5.65 -1.29
C GLU D 4132 -91.44 4.19 -1.01
N VAL D 4133 -92.34 3.27 -1.32
CA VAL D 4133 -92.07 1.85 -1.11
C VAL D 4133 -90.94 1.38 -2.02
N GLN D 4134 -90.99 1.77 -3.29
CA GLN D 4134 -89.98 1.40 -4.27
C GLN D 4134 -89.21 2.62 -4.79
N ARG D 4135 -89.15 3.68 -3.98
CA ARG D 4135 -88.45 4.89 -4.40
C ARG D 4135 -86.95 4.67 -4.48
N VAL D 4136 -86.38 3.88 -3.57
CA VAL D 4136 -84.94 3.68 -3.56
C VAL D 4136 -84.46 2.99 -4.84
N LYS D 4137 -85.28 2.08 -5.39
CA LYS D 4137 -84.91 1.44 -6.64
C LYS D 4137 -85.02 2.40 -7.83
N PHE D 4138 -86.02 3.28 -7.81
CA PHE D 4138 -86.19 4.22 -8.92
C PHE D 4138 -85.10 5.28 -8.93
N LEU D 4139 -84.73 5.80 -7.77
CA LEU D 4139 -83.66 6.81 -7.71
C LEU D 4139 -82.32 6.24 -8.13
N ASN D 4140 -82.01 5.00 -7.73
CA ASN D 4140 -80.77 4.37 -8.18
C ASN D 4140 -80.78 4.15 -9.68
N TYR D 4141 -81.93 3.76 -10.24
CA TYR D 4141 -82.05 3.61 -11.69
C TYR D 4141 -81.85 4.93 -12.40
N LEU D 4142 -82.35 6.03 -11.82
CA LEU D 4142 -82.24 7.33 -12.47
C LEU D 4142 -80.81 7.86 -12.43
N SER D 4143 -80.06 7.54 -11.37
CA SER D 4143 -78.70 8.07 -11.23
C SER D 4143 -77.75 7.51 -12.28
N ARG D 4144 -77.84 6.21 -12.56
CA ARG D 4144 -76.91 5.60 -13.51
C ARG D 4144 -77.15 6.06 -14.94
N ASN D 4145 -78.40 6.36 -15.29
CA ASN D 4145 -78.76 6.74 -16.65
C ASN D 4145 -78.88 8.24 -16.82
N PHE D 4146 -78.15 9.02 -16.02
CA PHE D 4146 -78.18 10.47 -16.17
C PHE D 4146 -77.59 10.91 -17.51
N TYR D 4147 -76.58 10.19 -18.00
CA TYR D 4147 -75.96 10.55 -19.27
C TYR D 4147 -76.89 10.27 -20.45
N THR D 4148 -77.53 9.09 -20.44
CA THR D 4148 -78.48 8.77 -21.51
C THR D 4148 -79.73 9.62 -21.42
N LEU D 4149 -80.14 9.98 -20.20
CA LEU D 4149 -81.32 10.85 -20.04
C LEU D 4149 -81.08 12.21 -20.67
N ARG D 4150 -79.89 12.77 -20.48
CA ARG D 4150 -79.56 14.04 -21.12
C ARG D 4150 -79.52 13.90 -22.64
N PHE D 4151 -79.02 12.77 -23.13
CA PHE D 4151 -79.01 12.53 -24.57
C PHE D 4151 -80.42 12.40 -25.13
N LEU D 4152 -81.34 11.80 -24.37
CA LEU D 4152 -82.72 11.71 -24.81
C LEU D 4152 -83.40 13.07 -24.85
N ALA D 4153 -83.05 13.97 -23.92
CA ALA D 4153 -83.66 15.29 -23.90
C ALA D 4153 -83.33 16.08 -25.16
N LEU D 4154 -82.08 16.03 -25.61
CA LEU D 4154 -81.70 16.78 -26.81
C LEU D 4154 -82.27 16.13 -28.07
N PHE D 4155 -82.34 14.81 -28.12
CA PHE D 4155 -82.84 14.14 -29.31
C PHE D 4155 -84.32 14.47 -29.55
N LEU D 4156 -85.11 14.54 -28.49
CA LEU D 4156 -86.51 14.94 -28.63
C LEU D 4156 -86.64 16.37 -29.14
N ALA D 4157 -85.73 17.24 -28.73
CA ALA D 4157 -85.78 18.64 -29.17
C ALA D 4157 -85.64 18.75 -30.68
N PHE D 4158 -84.70 17.98 -31.26
CA PHE D 4158 -84.54 17.99 -32.71
C PHE D 4158 -85.82 17.59 -33.43
N ALA D 4159 -86.55 16.61 -32.90
CA ALA D 4159 -87.85 16.28 -33.45
C ALA D 4159 -88.83 17.43 -33.26
N ILE D 4160 -88.80 18.10 -32.11
CA ILE D 4160 -89.71 19.21 -31.85
C ILE D 4160 -89.44 20.37 -32.79
N ASN D 4161 -88.16 20.74 -32.93
CA ASN D 4161 -87.82 21.80 -33.87
C ASN D 4161 -88.11 21.39 -35.31
N PHE D 4162 -88.05 20.10 -35.61
CA PHE D 4162 -88.42 19.64 -36.95
C PHE D 4162 -89.91 19.82 -37.19
N ILE D 4163 -90.73 19.62 -36.16
CA ILE D 4163 -92.15 19.93 -36.29
C ILE D 4163 -92.36 21.43 -36.44
N LEU D 4164 -91.56 22.24 -35.73
CA LEU D 4164 -91.60 23.68 -35.91
C LEU D 4164 -91.09 24.11 -37.28
N LEU D 4165 -90.43 23.21 -38.02
CA LEU D 4165 -90.00 23.53 -39.38
C LEU D 4165 -91.16 23.53 -40.36
N PHE D 4166 -92.12 22.62 -40.21
CA PHE D 4166 -93.28 22.60 -41.09
C PHE D 4166 -94.33 23.63 -40.71
N TYR D 4167 -93.95 24.62 -39.90
CA TYR D 4167 -94.86 25.63 -39.41
C TYR D 4167 -95.27 26.59 -40.54
N LYS D 4168 -96.37 27.29 -40.31
CA LYS D 4168 -96.87 28.28 -41.26
C LYS D 4168 -97.78 29.25 -40.51
N VAL D 4169 -98.15 30.33 -41.18
CA VAL D 4169 -99.04 31.35 -40.61
C VAL D 4169 -100.08 31.72 -41.65
N SER D 4170 -101.26 32.15 -41.18
CA SER D 4170 -102.32 32.63 -42.04
C SER D 4170 -102.93 33.88 -41.42
N ASP D 4171 -103.37 34.80 -42.29
CA ASP D 4171 -103.96 36.05 -41.82
C ASP D 4171 -105.36 35.82 -41.25
N SER D 4172 -106.11 34.87 -41.83
CA SER D 4172 -107.47 34.61 -41.38
C SER D 4172 -107.57 33.20 -40.82
N PRO D 4173 -108.32 33.02 -39.72
CA PRO D 4173 -108.50 31.68 -39.15
C PRO D 4173 -109.28 30.78 -40.09
N PRO D 4174 -108.99 29.47 -40.09
CA PRO D 4174 -109.67 28.50 -40.95
C PRO D 4174 -109.57 27.07 -40.39
N VAL D 4215 -105.70 40.71 -35.95
CA VAL D 4215 -104.47 39.95 -35.72
C VAL D 4215 -104.32 38.86 -36.77
N TYR D 4216 -103.54 37.84 -36.44
CA TYR D 4216 -103.29 36.71 -37.33
C TYR D 4216 -103.53 35.40 -36.59
N TYR D 4217 -103.89 34.37 -37.35
CA TYR D 4217 -104.17 33.05 -36.80
C TYR D 4217 -102.99 32.14 -37.07
N PHE D 4218 -102.55 31.42 -36.04
CA PHE D 4218 -101.39 30.56 -36.12
C PHE D 4218 -101.83 29.10 -36.30
N LEU D 4219 -101.19 28.40 -37.24
CA LEU D 4219 -101.57 27.04 -37.58
C LEU D 4219 -100.33 26.23 -37.93
N GLU D 4220 -100.49 24.91 -37.93
CA GLU D 4220 -99.41 23.97 -38.17
C GLU D 4220 -99.46 23.46 -39.62
N GLU D 4221 -98.64 22.46 -39.92
CA GLU D 4221 -98.54 21.94 -41.27
C GLU D 4221 -99.86 21.28 -41.70
N SER D 4222 -100.04 21.18 -43.02
CA SER D 4222 -101.26 20.59 -43.57
C SER D 4222 -101.34 19.09 -43.32
N THR D 4223 -100.22 18.43 -43.06
CA THR D 4223 -100.25 17.00 -42.79
C THR D 4223 -100.97 16.72 -41.48
N GLY D 4224 -101.79 15.66 -41.49
CA GLY D 4224 -102.57 15.33 -40.31
C GLY D 4224 -101.77 14.70 -39.19
N TYR D 4225 -100.59 14.16 -39.50
CA TYR D 4225 -99.76 13.54 -38.47
C TYR D 4225 -99.02 14.55 -37.61
N MET D 4226 -98.88 15.79 -38.08
CA MET D 4226 -98.12 16.78 -37.33
C MET D 4226 -98.87 17.28 -36.09
N GLU D 4227 -100.21 17.34 -36.18
CA GLU D 4227 -100.98 17.87 -35.06
C GLU D 4227 -100.84 17.04 -33.79
N PRO D 4228 -101.00 15.70 -33.82
CA PRO D 4228 -100.84 14.94 -32.57
C PRO D 4228 -99.40 14.60 -32.23
N ALA D 4229 -98.47 14.72 -33.19
CA ALA D 4229 -97.08 14.38 -32.91
C ALA D 4229 -96.47 15.35 -31.91
N LEU D 4230 -96.80 16.63 -32.01
CA LEU D 4230 -96.23 17.63 -31.09
C LEU D 4230 -96.73 17.46 -29.67
N ARG D 4231 -97.94 16.91 -29.48
CA ARG D 4231 -98.50 16.76 -28.14
C ARG D 4231 -97.72 15.71 -27.35
N CYS D 4232 -97.46 14.56 -27.96
CA CYS D 4232 -96.77 13.49 -27.25
C CYS D 4232 -95.29 13.80 -27.07
N LEU D 4233 -94.65 14.35 -28.10
CA LEU D 4233 -93.22 14.66 -28.01
C LEU D 4233 -92.95 15.74 -26.97
N SER D 4234 -93.78 16.78 -26.92
CA SER D 4234 -93.58 17.83 -25.93
C SER D 4234 -93.92 17.33 -24.53
N LEU D 4235 -94.92 16.45 -24.41
CA LEU D 4235 -95.27 15.89 -23.11
C LEU D 4235 -94.11 15.07 -22.54
N LEU D 4236 -93.48 14.25 -23.39
CA LEU D 4236 -92.33 13.47 -22.94
C LEU D 4236 -91.14 14.38 -22.63
N HIS D 4237 -90.96 15.45 -23.41
CA HIS D 4237 -89.84 16.35 -23.18
C HIS D 4237 -89.96 17.06 -21.84
N THR D 4238 -91.17 17.46 -21.47
CA THR D 4238 -91.37 18.10 -20.17
C THR D 4238 -91.09 17.12 -19.04
N LEU D 4239 -91.53 15.87 -19.19
CA LEU D 4239 -91.34 14.87 -18.14
C LEU D 4239 -89.87 14.49 -17.99
N VAL D 4240 -89.17 14.30 -19.11
CA VAL D 4240 -87.77 13.91 -19.04
C VAL D 4240 -86.93 15.04 -18.43
N ALA D 4241 -87.36 16.29 -18.62
CA ALA D 4241 -86.69 17.41 -17.98
C ALA D 4241 -86.84 17.38 -16.46
N PHE D 4242 -87.90 16.74 -15.94
CA PHE D 4242 -88.07 16.58 -14.51
C PHE D 4242 -87.15 15.51 -13.93
N LEU D 4243 -86.91 14.44 -14.69
CA LEU D 4243 -86.08 13.35 -14.18
C LEU D 4243 -84.60 13.72 -14.16
N CYS D 4244 -84.15 14.57 -15.09
CA CYS D 4244 -82.74 14.97 -15.10
C CYS D 4244 -82.39 15.78 -13.86
N ILE D 4245 -83.28 16.68 -13.43
CA ILE D 4245 -83.04 17.45 -12.21
C ILE D 4245 -83.03 16.52 -11.00
N ILE D 4246 -83.96 15.58 -10.94
CA ILE D 4246 -83.96 14.60 -9.85
C ILE D 4246 -82.69 13.76 -9.89
N GLY D 4247 -82.29 13.33 -11.09
CA GLY D 4247 -81.02 12.62 -11.21
C GLY D 4247 -79.84 13.49 -10.83
N TYR D 4248 -79.88 14.77 -11.19
CA TYR D 4248 -78.87 15.72 -10.74
C TYR D 4248 -78.94 15.94 -9.23
N ASN D 4249 -80.11 15.74 -8.62
CA ASN D 4249 -80.26 15.96 -7.19
C ASN D 4249 -79.59 14.88 -6.36
N CYS D 4250 -79.28 13.74 -6.95
CA CYS D 4250 -78.69 12.63 -6.21
C CYS D 4250 -77.28 12.26 -6.65
N LEU D 4251 -76.81 12.78 -7.79
CA LEU D 4251 -75.49 12.44 -8.30
C LEU D 4251 -74.47 13.55 -8.12
N LYS D 4252 -74.77 14.76 -8.60
CA LYS D 4252 -73.82 15.87 -8.52
C LYS D 4252 -73.96 16.69 -7.24
N VAL D 4253 -75.11 16.62 -6.56
CA VAL D 4253 -75.26 17.32 -5.30
C VAL D 4253 -74.25 16.87 -4.25
N PRO D 4254 -74.04 15.58 -3.99
CA PRO D 4254 -73.03 15.21 -2.99
C PRO D 4254 -71.63 15.67 -3.34
N LEU D 4255 -71.28 15.72 -4.64
CA LEU D 4255 -69.96 16.16 -5.03
C LEU D 4255 -69.76 17.65 -4.81
N VAL D 4256 -70.75 18.47 -5.16
CA VAL D 4256 -70.59 19.91 -5.04
C VAL D 4256 -70.56 20.35 -3.58
N ILE D 4257 -71.32 19.69 -2.70
CA ILE D 4257 -71.29 20.08 -1.30
C ILE D 4257 -70.00 19.61 -0.64
N PHE D 4258 -69.43 18.49 -1.11
CA PHE D 4258 -68.15 18.04 -0.58
C PHE D 4258 -67.03 19.01 -0.91
N LYS D 4259 -67.16 19.79 -1.98
CA LYS D 4259 -66.13 20.75 -2.34
C LYS D 4259 -66.05 21.91 -1.35
N ARG D 4260 -67.09 22.12 -0.54
CA ARG D 4260 -67.08 23.17 0.47
C ARG D 4260 -67.22 22.66 1.89
N GLU D 4261 -67.92 21.55 2.11
CA GLU D 4261 -68.03 21.00 3.46
C GLU D 4261 -66.67 20.54 3.99
N LYS D 4262 -65.90 19.85 3.15
CA LYS D 4262 -64.57 19.40 3.56
C LYS D 4262 -63.54 20.51 3.48
N GLU D 4263 -63.82 21.60 2.76
CA GLU D 4263 -62.86 22.69 2.65
C GLU D 4263 -62.75 23.48 3.95
N LEU D 4264 -63.85 23.63 4.69
CA LEU D 4264 -63.80 24.35 5.95
C LEU D 4264 -62.97 23.62 6.99
N ALA D 4265 -62.92 22.29 6.92
CA ALA D 4265 -62.10 21.53 7.86
C ALA D 4265 -60.61 21.84 7.69
N ARG D 4266 -60.17 22.11 6.46
CA ARG D 4266 -58.78 22.46 6.20
C ARG D 4266 -58.49 23.93 6.44
N LYS D 4267 -59.50 24.73 6.77
CA LYS D 4267 -59.32 26.15 7.05
C LYS D 4267 -59.28 26.48 8.54
N LEU D 4268 -60.18 25.88 9.32
CA LEU D 4268 -60.21 26.13 10.76
C LEU D 4268 -59.04 25.46 11.48
N GLU D 4269 -58.51 24.38 10.95
CA GLU D 4269 -57.43 23.64 11.61
C GLU D 4269 -56.05 24.20 11.29
N PHE D 4270 -55.85 24.77 10.10
CA PHE D 4270 -54.55 25.27 9.69
C PHE D 4270 -54.51 26.78 9.55
N ASP D 4271 -55.55 27.40 8.99
CA ASP D 4271 -55.58 28.84 8.79
C ASP D 4271 -56.26 29.58 9.92
N GLY D 4272 -57.33 29.03 10.49
CA GLY D 4272 -58.05 29.69 11.56
C GLY D 4272 -58.69 30.98 11.13
N LEU D 4273 -59.38 30.97 9.99
CA LEU D 4273 -60.00 32.16 9.44
C LEU D 4273 -61.28 32.55 10.16
N TYR D 4274 -61.73 31.78 11.14
CA TYR D 4274 -62.92 32.12 11.91
C TYR D 4274 -62.62 32.36 13.39
N ILE D 4275 -61.92 31.43 14.04
CA ILE D 4275 -61.66 31.55 15.48
C ILE D 4275 -60.42 32.41 15.71
N THR D 4276 -59.28 31.97 15.17
CA THR D 4276 -58.02 32.69 15.39
C THR D 4276 -58.03 34.05 14.70
N GLU D 4277 -58.64 34.15 13.52
CA GLU D 4277 -58.66 35.37 12.74
C GLU D 4277 -60.09 35.73 12.38
N GLN D 4278 -60.41 37.02 12.45
CA GLN D 4278 -61.76 37.46 12.14
C GLN D 4278 -62.01 37.34 10.64
N PRO D 4279 -63.16 36.79 10.23
CA PRO D 4279 -63.42 36.63 8.79
C PRO D 4279 -63.38 37.96 8.06
N GLU D 4280 -62.78 37.94 6.86
CA GLU D 4280 -62.61 39.18 6.10
C GLU D 4280 -63.91 39.64 5.47
N ASP D 4281 -64.81 38.71 5.16
CA ASP D 4281 -66.09 39.00 4.49
C ASP D 4281 -65.85 39.63 3.12
N ASP D 4282 -64.68 39.41 2.54
CA ASP D 4282 -64.41 39.90 1.19
C ASP D 4282 -65.15 39.06 0.13
N ASP D 4283 -65.14 37.75 0.30
CA ASP D 4283 -65.84 36.86 -0.62
C ASP D 4283 -67.23 36.53 -0.09
N VAL D 4284 -68.19 36.39 -1.00
CA VAL D 4284 -69.55 36.07 -0.61
C VAL D 4284 -69.62 34.67 -0.01
N LYS D 4285 -68.81 33.73 -0.51
CA LYS D 4285 -68.84 32.37 0.01
C LYS D 4285 -68.37 32.31 1.45
N GLY D 4286 -67.45 33.19 1.85
CA GLY D 4286 -66.97 33.17 3.23
C GLY D 4286 -68.05 33.51 4.23
N GLN D 4287 -68.91 34.47 3.89
CA GLN D 4287 -69.98 34.84 4.80
C GLN D 4287 -71.04 33.75 4.91
N TRP D 4288 -71.31 33.05 3.81
CA TRP D 4288 -72.32 32.00 3.82
C TRP D 4288 -71.88 30.80 4.65
N ASP D 4289 -70.59 30.68 4.95
CA ASP D 4289 -70.06 29.52 5.67
C ASP D 4289 -70.12 29.68 7.18
N ARG D 4290 -70.54 30.84 7.69
CA ARG D 4290 -70.55 31.04 9.13
C ARG D 4290 -71.71 30.31 9.80
N LEU D 4291 -72.81 30.11 9.07
CA LEU D 4291 -74.01 29.55 9.67
C LEU D 4291 -73.94 28.04 9.86
N VAL D 4292 -72.99 27.36 9.20
CA VAL D 4292 -72.88 25.91 9.33
C VAL D 4292 -72.07 25.50 10.56
N LEU D 4293 -71.33 26.43 11.17
CA LEU D 4293 -70.48 26.08 12.30
C LEU D 4293 -71.30 25.59 13.49
N ASN D 4294 -72.42 26.26 13.78
CA ASN D 4294 -73.22 25.92 14.95
C ASN D 4294 -73.94 24.58 14.80
N THR D 4295 -74.17 24.13 13.57
CA THR D 4295 -74.90 22.88 13.36
C THR D 4295 -74.01 21.69 13.73
N PRO D 4296 -74.50 20.77 14.57
CA PRO D 4296 -73.69 19.58 14.90
C PRO D 4296 -73.42 18.66 13.71
N SER D 4297 -74.18 18.78 12.62
CA SER D 4297 -74.02 17.92 11.45
C SER D 4297 -73.05 18.50 10.44
N PHE D 4298 -72.15 19.39 10.88
CA PHE D 4298 -71.15 19.94 9.98
C PHE D 4298 -70.21 18.87 9.42
N PRO D 4299 -69.60 17.97 10.24
CA PRO D 4299 -68.69 16.99 9.66
C PRO D 4299 -69.40 15.74 9.13
N SER D 4300 -70.71 15.83 8.94
CA SER D 4300 -71.47 14.69 8.44
C SER D 4300 -71.03 14.31 7.03
N ASN D 4301 -70.77 15.30 6.18
CA ASN D 4301 -70.36 15.02 4.81
C ASN D 4301 -69.00 14.34 4.77
N TYR D 4302 -68.02 14.91 5.47
CA TYR D 4302 -66.67 14.35 5.46
C TYR D 4302 -66.61 13.07 6.27
N TRP D 4303 -65.65 12.21 5.92
CA TRP D 4303 -65.49 10.94 6.64
C TRP D 4303 -65.11 11.17 8.10
N ASP D 4304 -64.20 12.11 8.36
CA ASP D 4304 -63.75 12.38 9.71
C ASP D 4304 -64.75 13.28 10.43
N LYS D 4305 -65.28 12.80 11.55
CA LYS D 4305 -66.21 13.57 12.36
C LYS D 4305 -65.56 14.18 13.59
N PHE D 4306 -64.22 14.17 13.64
CA PHE D 4306 -63.48 14.69 14.79
C PHE D 4306 -62.97 16.11 14.57
N VAL D 4307 -63.46 16.79 13.53
CA VAL D 4307 -63.03 18.17 13.29
C VAL D 4307 -63.48 19.10 14.41
N LYS D 4308 -64.55 18.76 15.12
CA LYS D 4308 -64.99 19.58 16.25
C LYS D 4308 -64.02 19.47 17.42
N ARG D 4309 -63.48 18.28 17.67
CA ARG D 4309 -62.52 18.10 18.74
C ARG D 4309 -61.11 18.53 18.35
N LYS D 4310 -60.84 18.67 17.05
CA LYS D 4310 -59.52 19.08 16.60
C LYS D 4310 -59.31 20.59 16.71
N VAL D 4311 -60.37 21.37 16.50
CA VAL D 4311 -60.23 22.83 16.54
C VAL D 4311 -59.94 23.30 17.95
N LEU D 4312 -60.53 22.67 18.97
CA LEU D 4312 -60.28 23.08 20.34
C LEU D 4312 -58.86 22.75 20.80
N ASP D 4313 -58.29 21.63 20.32
CA ASP D 4313 -56.93 21.28 20.68
C ASP D 4313 -55.91 22.11 19.91
N LYS D 4314 -56.18 22.41 18.63
CA LYS D 4314 -55.23 23.17 17.82
C LYS D 4314 -55.10 24.60 18.34
N HIS D 4315 -56.22 25.24 18.66
CA HIS D 4315 -56.24 26.62 19.16
C HIS D 4315 -57.11 26.65 20.42
N GLY D 4316 -56.49 26.37 21.56
CA GLY D 4316 -57.21 26.37 22.82
C GLY D 4316 -56.58 27.25 23.88
N ASP D 4317 -55.31 27.61 23.68
CA ASP D 4317 -54.58 28.42 24.64
C ASP D 4317 -54.49 29.89 24.24
N ILE D 4318 -54.50 30.19 22.94
CA ILE D 4318 -54.43 31.59 22.51
C ILE D 4318 -55.70 32.34 22.91
N TYR D 4319 -56.87 31.77 22.64
CA TYR D 4319 -58.14 32.35 23.03
C TYR D 4319 -58.87 31.38 23.94
N GLY D 4320 -59.94 31.88 24.58
CA GLY D 4320 -60.71 31.08 25.51
C GLY D 4320 -61.32 29.84 24.91
N ARG D 4321 -61.22 28.72 25.63
CA ARG D 4321 -61.80 27.47 25.15
C ARG D 4321 -63.32 27.55 25.08
N GLU D 4322 -63.95 28.21 26.05
CA GLU D 4322 -65.40 28.36 26.03
C GLU D 4322 -65.86 29.29 24.92
N ARG D 4323 -65.07 30.30 24.58
CA ARG D 4323 -65.45 31.23 23.53
C ARG D 4323 -65.43 30.58 22.15
N ILE D 4324 -64.39 29.80 21.86
CA ILE D 4324 -64.32 29.13 20.56
C ILE D 4324 -65.36 28.03 20.44
N ALA D 4325 -65.72 27.39 21.56
CA ALA D 4325 -66.73 26.35 21.52
C ALA D 4325 -68.12 26.92 21.31
N GLU D 4326 -68.34 28.17 21.71
CA GLU D 4326 -69.64 28.81 21.54
C GLU D 4326 -69.87 29.21 20.09
N ILE D 4358 -83.90 16.83 12.45
CA ILE D 4358 -83.35 17.63 11.36
C ILE D 4358 -83.06 19.04 11.85
N ASP D 4359 -81.82 19.49 11.61
CA ASP D 4359 -81.40 20.84 12.01
C ASP D 4359 -81.70 21.80 10.87
N VAL D 4360 -82.56 22.79 11.16
CA VAL D 4360 -82.96 23.75 10.14
C VAL D 4360 -81.79 24.61 9.67
N LYS D 4361 -80.77 24.80 10.50
CA LYS D 4361 -79.61 25.57 10.09
C LYS D 4361 -78.84 24.86 8.98
N TYR D 4362 -78.73 23.53 9.06
CA TYR D 4362 -78.08 22.80 7.98
C TYR D 4362 -78.96 22.74 6.75
N GLN D 4363 -80.29 22.70 6.94
CA GLN D 4363 -81.21 22.63 5.81
C GLN D 4363 -81.09 23.87 4.93
N ILE D 4364 -81.02 25.05 5.54
CA ILE D 4364 -80.91 26.27 4.75
C ILE D 4364 -79.52 26.37 4.12
N TRP D 4365 -78.49 25.93 4.83
CA TRP D 4365 -77.13 26.00 4.28
C TRP D 4365 -76.95 25.04 3.11
N LYS D 4366 -77.54 23.84 3.20
CA LYS D 4366 -77.45 22.89 2.10
C LYS D 4366 -78.19 23.40 0.87
N PHE D 4367 -79.32 24.08 1.07
CA PHE D 4367 -80.08 24.64 -0.04
C PHE D 4367 -79.36 25.83 -0.66
N GLY D 4368 -78.63 26.60 0.16
CA GLY D 4368 -77.88 27.72 -0.38
C GLY D 4368 -76.76 27.30 -1.31
N VAL D 4369 -76.13 26.16 -1.01
CA VAL D 4369 -75.07 25.64 -1.87
C VAL D 4369 -75.60 25.31 -3.25
N ILE D 4370 -76.76 24.64 -3.30
CA ILE D 4370 -77.33 24.23 -4.58
C ILE D 4370 -77.82 25.44 -5.37
N PHE D 4371 -78.43 26.40 -4.68
CA PHE D 4371 -78.99 27.56 -5.37
C PHE D 4371 -77.91 28.45 -6.00
N THR D 4372 -76.70 28.46 -5.44
CA THR D 4372 -75.60 29.24 -5.99
C THR D 4372 -74.81 28.49 -7.04
N ASP D 4373 -75.07 27.19 -7.23
CA ASP D 4373 -74.35 26.42 -8.22
C ASP D 4373 -74.82 26.76 -9.62
N ASN D 4374 -73.86 26.99 -10.53
CA ASN D 4374 -74.21 27.38 -11.89
C ASN D 4374 -74.82 26.21 -12.66
N SER D 4375 -74.29 25.00 -12.48
CA SER D 4375 -74.80 23.85 -13.22
C SER D 4375 -76.23 23.52 -12.81
N PHE D 4376 -76.56 23.62 -11.51
CA PHE D 4376 -77.92 23.39 -11.07
C PHE D 4376 -78.89 24.41 -11.68
N LEU D 4377 -78.47 25.67 -11.73
CA LEU D 4377 -79.32 26.70 -12.34
C LEU D 4377 -79.54 26.42 -13.82
N TYR D 4378 -78.50 25.95 -14.52
CA TYR D 4378 -78.64 25.65 -15.94
C TYR D 4378 -79.70 24.57 -16.17
N LEU D 4379 -79.67 23.51 -15.37
CA LEU D 4379 -80.70 22.48 -15.49
C LEU D 4379 -82.06 23.01 -15.04
N GLY D 4380 -82.09 23.87 -14.03
CA GLY D 4380 -83.32 24.57 -13.72
C GLY D 4380 -83.73 25.52 -14.83
N TRP D 4381 -82.75 26.18 -15.46
CA TRP D 4381 -83.02 26.97 -16.65
C TRP D 4381 -83.53 26.11 -17.79
N TYR D 4382 -83.11 24.84 -17.84
CA TYR D 4382 -83.65 23.92 -18.83
C TYR D 4382 -85.13 23.67 -18.58
N MET D 4383 -85.52 23.53 -17.31
CA MET D 4383 -86.91 23.23 -16.97
C MET D 4383 -87.86 24.37 -17.33
N VAL D 4384 -87.47 25.61 -17.02
CA VAL D 4384 -88.43 26.72 -17.06
C VAL D 4384 -88.95 26.93 -18.47
N MET D 4385 -88.07 26.86 -19.47
CA MET D 4385 -88.52 27.07 -20.85
C MET D 4385 -89.34 25.90 -21.35
N SER D 4386 -89.17 24.71 -20.75
CA SER D 4386 -90.05 23.60 -21.08
C SER D 4386 -91.48 23.88 -20.62
N LEU D 4387 -91.64 24.49 -19.44
CA LEU D 4387 -92.97 24.83 -18.96
C LEU D 4387 -93.60 25.92 -19.83
N LEU D 4388 -92.82 26.95 -20.17
CA LEU D 4388 -93.31 27.98 -21.10
C LEU D 4388 -93.41 27.46 -22.53
N GLY D 4389 -92.83 26.30 -22.84
CA GLY D 4389 -93.00 25.73 -24.16
C GLY D 4389 -94.43 25.36 -24.47
N HIS D 4390 -95.19 24.93 -23.45
CA HIS D 4390 -96.60 24.65 -23.65
C HIS D 4390 -97.38 25.90 -24.00
N TYR D 4391 -97.06 27.03 -23.36
CA TYR D 4391 -97.73 28.29 -23.69
C TYR D 4391 -97.44 28.73 -25.12
N ASN D 4392 -96.17 28.63 -25.54
CA ASN D 4392 -95.77 28.98 -26.89
C ASN D 4392 -94.76 27.96 -27.38
N ASN D 4393 -95.07 27.31 -28.51
CA ASN D 4393 -94.17 26.28 -29.04
C ASN D 4393 -92.86 26.86 -29.54
N PHE D 4394 -92.80 28.16 -29.82
CA PHE D 4394 -91.56 28.76 -30.30
C PHE D 4394 -90.48 28.83 -29.22
N PHE D 4395 -90.87 28.76 -27.94
CA PHE D 4395 -89.88 28.79 -26.87
C PHE D 4395 -89.04 27.53 -26.82
N PHE D 4396 -89.40 26.49 -27.56
CA PHE D 4396 -88.59 25.29 -27.66
C PHE D 4396 -87.30 25.52 -28.45
N ALA D 4397 -87.20 26.63 -29.17
CA ALA D 4397 -86.00 26.91 -29.95
C ALA D 4397 -84.77 27.15 -29.08
N ALA D 4398 -84.95 27.72 -27.89
CA ALA D 4398 -83.82 27.90 -26.98
C ALA D 4398 -83.27 26.56 -26.51
N HIS D 4399 -84.08 25.50 -26.60
CA HIS D 4399 -83.61 24.17 -26.22
C HIS D 4399 -82.62 23.60 -27.24
N LEU D 4400 -82.62 24.13 -28.47
CA LEU D 4400 -81.72 23.63 -29.49
C LEU D 4400 -80.28 24.12 -29.31
N LEU D 4401 -80.09 25.20 -28.55
CA LEU D 4401 -78.75 25.73 -28.30
C LEU D 4401 -77.92 24.86 -27.37
N ASP D 4402 -78.53 23.85 -26.74
CA ASP D 4402 -77.85 23.07 -25.73
C ASP D 4402 -77.07 21.89 -26.28
N ILE D 4403 -77.11 21.66 -27.59
CA ILE D 4403 -76.19 20.70 -28.20
C ILE D 4403 -74.81 21.33 -28.39
N ALA D 4404 -74.74 22.67 -28.35
CA ALA D 4404 -73.45 23.34 -28.46
C ALA D 4404 -72.53 22.97 -27.30
N MET D 4405 -73.09 22.78 -26.10
CA MET D 4405 -72.32 22.31 -24.97
C MET D 4405 -72.39 20.80 -24.79
N GLY D 4406 -73.43 20.15 -25.30
CA GLY D 4406 -73.63 18.73 -25.04
C GLY D 4406 -72.53 17.86 -25.62
N VAL D 4407 -72.16 18.10 -26.87
CA VAL D 4407 -71.16 17.27 -27.53
C VAL D 4407 -69.76 17.82 -27.23
N LYS D 4408 -68.82 16.91 -26.95
CA LYS D 4408 -67.49 17.32 -26.51
C LYS D 4408 -66.78 18.14 -27.57
N THR D 4409 -66.82 17.70 -28.84
CA THR D 4409 -66.09 18.41 -29.88
C THR D 4409 -66.72 19.76 -30.22
N LEU D 4410 -68.01 19.94 -29.91
CA LEU D 4410 -68.60 21.27 -29.99
C LEU D 4410 -68.00 22.22 -28.96
N ARG D 4411 -67.72 21.72 -27.75
CA ARG D 4411 -67.17 22.58 -26.72
C ARG D 4411 -65.78 23.09 -27.08
N THR D 4412 -64.95 22.25 -27.70
CA THR D 4412 -63.59 22.66 -28.06
C THR D 4412 -63.61 23.79 -29.08
N ILE D 4413 -64.42 23.67 -30.13
CA ILE D 4413 -64.49 24.71 -31.15
C ILE D 4413 -65.04 26.00 -30.56
N LEU D 4414 -66.10 25.90 -29.74
CA LEU D 4414 -66.66 27.10 -29.11
C LEU D 4414 -65.74 27.63 -28.02
N SER D 4415 -64.79 26.83 -27.55
CA SER D 4415 -63.84 27.31 -26.54
C SER D 4415 -62.78 28.22 -27.13
N SER D 4416 -62.60 28.23 -28.46
CA SER D 4416 -61.58 29.07 -29.07
C SER D 4416 -61.92 30.55 -28.90
N VAL D 4417 -63.18 30.92 -29.14
CA VAL D 4417 -63.58 32.31 -29.00
C VAL D 4417 -63.57 32.75 -27.54
N THR D 4418 -63.95 31.84 -26.64
CA THR D 4418 -63.98 32.18 -25.22
C THR D 4418 -62.59 32.34 -24.63
N HIS D 4419 -61.58 31.68 -25.20
CA HIS D 4419 -60.22 31.83 -24.70
C HIS D 4419 -59.72 33.26 -24.87
N ASN D 4420 -60.03 33.88 -26.01
CA ASN D 4420 -59.66 35.26 -26.29
C ASN D 4420 -60.86 36.19 -26.20
N GLY D 4421 -61.92 35.77 -25.51
CA GLY D 4421 -63.12 36.59 -25.41
C GLY D 4421 -62.93 37.82 -24.55
N LYS D 4422 -61.97 37.79 -23.63
CA LYS D 4422 -61.68 38.98 -22.84
C LYS D 4422 -61.21 40.12 -23.72
N GLN D 4423 -60.36 39.82 -24.71
CA GLN D 4423 -59.93 40.81 -25.68
C GLN D 4423 -60.90 40.97 -26.85
N LEU D 4424 -61.83 40.03 -27.02
CA LEU D 4424 -62.72 40.09 -28.18
C LEU D 4424 -63.88 41.07 -27.95
N VAL D 4425 -64.46 41.07 -26.75
CA VAL D 4425 -65.54 42.01 -26.43
C VAL D 4425 -65.05 43.44 -26.45
N MET D 4426 -63.73 43.66 -26.49
CA MET D 4426 -63.15 44.99 -26.37
C MET D 4426 -62.60 45.53 -27.68
N THR D 4427 -62.14 44.67 -28.60
CA THR D 4427 -61.75 45.16 -29.92
C THR D 4427 -62.93 45.75 -30.67
N VAL D 4428 -64.10 45.12 -30.55
CA VAL D 4428 -65.30 45.73 -31.10
C VAL D 4428 -65.64 47.01 -30.33
N GLY D 4429 -65.26 47.08 -29.06
CA GLY D 4429 -65.38 48.33 -28.33
C GLY D 4429 -64.45 49.41 -28.85
N LEU D 4430 -63.24 49.03 -29.26
CA LEU D 4430 -62.35 49.98 -29.91
C LEU D 4430 -62.93 50.46 -31.25
N LEU D 4431 -63.70 49.60 -31.92
CA LEU D 4431 -64.37 50.02 -33.14
C LEU D 4431 -65.41 51.09 -32.87
N ALA D 4432 -66.00 51.10 -31.67
CA ALA D 4432 -67.01 52.09 -31.34
C ALA D 4432 -66.42 53.49 -31.18
N VAL D 4433 -65.21 53.60 -30.65
CA VAL D 4433 -64.61 54.91 -30.41
C VAL D 4433 -63.90 55.47 -31.63
N VAL D 4434 -63.55 54.63 -32.61
CA VAL D 4434 -62.89 55.11 -33.82
C VAL D 4434 -63.90 55.55 -34.88
N VAL D 4435 -65.02 54.83 -34.99
CA VAL D 4435 -66.06 55.24 -35.93
C VAL D 4435 -66.70 56.54 -35.47
N TYR D 4436 -66.85 56.74 -34.16
CA TYR D 4436 -67.39 58.00 -33.65
C TYR D 4436 -66.52 59.17 -34.03
N LEU D 4437 -65.19 59.01 -34.01
CA LEU D 4437 -64.31 60.08 -34.44
C LEU D 4437 -64.46 60.35 -35.93
N TYR D 4438 -64.74 59.32 -36.72
CA TYR D 4438 -64.90 59.50 -38.16
C TYR D 4438 -66.25 60.12 -38.51
N THR D 4439 -67.28 59.91 -37.68
CA THR D 4439 -68.60 60.42 -38.02
C THR D 4439 -68.77 61.89 -37.68
N VAL D 4440 -67.85 62.48 -36.90
CA VAL D 4440 -67.96 63.90 -36.60
C VAL D 4440 -67.25 64.74 -37.66
N VAL D 4441 -66.14 64.24 -38.20
CA VAL D 4441 -65.49 64.92 -39.30
C VAL D 4441 -66.28 64.76 -40.59
N ALA D 4442 -66.96 63.62 -40.76
CA ALA D 4442 -67.81 63.42 -41.92
C ALA D 4442 -69.03 64.33 -41.88
N PHE D 4443 -69.58 64.58 -40.68
CA PHE D 4443 -70.74 65.44 -40.56
C PHE D 4443 -70.41 66.91 -40.76
N ASN D 4444 -69.24 67.35 -40.31
CA ASN D 4444 -68.89 68.77 -40.40
C ASN D 4444 -68.58 69.19 -41.82
N PHE D 4445 -67.87 68.35 -42.57
CA PHE D 4445 -67.37 68.70 -43.89
C PHE D 4445 -67.94 67.85 -45.01
N PHE D 4446 -68.01 66.53 -44.82
CA PHE D 4446 -68.47 65.62 -45.87
C PHE D 4446 -69.98 65.40 -45.84
N ARG D 4447 -70.72 66.27 -45.15
CA ARG D 4447 -72.18 66.13 -45.10
C ARG D 4447 -72.82 66.36 -46.46
N LYS D 4448 -72.32 67.34 -47.23
CA LYS D 4448 -72.89 67.61 -48.54
C LYS D 4448 -72.71 66.44 -49.50
N PHE D 4449 -71.66 65.64 -49.30
CA PHE D 4449 -71.44 64.48 -50.17
C PHE D 4449 -72.47 63.39 -49.93
N TYR D 4450 -72.96 63.26 -48.69
CA TYR D 4450 -74.00 62.27 -48.41
C TYR D 4450 -75.29 62.60 -49.15
N ASN D 4451 -75.68 63.88 -49.18
CA ASN D 4451 -76.91 64.28 -49.85
C ASN D 4451 -76.72 64.29 -51.35
N LYS D 4452 -77.81 63.98 -52.06
CA LYS D 4452 -77.80 63.96 -53.52
C LYS D 4452 -77.84 65.38 -54.09
N ASP D 4460 -86.09 62.25 -43.84
CA ASP D 4460 -84.98 61.99 -42.94
C ASP D 4460 -83.73 61.59 -43.71
N MET D 4461 -82.68 62.41 -43.61
CA MET D 4461 -81.42 62.18 -44.30
C MET D 4461 -80.32 61.94 -43.29
N LYS D 4462 -79.36 61.09 -43.66
CA LYS D 4462 -78.25 60.76 -42.77
C LYS D 4462 -77.31 61.95 -42.56
N CYS D 4463 -77.30 62.91 -43.48
CA CYS D 4463 -76.40 64.05 -43.37
C CYS D 4463 -76.98 65.21 -42.58
N ASP D 4464 -78.30 65.37 -42.57
CA ASP D 4464 -78.91 66.48 -41.86
C ASP D 4464 -78.68 66.38 -40.36
N ASP D 4465 -78.81 65.17 -39.80
CA ASP D 4465 -78.60 64.93 -38.39
C ASP D 4465 -77.39 64.03 -38.17
N MET D 4466 -76.54 64.40 -37.21
CA MET D 4466 -75.32 63.64 -36.96
C MET D 4466 -75.56 62.44 -36.05
N MET D 4467 -76.76 62.32 -35.50
CA MET D 4467 -77.22 61.04 -34.98
C MET D 4467 -77.70 60.11 -36.09
N THR D 4468 -78.33 60.65 -37.12
CA THR D 4468 -78.56 59.86 -38.33
C THR D 4468 -77.25 59.50 -39.01
N CYS D 4469 -76.24 60.35 -38.88
CA CYS D 4469 -74.93 60.06 -39.46
C CYS D 4469 -74.19 58.98 -38.67
N TYR D 4470 -74.29 59.00 -37.33
CA TYR D 4470 -73.61 57.99 -36.52
C TYR D 4470 -74.14 56.60 -36.82
N LEU D 4471 -75.46 56.46 -36.97
CA LEU D 4471 -76.03 55.18 -37.37
C LEU D 4471 -75.64 54.82 -38.80
N PHE D 4472 -75.51 55.84 -39.66
CA PHE D 4472 -75.12 55.59 -41.05
C PHE D 4472 -73.69 55.08 -41.17
N HIS D 4473 -72.82 55.38 -40.21
CA HIS D 4473 -71.44 54.94 -40.24
C HIS D 4473 -71.24 53.56 -39.61
N MET D 4474 -71.97 53.27 -38.54
CA MET D 4474 -71.81 52.00 -37.83
C MET D 4474 -72.67 50.89 -38.42
N TYR D 4475 -73.95 51.17 -38.65
CA TYR D 4475 -74.86 50.15 -39.15
C TYR D 4475 -74.63 49.84 -40.63
N VAL D 4476 -74.31 50.87 -41.42
CA VAL D 4476 -74.17 50.73 -42.86
C VAL D 4476 -72.71 50.72 -43.30
N GLY D 4477 -71.89 51.62 -42.77
CA GLY D 4477 -70.51 51.71 -43.21
C GLY D 4477 -69.70 50.47 -42.87
N VAL D 4478 -69.85 49.97 -41.65
CA VAL D 4478 -69.10 48.78 -41.23
C VAL D 4478 -69.61 47.54 -41.95
N ARG D 4479 -70.93 47.42 -42.13
CA ARG D 4479 -71.49 46.24 -42.78
C ARG D 4479 -71.08 46.17 -44.25
N ALA D 4480 -71.06 47.30 -44.94
CA ALA D 4480 -70.71 47.31 -46.35
C ALA D 4480 -69.23 47.01 -46.54
N GLY D 4481 -68.92 46.09 -47.46
CA GLY D 4481 -67.54 45.75 -47.71
C GLY D 4481 -66.79 46.77 -48.52
N GLY D 4482 -67.49 47.57 -49.33
CA GLY D 4482 -66.84 48.59 -50.13
C GLY D 4482 -66.37 49.80 -49.34
N GLY D 4483 -66.94 50.02 -48.16
CA GLY D 4483 -66.57 51.13 -47.31
C GLY D 4483 -67.70 52.14 -47.21
N ILE D 4484 -67.41 53.25 -46.52
CA ILE D 4484 -68.39 54.30 -46.34
C ILE D 4484 -68.71 54.98 -47.68
N GLY D 4485 -67.75 54.99 -48.60
CA GLY D 4485 -67.94 55.64 -49.88
C GLY D 4485 -68.82 54.89 -50.86
N ASP D 4486 -69.20 53.65 -50.55
CA ASP D 4486 -70.09 52.90 -51.43
C ASP D 4486 -71.54 53.35 -51.31
N GLU D 4487 -71.91 54.04 -50.22
CA GLU D 4487 -73.28 54.45 -49.99
C GLU D 4487 -73.50 55.95 -50.13
N ILE D 4488 -72.45 56.72 -50.44
CA ILE D 4488 -72.58 58.16 -50.58
C ILE D 4488 -73.29 58.48 -51.88
N GLU D 4489 -73.75 59.73 -52.03
CA GLU D 4489 -74.43 60.13 -53.25
C GLU D 4489 -73.45 60.23 -54.42
N ASP D 4490 -72.46 61.10 -54.31
CA ASP D 4490 -71.45 61.27 -55.34
C ASP D 4490 -70.22 61.97 -54.78
N PRO D 4491 -69.03 61.40 -54.94
CA PRO D 4491 -67.81 62.06 -54.47
C PRO D 4491 -67.23 63.08 -55.44
N ALA D 4492 -67.83 63.23 -56.63
CA ALA D 4492 -67.31 64.14 -57.65
C ALA D 4492 -67.84 65.56 -57.40
N GLY D 4493 -67.34 66.15 -56.31
CA GLY D 4493 -67.68 67.51 -55.95
C GLY D 4493 -66.46 68.40 -56.03
N ASP D 4494 -66.66 69.62 -56.55
CA ASP D 4494 -65.54 70.55 -56.70
C ASP D 4494 -64.97 70.93 -55.34
N GLU D 4495 -65.83 71.20 -54.36
CA GLU D 4495 -65.38 71.56 -53.02
C GLU D 4495 -64.93 70.31 -52.29
N TYR D 4496 -63.73 70.38 -51.70
CA TYR D 4496 -63.15 69.28 -50.93
C TYR D 4496 -63.09 68.00 -51.77
N GLU D 4497 -62.65 68.14 -53.02
CA GLU D 4497 -62.53 66.99 -53.90
C GLU D 4497 -61.46 66.02 -53.41
N LEU D 4498 -60.26 66.55 -53.13
CA LEU D 4498 -59.19 65.71 -52.61
C LEU D 4498 -59.47 65.22 -51.20
N TYR D 4499 -60.14 66.04 -50.39
CA TYR D 4499 -60.42 65.67 -49.01
C TYR D 4499 -61.35 64.47 -48.93
N ARG D 4500 -62.28 64.35 -49.87
CA ARG D 4500 -63.20 63.22 -49.87
C ARG D 4500 -62.51 61.90 -50.18
N VAL D 4501 -61.57 61.91 -51.13
CA VAL D 4501 -60.90 60.67 -51.52
C VAL D 4501 -60.05 60.13 -50.38
N VAL D 4502 -59.27 61.00 -49.73
CA VAL D 4502 -58.41 60.55 -48.64
C VAL D 4502 -59.25 60.09 -47.45
N PHE D 4503 -60.41 60.71 -47.23
CA PHE D 4503 -61.26 60.30 -46.13
C PHE D 4503 -61.72 58.86 -46.27
N ASP D 4504 -62.07 58.43 -47.48
CA ASP D 4504 -62.49 57.06 -47.72
C ASP D 4504 -61.33 56.07 -47.67
N ILE D 4505 -60.18 56.44 -48.22
CA ILE D 4505 -59.03 55.54 -48.25
C ILE D 4505 -58.58 55.22 -46.82
N THR D 4506 -58.47 56.25 -45.97
CA THR D 4506 -58.11 56.01 -44.58
C THR D 4506 -59.18 55.22 -43.86
N PHE D 4507 -60.46 55.51 -44.13
CA PHE D 4507 -61.54 54.75 -43.51
C PHE D 4507 -61.58 53.31 -44.00
N PHE D 4508 -61.44 53.10 -45.32
CA PHE D 4508 -61.47 51.75 -45.86
C PHE D 4508 -60.33 50.90 -45.34
N PHE D 4509 -59.12 51.48 -45.22
CA PHE D 4509 -57.98 50.72 -44.75
C PHE D 4509 -58.08 50.38 -43.27
N PHE D 4510 -58.60 51.29 -42.45
CA PHE D 4510 -58.51 51.12 -41.00
C PHE D 4510 -59.58 50.18 -40.45
N VAL D 4511 -60.85 50.55 -40.58
CA VAL D 4511 -61.91 49.81 -39.90
C VAL D 4511 -62.45 48.65 -40.73
N ILE D 4512 -62.26 48.67 -42.05
CA ILE D 4512 -62.68 47.55 -42.88
C ILE D 4512 -61.55 46.52 -43.03
N VAL D 4513 -60.30 46.96 -43.10
CA VAL D 4513 -59.20 46.04 -43.35
C VAL D 4513 -58.46 45.73 -42.05
N ILE D 4514 -57.92 46.77 -41.40
CA ILE D 4514 -57.07 46.54 -40.23
C ILE D 4514 -57.88 46.01 -39.06
N LEU D 4515 -58.98 46.69 -38.74
CA LEU D 4515 -59.76 46.33 -37.56
C LEU D 4515 -60.43 44.97 -37.71
N LEU D 4516 -60.95 44.66 -38.89
CA LEU D 4516 -61.54 43.34 -39.11
C LEU D 4516 -60.47 42.26 -39.07
N ALA D 4517 -59.25 42.58 -39.48
CA ALA D 4517 -58.15 41.63 -39.35
C ALA D 4517 -57.80 41.37 -37.89
N ILE D 4518 -58.03 42.37 -37.02
CA ILE D 4518 -57.81 42.16 -35.59
C ILE D 4518 -58.76 41.09 -35.07
N ILE D 4519 -60.03 41.16 -35.47
CA ILE D 4519 -61.00 40.14 -35.06
C ILE D 4519 -60.59 38.78 -35.62
N GLN D 4520 -60.16 38.73 -36.88
CA GLN D 4520 -59.67 37.49 -37.46
C GLN D 4520 -58.41 37.00 -36.75
N GLY D 4521 -57.53 37.93 -36.37
CA GLY D 4521 -56.29 37.54 -35.72
C GLY D 4521 -56.51 36.88 -34.37
N LEU D 4522 -57.43 37.40 -33.58
CA LEU D 4522 -57.71 36.81 -32.27
C LEU D 4522 -58.32 35.42 -32.39
N ILE D 4523 -59.02 35.14 -33.48
CA ILE D 4523 -59.65 33.84 -33.66
C ILE D 4523 -58.66 32.82 -34.22
N ILE D 4524 -57.94 33.20 -35.27
CA ILE D 4524 -56.98 32.29 -35.89
C ILE D 4524 -55.88 31.92 -34.91
N ASP D 4525 -55.41 32.91 -34.14
CA ASP D 4525 -54.41 32.61 -33.10
C ASP D 4525 -54.97 31.67 -32.05
N ALA D 4526 -56.24 31.87 -31.66
CA ALA D 4526 -56.84 31.07 -30.59
C ALA D 4526 -56.95 29.59 -30.97
N PHE D 4527 -57.15 29.29 -32.25
CA PHE D 4527 -57.23 27.89 -32.67
C PHE D 4527 -55.92 27.16 -32.42
N GLY D 4528 -54.79 27.83 -32.66
CA GLY D 4528 -53.52 27.24 -32.32
C GLY D 4528 -53.24 27.29 -30.82
N GLU D 4529 -54.03 28.05 -30.08
CA GLU D 4529 -53.81 28.18 -28.65
C GLU D 4529 -54.31 26.97 -27.89
N LEU D 4530 -55.39 26.35 -28.37
CA LEU D 4530 -55.91 25.15 -27.74
C LEU D 4530 -55.08 23.91 -28.06
N ARG D 4531 -54.07 24.05 -28.91
CA ARG D 4531 -53.19 22.96 -29.31
C ARG D 4531 -51.90 22.93 -28.49
N ASP D 4532 -51.15 24.04 -28.51
CA ASP D 4532 -49.84 24.05 -27.85
C ASP D 4532 -49.97 23.83 -26.34
N GLN D 4533 -51.11 24.20 -25.76
CA GLN D 4533 -51.40 23.81 -24.38
C GLN D 4533 -51.54 22.31 -24.27
N GLN D 4534 -52.25 21.68 -25.21
CA GLN D 4534 -52.34 20.22 -25.23
C GLN D 4534 -51.01 19.59 -25.63
N GLU D 4535 -50.25 20.25 -26.50
CA GLU D 4535 -48.94 19.73 -26.88
C GLU D 4535 -47.94 19.84 -25.74
N GLN D 4536 -47.98 20.95 -25.00
CA GLN D 4536 -47.06 21.12 -23.87
C GLN D 4536 -47.30 20.09 -22.78
N VAL D 4537 -48.57 19.85 -22.45
CA VAL D 4537 -48.89 18.87 -21.40
C VAL D 4537 -48.59 17.45 -21.84
N ARG D 4538 -48.77 17.15 -23.12
CA ARG D 4538 -48.47 15.81 -23.63
C ARG D 4538 -46.97 15.55 -23.68
N GLU D 4539 -46.19 16.53 -24.13
CA GLU D 4539 -44.75 16.35 -24.20
C GLU D 4539 -44.10 16.33 -22.83
N ASP D 4540 -44.63 17.11 -21.88
CA ASP D 4540 -44.03 17.17 -20.55
C ASP D 4540 -44.10 15.83 -19.83
N MET D 4541 -45.17 15.05 -20.09
CA MET D 4541 -45.30 13.74 -19.44
C MET D 4541 -44.19 12.80 -19.88
N GLU D 4542 -43.85 12.80 -21.18
CA GLU D 4542 -42.85 11.88 -21.69
C GLU D 4542 -41.42 12.26 -21.29
N THR D 4543 -41.16 13.54 -21.04
CA THR D 4543 -39.80 13.96 -20.70
C THR D 4543 -39.40 13.50 -19.31
N LYS D 4544 -40.32 13.53 -18.35
CA LYS D 4544 -39.99 13.15 -16.99
C LYS D 4544 -41.25 12.67 -16.27
N CYS D 4545 -41.04 11.80 -15.29
CA CYS D 4545 -42.14 11.34 -14.45
C CYS D 4545 -42.58 12.45 -13.50
N PHE D 4546 -43.89 12.55 -13.29
CA PHE D 4546 -44.43 13.60 -12.43
C PHE D 4546 -44.11 13.35 -10.97
N ILE D 4547 -44.29 12.12 -10.49
CA ILE D 4547 -44.05 11.81 -9.09
C ILE D 4547 -42.56 11.94 -8.78
N CYS D 4548 -41.70 11.42 -9.66
CA CYS D 4548 -40.27 11.46 -9.42
C CYS D 4548 -39.69 12.83 -9.74
N GLY D 4549 -39.85 13.28 -10.98
CA GLY D 4549 -39.25 14.51 -11.43
C GLY D 4549 -37.85 14.39 -11.96
N ILE D 4550 -37.27 13.19 -11.95
CA ILE D 4550 -35.92 13.00 -12.48
C ILE D 4550 -35.96 12.97 -14.00
N GLY D 4551 -34.77 13.12 -14.60
CA GLY D 4551 -34.68 13.16 -16.04
C GLY D 4551 -34.91 11.80 -16.68
N SER D 4552 -35.18 11.83 -17.98
CA SER D 4552 -35.43 10.60 -18.72
C SER D 4552 -34.15 9.80 -18.96
N ASP D 4553 -33.00 10.48 -19.04
CA ASP D 4553 -31.75 9.80 -19.37
C ASP D 4553 -31.43 8.72 -18.34
N TYR D 4554 -31.61 9.02 -17.05
CA TYR D 4554 -31.40 8.02 -16.01
C TYR D 4554 -32.44 6.91 -16.08
N PHE D 4555 -33.57 7.14 -16.74
CA PHE D 4555 -34.67 6.19 -16.75
C PHE D 4555 -34.81 5.47 -18.10
N ASP D 4556 -33.76 5.50 -18.92
CA ASP D 4556 -33.73 4.76 -20.18
C ASP D 4556 -32.45 3.95 -20.30
N THR D 4557 -31.82 3.61 -19.17
CA THR D 4557 -30.62 2.78 -19.21
C THR D 4557 -30.95 1.35 -19.64
N THR D 4558 -31.76 0.67 -18.85
CA THR D 4558 -32.28 -0.64 -19.22
C THR D 4558 -33.30 -0.49 -20.35
N PRO D 4559 -33.31 -1.41 -21.32
CA PRO D 4559 -34.36 -1.36 -22.35
C PRO D 4559 -35.74 -1.44 -21.72
N HIS D 4560 -36.65 -0.60 -22.22
CA HIS D 4560 -38.02 -0.50 -21.70
C HIS D 4560 -38.03 -0.22 -20.20
N ARG D 4561 -37.37 0.87 -19.83
CA ARG D 4561 -37.26 1.27 -18.43
C ARG D 4561 -38.21 2.40 -18.06
N PHE D 4562 -38.43 3.36 -18.96
CA PHE D 4562 -39.32 4.48 -18.64
C PHE D 4562 -40.75 3.99 -18.41
N GLU D 4563 -41.28 3.18 -19.33
CA GLU D 4563 -42.60 2.60 -19.13
C GLU D 4563 -42.64 1.61 -17.97
N THR D 4564 -41.49 1.03 -17.61
CA THR D 4564 -41.44 0.20 -16.42
C THR D 4564 -41.63 1.03 -15.15
N HIS D 4565 -41.18 2.29 -15.17
CA HIS D 4565 -41.24 3.12 -13.98
C HIS D 4565 -42.62 3.73 -13.79
N THR D 4566 -43.20 4.30 -14.84
CA THR D 4566 -44.44 5.05 -14.72
C THR D 4566 -45.69 4.19 -14.78
N LEU D 4567 -45.57 2.90 -15.08
CA LEU D 4567 -46.72 1.99 -15.07
C LEU D 4567 -46.81 1.15 -13.82
N GLU D 4568 -45.68 0.72 -13.26
CA GLU D 4568 -45.67 -0.12 -12.07
C GLU D 4568 -44.91 0.49 -10.90
N GLU D 4569 -43.80 1.18 -11.19
CA GLU D 4569 -42.96 1.71 -10.11
C GLU D 4569 -43.51 3.03 -9.56
N HIS D 4570 -43.74 4.00 -10.43
CA HIS D 4570 -44.25 5.32 -10.04
C HIS D 4570 -45.61 5.60 -10.69
N ASN D 4571 -46.50 4.60 -10.69
CA ASN D 4571 -47.82 4.79 -11.27
C ASN D 4571 -48.63 5.76 -10.41
N LEU D 4572 -49.17 6.80 -11.05
CA LEU D 4572 -50.00 7.75 -10.32
C LEU D 4572 -51.30 7.12 -9.84
N ALA D 4573 -51.76 6.06 -10.49
CA ALA D 4573 -52.97 5.37 -10.05
C ALA D 4573 -52.73 4.54 -8.81
N ASN D 4574 -51.52 3.98 -8.65
CA ASN D 4574 -51.23 3.15 -7.49
C ASN D 4574 -51.30 3.93 -6.20
N TYR D 4575 -50.84 5.18 -6.20
CA TYR D 4575 -50.90 6.01 -5.00
C TYR D 4575 -52.34 6.29 -4.56
N MET D 4576 -53.30 6.26 -5.48
CA MET D 4576 -54.69 6.47 -5.09
C MET D 4576 -55.23 5.27 -4.31
N PHE D 4577 -54.88 4.06 -4.73
CA PHE D 4577 -55.34 2.86 -4.04
C PHE D 4577 -54.80 2.79 -2.62
N PHE D 4578 -53.58 3.28 -2.40
CA PHE D 4578 -53.03 3.33 -1.05
C PHE D 4578 -53.82 4.27 -0.15
N LEU D 4579 -54.30 5.40 -0.70
CA LEU D 4579 -55.13 6.32 0.07
C LEU D 4579 -56.44 5.65 0.46
N MET D 4580 -57.05 4.89 -0.45
CA MET D 4580 -58.26 4.15 -0.12
C MET D 4580 -57.97 3.07 0.92
N TYR D 4581 -56.78 2.48 0.89
CA TYR D 4581 -56.41 1.49 1.88
C TYR D 4581 -56.34 2.07 3.28
N LEU D 4582 -55.80 3.28 3.43
CA LEU D 4582 -55.64 3.89 4.74
C LEU D 4582 -56.96 4.28 5.37
N ILE D 4583 -57.82 4.97 4.61
CA ILE D 4583 -59.03 5.56 5.19
C ILE D 4583 -60.03 4.48 5.56
N ASN D 4584 -60.15 3.43 4.73
CA ASN D 4584 -61.14 2.39 5.01
C ASN D 4584 -60.75 1.56 6.22
N LYS D 4585 -59.46 1.27 6.38
CA LYS D 4585 -59.01 0.43 7.47
C LYS D 4585 -59.12 1.16 8.81
N ASP D 4586 -59.44 0.41 9.86
CA ASP D 4586 -59.57 0.99 11.18
C ASP D 4586 -58.21 1.39 11.73
N GLU D 4587 -58.23 2.29 12.73
CA GLU D 4587 -57.00 2.90 13.23
C GLU D 4587 -56.19 1.99 14.12
N THR D 4588 -56.75 0.86 14.56
CA THR D 4588 -56.04 -0.03 15.46
C THR D 4588 -55.24 -1.11 14.74
N GLU D 4589 -55.38 -1.24 13.43
CA GLU D 4589 -54.72 -2.30 12.68
C GLU D 4589 -53.65 -1.78 11.73
N HIS D 4590 -53.55 -0.46 11.54
CA HIS D 4590 -52.51 0.10 10.68
C HIS D 4590 -51.13 -0.29 11.17
N THR D 4591 -50.26 -0.65 10.23
CA THR D 4591 -48.91 -1.10 10.56
C THR D 4591 -48.02 0.11 10.84
N GLY D 4592 -46.71 -0.12 10.92
CA GLY D 4592 -45.79 0.97 11.22
C GLY D 4592 -45.79 2.05 10.15
N GLN D 4593 -45.79 1.64 8.88
CA GLN D 4593 -45.80 2.61 7.79
C GLN D 4593 -47.16 3.26 7.64
N GLU D 4594 -48.24 2.47 7.76
CA GLU D 4594 -49.58 3.02 7.61
C GLU D 4594 -49.88 4.07 8.68
N SER D 4595 -49.46 3.82 9.92
CA SER D 4595 -49.65 4.82 10.97
C SER D 4595 -48.85 6.08 10.71
N TYR D 4596 -47.62 5.96 10.21
CA TYR D 4596 -46.80 7.13 9.94
C TYR D 4596 -47.39 7.97 8.81
N VAL D 4597 -47.80 7.33 7.72
CA VAL D 4597 -48.35 8.07 6.59
C VAL D 4597 -49.64 8.77 6.97
N TRP D 4598 -50.48 8.10 7.77
CA TRP D 4598 -51.73 8.72 8.22
C TRP D 4598 -51.45 9.95 9.07
N LYS D 4599 -50.41 9.89 9.91
CA LYS D 4599 -50.06 11.04 10.74
C LYS D 4599 -49.70 12.25 9.87
N MET D 4600 -48.92 12.03 8.82
CA MET D 4600 -48.66 13.10 7.86
C MET D 4600 -49.93 13.52 7.14
N TYR D 4601 -50.78 12.57 6.76
CA TYR D 4601 -52.01 12.89 6.05
C TYR D 4601 -52.95 13.71 6.92
N GLN D 4602 -53.04 13.37 8.21
CA GLN D 4602 -53.81 14.19 9.14
C GLN D 4602 -53.20 15.58 9.27
N GLU D 4603 -51.87 15.66 9.31
CA GLU D 4603 -51.17 16.94 9.35
C GLU D 4603 -51.09 17.60 7.99
N ARG D 4604 -51.53 16.92 6.93
CA ARG D 4604 -51.53 17.46 5.57
C ARG D 4604 -50.13 17.87 5.12
N CYS D 4605 -49.13 17.09 5.48
CA CYS D 4605 -47.75 17.31 5.03
C CYS D 4605 -47.42 16.32 3.92
N TRP D 4606 -46.69 16.81 2.92
CA TRP D 4606 -46.39 16.04 1.71
C TRP D 4606 -44.92 15.64 1.65
N ASP D 4607 -44.33 15.30 2.80
CA ASP D 4607 -42.95 14.85 2.85
C ASP D 4607 -42.79 13.35 2.64
N PHE D 4608 -43.90 12.59 2.64
CA PHE D 4608 -43.82 11.16 2.40
C PHE D 4608 -43.64 10.83 0.93
N PHE D 4609 -43.92 11.77 0.04
CA PHE D 4609 -43.68 11.57 -1.37
C PHE D 4609 -42.18 11.51 -1.65
N PRO D 4610 -41.76 10.82 -2.72
CA PRO D 4610 -40.30 10.68 -2.94
C PRO D 4610 -39.63 11.99 -3.30
N ALA D 4611 -40.23 12.78 -4.20
CA ALA D 4611 -39.80 14.15 -4.49
C ALA D 4611 -38.33 14.20 -4.93
N GLY D 4612 -38.07 13.59 -6.09
CA GLY D 4612 -36.75 13.64 -6.68
C GLY D 4612 -35.82 12.49 -6.36
N ASP D 4613 -36.31 11.46 -5.67
CA ASP D 4613 -35.49 10.31 -5.35
C ASP D 4613 -36.26 9.04 -5.70
N CYS D 4614 -35.55 8.07 -6.27
CA CYS D 4614 -36.14 6.80 -6.68
C CYS D 4614 -35.25 5.66 -6.21
N PHE D 4615 -35.86 4.47 -6.12
CA PHE D 4615 -35.13 3.30 -5.62
C PHE D 4615 -33.94 2.95 -6.49
N ARG D 4616 -34.06 3.09 -7.81
CA ARG D 4616 -32.97 2.72 -8.71
C ARG D 4616 -31.76 3.61 -8.51
N LYS D 4617 -31.96 4.93 -8.48
CA LYS D 4617 -30.84 5.86 -8.30
C LYS D 4617 -30.30 5.82 -6.87
N GLN D 4618 -31.18 5.66 -5.89
CA GLN D 4618 -30.76 5.71 -4.49
C GLN D 4618 -29.90 4.51 -4.12
N TYR D 4619 -30.29 3.32 -4.57
CA TYR D 4619 -29.54 2.09 -4.31
C TYR D 4619 -28.72 1.67 -5.52
N GLU D 4620 -28.21 2.64 -6.29
CA GLU D 4620 -27.50 2.32 -7.53
C GLU D 4620 -26.22 1.53 -7.25
N ASP D 4621 -25.48 1.91 -6.20
CA ASP D 4621 -24.21 1.26 -5.91
C ASP D 4621 -24.37 -0.19 -5.50
N GLN D 4622 -25.51 -0.58 -4.93
CA GLN D 4622 -25.70 -1.94 -4.46
C GLN D 4622 -26.09 -2.86 -5.61
N LEU D 4623 -27.23 -2.60 -6.25
CA LEU D 4623 -27.71 -3.41 -7.35
C LEU D 4623 -27.82 -2.56 -8.62
N SER D 4624 -27.59 -3.20 -9.76
CA SER D 4624 -27.66 -2.52 -11.05
C SER D 4624 -29.10 -2.34 -11.50
N GLY E 4 61.03 90.19 67.37
CA GLY E 4 62.15 90.68 66.60
C GLY E 4 61.73 91.39 65.32
N VAL E 5 61.49 92.70 65.43
CA VAL E 5 61.09 93.52 64.30
C VAL E 5 62.14 94.59 64.08
N GLU E 6 62.67 94.65 62.87
CA GLU E 6 63.67 95.65 62.50
C GLU E 6 63.00 96.76 61.69
N ILE E 7 63.19 98.00 62.12
CA ILE E 7 62.56 99.16 61.49
C ILE E 7 63.66 100.06 60.95
N GLU E 8 63.57 100.37 59.65
CA GLU E 8 64.46 101.32 59.00
C GLU E 8 63.61 102.50 58.51
N THR E 9 63.99 103.71 58.90
CA THR E 9 63.22 104.89 58.56
C THR E 9 63.48 105.28 57.11
N ILE E 10 62.55 104.91 56.22
CA ILE E 10 62.68 105.28 54.81
C ILE E 10 62.04 106.64 54.52
N SER E 11 61.34 107.23 55.48
CA SER E 11 60.78 108.56 55.37
C SER E 11 61.13 109.37 56.62
N PRO E 12 61.26 110.70 56.49
CA PRO E 12 61.60 111.53 57.66
C PRO E 12 60.56 111.43 58.76
N GLY E 13 59.30 111.73 58.43
CA GLY E 13 58.23 111.68 59.41
C GLY E 13 58.41 112.65 60.54
N ASP E 14 58.33 113.95 60.24
CA ASP E 14 58.54 114.99 61.25
C ASP E 14 57.43 115.03 62.29
N GLY E 15 56.29 114.40 62.04
CA GLY E 15 55.19 114.38 63.00
C GLY E 15 55.56 113.76 64.32
N ARG E 16 55.24 114.46 65.41
CA ARG E 16 55.53 113.99 66.76
C ARG E 16 54.39 113.19 67.37
N THR E 17 53.25 113.10 66.69
CA THR E 17 52.12 112.35 67.22
C THR E 17 52.43 110.85 67.23
N PHE E 18 52.06 110.19 68.33
CA PHE E 18 52.29 108.76 68.47
C PHE E 18 50.98 108.04 68.80
N PRO E 19 50.77 106.85 68.26
CA PRO E 19 49.54 106.10 68.59
C PRO E 19 49.49 105.74 70.07
N LYS E 20 48.29 105.78 70.63
CA LYS E 20 48.04 105.42 72.01
C LYS E 20 47.01 104.29 72.08
N LYS E 21 46.81 103.78 73.29
CA LYS E 21 45.86 102.70 73.50
C LYS E 21 44.43 103.17 73.24
N GLY E 22 43.63 102.27 72.68
CA GLY E 22 42.24 102.59 72.38
C GLY E 22 42.05 103.67 71.33
N GLN E 23 42.84 103.63 70.25
CA GLN E 23 42.74 104.60 69.18
C GLN E 23 42.73 103.90 67.84
N THR E 24 42.05 104.51 66.87
CA THR E 24 42.09 104.02 65.50
C THR E 24 43.37 104.52 64.82
N CYS E 25 43.79 103.78 63.79
CA CYS E 25 45.02 104.11 63.07
C CYS E 25 44.89 103.62 61.64
N VAL E 26 45.22 104.48 60.69
CA VAL E 26 45.10 104.15 59.27
C VAL E 26 46.49 103.98 58.67
N VAL E 27 46.70 102.84 58.01
CA VAL E 27 47.98 102.52 57.39
C VAL E 27 47.75 101.97 55.99
N HIS E 28 48.51 102.48 55.03
CA HIS E 28 48.54 101.94 53.67
C HIS E 28 49.71 100.97 53.62
N TYR E 29 49.42 99.68 53.75
CA TYR E 29 50.45 98.66 53.90
C TYR E 29 50.61 97.87 52.60
N THR E 30 51.87 97.50 52.32
CA THR E 30 52.21 96.66 51.19
C THR E 30 53.17 95.58 51.68
N GLY E 31 52.75 94.34 51.61
CA GLY E 31 53.53 93.22 52.11
C GLY E 31 54.09 92.37 50.98
N MET E 32 55.34 91.94 51.15
CA MET E 32 55.99 91.05 50.20
C MET E 32 56.69 89.93 50.95
N LEU E 33 56.77 88.77 50.30
CA LEU E 33 57.53 87.65 50.85
C LEU E 33 59.00 87.83 50.51
N GLN E 34 59.88 87.35 51.41
CA GLN E 34 61.27 87.76 51.36
C GLN E 34 61.96 87.34 50.06
N ASN E 35 61.42 86.33 49.36
CA ASN E 35 61.94 86.00 48.03
C ASN E 35 61.66 87.12 47.03
N GLY E 36 60.50 87.76 47.14
CA GLY E 36 60.20 88.93 46.31
C GLY E 36 58.77 89.09 45.83
N LYS E 37 57.94 88.07 46.00
CA LYS E 37 56.55 88.14 45.58
C LYS E 37 55.68 88.72 46.68
N LYS E 38 54.75 89.60 46.30
CA LYS E 38 53.88 90.27 47.25
C LYS E 38 52.60 89.46 47.41
N PHE E 39 51.93 89.60 48.56
CA PHE E 39 50.66 88.95 48.78
C PHE E 39 49.52 89.93 49.06
N ASP E 40 49.84 91.11 49.61
CA ASP E 40 48.80 92.06 50.00
C ASP E 40 49.27 93.47 49.68
N SER E 41 48.33 94.31 49.29
CA SER E 41 48.59 95.72 49.06
C SER E 41 47.27 96.45 49.24
N SER E 42 47.13 97.18 50.35
CA SER E 42 45.90 97.94 50.57
C SER E 42 45.71 99.01 49.52
N ARG E 43 46.80 99.47 48.91
CA ARG E 43 46.66 100.55 47.95
C ARG E 43 46.07 100.08 46.63
N ASP E 44 46.15 98.78 46.35
CA ASP E 44 45.48 98.19 45.19
C ASP E 44 43.96 98.27 45.34
N ARG E 45 43.48 98.25 46.58
CA ARG E 45 42.05 98.41 46.83
C ARG E 45 41.63 99.86 46.93
N ASN E 46 42.59 100.80 46.96
CA ASN E 46 42.33 102.23 47.09
C ASN E 46 41.56 102.57 48.36
N LYS E 47 41.68 101.74 49.40
CA LYS E 47 40.99 101.98 50.66
C LYS E 47 41.99 101.90 51.81
N PRO E 48 42.07 102.91 52.67
CA PRO E 48 42.98 102.84 53.82
C PRO E 48 42.55 101.74 54.78
N PHE E 49 43.53 101.00 55.31
CA PHE E 49 43.25 99.90 56.21
C PHE E 49 43.11 100.42 57.64
N LYS E 50 41.87 100.51 58.13
CA LYS E 50 41.58 101.00 59.47
C LYS E 50 41.77 99.85 60.43
N PHE E 51 42.68 100.01 61.40
CA PHE E 51 42.80 99.05 62.49
C PHE E 51 43.03 99.78 63.79
N ARG E 52 42.50 99.24 64.88
CA ARG E 52 42.67 99.82 66.21
C ARG E 52 43.81 99.13 66.94
N ILE E 53 44.60 99.92 67.67
CA ILE E 53 45.72 99.36 68.44
C ILE E 53 45.15 98.51 69.56
N GLY E 54 45.52 97.23 69.58
CA GLY E 54 45.01 96.29 70.56
C GLY E 54 43.96 95.38 69.97
N LYS E 55 43.33 94.62 70.89
CA LYS E 55 42.24 93.69 70.56
C LYS E 55 42.71 92.55 69.68
N GLN E 56 44.02 92.47 69.41
CA GLN E 56 44.62 91.38 68.64
C GLN E 56 43.96 91.21 67.27
N GLU E 57 43.60 92.33 66.64
CA GLU E 57 43.01 92.27 65.32
C GLU E 57 44.04 91.96 64.24
N VAL E 58 45.28 92.36 64.45
CA VAL E 58 46.37 92.15 63.50
C VAL E 58 47.53 91.50 64.26
N ILE E 59 48.42 90.84 63.51
CA ILE E 59 49.56 90.16 64.13
C ILE E 59 50.37 91.14 64.96
N LYS E 60 51.07 90.59 65.96
CA LYS E 60 51.75 91.43 66.95
C LYS E 60 52.87 92.25 66.33
N GLY E 61 53.57 91.70 65.33
CA GLY E 61 54.67 92.45 64.73
C GLY E 61 54.19 93.70 64.03
N PHE E 62 53.11 93.58 63.25
CA PHE E 62 52.55 94.74 62.55
C PHE E 62 52.09 95.81 63.54
N GLU E 63 51.40 95.39 64.61
CA GLU E 63 50.92 96.35 65.60
C GLU E 63 52.07 97.04 66.31
N GLU E 64 53.09 96.28 66.71
CA GLU E 64 54.24 96.88 67.38
C GLU E 64 54.98 97.85 66.46
N GLY E 65 55.15 97.47 65.20
CA GLY E 65 55.79 98.37 64.25
C GLY E 65 55.00 99.66 64.08
N ALA E 66 53.68 99.54 63.91
CA ALA E 66 52.85 100.74 63.79
C ALA E 66 52.92 101.59 65.06
N ALA E 67 53.00 100.97 66.23
CA ALA E 67 53.11 101.72 67.47
C ALA E 67 54.42 102.49 67.54
N GLN E 68 55.53 101.88 67.12
CA GLN E 68 56.83 102.52 67.29
C GLN E 68 57.09 103.64 66.27
N MET E 69 56.33 103.67 65.17
CA MET E 69 56.50 104.70 64.16
C MET E 69 55.28 105.62 64.11
N SER E 70 55.45 106.82 63.55
CA SER E 70 54.57 107.95 63.85
C SER E 70 53.89 108.45 62.58
N LEU E 71 53.22 109.60 62.70
CA LEU E 71 52.47 110.18 61.60
C LEU E 71 53.39 110.69 60.49
N GLY E 72 52.96 110.51 59.25
CA GLY E 72 53.73 110.97 58.11
C GLY E 72 55.05 110.28 57.93
N GLN E 73 55.22 109.10 58.52
CA GLN E 73 56.47 108.36 58.48
C GLN E 73 56.25 107.06 57.72
N ARG E 74 57.29 106.58 57.04
CA ARG E 74 57.27 105.32 56.32
C ARG E 74 58.41 104.45 56.82
N ALA E 75 58.17 103.15 56.89
CA ALA E 75 59.17 102.21 57.36
C ALA E 75 58.90 100.83 56.80
N LYS E 76 59.92 99.97 56.85
CA LYS E 76 59.82 98.59 56.42
C LYS E 76 60.00 97.71 57.64
N LEU E 77 59.06 96.79 57.85
CA LEU E 77 59.05 95.91 59.01
C LEU E 77 59.53 94.52 58.62
N THR E 78 60.50 94.00 59.37
CA THR E 78 61.00 92.65 59.19
C THR E 78 60.32 91.77 60.24
N CYS E 79 59.34 90.99 59.80
CA CYS E 79 58.54 90.16 60.70
C CYS E 79 59.05 88.72 60.66
N THR E 80 59.50 88.23 61.81
CA THR E 80 59.92 86.85 61.95
C THR E 80 58.71 85.93 61.96
N PRO E 81 58.86 84.67 61.52
CA PRO E 81 57.73 83.73 61.58
C PRO E 81 57.21 83.48 62.99
N ASP E 82 58.03 83.71 64.02
CA ASP E 82 57.57 83.54 65.39
C ASP E 82 56.44 84.52 65.71
N VAL E 83 56.58 85.77 65.27
CA VAL E 83 55.55 86.78 65.49
C VAL E 83 54.55 86.82 64.34
N ALA E 84 54.65 85.88 63.41
CA ALA E 84 53.79 85.80 62.24
C ALA E 84 53.00 84.48 62.30
N TYR E 85 52.34 84.15 61.19
CA TYR E 85 51.56 82.92 61.12
C TYR E 85 52.38 81.69 61.49
N GLY E 86 53.67 81.68 61.11
CA GLY E 86 54.53 80.58 61.51
C GLY E 86 54.15 79.29 60.81
N ALA E 87 54.14 78.21 61.60
CA ALA E 87 53.78 76.90 61.05
C ALA E 87 52.35 76.88 60.54
N THR E 88 51.42 77.50 61.28
CA THR E 88 50.03 77.60 60.85
C THR E 88 49.88 78.80 59.91
N GLY E 89 50.43 78.64 58.72
CA GLY E 89 50.40 79.71 57.74
C GLY E 89 49.01 79.91 57.15
N HIS E 90 48.87 81.02 56.44
CA HIS E 90 47.62 81.34 55.78
C HIS E 90 47.32 80.29 54.72
N PRO E 91 46.09 79.76 54.65
CA PRO E 91 45.80 78.69 53.68
C PRO E 91 45.87 79.18 52.23
N GLY E 92 46.85 78.68 51.49
CA GLY E 92 47.01 79.02 50.10
C GLY E 92 47.58 80.38 49.82
N VAL E 93 48.10 81.08 50.83
CA VAL E 93 48.63 82.43 50.64
C VAL E 93 50.09 82.48 51.04
N ILE E 94 50.38 82.19 52.30
CA ILE E 94 51.73 82.30 52.86
C ILE E 94 52.20 80.91 53.25
N PRO E 95 53.34 80.44 52.74
CA PRO E 95 53.87 79.15 53.15
C PRO E 95 54.30 79.17 54.61
N PRO E 96 54.27 78.02 55.29
CA PRO E 96 54.68 78.00 56.70
C PRO E 96 56.14 78.38 56.89
N ASN E 97 56.42 79.03 58.01
CA ASN E 97 57.77 79.45 58.40
C ASN E 97 58.37 80.38 57.33
N ALA E 98 57.72 81.53 57.16
CA ALA E 98 58.16 82.53 56.20
C ALA E 98 58.14 83.91 56.85
N THR E 99 59.08 84.75 56.44
CA THR E 99 59.17 86.13 56.93
C THR E 99 58.35 87.06 56.03
N LEU E 100 57.96 88.19 56.62
CA LEU E 100 57.07 89.13 55.95
C LEU E 100 57.67 90.54 56.05
N ILE E 101 57.64 91.27 54.94
CA ILE E 101 58.14 92.64 54.88
C ILE E 101 56.97 93.55 54.53
N PHE E 102 56.72 94.56 55.35
CA PHE E 102 55.57 95.44 55.22
C PHE E 102 56.00 96.87 54.88
N ASP E 103 55.22 97.52 54.03
CA ASP E 103 55.43 98.93 53.68
C ASP E 103 54.37 99.75 54.41
N VAL E 104 54.67 100.09 55.68
CA VAL E 104 53.70 100.70 56.59
C VAL E 104 53.87 102.21 56.61
N GLU E 105 52.76 102.91 56.85
CA GLU E 105 52.73 104.37 56.87
C GLU E 105 51.40 104.84 57.43
N LEU E 106 51.42 105.66 58.49
CA LEU E 106 50.19 106.30 58.93
C LEU E 106 49.82 107.48 58.05
N LEU E 107 48.53 107.82 58.06
CA LEU E 107 47.99 109.04 57.45
C LEU E 107 47.32 109.93 58.49
N ASN E 108 46.66 109.33 59.47
CA ASN E 108 45.93 110.04 60.50
C ASN E 108 45.87 109.17 61.75
N LEU E 109 45.95 109.82 62.91
CA LEU E 109 45.85 109.14 64.21
C LEU E 109 46.83 107.99 64.36
N GLN F 12 22.60 21.73 -8.90
CA GLN F 12 22.43 23.16 -8.67
C GLN F 12 23.56 23.94 -9.34
N PHE F 13 23.44 25.26 -9.37
CA PHE F 13 24.43 26.12 -10.00
C PHE F 13 24.89 27.16 -8.98
N LEU F 14 26.21 27.33 -8.87
CA LEU F 14 26.74 28.31 -7.92
C LEU F 14 26.49 29.72 -8.43
N ARG F 15 25.99 30.58 -7.55
CA ARG F 15 25.67 31.96 -7.87
C ARG F 15 26.28 32.87 -6.82
N THR F 16 26.04 34.17 -6.97
CA THR F 16 26.57 35.16 -6.04
C THR F 16 25.76 35.17 -4.75
N ASP F 17 26.32 35.80 -3.72
CA ASP F 17 25.74 35.85 -2.38
C ASP F 17 25.52 34.44 -1.81
N ASP F 18 26.39 33.50 -2.18
CA ASP F 18 26.32 32.12 -1.70
C ASP F 18 27.56 31.85 -0.86
N GLU F 19 27.35 31.37 0.36
CA GLU F 19 28.47 31.03 1.24
C GLU F 19 29.09 29.71 0.79
N VAL F 20 30.39 29.74 0.49
CA VAL F 20 31.12 28.56 0.04
C VAL F 20 32.37 28.41 0.88
N VAL F 21 32.84 27.17 0.99
CA VAL F 21 34.05 26.83 1.72
C VAL F 21 35.00 26.12 0.77
N LEU F 22 36.20 26.67 0.62
CA LEU F 22 37.20 26.05 -0.25
C LEU F 22 37.70 24.75 0.37
N GLN F 23 37.85 23.73 -0.47
CA GLN F 23 38.28 22.41 -0.02
C GLN F 23 39.29 21.86 -1.01
N CYS F 24 40.20 21.03 -0.50
CA CYS F 24 41.21 20.39 -1.32
C CYS F 24 41.50 18.99 -0.76
N ASN F 25 41.68 18.03 -1.66
CA ASN F 25 41.98 16.65 -1.28
C ASN F 25 43.49 16.43 -1.42
N ALA F 26 44.23 16.96 -0.46
CA ALA F 26 45.69 16.84 -0.43
C ALA F 26 46.12 16.27 0.91
N THR F 27 46.96 15.23 0.88
CA THR F 27 47.46 14.60 2.09
C THR F 27 48.74 13.86 1.75
N VAL F 28 49.51 13.55 2.80
CA VAL F 28 50.78 12.85 2.65
C VAL F 28 50.86 11.74 3.70
N LEU F 29 51.28 10.55 3.25
CA LEU F 29 51.51 9.39 4.12
C LEU F 29 50.26 8.97 4.88
N LYS F 30 49.08 9.24 4.33
CA LYS F 30 47.82 8.87 4.97
C LYS F 30 46.71 8.95 3.93
N GLU F 31 45.48 8.72 4.38
CA GLU F 31 44.33 8.83 3.50
C GLU F 31 44.07 10.29 3.18
N GLN F 32 43.19 10.51 2.20
CA GLN F 32 42.90 11.86 1.73
C GLN F 32 42.26 12.68 2.86
N LEU F 33 42.90 13.79 3.22
CA LEU F 33 42.43 14.68 4.26
C LEU F 33 41.90 15.95 3.62
N LYS F 34 40.65 16.29 3.92
CA LYS F 34 40.01 17.46 3.34
C LYS F 34 40.46 18.71 4.09
N LEU F 35 41.32 19.51 3.46
CA LEU F 35 41.81 20.74 4.03
C LEU F 35 41.00 21.92 3.52
N CYS F 36 40.79 22.91 4.38
CA CYS F 36 40.00 24.09 4.05
C CYS F 36 40.84 25.35 4.26
N LEU F 37 40.46 26.41 3.53
CA LEU F 37 41.14 27.69 3.61
C LEU F 37 40.53 28.49 4.74
N ALA F 38 41.22 28.55 5.87
CA ALA F 38 40.75 29.25 7.07
C ALA F 38 41.74 30.35 7.43
N ALA F 39 41.20 31.53 7.77
CA ALA F 39 42.03 32.66 8.14
C ALA F 39 41.31 33.46 9.23
N GLU F 40 42.07 33.85 10.27
CA GLU F 40 41.48 34.56 11.39
C GLU F 40 41.06 35.98 10.99
N GLY F 41 41.93 36.70 10.30
CA GLY F 41 41.64 38.07 9.91
C GLY F 41 42.08 39.08 10.96
N PHE F 42 41.41 39.08 12.11
CA PHE F 42 41.77 40.00 13.19
C PHE F 42 42.92 39.39 13.99
N GLY F 43 44.02 40.12 14.10
CA GLY F 43 45.20 39.66 14.79
C GLY F 43 46.15 38.86 13.92
N ASN F 44 45.62 38.14 12.93
CA ASN F 44 46.43 37.36 12.01
C ASN F 44 45.97 37.66 10.59
N ARG F 45 46.77 38.42 9.84
CA ARG F 45 46.44 38.77 8.48
C ARG F 45 46.78 37.68 7.47
N LEU F 46 47.49 36.63 7.90
CA LEU F 46 47.86 35.55 7.01
C LEU F 46 46.84 34.41 7.09
N CYS F 47 46.93 33.49 6.15
CA CYS F 47 46.03 32.35 6.07
C CYS F 47 46.72 31.07 6.53
N PHE F 48 45.91 30.05 6.79
CA PHE F 48 46.41 28.75 7.24
C PHE F 48 45.45 27.68 6.76
N LEU F 49 45.62 26.46 7.28
CA LEU F 49 44.82 25.31 6.89
C LEU F 49 44.26 24.62 8.12
N GLU F 50 43.15 23.91 7.93
CA GLU F 50 42.48 23.18 8.99
C GLU F 50 41.91 21.88 8.45
N PRO F 51 42.42 20.72 8.86
CA PRO F 51 41.87 19.45 8.37
C PRO F 51 40.45 19.25 8.88
N THR F 52 39.55 18.88 7.96
CA THR F 52 38.15 18.63 8.28
C THR F 52 37.75 17.19 7.95
N SER F 53 38.73 16.29 7.80
CA SER F 53 38.42 14.91 7.44
C SER F 53 37.84 14.14 8.62
N ASN F 54 38.56 14.11 9.74
CA ASN F 54 38.12 13.37 10.93
C ASN F 54 37.12 14.22 11.68
N ALA F 55 35.83 14.03 11.38
CA ALA F 55 34.77 14.76 12.08
C ALA F 55 34.33 14.08 13.37
N GLN F 56 34.52 12.77 13.49
CA GLN F 56 34.14 12.06 14.71
C GLN F 56 35.12 12.32 15.85
N ASN F 57 36.39 12.56 15.54
CA ASN F 57 37.38 12.79 16.59
C ASN F 57 37.33 14.22 17.11
N VAL F 58 37.59 15.20 16.23
CA VAL F 58 37.60 16.61 16.59
C VAL F 58 36.70 17.35 15.62
N PRO F 59 35.65 18.03 16.09
CA PRO F 59 34.77 18.77 15.17
C PRO F 59 35.44 20.05 14.70
N PRO F 60 35.59 20.21 13.39
CA PRO F 60 36.19 21.44 12.86
C PRO F 60 35.23 22.63 12.96
N ASP F 61 35.81 23.81 12.83
CA ASP F 61 35.05 25.06 12.84
C ASP F 61 34.79 25.55 11.41
N LEU F 62 33.68 26.26 11.23
CA LEU F 62 33.28 26.74 9.91
C LEU F 62 33.25 28.26 9.82
N ALA F 63 33.24 28.98 10.93
CA ALA F 63 33.20 30.45 10.88
C ALA F 63 34.51 31.01 10.32
N ILE F 64 35.65 30.40 10.66
CA ILE F 64 36.93 30.90 10.18
C ILE F 64 37.10 30.66 8.69
N CYS F 65 36.67 29.50 8.18
CA CYS F 65 36.85 29.13 6.78
C CYS F 65 35.58 29.36 5.95
N CYS F 66 34.82 30.41 6.27
CA CYS F 66 33.60 30.73 5.53
C CYS F 66 33.83 31.93 4.63
N PHE F 67 33.51 31.77 3.35
CA PHE F 67 33.64 32.85 2.37
C PHE F 67 32.34 32.96 1.59
N VAL F 68 32.05 34.18 1.15
CA VAL F 68 30.82 34.49 0.41
C VAL F 68 31.20 35.14 -0.91
N LEU F 69 30.47 34.80 -1.97
CA LEU F 69 30.71 35.33 -3.30
C LEU F 69 29.78 36.52 -3.54
N GLU F 70 30.33 37.74 -3.46
CA GLU F 70 29.52 38.93 -3.62
C GLU F 70 29.43 39.42 -5.05
N GLN F 71 30.49 39.27 -5.85
CA GLN F 71 30.48 39.72 -7.23
C GLN F 71 31.35 38.82 -8.07
N SER F 72 30.92 38.59 -9.31
CA SER F 72 31.68 37.77 -10.25
C SER F 72 31.53 38.38 -11.63
N LEU F 73 32.62 38.97 -12.14
CA LEU F 73 32.63 39.62 -13.44
C LEU F 73 33.76 39.05 -14.29
N SER F 74 33.73 39.38 -15.58
CA SER F 74 34.71 38.86 -16.52
C SER F 74 36.04 39.61 -16.40
N VAL F 75 37.02 39.16 -17.17
CA VAL F 75 38.34 39.79 -17.15
C VAL F 75 38.27 41.17 -17.80
N ARG F 76 37.60 41.27 -18.96
CA ARG F 76 37.50 42.56 -19.65
C ARG F 76 36.70 43.56 -18.83
N ALA F 77 35.59 43.13 -18.23
CA ALA F 77 34.81 44.01 -17.37
C ALA F 77 35.63 44.45 -16.17
N LEU F 78 36.40 43.52 -15.59
CA LEU F 78 37.26 43.87 -14.46
C LEU F 78 38.28 44.92 -14.86
N GLN F 79 38.90 44.76 -16.03
CA GLN F 79 39.89 45.73 -16.49
C GLN F 79 39.24 47.08 -16.72
N GLU F 80 38.05 47.10 -17.32
CA GLU F 80 37.35 48.36 -17.56
C GLU F 80 37.00 49.06 -16.25
N MET F 81 36.54 48.31 -15.26
CA MET F 81 36.19 48.91 -13.97
C MET F 81 37.42 49.39 -13.22
N LEU F 82 38.52 48.63 -13.30
CA LEU F 82 39.76 49.05 -12.63
C LEU F 82 40.34 50.30 -13.28
N ALA F 83 40.24 50.42 -14.60
CA ALA F 83 40.72 51.62 -15.27
C ALA F 83 39.92 52.84 -14.83
N ASN F 84 38.61 52.71 -14.70
CA ASN F 84 37.76 53.81 -14.28
C ASN F 84 37.13 53.52 -12.92
N GLY F 97 19.50 41.04 -7.69
CA GLY F 97 20.40 41.07 -8.83
C GLY F 97 21.43 39.96 -8.80
N HIS F 98 20.99 38.76 -8.44
CA HIS F 98 21.88 37.61 -8.39
C HIS F 98 22.29 37.19 -9.80
N ARG F 99 23.57 36.88 -9.97
CA ARG F 99 24.12 36.47 -11.25
C ARG F 99 24.81 35.12 -11.09
N THR F 100 24.61 34.25 -12.08
CA THR F 100 25.24 32.94 -12.06
C THR F 100 26.74 33.05 -12.31
N LEU F 101 27.49 32.06 -11.83
CA LEU F 101 28.94 32.01 -11.96
C LEU F 101 29.29 31.16 -13.18
N LEU F 102 30.17 31.69 -14.02
CA LEU F 102 30.59 31.00 -15.23
C LEU F 102 32.12 30.92 -15.28
N TYR F 103 32.61 29.92 -16.00
CA TYR F 103 34.05 29.75 -16.19
C TYR F 103 34.61 30.92 -16.97
N GLY F 104 35.82 31.35 -16.59
CA GLY F 104 36.47 32.47 -17.22
C GLY F 104 36.20 33.81 -16.59
N HIS F 105 35.28 33.88 -15.62
CA HIS F 105 34.99 35.11 -14.91
C HIS F 105 36.00 35.28 -13.78
N ALA F 106 35.85 36.34 -12.98
CA ALA F 106 36.71 36.61 -11.85
C ALA F 106 35.85 36.74 -10.59
N ILE F 107 36.16 35.93 -9.58
CA ILE F 107 35.37 35.90 -8.37
C ILE F 107 36.02 36.79 -7.32
N LEU F 108 35.22 37.23 -6.35
CA LEU F 108 35.69 38.06 -5.24
C LEU F 108 35.37 37.35 -3.94
N LEU F 109 36.41 36.96 -3.21
CA LEU F 109 36.24 36.23 -1.96
C LEU F 109 36.13 37.21 -0.80
N ARG F 110 35.01 37.17 -0.08
CA ARG F 110 34.78 38.00 1.09
C ARG F 110 34.64 37.11 2.32
N HIS F 111 35.38 37.45 3.37
CA HIS F 111 35.25 36.74 4.64
C HIS F 111 33.94 37.10 5.32
N ALA F 112 33.43 36.17 6.12
CA ALA F 112 32.17 36.37 6.82
C ALA F 112 32.36 36.99 8.19
N HIS F 113 33.32 36.47 8.97
CA HIS F 113 33.54 36.99 10.31
C HIS F 113 34.33 38.30 10.28
N SER F 114 35.55 38.26 9.74
CA SER F 114 36.37 39.47 9.69
C SER F 114 35.81 40.50 8.73
N GLY F 115 35.28 40.06 7.58
CA GLY F 115 34.73 40.96 6.59
C GLY F 115 35.72 41.46 5.56
N MET F 116 37.01 41.15 5.73
CA MET F 116 38.01 41.58 4.76
C MET F 116 37.97 40.70 3.51
N TYR F 117 38.53 41.21 2.42
CA TYR F 117 38.59 40.50 1.16
C TYR F 117 39.89 39.73 1.04
N LEU F 118 39.83 38.58 0.39
CA LEU F 118 41.01 37.75 0.19
C LEU F 118 41.83 38.29 -0.98
N SER F 119 43.13 38.44 -0.76
CA SER F 119 44.02 38.99 -1.77
C SER F 119 45.42 38.42 -1.57
N CYS F 120 46.31 38.74 -2.49
CA CYS F 120 47.70 38.31 -2.42
C CYS F 120 48.56 39.42 -1.81
N LEU F 121 49.49 39.03 -0.95
CA LEU F 121 50.37 39.96 -0.26
C LEU F 121 51.79 39.83 -0.83
N THR F 122 52.42 40.97 -1.08
CA THR F 122 53.78 40.97 -1.62
C THR F 122 54.80 40.41 -0.64
N THR F 123 54.50 40.40 0.65
CA THR F 123 55.40 39.84 1.64
C THR F 123 55.44 38.32 1.49
N SER F 124 56.66 37.76 1.45
CA SER F 124 56.85 36.32 1.30
C SER F 124 57.44 35.75 2.58
N ARG F 125 56.72 34.81 3.19
CA ARG F 125 57.19 34.13 4.39
C ARG F 125 57.97 32.86 4.08
N SER F 126 58.02 32.44 2.81
CA SER F 126 58.77 31.25 2.44
C SER F 126 60.26 31.56 2.35
N MET F 127 61.06 30.50 2.20
CA MET F 127 62.51 30.61 2.13
C MET F 127 63.01 30.04 0.81
N THR F 128 64.05 30.67 0.28
CA THR F 128 64.74 30.26 -0.94
C THR F 128 63.84 30.27 -2.17
N ASP F 129 62.71 30.97 -2.13
CA ASP F 129 61.81 31.06 -3.27
C ASP F 129 61.08 32.40 -3.19
N LYS F 130 61.58 33.39 -3.93
CA LYS F 130 60.95 34.71 -3.98
C LYS F 130 59.68 34.72 -4.83
N LEU F 131 59.46 33.69 -5.66
CA LEU F 131 58.26 33.66 -6.49
C LEU F 131 57.02 33.36 -5.68
N ALA F 132 57.15 32.63 -4.57
CA ALA F 132 55.99 32.30 -3.75
C ALA F 132 55.52 33.54 -2.99
N PHE F 133 54.23 33.82 -3.09
CA PHE F 133 53.61 34.97 -2.44
C PHE F 133 52.55 34.48 -1.46
N ASP F 134 52.61 34.97 -0.23
CA ASP F 134 51.60 34.62 0.77
C ASP F 134 50.26 35.26 0.41
N VAL F 135 49.19 34.54 0.71
CA VAL F 135 47.83 35.02 0.47
C VAL F 135 47.23 35.47 1.80
N GLY F 136 46.59 36.64 1.79
CA GLY F 136 46.07 37.21 3.02
C GLY F 136 44.84 38.07 2.82
N LEU F 137 44.45 38.83 3.85
CA LEU F 137 43.24 39.63 3.81
C LEU F 137 43.57 41.11 3.83
N GLN F 138 42.79 41.89 3.09
CA GLN F 138 42.95 43.33 3.04
C GLN F 138 41.57 43.98 3.08
N GLU F 139 41.47 45.08 3.82
CA GLU F 139 40.21 45.81 3.92
C GLU F 139 40.15 47.01 2.99
N ASP F 140 41.19 47.26 2.20
CA ASP F 140 41.20 48.40 1.29
C ASP F 140 40.28 48.18 0.09
N ALA F 141 39.94 46.93 -0.23
CA ALA F 141 39.03 46.60 -1.33
C ALA F 141 39.54 47.11 -2.68
N THR F 142 40.86 47.17 -2.84
CA THR F 142 41.44 47.57 -4.11
C THR F 142 41.32 46.42 -5.11
N GLY F 143 40.86 46.73 -6.32
CA GLY F 143 40.65 45.74 -7.34
C GLY F 143 41.88 45.33 -8.11
N GLU F 144 43.05 45.86 -7.76
CA GLU F 144 44.28 45.53 -8.49
C GLU F 144 44.63 44.05 -8.32
N ALA F 145 44.52 43.53 -7.10
CA ALA F 145 44.92 42.16 -6.81
C ALA F 145 43.94 41.38 -5.94
N CYS F 146 42.82 41.98 -5.54
CA CYS F 146 41.88 41.27 -4.67
C CYS F 146 40.98 40.30 -5.42
N TRP F 147 41.01 40.31 -6.75
CA TRP F 147 40.17 39.44 -7.55
C TRP F 147 40.90 38.16 -7.92
N TRP F 148 40.12 37.09 -8.09
CA TRP F 148 40.65 35.80 -8.52
C TRP F 148 39.78 35.27 -9.65
N THR F 149 40.41 34.76 -10.70
CA THR F 149 39.70 34.22 -11.85
C THR F 149 39.69 32.70 -11.81
N THR F 150 38.73 32.11 -12.51
CA THR F 150 38.53 30.67 -12.53
C THR F 150 38.76 30.12 -13.93
N HIS F 151 39.25 28.89 -13.98
CA HIS F 151 39.53 28.19 -15.23
C HIS F 151 39.05 26.76 -15.10
N PRO F 152 38.71 26.10 -16.22
CA PRO F 152 38.24 24.72 -16.13
C PRO F 152 39.39 23.73 -16.05
N ALA F 153 39.32 22.82 -15.08
CA ALA F 153 40.39 21.86 -14.86
C ALA F 153 40.31 20.69 -15.82
N SER F 154 39.17 19.99 -15.82
CA SER F 154 39.01 18.83 -16.69
C SER F 154 38.86 19.26 -18.15
N LYS F 155 39.11 18.31 -19.05
CA LYS F 155 39.10 18.61 -20.48
C LYS F 155 37.68 18.84 -21.00
N GLN F 156 36.70 18.06 -20.54
CA GLN F 156 35.34 18.22 -21.04
C GLN F 156 34.76 19.57 -20.64
N ARG F 157 35.07 20.04 -19.44
CA ARG F 157 34.57 21.33 -18.99
C ARG F 157 35.22 22.44 -19.81
N SER F 158 34.40 23.23 -20.48
CA SER F 158 34.88 24.32 -21.31
C SER F 158 34.79 25.63 -20.52
N GLU F 159 35.29 26.70 -21.14
CA GLU F 159 35.14 28.02 -20.58
C GLU F 159 33.75 28.56 -20.87
N GLY F 160 33.22 29.36 -19.95
CA GLY F 160 31.88 29.89 -20.12
C GLY F 160 30.79 28.87 -19.88
N GLU F 161 30.75 28.28 -18.68
CA GLU F 161 29.83 27.19 -18.37
C GLU F 161 29.04 27.55 -17.13
N LYS F 162 27.86 26.92 -17.00
CA LYS F 162 27.20 26.87 -15.70
C LYS F 162 27.96 25.91 -14.79
N VAL F 163 28.49 26.43 -13.68
CA VAL F 163 29.39 25.69 -12.82
C VAL F 163 28.59 24.73 -11.96
N ARG F 164 28.95 23.45 -12.00
CA ARG F 164 28.26 22.42 -11.24
C ARG F 164 28.75 22.40 -9.79
N VAL F 165 27.91 21.85 -8.92
CA VAL F 165 28.25 21.72 -7.51
C VAL F 165 29.26 20.62 -7.31
N GLY F 166 30.31 20.89 -6.53
CA GLY F 166 31.31 19.88 -6.28
C GLY F 166 32.22 19.62 -7.45
N ASP F 167 32.23 20.52 -8.42
CA ASP F 167 33.14 20.44 -9.55
C ASP F 167 34.50 21.01 -9.17
N ASP F 168 35.55 20.32 -9.58
CA ASP F 168 36.90 20.71 -9.22
C ASP F 168 37.33 21.94 -10.03
N LEU F 169 37.74 23.00 -9.35
CA LEU F 169 38.07 24.28 -9.96
C LEU F 169 39.53 24.61 -9.72
N ILE F 170 39.97 25.71 -10.31
CA ILE F 170 41.34 26.22 -10.12
C ILE F 170 41.28 27.74 -10.08
N LEU F 171 42.12 28.35 -9.24
CA LEU F 171 42.14 29.78 -9.05
C LEU F 171 43.46 30.37 -9.54
N VAL F 172 43.37 31.47 -10.28
CA VAL F 172 44.54 32.15 -10.83
C VAL F 172 44.51 33.61 -10.39
N SER F 173 45.63 34.10 -9.87
CA SER F 173 45.72 35.50 -9.48
C SER F 173 45.66 36.41 -10.70
N VAL F 174 45.03 37.57 -10.54
CA VAL F 174 44.87 38.49 -11.66
C VAL F 174 46.14 39.29 -11.89
N SER F 175 46.64 39.96 -10.85
CA SER F 175 47.81 40.81 -11.01
C SER F 175 49.11 40.00 -10.98
N SER F 176 49.27 39.15 -9.96
CA SER F 176 50.51 38.40 -9.82
C SER F 176 50.62 37.25 -10.82
N GLU F 177 49.49 36.78 -11.36
CA GLU F 177 49.45 35.69 -12.33
C GLU F 177 50.16 34.45 -11.77
N ARG F 178 49.60 33.93 -10.68
CA ARG F 178 50.08 32.70 -10.07
C ARG F 178 48.89 31.88 -9.58
N TYR F 179 49.04 30.56 -9.66
CA TYR F 179 47.99 29.66 -9.20
C TYR F 179 48.02 29.55 -7.67
N LEU F 180 46.91 29.07 -7.11
CA LEU F 180 46.79 28.89 -5.67
C LEU F 180 47.48 27.57 -5.29
N HIS F 181 48.80 27.62 -5.29
CA HIS F 181 49.60 26.44 -5.01
C HIS F 181 49.50 26.04 -3.55
N LEU F 182 49.55 24.74 -3.30
CA LEU F 182 49.54 24.17 -1.95
C LEU F 182 50.94 23.61 -1.67
N SER F 183 51.66 24.26 -0.76
CA SER F 183 53.00 23.81 -0.42
C SER F 183 52.93 22.62 0.55
N THR F 184 54.02 21.86 0.59
CA THR F 184 54.11 20.69 1.46
C THR F 184 55.38 20.74 2.29
N LEU F 189 51.92 22.23 6.38
CA LEU F 189 51.00 22.45 5.26
C LEU F 189 50.46 23.88 5.27
N GLN F 190 50.79 24.63 4.22
CA GLN F 190 50.35 26.01 4.09
C GLN F 190 50.22 26.35 2.60
N VAL F 191 49.52 27.44 2.32
CA VAL F 191 49.17 27.82 0.96
C VAL F 191 49.92 29.09 0.58
N ASP F 192 50.55 29.08 -0.60
CA ASP F 192 51.22 30.22 -1.19
C ASP F 192 50.84 30.33 -2.65
N ALA F 193 50.79 31.57 -3.16
CA ALA F 193 50.53 31.81 -4.57
C ALA F 193 51.83 31.69 -5.34
N SER F 194 51.93 30.65 -6.18
CA SER F 194 53.14 30.40 -6.96
C SER F 194 52.75 29.83 -8.32
N PHE F 195 53.76 29.45 -9.10
CA PHE F 195 53.54 29.02 -10.47
C PHE F 195 52.96 27.61 -10.58
N MET F 196 53.25 26.72 -9.64
CA MET F 196 52.64 25.39 -9.68
C MET F 196 51.15 25.49 -9.41
N GLN F 197 50.38 24.65 -10.08
CA GLN F 197 48.92 24.69 -10.02
C GLN F 197 48.40 23.61 -9.08
N THR F 198 47.31 23.92 -8.39
CA THR F 198 46.70 23.02 -7.42
C THR F 198 45.20 23.04 -7.62
N LEU F 199 44.57 21.88 -7.54
CA LEU F 199 43.15 21.74 -7.81
C LEU F 199 42.32 21.99 -6.56
N TRP F 200 41.36 22.91 -6.66
CA TRP F 200 40.56 23.34 -5.51
C TRP F 200 39.09 23.26 -5.86
N ASN F 201 38.31 22.57 -5.02
CA ASN F 201 36.86 22.50 -5.18
C ASN F 201 36.17 23.12 -3.96
N MET F 202 35.09 23.83 -4.21
CA MET F 202 34.34 24.49 -3.15
C MET F 202 32.99 23.81 -2.95
N ASN F 203 32.51 23.87 -1.71
CA ASN F 203 31.23 23.31 -1.34
C ASN F 203 30.32 24.41 -0.78
N PRO F 204 29.17 24.66 -1.40
CA PRO F 204 28.29 25.71 -0.90
C PRO F 204 27.72 25.39 0.47
N ILE F 205 27.42 26.44 1.23
CA ILE F 205 26.81 26.30 2.54
C ILE F 205 25.31 26.57 2.50
N CYS F 206 24.92 27.70 1.92
CA CYS F 206 23.50 28.05 1.80
C CYS F 206 23.33 28.98 0.60
N SER F 207 22.54 28.52 -0.38
CA SER F 207 22.27 29.35 -1.55
C SER F 207 21.35 30.52 -1.18
N GLY F 208 20.39 30.27 -0.31
CA GLY F 208 19.46 31.31 0.11
C GLY F 208 18.54 30.84 1.22
N CYS F 209 18.37 31.67 2.24
CA CYS F 209 17.55 31.34 3.40
C CYS F 209 16.33 32.25 3.45
N GLU F 210 15.16 31.65 3.65
CA GLU F 210 13.94 32.42 3.80
C GLU F 210 14.00 33.28 5.07
N GLU F 211 13.41 34.46 4.98
CA GLU F 211 13.48 35.42 6.09
C GLU F 211 12.70 34.89 7.29
N GLY F 212 13.31 34.96 8.47
CA GLY F 212 12.65 34.60 9.70
C GLY F 212 12.53 33.12 9.97
N TYR F 213 13.42 32.31 9.39
CA TYR F 213 13.42 30.88 9.65
C TYR F 213 14.80 30.46 10.13
N VAL F 214 14.83 29.56 11.13
CA VAL F 214 16.08 29.13 11.73
C VAL F 214 16.83 28.22 10.77
N THR F 215 18.13 28.47 10.60
CA THR F 215 18.99 27.68 9.74
C THR F 215 20.25 27.29 10.51
N GLY F 216 21.12 26.52 9.84
CA GLY F 216 22.34 26.07 10.48
C GLY F 216 23.47 27.08 10.38
N GLY F 217 24.35 27.05 11.39
CA GLY F 217 25.50 27.90 11.43
C GLY F 217 25.29 29.26 12.06
N HIS F 218 24.04 29.69 12.24
CA HIS F 218 23.77 30.98 12.84
C HIS F 218 24.01 30.94 14.35
N VAL F 219 24.28 32.10 14.91
CA VAL F 219 24.44 32.26 16.35
C VAL F 219 23.07 32.63 16.92
N LEU F 220 22.50 31.74 17.71
CA LEU F 220 21.15 31.90 18.24
C LEU F 220 21.20 32.10 19.74
N ARG F 221 20.04 32.45 20.30
CA ARG F 221 19.90 32.70 21.72
C ARG F 221 18.79 31.82 22.28
N LEU F 222 19.13 30.98 23.24
CA LEU F 222 18.21 29.96 23.76
C LEU F 222 17.43 30.53 24.94
N PHE F 223 16.15 30.84 24.71
CA PHE F 223 15.26 31.31 25.76
C PHE F 223 14.53 30.15 26.40
N HIS F 224 14.55 30.11 27.73
CA HIS F 224 13.82 29.12 28.52
C HIS F 224 12.37 29.56 28.62
N GLY F 225 11.54 29.10 27.68
CA GLY F 225 10.13 29.45 27.68
C GLY F 225 9.89 30.87 27.19
N HIS F 226 8.62 31.28 27.30
CA HIS F 226 8.23 32.61 26.86
C HIS F 226 8.66 33.71 27.83
N MET F 227 9.06 33.35 29.05
CA MET F 227 9.49 34.32 30.04
C MET F 227 10.89 34.82 29.72
N ASP F 228 11.35 35.80 30.51
CA ASP F 228 12.68 36.39 30.31
C ASP F 228 13.73 35.54 31.04
N GLU F 229 13.84 34.28 30.58
CA GLU F 229 14.82 33.35 31.12
C GLU F 229 15.53 32.68 29.96
N CYS F 230 16.85 32.57 30.06
CA CYS F 230 17.67 31.99 29.01
C CYS F 230 18.80 31.17 29.63
N LEU F 231 19.21 30.13 28.90
CA LEU F 231 20.28 29.25 29.38
C LEU F 231 21.63 29.88 29.07
N THR F 232 22.45 30.08 30.10
CA THR F 232 23.77 30.67 29.97
C THR F 232 24.79 29.78 30.70
N ILE F 233 25.99 30.32 30.85
CA ILE F 233 27.10 29.61 31.48
C ILE F 233 27.60 30.45 32.64
N SER F 234 28.39 29.83 33.51
CA SER F 234 28.86 30.51 34.72
C SER F 234 29.67 31.75 34.36
N PRO F 235 29.58 32.81 35.16
CA PRO F 235 30.28 34.05 34.84
C PRO F 235 31.80 33.87 34.84
N ALA F 236 32.48 34.88 34.30
CA ALA F 236 33.93 34.83 34.16
C ALA F 236 34.61 34.90 35.52
N ASP F 237 35.85 34.41 35.56
CA ASP F 237 36.68 34.41 36.76
C ASP F 237 36.01 33.65 37.91
N SER F 238 35.27 32.60 37.60
CA SER F 238 34.60 31.79 38.61
C SER F 238 35.41 30.53 38.90
N ASP F 239 35.16 29.96 40.08
CA ASP F 239 35.85 28.73 40.48
C ASP F 239 35.40 27.52 39.68
N ASP F 240 34.19 27.56 39.11
CA ASP F 240 33.70 26.45 38.32
C ASP F 240 34.38 26.32 36.96
N GLN F 241 35.13 27.34 36.54
CA GLN F 241 35.85 27.33 35.26
C GLN F 241 34.92 27.11 34.08
N ARG F 242 33.70 27.61 34.18
CA ARG F 242 32.69 27.55 33.11
C ARG F 242 32.40 26.12 32.67
N ARG F 243 32.49 25.15 33.58
CA ARG F 243 32.21 23.77 33.21
C ARG F 243 30.72 23.48 33.18
N LEU F 244 29.93 24.19 33.98
CA LEU F 244 28.51 23.91 34.15
C LEU F 244 27.67 25.07 33.65
N VAL F 245 26.45 24.74 33.23
CA VAL F 245 25.53 25.72 32.65
C VAL F 245 24.31 25.85 33.55
N TYR F 246 23.70 27.03 33.53
CA TYR F 246 22.59 27.36 34.42
C TYR F 246 21.66 28.34 33.73
N TYR F 247 20.45 28.46 34.27
CA TYR F 247 19.47 29.42 33.76
C TYR F 247 19.58 30.74 34.54
N GLU F 248 19.58 31.84 33.78
CA GLU F 248 19.62 33.18 34.35
C GLU F 248 18.54 34.05 33.71
N GLY F 249 18.18 35.12 34.41
CA GLY F 249 17.15 36.02 33.94
C GLY F 249 17.61 37.05 32.93
N GLY F 250 17.11 38.27 33.06
CA GLY F 250 17.41 39.34 32.13
C GLY F 250 18.74 40.01 32.33
N SER F 251 19.45 39.72 33.42
CA SER F 251 20.79 40.27 33.58
C SER F 251 21.70 39.81 32.45
N VAL F 252 21.84 38.49 32.28
CA VAL F 252 22.73 37.92 31.27
C VAL F 252 22.03 37.74 29.92
N CYS F 253 20.75 38.08 29.84
CA CYS F 253 20.00 37.90 28.60
C CYS F 253 20.61 38.69 27.45
N THR F 254 21.01 39.94 27.70
CA THR F 254 21.63 40.79 26.70
C THR F 254 23.07 40.37 26.41
N HIS F 255 23.66 39.57 27.29
CA HIS F 255 25.11 39.55 27.43
C HIS F 255 25.70 38.63 26.37
N ALA F 256 27.03 38.50 26.36
CA ALA F 256 27.68 37.60 25.40
C ALA F 256 27.52 36.12 25.74
N ARG F 257 27.25 35.79 27.01
CA ARG F 257 27.10 34.39 27.42
C ARG F 257 25.76 33.79 27.04
N SER F 258 24.77 34.61 26.69
CA SER F 258 23.47 34.07 26.29
C SER F 258 23.42 33.66 24.82
N LEU F 259 24.49 33.89 24.07
CA LEU F 259 24.54 33.50 22.67
C LEU F 259 24.98 32.05 22.53
N TRP F 260 24.43 31.37 21.53
CA TRP F 260 24.65 29.95 21.31
C TRP F 260 24.70 29.68 19.81
N ARG F 261 25.73 28.95 19.37
CA ARG F 261 25.90 28.65 17.96
C ARG F 261 25.85 27.14 17.74
N LEU F 262 24.91 26.71 16.90
CA LEU F 262 24.75 25.29 16.60
C LEU F 262 25.56 24.91 15.36
N GLU F 263 26.12 23.70 15.39
CA GLU F 263 26.95 23.20 14.30
C GLU F 263 26.38 21.90 13.76
N PRO F 264 25.81 21.89 12.56
CA PRO F 264 25.29 20.64 11.99
C PRO F 264 26.40 19.63 11.70
N LEU F 265 26.02 18.36 11.76
CA LEU F 265 26.98 17.29 11.48
C LEU F 265 27.48 17.36 10.04
N ARG F 266 26.60 17.62 9.09
CA ARG F 266 27.01 17.69 7.69
C ARG F 266 27.87 18.93 7.46
N ILE F 267 28.92 18.74 6.65
CA ILE F 267 29.81 19.85 6.31
C ILE F 267 29.30 20.60 5.08
N SER F 268 29.05 19.87 3.99
CA SER F 268 28.49 20.48 2.80
C SER F 268 27.02 20.82 3.02
N TRP F 269 26.62 21.99 2.52
CA TRP F 269 25.24 22.48 2.64
C TRP F 269 24.82 22.54 4.11
N SER F 270 25.73 22.99 4.97
CA SER F 270 25.44 23.08 6.40
C SER F 270 24.47 24.21 6.72
N GLY F 271 24.22 25.11 5.77
CA GLY F 271 23.29 26.21 5.96
C GLY F 271 21.85 25.89 5.70
N SER F 272 21.52 24.62 5.47
CA SER F 272 20.14 24.23 5.21
C SER F 272 19.30 24.37 6.48
N HIS F 273 17.99 24.52 6.28
CA HIS F 273 17.06 24.61 7.40
C HIS F 273 17.07 23.32 8.19
N LEU F 274 17.08 23.44 9.52
CA LEU F 274 17.10 22.26 10.38
C LEU F 274 15.75 21.57 10.38
N ARG F 275 15.77 20.24 10.43
CA ARG F 275 14.56 19.43 10.47
C ARG F 275 14.36 18.86 11.86
N TRP F 276 13.12 18.48 12.15
CA TRP F 276 12.80 17.87 13.45
C TRP F 276 13.47 16.50 13.56
N GLY F 277 14.25 16.33 14.62
CA GLY F 277 14.97 15.09 14.84
C GLY F 277 16.33 14.99 14.18
N GLN F 278 16.73 16.01 13.42
CA GLN F 278 18.03 16.02 12.75
C GLN F 278 19.12 16.29 13.78
N PRO F 279 20.24 15.57 13.71
CA PRO F 279 21.25 15.66 14.78
C PRO F 279 22.04 16.97 14.73
N LEU F 280 22.03 17.70 15.83
CA LEU F 280 22.73 18.97 15.96
C LEU F 280 23.97 18.81 16.84
N ARG F 281 24.63 19.96 17.09
CA ARG F 281 25.75 20.01 18.04
C ARG F 281 25.87 21.46 18.51
N ILE F 282 25.62 21.68 19.80
CA ILE F 282 25.60 23.03 20.36
C ILE F 282 27.02 23.44 20.74
N ARG F 283 27.41 24.66 20.34
CA ARG F 283 28.74 25.17 20.58
C ARG F 283 28.65 26.61 21.07
N HIS F 284 29.53 26.98 22.00
CA HIS F 284 29.58 28.34 22.51
C HIS F 284 30.52 29.18 21.66
N VAL F 285 30.17 30.47 21.49
CA VAL F 285 30.95 31.33 20.62
C VAL F 285 32.21 31.83 21.31
N THR F 286 32.11 32.22 22.59
CA THR F 286 33.26 32.78 23.28
C THR F 286 34.03 31.72 24.05
N THR F 287 33.32 30.86 24.79
CA THR F 287 33.98 29.79 25.52
C THR F 287 34.62 28.79 24.56
N GLY F 288 34.03 28.60 23.39
CA GLY F 288 34.58 27.68 22.40
C GLY F 288 34.53 26.22 22.80
N ARG F 289 33.45 25.79 23.47
CA ARG F 289 33.27 24.42 23.88
C ARG F 289 31.90 23.93 23.38
N TYR F 290 31.66 22.64 23.56
CA TYR F 290 30.44 22.00 23.09
C TYR F 290 29.65 21.43 24.25
N LEU F 291 28.34 21.34 24.07
CA LEU F 291 27.43 20.82 25.09
C LEU F 291 27.39 19.30 24.95
N ALA F 292 27.88 18.60 25.98
CA ALA F 292 27.94 17.15 25.99
C ALA F 292 27.39 16.63 27.31
N LEU F 293 27.16 15.31 27.34
CA LEU F 293 26.65 14.63 28.53
C LEU F 293 27.75 13.70 29.05
N ILE F 294 28.15 13.90 30.30
CA ILE F 294 29.16 13.08 30.95
C ILE F 294 28.49 12.27 32.04
N GLU F 295 28.67 10.95 31.99
CA GLU F 295 28.04 10.06 32.95
C GLU F 295 28.61 10.19 34.36
N ASP F 296 29.75 10.86 34.52
CA ASP F 296 30.37 11.01 35.83
C ASP F 296 29.95 12.28 36.54
N GLN F 297 29.56 13.32 35.79
CA GLN F 297 29.18 14.59 36.38
C GLN F 297 27.84 15.13 35.90
N GLY F 298 27.34 14.70 34.75
CA GLY F 298 26.08 15.20 34.23
C GLY F 298 26.24 16.05 32.99
N LEU F 299 25.44 17.11 32.88
CA LEU F 299 25.50 18.00 31.73
C LEU F 299 26.65 18.97 31.95
N VAL F 300 27.83 18.59 31.48
CA VAL F 300 29.05 19.39 31.62
C VAL F 300 29.64 19.61 30.24
N VAL F 301 30.01 20.86 29.94
CA VAL F 301 30.60 21.17 28.64
C VAL F 301 31.97 20.51 28.52
N VAL F 302 32.35 20.18 27.29
CA VAL F 302 33.60 19.49 26.99
C VAL F 302 34.36 20.29 25.94
N ASP F 303 35.68 20.29 26.06
CA ASP F 303 36.53 21.01 25.12
C ASP F 303 36.39 20.43 23.72
N ALA F 304 36.82 21.20 22.73
CA ALA F 304 36.70 20.79 21.33
C ALA F 304 37.50 19.53 21.04
N SER F 305 38.73 19.46 21.55
CA SER F 305 39.58 18.30 21.30
C SER F 305 39.13 17.09 22.12
N LYS F 306 38.66 17.30 23.35
CA LYS F 306 38.27 16.19 24.21
C LYS F 306 36.90 15.62 23.85
N ALA F 307 36.14 16.29 22.99
CA ALA F 307 34.83 15.79 22.60
C ALA F 307 34.96 14.52 21.76
N HIS F 308 34.09 13.55 22.02
CA HIS F 308 34.09 12.29 21.30
C HIS F 308 32.96 12.19 20.29
N THR F 309 32.07 13.18 20.24
CA THR F 309 31.00 13.27 19.23
C THR F 309 30.09 12.05 19.22
N LYS F 310 29.97 11.35 20.34
CA LYS F 310 29.05 10.23 20.46
C LYS F 310 27.91 10.48 21.44
N ALA F 311 28.09 11.41 22.39
CA ALA F 311 27.04 11.77 23.33
C ALA F 311 26.82 13.29 23.33
N THR F 312 27.12 13.94 22.22
CA THR F 312 26.94 15.37 22.08
C THR F 312 25.82 15.76 21.11
N SER F 313 25.29 14.81 20.35
CA SER F 313 24.28 15.10 19.34
C SER F 313 22.93 15.38 20.00
N PHE F 314 22.31 16.49 19.62
CA PHE F 314 20.99 16.88 20.10
C PHE F 314 20.06 17.14 18.93
N CYS F 315 18.76 17.00 19.17
CA CYS F 315 17.75 17.22 18.15
C CYS F 315 16.57 17.97 18.77
N PHE F 316 15.80 18.62 17.90
CA PHE F 316 14.63 19.39 18.31
C PHE F 316 13.38 18.61 17.93
N ARG F 317 12.52 18.36 18.92
CA ARG F 317 11.25 17.68 18.71
C ARG F 317 10.10 18.62 19.06
N ILE F 318 8.92 18.30 18.53
CA ILE F 318 7.72 19.09 18.74
C ILE F 318 6.85 18.51 19.86
N SER F 319 6.80 17.19 19.97
CA SER F 319 6.00 16.52 20.97
C SER F 319 6.89 15.71 21.91
N LYS F 320 6.28 15.18 22.97
CA LYS F 320 6.97 14.40 23.99
C LYS F 320 6.49 12.95 23.86
N GLU F 321 7.25 12.13 23.15
CA GLU F 321 6.93 10.74 22.93
C GLU F 321 8.08 9.86 23.40
N LYS F 322 7.91 8.55 23.26
CA LYS F 322 8.95 7.60 23.65
C LYS F 322 10.09 7.61 22.65
N LEU F 323 11.31 7.42 23.16
CA LEU F 323 12.49 7.40 22.31
C LEU F 323 13.31 6.13 22.55
N LYS F 328 16.18 11.50 8.19
CA LYS F 328 17.25 10.52 8.07
C LYS F 328 17.64 10.31 6.61
N ARG F 329 17.00 11.05 5.71
CA ARG F 329 17.31 10.93 4.29
C ARG F 329 18.64 11.56 3.93
N ASP F 330 19.04 12.63 4.62
CA ASP F 330 20.29 13.34 4.36
C ASP F 330 20.34 13.83 2.91
N VAL F 331 19.37 14.67 2.56
CA VAL F 331 19.29 15.22 1.21
C VAL F 331 20.33 16.31 1.04
N GLU F 332 21.01 16.30 -0.10
CA GLU F 332 22.04 17.30 -0.41
C GLU F 332 21.40 18.54 -1.06
N GLY F 333 20.53 19.18 -0.30
CA GLY F 333 19.86 20.37 -0.80
C GLY F 333 19.13 21.10 0.31
N MET F 334 18.37 22.11 -0.11
CA MET F 334 17.58 22.90 0.83
C MET F 334 16.51 22.06 1.51
N GLY F 335 16.34 22.27 2.80
CA GLY F 335 15.32 21.58 3.57
C GLY F 335 14.03 22.38 3.62
N PRO F 336 12.96 21.75 4.12
CA PRO F 336 11.68 22.45 4.20
C PRO F 336 11.74 23.58 5.20
N PRO F 337 11.02 24.68 4.97
CA PRO F 337 10.92 25.81 5.91
C PRO F 337 9.86 25.65 7.00
N GLU F 338 10.23 24.99 8.10
CA GLU F 338 9.29 24.77 9.20
C GLU F 338 9.63 25.51 10.48
N ILE F 339 10.90 25.73 10.79
CA ILE F 339 11.29 26.30 12.07
C ILE F 339 11.12 27.82 12.03
N LYS F 340 10.58 28.37 13.11
CA LYS F 340 10.29 29.79 13.23
C LYS F 340 11.21 30.43 14.28
N TYR F 341 11.09 31.76 14.42
CA TYR F 341 11.85 32.54 15.38
C TYR F 341 10.91 33.04 16.47
N GLY F 342 10.84 32.31 17.59
CA GLY F 342 10.07 32.71 18.74
C GLY F 342 8.84 31.86 19.00
N GLU F 343 8.17 31.41 17.94
CA GLU F 343 6.97 30.58 18.06
C GLU F 343 7.23 29.17 17.56
N SER F 344 8.45 28.68 17.76
CA SER F 344 8.80 27.33 17.35
C SER F 344 8.47 26.30 18.42
N LEU F 345 8.69 26.64 19.69
CA LEU F 345 8.38 25.79 20.84
C LEU F 345 9.07 24.43 20.71
N CYS F 346 10.38 24.47 20.50
CA CYS F 346 11.16 23.26 20.34
C CYS F 346 11.47 22.64 21.70
N PHE F 347 11.73 21.33 21.69
CA PHE F 347 12.09 20.58 22.88
C PHE F 347 13.47 19.95 22.66
N VAL F 348 14.41 20.26 23.53
CA VAL F 348 15.77 19.74 23.40
C VAL F 348 15.85 18.39 24.08
N GLN F 349 16.40 17.40 23.37
CA GLN F 349 16.52 16.05 23.89
C GLN F 349 17.79 15.41 23.36
N HIS F 350 18.23 14.36 24.07
CA HIS F 350 19.42 13.62 23.69
C HIS F 350 19.02 12.31 23.00
N VAL F 351 19.80 11.94 21.99
CA VAL F 351 19.54 10.71 21.26
C VAL F 351 20.50 9.58 21.64
N ALA F 352 21.69 9.89 22.15
CA ALA F 352 22.61 8.84 22.58
C ALA F 352 22.12 8.14 23.84
N SER F 353 21.50 8.89 24.76
CA SER F 353 21.03 8.35 26.03
C SER F 353 19.51 8.39 26.15
N GLY F 354 18.86 9.45 25.69
CA GLY F 354 17.42 9.52 25.67
C GLY F 354 16.77 10.42 26.72
N LEU F 355 17.55 11.20 27.46
CA LEU F 355 16.98 12.09 28.47
C LEU F 355 16.46 13.37 27.80
N TRP F 356 15.95 14.29 28.61
CA TRP F 356 15.39 15.54 28.13
C TRP F 356 16.01 16.70 28.92
N LEU F 357 16.18 17.84 28.25
CA LEU F 357 16.78 19.02 28.87
C LEU F 357 15.69 19.80 29.59
N THR F 358 15.71 19.75 30.92
CA THR F 358 14.71 20.42 31.73
C THR F 358 15.40 20.97 32.98
N TYR F 359 14.81 22.01 33.56
CA TYR F 359 15.35 22.64 34.76
C TYR F 359 15.21 21.68 35.94
N ALA F 360 15.72 22.10 37.10
CA ALA F 360 15.69 21.27 38.29
C ALA F 360 15.14 22.07 39.47
N ALA F 361 14.62 21.36 40.46
CA ALA F 361 14.09 21.98 41.66
C ALA F 361 14.72 21.38 42.91
N LEU F 372 19.58 33.08 43.29
CA LEU F 372 18.32 32.51 42.84
C LEU F 372 18.43 32.01 41.41
N LYS F 373 19.32 31.05 41.21
CA LYS F 373 19.65 30.52 39.89
C LYS F 373 19.52 29.00 39.88
N LYS F 374 18.86 28.47 38.86
CA LYS F 374 18.50 27.06 38.81
C LYS F 374 19.44 26.30 37.88
N LYS F 375 19.87 25.12 38.32
CA LYS F 375 20.79 24.29 37.56
C LYS F 375 20.04 23.47 36.52
N ALA F 376 20.65 23.32 35.34
CA ALA F 376 20.07 22.54 34.25
C ALA F 376 20.64 21.12 34.28
N ILE F 377 19.75 20.15 34.51
CA ILE F 377 20.12 18.74 34.54
C ILE F 377 19.21 18.00 33.57
N LEU F 378 19.80 17.15 32.73
CA LEU F 378 19.01 16.28 31.86
C LEU F 378 18.20 15.31 32.71
N HIS F 379 16.93 15.15 32.36
CA HIS F 379 16.02 14.26 33.08
C HIS F 379 15.32 13.33 32.10
N GLN F 380 15.03 12.12 32.58
CA GLN F 380 14.33 11.14 31.73
C GLN F 380 12.93 11.60 31.38
N GLU F 381 12.21 12.19 32.32
CA GLU F 381 10.84 12.64 32.12
C GLU F 381 10.79 14.15 32.15
N GLY F 382 10.20 14.75 31.13
CA GLY F 382 10.09 16.19 31.06
C GLY F 382 9.06 16.74 32.03
N HIS F 383 9.18 18.03 32.31
CA HIS F 383 8.28 18.73 33.22
C HIS F 383 7.25 19.58 32.49
N MET F 384 7.09 19.38 31.18
CA MET F 384 6.17 20.11 30.29
C MET F 384 6.62 21.56 30.10
N ASP F 385 7.64 22.01 30.83
CA ASP F 385 8.15 23.38 30.71
C ASP F 385 9.56 23.41 30.11
N ASP F 386 9.91 22.40 29.31
CA ASP F 386 11.23 22.32 28.69
C ASP F 386 11.28 22.99 27.33
N ALA F 387 10.20 23.61 26.88
CA ALA F 387 10.19 24.27 25.58
C ALA F 387 11.11 25.47 25.59
N LEU F 388 11.96 25.57 24.57
CA LEU F 388 12.93 26.65 24.45
C LEU F 388 12.61 27.47 23.20
N SER F 389 12.48 28.79 23.38
CA SER F 389 12.24 29.68 22.27
C SER F 389 13.54 30.06 21.58
N LEU F 390 13.43 30.37 20.28
CA LEU F 390 14.57 30.73 19.45
C LEU F 390 14.41 32.17 18.96
N THR F 391 15.43 32.98 19.20
CA THR F 391 15.46 34.35 18.73
C THR F 391 16.84 34.66 18.16
N ARG F 392 16.88 35.60 17.22
CA ARG F 392 18.10 35.96 16.52
C ARG F 392 18.64 37.29 17.05
N CYS F 393 19.95 37.32 17.31
CA CYS F 393 20.62 38.51 17.79
C CYS F 393 21.26 39.25 16.62
N GLN F 394 21.81 40.43 16.91
CA GLN F 394 22.45 41.24 15.88
C GLN F 394 23.76 40.61 15.43
N GLN F 395 24.13 40.90 14.18
CA GLN F 395 25.38 40.37 13.64
C GLN F 395 26.60 41.00 14.32
N GLU F 396 26.47 42.23 14.82
CA GLU F 396 27.58 42.87 15.51
C GLU F 396 27.94 42.13 16.79
N GLU F 397 26.93 41.68 17.55
CA GLU F 397 27.20 40.94 18.77
C GLU F 397 27.89 39.62 18.47
N SER F 398 27.44 38.91 17.43
CA SER F 398 28.09 37.65 17.05
C SER F 398 29.53 37.87 16.61
N GLN F 399 29.77 38.93 15.82
CA GLN F 399 31.14 39.25 15.41
C GLN F 399 32.00 39.63 16.60
N ALA F 400 31.44 40.42 17.53
CA ALA F 400 32.19 40.79 18.72
C ALA F 400 32.48 39.59 19.60
N ALA F 401 31.53 38.67 19.71
CA ALA F 401 31.73 37.48 20.55
C ALA F 401 32.88 36.63 20.03
N ARG F 402 32.97 36.46 18.70
CA ARG F 402 34.09 35.73 18.13
C ARG F 402 35.40 36.49 18.33
N MET F 403 35.37 37.82 18.28
CA MET F 403 36.57 38.62 18.50
C MET F 403 37.11 38.43 19.91
N ILE F 404 36.22 38.29 20.89
CA ILE F 404 36.65 38.14 22.27
C ILE F 404 37.47 36.87 22.44
N TYR F 405 37.01 35.77 21.84
CA TYR F 405 37.72 34.50 21.97
C TYR F 405 39.10 34.56 21.35
N SER F 406 39.23 35.25 20.21
CA SER F 406 40.52 35.34 19.53
C SER F 406 41.52 36.17 20.32
N THR F 407 41.10 37.36 20.78
CA THR F 407 42.03 38.23 21.49
C THR F 407 42.39 37.67 22.87
N ALA F 408 41.45 37.00 23.54
CA ALA F 408 41.75 36.43 24.85
C ALA F 408 42.82 35.35 24.77
N GLY F 409 42.75 34.49 23.73
CA GLY F 409 43.75 33.45 23.59
C GLY F 409 45.14 33.99 23.33
N LEU F 410 45.24 35.01 22.47
CA LEU F 410 46.53 35.62 22.20
C LEU F 410 47.10 36.31 23.44
N TYR F 411 46.25 37.01 24.19
CA TYR F 411 46.72 37.67 25.41
C TYR F 411 47.10 36.67 26.48
N ASN F 412 46.35 35.57 26.59
CA ASN F 412 46.67 34.56 27.60
C ASN F 412 47.99 33.89 27.32
N HIS F 413 48.32 33.64 26.05
CA HIS F 413 49.63 33.08 25.71
C HIS F 413 50.76 34.05 26.01
N PHE F 414 50.51 35.36 25.89
CA PHE F 414 51.56 36.34 26.13
C PHE F 414 51.89 36.48 27.60
N ILE F 415 50.87 36.50 28.47
CA ILE F 415 51.12 36.67 29.89
C ILE F 415 51.85 35.45 30.47
N LYS F 416 51.53 34.25 29.98
CA LYS F 416 52.19 33.05 30.48
C LYS F 416 53.63 32.93 29.98
N GLY F 417 53.90 33.37 28.75
CA GLY F 417 55.25 33.27 28.22
C GLY F 417 56.25 34.14 28.95
N LEU F 418 55.84 35.38 29.27
CA LEU F 418 56.76 36.29 29.95
C LEU F 418 56.96 35.90 31.41
N ASP F 419 56.00 35.20 32.01
CA ASP F 419 56.14 34.77 33.39
C ASP F 419 57.30 33.82 33.58
N SER F 420 57.48 32.87 32.65
CA SER F 420 58.60 31.93 32.75
C SER F 420 59.94 32.64 32.63
N PHE F 421 60.03 33.63 31.71
CA PHE F 421 61.29 34.33 31.52
C PHE F 421 61.60 35.28 32.68
N SER F 422 60.59 35.95 33.21
CA SER F 422 60.82 36.91 34.29
C SER F 422 61.29 36.24 35.57
N GLY F 423 60.92 34.99 35.80
CA GLY F 423 61.32 34.28 37.00
C GLY F 423 62.80 33.99 37.09
N LYS F 424 63.41 33.65 35.96
CA LYS F 424 64.81 33.26 35.94
C LYS F 424 65.65 34.31 35.20
N PRO F 425 66.72 34.81 35.81
CA PRO F 425 67.58 35.77 35.12
C PRO F 425 68.23 35.15 33.89
N ARG F 426 68.42 35.97 32.86
CA ARG F 426 68.99 35.51 31.60
C ARG F 426 70.51 35.65 31.64
N GLY F 427 71.19 34.57 31.24
CA GLY F 427 72.64 34.57 31.20
C GLY F 427 73.18 35.23 29.94
N SER F 428 74.50 35.15 29.78
CA SER F 428 75.15 35.74 28.63
C SER F 428 74.89 34.91 27.39
N GLY F 429 74.17 35.49 26.43
CA GLY F 429 73.86 34.80 25.20
C GLY F 429 72.78 33.74 25.32
N ALA F 430 72.03 33.74 26.40
CA ALA F 430 70.98 32.76 26.63
C ALA F 430 69.63 33.45 26.76
N PRO F 431 68.66 33.14 25.91
CA PRO F 431 67.33 33.77 26.06
C PRO F 431 66.68 33.48 27.40
N ALA F 432 66.85 32.27 27.93
CA ALA F 432 66.30 31.87 29.23
C ALA F 432 64.78 32.06 29.28
N GLY F 433 64.11 31.85 28.16
CA GLY F 433 62.66 31.99 28.13
C GLY F 433 62.10 31.53 26.81
N THR F 434 60.82 31.19 26.84
CA THR F 434 60.12 30.76 25.63
C THR F 434 59.90 31.95 24.70
N ALA F 435 59.94 31.68 23.41
CA ALA F 435 59.71 32.72 22.41
C ALA F 435 58.32 33.32 22.59
N LEU F 436 58.25 34.65 22.57
CA LEU F 436 57.00 35.35 22.81
C LEU F 436 56.44 35.91 21.50
N PRO F 437 55.12 35.91 21.34
CA PRO F 437 54.53 36.46 20.10
C PRO F 437 54.60 37.98 20.10
N LEU F 438 55.30 38.52 19.12
CA LEU F 438 55.43 39.97 18.95
C LEU F 438 54.66 40.50 17.75
N GLU F 439 54.80 39.85 16.59
CA GLU F 439 54.01 40.27 15.43
C GLU F 439 52.52 40.06 15.66
N GLY F 440 52.14 38.97 16.33
CA GLY F 440 50.74 38.72 16.61
C GLY F 440 50.11 39.72 17.56
N VAL F 441 50.86 40.18 18.56
CA VAL F 441 50.28 41.09 19.54
C VAL F 441 50.25 42.52 19.02
N ILE F 442 51.25 42.94 18.23
CA ILE F 442 51.26 44.31 17.73
C ILE F 442 50.10 44.54 16.77
N LEU F 443 49.89 43.62 15.83
CA LEU F 443 48.79 43.78 14.88
C LEU F 443 47.44 43.71 15.58
N SER F 444 47.26 42.78 16.51
CA SER F 444 45.97 42.62 17.18
C SER F 444 45.60 43.87 17.97
N LEU F 445 46.57 44.48 18.65
CA LEU F 445 46.29 45.73 19.35
C LEU F 445 45.90 46.83 18.39
N GLN F 446 46.54 46.90 17.22
CA GLN F 446 46.17 47.92 16.24
C GLN F 446 44.75 47.72 15.73
N ASP F 447 44.34 46.47 15.45
CA ASP F 447 42.96 46.23 15.05
C ASP F 447 41.99 46.55 16.17
N LEU F 448 42.31 46.15 17.40
CA LEU F 448 41.44 46.46 18.52
C LEU F 448 41.38 47.96 18.79
N ILE F 449 42.51 48.65 18.63
CA ILE F 449 42.49 50.12 18.65
C ILE F 449 41.69 50.64 17.48
N GLY F 450 41.81 49.99 16.31
CA GLY F 450 41.03 50.35 15.14
C GLY F 450 39.58 49.95 15.22
N TYR F 451 39.14 49.56 16.42
CA TYR F 451 37.77 49.13 16.65
C TYR F 451 37.06 49.94 17.72
N PHE F 452 37.77 50.77 18.48
CA PHE F 452 37.21 51.49 19.62
C PHE F 452 37.32 53.01 19.48
N GLU F 453 37.51 53.53 18.26
CA GLU F 453 37.59 54.99 18.16
C GLU F 453 36.24 55.64 18.45
N PRO F 454 36.24 56.80 19.11
CA PRO F 454 35.00 57.57 19.20
C PRO F 454 34.62 58.12 17.84
N PRO F 455 33.32 58.30 17.59
CA PRO F 455 32.89 58.89 16.31
C PRO F 455 33.33 60.34 16.17
N SER F 456 33.53 60.75 14.92
CA SER F 456 33.92 62.12 14.64
C SER F 456 32.75 63.07 14.89
N GLU F 457 33.09 64.28 15.34
CA GLU F 457 32.08 65.29 15.62
C GLU F 457 31.50 65.93 14.38
N GLU F 458 32.12 65.73 13.21
CA GLU F 458 31.60 66.30 11.97
C GLU F 458 30.34 65.59 11.48
N LEU F 459 30.06 64.40 12.00
CA LEU F 459 28.89 63.66 11.57
C LEU F 459 27.61 64.31 12.12
N GLN F 460 26.48 63.93 11.52
CA GLN F 460 25.20 64.47 11.94
C GLN F 460 24.83 63.93 13.32
N HIS F 461 23.83 64.58 13.94
CA HIS F 461 23.40 64.19 15.27
C HIS F 461 22.84 62.77 15.28
N GLU F 462 22.04 62.42 14.27
CA GLU F 462 21.49 61.07 14.20
C GLU F 462 22.58 60.02 14.02
N GLU F 463 23.57 60.31 13.16
CA GLU F 463 24.65 59.36 12.93
C GLU F 463 25.60 59.27 14.11
N LYS F 464 25.87 60.39 14.78
CA LYS F 464 26.80 60.38 15.91
C LYS F 464 26.27 59.53 17.06
N GLN F 465 24.98 59.66 17.38
CA GLN F 465 24.42 58.88 18.48
C GLN F 465 24.32 57.40 18.12
N SER F 466 24.09 57.07 16.85
CA SER F 466 24.05 55.67 16.44
C SER F 466 25.38 54.98 16.68
N LYS F 467 26.48 55.65 16.34
CA LYS F 467 27.81 55.10 16.63
C LYS F 467 28.11 55.10 18.12
N LEU F 468 27.66 56.14 18.83
CA LEU F 468 27.90 56.22 20.27
C LEU F 468 27.18 55.09 21.01
N ARG F 469 25.93 54.79 20.61
CA ARG F 469 25.20 53.70 21.25
C ARG F 469 25.89 52.36 21.01
N SER F 470 26.35 52.12 19.78
CA SER F 470 27.06 50.88 19.50
C SER F 470 28.40 50.83 20.21
N LEU F 471 29.09 51.96 20.34
CA LEU F 471 30.37 51.98 21.04
C LEU F 471 30.20 51.61 22.51
N ARG F 472 29.20 52.19 23.18
CA ARG F 472 28.96 51.84 24.57
C ARG F 472 28.38 50.44 24.71
N ASN F 473 27.55 50.01 23.74
CA ASN F 473 27.03 48.65 23.78
C ASN F 473 28.16 47.65 23.67
N ARG F 474 29.07 47.85 22.71
CA ARG F 474 30.19 46.93 22.58
C ARG F 474 31.07 46.94 23.82
N GLN F 475 31.37 48.13 24.34
CA GLN F 475 32.22 48.23 25.53
C GLN F 475 31.66 47.46 26.71
N SER F 476 30.33 47.29 26.77
CA SER F 476 29.74 46.44 27.79
C SER F 476 30.00 44.97 27.50
N LEU F 477 30.11 44.61 26.22
CA LEU F 477 30.39 43.21 25.86
C LEU F 477 31.86 42.85 25.96
N PHE F 478 32.76 43.78 26.29
CA PHE F 478 34.17 43.40 26.37
C PHE F 478 34.72 43.44 27.79
N GLN F 479 34.24 44.37 28.62
CA GLN F 479 34.69 44.42 30.00
C GLN F 479 34.18 43.27 30.84
N GLU F 480 33.06 42.66 30.42
CA GLU F 480 32.43 41.61 31.20
C GLU F 480 33.07 40.26 30.95
N GLU F 481 33.77 40.13 29.82
CA GLU F 481 34.53 38.93 29.49
C GLU F 481 35.89 38.90 30.16
N GLY F 482 36.19 39.89 30.98
CA GLY F 482 37.45 39.97 31.68
C GLY F 482 38.59 40.60 30.90
N MET F 483 38.31 41.15 29.71
CA MET F 483 39.39 41.71 28.90
C MET F 483 40.07 42.89 29.59
N LEU F 484 39.28 43.75 30.24
CA LEU F 484 39.89 44.83 31.02
C LEU F 484 40.75 44.27 32.15
N SER F 485 40.35 43.14 32.72
CA SER F 485 41.21 42.46 33.68
C SER F 485 42.46 41.89 33.01
N LEU F 486 42.32 41.42 31.76
CA LEU F 486 43.48 40.88 31.05
C LEU F 486 44.50 41.96 30.73
N VAL F 487 44.06 43.12 30.25
CA VAL F 487 44.99 44.19 29.92
C VAL F 487 45.62 44.75 31.18
N LEU F 488 44.85 44.84 32.27
CA LEU F 488 45.41 45.25 33.55
C LEU F 488 46.42 44.23 34.06
N ASN F 489 46.12 42.94 33.88
CA ASN F 489 47.07 41.90 34.30
C ASN F 489 48.37 41.97 33.51
N CYS F 490 48.30 42.24 32.20
CA CYS F 490 49.50 42.34 31.39
C CYS F 490 50.33 43.57 31.73
N ILE F 491 49.68 44.69 32.04
CA ILE F 491 50.41 45.92 32.35
C ILE F 491 51.20 45.77 33.64
N ASP F 492 50.57 45.19 34.67
CA ASP F 492 51.24 45.03 35.96
C ASP F 492 52.44 44.11 35.91
N ARG F 493 52.52 43.24 34.90
CA ARG F 493 53.61 42.28 34.80
C ARG F 493 54.67 42.69 33.78
N LEU F 494 54.31 43.50 32.79
CA LEU F 494 55.27 43.92 31.78
C LEU F 494 56.00 45.20 32.17
N ASN F 495 55.37 46.08 32.93
CA ASN F 495 55.99 47.33 33.34
C ASN F 495 56.98 47.15 34.49
N VAL F 496 57.18 45.91 34.94
CA VAL F 496 58.14 45.65 36.01
C VAL F 496 59.55 46.01 35.56
N TYR F 497 59.84 45.90 34.27
CA TYR F 497 61.18 46.19 33.77
C TYR F 497 61.58 47.63 34.06
N THR F 498 60.87 48.58 33.45
CA THR F 498 61.00 50.00 33.74
C THR F 498 62.45 50.48 33.62
N THR F 499 63.09 50.12 32.50
CA THR F 499 64.48 50.53 32.28
C THR F 499 64.74 50.96 30.84
N ALA F 500 63.70 51.37 30.11
CA ALA F 500 63.84 51.80 28.71
C ALA F 500 64.52 50.73 27.87
N ALA F 501 63.97 49.52 27.93
CA ALA F 501 64.42 48.33 27.19
C ALA F 501 65.80 47.86 27.59
N HIS F 502 66.41 48.44 28.63
CA HIS F 502 67.72 47.96 29.08
C HIS F 502 67.57 46.67 29.89
N PHE F 503 66.71 46.70 30.91
CA PHE F 503 66.45 45.49 31.68
C PHE F 503 65.70 44.46 30.83
N ALA F 504 64.86 44.92 29.89
CA ALA F 504 64.16 44.02 29.00
C ALA F 504 65.06 43.39 27.95
N GLU F 505 66.30 43.85 27.82
CA GLU F 505 67.23 43.28 26.85
C GLU F 505 67.93 42.06 27.42
N PHE F 506 67.16 41.11 27.94
CA PHE F 506 67.68 39.87 28.49
C PHE F 506 67.23 38.64 27.73
N ALA F 507 65.94 38.54 27.39
CA ALA F 507 65.48 37.42 26.59
C ALA F 507 66.05 37.47 25.18
N GLY F 508 66.26 38.67 24.65
CA GLY F 508 66.85 38.82 23.33
C GLY F 508 66.90 40.27 22.88
N GLU F 509 67.92 40.60 22.08
CA GLU F 509 68.04 41.95 21.56
C GLU F 509 66.89 42.29 20.63
N GLU F 510 66.50 41.35 19.78
CA GLU F 510 65.42 41.60 18.82
C GLU F 510 64.09 41.80 19.53
N ALA F 511 63.85 41.09 20.63
CA ALA F 511 62.58 41.22 21.34
C ALA F 511 62.48 42.54 22.09
N ALA F 512 63.62 43.17 22.39
CA ALA F 512 63.62 44.38 23.22
C ALA F 512 63.18 45.63 22.47
N GLU F 513 63.35 45.68 21.15
CA GLU F 513 62.96 46.88 20.41
C GLU F 513 61.45 47.04 20.36
N SER F 514 60.71 45.95 20.44
CA SER F 514 59.25 46.00 20.46
C SER F 514 58.69 46.28 21.86
N TRP F 515 59.55 46.36 22.88
CA TRP F 515 59.08 46.63 24.23
C TRP F 515 58.52 48.04 24.35
N LYS F 516 59.08 49.00 23.61
CA LYS F 516 58.60 50.37 23.68
C LYS F 516 57.25 50.53 22.99
N GLU F 517 57.01 49.79 21.90
CA GLU F 517 55.75 49.94 21.17
C GLU F 517 54.58 49.29 21.90
N ILE F 518 54.81 48.18 22.60
CA ILE F 518 53.71 47.46 23.24
C ILE F 518 53.15 48.26 24.41
N VAL F 519 54.01 48.96 25.14
CA VAL F 519 53.52 49.74 26.29
C VAL F 519 52.68 50.92 25.83
N ASN F 520 53.04 51.55 24.71
CA ASN F 520 52.27 52.70 24.22
C ASN F 520 50.90 52.27 23.71
N LEU F 521 50.83 51.12 23.01
CA LEU F 521 49.56 50.64 22.51
C LEU F 521 48.68 50.10 23.63
N LEU F 522 49.29 49.49 24.66
CA LEU F 522 48.51 48.96 25.77
C LEU F 522 47.81 50.06 26.55
N TYR F 523 48.48 51.19 26.74
CA TYR F 523 47.83 52.33 27.39
C TYR F 523 46.84 53.03 26.46
N GLU F 524 47.06 52.98 25.15
CA GLU F 524 46.12 53.58 24.22
C GLU F 524 44.83 52.78 24.13
N ILE F 525 44.92 51.45 24.09
CA ILE F 525 43.72 50.62 24.05
C ILE F 525 42.95 50.73 25.36
N LEU F 526 43.65 50.84 26.48
CA LEU F 526 42.98 50.95 27.77
C LEU F 526 42.17 52.24 27.86
N ALA F 527 42.75 53.36 27.41
CA ALA F 527 42.07 54.63 27.47
C ALA F 527 40.82 54.64 26.60
N SER F 528 40.90 54.06 25.40
CA SER F 528 39.74 54.02 24.52
C SER F 528 38.66 53.07 25.04
N LEU F 529 39.03 52.05 25.80
CA LEU F 529 38.07 51.11 26.35
C LEU F 529 37.29 51.69 27.53
N ILE F 530 37.95 52.49 28.37
CA ILE F 530 37.30 53.02 29.56
C ILE F 530 36.61 54.36 29.32
N ARG F 531 36.94 55.05 28.24
CA ARG F 531 36.34 56.35 27.97
C ARG F 531 34.88 56.19 27.57
N GLY F 532 34.01 56.97 28.21
CA GLY F 532 32.60 56.97 27.86
C GLY F 532 31.74 56.14 28.79
N ASN F 533 32.25 55.00 29.24
CA ASN F 533 31.49 54.08 30.08
C ASN F 533 31.78 54.36 31.54
N ARG F 534 30.72 54.66 32.32
CA ARG F 534 30.89 54.89 33.74
C ARG F 534 31.12 53.59 34.52
N ALA F 535 30.62 52.47 34.01
CA ALA F 535 30.82 51.19 34.70
C ALA F 535 32.29 50.80 34.72
N ASN F 536 33.00 51.02 33.61
CA ASN F 536 34.43 50.73 33.57
C ASN F 536 35.20 51.60 34.56
N CYS F 537 34.86 52.89 34.63
CA CYS F 537 35.51 53.76 35.59
C CYS F 537 35.13 53.45 37.03
N ALA F 538 34.00 52.76 37.23
CA ALA F 538 33.58 52.44 38.59
C ALA F 538 34.45 51.34 39.19
N LEU F 539 34.73 50.29 38.41
CA LEU F 539 35.55 49.20 38.93
C LEU F 539 37.02 49.58 39.04
N PHE F 540 37.42 50.71 38.46
CA PHE F 540 38.80 51.17 38.52
C PHE F 540 39.07 52.03 39.75
N SER F 541 38.10 52.18 40.64
CA SER F 541 38.22 53.02 41.82
C SER F 541 38.83 52.28 43.01
N ASN F 542 39.57 51.20 42.77
CA ASN F 542 40.17 50.42 43.84
C ASN F 542 41.69 50.37 43.80
N ASN F 543 42.32 50.90 42.75
CA ASN F 543 43.77 50.86 42.61
C ASN F 543 44.31 52.23 42.18
N LEU F 544 43.84 53.28 42.85
CA LEU F 544 44.31 54.63 42.54
C LEU F 544 45.79 54.80 42.87
N ASP F 545 46.24 54.24 44.00
CA ASP F 545 47.64 54.34 44.37
C ASP F 545 48.55 53.68 43.35
N TRP F 546 48.06 52.64 42.65
CA TRP F 546 48.86 52.01 41.60
C TRP F 546 49.00 52.89 40.37
N LEU F 547 47.92 53.59 39.99
CA LEU F 547 47.98 54.44 38.80
C LEU F 547 48.86 55.66 39.02
N VAL F 548 48.68 56.35 40.16
CA VAL F 548 49.46 57.54 40.43
C VAL F 548 50.93 57.22 40.64
N SER F 549 51.26 55.97 41.00
CA SER F 549 52.66 55.58 41.07
C SER F 549 53.29 55.49 39.68
N LYS F 550 52.47 55.24 38.66
CA LYS F 550 52.96 55.13 37.29
C LYS F 550 53.03 56.47 36.57
N LEU F 551 52.52 57.55 37.17
CA LEU F 551 52.65 58.87 36.56
C LEU F 551 54.12 59.30 36.51
N ASP F 552 54.89 58.99 37.55
CA ASP F 552 56.32 59.29 37.57
C ASP F 552 57.03 58.24 36.71
N ARG F 553 56.92 58.42 35.40
CA ARG F 553 57.50 57.50 34.44
C ARG F 553 57.93 58.26 33.21
N LEU F 554 59.17 58.03 32.77
CA LEU F 554 59.69 58.73 31.59
C LEU F 554 59.20 58.12 30.29
N GLU F 555 58.84 56.83 30.31
CA GLU F 555 58.40 56.13 29.11
C GLU F 555 56.88 56.10 29.04
N ALA F 556 56.34 56.50 27.89
CA ALA F 556 54.89 56.51 27.64
C ALA F 556 54.17 57.36 28.69
N SER F 557 54.68 58.57 28.88
CA SER F 557 54.08 59.49 29.85
C SER F 557 52.73 60.02 29.39
N SER F 558 52.57 60.27 28.09
CA SER F 558 51.31 60.81 27.58
C SER F 558 50.17 59.79 27.63
N GLY F 559 50.47 58.51 27.46
CA GLY F 559 49.42 57.50 27.48
C GLY F 559 48.77 57.37 28.85
N ILE F 560 49.58 57.38 29.90
CA ILE F 560 49.04 57.27 31.26
C ILE F 560 48.25 58.52 31.63
N LEU F 561 48.71 59.69 31.20
CA LEU F 561 47.99 60.93 31.49
C LEU F 561 46.60 60.92 30.85
N GLU F 562 46.49 60.39 29.63
CA GLU F 562 45.19 60.27 28.98
C GLU F 562 44.26 59.34 29.75
N VAL F 563 44.81 58.28 30.34
CA VAL F 563 44.00 57.37 31.14
C VAL F 563 43.44 58.08 32.37
N LEU F 564 44.29 58.85 33.07
CA LEU F 564 43.83 59.57 34.25
C LEU F 564 42.82 60.64 33.90
N TYR F 565 42.98 61.29 32.75
CA TYR F 565 42.04 62.31 32.32
C TYR F 565 40.66 61.74 32.00
N CYS F 566 40.58 60.44 31.71
CA CYS F 566 39.30 59.82 31.36
C CYS F 566 38.57 59.24 32.55
N VAL F 567 39.28 58.91 33.64
CA VAL F 567 38.62 58.30 34.78
C VAL F 567 38.03 59.33 35.73
N LEU F 568 38.51 60.57 35.71
CA LEU F 568 38.03 61.59 36.62
C LEU F 568 36.77 62.29 36.13
N ILE F 569 36.57 62.36 34.82
CA ILE F 569 35.40 63.04 34.28
C ILE F 569 34.16 62.15 34.33
N GLU F 570 34.32 60.85 34.06
CA GLU F 570 33.16 59.97 33.95
C GLU F 570 32.56 59.64 35.31
N SER F 571 33.35 59.01 36.18
CA SER F 571 32.85 58.55 37.47
C SER F 571 33.28 59.50 38.58
N PRO F 572 32.34 60.15 39.27
CA PRO F 572 32.72 61.05 40.37
C PRO F 572 33.07 60.34 41.67
N GLU F 573 32.86 59.02 41.76
CA GLU F 573 33.19 58.31 42.99
C GLU F 573 34.69 58.24 43.22
N VAL F 574 35.49 58.34 42.15
CA VAL F 574 36.93 58.37 42.31
C VAL F 574 37.35 59.64 43.04
N LEU F 575 36.69 60.76 42.77
CA LEU F 575 37.01 62.02 43.41
C LEU F 575 36.72 62.02 44.91
N ASN F 576 35.90 61.08 45.39
CA ASN F 576 35.57 61.03 46.80
C ASN F 576 36.64 60.35 47.64
N ILE F 577 37.60 59.67 47.01
CA ILE F 577 38.64 58.93 47.71
C ILE F 577 40.02 59.54 47.44
N ILE F 578 40.06 60.74 46.87
CA ILE F 578 41.33 61.37 46.55
C ILE F 578 42.06 61.74 47.83
N GLN F 579 43.33 61.34 47.93
CA GLN F 579 44.16 61.60 49.10
C GLN F 579 45.32 62.51 48.70
N GLU F 580 45.89 63.20 49.70
CA GLU F 580 46.82 64.29 49.43
C GLU F 580 48.04 63.86 48.61
N ASN F 581 48.48 62.61 48.76
CA ASN F 581 49.63 62.14 47.99
C ASN F 581 49.32 62.08 46.50
N HIS F 582 48.06 61.84 46.14
CA HIS F 582 47.67 61.90 44.74
C HIS F 582 47.84 63.32 44.19
N ILE F 583 47.53 64.34 44.99
CA ILE F 583 47.73 65.71 44.57
C ILE F 583 49.22 66.01 44.39
N LYS F 584 50.06 65.51 45.29
CA LYS F 584 51.50 65.72 45.17
C LYS F 584 52.05 65.11 43.89
N SER F 585 51.59 63.91 43.52
CA SER F 585 52.08 63.25 42.32
C SER F 585 51.72 64.02 41.05
N ILE F 586 50.50 64.56 40.99
CA ILE F 586 50.08 65.31 39.80
C ILE F 586 50.86 66.62 39.69
N ILE F 587 51.07 67.31 40.82
CA ILE F 587 51.86 68.53 40.80
C ILE F 587 53.30 68.23 40.39
N SER F 588 53.83 67.09 40.84
CA SER F 588 55.17 66.69 40.42
C SER F 588 55.25 66.45 38.92
N LEU F 589 54.16 65.98 38.32
CA LEU F 589 54.13 65.80 36.86
C LEU F 589 54.27 67.13 36.13
N LEU F 590 53.60 68.18 36.61
CA LEU F 590 53.75 69.49 36.00
C LEU F 590 55.19 70.00 36.13
N ASP F 591 55.89 69.60 37.19
CA ASP F 591 57.24 70.08 37.42
C ASP F 591 58.28 69.22 36.70
N LYS F 592 58.11 67.90 36.73
CA LYS F 592 59.09 67.02 36.08
C LYS F 592 58.95 67.03 34.57
N HIS F 593 57.72 67.02 34.05
CA HIS F 593 57.48 66.90 32.62
C HIS F 593 57.25 68.25 31.95
N GLY F 594 57.67 69.34 32.58
CA GLY F 594 57.58 70.65 31.98
C GLY F 594 56.17 71.20 32.01
N ARG F 595 56.00 72.37 31.39
CA ARG F 595 54.72 73.06 31.34
C ARG F 595 53.87 72.44 30.24
N ASN F 596 52.82 71.72 30.62
CA ASN F 596 51.92 71.08 29.68
C ASN F 596 50.49 71.52 29.98
N HIS F 597 49.73 71.80 28.92
CA HIS F 597 48.34 72.22 29.10
C HIS F 597 47.42 71.07 29.48
N LYS F 598 47.81 69.83 29.19
CA LYS F 598 46.95 68.69 29.50
C LYS F 598 46.94 68.39 30.99
N VAL F 599 48.10 68.44 31.64
CA VAL F 599 48.15 68.16 33.08
C VAL F 599 47.41 69.22 33.87
N LEU F 600 47.46 70.48 33.42
CA LEU F 600 46.72 71.54 34.10
C LEU F 600 45.21 71.33 33.96
N ASP F 601 44.75 70.82 32.82
CA ASP F 601 43.34 70.56 32.63
C ASP F 601 42.85 69.38 33.46
N VAL F 602 43.76 68.48 33.87
CA VAL F 602 43.38 67.36 34.71
C VAL F 602 42.88 67.84 36.07
N LEU F 603 43.58 68.82 36.65
CA LEU F 603 43.17 69.35 37.96
C LEU F 603 41.81 70.05 37.87
N CYS F 604 41.46 70.61 36.71
CA CYS F 604 40.18 71.28 36.57
C CYS F 604 39.03 70.31 36.76
N SER F 605 39.13 69.12 36.16
CA SER F 605 38.10 68.09 36.35
C SER F 605 38.15 67.48 37.74
N LEU F 606 39.28 67.60 38.44
CA LEU F 606 39.40 67.05 39.78
C LEU F 606 38.63 67.88 40.82
N CYS F 607 38.47 69.17 40.56
CA CYS F 607 37.77 70.04 41.51
C CYS F 607 36.25 69.91 41.37
N VAL F 608 35.74 70.17 40.17
CA VAL F 608 34.30 70.14 39.90
C VAL F 608 34.01 69.02 38.92
N CYS F 609 32.94 68.27 39.18
CA CYS F 609 32.53 67.19 38.28
C CYS F 609 31.04 66.97 38.45
N ASN F 610 30.32 66.97 37.33
CA ASN F 610 28.87 66.76 37.30
C ASN F 610 28.14 67.79 38.17
N GLY F 611 28.66 69.01 38.21
CA GLY F 611 28.06 70.06 39.00
C GLY F 611 28.28 69.95 40.49
N VAL F 612 29.17 69.07 40.92
CA VAL F 612 29.45 68.85 42.34
C VAL F 612 30.95 69.04 42.57
N ALA F 613 31.30 69.87 43.55
CA ALA F 613 32.68 70.16 43.89
C ALA F 613 32.99 69.64 45.27
N VAL F 614 34.13 68.95 45.41
CA VAL F 614 34.56 68.40 46.68
C VAL F 614 35.46 69.41 47.38
N ARG F 615 35.19 69.63 48.67
CA ARG F 615 35.95 70.61 49.43
C ARG F 615 37.36 70.14 49.77
N SER F 616 37.56 68.83 49.91
CA SER F 616 38.86 68.32 50.31
C SER F 616 39.92 68.57 49.24
N ASN F 617 39.57 68.32 47.97
CA ASN F 617 40.56 68.44 46.91
C ASN F 617 40.89 69.89 46.62
N GLN F 618 39.89 70.78 46.64
CA GLN F 618 40.15 72.19 46.36
C GLN F 618 41.06 72.81 47.42
N ASP F 619 40.85 72.46 48.68
CA ASP F 619 41.71 72.98 49.75
C ASP F 619 43.12 72.42 49.67
N LEU F 620 43.29 71.24 49.06
CA LEU F 620 44.62 70.64 48.97
C LEU F 620 45.43 71.21 47.80
N ILE F 621 44.78 71.41 46.64
CA ILE F 621 45.50 71.89 45.49
C ILE F 621 45.94 73.34 45.68
N THR F 622 45.11 74.14 46.34
CA THR F 622 45.46 75.54 46.59
C THR F 622 46.56 75.69 47.64
N GLU F 623 46.82 74.65 48.44
CA GLU F 623 47.84 74.72 49.46
C GLU F 623 49.22 74.25 48.98
N ASN F 624 49.26 73.36 48.00
CA ASN F 624 50.50 72.79 47.49
C ASN F 624 50.96 73.42 46.18
N LEU F 625 50.15 74.29 45.58
CA LEU F 625 50.47 74.91 44.30
C LEU F 625 50.53 76.42 44.34
N LEU F 626 49.61 77.07 45.07
CA LEU F 626 49.62 78.54 45.12
C LEU F 626 50.75 79.10 45.99
N PRO F 627 50.98 78.63 47.22
CA PRO F 627 52.06 79.22 48.02
C PRO F 627 53.44 79.01 47.42
N GLY F 628 53.64 78.01 46.57
CA GLY F 628 54.95 77.80 45.99
C GLY F 628 55.40 78.94 45.10
N ARG F 629 54.50 79.41 44.23
CA ARG F 629 54.77 80.53 43.32
C ARG F 629 56.02 80.27 42.47
N GLU F 630 56.18 79.01 42.05
CA GLU F 630 57.32 78.62 41.24
C GLU F 630 56.94 77.88 39.96
N LEU F 631 55.67 77.55 39.78
CA LEU F 631 55.20 76.84 38.58
C LEU F 631 54.31 77.71 37.71
N LEU F 632 53.31 78.36 38.29
CA LEU F 632 52.40 79.18 37.51
C LEU F 632 52.99 80.58 37.31
N LEU F 633 52.32 81.36 36.47
CA LEU F 633 52.81 82.69 36.08
C LEU F 633 52.04 83.76 36.84
N GLN F 634 52.78 84.72 37.40
CA GLN F 634 52.20 85.80 38.18
C GLN F 634 52.14 87.08 37.35
N THR F 635 51.19 87.94 37.70
CA THR F 635 50.95 89.19 36.97
C THR F 635 50.98 90.37 37.94
N ASN F 636 51.58 91.47 37.49
CA ASN F 636 51.62 92.69 38.28
C ASN F 636 51.67 93.88 37.34
N LEU F 637 51.31 95.05 37.87
CA LEU F 637 51.33 96.29 37.11
C LEU F 637 52.57 97.08 37.49
N ILE F 638 53.38 97.41 36.48
CA ILE F 638 54.66 98.08 36.67
C ILE F 638 54.70 99.36 35.85
N ASN F 639 55.25 100.41 36.45
CA ASN F 639 55.42 101.68 35.76
C ASN F 639 56.56 101.60 34.75
N TYR F 640 56.57 102.57 33.83
CA TYR F 640 57.65 102.67 32.86
C TYR F 640 58.80 103.48 33.42
N VAL F 641 59.99 103.24 32.89
CA VAL F 641 61.21 103.92 33.31
C VAL F 641 61.92 104.48 32.08
N THR F 642 62.46 105.69 32.22
CA THR F 642 63.17 106.36 31.13
C THR F 642 64.45 106.97 31.67
N SER F 643 65.53 106.85 30.91
CA SER F 643 66.84 107.35 31.29
C SER F 643 67.24 108.47 30.34
N ILE F 644 67.70 109.59 30.89
CA ILE F 644 68.15 110.74 30.12
C ILE F 644 69.60 111.02 30.49
N ARG F 645 70.45 111.17 29.47
CA ARG F 645 71.87 111.40 29.67
C ARG F 645 72.35 112.57 28.84
N PRO F 646 73.39 113.27 29.29
CA PRO F 646 74.02 114.29 28.46
C PRO F 646 74.93 113.64 27.42
N ASN F 647 75.34 114.44 26.45
CA ASN F 647 76.23 113.97 25.38
C ASN F 647 77.70 114.18 25.76
N ILE F 648 78.08 113.67 26.93
CA ILE F 648 79.46 113.72 27.40
C ILE F 648 79.90 112.30 27.71
N PHE F 649 81.09 111.93 27.25
CA PHE F 649 81.61 110.58 27.42
C PHE F 649 82.96 110.64 28.12
N VAL F 650 83.13 109.82 29.16
CA VAL F 650 84.36 109.76 29.93
C VAL F 650 84.85 108.32 29.94
N GLY F 651 86.08 108.11 29.50
CA GLY F 651 86.65 106.78 29.45
C GLY F 651 88.14 106.81 29.75
N ARG F 652 88.64 105.65 30.18
CA ARG F 652 90.04 105.47 30.50
C ARG F 652 90.65 104.38 29.63
N ALA F 653 91.83 104.65 29.09
CA ALA F 653 92.53 103.69 28.24
C ALA F 653 94.00 104.04 28.23
N GLU F 654 94.81 103.15 27.66
CA GLU F 654 96.24 103.39 27.54
C GLU F 654 96.49 104.58 26.63
N GLY F 655 97.34 105.50 27.09
CA GLY F 655 97.60 106.72 26.35
C GLY F 655 96.39 107.60 26.16
N THR F 656 95.57 107.75 27.21
CA THR F 656 94.37 108.55 27.10
C THR F 656 94.70 110.04 27.04
N THR F 657 93.79 110.81 26.45
CA THR F 657 93.94 112.25 26.32
C THR F 657 92.90 113.02 27.13
N GLN F 658 92.16 112.35 28.00
CA GLN F 658 91.12 112.98 28.81
C GLN F 658 91.44 112.80 30.28
N TYR F 659 90.96 113.75 31.09
CA TYR F 659 91.19 113.68 32.53
C TYR F 659 90.41 112.53 33.13
N SER F 660 91.04 111.83 34.08
CA SER F 660 90.45 110.62 34.63
C SER F 660 89.23 110.92 35.50
N LYS F 661 89.35 111.89 36.40
CA LYS F 661 88.32 112.14 37.39
C LYS F 661 87.39 113.26 36.95
N TRP F 662 86.09 113.08 37.18
CA TRP F 662 85.10 114.08 36.85
C TRP F 662 84.04 114.12 37.94
N TYR F 663 83.45 115.30 38.13
CA TYR F 663 82.51 115.55 39.23
C TYR F 663 81.32 116.34 38.72
N PHE F 664 80.13 116.00 39.21
CA PHE F 664 78.93 116.76 38.88
C PHE F 664 77.96 116.66 40.04
N GLU F 665 76.86 117.41 39.91
CA GLU F 665 75.80 117.40 40.92
C GLU F 665 74.46 117.37 40.21
N VAL F 666 73.46 116.84 40.92
CA VAL F 666 72.08 116.80 40.42
C VAL F 666 71.16 117.15 41.57
N MET F 667 70.18 118.01 41.30
CA MET F 667 69.26 118.51 42.32
C MET F 667 67.83 118.36 41.84
N VAL F 668 66.96 117.88 42.74
CA VAL F 668 65.55 117.67 42.44
C VAL F 668 64.78 118.93 42.78
N ASP F 669 63.73 119.20 41.99
CA ASP F 669 62.88 120.36 42.20
C ASP F 669 61.61 120.01 42.96
N GLU F 670 60.82 119.08 42.43
CA GLU F 670 59.58 118.67 43.08
C GLU F 670 59.18 117.30 42.53
N VAL F 671 58.97 116.36 43.44
CA VAL F 671 58.54 115.01 43.09
C VAL F 671 57.38 114.63 44.00
N VAL F 672 56.31 114.10 43.41
CA VAL F 672 55.19 113.56 44.16
C VAL F 672 55.44 112.07 44.39
N PRO F 673 55.58 111.62 45.62
CA PRO F 673 55.86 110.19 45.86
C PRO F 673 54.60 109.35 45.75
N PHE F 674 54.82 108.09 45.35
CA PHE F 674 53.80 107.05 45.50
C PHE F 674 52.59 107.31 44.60
N LEU F 675 52.85 107.77 43.38
CA LEU F 675 51.81 107.99 42.41
C LEU F 675 51.36 106.67 41.78
N THR F 676 50.14 106.67 41.24
CA THR F 676 49.50 105.54 40.55
C THR F 676 49.75 104.20 41.24
N ALA F 677 49.76 104.22 42.58
CA ALA F 677 49.82 103.01 43.41
C ALA F 677 51.11 102.22 43.15
N GLN F 678 52.24 102.92 43.13
CA GLN F 678 53.55 102.28 43.09
C GLN F 678 54.60 103.29 43.51
N ALA F 679 55.70 102.78 44.06
CA ALA F 679 56.78 103.63 44.53
C ALA F 679 57.49 104.30 43.35
N THR F 680 57.95 105.53 43.58
CA THR F 680 58.65 106.28 42.55
C THR F 680 60.09 105.82 42.45
N HIS F 681 60.50 105.38 41.26
CA HIS F 681 61.84 104.89 40.98
C HIS F 681 62.69 106.05 40.49
N LEU F 682 63.53 106.58 41.37
CA LEU F 682 64.36 107.76 41.05
C LEU F 682 65.77 107.51 41.58
N ARG F 683 66.73 107.44 40.66
CA ARG F 683 68.13 107.13 40.96
C ARG F 683 69.03 107.99 40.09
N VAL F 684 70.27 108.19 40.56
CA VAL F 684 71.29 108.90 39.80
C VAL F 684 72.60 108.12 39.90
N GLY F 685 73.42 108.24 38.86
CA GLY F 685 74.71 107.56 38.86
C GLY F 685 75.27 107.50 37.44
N TRP F 686 76.26 106.61 37.27
CA TRP F 686 76.93 106.42 36.00
C TRP F 686 76.40 105.16 35.31
N ALA F 687 76.86 104.96 34.08
CA ALA F 687 76.53 103.78 33.30
C ALA F 687 77.53 103.65 32.15
N LEU F 688 77.93 102.42 31.87
CA LEU F 688 78.83 102.16 30.76
C LEU F 688 78.12 102.37 29.43
N THR F 689 78.90 102.78 28.42
CA THR F 689 78.34 103.03 27.10
C THR F 689 77.95 101.76 26.36
N GLU F 690 78.46 100.61 26.80
CA GLU F 690 78.16 99.32 26.19
C GLU F 690 77.61 98.38 27.25
N GLY F 691 76.49 97.72 26.94
CA GLY F 691 75.86 96.78 27.84
C GLY F 691 74.71 97.34 28.63
N TYR F 692 74.47 98.65 28.60
CA TYR F 692 73.35 99.24 29.34
C TYR F 692 72.03 98.87 28.69
N SER F 693 71.81 99.32 27.45
CA SER F 693 70.65 99.02 26.63
C SER F 693 69.33 99.16 27.38
N PRO F 694 68.91 100.37 27.73
CA PRO F 694 67.58 100.56 28.34
C PRO F 694 66.49 100.18 27.35
N TYR F 695 65.47 99.48 27.84
CA TYR F 695 64.32 99.11 27.03
C TYR F 695 63.06 99.26 27.88
N PRO F 696 62.19 100.24 27.59
CA PRO F 696 60.99 100.42 28.44
C PRO F 696 59.96 99.32 28.31
N GLY F 697 59.97 98.54 27.23
CA GLY F 697 58.99 97.50 27.04
C GLY F 697 59.11 96.36 28.03
N GLY F 698 60.28 95.76 28.12
CA GLY F 698 60.51 94.66 29.03
C GLY F 698 61.80 94.85 29.82
N GLY F 699 61.89 94.12 30.92
CA GLY F 699 63.05 94.20 31.78
C GLY F 699 63.38 92.84 32.37
N GLU F 700 64.64 92.72 32.80
CA GLU F 700 65.09 91.46 33.41
C GLU F 700 64.38 91.21 34.73
N GLY F 701 64.35 92.21 35.61
CA GLY F 701 63.62 92.09 36.86
C GLY F 701 62.14 92.34 36.67
N TRP F 702 61.39 92.07 37.74
CA TRP F 702 59.94 92.27 37.68
C TRP F 702 59.59 93.73 37.46
N GLY F 703 60.29 94.64 38.16
CA GLY F 703 60.08 96.05 37.96
C GLY F 703 60.85 96.59 36.76
N GLY F 704 60.58 97.85 36.44
CA GLY F 704 61.28 98.51 35.35
C GLY F 704 62.76 98.64 35.65
N ASN F 705 63.61 98.12 34.78
CA ASN F 705 65.05 98.17 35.01
C ASN F 705 65.58 99.55 34.65
N GLY F 706 66.37 100.12 35.57
CA GLY F 706 66.99 101.41 35.34
C GLY F 706 68.47 101.41 35.67
N VAL F 707 68.99 102.56 36.12
CA VAL F 707 70.40 102.62 36.51
C VAL F 707 70.59 101.85 37.80
N GLY F 708 71.67 101.05 37.83
CA GLY F 708 71.96 100.20 38.97
C GLY F 708 71.30 98.84 38.94
N ASP F 709 70.40 98.59 37.99
CA ASP F 709 69.74 97.30 37.89
C ASP F 709 70.62 96.24 37.27
N ASP F 710 71.68 96.63 36.56
CA ASP F 710 72.60 95.70 35.92
C ASP F 710 74.02 96.04 36.33
N LEU F 711 74.94 95.14 35.98
CA LEU F 711 76.35 95.34 36.31
C LEU F 711 76.98 96.47 35.53
N TYR F 712 76.35 96.91 34.44
CA TYR F 712 76.89 97.96 33.61
C TYR F 712 76.48 99.35 34.07
N SER F 713 75.67 99.45 35.12
CA SER F 713 75.24 100.73 35.64
C SER F 713 75.45 100.77 37.16
N TYR F 714 75.71 101.96 37.67
CA TYR F 714 75.92 102.18 39.09
C TYR F 714 75.08 103.38 39.54
N GLY F 715 74.39 103.23 40.65
CA GLY F 715 73.55 104.31 41.12
C GLY F 715 73.00 104.02 42.50
N PHE F 716 72.20 104.97 43.00
CA PHE F 716 71.61 104.86 44.31
C PHE F 716 70.35 105.70 44.35
N ASP F 717 69.45 105.36 45.29
CA ASP F 717 68.22 106.11 45.50
C ASP F 717 68.28 106.96 46.76
N GLY F 718 69.46 107.12 47.35
CA GLY F 718 69.65 107.88 48.57
C GLY F 718 69.70 107.05 49.83
N LEU F 719 69.21 105.82 49.77
CA LEU F 719 69.23 104.94 50.95
C LEU F 719 69.87 103.60 50.62
N HIS F 720 69.65 103.09 49.42
CA HIS F 720 70.14 101.78 49.02
C HIS F 720 71.18 101.91 47.91
N LEU F 721 72.18 101.05 47.96
CA LEU F 721 73.19 100.94 46.91
C LEU F 721 72.79 99.78 46.00
N TRP F 722 72.49 100.09 44.75
CA TRP F 722 71.95 99.14 43.78
C TRP F 722 73.00 98.82 42.72
N THR F 723 73.52 97.60 42.74
CA THR F 723 74.47 97.12 41.73
C THR F 723 73.98 95.76 41.24
N GLY F 724 73.56 95.70 39.98
CA GLY F 724 73.07 94.46 39.42
C GLY F 724 71.81 93.93 40.07
N HIS F 725 70.84 94.80 40.34
CA HIS F 725 69.55 94.41 40.93
C HIS F 725 69.74 93.77 42.30
N VAL F 726 70.71 94.28 43.07
CA VAL F 726 70.99 93.77 44.41
C VAL F 726 70.84 94.91 45.41
N PRO F 727 69.68 95.04 46.06
CA PRO F 727 69.52 96.04 47.12
C PRO F 727 70.59 95.90 48.20
N ARG F 728 71.42 96.93 48.34
CA ARG F 728 72.43 96.98 49.40
C ARG F 728 72.20 98.23 50.24
N LEU F 729 72.02 98.03 51.54
CA LEU F 729 71.76 99.12 52.46
C LEU F 729 73.05 99.55 53.14
N VAL F 730 73.34 100.85 53.09
CA VAL F 730 74.53 101.43 53.69
C VAL F 730 74.10 102.48 54.69
N THR F 731 74.74 102.49 55.86
CA THR F 731 74.44 103.46 56.90
C THR F 731 75.01 104.83 56.53
N SER F 732 74.27 105.88 56.85
CA SER F 732 74.68 107.24 56.58
C SER F 732 73.96 108.17 57.55
N PRO F 733 74.58 109.30 57.92
CA PRO F 733 73.91 110.23 58.84
C PRO F 733 72.66 110.83 58.19
N GLY F 734 71.54 110.73 58.90
CA GLY F 734 70.28 111.23 58.39
C GLY F 734 69.84 110.54 57.13
N GLN F 735 69.90 109.20 57.12
CA GLN F 735 69.58 108.44 55.92
C GLN F 735 68.09 108.53 55.61
N HIS F 736 67.78 108.83 54.35
CA HIS F 736 66.40 108.88 53.88
C HIS F 736 66.41 108.88 52.36
N LEU F 737 65.26 108.58 51.78
CA LEU F 737 65.13 108.59 50.33
C LEU F 737 65.16 110.02 49.80
N LEU F 738 65.16 110.15 48.47
CA LEU F 738 65.24 111.44 47.82
C LEU F 738 63.97 112.24 48.10
N ALA F 739 64.14 113.45 48.63
CA ALA F 739 63.06 114.35 48.96
C ALA F 739 63.22 115.67 48.22
N PRO F 740 62.14 116.41 48.00
CA PRO F 740 62.24 117.69 47.28
C PRO F 740 63.14 118.67 48.01
N GLU F 741 63.77 119.54 47.21
CA GLU F 741 64.69 120.56 47.71
C GLU F 741 65.91 119.93 48.38
N ASP F 742 66.49 118.94 47.70
CA ASP F 742 67.72 118.29 48.13
C ASP F 742 68.70 118.23 46.97
N VAL F 743 69.99 118.33 47.30
CA VAL F 743 71.06 118.29 46.29
C VAL F 743 71.78 116.96 46.39
N VAL F 744 72.08 116.37 45.23
CA VAL F 744 72.76 115.09 45.14
C VAL F 744 74.04 115.29 44.32
N SER F 745 75.17 114.84 44.86
CA SER F 745 76.46 114.98 44.22
C SER F 745 77.12 113.63 44.03
N CYS F 746 77.71 113.42 42.86
CA CYS F 746 78.38 112.17 42.53
C CYS F 746 79.73 112.46 41.91
N CYS F 747 80.71 111.59 42.19
CA CYS F 747 82.05 111.72 41.65
C CYS F 747 82.59 110.34 41.30
N LEU F 748 83.52 110.31 40.36
CA LEU F 748 84.15 109.06 39.95
C LEU F 748 85.62 109.32 39.64
N ASP F 749 86.44 108.31 39.89
CA ASP F 749 87.86 108.34 39.59
C ASP F 749 88.19 107.20 38.64
N LEU F 750 88.98 107.50 37.61
CA LEU F 750 89.31 106.51 36.59
C LEU F 750 90.73 105.95 36.73
N SER F 751 91.65 106.71 37.31
CA SER F 751 93.00 106.19 37.54
C SER F 751 92.95 105.02 38.52
N VAL F 752 92.18 105.16 39.58
CA VAL F 752 91.94 104.08 40.53
C VAL F 752 90.44 103.80 40.56
N PRO F 753 90.01 102.53 40.57
CA PRO F 753 88.56 102.26 40.54
C PRO F 753 87.88 102.68 41.84
N SER F 754 87.12 103.77 41.78
CA SER F 754 86.39 104.28 42.93
C SER F 754 85.23 105.12 42.44
N ILE F 755 84.06 104.91 43.03
CA ILE F 755 82.85 105.67 42.70
C ILE F 755 82.33 106.26 43.99
N SER F 756 82.48 107.58 44.15
CA SER F 756 82.10 108.28 45.37
C SER F 756 80.77 108.99 45.18
N PHE F 757 80.02 109.10 46.26
CA PHE F 757 78.70 109.74 46.25
C PHE F 757 78.61 110.74 47.40
N ARG F 758 77.71 111.71 47.24
CA ARG F 758 77.51 112.73 48.26
C ARG F 758 76.05 113.17 48.23
N ILE F 759 75.46 113.32 49.42
CA ILE F 759 74.09 113.79 49.56
C ILE F 759 74.08 114.97 50.53
N ASN F 760 73.64 116.13 50.03
CA ASN F 760 73.57 117.36 50.82
C ASN F 760 74.90 117.67 51.51
N GLY F 761 76.00 117.44 50.78
CA GLY F 761 77.32 117.70 51.34
C GLY F 761 77.75 116.74 52.42
N CYS F 762 77.12 115.58 52.52
CA CYS F 762 77.48 114.58 53.52
C CYS F 762 78.20 113.41 52.85
N PRO F 763 79.31 112.94 53.42
CA PRO F 763 80.02 111.81 52.80
C PRO F 763 79.22 110.53 52.88
N VAL F 764 79.20 109.79 51.79
CA VAL F 764 78.50 108.50 51.72
C VAL F 764 79.50 107.39 51.99
N GLN F 765 79.13 106.47 52.88
CA GLN F 765 80.00 105.39 53.32
C GLN F 765 80.06 104.22 52.34
N GLY F 766 79.59 104.41 51.10
CA GLY F 766 79.64 103.36 50.11
C GLY F 766 80.38 103.76 48.86
N VAL F 767 81.42 102.99 48.50
CA VAL F 767 82.23 103.25 47.32
C VAL F 767 82.45 101.94 46.58
N PHE F 768 82.33 101.98 45.26
CA PHE F 768 82.57 100.82 44.43
C PHE F 768 84.04 100.75 44.03
N GLU F 769 84.50 99.54 43.73
CA GLU F 769 85.91 99.34 43.40
C GLU F 769 86.05 98.06 42.57
N ALA F 770 87.22 97.90 41.96
CA ALA F 770 87.58 96.71 41.19
C ALA F 770 86.56 96.43 40.08
N PHE F 771 86.17 97.48 39.37
CA PHE F 771 85.27 97.36 38.24
C PHE F 771 86.03 97.65 36.95
N ASN F 772 85.63 96.96 35.88
CA ASN F 772 86.31 97.09 34.60
C ASN F 772 86.20 98.51 34.07
N LEU F 773 87.30 99.00 33.52
CA LEU F 773 87.39 100.37 33.00
C LEU F 773 87.20 100.44 31.50
N ASN F 774 86.84 99.32 30.86
CA ASN F 774 86.63 99.33 29.42
C ASN F 774 85.40 100.16 29.05
N GLY F 775 85.45 100.74 27.86
CA GLY F 775 84.35 101.58 27.41
C GLY F 775 84.42 102.98 27.97
N LEU F 776 83.28 103.66 27.90
CA LEU F 776 83.16 105.04 28.36
C LEU F 776 82.01 105.15 29.36
N PHE F 777 82.08 106.21 30.17
CA PHE F 777 81.10 106.46 31.23
C PHE F 777 80.39 107.78 30.96
N PHE F 778 79.20 107.92 31.53
CA PHE F 778 78.40 109.11 31.35
C PHE F 778 77.41 109.21 32.50
N PRO F 779 77.07 110.42 32.94
CA PRO F 779 75.99 110.57 33.92
C PRO F 779 74.65 110.16 33.33
N VAL F 780 73.79 109.62 34.18
CA VAL F 780 72.47 109.15 33.75
C VAL F 780 71.55 109.14 34.96
N VAL F 781 70.30 109.53 34.75
CA VAL F 781 69.27 109.54 35.77
C VAL F 781 68.05 108.79 35.25
N SER F 782 67.51 107.90 36.09
CA SER F 782 66.30 107.14 35.76
C SER F 782 65.18 107.69 36.63
N PHE F 783 64.26 108.42 36.01
CA PHE F 783 63.15 109.05 36.71
C PHE F 783 61.83 108.42 36.28
N SER F 784 60.91 108.28 37.23
CA SER F 784 59.60 107.71 36.96
C SER F 784 58.61 108.83 36.62
N ALA F 785 57.34 108.48 36.57
CA ALA F 785 56.31 109.46 36.26
C ALA F 785 56.16 110.47 37.38
N GLY F 786 55.88 111.72 37.01
CA GLY F 786 55.70 112.77 38.00
C GLY F 786 56.96 113.12 38.75
N VAL F 787 58.11 113.10 38.10
CA VAL F 787 59.39 113.42 38.72
C VAL F 787 60.01 114.59 37.96
N LYS F 788 60.37 115.64 38.70
CA LYS F 788 61.01 116.81 38.13
C LYS F 788 62.40 116.93 38.75
N VAL F 789 63.44 116.72 37.93
CA VAL F 789 64.82 116.75 38.37
C VAL F 789 65.58 117.75 37.53
N ARG F 790 66.63 118.33 38.10
CA ARG F 790 67.41 119.37 37.45
C ARG F 790 68.90 119.06 37.55
N PHE F 791 69.60 119.22 36.43
CA PHE F 791 71.03 118.93 36.36
C PHE F 791 71.86 120.12 36.76
N LEU F 792 72.95 119.84 37.48
CA LEU F 792 73.98 120.84 37.84
C LEU F 792 75.29 120.34 37.24
N LEU F 793 75.53 120.68 35.97
CA LEU F 793 76.70 120.19 35.26
C LEU F 793 77.93 121.08 35.43
N GLY F 794 77.79 122.23 36.07
CA GLY F 794 78.93 123.09 36.32
C GLY F 794 79.27 123.98 35.15
N GLY F 795 80.39 124.68 35.30
CA GLY F 795 80.81 125.62 34.28
C GLY F 795 79.88 126.82 34.20
N ARG F 796 79.82 127.42 33.02
CA ARG F 796 78.89 128.53 32.79
C ARG F 796 77.45 128.05 32.62
N HIS F 797 77.25 126.75 32.35
CA HIS F 797 75.90 126.24 32.17
C HIS F 797 75.22 125.90 33.49
N GLY F 798 75.97 125.44 34.47
CA GLY F 798 75.39 125.04 35.75
C GLY F 798 76.12 125.67 36.91
N GLU F 799 75.39 125.91 37.99
CA GLU F 799 75.94 126.50 39.21
C GLU F 799 76.03 125.43 40.30
N PHE F 800 77.21 125.33 40.92
CA PHE F 800 77.45 124.34 41.96
C PHE F 800 76.93 124.86 43.30
N LYS F 801 76.00 124.12 43.90
CA LYS F 801 75.57 124.44 45.26
C LYS F 801 76.66 124.10 46.28
N PHE F 802 77.45 123.06 46.00
CA PHE F 802 78.58 122.68 46.85
C PHE F 802 79.85 122.67 46.01
N LEU F 803 80.94 123.13 46.60
CA LEU F 803 82.20 123.20 45.89
C LEU F 803 82.72 121.79 45.58
N PRO F 804 83.32 121.60 44.41
CA PRO F 804 83.87 120.29 44.07
C PRO F 804 85.02 119.93 44.98
N PRO F 805 85.15 118.66 45.35
CA PRO F 805 86.31 118.24 46.14
C PRO F 805 87.58 118.39 45.33
N PRO F 806 88.71 118.65 45.98
CA PRO F 806 89.96 118.85 45.24
C PRO F 806 90.37 117.63 44.46
N GLY F 807 91.00 117.85 43.31
CA GLY F 807 91.44 116.78 42.45
C GLY F 807 90.41 116.26 41.46
N TYR F 808 89.23 116.87 41.41
CA TYR F 808 88.17 116.46 40.49
C TYR F 808 87.63 117.69 39.77
N ALA F 809 87.43 117.56 38.44
CA ALA F 809 86.99 118.65 37.59
C ALA F 809 85.51 118.52 37.26
N PRO F 810 84.81 119.64 37.04
CA PRO F 810 83.40 119.56 36.66
C PRO F 810 83.21 118.91 35.29
N CYS F 811 82.06 118.23 35.15
CA CYS F 811 81.79 117.49 33.92
C CYS F 811 81.51 118.41 32.74
N HIS F 812 81.26 119.70 32.98
CA HIS F 812 80.99 120.62 31.89
C HIS F 812 82.16 120.74 30.92
N GLU F 813 83.39 120.51 31.40
CA GLU F 813 84.55 120.54 30.53
C GLU F 813 84.63 119.31 29.64
N ALA F 814 84.00 118.20 30.03
CA ALA F 814 84.05 116.95 29.28
C ALA F 814 83.26 117.00 27.98
N VAL F 815 82.69 118.14 27.59
CA VAL F 815 81.96 118.23 26.34
C VAL F 815 82.92 118.07 25.16
N LEU F 816 82.42 117.45 24.09
CA LEU F 816 83.24 117.23 22.92
C LEU F 816 83.59 118.56 22.24
N PRO F 817 84.81 118.68 21.69
CA PRO F 817 85.17 119.93 21.02
C PRO F 817 84.31 120.26 19.83
N ARG F 818 83.84 119.26 19.08
CA ARG F 818 83.05 119.49 17.88
C ARG F 818 81.56 119.28 18.09
N GLU F 819 81.13 118.98 19.31
CA GLU F 819 79.72 118.76 19.61
C GLU F 819 79.30 119.60 20.81
N ARG F 820 78.12 120.18 20.72
CA ARG F 820 77.58 120.99 21.81
C ARG F 820 77.04 120.08 22.91
N LEU F 821 76.57 120.68 24.00
CA LEU F 821 76.04 119.95 25.13
C LEU F 821 74.51 119.89 25.02
N ARG F 822 73.96 118.69 25.13
CA ARG F 822 72.52 118.50 25.02
C ARG F 822 72.15 117.20 25.71
N LEU F 823 70.86 117.07 26.03
CA LEU F 823 70.33 115.90 26.70
C LEU F 823 69.55 115.05 25.70
N GLU F 824 69.90 113.77 25.62
CA GLU F 824 69.28 112.85 24.68
C GLU F 824 69.05 111.51 25.36
N PRO F 825 68.03 110.76 24.94
CA PRO F 825 67.81 109.43 25.50
C PRO F 825 68.87 108.45 25.02
N ILE F 826 68.86 107.27 25.65
CA ILE F 826 69.85 106.22 25.38
C ILE F 826 69.17 105.11 24.59
N LYS F 827 69.72 104.82 23.41
CA LYS F 827 69.25 103.73 22.55
C LYS F 827 67.75 103.87 22.25
N GLU F 828 67.32 105.10 21.97
CA GLU F 828 65.93 105.35 21.66
C GLU F 828 65.62 104.89 20.24
N TYR F 829 64.74 103.91 20.11
CA TYR F 829 64.36 103.37 18.82
C TYR F 829 63.17 104.09 18.20
N ARG F 830 62.61 105.08 18.89
CA ARG F 830 61.52 105.89 18.34
C ARG F 830 61.57 107.27 18.97
N ARG F 831 61.33 108.30 18.15
CA ARG F 831 61.34 109.68 18.61
C ARG F 831 60.11 110.39 18.06
N GLU F 832 59.71 111.44 18.78
CA GLU F 832 58.56 112.23 18.35
C GLU F 832 58.91 113.04 17.12
N GLY F 833 58.02 113.02 16.14
CA GLY F 833 58.23 113.73 14.89
C GLY F 833 57.08 114.63 14.54
N PRO F 834 57.32 115.63 13.68
CA PRO F 834 56.23 116.54 13.29
C PRO F 834 55.10 115.85 12.55
N ARG F 835 55.41 115.15 11.46
CA ARG F 835 54.37 114.45 10.71
C ARG F 835 53.91 113.19 11.43
N GLY F 836 54.83 112.45 12.03
CA GLY F 836 54.51 111.24 12.73
C GLY F 836 55.72 110.66 13.44
N PRO F 837 55.55 109.52 14.11
CA PRO F 837 56.67 108.89 14.81
C PRO F 837 57.77 108.50 13.83
N HIS F 838 59.00 108.85 14.17
CA HIS F 838 60.17 108.55 13.33
C HIS F 838 60.90 107.35 13.91
N LEU F 839 61.03 106.29 13.11
CA LEU F 839 61.73 105.10 13.56
C LEU F 839 63.23 105.32 13.48
N VAL F 840 63.94 104.96 14.56
CA VAL F 840 65.38 105.15 14.66
C VAL F 840 66.03 103.80 14.89
N GLY F 841 67.04 103.47 14.09
CA GLY F 841 67.78 102.25 14.24
C GLY F 841 68.92 102.41 15.23
N PRO F 842 69.89 101.49 15.19
CA PRO F 842 71.05 101.61 16.07
C PRO F 842 71.86 102.86 15.76
N SER F 843 72.45 103.44 16.80
CA SER F 843 73.24 104.65 16.69
C SER F 843 74.68 104.35 17.09
N ARG F 844 75.62 104.79 16.26
CA ARG F 844 77.03 104.59 16.55
C ARG F 844 77.45 105.45 17.74
N CYS F 845 78.42 104.94 18.51
CA CYS F 845 78.92 105.64 19.68
C CYS F 845 80.43 105.45 19.79
N LEU F 846 81.06 106.35 20.52
CA LEU F 846 82.50 106.30 20.73
C LEU F 846 82.85 105.15 21.68
N SER F 847 84.13 104.79 21.68
CA SER F 847 84.63 103.72 22.52
C SER F 847 85.97 104.14 23.12
N HIS F 848 86.54 103.25 23.95
CA HIS F 848 87.76 103.59 24.67
C HIS F 848 88.99 103.60 23.76
N THR F 849 88.94 102.95 22.61
CA THR F 849 90.11 102.93 21.73
C THR F 849 90.36 104.26 21.05
N ASP F 850 89.36 105.14 21.01
CA ASP F 850 89.53 106.47 20.45
C ASP F 850 90.10 107.39 21.53
N PHE F 851 90.25 108.67 21.20
CA PHE F 851 90.90 109.68 22.05
C PHE F 851 92.32 109.27 22.44
N VAL F 852 92.95 108.40 21.67
CA VAL F 852 94.30 107.91 21.93
C VAL F 852 95.13 108.12 20.67
N PRO F 853 96.24 108.88 20.73
CA PRO F 853 97.08 109.04 19.56
C PRO F 853 97.78 107.74 19.18
N CYS F 854 97.97 107.55 17.88
CA CYS F 854 98.65 106.38 17.34
C CYS F 854 99.86 106.84 16.55
N PRO F 855 101.09 106.71 17.07
CA PRO F 855 102.30 107.16 16.39
C PRO F 855 102.61 106.36 15.13
N HIS F 866 120.40 114.18 -1.39
CA HIS F 866 119.29 114.73 -2.14
C HIS F 866 118.14 115.12 -1.20
N LEU F 867 117.82 114.23 -0.27
CA LEU F 867 116.74 114.50 0.68
C LEU F 867 117.11 115.68 1.59
N GLU F 868 118.35 115.72 2.07
CA GLU F 868 118.78 116.83 2.91
C GLU F 868 118.78 118.15 2.14
N ARG F 869 119.23 118.13 0.88
CA ARG F 869 119.23 119.34 0.08
C ARG F 869 117.80 119.84 -0.18
N ILE F 870 116.88 118.92 -0.47
CA ILE F 870 115.49 119.31 -0.69
C ILE F 870 114.86 119.82 0.59
N ARG F 871 115.21 119.21 1.73
CA ARG F 871 114.67 119.65 3.01
C ARG F 871 115.14 121.06 3.36
N GLU F 872 116.40 121.39 3.08
CA GLU F 872 116.90 122.72 3.36
C GLU F 872 116.18 123.77 2.52
N LYS F 873 115.94 123.48 1.24
CA LYS F 873 115.21 124.42 0.39
C LYS F 873 113.78 124.59 0.86
N LEU F 874 113.11 123.49 1.23
CA LEU F 874 111.74 123.58 1.72
C LEU F 874 111.66 124.33 3.05
N ALA F 875 112.62 124.08 3.95
CA ALA F 875 112.64 124.79 5.22
C ALA F 875 112.85 126.29 5.03
N GLU F 876 113.74 126.67 4.11
CA GLU F 876 113.95 128.09 3.83
C GLU F 876 112.69 128.72 3.26
N ASN F 877 112.00 128.01 2.35
CA ASN F 877 110.73 128.52 1.83
C ASN F 877 109.67 128.57 2.91
N ILE F 878 109.65 127.58 3.80
CA ILE F 878 108.71 127.61 4.93
C ILE F 878 109.00 128.80 5.84
N HIS F 879 110.28 129.06 6.11
CA HIS F 879 110.63 130.24 6.88
C HIS F 879 110.25 131.52 6.15
N GLU F 880 110.47 131.55 4.83
CA GLU F 880 109.99 132.68 4.03
C GLU F 880 108.47 132.76 4.03
N LEU F 881 107.80 131.61 4.01
CA LEU F 881 106.33 131.60 4.08
C LEU F 881 105.84 132.11 5.43
N TRP F 882 106.61 131.88 6.51
CA TRP F 882 106.22 132.40 7.81
C TRP F 882 106.26 133.93 7.80
N ALA F 883 107.26 134.51 7.14
CA ALA F 883 107.31 135.97 7.01
C ALA F 883 106.21 136.49 6.10
N LEU F 884 105.74 135.67 5.15
CA LEU F 884 104.65 136.09 4.27
C LEU F 884 103.38 136.35 5.07
N THR F 885 103.05 135.46 6.00
CA THR F 885 101.90 135.69 6.87
C THR F 885 102.21 136.61 8.03
N ARG F 886 103.49 136.82 8.33
CA ARG F 886 103.87 137.77 9.38
C ARG F 886 103.70 139.21 8.90
N ILE F 887 104.12 139.51 7.68
CA ILE F 887 103.96 140.86 7.14
C ILE F 887 102.48 141.15 6.86
N GLU F 888 101.69 140.11 6.58
CA GLU F 888 100.25 140.31 6.40
C GLU F 888 99.59 140.78 7.68
N GLN F 889 100.02 140.28 8.83
CA GLN F 889 99.49 140.73 10.11
C GLN F 889 100.16 141.99 10.60
N GLY F 890 101.20 142.47 9.92
CA GLY F 890 101.89 143.68 10.31
C GLY F 890 103.19 143.50 11.07
N TRP F 891 103.66 142.27 11.23
CA TRP F 891 104.90 142.02 11.96
C TRP F 891 106.11 142.47 11.16
N THR F 892 107.12 142.96 11.88
CA THR F 892 108.40 143.35 11.31
C THR F 892 109.51 142.49 11.91
N TYR F 893 110.75 142.86 11.62
CA TYR F 893 111.91 142.13 12.11
C TYR F 893 112.55 142.88 13.27
N GLY F 894 112.87 142.15 14.34
CA GLY F 894 113.49 142.72 15.51
C GLY F 894 114.30 141.70 16.28
N PRO F 895 114.91 142.13 17.39
CA PRO F 895 115.73 141.21 18.19
C PRO F 895 114.92 140.11 18.84
N VAL F 896 113.74 140.45 19.36
CA VAL F 896 112.89 139.50 20.06
C VAL F 896 111.49 139.54 19.45
N ARG F 897 110.74 138.46 19.68
CA ARG F 897 109.37 138.34 19.18
C ARG F 897 108.42 138.85 20.26
N ASP F 898 107.81 140.00 20.01
CA ASP F 898 106.87 140.61 20.93
C ASP F 898 105.59 140.98 20.19
N ASP F 899 104.44 140.74 20.84
CA ASP F 899 103.17 141.08 20.22
C ASP F 899 102.99 142.59 20.08
N ASN F 900 103.35 143.34 21.13
CA ASN F 900 103.19 144.79 21.10
C ASN F 900 104.25 145.49 20.27
N LYS F 901 105.49 144.99 20.27
CA LYS F 901 106.57 145.64 19.55
C LYS F 901 106.48 145.43 18.04
N ARG F 902 105.65 144.51 17.58
CA ARG F 902 105.48 144.22 16.16
C ARG F 902 106.81 143.87 15.49
N LEU F 903 107.64 143.10 16.20
CA LEU F 903 108.93 142.67 15.70
C LEU F 903 109.11 141.19 15.95
N HIS F 904 109.64 140.46 14.96
CA HIS F 904 109.88 139.03 15.09
C HIS F 904 111.25 138.72 14.51
N PRO F 905 112.03 137.84 15.14
CA PRO F 905 113.42 137.66 14.70
C PRO F 905 113.58 136.86 13.42
N CYS F 906 112.71 135.89 13.17
CA CYS F 906 112.85 135.04 11.98
C CYS F 906 112.09 135.57 10.78
N LEU F 907 111.47 136.76 10.89
CA LEU F 907 110.81 137.36 9.73
C LEU F 907 111.79 137.73 8.63
N VAL F 908 113.08 137.86 8.97
CA VAL F 908 114.13 138.09 7.99
C VAL F 908 114.43 136.75 7.34
N ASP F 909 115.21 136.74 6.26
CA ASP F 909 115.51 135.51 5.53
C ASP F 909 116.11 134.46 6.46
N PHE F 910 115.91 133.18 6.08
CA PHE F 910 116.35 132.08 6.92
C PHE F 910 117.87 132.08 7.10
N HIS F 911 118.61 132.39 6.04
CA HIS F 911 120.06 132.45 6.15
C HIS F 911 120.49 133.55 7.13
N SER F 912 119.85 134.71 7.06
CA SER F 912 120.12 135.77 8.01
C SER F 912 119.47 135.52 9.37
N LEU F 913 118.52 134.60 9.45
CA LEU F 913 117.93 134.22 10.71
C LEU F 913 118.96 133.46 11.56
N PRO F 914 118.76 133.41 12.88
CA PRO F 914 119.71 132.68 13.73
C PRO F 914 119.85 131.23 13.28
N GLU F 915 121.10 130.76 13.25
CA GLU F 915 121.37 129.40 12.78
C GLU F 915 120.70 128.32 13.62
N PRO F 916 120.74 128.33 14.96
CA PRO F 916 120.01 127.30 15.71
C PRO F 916 118.52 127.29 15.42
N GLU F 917 117.90 128.46 15.19
CA GLU F 917 116.50 128.48 14.80
C GLU F 917 116.30 127.87 13.42
N ARG F 918 117.20 128.17 12.48
CA ARG F 918 117.12 127.58 11.16
C ARG F 918 117.42 126.08 11.19
N ASN F 919 118.34 125.66 12.06
CA ASN F 919 118.64 124.24 12.20
C ASN F 919 117.45 123.46 12.73
N TYR F 920 116.66 124.07 13.62
CA TYR F 920 115.44 123.42 14.09
C TYR F 920 114.44 123.19 12.97
N ASN F 921 114.35 124.15 12.03
CA ASN F 921 113.48 123.96 10.87
C ASN F 921 113.95 122.81 10.00
N LEU F 922 115.27 122.64 9.87
CA LEU F 922 115.79 121.50 9.12
C LEU F 922 115.41 120.18 9.79
N GLN F 923 115.47 120.13 11.12
CA GLN F 923 115.04 118.93 11.84
C GLN F 923 113.55 118.67 11.63
N MET F 924 112.73 119.73 11.65
CA MET F 924 111.31 119.57 11.36
C MET F 924 111.09 119.12 9.92
N SER F 925 111.84 119.70 8.98
CA SER F 925 111.78 119.24 7.60
C SER F 925 112.29 117.81 7.47
N GLY F 926 113.36 117.49 8.18
CA GLY F 926 113.86 116.12 8.18
C GLY F 926 112.85 115.15 8.77
N GLU F 927 112.19 115.54 9.86
CA GLU F 927 111.11 114.73 10.41
C GLU F 927 109.95 114.62 9.44
N THR F 928 109.62 115.71 8.75
CA THR F 928 108.58 115.67 7.73
C THR F 928 108.97 114.71 6.60
N LEU F 929 110.23 114.75 6.18
CA LEU F 929 110.70 113.82 5.16
C LEU F 929 110.64 112.38 5.65
N LYS F 930 110.88 112.17 6.95
CA LYS F 930 110.77 110.83 7.51
C LYS F 930 109.33 110.31 7.50
N THR F 931 108.35 111.20 7.45
CA THR F 931 106.96 110.77 7.37
C THR F 931 106.54 110.44 5.94
N LEU F 932 107.22 111.03 4.95
CA LEU F 932 106.88 110.73 3.55
C LEU F 932 107.17 109.27 3.21
N LEU F 933 108.29 108.74 3.69
CA LEU F 933 108.63 107.35 3.41
C LEU F 933 107.68 106.40 4.12
N ALA F 934 107.13 106.79 5.26
CA ALA F 934 106.16 105.95 5.96
C ALA F 934 104.90 105.77 5.14
N LEU F 935 104.40 106.84 4.51
CA LEU F 935 103.20 106.72 3.69
C LEU F 935 103.47 105.94 2.41
N GLY F 936 104.64 106.13 1.82
CA GLY F 936 105.01 105.44 0.60
C GLY F 936 105.00 106.28 -0.66
N CYS F 937 104.80 107.59 -0.56
CA CYS F 937 104.78 108.45 -1.73
C CYS F 937 106.19 108.62 -2.30
N HIS F 938 106.26 108.73 -3.63
CA HIS F 938 107.51 108.93 -4.34
C HIS F 938 107.53 110.34 -4.91
N VAL F 939 108.59 111.08 -4.61
CA VAL F 939 108.76 112.46 -5.08
C VAL F 939 110.01 112.54 -5.93
N GLY F 940 109.94 113.31 -7.02
CA GLY F 940 111.08 113.49 -7.89
C GLY F 940 110.81 114.58 -8.90
N MET F 941 111.87 115.30 -9.25
CA MET F 941 111.80 116.41 -10.20
C MET F 941 112.64 116.08 -11.43
N ALA F 942 112.04 116.19 -12.60
CA ALA F 942 112.72 115.92 -13.86
C ALA F 942 113.10 117.19 -14.61
N ASP F 943 112.73 118.36 -14.12
CA ASP F 943 113.04 119.64 -14.75
C ASP F 943 113.84 120.49 -13.78
N GLU F 944 115.08 120.80 -14.13
CA GLU F 944 115.92 121.64 -13.29
C GLU F 944 115.53 123.11 -13.35
N LYS F 945 114.87 123.55 -14.42
CA LYS F 945 114.48 124.96 -14.54
C LYS F 945 113.40 125.32 -13.53
N ALA F 946 112.48 124.39 -13.24
CA ALA F 946 111.42 124.67 -12.28
C ALA F 946 111.98 124.93 -10.89
N GLU F 947 112.96 124.13 -10.47
CA GLU F 947 113.57 124.34 -9.15
C GLU F 947 114.36 125.64 -9.11
N ASP F 948 115.04 126.00 -10.21
CA ASP F 948 115.83 127.22 -10.23
C ASP F 948 114.95 128.47 -10.23
N ASN F 949 113.72 128.37 -10.69
CA ASN F 949 112.82 129.53 -10.70
C ASN F 949 112.45 129.93 -9.28
N LEU F 950 112.43 131.24 -9.03
CA LEU F 950 112.11 131.78 -7.72
C LEU F 950 111.18 132.98 -7.90
N ARG F 951 110.46 133.31 -6.83
CA ARG F 951 109.55 134.44 -6.87
C ARG F 951 110.32 135.75 -7.01
N LYS F 952 109.84 136.61 -7.91
CA LYS F 952 110.48 137.90 -8.16
C LYS F 952 109.42 138.99 -8.19
N THR F 953 109.76 140.14 -7.61
CA THR F 953 108.90 141.31 -7.53
C THR F 953 107.58 141.05 -6.81
N LYS F 954 107.48 139.94 -6.08
CA LYS F 954 106.27 139.63 -5.34
C LYS F 954 106.21 140.32 -3.98
N LEU F 955 107.30 140.96 -3.55
CA LEU F 955 107.34 141.65 -2.26
C LEU F 955 107.48 143.14 -2.48
N PRO F 956 106.40 143.92 -2.36
CA PRO F 956 106.52 145.37 -2.55
C PRO F 956 107.18 146.06 -1.37
N LYS F 957 107.23 147.39 -1.39
CA LYS F 957 107.82 148.13 -0.27
C LYS F 957 107.05 147.89 1.02
N THR F 958 105.76 147.60 0.93
CA THR F 958 104.99 147.26 2.13
C THR F 958 105.45 145.94 2.74
N TYR F 959 105.87 144.98 1.91
CA TYR F 959 106.35 143.71 2.42
C TYR F 959 107.69 143.85 3.13
N MET F 960 108.44 144.92 2.87
CA MET F 960 109.71 145.12 3.53
C MET F 960 109.50 145.42 5.01
N MET F 961 110.34 144.85 5.86
CA MET F 961 110.23 145.05 7.30
C MET F 961 110.86 146.39 7.68
N SER F 962 111.04 146.61 8.98
CA SER F 962 111.65 147.86 9.44
C SER F 962 113.09 147.97 9.00
N ASN F 963 113.81 146.85 8.89
CA ASN F 963 115.19 146.89 8.45
C ASN F 963 115.31 147.14 6.96
N GLY F 964 114.31 146.75 6.18
CA GLY F 964 114.29 146.96 4.74
C GLY F 964 114.33 145.71 3.90
N TYR F 965 114.50 144.53 4.48
CA TYR F 965 114.53 143.29 3.71
C TYR F 965 113.13 142.88 3.30
N LYS F 966 113.00 142.43 2.06
CA LYS F 966 111.72 141.98 1.52
C LYS F 966 111.71 140.47 1.41
N PRO F 967 110.87 139.76 2.18
CA PRO F 967 110.84 138.30 2.08
C PRO F 967 110.34 137.83 0.73
N ALA F 968 110.94 136.75 0.23
CA ALA F 968 110.56 136.17 -1.05
C ALA F 968 110.29 134.68 -0.86
N PRO F 969 109.10 134.19 -1.22
CA PRO F 969 108.82 132.75 -1.07
C PRO F 969 109.72 131.88 -1.92
N LEU F 970 110.30 132.41 -3.00
CA LEU F 970 111.18 131.66 -3.89
C LEU F 970 110.50 130.42 -4.47
N ASP F 971 109.20 130.51 -4.71
CA ASP F 971 108.43 129.40 -5.27
C ASP F 971 107.19 129.97 -5.95
N LEU F 972 107.18 129.93 -7.28
CA LEU F 972 106.03 130.44 -8.03
C LEU F 972 104.78 129.60 -7.76
N SER F 973 104.94 128.27 -7.72
CA SER F 973 103.83 127.35 -7.49
C SER F 973 102.72 127.56 -8.53
N HIS F 974 103.12 127.79 -9.78
CA HIS F 974 102.14 128.01 -10.84
C HIS F 974 101.35 126.74 -11.16
N VAL F 975 101.98 125.57 -11.07
CA VAL F 975 101.29 124.33 -11.37
C VAL F 975 100.29 124.03 -10.26
N ARG F 976 99.27 123.24 -10.61
CA ARG F 976 98.21 122.87 -9.67
C ARG F 976 98.47 121.48 -9.12
N LEU F 977 98.19 121.31 -7.83
CA LEU F 977 98.38 120.02 -7.18
C LEU F 977 97.38 119.00 -7.71
N THR F 978 97.81 117.75 -7.77
CA THR F 978 96.96 116.68 -8.25
C THR F 978 95.81 116.42 -7.25
N PRO F 979 94.67 115.93 -7.73
CA PRO F 979 93.58 115.60 -6.79
C PRO F 979 93.98 114.57 -5.75
N ALA F 980 94.86 113.63 -6.10
CA ALA F 980 95.40 112.70 -5.11
C ALA F 980 96.43 113.35 -4.20
N GLN F 981 97.11 114.40 -4.66
CA GLN F 981 98.14 115.04 -3.85
C GLN F 981 97.54 115.67 -2.59
N THR F 982 96.40 116.35 -2.72
CA THR F 982 95.78 116.96 -1.55
C THR F 982 95.24 115.91 -0.59
N THR F 983 94.82 114.75 -1.10
CA THR F 983 94.44 113.65 -0.22
C THR F 983 95.65 113.12 0.55
N LEU F 984 96.79 113.00 -0.13
CA LEU F 984 98.02 112.60 0.56
C LEU F 984 98.49 113.66 1.53
N VAL F 985 98.34 114.95 1.18
CA VAL F 985 98.75 116.02 2.06
C VAL F 985 97.91 116.02 3.34
N ASP F 986 96.62 115.68 3.23
CA ASP F 986 95.78 115.59 4.41
C ASP F 986 96.25 114.47 5.35
N ARG F 987 96.72 113.35 4.78
CA ARG F 987 97.24 112.27 5.61
C ARG F 987 98.47 112.72 6.39
N LEU F 988 99.37 113.46 5.74
CA LEU F 988 100.54 113.99 6.44
C LEU F 988 100.14 115.00 7.52
N ALA F 989 99.14 115.84 7.22
CA ALA F 989 98.65 116.78 8.22
C ALA F 989 98.04 116.05 9.41
N GLU F 990 97.30 114.97 9.18
CA GLU F 990 96.78 114.17 10.29
C GLU F 990 97.91 113.53 11.08
N ASN F 991 98.93 113.00 10.38
CA ASN F 991 100.06 112.41 11.07
C ASN F 991 100.88 113.46 11.81
N GLY F 992 101.06 114.64 11.20
CA GLY F 992 101.80 115.70 11.86
C GLY F 992 101.14 116.17 13.14
N HIS F 993 99.81 116.29 13.14
CA HIS F 993 99.09 116.60 14.37
C HIS F 993 99.10 115.44 15.34
N ASN F 994 99.19 114.21 14.82
CA ASN F 994 99.18 113.03 15.67
C ASN F 994 100.44 112.93 16.53
N VAL F 995 101.61 113.10 15.91
CA VAL F 995 102.86 113.02 16.66
C VAL F 995 102.97 114.17 17.66
N TRP F 996 102.44 115.35 17.31
CA TRP F 996 102.41 116.45 18.25
C TRP F 996 101.57 116.11 19.47
N ALA F 997 100.42 115.45 19.26
CA ALA F 997 99.61 114.99 20.38
C ALA F 997 100.33 113.89 21.18
N ARG F 998 101.09 113.03 20.49
CA ARG F 998 101.85 112.00 21.19
C ARG F 998 102.90 112.63 22.10
N ASP F 999 103.55 113.70 21.65
CA ASP F 999 104.48 114.42 22.50
C ASP F 999 103.79 115.22 23.61
N ARG F 1000 102.52 115.60 23.40
CA ARG F 1000 101.80 116.36 24.40
C ARG F 1000 101.44 115.48 25.59
N VAL F 1001 100.93 114.27 25.33
CA VAL F 1001 100.58 113.36 26.42
C VAL F 1001 101.84 112.88 27.14
N ALA F 1002 102.95 112.71 26.41
CA ALA F 1002 104.20 112.29 27.03
C ALA F 1002 104.71 113.34 28.01
N GLN F 1003 104.56 114.63 27.69
CA GLN F 1003 104.98 115.68 28.61
C GLN F 1003 104.15 115.69 29.88
N GLY F 1004 102.86 115.35 29.78
CA GLY F 1004 101.98 115.25 30.93
C GLY F 1004 100.69 116.03 30.81
N TRP F 1005 100.59 116.96 29.87
CA TRP F 1005 99.39 117.79 29.70
C TRP F 1005 98.50 117.14 28.63
N SER F 1006 97.44 116.47 29.08
CA SER F 1006 96.44 115.87 28.20
C SER F 1006 95.08 116.38 28.63
N TYR F 1007 94.36 117.00 27.69
CA TYR F 1007 93.08 117.61 28.01
C TYR F 1007 92.34 117.91 26.71
N SER F 1008 91.01 117.87 26.77
CA SER F 1008 90.20 118.05 25.57
C SER F 1008 89.01 118.96 25.80
N ALA F 1009 89.17 120.00 26.61
CA ALA F 1009 88.10 120.95 26.89
C ALA F 1009 88.40 122.30 26.26
N VAL F 1010 87.33 123.05 25.98
CA VAL F 1010 87.45 124.36 25.35
C VAL F 1010 87.89 125.46 26.32
N GLN F 1011 87.92 125.18 27.62
CA GLN F 1011 88.31 126.16 28.61
C GLN F 1011 89.83 126.17 28.80
N ASP F 1012 90.31 127.22 29.45
CA ASP F 1012 91.73 127.40 29.72
C ASP F 1012 92.02 127.03 31.17
N ILE F 1013 92.85 126.01 31.36
CA ILE F 1013 93.22 125.51 32.68
C ILE F 1013 94.74 125.44 32.77
N PRO F 1014 95.35 125.85 33.89
CA PRO F 1014 96.82 125.82 33.99
C PRO F 1014 97.42 124.44 33.80
N ALA F 1015 96.72 123.38 34.19
CA ALA F 1015 97.23 122.03 33.98
C ALA F 1015 97.39 121.74 32.49
N ARG F 1016 96.35 122.06 31.71
CA ARG F 1016 96.41 121.91 30.25
C ARG F 1016 95.29 122.76 29.66
N ARG F 1017 95.66 123.79 28.89
CA ARG F 1017 94.71 124.75 28.34
C ARG F 1017 94.65 124.67 26.82
N ASN F 1018 94.66 123.47 26.27
CA ASN F 1018 94.63 123.28 24.83
C ASN F 1018 93.38 122.48 24.44
N PRO F 1019 92.45 123.07 23.67
CA PRO F 1019 91.27 122.31 23.24
C PRO F 1019 91.51 121.44 22.03
N ARG F 1020 92.53 121.73 21.22
CA ARG F 1020 92.82 120.99 20.00
C ARG F 1020 93.74 119.80 20.22
N LEU F 1021 93.85 119.31 21.46
CA LEU F 1021 94.70 118.18 21.77
C LEU F 1021 94.10 116.85 21.34
N VAL F 1022 92.82 116.84 20.96
CA VAL F 1022 92.14 115.63 20.52
C VAL F 1022 92.77 115.15 19.22
N PRO F 1023 92.62 113.87 18.86
CA PRO F 1023 93.19 113.40 17.58
C PRO F 1023 92.60 114.14 16.40
N TYR F 1024 93.25 113.96 15.24
CA TYR F 1024 92.89 114.73 14.04
C TYR F 1024 91.46 114.44 13.60
N ARG F 1025 90.94 113.25 13.89
CA ARG F 1025 89.57 112.94 13.51
C ARG F 1025 88.56 113.74 14.33
N LEU F 1026 88.92 114.13 15.55
CA LEU F 1026 88.01 114.85 16.44
C LEU F 1026 88.23 116.36 16.43
N LEU F 1027 89.16 116.86 15.62
CA LEU F 1027 89.39 118.30 15.58
C LEU F 1027 88.26 119.02 14.86
N ASP F 1028 88.09 120.30 15.20
CA ASP F 1028 87.12 121.13 14.51
C ASP F 1028 87.61 121.48 13.11
N GLU F 1029 86.66 121.83 12.24
CA GLU F 1029 87.00 122.16 10.86
C GLU F 1029 87.82 123.43 10.75
N ALA F 1030 87.72 124.34 11.72
CA ALA F 1030 88.48 125.59 11.66
C ALA F 1030 89.96 125.34 11.86
N THR F 1031 90.33 124.61 12.92
CA THR F 1031 91.75 124.36 13.18
C THR F 1031 92.33 123.36 12.19
N LYS F 1032 91.55 122.38 11.76
CA LYS F 1032 92.04 121.39 10.81
C LYS F 1032 92.36 122.03 9.46
N ARG F 1033 91.54 122.97 9.01
CA ARG F 1033 91.79 123.63 7.73
C ARG F 1033 93.09 124.43 7.75
N SER F 1034 93.35 125.13 8.86
CA SER F 1034 94.59 125.91 8.96
C SER F 1034 95.82 125.00 8.94
N ASN F 1035 95.78 123.90 9.69
CA ASN F 1035 96.90 122.96 9.69
C ASN F 1035 97.09 122.33 8.32
N ARG F 1036 95.99 121.94 7.66
CA ARG F 1036 96.08 121.35 6.33
C ARG F 1036 96.58 122.37 5.31
N ASP F 1037 96.14 123.62 5.41
CA ASP F 1037 96.58 124.65 4.47
C ASP F 1037 98.08 124.89 4.58
N SER F 1038 98.61 124.93 5.80
CA SER F 1038 100.04 125.13 5.98
C SER F 1038 100.84 123.97 5.38
N LEU F 1039 100.37 122.74 5.57
CA LEU F 1039 101.03 121.59 4.95
C LEU F 1039 100.82 121.58 3.44
N CYS F 1040 99.68 122.09 2.96
CA CYS F 1040 99.42 122.13 1.53
C CYS F 1040 100.40 123.06 0.81
N GLN F 1041 100.75 124.19 1.43
CA GLN F 1041 101.71 125.10 0.82
C GLN F 1041 103.09 124.45 0.69
N ALA F 1042 103.46 123.60 1.64
CA ALA F 1042 104.73 122.86 1.52
C ALA F 1042 104.71 121.95 0.30
N VAL F 1043 103.59 121.25 0.07
CA VAL F 1043 103.46 120.46 -1.15
C VAL F 1043 103.38 121.35 -2.38
N ARG F 1044 102.69 122.49 -2.26
CA ARG F 1044 102.65 123.44 -3.37
C ARG F 1044 104.04 123.98 -3.68
N THR F 1045 104.83 124.28 -2.65
CA THR F 1045 106.22 124.67 -2.86
C THR F 1045 107.01 123.55 -3.50
N LEU F 1046 106.78 122.31 -3.06
CA LEU F 1046 107.43 121.16 -3.68
C LEU F 1046 107.00 121.01 -5.15
N LEU F 1047 105.72 121.23 -5.44
CA LEU F 1047 105.26 121.19 -6.82
C LEU F 1047 105.80 122.37 -7.62
N GLY F 1048 106.05 123.50 -6.96
CA GLY F 1048 106.62 124.65 -7.65
C GLY F 1048 108.01 124.39 -8.19
N TYR F 1049 108.79 123.55 -7.50
CA TYR F 1049 110.14 123.22 -7.94
C TYR F 1049 110.17 122.13 -9.01
N GLY F 1050 109.02 121.58 -9.39
CA GLY F 1050 108.95 120.54 -10.39
C GLY F 1050 108.92 119.14 -9.84
N TYR F 1051 108.81 118.96 -8.53
CA TYR F 1051 108.77 117.63 -7.94
C TYR F 1051 107.37 117.06 -8.05
N ASN F 1052 107.24 115.91 -8.70
CA ASN F 1052 105.95 115.27 -8.85
C ASN F 1052 105.59 114.48 -7.58
N ILE F 1053 104.40 113.87 -7.60
CA ILE F 1053 103.93 113.10 -6.46
C ILE F 1053 103.21 111.85 -6.94
N ARG F 1071 74.12 94.56 14.66
CA ARG F 1071 74.00 96.01 14.58
C ARG F 1071 72.96 96.42 13.54
N VAL F 1072 71.97 95.55 13.32
CA VAL F 1072 70.90 95.80 12.37
C VAL F 1072 69.57 95.66 13.09
N ARG F 1073 68.68 96.63 12.89
CA ARG F 1073 67.37 96.64 13.51
C ARG F 1073 66.31 96.49 12.42
N ILE F 1074 65.36 95.59 12.64
CA ILE F 1074 64.32 95.27 11.67
C ILE F 1074 62.96 95.57 12.31
N PHE F 1075 62.13 96.32 11.59
CA PHE F 1075 60.80 96.68 12.05
C PHE F 1075 59.76 96.06 11.13
N ARG F 1076 58.76 95.41 11.72
CA ARG F 1076 57.65 94.84 10.97
C ARG F 1076 56.39 94.94 11.82
N ALA F 1077 55.29 94.38 11.33
CA ALA F 1077 54.02 94.38 12.04
C ALA F 1077 53.79 93.02 12.68
N GLU F 1078 52.72 92.95 13.48
CA GLU F 1078 52.39 91.71 14.17
C GLU F 1078 51.85 90.68 13.19
N LYS F 1079 52.00 89.41 13.56
CA LYS F 1079 51.55 88.32 12.69
C LYS F 1079 50.03 88.25 12.58
N SER F 1080 49.30 88.92 13.47
CA SER F 1080 47.84 88.88 13.43
C SER F 1080 47.26 89.70 12.28
N TYR F 1081 48.05 90.54 11.63
CA TYR F 1081 47.60 91.35 10.51
C TYR F 1081 48.01 90.76 9.16
N ALA F 1082 48.14 89.44 9.08
CA ALA F 1082 48.51 88.80 7.82
C ALA F 1082 47.40 88.96 6.80
N VAL F 1083 47.78 89.26 5.56
CA VAL F 1083 46.84 89.48 4.47
C VAL F 1083 46.95 88.32 3.49
N GLN F 1084 45.79 87.89 2.99
CA GLN F 1084 45.72 86.78 2.05
C GLN F 1084 45.09 87.12 0.71
N SER F 1085 44.37 88.24 0.62
CA SER F 1085 43.75 88.66 -0.64
C SER F 1085 43.57 90.17 -0.62
N GLY F 1086 43.26 90.72 -1.79
CA GLY F 1086 43.02 92.14 -1.91
C GLY F 1086 44.27 92.90 -2.32
N ARG F 1087 44.17 94.22 -2.19
CA ARG F 1087 45.24 95.14 -2.57
C ARG F 1087 45.59 96.04 -1.38
N TRP F 1088 46.88 96.25 -1.16
CA TRP F 1088 47.37 97.04 -0.04
C TRP F 1088 48.51 97.93 -0.49
N TYR F 1089 48.69 99.04 0.22
CA TYR F 1089 49.75 99.98 -0.08
C TYR F 1089 50.12 100.73 1.20
N PHE F 1090 51.38 101.12 1.31
CA PHE F 1090 51.85 101.91 2.43
C PHE F 1090 53.02 102.77 1.98
N GLU F 1091 53.20 103.90 2.66
CA GLU F 1091 54.26 104.85 2.33
C GLU F 1091 55.40 104.75 3.35
N PHE F 1092 56.54 105.32 2.98
CA PHE F 1092 57.71 105.34 3.85
C PHE F 1092 58.55 106.56 3.49
N GLU F 1093 58.70 107.47 4.45
CA GLU F 1093 59.50 108.68 4.26
C GLU F 1093 60.83 108.50 4.98
N ALA F 1094 61.93 108.69 4.25
CA ALA F 1094 63.27 108.55 4.79
C ALA F 1094 63.94 109.93 4.80
N VAL F 1095 64.14 110.47 6.01
CA VAL F 1095 64.73 111.80 6.12
C VAL F 1095 66.25 111.77 5.97
N THR F 1096 66.89 110.65 6.27
CA THR F 1096 68.34 110.52 6.16
C THR F 1096 68.66 109.41 5.18
N THR F 1097 69.49 109.71 4.18
CA THR F 1097 69.88 108.71 3.20
C THR F 1097 70.91 107.75 3.79
N GLY F 1098 70.85 106.50 3.35
CA GLY F 1098 71.76 105.48 3.82
C GLY F 1098 71.36 104.08 3.43
N GLU F 1099 71.52 103.13 4.35
CA GLU F 1099 71.17 101.73 4.11
C GLU F 1099 69.79 101.47 4.71
N MET F 1100 68.76 101.52 3.87
CA MET F 1100 67.40 101.26 4.27
C MET F 1100 66.75 100.30 3.29
N ARG F 1101 66.06 99.29 3.82
CA ARG F 1101 65.38 98.29 3.01
C ARG F 1101 63.90 98.29 3.40
N VAL F 1102 63.04 98.55 2.41
CA VAL F 1102 61.60 98.54 2.62
C VAL F 1102 61.00 97.47 1.73
N GLY F 1103 60.25 96.56 2.34
CA GLY F 1103 59.70 95.44 1.61
C GLY F 1103 58.81 94.59 2.51
N TRP F 1104 58.50 93.40 2.01
CA TRP F 1104 57.53 92.50 2.62
C TRP F 1104 58.14 91.12 2.83
N ALA F 1105 57.56 90.39 3.78
CA ALA F 1105 58.07 89.07 4.14
C ALA F 1105 56.96 88.27 4.78
N ARG F 1106 57.16 86.95 4.84
CA ARG F 1106 56.25 86.07 5.54
C ARG F 1106 56.32 86.32 7.04
N PRO F 1107 55.26 85.99 7.78
CA PRO F 1107 55.30 86.19 9.24
C PRO F 1107 56.43 85.44 9.92
N GLU F 1108 56.79 84.27 9.40
CA GLU F 1108 57.89 83.47 9.96
C GLU F 1108 59.20 84.00 9.38
N LEU F 1109 59.80 84.96 10.08
CA LEU F 1109 61.04 85.59 9.67
C LEU F 1109 62.12 85.30 10.71
N ARG F 1110 63.30 84.88 10.25
CA ARG F 1110 64.43 84.65 11.13
C ARG F 1110 65.15 85.96 11.37
N PRO F 1111 65.24 86.45 12.62
CA PRO F 1111 65.88 87.75 12.86
C PRO F 1111 67.39 87.73 12.75
N ASP F 1112 68.03 86.57 12.89
CA ASP F 1112 69.49 86.50 12.79
C ASP F 1112 69.97 86.88 11.40
N VAL F 1113 69.30 86.37 10.37
CA VAL F 1113 69.72 86.66 9.00
C VAL F 1113 69.27 88.06 8.60
N GLU F 1114 70.05 88.71 7.75
CA GLU F 1114 69.72 90.04 7.28
C GLU F 1114 68.48 89.98 6.38
N LEU F 1115 67.68 91.05 6.45
CA LEU F 1115 66.44 91.10 5.69
C LEU F 1115 66.71 91.04 4.20
N GLY F 1116 66.04 90.11 3.51
CA GLY F 1116 66.18 89.94 2.08
C GLY F 1116 67.23 88.93 1.67
N ALA F 1117 68.10 88.49 2.59
CA ALA F 1117 69.12 87.51 2.24
C ALA F 1117 68.48 86.17 1.86
N ASP F 1118 67.47 85.76 2.60
CA ASP F 1118 66.75 84.52 2.30
C ASP F 1118 65.55 84.80 1.42
N GLU F 1119 64.85 83.73 1.05
CA GLU F 1119 63.66 83.83 0.20
C GLU F 1119 62.43 84.28 0.99
N LEU F 1120 62.53 84.41 2.31
CA LEU F 1120 61.39 84.80 3.12
C LEU F 1120 61.00 86.26 2.92
N ALA F 1121 61.96 87.12 2.60
CA ALA F 1121 61.74 88.56 2.53
C ALA F 1121 61.90 89.07 1.11
N TYR F 1122 61.06 90.03 0.75
CA TYR F 1122 61.10 90.72 -0.54
C TYR F 1122 61.31 92.20 -0.27
N VAL F 1123 62.56 92.61 -0.11
CA VAL F 1123 62.89 93.99 0.23
C VAL F 1123 63.58 94.66 -0.96
N PHE F 1124 63.78 95.96 -0.83
CA PHE F 1124 64.44 96.75 -1.88
C PHE F 1124 65.40 97.72 -1.22
N ASN F 1125 66.69 97.57 -1.50
CA ASN F 1125 67.69 98.46 -0.92
C ASN F 1125 67.60 99.85 -1.53
N GLY F 1126 67.98 100.85 -0.74
CA GLY F 1126 67.92 102.22 -1.18
C GLY F 1126 69.27 102.92 -1.22
N HIS F 1127 70.32 102.22 -0.81
CA HIS F 1127 71.65 102.82 -0.81
C HIS F 1127 72.17 103.00 -2.22
N ARG F 1128 72.31 101.90 -2.96
CA ARG F 1128 72.73 101.94 -4.36
C ARG F 1128 71.58 101.70 -5.33
N GLY F 1129 70.37 101.47 -4.83
CA GLY F 1129 69.22 101.23 -5.68
C GLY F 1129 69.26 99.89 -6.38
N GLN F 1130 69.15 98.80 -5.60
CA GLN F 1130 69.18 97.46 -6.17
C GLN F 1130 68.35 96.53 -5.30
N ARG F 1131 67.83 95.48 -5.90
CA ARG F 1131 67.07 94.48 -5.16
C ARG F 1131 68.01 93.49 -4.48
N TRP F 1132 67.69 93.15 -3.23
CA TRP F 1132 68.52 92.27 -2.43
C TRP F 1132 67.92 90.88 -2.23
N HIS F 1133 66.79 90.58 -2.86
CA HIS F 1133 66.16 89.27 -2.70
C HIS F 1133 66.98 88.22 -3.42
N LEU F 1134 67.68 87.39 -2.64
CA LEU F 1134 68.50 86.29 -3.17
C LEU F 1134 69.53 86.80 -4.18
N GLY F 1135 70.41 87.67 -3.69
CA GLY F 1135 71.45 88.27 -4.50
C GLY F 1135 71.19 89.74 -4.77
N SER F 1136 72.19 90.38 -5.33
CA SER F 1136 72.15 91.81 -5.64
C SER F 1136 71.86 91.98 -7.13
N GLU F 1137 70.69 92.56 -7.43
CA GLU F 1137 70.28 92.84 -8.80
C GLU F 1137 69.89 94.31 -8.89
N LEU F 1138 70.49 95.03 -9.83
CA LEU F 1138 70.22 96.46 -9.97
C LEU F 1138 68.78 96.69 -10.39
N PHE F 1139 68.14 97.69 -9.78
CA PHE F 1139 66.75 98.02 -10.09
C PHE F 1139 66.49 99.44 -9.61
N GLY F 1140 66.16 100.33 -10.55
CA GLY F 1140 65.89 101.71 -10.21
C GLY F 1140 67.15 102.49 -9.87
N ARG F 1141 66.92 103.66 -9.26
CA ARG F 1141 68.00 104.55 -8.88
C ARG F 1141 67.91 104.89 -7.39
N PRO F 1142 69.04 105.12 -6.72
CA PRO F 1142 68.99 105.49 -5.31
C PRO F 1142 68.27 106.81 -5.10
N TRP F 1143 67.54 106.89 -3.98
CA TRP F 1143 66.74 108.07 -3.70
C TRP F 1143 67.51 109.06 -2.83
N GLN F 1144 67.10 110.32 -2.92
CA GLN F 1144 67.70 111.41 -2.15
C GLN F 1144 66.96 111.58 -0.82
N SER F 1145 67.21 112.69 -0.14
CA SER F 1145 66.54 112.97 1.11
C SER F 1145 65.02 113.09 0.90
N GLY F 1146 64.27 112.68 1.91
CA GLY F 1146 62.84 112.55 1.77
C GLY F 1146 62.50 111.36 0.90
N ASP F 1147 61.95 111.62 -0.29
CA ASP F 1147 61.77 110.61 -1.33
C ASP F 1147 60.92 109.44 -0.81
N VAL F 1148 59.66 109.75 -0.52
CA VAL F 1148 58.73 108.73 -0.04
C VAL F 1148 58.61 107.63 -1.07
N VAL F 1149 58.95 106.41 -0.68
CA VAL F 1149 58.91 105.24 -1.56
C VAL F 1149 57.72 104.39 -1.16
N GLY F 1150 56.95 103.94 -2.14
CA GLY F 1150 55.77 103.14 -1.88
C GLY F 1150 55.88 101.72 -2.40
N CYS F 1151 55.18 100.81 -1.73
CA CYS F 1151 55.14 99.40 -2.10
C CYS F 1151 53.69 98.99 -2.30
N MET F 1152 53.42 98.28 -3.38
CA MET F 1152 52.06 97.89 -3.75
C MET F 1152 51.97 96.38 -3.89
N ILE F 1153 50.75 95.90 -4.16
CA ILE F 1153 50.52 94.46 -4.31
C ILE F 1153 49.36 94.26 -5.29
N ASP F 1154 49.34 93.07 -5.89
CA ASP F 1154 48.17 92.56 -6.60
C ASP F 1154 48.21 91.04 -6.44
N LEU F 1155 47.53 90.53 -5.40
CA LEU F 1155 47.52 89.10 -5.16
C LEU F 1155 46.70 88.36 -6.21
N THR F 1156 45.75 89.03 -6.86
CA THR F 1156 45.08 88.43 -8.00
C THR F 1156 45.99 88.33 -9.21
N GLU F 1157 47.14 89.01 -9.18
CA GLU F 1157 48.13 88.94 -10.24
C GLU F 1157 49.51 88.49 -9.76
N ASN F 1158 49.73 88.47 -8.43
CA ASN F 1158 51.00 88.05 -7.85
C ASN F 1158 52.16 88.90 -8.37
N THR F 1159 51.95 90.22 -8.42
CA THR F 1159 52.97 91.16 -8.86
C THR F 1159 53.18 92.20 -7.77
N ILE F 1160 54.45 92.56 -7.53
CA ILE F 1160 54.83 93.58 -6.57
C ILE F 1160 55.61 94.67 -7.30
N ILE F 1161 55.18 95.92 -7.11
CA ILE F 1161 55.81 97.06 -7.75
C ILE F 1161 56.20 98.09 -6.68
N PHE F 1162 57.29 98.80 -6.94
CA PHE F 1162 57.81 99.82 -6.05
C PHE F 1162 57.73 101.18 -6.75
N THR F 1163 57.18 102.16 -6.05
CA THR F 1163 57.01 103.51 -6.57
C THR F 1163 57.91 104.46 -5.80
N LEU F 1164 58.71 105.24 -6.52
CA LEU F 1164 59.61 106.22 -5.92
C LEU F 1164 59.17 107.62 -6.32
N ASN F 1165 58.93 108.47 -5.33
CA ASN F 1165 58.46 109.85 -5.55
C ASN F 1165 57.18 109.88 -6.37
N GLY F 1166 56.33 108.87 -6.20
CA GLY F 1166 55.13 108.77 -7.01
C GLY F 1166 55.37 108.36 -8.45
N GLU F 1167 56.58 107.91 -8.77
CA GLU F 1167 56.93 107.50 -10.13
C GLU F 1167 57.21 106.01 -10.16
N VAL F 1168 56.71 105.34 -11.20
CA VAL F 1168 56.88 103.90 -11.33
C VAL F 1168 58.34 103.59 -11.65
N LEU F 1169 58.91 102.63 -10.93
CA LEU F 1169 60.28 102.20 -11.15
C LEU F 1169 60.29 100.99 -12.08
N MET F 1170 61.13 101.06 -13.12
CA MET F 1170 61.23 100.01 -14.11
C MET F 1170 62.57 99.29 -13.99
N SER F 1171 62.67 98.15 -14.66
CA SER F 1171 63.89 97.34 -14.64
C SER F 1171 64.76 97.72 -15.83
N ASP F 1172 65.83 96.95 -16.06
CA ASP F 1172 66.72 97.22 -17.18
C ASP F 1172 66.02 96.98 -18.52
N SER F 1173 65.04 96.08 -18.56
CA SER F 1173 64.32 95.77 -19.78
C SER F 1173 63.07 96.63 -19.95
N GLY F 1174 62.85 97.60 -19.07
CA GLY F 1174 61.67 98.44 -19.17
C GLY F 1174 60.42 97.86 -18.56
N SER F 1175 60.52 96.77 -17.82
CA SER F 1175 59.37 96.15 -17.19
C SER F 1175 59.09 96.82 -15.84
N GLU F 1176 57.85 97.23 -15.64
CA GLU F 1176 57.47 97.91 -14.39
C GLU F 1176 57.37 96.96 -13.22
N THR F 1177 57.19 95.66 -13.46
CA THR F 1177 57.09 94.69 -12.38
C THR F 1177 58.46 94.37 -11.82
N ALA F 1178 58.51 94.09 -10.52
CA ALA F 1178 59.75 93.72 -9.84
C ALA F 1178 59.85 92.22 -9.61
N PHE F 1179 58.85 91.64 -8.95
CA PHE F 1179 58.79 90.21 -8.70
C PHE F 1179 57.49 89.65 -9.26
N ARG F 1180 57.59 88.48 -9.89
CA ARG F 1180 56.46 87.84 -10.52
C ARG F 1180 56.40 86.37 -10.12
N ASP F 1181 55.19 85.80 -10.19
CA ASP F 1181 54.93 84.40 -9.85
C ASP F 1181 55.37 84.10 -8.42
N ILE F 1182 54.77 84.81 -7.47
CA ILE F 1182 55.06 84.66 -6.05
C ILE F 1182 53.95 83.84 -5.41
N GLU F 1183 54.33 82.90 -4.56
CA GLU F 1183 53.36 82.08 -3.85
C GLU F 1183 52.61 82.91 -2.81
N VAL F 1184 51.33 82.59 -2.64
CA VAL F 1184 50.52 83.32 -1.66
C VAL F 1184 51.01 83.06 -0.24
N GLY F 1185 51.37 81.82 0.07
CA GLY F 1185 51.89 81.48 1.39
C GLY F 1185 50.85 81.70 2.47
N ASP F 1186 51.34 81.96 3.68
CA ASP F 1186 50.46 82.28 4.79
C ASP F 1186 50.03 83.75 4.76
N GLY F 1187 50.95 84.64 4.41
CA GLY F 1187 50.63 86.05 4.34
C GLY F 1187 51.89 86.87 4.12
N PHE F 1188 51.68 88.18 4.04
CA PHE F 1188 52.77 89.13 3.85
C PHE F 1188 52.57 90.31 4.79
N LEU F 1189 53.67 90.81 5.35
CA LEU F 1189 53.64 91.89 6.31
C LEU F 1189 54.59 93.01 5.87
N PRO F 1190 54.27 94.27 6.22
CA PRO F 1190 55.20 95.37 5.93
C PRO F 1190 56.42 95.30 6.85
N VAL F 1191 57.60 95.15 6.25
CA VAL F 1191 58.85 95.00 6.98
C VAL F 1191 59.81 96.11 6.58
N CYS F 1192 60.46 96.72 7.57
CA CYS F 1192 61.42 97.77 7.33
C CYS F 1192 62.71 97.47 8.09
N SER F 1193 63.83 97.89 7.51
CA SER F 1193 65.14 97.69 8.11
C SER F 1193 65.91 99.01 8.11
N LEU F 1194 66.60 99.28 9.21
CA LEU F 1194 67.38 100.50 9.37
C LEU F 1194 68.80 100.15 9.77
N GLY F 1195 69.76 100.85 9.19
CA GLY F 1195 71.15 100.63 9.49
C GLY F 1195 71.65 101.53 10.60
N PRO F 1196 72.95 101.46 10.90
CA PRO F 1196 73.51 102.31 11.97
C PRO F 1196 73.41 103.79 11.60
N GLY F 1197 73.00 104.60 12.57
CA GLY F 1197 72.90 106.04 12.36
C GLY F 1197 71.91 106.46 11.30
N GLN F 1198 70.79 105.74 11.18
CA GLN F 1198 69.78 106.04 10.18
C GLN F 1198 68.46 106.38 10.86
N VAL F 1199 67.77 107.39 10.36
CA VAL F 1199 66.48 107.83 10.88
C VAL F 1199 65.47 107.77 9.74
N GLY F 1200 64.36 107.04 9.96
CA GLY F 1200 63.33 106.91 8.97
C GLY F 1200 61.95 107.07 9.60
N HIS F 1201 60.95 107.23 8.73
CA HIS F 1201 59.56 107.37 9.15
C HIS F 1201 58.71 106.40 8.36
N LEU F 1202 57.93 105.59 9.07
CA LEU F 1202 57.06 104.60 8.45
C LEU F 1202 55.60 105.03 8.63
N ASN F 1203 54.85 105.00 7.53
CA ASN F 1203 53.44 105.38 7.53
C ASN F 1203 52.63 104.18 7.04
N LEU F 1204 51.67 103.73 7.84
CA LEU F 1204 50.82 102.60 7.48
C LEU F 1204 49.54 103.01 6.75
N GLY F 1205 49.37 104.30 6.46
CA GLY F 1205 48.17 104.76 5.78
C GLY F 1205 46.94 104.77 6.66
N GLN F 1206 47.09 104.96 7.97
CA GLN F 1206 45.94 105.01 8.86
C GLN F 1206 45.06 106.22 8.57
N ASP F 1207 45.67 107.37 8.27
CA ASP F 1207 44.95 108.60 8.02
C ASP F 1207 45.11 109.00 6.56
N VAL F 1208 44.03 109.50 5.97
CA VAL F 1208 44.07 109.94 4.58
C VAL F 1208 44.98 111.15 4.42
N SER F 1209 44.90 112.10 5.35
CA SER F 1209 45.71 113.32 5.26
C SER F 1209 47.20 113.05 5.41
N SER F 1210 47.59 111.92 5.98
CA SER F 1210 49.00 111.58 6.13
C SER F 1210 49.64 111.12 4.84
N LEU F 1211 48.89 110.43 3.99
CA LEU F 1211 49.44 109.93 2.74
C LEU F 1211 49.73 111.07 1.77
N ARG F 1212 50.74 110.89 0.93
CA ARG F 1212 51.16 111.90 -0.02
C ARG F 1212 51.03 111.46 -1.48
N PHE F 1213 51.51 110.26 -1.82
CA PHE F 1213 51.51 109.78 -3.20
C PHE F 1213 50.46 108.72 -3.46
N PHE F 1214 49.61 108.42 -2.48
CA PHE F 1214 48.53 107.46 -2.72
C PHE F 1214 47.44 108.04 -3.59
N ALA F 1215 47.20 109.35 -3.49
CA ALA F 1215 46.15 109.99 -4.28
C ALA F 1215 46.51 110.11 -5.75
N ILE F 1216 47.77 109.90 -6.11
CA ILE F 1216 48.21 110.02 -7.50
C ILE F 1216 48.56 108.67 -8.11
N CYS F 1217 48.79 107.63 -7.32
CA CYS F 1217 49.09 106.30 -7.83
C CYS F 1217 48.07 105.25 -7.42
N GLY F 1218 47.69 105.21 -6.14
CA GLY F 1218 46.73 104.22 -5.69
C GLY F 1218 45.35 104.42 -6.29
N LEU F 1219 44.89 105.67 -6.36
CA LEU F 1219 43.57 105.95 -6.92
C LEU F 1219 43.51 105.64 -8.41
N GLN F 1220 44.63 105.77 -9.12
CA GLN F 1220 44.65 105.46 -10.54
C GLN F 1220 44.36 103.99 -10.81
N GLU F 1221 44.92 103.09 -10.01
CA GLU F 1221 44.72 101.66 -10.20
C GLU F 1221 43.50 101.15 -9.43
N GLY F 1222 43.18 101.74 -8.29
CA GLY F 1222 42.04 101.32 -7.50
C GLY F 1222 42.42 100.45 -6.33
N PHE F 1223 43.54 100.76 -5.68
CA PHE F 1223 44.02 99.99 -4.55
C PHE F 1223 43.44 100.55 -3.25
N GLU F 1224 43.80 99.91 -2.13
CA GLU F 1224 43.30 100.31 -0.82
C GLU F 1224 44.44 100.39 0.17
N PRO F 1225 44.36 101.28 1.16
CA PRO F 1225 45.41 101.37 2.18
C PRO F 1225 45.39 100.17 3.11
N PHE F 1226 46.54 99.94 3.75
CA PHE F 1226 46.68 98.85 4.70
C PHE F 1226 45.88 99.08 5.98
N ALA F 1227 45.66 100.33 6.36
CA ALA F 1227 44.93 100.69 7.58
C ALA F 1227 43.80 101.65 7.26
N ILE F 1228 43.00 101.31 6.24
CA ILE F 1228 41.92 102.20 5.82
C ILE F 1228 40.89 102.37 6.92
N ASN F 1229 40.51 101.27 7.58
CA ASN F 1229 39.51 101.28 8.64
C ASN F 1229 40.10 100.57 9.85
N MET F 1230 40.80 101.32 10.70
CA MET F 1230 41.40 100.80 11.91
C MET F 1230 41.09 101.73 13.08
N GLN F 1231 40.67 101.15 14.20
CA GLN F 1231 40.39 101.93 15.41
C GLN F 1231 41.64 102.22 16.20
N ARG F 1232 42.64 101.34 16.13
CA ARG F 1232 43.89 101.50 16.87
C ARG F 1232 45.08 101.41 15.91
N PRO F 1233 46.19 102.06 16.24
CA PRO F 1233 47.37 101.98 15.38
C PRO F 1233 47.90 100.55 15.27
N VAL F 1234 48.47 100.24 14.11
CA VAL F 1234 49.01 98.90 13.88
C VAL F 1234 50.21 98.68 14.79
N THR F 1235 50.18 97.59 15.55
CA THR F 1235 51.26 97.28 16.48
C THR F 1235 52.48 96.78 15.72
N THR F 1236 53.62 97.40 15.97
CA THR F 1236 54.87 97.07 15.30
C THR F 1236 55.80 96.30 16.23
N TRP F 1237 56.66 95.49 15.64
CA TRP F 1237 57.62 94.68 16.36
C TRP F 1237 59.03 94.98 15.87
N PHE F 1238 59.97 95.10 16.80
CA PHE F 1238 61.36 95.38 16.48
C PHE F 1238 62.25 94.24 16.93
N SER F 1239 63.41 94.13 16.29
CA SER F 1239 64.38 93.09 16.61
C SER F 1239 65.28 93.62 17.72
N LYS F 1240 65.04 93.16 18.95
CA LYS F 1240 65.86 93.56 20.09
C LYS F 1240 67.20 92.86 20.02
N SER F 1241 68.29 93.63 20.12
CA SER F 1241 69.63 93.08 20.08
C SER F 1241 70.06 92.47 21.41
N LEU F 1242 69.18 92.45 22.40
CA LEU F 1242 69.54 91.93 23.71
C LEU F 1242 69.68 90.41 23.65
N PRO F 1243 70.84 89.85 23.96
CA PRO F 1243 71.02 88.39 23.79
C PRO F 1243 70.22 87.62 24.84
N GLN F 1244 69.32 86.78 24.35
CA GLN F 1244 68.41 86.05 25.20
C GLN F 1244 68.61 84.56 24.93
N PHE F 1245 68.67 83.77 26.00
CA PHE F 1245 68.76 82.32 25.89
C PHE F 1245 67.48 81.72 25.34
N GLU F 1246 67.62 80.81 24.39
CA GLU F 1246 66.48 80.12 23.80
C GLU F 1246 66.81 78.65 23.62
N ALA F 1247 65.76 77.83 23.63
CA ALA F 1247 65.93 76.39 23.52
C ALA F 1247 66.52 76.00 22.18
N VAL F 1248 67.34 74.96 22.18
CA VAL F 1248 68.01 74.51 20.96
C VAL F 1248 66.96 74.01 19.97
N PRO F 1249 67.04 74.39 18.69
CA PRO F 1249 66.12 73.82 17.70
C PRO F 1249 66.28 72.32 17.60
N LEU F 1250 65.15 71.63 17.39
CA LEU F 1250 65.18 70.18 17.31
C LEU F 1250 65.94 69.69 16.08
N GLU F 1251 65.87 70.43 14.98
CA GLU F 1251 66.58 70.11 13.74
C GLU F 1251 67.56 71.24 13.44
N HIS F 1252 68.77 71.13 13.99
CA HIS F 1252 69.82 72.12 13.76
C HIS F 1252 70.93 71.48 12.94
N PRO F 1253 71.23 72.00 11.74
CA PRO F 1253 72.23 71.34 10.88
C PRO F 1253 73.63 71.31 11.48
N HIS F 1254 74.03 72.37 12.20
CA HIS F 1254 75.41 72.44 12.66
C HIS F 1254 75.63 71.64 13.93
N TYR F 1255 74.82 71.87 14.97
CA TYR F 1255 74.99 71.22 16.26
C TYR F 1255 73.76 70.39 16.58
N GLU F 1256 73.98 69.13 16.98
CA GLU F 1256 72.91 68.21 17.31
C GLU F 1256 73.07 67.79 18.78
N VAL F 1257 71.98 67.89 19.53
CA VAL F 1257 71.96 67.54 20.95
C VAL F 1257 71.35 66.15 21.12
N SER F 1258 71.98 65.33 21.95
CA SER F 1258 71.52 63.98 22.22
C SER F 1258 71.64 63.69 23.71
N ARG F 1259 70.67 62.96 24.24
CA ARG F 1259 70.67 62.54 25.64
C ARG F 1259 70.82 61.03 25.72
N VAL F 1260 71.51 60.57 26.76
CA VAL F 1260 71.80 59.15 26.96
C VAL F 1260 70.98 58.66 28.15
N ASP F 1261 70.31 57.52 27.98
CA ASP F 1261 69.52 56.95 29.05
C ASP F 1261 70.42 56.48 30.20
N GLY F 1262 69.83 56.42 31.39
CA GLY F 1262 70.58 56.05 32.57
C GLY F 1262 71.09 54.62 32.48
N THR F 1263 72.40 54.44 32.63
CA THR F 1263 73.01 53.12 32.61
C THR F 1263 73.32 52.66 34.03
N VAL F 1264 73.54 51.35 34.17
CA VAL F 1264 73.83 50.78 35.48
C VAL F 1264 75.18 51.29 36.00
N ASP F 1265 76.19 51.31 35.14
CA ASP F 1265 77.52 51.72 35.55
C ASP F 1265 77.73 53.23 35.47
N THR F 1266 77.16 53.88 34.46
CA THR F 1266 77.35 55.31 34.24
C THR F 1266 76.01 56.04 34.38
N PRO F 1267 75.96 57.14 35.12
CA PRO F 1267 74.71 57.91 35.23
C PRO F 1267 74.33 58.52 33.88
N PRO F 1268 73.06 58.83 33.68
CA PRO F 1268 72.63 59.39 32.39
C PRO F 1268 73.33 60.70 32.08
N CYS F 1269 73.60 60.90 30.78
CA CYS F 1269 74.37 62.06 30.34
C CYS F 1269 73.73 62.65 29.10
N LEU F 1270 73.96 63.94 28.90
CA LEU F 1270 73.51 64.66 27.71
C LEU F 1270 74.74 65.14 26.94
N ARG F 1271 74.78 64.85 25.65
CA ARG F 1271 75.94 65.15 24.82
C ARG F 1271 75.55 66.03 23.65
N LEU F 1272 76.48 66.90 23.25
CA LEU F 1272 76.35 67.73 22.06
C LEU F 1272 77.49 67.40 21.12
N THR F 1273 77.17 67.04 19.88
CA THR F 1273 78.16 66.70 18.88
C THR F 1273 77.89 67.49 17.60
N HIS F 1274 78.94 68.10 17.06
CA HIS F 1274 78.81 68.86 15.83
C HIS F 1274 78.68 67.91 14.64
N ARG F 1275 77.79 68.25 13.71
CA ARG F 1275 77.56 67.42 12.54
C ARG F 1275 78.26 68.01 11.31
N SER F 1282 80.66 72.71 9.26
CA SER F 1282 81.23 73.60 8.26
C SER F 1282 81.43 75.01 8.81
N LEU F 1283 80.72 75.32 9.90
CA LEU F 1283 80.80 76.61 10.55
C LEU F 1283 81.24 76.44 11.99
N VAL F 1284 82.21 77.26 12.41
CA VAL F 1284 82.69 77.27 13.79
C VAL F 1284 82.18 78.53 14.47
N GLU F 1285 81.74 78.39 15.71
CA GLU F 1285 81.08 79.48 16.42
C GLU F 1285 81.03 79.16 17.90
N MET F 1286 81.40 80.14 18.72
CA MET F 1286 81.34 79.98 20.17
C MET F 1286 79.91 79.70 20.61
N LEU F 1287 79.75 78.71 21.47
CA LEU F 1287 78.44 78.32 21.98
C LEU F 1287 78.36 78.62 23.47
N PHE F 1288 77.29 79.31 23.87
CA PHE F 1288 77.03 79.62 25.27
C PHE F 1288 75.84 78.76 25.71
N LEU F 1289 76.15 77.59 26.27
CA LEU F 1289 75.14 76.62 26.65
C LEU F 1289 74.91 76.64 28.15
N ARG F 1290 73.66 76.37 28.55
CA ARG F 1290 73.32 76.25 29.96
C ARG F 1290 72.02 75.45 30.08
N LEU F 1291 71.76 74.96 31.28
CA LEU F 1291 70.51 74.29 31.58
C LEU F 1291 69.43 75.34 31.88
N SER F 1292 68.18 74.88 31.98
CA SER F 1292 67.02 75.76 32.10
C SER F 1292 66.34 75.62 33.45
N LEU F 1293 67.06 75.14 34.45
CA LEU F 1293 66.51 74.97 35.80
C LEU F 1293 67.50 75.54 36.81
N PRO F 1294 67.04 76.39 37.73
CA PRO F 1294 67.97 77.05 38.66
C PRO F 1294 68.25 76.24 39.92
N VAL F 1295 69.23 76.72 40.69
CA VAL F 1295 69.59 76.16 41.98
C VAL F 1295 69.65 77.30 42.99
N GLN F 1296 68.85 77.20 44.05
CA GLN F 1296 68.78 78.24 45.07
C GLN F 1296 69.57 77.83 46.31
N PHE F 1297 69.77 78.80 47.20
CA PHE F 1297 70.51 78.60 48.44
C PHE F 1297 69.63 78.79 49.67
N HIS F 1298 68.31 78.79 49.49
CA HIS F 1298 67.31 78.94 50.55
C HIS F 1298 67.69 79.99 51.58
N GLN F 1299 68.17 81.15 51.11
CA GLN F 1299 68.56 82.27 51.97
C GLN F 1299 69.59 81.84 53.01
N LEU F 1428 72.28 61.13 53.12
CA LEU F 1428 72.67 62.06 54.18
C LEU F 1428 72.03 63.43 53.94
N ASN F 1429 72.12 64.30 54.94
CA ASN F 1429 71.57 65.66 54.87
C ASN F 1429 72.57 66.66 54.30
N THR F 1430 73.57 66.18 53.56
CA THR F 1430 74.57 67.07 53.00
C THR F 1430 73.94 67.98 51.94
N THR F 1431 74.35 69.25 51.95
CA THR F 1431 73.79 70.26 51.06
C THR F 1431 74.59 70.43 49.78
N THR F 1432 75.61 69.62 49.54
CA THR F 1432 76.44 69.74 48.35
C THR F 1432 75.85 68.90 47.23
N TYR F 1433 75.66 69.52 46.07
CA TYR F 1433 75.14 68.86 44.88
C TYR F 1433 76.22 68.79 43.83
N TYR F 1434 76.43 67.62 43.25
CA TYR F 1434 77.54 67.36 42.34
C TYR F 1434 77.01 67.03 40.95
N TYR F 1435 77.60 67.66 39.93
CA TYR F 1435 77.43 67.27 38.55
C TYR F 1435 78.78 67.42 37.85
N SER F 1436 79.01 66.61 36.83
CA SER F 1436 80.29 66.58 36.15
C SER F 1436 80.12 66.82 34.66
N VAL F 1437 81.18 67.34 34.04
CA VAL F 1437 81.25 67.56 32.60
C VAL F 1437 82.51 66.88 32.08
N ARG F 1438 82.36 66.15 30.97
CA ARG F 1438 83.45 65.40 30.38
C ARG F 1438 83.76 66.00 29.01
N VAL F 1439 84.92 66.65 28.89
CA VAL F 1439 85.36 67.17 27.60
C VAL F 1439 86.07 66.04 26.85
N PHE F 1440 85.83 65.97 25.55
CA PHE F 1440 86.38 64.90 24.75
C PHE F 1440 87.87 65.11 24.51
N ALA F 1441 88.59 64.01 24.28
CA ALA F 1441 90.02 64.08 24.04
C ALA F 1441 90.34 64.86 22.77
N GLY F 1442 89.52 64.69 21.72
CA GLY F 1442 89.74 65.44 20.50
C GLY F 1442 89.57 66.94 20.68
N GLN F 1443 88.63 67.35 21.53
CA GLN F 1443 88.41 68.77 21.78
C GLN F 1443 89.60 69.38 22.50
N GLU F 1444 90.02 70.56 22.05
CA GLU F 1444 91.13 71.26 22.67
C GLU F 1444 90.69 71.86 24.00
N PRO F 1445 91.35 71.53 25.12
CA PRO F 1445 90.94 72.09 26.41
C PRO F 1445 91.25 73.56 26.60
N SER F 1446 91.99 74.19 25.68
CA SER F 1446 92.34 75.59 25.83
C SER F 1446 91.13 76.50 25.66
N CYS F 1447 90.14 76.06 24.88
CA CYS F 1447 88.94 76.85 24.62
C CYS F 1447 87.73 76.32 25.37
N VAL F 1448 87.95 75.67 26.51
CA VAL F 1448 86.89 75.10 27.33
C VAL F 1448 86.79 75.91 28.62
N TRP F 1449 85.59 76.43 28.90
CA TRP F 1449 85.33 77.21 30.10
C TRP F 1449 84.13 76.60 30.82
N VAL F 1450 84.39 76.01 31.99
CA VAL F 1450 83.38 75.30 32.75
C VAL F 1450 83.06 76.08 34.01
N GLY F 1451 81.77 76.25 34.30
CA GLY F 1451 81.38 76.92 35.53
C GLY F 1451 79.88 77.08 35.64
N TRP F 1452 79.47 78.24 36.15
CA TRP F 1452 78.09 78.57 36.43
C TRP F 1452 77.73 79.89 35.76
N VAL F 1453 76.45 80.26 35.84
CA VAL F 1453 75.97 81.49 35.25
C VAL F 1453 74.75 81.93 36.05
N THR F 1454 74.53 83.24 36.08
CA THR F 1454 73.45 83.98 36.71
C THR F 1454 72.43 84.44 35.66
N PRO F 1455 71.13 84.25 35.91
CA PRO F 1455 70.12 84.44 34.84
C PRO F 1455 70.12 85.80 34.13
N ASP F 1456 70.87 86.80 34.61
CA ASP F 1456 70.98 88.05 33.85
C ASP F 1456 72.26 88.10 33.01
N TYR F 1457 72.62 86.99 32.37
CA TYR F 1457 73.72 86.96 31.40
C TYR F 1457 73.18 87.39 30.03
N HIS F 1458 73.52 88.61 29.63
CA HIS F 1458 72.99 89.20 28.41
C HIS F 1458 74.07 89.92 27.61
N GLN F 1459 75.27 89.34 27.52
CA GLN F 1459 76.36 89.89 26.72
C GLN F 1459 77.01 88.77 25.91
N HIS F 1460 76.94 88.89 24.59
CA HIS F 1460 77.35 87.86 23.65
C HIS F 1460 78.34 88.47 22.66
N ASP F 1461 79.63 88.27 22.90
CA ASP F 1461 80.70 88.82 22.06
C ASP F 1461 81.67 87.73 21.67
N MET F 1462 82.36 87.95 20.55
CA MET F 1462 83.39 87.05 20.05
C MET F 1462 84.66 87.15 20.89
N ASN F 1463 85.51 86.14 20.74
CA ASN F 1463 86.79 86.08 21.45
C ASN F 1463 86.61 86.18 22.96
N PHE F 1464 85.64 85.45 23.48
CA PHE F 1464 85.35 85.49 24.91
C PHE F 1464 86.52 84.96 25.71
N ASP F 1465 86.83 85.65 26.82
CA ASP F 1465 87.94 85.27 27.69
C ASP F 1465 87.50 85.45 29.13
N LEU F 1466 88.37 85.07 30.07
CA LEU F 1466 88.05 85.15 31.48
C LEU F 1466 87.96 86.59 31.96
N THR F 1467 88.78 87.48 31.42
CA THR F 1467 88.83 88.87 31.86
C THR F 1467 87.67 89.71 31.35
N LYS F 1468 86.84 89.17 30.47
CA LYS F 1468 85.73 89.94 29.90
C LYS F 1468 84.50 89.97 30.79
N VAL F 1469 84.50 89.27 31.92
CA VAL F 1469 83.34 89.23 32.78
C VAL F 1469 83.23 90.54 33.56
N ARG F 1470 82.02 91.06 33.66
CA ARG F 1470 81.76 92.24 34.48
C ARG F 1470 81.79 91.85 35.95
N ALA F 1471 82.53 92.62 36.75
CA ALA F 1471 82.73 92.32 38.15
C ALA F 1471 82.85 93.60 38.95
N VAL F 1472 82.10 93.70 40.05
CA VAL F 1472 82.05 94.89 40.89
C VAL F 1472 82.20 94.47 42.34
N THR F 1473 83.05 95.20 43.08
CA THR F 1473 83.18 95.02 44.52
C THR F 1473 82.53 96.22 45.21
N VAL F 1474 81.44 95.98 45.93
CA VAL F 1474 80.82 97.02 46.74
C VAL F 1474 81.42 96.97 48.14
N THR F 1475 82.12 98.03 48.52
CA THR F 1475 82.84 98.10 49.78
C THR F 1475 82.17 99.11 50.69
N MET F 1476 81.86 98.69 51.92
CA MET F 1476 81.25 99.54 52.93
C MET F 1476 82.19 99.66 54.11
N GLY F 1477 82.18 100.83 54.76
CA GLY F 1477 83.03 101.06 55.91
C GLY F 1477 82.62 102.32 56.62
N ASP F 1478 82.92 102.36 57.92
CA ASP F 1478 82.60 103.51 58.77
C ASP F 1478 81.12 103.86 58.73
N SER F 1486 82.20 94.09 52.65
CA SER F 1486 82.63 94.07 51.27
C SER F 1486 82.20 92.77 50.58
N LEU F 1487 81.32 92.89 49.60
CA LEU F 1487 80.79 91.76 48.87
C LEU F 1487 81.16 91.86 47.39
N LYS F 1488 81.33 90.70 46.76
CA LYS F 1488 81.71 90.60 45.36
C LYS F 1488 80.51 90.12 44.55
N CYS F 1489 80.12 90.91 43.55
CA CYS F 1489 79.01 90.57 42.67
C CYS F 1489 79.53 90.46 41.25
N SER F 1490 79.13 89.39 40.55
CA SER F 1490 79.52 89.18 39.17
C SER F 1490 78.48 88.30 38.51
N ASN F 1491 78.48 88.31 37.17
CA ASN F 1491 77.53 87.54 36.39
C ASN F 1491 78.02 86.15 36.03
N CYS F 1492 79.34 85.95 35.97
CA CYS F 1492 79.90 84.68 35.53
C CYS F 1492 80.89 84.18 36.57
N TYR F 1493 80.80 82.88 36.89
CA TYR F 1493 81.69 82.22 37.83
C TYR F 1493 82.21 80.96 37.13
N MET F 1494 83.33 81.10 36.41
CA MET F 1494 83.89 80.03 35.61
C MET F 1494 85.41 80.04 35.70
N VAL F 1495 86.01 78.96 35.22
CA VAL F 1495 87.46 78.80 35.21
C VAL F 1495 87.96 78.89 33.78
N TRP F 1496 89.23 79.23 33.64
CA TRP F 1496 89.84 79.35 32.32
C TRP F 1496 89.88 78.00 31.60
N GLY F 1497 90.19 76.94 32.34
CA GLY F 1497 90.28 75.60 31.77
C GLY F 1497 91.63 75.25 31.22
N GLY F 1498 92.36 76.23 30.68
CA GLY F 1498 93.68 75.96 30.14
C GLY F 1498 94.69 75.55 31.20
N ASP F 1499 94.58 76.11 32.41
CA ASP F 1499 95.51 75.78 33.47
C ASP F 1499 95.35 74.35 33.96
N PHE F 1500 94.15 73.77 33.80
CA PHE F 1500 93.94 72.39 34.25
C PHE F 1500 94.62 71.40 33.33
N VAL F 1501 94.80 71.75 32.05
CA VAL F 1501 95.43 70.86 31.09
C VAL F 1501 96.94 70.83 31.33
N ASP F 1513 91.22 63.35 27.59
CA ASP F 1513 89.91 63.56 28.21
C ASP F 1513 90.06 64.12 29.62
N LEU F 1514 89.33 65.19 29.91
CA LEU F 1514 89.36 65.84 31.21
C LEU F 1514 87.94 65.91 31.75
N VAL F 1515 87.77 65.56 33.03
CA VAL F 1515 86.49 65.64 33.71
C VAL F 1515 86.59 66.72 34.78
N ILE F 1516 85.61 67.62 34.80
CA ILE F 1516 85.59 68.74 35.74
C ILE F 1516 84.40 68.52 36.67
N GLY F 1517 84.67 68.45 37.97
CA GLY F 1517 83.65 68.26 38.98
C GLY F 1517 83.27 69.57 39.63
N CYS F 1518 81.98 69.73 39.91
CA CYS F 1518 81.44 70.93 40.52
C CYS F 1518 80.63 70.53 41.74
N LEU F 1519 81.04 71.01 42.91
CA LEU F 1519 80.35 70.76 44.17
C LEU F 1519 79.83 72.08 44.70
N VAL F 1520 78.53 72.15 44.97
CA VAL F 1520 77.85 73.40 45.32
C VAL F 1520 77.12 73.21 46.64
N ASP F 1521 77.49 74.01 47.64
CA ASP F 1521 76.87 73.93 48.95
C ASP F 1521 75.69 74.91 49.02
N LEU F 1522 74.53 74.39 49.44
CA LEU F 1522 73.33 75.21 49.50
C LEU F 1522 73.35 76.20 50.66
N ALA F 1523 74.21 75.99 51.65
CA ALA F 1523 74.31 76.87 52.81
C ALA F 1523 75.33 77.99 52.58
N THR F 1524 75.18 78.70 51.46
CA THR F 1524 76.08 79.80 51.09
C THR F 1524 77.54 79.35 51.08
N GLY F 1525 77.79 78.15 50.59
CA GLY F 1525 79.14 77.62 50.60
C GLY F 1525 79.99 78.13 49.45
N LEU F 1526 81.30 77.96 49.59
CA LEU F 1526 82.24 78.37 48.57
C LEU F 1526 82.09 77.49 47.33
N MET F 1527 82.37 78.08 46.17
CA MET F 1527 82.15 77.40 44.89
C MET F 1527 83.45 76.78 44.40
N THR F 1528 83.62 75.47 44.60
CA THR F 1528 84.87 74.78 44.33
C THR F 1528 84.68 73.87 43.11
N PHE F 1529 85.55 74.05 42.11
CA PHE F 1529 85.53 73.21 40.91
C PHE F 1529 86.71 72.25 40.95
N THR F 1530 86.42 70.95 40.90
CA THR F 1530 87.45 69.92 40.98
C THR F 1530 87.71 69.34 39.59
N ALA F 1531 88.99 69.19 39.25
CA ALA F 1531 89.39 68.71 37.94
C ALA F 1531 89.58 67.20 37.97
N ASN F 1532 90.18 66.66 36.90
CA ASN F 1532 90.50 65.24 36.81
C ASN F 1532 91.80 64.98 37.55
N GLY F 1533 91.68 64.48 38.78
CA GLY F 1533 92.86 64.20 39.58
C GLY F 1533 93.65 65.44 39.96
N LYS F 1534 92.96 66.51 40.35
CA LYS F 1534 93.61 67.76 40.75
C LYS F 1534 92.81 68.37 41.88
N GLU F 1535 93.27 69.53 42.36
CA GLU F 1535 92.63 70.24 43.45
C GLU F 1535 91.66 71.28 42.91
N SER F 1536 90.90 71.88 43.82
CA SER F 1536 89.92 72.89 43.45
C SER F 1536 90.61 74.12 42.85
N ASN F 1537 91.42 74.80 43.64
CA ASN F 1537 92.22 75.97 43.28
C ASN F 1537 91.38 77.21 42.96
N THR F 1538 90.05 77.10 42.98
CA THR F 1538 89.17 78.23 42.71
C THR F 1538 88.02 78.21 43.70
N PHE F 1539 87.55 79.40 44.07
CA PHE F 1539 86.42 79.53 44.97
C PHE F 1539 85.82 80.93 44.82
N PHE F 1540 84.50 81.01 44.91
CA PHE F 1540 83.79 82.27 44.78
C PHE F 1540 82.71 82.36 45.85
N GLN F 1541 82.64 83.50 46.53
CA GLN F 1541 81.61 83.73 47.54
C GLN F 1541 80.27 83.99 46.87
N VAL F 1542 79.21 83.48 47.47
CA VAL F 1542 77.87 83.55 46.92
C VAL F 1542 76.94 84.21 47.93
N GLU F 1543 76.09 85.13 47.46
CA GLU F 1543 75.12 85.78 48.31
C GLU F 1543 74.09 84.76 48.79
N PRO F 1544 73.48 85.01 49.97
CA PRO F 1544 72.52 84.03 50.51
C PRO F 1544 71.34 83.77 49.60
N ASN F 1545 70.84 84.77 48.90
CA ASN F 1545 69.69 84.63 48.02
C ASN F 1545 70.13 84.91 46.59
N THR F 1546 70.47 83.84 45.86
CA THR F 1546 70.90 83.96 44.47
C THR F 1546 70.57 82.67 43.74
N LYS F 1547 70.09 82.80 42.51
CA LYS F 1547 69.82 81.67 41.64
C LYS F 1547 70.90 81.57 40.59
N LEU F 1548 71.46 80.37 40.44
CA LEU F 1548 72.57 80.14 39.52
C LEU F 1548 72.24 78.95 38.61
N PHE F 1549 72.68 79.05 37.34
CA PHE F 1549 72.50 77.99 36.37
C PHE F 1549 73.84 77.42 35.93
N PRO F 1550 73.93 76.12 35.69
CA PRO F 1550 75.20 75.54 35.18
C PRO F 1550 75.37 75.85 33.69
N ALA F 1551 76.56 76.35 33.35
CA ALA F 1551 76.85 76.72 31.97
C ALA F 1551 78.32 76.46 31.65
N VAL F 1552 78.58 76.05 30.40
CA VAL F 1552 79.95 75.91 29.89
C VAL F 1552 80.02 76.65 28.58
N PHE F 1553 81.12 77.40 28.39
CA PHE F 1553 81.37 78.09 27.12
C PHE F 1553 82.54 77.42 26.42
N VAL F 1554 82.35 77.08 25.14
CA VAL F 1554 83.28 76.22 24.42
C VAL F 1554 83.16 76.47 22.93
N LEU F 1555 84.24 76.20 22.21
CA LEU F 1555 84.57 76.16 20.79
C LEU F 1555 84.31 74.76 20.23
N PRO F 1556 83.51 74.65 19.16
CA PRO F 1556 83.18 73.31 18.63
C PRO F 1556 84.38 72.55 18.09
N THR F 1557 85.22 73.24 17.30
CA THR F 1557 86.44 72.66 16.70
C THR F 1557 86.13 71.48 15.78
N HIS F 1558 84.89 71.34 15.34
CA HIS F 1558 84.49 70.35 14.33
C HIS F 1558 84.79 68.92 14.80
N GLN F 1559 84.24 68.56 15.95
CA GLN F 1559 84.37 67.22 16.51
C GLN F 1559 83.34 67.09 17.64
N ASN F 1560 83.42 66.01 18.39
CA ASN F 1560 82.62 65.87 19.61
C ASN F 1560 83.11 66.89 20.63
N VAL F 1561 82.19 67.66 21.20
CA VAL F 1561 82.59 68.87 21.90
C VAL F 1561 82.47 68.72 23.42
N ILE F 1562 81.25 68.59 23.92
CA ILE F 1562 80.96 68.58 25.35
C ILE F 1562 79.85 67.59 25.63
N GLN F 1563 79.96 66.88 26.76
CA GLN F 1563 78.89 66.04 27.27
C GLN F 1563 78.60 66.44 28.71
N PHE F 1564 77.31 66.52 29.06
CA PHE F 1564 76.88 66.86 30.41
C PHE F 1564 76.51 65.59 31.16
N GLU F 1565 77.15 65.35 32.30
CA GLU F 1565 76.90 64.18 33.12
C GLU F 1565 76.18 64.59 34.40
N LEU F 1566 75.11 63.87 34.73
CA LEU F 1566 74.33 64.12 35.94
C LEU F 1566 74.45 62.89 36.84
N GLY F 1567 75.42 62.90 37.75
CA GLY F 1567 75.64 61.78 38.63
C GLY F 1567 76.01 62.25 40.02
N LYS F 1568 75.90 61.32 40.98
CA LYS F 1568 76.22 61.58 42.37
C LYS F 1568 77.58 60.97 42.70
N GLN F 1569 78.47 61.80 43.22
CA GLN F 1569 79.81 61.36 43.58
C GLN F 1569 80.29 62.13 44.80
N LYS F 1570 81.27 61.55 45.49
CA LYS F 1570 81.86 62.16 46.70
C LYS F 1570 80.80 62.42 47.76
N ASN F 1571 79.85 61.49 47.90
CA ASN F 1571 78.78 61.58 48.89
C ASN F 1571 78.00 62.89 48.74
N ILE F 1572 77.73 63.29 47.50
CA ILE F 1572 77.00 64.51 47.19
C ILE F 1572 75.75 64.14 46.42
N MET F 1573 74.65 64.79 46.77
CA MET F 1573 73.37 64.49 46.13
C MET F 1573 73.42 64.87 44.65
N PRO F 1574 72.66 64.18 43.81
CA PRO F 1574 72.63 64.54 42.38
C PRO F 1574 72.03 65.92 42.17
N LEU F 1575 72.43 66.53 41.06
CA LEU F 1575 71.98 67.89 40.75
C LEU F 1575 70.47 67.94 40.56
N SER F 1576 69.86 66.82 40.16
CA SER F 1576 68.41 66.76 40.02
C SER F 1576 67.68 66.94 41.35
N ALA F 1577 68.31 66.56 42.47
CA ALA F 1577 67.67 66.75 43.77
C ALA F 1577 67.51 68.23 44.11
N ALA F 1578 68.51 69.05 43.76
CA ALA F 1578 68.45 70.47 44.07
C ALA F 1578 67.38 71.19 43.25
N MET F 1579 67.34 70.94 41.94
CA MET F 1579 66.48 71.73 41.06
C MET F 1579 65.02 71.33 41.25
N PHE F 1580 64.76 70.04 41.45
CA PHE F 1580 63.41 69.52 41.59
C PHE F 1580 63.06 69.42 43.07
N LEU F 1581 61.97 70.06 43.47
CA LEU F 1581 61.55 69.99 44.87
C LEU F 1581 60.98 68.62 45.22
N SER F 1582 60.33 67.95 44.27
CA SER F 1582 59.77 66.63 44.53
C SER F 1582 60.85 65.60 44.78
N GLU F 1583 61.97 65.68 44.05
CA GLU F 1583 63.09 64.76 44.22
C GLU F 1583 64.13 65.28 45.22
N ARG F 1584 63.70 66.08 46.19
CA ARG F 1584 64.64 66.66 47.16
C ARG F 1584 65.33 65.58 47.97
N LYS F 1585 64.59 64.55 48.39
CA LYS F 1585 65.14 63.47 49.19
C LYS F 1585 65.42 62.22 48.38
N ASN F 1586 65.36 62.31 47.04
CA ASN F 1586 65.59 61.15 46.19
C ASN F 1586 67.07 61.07 45.84
N PRO F 1587 67.79 60.01 46.27
CA PRO F 1587 69.22 59.93 45.94
C PRO F 1587 69.51 59.44 44.54
N ALA F 1588 68.57 58.76 43.89
CA ALA F 1588 68.80 58.24 42.55
C ALA F 1588 68.73 59.37 41.53
N PRO F 1589 69.75 59.52 40.68
CA PRO F 1589 69.72 60.61 39.69
C PRO F 1589 68.87 60.26 38.47
N GLN F 1590 67.95 61.16 38.13
CA GLN F 1590 67.11 61.02 36.97
C GLN F 1590 67.18 62.29 36.13
N CYS F 1591 66.79 62.15 34.87
CA CYS F 1591 66.75 63.27 33.91
C CYS F 1591 65.33 63.40 33.37
N PRO F 1592 64.49 64.20 34.01
CA PRO F 1592 63.14 64.42 33.51
C PRO F 1592 63.16 65.18 32.19
N PRO F 1593 62.09 65.07 31.39
CA PRO F 1593 62.10 65.72 30.07
C PRO F 1593 62.19 67.24 30.13
N ARG F 1594 61.89 67.86 31.27
CA ARG F 1594 61.94 69.32 31.34
C ARG F 1594 63.36 69.84 31.13
N LEU F 1595 64.36 69.14 31.68
CA LEU F 1595 65.75 69.56 31.53
C LEU F 1595 66.21 69.42 30.08
N GLU F 1596 66.87 70.46 29.57
CA GLU F 1596 67.40 70.44 28.22
C GLU F 1596 68.50 71.49 28.11
N MET F 1597 69.33 71.36 27.08
CA MET F 1597 70.37 72.34 26.81
C MET F 1597 69.77 73.55 26.14
N GLN F 1598 70.30 74.73 26.45
CA GLN F 1598 69.77 76.00 25.97
C GLN F 1598 70.92 76.90 25.53
N MET F 1599 70.98 77.21 24.24
CA MET F 1599 72.01 78.08 23.71
C MET F 1599 71.58 79.54 23.79
N LEU F 1600 72.39 80.42 23.21
CA LEU F 1600 72.16 81.86 23.26
C LEU F 1600 71.90 82.39 21.86
N MET F 1601 70.79 83.11 21.71
CA MET F 1601 70.46 83.75 20.44
C MET F 1601 70.83 85.22 20.49
N PRO F 1602 71.67 85.70 19.58
CA PRO F 1602 72.10 87.11 19.64
C PRO F 1602 70.95 88.09 19.51
N VAL F 1603 69.92 87.75 18.76
CA VAL F 1603 68.80 88.66 18.50
C VAL F 1603 67.49 87.92 18.75
N SER F 1604 66.48 88.68 19.19
CA SER F 1604 65.15 88.14 19.45
C SER F 1604 64.12 89.22 19.14
N TRP F 1605 62.87 88.79 18.97
CA TRP F 1605 61.79 89.71 18.66
C TRP F 1605 61.16 90.26 19.93
N SER F 1606 60.83 91.55 19.90
CA SER F 1606 60.21 92.23 21.02
C SER F 1606 59.07 93.12 20.51
N ARG F 1607 58.10 93.37 21.38
CA ARG F 1607 56.95 94.19 21.03
C ARG F 1607 57.19 95.65 21.42
N MET F 1608 56.77 96.54 20.55
CA MET F 1608 56.94 97.98 20.75
C MET F 1608 55.77 98.54 21.54
N PRO F 1609 56.02 99.28 22.62
CA PRO F 1609 54.92 99.83 23.42
C PRO F 1609 54.10 100.83 22.63
N ASN F 1610 52.81 100.92 22.98
CA ASN F 1610 51.90 101.82 22.28
C ASN F 1610 52.12 103.28 22.66
N HIS F 1611 52.41 103.56 23.94
CA HIS F 1611 52.59 104.92 24.41
C HIS F 1611 53.91 105.03 25.16
N PHE F 1612 54.46 106.24 25.16
CA PHE F 1612 55.77 106.53 25.74
C PHE F 1612 55.69 107.80 26.58
N LEU F 1613 56.63 107.91 27.52
CA LEU F 1613 56.69 109.07 28.40
C LEU F 1613 57.22 110.29 27.66
N ARG F 1614 56.86 111.46 28.17
CA ARG F 1614 57.26 112.74 27.57
C ARG F 1614 58.35 113.38 28.41
N VAL F 1615 59.45 113.75 27.76
CA VAL F 1615 60.59 114.39 28.42
C VAL F 1615 60.86 115.71 27.71
N GLU F 1616 60.99 116.78 28.50
CA GLU F 1616 61.30 118.10 27.99
C GLU F 1616 62.57 118.63 28.64
N THR F 1617 63.39 119.34 27.86
CA THR F 1617 64.66 119.85 28.34
C THR F 1617 64.84 121.30 27.90
N ARG F 1618 65.30 122.13 28.82
CA ARG F 1618 65.68 123.50 28.51
C ARG F 1618 66.94 123.85 29.28
N ARG F 1619 67.67 124.84 28.76
CA ARG F 1619 68.84 125.34 29.48
C ARG F 1619 68.44 125.98 30.81
N ALA F 1620 67.29 126.67 30.82
CA ALA F 1620 66.75 127.28 32.03
C ALA F 1620 67.73 128.25 32.69
N GLY F 1621 68.42 129.04 31.88
CA GLY F 1621 69.35 130.03 32.40
C GLY F 1621 70.71 129.44 32.69
N GLU F 1622 71.56 130.28 33.28
CA GLU F 1622 72.91 129.90 33.62
C GLU F 1622 73.03 129.31 35.02
N ARG F 1623 72.27 129.85 35.98
CA ARG F 1623 72.31 129.29 37.34
C ARG F 1623 71.77 127.87 37.36
N LEU F 1624 70.68 127.61 36.65
CA LEU F 1624 70.11 126.27 36.54
C LEU F 1624 70.66 125.60 35.29
N GLY F 1625 71.24 124.41 35.48
CA GLY F 1625 71.88 123.72 34.37
C GLY F 1625 70.94 123.20 33.32
N TRP F 1626 70.14 122.18 33.67
CA TRP F 1626 69.20 121.57 32.74
C TRP F 1626 68.04 121.00 33.55
N ALA F 1627 66.83 121.07 32.97
CA ALA F 1627 65.62 120.69 33.66
C ALA F 1627 64.95 119.52 32.96
N VAL F 1628 64.49 118.55 33.74
CA VAL F 1628 63.71 117.41 33.25
C VAL F 1628 62.43 117.32 34.07
N GLN F 1629 61.30 117.16 33.39
CA GLN F 1629 60.01 117.12 34.05
C GLN F 1629 59.11 116.10 33.36
N CYS F 1630 58.15 115.58 34.12
CA CYS F 1630 57.18 114.62 33.62
C CYS F 1630 55.79 115.07 34.03
N GLN F 1631 54.83 114.96 33.10
CA GLN F 1631 53.47 115.44 33.33
C GLN F 1631 52.48 114.32 33.55
N GLU F 1632 52.39 113.35 32.63
CA GLU F 1632 51.37 112.32 32.75
C GLU F 1632 52.00 110.96 33.05
N PRO F 1633 51.34 110.15 33.86
CA PRO F 1633 51.85 108.81 34.16
C PRO F 1633 51.40 107.81 33.08
N LEU F 1634 51.95 106.60 33.17
CA LEU F 1634 51.64 105.54 32.22
C LEU F 1634 52.01 104.20 32.83
N THR F 1635 51.10 103.24 32.77
CA THR F 1635 51.30 101.91 33.35
C THR F 1635 51.22 100.86 32.25
N MET F 1636 51.51 99.62 32.64
CA MET F 1636 51.45 98.49 31.72
C MET F 1636 51.22 97.22 32.54
N MET F 1637 50.79 96.17 31.84
CA MET F 1637 50.50 94.88 32.46
C MET F 1637 51.54 93.88 31.97
N ALA F 1638 52.22 93.22 32.92
CA ALA F 1638 53.36 92.37 32.59
C ALA F 1638 53.26 91.06 33.35
N LEU F 1639 54.04 90.08 32.89
CA LEU F 1639 54.10 88.75 33.47
C LEU F 1639 55.46 88.55 34.16
N HIS F 1640 55.70 87.33 34.65
CA HIS F 1640 56.95 86.99 35.29
C HIS F 1640 57.14 85.48 35.19
N ILE F 1641 58.34 85.05 34.85
CA ILE F 1641 58.65 83.63 34.73
C ILE F 1641 59.50 83.22 35.94
N PRO F 1642 58.94 82.45 36.88
CA PRO F 1642 59.74 82.01 38.04
C PRO F 1642 61.02 81.28 37.64
N GLU F 1643 60.99 80.48 36.58
CA GLU F 1643 62.14 79.67 36.21
C GLU F 1643 63.30 80.51 35.69
N GLU F 1644 63.02 81.57 34.93
CA GLU F 1644 64.06 82.40 34.35
C GLU F 1644 64.22 83.75 35.04
N ASN F 1645 63.30 84.10 35.95
CA ASN F 1645 63.32 85.38 36.65
C ASN F 1645 63.38 86.54 35.66
N ARG F 1646 62.53 86.46 34.63
CA ARG F 1646 62.53 87.44 33.55
C ARG F 1646 61.10 87.94 33.34
N CYS F 1647 60.96 89.26 33.23
CA CYS F 1647 59.65 89.88 33.07
C CYS F 1647 59.36 90.16 31.59
N MET F 1648 58.12 89.90 31.19
CA MET F 1648 57.68 90.11 29.82
C MET F 1648 56.29 90.72 29.83
N ASP F 1649 55.97 91.43 28.75
CA ASP F 1649 54.65 92.03 28.60
C ASP F 1649 53.62 90.95 28.27
N ILE F 1650 52.37 91.23 28.65
CA ILE F 1650 51.29 90.30 28.36
C ILE F 1650 50.82 90.39 26.91
N LEU F 1651 51.05 91.52 26.25
CA LEU F 1651 50.63 91.69 24.86
C LEU F 1651 51.47 90.87 23.89
N GLU F 1652 52.57 90.29 24.34
CA GLU F 1652 53.37 89.42 23.49
C GLU F 1652 52.82 88.00 23.39
N LEU F 1653 51.84 87.65 24.22
CA LEU F 1653 51.23 86.32 24.16
C LEU F 1653 50.42 86.11 22.89
N SER F 1654 50.05 87.18 22.18
CA SER F 1654 49.34 87.01 20.92
C SER F 1654 50.24 86.39 19.86
N GLU F 1655 51.54 86.58 19.96
CA GLU F 1655 52.49 85.98 19.02
C GLU F 1655 53.14 84.71 19.56
N ARG F 1656 53.32 84.60 20.87
CA ARG F 1656 53.89 83.41 21.50
C ARG F 1656 52.75 82.49 21.89
N LEU F 1657 52.41 81.56 21.00
CA LEU F 1657 51.32 80.63 21.25
C LEU F 1657 51.68 79.54 22.25
N ASP F 1658 52.97 79.37 22.57
CA ASP F 1658 53.37 78.35 23.52
C ASP F 1658 52.99 78.72 24.96
N LEU F 1659 52.76 80.00 25.23
CA LEU F 1659 52.37 80.45 26.56
C LEU F 1659 50.91 80.88 26.67
N GLN F 1660 50.26 81.20 25.55
CA GLN F 1660 48.86 81.57 25.59
C GLN F 1660 47.98 80.41 26.05
N GLN F 1661 48.27 79.20 25.57
CA GLN F 1661 47.48 78.04 25.96
C GLN F 1661 47.61 77.75 27.45
N PHE F 1662 48.83 77.83 27.99
CA PHE F 1662 49.03 77.57 29.41
C PHE F 1662 48.35 78.64 30.28
N HIS F 1663 48.45 79.91 29.87
CA HIS F 1663 47.83 80.98 30.65
C HIS F 1663 46.32 80.93 30.55
N SER F 1664 45.78 80.55 29.37
CA SER F 1664 44.34 80.42 29.23
C SER F 1664 43.79 79.32 30.14
N HIS F 1665 44.51 78.19 30.23
CA HIS F 1665 44.12 77.14 31.15
C HIS F 1665 44.43 77.48 32.60
N THR F 1666 45.36 78.41 32.84
CA THR F 1666 45.58 78.91 34.20
C THR F 1666 44.33 79.59 34.73
N LEU F 1667 43.70 80.44 33.93
CA LEU F 1667 42.46 81.10 34.33
C LEU F 1667 41.29 80.12 34.36
N ARG F 1668 41.40 78.99 33.67
CA ARG F 1668 40.40 77.94 33.79
C ARG F 1668 40.46 77.26 35.15
N LEU F 1669 41.68 77.01 35.65
CA LEU F 1669 41.83 76.40 36.98
C LEU F 1669 41.27 77.30 38.06
N TYR F 1670 41.55 78.61 37.98
CA TYR F 1670 40.96 79.55 38.92
C TYR F 1670 39.45 79.62 38.77
N ARG F 1671 38.91 79.33 37.59
CA ARG F 1671 37.47 79.28 37.40
C ARG F 1671 36.86 78.02 38.03
N ALA F 1672 37.52 76.87 37.87
CA ALA F 1672 37.01 75.63 38.46
C ALA F 1672 37.03 75.72 39.98
N VAL F 1673 38.13 76.18 40.55
CA VAL F 1673 38.16 76.47 41.96
C VAL F 1673 37.29 77.69 42.24
N CYS F 1674 36.93 77.89 43.51
CA CYS F 1674 36.15 79.04 43.96
C CYS F 1674 34.73 78.99 43.39
N ALA F 1675 34.22 77.78 43.19
CA ALA F 1675 32.91 77.56 42.59
C ALA F 1675 31.96 76.93 43.61
N LEU F 1676 30.67 76.93 43.24
CA LEU F 1676 29.59 76.38 44.06
C LEU F 1676 29.57 77.02 45.45
N GLY F 1677 29.56 78.36 45.46
CA GLY F 1677 29.43 79.10 46.69
C GLY F 1677 30.67 79.13 47.57
N ASN F 1678 31.81 78.69 47.06
CA ASN F 1678 33.03 78.65 47.87
C ASN F 1678 33.54 80.07 48.10
N ASN F 1679 33.77 80.41 49.36
CA ASN F 1679 34.24 81.75 49.72
C ASN F 1679 35.47 81.77 50.61
N ARG F 1680 35.81 80.69 51.31
CA ARG F 1680 37.05 80.67 52.09
C ARG F 1680 38.26 80.77 51.16
N VAL F 1681 38.22 80.06 50.03
CA VAL F 1681 39.34 80.11 49.10
C VAL F 1681 39.21 81.29 48.14
N ALA F 1682 38.03 81.93 48.08
CA ALA F 1682 37.87 83.12 47.24
C ALA F 1682 38.78 84.25 47.71
N HIS F 1683 38.89 84.43 49.02
CA HIS F 1683 39.79 85.46 49.54
C HIS F 1683 41.25 85.14 49.22
N ALA F 1684 41.62 83.85 49.27
CA ALA F 1684 43.00 83.46 49.00
C ALA F 1684 43.42 83.79 47.57
N LEU F 1685 42.56 83.54 46.59
CA LEU F 1685 42.88 83.82 45.20
C LEU F 1685 42.96 85.32 44.89
N CYS F 1686 42.49 86.18 45.79
CA CYS F 1686 42.60 87.63 45.56
C CYS F 1686 44.04 88.11 45.60
N SER F 1687 44.92 87.40 46.32
CA SER F 1687 46.31 87.84 46.42
C SER F 1687 47.05 87.67 45.10
N HIS F 1688 46.88 86.52 44.44
CA HIS F 1688 47.61 86.26 43.20
C HIS F 1688 47.20 87.22 42.09
N VAL F 1689 45.91 87.46 41.94
CA VAL F 1689 45.39 88.33 40.88
C VAL F 1689 44.59 89.44 41.58
N ASP F 1690 45.26 90.56 41.84
CA ASP F 1690 44.66 91.66 42.58
C ASP F 1690 43.73 92.47 41.68
N GLN F 1691 42.94 93.34 42.31
CA GLN F 1691 41.84 94.02 41.62
C GLN F 1691 42.33 94.87 40.46
N ALA F 1692 43.43 95.63 40.64
CA ALA F 1692 43.92 96.45 39.53
C ALA F 1692 44.26 95.59 38.32
N GLN F 1693 44.78 94.38 38.55
CA GLN F 1693 45.03 93.46 37.45
C GLN F 1693 43.73 93.06 36.77
N LEU F 1694 42.64 92.94 37.53
CA LEU F 1694 41.33 92.74 36.90
C LEU F 1694 40.87 94.02 36.20
N LEU F 1695 40.84 95.14 36.92
CA LEU F 1695 40.26 96.37 36.38
C LEU F 1695 41.03 96.87 35.16
N HIS F 1696 42.36 96.77 35.20
CA HIS F 1696 43.15 97.16 34.03
C HIS F 1696 42.88 96.25 32.85
N ALA F 1697 42.63 94.97 33.10
CA ALA F 1697 42.35 94.03 32.00
C ALA F 1697 41.03 94.34 31.30
N LEU F 1698 40.11 95.06 31.97
CA LEU F 1698 38.85 95.42 31.33
C LEU F 1698 39.07 96.45 30.22
N GLU F 1699 39.62 97.61 30.57
CA GLU F 1699 39.79 98.68 29.60
C GLU F 1699 40.86 98.38 28.56
N ASP F 1700 41.71 97.38 28.79
CA ASP F 1700 42.73 97.02 27.82
C ASP F 1700 42.09 96.39 26.60
N ALA F 1701 42.44 96.90 25.41
CA ALA F 1701 41.89 96.40 24.16
C ALA F 1701 42.85 95.52 23.39
N HIS F 1702 44.15 95.65 23.63
CA HIS F 1702 45.16 94.85 22.93
C HIS F 1702 45.31 93.46 23.52
N LEU F 1703 44.62 93.16 24.63
CA LEU F 1703 44.69 91.83 25.22
C LEU F 1703 44.09 90.81 24.25
N PRO F 1704 44.71 89.65 24.08
CA PRO F 1704 44.19 88.66 23.13
C PRO F 1704 42.79 88.18 23.48
N GLY F 1705 42.16 87.55 22.50
CA GLY F 1705 40.79 87.11 22.61
C GLY F 1705 40.52 86.18 23.79
N PRO F 1706 41.13 84.99 23.78
CA PRO F 1706 40.90 84.05 24.89
C PRO F 1706 41.28 84.62 26.25
N LEU F 1707 42.30 85.46 26.32
CA LEU F 1707 42.66 86.09 27.59
C LEU F 1707 41.63 87.12 28.02
N ARG F 1708 41.04 87.83 27.06
CA ARG F 1708 40.04 88.85 27.40
C ARG F 1708 38.80 88.23 28.03
N ALA F 1709 38.32 87.12 27.46
CA ALA F 1709 37.14 86.46 28.01
C ALA F 1709 37.43 85.79 29.34
N GLY F 1710 38.64 85.23 29.50
CA GLY F 1710 38.98 84.58 30.76
C GLY F 1710 39.04 85.55 31.93
N TYR F 1711 39.66 86.72 31.73
CA TYR F 1711 39.75 87.69 32.80
C TYR F 1711 38.37 88.25 33.18
N TYR F 1712 37.50 88.46 32.19
CA TYR F 1712 36.15 88.92 32.50
C TYR F 1712 35.38 87.89 33.31
N ASP F 1713 35.49 86.61 32.93
CA ASP F 1713 34.84 85.55 33.70
C ASP F 1713 35.47 85.40 35.08
N LEU F 1714 36.76 85.69 35.20
CA LEU F 1714 37.41 85.66 36.51
C LEU F 1714 36.80 86.69 37.45
N LEU F 1715 36.45 87.87 36.94
CA LEU F 1715 35.79 88.88 37.76
C LEU F 1715 34.46 88.37 38.30
N ILE F 1716 33.68 87.71 37.45
CA ILE F 1716 32.38 87.19 37.87
C ILE F 1716 32.53 86.03 38.84
N SER F 1717 33.53 85.17 38.62
CA SER F 1717 33.62 83.90 39.34
C SER F 1717 34.13 84.03 40.77
N ILE F 1718 34.67 85.17 41.17
CA ILE F 1718 35.26 85.34 42.49
C ILE F 1718 34.52 86.38 43.31
N HIS F 1719 34.06 87.47 42.68
CA HIS F 1719 33.34 88.51 43.41
C HIS F 1719 31.85 88.49 43.18
N LEU F 1720 31.37 87.94 42.07
CA LEU F 1720 29.95 87.99 41.74
C LEU F 1720 29.34 86.61 41.53
N GLU F 1721 30.05 85.54 41.86
CA GLU F 1721 29.52 84.19 41.63
C GLU F 1721 28.62 83.74 42.76
N SER F 1722 29.06 83.91 44.00
CA SER F 1722 28.30 83.40 45.14
C SER F 1722 27.07 84.25 45.45
N ALA F 1723 27.01 85.48 44.94
CA ALA F 1723 25.91 86.37 45.31
C ALA F 1723 24.75 86.30 44.32
N CYS F 1724 25.05 86.16 43.02
CA CYS F 1724 23.97 86.10 42.03
C CYS F 1724 23.12 84.84 42.21
N ARG F 1725 23.76 83.71 42.49
CA ARG F 1725 23.03 82.45 42.60
C ARG F 1725 22.14 82.44 43.83
N SER F 1726 22.62 83.03 44.93
CA SER F 1726 21.76 83.21 46.10
C SER F 1726 20.59 84.13 45.78
N ARG F 1727 20.80 85.12 44.92
CA ARG F 1727 19.71 85.98 44.47
C ARG F 1727 18.80 85.24 43.50
N ARG F 1728 19.38 84.50 42.54
CA ARG F 1728 18.58 83.79 41.56
C ARG F 1728 17.76 82.68 42.19
N SER F 1729 18.30 82.03 43.22
CA SER F 1729 17.56 80.97 43.90
C SER F 1729 16.29 81.51 44.57
N MET F 1730 16.27 82.79 44.92
CA MET F 1730 15.15 83.39 45.61
C MET F 1730 14.24 84.18 44.67
N LEU F 1731 14.54 84.17 43.37
CA LEU F 1731 13.71 84.87 42.39
C LEU F 1731 12.36 84.20 42.20
N SER F 1732 12.26 82.89 42.42
CA SER F 1732 11.00 82.18 42.24
C SER F 1732 10.01 82.46 43.36
N GLU F 1733 10.48 82.95 44.51
CA GLU F 1733 9.62 83.25 45.64
C GLU F 1733 9.08 84.67 45.52
N TYR F 1734 7.81 84.84 45.92
CA TYR F 1734 7.13 86.13 45.86
C TYR F 1734 6.48 86.39 47.22
N ILE F 1735 7.19 87.10 48.09
CA ILE F 1735 6.68 87.47 49.40
C ILE F 1735 6.35 88.95 49.37
N VAL F 1736 5.09 89.28 49.64
CA VAL F 1736 4.63 90.66 49.56
C VAL F 1736 4.20 91.13 50.95
N PRO F 1737 5.03 91.91 51.65
CA PRO F 1737 4.62 92.45 52.95
C PRO F 1737 3.52 93.49 52.79
N LEU F 1738 2.71 93.62 53.84
CA LEU F 1738 1.62 94.60 53.87
C LEU F 1738 2.18 95.93 54.34
N THR F 1739 2.62 96.74 53.39
CA THR F 1739 3.23 98.03 53.65
C THR F 1739 2.53 99.09 52.80
N PRO F 1740 2.35 100.32 53.33
CA PRO F 1740 1.73 101.38 52.53
C PRO F 1740 2.47 101.65 51.22
N GLU F 1741 3.77 101.37 51.19
CA GLU F 1741 4.52 101.43 49.93
C GLU F 1741 3.99 100.42 48.94
N THR F 1742 3.67 99.21 49.40
CA THR F 1742 3.08 98.20 48.53
C THR F 1742 1.65 98.55 48.14
N ARG F 1743 0.93 99.27 48.99
CA ARG F 1743 -0.44 99.66 48.67
C ARG F 1743 -0.49 100.59 47.45
N ALA F 1744 0.44 101.54 47.36
CA ALA F 1744 0.46 102.49 46.25
C ALA F 1744 1.21 101.91 45.05
N ILE F 1745 0.73 100.75 44.60
CA ILE F 1745 1.28 100.07 43.44
C ILE F 1745 0.15 99.83 42.45
N THR F 1746 0.30 100.35 41.23
CA THR F 1746 -0.68 100.20 40.18
C THR F 1746 -0.08 99.40 39.02
N LEU F 1747 -0.89 98.49 38.47
CA LEU F 1747 -0.42 97.66 37.37
C LEU F 1747 -0.17 98.50 36.12
N PHE F 1748 -1.00 99.51 35.88
CA PHE F 1748 -0.68 100.44 34.80
C PHE F 1748 -0.03 101.70 35.34
N PRO F 1749 1.03 102.19 34.69
CA PRO F 1749 1.68 103.41 35.17
C PRO F 1749 0.75 104.60 35.07
N PRO F 1750 0.84 105.55 36.02
CA PRO F 1750 -0.02 106.74 36.03
C PRO F 1750 0.37 107.75 34.95
N ARG F 1760 -0.67 102.01 27.90
CA ARG F 1760 0.77 102.10 27.72
C ARG F 1760 1.50 101.39 28.85
N HIS F 1761 2.16 100.28 28.51
CA HIS F 1761 2.89 99.51 29.51
C HIS F 1761 4.14 100.28 29.96
N GLY F 1762 4.41 100.23 31.26
CA GLY F 1762 5.59 100.90 31.79
C GLY F 1762 6.87 100.15 31.49
N LEU F 1763 7.98 100.86 31.68
CA LEU F 1763 9.28 100.26 31.44
C LEU F 1763 9.58 99.19 32.49
N PRO F 1764 10.15 98.05 32.10
CA PRO F 1764 10.43 97.01 33.09
C PRO F 1764 11.62 97.38 33.97
N GLY F 1765 11.49 97.08 35.26
CA GLY F 1765 12.55 97.29 36.21
C GLY F 1765 12.60 98.66 36.84
N VAL F 1766 11.89 99.65 36.28
CA VAL F 1766 11.92 100.99 36.85
C VAL F 1766 11.01 101.07 38.07
N GLY F 1767 10.02 100.20 38.16
CA GLY F 1767 9.14 100.20 39.31
C GLY F 1767 9.78 99.49 40.50
N VAL F 1768 9.52 100.02 41.69
CA VAL F 1768 10.07 99.43 42.90
C VAL F 1768 9.32 98.14 43.23
N THR F 1769 10.07 97.07 43.50
CA THR F 1769 9.45 95.78 43.73
C THR F 1769 8.78 95.70 45.10
N THR F 1770 9.43 96.25 46.14
CA THR F 1770 8.96 96.14 47.52
C THR F 1770 8.71 94.69 47.92
N SER F 1771 9.61 93.80 47.51
CA SER F 1771 9.54 92.39 47.84
C SER F 1771 10.66 92.02 48.80
N LEU F 1772 10.35 91.15 49.76
CA LEU F 1772 11.34 90.74 50.74
C LEU F 1772 12.40 89.85 50.07
N ARG F 1773 13.64 90.32 50.06
CA ARG F 1773 14.74 89.58 49.45
C ARG F 1773 15.93 89.56 50.40
N PRO F 1774 16.74 88.50 50.35
CA PRO F 1774 17.92 88.43 51.21
C PRO F 1774 18.95 89.47 50.80
N PRO F 1775 19.33 90.36 51.71
CA PRO F 1775 20.30 91.40 51.36
C PRO F 1775 21.68 90.82 51.05
N HIS F 1776 22.40 91.51 50.19
CA HIS F 1776 23.75 91.10 49.83
C HIS F 1776 24.69 91.24 51.01
N HIS F 1777 25.68 90.34 51.08
CA HIS F 1777 26.68 90.38 52.14
C HIS F 1777 28.06 90.24 51.53
N PHE F 1778 28.96 91.16 51.89
CA PHE F 1778 30.32 91.18 51.37
C PHE F 1778 31.27 91.59 52.48
N SER F 1779 32.55 91.27 52.29
CA SER F 1779 33.58 91.61 53.25
C SER F 1779 34.90 91.86 52.53
N ALA F 1780 35.74 92.68 53.14
CA ALA F 1780 37.05 92.98 52.59
C ALA F 1780 38.00 91.79 52.79
N PRO F 1781 38.98 91.62 51.91
CA PRO F 1781 39.94 90.52 52.06
C PRO F 1781 40.73 90.61 53.36
N CYS F 1782 41.40 91.74 53.58
CA CYS F 1782 42.14 92.03 54.80
C CYS F 1782 43.13 90.90 55.12
N PHE F 1783 44.10 90.76 54.22
CA PHE F 1783 45.06 89.66 54.31
C PHE F 1783 45.91 89.74 55.57
N VAL F 1784 46.19 90.95 56.05
CA VAL F 1784 47.07 91.13 57.20
C VAL F 1784 46.41 90.74 58.51
N ALA F 1785 45.10 90.49 58.51
CA ALA F 1785 44.40 90.17 59.74
C ALA F 1785 44.90 88.86 60.33
N ALA F 1786 44.93 88.81 61.66
CA ALA F 1786 45.39 87.61 62.37
C ALA F 1786 44.35 86.50 62.26
N LEU F 1787 44.84 85.27 62.16
CA LEU F 1787 43.98 84.11 62.05
C LEU F 1787 43.95 83.35 63.36
N PRO F 1788 42.77 82.97 63.87
CA PRO F 1788 42.65 82.24 65.14
C PRO F 1788 42.69 80.72 64.94
N GLU F 1794 34.03 74.01 63.73
CA GLU F 1794 33.44 75.20 64.35
C GLU F 1794 34.13 76.47 63.87
N ALA F 1795 34.02 76.73 62.57
CA ALA F 1795 34.62 77.90 61.95
C ALA F 1795 33.54 78.77 61.33
N PRO F 1796 33.48 80.05 61.67
CA PRO F 1796 32.46 80.93 61.08
C PRO F 1796 32.64 81.04 59.57
N ALA F 1797 31.51 81.15 58.87
CA ALA F 1797 31.54 81.28 57.41
C ALA F 1797 32.02 82.67 57.02
N ARG F 1798 32.88 82.73 56.00
CA ARG F 1798 33.43 83.98 55.51
C ARG F 1798 32.73 84.39 54.23
N LEU F 1799 32.42 85.68 54.11
CA LEU F 1799 31.74 86.20 52.94
C LEU F 1799 32.71 86.36 51.77
N SER F 1800 32.15 86.59 50.59
CA SER F 1800 32.97 86.73 49.40
C SER F 1800 33.72 88.06 49.41
N PRO F 1801 34.83 88.16 48.69
CA PRO F 1801 35.57 89.42 48.61
C PRO F 1801 34.69 90.55 48.11
N SER F 1802 34.95 91.74 48.63
CA SER F 1802 34.15 92.92 48.32
C SER F 1802 34.94 93.89 47.45
N ILE F 1803 34.32 94.35 46.37
CA ILE F 1803 34.89 95.39 45.52
C ILE F 1803 33.83 96.45 45.27
N PRO F 1804 34.28 97.68 44.98
CA PRO F 1804 33.31 98.78 44.79
C PRO F 1804 32.34 98.49 43.65
N LEU F 1805 31.06 98.37 44.00
CA LEU F 1805 30.02 98.12 43.00
C LEU F 1805 29.80 99.34 42.13
N GLU F 1806 29.93 100.54 42.70
CA GLU F 1806 29.72 101.77 41.93
C GLU F 1806 30.74 101.90 40.80
N ALA F 1807 32.00 101.54 41.07
CA ALA F 1807 33.01 101.60 40.02
C ALA F 1807 32.70 100.64 38.87
N LEU F 1808 32.23 99.43 39.19
CA LEU F 1808 31.87 98.49 38.14
C LEU F 1808 30.73 98.99 37.26
N ARG F 1809 29.73 99.63 37.87
CA ARG F 1809 28.57 100.10 37.10
C ARG F 1809 28.98 101.13 36.06
N ASP F 1810 29.74 102.15 36.46
CA ASP F 1810 30.17 103.17 35.52
C ASP F 1810 31.06 102.59 34.44
N LYS F 1811 31.97 101.68 34.83
CA LYS F 1811 32.85 101.04 33.85
C LYS F 1811 32.06 100.16 32.87
N ALA F 1812 31.08 99.41 33.36
CA ALA F 1812 30.29 98.55 32.48
C ALA F 1812 29.48 99.36 31.48
N LEU F 1813 28.85 100.45 31.93
CA LEU F 1813 28.14 101.33 31.02
C LEU F 1813 29.08 101.97 30.00
N ARG F 1814 30.25 102.43 30.43
CA ARG F 1814 31.19 103.03 29.49
C ARG F 1814 31.69 101.99 28.49
N MET F 1815 32.01 100.78 28.97
CA MET F 1815 32.49 99.74 28.07
C MET F 1815 31.41 99.29 27.09
N LEU F 1816 30.17 99.11 27.57
CA LEU F 1816 29.08 98.74 26.66
C LEU F 1816 28.74 99.86 25.69
N GLY F 1817 28.99 101.12 26.07
CA GLY F 1817 28.72 102.22 25.15
C GLY F 1817 29.63 102.22 23.94
N GLU F 1818 30.92 101.99 24.16
CA GLU F 1818 31.87 102.01 23.05
C GLU F 1818 31.81 100.77 22.18
N ALA F 1819 31.33 99.64 22.72
CA ALA F 1819 31.19 98.44 21.92
C ALA F 1819 30.16 98.64 20.82
N VAL F 1820 29.05 99.31 21.12
CA VAL F 1820 28.04 99.60 20.10
C VAL F 1820 28.60 100.54 19.05
N ARG F 1821 29.32 101.58 19.49
CA ARG F 1821 29.92 102.51 18.54
C ARG F 1821 30.96 101.82 17.67
N ASP F 1822 31.78 100.96 18.27
CA ASP F 1822 32.76 100.19 17.49
C ASP F 1822 32.06 99.20 16.56
N GLY F 1823 31.00 98.56 17.02
CA GLY F 1823 30.28 97.62 16.17
C GLY F 1823 29.63 98.30 14.98
N GLY F 1824 29.06 99.49 15.19
CA GLY F 1824 28.45 100.23 14.09
C GLY F 1824 29.46 100.66 13.05
N GLN F 1825 30.68 101.03 13.47
CA GLN F 1825 31.70 101.44 12.52
C GLN F 1825 32.21 100.27 11.69
N HIS F 1826 32.14 99.05 12.24
CA HIS F 1826 32.60 97.83 11.57
C HIS F 1826 34.07 97.96 11.17
N ALA F 1827 34.92 98.12 12.19
CA ALA F 1827 36.35 98.23 11.96
C ALA F 1827 36.93 96.88 11.55
N ARG F 1828 38.02 96.93 10.78
CA ARG F 1828 38.67 95.70 10.33
C ARG F 1828 39.33 94.96 11.48
N ASP F 1829 39.66 95.66 12.58
CA ASP F 1829 40.28 95.08 13.76
C ASP F 1829 39.35 95.29 14.96
N PRO F 1830 38.45 94.36 15.24
CA PRO F 1830 37.54 94.53 16.37
C PRO F 1830 38.25 94.30 17.71
N VAL F 1831 37.57 94.70 18.78
CA VAL F 1831 38.10 94.53 20.12
C VAL F 1831 38.12 93.03 20.45
N GLY F 1832 39.29 92.54 20.85
CA GLY F 1832 39.45 91.13 21.14
C GLY F 1832 39.78 90.25 19.95
N GLY F 1833 39.83 90.82 18.75
CA GLY F 1833 40.14 90.07 17.54
C GLY F 1833 38.94 89.50 16.82
N SER F 1834 37.75 89.54 17.42
CA SER F 1834 36.56 89.02 16.79
C SER F 1834 35.34 89.72 17.35
N VAL F 1835 34.23 89.65 16.62
CA VAL F 1835 32.99 90.27 17.07
C VAL F 1835 32.45 89.54 18.29
N GLU F 1836 32.59 88.21 18.34
CA GLU F 1836 32.09 87.45 19.48
C GLU F 1836 32.83 87.82 20.76
N PHE F 1837 34.15 87.95 20.69
CA PHE F 1837 34.94 88.30 21.86
C PHE F 1837 34.71 89.73 22.32
N GLN F 1838 34.06 90.55 21.50
CA GLN F 1838 33.76 91.93 21.87
C GLN F 1838 32.40 92.06 22.56
N PHE F 1839 31.43 91.23 22.19
CA PHE F 1839 30.07 91.40 22.69
C PHE F 1839 29.67 90.35 23.72
N VAL F 1840 30.07 89.11 23.55
CA VAL F 1840 29.69 88.03 24.46
C VAL F 1840 30.27 88.27 25.86
N PRO F 1841 31.58 88.49 26.04
CA PRO F 1841 32.09 88.63 27.41
C PRO F 1841 31.57 89.85 28.14
N VAL F 1842 31.37 90.97 27.45
CA VAL F 1842 30.88 92.17 28.12
C VAL F 1842 29.43 92.00 28.55
N LEU F 1843 28.63 91.23 27.81
CA LEU F 1843 27.24 91.00 28.19
C LEU F 1843 27.14 90.12 29.43
N LYS F 1844 28.18 89.34 29.74
CA LYS F 1844 28.18 88.55 30.96
C LYS F 1844 28.16 89.43 32.21
N LEU F 1845 28.96 90.49 32.22
CA LEU F 1845 29.00 91.38 33.38
C LEU F 1845 27.68 92.12 33.56
N VAL F 1846 27.08 92.57 32.45
CA VAL F 1846 25.82 93.30 32.54
C VAL F 1846 24.69 92.39 32.99
N SER F 1847 24.62 91.18 32.42
CA SER F 1847 23.56 90.25 32.79
C SER F 1847 23.68 89.82 34.25
N THR F 1848 24.92 89.58 34.72
CA THR F 1848 25.11 89.19 36.11
C THR F 1848 24.67 90.30 37.06
N LEU F 1849 25.06 91.55 36.76
CA LEU F 1849 24.75 92.66 37.65
C LEU F 1849 23.26 92.96 37.67
N LEU F 1850 22.56 92.75 36.55
CA LEU F 1850 21.12 92.95 36.52
C LEU F 1850 20.41 91.98 37.47
N VAL F 1851 20.85 90.72 37.50
CA VAL F 1851 20.29 89.76 38.44
C VAL F 1851 20.55 90.20 39.87
N MET F 1852 21.76 90.67 40.15
CA MET F 1852 22.09 91.18 41.47
C MET F 1852 21.19 92.34 41.88
N GLY F 1853 20.78 93.17 40.91
CA GLY F 1853 20.03 94.36 41.22
C GLY F 1853 20.88 95.56 41.58
N ILE F 1854 22.18 95.52 41.31
CA ILE F 1854 23.05 96.65 41.62
C ILE F 1854 22.70 97.86 40.79
N PHE F 1855 22.32 97.66 39.53
CA PHE F 1855 21.95 98.76 38.66
C PHE F 1855 20.74 99.49 39.22
N GLY F 1856 20.81 100.82 39.25
CA GLY F 1856 19.73 101.63 39.76
C GLY F 1856 18.67 101.88 38.71
N ASP F 1857 17.70 102.73 39.08
CA ASP F 1857 16.62 103.07 38.16
C ASP F 1857 17.14 103.76 36.91
N GLU F 1858 18.09 104.69 37.07
CA GLU F 1858 18.69 105.34 35.92
C GLU F 1858 19.54 104.38 35.10
N ASP F 1859 20.23 103.44 35.76
CA ASP F 1859 21.07 102.49 35.05
C ASP F 1859 20.25 101.57 34.16
N VAL F 1860 19.07 101.14 34.63
CA VAL F 1860 18.23 100.26 33.83
C VAL F 1860 17.80 100.96 32.53
N LYS F 1861 17.53 102.26 32.61
CA LYS F 1861 17.14 103.01 31.42
C LYS F 1861 18.24 103.00 30.36
N GLN F 1862 19.49 103.13 30.76
CA GLN F 1862 20.59 103.12 29.80
C GLN F 1862 20.71 101.77 29.11
N ILE F 1863 20.58 100.67 29.87
CA ILE F 1863 20.58 99.34 29.26
C ILE F 1863 19.36 99.15 28.37
N LEU F 1864 18.19 99.59 28.84
CA LEU F 1864 16.96 99.36 28.08
C LEU F 1864 16.93 100.20 26.80
N LYS F 1865 17.45 101.42 26.84
CA LYS F 1865 17.45 102.26 25.65
C LYS F 1865 18.47 101.83 24.63
N MET F 1866 19.57 101.20 25.06
CA MET F 1866 20.63 100.82 24.13
C MET F 1866 20.22 99.61 23.30
N ILE F 1867 19.52 98.65 23.90
CA ILE F 1867 19.09 97.47 23.15
C ILE F 1867 18.02 97.84 22.12
N GLU F 1868 17.12 98.77 22.46
CA GLU F 1868 16.07 99.18 21.55
C GLU F 1868 15.71 100.62 21.82
N PRO F 1869 15.49 101.44 20.80
CA PRO F 1869 15.15 102.86 21.04
C PRO F 1869 13.71 103.05 21.45
N GLU F 1870 12.82 102.15 20.99
CA GLU F 1870 11.41 102.29 21.32
C GLU F 1870 11.15 102.07 22.80
N VAL F 1871 11.83 101.09 23.40
CA VAL F 1871 11.63 100.79 24.82
C VAL F 1871 12.90 101.10 25.60
N GLU F 1925 22.02 102.77 16.43
CA GLU F 1925 21.15 101.64 16.18
C GLU F 1925 21.05 100.73 17.39
N GLY F 1926 19.89 100.10 17.57
CA GLY F 1926 19.69 99.21 18.69
C GLY F 1926 20.47 97.92 18.54
N LEU F 1927 20.65 97.25 19.68
CA LEU F 1927 21.40 95.99 19.67
C LEU F 1927 20.60 94.86 19.02
N LEU F 1928 19.27 94.97 19.03
CA LEU F 1928 18.43 93.94 18.40
C LEU F 1928 18.62 93.91 16.89
N GLN F 1929 18.69 95.09 16.26
CA GLN F 1929 18.76 95.15 14.80
C GLN F 1929 20.10 94.71 14.26
N MET F 1930 21.19 95.03 14.95
CA MET F 1930 22.53 94.73 14.45
C MET F 1930 22.77 93.23 14.40
N LYS F 1931 23.37 92.75 13.31
CA LYS F 1931 23.69 91.35 13.18
C LYS F 1931 24.81 90.96 14.15
N LEU F 1932 24.74 89.73 14.64
CA LEU F 1932 25.69 89.23 15.61
C LEU F 1932 25.76 87.71 15.48
N PRO F 1933 26.86 87.10 15.93
CA PRO F 1933 26.95 85.63 15.87
C PRO F 1933 25.96 84.98 16.83
N GLU F 1934 25.88 83.66 16.74
CA GLU F 1934 24.95 82.90 17.59
C GLU F 1934 25.34 83.00 19.06
N SER F 1935 26.63 83.16 19.35
CA SER F 1935 27.07 83.30 20.74
C SER F 1935 26.52 84.56 21.39
N VAL F 1936 26.49 85.68 20.65
CA VAL F 1936 25.95 86.92 21.19
C VAL F 1936 24.45 86.78 21.44
N LYS F 1937 23.74 86.10 20.55
CA LYS F 1937 22.30 85.94 20.69
C LYS F 1937 21.93 85.11 21.91
N LEU F 1938 22.76 84.12 22.27
CA LEU F 1938 22.49 83.32 23.46
C LEU F 1938 22.48 84.18 24.71
N GLN F 1939 23.48 85.07 24.83
CA GLN F 1939 23.53 85.96 25.99
C GLN F 1939 22.54 87.11 25.85
N MET F 1940 22.13 87.41 24.61
CA MET F 1940 21.11 88.44 24.40
C MET F 1940 19.75 87.96 24.90
N CYS F 1941 19.46 86.66 24.74
CA CYS F 1941 18.22 86.12 25.27
C CYS F 1941 18.18 86.17 26.79
N ASN F 1942 19.31 85.87 27.44
CA ASN F 1942 19.36 85.96 28.90
C ASN F 1942 19.15 87.39 29.38
N LEU F 1943 19.66 88.37 28.63
CA LEU F 1943 19.42 89.77 28.99
C LEU F 1943 17.93 90.10 28.93
N LEU F 1944 17.24 89.65 27.87
CA LEU F 1944 15.80 89.81 27.80
C LEU F 1944 15.07 88.88 28.76
N GLU F 1945 15.70 87.77 29.16
CA GLU F 1945 15.07 86.87 30.13
C GLU F 1945 14.81 87.59 31.44
N TYR F 1946 15.75 88.42 31.89
CA TYR F 1946 15.58 89.14 33.14
C TYR F 1946 14.44 90.16 33.07
N PHE F 1947 14.38 90.93 31.98
CA PHE F 1947 13.35 91.96 31.86
C PHE F 1947 11.95 91.36 31.76
N CYS F 1948 11.85 90.18 31.17
CA CYS F 1948 10.54 89.53 31.01
C CYS F 1948 10.02 89.00 32.34
N ASP F 1949 10.91 88.66 33.26
CA ASP F 1949 10.50 88.29 34.61
C ASP F 1949 10.08 89.50 35.44
N GLN F 1950 10.64 90.68 35.16
CA GLN F 1950 10.31 91.87 35.94
C GLN F 1950 8.84 92.24 35.77
N GLU F 1951 8.32 92.19 34.55
CA GLU F 1951 6.90 92.49 34.35
C GLU F 1951 6.01 91.40 34.95
N LEU F 1952 6.48 90.14 34.93
CA LEU F 1952 5.75 89.07 35.60
C LEU F 1952 5.71 89.30 37.10
N GLN F 1953 6.81 89.75 37.68
CA GLN F 1953 6.84 90.09 39.11
C GLN F 1953 5.90 91.24 39.42
N HIS F 1954 5.80 92.22 38.52
CA HIS F 1954 4.92 93.36 38.75
C HIS F 1954 3.45 92.95 38.74
N ARG F 1955 3.09 91.99 37.90
CA ARG F 1955 1.70 91.54 37.81
C ARG F 1955 1.25 90.81 39.07
N VAL F 1956 2.06 89.86 39.55
CA VAL F 1956 1.69 89.11 40.74
C VAL F 1956 1.66 90.01 41.97
N GLU F 1957 2.55 91.00 42.04
CA GLU F 1957 2.57 91.90 43.18
C GLU F 1957 1.37 92.85 43.15
N SER F 1958 0.99 93.31 41.95
CA SER F 1958 -0.19 94.16 41.84
C SER F 1958 -1.45 93.42 42.24
N LEU F 1959 -1.51 92.11 41.99
CA LEU F 1959 -2.64 91.31 42.45
C LEU F 1959 -2.71 91.26 43.97
N ALA F 1960 -1.56 91.13 44.64
CA ALA F 1960 -1.54 91.13 46.10
C ALA F 1960 -1.98 92.47 46.67
N ALA F 1961 -1.55 93.58 46.06
CA ALA F 1961 -1.94 94.90 46.55
C ALA F 1961 -3.43 95.12 46.43
N PHE F 1962 -4.03 94.71 45.30
CA PHE F 1962 -5.47 94.83 45.14
C PHE F 1962 -6.21 93.89 46.07
N ALA F 1963 -5.65 92.72 46.35
CA ALA F 1963 -6.30 91.79 47.27
C ALA F 1963 -6.42 92.41 48.67
N GLU F 1964 -5.43 93.17 49.11
CA GLU F 1964 -5.49 93.81 50.41
C GLU F 1964 -6.62 94.84 50.48
N ARG F 1965 -6.79 95.64 49.43
CA ARG F 1965 -7.86 96.63 49.41
C ARG F 1965 -9.23 95.99 49.26
N TYR F 1966 -9.34 94.92 48.46
CA TYR F 1966 -10.63 94.29 48.23
C TYR F 1966 -11.14 93.58 49.49
N VAL F 1967 -10.25 92.89 50.22
CA VAL F 1967 -10.68 92.14 51.40
C VAL F 1967 -11.14 93.08 52.50
N ASP F 1968 -10.58 94.28 52.59
CA ASP F 1968 -11.00 95.23 53.62
C ASP F 1968 -12.45 95.64 53.41
N LYS F 1969 -12.85 95.88 52.16
CA LYS F 1969 -14.24 96.24 51.87
C LYS F 1969 -15.18 95.09 52.19
N LEU F 1970 -14.80 93.87 51.83
CA LEU F 1970 -15.64 92.71 52.13
C LEU F 1970 -15.75 92.48 53.63
N GLN F 1971 -14.65 92.68 54.38
CA GLN F 1971 -14.70 92.52 55.82
C GLN F 1971 -15.65 93.54 56.45
N ALA F 1972 -15.60 94.79 55.99
CA ALA F 1972 -16.51 95.81 56.51
C ALA F 1972 -17.95 95.51 56.11
N ASN F 1973 -18.17 95.09 54.86
CA ASN F 1973 -19.52 94.77 54.42
C ASN F 1973 -20.09 93.56 55.15
N GLN F 1974 -19.27 92.54 55.39
CA GLN F 1974 -19.73 91.37 56.12
C GLN F 1974 -20.12 91.72 57.54
N ARG F 1975 -19.30 92.55 58.21
CA ARG F 1975 -19.62 92.98 59.57
C ARG F 1975 -20.89 93.82 59.60
N ASP F 1976 -21.06 94.72 58.61
CA ASP F 1976 -22.27 95.53 58.55
C ASP F 1976 -23.51 94.66 58.35
N ARG F 1977 -23.41 93.65 57.49
CA ARG F 1977 -24.55 92.77 57.25
C ARG F 1977 -24.79 91.84 58.43
N TYR F 1978 -23.77 91.59 59.26
CA TYR F 1978 -23.95 90.78 60.45
C TYR F 1978 -24.89 91.47 61.44
N GLY F 1979 -24.68 92.76 61.69
CA GLY F 1979 -25.51 93.47 62.65
C GLY F 1979 -26.95 93.62 62.19
N ILE F 1980 -27.16 93.87 60.90
CA ILE F 1980 -28.52 94.06 60.39
C ILE F 1980 -29.34 92.78 60.56
N LEU F 1981 -28.76 91.63 60.21
CA LEU F 1981 -29.49 90.38 60.34
C LEU F 1981 -29.67 89.98 61.81
N MET F 1982 -28.71 90.32 62.66
CA MET F 1982 -28.78 89.93 64.07
C MET F 1982 -29.69 90.85 64.87
N LYS F 1983 -29.52 92.17 64.72
CA LYS F 1983 -30.31 93.12 65.51
C LYS F 1983 -31.77 93.09 65.11
N ALA F 1984 -32.04 93.15 63.80
CA ALA F 1984 -33.43 93.16 63.33
C ALA F 1984 -34.03 91.76 63.43
N PHE F 1985 -35.30 91.70 63.79
CA PHE F 1985 -35.99 90.43 63.91
C PHE F 1985 -36.23 89.82 62.53
N THR F 1986 -36.24 88.49 62.48
CA THR F 1986 -36.46 87.76 61.24
C THR F 1986 -37.94 87.40 61.12
N MET F 1987 -38.58 87.87 60.05
CA MET F 1987 -40.00 87.59 59.86
C MET F 1987 -40.24 86.11 59.62
N THR F 1988 -39.40 85.46 58.80
CA THR F 1988 -39.55 84.05 58.49
C THR F 1988 -38.29 83.31 58.91
N ALA F 1989 -38.49 82.12 59.51
CA ALA F 1989 -37.37 81.30 59.94
C ALA F 1989 -36.57 80.75 58.77
N ALA F 1990 -37.20 80.56 57.62
CA ALA F 1990 -36.48 80.06 56.45
C ALA F 1990 -35.42 81.06 55.99
N GLU F 1991 -35.75 82.35 55.99
CA GLU F 1991 -34.77 83.36 55.62
C GLU F 1991 -33.61 83.40 56.62
N THR F 1992 -33.92 83.28 57.91
CA THR F 1992 -32.87 83.26 58.92
C THR F 1992 -32.03 81.99 58.83
N ALA F 1993 -32.63 80.89 58.37
CA ALA F 1993 -31.87 79.66 58.20
C ALA F 1993 -30.78 79.82 57.14
N ARG F 1994 -31.10 80.48 56.04
CA ARG F 1994 -30.10 80.73 55.00
C ARG F 1994 -29.01 81.66 55.51
N ARG F 1995 -29.36 82.67 56.29
CA ARG F 1995 -28.35 83.59 56.83
C ARG F 1995 -27.41 82.86 57.79
N THR F 1996 -27.95 81.97 58.62
CA THR F 1996 -27.12 81.23 59.56
C THR F 1996 -26.21 80.23 58.86
N ARG F 1997 -26.66 79.69 57.71
CA ARG F 1997 -25.84 78.75 56.96
C ARG F 1997 -24.55 79.38 56.44
N GLU F 1998 -24.63 80.63 55.97
CA GLU F 1998 -23.45 81.38 55.56
C GLU F 1998 -22.61 81.82 56.76
N PHE F 1999 -23.27 82.21 57.85
CA PHE F 1999 -22.56 82.79 58.98
C PHE F 1999 -21.79 81.73 59.77
N ARG F 2000 -22.40 80.56 59.97
CA ARG F 2000 -21.73 79.48 60.67
C ARG F 2000 -20.77 78.70 59.77
N SER F 2001 -20.78 78.95 58.47
CA SER F 2001 -19.89 78.26 57.56
C SER F 2001 -18.45 78.69 57.78
N PRO F 2002 -17.49 77.83 57.43
CA PRO F 2002 -16.09 78.22 57.56
C PRO F 2002 -15.77 79.40 56.66
N PRO F 2003 -14.83 80.25 57.07
CA PRO F 2003 -14.50 81.43 56.24
C PRO F 2003 -14.00 81.07 54.85
N GLN F 2004 -13.39 79.90 54.67
CA GLN F 2004 -12.95 79.49 53.34
C GLN F 2004 -14.13 79.38 52.39
N GLU F 2005 -15.20 78.71 52.80
CA GLU F 2005 -16.39 78.62 51.97
C GLU F 2005 -17.17 79.93 51.93
N GLN F 2006 -17.02 80.77 52.96
CA GLN F 2006 -17.70 82.07 52.97
C GLN F 2006 -17.18 82.97 51.86
N ILE F 2007 -15.87 82.99 51.65
CA ILE F 2007 -15.30 83.81 50.59
C ILE F 2007 -15.72 83.30 49.22
N ASN F 2008 -15.74 81.98 49.03
CA ASN F 2008 -16.10 81.39 47.74
C ASN F 2008 -17.53 81.74 47.35
N MET F 2009 -18.46 81.69 48.32
CA MET F 2009 -19.85 82.01 48.02
C MET F 2009 -20.01 83.47 47.59
N LEU F 2010 -19.30 84.38 48.25
CA LEU F 2010 -19.39 85.80 47.89
C LEU F 2010 -18.69 86.11 46.56
N LEU F 2011 -17.63 85.39 46.23
CA LEU F 2011 -16.85 85.67 45.04
C LEU F 2011 -17.42 85.03 43.78
N HIS F 2012 -18.43 84.18 43.90
CA HIS F 2012 -19.02 83.51 42.74
C HIS F 2012 -20.23 84.32 42.28
N PHE F 2013 -19.96 85.33 41.43
CA PHE F 2013 -21.04 86.17 40.90
C PHE F 2013 -20.87 86.43 39.41
N LYS F 2014 -20.09 85.63 38.71
CA LYS F 2014 -19.88 85.81 37.27
C LYS F 2014 -21.16 85.56 36.49
N PRO F 2023 -25.27 88.70 47.11
CA PRO F 2023 -25.05 88.76 48.56
C PRO F 2023 -24.15 89.92 48.96
N LEU F 2024 -23.92 90.84 48.02
CA LEU F 2024 -23.07 92.00 48.27
C LEU F 2024 -23.46 93.10 47.28
N PRO F 2025 -23.35 94.36 47.68
CA PRO F 2025 -23.77 95.45 46.77
C PRO F 2025 -22.95 95.47 45.49
N ASP F 2026 -23.61 95.82 44.40
CA ASP F 2026 -22.97 95.81 43.08
C ASP F 2026 -21.84 96.82 42.98
N GLU F 2027 -21.83 97.84 43.83
CA GLU F 2027 -20.73 98.80 43.82
C GLU F 2027 -19.41 98.14 44.20
N ILE F 2028 -19.44 97.26 45.20
CA ILE F 2028 -18.22 96.56 45.61
C ILE F 2028 -17.77 95.59 44.52
N ARG F 2029 -18.72 94.90 43.90
CA ARG F 2029 -18.38 93.94 42.85
C ARG F 2029 -17.76 94.59 41.63
N GLN F 2030 -18.03 95.88 41.40
CA GLN F 2030 -17.45 96.57 40.25
C GLN F 2030 -15.96 96.78 40.39
N ASP F 2031 -15.44 96.82 41.63
CA ASP F 2031 -14.00 96.99 41.82
C ASP F 2031 -13.22 95.81 41.26
N LEU F 2032 -13.71 94.59 41.47
CA LEU F 2032 -13.00 93.41 40.97
C LEU F 2032 -13.03 93.38 39.45
N LEU F 2033 -14.12 93.84 38.83
CA LEU F 2033 -14.20 93.84 37.37
C LEU F 2033 -13.17 94.77 36.75
N GLU F 2034 -12.87 95.89 37.40
CA GLU F 2034 -11.86 96.81 36.88
C GLU F 2034 -10.49 96.16 36.85
N PHE F 2035 -10.14 95.42 37.90
CA PHE F 2035 -8.84 94.74 37.93
C PHE F 2035 -8.83 93.50 37.05
N HIS F 2036 -9.99 92.87 36.83
CA HIS F 2036 -10.03 91.66 36.02
C HIS F 2036 -9.66 91.94 34.57
N GLN F 2037 -10.27 92.97 33.97
CA GLN F 2037 -9.93 93.32 32.60
C GLN F 2037 -8.55 93.97 32.51
N ASP F 2038 -8.18 94.75 33.52
CA ASP F 2038 -6.85 95.36 33.55
C ASP F 2038 -5.76 94.31 33.62
N LEU F 2039 -5.96 93.26 34.42
CA LEU F 2039 -4.99 92.16 34.48
C LEU F 2039 -4.89 91.46 33.13
N LEU F 2040 -6.03 91.24 32.47
CA LEU F 2040 -6.01 90.60 31.17
C LEU F 2040 -5.35 91.48 30.12
N THR F 2041 -5.55 92.80 30.20
CA THR F 2041 -4.93 93.71 29.24
C THR F 2041 -3.41 93.69 29.35
N HIS F 2042 -2.87 93.62 30.56
CA HIS F 2042 -1.42 93.61 30.74
C HIS F 2042 -0.80 92.37 30.11
N CYS F 2043 -1.44 91.22 30.26
CA CYS F 2043 -0.93 89.98 29.67
C CYS F 2043 -1.05 89.96 28.14
N GLY F 2044 -1.78 90.91 27.55
CA GLY F 2044 -1.93 90.98 26.11
C GLY F 2044 -3.26 90.47 25.59
N ILE F 2045 -4.06 89.81 26.42
CA ILE F 2045 -5.35 89.29 25.99
C ILE F 2045 -6.35 90.44 25.90
N GLN F 2046 -7.04 90.55 24.77
CA GLN F 2046 -8.01 91.60 24.56
C GLN F 2046 -9.26 91.40 25.42
N LEU F 2092 5.85 96.56 17.66
CA LEU F 2092 6.70 97.19 18.65
C LEU F 2092 5.87 97.88 19.72
N GLN F 2093 6.45 98.92 20.33
CA GLN F 2093 5.83 99.74 21.37
C GLN F 2093 5.46 98.94 22.61
N SER F 2094 5.99 97.73 22.77
CA SER F 2094 5.71 96.91 23.93
C SER F 2094 6.82 95.88 24.08
N LEU F 2095 7.17 95.57 25.33
CA LEU F 2095 8.21 94.58 25.58
C LEU F 2095 7.81 93.20 25.07
N GLN F 2096 6.57 92.79 25.32
CA GLN F 2096 6.11 91.49 24.84
C GLN F 2096 6.04 91.45 23.32
N GLU F 2097 5.62 92.55 22.69
CA GLU F 2097 5.57 92.60 21.23
C GLU F 2097 6.96 92.68 20.62
N LEU F 2098 7.89 93.40 21.26
CA LEU F 2098 9.23 93.55 20.71
C LEU F 2098 9.98 92.23 20.70
N VAL F 2099 9.99 91.52 21.84
CA VAL F 2099 10.74 90.28 21.94
C VAL F 2099 10.17 89.20 21.03
N SER F 2100 8.87 89.26 20.74
CA SER F 2100 8.25 88.25 19.88
C SER F 2100 8.70 88.39 18.42
N HIS F 2101 8.91 89.60 17.94
CA HIS F 2101 9.32 89.81 16.55
C HIS F 2101 10.79 89.48 16.31
N THR F 2102 11.66 89.80 17.28
CA THR F 2102 13.09 89.54 17.08
C THR F 2102 13.43 88.06 17.15
N VAL F 2103 12.76 87.31 18.02
CA VAL F 2103 13.04 85.89 18.15
C VAL F 2103 12.60 85.13 16.89
N VAL F 2104 11.49 85.53 16.28
CA VAL F 2104 11.04 84.86 15.07
C VAL F 2104 11.85 85.34 13.86
N ARG F 2105 12.37 86.57 13.91
CA ARG F 2105 13.21 87.06 12.82
C ARG F 2105 14.56 86.36 12.79
N TRP F 2106 15.09 85.99 13.96
CA TRP F 2106 16.37 85.28 14.00
C TRP F 2106 16.26 83.91 13.34
N ALA F 2107 15.15 83.21 13.56
CA ALA F 2107 14.96 81.91 12.93
C ALA F 2107 14.83 82.02 11.42
N GLN F 2108 14.21 83.09 10.92
CA GLN F 2108 14.05 83.26 9.48
C GLN F 2108 15.36 83.62 8.79
N GLU F 2109 16.38 84.02 9.54
CA GLU F 2109 17.65 84.41 8.93
C GLU F 2109 18.37 83.19 8.34
N ASP F 2110 18.72 82.24 9.19
CA ASP F 2110 19.42 81.02 8.76
C ASP F 2110 19.22 79.96 9.83
N PHE F 2111 19.88 78.82 9.65
CA PHE F 2111 19.79 77.73 10.63
C PHE F 2111 20.63 78.06 11.85
N VAL F 2112 20.09 77.74 13.02
CA VAL F 2112 20.74 78.12 14.27
C VAL F 2112 21.98 77.27 14.54
N GLN F 2113 21.87 75.94 14.37
CA GLN F 2113 22.96 75.01 14.60
C GLN F 2113 23.56 75.16 16.00
N SER F 2114 22.71 75.36 17.01
CA SER F 2114 23.20 75.51 18.38
C SER F 2114 22.13 75.03 19.36
N PRO F 2115 22.33 73.86 20.00
CA PRO F 2115 21.30 73.34 20.90
C PRO F 2115 21.00 74.26 22.08
N GLU F 2116 22.00 74.96 22.61
CA GLU F 2116 21.76 75.86 23.73
C GLU F 2116 20.99 77.11 23.31
N LEU F 2117 21.04 77.48 22.04
CA LEU F 2117 20.33 78.67 21.58
C LEU F 2117 18.86 78.38 21.30
N VAL F 2118 18.55 77.20 20.75
CA VAL F 2118 17.17 76.88 20.40
C VAL F 2118 16.29 76.89 21.64
N ARG F 2119 16.77 76.29 22.72
CA ARG F 2119 15.98 76.25 23.96
C ARG F 2119 15.80 77.65 24.52
N ALA F 2120 16.82 78.50 24.43
CA ALA F 2120 16.71 79.86 24.95
C ALA F 2120 15.71 80.68 24.15
N MET F 2121 15.80 80.64 22.81
CA MET F 2121 14.85 81.39 22.00
C MET F 2121 13.43 80.89 22.18
N PHE F 2122 13.23 79.57 22.23
CA PHE F 2122 11.89 79.04 22.42
C PHE F 2122 11.38 79.22 23.84
N SER F 2123 12.28 79.34 24.82
CA SER F 2123 11.85 79.71 26.17
C SER F 2123 11.25 81.10 26.18
N LEU F 2124 11.84 82.02 25.42
CA LEU F 2124 11.27 83.35 25.27
C LEU F 2124 9.95 83.32 24.51
N LEU F 2125 9.80 82.38 23.57
CA LEU F 2125 8.61 82.36 22.72
C LEU F 2125 7.36 82.00 23.52
N HIS F 2126 7.42 80.93 24.33
CA HIS F 2126 6.20 80.41 24.95
C HIS F 2126 5.67 81.32 26.04
N ARG F 2127 6.55 81.91 26.85
CA ARG F 2127 6.11 82.65 28.01
C ARG F 2127 5.41 83.95 27.63
N GLN F 2128 5.78 84.54 26.48
CA GLN F 2128 5.26 85.86 26.13
C GLN F 2128 3.97 85.79 25.33
N TYR F 2129 3.50 84.58 24.98
CA TYR F 2129 2.24 84.41 24.29
C TYR F 2129 1.10 83.98 25.20
N ASP F 2130 1.41 83.43 26.38
CA ASP F 2130 0.43 83.05 27.39
C ASP F 2130 0.78 83.77 28.69
N GLY F 2131 0.29 85.01 28.82
CA GLY F 2131 0.52 85.75 30.05
C GLY F 2131 -0.23 85.17 31.24
N LEU F 2132 -1.48 84.74 31.03
CA LEU F 2132 -2.27 84.18 32.12
C LEU F 2132 -1.68 82.86 32.62
N GLY F 2133 -1.17 82.02 31.71
CA GLY F 2133 -0.59 80.75 32.13
C GLY F 2133 0.64 80.93 32.99
N GLU F 2134 1.50 81.89 32.64
CA GLU F 2134 2.68 82.15 33.46
C GLU F 2134 2.29 82.67 34.84
N LEU F 2135 1.29 83.56 34.90
CA LEU F 2135 0.81 84.05 36.17
C LEU F 2135 0.10 82.95 36.95
N LEU F 2136 -0.49 81.99 36.25
CA LEU F 2136 -1.20 80.89 36.93
C LEU F 2136 -0.24 80.03 37.74
N ARG F 2137 0.96 79.78 37.24
CA ARG F 2137 1.93 78.94 37.93
C ARG F 2137 2.68 79.67 39.04
N ALA F 2138 2.77 80.99 38.98
CA ALA F 2138 3.50 81.75 39.98
C ALA F 2138 2.67 82.08 41.22
N LEU F 2139 1.34 82.10 41.09
CA LEU F 2139 0.45 82.42 42.20
C LEU F 2139 0.57 81.45 43.37
N PRO F 2140 0.65 80.13 43.15
CA PRO F 2140 0.84 79.22 44.30
C PRO F 2140 2.08 79.50 45.11
N ARG F 2141 3.15 80.01 44.49
CA ARG F 2141 4.37 80.36 45.20
C ARG F 2141 4.29 81.71 45.89
N ALA F 2142 3.24 82.48 45.67
CA ALA F 2142 3.09 83.79 46.28
C ALA F 2142 2.58 83.65 47.71
N TYR F 2143 2.93 84.62 48.55
CA TYR F 2143 2.51 84.62 49.95
C TYR F 2143 2.49 86.06 50.46
N THR F 2144 1.62 86.33 51.42
CA THR F 2144 1.50 87.64 52.03
C THR F 2144 1.89 87.55 53.50
N ILE F 2145 2.74 88.48 53.95
CA ILE F 2145 3.25 88.47 55.31
C ILE F 2145 2.91 89.80 55.97
N SER F 2146 2.71 89.75 57.28
CA SER F 2146 2.43 90.95 58.06
C SER F 2146 3.65 91.86 58.11
N PRO F 2147 3.46 93.18 58.13
CA PRO F 2147 4.61 94.09 58.23
C PRO F 2147 5.43 93.89 59.50
N SER F 2148 4.79 93.52 60.61
CA SER F 2148 5.53 93.30 61.85
C SER F 2148 6.38 92.05 61.81
N SER F 2149 6.11 91.13 60.88
CA SER F 2149 6.85 89.88 60.77
C SER F 2149 7.91 89.93 59.67
N VAL F 2150 8.17 91.11 59.11
CA VAL F 2150 9.18 91.23 58.05
C VAL F 2150 10.56 90.87 58.58
N GLU F 2151 10.91 91.38 59.77
CA GLU F 2151 12.23 91.10 60.33
C GLU F 2151 12.43 89.61 60.61
N ASP F 2152 11.41 88.94 61.15
CA ASP F 2152 11.53 87.51 61.42
C ASP F 2152 11.66 86.71 60.13
N THR F 2153 10.90 87.09 59.09
CA THR F 2153 10.95 86.37 57.84
C THR F 2153 12.26 86.60 57.10
N MET F 2154 12.88 87.77 57.28
CA MET F 2154 14.15 88.05 56.63
C MET F 2154 15.23 87.10 57.12
N SER F 2155 15.27 86.82 58.42
CA SER F 2155 16.24 85.86 58.94
C SER F 2155 15.98 84.45 58.45
N LEU F 2156 14.71 84.06 58.32
CA LEU F 2156 14.37 82.75 57.76
C LEU F 2156 14.76 82.68 56.29
N LEU F 2157 14.57 83.76 55.55
CA LEU F 2157 14.91 83.73 54.12
C LEU F 2157 16.41 83.57 53.92
N GLU F 2158 17.22 84.24 54.73
CA GLU F 2158 18.67 84.11 54.62
C GLU F 2158 19.15 82.72 55.00
N CYS F 2159 18.54 82.11 56.02
CA CYS F 2159 18.91 80.75 56.41
C CYS F 2159 18.60 79.74 55.31
N LEU F 2160 17.49 79.92 54.60
CA LEU F 2160 17.13 79.02 53.51
C LEU F 2160 18.16 79.07 52.38
N GLY F 2161 18.75 80.24 52.15
CA GLY F 2161 19.77 80.36 51.11
C GLY F 2161 20.99 79.51 51.38
N GLN F 2162 21.39 79.39 52.64
CA GLN F 2162 22.53 78.56 52.99
C GLN F 2162 22.24 77.08 52.72
N ILE F 2163 21.02 76.63 53.01
CA ILE F 2163 20.67 75.23 52.77
C ILE F 2163 20.61 74.93 51.27
N ARG F 2164 19.99 75.82 50.49
CA ARG F 2164 19.88 75.59 49.05
C ARG F 2164 21.25 75.62 48.39
N SER F 2165 22.13 76.53 48.80
CA SER F 2165 23.49 76.53 48.30
C SER F 2165 24.28 75.30 48.73
N LEU F 2166 23.89 74.68 49.85
CA LEU F 2166 24.53 73.46 50.32
C LEU F 2166 24.11 72.24 49.51
N LEU F 2167 22.93 72.27 48.88
CA LEU F 2167 22.44 71.10 48.17
C LEU F 2167 23.32 70.76 46.97
N ILE F 2168 23.88 71.77 46.30
CA ILE F 2168 24.65 71.53 45.08
C ILE F 2168 26.10 71.15 45.37
N VAL F 2169 26.62 71.49 46.53
CA VAL F 2169 28.02 71.24 46.87
C VAL F 2169 28.11 69.90 47.60
N GLN F 2170 29.22 69.19 47.42
CA GLN F 2170 29.40 67.95 48.16
C GLN F 2170 29.64 68.27 49.63
N MET F 2171 28.96 67.52 50.48
CA MET F 2171 28.91 67.80 51.91
C MET F 2171 30.28 67.56 52.57
N GLY F 2172 30.55 68.33 53.61
CA GLY F 2172 31.83 68.25 54.30
C GLY F 2172 31.73 68.52 55.79
N PRO F 2173 32.87 68.43 56.50
CA PRO F 2173 32.85 68.64 57.96
C PRO F 2173 32.42 70.05 58.36
N GLN F 2174 33.03 71.05 57.74
CA GLN F 2174 32.62 72.44 57.99
C GLN F 2174 31.19 72.68 57.55
N GLU F 2175 30.78 72.10 56.41
CA GLU F 2175 29.43 72.28 55.92
C GLU F 2175 28.39 71.64 56.84
N GLU F 2176 28.79 70.58 57.55
CA GLU F 2176 27.87 69.96 58.51
C GLU F 2176 27.53 70.90 59.65
N ASN F 2177 28.52 71.64 60.16
CA ASN F 2177 28.26 72.56 61.26
C ASN F 2177 27.32 73.69 60.86
N LEU F 2178 27.45 74.19 59.62
CA LEU F 2178 26.58 75.27 59.17
C LEU F 2178 25.12 74.84 59.13
N MET F 2179 24.84 73.64 58.65
CA MET F 2179 23.46 73.17 58.56
C MET F 2179 22.87 72.95 59.95
N ILE F 2180 23.67 72.46 60.90
CA ILE F 2180 23.19 72.27 62.26
C ILE F 2180 22.76 73.61 62.85
N GLN F 2181 23.58 74.65 62.65
CA GLN F 2181 23.19 76.00 63.04
C GLN F 2181 22.00 76.51 62.24
N SER F 2182 21.83 76.04 61.00
CA SER F 2182 20.70 76.47 60.18
C SER F 2182 19.39 75.87 60.68
N ILE F 2183 19.40 74.57 61.02
CA ILE F 2183 18.19 73.94 61.53
C ILE F 2183 17.79 74.54 62.87
N GLY F 2184 18.78 74.81 63.74
CA GLY F 2184 18.47 75.42 65.02
C GLY F 2184 17.89 76.81 64.89
N ASN F 2185 18.36 77.59 63.91
CA ASN F 2185 17.80 78.92 63.67
C ASN F 2185 16.35 78.85 63.20
N ILE F 2186 16.03 77.91 62.33
CA ILE F 2186 14.65 77.76 61.87
C ILE F 2186 13.76 77.28 63.00
N MET F 2187 14.25 76.36 63.83
CA MET F 2187 13.48 75.83 64.94
C MET F 2187 13.10 76.88 65.97
N ASN F 2188 13.89 77.96 66.07
CA ASN F 2188 13.62 79.03 67.03
C ASN F 2188 12.91 80.23 66.40
N ASN F 2189 12.43 80.09 65.17
CA ASN F 2189 11.77 81.18 64.47
C ASN F 2189 10.26 81.12 64.66
N LYS F 2190 9.64 82.28 64.85
CA LYS F 2190 8.21 82.34 65.11
C LYS F 2190 7.38 82.05 63.86
N VAL F 2191 7.85 82.49 62.68
CA VAL F 2191 7.08 82.28 61.46
C VAL F 2191 6.97 80.80 61.11
N PHE F 2192 7.98 80.00 61.45
CA PHE F 2192 7.96 78.58 61.12
C PHE F 2192 6.73 77.89 61.71
N TYR F 2193 6.50 78.09 63.01
CA TYR F 2193 5.34 77.48 63.65
C TYR F 2193 4.04 78.20 63.32
N GLN F 2194 4.08 79.54 63.21
CA GLN F 2194 2.85 80.31 63.01
C GLN F 2194 2.35 80.23 61.57
N HIS F 2195 3.25 80.04 60.60
CA HIS F 2195 2.90 80.06 59.18
C HIS F 2195 3.39 78.78 58.52
N PRO F 2196 2.64 77.68 58.66
CA PRO F 2196 3.02 76.45 57.95
C PRO F 2196 2.80 76.53 56.45
N ASN F 2197 1.85 77.34 55.99
CA ASN F 2197 1.59 77.43 54.55
C ASN F 2197 2.72 78.10 53.81
N LEU F 2198 3.36 79.11 54.42
CA LEU F 2198 4.52 79.73 53.82
C LEU F 2198 5.66 78.73 53.61
N MET F 2199 5.87 77.85 54.59
CA MET F 2199 7.05 76.99 54.56
C MET F 2199 6.92 75.92 53.48
N ARG F 2200 5.70 75.42 53.24
CA ARG F 2200 5.47 74.46 52.16
C ARG F 2200 5.48 75.12 50.80
N ALA F 2201 5.01 76.37 50.72
CA ALA F 2201 4.96 77.06 49.43
C ALA F 2201 6.35 77.26 48.85
N LEU F 2202 7.36 77.47 49.70
CA LEU F 2202 8.73 77.60 49.23
C LEU F 2202 9.41 76.26 49.01
N GLY F 2203 8.73 75.16 49.28
CA GLY F 2203 9.27 73.83 49.03
C GLY F 2203 10.46 73.48 49.90
N MET F 2204 10.37 73.80 51.20
CA MET F 2204 11.44 73.46 52.13
C MET F 2204 11.61 71.96 52.29
N HIS F 2205 10.52 71.22 52.42
CA HIS F 2205 10.61 69.80 52.72
C HIS F 2205 11.31 69.04 51.59
N GLU F 2206 11.20 69.54 50.35
CA GLU F 2206 11.95 68.96 49.25
C GLU F 2206 13.45 69.18 49.42
N THR F 2207 13.86 70.37 49.86
CA THR F 2207 15.28 70.69 49.97
C THR F 2207 15.96 69.87 51.05
N VAL F 2208 15.37 69.80 52.25
CA VAL F 2208 16.00 69.04 53.32
C VAL F 2208 15.97 67.55 53.03
N MET F 2209 14.88 67.05 52.43
CA MET F 2209 14.83 65.64 52.07
C MET F 2209 15.90 65.28 51.04
N GLU F 2210 16.12 66.16 50.06
CA GLU F 2210 17.14 65.91 49.05
C GLU F 2210 18.56 65.95 49.64
N VAL F 2211 18.78 66.74 50.69
CA VAL F 2211 20.11 66.85 51.27
C VAL F 2211 20.50 65.55 51.98
N MET F 2212 19.58 64.97 52.76
CA MET F 2212 19.93 63.79 53.56
C MET F 2212 20.10 62.55 52.68
N VAL F 2213 19.47 62.51 51.51
CA VAL F 2213 19.72 61.39 50.60
C VAL F 2213 21.13 61.46 50.05
N ASN F 2214 21.65 62.66 49.80
CA ASN F 2214 23.00 62.81 49.25
C ASN F 2214 24.07 62.24 50.20
N VAL F 2215 23.90 62.41 51.51
CA VAL F 2215 24.84 61.77 52.43
C VAL F 2215 24.58 60.28 52.56
N LEU F 2216 23.32 59.83 52.58
CA LEU F 2216 23.07 58.42 52.82
C LEU F 2216 23.48 57.55 51.64
N GLY F 2217 23.46 58.09 50.43
CA GLY F 2217 23.95 57.38 49.27
C GLY F 2217 25.43 57.64 49.03
N ARG F 2225 28.21 58.25 57.01
CA ARG F 2225 29.20 59.15 57.58
C ARG F 2225 28.53 60.36 58.25
N PHE F 2226 29.28 61.00 59.16
CA PHE F 2226 28.80 62.15 59.92
C PHE F 2226 27.48 61.85 60.60
N PRO F 2227 27.49 61.10 61.71
CA PRO F 2227 26.23 60.77 62.40
C PRO F 2227 25.57 61.97 63.08
N LYS F 2228 26.27 63.08 63.28
CA LYS F 2228 25.67 64.22 63.97
C LYS F 2228 24.53 64.83 63.17
N MET F 2229 24.73 64.99 61.86
CA MET F 2229 23.72 65.60 61.01
C MET F 2229 22.55 64.70 60.71
N VAL F 2230 22.79 63.38 60.57
CA VAL F 2230 21.73 62.49 60.12
C VAL F 2230 20.62 62.41 61.15
N THR F 2231 20.94 62.50 62.44
CA THR F 2231 19.92 62.54 63.47
C THR F 2231 19.17 63.86 63.48
N SER F 2232 19.86 64.98 63.28
CA SER F 2232 19.25 66.30 63.38
C SER F 2232 18.15 66.50 62.34
N CYS F 2233 18.40 66.10 61.09
CA CYS F 2233 17.40 66.28 60.06
C CYS F 2233 16.17 65.42 60.31
N CYS F 2234 16.35 64.23 60.88
CA CYS F 2234 15.22 63.40 61.23
C CYS F 2234 14.37 64.04 62.34
N ARG F 2235 15.01 64.65 63.33
CA ARG F 2235 14.27 65.43 64.32
C ARG F 2235 13.45 66.52 63.64
N PHE F 2236 14.07 67.24 62.70
CA PHE F 2236 13.40 68.37 62.07
C PHE F 2236 12.24 67.92 61.19
N LEU F 2237 12.35 66.73 60.59
CA LEU F 2237 11.26 66.23 59.75
C LEU F 2237 10.07 65.77 60.58
N CYS F 2238 10.32 65.05 61.68
CA CYS F 2238 9.22 64.64 62.55
C CYS F 2238 8.55 65.85 63.20
N TYR F 2239 9.32 66.87 63.57
CA TYR F 2239 8.74 68.10 64.08
C TYR F 2239 7.90 68.80 63.03
N PHE F 2240 8.28 68.67 61.74
CA PHE F 2240 7.53 69.32 60.67
C PHE F 2240 6.13 68.76 60.54
N CYS F 2241 5.96 67.45 60.72
CA CYS F 2241 4.64 66.83 60.59
C CYS F 2241 3.71 67.23 61.74
N ARG F 2242 4.26 67.51 62.91
CA ARG F 2242 3.44 67.84 64.08
C ARG F 2242 2.86 69.25 64.03
N ILE F 2243 3.35 70.11 63.14
CA ILE F 2243 2.81 71.46 63.05
C ILE F 2243 1.36 71.45 62.57
N SER F 2244 1.08 70.67 61.53
CA SER F 2244 -0.25 70.64 60.94
C SER F 2244 -0.48 69.32 60.23
N ARG F 2245 -1.75 69.00 60.01
CA ARG F 2245 -2.10 67.78 59.28
C ARG F 2245 -1.69 67.85 57.82
N GLN F 2246 -1.82 69.03 57.19
CA GLN F 2246 -1.40 69.18 55.81
C GLN F 2246 0.08 68.92 55.64
N ASN F 2247 0.91 69.40 56.58
CA ASN F 2247 2.34 69.16 56.50
C ASN F 2247 2.66 67.68 56.58
N GLN F 2248 1.94 66.94 57.43
CA GLN F 2248 2.13 65.50 57.52
C GLN F 2248 1.70 64.80 56.24
N ARG F 2249 0.69 65.32 55.55
CA ARG F 2249 0.24 64.72 54.30
C ARG F 2249 1.29 64.87 53.21
N SER F 2250 2.02 65.99 53.21
CA SER F 2250 3.06 66.20 52.19
C SER F 2250 4.15 65.14 52.30
N MET F 2251 4.56 64.80 53.52
CA MET F 2251 5.56 63.76 53.73
C MET F 2251 5.05 62.38 53.33
N PHE F 2252 3.74 62.15 53.39
CA PHE F 2252 3.18 60.86 53.01
C PHE F 2252 3.40 60.54 51.53
N ASP F 2253 3.32 61.56 50.68
CA ASP F 2253 3.57 61.34 49.25
C ASP F 2253 5.00 60.90 49.00
N HIS F 2254 5.96 61.47 49.73
CA HIS F 2254 7.36 61.12 49.60
C HIS F 2254 7.79 60.01 50.55
N LEU F 2255 6.83 59.40 51.27
CA LEU F 2255 7.17 58.35 52.22
C LEU F 2255 7.75 57.12 51.52
N SER F 2256 7.36 56.88 50.26
CA SER F 2256 7.91 55.75 49.52
C SER F 2256 9.41 55.91 49.28
N TYR F 2257 9.86 57.15 49.00
CA TYR F 2257 11.28 57.39 48.80
C TYR F 2257 12.08 57.13 50.08
N LEU F 2258 11.53 57.52 51.24
CA LEU F 2258 12.24 57.32 52.50
C LEU F 2258 12.44 55.84 52.82
N LEU F 2259 11.42 55.01 52.54
CA LEU F 2259 11.54 53.59 52.84
C LEU F 2259 12.64 52.92 52.01
N GLU F 2260 12.84 53.37 50.78
CA GLU F 2260 13.89 52.80 49.94
C GLU F 2260 15.27 53.07 50.52
N ASN F 2261 15.50 54.27 51.04
CA ASN F 2261 16.80 54.62 51.60
C ASN F 2261 17.03 54.02 52.97
N SER F 2262 15.98 53.60 53.67
CA SER F 2262 16.14 53.03 55.00
C SER F 2262 16.81 51.67 54.94
N GLY F 2263 16.53 50.88 53.91
CA GLY F 2263 17.10 49.56 53.78
C GLY F 2263 18.59 49.58 53.46
N SER F 2271 16.46 59.64 64.00
CA SER F 2271 17.78 59.03 63.83
C SER F 2271 17.92 58.41 62.45
N THR F 2272 16.84 57.83 61.95
CA THR F 2272 16.82 57.16 60.66
C THR F 2272 15.66 57.70 59.85
N PRO F 2273 15.75 57.63 58.51
CA PRO F 2273 14.60 58.01 57.68
C PRO F 2273 13.38 57.15 57.90
N LEU F 2274 13.55 55.94 58.44
CA LEU F 2274 12.40 55.10 58.75
C LEU F 2274 11.53 55.74 59.83
N ASP F 2275 12.14 56.39 60.81
CA ASP F 2275 11.38 57.08 61.84
C ASP F 2275 10.56 58.22 61.27
N VAL F 2276 11.05 58.87 60.21
CA VAL F 2276 10.29 59.92 59.54
C VAL F 2276 9.03 59.34 58.91
N ALA F 2277 9.16 58.16 58.29
CA ALA F 2277 8.00 57.51 57.69
C ALA F 2277 6.95 57.16 58.73
N ALA F 2278 7.37 56.70 59.91
CA ALA F 2278 6.42 56.39 60.98
C ALA F 2278 5.68 57.63 61.44
N ALA F 2279 6.37 58.76 61.54
CA ALA F 2279 5.74 59.99 61.99
C ALA F 2279 4.76 60.54 60.97
N SER F 2280 4.91 60.19 59.68
CA SER F 2280 4.01 60.69 58.65
C SER F 2280 2.69 59.94 58.62
N VAL F 2281 2.60 58.79 59.28
CA VAL F 2281 1.38 58.00 59.30
C VAL F 2281 0.68 58.02 60.67
N ILE F 2282 1.44 58.19 61.76
CA ILE F 2282 0.86 58.14 63.10
C ILE F 2282 -0.13 59.29 63.29
N ASP F 2283 -1.15 59.04 64.11
CA ASP F 2283 -2.15 60.01 64.52
C ASP F 2283 -3.00 60.53 63.37
N ASN F 2284 -3.09 59.79 62.27
CA ASN F 2284 -3.93 60.16 61.14
C ASN F 2284 -4.53 58.91 60.52
N ASN F 2285 -5.85 58.79 60.61
CA ASN F 2285 -6.54 57.61 60.07
C ASN F 2285 -6.65 57.65 58.55
N GLU F 2286 -6.71 58.85 57.96
CA GLU F 2286 -6.87 58.95 56.52
C GLU F 2286 -5.68 58.37 55.77
N LEU F 2287 -4.46 58.67 56.21
CA LEU F 2287 -3.28 58.17 55.53
C LEU F 2287 -3.06 56.69 55.82
N ALA F 2288 -3.52 56.21 56.98
CA ALA F 2288 -3.41 54.79 57.29
C ALA F 2288 -4.21 53.94 56.32
N LEU F 2289 -5.42 54.39 55.96
CA LEU F 2289 -6.22 53.65 55.00
C LEU F 2289 -5.62 53.72 53.59
N ALA F 2290 -4.97 54.82 53.26
CA ALA F 2290 -4.40 55.02 51.93
C ALA F 2290 -2.97 54.48 51.80
N LEU F 2291 -2.44 53.85 52.84
CA LEU F 2291 -1.09 53.28 52.77
C LEU F 2291 -1.07 52.18 51.72
N GLN F 2292 -0.12 52.27 50.80
CA GLN F 2292 -0.05 51.34 49.68
C GLN F 2292 0.47 49.98 50.14
N GLU F 2293 -0.05 48.92 49.50
CA GLU F 2293 0.35 47.56 49.86
C GLU F 2293 1.80 47.28 49.53
N GLN F 2294 2.32 47.91 48.47
CA GLN F 2294 3.72 47.68 48.10
C GLN F 2294 4.68 48.22 49.15
N ASP F 2295 4.31 49.33 49.82
CA ASP F 2295 5.13 49.84 50.91
C ASP F 2295 5.21 48.84 52.06
N LEU F 2296 4.07 48.23 52.42
CA LEU F 2296 4.09 47.19 53.44
C LEU F 2296 4.86 45.96 52.98
N GLU F 2297 4.75 45.60 51.70
CA GLU F 2297 5.53 44.48 51.17
C GLU F 2297 7.02 44.75 51.24
N LYS F 2298 7.43 46.02 51.17
CA LYS F 2298 8.83 46.36 51.33
C LYS F 2298 9.31 46.13 52.76
N VAL F 2299 8.50 46.54 53.75
CA VAL F 2299 8.91 46.44 55.15
C VAL F 2299 9.11 44.97 55.54
N VAL F 2300 8.19 44.10 55.13
CA VAL F 2300 8.32 42.69 55.49
C VAL F 2300 9.51 42.06 54.79
N SER F 2301 9.85 42.51 53.59
CA SER F 2301 11.02 41.98 52.89
C SER F 2301 12.30 42.31 53.64
N TYR F 2302 12.44 43.55 54.12
CA TYR F 2302 13.60 43.89 54.94
C TYR F 2302 13.57 43.17 56.28
N LEU F 2303 12.37 42.89 56.80
CA LEU F 2303 12.27 42.12 58.03
C LEU F 2303 12.83 40.72 57.85
N ALA F 2304 12.57 40.10 56.69
CA ALA F 2304 13.16 38.80 56.40
C ALA F 2304 14.67 38.86 56.31
N GLY F 2305 15.22 39.95 55.75
CA GLY F 2305 16.66 40.11 55.69
C GLY F 2305 17.30 40.22 57.05
N CYS F 2306 16.63 40.89 58.00
CA CYS F 2306 17.16 40.98 59.35
C CYS F 2306 17.17 39.61 60.04
N GLY F 2307 16.22 38.74 59.70
CA GLY F 2307 16.18 37.40 60.27
C GLY F 2307 17.14 36.41 59.65
N LEU F 2308 17.82 36.80 58.57
CA LEU F 2308 18.75 35.91 57.90
C LEU F 2308 20.19 36.13 58.36
N GLN F 2309 20.61 37.39 58.45
CA GLN F 2309 21.98 37.73 58.85
C GLN F 2309 21.94 38.77 59.97
N SER F 2310 23.06 38.88 60.67
CA SER F 2310 23.23 39.80 61.79
C SER F 2310 24.53 40.58 61.65
N CYS F 2311 24.76 41.13 60.46
CA CYS F 2311 25.98 41.89 60.20
C CYS F 2311 26.16 43.08 61.14
N PRO F 2312 25.16 43.93 61.40
CA PRO F 2312 25.37 45.06 62.30
C PRO F 2312 25.63 44.60 63.73
N MET F 2313 26.35 45.45 64.46
CA MET F 2313 26.71 45.20 65.86
C MET F 2313 27.52 43.92 66.00
N LEU F 2314 28.42 43.67 65.06
CA LEU F 2314 29.28 42.50 65.10
C LEU F 2314 30.58 42.77 65.85
N LEU F 2315 31.19 43.94 65.62
CA LEU F 2315 32.45 44.25 66.30
C LEU F 2315 32.23 44.50 67.79
N ALA F 2316 31.19 45.26 68.13
CA ALA F 2316 30.88 45.60 69.51
C ALA F 2316 29.62 44.85 69.94
N LYS F 2317 29.70 44.19 71.10
CA LYS F 2317 28.58 43.43 71.67
C LYS F 2317 28.10 42.34 70.71
N GLY F 2318 29.00 41.82 69.88
CA GLY F 2318 28.65 40.78 68.94
C GLY F 2318 29.29 39.45 69.25
N TYR F 2319 29.77 39.28 70.49
CA TYR F 2319 30.41 38.04 70.91
C TYR F 2319 29.45 36.86 70.79
N PRO F 2320 28.17 37.06 71.15
CA PRO F 2320 27.20 35.94 70.98
C PRO F 2320 27.08 35.48 69.54
N ASP F 2321 27.17 36.39 68.58
CA ASP F 2321 27.14 36.04 67.15
C ASP F 2321 25.87 35.27 66.80
N ILE F 2322 24.72 35.83 67.18
CA ILE F 2322 23.45 35.19 66.84
C ILE F 2322 23.17 35.35 65.34
N GLY F 2323 22.41 34.41 64.80
CA GLY F 2323 22.19 34.38 63.35
C GLY F 2323 21.39 35.55 62.84
N TRP F 2324 20.31 35.91 63.53
CA TRP F 2324 19.39 36.95 63.08
C TRP F 2324 19.65 38.25 63.80
N ASN F 2325 19.39 39.36 63.09
CA ASN F 2325 19.62 40.70 63.63
C ASN F 2325 18.33 41.22 64.25
N PRO F 2326 18.22 41.37 65.56
CA PRO F 2326 16.99 41.88 66.16
C PRO F 2326 16.89 43.40 66.11
N CYS F 2327 18.04 44.08 66.16
CA CYS F 2327 18.04 45.53 66.17
C CYS F 2327 17.46 46.10 64.87
N GLY F 2328 17.84 45.52 63.73
CA GLY F 2328 17.32 46.01 62.46
C GLY F 2328 15.82 45.79 62.33
N GLY F 2329 15.34 44.60 62.70
CA GLY F 2329 13.94 44.29 62.57
C GLY F 2329 13.04 44.99 63.58
N GLU F 2330 13.62 45.46 64.69
CA GLU F 2330 12.82 46.17 65.69
C GLU F 2330 12.25 47.47 65.12
N ARG F 2331 13.06 48.20 64.35
CA ARG F 2331 12.59 49.45 63.76
C ARG F 2331 11.46 49.20 62.76
N TYR F 2332 11.59 48.15 61.94
CA TYR F 2332 10.54 47.83 60.97
C TYR F 2332 9.25 47.44 61.67
N LEU F 2333 9.35 46.68 62.77
CA LEU F 2333 8.15 46.33 63.54
C LEU F 2333 7.49 47.55 64.15
N ASP F 2334 8.27 48.57 64.53
CA ASP F 2334 7.69 49.79 65.06
C ASP F 2334 6.86 50.53 64.03
N PHE F 2335 7.33 50.58 62.78
CA PHE F 2335 6.58 51.24 61.72
C PHE F 2335 5.26 50.54 61.43
N LEU F 2336 5.24 49.20 61.48
CA LEU F 2336 4.02 48.47 61.22
C LEU F 2336 2.98 48.69 62.31
N ARG F 2337 3.42 48.94 63.54
CA ARG F 2337 2.48 49.16 64.64
C ARG F 2337 1.63 50.40 64.40
N PHE F 2338 2.24 51.50 63.95
CA PHE F 2338 1.48 52.73 63.72
C PHE F 2338 0.59 52.63 62.49
N ALA F 2339 0.88 51.71 61.57
CA ALA F 2339 0.05 51.56 60.38
C ALA F 2339 -1.27 50.87 60.67
N VAL F 2340 -1.26 49.89 61.58
CA VAL F 2340 -2.45 49.11 61.87
C VAL F 2340 -3.20 49.67 63.08
N PHE F 2341 -2.50 50.24 64.04
CA PHE F 2341 -3.12 50.78 65.25
C PHE F 2341 -3.06 52.30 65.20
N VAL F 2342 -4.21 52.94 65.05
CA VAL F 2342 -4.32 54.39 65.03
C VAL F 2342 -5.55 54.80 65.82
N ASN F 2343 -5.40 55.83 66.67
CA ASN F 2343 -6.50 56.38 67.47
C ASN F 2343 -7.19 55.32 68.32
N GLY F 2344 -6.44 54.30 68.74
CA GLY F 2344 -7.01 53.24 69.56
C GLY F 2344 -7.93 52.30 68.85
N GLU F 2345 -7.99 52.35 67.52
CA GLU F 2345 -8.86 51.48 66.73
C GLU F 2345 -8.02 50.74 65.69
N SER F 2346 -8.33 49.46 65.52
CA SER F 2346 -7.59 48.62 64.57
C SER F 2346 -8.18 48.75 63.18
N VAL F 2347 -7.32 48.92 62.18
CA VAL F 2347 -7.73 49.00 60.79
C VAL F 2347 -7.68 47.57 60.23
N GLU F 2348 -8.83 47.03 59.86
CA GLU F 2348 -8.87 45.66 59.37
C GLU F 2348 -8.26 45.52 57.99
N GLU F 2349 -8.27 46.60 57.18
CA GLU F 2349 -7.60 46.54 55.88
C GLU F 2349 -6.10 46.38 56.06
N ASN F 2350 -5.49 47.21 56.90
CA ASN F 2350 -4.06 47.07 57.17
C ASN F 2350 -3.75 45.77 57.90
N ALA F 2351 -4.59 45.39 58.88
CA ALA F 2351 -4.33 44.18 59.66
C ALA F 2351 -4.37 42.94 58.79
N ASN F 2352 -5.36 42.85 57.90
CA ASN F 2352 -5.48 41.68 57.05
C ASN F 2352 -4.29 41.55 56.09
N VAL F 2353 -3.82 42.68 55.56
CA VAL F 2353 -2.66 42.63 54.68
C VAL F 2353 -1.40 42.24 55.45
N VAL F 2354 -1.24 42.75 56.68
CA VAL F 2354 -0.05 42.44 57.46
C VAL F 2354 0.00 40.96 57.82
N VAL F 2355 -1.11 40.41 58.31
CA VAL F 2355 -1.12 39.00 58.71
C VAL F 2355 -0.94 38.09 57.50
N ARG F 2356 -1.41 38.51 56.33
CA ARG F 2356 -1.24 37.71 55.13
C ARG F 2356 0.24 37.57 54.75
N LEU F 2357 1.00 38.67 54.85
CA LEU F 2357 2.40 38.62 54.48
C LEU F 2357 3.28 38.08 55.60
N LEU F 2358 2.92 38.35 56.86
CA LEU F 2358 3.73 37.89 57.98
C LEU F 2358 3.77 36.37 58.06
N ILE F 2359 2.62 35.72 57.86
CA ILE F 2359 2.56 34.25 57.93
C ILE F 2359 2.98 33.58 56.63
N ARG F 2360 3.03 34.33 55.53
CA ARG F 2360 3.42 33.72 54.25
C ARG F 2360 4.89 33.34 54.24
N LYS F 2361 5.76 34.22 54.77
CA LYS F 2361 7.19 33.98 54.78
C LYS F 2361 7.65 33.72 56.21
N PRO F 2362 8.12 32.50 56.53
CA PRO F 2362 8.61 32.24 57.90
C PRO F 2362 9.90 32.97 58.23
N GLU F 2363 10.61 33.51 57.24
CA GLU F 2363 11.86 34.21 57.52
C GLU F 2363 11.64 35.46 58.36
N CYS F 2364 10.57 36.21 58.08
CA CYS F 2364 10.30 37.41 58.86
C CYS F 2364 9.96 37.07 60.31
N PHE F 2365 9.29 35.95 60.55
CA PHE F 2365 9.01 35.51 61.91
C PHE F 2365 10.30 35.04 62.58
N GLY F 2366 10.19 34.75 63.88
CA GLY F 2366 11.31 34.23 64.63
C GLY F 2366 11.78 32.90 64.09
N PRO F 2367 13.10 32.77 63.90
CA PRO F 2367 13.64 31.51 63.35
C PRO F 2367 13.46 30.31 64.26
N ALA F 2368 13.19 30.52 65.54
CA ALA F 2368 13.01 29.39 66.47
C ALA F 2368 11.78 28.57 66.15
N LEU F 2369 10.77 29.15 65.51
CA LEU F 2369 9.56 28.42 65.15
C LEU F 2369 9.56 28.04 63.68
N LEU F 2377 7.92 29.55 71.40
CA LEU F 2377 8.12 30.97 71.63
C LEU F 2377 8.54 31.24 73.07
N LEU F 2378 7.99 30.44 73.99
CA LEU F 2378 8.35 30.59 75.41
C LEU F 2378 9.80 30.23 75.66
N ALA F 2379 10.33 29.21 74.98
CA ALA F 2379 11.71 28.80 75.20
C ALA F 2379 12.68 29.91 74.80
N THR F 2380 12.43 30.58 73.68
CA THR F 2380 13.31 31.66 73.25
C THR F 2380 13.26 32.84 74.22
N ILE F 2381 12.07 33.18 74.70
CA ILE F 2381 11.94 34.30 75.65
C ILE F 2381 12.63 33.97 76.97
N GLU F 2382 12.52 32.72 77.42
CA GLU F 2382 13.18 32.34 78.67
C GLU F 2382 14.70 32.37 78.53
N GLU F 2383 15.22 32.09 77.34
CA GLU F 2383 16.67 32.11 77.11
C GLU F 2383 17.18 33.55 77.06
N GLY F 2420 21.19 40.17 73.51
CA GLY F 2420 20.38 39.67 74.61
C GLY F 2420 19.10 40.44 74.82
N HIS F 2421 19.24 41.72 75.19
CA HIS F 2421 18.06 42.56 75.40
C HIS F 2421 17.27 42.75 74.11
N ALA F 2422 17.96 42.94 72.98
CA ALA F 2422 17.27 43.12 71.71
C ALA F 2422 16.57 41.85 71.25
N ILE F 2423 17.00 40.69 71.73
CA ILE F 2423 16.34 39.44 71.36
C ILE F 2423 14.91 39.41 71.88
N MET F 2424 14.74 39.72 73.17
CA MET F 2424 13.40 39.73 73.76
C MET F 2424 12.60 40.94 73.32
N SER F 2425 13.27 42.03 72.94
CA SER F 2425 12.57 43.21 72.45
C SER F 2425 11.94 42.96 71.09
N PHE F 2426 12.63 42.20 70.21
CA PHE F 2426 12.09 41.91 68.89
C PHE F 2426 10.82 41.07 69.00
N TYR F 2427 10.84 40.05 69.86
CA TYR F 2427 9.65 39.21 70.03
C TYR F 2427 8.51 39.98 70.71
N ALA F 2428 8.85 40.87 71.65
CA ALA F 2428 7.81 41.68 72.30
C ALA F 2428 7.11 42.57 71.28
N ALA F 2429 7.87 43.20 70.38
CA ALA F 2429 7.25 44.03 69.36
C ALA F 2429 6.47 43.18 68.35
N LEU F 2430 6.90 41.95 68.12
CA LEU F 2430 6.20 41.08 67.18
C LEU F 2430 4.83 40.69 67.71
N ILE F 2431 4.76 40.28 68.98
CA ILE F 2431 3.48 39.91 69.58
C ILE F 2431 2.59 41.15 69.75
N ASP F 2432 3.19 42.30 70.10
CA ASP F 2432 2.42 43.53 70.19
C ASP F 2432 1.83 43.91 68.84
N LEU F 2433 2.60 43.75 67.76
CA LEU F 2433 2.07 43.99 66.41
C LEU F 2433 0.94 43.03 66.09
N LEU F 2434 1.11 41.75 66.44
CA LEU F 2434 0.07 40.77 66.17
C LEU F 2434 -1.20 41.07 66.96
N GLY F 2435 -1.05 41.58 68.18
CA GLY F 2435 -2.21 41.95 68.98
C GLY F 2435 -3.07 43.02 68.34
N ARG F 2436 -2.45 44.01 67.70
CA ARG F 2436 -3.20 45.06 67.02
C ARG F 2436 -4.00 44.54 65.83
N CYS F 2437 -3.60 43.41 65.26
CA CYS F 2437 -4.32 42.86 64.11
C CYS F 2437 -5.68 42.28 64.50
N ALA F 2438 -5.89 41.99 65.78
CA ALA F 2438 -7.17 41.45 66.21
C ALA F 2438 -8.27 42.51 66.04
N PRO F 2439 -9.48 42.08 65.67
CA PRO F 2439 -10.58 43.04 65.50
C PRO F 2439 -10.90 43.74 66.81
N GLU F 2440 -11.18 45.05 66.72
CA GLU F 2440 -11.44 45.84 67.93
C GLU F 2440 -12.85 45.62 68.43
N MET F 2441 -13.84 45.71 67.55
CA MET F 2441 -15.23 45.59 67.96
C MET F 2441 -15.57 44.14 68.29
N HIS F 2442 -16.24 43.94 69.42
CA HIS F 2442 -16.72 42.60 69.77
C HIS F 2442 -17.75 42.11 68.75
N LEU F 2443 -18.56 43.03 68.21
CA LEU F 2443 -19.47 42.65 67.13
C LEU F 2443 -18.69 42.24 65.88
N ILE F 2444 -17.60 42.93 65.57
CA ILE F 2444 -16.77 42.56 64.43
C ILE F 2444 -16.09 41.22 64.67
N GLN F 2445 -15.64 40.95 65.90
CA GLN F 2445 -14.97 39.69 66.20
C GLN F 2445 -15.90 38.50 66.07
N ALA F 2446 -17.14 38.62 66.56
CA ALA F 2446 -18.07 37.50 66.58
C ALA F 2446 -19.32 37.75 65.74
N GLY F 2447 -20.04 38.85 65.97
CA GLY F 2447 -21.31 39.06 65.30
C GLY F 2447 -21.16 39.31 63.81
N LYS F 2448 -20.22 40.18 63.43
CA LYS F 2448 -20.08 40.55 62.02
C LYS F 2448 -19.54 39.39 61.19
N GLY F 2449 -18.59 38.65 61.73
CA GLY F 2449 -17.98 37.55 61.00
C GLY F 2449 -16.87 38.02 60.09
N GLU F 2450 -16.41 37.08 59.26
CA GLU F 2450 -15.32 37.31 58.30
C GLU F 2450 -14.02 37.66 59.01
N ALA F 2451 -13.99 37.51 60.33
CA ALA F 2451 -12.79 37.74 61.13
C ALA F 2451 -12.43 36.57 62.02
N LEU F 2452 -13.24 35.51 62.03
CA LEU F 2452 -12.93 34.36 62.87
C LEU F 2452 -11.66 33.65 62.43
N ARG F 2453 -11.42 33.57 61.12
CA ARG F 2453 -10.22 32.92 60.62
C ARG F 2453 -8.95 33.64 61.07
N ILE F 2454 -8.96 34.98 60.99
CA ILE F 2454 -7.80 35.74 61.42
C ILE F 2454 -7.54 35.55 62.91
N ARG F 2455 -8.62 35.52 63.71
CA ARG F 2455 -8.47 35.20 65.13
C ARG F 2455 -7.91 33.79 65.32
N ALA F 2456 -8.36 32.83 64.51
CA ALA F 2456 -7.83 31.48 64.58
C ALA F 2456 -6.36 31.43 64.16
N ILE F 2457 -6.00 32.16 63.11
CA ILE F 2457 -4.60 32.19 62.68
C ILE F 2457 -3.73 32.81 63.76
N LEU F 2458 -4.19 33.92 64.34
CA LEU F 2458 -3.45 34.53 65.44
C LEU F 2458 -3.36 33.59 66.64
N ARG F 2459 -4.44 32.84 66.90
CA ARG F 2459 -4.41 31.89 68.00
C ARG F 2459 -3.41 30.75 67.75
N SER F 2460 -3.31 30.26 66.52
CA SER F 2460 -2.38 29.19 66.21
C SER F 2460 -0.93 29.64 66.34
N LEU F 2461 -0.62 30.86 65.91
CA LEU F 2461 0.75 31.34 65.99
C LEU F 2461 1.23 31.47 67.43
N VAL F 2462 0.37 31.96 68.31
CA VAL F 2462 0.73 32.20 69.71
C VAL F 2462 -0.20 31.40 70.62
N PRO F 2463 0.29 30.35 71.27
CA PRO F 2463 -0.58 29.51 72.09
C PRO F 2463 -0.85 30.10 73.47
N LEU F 2464 -1.81 29.49 74.17
CA LEU F 2464 -2.11 29.88 75.54
C LEU F 2464 -0.95 29.58 76.49
N ASP F 2465 -0.31 28.43 76.33
CA ASP F 2465 0.74 28.02 77.26
C ASP F 2465 1.91 29.00 77.24
N ASP F 2466 2.26 29.51 76.07
CA ASP F 2466 3.37 30.45 75.97
C ASP F 2466 3.05 31.81 76.60
N LEU F 2467 1.81 32.27 76.49
CA LEU F 2467 1.47 33.60 77.00
C LEU F 2467 1.55 33.65 78.52
N VAL F 2468 0.92 32.69 79.20
CA VAL F 2468 0.89 32.72 80.66
C VAL F 2468 2.27 32.49 81.27
N GLY F 2469 3.10 31.65 80.66
CA GLY F 2469 4.41 31.38 81.21
C GLY F 2469 5.35 32.57 81.17
N ILE F 2470 5.32 33.35 80.09
CA ILE F 2470 6.21 34.51 79.98
C ILE F 2470 5.82 35.59 80.99
N ILE F 2471 4.52 35.77 81.22
CA ILE F 2471 4.08 36.71 82.25
C ILE F 2471 4.58 36.27 83.62
N SER F 2472 4.56 34.97 83.89
CA SER F 2472 5.03 34.44 85.17
C SER F 2472 6.55 34.51 85.22
N LEU F 2473 7.08 35.30 86.14
CA LEU F 2473 8.52 35.48 86.27
C LEU F 2473 8.93 35.62 87.73
N PRO F 2489 20.13 48.57 91.91
CA PRO F 2489 19.16 48.85 90.85
C PRO F 2489 19.34 47.93 89.65
N LYS F 2490 18.23 47.39 89.13
CA LYS F 2490 18.29 46.51 87.98
C LYS F 2490 18.65 47.29 86.73
N MET F 2491 19.58 46.76 85.94
CA MET F 2491 20.00 47.41 84.72
C MET F 2491 18.88 47.37 83.67
N SER F 2492 18.76 48.45 82.91
CA SER F 2492 17.74 48.48 81.86
C SER F 2492 18.02 47.47 80.76
N ALA F 2493 19.30 47.09 80.58
CA ALA F 2493 19.66 46.10 79.59
C ALA F 2493 19.35 44.67 80.02
N SER F 2494 19.03 44.46 81.29
CA SER F 2494 18.71 43.11 81.76
C SER F 2494 17.27 42.73 81.44
N PHE F 2495 16.31 43.52 81.95
CA PHE F 2495 14.90 43.26 81.71
C PHE F 2495 14.13 44.56 81.76
N VAL F 2496 13.09 44.64 80.93
CA VAL F 2496 12.19 45.79 80.90
C VAL F 2496 10.77 45.28 81.07
N PRO F 2497 10.01 45.76 82.06
CA PRO F 2497 8.64 45.25 82.26
C PRO F 2497 7.67 45.66 81.16
N ASP F 2498 8.03 46.61 80.29
CA ASP F 2498 7.12 47.05 79.24
C ASP F 2498 6.87 45.94 78.22
N HIS F 2499 7.83 45.04 78.04
CA HIS F 2499 7.67 43.97 77.06
C HIS F 2499 6.52 43.04 77.42
N LYS F 2500 6.19 42.92 78.71
CA LYS F 2500 5.08 42.07 79.10
C LYS F 2500 3.73 42.71 78.79
N ALA F 2501 3.69 44.00 78.50
CA ALA F 2501 2.44 44.64 78.08
C ALA F 2501 1.98 44.11 76.75
N SER F 2502 2.91 43.68 75.89
CA SER F 2502 2.52 43.07 74.62
C SER F 2502 1.79 41.75 74.82
N MET F 2503 2.00 41.10 75.97
CA MET F 2503 1.39 39.79 76.19
C MET F 2503 -0.03 39.93 76.74
N VAL F 2504 -0.22 40.86 77.69
CA VAL F 2504 -1.56 41.13 78.18
C VAL F 2504 -2.43 41.77 77.10
N LEU F 2505 -1.82 42.56 76.20
CA LEU F 2505 -2.57 43.09 75.07
C LEU F 2505 -3.06 41.98 74.15
N PHE F 2506 -2.20 41.00 73.87
CA PHE F 2506 -2.59 39.88 73.02
C PHE F 2506 -3.57 38.94 73.70
N LEU F 2507 -3.55 38.88 75.03
CA LEU F 2507 -4.43 37.95 75.75
C LEU F 2507 -5.89 38.40 75.65
N ASP F 2508 -6.17 39.68 75.92
CA ASP F 2508 -7.53 40.17 75.91
C ASP F 2508 -8.04 40.49 74.50
N ARG F 2509 -7.13 40.61 73.53
CA ARG F 2509 -7.52 41.01 72.19
C ARG F 2509 -7.83 39.80 71.31
N VAL F 2510 -7.13 38.69 71.53
CA VAL F 2510 -7.32 37.49 70.73
C VAL F 2510 -8.08 36.46 71.56
N TYR F 2511 -7.56 36.15 72.74
CA TYR F 2511 -8.12 35.12 73.59
C TYR F 2511 -9.10 35.66 74.62
N GLY F 2512 -9.30 36.97 74.69
CA GLY F 2512 -10.19 37.56 75.67
C GLY F 2512 -9.63 37.53 77.08
N PHE F 2518 -8.46 28.51 85.52
CA PHE F 2518 -9.49 29.43 85.05
C PHE F 2518 -8.97 30.86 84.96
N LEU F 2519 -9.89 31.82 84.93
CA LEU F 2519 -9.48 33.22 84.87
C LEU F 2519 -8.73 33.64 86.12
N LEU F 2520 -9.18 33.17 87.30
CA LEU F 2520 -8.52 33.53 88.54
C LEU F 2520 -7.11 32.95 88.64
N HIS F 2521 -6.81 31.89 87.87
CA HIS F 2521 -5.47 31.32 87.88
C HIS F 2521 -4.42 32.28 87.32
N VAL F 2522 -4.83 33.23 86.48
CA VAL F 2522 -3.89 34.19 85.93
C VAL F 2522 -3.73 35.41 86.83
N LEU F 2523 -4.77 35.76 87.60
CA LEU F 2523 -4.71 36.94 88.46
C LEU F 2523 -3.65 36.78 89.55
N ASP F 2524 -3.55 35.59 90.15
CA ASP F 2524 -2.54 35.37 91.18
C ASP F 2524 -1.13 35.52 90.62
N VAL F 2525 -0.93 35.15 89.35
CA VAL F 2525 0.35 35.40 88.70
C VAL F 2525 0.61 36.89 88.58
N GLY F 2526 -0.42 37.65 88.19
CA GLY F 2526 -0.28 39.09 88.09
C GLY F 2526 -0.31 39.82 89.41
N PHE F 2527 -0.74 39.15 90.48
CA PHE F 2527 -0.73 39.77 91.81
C PHE F 2527 0.67 39.84 92.41
N LEU F 2528 1.59 38.96 92.00
CA LEU F 2528 2.95 39.02 92.52
C LEU F 2528 3.64 40.34 92.18
N PRO F 2529 3.60 40.83 90.94
CA PRO F 2529 4.16 42.17 90.69
C PRO F 2529 3.46 43.27 91.48
N ASP F 2530 2.15 43.13 91.73
CA ASP F 2530 1.45 44.11 92.54
C ASP F 2530 2.00 44.14 93.96
N MET F 2531 2.25 42.98 94.55
CA MET F 2531 2.84 42.93 95.88
C MET F 2531 4.29 43.43 95.87
N ARG F 2532 5.03 43.13 94.80
CA ARG F 2532 6.41 43.58 94.71
C ARG F 2532 6.51 45.10 94.56
N ALA F 2533 5.52 45.72 93.92
CA ALA F 2533 5.54 47.17 93.76
C ALA F 2533 5.34 47.89 95.08
N ALA F 2534 4.66 47.26 96.03
CA ALA F 2534 4.44 47.86 97.35
C ALA F 2534 5.72 47.85 98.18
N ALA F 2548 10.37 50.23 89.14
CA ALA F 2548 10.33 51.61 89.63
C ALA F 2548 9.18 52.38 88.99
N LEU F 2549 9.52 53.50 88.34
CA LEU F 2549 8.50 54.31 87.67
C LEU F 2549 7.87 53.56 86.50
N ALA F 2550 8.66 52.79 85.75
CA ALA F 2550 8.12 52.03 84.64
C ALA F 2550 7.13 50.98 85.12
N LEU F 2551 7.43 50.30 86.23
CA LEU F 2551 6.51 49.31 86.78
C LEU F 2551 5.20 49.94 87.23
N ASN F 2552 5.26 51.13 87.84
CA ASN F 2552 4.04 51.81 88.27
C ASN F 2552 3.16 52.17 87.07
N ARG F 2553 3.76 52.67 85.99
CA ARG F 2553 2.99 52.95 84.80
C ARG F 2553 2.55 51.67 84.10
N TYR F 2554 3.27 50.57 84.30
CA TYR F 2554 2.87 49.29 83.72
C TYR F 2554 1.56 48.79 84.33
N LEU F 2555 1.47 48.77 85.66
CA LEU F 2555 0.28 48.23 86.31
C LEU F 2555 -0.95 49.07 86.01
N CYS F 2556 -0.80 50.39 85.93
CA CYS F 2556 -1.93 51.27 85.66
C CYS F 2556 -2.49 51.07 84.25
N LEU F 2557 -1.63 50.84 83.27
CA LEU F 2557 -2.07 50.71 81.89
C LEU F 2557 -2.49 49.28 81.52
N ALA F 2558 -1.97 48.27 82.21
CA ALA F 2558 -2.27 46.89 81.87
C ALA F 2558 -3.05 46.16 82.96
N VAL F 2559 -2.54 46.14 84.19
CA VAL F 2559 -3.20 45.38 85.25
C VAL F 2559 -4.51 46.05 85.65
N LEU F 2560 -4.51 47.36 85.80
CA LEU F 2560 -5.69 48.11 86.21
C LEU F 2560 -6.81 47.97 85.20
N PRO F 2561 -6.52 48.11 83.90
CA PRO F 2561 -7.59 48.02 82.89
C PRO F 2561 -8.14 46.62 82.73
N LEU F 2562 -7.27 45.61 82.85
CA LEU F 2562 -7.71 44.22 82.69
C LEU F 2562 -8.66 43.81 83.80
N ILE F 2563 -8.38 44.22 85.04
CA ILE F 2563 -9.23 43.84 86.16
C ILE F 2563 -10.60 44.52 86.06
N THR F 2564 -10.63 45.77 85.60
CA THR F 2564 -11.90 46.49 85.50
C THR F 2564 -12.87 45.81 84.54
N LYS F 2565 -12.36 45.33 83.40
CA LYS F 2565 -13.22 44.69 82.42
C LYS F 2565 -13.71 43.32 82.87
N CYS F 2566 -12.92 42.62 83.70
CA CYS F 2566 -13.26 41.29 84.16
C CYS F 2566 -13.85 41.29 85.57
N ALA F 2567 -14.42 42.42 85.99
CA ALA F 2567 -15.03 42.54 87.31
C ALA F 2567 -16.21 41.61 87.52
N PRO F 2568 -17.17 41.52 86.58
CA PRO F 2568 -18.33 40.64 86.82
C PRO F 2568 -17.99 39.15 86.90
N LEU F 2569 -16.81 38.74 86.47
CA LEU F 2569 -16.45 37.32 86.50
C LEU F 2569 -16.37 36.78 87.92
N PHE F 2570 -16.09 37.64 88.91
CA PHE F 2570 -15.98 37.17 90.29
C PHE F 2570 -17.33 36.72 90.82
N ALA F 2571 -17.35 35.58 91.50
CA ALA F 2571 -18.57 35.03 92.06
C ALA F 2571 -18.26 34.09 93.21
N MET F 2579 -7.21 34.41 98.43
CA MET F 2579 -6.63 35.08 97.28
C MET F 2579 -7.32 36.40 97.00
N VAL F 2580 -8.65 36.42 97.18
CA VAL F 2580 -9.43 37.63 96.95
C VAL F 2580 -9.05 38.71 97.94
N ASP F 2581 -8.90 38.35 99.22
CA ASP F 2581 -8.61 39.35 100.25
C ASP F 2581 -7.28 40.04 100.01
N SER F 2582 -6.31 39.34 99.42
CA SER F 2582 -5.03 39.96 99.13
C SER F 2582 -5.14 40.97 97.98
N MET F 2583 -6.08 40.74 97.06
CA MET F 2583 -6.24 41.64 95.93
C MET F 2583 -6.68 43.03 96.37
N LEU F 2584 -7.64 43.11 97.30
CA LEU F 2584 -8.09 44.40 97.78
C LEU F 2584 -7.01 45.10 98.60
N HIS F 2585 -6.22 44.35 99.36
CA HIS F 2585 -5.16 44.96 100.15
C HIS F 2585 -4.05 45.53 99.27
N THR F 2586 -3.68 44.83 98.20
CA THR F 2586 -2.60 45.30 97.34
C THR F 2586 -2.97 46.57 96.59
N VAL F 2587 -4.19 46.63 96.06
CA VAL F 2587 -4.64 47.83 95.35
C VAL F 2587 -4.69 49.02 96.29
N TYR F 2588 -5.22 48.81 97.50
CA TYR F 2588 -5.23 49.87 98.50
C TYR F 2588 -3.81 50.28 98.89
N ARG F 2589 -2.91 49.30 99.04
CA ARG F 2589 -1.54 49.61 99.41
C ARG F 2589 -0.85 50.45 98.35
N LEU F 2590 -1.07 50.13 97.07
CA LEU F 2590 -0.45 50.90 95.99
C LEU F 2590 -1.09 52.26 95.82
N SER F 2591 -2.33 52.45 96.28
CA SER F 2591 -2.99 53.74 96.15
C SER F 2591 -2.27 54.82 96.95
N ARG F 2592 -1.83 54.49 98.16
CA ARG F 2592 -1.12 55.43 99.02
C ARG F 2592 0.39 55.38 98.71
N GLY F 2593 0.73 55.80 97.50
CA GLY F 2593 2.11 55.80 97.07
C GLY F 2593 2.61 57.18 96.67
N ARG F 2594 3.72 57.61 97.28
CA ARG F 2594 4.29 58.92 96.99
C ARG F 2594 5.01 58.96 95.64
N SER F 2595 5.30 57.81 95.04
CA SER F 2595 6.00 57.78 93.76
C SER F 2595 5.03 57.72 92.58
N LEU F 2596 3.94 56.99 92.69
CA LEU F 2596 2.97 56.84 91.60
C LEU F 2596 1.88 57.90 91.75
N THR F 2597 2.27 59.15 91.51
CA THR F 2597 1.36 60.28 91.58
C THR F 2597 1.16 60.98 90.24
N LYS F 2598 1.75 60.46 89.16
CA LYS F 2598 1.63 61.09 87.84
C LYS F 2598 0.27 60.71 87.23
N ALA F 2599 -0.77 61.34 87.78
CA ALA F 2599 -2.16 61.12 87.36
C ALA F 2599 -2.55 59.65 87.45
N GLN F 2600 -1.99 58.93 88.42
CA GLN F 2600 -2.29 57.52 88.60
C GLN F 2600 -3.54 57.28 89.43
N ARG F 2601 -3.99 58.28 90.20
CA ARG F 2601 -5.18 58.10 91.02
C ARG F 2601 -6.46 58.04 90.19
N ASP F 2602 -6.44 58.55 88.96
CA ASP F 2602 -7.63 58.54 88.13
C ASP F 2602 -7.94 57.16 87.56
N VAL F 2603 -6.94 56.28 87.47
CA VAL F 2603 -7.15 54.95 86.89
C VAL F 2603 -7.28 53.91 88.01
N ILE F 2604 -6.61 54.15 89.13
CA ILE F 2604 -6.72 53.24 90.27
C ILE F 2604 -8.10 53.36 90.92
N GLU F 2605 -8.57 54.59 91.13
CA GLU F 2605 -9.89 54.78 91.75
C GLU F 2605 -11.01 54.32 90.84
N GLU F 2606 -10.85 54.47 89.52
CA GLU F 2606 -11.86 53.99 88.58
C GLU F 2606 -12.02 52.48 88.67
N CYS F 2607 -10.91 51.75 88.76
CA CYS F 2607 -10.98 50.30 88.91
C CYS F 2607 -11.41 49.88 90.30
N LEU F 2608 -11.02 50.64 91.33
CA LEU F 2608 -11.38 50.29 92.70
C LEU F 2608 -12.90 50.33 92.90
N MET F 2609 -13.56 51.36 92.36
CA MET F 2609 -15.00 51.45 92.49
C MET F 2609 -15.70 50.31 91.75
N ALA F 2610 -15.19 49.94 90.57
CA ALA F 2610 -15.78 48.84 89.83
C ALA F 2610 -15.51 47.50 90.50
N LEU F 2611 -14.38 47.38 91.21
CA LEU F 2611 -14.03 46.15 91.88
C LEU F 2611 -14.69 45.99 93.25
N CYS F 2612 -15.04 47.11 93.89
CA CYS F 2612 -15.67 47.03 95.21
C CYS F 2612 -17.06 46.42 95.13
N ARG F 2613 -17.77 46.64 94.03
CA ARG F 2613 -19.10 46.08 93.87
C ARG F 2613 -19.03 44.59 93.58
N TYR F 2614 -20.03 43.87 94.10
CA TYR F 2614 -20.17 42.42 93.96
C TYR F 2614 -18.84 41.69 94.11
N ILE F 2615 -18.11 42.04 95.17
CA ILE F 2615 -16.83 41.39 95.43
C ILE F 2615 -17.01 39.92 95.78
N ARG F 2616 -18.09 39.58 96.49
CA ARG F 2616 -18.39 38.21 96.89
C ARG F 2616 -19.80 38.15 97.46
N PRO F 2617 -20.37 36.95 97.65
CA PRO F 2617 -21.67 36.85 98.33
C PRO F 2617 -21.65 37.45 99.72
N SER F 2618 -20.54 37.28 100.45
CA SER F 2618 -20.32 37.91 101.74
C SER F 2618 -19.14 38.85 101.62
N MET F 2619 -19.33 40.12 101.98
CA MET F 2619 -18.28 41.10 101.85
C MET F 2619 -17.12 40.78 102.79
N LEU F 2620 -15.90 40.94 102.28
CA LEU F 2620 -14.69 40.70 103.07
C LEU F 2620 -14.34 41.97 103.81
N GLN F 2621 -14.30 41.89 105.15
CA GLN F 2621 -14.06 43.05 106.00
C GLN F 2621 -12.59 43.25 106.32
N HIS F 2622 -11.70 42.47 105.71
CA HIS F 2622 -10.27 42.63 105.96
C HIS F 2622 -9.78 44.00 105.47
N LEU F 2623 -10.24 44.43 104.30
CA LEU F 2623 -9.82 45.73 103.77
C LEU F 2623 -10.41 46.88 104.58
N LEU F 2624 -11.69 46.82 104.89
CA LEU F 2624 -12.31 47.91 105.64
C LEU F 2624 -11.80 47.99 107.07
N ARG F 2625 -11.23 46.90 107.60
CA ARG F 2625 -10.64 46.94 108.93
C ARG F 2625 -9.48 47.94 108.98
N ARG F 2626 -8.66 47.96 107.92
CA ARG F 2626 -7.60 48.96 107.80
C ARG F 2626 -8.11 50.30 107.28
N LEU F 2627 -9.30 50.33 106.70
CA LEU F 2627 -9.86 51.58 106.18
C LEU F 2627 -10.29 52.51 107.32
N VAL F 2628 -10.96 51.98 108.34
CA VAL F 2628 -11.41 52.81 109.44
C VAL F 2628 -10.22 53.36 110.22
N PHE F 2629 -9.18 52.54 110.40
CA PHE F 2629 -7.98 52.97 111.09
C PHE F 2629 -7.27 54.10 110.34
N ASP F 2630 -7.25 54.03 109.01
CA ASP F 2630 -6.62 55.06 108.22
C ASP F 2630 -7.43 56.37 108.18
N VAL F 2631 -8.74 56.29 108.37
CA VAL F 2631 -9.59 57.47 108.35
C VAL F 2631 -9.30 58.32 109.58
N PRO F 2632 -8.96 59.60 109.42
CA PRO F 2632 -8.67 60.49 110.55
C PRO F 2632 -9.91 60.90 111.33
N UNK F 2633 -10.30 60.52 100.67
CA UNK F 2633 -11.50 61.05 100.02
C UNK F 2633 -12.13 60.00 99.12
N UNK F 2634 -11.29 59.26 98.39
CA UNK F 2634 -11.77 58.22 97.49
C UNK F 2634 -12.26 57.01 98.27
N UNK F 2635 -11.74 56.84 99.49
CA UNK F 2635 -12.13 55.73 100.34
C UNK F 2635 -13.53 55.94 100.90
N UNK F 2636 -13.89 57.20 101.10
CA UNK F 2636 -15.20 57.55 101.64
C UNK F 2636 -16.30 57.29 100.60
N UNK F 2637 -15.95 57.44 99.33
CA UNK F 2637 -16.89 57.22 98.24
C UNK F 2637 -17.17 55.73 98.08
N UNK F 2638 -16.17 54.91 98.33
CA UNK F 2638 -16.31 53.46 98.23
C UNK F 2638 -17.15 52.93 99.38
N UNK F 2639 -17.04 53.57 100.53
CA UNK F 2639 -17.80 53.17 101.71
C UNK F 2639 -19.26 53.57 101.57
N UNK F 2640 -19.50 54.63 100.80
CA UNK F 2640 -20.86 55.11 100.57
C UNK F 2640 -21.62 54.16 99.65
N UNK F 2641 -20.91 53.55 98.72
CA UNK F 2641 -21.51 52.60 97.78
C UNK F 2641 -21.68 51.24 98.43
N UNK F 2642 -20.75 50.90 99.32
CA UNK F 2642 -20.80 49.62 100.01
C UNK F 2642 -21.95 49.59 101.02
N UNK F 2643 -22.17 50.72 101.69
CA UNK F 2643 -23.24 50.84 102.67
C UNK F 2643 -24.60 50.88 101.98
N UNK F 2644 -24.61 51.38 100.75
CA UNK F 2644 -25.85 51.46 99.98
C UNK F 2644 -26.24 50.09 99.45
N UNK F 2645 -25.26 49.22 99.28
CA UNK F 2645 -25.51 47.87 98.78
C UNK F 2645 -26.03 46.96 99.89
N UNK F 2646 -19.36 41.38 115.87
CA UNK F 2646 -18.08 42.02 115.65
C UNK F 2646 -18.13 42.96 114.45
N UNK F 2647 -18.88 42.55 113.43
CA UNK F 2647 -19.02 43.36 112.21
C UNK F 2647 -19.86 44.60 112.48
N UNK F 2648 -20.83 44.46 113.39
CA UNK F 2648 -21.71 45.57 113.74
C UNK F 2648 -20.95 46.61 114.57
N UNK F 2649 -19.99 46.14 115.35
CA UNK F 2649 -19.19 47.01 116.20
C UNK F 2649 -18.18 47.78 115.35
N UNK F 2650 -17.76 47.18 114.24
CA UNK F 2650 -16.81 47.81 113.33
C UNK F 2650 -17.46 48.95 112.57
N UNK F 2651 -18.76 48.81 112.31
CA UNK F 2651 -19.52 49.83 111.60
C UNK F 2651 -19.80 51.02 112.50
N UNK F 2652 -19.89 50.76 113.81
CA UNK F 2652 -20.13 51.80 114.79
C UNK F 2652 -18.90 52.68 114.97
N UNK F 2653 -17.73 52.08 114.81
CA UNK F 2653 -16.46 52.80 114.94
C UNK F 2653 -16.26 53.74 113.76
N UNK F 2654 -16.72 53.32 112.59
CA UNK F 2654 -16.60 54.12 111.38
C UNK F 2654 -17.58 55.30 111.43
N UNK F 2655 -18.74 55.08 112.06
CA UNK F 2655 -19.74 56.12 112.19
C UNK F 2655 -19.29 57.17 113.20
N UNK F 2656 -18.55 56.74 114.21
CA UNK F 2656 -18.04 57.64 115.23
C UNK F 2656 -16.87 58.46 114.69
N UNK F 2657 -16.13 57.87 113.76
CA UNK F 2657 -15.00 58.55 113.14
C UNK F 2657 -15.48 59.64 112.18
N UNK F 2658 -16.62 59.38 111.54
CA UNK F 2658 -17.20 60.34 110.61
C UNK F 2658 -17.81 61.52 111.36
N UNK F 2659 -18.32 61.25 112.55
CA UNK F 2659 -18.91 62.30 113.39
C UNK F 2659 -17.82 63.16 114.02
N UNK F 2660 -16.65 62.57 114.22
CA UNK F 2660 -15.52 63.29 114.80
C UNK F 2660 -14.90 64.23 113.78
N UNK F 2661 -14.99 63.85 112.50
CA UNK F 2661 -14.44 64.68 111.43
C UNK F 2661 -15.33 65.89 111.16
N UNK F 2662 -16.64 65.70 111.34
CA UNK F 2662 -17.61 66.77 111.13
C UNK F 2662 -17.56 67.76 112.29
N UNK F 2663 -17.16 67.27 113.46
CA UNK F 2663 -17.06 68.11 114.65
C UNK F 2663 -15.74 68.89 114.66
N UNK F 2664 -14.72 68.30 114.04
CA UNK F 2664 -13.41 68.93 113.98
C UNK F 2664 -13.40 70.06 112.94
N UNK F 2665 -14.08 69.82 111.82
CA UNK F 2665 -14.16 70.81 110.75
C UNK F 2665 -15.56 71.41 110.66
N UNK F 2666 -15.72 68.53 99.91
CA UNK F 2666 -15.22 67.89 101.11
C UNK F 2666 -16.37 67.52 102.05
N UNK F 2667 -17.08 68.53 102.53
CA UNK F 2667 -18.20 68.30 103.43
C UNK F 2667 -19.41 67.75 102.69
N UNK F 2668 -19.48 68.06 101.39
CA UNK F 2668 -20.59 67.59 100.56
C UNK F 2668 -20.45 66.09 100.28
N UNK F 2669 -19.21 65.61 100.24
CA UNK F 2669 -18.95 64.19 99.99
C UNK F 2669 -19.07 63.38 101.27
N UNK F 2670 -18.81 64.02 102.40
CA UNK F 2670 -18.88 63.36 103.70
C UNK F 2670 -20.32 63.30 104.20
N UNK F 2671 -21.15 64.22 103.71
CA UNK F 2671 -22.56 64.27 104.12
C UNK F 2671 -23.33 63.10 103.52
N UNK F 2672 -22.96 62.70 102.31
CA UNK F 2672 -23.61 61.60 101.62
C UNK F 2672 -23.16 60.26 102.21
N UNK F 2673 -21.94 60.24 102.73
CA UNK F 2673 -21.39 59.02 103.32
C UNK F 2673 -21.99 58.76 104.69
N UNK F 2674 -22.29 59.84 105.42
CA UNK F 2674 -22.87 59.72 106.76
C UNK F 2674 -24.33 59.28 106.67
N UNK F 2675 -25.04 59.77 105.65
CA UNK F 2675 -26.44 59.43 105.46
C UNK F 2675 -26.58 58.00 104.98
N UNK F 2676 -25.61 57.54 104.18
CA UNK F 2676 -25.63 56.19 103.65
C UNK F 2676 -25.27 55.17 104.74
N UNK F 2677 -24.45 55.60 105.69
CA UNK F 2677 -24.04 54.74 106.79
C UNK F 2677 -25.18 54.54 107.78
N UNK F 2678 -26.08 55.51 107.84
CA UNK F 2678 -27.23 55.44 108.75
C UNK F 2678 -28.36 54.63 108.12
N ASP F 2679 -1.91 58.49 117.44
CA ASP F 2679 -0.80 59.11 118.17
C ASP F 2679 -0.98 58.95 119.67
N PRO F 2680 -0.60 57.80 120.21
CA PRO F 2680 -0.74 57.58 121.65
C PRO F 2680 0.25 58.43 122.43
N ARG F 2681 -0.25 59.09 123.48
CA ARG F 2681 0.56 59.96 124.33
C ARG F 2681 0.34 59.57 125.78
N PRO F 2682 1.03 58.54 126.27
CA PRO F 2682 0.88 58.13 127.66
C PRO F 2682 1.42 59.18 128.62
N VAL F 2683 0.86 59.18 129.82
CA VAL F 2683 1.27 60.13 130.85
C VAL F 2683 2.70 59.82 131.28
N GLU F 2684 3.50 60.87 131.45
CA GLU F 2684 4.90 60.72 131.84
C GLU F 2684 4.97 60.41 133.34
N THR F 2685 5.47 59.23 133.67
CA THR F 2685 5.60 58.80 135.06
C THR F 2685 7.05 58.67 135.50
N LEU F 2686 8.00 59.14 134.68
CA LEU F 2686 9.41 59.04 135.04
C LEU F 2686 9.73 59.90 136.27
N ASN F 2687 9.17 61.10 136.33
CA ASN F 2687 9.43 62.03 137.43
C ASN F 2687 8.39 61.93 138.53
N VAL F 2688 7.43 61.01 138.43
CA VAL F 2688 6.39 60.86 139.43
C VAL F 2688 6.93 60.02 140.57
N ILE F 2689 6.81 60.53 141.79
CA ILE F 2689 7.28 59.85 143.00
C ILE F 2689 6.07 59.43 143.82
N ILE F 2690 5.98 58.13 144.11
CA ILE F 2690 4.87 57.58 144.88
C ILE F 2690 5.12 57.83 146.36
N PRO F 2691 4.07 57.96 147.17
CA PRO F 2691 4.28 58.16 148.61
C PRO F 2691 4.84 56.91 149.27
N GLU F 2692 5.56 57.13 150.38
CA GLU F 2692 6.14 56.02 151.11
C GLU F 2692 5.06 55.18 151.79
N LYS F 2693 3.92 55.79 152.14
CA LYS F 2693 2.85 55.04 152.78
C LYS F 2693 2.19 54.06 151.81
N LEU F 2694 2.34 54.28 150.51
CA LEU F 2694 1.75 53.39 149.51
C LEU F 2694 2.61 52.17 149.22
N ASP F 2695 3.79 52.06 149.83
CA ASP F 2695 4.64 50.90 149.61
C ASP F 2695 4.00 49.61 150.13
N SER F 2696 3.33 49.69 151.28
CA SER F 2696 2.66 48.50 151.82
C SER F 2696 1.54 48.03 150.90
N PHE F 2697 0.76 48.97 150.35
CA PHE F 2697 -0.30 48.60 149.42
C PHE F 2697 0.24 48.02 148.12
N ILE F 2698 1.38 48.55 147.65
CA ILE F 2698 1.98 48.02 146.42
C ILE F 2698 2.42 46.57 146.61
N ASN F 2699 3.04 46.27 147.75
CA ASN F 2699 3.46 44.90 148.01
C ASN F 2699 2.26 43.96 148.13
N LYS F 2700 1.20 44.42 148.81
CA LYS F 2700 0.00 43.60 148.93
C LYS F 2700 -0.66 43.37 147.57
N PHE F 2701 -0.72 44.41 146.73
CA PHE F 2701 -1.29 44.25 145.40
C PHE F 2701 -0.45 43.34 144.53
N ALA F 2702 0.88 43.44 144.62
CA ALA F 2702 1.74 42.56 143.84
C ALA F 2702 1.58 41.10 144.26
N GLU F 2703 1.47 40.85 145.56
CA GLU F 2703 1.26 39.48 146.02
C GLU F 2703 -0.09 38.92 145.56
N TYR F 2704 -1.14 39.75 145.57
CA TYR F 2704 -2.44 39.30 145.10
C TYR F 2704 -2.41 38.97 143.62
N THR F 2705 -1.75 39.82 142.82
CA THR F 2705 -1.65 39.55 141.39
CA THR F 2705 -1.65 39.55 141.39
C THR F 2705 -0.88 38.27 141.10
N HIS F 2706 0.22 38.05 141.83
CA HIS F 2706 1.00 36.83 141.65
C HIS F 2706 0.21 35.61 142.09
N GLU F 2707 -0.53 35.71 143.19
CA GLU F 2707 -1.35 34.60 143.65
C GLU F 2707 -2.46 34.27 142.67
N LYS F 2708 -3.08 35.29 142.07
CA LYS F 2708 -4.13 35.05 141.08
C LYS F 2708 -3.58 34.32 139.87
N TRP F 2709 -2.41 34.72 139.38
CA TRP F 2709 -1.78 34.01 138.27
C TRP F 2709 -1.38 32.60 138.66
N ALA F 2710 -0.85 32.42 139.87
CA ALA F 2710 -0.49 31.08 140.34
C ALA F 2710 -1.72 30.20 140.51
N PHE F 2711 -2.83 30.75 141.01
CA PHE F 2711 -4.04 29.97 141.17
C PHE F 2711 -4.58 29.49 139.82
N ASP F 2712 -4.56 30.37 138.81
CA ASP F 2712 -4.98 29.96 137.48
C ASP F 2712 -4.04 28.90 136.90
N LYS F 2713 -2.73 29.06 137.10
CA LYS F 2713 -1.78 28.05 136.63
C LYS F 2713 -1.97 26.74 137.36
N ILE F 2714 -2.24 26.78 138.66
CA ILE F 2714 -2.44 25.57 139.44
C ILE F 2714 -3.66 24.80 138.93
N GLN F 2715 -4.71 25.51 138.53
CA GLN F 2715 -5.89 24.85 137.98
C GLN F 2715 -5.60 24.17 136.64
N ASN F 2716 -4.51 24.54 135.97
CA ASN F 2716 -4.13 23.95 134.70
C ASN F 2716 -3.11 22.82 134.87
N ASN F 2717 -3.12 22.14 136.02
CA ASN F 2717 -2.23 21.02 136.31
C ASN F 2717 -0.76 21.42 136.17
N TRP F 2718 -0.42 22.62 136.62
CA TRP F 2718 0.96 23.08 136.60
C TRP F 2718 1.57 22.99 137.99
N SER F 2719 2.89 22.78 138.03
CA SER F 2719 3.62 22.64 139.28
C SER F 2719 4.94 23.40 139.19
N TYR F 2720 5.55 23.63 140.34
CA TYR F 2720 6.81 24.34 140.40
C TYR F 2720 7.93 23.52 139.76
N GLY F 2721 8.87 24.22 139.14
CA GLY F 2721 10.00 23.56 138.50
C GLY F 2721 11.20 24.47 138.44
N GLU F 2722 12.37 23.86 138.21
CA GLU F 2722 13.61 24.62 138.13
C GLU F 2722 13.61 25.55 136.93
N ASN F 2723 13.10 25.08 135.78
CA ASN F 2723 13.07 25.86 134.56
C ASN F 2723 11.68 25.82 133.95
N ILE F 2724 11.34 26.88 133.20
CA ILE F 2724 10.03 26.96 132.57
C ILE F 2724 9.96 25.95 131.42
N ASP F 2725 8.91 25.14 131.40
CA ASP F 2725 8.72 24.14 130.36
C ASP F 2725 7.23 24.03 130.07
N GLU F 2726 6.85 24.37 128.83
CA GLU F 2726 5.45 24.28 128.45
C GLU F 2726 4.96 22.83 128.40
N GLU F 2727 5.80 21.92 127.92
CA GLU F 2727 5.40 20.51 127.84
C GLU F 2727 5.17 19.92 129.22
N LEU F 2728 6.05 20.24 130.17
CA LEU F 2728 5.94 19.70 131.53
C LEU F 2728 5.10 20.57 132.45
N LYS F 2729 4.61 21.72 131.97
CA LYS F 2729 3.79 22.64 132.76
C LYS F 2729 4.51 23.04 134.05
N THR F 2730 5.79 23.40 133.90
CA THR F 2730 6.61 23.82 135.02
C THR F 2730 6.97 25.29 134.90
N HIS F 2731 7.02 25.98 136.04
CA HIS F 2731 7.33 27.40 136.08
C HIS F 2731 8.06 27.71 137.37
N PRO F 2732 9.17 28.45 137.32
CA PRO F 2732 9.89 28.79 138.55
C PRO F 2732 9.12 29.74 139.46
N MET F 2733 8.11 30.44 138.94
CA MET F 2733 7.35 31.39 139.73
C MET F 2733 6.20 30.76 140.50
N LEU F 2734 6.00 29.43 140.37
CA LEU F 2734 4.92 28.73 141.06
C LEU F 2734 5.35 28.48 142.52
N ARG F 2735 5.36 29.56 143.30
CA ARG F 2735 5.75 29.49 144.70
C ARG F 2735 5.21 30.71 145.44
N PRO F 2736 5.35 30.77 146.76
CA PRO F 2736 4.89 31.95 147.50
C PRO F 2736 5.65 33.20 147.10
N TYR F 2737 4.94 34.33 147.11
CA TYR F 2737 5.56 35.60 146.76
C TYR F 2737 6.56 36.07 147.82
N LYS F 2738 6.39 35.65 149.07
CA LYS F 2738 7.31 36.06 150.13
C LYS F 2738 8.69 35.45 149.96
N THR F 2739 8.79 34.30 149.29
CA THR F 2739 10.07 33.64 149.06
C THR F 2739 10.81 34.16 147.84
N PHE F 2740 10.19 35.05 147.05
CA PHE F 2740 10.83 35.59 145.86
C PHE F 2740 11.79 36.71 146.24
N SER F 2741 12.81 36.90 145.41
CA SER F 2741 13.79 37.94 145.63
C SER F 2741 13.24 39.30 145.24
N GLU F 2742 14.06 40.34 145.42
CA GLU F 2742 13.62 41.69 145.07
C GLU F 2742 13.39 41.83 143.56
N LYS F 2743 14.27 41.26 142.74
CA LYS F 2743 14.07 41.33 141.29
C LYS F 2743 12.82 40.57 140.87
N ASP F 2744 12.57 39.40 141.46
CA ASP F 2744 11.37 38.62 141.13
C ASP F 2744 10.12 39.36 141.57
N LYS F 2745 10.14 39.96 142.76
CA LYS F 2745 8.98 40.70 143.25
C LYS F 2745 8.73 41.98 142.47
N GLU F 2746 9.77 42.54 141.84
CA GLU F 2746 9.62 43.77 141.06
C GLU F 2746 8.90 43.53 139.74
N ILE F 2747 8.73 42.29 139.32
CA ILE F 2747 8.02 42.01 138.08
C ILE F 2747 6.56 42.41 138.19
N TYR F 2748 5.92 42.10 139.32
CA TYR F 2748 4.54 42.49 139.54
C TYR F 2748 4.39 43.88 140.14
N ARG F 2749 5.41 44.37 140.85
CA ARG F 2749 5.36 45.70 141.44
C ARG F 2749 5.52 46.81 140.42
N TRP F 2750 6.24 46.56 139.33
CA TRP F 2750 6.46 47.57 138.30
C TRP F 2750 5.14 47.97 137.66
N PRO F 2751 4.31 47.00 137.24
CA PRO F 2751 3.00 47.37 136.69
C PRO F 2751 2.11 48.11 137.67
N ILE F 2752 2.18 47.77 138.96
CA ILE F 2752 1.38 48.46 139.97
C ILE F 2752 1.88 49.88 140.18
N LYS F 2753 3.21 50.06 140.22
CA LYS F 2753 3.78 51.38 140.41
C LYS F 2753 3.46 52.31 139.25
N GLU F 2754 3.51 51.79 138.02
CA GLU F 2754 3.19 52.63 136.85
C GLU F 2754 1.75 53.11 136.89
N SER F 2755 0.82 52.22 137.26
CA SER F 2755 -0.59 52.63 137.37
C SER F 2755 -0.77 53.65 138.48
N LEU F 2756 -0.11 53.45 139.62
CA LEU F 2756 -0.22 54.41 140.72
C LEU F 2756 0.39 55.75 140.34
N LYS F 2757 1.51 55.73 139.62
CA LYS F 2757 2.16 56.98 139.21
C LYS F 2757 1.29 57.75 138.20
N ALA F 2758 0.58 57.04 137.32
CA ALA F 2758 -0.31 57.71 136.38
C ALA F 2758 -1.42 58.44 137.10
N MET F 2759 -2.00 57.84 138.13
CA MET F 2759 -3.03 58.51 138.91
C MET F 2759 -2.46 59.72 139.64
N ILE F 2760 -1.24 59.61 140.16
CA ILE F 2760 -0.62 60.74 140.86
C ILE F 2760 -0.37 61.90 139.89
N ALA F 2761 0.01 61.60 138.65
CA ALA F 2761 0.22 62.65 137.66
C ALA F 2761 -1.08 63.36 137.30
N TRP F 2762 -2.22 62.69 137.49
CA TRP F 2762 -3.53 63.26 137.20
C TRP F 2762 -4.10 64.02 138.39
N GLU F 2763 -3.28 64.34 139.38
CA GLU F 2763 -3.71 65.07 140.58
C GLU F 2763 -4.84 64.35 141.31
N TRP F 2764 -4.77 63.02 141.34
CA TRP F 2764 -5.75 62.21 142.04
C TRP F 2764 -5.33 62.00 143.49
N THR F 2765 -6.32 61.87 144.37
CA THR F 2765 -6.10 61.70 145.79
C THR F 2765 -6.32 60.24 146.18
N ILE F 2766 -5.36 59.68 146.92
CA ILE F 2766 -5.45 58.30 147.38
C ILE F 2766 -5.02 58.23 148.84
N GLU F 2767 -6.00 58.13 149.74
CA GLU F 2767 -5.73 58.05 151.16
C GLU F 2767 -6.58 56.95 151.78
N LYS F 2768 -6.05 56.31 152.82
CA LYS F 2768 -6.76 55.23 153.52
C LYS F 2768 -7.75 55.86 154.47
N ALA F 2769 -9.03 55.90 154.06
CA ALA F 2769 -10.08 56.50 154.88
C ALA F 2769 -10.65 55.53 155.90
N ARG F 2770 -10.60 54.22 155.64
CA ARG F 2770 -11.15 53.22 156.54
C ARG F 2770 -10.22 52.01 156.56
N GLU F 2771 -10.47 51.12 157.52
CA GLU F 2771 -9.70 49.90 157.64
C GLU F 2771 -10.05 48.93 156.52
N GLY F 2772 -9.13 47.98 156.29
CA GLY F 2772 -9.34 46.99 155.25
C GLY F 2772 -10.42 45.98 155.62
N GLU F 2773 -10.85 45.23 154.62
CA GLU F 2773 -11.88 44.22 154.79
C GLU F 2773 -11.32 42.97 155.47
N TYR F 2798 2.52 24.19 147.28
CA TYR F 2798 1.98 25.54 147.24
C TYR F 2798 0.51 25.53 146.86
N ASN F 2799 -0.31 26.17 147.69
CA ASN F 2799 -1.76 26.25 147.47
C ASN F 2799 -2.20 27.69 147.61
N PRO F 2800 -1.93 28.51 146.59
CA PRO F 2800 -2.33 29.93 146.66
C PRO F 2800 -3.85 30.07 146.56
N GLN F 2801 -4.42 30.86 147.47
CA GLN F 2801 -5.86 31.11 147.51
C GLN F 2801 -6.09 32.61 147.60
N PRO F 2802 -5.94 33.31 146.48
CA PRO F 2802 -6.14 34.77 146.49
C PRO F 2802 -7.59 35.11 146.76
N PRO F 2803 -7.85 36.27 147.36
CA PRO F 2803 -9.24 36.68 147.61
C PRO F 2803 -9.99 36.95 146.31
N ASP F 2804 -11.31 36.76 146.36
CA ASP F 2804 -12.17 36.97 145.21
C ASP F 2804 -12.63 38.42 145.16
N LEU F 2805 -12.46 39.04 144.00
CA LEU F 2805 -12.87 40.44 143.79
C LEU F 2805 -14.17 40.56 143.03
N SER F 2806 -14.89 39.45 142.82
CA SER F 2806 -16.16 39.51 142.09
C SER F 2806 -17.23 40.24 142.88
N GLY F 2807 -17.17 40.19 144.21
CA GLY F 2807 -18.13 40.83 145.07
C GLY F 2807 -17.88 42.30 145.36
N VAL F 2808 -16.83 42.88 144.77
CA VAL F 2808 -16.50 44.28 144.99
C VAL F 2808 -17.23 45.12 143.95
N THR F 2809 -18.04 46.06 144.41
CA THR F 2809 -18.81 46.94 143.53
C THR F 2809 -18.19 48.32 143.52
N LEU F 2810 -17.94 48.85 142.31
CA LEU F 2810 -17.35 50.16 142.14
C LEU F 2810 -18.43 51.18 141.76
N SER F 2811 -18.32 52.38 142.33
CA SER F 2811 -19.28 53.42 142.05
C SER F 2811 -19.12 53.96 140.63
N ARG F 2812 -20.06 54.80 140.22
CA ARG F 2812 -20.00 55.40 138.89
C ARG F 2812 -18.77 56.27 138.71
N GLU F 2813 -18.40 57.06 139.73
CA GLU F 2813 -17.19 57.86 139.65
C GLU F 2813 -15.96 56.98 139.56
N LEU F 2814 -15.91 55.89 140.33
CA LEU F 2814 -14.79 54.97 140.25
C LEU F 2814 -14.72 54.29 138.89
N GLN F 2815 -15.87 53.91 138.33
CA GLN F 2815 -15.89 53.29 137.01
C GLN F 2815 -15.39 54.26 135.94
N ALA F 2816 -15.78 55.54 136.05
CA ALA F 2816 -15.29 56.54 135.10
C ALA F 2816 -13.78 56.73 135.21
N MET F 2817 -13.25 56.70 136.43
CA MET F 2817 -11.80 56.82 136.60
C MET F 2817 -11.07 55.62 136.03
N ALA F 2818 -11.70 54.45 136.05
CA ALA F 2818 -11.08 53.26 135.46
C ALA F 2818 -10.95 53.39 133.96
N GLU F 2819 -11.87 54.10 133.31
CA GLU F 2819 -11.78 54.32 131.87
C GLU F 2819 -10.54 55.13 131.51
N GLN F 2820 -10.21 56.16 132.29
CA GLN F 2820 -8.99 56.92 132.05
C GLN F 2820 -7.75 56.06 132.22
N LEU F 2821 -7.73 55.20 133.26
CA LEU F 2821 -6.61 54.29 133.43
C LEU F 2821 -6.53 53.27 132.29
N ALA F 2822 -7.68 52.77 131.83
CA ALA F 2822 -7.69 51.84 130.71
C ALA F 2822 -7.18 52.51 129.43
N GLU F 2823 -7.57 53.77 129.22
CA GLU F 2823 -7.08 54.49 128.06
C GLU F 2823 -5.57 54.73 128.13
N ASN F 2824 -5.06 55.02 129.32
CA ASN F 2824 -3.61 55.19 129.48
C ASN F 2824 -2.86 53.90 129.20
N TYR F 2825 -3.39 52.76 129.65
CA TYR F 2825 -2.76 51.48 129.37
C TYR F 2825 -2.73 51.18 127.88
N HIS F 2826 -3.84 51.47 127.17
CA HIS F 2826 -3.86 51.29 125.73
C HIS F 2826 -2.87 52.21 125.03
N ASN F 2827 -2.78 53.46 125.48
CA ASN F 2827 -1.82 54.39 124.90
C ASN F 2827 -0.38 53.95 125.15
N THR F 2828 -0.09 53.46 126.36
CA THR F 2828 1.26 52.97 126.65
C THR F 2828 1.60 51.76 125.80
N TRP F 2829 0.66 50.83 125.66
CA TRP F 2829 0.89 49.67 124.81
C TRP F 2829 1.01 50.05 123.34
N GLY F 2830 0.18 51.00 122.88
CA GLY F 2830 0.27 51.43 121.50
C GLY F 2830 1.57 52.15 121.18
N ARG F 2831 2.05 52.98 122.12
CA ARG F 2831 3.32 53.66 121.92
C ARG F 2831 4.48 52.67 121.85
N LYS F 2832 4.47 51.66 122.73
CA LYS F 2832 5.50 50.63 122.69
C LYS F 2832 5.41 49.79 121.43
N LYS F 2833 4.20 49.49 120.97
CA LYS F 2833 4.04 48.72 119.75
C LYS F 2833 4.55 49.46 118.53
N LYS F 2834 4.33 50.78 118.47
CA LYS F 2834 4.83 51.56 117.35
C LYS F 2834 6.36 51.54 117.28
N GLN F 2835 7.03 51.68 118.44
CA GLN F 2835 8.48 51.60 118.46
C GLN F 2835 8.97 50.21 118.10
N GLU F 2836 8.31 49.17 118.60
CA GLU F 2836 8.70 47.80 118.28
C GLU F 2836 8.52 47.50 116.80
N LEU F 2837 7.41 47.96 116.20
CA LEU F 2837 7.19 47.72 114.77
C LEU F 2837 8.25 48.43 113.93
N GLU F 2838 8.58 49.67 114.29
CA GLU F 2838 9.60 50.40 113.53
C GLU F 2838 10.96 49.74 113.64
N ALA F 2839 11.32 49.24 114.83
CA ALA F 2839 12.61 48.58 115.01
C ALA F 2839 12.68 47.24 114.29
N LYS F 2840 11.53 46.64 113.96
CA LYS F 2840 11.48 45.37 113.26
C LYS F 2840 11.38 45.52 111.75
N GLY F 2841 11.41 46.75 111.23
CA GLY F 2841 11.33 46.99 109.81
C GLY F 2841 10.04 47.63 109.34
N GLY F 2842 9.12 47.94 110.25
CA GLY F 2842 7.86 48.55 109.88
C GLY F 2842 6.69 47.59 110.09
N GLY F 2843 5.52 48.04 109.64
CA GLY F 2843 4.30 47.28 109.73
C GLY F 2843 3.19 48.09 110.37
N THR F 2844 2.08 47.41 110.65
CA THR F 2844 0.92 48.03 111.26
C THR F 2844 0.26 47.02 112.19
N HIS F 2845 -0.77 47.47 112.92
CA HIS F 2845 -1.50 46.62 113.84
C HIS F 2845 -2.95 47.07 113.86
N PRO F 2846 -3.90 46.13 113.87
CA PRO F 2846 -5.32 46.52 113.92
C PRO F 2846 -5.71 47.25 115.20
N LEU F 2847 -4.95 47.09 116.29
CA LEU F 2847 -5.26 47.73 117.55
C LEU F 2847 -4.62 49.10 117.71
N LEU F 2848 -3.91 49.59 116.69
CA LEU F 2848 -3.26 50.90 116.73
C LEU F 2848 -4.26 52.00 116.37
N VAL F 2849 -5.26 52.15 117.22
CA VAL F 2849 -6.30 53.15 117.03
C VAL F 2849 -6.64 53.79 118.38
N PRO F 2850 -7.50 54.80 118.41
CA PRO F 2850 -7.86 55.41 119.69
C PRO F 2850 -8.63 54.45 120.58
N TYR F 2851 -8.51 54.66 121.89
CA TYR F 2851 -9.21 53.81 122.85
C TYR F 2851 -10.71 53.95 122.74
N ASP F 2852 -11.21 55.17 122.50
CA ASP F 2852 -12.64 55.38 122.37
C ASP F 2852 -13.22 54.71 121.13
N THR F 2853 -12.41 54.51 120.09
CA THR F 2853 -12.88 53.88 118.86
C THR F 2853 -12.84 52.35 118.93
N LEU F 2854 -12.23 51.78 119.96
CA LEU F 2854 -12.17 50.33 120.08
C LEU F 2854 -13.52 49.77 120.51
N THR F 2855 -13.72 48.49 120.20
CA THR F 2855 -14.95 47.81 120.55
C THR F 2855 -14.93 47.43 122.04
N ALA F 2856 -16.09 46.97 122.53
CA ALA F 2856 -16.19 46.57 123.94
C ALA F 2856 -15.29 45.38 124.25
N LYS F 2857 -15.23 44.40 123.35
CA LYS F 2857 -14.36 43.24 123.59
C LYS F 2857 -12.89 43.63 123.61
N GLU F 2858 -12.49 44.55 122.72
CA GLU F 2858 -11.10 44.98 122.69
C GLU F 2858 -10.70 45.72 123.96
N LYS F 2859 -11.60 46.53 124.51
CA LYS F 2859 -11.33 47.31 125.71
C LYS F 2859 -11.54 46.51 126.99
N ALA F 2860 -11.99 45.26 126.90
CA ALA F 2860 -12.20 44.45 128.09
C ALA F 2860 -10.89 44.18 128.83
N ARG F 2861 -9.81 43.91 128.10
CA ARG F 2861 -8.52 43.65 128.74
C ARG F 2861 -8.02 44.86 129.51
N ASP F 2862 -8.13 46.06 128.91
CA ASP F 2862 -7.69 47.27 129.59
C ASP F 2862 -8.60 47.64 130.74
N ARG F 2863 -9.91 47.45 130.60
CA ARG F 2863 -10.84 47.78 131.67
C ARG F 2863 -10.67 46.85 132.87
N GLU F 2864 -10.40 45.57 132.63
CA GLU F 2864 -10.24 44.62 133.74
C GLU F 2864 -9.04 44.97 134.60
N LYS F 2865 -7.92 45.36 134.00
CA LYS F 2865 -6.74 45.73 134.77
C LYS F 2865 -7.00 46.97 135.62
N ALA F 2866 -7.67 47.97 135.04
CA ALA F 2866 -7.98 49.19 135.81
C ALA F 2866 -8.98 48.90 136.92
N GLN F 2867 -9.98 48.05 136.65
CA GLN F 2867 -10.96 47.71 137.67
C GLN F 2867 -10.34 46.91 138.81
N GLU F 2868 -9.39 46.02 138.50
CA GLU F 2868 -8.75 45.23 139.54
C GLU F 2868 -7.98 46.12 140.50
N LEU F 2869 -7.25 47.11 139.99
CA LEU F 2869 -6.53 48.04 140.86
C LEU F 2869 -7.48 48.86 141.72
N LEU F 2870 -8.58 49.34 141.14
CA LEU F 2870 -9.55 50.11 141.90
C LEU F 2870 -10.23 49.25 142.97
N LYS F 2871 -10.58 48.01 142.61
CA LYS F 2871 -11.21 47.11 143.58
C LYS F 2871 -10.27 46.76 144.72
N PHE F 2872 -8.99 46.54 144.42
CA PHE F 2872 -8.03 46.22 145.48
C PHE F 2872 -7.85 47.39 146.43
N LEU F 2873 -7.79 48.62 145.90
CA LEU F 2873 -7.66 49.79 146.75
C LEU F 2873 -8.90 49.98 147.61
N GLN F 2874 -10.08 49.76 147.04
CA GLN F 2874 -11.32 49.89 147.81
C GLN F 2874 -11.41 48.83 148.90
N MET F 2875 -10.99 47.60 148.61
CA MET F 2875 -11.02 46.53 149.61
C MET F 2875 -10.07 46.81 150.75
N ASN F 2876 -9.02 47.60 150.52
CA ASN F 2876 -8.05 47.95 151.54
C ASN F 2876 -8.44 49.21 152.31
N GLY F 2877 -9.60 49.79 152.02
CA GLY F 2877 -10.03 50.99 152.71
C GLY F 2877 -9.43 52.28 152.17
N TYR F 2878 -8.90 52.26 150.96
CA TYR F 2878 -8.31 53.45 150.35
C TYR F 2878 -9.34 54.12 149.46
N ALA F 2879 -9.49 55.43 149.62
CA ALA F 2879 -10.45 56.21 148.86
C ALA F 2879 -9.74 56.91 147.71
N VAL F 2880 -10.32 56.79 146.50
CA VAL F 2880 -9.75 57.39 145.29
C VAL F 2880 -10.70 58.49 144.84
N THR F 2881 -10.17 59.69 144.69
CA THR F 2881 -10.96 60.85 144.26
C THR F 2881 -10.09 61.74 143.39
N ARG F 2882 -10.76 62.57 142.58
CA ARG F 2882 -10.07 63.49 141.69
C ARG F 2882 -10.44 64.94 142.00
N UNK F 2883 -27.97 54.23 118.96
CA UNK F 2883 -29.30 54.72 118.59
C UNK F 2883 -29.76 55.83 119.54
N UNK F 2884 -29.91 55.48 120.81
CA UNK F 2884 -30.33 56.44 121.81
C UNK F 2884 -29.21 57.43 122.12
N UNK F 2885 -27.97 56.97 122.00
CA UNK F 2885 -26.81 57.83 122.25
C UNK F 2885 -26.64 58.84 121.12
N UNK F 2886 -27.06 58.45 119.93
CA UNK F 2886 -26.98 59.34 118.76
C UNK F 2886 -27.99 60.47 118.89
N UNK F 2887 -29.16 60.15 119.46
CA UNK F 2887 -30.20 61.15 119.67
C UNK F 2887 -29.80 62.10 120.80
N UNK F 2888 -29.04 61.59 121.75
CA UNK F 2888 -28.57 62.40 122.87
C UNK F 2888 -27.49 63.37 122.39
N UNK F 2889 -26.67 62.92 121.44
CA UNK F 2889 -25.62 63.75 120.88
C UNK F 2889 -26.23 64.82 119.98
N UNK F 2890 -27.36 64.49 119.36
CA UNK F 2890 -28.07 65.44 118.51
C UNK F 2890 -28.75 66.50 119.36
N UNK F 2891 -29.17 66.11 120.56
CA UNK F 2891 -29.79 67.04 121.50
C UNK F 2891 -28.75 68.00 122.06
N UNK F 2892 -27.53 67.50 122.23
CA UNK F 2892 -26.42 68.33 122.72
C UNK F 2892 -26.00 69.32 121.65
N UNK F 2893 -26.13 68.91 120.38
CA UNK F 2893 -25.81 69.78 119.26
C UNK F 2893 -26.92 70.80 119.06
N UNK F 2894 -28.12 70.45 119.49
CA UNK F 2894 -29.27 71.35 119.41
C UNK F 2894 -29.12 72.49 120.42
N UNK F 2895 -28.49 72.19 121.55
CA UNK F 2895 -28.24 73.19 122.58
C UNK F 2895 -27.16 74.16 122.12
N UNK F 2896 -26.18 73.64 121.38
CA UNK F 2896 -25.10 74.46 120.83
C UNK F 2896 -25.63 75.31 119.68
N UNK F 2897 -26.65 74.80 118.99
CA UNK F 2897 -27.27 75.53 117.89
C UNK F 2897 -28.10 76.68 118.42
N UNK F 2898 -28.64 76.51 119.62
CA UNK F 2898 -29.42 77.56 120.27
C UNK F 2898 -28.51 78.70 120.72
N UNK F 2899 -27.29 78.35 121.11
CA UNK F 2899 -26.31 79.33 121.53
C UNK F 2899 -25.76 80.08 120.33
N UNK F 2900 -25.71 79.41 119.19
CA UNK F 2900 -25.24 80.01 117.95
C UNK F 2900 -26.29 80.98 117.39
N UNK F 2901 -27.55 80.65 117.63
CA UNK F 2901 -28.65 81.49 117.18
C UNK F 2901 -28.73 82.76 118.03
N UNK F 2902 -28.36 82.64 119.30
CA UNK F 2902 -28.35 83.78 120.21
C UNK F 2902 -27.18 84.70 119.91
N UNK F 2903 -26.09 84.12 119.40
CA UNK F 2903 -24.90 84.88 119.05
C UNK F 2903 -25.12 85.63 117.73
N UNK F 2904 -25.99 85.09 116.89
CA UNK F 2904 -26.29 85.70 115.60
C UNK F 2904 -27.27 86.86 115.78
N UNK F 2905 -28.02 86.84 116.87
CA UNK F 2905 -28.99 87.88 117.17
C UNK F 2905 -28.30 89.13 117.69
N UNK F 2906 -18.52 78.46 112.17
CA UNK F 2906 -17.99 77.11 112.16
C UNK F 2906 -19.02 76.11 112.66
N UNK F 2907 -19.64 76.42 113.79
CA UNK F 2907 -20.66 75.55 114.37
C UNK F 2907 -21.96 75.61 113.57
N UNK F 2908 -22.20 76.76 112.94
CA UNK F 2908 -23.39 76.95 112.12
C UNK F 2908 -23.31 76.15 110.83
N UNK F 2909 -22.09 76.03 110.31
CA UNK F 2909 -21.86 75.28 109.07
C UNK F 2909 -21.94 73.78 109.33
N UNK F 2910 -21.54 73.36 110.52
CA UNK F 2910 -21.58 71.96 110.90
C UNK F 2910 -23.02 71.51 111.15
N UNK F 2911 -23.84 72.45 111.62
CA UNK F 2911 -25.25 72.16 111.88
C UNK F 2911 -26.05 72.09 110.59
N UNK F 2912 -25.54 72.76 109.56
CA UNK F 2912 -26.20 72.78 108.25
C UNK F 2912 -26.00 71.45 107.53
N UNK F 2913 -24.90 70.76 107.84
CA UNK F 2913 -24.60 69.48 107.23
C UNK F 2913 -25.16 68.33 108.06
N UNK F 2914 -25.47 68.62 109.32
CA UNK F 2914 -26.03 67.62 110.21
C UNK F 2914 -27.55 67.62 110.16
N UNK F 2915 -28.12 68.65 109.54
CA UNK F 2915 -29.56 68.78 109.41
C UNK F 2915 -30.10 67.78 108.39
N UNK F 2916 -29.31 67.54 107.34
CA UNK F 2916 -29.71 66.62 106.29
C UNK F 2916 -29.55 65.18 106.75
N UNK F 2917 -28.58 64.95 107.63
CA UNK F 2917 -28.31 63.61 108.14
C UNK F 2917 -29.37 63.20 109.15
N UNK F 2918 -29.99 64.18 109.79
CA UNK F 2918 -31.03 63.92 110.78
C UNK F 2918 -32.37 63.66 110.11
N UNK F 2919 -32.57 64.27 108.95
CA UNK F 2919 -33.82 64.12 108.21
C UNK F 2919 -33.86 62.77 107.48
N UNK F 2920 -32.68 62.27 107.13
CA UNK F 2920 -32.58 60.99 106.42
C UNK F 2920 -32.62 59.82 107.40
N UNK F 2921 -32.09 60.03 108.59
CA UNK F 2921 -32.05 59.00 109.61
C UNK F 2921 -33.44 58.71 110.16
N UNK F 2922 -34.26 59.76 110.27
CA UNK F 2922 -35.62 59.63 110.77
C UNK F 2922 -36.53 59.01 109.71
N UNK F 2923 -36.21 59.25 108.44
CA UNK F 2923 -37.01 58.72 107.35
C UNK F 2923 -36.70 57.25 107.09
N UNK F 2924 -35.43 56.88 107.29
CA UNK F 2924 -34.99 55.50 107.08
C UNK F 2924 -35.48 54.60 108.22
N UNK F 2925 -35.29 55.05 109.45
CA UNK F 2925 -35.71 54.29 110.62
C UNK F 2925 -36.91 54.93 111.28
N UNK F 2926 -40.95 60.32 123.01
CA UNK F 2926 -39.87 60.09 123.96
C UNK F 2926 -38.84 61.22 123.91
N UNK F 2927 -37.56 60.85 123.80
CA UNK F 2927 -36.49 61.84 123.73
C UNK F 2927 -36.51 62.56 122.38
N UNK F 2928 -36.96 61.88 121.35
CA UNK F 2928 -37.06 62.46 120.02
C UNK F 2928 -38.19 63.48 119.96
N UNK F 2929 -39.23 63.25 120.75
CA UNK F 2929 -40.37 64.16 120.80
C UNK F 2929 -39.98 65.46 121.51
N UNK F 2930 -39.09 65.35 122.49
CA UNK F 2930 -38.61 66.51 123.23
C UNK F 2930 -37.65 67.33 122.37
N UNK F 2931 -36.93 66.64 121.50
CA UNK F 2931 -35.98 67.30 120.61
C UNK F 2931 -36.73 68.00 119.48
N UNK F 2932 -37.88 67.46 119.09
CA UNK F 2932 -38.69 68.04 118.04
C UNK F 2932 -39.35 69.34 118.52
N UNK F 2933 -39.68 69.38 119.81
CA UNK F 2933 -40.29 70.56 120.41
C UNK F 2933 -39.26 71.65 120.61
N UNK F 2934 -38.03 71.24 120.92
CA UNK F 2934 -36.93 72.18 121.12
C UNK F 2934 -36.49 72.78 119.79
N UNK F 2935 -36.56 71.96 118.73
CA UNK F 2935 -36.19 72.42 117.40
C UNK F 2935 -37.25 73.35 116.83
N UNK F 2936 -38.51 73.11 117.22
CA UNK F 2936 -39.61 73.94 116.77
C UNK F 2936 -39.56 75.32 117.45
N UNK F 2937 -39.05 75.34 118.68
CA UNK F 2937 -38.93 76.59 119.43
C UNK F 2937 -37.76 77.41 118.91
N UNK F 2938 -36.74 76.72 118.41
CA UNK F 2938 -35.55 77.38 117.87
C UNK F 2938 -35.86 78.00 116.52
N UNK F 2939 -36.82 77.42 115.81
CA UNK F 2939 -37.22 77.92 114.50
C UNK F 2939 -38.14 79.14 114.63
N UNK F 2940 -38.91 79.18 115.72
CA UNK F 2940 -39.83 80.28 115.96
C UNK F 2940 -39.08 81.51 116.47
N UNK F 2941 -32.97 77.50 106.42
CA UNK F 2941 -34.28 78.11 106.24
C UNK F 2941 -35.33 77.06 105.90
N UNK F 2942 -35.29 76.58 104.66
CA UNK F 2942 -36.23 75.56 104.20
C UNK F 2942 -35.85 74.18 104.73
N UNK F 2943 -34.58 74.03 105.10
CA UNK F 2943 -34.08 72.76 105.62
C UNK F 2943 -34.60 72.51 107.03
N UNK F 2944 -34.80 73.58 107.78
CA UNK F 2944 -35.29 73.48 109.15
C UNK F 2944 -36.78 73.10 109.16
N UNK F 2945 -37.53 73.63 108.20
CA UNK F 2945 -38.95 73.34 108.09
C UNK F 2945 -39.17 71.92 107.58
N UNK F 2946 -38.27 71.46 106.73
CA UNK F 2946 -38.36 70.10 106.18
C UNK F 2946 -37.99 69.07 107.24
N UNK F 2947 -37.06 69.43 108.12
CA UNK F 2947 -36.63 68.54 109.18
C UNK F 2947 -37.73 68.38 110.24
N UNK F 2948 -38.48 69.46 110.45
CA UNK F 2948 -39.57 69.44 111.41
C UNK F 2948 -40.74 68.61 110.88
N UNK F 2949 -40.95 68.65 109.57
CA UNK F 2949 -42.01 67.89 108.94
C UNK F 2949 -41.64 66.41 108.87
N UNK F 2950 -40.35 66.14 108.82
CA UNK F 2950 -39.86 64.76 108.77
C UNK F 2950 -39.91 64.12 110.15
N UNK F 2951 -39.80 64.94 111.19
CA UNK F 2951 -39.85 64.46 112.56
C UNK F 2951 -41.27 64.11 112.97
N UNK F 2952 -42.24 64.72 112.29
CA UNK F 2952 -43.65 64.48 112.59
C UNK F 2952 -44.09 63.13 112.04
N UNK F 2953 -44.50 70.71 124.79
CA UNK F 2953 -45.53 70.40 123.81
C UNK F 2953 -46.71 71.36 123.93
N UNK F 2954 -47.15 71.60 125.16
CA UNK F 2954 -48.26 72.50 125.42
C UNK F 2954 -47.86 73.94 125.16
N UNK F 2955 -46.59 74.26 125.41
CA UNK F 2955 -46.08 75.59 125.19
C UNK F 2955 -45.94 75.89 123.71
N UNK F 2956 -45.67 74.84 122.93
CA UNK F 2956 -45.54 74.97 121.49
C UNK F 2956 -46.91 75.21 120.85
N UNK F 2957 -47.93 74.57 121.41
CA UNK F 2957 -49.29 74.73 120.93
C UNK F 2957 -49.83 76.10 121.29
N UNK F 2958 -49.39 76.62 122.43
CA UNK F 2958 -49.81 77.94 122.88
C UNK F 2958 -49.15 79.02 122.05
N UNK F 2959 -47.91 78.78 121.63
CA UNK F 2959 -47.17 79.72 120.80
C UNK F 2959 -47.73 79.74 119.39
N UNK F 2960 -48.24 78.60 118.94
CA UNK F 2960 -48.83 78.49 117.61
C UNK F 2960 -50.18 79.20 117.57
N UNK F 2961 -50.90 79.16 118.69
CA UNK F 2961 -52.19 79.82 118.79
C UNK F 2961 -52.02 81.33 118.87
N UNK F 2962 -50.90 81.76 119.44
CA UNK F 2962 -50.60 83.18 119.55
C UNK F 2962 -50.15 83.75 118.20
N UNK F 2963 -49.43 82.93 117.43
CA UNK F 2963 -48.97 83.32 116.11
C UNK F 2963 -50.13 83.33 115.12
N UNK F 2964 -51.10 82.46 115.35
CA UNK F 2964 -52.27 82.38 114.49
C UNK F 2964 -53.19 83.57 114.72
N UNK F 2965 -53.24 84.04 115.96
CA UNK F 2965 -54.05 85.20 116.32
C UNK F 2965 -53.46 86.47 115.75
N UNK F 2966 -52.13 86.53 115.72
CA UNK F 2966 -51.42 87.69 115.18
C UNK F 2966 -51.51 87.71 113.66
N UNK F 2967 -51.56 86.53 113.05
CA UNK F 2967 -51.67 86.41 111.62
C UNK F 2967 -53.08 86.77 111.16
N UNK F 2968 -54.07 86.50 112.01
CA UNK F 2968 -55.46 86.81 111.71
C UNK F 2968 -55.69 88.31 111.82
N UNK F 2969 -54.95 88.96 112.71
CA UNK F 2969 -55.07 90.40 112.90
C UNK F 2969 -54.41 91.15 111.75
N UNK F 2970 -53.34 90.58 111.21
CA UNK F 2970 -52.63 91.18 110.09
C UNK F 2970 -53.44 91.03 108.80
N UNK F 2971 -54.20 89.94 108.71
CA UNK F 2971 -55.03 89.70 107.54
C UNK F 2971 -56.24 90.62 107.53
N UNK F 2972 -56.69 91.00 108.72
CA UNK F 2972 -57.84 91.89 108.87
C UNK F 2972 -57.43 93.34 108.62
N UNK F 2973 -56.14 93.61 108.75
CA UNK F 2973 -55.62 94.96 108.55
C UNK F 2973 -55.42 95.24 107.06
N UNK F 2974 -44.04 87.03 113.09
CA UNK F 2974 -43.95 87.47 111.70
C UNK F 2974 -44.95 86.73 110.83
N UNK F 2975 -45.24 87.31 109.65
CA UNK F 2975 -46.19 86.72 108.73
C UNK F 2975 -45.58 85.49 108.04
N UNK F 2976 -44.29 85.56 107.75
CA UNK F 2976 -43.59 84.45 107.10
C UNK F 2976 -43.41 83.30 108.06
N UNK F 2977 -43.20 83.61 109.34
CA UNK F 2977 -43.03 82.59 110.36
C UNK F 2977 -44.36 81.90 110.68
N UNK F 2978 -45.45 82.65 110.53
CA UNK F 2978 -46.79 82.12 110.79
C UNK F 2978 -47.21 81.19 109.66
N UNK F 2979 -46.74 81.46 108.45
CA UNK F 2979 -47.06 80.64 107.29
C UNK F 2979 -46.33 79.30 107.35
N UNK F 2980 -45.10 79.34 107.88
CA UNK F 2980 -44.29 78.13 108.01
C UNK F 2980 -44.78 77.29 109.18
N UNK F 2981 -45.30 77.95 110.21
CA UNK F 2981 -45.81 77.26 111.39
C UNK F 2981 -47.15 76.59 111.08
N UNK F 2982 -47.90 77.18 110.15
CA UNK F 2982 -49.19 76.64 109.75
C UNK F 2982 -49.02 75.35 108.95
N UNK F 2983 -47.93 75.28 108.17
CA UNK F 2983 -47.65 74.10 107.37
C UNK F 2983 -47.17 72.96 108.26
N UNK F 2984 -46.43 73.29 109.30
CA UNK F 2984 -45.92 72.29 110.24
C UNK F 2984 -47.04 71.78 111.13
N UNK F 2985 -48.00 72.66 111.44
CA UNK F 2985 -49.13 72.29 112.28
C UNK F 2985 -50.12 71.43 111.51
N UNK F 2986 -50.21 71.67 110.20
CA UNK F 2986 -51.11 70.92 109.35
C UNK F 2986 -50.61 69.47 109.18
N UNK F 2987 -49.29 69.31 109.17
CA UNK F 2987 -48.69 68.00 109.04
C UNK F 2987 -48.71 67.26 110.38
N UNK F 2988 -48.61 68.02 111.46
CA UNK F 2988 -48.63 67.45 112.81
C UNK F 2988 -50.04 66.98 113.17
N UNK F 2989 -51.04 67.74 112.73
CA UNK F 2989 -52.43 67.38 113.00
C UNK F 2989 -52.86 66.19 112.16
N UNK F 2990 -52.27 66.07 110.97
CA UNK F 2990 -52.57 64.95 110.09
C UNK F 2990 -51.94 63.66 110.61
N UNK F 2991 -50.82 63.80 111.30
CA UNK F 2991 -50.12 62.65 111.88
C UNK F 2991 -50.84 62.16 113.14
N UNK F 2992 -51.49 63.09 113.84
CA UNK F 2992 -52.23 62.75 115.05
C UNK F 2992 -53.54 62.05 114.70
N UNK F 2993 -54.06 62.34 113.51
CA UNK F 2993 -55.30 61.72 113.05
C UNK F 2993 -55.04 60.30 112.56
N UNK F 2994 -53.81 60.03 112.13
CA UNK F 2994 -53.43 58.71 111.65
C UNK F 2994 -53.07 57.79 112.80
N UNK F 2995 -55.98 66.88 127.07
CA UNK F 2995 -55.54 67.95 126.17
C UNK F 2995 -56.40 69.20 126.35
N UNK F 2996 -56.55 69.63 127.60
CA UNK F 2996 -57.34 70.82 127.90
C UNK F 2996 -56.64 72.08 127.41
N UNK F 2997 -55.32 72.09 127.53
CA UNK F 2997 -54.52 73.22 127.07
C UNK F 2997 -54.50 73.28 125.54
N UNK F 2998 -54.56 72.10 124.92
CA UNK F 2998 -54.57 72.01 123.46
C UNK F 2998 -55.94 72.39 122.92
N UNK F 2999 -56.97 72.16 123.73
CA UNK F 2999 -58.34 72.50 123.34
C UNK F 2999 -58.53 74.02 123.32
N UNK F 3000 -57.84 74.71 124.22
CA UNK F 3000 -57.89 76.15 124.29
C UNK F 3000 -57.17 76.77 123.10
N UNK F 3001 -56.09 76.13 122.68
CA UNK F 3001 -55.33 76.58 121.53
C UNK F 3001 -56.07 76.26 120.24
N UNK F 3002 -56.87 75.19 120.28
CA UNK F 3002 -57.68 74.81 119.12
C UNK F 3002 -58.85 75.75 118.96
N UNK F 3003 -59.37 76.25 120.09
CA UNK F 3003 -60.47 77.20 120.06
C UNK F 3003 -60.01 78.55 119.54
N UNK F 3004 -58.76 78.89 119.85
CA UNK F 3004 -58.16 80.13 119.36
C UNK F 3004 -57.85 80.03 117.88
N UNK F 3005 -57.52 78.81 117.44
CA UNK F 3005 -57.23 78.56 116.03
C UNK F 3005 -58.52 78.62 115.22
N UNK F 3006 -59.62 78.20 115.83
CA UNK F 3006 -60.93 78.24 115.18
C UNK F 3006 -61.43 79.68 115.12
N UNK F 3007 -61.03 80.48 116.09
CA UNK F 3007 -61.40 81.89 116.14
C UNK F 3007 -60.57 82.70 115.15
N UNK F 3008 -59.38 82.20 114.85
CA UNK F 3008 -58.49 82.85 113.90
C UNK F 3008 -58.97 82.65 112.48
N UNK F 3009 -59.68 81.54 112.26
CA UNK F 3009 -60.22 81.23 110.94
C UNK F 3009 -61.41 82.13 110.61
N UNK F 3010 -62.25 82.37 111.61
CA UNK F 3010 -63.44 83.22 111.48
C UNK F 3010 -64.34 82.73 110.35
N UNK F 3011 -55.55 81.31 101.78
CA UNK F 3011 -56.67 80.87 102.62
C UNK F 3011 -56.89 79.37 102.47
N UNK F 3012 -56.27 78.77 101.46
CA UNK F 3012 -56.40 77.34 101.22
C UNK F 3012 -55.62 76.55 102.26
N UNK F 3013 -54.50 77.11 102.71
CA UNK F 3013 -53.68 76.45 103.72
C UNK F 3013 -54.37 76.50 105.08
N UNK F 3014 -55.11 77.56 105.33
CA UNK F 3014 -55.84 77.72 106.58
C UNK F 3014 -57.04 76.78 106.62
N UNK F 3015 -57.63 76.54 105.46
CA UNK F 3015 -58.78 75.64 105.34
C UNK F 3015 -58.35 74.19 105.55
N UNK F 3016 -57.12 73.88 105.12
CA UNK F 3016 -56.58 72.54 105.29
C UNK F 3016 -56.22 72.28 106.75
N UNK F 3017 -55.80 73.33 107.44
CA UNK F 3017 -55.45 73.23 108.85
C UNK F 3017 -56.70 73.07 109.70
N UNK F 3018 -57.80 73.67 109.24
CA UNK F 3018 -59.07 73.57 109.95
C UNK F 3018 -59.69 72.20 109.75
N UNK F 3019 -59.45 71.63 108.57
CA UNK F 3019 -59.97 70.30 108.24
C UNK F 3019 -59.21 69.22 109.03
N UNK F 3020 -57.92 69.45 109.24
CA UNK F 3020 -57.09 68.53 110.00
C UNK F 3020 -57.42 68.61 111.48
N UNK F 3021 -57.80 69.80 111.93
CA UNK F 3021 -58.18 70.01 113.33
C UNK F 3021 -59.54 69.40 113.63
N UNK F 3022 -60.38 69.34 112.60
CA UNK F 3022 -61.72 68.77 112.74
C UNK F 3022 -61.64 67.24 112.84
N UNK F 3023 -60.62 66.68 112.21
CA UNK F 3023 -60.42 65.24 112.24
C UNK F 3023 -59.79 64.80 113.56
N UNK F 3024 -59.10 65.73 114.21
CA UNK F 3024 -58.45 65.45 115.48
C UNK F 3024 -59.45 65.48 116.62
N UNK F 3025 -74.65 73.79 113.98
CA UNK F 3025 -74.12 72.61 113.31
C UNK F 3025 -75.05 72.17 112.17
N UNK F 3026 -76.28 71.84 112.51
CA UNK F 3026 -77.26 71.41 111.53
C UNK F 3026 -77.72 72.58 110.66
N UNK F 3027 -77.74 73.77 111.24
CA UNK F 3027 -78.15 74.97 110.52
C UNK F 3027 -77.07 75.39 109.52
N UNK F 3028 -75.82 75.09 109.85
CA UNK F 3028 -74.70 75.42 108.98
C UNK F 3028 -74.68 74.51 107.76
N UNK F 3029 -75.09 73.26 107.96
CA UNK F 3029 -75.15 72.29 106.87
C UNK F 3029 -76.31 72.58 105.94
N UNK F 3030 -77.39 73.13 106.50
CA UNK F 3030 -78.57 73.48 105.72
C UNK F 3030 -78.31 74.71 104.87
N UNK F 3031 -77.50 75.62 105.38
CA UNK F 3031 -77.16 76.85 104.67
C UNK F 3031 -76.21 76.55 103.51
N UNK F 3032 -75.37 75.54 103.70
CA UNK F 3032 -74.42 75.14 102.67
C UNK F 3032 -75.11 74.41 101.54
N UNK F 3033 -76.21 73.72 101.88
CA UNK F 3033 -76.99 73.00 100.89
C UNK F 3033 -77.82 73.95 100.03
N UNK F 3034 -78.20 75.07 100.63
CA UNK F 3034 -78.99 76.08 99.92
C UNK F 3034 -78.11 76.95 99.05
N UNK F 3035 -76.81 76.96 99.35
CA UNK F 3035 -75.85 77.75 98.58
C UNK F 3035 -75.58 77.13 97.22
N UNK F 3036 -68.41 82.85 96.79
CA UNK F 3036 -68.13 82.83 98.22
C UNK F 3036 -67.03 81.83 98.56
N UNK F 3037 -65.87 82.35 98.94
CA UNK F 3037 -64.73 81.51 99.27
C UNK F 3037 -64.90 80.89 100.65
N UNK F 3038 -65.67 81.57 101.50
CA UNK F 3038 -65.92 81.08 102.86
C UNK F 3038 -66.86 79.89 102.85
N UNK F 3039 -67.74 79.84 101.85
CA UNK F 3039 -68.70 78.76 101.73
C UNK F 3039 -68.01 77.47 101.27
N UNK F 3040 -66.99 77.61 100.43
CA UNK F 3040 -66.25 76.46 99.93
C UNK F 3040 -65.34 75.89 101.01
N UNK F 3041 -64.81 76.78 101.85
CA UNK F 3041 -63.91 76.36 102.92
C UNK F 3041 -64.69 75.70 104.05
N UNK F 3042 -65.93 76.13 104.24
CA UNK F 3042 -66.78 75.58 105.29
C UNK F 3042 -67.32 74.22 104.89
N UNK F 3043 -67.50 74.02 103.59
CA UNK F 3043 -68.01 72.75 103.07
C UNK F 3043 -66.96 71.65 103.19
N UNK F 3044 -65.70 72.02 103.05
CA UNK F 3044 -64.60 71.07 103.14
C UNK F 3044 -64.35 70.67 104.60
N UNK F 3045 -64.63 71.60 105.51
CA UNK F 3045 -64.43 71.36 106.93
C UNK F 3045 -65.59 70.55 107.50
N UNK F 3046 -66.78 70.77 106.96
CA UNK F 3046 -67.98 70.06 107.42
C UNK F 3046 -67.96 68.62 106.92
N UNK F 3047 -67.33 68.39 105.77
CA UNK F 3047 -67.25 67.05 105.20
C UNK F 3047 -66.32 66.17 106.02
N UNK F 3048 -65.24 66.76 106.52
CA UNK F 3048 -64.27 66.04 107.34
C UNK F 3048 -64.82 65.81 108.74
N UNK F 3049 -65.71 66.69 109.18
CA UNK F 3049 -66.32 66.58 110.50
C UNK F 3049 -67.43 65.55 110.50
N UNK F 3050 -68.13 65.44 109.37
CA UNK F 3050 -69.23 64.48 109.25
C UNK F 3050 -68.69 63.07 109.11
N UNK F 3051 -67.47 62.94 108.59
CA UNK F 3051 -66.83 61.64 108.42
C UNK F 3051 -66.32 61.11 109.75
N UNK F 3052 -65.95 62.02 110.64
CA UNK F 3052 -65.44 61.65 111.96
C UNK F 3052 -66.56 61.16 112.86
N UNK F 3053 -77.06 60.24 111.16
CA UNK F 3053 -75.77 60.77 110.76
C UNK F 3053 -75.40 60.31 109.35
N UNK F 3054 -75.83 59.11 108.99
CA UNK F 3054 -75.55 58.55 107.67
C UNK F 3054 -76.35 59.29 106.60
N UNK F 3055 -77.58 59.68 106.96
CA UNK F 3055 -78.44 60.40 106.03
C UNK F 3055 -77.95 61.84 105.84
N UNK F 3056 -77.32 62.38 106.87
CA UNK F 3056 -76.79 63.73 106.83
C UNK F 3056 -75.54 63.79 105.94
N UNK F 3057 -74.78 62.70 105.93
CA UNK F 3057 -73.58 62.62 105.10
C UNK F 3057 -73.94 62.48 103.63
N UNK F 3058 -75.07 61.83 103.37
CA UNK F 3058 -75.55 61.65 102.00
C UNK F 3058 -76.11 62.96 101.45
N UNK F 3059 -76.73 63.74 102.33
CA UNK F 3059 -77.29 65.03 101.94
C UNK F 3059 -76.18 66.04 101.66
N UNK F 3060 -75.07 65.90 102.37
CA UNK F 3060 -73.92 66.78 102.20
C UNK F 3060 -73.22 66.48 100.87
N UNK F 3061 -73.22 65.21 100.48
CA UNK F 3061 -72.60 64.79 99.23
C UNK F 3061 -73.46 65.21 98.05
N UNK F 3062 -74.77 65.21 98.24
CA UNK F 3062 -75.71 65.61 97.19
C UNK F 3062 -75.66 67.12 96.97
N UNK F 3063 -75.41 67.86 98.06
CA UNK F 3063 -75.32 69.31 97.98
C UNK F 3063 -74.01 69.73 97.32
N UNK F 3064 -72.95 68.95 97.58
CA UNK F 3064 -71.64 69.23 97.01
C UNK F 3064 -71.62 68.87 95.52
N UNK F 3065 -72.44 67.89 95.14
CA UNK F 3065 -72.52 67.46 93.75
C UNK F 3065 -73.26 68.49 92.91
N UNK F 3066 -74.22 69.18 93.53
CA UNK F 3066 -74.99 70.20 92.84
C UNK F 3066 -74.15 71.47 92.64
N UNK F 3067 -73.22 71.71 93.55
CA UNK F 3067 -72.35 72.87 93.48
C UNK F 3067 -71.10 72.57 92.65
N UNK F 3068 -61.59 71.18 92.07
CA UNK F 3068 -60.38 70.36 92.15
C UNK F 3068 -59.99 70.11 93.60
N UNK F 3069 -59.86 71.19 94.38
CA UNK F 3069 -59.49 71.08 95.78
C UNK F 3069 -60.66 70.54 96.61
N UNK F 3070 -61.88 70.86 96.18
CA UNK F 3070 -63.08 70.40 96.86
C UNK F 3070 -63.37 68.94 96.54
N UNK F 3071 -62.86 68.48 95.40
CA UNK F 3071 -63.06 67.11 94.97
C UNK F 3071 -62.22 66.14 95.81
N UNK F 3072 -60.99 66.55 96.10
CA UNK F 3072 -60.09 65.73 96.90
C UNK F 3072 -60.45 65.80 98.38
N UNK F 3073 -61.10 66.89 98.76
CA UNK F 3073 -61.50 67.10 100.15
C UNK F 3073 -62.77 66.30 100.47
N UNK F 3074 -63.60 66.09 99.45
CA UNK F 3074 -64.84 65.34 99.62
C UNK F 3074 -64.71 63.94 99.04
N UNK F 3075 -63.48 63.43 98.99
CA UNK F 3075 -63.21 62.10 98.45
C UNK F 3075 -63.64 61.03 99.44
N UNK F 3076 -63.42 61.29 100.74
CA UNK F 3076 -63.79 60.35 101.78
C UNK F 3076 -65.30 60.32 101.98
N UNK F 3077 -65.93 61.47 101.79
CA UNK F 3077 -67.38 61.57 101.95
C UNK F 3077 -68.10 60.89 100.79
N UNK F 3078 -67.46 60.88 99.62
CA UNK F 3078 -68.02 60.25 98.45
C UNK F 3078 -67.93 58.73 98.54
N UNK F 3079 -66.98 58.25 99.34
CA UNK F 3079 -66.80 56.81 99.53
C UNK F 3079 -67.79 56.27 100.55
N UNK F 3080 -68.37 57.16 101.34
CA UNK F 3080 -69.34 56.76 102.36
C UNK F 3080 -70.73 56.57 101.76
N UNK F 3081 -78.43 63.62 91.46
CA UNK F 3081 -78.23 62.43 90.64
C UNK F 3081 -76.93 62.55 89.83
N UNK F 3082 -76.15 61.49 89.83
CA UNK F 3082 -74.89 61.47 89.09
C UNK F 3082 -75.13 61.08 87.63
N UNK F 3083 -76.29 60.52 87.35
CA UNK F 3083 -76.64 60.09 86.00
C UNK F 3083 -76.97 61.30 85.12
N UNK F 3084 -77.57 62.31 85.72
CA UNK F 3084 -77.95 63.52 85.00
C UNK F 3084 -76.71 64.38 84.71
N UNK F 3085 -75.77 64.39 85.64
CA UNK F 3085 -74.54 65.16 85.48
C UNK F 3085 -73.63 64.53 84.44
N UNK F 3086 -73.65 63.20 84.38
CA UNK F 3086 -72.82 62.46 83.42
C UNK F 3086 -73.40 62.60 82.01
N UNK F 3087 -74.71 62.71 81.93
CA UNK F 3087 -75.39 62.86 80.64
C UNK F 3087 -75.15 64.25 80.07
N UNK F 3088 -75.04 65.24 80.94
CA UNK F 3088 -74.79 66.61 80.52
C UNK F 3088 -73.36 66.77 80.02
N UNK F 3089 -72.44 66.03 80.64
CA UNK F 3089 -71.04 66.06 80.24
C UNK F 3089 -70.84 65.33 78.91
N UNK F 3090 -71.73 64.39 78.63
CA UNK F 3090 -71.68 63.64 77.38
C UNK F 3090 -72.17 64.49 76.23
N UNK F 3091 -73.13 65.38 76.50
CA UNK F 3091 -73.67 66.26 75.49
C UNK F 3091 -72.70 67.41 75.21
N UNK F 3092 -71.97 67.82 76.23
CA UNK F 3092 -70.98 68.89 76.09
C UNK F 3092 -69.81 68.41 75.25
N UNK F 3093 -69.42 67.16 75.43
CA UNK F 3093 -68.34 66.57 74.67
C UNK F 3093 -68.82 66.22 73.26
N UNK F 3094 -70.13 66.06 73.11
CA UNK F 3094 -70.73 65.74 71.82
C UNK F 3094 -70.60 66.91 70.85
N UNK F 3095 -70.77 68.12 71.37
CA UNK F 3095 -70.67 69.33 70.56
C UNK F 3095 -69.22 69.78 70.43
N UNK F 3096 -68.36 69.20 71.26
CA UNK F 3096 -66.94 69.54 71.25
C UNK F 3096 -66.24 68.96 70.02
N UNK F 3097 -66.42 67.66 69.80
CA UNK F 3097 -65.81 66.99 68.67
C UNK F 3097 -66.57 67.28 67.38
N UNK F 3098 -67.82 67.70 67.52
CA UNK F 3098 -68.65 68.06 66.37
C UNK F 3098 -68.11 69.33 65.73
N UNK F 3099 -67.55 70.21 66.55
CA UNK F 3099 -66.95 71.45 66.07
C UNK F 3099 -65.54 71.18 65.56
N UNK F 3100 -64.95 70.09 66.03
CA UNK F 3100 -63.60 69.70 65.61
C UNK F 3100 -63.64 68.99 64.27
N UNK F 3101 -64.79 68.43 63.94
CA UNK F 3101 -64.97 67.71 62.67
C UNK F 3101 -65.52 68.65 61.60
N PRO F 3102 -62.82 60.60 88.38
CA PRO F 3102 -63.27 61.66 89.28
C PRO F 3102 -63.98 61.12 90.51
N LEU F 3103 -65.02 61.82 90.96
CA LEU F 3103 -65.77 61.39 92.13
C LEU F 3103 -66.60 60.15 91.87
N LEU F 3104 -67.03 59.92 90.62
CA LEU F 3104 -67.83 58.74 90.29
C LEU F 3104 -67.00 57.46 90.35
N ILE F 3105 -65.67 57.56 90.20
CA ILE F 3105 -64.83 56.38 90.26
C ILE F 3105 -64.87 55.75 91.65
N ARG F 3106 -64.81 56.59 92.70
CA ARG F 3106 -64.86 56.08 94.06
C ARG F 3106 -66.21 55.46 94.38
N TYR F 3107 -67.28 55.93 93.74
CA TYR F 3107 -68.62 55.39 93.96
C TYR F 3107 -68.93 54.20 93.05
N VAL F 3108 -68.20 54.06 91.94
CA VAL F 3108 -68.48 52.97 91.01
C VAL F 3108 -68.10 51.63 91.61
N ASP F 3109 -66.90 51.53 92.17
CA ASP F 3109 -66.42 50.26 92.70
C ASP F 3109 -67.14 49.86 93.98
N ASN F 3110 -67.56 50.84 94.78
CA ASN F 3110 -68.30 50.54 96.01
C ASN F 3110 -69.65 49.89 95.69
N ASN F 3111 -70.33 50.37 94.66
CA ASN F 3111 -71.62 49.83 94.26
C ASN F 3111 -71.52 48.81 93.13
N ARG F 3112 -70.29 48.50 92.68
CA ARG F 3112 -70.13 47.53 91.60
C ARG F 3112 -70.58 46.13 92.02
N ALA F 3113 -70.33 45.75 93.28
CA ALA F 3113 -70.77 44.45 93.76
C ALA F 3113 -72.28 44.31 93.72
N HIS F 3114 -73.00 45.37 94.14
CA HIS F 3114 -74.46 45.33 94.07
C HIS F 3114 -74.94 45.33 92.62
N TRP F 3115 -74.23 46.04 91.74
CA TRP F 3115 -74.64 46.10 90.33
C TRP F 3115 -74.39 44.79 89.61
N LEU F 3116 -73.46 43.96 90.09
CA LEU F 3116 -73.17 42.69 89.42
C LEU F 3116 -74.18 41.63 89.79
N THR F 3117 -74.49 41.49 91.08
CA THR F 3117 -75.42 40.47 91.53
C THR F 3117 -76.87 40.82 91.22
N GLU F 3118 -77.17 42.10 90.99
CA GLU F 3118 -78.53 42.54 90.70
C GLU F 3118 -78.49 43.46 89.50
N PRO F 3119 -79.15 43.12 88.39
CA PRO F 3119 -79.18 44.02 87.24
C PRO F 3119 -79.87 45.34 87.57
N ASN F 3120 -79.36 46.42 87.01
CA ASN F 3120 -79.84 47.77 87.28
C ASN F 3120 -79.92 48.51 85.95
N PRO F 3121 -81.10 49.01 85.53
CA PRO F 3121 -81.16 49.68 84.22
C PRO F 3121 -80.51 51.06 84.20
N SER F 3122 -80.34 51.69 85.37
CA SER F 3122 -79.54 52.91 85.42
C SER F 3122 -78.06 52.60 85.25
N ALA F 3123 -77.60 51.47 85.77
CA ALA F 3123 -76.20 51.07 85.58
C ALA F 3123 -75.90 50.81 84.11
N GLU F 3124 -76.80 50.12 83.41
CA GLU F 3124 -76.62 49.92 81.98
C GLU F 3124 -76.66 51.24 81.22
N GLU F 3125 -77.58 52.14 81.60
CA GLU F 3125 -77.62 53.46 80.99
C GLU F 3125 -76.38 54.27 81.36
N LEU F 3126 -75.79 54.02 82.53
CA LEU F 3126 -74.56 54.71 82.91
C LEU F 3126 -73.40 54.32 82.00
N PHE F 3127 -73.37 53.07 81.54
CA PHE F 3127 -72.33 52.65 80.60
C PHE F 3127 -72.44 53.40 79.29
N ARG F 3128 -73.67 53.64 78.82
CA ARG F 3128 -73.86 54.40 77.58
C ARG F 3128 -73.34 55.83 77.70
N MET F 3129 -73.27 56.37 78.90
CA MET F 3129 -72.71 57.71 79.10
C MET F 3129 -71.19 57.69 79.03
N VAL F 3130 -70.55 56.85 79.86
CA VAL F 3130 -69.10 56.75 79.83
C VAL F 3130 -68.61 56.11 78.54
N GLY F 3131 -69.42 55.21 77.96
CA GLY F 3131 -69.05 54.62 76.68
C GLY F 3131 -68.93 55.62 75.56
N GLU F 3132 -69.83 56.61 75.53
CA GLU F 3132 -69.70 57.69 74.56
C GLU F 3132 -68.47 58.53 74.81
N ILE F 3133 -68.12 58.76 76.07
CA ILE F 3133 -66.91 59.52 76.40
C ILE F 3133 -65.67 58.74 75.93
N PHE F 3134 -65.63 57.43 76.18
CA PHE F 3134 -64.51 56.63 75.72
C PHE F 3134 -64.44 56.58 74.20
N ILE F 3135 -65.58 56.49 73.53
CA ILE F 3135 -65.60 56.52 72.07
C ILE F 3135 -65.11 57.87 71.55
N TYR F 3136 -65.53 58.96 72.18
CA TYR F 3136 -65.09 60.28 71.76
C TYR F 3136 -63.63 60.54 72.13
N TRP F 3137 -63.15 59.94 73.22
CA TRP F 3137 -61.75 60.09 73.60
C TRP F 3137 -60.82 59.45 72.56
N SER F 3138 -61.21 58.30 72.02
CA SER F 3138 -60.38 57.61 71.03
C SER F 3138 -60.20 58.46 69.78
N LYS F 3139 -61.26 59.12 69.32
CA LYS F 3139 -61.18 59.98 68.15
C LYS F 3139 -61.99 61.26 68.34
N UNK F 3140 -56.09 58.83 81.57
CA UNK F 3140 -55.92 57.70 82.49
C UNK F 3140 -57.17 57.51 83.34
N UNK F 3141 -57.79 58.62 83.73
CA UNK F 3141 -59.00 58.58 84.55
C UNK F 3141 -60.19 58.12 83.73
N UNK F 3142 -60.17 58.43 82.43
CA UNK F 3142 -61.26 58.05 81.54
C UNK F 3142 -61.20 56.56 81.22
N UNK F 3143 -59.99 56.01 81.17
CA UNK F 3143 -59.79 54.60 80.88
C UNK F 3143 -60.15 53.74 82.09
N UNK F 3144 -59.92 54.28 83.27
CA UNK F 3144 -60.22 53.56 84.51
C UNK F 3144 -61.72 53.48 84.75
N UNK F 3145 -62.43 54.55 84.40
CA UNK F 3145 -63.88 54.59 84.56
C UNK F 3145 -64.56 53.72 83.52
N UNK F 3146 -63.93 53.57 82.36
CA UNK F 3146 -64.47 52.77 81.29
C UNK F 3146 -64.21 51.28 81.53
N UNK F 3147 -63.19 51.00 82.35
CA UNK F 3147 -62.83 49.62 82.69
C UNK F 3147 -63.72 49.08 83.80
N UNK F 3148 -64.01 49.92 84.78
CA UNK F 3148 -64.86 49.54 85.91
C UNK F 3148 -66.30 49.35 85.44
N UNK F 3149 -66.71 50.12 84.44
CA UNK F 3149 -68.05 50.03 83.89
C UNK F 3149 -68.18 48.82 82.97
N UNK F 3150 -67.04 48.40 82.40
CA UNK F 3150 -67.02 47.25 81.50
C UNK F 3150 -67.32 45.95 82.24
N UNK F 3151 -67.14 45.99 83.56
CA UNK F 3151 -67.40 44.82 84.40
C UNK F 3151 -68.90 44.59 84.58
N UNK F 3152 -69.66 45.68 84.47
CA UNK F 3152 -71.11 45.60 84.66
C UNK F 3152 -71.84 45.37 83.35
N UNK F 3153 -71.26 45.84 82.25
CA UNK F 3153 -71.88 45.69 80.94
C UNK F 3153 -71.80 44.26 80.44
N UNK F 3154 -70.68 43.60 80.71
CA UNK F 3154 -70.47 42.22 80.28
C UNK F 3154 -71.42 41.27 81.02
N UNK F 3155 -71.75 41.63 82.27
CA UNK F 3155 -72.66 40.83 83.07
C UNK F 3155 -74.10 41.06 82.64
N UNK F 3156 -74.36 42.23 82.07
CA UNK F 3156 -75.70 42.57 81.61
C UNK F 3156 -75.96 42.02 80.22
N UNK F 3157 -74.90 41.90 79.43
CA UNK F 3157 -75.01 41.37 78.06
C UNK F 3157 -74.82 39.86 78.05
N UNK F 3158 -71.00 39.84 68.33
CA UNK F 3158 -69.85 39.23 68.99
C UNK F 3158 -68.54 39.71 68.37
N UNK F 3159 -67.66 38.77 68.06
CA UNK F 3159 -66.37 39.10 67.45
C UNK F 3159 -66.56 39.55 66.00
N UNK F 3160 -67.57 39.00 65.35
CA UNK F 3160 -67.88 39.36 63.96
C UNK F 3160 -68.44 40.77 63.89
N UNK F 3161 -69.17 41.17 64.94
CA UNK F 3161 -69.75 42.50 65.01
C UNK F 3161 -68.66 43.55 65.24
N UNK F 3162 -67.60 43.16 65.96
CA UNK F 3162 -66.49 44.04 66.23
C UNK F 3162 -65.66 44.26 64.96
N UNK F 3163 -65.61 43.25 64.12
CA UNK F 3163 -64.89 43.33 62.86
C UNK F 3163 -65.65 44.21 61.87
N UNK F 3164 -66.98 44.18 61.96
CA UNK F 3164 -67.82 44.99 61.09
C UNK F 3164 -67.76 46.45 61.50
N UNK F 3165 -67.55 46.69 62.79
CA UNK F 3165 -67.42 48.04 63.31
C UNK F 3165 -66.07 48.63 62.97
N UNK F 3166 -65.08 47.76 62.81
CA UNK F 3166 -63.73 48.19 62.46
C UNK F 3166 -63.66 48.60 60.99
N UNK F 3167 -64.54 48.01 60.18
CA UNK F 3167 -64.59 48.31 58.76
C UNK F 3167 -65.47 49.54 58.50
N UNK F 3168 -66.27 49.90 59.48
CA UNK F 3168 -67.18 51.05 59.40
C UNK F 3168 -68.09 50.96 58.19
N UNK F 3169 -75.17 48.68 62.94
CA UNK F 3169 -76.18 47.70 63.35
C UNK F 3169 -76.82 47.04 62.13
N UNK F 3170 -76.51 47.56 60.95
CA UNK F 3170 -77.06 47.01 59.71
C UNK F 3170 -76.39 45.68 59.37
N UNK F 3171 -75.10 45.58 59.68
CA UNK F 3171 -74.35 44.35 59.41
C UNK F 3171 -74.74 43.26 60.40
N UNK F 3172 -75.11 43.67 61.62
CA UNK F 3172 -75.51 42.73 62.65
C UNK F 3172 -76.92 42.21 62.38
N UNK F 3173 -77.73 43.04 61.73
CA UNK F 3173 -79.10 42.65 61.39
C UNK F 3173 -79.12 41.67 60.24
N UNK F 3174 -78.13 41.77 59.37
CA UNK F 3174 -78.02 40.87 58.22
C UNK F 3174 -77.49 39.51 58.65
N UNK F 3175 -76.70 39.49 59.72
CA UNK F 3175 -76.13 38.26 60.25
C UNK F 3175 -77.17 37.49 61.06
N UNK F 3176 -78.07 38.24 61.71
CA UNK F 3176 -79.12 37.66 62.53
C UNK F 3176 -78.56 36.74 63.62
N SER F 3177 -68.94 24.21 77.50
CA SER F 3177 -68.56 25.53 77.98
C SER F 3177 -69.77 26.45 78.04
N LEU F 3178 -70.72 26.25 77.13
CA LEU F 3178 -71.93 27.07 77.10
C LEU F 3178 -72.96 26.63 78.12
N ARG F 3179 -72.82 25.44 78.71
CA ARG F 3179 -73.80 24.97 79.69
C ARG F 3179 -73.75 25.82 80.96
N TRP F 3180 -72.56 26.03 81.51
CA TRP F 3180 -72.45 26.82 82.74
C TRP F 3180 -72.60 28.31 82.48
N GLN F 3181 -72.21 28.80 81.30
CA GLN F 3181 -72.40 30.21 80.98
C GLN F 3181 -73.88 30.55 80.88
N MET F 3182 -74.68 29.67 80.28
CA MET F 3182 -76.11 29.92 80.16
C MET F 3182 -76.80 29.88 81.51
N ALA F 3183 -76.30 29.07 82.45
CA ALA F 3183 -76.90 29.00 83.77
C ALA F 3183 -76.79 30.34 84.49
N LEU F 3184 -75.62 30.98 84.41
CA LEU F 3184 -75.45 32.29 85.02
C LEU F 3184 -76.21 33.37 84.26
N TYR F 3185 -76.38 33.21 82.95
CA TYR F 3185 -77.16 34.18 82.19
C TYR F 3185 -78.62 34.16 82.59
N ARG F 3186 -79.22 32.98 82.65
CA ARG F 3186 -80.63 32.88 83.03
C ARG F 3186 -80.82 33.15 84.52
N GLY F 3187 -79.91 32.67 85.35
CA GLY F 3187 -80.00 32.86 86.79
C GLY F 3187 -79.66 34.27 87.22
N UNK F 3226 -83.53 45.20 70.78
CA UNK F 3226 -82.85 45.45 72.04
C UNK F 3226 -81.53 44.68 72.11
N UNK F 3227 -81.53 43.45 71.60
CA UNK F 3227 -80.34 42.62 71.61
C UNK F 3227 -79.33 43.11 70.57
N UNK F 3228 -79.84 43.67 69.48
CA UNK F 3228 -78.98 44.18 68.42
C UNK F 3228 -78.36 45.53 68.80
N UNK F 3229 -79.02 46.23 69.72
CA UNK F 3229 -78.54 47.52 70.19
C UNK F 3229 -77.46 47.35 71.25
N UNK F 3230 -77.56 46.29 72.04
CA UNK F 3230 -76.59 46.01 73.09
C UNK F 3230 -75.31 45.42 72.51
N UNK F 3231 -75.43 44.79 71.35
CA UNK F 3231 -74.28 44.18 70.68
C UNK F 3231 -73.49 45.21 69.90
N UNK F 3232 -74.16 46.28 69.50
CA UNK F 3232 -73.52 47.35 68.72
C UNK F 3232 -72.67 48.24 69.62
N UNK F 3233 -73.13 48.43 70.85
CA UNK F 3233 -72.40 49.28 71.81
C UNK F 3233 -71.24 48.52 72.44
N UNK F 3234 -71.40 47.22 72.58
CA UNK F 3234 -70.37 46.38 73.18
C UNK F 3234 -69.21 46.15 72.21
N UNK F 3235 -69.53 45.98 70.94
CA UNK F 3235 -68.52 45.75 69.92
C UNK F 3235 -67.73 47.03 69.63
N UNK F 3236 -68.40 48.17 69.74
CA UNK F 3236 -67.75 49.46 69.50
C UNK F 3236 -66.78 49.81 70.62
N UNK F 3237 -67.14 49.44 71.85
CA UNK F 3237 -66.30 49.70 73.00
C UNK F 3237 -65.10 48.76 73.05
N UNK F 3238 -65.32 47.53 72.57
CA UNK F 3238 -64.26 46.53 72.54
C UNK F 3238 -63.24 46.83 71.45
N UNK F 3239 -63.73 47.37 70.32
CA UNK F 3239 -62.86 47.72 69.21
C UNK F 3239 -62.00 48.92 69.53
N UNK F 3240 -62.56 49.85 70.30
CA UNK F 3240 -61.84 51.05 70.71
C UNK F 3240 -60.81 50.71 71.78
N UNK F 3241 -61.14 49.73 72.62
CA UNK F 3241 -60.23 49.30 73.68
C UNK F 3241 -59.05 48.54 73.10
N UNK F 3242 -59.30 47.79 72.03
CA UNK F 3242 -58.25 47.02 71.36
C UNK F 3242 -57.30 47.96 70.60
N UNK F 3243 -57.84 49.05 70.09
CA UNK F 3243 -57.05 50.03 69.36
C UNK F 3243 -56.19 50.85 70.31
N UNK F 3244 -56.67 51.01 71.55
CA UNK F 3244 -55.94 51.75 72.57
C UNK F 3244 -54.76 50.94 73.09
N UNK F 3245 -54.92 49.62 73.09
CA UNK F 3245 -53.85 48.73 73.55
C UNK F 3245 -52.77 48.59 72.49
N UNK F 3246 -53.14 48.78 71.23
CA UNK F 3246 -52.20 48.68 70.12
C UNK F 3246 -51.35 49.94 70.01
N MET F 3247 -18.93 78.88 62.63
CA MET F 3247 -17.48 79.06 62.61
C MET F 3247 -17.12 80.52 62.86
N THR F 3248 -15.83 80.83 62.75
CA THR F 3248 -15.36 82.19 62.97
C THR F 3248 -15.83 83.10 61.84
N PRO F 3249 -16.37 84.27 62.14
CA PRO F 3249 -16.81 85.19 61.08
C PRO F 3249 -15.62 85.70 60.27
N LEU F 3250 -15.93 86.13 59.04
CA LEU F 3250 -14.88 86.57 58.12
C LEU F 3250 -14.19 87.83 58.63
N TYR F 3251 -14.93 88.75 59.23
CA TYR F 3251 -14.35 90.03 59.63
C TYR F 3251 -13.39 89.89 60.81
N ASN F 3252 -13.54 88.84 61.62
CA ASN F 3252 -12.61 88.61 62.72
C ASN F 3252 -11.25 88.10 62.27
N LEU F 3253 -11.12 87.67 61.02
CA LEU F 3253 -9.83 87.21 60.53
C LEU F 3253 -8.88 88.39 60.35
N PRO F 3254 -7.62 88.26 60.75
CA PRO F 3254 -6.64 89.32 60.49
C PRO F 3254 -6.42 89.52 58.99
N THR F 3255 -6.03 90.74 58.65
CA THR F 3255 -5.84 91.08 57.23
C THR F 3255 -4.74 90.25 56.60
N HIS F 3256 -3.66 89.99 57.34
CA HIS F 3256 -2.52 89.27 56.77
C HIS F 3256 -2.88 87.84 56.38
N ARG F 3257 -3.87 87.24 57.04
CA ARG F 3257 -4.26 85.87 56.73
C ARG F 3257 -5.40 85.82 55.72
N ALA F 3258 -6.28 86.82 55.73
CA ALA F 3258 -7.42 86.81 54.81
C ALA F 3258 -6.98 86.92 53.36
N CYS F 3259 -5.88 87.64 53.10
CA CYS F 3259 -5.39 87.75 51.74
C CYS F 3259 -4.86 86.43 51.20
N ASN F 3260 -4.37 85.56 52.09
CA ASN F 3260 -3.84 84.27 51.65
C ASN F 3260 -4.93 83.42 51.01
N MET F 3261 -6.09 83.34 51.65
CA MET F 3261 -7.20 82.58 51.09
C MET F 3261 -7.86 83.30 49.91
N PHE F 3262 -7.78 84.63 49.86
CA PHE F 3262 -8.31 85.35 48.71
C PHE F 3262 -7.57 85.01 47.44
N LEU F 3263 -6.24 84.88 47.51
CA LEU F 3263 -5.46 84.54 46.33
C LEU F 3263 -5.79 83.14 45.82
N GLU F 3264 -5.95 82.17 46.72
CA GLU F 3264 -6.32 80.82 46.30
C GLU F 3264 -7.71 80.79 45.68
N SER F 3265 -8.67 81.51 46.27
CA SER F 3265 -10.04 81.51 45.75
C SER F 3265 -10.13 82.24 44.43
N TYR F 3266 -9.47 83.41 44.33
CA TYR F 3266 -9.54 84.20 43.11
C TYR F 3266 -8.85 83.51 41.94
N LYS F 3267 -7.81 82.73 42.19
CA LYS F 3267 -7.09 82.04 41.10
C LYS F 3267 -7.99 81.02 40.42
N ALA F 3268 -8.71 80.22 41.20
CA ALA F 3268 -9.52 79.14 40.63
C ALA F 3268 -10.88 79.62 40.15
N ALA F 3269 -11.39 80.72 40.71
CA ALA F 3269 -12.74 81.19 40.35
C ALA F 3269 -12.76 82.05 39.10
N TRP F 3270 -11.71 82.82 38.84
CA TRP F 3270 -11.67 83.73 37.70
C TRP F 3270 -10.55 83.42 36.72
N ILE F 3271 -9.33 83.26 37.21
CA ILE F 3271 -8.19 83.04 36.32
C ILE F 3271 -8.25 81.66 35.67
N LEU F 3272 -8.62 80.64 36.44
CA LEU F 3272 -8.60 79.27 35.93
C LEU F 3272 -9.60 79.08 34.78
N THR F 3273 -10.80 79.67 34.91
CA THR F 3273 -11.84 79.51 33.91
C THR F 3273 -11.76 80.62 32.84
N GLU F 3274 -10.57 80.75 32.27
CA GLU F 3274 -10.29 81.73 31.24
C GLU F 3274 -10.03 81.03 29.91
N ASP F 3275 -10.46 81.67 28.82
CA ASP F 3275 -10.30 81.14 27.49
C ASP F 3275 -9.12 81.82 26.81
N HIS F 3276 -8.17 81.02 26.34
CA HIS F 3276 -6.97 81.53 25.65
C HIS F 3276 -6.79 80.74 24.37
N SER F 3277 -6.87 81.42 23.23
CA SER F 3277 -6.70 80.80 21.91
C SER F 3277 -5.36 81.13 21.29
N PHE F 3278 -4.32 81.30 22.11
CA PHE F 3278 -2.99 81.60 21.61
C PHE F 3278 -2.34 80.43 20.91
N GLU F 3279 -2.90 79.22 21.02
CA GLU F 3279 -2.33 78.07 20.33
C GLU F 3279 -2.44 78.21 18.83
N ASP F 3280 -3.57 78.71 18.33
CA ASP F 3280 -3.76 78.85 16.88
C ASP F 3280 -2.84 79.91 16.30
N ARG F 3281 -2.77 81.07 16.95
CA ARG F 3281 -1.97 82.17 16.41
C ARG F 3281 -0.48 81.85 16.41
N MET F 3282 0.00 81.14 17.44
CA MET F 3282 1.43 80.82 17.52
C MET F 3282 1.85 79.88 16.40
N ILE F 3283 1.03 78.87 16.09
CA ILE F 3283 1.39 77.91 15.04
C ILE F 3283 1.44 78.59 13.69
N ASP F 3284 0.45 79.44 13.39
CA ASP F 3284 0.45 80.16 12.11
C ASP F 3284 1.63 81.11 11.99
N ASP F 3285 2.02 81.76 13.10
CA ASP F 3285 3.15 82.67 13.06
C ASP F 3285 4.44 81.95 12.72
N LEU F 3286 4.67 80.77 13.31
CA LEU F 3286 5.89 80.03 13.03
C LEU F 3286 5.87 79.38 11.65
N SER F 3287 4.70 78.87 11.23
CA SER F 3287 4.60 78.23 9.92
C SER F 3287 4.81 79.23 8.80
N LYS F 3288 4.21 80.42 8.91
CA LYS F 3288 4.35 81.43 7.87
C LYS F 3288 5.73 82.07 7.87
N ALA F 3289 6.46 81.98 8.99
CA ALA F 3289 7.79 82.59 9.04
C ALA F 3289 8.76 81.89 8.10
N GLY F 3290 8.67 80.56 7.97
CA GLY F 3290 9.55 79.84 7.07
C GLY F 3290 9.36 80.22 5.61
N GLU F 3291 8.12 80.48 5.21
CA GLU F 3291 7.79 80.90 3.85
C GLU F 3291 7.56 82.40 3.76
N GLN F 3292 8.26 83.19 4.57
CA GLN F 3292 8.06 84.63 4.57
C GLN F 3292 8.47 85.24 3.23
N GLU F 3293 9.62 84.84 2.70
CA GLU F 3293 10.10 85.37 1.43
C GLU F 3293 11.00 84.34 0.77
N GLU F 3294 11.15 84.48 -0.55
CA GLU F 3294 12.01 83.58 -1.30
C GLU F 3294 13.48 83.88 -1.02
N GLU F 3295 14.25 82.83 -0.76
CA GLU F 3295 15.67 83.00 -0.47
C GLU F 3295 16.41 83.46 -1.72
N GLU F 3296 17.32 84.43 -1.52
CA GLU F 3296 18.13 84.92 -2.64
C GLU F 3296 19.10 83.86 -3.14
N GLU F 3297 19.66 83.06 -2.24
CA GLU F 3297 20.60 82.02 -2.66
C GLU F 3297 19.91 80.95 -3.49
N GLU F 3298 18.65 80.62 -3.17
CA GLU F 3298 17.88 79.60 -3.89
C GLU F 3298 18.60 78.26 -3.88
N VAL F 3299 19.05 77.86 -2.69
CA VAL F 3299 19.75 76.58 -2.56
C VAL F 3299 18.76 75.42 -2.70
N GLU F 3300 19.30 74.24 -2.95
CA GLU F 3300 18.46 73.05 -3.10
C GLU F 3300 17.74 72.72 -1.80
N GLU F 3301 18.44 72.84 -0.67
CA GLU F 3301 17.85 72.59 0.65
C GLU F 3301 17.43 73.93 1.24
N LYS F 3302 16.12 74.19 1.25
CA LYS F 3302 15.61 75.44 1.77
C LYS F 3302 15.78 75.50 3.29
N LYS F 3303 15.81 76.73 3.81
CA LYS F 3303 15.95 76.92 5.25
C LYS F 3303 14.70 76.41 5.96
N PRO F 3304 14.85 75.54 6.95
CA PRO F 3304 13.66 75.02 7.66
C PRO F 3304 12.91 76.12 8.38
N ASP F 3305 11.58 75.95 8.43
CA ASP F 3305 10.74 76.90 9.12
C ASP F 3305 10.97 76.82 10.63
N PRO F 3306 10.61 77.89 11.36
CA PRO F 3306 10.72 77.81 12.83
C PRO F 3306 9.92 76.67 13.43
N LEU F 3307 8.74 76.37 12.87
CA LEU F 3307 8.02 75.17 13.28
C LEU F 3307 8.80 73.92 12.88
N HIS F 3308 9.39 73.92 11.68
CA HIS F 3308 10.26 72.81 11.28
C HIS F 3308 11.50 72.72 12.17
N GLN F 3309 12.06 73.87 12.55
CA GLN F 3309 13.19 73.86 13.48
C GLN F 3309 12.77 73.40 14.87
N LEU F 3310 11.51 73.58 15.22
CA LEU F 3310 11.04 73.20 16.56
C LEU F 3310 11.02 71.68 16.73
N VAL F 3311 10.47 70.96 15.76
CA VAL F 3311 10.40 69.51 15.87
C VAL F 3311 11.79 68.89 15.77
N LEU F 3312 12.70 69.51 15.02
CA LEU F 3312 14.06 69.00 14.92
C LEU F 3312 14.80 69.12 16.25
N HIS F 3313 14.52 70.16 17.03
CA HIS F 3313 15.16 70.30 18.34
C HIS F 3313 14.67 69.22 19.30
N PHE F 3314 13.36 68.96 19.31
CA PHE F 3314 12.82 67.96 20.23
C PHE F 3314 13.21 66.55 19.82
N SER F 3315 13.31 66.29 18.50
CA SER F 3315 13.77 64.98 18.05
C SER F 3315 15.26 64.79 18.31
N ARG F 3316 16.04 65.87 18.37
CA ARG F 3316 17.47 65.75 18.64
C ARG F 3316 17.73 65.22 20.04
N THR F 3317 17.01 65.74 21.04
CA THR F 3317 17.19 65.27 22.40
C THR F 3317 16.56 63.89 22.63
N ALA F 3318 15.62 63.48 21.78
CA ALA F 3318 15.04 62.15 21.91
C ALA F 3318 16.05 61.07 21.51
N LEU F 3319 16.85 61.33 20.49
CA LEU F 3319 17.86 60.39 20.04
C LEU F 3319 19.12 60.42 20.89
N THR F 3320 19.23 61.35 21.83
CA THR F 3320 20.39 61.39 22.72
C THR F 3320 20.41 60.16 23.61
N GLU F 3321 21.56 59.49 23.66
CA GLU F 3321 21.69 58.26 24.45
C GLU F 3321 21.67 58.61 25.93
N LYS F 3322 20.59 58.26 26.62
CA LYS F 3322 20.45 58.53 28.04
C LYS F 3322 19.78 57.34 28.71
N SER F 3323 19.98 57.23 30.02
CA SER F 3323 19.39 56.14 30.79
C SER F 3323 17.87 56.31 30.88
N LYS F 3324 17.42 57.44 31.42
CA LYS F 3324 16.00 57.73 31.55
C LYS F 3324 15.71 59.08 30.93
N LEU F 3325 14.50 59.21 30.38
CA LEU F 3325 14.07 60.46 29.75
C LEU F 3325 13.66 61.45 30.83
N ASP F 3326 14.49 62.46 31.05
CA ASP F 3326 14.24 63.42 32.11
C ASP F 3326 13.03 64.29 31.80
N GLU F 3327 12.36 64.77 32.84
CA GLU F 3327 11.20 65.62 32.68
C GLU F 3327 11.61 66.97 32.08
N ASP F 3328 10.83 67.44 31.11
CA ASP F 3328 11.10 68.70 30.44
C ASP F 3328 9.78 69.47 30.34
N TYR F 3329 9.74 70.65 30.97
CA TYR F 3329 8.51 71.44 30.95
C TYR F 3329 8.27 72.10 29.61
N LEU F 3330 9.35 72.45 28.89
CA LEU F 3330 9.20 73.13 27.61
C LEU F 3330 8.54 72.25 26.57
N TYR F 3331 8.88 70.95 26.55
CA TYR F 3331 8.27 70.04 25.59
C TYR F 3331 6.79 69.82 25.88
N MET F 3332 6.41 69.82 27.17
CA MET F 3332 5.01 69.63 27.53
C MET F 3332 4.12 70.72 26.98
N ALA F 3333 4.56 71.98 27.05
CA ALA F 3333 3.76 73.08 26.54
C ALA F 3333 3.63 73.03 25.02
N TYR F 3334 4.75 72.79 24.32
CA TYR F 3334 4.72 72.78 22.86
C TYR F 3334 3.96 71.57 22.31
N ALA F 3335 3.98 70.44 23.02
CA ALA F 3335 3.22 69.29 22.57
C ALA F 3335 1.72 69.54 22.61
N ASP F 3336 1.24 70.27 23.63
CA ASP F 3336 -0.18 70.57 23.73
C ASP F 3336 -0.64 71.56 22.66
N ILE F 3337 0.17 72.58 22.36
CA ILE F 3337 -0.22 73.58 21.38
C ILE F 3337 -0.35 72.95 20.00
N MET F 3338 0.63 72.13 19.61
CA MET F 3338 0.63 71.53 18.29
C MET F 3338 -0.54 70.58 18.09
N ALA F 3339 -0.88 69.79 19.12
CA ALA F 3339 -2.02 68.90 19.03
C ALA F 3339 -3.33 69.67 19.03
N LYS F 3340 -3.43 70.72 19.85
CA LYS F 3340 -4.67 71.49 19.92
C LYS F 3340 -4.91 72.29 18.65
N SER F 3341 -3.84 72.82 18.04
CA SER F 3341 -4.00 73.61 16.82
C SER F 3341 -4.53 72.76 15.67
N CYS F 3342 -3.97 71.56 15.50
CA CYS F 3342 -4.40 70.69 14.42
C CYS F 3342 -5.72 69.99 14.72
N HIS F 3343 -6.12 69.93 15.99
CA HIS F 3343 -7.40 69.33 16.34
C HIS F 3343 -8.57 70.14 15.80
N LEU F 3344 -8.49 71.46 15.88
CA LEU F 3344 -9.56 72.33 15.38
C LEU F 3344 -9.01 73.67 14.91
N SER F 3360 -25.67 67.93 4.60
CA SER F 3360 -24.50 68.79 4.78
C SER F 3360 -23.24 68.13 4.21
N PHE F 3361 -23.34 67.69 2.95
CA PHE F 3361 -22.19 67.06 2.30
C PHE F 3361 -21.04 68.04 2.14
N GLU F 3362 -21.34 69.28 1.75
CA GLU F 3362 -20.29 70.28 1.59
C GLU F 3362 -19.67 70.67 2.93
N GLU F 3363 -20.48 70.73 3.98
CA GLU F 3363 -19.95 71.09 5.30
C GLU F 3363 -18.96 70.05 5.81
N LYS F 3364 -19.28 68.77 5.63
CA LYS F 3364 -18.38 67.71 6.08
C LYS F 3364 -17.06 67.72 5.30
N GLU F 3365 -17.13 67.92 3.98
CA GLU F 3365 -15.92 67.97 3.18
C GLU F 3365 -15.05 69.16 3.58
N MET F 3366 -15.67 70.32 3.83
CA MET F 3366 -14.92 71.50 4.24
C MET F 3366 -14.21 71.26 5.58
N GLU F 3367 -14.89 70.61 6.52
CA GLU F 3367 -14.24 70.27 7.78
C GLU F 3367 -13.17 69.20 7.59
N LYS F 3368 -13.39 68.27 6.66
CA LYS F 3368 -12.41 67.24 6.41
C LYS F 3368 -11.13 67.81 5.80
N GLN F 3369 -11.26 68.72 4.82
CA GLN F 3369 -10.07 69.31 4.22
C GLN F 3369 -9.38 70.29 5.16
N ARG F 3370 -10.14 70.92 6.05
CA ARG F 3370 -9.54 71.77 7.08
C ARG F 3370 -8.72 70.94 8.05
N LEU F 3371 -9.27 69.80 8.50
CA LEU F 3371 -8.52 68.93 9.40
C LEU F 3371 -7.29 68.35 8.73
N LEU F 3372 -7.39 68.03 7.44
CA LEU F 3372 -6.23 67.54 6.70
C LEU F 3372 -5.15 68.61 6.57
N TYR F 3373 -5.55 69.86 6.32
CA TYR F 3373 -4.58 70.92 6.11
C TYR F 3373 -3.78 71.21 7.37
N GLN F 3374 -4.45 71.26 8.52
CA GLN F 3374 -3.74 71.52 9.77
C GLN F 3374 -2.77 70.40 10.11
N GLN F 3375 -3.16 69.15 9.86
CA GLN F 3375 -2.25 68.03 10.09
C GLN F 3375 -1.11 68.00 9.09
N ALA F 3376 -1.32 68.53 7.88
CA ALA F 3376 -0.26 68.55 6.87
C ALA F 3376 0.89 69.46 7.28
N ARG F 3377 0.60 70.55 8.00
CA ARG F 3377 1.66 71.44 8.46
C ARG F 3377 2.60 70.70 9.41
N LEU F 3378 2.05 69.90 10.32
CA LEU F 3378 2.88 69.16 11.26
C LEU F 3378 3.54 67.96 10.61
N HIS F 3379 2.84 67.30 9.68
CA HIS F 3379 3.41 66.12 9.03
C HIS F 3379 4.61 66.50 8.16
N ASN F 3380 4.50 67.59 7.40
CA ASN F 3380 5.60 68.00 6.53
C ASN F 3380 6.79 68.49 7.33
N ARG F 3381 6.57 69.11 8.48
CA ARG F 3381 7.68 69.59 9.31
C ARG F 3381 8.50 68.46 9.89
N GLY F 3382 7.93 67.26 10.01
CA GLY F 3382 8.62 66.13 10.57
C GLY F 3382 8.11 65.64 11.93
N ALA F 3383 6.96 66.12 12.39
CA ALA F 3383 6.43 65.69 13.68
C ALA F 3383 5.97 64.23 13.66
N ALA F 3384 5.74 63.66 12.48
CA ALA F 3384 5.32 62.27 12.39
C ALA F 3384 6.40 61.34 12.94
N GLU F 3385 7.66 61.61 12.61
CA GLU F 3385 8.76 60.82 13.15
C GLU F 3385 9.06 61.15 14.61
N MET F 3386 8.77 62.38 15.04
CA MET F 3386 9.08 62.79 16.41
C MET F 3386 8.30 61.98 17.44
N VAL F 3387 7.01 61.72 17.18
CA VAL F 3387 6.21 60.99 18.14
C VAL F 3387 6.69 59.55 18.28
N LEU F 3388 7.24 58.96 17.22
CA LEU F 3388 7.76 57.61 17.30
C LEU F 3388 9.07 57.55 18.07
N GLN F 3389 9.94 58.54 17.90
CA GLN F 3389 11.19 58.56 18.65
C GLN F 3389 10.97 58.81 20.14
N MET F 3390 9.98 59.64 20.48
CA MET F 3390 9.70 59.89 21.89
C MET F 3390 9.12 58.65 22.58
N ILE F 3391 8.31 57.87 21.86
CA ILE F 3391 7.76 56.64 22.43
C ILE F 3391 8.87 55.66 22.76
N SER F 3392 9.84 55.50 21.86
CA SER F 3392 10.98 54.64 22.13
C SER F 3392 11.87 55.20 23.23
N ALA F 3393 11.78 56.50 23.51
CA ALA F 3393 12.65 57.13 24.50
C ALA F 3393 12.25 56.81 25.94
N CYS F 3394 10.96 56.59 26.21
CA CYS F 3394 10.54 56.36 27.59
C CYS F 3394 11.01 55.01 28.12
N LYS F 3395 11.32 54.08 27.21
CA LYS F 3395 11.80 52.74 27.58
C LYS F 3395 10.83 52.02 28.50
N GLY F 3396 9.52 52.17 28.25
CA GLY F 3396 8.50 51.52 29.04
C GLY F 3396 8.08 52.27 30.28
N GLU F 3397 8.68 53.41 30.58
CA GLU F 3397 8.29 54.19 31.75
C GLU F 3397 6.95 54.88 31.49
N THR F 3398 6.27 55.20 32.60
CA THR F 3398 4.97 55.84 32.54
C THR F 3398 5.04 57.21 33.20
N GLY F 3399 4.16 58.11 32.77
CA GLY F 3399 4.13 59.45 33.32
C GLY F 3399 3.46 60.40 32.33
N ALA F 3400 3.68 61.70 32.58
CA ALA F 3400 3.15 62.73 31.69
C ALA F 3400 3.94 62.86 30.40
N MET F 3401 5.18 62.35 30.37
CA MET F 3401 5.97 62.42 29.14
C MET F 3401 5.35 61.58 28.03
N VAL F 3402 4.99 60.33 28.34
CA VAL F 3402 4.36 59.47 27.34
C VAL F 3402 2.95 59.93 27.05
N SER F 3403 2.25 60.49 28.05
CA SER F 3403 0.89 60.96 27.84
C SER F 3403 0.82 62.12 26.85
N SER F 3404 1.76 63.07 26.96
CA SER F 3404 1.76 64.22 26.06
C SER F 3404 2.04 63.79 24.62
N THR F 3405 3.00 62.89 24.43
CA THR F 3405 3.34 62.44 23.09
C THR F 3405 2.22 61.63 22.45
N LEU F 3406 1.56 60.78 23.24
CA LEU F 3406 0.50 59.93 22.68
C LEU F 3406 -0.66 60.74 22.15
N LYS F 3407 -1.07 61.78 22.87
CA LYS F 3407 -2.19 62.61 22.40
C LYS F 3407 -1.80 63.41 21.15
N LEU F 3408 -0.52 63.75 21.03
CA LEU F 3408 -0.05 64.44 19.83
C LEU F 3408 -0.18 63.55 18.60
N GLY F 3409 0.16 62.27 18.74
CA GLY F 3409 0.01 61.35 17.62
C GLY F 3409 -1.43 61.10 17.23
N ILE F 3410 -2.33 61.01 18.21
CA ILE F 3410 -3.74 60.77 17.92
C ILE F 3410 -4.33 61.94 17.13
N SER F 3411 -3.98 63.17 17.51
CA SER F 3411 -4.50 64.34 16.80
C SER F 3411 -4.04 64.34 15.35
N ILE F 3412 -2.78 64.00 15.10
CA ILE F 3412 -2.28 63.92 13.73
C ILE F 3412 -2.92 62.75 12.99
N LEU F 3413 -3.14 61.64 13.68
CA LEU F 3413 -3.75 60.44 13.09
C LEU F 3413 -5.26 60.42 13.20
N ASN F 3414 -5.88 61.51 13.67
CA ASN F 3414 -7.32 61.55 13.80
C ASN F 3414 -7.98 61.47 12.42
N GLY F 3415 -9.09 60.74 12.35
CA GLY F 3415 -9.78 60.57 11.09
C GLY F 3415 -8.99 59.70 10.12
N GLY F 3416 -9.26 59.89 8.83
CA GLY F 3416 -8.59 59.15 7.79
C GLY F 3416 -7.40 59.92 7.24
N ASN F 3417 -6.21 59.35 7.41
CA ASN F 3417 -4.96 59.96 6.97
C ASN F 3417 -4.16 58.92 6.21
N ALA F 3418 -4.37 58.82 4.90
CA ALA F 3418 -3.63 57.87 4.09
C ALA F 3418 -2.16 58.25 3.99
N ASP F 3419 -1.86 59.53 3.85
CA ASP F 3419 -0.47 59.97 3.72
C ASP F 3419 0.29 59.85 5.04
N VAL F 3420 -0.36 60.18 6.16
CA VAL F 3420 0.31 60.16 7.45
C VAL F 3420 0.62 58.72 7.87
N GLN F 3421 -0.36 57.82 7.71
CA GLN F 3421 -0.13 56.43 8.08
C GLN F 3421 0.94 55.78 7.20
N GLN F 3422 1.05 56.22 5.94
CA GLN F 3422 2.10 55.69 5.07
C GLN F 3422 3.49 56.05 5.59
N LYS F 3423 3.66 57.28 6.07
CA LYS F 3423 4.96 57.69 6.60
C LYS F 3423 5.29 56.99 7.91
N MET F 3424 4.29 56.51 8.64
CA MET F 3424 4.55 55.78 9.88
C MET F 3424 5.05 54.37 9.61
N LEU F 3425 4.72 53.80 8.45
CA LEU F 3425 5.09 52.43 8.15
C LEU F 3425 6.54 52.34 7.66
N ASP F 3426 6.87 53.09 6.62
CA ASP F 3426 8.22 53.02 6.05
C ASP F 3426 9.29 53.55 6.98
N TYR F 3427 8.92 54.42 7.93
CA TYR F 3427 9.91 54.93 8.88
C TYR F 3427 10.46 53.82 9.76
N LEU F 3428 9.59 52.90 10.20
CA LEU F 3428 10.01 51.81 11.07
C LEU F 3428 10.67 50.66 10.31
N LYS F 3429 10.61 50.66 8.99
CA LYS F 3429 11.20 49.56 8.22
C LYS F 3429 12.69 49.76 8.01
N ASP F 3430 13.08 50.88 7.39
CA ASP F 3430 14.49 51.13 7.13
C ASP F 3430 15.28 51.40 8.41
N LYS F 3431 14.64 51.97 9.43
CA LYS F 3431 15.33 52.20 10.70
C LYS F 3431 15.73 50.90 11.36
N LYS F 3432 14.86 49.89 11.30
CA LYS F 3432 15.11 48.58 11.90
C LYS F 3432 15.41 48.70 13.39
N GLU F 3433 14.57 49.45 14.09
CA GLU F 3433 14.70 49.67 15.53
C GLU F 3433 13.56 49.00 16.27
N VAL F 3434 13.89 48.33 17.37
CA VAL F 3434 12.90 47.62 18.17
C VAL F 3434 12.42 48.43 19.36
N GLY F 3435 12.86 49.68 19.49
CA GLY F 3435 12.48 50.50 20.63
C GLY F 3435 11.02 50.92 20.64
N PHE F 3436 10.39 50.99 19.47
CA PHE F 3436 8.98 51.39 19.41
C PHE F 3436 8.08 50.31 19.99
N PHE F 3437 8.28 49.05 19.59
CA PHE F 3437 7.44 47.96 20.06
C PHE F 3437 7.80 47.51 21.47
N GLN F 3438 9.04 47.74 21.91
CA GLN F 3438 9.43 47.38 23.26
C GLN F 3438 8.76 48.24 24.32
N SER F 3439 8.41 49.48 23.97
CA SER F 3439 7.74 50.38 24.91
C SER F 3439 6.24 50.19 24.95
N ILE F 3440 5.63 49.87 23.81
CA ILE F 3440 4.17 49.69 23.76
C ILE F 3440 3.76 48.49 24.61
N GLN F 3441 4.52 47.39 24.53
CA GLN F 3441 4.21 46.21 25.33
C GLN F 3441 4.33 46.51 26.82
N ALA F 3442 5.37 47.25 27.21
CA ALA F 3442 5.57 47.58 28.63
C ALA F 3442 4.47 48.49 29.16
N LEU F 3443 4.04 49.46 28.35
CA LEU F 3443 2.95 50.35 28.78
C LEU F 3443 1.67 49.57 29.01
N MET F 3444 1.36 48.64 28.11
CA MET F 3444 0.14 47.84 28.21
C MET F 3444 0.25 46.73 29.25
N GLN F 3445 1.48 46.32 29.58
CA GLN F 3445 1.65 45.26 30.58
C GLN F 3445 1.26 45.72 31.98
N THR F 3446 1.48 47.00 32.29
CA THR F 3446 1.10 47.58 33.58
C THR F 3446 0.03 48.63 33.35
N CYS F 3447 -1.18 48.35 33.81
CA CYS F 3447 -2.31 49.26 33.68
C CYS F 3447 -3.22 49.07 34.89
N SER F 3448 -3.76 50.18 35.39
CA SER F 3448 -4.63 50.12 36.56
C SER F 3448 -5.98 49.50 36.19
N VAL F 3449 -6.42 48.54 37.00
CA VAL F 3449 -7.71 47.90 36.82
C VAL F 3449 -8.55 48.14 38.07
N LEU F 3450 -9.85 47.90 37.95
CA LEU F 3450 -10.77 48.11 39.06
C LEU F 3450 -10.52 47.05 40.13
N ASP F 3451 -10.07 47.48 41.31
CA ASP F 3451 -9.78 46.58 42.42
C ASP F 3451 -10.86 46.75 43.48
N LEU F 3452 -11.42 45.62 43.93
CA LEU F 3452 -12.46 45.68 44.95
C LEU F 3452 -11.93 46.19 46.28
N ASN F 3453 -10.69 45.85 46.63
CA ASN F 3453 -10.10 46.35 47.87
C ASN F 3453 -9.83 47.85 47.81
N ALA F 3454 -9.44 48.35 46.64
CA ALA F 3454 -9.20 49.79 46.50
C ALA F 3454 -10.48 50.59 46.69
N PHE F 3455 -11.60 50.11 46.13
CA PHE F 3455 -12.86 50.82 46.30
C PHE F 3455 -13.39 50.71 47.72
N GLU F 3456 -13.16 49.57 48.38
CA GLU F 3456 -13.61 49.41 49.75
C GLU F 3456 -12.92 50.41 50.67
N ARG F 3457 -11.61 50.61 50.48
CA ARG F 3457 -10.90 51.62 51.26
C ARG F 3457 -11.37 53.02 50.91
N GLN F 3458 -11.75 53.25 49.64
CA GLN F 3458 -12.27 54.55 49.24
C GLN F 3458 -13.57 54.87 49.95
N ASN F 3459 -14.52 53.93 49.94
CA ASN F 3459 -15.80 54.15 50.60
C ASN F 3459 -15.66 54.31 52.10
N LYS F 3460 -14.83 53.48 52.73
CA LYS F 3460 -14.67 53.57 54.18
C LYS F 3460 -14.05 54.89 54.60
N ALA F 3461 -13.05 55.38 53.85
CA ALA F 3461 -12.43 56.65 54.16
C ALA F 3461 -13.38 57.83 53.95
N GLU F 3462 -14.35 57.70 53.04
CA GLU F 3462 -15.31 58.78 52.83
C GLU F 3462 -16.17 59.03 54.05
N GLY F 3463 -16.61 57.98 54.73
CA GLY F 3463 -17.44 58.12 55.91
C GLY F 3463 -16.66 58.61 57.12
N GLU F 3480 -10.46 59.02 42.64
CA GLU F 3480 -9.18 59.10 41.95
C GLU F 3480 -8.25 57.98 42.41
N LYS F 3481 -8.65 57.28 43.47
CA LYS F 3481 -7.87 56.20 44.02
C LYS F 3481 -8.38 54.82 43.62
N VAL F 3482 -9.57 54.73 43.03
CA VAL F 3482 -10.09 53.44 42.59
C VAL F 3482 -9.26 52.88 41.44
N MET F 3483 -8.84 53.74 40.51
CA MET F 3483 -8.01 53.33 39.39
C MET F 3483 -7.41 54.57 38.76
N ALA F 3484 -6.19 54.43 38.25
CA ALA F 3484 -5.47 55.52 37.62
C ALA F 3484 -5.38 55.31 36.12
N ASP F 3485 -4.74 56.26 35.44
CA ASP F 3485 -4.56 56.24 33.98
C ASP F 3485 -5.92 56.14 33.28
N ASP F 3486 -6.84 57.03 33.67
CA ASP F 3486 -8.21 56.95 33.16
C ASP F 3486 -8.27 57.32 31.68
N GLU F 3487 -7.89 58.55 31.34
CA GLU F 3487 -7.86 58.96 29.94
C GLU F 3487 -6.64 58.43 29.21
N PHE F 3488 -5.58 58.08 29.94
CA PHE F 3488 -4.38 57.54 29.31
C PHE F 3488 -4.63 56.19 28.67
N THR F 3489 -5.38 55.31 29.34
CA THR F 3489 -5.68 54.00 28.77
C THR F 3489 -6.58 54.11 27.56
N GLN F 3490 -7.56 55.01 27.58
CA GLN F 3490 -8.43 55.22 26.42
C GLN F 3490 -7.65 55.73 25.21
N ASP F 3491 -6.51 56.40 25.43
CA ASP F 3491 -5.71 56.92 24.33
C ASP F 3491 -4.67 55.93 23.83
N LEU F 3492 -4.19 55.03 24.69
CA LEU F 3492 -3.20 54.05 24.26
C LEU F 3492 -3.77 53.11 23.22
N PHE F 3493 -4.98 52.60 23.45
CA PHE F 3493 -5.63 51.73 22.48
C PHE F 3493 -6.14 52.50 21.26
N ARG F 3494 -6.56 53.75 21.47
CA ARG F 3494 -7.02 54.56 20.34
C ARG F 3494 -5.89 54.88 19.38
N PHE F 3495 -4.68 55.09 19.90
CA PHE F 3495 -3.53 55.36 19.03
C PHE F 3495 -3.24 54.17 18.12
N LEU F 3496 -3.32 52.96 18.66
CA LEU F 3496 -3.13 51.77 17.83
C LEU F 3496 -4.31 51.51 16.91
N GLN F 3497 -5.51 51.94 17.29
CA GLN F 3497 -6.68 51.74 16.43
C GLN F 3497 -6.61 52.60 15.18
N LEU F 3498 -6.25 53.88 15.32
CA LEU F 3498 -6.14 54.76 14.17
C LEU F 3498 -4.97 54.41 13.26
N LEU F 3499 -4.03 53.60 13.73
CA LEU F 3499 -2.95 53.14 12.86
C LEU F 3499 -3.47 52.25 11.74
N CYS F 3500 -4.55 51.51 11.99
CA CYS F 3500 -5.12 50.58 11.02
C CYS F 3500 -6.56 50.95 10.66
N GLU F 3501 -6.91 52.22 10.81
CA GLU F 3501 -8.28 52.64 10.55
C GLU F 3501 -8.58 52.72 9.06
N GLY F 3502 -7.57 52.99 8.22
CA GLY F 3502 -7.75 53.16 6.80
C GLY F 3502 -7.69 51.90 5.96
N HIS F 3503 -7.64 50.73 6.59
CA HIS F 3503 -7.53 49.45 5.88
C HIS F 3503 -6.28 49.41 5.00
N ASN F 3504 -5.13 49.55 5.66
CA ASN F 3504 -3.87 49.63 4.93
C ASN F 3504 -3.52 48.28 4.28
N ASN F 3505 -3.98 47.17 4.86
CA ASN F 3505 -3.78 45.80 4.40
C ASN F 3505 -2.32 45.36 4.52
N ASP F 3506 -1.42 46.23 4.97
CA ASP F 3506 -0.02 45.85 5.13
C ASP F 3506 0.49 46.22 6.53
N PHE F 3507 -0.07 47.28 7.11
CA PHE F 3507 0.33 47.67 8.46
C PHE F 3507 -0.18 46.68 9.50
N GLN F 3508 -1.31 46.04 9.24
CA GLN F 3508 -1.82 45.02 10.15
C GLN F 3508 -0.86 43.85 10.25
N ASN F 3509 -0.30 43.41 9.11
CA ASN F 3509 0.68 42.33 9.12
C ASN F 3509 1.95 42.77 9.85
N TYR F 3510 2.40 44.01 9.62
CA TYR F 3510 3.59 44.50 10.30
C TYR F 3510 3.34 44.62 11.81
N LEU F 3511 2.12 44.97 12.21
CA LEU F 3511 1.80 45.04 13.63
C LEU F 3511 1.88 43.67 14.30
N ARG F 3512 1.44 42.62 13.60
CA ARG F 3512 1.45 41.28 14.19
C ARG F 3512 2.85 40.70 14.24
N THR F 3513 3.63 40.87 13.17
CA THR F 3513 4.96 40.27 13.09
C THR F 3513 5.87 41.18 12.27
N GLN F 3514 7.08 41.38 12.77
CA GLN F 3514 8.09 42.20 12.12
C GLN F 3514 9.16 41.32 11.50
N THR F 3515 9.57 41.65 10.27
CA THR F 3515 10.58 40.87 9.55
C THR F 3515 11.96 41.51 9.60
N GLY F 3516 12.06 42.82 9.39
CA GLY F 3516 13.36 43.46 9.39
C GLY F 3516 13.99 43.56 10.76
N ASN F 3517 13.17 43.57 11.81
CA ASN F 3517 13.70 43.67 13.16
C ASN F 3517 14.35 42.35 13.59
N THR F 3518 15.35 42.46 14.46
CA THR F 3518 16.05 41.27 14.93
C THR F 3518 15.19 40.42 15.85
N THR F 3519 14.18 41.02 16.48
CA THR F 3519 13.27 40.31 17.36
C THR F 3519 11.83 40.66 17.00
N THR F 3520 10.93 39.70 17.20
CA THR F 3520 9.52 39.87 16.89
C THR F 3520 8.74 40.07 18.18
N ILE F 3521 8.04 41.20 18.27
CA ILE F 3521 7.18 41.51 19.42
C ILE F 3521 5.77 41.69 18.87
N ASN F 3522 4.85 40.84 19.32
CA ASN F 3522 3.48 40.87 18.81
C ASN F 3522 2.59 41.70 19.72
N ILE F 3523 1.84 42.61 19.11
CA ILE F 3523 0.85 43.40 19.83
C ILE F 3523 -0.54 42.76 19.76
N ILE F 3524 -0.79 41.92 18.75
CA ILE F 3524 -2.11 41.31 18.60
C ILE F 3524 -2.45 40.44 19.81
N ILE F 3525 -1.52 39.57 20.21
CA ILE F 3525 -1.81 38.60 21.27
C ILE F 3525 -1.88 39.27 22.64
N CYS F 3526 -0.95 40.19 22.93
CA CYS F 3526 -0.92 40.81 24.26
C CYS F 3526 -2.06 41.79 24.48
N THR F 3527 -2.72 42.23 23.41
CA THR F 3527 -3.92 43.05 23.58
C THR F 3527 -5.03 42.27 24.28
N VAL F 3528 -5.18 40.99 23.94
CA VAL F 3528 -6.14 40.14 24.62
C VAL F 3528 -5.72 39.91 26.07
N ASP F 3529 -4.41 39.93 26.35
CA ASP F 3529 -3.93 39.72 27.71
C ASP F 3529 -4.46 40.80 28.65
N TYR F 3530 -4.45 42.06 28.21
CA TYR F 3530 -5.05 43.12 29.02
C TYR F 3530 -6.56 42.92 29.14
N LEU F 3531 -7.21 42.49 28.07
CA LEU F 3531 -8.66 42.27 28.11
C LEU F 3531 -9.02 41.18 29.10
N LEU F 3532 -8.24 40.10 29.15
CA LEU F 3532 -8.50 39.05 30.13
C LEU F 3532 -8.31 39.57 31.55
N ARG F 3533 -7.24 40.34 31.79
CA ARG F 3533 -7.04 40.91 33.12
C ARG F 3533 -8.17 41.86 33.50
N LEU F 3534 -8.78 42.52 32.51
CA LEU F 3534 -9.97 43.33 32.75
C LEU F 3534 -11.20 42.47 33.01
N GLN F 3535 -11.25 41.27 32.43
CA GLN F 3535 -12.39 40.39 32.62
C GLN F 3535 -12.56 40.01 34.09
N GLU F 3536 -11.46 39.69 34.78
CA GLU F 3536 -11.55 39.38 36.20
C GLU F 3536 -11.94 40.59 37.03
N SER F 3537 -11.41 41.76 36.67
CA SER F 3537 -11.70 42.96 37.45
C SER F 3537 -13.20 43.26 37.45
N ILE F 3538 -13.84 43.13 36.29
CA ILE F 3538 -15.29 43.29 36.21
C ILE F 3538 -16.00 42.11 36.87
N SER F 3539 -15.51 40.89 36.67
CA SER F 3539 -16.18 39.71 37.19
C SER F 3539 -16.21 39.73 38.72
N ASP F 3540 -15.06 39.98 39.36
CA ASP F 3540 -15.03 40.04 40.82
C ASP F 3540 -15.71 41.29 41.36
N PHE F 3541 -15.91 42.31 40.53
CA PHE F 3541 -16.56 43.53 40.97
C PHE F 3541 -18.07 43.37 41.09
N TYR F 3542 -18.62 42.32 40.49
CA TYR F 3542 -20.06 42.05 40.57
C TYR F 3542 -20.43 41.15 41.73
N TRP F 3543 -19.63 40.11 42.01
CA TRP F 3543 -19.97 39.20 43.08
C TRP F 3543 -19.91 39.88 44.44
N TYR F 3544 -19.16 40.98 44.54
CA TYR F 3544 -19.22 41.81 45.74
C TYR F 3544 -20.52 42.61 45.80
N TYR F 3545 -21.08 42.97 44.64
CA TYR F 3545 -22.37 43.64 44.56
C TYR F 3545 -23.53 42.67 44.41
N SER F 3546 -23.26 41.37 44.27
CA SER F 3546 -24.35 40.41 44.12
C SER F 3546 -25.22 40.35 45.36
N GLY F 3547 -24.60 40.35 46.54
CA GLY F 3547 -25.37 40.37 47.78
C GLY F 3547 -26.13 41.67 48.00
N LYS F 3548 -25.52 42.79 47.63
CA LYS F 3548 -26.16 44.09 47.80
C LYS F 3548 -27.36 44.23 46.88
N ASP F 3549 -28.37 44.98 47.35
CA ASP F 3549 -29.59 45.15 46.58
C ASP F 3549 -29.44 46.28 45.55
N VAL F 3550 -28.87 47.41 45.96
CA VAL F 3550 -28.71 48.58 45.09
C VAL F 3550 -27.26 49.03 45.14
N ILE F 3551 -26.69 49.28 43.96
CA ILE F 3551 -25.32 49.77 43.86
C ILE F 3551 -25.31 51.24 44.24
N GLU F 3552 -24.40 51.62 45.14
CA GLU F 3552 -24.31 53.00 45.60
C GLU F 3552 -23.84 53.91 44.47
N GLU F 3553 -24.09 55.21 44.64
CA GLU F 3553 -23.69 56.18 43.62
C GLU F 3553 -22.18 56.24 43.44
N GLN F 3554 -21.42 55.99 44.51
CA GLN F 3554 -19.97 56.00 44.39
C GLN F 3554 -19.49 54.87 43.47
N GLY F 3555 -20.08 53.69 43.59
CA GLY F 3555 -19.70 52.58 42.75
C GLY F 3555 -20.39 52.58 41.40
N LYS F 3556 -21.52 53.30 41.31
CA LYS F 3556 -22.24 53.38 40.04
C LYS F 3556 -21.43 54.14 38.99
N ARG F 3557 -20.75 55.22 39.38
CA ARG F 3557 -19.95 55.98 38.43
C ARG F 3557 -18.73 55.21 37.95
N ASN F 3558 -18.31 54.18 38.69
CA ASN F 3558 -17.16 53.39 38.26
C ASN F 3558 -17.49 52.56 37.02
N PHE F 3559 -18.73 52.10 36.89
CA PHE F 3559 -19.10 51.27 35.73
C PHE F 3559 -19.01 52.06 34.44
N SER F 3560 -19.57 53.27 34.42
CA SER F 3560 -19.56 54.08 33.20
C SER F 3560 -18.14 54.34 32.73
N LYS F 3561 -17.20 54.52 33.66
CA LYS F 3561 -15.80 54.65 33.29
C LYS F 3561 -15.18 53.31 32.93
N ALA F 3562 -15.59 52.23 33.60
CA ALA F 3562 -15.05 50.91 33.29
C ALA F 3562 -15.55 50.39 31.94
N MET F 3563 -16.82 50.58 31.64
CA MET F 3563 -17.35 50.11 30.37
C MET F 3563 -16.89 50.96 29.19
N SER F 3564 -16.47 52.20 29.44
CA SER F 3564 -15.98 53.04 28.36
C SER F 3564 -14.59 52.62 27.89
N VAL F 3565 -13.69 52.29 28.81
CA VAL F 3565 -12.35 51.88 28.43
C VAL F 3565 -12.38 50.53 27.73
N ALA F 3566 -13.28 49.64 28.14
CA ALA F 3566 -13.42 48.35 27.48
C ALA F 3566 -14.05 48.49 26.10
N LYS F 3567 -14.88 49.51 25.89
CA LYS F 3567 -15.45 49.74 24.57
C LYS F 3567 -14.38 50.09 23.55
N GLN F 3568 -13.40 50.93 23.94
CA GLN F 3568 -12.31 51.28 23.03
C GLN F 3568 -11.43 50.09 22.72
N VAL F 3569 -11.19 49.21 23.69
CA VAL F 3569 -10.42 48.00 23.43
C VAL F 3569 -11.15 47.12 22.42
N PHE F 3570 -12.47 46.99 22.57
CA PHE F 3570 -13.27 46.19 21.64
C PHE F 3570 -13.21 46.76 20.22
N ASN F 3571 -13.30 48.08 20.09
CA ASN F 3571 -13.19 48.69 18.76
C ASN F 3571 -11.78 48.51 18.20
N SER F 3572 -10.77 48.60 19.07
CA SER F 3572 -9.39 48.41 18.62
C SER F 3572 -9.18 46.99 18.07
N LEU F 3573 -9.75 46.00 18.75
CA LEU F 3573 -9.63 44.62 18.26
C LEU F 3573 -10.37 44.42 16.95
N THR F 3574 -11.43 45.20 16.70
CA THR F 3574 -12.19 45.04 15.47
C THR F 3574 -11.39 45.51 14.26
N GLU F 3575 -10.76 46.69 14.36
CA GLU F 3575 -9.93 47.19 13.27
C GLU F 3575 -8.68 46.35 13.06
N TYR F 3576 -8.27 45.60 14.09
CA TYR F 3576 -7.13 44.70 13.93
C TYR F 3576 -7.44 43.60 12.93
N ILE F 3577 -8.69 43.15 12.88
CA ILE F 3577 -9.12 42.06 12.02
C ILE F 3577 -10.26 42.49 11.10
N GLN F 3578 -10.46 43.80 10.92
CA GLN F 3578 -11.52 44.28 10.05
C GLN F 3578 -11.28 43.84 8.60
N GLY F 3579 -10.04 43.96 8.13
CA GLY F 3579 -9.69 43.53 6.80
C GLY F 3579 -9.57 42.02 6.71
N PRO F 3580 -9.72 41.48 5.50
CA PRO F 3580 -9.59 40.02 5.33
C PRO F 3580 -8.16 39.55 5.54
N CYS F 3581 -7.70 39.57 6.78
CA CYS F 3581 -6.34 39.18 7.11
C CYS F 3581 -6.33 37.77 7.68
N THR F 3582 -5.67 36.84 6.99
CA THR F 3582 -5.57 35.47 7.47
C THR F 3582 -4.70 35.40 8.72
N GLY F 3583 -3.55 36.09 8.71
CA GLY F 3583 -2.64 36.03 9.85
C GLY F 3583 -3.24 36.57 11.13
N ASN F 3584 -3.98 37.68 11.04
CA ASN F 3584 -4.61 38.24 12.23
C ASN F 3584 -5.75 37.37 12.73
N GLN F 3585 -6.54 36.79 11.81
CA GLN F 3585 -7.67 35.96 12.23
C GLN F 3585 -7.19 34.64 12.82
N GLN F 3586 -6.15 34.04 12.25
CA GLN F 3586 -5.60 32.80 12.81
C GLN F 3586 -5.01 33.03 14.19
N SER F 3587 -4.34 34.16 14.40
CA SER F 3587 -3.73 34.44 15.70
C SER F 3587 -4.79 34.52 16.79
N LEU F 3588 -5.88 35.24 16.54
CA LEU F 3588 -6.91 35.40 17.57
C LEU F 3588 -7.62 34.09 17.87
N ALA F 3589 -7.85 33.25 16.85
CA ALA F 3589 -8.47 31.95 17.10
C ALA F 3589 -7.60 31.09 18.00
N HIS F 3590 -6.30 31.05 17.73
CA HIS F 3590 -5.35 30.36 18.60
C HIS F 3590 -4.97 31.18 19.81
N SER F 3591 -5.36 32.45 19.88
CA SER F 3591 -5.08 33.28 21.04
C SER F 3591 -6.01 32.88 22.18
N ARG F 3592 -5.97 33.64 23.26
CA ARG F 3592 -6.71 33.31 24.46
C ARG F 3592 -8.01 34.09 24.58
N LEU F 3593 -8.62 34.43 23.45
CA LEU F 3593 -9.85 35.19 23.44
C LEU F 3593 -11.05 34.34 23.82
N TRP F 3594 -11.03 33.05 23.49
CA TRP F 3594 -12.19 32.21 23.74
C TRP F 3594 -12.47 32.01 25.23
N ASP F 3595 -11.44 32.12 26.06
CA ASP F 3595 -11.66 32.10 27.50
C ASP F 3595 -12.21 33.43 28.01
N ALA F 3596 -11.77 34.55 27.45
CA ALA F 3596 -12.31 35.85 27.85
C ALA F 3596 -13.78 35.97 27.50
N VAL F 3597 -14.17 35.55 26.30
CA VAL F 3597 -15.53 35.77 25.83
C VAL F 3597 -16.55 34.98 26.66
N VAL F 3598 -16.23 33.75 27.07
CA VAL F 3598 -17.19 32.95 27.82
C VAL F 3598 -17.37 33.50 29.23
N GLY F 3599 -16.27 33.92 29.88
CA GLY F 3599 -16.39 34.56 31.17
C GLY F 3599 -16.88 36.00 31.10
N PHE F 3600 -16.71 36.64 29.95
CA PHE F 3600 -17.24 37.98 29.75
C PHE F 3600 -18.76 37.97 29.68
N LEU F 3601 -19.33 37.02 28.93
CA LEU F 3601 -20.78 36.92 28.81
C LEU F 3601 -21.44 36.47 30.10
N HIS F 3602 -20.72 35.73 30.95
CA HIS F 3602 -21.32 35.22 32.18
C HIS F 3602 -21.71 36.36 33.11
N VAL F 3603 -20.88 37.40 33.20
CA VAL F 3603 -21.16 38.49 34.13
C VAL F 3603 -22.37 39.31 33.71
N PHE F 3604 -22.61 39.49 32.40
CA PHE F 3604 -23.80 40.26 32.02
C PHE F 3604 -25.10 39.48 32.21
N ALA F 3605 -25.08 38.16 32.03
CA ALA F 3605 -26.30 37.38 32.17
C ALA F 3605 -26.98 37.65 33.51
N HIS F 3606 -26.24 38.09 34.51
CA HIS F 3606 -26.79 38.54 35.78
C HIS F 3606 -26.79 40.06 35.92
N MET F 3607 -26.32 40.79 34.90
CA MET F 3607 -26.31 42.25 34.96
C MET F 3607 -27.69 42.85 34.77
N MET F 3608 -28.27 42.67 33.58
CA MET F 3608 -29.49 43.40 33.23
C MET F 3608 -30.69 42.96 34.07
N MET F 3609 -30.60 41.83 34.78
CA MET F 3609 -31.69 41.43 35.65
C MET F 3609 -31.84 42.37 36.85
N LYS F 3610 -30.76 43.05 37.23
CA LYS F 3610 -30.82 43.95 38.38
C LYS F 3610 -31.16 45.38 37.97
N LEU F 3611 -30.43 45.92 36.99
CA LEU F 3611 -30.64 47.31 36.59
C LEU F 3611 -32.03 47.55 36.00
N ALA F 3612 -32.65 46.54 35.41
CA ALA F 3612 -34.00 46.69 34.90
C ALA F 3612 -35.03 46.81 36.03
N GLN F 3613 -34.74 46.26 37.21
CA GLN F 3613 -35.67 46.36 38.33
C GLN F 3613 -35.79 47.80 38.83
N ASP F 3614 -34.68 48.52 38.88
CA ASP F 3614 -34.67 49.88 39.38
C ASP F 3614 -34.84 50.89 38.25
N SER F 3615 -35.63 51.93 38.51
CA SER F 3615 -35.89 52.97 37.53
C SER F 3615 -34.93 54.15 37.63
N SER F 3616 -34.05 54.16 38.63
CA SER F 3616 -33.11 55.27 38.79
C SER F 3616 -31.78 55.03 38.10
N GLN F 3617 -31.44 53.78 37.79
CA GLN F 3617 -30.19 53.44 37.14
C GLN F 3617 -30.41 52.98 35.70
N ILE F 3618 -31.44 53.53 35.05
CA ILE F 3618 -31.71 53.19 33.66
C ILE F 3618 -30.63 53.69 32.72
N GLU F 3619 -29.98 54.81 33.05
CA GLU F 3619 -28.91 55.33 32.21
C GLU F 3619 -27.64 54.48 32.30
N LEU F 3620 -27.39 53.88 33.46
CA LEU F 3620 -26.26 52.97 33.58
C LEU F 3620 -26.46 51.73 32.73
N LEU F 3621 -27.70 51.29 32.55
CA LEU F 3621 -27.98 50.16 31.69
C LEU F 3621 -27.70 50.49 30.22
N LYS F 3622 -27.79 51.76 29.85
CA LYS F 3622 -27.53 52.14 28.46
C LYS F 3622 -26.10 51.81 28.05
N GLU F 3623 -25.12 52.29 28.83
CA GLU F 3623 -23.72 52.01 28.51
C GLU F 3623 -23.41 50.52 28.56
N LEU F 3624 -24.21 49.73 29.27
CA LEU F 3624 -24.02 48.28 29.28
C LEU F 3624 -24.30 47.70 27.89
N LEU F 3625 -25.36 48.16 27.24
CA LEU F 3625 -25.73 47.62 25.93
C LEU F 3625 -24.79 48.05 24.82
N ASP F 3626 -24.29 49.29 24.87
CA ASP F 3626 -23.35 49.74 23.84
C ASP F 3626 -22.06 48.91 23.87
N LEU F 3627 -21.57 48.57 25.07
CA LEU F 3627 -20.38 47.74 25.15
C LEU F 3627 -20.65 46.34 24.61
N GLN F 3628 -21.78 45.74 24.99
CA GLN F 3628 -22.11 44.41 24.48
C GLN F 3628 -22.42 44.47 23.00
N LYS F 3629 -22.81 45.64 22.49
CA LYS F 3629 -22.96 45.84 21.05
C LYS F 3629 -21.63 45.59 20.33
N ASP F 3630 -20.54 46.13 20.86
CA ASP F 3630 -19.23 45.96 20.25
C ASP F 3630 -18.73 44.52 20.32
N MET F 3631 -19.35 43.67 21.13
CA MET F 3631 -18.86 42.31 21.31
C MET F 3631 -19.34 41.39 20.20
N VAL F 3632 -20.60 41.50 19.78
CA VAL F 3632 -21.10 40.67 18.70
C VAL F 3632 -20.46 41.05 17.37
N VAL F 3633 -20.28 42.35 17.13
CA VAL F 3633 -19.65 42.79 15.89
C VAL F 3633 -18.20 42.33 15.82
N MET F 3634 -17.50 42.33 16.95
CA MET F 3634 -16.13 41.84 16.99
C MET F 3634 -16.07 40.37 16.61
N LEU F 3635 -17.00 39.55 17.12
CA LEU F 3635 -17.06 38.15 16.70
C LEU F 3635 -17.50 38.02 15.25
N LEU F 3636 -18.36 38.92 14.78
CA LEU F 3636 -18.68 38.94 13.35
C LEU F 3636 -17.45 39.27 12.53
N SER F 3637 -16.62 40.21 12.99
CA SER F 3637 -15.39 40.53 12.29
C SER F 3637 -14.40 39.37 12.35
N LEU F 3638 -14.40 38.61 13.45
CA LEU F 3638 -13.53 37.44 13.53
C LEU F 3638 -14.02 36.34 12.58
N LEU F 3639 -15.31 36.07 12.58
CA LEU F 3639 -15.90 35.11 11.65
C LEU F 3639 -16.32 35.81 10.35
N GLU F 3640 -15.36 36.46 9.73
CA GLU F 3640 -15.60 37.22 8.50
C GLU F 3640 -15.33 36.35 7.27
N GLY F 3641 -14.10 35.87 7.13
CA GLY F 3641 -13.76 34.97 6.04
C GLY F 3641 -13.38 33.59 6.56
N ASN F 3642 -14.22 32.60 6.29
CA ASN F 3642 -14.00 31.27 6.85
C ASN F 3642 -14.52 30.22 5.87
N VAL F 3643 -13.94 29.03 5.96
CA VAL F 3643 -14.37 27.88 5.19
C VAL F 3643 -15.39 27.11 6.02
N VAL F 3644 -16.28 26.38 5.34
CA VAL F 3644 -17.33 25.64 6.03
C VAL F 3644 -16.75 24.63 7.01
N ASN F 3645 -15.51 24.19 6.78
CA ASN F 3645 -14.81 23.28 7.68
C ASN F 3645 -13.64 23.97 8.39
N GLY F 3646 -13.74 25.29 8.57
CA GLY F 3646 -12.67 26.03 9.20
C GLY F 3646 -12.59 25.81 10.70
N MET F 3647 -11.41 26.10 11.24
CA MET F 3647 -11.17 25.90 12.67
C MET F 3647 -11.80 27.00 13.52
N ILE F 3648 -11.89 28.23 13.00
CA ILE F 3648 -12.46 29.33 13.76
C ILE F 3648 -13.92 29.06 14.11
N ALA F 3649 -14.68 28.53 13.15
CA ALA F 3649 -16.07 28.19 13.42
C ALA F 3649 -16.18 27.08 14.46
N ARG F 3650 -15.27 26.10 14.40
CA ARG F 3650 -15.28 25.01 15.38
C ARG F 3650 -14.88 25.51 16.76
N GLN F 3651 -14.05 26.53 16.84
CA GLN F 3651 -13.78 27.15 18.13
C GLN F 3651 -14.98 27.97 18.60
N MET F 3652 -15.79 28.47 17.68
CA MET F 3652 -16.92 29.30 18.05
C MET F 3652 -18.06 28.46 18.62
N VAL F 3653 -18.28 27.27 18.08
CA VAL F 3653 -19.36 26.41 18.55
C VAL F 3653 -19.05 25.93 19.97
N ASP F 3654 -17.78 25.67 20.27
CA ASP F 3654 -17.41 25.22 21.60
C ASP F 3654 -17.61 26.30 22.66
N MET F 3655 -17.51 27.58 22.27
CA MET F 3655 -17.70 28.66 23.23
C MET F 3655 -19.17 28.81 23.63
N LEU F 3656 -20.09 28.59 22.69
CA LEU F 3656 -21.51 28.64 23.02
C LEU F 3656 -21.92 27.52 23.96
N VAL F 3657 -21.39 26.31 23.76
CA VAL F 3657 -21.74 25.19 24.63
C VAL F 3657 -21.24 25.42 26.04
N GLU F 3658 -20.06 26.02 26.20
CA GLU F 3658 -19.54 26.32 27.52
C GLU F 3658 -20.45 27.31 28.27
N SER F 3659 -20.97 28.31 27.59
CA SER F 3659 -21.89 29.28 28.17
C SER F 3659 -23.33 29.05 27.72
N SER F 3660 -23.70 27.77 27.55
CA SER F 3660 -25.04 27.45 27.08
C SER F 3660 -26.10 27.93 28.05
N SER F 3661 -25.88 27.72 29.35
CA SER F 3661 -26.82 28.23 30.34
C SER F 3661 -26.84 29.76 30.35
N ASN F 3662 -25.68 30.39 30.19
CA ASN F 3662 -25.63 31.84 30.16
C ASN F 3662 -26.31 32.41 28.92
N VAL F 3663 -25.95 31.92 27.74
CA VAL F 3663 -26.45 32.52 26.50
C VAL F 3663 -27.97 32.42 26.42
N GLU F 3664 -28.56 31.39 27.03
CA GLU F 3664 -30.01 31.33 27.14
C GLU F 3664 -30.57 32.49 27.94
N MET F 3665 -29.85 32.91 28.99
CA MET F 3665 -30.30 34.05 29.79
C MET F 3665 -30.26 35.33 28.99
N ILE F 3666 -29.20 35.55 28.20
CA ILE F 3666 -29.18 36.68 27.28
C ILE F 3666 -30.28 36.54 26.23
N LEU F 3667 -30.42 35.34 25.66
CA LEU F 3667 -31.39 35.14 24.58
C LEU F 3667 -32.81 35.40 25.05
N LYS F 3668 -33.14 35.02 26.29
CA LYS F 3668 -34.48 35.21 26.81
C LYS F 3668 -34.73 36.61 27.36
N PHE F 3669 -33.67 37.39 27.58
CA PHE F 3669 -33.86 38.72 28.17
C PHE F 3669 -34.42 39.70 27.15
N PHE F 3670 -33.73 39.89 26.02
CA PHE F 3670 -34.23 40.81 25.01
C PHE F 3670 -35.42 40.24 24.26
N ASP F 3671 -35.75 38.96 24.44
CA ASP F 3671 -36.88 38.37 23.74
C ASP F 3671 -38.19 38.86 24.32
N MET F 3672 -38.38 38.72 25.64
CA MET F 3672 -39.64 39.13 26.25
C MET F 3672 -39.80 40.64 26.26
N PHE F 3673 -38.69 41.39 26.27
CA PHE F 3673 -38.79 42.82 25.99
C PHE F 3673 -39.20 43.08 24.54
N LEU F 3674 -38.68 42.29 23.60
CA LEU F 3674 -39.08 42.45 22.21
C LEU F 3674 -40.56 42.16 22.03
N LYS F 3675 -41.07 41.12 22.67
CA LYS F 3675 -42.50 40.86 22.64
C LYS F 3675 -43.28 41.93 23.39
N LEU F 3676 -42.69 42.51 24.43
CA LEU F 3676 -43.38 43.54 25.21
C LEU F 3676 -43.77 44.73 24.34
N LYS F 3677 -42.95 45.06 23.34
CA LYS F 3677 -43.35 46.08 22.37
C LYS F 3677 -44.55 45.64 21.57
N ASP F 3678 -44.63 44.36 21.22
CA ASP F 3678 -45.79 43.84 20.50
C ASP F 3678 -47.01 43.67 21.39
N ILE F 3679 -46.80 43.28 22.66
CA ILE F 3679 -47.93 43.10 23.57
C ILE F 3679 -48.64 44.44 23.80
N VAL F 3680 -47.87 45.49 24.06
CA VAL F 3680 -48.46 46.80 24.30
C VAL F 3680 -49.11 47.36 23.05
N GLY F 3681 -48.68 46.90 21.87
CA GLY F 3681 -49.28 47.34 20.62
C GLY F 3681 -50.49 46.52 20.21
N SER F 3682 -50.54 45.27 20.67
CA SER F 3682 -51.64 44.39 20.34
C SER F 3682 -52.84 44.65 21.25
N GLU F 3683 -54.01 44.20 20.80
CA GLU F 3683 -55.24 44.37 21.56
C GLU F 3683 -55.36 43.38 22.72
N ALA F 3684 -54.49 42.36 22.79
CA ALA F 3684 -54.57 41.41 23.88
C ALA F 3684 -54.26 42.07 25.22
N PHE F 3685 -53.26 42.95 25.25
CA PHE F 3685 -52.96 43.69 26.48
C PHE F 3685 -54.09 44.64 26.85
N GLN F 3686 -54.72 45.27 25.87
CA GLN F 3686 -55.85 46.15 26.15
C GLN F 3686 -57.04 45.38 26.68
N ASP F 3687 -57.21 44.12 26.24
CA ASP F 3687 -58.29 43.29 26.76
C ASP F 3687 -58.13 43.02 28.25
N TYR F 3688 -56.90 42.72 28.67
CA TYR F 3688 -56.64 42.47 30.09
C TYR F 3688 -56.79 43.76 30.91
N VAL F 3689 -56.22 44.85 30.41
CA VAL F 3689 -56.29 46.15 31.08
C VAL F 3689 -56.60 47.19 30.01
N THR F 3690 -57.81 47.75 30.05
CA THR F 3690 -58.19 48.77 29.07
C THR F 3690 -57.40 50.06 29.26
N ASP F 3691 -57.11 50.42 30.52
CA ASP F 3691 -56.39 51.64 30.87
C ASP F 3691 -57.07 52.87 30.28
N PRO F 3692 -58.26 53.24 30.76
CA PRO F 3692 -58.93 54.42 30.19
C PRO F 3692 -58.25 55.72 30.57
N ARG F 3693 -57.80 55.85 31.82
CA ARG F 3693 -57.14 57.07 32.26
C ARG F 3693 -55.71 57.18 31.74
N GLY F 3694 -55.15 56.11 31.21
CA GLY F 3694 -53.80 56.09 30.68
C GLY F 3694 -52.80 55.31 31.53
N LEU F 3695 -53.15 54.99 32.77
CA LEU F 3695 -52.29 54.22 33.65
C LEU F 3695 -53.05 53.03 34.20
N ILE F 3696 -52.37 51.89 34.28
CA ILE F 3696 -52.94 50.65 34.80
C ILE F 3696 -52.00 50.17 35.91
N SER F 3697 -52.48 50.23 37.15
CA SER F 3697 -51.70 49.80 38.31
C SER F 3697 -52.22 48.46 38.80
N LYS F 3698 -51.32 47.49 38.94
CA LYS F 3698 -51.68 46.13 39.36
C LYS F 3698 -52.76 45.54 38.45
N LYS F 3699 -52.65 45.80 37.16
CA LYS F 3699 -53.59 45.33 36.16
C LYS F 3699 -52.88 44.53 35.09
N ASP F 3700 -53.67 43.78 34.32
CA ASP F 3700 -53.16 42.94 33.23
C ASP F 3700 -52.16 41.90 33.74
N PHE F 3701 -52.31 41.47 35.00
CA PHE F 3701 -51.43 40.45 35.53
C PHE F 3701 -51.66 39.10 34.88
N GLN F 3702 -52.92 38.77 34.58
CA GLN F 3702 -53.29 37.52 33.92
C GLN F 3702 -53.77 37.86 32.51
N LYS F 3703 -53.11 37.30 31.51
CA LYS F 3703 -53.46 37.57 30.12
C LYS F 3703 -53.42 36.29 29.29
N UNK F 3704 -43.82 38.45 35.27
CA UNK F 3704 -43.73 38.97 36.64
C UNK F 3704 -42.50 39.84 36.80
N UNK F 3705 -41.53 39.66 35.91
CA UNK F 3705 -40.29 40.43 35.96
C UNK F 3705 -40.53 41.88 35.53
N UNK F 3706 -41.50 42.06 34.63
CA UNK F 3706 -41.84 43.39 34.14
C UNK F 3706 -42.62 44.17 35.19
N UNK F 3707 -43.42 43.45 35.98
CA UNK F 3707 -44.22 44.07 37.03
C UNK F 3707 -43.33 44.55 38.17
N UNK F 3708 -42.27 43.78 38.45
CA UNK F 3708 -41.32 44.14 39.50
C UNK F 3708 -40.38 45.24 39.02
N UNK F 3709 -40.32 45.43 37.70
CA UNK F 3709 -39.47 46.45 37.11
C UNK F 3709 -40.16 47.81 37.14
N GLU F 3710 -47.45 54.23 35.33
CA GLU F 3710 -47.75 52.81 35.24
C GLU F 3710 -47.78 52.36 33.79
N GLU F 3711 -47.52 53.28 32.88
CA GLU F 3711 -47.51 53.00 31.44
C GLU F 3711 -46.18 53.45 30.85
N PHE F 3712 -45.56 52.56 30.07
CA PHE F 3712 -44.29 52.83 29.41
C PHE F 3712 -44.45 52.64 27.91
N ALA F 3713 -43.87 53.57 27.15
CA ALA F 3713 -43.95 53.48 25.69
C ALA F 3713 -43.22 52.25 25.17
N ASN F 3714 -42.03 51.99 25.69
CA ASN F 3714 -41.25 50.83 25.27
C ASN F 3714 -40.23 50.52 26.36
N ARG F 3715 -39.83 49.24 26.41
CA ARG F 3715 -38.83 48.78 27.37
C ARG F 3715 -37.44 48.83 26.75
N PHE F 3716 -37.04 50.04 26.35
CA PHE F 3716 -35.76 50.29 25.70
C PHE F 3716 -35.61 49.42 24.44
N GLN F 3717 -36.65 49.43 23.61
CA GLN F 3717 -36.64 48.63 22.39
C GLN F 3717 -35.75 49.22 21.31
N GLU F 3718 -35.57 50.55 21.31
CA GLU F 3718 -34.73 51.18 20.29
C GLU F 3718 -33.28 50.68 20.33
N PRO F 3719 -32.60 50.61 21.49
CA PRO F 3719 -31.27 49.97 21.49
C PRO F 3719 -31.33 48.46 21.43
N ALA F 3720 -32.45 47.84 21.82
CA ALA F 3720 -32.57 46.39 21.80
C ALA F 3720 -32.79 45.84 20.39
N ARG F 3721 -33.31 46.66 19.47
CA ARG F 3721 -33.55 46.17 18.12
C ARG F 3721 -32.25 45.86 17.39
N ASP F 3722 -31.25 46.75 17.48
CA ASP F 3722 -30.01 46.52 16.76
C ASP F 3722 -29.24 45.33 17.33
N ILE F 3723 -29.15 45.25 18.67
CA ILE F 3723 -28.43 44.14 19.28
C ILE F 3723 -29.13 42.82 19.03
N GLY F 3724 -30.46 42.84 18.88
CA GLY F 3724 -31.19 41.61 18.58
C GLY F 3724 -30.87 41.04 17.21
N PHE F 3725 -30.68 41.91 16.22
CA PHE F 3725 -30.38 41.43 14.87
C PHE F 3725 -28.94 40.98 14.74
N ASN F 3726 -28.02 41.67 15.42
CA ASN F 3726 -26.60 41.29 15.34
C ASN F 3726 -26.37 39.90 15.92
N VAL F 3727 -27.00 39.60 17.06
CA VAL F 3727 -26.91 38.25 17.61
C VAL F 3727 -27.68 37.27 16.75
N ALA F 3728 -28.78 37.72 16.13
CA ALA F 3728 -29.52 36.86 15.20
C ALA F 3728 -28.66 36.52 14.00
N VAL F 3729 -27.91 37.49 13.49
CA VAL F 3729 -26.93 37.20 12.43
C VAL F 3729 -25.85 36.28 12.96
N LEU F 3730 -25.41 36.48 14.20
CA LEU F 3730 -24.37 35.64 14.78
C LEU F 3730 -24.76 34.17 14.76
N LEU F 3731 -26.06 33.88 14.95
CA LEU F 3731 -26.51 32.48 14.93
C LEU F 3731 -26.54 31.92 13.52
N THR F 3732 -27.03 32.69 12.54
CA THR F 3732 -27.15 32.15 11.19
C THR F 3732 -25.80 32.06 10.49
N ASN F 3733 -24.79 32.82 10.94
CA ASN F 3733 -23.44 32.62 10.46
C ASN F 3733 -22.92 31.24 10.87
N LEU F 3734 -23.05 30.91 12.15
CA LEU F 3734 -22.50 29.65 12.65
C LEU F 3734 -23.29 28.45 12.19
N SER F 3735 -24.63 28.56 12.15
CA SER F 3735 -25.45 27.45 11.68
C SER F 3735 -25.16 27.10 10.23
N GLU F 3736 -25.00 28.11 9.37
CA GLU F 3736 -24.78 27.86 7.95
C GLU F 3736 -23.36 27.40 7.66
N HIS F 3737 -22.37 27.90 8.39
CA HIS F 3737 -20.99 27.51 8.12
C HIS F 3737 -20.76 26.04 8.44
N VAL F 3738 -21.15 25.59 9.62
CA VAL F 3738 -21.05 24.20 10.02
C VAL F 3738 -22.47 23.62 10.07
N PRO F 3739 -22.84 22.74 9.14
CA PRO F 3739 -24.20 22.20 9.14
C PRO F 3739 -24.32 20.86 9.86
N HIS F 3740 -23.19 20.28 10.25
CA HIS F 3740 -23.14 18.94 10.82
C HIS F 3740 -22.82 18.98 12.31
N ASP F 3741 -23.34 19.97 13.01
CA ASP F 3741 -23.14 20.10 14.46
C ASP F 3741 -24.47 19.98 15.18
N PRO F 3742 -24.72 18.88 15.90
CA PRO F 3742 -26.00 18.75 16.61
C PRO F 3742 -26.20 19.79 17.70
N ARG F 3743 -25.12 20.40 18.20
CA ARG F 3743 -25.27 21.42 19.25
C ARG F 3743 -25.98 22.66 18.74
N LEU F 3744 -25.81 23.00 17.46
CA LEU F 3744 -26.46 24.18 16.90
C LEU F 3744 -27.97 23.98 16.80
N ARG F 3745 -28.42 22.75 16.59
CA ARG F 3745 -29.86 22.49 16.53
C ARG F 3745 -30.55 22.81 17.85
N ASN F 3746 -29.92 22.44 18.98
CA ASN F 3746 -30.48 22.79 20.28
C ASN F 3746 -30.44 24.30 20.50
N PHE F 3747 -29.32 24.94 20.15
CA PHE F 3747 -29.19 26.38 20.34
C PHE F 3747 -30.17 27.15 19.46
N LEU F 3748 -30.36 26.68 18.22
CA LEU F 3748 -31.35 27.32 17.35
C LEU F 3748 -32.77 27.15 17.89
N GLU F 3749 -33.03 26.04 18.58
CA GLU F 3749 -34.35 25.84 19.19
C GLU F 3749 -34.61 26.87 20.29
N LEU F 3750 -33.60 27.16 21.11
CA LEU F 3750 -33.76 28.15 22.17
C LEU F 3750 -33.93 29.56 21.60
N ALA F 3751 -33.31 29.84 20.45
CA ALA F 3751 -33.39 31.14 19.81
C ALA F 3751 -34.39 31.15 18.66
N GLU F 3752 -35.26 30.14 18.58
CA GLU F 3752 -36.24 30.06 17.50
C GLU F 3752 -37.25 31.20 17.53
N SER F 3753 -37.45 31.84 18.68
CA SER F 3753 -38.40 32.95 18.76
C SER F 3753 -37.93 34.15 17.97
N ILE F 3754 -36.67 34.57 18.16
CA ILE F 3754 -36.16 35.72 17.42
C ILE F 3754 -35.94 35.39 15.95
N LEU F 3755 -35.50 34.17 15.64
CA LEU F 3755 -35.22 33.81 14.25
C LEU F 3755 -36.46 33.93 13.38
N GLU F 3756 -37.64 33.72 13.95
CA GLU F 3756 -38.87 33.92 13.20
C GLU F 3756 -39.19 35.40 13.03
N TYR F 3757 -38.88 36.22 14.03
CA TYR F 3757 -39.21 37.64 13.96
C TYR F 3757 -38.29 38.40 13.03
N PHE F 3758 -36.98 38.17 13.13
CA PHE F 3758 -35.99 38.85 12.28
C PHE F 3758 -35.80 38.19 10.92
N ARG F 3759 -36.59 37.15 10.61
CA ARG F 3759 -36.44 36.48 9.31
C ARG F 3759 -36.69 37.41 8.13
N PRO F 3760 -37.77 38.18 8.05
CA PRO F 3760 -37.96 39.05 6.88
C PRO F 3760 -36.96 40.19 6.81
N TYR F 3761 -36.44 40.65 7.95
CA TYR F 3761 -35.51 41.76 7.96
C TYR F 3761 -34.11 41.36 7.50
N LEU F 3762 -33.78 40.07 7.55
CA LEU F 3762 -32.44 39.61 7.18
C LEU F 3762 -32.29 39.52 5.67
N GLY F 3763 -31.10 39.88 5.18
CA GLY F 3763 -30.79 39.80 3.77
C GLY F 3763 -29.68 38.80 3.48
N ARG F 3764 -29.63 38.29 2.25
CA ARG F 3764 -28.68 37.24 1.92
C ARG F 3764 -28.30 37.34 0.44
N ILE F 3765 -27.01 37.57 0.18
CA ILE F 3765 -26.44 37.54 -1.16
C ILE F 3765 -25.10 36.82 -1.09
N GLU F 3766 -24.49 36.60 -2.25
CA GLU F 3766 -23.13 36.06 -2.34
C GLU F 3766 -22.27 37.01 -3.15
N ILE F 3767 -21.07 37.29 -2.65
CA ILE F 3767 -20.04 38.01 -3.38
C ILE F 3767 -18.78 37.15 -3.38
N MET F 3768 -18.20 36.94 -4.56
CA MET F 3768 -17.09 36.03 -4.74
C MET F 3768 -15.75 36.74 -4.95
N GLY F 3769 -15.75 37.93 -5.54
CA GLY F 3769 -14.51 38.59 -5.91
C GLY F 3769 -13.66 39.08 -4.74
N ALA F 3770 -14.17 38.98 -3.51
CA ALA F 3770 -13.41 39.47 -2.35
C ALA F 3770 -12.11 38.70 -2.20
N SER F 3771 -12.15 37.38 -2.35
CA SER F 3771 -10.96 36.54 -2.22
C SER F 3771 -10.92 35.46 -3.30
N ARG F 3772 -11.51 35.76 -4.47
CA ARG F 3772 -11.63 34.79 -5.56
C ARG F 3772 -12.30 33.51 -5.08
N ARG F 3773 -13.30 33.64 -4.22
CA ARG F 3773 -13.81 32.54 -3.43
C ARG F 3773 -15.26 32.83 -3.08
N ILE F 3774 -16.11 31.80 -3.19
CA ILE F 3774 -17.52 31.98 -2.87
C ILE F 3774 -17.67 32.29 -1.38
N GLU F 3775 -18.45 33.32 -1.06
CA GLU F 3775 -18.57 33.80 0.31
C GLU F 3775 -19.94 34.42 0.51
N ARG F 3776 -20.39 34.42 1.77
CA ARG F 3776 -21.70 34.94 2.14
C ARG F 3776 -21.58 36.34 2.72
N ILE F 3777 -22.58 37.18 2.44
CA ILE F 3777 -22.65 38.54 2.97
C ILE F 3777 -24.08 38.79 3.46
N TYR F 3778 -24.18 39.37 4.66
CA TYR F 3778 -25.45 39.70 5.28
C TYR F 3778 -25.55 41.19 5.52
N PHE F 3779 -26.78 41.69 5.62
CA PHE F 3779 -27.00 43.13 5.70
C PHE F 3779 -28.37 43.42 6.29
N GLU F 3780 -28.58 44.68 6.65
CA GLU F 3780 -29.86 45.18 7.14
C GLU F 3780 -30.83 45.34 5.96
N ILE F 3781 -32.09 44.98 6.20
CA ILE F 3781 -33.19 45.41 5.34
C ILE F 3781 -34.18 46.13 6.22
N SER F 3782 -34.21 47.46 6.12
CA SER F 3782 -35.05 48.27 7.00
C SER F 3782 -36.52 48.11 6.63
N GLU F 3783 -37.39 48.34 7.62
CA GLU F 3783 -38.82 48.14 7.41
C GLU F 3783 -39.40 49.21 6.50
N THR F 3784 -38.92 50.46 6.61
CA THR F 3784 -39.52 51.54 5.85
C THR F 3784 -39.29 51.39 4.35
N ASN F 3785 -38.17 50.78 3.94
CA ASN F 3785 -37.93 50.55 2.52
C ASN F 3785 -38.49 49.22 2.04
N ARG F 3786 -38.49 48.19 2.91
CA ARG F 3786 -39.12 46.93 2.54
C ARG F 3786 -40.62 47.10 2.33
N ALA F 3787 -41.27 47.89 3.19
CA ALA F 3787 -42.67 48.22 2.96
C ALA F 3787 -42.83 49.05 1.69
N GLN F 3788 -41.89 49.97 1.45
CA GLN F 3788 -41.91 50.73 0.20
C GLN F 3788 -41.57 49.85 -1.00
N TRP F 3789 -40.82 48.77 -0.77
CA TRP F 3789 -40.54 47.82 -1.85
C TRP F 3789 -41.81 47.17 -2.36
N GLU F 3790 -42.73 46.83 -1.45
CA GLU F 3790 -44.01 46.23 -1.83
C GLU F 3790 -44.94 47.34 -2.32
N MET F 3791 -44.78 47.65 -3.61
CA MET F 3791 -45.57 48.68 -4.28
C MET F 3791 -45.72 48.28 -5.74
N PRO F 3792 -46.89 48.47 -6.33
CA PRO F 3792 -47.08 48.08 -7.74
C PRO F 3792 -46.10 48.76 -8.70
N GLN F 3793 -45.69 49.99 -8.41
CA GLN F 3793 -44.71 50.66 -9.27
C GLN F 3793 -43.37 49.93 -9.27
N VAL F 3794 -42.93 49.48 -8.09
CA VAL F 3794 -41.65 48.77 -8.00
C VAL F 3794 -41.78 47.39 -8.64
N LYS F 3795 -42.89 46.69 -8.40
CA LYS F 3795 -43.10 45.39 -9.01
C LYS F 3795 -43.17 45.49 -10.53
N GLU F 3796 -43.74 46.57 -11.05
CA GLU F 3796 -43.75 46.78 -12.50
C GLU F 3796 -42.34 46.96 -13.04
N SER F 3797 -41.48 47.68 -12.32
CA SER F 3797 -40.11 47.89 -12.77
C SER F 3797 -39.35 46.58 -12.86
N LYS F 3798 -39.52 45.69 -11.86
CA LYS F 3798 -38.83 44.41 -11.87
C LYS F 3798 -39.41 43.44 -12.89
N ARG F 3799 -40.71 43.50 -13.16
CA ARG F 3799 -41.33 42.58 -14.10
C ARG F 3799 -40.93 42.90 -15.54
N GLN F 3800 -40.97 44.18 -15.91
CA GLN F 3800 -40.62 44.57 -17.27
C GLN F 3800 -39.13 44.48 -17.54
N PHE F 3801 -38.29 44.63 -16.50
CA PHE F 3801 -36.85 44.58 -16.69
C PHE F 3801 -36.40 43.22 -17.20
N ILE F 3802 -37.12 42.15 -16.86
CA ILE F 3802 -36.75 40.82 -17.32
C ILE F 3802 -36.90 40.71 -18.83
N PHE F 3803 -37.96 41.31 -19.38
CA PHE F 3803 -38.17 41.30 -20.83
C PHE F 3803 -37.09 42.10 -21.55
N ASP F 3804 -36.60 43.18 -20.95
CA ASP F 3804 -35.56 43.98 -21.57
C ASP F 3804 -34.22 43.24 -21.64
N VAL F 3805 -34.05 42.18 -20.86
CA VAL F 3805 -32.81 41.43 -20.87
C VAL F 3805 -32.87 40.24 -21.83
N VAL F 3806 -34.07 39.68 -22.04
CA VAL F 3806 -34.20 38.53 -22.95
C VAL F 3806 -33.75 38.90 -24.35
N ASN F 3807 -34.14 40.09 -24.83
CA ASN F 3807 -33.68 40.55 -26.13
C ASN F 3807 -32.17 40.81 -26.14
N GLU F 3808 -31.61 41.21 -25.00
CA GLU F 3808 -30.19 41.43 -24.90
C GLU F 3808 -29.42 40.11 -24.96
N GLY F 3809 -28.37 40.08 -25.76
CA GLY F 3809 -27.60 38.87 -25.95
C GLY F 3809 -26.23 38.89 -25.30
N GLY F 3810 -26.00 39.82 -24.39
CA GLY F 3810 -24.70 39.95 -23.75
C GLY F 3810 -24.73 39.71 -22.26
N GLU F 3811 -23.84 38.84 -21.77
CA GLU F 3811 -23.73 38.62 -20.34
C GLU F 3811 -23.13 39.83 -19.64
N SER F 3812 -22.12 40.45 -20.26
CA SER F 3812 -21.49 41.63 -19.66
C SER F 3812 -22.47 42.80 -19.56
N GLU F 3813 -23.25 43.05 -20.61
CA GLU F 3813 -24.23 44.12 -20.56
C GLU F 3813 -25.35 43.81 -19.58
N LYS F 3814 -25.72 42.53 -19.46
CA LYS F 3814 -26.78 42.15 -18.55
C LYS F 3814 -26.44 42.54 -17.12
N MET F 3815 -25.17 42.40 -16.73
CA MET F 3815 -24.72 42.91 -15.44
C MET F 3815 -24.86 44.43 -15.39
N GLU F 3816 -24.50 45.12 -16.48
CA GLU F 3816 -24.60 46.58 -16.50
C GLU F 3816 -26.05 47.04 -16.38
N LEU F 3817 -26.97 46.40 -17.11
CA LEU F 3817 -28.38 46.75 -16.98
C LEU F 3817 -28.93 46.41 -15.60
N PHE F 3818 -28.51 45.28 -15.03
CA PHE F 3818 -28.98 44.92 -13.69
C PHE F 3818 -28.53 45.95 -12.66
N VAL F 3819 -27.26 46.34 -12.70
CA VAL F 3819 -26.76 47.34 -11.76
C VAL F 3819 -27.44 48.68 -11.98
N SER F 3820 -27.58 49.09 -13.25
CA SER F 3820 -28.23 50.37 -13.54
C SER F 3820 -29.69 50.36 -13.13
N PHE F 3821 -30.33 49.19 -13.15
CA PHE F 3821 -31.75 49.12 -12.76
C PHE F 3821 -31.93 49.33 -11.26
N CYS F 3822 -31.05 48.75 -10.45
CA CYS F 3822 -31.19 48.87 -9.00
C CYS F 3822 -30.94 50.30 -8.54
N GLU F 3823 -29.88 50.94 -9.04
CA GLU F 3823 -29.59 52.30 -8.63
C GLU F 3823 -30.66 53.29 -9.08
N ASP F 3824 -31.36 52.99 -10.18
CA ASP F 3824 -32.47 53.84 -10.59
C ASP F 3824 -33.68 53.68 -9.69
N THR F 3825 -33.89 52.48 -9.13
CA THR F 3825 -35.01 52.27 -8.23
C THR F 3825 -34.79 52.95 -6.88
N ILE F 3826 -33.53 53.10 -6.46
CA ILE F 3826 -33.24 53.79 -5.21
C ILE F 3826 -33.63 55.26 -5.31
N PHE F 3827 -33.41 55.88 -6.47
CA PHE F 3827 -33.81 57.27 -6.67
C PHE F 3827 -35.32 57.42 -6.60
N GLU F 3828 -36.07 56.35 -6.90
CA GLU F 3828 -37.53 56.40 -6.79
C GLU F 3828 -37.99 56.40 -5.34
N MET F 3829 -37.19 55.84 -4.43
CA MET F 3829 -37.59 55.79 -3.02
C MET F 3829 -37.62 57.18 -2.40
N GLN F 3830 -36.70 58.06 -2.77
CA GLN F 3830 -36.60 59.37 -2.12
C GLN F 3830 -37.72 60.32 -2.54
N ILE F 3831 -38.27 60.16 -3.75
CA ILE F 3831 -39.32 61.06 -4.19
C ILE F 3831 -40.66 60.69 -3.56
N ALA F 3832 -40.88 59.41 -3.28
CA ALA F 3832 -42.13 58.99 -2.66
C ALA F 3832 -42.08 59.12 -1.14
N ALA F 3833 -40.90 58.99 -0.54
CA ALA F 3833 -40.78 59.14 0.91
C ALA F 3833 -40.90 60.59 1.35
N GLN F 3834 -40.63 61.55 0.47
CA GLN F 3834 -40.71 62.96 0.81
C GLN F 3834 -42.12 63.49 0.57
N GLU F 4132 -48.59 78.73 -1.17
CA GLU F 4132 -47.25 78.96 -0.65
C GLU F 4132 -47.13 78.47 0.80
N VAL F 4133 -48.06 78.91 1.64
CA VAL F 4133 -48.04 78.51 3.04
C VAL F 4133 -48.32 77.01 3.17
N GLN F 4134 -49.31 76.52 2.43
CA GLN F 4134 -49.69 75.11 2.45
C GLN F 4134 -49.44 74.45 1.09
N ARG F 4135 -48.51 74.99 0.31
CA ARG F 4135 -48.23 74.43 -1.01
C ARG F 4135 -47.58 73.05 -0.91
N VAL F 4136 -46.70 72.86 0.08
CA VAL F 4136 -45.99 71.59 0.19
C VAL F 4136 -46.96 70.43 0.46
N LYS F 4137 -48.03 70.68 1.21
CA LYS F 4137 -49.03 69.65 1.45
C LYS F 4137 -49.85 69.36 0.19
N PHE F 4138 -50.16 70.39 -0.59
CA PHE F 4138 -50.96 70.19 -1.80
C PHE F 4138 -50.17 69.45 -2.88
N LEU F 4139 -48.90 69.80 -3.07
CA LEU F 4139 -48.08 69.12 -4.07
C LEU F 4139 -47.87 67.65 -3.72
N ASN F 4140 -47.64 67.34 -2.44
CA ASN F 4140 -47.50 65.95 -2.03
C ASN F 4140 -48.81 65.18 -2.26
N TYR F 4141 -49.95 65.83 -1.97
CA TYR F 4141 -51.24 65.21 -2.24
C TYR F 4141 -51.44 64.95 -3.73
N LEU F 4142 -50.98 65.86 -4.58
CA LEU F 4142 -51.17 65.71 -6.02
C LEU F 4142 -50.28 64.61 -6.60
N SER F 4143 -49.09 64.41 -6.03
CA SER F 4143 -48.16 63.43 -6.56
C SER F 4143 -48.66 62.00 -6.39
N ARG F 4144 -49.23 61.69 -5.22
CA ARG F 4144 -49.66 60.33 -4.96
C ARG F 4144 -50.87 59.93 -5.80
N ASN F 4145 -51.74 60.88 -6.12
CA ASN F 4145 -52.97 60.61 -6.86
C ASN F 4145 -52.84 60.92 -8.33
N PHE F 4146 -51.63 60.84 -8.89
CA PHE F 4146 -51.44 61.07 -10.32
C PHE F 4146 -52.16 60.01 -11.16
N TYR F 4147 -52.20 58.77 -10.66
CA TYR F 4147 -52.84 57.69 -11.41
C TYR F 4147 -54.37 57.88 -11.42
N THR F 4148 -54.95 58.19 -10.27
CA THR F 4148 -56.40 58.42 -10.21
C THR F 4148 -56.79 59.71 -10.93
N LEU F 4149 -55.91 60.71 -10.91
CA LEU F 4149 -56.19 61.96 -11.61
C LEU F 4149 -56.29 61.73 -13.11
N ARG F 4150 -55.40 60.90 -13.66
CA ARG F 4150 -55.48 60.56 -15.08
C ARG F 4150 -56.75 59.77 -15.39
N PHE F 4151 -57.14 58.88 -14.47
CA PHE F 4151 -58.38 58.14 -14.66
C PHE F 4151 -59.60 59.05 -14.62
N LEU F 4152 -59.57 60.08 -13.78
CA LEU F 4152 -60.68 61.03 -13.74
C LEU F 4152 -60.76 61.86 -15.01
N ALA F 4153 -59.61 62.18 -15.63
CA ALA F 4153 -59.62 62.97 -16.85
C ALA F 4153 -60.31 62.25 -17.99
N LEU F 4154 -60.05 60.94 -18.14
CA LEU F 4154 -60.69 60.19 -19.22
C LEU F 4154 -62.16 59.94 -18.94
N PHE F 4155 -62.53 59.72 -17.67
CA PHE F 4155 -63.93 59.45 -17.35
C PHE F 4155 -64.82 60.66 -17.66
N LEU F 4156 -64.33 61.86 -17.37
CA LEU F 4156 -65.08 63.06 -17.71
C LEU F 4156 -65.26 63.21 -19.22
N ALA F 4157 -64.25 62.80 -20.00
CA ALA F 4157 -64.34 62.90 -21.45
C ALA F 4157 -65.49 62.08 -22.00
N PHE F 4158 -65.66 60.85 -21.48
CA PHE F 4158 -66.77 60.01 -21.92
C PHE F 4158 -68.11 60.68 -21.67
N ALA F 4159 -68.27 61.37 -20.54
CA ALA F 4159 -69.47 62.16 -20.32
C ALA F 4159 -69.57 63.31 -21.30
N ILE F 4160 -68.45 63.96 -21.61
CA ILE F 4160 -68.47 65.08 -22.55
C ILE F 4160 -68.84 64.62 -23.95
N ASN F 4161 -68.22 63.53 -24.41
CA ASN F 4161 -68.58 63.00 -25.73
C ASN F 4161 -70.02 62.47 -25.72
N PHE F 4162 -70.52 62.03 -24.58
CA PHE F 4162 -71.91 61.61 -24.50
C PHE F 4162 -72.85 62.80 -24.67
N ILE F 4163 -72.47 63.96 -24.13
CA ILE F 4163 -73.23 65.18 -24.38
C ILE F 4163 -73.14 65.57 -25.85
N LEU F 4164 -71.96 65.39 -26.46
CA LEU F 4164 -71.82 65.62 -27.88
C LEU F 4164 -72.59 64.61 -28.72
N LEU F 4165 -73.06 63.51 -28.12
CA LEU F 4165 -73.89 62.55 -28.84
C LEU F 4165 -75.30 63.07 -29.06
N PHE F 4166 -75.87 63.79 -28.08
CA PHE F 4166 -77.21 64.35 -28.25
C PHE F 4166 -77.21 65.63 -29.07
N TYR F 4167 -76.13 65.89 -29.80
CA TYR F 4167 -75.97 67.10 -30.58
C TYR F 4167 -76.90 67.10 -31.79
N LYS F 4168 -77.13 68.28 -32.34
CA LYS F 4168 -77.96 68.44 -33.54
C LYS F 4168 -77.59 69.77 -34.19
N VAL F 4169 -78.09 69.97 -35.41
CA VAL F 4169 -77.86 71.21 -36.16
C VAL F 4169 -79.18 71.67 -36.76
N SER F 4170 -79.30 72.99 -36.96
CA SER F 4170 -80.46 73.57 -37.62
C SER F 4170 -79.99 74.63 -38.60
N ASP F 4171 -80.73 74.77 -39.70
CA ASP F 4171 -80.37 75.75 -40.72
C ASP F 4171 -80.67 77.17 -40.27
N SER F 4172 -81.75 77.35 -39.48
CA SER F 4172 -82.14 78.67 -39.03
C SER F 4172 -82.03 78.76 -37.51
N PRO F 4173 -81.55 79.89 -36.98
CA PRO F 4173 -81.46 80.06 -35.53
C PRO F 4173 -82.85 80.10 -34.90
N PRO F 4174 -82.98 79.60 -33.66
CA PRO F 4174 -84.26 79.58 -32.94
C PRO F 4174 -84.05 79.48 -31.42
N VAL F 4215 -75.39 80.97 -43.40
CA VAL F 4215 -74.73 79.88 -42.68
C VAL F 4215 -75.76 79.04 -41.94
N TYR F 4216 -75.31 78.33 -40.91
CA TYR F 4216 -76.16 77.47 -40.10
C TYR F 4216 -75.96 77.78 -38.63
N TYR F 4217 -77.00 77.52 -37.84
CA TYR F 4217 -76.98 77.76 -36.40
C TYR F 4217 -76.80 76.44 -35.68
N PHE F 4218 -75.87 76.42 -34.72
CA PHE F 4218 -75.54 75.22 -33.98
C PHE F 4218 -76.23 75.23 -32.61
N LEU F 4219 -76.82 74.10 -32.25
CA LEU F 4219 -77.61 73.99 -31.03
C LEU F 4219 -77.44 72.61 -30.42
N GLU F 4220 -77.81 72.48 -29.15
CA GLU F 4220 -77.66 71.26 -28.39
C GLU F 4220 -78.99 70.52 -28.31
N GLU F 4221 -79.04 69.47 -27.49
CA GLU F 4221 -80.22 68.63 -27.38
C GLU F 4221 -81.40 69.43 -26.81
N SER F 4222 -82.61 68.92 -27.08
CA SER F 4222 -83.82 69.58 -26.61
C SER F 4222 -83.99 69.48 -25.10
N THR F 4223 -83.34 68.52 -24.45
CA THR F 4223 -83.44 68.39 -23.01
C THR F 4223 -82.79 69.58 -22.32
N GLY F 4224 -83.46 70.08 -21.27
CA GLY F 4224 -82.96 71.24 -20.57
C GLY F 4224 -81.75 70.97 -19.69
N TYR F 4225 -81.52 69.71 -19.32
CA TYR F 4225 -80.38 69.38 -18.48
C TYR F 4225 -79.06 69.35 -19.24
N MET F 4226 -79.10 69.25 -20.57
CA MET F 4226 -77.86 69.16 -21.35
C MET F 4226 -77.13 70.49 -21.42
N GLU F 4227 -77.88 71.61 -21.44
CA GLU F 4227 -77.23 72.91 -21.57
C GLU F 4227 -76.29 73.23 -20.42
N PRO F 4228 -76.69 73.10 -19.14
CA PRO F 4228 -75.74 73.42 -18.06
C PRO F 4228 -74.80 72.28 -17.71
N ALA F 4229 -75.08 71.05 -18.15
CA ALA F 4229 -74.20 69.93 -17.83
C ALA F 4229 -72.85 70.08 -18.50
N LEU F 4230 -72.81 70.56 -19.75
CA LEU F 4230 -71.55 70.71 -20.45
C LEU F 4230 -70.67 71.79 -19.85
N ARG F 4231 -71.26 72.81 -19.21
CA ARG F 4231 -70.47 73.90 -18.65
C ARG F 4231 -69.64 73.41 -17.46
N CYS F 4232 -70.26 72.67 -16.55
CA CYS F 4232 -69.55 72.22 -15.36
C CYS F 4232 -68.57 71.10 -15.70
N LEU F 4233 -68.97 70.16 -16.56
CA LEU F 4233 -68.10 69.04 -16.90
C LEU F 4233 -66.85 69.53 -17.64
N SER F 4234 -67.01 70.46 -18.58
CA SER F 4234 -65.86 70.98 -19.30
C SER F 4234 -64.99 71.84 -18.40
N LEU F 4235 -65.60 72.59 -17.48
CA LEU F 4235 -64.82 73.40 -16.55
C LEU F 4235 -63.94 72.51 -15.66
N LEU F 4236 -64.50 71.41 -15.16
CA LEU F 4236 -63.70 70.49 -14.35
C LEU F 4236 -62.63 69.80 -15.19
N HIS F 4237 -62.95 69.47 -16.45
CA HIS F 4237 -61.98 68.80 -17.31
C HIS F 4237 -60.78 69.69 -17.59
N THR F 4238 -61.01 70.98 -17.80
CA THR F 4238 -59.90 71.91 -18.02
C THR F 4238 -59.02 72.02 -16.77
N LEU F 4239 -59.66 72.09 -15.60
CA LEU F 4239 -58.91 72.23 -14.36
C LEU F 4239 -58.11 70.98 -14.03
N VAL F 4240 -58.72 69.80 -14.21
CA VAL F 4240 -58.01 68.55 -13.90
C VAL F 4240 -56.83 68.35 -14.85
N ALA F 4241 -56.94 68.87 -16.07
CA ALA F 4241 -55.81 68.83 -16.99
C ALA F 4241 -54.64 69.69 -16.52
N PHE F 4242 -54.90 70.70 -15.70
CA PHE F 4242 -53.84 71.51 -15.12
C PHE F 4242 -53.12 70.79 -13.99
N LEU F 4243 -53.86 70.01 -13.20
CA LEU F 4243 -53.25 69.34 -12.05
C LEU F 4243 -52.38 68.16 -12.49
N CYS F 4244 -52.73 67.50 -13.59
CA CYS F 4244 -51.93 66.37 -14.05
C CYS F 4244 -50.54 66.82 -14.49
N ILE F 4245 -50.45 67.96 -15.18
CA ILE F 4245 -49.15 68.49 -15.57
C ILE F 4245 -48.35 68.88 -14.34
N ILE F 4246 -48.98 69.53 -13.36
CA ILE F 4246 -48.29 69.86 -12.12
C ILE F 4246 -47.86 68.59 -11.39
N GLY F 4247 -48.74 67.58 -11.35
CA GLY F 4247 -48.34 66.30 -10.79
C GLY F 4247 -47.22 65.66 -11.57
N TYR F 4248 -47.26 65.76 -12.89
CA TYR F 4248 -46.16 65.30 -13.72
C TYR F 4248 -44.90 66.13 -13.51
N ASN F 4249 -45.04 67.38 -13.07
CA ASN F 4249 -43.88 68.24 -12.87
C ASN F 4249 -43.08 67.86 -11.63
N CYS F 4250 -43.67 67.08 -10.71
CA CYS F 4250 -43.00 66.72 -9.47
C CYS F 4250 -42.71 65.23 -9.33
N LEU F 4251 -43.30 64.38 -10.18
CA LEU F 4251 -43.12 62.94 -10.08
C LEU F 4251 -42.18 62.38 -11.15
N LYS F 4252 -42.48 62.64 -12.42
CA LYS F 4252 -41.68 62.09 -13.51
C LYS F 4252 -40.52 62.98 -13.91
N VAL F 4253 -40.57 64.27 -13.59
CA VAL F 4253 -39.43 65.16 -13.89
C VAL F 4253 -38.14 64.70 -13.22
N PRO F 4254 -38.11 64.39 -11.91
CA PRO F 4254 -36.84 63.93 -11.32
C PRO F 4254 -36.31 62.66 -11.95
N LEU F 4255 -37.19 61.76 -12.39
CA LEU F 4255 -36.74 60.51 -12.99
C LEU F 4255 -36.12 60.74 -14.37
N VAL F 4256 -36.75 61.58 -15.19
CA VAL F 4256 -36.25 61.78 -16.55
C VAL F 4256 -34.93 62.54 -16.55
N ILE F 4257 -34.73 63.49 -15.63
CA ILE F 4257 -33.48 64.22 -15.59
C ILE F 4257 -32.37 63.34 -15.02
N PHE F 4258 -32.70 62.40 -14.13
CA PHE F 4258 -31.71 61.48 -13.61
C PHE F 4258 -31.18 60.55 -14.70
N LYS F 4259 -31.97 60.30 -15.74
CA LYS F 4259 -31.52 59.43 -16.83
C LYS F 4259 -30.41 60.07 -17.65
N ARG F 4260 -30.22 61.39 -17.56
CA ARG F 4260 -29.15 62.08 -18.27
C ARG F 4260 -28.17 62.78 -17.36
N GLU F 4261 -28.59 63.26 -16.20
CA GLU F 4261 -27.65 63.90 -15.28
C GLU F 4261 -26.61 62.90 -14.76
N LYS F 4262 -27.07 61.70 -14.39
CA LYS F 4262 -26.13 60.68 -13.92
C LYS F 4262 -25.42 59.97 -15.06
N GLU F 4263 -25.92 60.09 -16.29
CA GLU F 4263 -25.28 59.42 -17.41
C GLU F 4263 -23.97 60.10 -17.80
N LEU F 4264 -23.90 61.43 -17.67
CA LEU F 4264 -22.67 62.14 -18.00
C LEU F 4264 -21.54 61.78 -17.05
N ALA F 4265 -21.86 61.44 -15.80
CA ALA F 4265 -20.82 61.04 -14.85
C ALA F 4265 -20.13 59.76 -15.27
N ARG F 4266 -20.86 58.85 -15.91
CA ARG F 4266 -20.29 57.60 -16.39
C ARG F 4266 -19.61 57.75 -17.75
N LYS F 4267 -19.67 58.94 -18.37
CA LYS F 4267 -19.04 59.19 -19.65
C LYS F 4267 -17.73 59.93 -19.54
N LEU F 4268 -17.67 60.96 -18.69
CA LEU F 4268 -16.44 61.73 -18.52
C LEU F 4268 -15.38 60.96 -17.73
N GLU F 4269 -15.79 60.02 -16.88
CA GLU F 4269 -14.85 59.28 -16.04
C GLU F 4269 -14.27 58.06 -16.75
N PHE F 4270 -15.03 57.43 -17.64
CA PHE F 4270 -14.60 56.21 -18.32
C PHE F 4270 -14.36 56.40 -19.81
N ASP F 4271 -15.22 57.14 -20.50
CA ASP F 4271 -15.10 57.36 -21.93
C ASP F 4271 -14.33 58.63 -22.28
N GLY F 4272 -14.54 59.71 -21.52
CA GLY F 4272 -13.88 60.96 -21.80
C GLY F 4272 -14.28 61.57 -23.13
N LEU F 4273 -15.58 61.60 -23.40
CA LEU F 4273 -16.10 62.09 -24.67
C LEU F 4273 -16.09 63.61 -24.78
N TYR F 4274 -15.66 64.31 -23.73
CA TYR F 4274 -15.57 65.77 -23.75
C TYR F 4274 -14.14 66.27 -23.57
N ILE F 4275 -13.44 65.81 -22.54
CA ILE F 4275 -12.09 66.29 -22.25
C ILE F 4275 -11.07 65.52 -23.07
N THR F 4276 -11.02 64.19 -22.88
CA THR F 4276 -10.04 63.38 -23.58
C THR F 4276 -10.31 63.32 -25.07
N GLU F 4277 -11.58 63.28 -25.47
CA GLU F 4277 -11.96 63.16 -26.87
C GLU F 4277 -12.93 64.28 -27.22
N GLN F 4278 -12.75 64.84 -28.42
CA GLN F 4278 -13.61 65.93 -28.87
C GLN F 4278 -15.01 65.40 -29.16
N PRO F 4279 -16.06 66.08 -28.70
CA PRO F 4279 -17.42 65.57 -28.94
C PRO F 4279 -17.71 65.45 -30.44
N GLU F 4280 -18.40 64.35 -30.79
CA GLU F 4280 -18.66 64.08 -32.20
C GLU F 4280 -19.76 64.98 -32.76
N ASP F 4281 -20.69 65.42 -31.90
CA ASP F 4281 -21.83 66.24 -32.29
C ASP F 4281 -22.70 65.51 -33.31
N ASP F 4282 -22.64 64.18 -33.32
CA ASP F 4282 -23.51 63.40 -34.21
C ASP F 4282 -24.93 63.37 -33.67
N ASP F 4283 -25.09 63.18 -32.36
CA ASP F 4283 -26.41 63.16 -31.74
C ASP F 4283 -26.75 64.53 -31.20
N VAL F 4284 -28.04 64.89 -31.28
CA VAL F 4284 -28.49 66.18 -30.77
C VAL F 4284 -28.34 66.26 -29.26
N LYS F 4285 -28.53 65.14 -28.56
CA LYS F 4285 -28.42 65.15 -27.10
C LYS F 4285 -27.00 65.43 -26.64
N GLY F 4286 -26.00 65.00 -27.42
CA GLY F 4286 -24.62 65.25 -27.03
C GLY F 4286 -24.27 66.73 -27.01
N GLN F 4287 -24.78 67.49 -27.98
CA GLN F 4287 -24.49 68.92 -28.02
C GLN F 4287 -25.20 69.66 -26.88
N TRP F 4288 -26.40 69.22 -26.51
CA TRP F 4288 -27.14 69.89 -25.45
C TRP F 4288 -26.50 69.68 -24.08
N ASP F 4289 -25.61 68.70 -23.96
CA ASP F 4289 -25.00 68.36 -22.69
C ASP F 4289 -23.74 69.16 -22.40
N ARG F 4290 -23.28 70.00 -23.32
CA ARG F 4290 -22.04 70.75 -23.10
C ARG F 4290 -22.25 71.91 -22.14
N LEU F 4291 -23.47 72.46 -22.10
CA LEU F 4291 -23.72 73.67 -21.32
C LEU F 4291 -23.86 73.40 -19.83
N VAL F 4292 -24.06 72.14 -19.43
CA VAL F 4292 -24.21 71.83 -18.00
C VAL F 4292 -22.87 71.65 -17.30
N LEU F 4293 -21.78 71.49 -18.06
CA LEU F 4293 -20.48 71.24 -17.45
C LEU F 4293 -20.02 72.41 -16.60
N ASN F 4294 -20.22 73.64 -17.09
CA ASN F 4294 -19.74 74.82 -16.37
C ASN F 4294 -20.53 75.10 -15.10
N THR F 4295 -21.76 74.63 -15.01
CA THR F 4295 -22.59 74.90 -13.84
C THR F 4295 -22.09 74.09 -12.66
N PRO F 4296 -21.84 74.72 -11.50
CA PRO F 4296 -21.41 73.96 -10.31
C PRO F 4296 -22.46 72.98 -9.80
N SER F 4297 -23.74 73.14 -10.17
CA SER F 4297 -24.80 72.27 -9.70
C SER F 4297 -25.01 71.06 -10.61
N PHE F 4298 -23.98 70.68 -11.36
CA PHE F 4298 -24.10 69.49 -12.21
C PHE F 4298 -24.30 68.22 -11.40
N PRO F 4299 -23.52 67.92 -10.34
CA PRO F 4299 -23.73 66.66 -9.62
C PRO F 4299 -24.81 66.77 -8.55
N SER F 4300 -25.63 67.83 -8.61
CA SER F 4300 -26.69 68.00 -7.62
C SER F 4300 -27.71 66.89 -7.69
N ASN F 4301 -28.06 66.44 -8.90
CA ASN F 4301 -29.05 65.38 -9.04
C ASN F 4301 -28.52 64.05 -8.49
N TYR F 4302 -27.31 63.67 -8.87
CA TYR F 4302 -26.76 62.40 -8.42
C TYR F 4302 -26.33 62.50 -6.96
N TRP F 4303 -26.31 61.34 -6.30
CA TRP F 4303 -25.91 61.29 -4.90
C TRP F 4303 -24.46 61.71 -4.71
N ASP F 4304 -23.58 61.25 -5.59
CA ASP F 4304 -22.16 61.56 -5.47
C ASP F 4304 -21.88 62.94 -6.08
N LYS F 4305 -21.33 63.84 -5.26
CA LYS F 4305 -20.97 65.18 -5.71
C LYS F 4305 -19.49 65.33 -5.97
N PHE F 4306 -18.74 64.22 -6.04
CA PHE F 4306 -17.31 64.23 -6.23
C PHE F 4306 -16.91 63.97 -7.69
N VAL F 4307 -17.87 64.02 -8.61
CA VAL F 4307 -17.55 63.80 -10.02
C VAL F 4307 -16.65 64.90 -10.56
N LYS F 4308 -16.69 66.10 -9.97
CA LYS F 4308 -15.81 67.17 -10.40
C LYS F 4308 -14.36 66.89 -10.02
N ARG F 4309 -14.13 66.32 -8.83
CA ARG F 4309 -12.79 65.98 -8.40
C ARG F 4309 -12.30 64.67 -9.00
N LYS F 4310 -13.20 63.84 -9.54
CA LYS F 4310 -12.80 62.58 -10.13
C LYS F 4310 -12.28 62.75 -11.55
N VAL F 4311 -12.83 63.70 -12.30
CA VAL F 4311 -12.39 63.89 -13.68
C VAL F 4311 -10.96 64.41 -13.76
N LEU F 4312 -10.57 65.28 -12.82
CA LEU F 4312 -9.21 65.81 -12.82
C LEU F 4312 -8.18 64.74 -12.47
N ASP F 4313 -8.52 63.82 -11.56
CA ASP F 4313 -7.60 62.75 -11.20
C ASP F 4313 -7.53 61.67 -12.28
N LYS F 4314 -8.66 61.35 -12.91
CA LYS F 4314 -8.67 60.30 -13.92
C LYS F 4314 -7.86 60.71 -15.15
N HIS F 4315 -8.04 61.95 -15.60
CA HIS F 4315 -7.33 62.47 -16.78
C HIS F 4315 -6.73 63.82 -16.39
N GLY F 4316 -5.53 63.80 -15.83
CA GLY F 4316 -4.86 65.02 -15.43
C GLY F 4316 -3.46 65.16 -16.00
N ASP F 4317 -2.89 64.05 -16.47
CA ASP F 4317 -1.54 64.05 -17.02
C ASP F 4317 -1.50 64.07 -18.54
N ILE F 4318 -2.52 63.50 -19.20
CA ILE F 4318 -2.53 63.52 -20.66
C ILE F 4318 -2.68 64.94 -21.19
N TYR F 4319 -3.64 65.69 -20.66
CA TYR F 4319 -3.85 67.08 -21.05
C TYR F 4319 -3.70 67.96 -19.81
N GLY F 4320 -3.60 69.27 -20.04
CA GLY F 4320 -3.40 70.22 -18.97
C GLY F 4320 -4.49 70.21 -17.92
N ARG F 4321 -4.09 70.25 -16.64
CA ARG F 4321 -5.06 70.28 -15.56
C ARG F 4321 -5.88 71.56 -15.56
N GLU F 4322 -5.26 72.69 -15.88
CA GLU F 4322 -5.99 73.96 -15.95
C GLU F 4322 -6.94 74.00 -17.13
N ARG F 4323 -6.59 73.35 -18.24
CA ARG F 4323 -7.45 73.35 -19.42
C ARG F 4323 -8.73 72.55 -19.19
N ILE F 4324 -8.60 71.36 -18.59
CA ILE F 4324 -9.79 70.54 -18.33
C ILE F 4324 -10.66 71.17 -17.26
N ALA F 4325 -10.06 71.88 -16.30
CA ALA F 4325 -10.84 72.53 -15.26
C ALA F 4325 -11.62 73.72 -15.79
N GLU F 4326 -11.12 74.35 -16.85
CA GLU F 4326 -11.80 75.51 -17.44
C GLU F 4326 -13.03 75.07 -18.22
N ILE F 4358 -29.32 80.97 -7.81
CA ILE F 4358 -29.76 80.14 -8.92
C ILE F 4358 -28.90 80.40 -10.15
N ASP F 4359 -28.35 79.32 -10.72
CA ASP F 4359 -27.52 79.41 -11.91
C ASP F 4359 -28.40 79.32 -13.15
N VAL F 4360 -28.39 80.37 -13.96
CA VAL F 4360 -29.22 80.41 -15.15
C VAL F 4360 -28.82 79.35 -16.17
N LYS F 4361 -27.55 78.92 -16.17
CA LYS F 4361 -27.13 77.88 -17.09
C LYS F 4361 -27.81 76.55 -16.78
N TYR F 4362 -27.98 76.23 -15.49
CA TYR F 4362 -28.70 75.01 -15.14
C TYR F 4362 -30.19 75.17 -15.38
N GLN F 4363 -30.72 76.38 -15.22
CA GLN F 4363 -32.14 76.61 -15.43
C GLN F 4363 -32.54 76.33 -16.87
N ILE F 4364 -31.75 76.79 -17.83
CA ILE F 4364 -32.06 76.55 -19.24
C ILE F 4364 -31.85 75.08 -19.59
N TRP F 4365 -30.83 74.45 -19.01
CA TRP F 4365 -30.57 73.05 -19.31
C TRP F 4365 -31.66 72.14 -18.75
N LYS F 4366 -32.15 72.46 -17.54
CA LYS F 4366 -33.22 71.66 -16.96
C LYS F 4366 -34.51 71.81 -17.76
N PHE F 4367 -34.78 73.00 -18.28
CA PHE F 4367 -35.97 73.22 -19.10
C PHE F 4367 -35.85 72.54 -20.45
N GLY F 4368 -34.63 72.46 -20.99
CA GLY F 4368 -34.44 71.78 -22.27
C GLY F 4368 -34.72 70.29 -22.19
N VAL F 4369 -34.39 69.67 -21.05
CA VAL F 4369 -34.67 68.25 -20.87
C VAL F 4369 -36.16 67.99 -20.91
N ILE F 4370 -36.95 68.82 -20.23
CA ILE F 4370 -38.39 68.60 -20.17
C ILE F 4370 -39.03 68.88 -21.52
N PHE F 4371 -38.58 69.93 -22.22
CA PHE F 4371 -39.17 70.29 -23.50
C PHE F 4371 -38.94 69.24 -24.58
N THR F 4372 -37.85 68.48 -24.49
CA THR F 4372 -37.57 67.44 -25.47
C THR F 4372 -38.19 66.09 -25.09
N ASP F 4373 -38.78 65.98 -23.89
CA ASP F 4373 -39.39 64.74 -23.47
C ASP F 4373 -40.72 64.53 -24.19
N ASN F 4374 -40.92 63.32 -24.72
CA ASN F 4374 -42.14 63.03 -25.47
C ASN F 4374 -43.36 62.96 -24.54
N SER F 4375 -43.19 62.35 -23.36
CA SER F 4375 -44.32 62.22 -22.44
C SER F 4375 -44.80 63.57 -21.92
N PHE F 4376 -43.86 64.49 -21.64
CA PHE F 4376 -44.26 65.83 -21.20
C PHE F 4376 -45.04 66.55 -22.30
N LEU F 4377 -44.58 66.43 -23.54
CA LEU F 4377 -45.30 67.05 -24.66
C LEU F 4377 -46.70 66.47 -24.81
N TYR F 4378 -46.85 65.16 -24.61
CA TYR F 4378 -48.16 64.53 -24.73
C TYR F 4378 -49.13 65.11 -23.72
N LEU F 4379 -48.70 65.27 -22.46
CA LEU F 4379 -49.55 65.89 -21.46
C LEU F 4379 -49.77 67.37 -21.75
N GLY F 4380 -48.76 68.06 -22.28
CA GLY F 4380 -48.98 69.40 -22.80
C GLY F 4380 -49.91 69.40 -24.00
N TRP F 4381 -49.77 68.39 -24.87
CA TRP F 4381 -50.71 68.19 -25.96
C TRP F 4381 -52.11 67.91 -25.44
N TYR F 4382 -52.22 67.28 -24.27
CA TYR F 4382 -53.52 67.09 -23.63
C TYR F 4382 -54.14 68.42 -23.24
N MET F 4383 -53.32 69.35 -22.72
CA MET F 4383 -53.81 70.64 -22.26
C MET F 4383 -54.35 71.50 -23.40
N VAL F 4384 -53.62 71.56 -24.51
CA VAL F 4384 -53.91 72.57 -25.53
C VAL F 4384 -55.30 72.38 -26.12
N MET F 4385 -55.69 71.13 -26.39
CA MET F 4385 -57.01 70.90 -26.96
C MET F 4385 -58.11 71.12 -25.93
N SER F 4386 -57.79 71.03 -24.64
CA SER F 4386 -58.76 71.42 -23.62
C SER F 4386 -59.06 72.91 -23.67
N LEU F 4387 -58.03 73.74 -23.91
CA LEU F 4387 -58.24 75.17 -24.02
C LEU F 4387 -59.04 75.51 -25.28
N LEU F 4388 -58.70 74.87 -26.40
CA LEU F 4388 -59.49 75.04 -27.63
C LEU F 4388 -60.84 74.34 -27.55
N GLY F 4389 -61.05 73.48 -26.56
CA GLY F 4389 -62.36 72.86 -26.39
C GLY F 4389 -63.44 73.87 -26.03
N HIS F 4390 -63.08 74.92 -25.29
CA HIS F 4390 -64.04 75.98 -25.00
C HIS F 4390 -64.46 76.72 -26.25
N TYR F 4391 -63.52 76.98 -27.17
CA TYR F 4391 -63.85 77.64 -28.43
C TYR F 4391 -64.79 76.78 -29.28
N ASN F 4392 -64.51 75.48 -29.37
CA ASN F 4392 -65.34 74.56 -30.12
C ASN F 4392 -65.45 73.26 -29.34
N ASN F 4393 -66.68 72.85 -29.03
CA ASN F 4393 -66.89 71.63 -28.25
C ASN F 4393 -66.50 70.38 -29.02
N PHE F 4394 -66.41 70.44 -30.35
CA PHE F 4394 -66.03 69.27 -31.13
C PHE F 4394 -64.57 68.89 -30.94
N PHE F 4395 -63.73 69.82 -30.49
CA PHE F 4395 -62.32 69.50 -30.26
C PHE F 4395 -62.12 68.55 -29.10
N PHE F 4396 -63.15 68.31 -28.29
CA PHE F 4396 -63.08 67.33 -27.21
C PHE F 4396 -63.02 65.90 -27.73
N ALA F 4397 -63.31 65.67 -29.01
CA ALA F 4397 -63.28 64.33 -29.56
C ALA F 4397 -61.88 63.74 -29.61
N ALA F 4398 -60.85 64.58 -29.81
CA ALA F 4398 -59.48 64.09 -29.78
C ALA F 4398 -59.10 63.58 -28.40
N HIS F 4399 -59.82 64.02 -27.37
CA HIS F 4399 -59.57 63.55 -26.01
C HIS F 4399 -60.02 62.10 -25.81
N LEU F 4400 -60.92 61.61 -26.67
CA LEU F 4400 -61.42 60.25 -26.53
C LEU F 4400 -60.41 59.21 -27.03
N LEU F 4401 -59.44 59.62 -27.87
CA LEU F 4401 -58.43 58.70 -28.37
C LEU F 4401 -57.43 58.27 -27.32
N ASP F 4402 -57.44 58.90 -26.14
CA ASP F 4402 -56.42 58.64 -25.14
C ASP F 4402 -56.74 57.49 -24.21
N ILE F 4403 -57.89 56.84 -24.37
CA ILE F 4403 -58.13 55.58 -23.67
C ILE F 4403 -57.43 54.44 -24.40
N ALA F 4404 -57.08 54.65 -25.68
CA ALA F 4404 -56.36 53.62 -26.43
C ALA F 4404 -54.99 53.33 -25.79
N MET F 4405 -54.34 54.34 -25.23
CA MET F 4405 -53.11 54.14 -24.50
C MET F 4405 -53.32 53.99 -23.00
N GLY F 4406 -54.43 54.51 -22.47
CA GLY F 4406 -54.62 54.52 -21.03
C GLY F 4406 -54.73 53.13 -20.42
N VAL F 4407 -55.52 52.26 -21.03
CA VAL F 4407 -55.73 50.93 -20.48
C VAL F 4407 -54.65 49.99 -21.00
N LYS F 4408 -54.12 49.14 -20.11
CA LYS F 4408 -52.98 48.30 -20.45
C LYS F 4408 -53.31 47.33 -21.58
N THR F 4409 -54.47 46.67 -21.52
CA THR F 4409 -54.82 45.69 -22.53
C THR F 4409 -55.13 46.33 -23.88
N LEU F 4410 -55.50 47.61 -23.90
CA LEU F 4410 -55.57 48.34 -25.16
C LEU F 4410 -54.19 48.51 -25.80
N ARG F 4411 -53.16 48.75 -24.99
CA ARG F 4411 -51.83 48.94 -25.55
C ARG F 4411 -51.31 47.68 -26.22
N THR F 4412 -51.58 46.51 -25.64
CA THR F 4412 -51.08 45.26 -26.21
C THR F 4412 -51.69 45.00 -27.58
N ILE F 4413 -53.00 45.17 -27.72
CA ILE F 4413 -53.65 44.94 -29.01
C ILE F 4413 -53.16 45.95 -30.04
N LEU F 4414 -53.06 47.23 -29.65
CA LEU F 4414 -52.56 48.24 -30.58
C LEU F 4414 -51.06 48.09 -30.83
N SER F 4415 -50.36 47.35 -29.98
CA SER F 4415 -48.94 47.11 -30.20
C SER F 4415 -48.67 46.09 -31.31
N SER F 4416 -49.68 45.31 -31.70
CA SER F 4416 -49.47 44.31 -32.74
C SER F 4416 -49.17 44.97 -34.09
N VAL F 4417 -49.94 46.00 -34.44
CA VAL F 4417 -49.73 46.67 -35.72
C VAL F 4417 -48.42 47.46 -35.70
N THR F 4418 -48.07 48.05 -34.55
CA THR F 4418 -46.84 48.83 -34.46
C THR F 4418 -45.59 47.94 -34.52
N HIS F 4419 -45.69 46.68 -34.11
CA HIS F 4419 -44.54 45.78 -34.19
C HIS F 4419 -44.11 45.56 -35.64
N ASN F 4420 -45.08 45.40 -36.54
CA ASN F 4420 -44.82 45.21 -37.96
C ASN F 4420 -45.16 46.46 -38.77
N GLY F 4421 -45.23 47.61 -38.09
CA GLY F 4421 -45.58 48.85 -38.78
C GLY F 4421 -44.51 49.34 -39.72
N LYS F 4422 -43.25 48.95 -39.49
CA LYS F 4422 -42.19 49.32 -40.41
C LYS F 4422 -42.42 48.71 -41.79
N GLN F 4423 -42.87 47.46 -41.82
CA GLN F 4423 -43.23 46.83 -43.08
C GLN F 4423 -44.67 47.11 -43.51
N LEU F 4424 -45.50 47.65 -42.61
CA LEU F 4424 -46.90 47.86 -42.95
C LEU F 4424 -47.09 49.15 -43.76
N VAL F 4425 -46.40 50.22 -43.38
CA VAL F 4425 -46.49 51.48 -44.13
C VAL F 4425 -45.93 51.33 -45.53
N MET F 4426 -45.24 50.23 -45.82
CA MET F 4426 -44.55 50.06 -47.09
C MET F 4426 -45.22 49.06 -48.01
N THR F 4427 -45.94 48.06 -47.48
CA THR F 4427 -46.72 47.18 -48.36
C THR F 4427 -47.82 47.94 -49.06
N VAL F 4428 -48.47 48.88 -48.36
CA VAL F 4428 -49.40 49.77 -49.04
C VAL F 4428 -48.67 50.67 -50.03
N GLY F 4429 -47.40 50.97 -49.75
CA GLY F 4429 -46.58 51.67 -50.73
C GLY F 4429 -46.30 50.84 -51.96
N LEU F 4430 -46.10 49.53 -51.78
CA LEU F 4430 -45.97 48.64 -52.94
C LEU F 4430 -47.27 48.59 -53.74
N LEU F 4431 -48.41 48.75 -53.07
CA LEU F 4431 -49.68 48.82 -53.79
C LEU F 4431 -49.76 50.06 -54.67
N ALA F 4432 -49.06 51.14 -54.30
CA ALA F 4432 -49.09 52.35 -55.10
C ALA F 4432 -48.35 52.19 -56.42
N VAL F 4433 -47.26 51.44 -56.44
CA VAL F 4433 -46.47 51.30 -57.65
C VAL F 4433 -46.98 50.20 -58.59
N VAL F 4434 -47.80 49.28 -58.08
CA VAL F 4434 -48.35 48.22 -58.93
C VAL F 4434 -49.65 48.66 -59.60
N VAL F 4435 -50.49 49.42 -58.88
CA VAL F 4435 -51.71 49.94 -59.48
C VAL F 4435 -51.38 50.97 -60.56
N TYR F 4436 -50.32 51.75 -60.36
CA TYR F 4436 -49.90 52.72 -61.38
C TYR F 4436 -49.51 52.01 -62.68
N LEU F 4437 -48.85 50.86 -62.58
CA LEU F 4437 -48.51 50.10 -63.78
C LEU F 4437 -49.76 49.57 -64.46
N TYR F 4438 -50.79 49.23 -63.68
CA TYR F 4438 -52.03 48.71 -64.27
C TYR F 4438 -52.87 49.82 -64.88
N THR F 4439 -52.77 51.05 -64.39
CA THR F 4439 -53.61 52.11 -64.90
C THR F 4439 -53.09 52.71 -66.21
N VAL F 4440 -51.85 52.42 -66.58
CA VAL F 4440 -51.34 52.93 -67.85
C VAL F 4440 -51.67 51.97 -69.00
N VAL F 4441 -51.65 50.67 -68.73
CA VAL F 4441 -52.07 49.71 -69.75
C VAL F 4441 -53.59 49.75 -69.91
N ALA F 4442 -54.33 50.02 -68.83
CA ALA F 4442 -55.78 50.15 -68.94
C ALA F 4442 -56.17 51.40 -69.73
N PHE F 4443 -55.41 52.48 -69.59
CA PHE F 4443 -55.72 53.70 -70.31
C PHE F 4443 -55.39 53.61 -71.79
N ASN F 4444 -54.31 52.91 -72.15
CA ASN F 4444 -53.89 52.85 -73.54
C ASN F 4444 -54.82 51.98 -74.38
N PHE F 4445 -55.26 50.85 -73.83
CA PHE F 4445 -56.02 49.86 -74.58
C PHE F 4445 -57.42 49.63 -74.05
N PHE F 4446 -57.60 49.53 -72.73
CA PHE F 4446 -58.90 49.24 -72.14
C PHE F 4446 -59.71 50.51 -71.84
N ARG F 4447 -59.32 51.65 -72.43
CA ARG F 4447 -60.06 52.88 -72.21
C ARG F 4447 -61.47 52.82 -72.78
N LYS F 4448 -61.63 52.21 -73.96
CA LYS F 4448 -62.96 52.12 -74.56
C LYS F 4448 -63.91 51.28 -73.73
N PHE F 4449 -63.38 50.32 -72.97
CA PHE F 4449 -64.24 49.49 -72.13
C PHE F 4449 -64.82 50.27 -70.95
N TYR F 4450 -64.07 51.26 -70.45
CA TYR F 4450 -64.59 52.10 -69.37
C TYR F 4450 -65.80 52.90 -69.82
N ASN F 4451 -65.75 53.47 -71.03
CA ASN F 4451 -66.84 54.28 -71.54
C ASN F 4451 -67.99 53.40 -71.99
N LYS F 4452 -69.21 53.92 -71.84
CA LYS F 4452 -70.41 53.20 -72.25
C LYS F 4452 -70.59 53.25 -73.76
N ASP F 4460 -67.06 64.62 -67.34
CA ASP F 4460 -65.79 64.05 -66.90
C ASP F 4460 -65.87 62.53 -66.81
N MET F 4461 -65.08 61.85 -67.63
CA MET F 4461 -65.04 60.40 -67.67
C MET F 4461 -63.69 59.89 -67.22
N LYS F 4462 -63.69 58.73 -66.56
CA LYS F 4462 -62.45 58.15 -66.06
C LYS F 4462 -61.53 57.67 -67.18
N CYS F 4463 -62.07 57.41 -68.37
CA CYS F 4463 -61.27 56.91 -69.47
C CYS F 4463 -60.65 58.01 -70.33
N ASP F 4464 -61.30 59.18 -70.40
CA ASP F 4464 -60.78 60.26 -71.23
C ASP F 4464 -59.45 60.77 -70.70
N ASP F 4465 -59.32 60.91 -69.38
CA ASP F 4465 -58.09 61.36 -68.75
C ASP F 4465 -57.49 60.26 -67.91
N MET F 4466 -56.17 60.07 -68.03
CA MET F 4466 -55.51 58.99 -67.30
C MET F 4466 -55.13 59.41 -65.88
N MET F 4467 -55.32 60.68 -65.53
CA MET F 4467 -55.41 61.06 -64.13
C MET F 4467 -56.78 60.76 -63.53
N THR F 4468 -57.84 60.90 -64.32
CA THR F 4468 -59.13 60.37 -63.89
C THR F 4468 -59.10 58.85 -63.82
N CYS F 4469 -58.28 58.21 -64.66
CA CYS F 4469 -58.15 56.76 -64.61
C CYS F 4469 -57.36 56.30 -63.40
N TYR F 4470 -56.30 57.03 -63.03
CA TYR F 4470 -55.49 56.65 -61.88
C TYR F 4470 -56.32 56.68 -60.59
N LEU F 4471 -57.15 57.71 -60.43
CA LEU F 4471 -58.06 57.76 -59.28
C LEU F 4471 -59.12 56.66 -59.38
N PHE F 4472 -59.55 56.33 -60.60
CA PHE F 4472 -60.55 55.28 -60.80
C PHE F 4472 -60.02 53.90 -60.42
N HIS F 4473 -58.70 53.69 -60.48
CA HIS F 4473 -58.12 52.40 -60.14
C HIS F 4473 -57.80 52.27 -58.65
N MET F 4474 -57.35 53.35 -58.02
CA MET F 4474 -56.96 53.30 -56.61
C MET F 4474 -58.14 53.54 -55.67
N TYR F 4475 -58.93 54.58 -55.94
CA TYR F 4475 -60.04 54.92 -55.05
C TYR F 4475 -61.21 53.94 -55.21
N VAL F 4476 -61.47 53.49 -56.44
CA VAL F 4476 -62.63 52.65 -56.72
C VAL F 4476 -62.24 51.19 -56.91
N GLY F 4477 -61.18 50.93 -57.67
CA GLY F 4477 -60.81 49.55 -57.97
C GLY F 4477 -60.38 48.79 -56.72
N VAL F 4478 -59.55 49.41 -55.88
CA VAL F 4478 -59.09 48.73 -54.67
C VAL F 4478 -60.22 48.57 -53.67
N ARG F 4479 -61.08 49.59 -53.52
CA ARG F 4479 -62.16 49.53 -52.55
C ARG F 4479 -63.18 48.46 -52.93
N ALA F 4480 -63.49 48.32 -54.22
CA ALA F 4480 -64.48 47.35 -54.65
C ALA F 4480 -63.93 45.93 -54.50
N GLY F 4481 -64.74 45.05 -53.91
CA GLY F 4481 -64.31 43.68 -53.73
C GLY F 4481 -64.37 42.85 -54.99
N GLY F 4482 -65.22 43.23 -55.94
CA GLY F 4482 -65.33 42.49 -57.19
C GLY F 4482 -64.17 42.69 -58.13
N GLY F 4483 -63.43 43.79 -57.97
CA GLY F 4483 -62.30 44.10 -58.81
C GLY F 4483 -62.57 45.31 -59.69
N ILE F 4484 -61.61 45.61 -60.56
CA ILE F 4484 -61.74 46.74 -61.46
C ILE F 4484 -62.85 46.50 -62.48
N GLY F 4485 -63.12 45.23 -62.81
CA GLY F 4485 -64.14 44.91 -63.79
C GLY F 4485 -65.57 45.05 -63.31
N ASP F 4486 -65.78 45.28 -62.01
CA ASP F 4486 -67.13 45.46 -61.50
C ASP F 4486 -67.68 46.86 -61.81
N GLU F 4487 -66.82 47.82 -62.13
CA GLU F 4487 -67.25 49.19 -62.39
C GLU F 4487 -67.15 49.60 -63.84
N ILE F 4488 -66.69 48.70 -64.73
CA ILE F 4488 -66.56 49.04 -66.14
C ILE F 4488 -67.93 49.07 -66.78
N GLU F 4489 -68.02 49.64 -67.99
CA GLU F 4489 -69.30 49.71 -68.69
C GLU F 4489 -69.74 48.33 -69.17
N ASP F 4490 -68.93 47.71 -70.03
CA ASP F 4490 -69.24 46.38 -70.55
C ASP F 4490 -67.99 45.74 -71.13
N PRO F 4491 -67.62 44.53 -70.69
CA PRO F 4491 -66.46 43.85 -71.26
C PRO F 4491 -66.74 43.08 -72.54
N ALA F 4492 -68.00 43.05 -72.99
CA ALA F 4492 -68.38 42.29 -74.19
C ALA F 4492 -68.13 43.14 -75.44
N GLY F 4493 -66.84 43.35 -75.72
CA GLY F 4493 -66.42 44.08 -76.90
C GLY F 4493 -65.67 43.18 -77.85
N ASP F 4494 -65.93 43.33 -79.14
CA ASP F 4494 -65.27 42.49 -80.14
C ASP F 4494 -63.77 42.73 -80.15
N GLU F 4495 -63.34 43.98 -80.08
CA GLU F 4495 -61.92 44.32 -80.05
C GLU F 4495 -61.35 44.04 -78.68
N TYR F 4496 -60.23 43.32 -78.64
CA TYR F 4496 -59.54 42.97 -77.39
C TYR F 4496 -60.48 42.27 -76.41
N GLU F 4497 -61.26 41.31 -76.93
CA GLU F 4497 -62.18 40.57 -76.09
C GLU F 4497 -61.44 39.69 -75.09
N LEU F 4498 -60.46 38.91 -75.58
CA LEU F 4498 -59.67 38.08 -74.68
C LEU F 4498 -58.75 38.90 -73.80
N TYR F 4499 -58.25 40.03 -74.31
CA TYR F 4499 -57.33 40.86 -73.54
C TYR F 4499 -58.01 41.46 -72.32
N ARG F 4500 -59.30 41.78 -72.42
CA ARG F 4500 -60.02 42.35 -71.29
C ARG F 4500 -60.21 41.35 -70.16
N VAL F 4501 -60.51 40.09 -70.50
CA VAL F 4501 -60.76 39.09 -69.46
C VAL F 4501 -59.49 38.80 -68.67
N VAL F 4502 -58.37 38.62 -69.35
CA VAL F 4502 -57.11 38.32 -68.66
C VAL F 4502 -56.66 39.52 -67.83
N PHE F 4503 -56.95 40.74 -68.29
CA PHE F 4503 -56.57 41.93 -67.54
C PHE F 4503 -57.23 41.97 -66.17
N ASP F 4504 -58.51 41.59 -66.09
CA ASP F 4504 -59.23 41.57 -64.83
C ASP F 4504 -58.80 40.41 -63.93
N ILE F 4505 -58.58 39.23 -64.51
CA ILE F 4505 -58.21 38.07 -63.71
C ILE F 4505 -56.87 38.30 -63.03
N THR F 4506 -55.88 38.81 -63.77
CA THR F 4506 -54.60 39.13 -63.16
C THR F 4506 -54.73 40.24 -62.13
N PHE F 4507 -55.54 41.26 -62.42
CA PHE F 4507 -55.76 42.34 -61.46
C PHE F 4507 -56.50 41.85 -60.22
N PHE F 4508 -57.56 41.05 -60.42
CA PHE F 4508 -58.33 40.56 -59.27
C PHE F 4508 -57.49 39.66 -58.37
N PHE F 4509 -56.64 38.81 -58.95
CA PHE F 4509 -55.84 37.91 -58.16
C PHE F 4509 -54.73 38.64 -57.40
N PHE F 4510 -54.13 39.66 -58.00
CA PHE F 4510 -52.91 40.24 -57.43
C PHE F 4510 -53.22 41.25 -56.32
N VAL F 4511 -53.91 42.34 -56.64
CA VAL F 4511 -54.05 43.42 -55.67
C VAL F 4511 -55.27 43.26 -54.77
N ILE F 4512 -56.26 42.46 -55.19
CA ILE F 4512 -57.41 42.21 -54.32
C ILE F 4512 -57.18 40.97 -53.45
N VAL F 4513 -56.48 39.96 -53.97
CA VAL F 4513 -56.33 38.71 -53.22
C VAL F 4513 -54.94 38.64 -52.60
N ILE F 4514 -53.90 38.69 -53.42
CA ILE F 4514 -52.54 38.48 -52.91
C ILE F 4514 -52.10 39.64 -52.03
N LEU F 4515 -52.25 40.88 -52.52
CA LEU F 4515 -51.76 42.04 -51.78
C LEU F 4515 -52.53 42.27 -50.50
N LEU F 4516 -53.85 42.09 -50.51
CA LEU F 4516 -54.62 42.24 -49.28
C LEU F 4516 -54.28 41.12 -48.29
N ALA F 4517 -53.92 39.94 -48.79
CA ALA F 4517 -53.45 38.88 -47.91
C ALA F 4517 -52.12 39.23 -47.26
N ILE F 4518 -51.30 40.03 -47.94
CA ILE F 4518 -50.04 40.50 -47.34
C ILE F 4518 -50.33 41.36 -46.12
N ILE F 4519 -51.31 42.26 -46.23
CA ILE F 4519 -51.70 43.08 -45.08
C ILE F 4519 -52.24 42.20 -43.96
N GLN F 4520 -53.07 41.22 -44.32
CA GLN F 4520 -53.57 40.28 -43.32
C GLN F 4520 -52.44 39.45 -42.72
N GLY F 4521 -51.47 39.06 -43.54
CA GLY F 4521 -50.38 38.24 -43.05
C GLY F 4521 -49.53 38.94 -42.01
N LEU F 4522 -49.23 40.23 -42.23
CA LEU F 4522 -48.41 40.97 -41.28
C LEU F 4522 -49.14 41.16 -39.95
N ILE F 4523 -50.46 41.17 -39.96
CA ILE F 4523 -51.22 41.38 -38.73
C ILE F 4523 -51.41 40.07 -37.98
N ILE F 4524 -51.82 39.02 -38.68
CA ILE F 4524 -52.04 37.72 -38.05
C ILE F 4524 -50.73 37.18 -37.47
N ASP F 4525 -49.64 37.34 -38.21
CA ASP F 4525 -48.33 36.93 -37.69
C ASP F 4525 -47.96 37.73 -36.45
N ALA F 4526 -48.24 39.05 -36.46
CA ALA F 4526 -47.84 39.91 -35.35
C ALA F 4526 -48.53 39.53 -34.05
N PHE F 4527 -49.77 39.03 -34.12
CA PHE F 4527 -50.47 38.63 -32.90
C PHE F 4527 -49.74 37.49 -32.20
N GLY F 4528 -49.20 36.54 -32.97
CA GLY F 4528 -48.40 35.49 -32.38
C GLY F 4528 -47.00 35.98 -32.02
N GLU F 4529 -46.63 37.18 -32.48
CA GLU F 4529 -45.30 37.69 -32.21
C GLU F 4529 -45.20 38.25 -30.79
N LEU F 4530 -46.28 38.83 -30.29
CA LEU F 4530 -46.30 39.34 -28.93
C LEU F 4530 -46.41 38.23 -27.88
N ARG F 4531 -46.57 36.98 -28.32
CA ARG F 4531 -46.68 35.83 -27.44
C ARG F 4531 -45.34 35.12 -27.24
N ASP F 4532 -44.72 34.69 -28.35
CA ASP F 4532 -43.50 33.88 -28.24
C ASP F 4532 -42.37 34.68 -27.59
N GLN F 4533 -42.40 36.00 -27.71
CA GLN F 4533 -41.48 36.83 -26.94
C GLN F 4533 -41.80 36.72 -25.45
N GLN F 4534 -43.08 36.75 -25.08
CA GLN F 4534 -43.46 36.53 -23.70
C GLN F 4534 -43.25 35.08 -23.28
N GLU F 4535 -43.43 34.14 -24.21
CA GLU F 4535 -43.19 32.74 -23.89
C GLU F 4535 -41.70 32.45 -23.71
N GLN F 4536 -40.85 33.07 -24.57
CA GLN F 4536 -39.42 32.85 -24.45
C GLN F 4536 -38.86 33.38 -23.13
N VAL F 4537 -39.29 34.59 -22.74
CA VAL F 4537 -38.80 35.16 -21.49
C VAL F 4537 -39.33 34.41 -20.28
N ARG F 4538 -40.55 33.89 -20.34
CA ARG F 4538 -41.11 33.14 -19.23
C ARG F 4538 -40.43 31.78 -19.08
N GLU F 4539 -40.19 31.09 -20.19
CA GLU F 4539 -39.54 29.78 -20.12
C GLU F 4539 -38.08 29.89 -19.74
N ASP F 4540 -37.39 30.95 -20.18
CA ASP F 4540 -35.97 31.08 -19.88
C ASP F 4540 -35.71 31.24 -18.39
N MET F 4541 -36.64 31.87 -17.67
CA MET F 4541 -36.46 32.03 -16.22
C MET F 4541 -36.46 30.69 -15.51
N GLU F 4542 -37.35 29.79 -15.90
CA GLU F 4542 -37.46 28.50 -15.22
C GLU F 4542 -36.32 27.54 -15.55
N THR F 4543 -35.69 27.68 -16.72
CA THR F 4543 -34.62 26.77 -17.10
C THR F 4543 -33.36 27.01 -16.28
N LYS F 4544 -33.04 28.27 -15.97
CA LYS F 4544 -31.82 28.57 -15.24
C LYS F 4544 -31.98 29.89 -14.51
N CYS F 4545 -31.25 30.02 -13.41
CA CYS F 4545 -31.23 31.27 -12.66
C CYS F 4545 -30.43 32.32 -13.42
N PHE F 4546 -30.91 33.56 -13.38
CA PHE F 4546 -30.24 34.63 -14.11
C PHE F 4546 -28.92 35.03 -13.47
N ILE F 4547 -28.90 35.17 -12.14
CA ILE F 4547 -27.67 35.57 -11.46
C ILE F 4547 -26.61 34.48 -11.57
N CYS F 4548 -27.01 33.22 -11.37
CA CYS F 4548 -26.07 32.12 -11.43
C CYS F 4548 -25.74 31.73 -12.86
N GLY F 4549 -26.74 31.36 -13.64
CA GLY F 4549 -26.54 30.88 -14.99
C GLY F 4549 -26.28 29.39 -15.10
N ILE F 4550 -26.24 28.67 -13.98
CA ILE F 4550 -26.02 27.23 -14.02
C ILE F 4550 -27.30 26.52 -14.43
N GLY F 4551 -27.16 25.25 -14.82
CA GLY F 4551 -28.29 24.48 -15.27
C GLY F 4551 -29.24 24.11 -14.14
N SER F 4552 -30.45 23.72 -14.53
CA SER F 4552 -31.46 23.33 -13.56
C SER F 4552 -31.18 21.97 -12.94
N ASP F 4553 -30.49 21.08 -13.67
CA ASP F 4553 -30.27 19.73 -13.18
C ASP F 4553 -29.49 19.73 -11.87
N TYR F 4554 -28.45 20.57 -11.78
CA TYR F 4554 -27.71 20.70 -10.53
C TYR F 4554 -28.54 21.33 -9.43
N PHE F 4555 -29.62 22.02 -9.78
CA PHE F 4555 -30.41 22.77 -8.81
C PHE F 4555 -31.75 22.10 -8.52
N ASP F 4556 -31.88 20.81 -8.83
CA ASP F 4556 -33.08 20.04 -8.49
C ASP F 4556 -32.69 18.72 -7.83
N THR F 4557 -31.51 18.67 -7.21
CA THR F 4557 -31.10 17.45 -6.50
C THR F 4557 -31.94 17.26 -5.23
N THR F 4558 -31.86 18.20 -4.31
CA THR F 4558 -32.72 18.21 -3.14
C THR F 4558 -34.15 18.57 -3.55
N PRO F 4559 -35.16 17.93 -2.95
CA PRO F 4559 -36.54 18.34 -3.23
C PRO F 4559 -36.75 19.82 -2.90
N HIS F 4560 -37.45 20.51 -3.79
CA HIS F 4560 -37.71 21.95 -3.66
C HIS F 4560 -36.40 22.73 -3.50
N ARG F 4561 -35.51 22.56 -4.47
CA ARG F 4561 -34.21 23.22 -4.46
C ARG F 4561 -34.14 24.44 -5.38
N PHE F 4562 -34.80 24.38 -6.54
CA PHE F 4562 -34.75 25.51 -7.47
C PHE F 4562 -35.41 26.74 -6.86
N GLU F 4563 -36.61 26.60 -6.31
CA GLU F 4563 -37.26 27.71 -5.63
C GLU F 4563 -36.54 28.10 -4.36
N THR F 4564 -35.77 27.19 -3.75
CA THR F 4564 -34.95 27.55 -2.61
C THR F 4564 -33.81 28.49 -3.03
N HIS F 4565 -33.32 28.34 -4.26
CA HIS F 4565 -32.17 29.13 -4.71
C HIS F 4565 -32.60 30.52 -5.16
N THR F 4566 -33.65 30.61 -5.99
CA THR F 4566 -34.01 31.88 -6.60
C THR F 4566 -34.90 32.75 -5.72
N LEU F 4567 -35.38 32.25 -4.58
CA LEU F 4567 -36.16 33.06 -3.65
C LEU F 4567 -35.35 33.58 -2.48
N GLU F 4568 -34.41 32.80 -1.97
CA GLU F 4568 -33.60 33.20 -0.82
C GLU F 4568 -32.11 33.23 -1.11
N GLU F 4569 -31.61 32.29 -1.92
CA GLU F 4569 -30.17 32.19 -2.16
C GLU F 4569 -29.72 33.17 -3.22
N HIS F 4570 -30.33 33.14 -4.40
CA HIS F 4570 -29.99 34.02 -5.51
C HIS F 4570 -31.17 34.92 -5.89
N ASN F 4571 -31.84 35.48 -4.89
CA ASN F 4571 -32.96 36.38 -5.17
C ASN F 4571 -32.46 37.66 -5.79
N LEU F 4572 -33.04 38.03 -6.94
CA LEU F 4572 -32.66 39.27 -7.60
C LEU F 4572 -33.06 40.50 -6.79
N ALA F 4573 -34.08 40.37 -5.93
CA ALA F 4573 -34.49 41.48 -5.09
C ALA F 4573 -33.52 41.71 -3.94
N ASN F 4574 -32.89 40.64 -3.42
CA ASN F 4574 -31.96 40.79 -2.31
C ASN F 4574 -30.75 41.63 -2.68
N TYR F 4575 -30.25 41.48 -3.91
CA TYR F 4575 -29.11 42.28 -4.35
C TYR F 4575 -29.42 43.76 -4.41
N MET F 4576 -30.68 44.13 -4.59
CA MET F 4576 -31.03 45.56 -4.60
C MET F 4576 -30.93 46.15 -3.20
N PHE F 4577 -31.36 45.41 -2.18
CA PHE F 4577 -31.29 45.90 -0.81
C PHE F 4577 -29.85 46.11 -0.38
N PHE F 4578 -28.93 45.27 -0.85
CA PHE F 4578 -27.51 45.47 -0.53
C PHE F 4578 -26.98 46.76 -1.13
N LEU F 4579 -27.43 47.12 -2.33
CA LEU F 4579 -27.02 48.38 -2.94
C LEU F 4579 -27.52 49.57 -2.12
N MET F 4580 -28.75 49.49 -1.63
CA MET F 4580 -29.27 50.54 -0.75
C MET F 4580 -28.50 50.59 0.57
N TYR F 4581 -28.04 49.43 1.06
CA TYR F 4581 -27.24 49.40 2.27
C TYR F 4581 -25.92 50.13 2.11
N LEU F 4582 -25.26 49.98 0.96
CA LEU F 4582 -23.95 50.59 0.76
C LEU F 4582 -24.03 52.10 0.64
N ILE F 4583 -24.95 52.60 -0.19
CA ILE F 4583 -24.96 54.02 -0.52
C ILE F 4583 -25.41 54.85 0.68
N ASN F 4584 -26.39 54.35 1.44
CA ASN F 4584 -26.90 55.13 2.57
C ASN F 4584 -25.88 55.21 3.69
N LYS F 4585 -25.15 54.12 3.95
CA LYS F 4585 -24.18 54.11 5.03
C LYS F 4585 -22.98 55.00 4.73
N ASP F 4586 -22.44 55.62 5.77
CA ASP F 4586 -21.29 56.49 5.61
C ASP F 4586 -20.03 55.67 5.30
N GLU F 4587 -19.03 56.33 4.73
CA GLU F 4587 -17.85 55.64 4.22
C GLU F 4587 -16.89 55.20 5.31
N THR F 4588 -17.07 55.67 6.55
CA THR F 4588 -16.15 55.32 7.62
C THR F 4588 -16.56 54.08 8.39
N GLU F 4589 -17.75 53.54 8.15
CA GLU F 4589 -18.26 52.41 8.91
C GLU F 4589 -18.38 51.14 8.08
N HIS F 4590 -18.20 51.23 6.76
CA HIS F 4590 -18.25 50.03 5.92
C HIS F 4590 -17.21 49.02 6.35
N THR F 4591 -17.62 47.75 6.37
CA THR F 4591 -16.76 46.66 6.82
C THR F 4591 -15.79 46.28 5.69
N GLY F 4592 -15.11 45.15 5.86
CA GLY F 4592 -14.14 44.73 4.86
C GLY F 4592 -14.79 44.42 3.53
N GLN F 4593 -15.94 43.72 3.55
CA GLN F 4593 -16.63 43.40 2.31
C GLN F 4593 -17.32 44.61 1.71
N GLU F 4594 -17.94 45.44 2.56
CA GLU F 4594 -18.63 46.63 2.06
C GLU F 4594 -17.68 47.60 1.40
N SER F 4595 -16.48 47.78 1.96
CA SER F 4595 -15.49 48.65 1.33
C SER F 4595 -15.02 48.09 0.00
N TYR F 4596 -14.83 46.77 -0.09
CA TYR F 4596 -14.37 46.17 -1.34
C TYR F 4596 -15.42 46.30 -2.43
N VAL F 4597 -16.68 46.00 -2.11
CA VAL F 4597 -17.74 46.06 -3.12
C VAL F 4597 -17.94 47.49 -3.59
N TRP F 4598 -17.87 48.46 -2.68
CA TRP F 4598 -17.99 49.86 -3.08
C TRP F 4598 -16.87 50.27 -4.03
N LYS F 4599 -15.65 49.78 -3.79
CA LYS F 4599 -14.53 50.10 -4.67
C LYS F 4599 -14.79 49.61 -6.09
N MET F 4600 -15.32 48.39 -6.23
CA MET F 4600 -15.74 47.92 -7.54
C MET F 4600 -16.90 48.74 -8.09
N TYR F 4601 -17.86 49.10 -7.23
CA TYR F 4601 -19.01 49.87 -7.68
C TYR F 4601 -18.60 51.26 -8.15
N GLN F 4602 -17.65 51.89 -7.45
CA GLN F 4602 -17.10 53.15 -7.93
C GLN F 4602 -16.36 52.97 -9.25
N GLU F 4603 -15.63 51.87 -9.39
CA GLU F 4603 -14.95 51.54 -10.64
C GLU F 4603 -15.90 50.95 -11.67
N ARG F 4604 -17.15 50.67 -11.30
CA ARG F 4604 -18.17 50.12 -12.20
C ARG F 4604 -17.72 48.79 -12.82
N CYS F 4605 -17.07 47.95 -12.02
CA CYS F 4605 -16.69 46.61 -12.43
C CYS F 4605 -17.65 45.59 -11.83
N TRP F 4606 -18.01 44.59 -12.62
CA TRP F 4606 -19.01 43.60 -12.24
C TRP F 4606 -18.39 42.24 -11.97
N ASP F 4607 -17.21 42.22 -11.34
CA ASP F 4607 -16.55 40.97 -10.97
C ASP F 4607 -16.98 40.46 -9.62
N PHE F 4608 -17.71 41.25 -8.83
CA PHE F 4608 -18.18 40.78 -7.53
C PHE F 4608 -19.38 39.85 -7.64
N PHE F 4609 -20.06 39.85 -8.78
CA PHE F 4609 -21.16 38.93 -9.02
C PHE F 4609 -20.61 37.50 -9.12
N PRO F 4610 -21.43 36.49 -8.80
CA PRO F 4610 -20.89 35.12 -8.81
C PRO F 4610 -20.56 34.62 -10.20
N ALA F 4611 -21.44 34.85 -11.19
CA ALA F 4611 -21.15 34.61 -12.60
C ALA F 4611 -20.76 33.16 -12.86
N GLY F 4612 -21.71 32.26 -12.62
CA GLY F 4612 -21.52 30.85 -12.92
C GLY F 4612 -21.02 30.00 -11.78
N ASP F 4613 -20.92 30.53 -10.57
CA ASP F 4613 -20.49 29.77 -9.41
C ASP F 4613 -21.45 30.00 -8.26
N CYS F 4614 -21.77 28.94 -7.54
CA CYS F 4614 -22.69 28.99 -6.41
C CYS F 4614 -22.10 28.24 -5.23
N PHE F 4615 -22.60 28.57 -4.03
CA PHE F 4615 -22.07 27.96 -2.82
C PHE F 4615 -22.25 26.45 -2.80
N ARG F 4616 -23.37 25.96 -3.30
CA ARG F 4616 -23.64 24.52 -3.27
C ARG F 4616 -22.65 23.75 -4.13
N LYS F 4617 -22.44 24.19 -5.38
CA LYS F 4617 -21.51 23.51 -6.27
C LYS F 4617 -20.06 23.72 -5.85
N GLN F 4618 -19.73 24.92 -5.36
CA GLN F 4618 -18.34 25.24 -5.04
C GLN F 4618 -17.86 24.44 -3.83
N TYR F 4619 -18.70 24.34 -2.79
CA TYR F 4619 -18.37 23.58 -1.59
C TYR F 4619 -19.03 22.21 -1.58
N GLU F 4620 -19.20 21.60 -2.76
CA GLU F 4620 -19.92 20.33 -2.86
C GLU F 4620 -19.19 19.22 -2.10
N ASP F 4621 -17.86 19.17 -2.19
CA ASP F 4621 -17.12 18.09 -1.56
C ASP F 4621 -17.18 18.14 -0.04
N GLN F 4622 -17.38 19.32 0.54
CA GLN F 4622 -17.39 19.44 2.00
C GLN F 4622 -18.75 19.04 2.58
N LEU F 4623 -19.81 19.75 2.19
CA LEU F 4623 -21.15 19.49 2.68
C LEU F 4623 -22.06 19.12 1.51
N SER F 4624 -23.02 18.26 1.78
CA SER F 4624 -23.98 17.83 0.76
C SER F 4624 -25.05 18.89 0.53
N GLY G 4 107.12 -2.19 -70.02
CA GLY G 4 107.18 -3.41 -70.79
C GLY G 4 106.07 -3.54 -71.80
N VAL G 5 106.32 -3.02 -73.01
CA VAL G 5 105.36 -3.05 -74.11
C VAL G 5 105.96 -3.86 -75.24
N GLU G 6 105.25 -4.89 -75.70
CA GLU G 6 105.69 -5.71 -76.81
C GLU G 6 104.93 -5.31 -78.07
N ILE G 7 105.64 -5.02 -79.13
CA ILE G 7 105.07 -4.55 -80.39
C ILE G 7 105.38 -5.57 -81.48
N GLU G 8 104.34 -6.07 -82.15
CA GLU G 8 104.47 -6.95 -83.29
C GLU G 8 103.90 -6.23 -84.50
N THR G 9 104.69 -6.13 -85.57
CA THR G 9 104.26 -5.40 -86.76
C THR G 9 103.28 -6.25 -87.56
N ILE G 10 101.99 -5.96 -87.42
CA ILE G 10 100.97 -6.68 -88.20
C ILE G 10 100.71 -6.01 -89.54
N SER G 11 101.27 -4.83 -89.79
CA SER G 11 101.17 -4.13 -91.06
C SER G 11 102.56 -3.67 -91.49
N PRO G 12 102.82 -3.58 -92.79
CA PRO G 12 104.14 -3.13 -93.26
C PRO G 12 104.48 -1.73 -92.79
N GLY G 13 103.63 -0.76 -93.10
CA GLY G 13 103.85 0.61 -92.70
C GLY G 13 105.11 1.21 -93.32
N ASP G 14 105.09 1.39 -94.64
CA ASP G 14 106.27 1.90 -95.34
C ASP G 14 106.56 3.37 -95.02
N GLY G 15 105.61 4.08 -94.42
CA GLY G 15 105.83 5.48 -94.07
C GLY G 15 106.97 5.69 -93.10
N ARG G 16 107.86 6.62 -93.44
CA ARG G 16 109.02 6.93 -92.60
C ARG G 16 108.75 8.05 -91.60
N THR G 17 107.57 8.67 -91.64
CA THR G 17 107.25 9.74 -90.71
C THR G 17 107.10 9.19 -89.30
N PHE G 18 107.66 9.90 -88.32
CA PHE G 18 107.58 9.50 -86.94
C PHE G 18 107.01 10.63 -86.08
N PRO G 19 106.19 10.31 -85.08
CA PRO G 19 105.66 11.35 -84.20
C PRO G 19 106.77 12.04 -83.42
N LYS G 20 106.60 13.35 -83.22
CA LYS G 20 107.54 14.16 -82.47
C LYS G 20 106.81 14.84 -81.31
N LYS G 21 107.59 15.50 -80.46
CA LYS G 21 107.03 16.20 -79.31
C LYS G 21 106.17 17.38 -79.76
N GLY G 22 105.09 17.62 -79.02
CA GLY G 22 104.19 18.71 -79.34
C GLY G 22 103.47 18.58 -80.65
N GLN G 23 102.99 17.38 -80.98
CA GLN G 23 102.27 17.14 -82.22
C GLN G 23 101.00 16.35 -81.93
N THR G 24 99.98 16.58 -82.76
CA THR G 24 98.77 15.78 -82.70
C THR G 24 98.98 14.47 -83.44
N CYS G 25 98.18 13.47 -83.07
CA CYS G 25 98.31 12.14 -83.65
C CYS G 25 96.95 11.45 -83.60
N VAL G 26 96.53 10.87 -84.73
CA VAL G 26 95.23 10.23 -84.82
C VAL G 26 95.42 8.72 -84.90
N VAL G 27 94.73 7.99 -84.02
CA VAL G 27 94.82 6.54 -83.97
C VAL G 27 93.42 5.95 -83.84
N HIS G 28 93.14 4.93 -84.65
CA HIS G 28 91.92 4.13 -84.54
C HIS G 28 92.27 2.91 -83.69
N TYR G 29 91.94 2.98 -82.40
CA TYR G 29 92.38 1.97 -81.45
C TYR G 29 91.22 1.04 -81.08
N THR G 30 91.55 -0.23 -80.89
CA THR G 30 90.61 -1.24 -80.42
C THR G 30 91.29 -2.04 -79.32
N GLY G 31 90.73 -1.96 -78.12
CA GLY G 31 91.31 -2.61 -76.95
C GLY G 31 90.48 -3.80 -76.49
N MET G 32 91.18 -4.87 -76.10
CA MET G 32 90.54 -6.06 -75.58
C MET G 32 91.27 -6.52 -74.32
N LEU G 33 90.53 -7.13 -73.41
CA LEU G 33 91.12 -7.72 -72.24
C LEU G 33 91.65 -9.11 -72.59
N GLN G 34 92.73 -9.52 -71.92
CA GLN G 34 93.52 -10.65 -72.39
C GLN G 34 92.71 -11.94 -72.41
N ASN G 35 91.64 -12.03 -71.62
CA ASN G 35 90.74 -13.17 -71.73
C ASN G 35 90.01 -13.20 -73.07
N GLY G 36 89.63 -12.03 -73.59
CA GLY G 36 89.06 -11.95 -74.93
C GLY G 36 87.96 -10.93 -75.14
N LYS G 37 87.43 -10.36 -74.06
CA LYS G 37 86.37 -9.37 -74.19
C LYS G 37 86.96 -7.97 -74.37
N LYS G 38 86.36 -7.20 -75.27
CA LYS G 38 86.83 -5.85 -75.58
C LYS G 38 86.11 -4.84 -74.68
N PHE G 39 86.75 -3.70 -74.45
CA PHE G 39 86.11 -2.62 -73.68
C PHE G 39 85.98 -1.34 -74.47
N ASP G 40 86.85 -1.10 -75.46
CA ASP G 40 86.85 0.16 -76.19
C ASP G 40 87.14 -0.11 -77.66
N SER G 41 86.50 0.67 -78.52
CA SER G 41 86.77 0.62 -79.95
C SER G 41 86.39 1.97 -80.52
N SER G 42 87.40 2.78 -80.87
CA SER G 42 87.10 4.08 -81.47
C SER G 42 86.37 3.94 -82.79
N ARG G 43 86.55 2.82 -83.47
CA ARG G 43 85.92 2.67 -84.77
C ARG G 43 84.42 2.45 -84.68
N ASP G 44 83.94 1.99 -83.52
CA ASP G 44 82.51 1.89 -83.26
C ASP G 44 81.85 3.25 -83.21
N ARG G 45 82.61 4.27 -82.79
CA ARG G 45 82.12 5.63 -82.79
C ARG G 45 82.30 6.33 -84.13
N ASN G 46 83.03 5.72 -85.07
CA ASN G 46 83.32 6.29 -86.38
C ASN G 46 84.04 7.62 -86.29
N LYS G 47 84.78 7.87 -85.21
CA LYS G 47 85.51 9.10 -85.03
C LYS G 47 86.96 8.80 -84.66
N PRO G 48 87.93 9.36 -85.39
CA PRO G 48 89.34 9.13 -85.03
C PRO G 48 89.67 9.74 -83.68
N PHE G 49 90.45 9.02 -82.88
CA PHE G 49 90.80 9.48 -81.54
C PHE G 49 92.02 10.38 -81.61
N LYS G 50 91.80 11.69 -81.49
CA LYS G 50 92.86 12.70 -81.55
C LYS G 50 93.50 12.77 -80.17
N PHE G 51 94.81 12.50 -80.10
CA PHE G 51 95.55 12.73 -78.87
C PHE G 51 96.91 13.31 -79.21
N ARG G 52 97.41 14.18 -78.34
CA ARG G 52 98.72 14.79 -78.51
C ARG G 52 99.76 14.04 -77.71
N ILE G 53 100.95 13.88 -78.30
CA ILE G 53 102.04 13.20 -77.59
C ILE G 53 102.48 14.06 -76.42
N GLY G 54 102.41 13.49 -75.23
CA GLY G 54 102.74 14.21 -74.01
C GLY G 54 101.51 14.64 -73.24
N LYS G 55 101.76 15.47 -72.22
CA LYS G 55 100.72 16.05 -71.37
C LYS G 55 99.99 15.00 -70.55
N GLN G 56 100.44 13.74 -70.64
CA GLN G 56 99.88 12.64 -69.86
C GLN G 56 98.36 12.51 -70.06
N GLU G 57 97.91 12.72 -71.29
CA GLU G 57 96.48 12.58 -71.59
C GLU G 57 96.06 11.11 -71.66
N VAL G 58 96.98 10.22 -72.05
CA VAL G 58 96.71 8.81 -72.18
C VAL G 58 97.80 8.06 -71.41
N ILE G 59 97.50 6.81 -71.05
CA ILE G 59 98.45 6.00 -70.29
C ILE G 59 99.79 5.91 -71.03
N LYS G 60 100.85 5.70 -70.25
CA LYS G 60 102.20 5.75 -70.79
C LYS G 60 102.46 4.66 -71.83
N GLY G 61 101.89 3.47 -71.64
CA GLY G 61 102.12 2.40 -72.59
C GLY G 61 101.57 2.71 -73.96
N PHE G 62 100.35 3.23 -74.02
CA PHE G 62 99.74 3.60 -75.29
C PHE G 62 100.55 4.68 -76.00
N GLU G 63 100.97 5.70 -75.26
CA GLU G 63 101.74 6.79 -75.84
C GLU G 63 103.09 6.29 -76.36
N GLU G 64 103.78 5.46 -75.58
CA GLU G 64 105.07 4.93 -76.02
C GLU G 64 104.91 4.05 -77.26
N GLY G 65 103.88 3.21 -77.27
CA GLY G 65 103.63 2.40 -78.44
C GLY G 65 103.35 3.23 -79.68
N ALA G 66 102.51 4.26 -79.55
CA ALA G 66 102.24 5.15 -80.67
C ALA G 66 103.51 5.88 -81.13
N ALA G 67 104.37 6.24 -80.19
CA ALA G 67 105.62 6.91 -80.55
C ALA G 67 106.53 5.98 -81.34
N GLN G 68 106.63 4.71 -80.94
CA GLN G 68 107.59 3.81 -81.58
C GLN G 68 107.13 3.33 -82.96
N MET G 69 105.84 3.43 -83.27
CA MET G 69 105.32 3.01 -84.56
C MET G 69 104.85 4.21 -85.38
N SER G 70 104.74 4.02 -86.69
CA SER G 70 104.78 5.15 -87.65
C SER G 70 103.49 5.20 -88.45
N LEU G 71 103.49 6.06 -89.47
CA LEU G 71 102.32 6.28 -90.31
C LEU G 71 102.00 5.06 -91.17
N GLY G 72 100.71 4.79 -91.34
CA GLY G 72 100.29 3.68 -92.15
C GLY G 72 100.67 2.32 -91.62
N GLN G 73 100.99 2.23 -90.33
CA GLN G 73 101.43 1.00 -89.70
C GLN G 73 100.41 0.56 -88.67
N ARG G 74 100.29 -0.74 -88.48
CA ARG G 74 99.40 -1.33 -87.48
C ARG G 74 100.22 -2.24 -86.57
N ALA G 75 99.86 -2.25 -85.29
CA ALA G 75 100.57 -3.07 -84.32
C ALA G 75 99.66 -3.38 -83.15
N LYS G 76 100.04 -4.40 -82.38
CA LYS G 76 99.32 -4.81 -81.18
C LYS G 76 100.23 -4.53 -79.98
N LEU G 77 99.71 -3.81 -78.99
CA LEU G 77 100.47 -3.42 -77.82
C LEU G 77 100.09 -4.29 -76.63
N THR G 78 101.10 -4.85 -75.98
CA THR G 78 100.92 -5.64 -74.76
C THR G 78 101.23 -4.73 -73.57
N CYS G 79 100.18 -4.26 -72.90
CA CYS G 79 100.32 -3.31 -71.81
C CYS G 79 100.24 -4.04 -70.47
N THR G 80 101.32 -3.97 -69.69
CA THR G 80 101.33 -4.54 -68.36
C THR G 80 100.51 -3.67 -67.40
N PRO G 81 99.95 -4.27 -66.34
CA PRO G 81 99.20 -3.47 -65.37
C PRO G 81 100.04 -2.40 -64.68
N ASP G 82 101.36 -2.56 -64.64
CA ASP G 82 102.21 -1.52 -64.05
C ASP G 82 102.11 -0.22 -64.84
N VAL G 83 102.09 -0.29 -66.16
CA VAL G 83 101.96 0.89 -67.01
C VAL G 83 100.50 1.19 -67.32
N ALA G 84 99.57 0.46 -66.71
CA ALA G 84 98.14 0.61 -66.91
C ALA G 84 97.50 1.05 -65.60
N TYR G 85 96.16 1.01 -65.57
CA TYR G 85 95.42 1.40 -64.37
C TYR G 85 95.89 0.63 -63.14
N GLY G 86 96.24 -0.64 -63.32
CA GLY G 86 96.77 -1.41 -62.20
C GLY G 86 95.72 -1.68 -61.14
N ALA G 87 96.12 -1.51 -59.88
CA ALA G 87 95.19 -1.74 -58.77
C ALA G 87 94.01 -0.77 -58.82
N THR G 88 94.28 0.50 -59.15
CA THR G 88 93.22 1.50 -59.28
C THR G 88 92.64 1.42 -60.70
N GLY G 89 91.91 0.33 -60.93
CA GLY G 89 91.32 0.10 -62.23
C GLY G 89 90.16 1.03 -62.52
N HIS G 90 89.74 1.03 -63.78
CA HIS G 90 88.62 1.85 -64.19
C HIS G 90 87.35 1.37 -63.50
N PRO G 91 86.54 2.28 -62.94
CA PRO G 91 85.35 1.84 -62.19
C PRO G 91 84.31 1.18 -63.07
N GLY G 92 84.10 -0.12 -62.87
CA GLY G 92 83.10 -0.85 -63.62
C GLY G 92 83.47 -1.21 -65.04
N VAL G 93 84.73 -1.02 -65.43
CA VAL G 93 85.15 -1.29 -66.81
C VAL G 93 86.25 -2.34 -66.82
N ILE G 94 87.38 -2.03 -66.18
CA ILE G 94 88.57 -2.88 -66.20
C ILE G 94 88.83 -3.38 -64.79
N PRO G 95 88.90 -4.68 -64.56
CA PRO G 95 89.23 -5.19 -63.22
C PRO G 95 90.66 -4.85 -62.85
N PRO G 96 90.95 -4.72 -61.56
CA PRO G 96 92.32 -4.38 -61.15
C PRO G 96 93.31 -5.46 -61.54
N ASN G 97 94.53 -5.02 -61.84
CA ASN G 97 95.64 -5.90 -62.21
C ASN G 97 95.29 -6.75 -63.44
N ALA G 98 95.07 -6.05 -64.56
CA ALA G 98 94.73 -6.69 -65.81
C ALA G 98 95.56 -6.08 -66.94
N THR G 99 95.89 -6.92 -67.92
CA THR G 99 96.65 -6.48 -69.08
C THR G 99 95.69 -6.03 -70.20
N LEU G 100 96.21 -5.19 -71.08
CA LEU G 100 95.43 -4.56 -72.13
C LEU G 100 96.12 -4.75 -73.47
N ILE G 101 95.35 -5.11 -74.49
CA ILE G 101 95.86 -5.30 -75.85
C ILE G 101 95.16 -4.29 -76.75
N PHE G 102 95.94 -3.48 -77.47
CA PHE G 102 95.43 -2.38 -78.27
C PHE G 102 95.68 -2.64 -79.76
N ASP G 103 94.72 -2.25 -80.59
CA ASP G 103 94.86 -2.32 -82.05
C ASP G 103 95.09 -0.90 -82.56
N VAL G 104 96.36 -0.47 -82.53
CA VAL G 104 96.74 0.91 -82.79
C VAL G 104 97.18 1.08 -84.24
N GLU G 105 96.95 2.28 -84.78
CA GLU G 105 97.28 2.60 -86.17
C GLU G 105 97.15 4.10 -86.36
N LEU G 106 98.21 4.77 -86.84
CA LEU G 106 98.07 6.16 -87.25
C LEU G 106 97.42 6.28 -88.63
N LEU G 107 96.83 7.45 -88.88
CA LEU G 107 96.32 7.85 -90.18
C LEU G 107 97.01 9.10 -90.68
N ASN G 108 97.35 10.03 -89.79
CA ASN G 108 97.98 11.30 -90.13
C ASN G 108 98.78 11.78 -88.93
N LEU G 109 99.93 12.40 -89.21
CA LEU G 109 100.79 12.99 -88.18
C LEU G 109 101.17 11.98 -87.09
N GLN H 12 9.08 -19.35 -24.61
CA GLN H 12 9.49 -18.83 -25.89
C GLN H 12 9.70 -19.96 -26.88
N PHE H 13 9.90 -19.62 -28.16
CA PHE H 13 10.08 -20.60 -29.22
C PHE H 13 11.38 -20.29 -29.93
N LEU H 14 12.20 -21.33 -30.15
CA LEU H 14 13.47 -21.14 -30.84
C LEU H 14 13.23 -20.90 -32.32
N ARG H 15 13.89 -19.88 -32.86
CA ARG H 15 13.77 -19.48 -34.25
C ARG H 15 15.16 -19.32 -34.86
N THR H 16 15.19 -18.95 -36.13
CA THR H 16 16.44 -18.75 -36.83
C THR H 16 17.10 -17.43 -36.41
N ASP H 17 18.38 -17.30 -36.76
CA ASP H 17 19.20 -16.15 -36.38
C ASP H 17 19.25 -15.96 -34.87
N ASP H 18 19.18 -17.06 -34.13
CA ASP H 18 19.24 -17.04 -32.67
C ASP H 18 20.52 -17.75 -32.23
N GLU H 19 21.32 -17.08 -31.40
CA GLU H 19 22.55 -17.68 -30.89
C GLU H 19 22.21 -18.68 -29.80
N VAL H 20 22.64 -19.93 -29.98
CA VAL H 20 22.38 -20.99 -29.03
C VAL H 20 23.69 -21.70 -28.71
N VAL H 21 23.74 -22.29 -27.52
CA VAL H 21 24.91 -23.03 -27.05
C VAL H 21 24.45 -24.44 -26.70
N LEU H 22 25.07 -25.44 -27.34
CA LEU H 22 24.72 -26.82 -27.05
C LEU H 22 25.21 -27.20 -25.64
N GLN H 23 24.37 -27.94 -24.93
CA GLN H 23 24.66 -28.34 -23.57
C GLN H 23 24.25 -29.79 -23.37
N CYS H 24 24.96 -30.49 -22.49
CA CYS H 24 24.66 -31.88 -22.16
C CYS H 24 24.98 -32.13 -20.69
N ASN H 25 24.11 -32.90 -20.04
CA ASN H 25 24.28 -33.25 -18.63
C ASN H 25 24.89 -34.64 -18.53
N ALA H 26 26.19 -34.71 -18.82
CA ALA H 26 26.94 -35.96 -18.77
C ALA H 26 28.14 -35.79 -17.85
N THR H 27 28.32 -36.73 -16.93
CA THR H 27 29.44 -36.70 -16.00
C THR H 27 29.67 -38.10 -15.46
N VAL H 28 30.85 -38.32 -14.90
CA VAL H 28 31.24 -39.61 -14.35
C VAL H 28 31.90 -39.39 -12.99
N LEU H 29 31.49 -40.19 -12.00
CA LEU H 29 32.07 -40.20 -10.66
C LEU H 29 31.97 -38.85 -9.97
N LYS H 30 30.96 -38.05 -10.32
CA LYS H 30 30.76 -36.74 -9.71
C LYS H 30 29.34 -36.27 -10.02
N GLU H 31 29.02 -35.05 -9.60
CA GLU H 31 27.73 -34.47 -9.91
C GLU H 31 27.65 -34.12 -11.38
N GLN H 32 26.43 -33.81 -11.83
CA GLN H 32 26.19 -33.51 -13.23
C GLN H 32 26.97 -32.27 -13.65
N LEU H 33 27.84 -32.43 -14.65
CA LEU H 33 28.67 -31.34 -15.17
C LEU H 33 28.13 -30.96 -16.54
N LYS H 34 27.80 -29.67 -16.70
CA LYS H 34 27.25 -29.18 -17.96
C LYS H 34 28.39 -28.96 -18.96
N LEU H 35 28.48 -29.84 -19.95
CA LEU H 35 29.49 -29.74 -21.00
C LEU H 35 28.89 -29.07 -22.23
N CYS H 36 29.72 -28.29 -22.91
CA CYS H 36 29.30 -27.54 -24.09
C CYS H 36 30.18 -27.90 -25.28
N LEU H 37 29.62 -27.73 -26.48
CA LEU H 37 30.32 -28.03 -27.72
C LEU H 37 31.12 -26.79 -28.12
N ALA H 38 32.42 -26.83 -27.89
CA ALA H 38 33.32 -25.72 -28.20
C ALA H 38 34.36 -26.17 -29.21
N ALA H 39 34.63 -25.33 -30.20
CA ALA H 39 35.62 -25.62 -31.22
C ALA H 39 36.33 -24.34 -31.63
N GLU H 40 37.65 -24.41 -31.75
CA GLU H 40 38.44 -23.22 -32.06
C GLU H 40 38.20 -22.78 -33.50
N GLY H 41 38.24 -23.72 -34.44
CA GLY H 41 38.08 -23.39 -35.85
C GLY H 41 39.39 -23.06 -36.53
N PHE H 42 40.00 -21.93 -36.18
CA PHE H 42 41.28 -21.54 -36.75
C PHE H 42 42.40 -22.26 -36.01
N GLY H 43 43.23 -23.00 -36.74
CA GLY H 43 44.30 -23.77 -36.17
C GLY H 43 43.89 -25.16 -35.70
N ASN H 44 42.64 -25.33 -35.27
CA ASN H 44 42.12 -26.62 -34.83
C ASN H 44 40.77 -26.84 -35.51
N ARG H 45 40.74 -27.74 -36.49
CA ARG H 45 39.52 -28.04 -37.21
C ARG H 45 38.62 -29.03 -36.47
N LEU H 46 39.10 -29.64 -35.39
CA LEU H 46 38.33 -30.58 -34.62
C LEU H 46 37.62 -29.89 -33.46
N CYS H 47 36.69 -30.61 -32.85
CA CYS H 47 35.90 -30.10 -31.73
C CYS H 47 36.36 -30.71 -30.42
N PHE H 48 35.94 -30.10 -29.33
CA PHE H 48 36.28 -30.56 -27.99
C PHE H 48 35.15 -30.18 -27.03
N LEU H 49 35.40 -30.32 -25.74
CA LEU H 49 34.41 -30.04 -24.71
C LEU H 49 34.99 -29.11 -23.66
N GLU H 50 34.09 -28.40 -22.97
CA GLU H 50 34.47 -27.45 -21.93
C GLU H 50 33.44 -27.48 -20.82
N PRO H 51 33.79 -27.95 -19.62
CA PRO H 51 32.82 -27.95 -18.52
C PRO H 51 32.46 -26.54 -18.09
N THR H 52 31.16 -26.28 -17.96
CA THR H 52 30.64 -24.98 -17.54
C THR H 52 29.86 -25.08 -16.25
N SER H 53 30.03 -26.15 -15.48
CA SER H 53 29.27 -26.34 -14.25
C SER H 53 29.78 -25.43 -13.14
N ASN H 54 31.07 -25.51 -12.82
CA ASN H 54 31.66 -24.71 -11.75
C ASN H 54 31.96 -23.32 -12.29
N ALA H 55 31.01 -22.40 -12.13
CA ALA H 55 31.19 -21.02 -12.55
C ALA H 55 31.89 -20.16 -11.52
N GLN H 56 31.79 -20.52 -10.23
CA GLN H 56 32.45 -19.74 -9.19
C GLN H 56 33.96 -19.97 -9.16
N ASN H 57 34.42 -21.16 -9.56
CA ASN H 57 35.84 -21.47 -9.52
C ASN H 57 36.56 -20.90 -10.74
N VAL H 58 36.18 -21.35 -11.94
CA VAL H 58 36.79 -20.91 -13.18
C VAL H 58 35.69 -20.46 -14.12
N PRO H 59 35.68 -19.21 -14.58
CA PRO H 59 34.63 -18.76 -15.50
C PRO H 59 34.87 -19.31 -16.90
N PRO H 60 33.90 -20.03 -17.45
CA PRO H 60 34.05 -20.55 -18.80
C PRO H 60 33.89 -19.46 -19.86
N ASP H 61 34.33 -19.78 -21.06
CA ASP H 61 34.22 -18.89 -22.20
C ASP H 61 33.02 -19.26 -23.06
N LEU H 62 32.46 -18.26 -23.74
CA LEU H 62 31.27 -18.45 -24.56
C LEU H 62 31.50 -18.19 -26.04
N ALA H 63 32.58 -17.48 -26.41
CA ALA H 63 32.84 -17.20 -27.81
C ALA H 63 33.17 -18.47 -28.59
N ILE H 64 33.91 -19.40 -27.97
CA ILE H 64 34.29 -20.63 -28.66
C ILE H 64 33.08 -21.54 -28.86
N CYS H 65 32.19 -21.64 -27.89
CA CYS H 65 31.04 -22.53 -27.95
C CYS H 65 29.76 -21.81 -28.34
N CYS H 66 29.85 -20.81 -29.20
CA CYS H 66 28.69 -20.05 -29.65
C CYS H 66 28.32 -20.45 -31.07
N PHE H 67 27.06 -20.83 -31.27
CA PHE H 67 26.55 -21.19 -32.58
C PHE H 67 25.25 -20.45 -32.86
N VAL H 68 25.00 -20.16 -34.14
CA VAL H 68 23.83 -19.42 -34.56
C VAL H 68 23.08 -20.25 -35.60
N LEU H 69 21.75 -20.19 -35.54
CA LEU H 69 20.89 -20.94 -36.44
C LEU H 69 20.48 -20.02 -37.59
N GLU H 70 21.09 -20.22 -38.75
CA GLU H 70 20.80 -19.37 -39.91
C GLU H 70 19.68 -19.89 -40.79
N GLN H 71 19.54 -21.21 -40.92
CA GLN H 71 18.49 -21.77 -41.76
C GLN H 71 18.04 -23.11 -41.19
N SER H 72 16.74 -23.38 -41.30
CA SER H 72 16.17 -24.64 -40.82
C SER H 72 15.09 -25.05 -41.80
N LEU H 73 15.35 -26.12 -42.57
CA LEU H 73 14.42 -26.63 -43.56
C LEU H 73 14.19 -28.11 -43.33
N SER H 74 13.17 -28.64 -44.01
CA SER H 74 12.78 -30.02 -43.85
C SER H 74 13.74 -30.95 -44.60
N VAL H 75 13.51 -32.25 -44.44
CA VAL H 75 14.35 -33.25 -45.13
C VAL H 75 14.07 -33.24 -46.63
N ARG H 76 12.80 -33.20 -47.02
CA ARG H 76 12.46 -33.20 -48.44
C ARG H 76 12.94 -31.92 -49.12
N ALA H 77 12.76 -30.77 -48.47
CA ALA H 77 13.27 -29.52 -49.01
C ALA H 77 14.79 -29.56 -49.14
N LEU H 78 15.46 -30.12 -48.13
CA LEU H 78 16.91 -30.24 -48.18
C LEU H 78 17.34 -31.10 -49.36
N GLN H 79 16.66 -32.22 -49.57
CA GLN H 79 17.00 -33.09 -50.69
C GLN H 79 16.77 -32.39 -52.02
N GLU H 80 15.67 -31.66 -52.14
CA GLU H 80 15.38 -30.93 -53.37
C GLU H 80 16.43 -29.87 -53.65
N MET H 81 16.86 -29.14 -52.61
CA MET H 81 17.87 -28.10 -52.79
C MET H 81 19.23 -28.70 -53.10
N LEU H 82 19.57 -29.83 -52.47
CA LEU H 82 20.85 -30.49 -52.74
C LEU H 82 20.89 -31.05 -54.16
N ALA H 83 19.77 -31.58 -54.64
CA ALA H 83 19.73 -32.08 -56.02
C ALA H 83 19.95 -30.95 -57.02
N ASN H 84 19.35 -29.78 -56.78
CA ASN H 84 19.51 -28.64 -57.66
C ASN H 84 20.24 -27.50 -56.96
N GLY H 97 12.73 -12.35 -42.54
CA GLY H 97 12.26 -13.66 -42.95
C GLY H 97 12.56 -14.75 -41.93
N HIS H 98 12.37 -14.43 -40.65
CA HIS H 98 12.63 -15.40 -39.59
C HIS H 98 11.57 -16.51 -39.61
N ARG H 99 12.03 -17.74 -39.45
CA ARG H 99 11.16 -18.91 -39.45
C ARG H 99 11.35 -19.69 -38.16
N THR H 100 10.23 -20.17 -37.60
CA THR H 100 10.28 -20.95 -36.37
C THR H 100 10.89 -22.32 -36.64
N LEU H 101 11.45 -22.92 -35.58
CA LEU H 101 12.07 -24.23 -35.66
C LEU H 101 11.06 -25.29 -35.23
N LEU H 102 10.93 -26.35 -36.02
CA LEU H 102 10.00 -27.43 -35.74
C LEU H 102 10.73 -28.76 -35.75
N TYR H 103 10.17 -29.73 -35.03
CA TYR H 103 10.72 -31.08 -35.01
C TYR H 103 10.62 -31.71 -36.39
N GLY H 104 11.65 -32.48 -36.75
CA GLY H 104 11.72 -33.12 -38.04
C GLY H 104 12.40 -32.31 -39.13
N HIS H 105 12.73 -31.05 -38.86
CA HIS H 105 13.45 -30.23 -39.82
C HIS H 105 14.95 -30.51 -39.71
N ALA H 106 15.74 -29.79 -40.49
CA ALA H 106 17.20 -29.93 -40.46
C ALA H 106 17.82 -28.57 -40.17
N ILE H 107 18.63 -28.50 -39.13
CA ILE H 107 19.23 -27.24 -38.71
C ILE H 107 20.63 -27.12 -39.29
N LEU H 108 21.11 -25.88 -39.38
CA LEU H 108 22.45 -25.59 -39.89
C LEU H 108 23.21 -24.84 -38.81
N LEU H 109 24.27 -25.45 -38.28
CA LEU H 109 25.05 -24.84 -37.21
C LEU H 109 26.17 -24.00 -37.81
N ARG H 110 26.17 -22.71 -37.49
CA ARG H 110 27.21 -21.79 -37.95
C ARG H 110 27.97 -21.24 -36.74
N HIS H 111 29.29 -21.30 -36.81
CA HIS H 111 30.10 -20.72 -35.74
C HIS H 111 30.07 -19.21 -35.82
N ALA H 112 30.26 -18.56 -34.67
CA ALA H 112 30.24 -17.11 -34.59
C ALA H 112 31.62 -16.50 -34.80
N HIS H 113 32.64 -17.04 -34.14
CA HIS H 113 33.99 -16.48 -34.25
C HIS H 113 34.64 -16.92 -35.56
N SER H 114 34.82 -18.22 -35.75
CA SER H 114 35.47 -18.72 -36.96
C SER H 114 34.60 -18.50 -38.20
N GLY H 115 33.29 -18.67 -38.08
CA GLY H 115 32.39 -18.52 -39.20
C GLY H 115 32.16 -19.77 -40.02
N MET H 116 32.88 -20.84 -39.75
CA MET H 116 32.70 -22.07 -40.49
C MET H 116 31.46 -22.81 -40.00
N TYR H 117 30.96 -23.72 -40.84
CA TYR H 117 29.78 -24.51 -40.53
C TYR H 117 30.19 -25.83 -39.90
N LEU H 118 29.36 -26.33 -38.99
CA LEU H 118 29.62 -27.59 -38.31
C LEU H 118 29.20 -28.74 -39.21
N SER H 119 30.09 -29.72 -39.37
CA SER H 119 29.83 -30.87 -40.24
C SER H 119 30.60 -32.07 -39.71
N CYS H 120 30.37 -33.21 -40.34
CA CYS H 120 31.05 -34.45 -39.98
C CYS H 120 32.23 -34.68 -40.91
N LEU H 121 33.35 -35.13 -40.33
CA LEU H 121 34.57 -35.38 -41.08
C LEU H 121 34.81 -36.88 -41.20
N THR H 122 35.19 -37.32 -42.40
CA THR H 122 35.42 -38.74 -42.63
C THR H 122 36.64 -39.26 -41.87
N THR H 123 37.56 -38.38 -41.47
CA THR H 123 38.72 -38.79 -40.70
C THR H 123 38.28 -39.19 -39.29
N SER H 124 38.76 -40.35 -38.82
CA SER H 124 38.41 -40.88 -37.51
C SER H 124 39.66 -40.86 -36.64
N ARG H 125 39.58 -40.14 -35.51
CA ARG H 125 40.66 -40.11 -34.55
C ARG H 125 40.53 -41.17 -33.46
N SER H 126 39.42 -41.90 -33.43
CA SER H 126 39.23 -42.95 -32.44
C SER H 126 40.00 -44.21 -32.85
N MET H 127 40.05 -45.16 -31.93
CA MET H 127 40.77 -46.42 -32.14
C MET H 127 39.80 -47.59 -32.00
N THR H 128 40.04 -48.62 -32.81
CA THR H 128 39.29 -49.88 -32.81
C THR H 128 37.81 -49.69 -33.11
N ASP H 129 37.43 -48.57 -33.72
CA ASP H 129 36.04 -48.33 -34.08
C ASP H 129 36.02 -47.42 -35.30
N LYS H 130 35.88 -48.01 -36.49
CA LYS H 130 35.80 -47.23 -37.72
C LYS H 130 34.45 -46.56 -37.91
N LEU H 131 33.43 -46.96 -37.15
CA LEU H 131 32.11 -46.35 -37.29
C LEU H 131 32.08 -44.95 -36.71
N ALA H 132 32.89 -44.67 -35.69
CA ALA H 132 32.90 -43.35 -35.08
C ALA H 132 33.56 -42.34 -36.01
N PHE H 133 32.87 -41.22 -36.24
CA PHE H 133 33.35 -40.16 -37.12
C PHE H 133 33.50 -38.89 -36.31
N ASP H 134 34.66 -38.24 -36.42
CA ASP H 134 34.88 -36.98 -35.75
C ASP H 134 34.04 -35.88 -36.38
N VAL H 135 33.57 -34.95 -35.55
CA VAL H 135 32.78 -33.81 -35.99
C VAL H 135 33.67 -32.58 -36.02
N GLY H 136 33.59 -31.80 -37.10
CA GLY H 136 34.46 -30.65 -37.26
C GLY H 136 33.84 -29.53 -38.08
N LEU H 137 34.66 -28.56 -38.47
CA LEU H 137 34.19 -27.38 -39.20
C LEU H 137 34.70 -27.37 -40.62
N GLN H 138 33.86 -26.91 -41.53
CA GLN H 138 34.22 -26.78 -42.94
C GLN H 138 33.68 -25.46 -43.47
N GLU H 139 34.48 -24.80 -44.31
CA GLU H 139 34.08 -23.54 -44.90
C GLU H 139 33.53 -23.69 -46.31
N ASP H 140 33.48 -24.92 -46.84
CA ASP H 140 32.97 -25.14 -48.18
C ASP H 140 31.46 -24.98 -48.28
N ALA H 141 30.75 -25.08 -47.16
CA ALA H 141 29.29 -24.90 -47.10
C ALA H 141 28.55 -25.88 -48.00
N THR H 142 29.12 -27.08 -48.19
CA THR H 142 28.45 -28.11 -48.97
C THR H 142 27.31 -28.71 -48.15
N GLY H 143 26.14 -28.84 -48.77
CA GLY H 143 24.96 -29.36 -48.10
C GLY H 143 24.87 -30.86 -48.01
N GLU H 144 25.88 -31.58 -48.48
CA GLU H 144 25.85 -33.04 -48.44
C GLU H 144 25.85 -33.55 -47.00
N ALA H 145 26.67 -32.96 -46.13
CA ALA H 145 26.82 -33.44 -44.77
C ALA H 145 26.86 -32.34 -43.72
N CYS H 146 26.75 -31.07 -44.10
CA CYS H 146 26.83 -29.99 -43.13
C CYS H 146 25.53 -29.77 -42.37
N TRP H 147 24.45 -30.43 -42.77
CA TRP H 147 23.16 -30.25 -42.13
C TRP H 147 22.95 -31.32 -41.05
N TRP H 148 22.17 -30.95 -40.03
CA TRP H 148 21.80 -31.85 -38.95
C TRP H 148 20.31 -31.75 -38.71
N THR H 149 19.65 -32.90 -38.57
CA THR H 149 18.21 -32.95 -38.35
C THR H 149 17.91 -33.23 -36.88
N THR H 150 16.70 -32.85 -36.46
CA THR H 150 16.26 -32.97 -35.09
C THR H 150 15.10 -33.96 -34.98
N HIS H 151 15.03 -34.63 -33.83
CA HIS H 151 14.00 -35.62 -33.55
C HIS H 151 13.54 -35.41 -32.11
N PRO H 152 12.30 -35.79 -31.79
CA PRO H 152 11.83 -35.61 -30.41
C PRO H 152 12.27 -36.76 -29.51
N ALA H 153 12.84 -36.40 -28.35
CA ALA H 153 13.36 -37.40 -27.44
C ALA H 153 12.25 -38.02 -26.59
N SER H 154 11.51 -37.19 -25.87
CA SER H 154 10.47 -37.69 -24.99
C SER H 154 9.27 -38.19 -25.81
N LYS H 155 8.45 -39.02 -25.18
CA LYS H 155 7.33 -39.63 -25.88
C LYS H 155 6.21 -38.64 -26.17
N GLN H 156 5.93 -37.72 -25.24
CA GLN H 156 4.83 -36.77 -25.45
C GLN H 156 5.16 -35.83 -26.61
N ARG H 157 6.42 -35.41 -26.72
CA ARG H 157 6.82 -34.53 -27.80
C ARG H 157 6.72 -35.26 -29.13
N SER H 158 5.91 -34.73 -30.03
CA SER H 158 5.71 -35.31 -31.35
C SER H 158 6.60 -34.61 -32.35
N GLU H 159 6.58 -35.12 -33.58
CA GLU H 159 7.27 -34.46 -34.69
C GLU H 159 6.43 -33.31 -35.20
N GLY H 160 7.09 -32.27 -35.68
CA GLY H 160 6.38 -31.09 -36.16
C GLY H 160 5.79 -30.24 -35.05
N GLU H 161 6.63 -29.75 -34.14
CA GLU H 161 6.17 -29.03 -32.96
C GLU H 161 6.87 -27.68 -32.89
N LYS H 162 6.23 -26.74 -32.20
CA LYS H 162 6.96 -25.56 -31.74
C LYS H 162 7.89 -25.96 -30.59
N VAL H 163 9.20 -25.77 -30.80
CA VAL H 163 10.21 -26.27 -29.89
C VAL H 163 10.30 -25.35 -28.68
N ARG H 164 10.17 -25.94 -27.49
CA ARG H 164 10.21 -25.19 -26.25
C ARG H 164 11.66 -24.91 -25.84
N VAL H 165 11.83 -23.87 -25.02
CA VAL H 165 13.15 -23.52 -24.51
C VAL H 165 13.59 -24.51 -23.45
N GLY H 166 14.83 -24.97 -23.54
CA GLY H 166 15.34 -25.90 -22.56
C GLY H 166 14.79 -27.29 -22.70
N ASP H 167 14.18 -27.60 -23.84
CA ASP H 167 13.70 -28.93 -24.14
C ASP H 167 14.85 -29.79 -24.65
N ASP H 168 14.89 -31.03 -24.17
CA ASP H 168 15.98 -31.93 -24.52
C ASP H 168 15.79 -32.44 -25.94
N LEU H 169 16.80 -32.25 -26.78
CA LEU H 169 16.74 -32.59 -28.20
C LEU H 169 17.77 -33.67 -28.54
N ILE H 170 17.75 -34.11 -29.79
CA ILE H 170 18.73 -35.08 -30.29
C ILE H 170 19.07 -34.71 -31.72
N LEU H 171 20.33 -34.91 -32.10
CA LEU H 171 20.82 -34.56 -33.43
C LEU H 171 21.22 -35.82 -34.20
N VAL H 172 20.80 -35.88 -35.47
CA VAL H 172 21.10 -37.00 -36.34
C VAL H 172 21.77 -36.47 -37.60
N SER H 173 22.89 -37.08 -37.98
CA SER H 173 23.56 -36.70 -39.22
C SER H 173 22.71 -37.07 -40.43
N VAL H 174 22.79 -36.22 -41.46
CA VAL H 174 21.98 -36.44 -42.65
C VAL H 174 22.63 -37.48 -43.56
N SER H 175 23.89 -37.28 -43.93
CA SER H 175 24.55 -38.20 -44.86
C SER H 175 25.06 -39.44 -44.14
N SER H 176 25.80 -39.25 -43.05
CA SER H 176 26.39 -40.39 -42.35
C SER H 176 25.37 -41.20 -41.55
N GLU H 177 24.24 -40.58 -41.20
CA GLU H 177 23.17 -41.22 -40.43
C GLU H 177 23.74 -41.81 -39.13
N ARG H 178 24.22 -40.91 -38.28
CA ARG H 178 24.72 -41.26 -36.95
C ARG H 178 24.32 -40.18 -35.96
N TYR H 179 24.03 -40.59 -34.73
CA TYR H 179 23.69 -39.66 -33.68
C TYR H 179 24.94 -38.97 -33.14
N LEU H 180 24.72 -37.85 -32.46
CA LEU H 180 25.82 -37.08 -31.86
C LEU H 180 26.19 -37.74 -30.54
N HIS H 181 26.89 -38.87 -30.65
CA HIS H 181 27.27 -39.64 -29.49
C HIS H 181 28.34 -38.92 -28.67
N LEU H 182 28.29 -39.10 -27.35
CA LEU H 182 29.28 -38.57 -26.43
C LEU H 182 30.11 -39.73 -25.90
N SER H 183 31.37 -39.79 -26.29
CA SER H 183 32.26 -40.85 -25.83
C SER H 183 32.76 -40.56 -24.42
N THR H 184 33.18 -41.62 -23.74
CA THR H 184 33.69 -41.49 -22.38
C THR H 184 35.05 -42.17 -22.25
N LEU H 189 36.97 -36.97 -22.31
CA LEU H 189 35.62 -36.67 -22.78
C LEU H 189 35.66 -35.94 -24.12
N GLN H 190 35.13 -36.57 -25.15
CA GLN H 190 35.09 -35.99 -26.49
C GLN H 190 33.88 -36.52 -27.23
N VAL H 191 33.52 -35.85 -28.33
CA VAL H 191 32.29 -36.13 -29.06
C VAL H 191 32.65 -36.71 -30.42
N ASP H 192 31.99 -37.81 -30.78
CA ASP H 192 32.11 -38.44 -32.09
C ASP H 192 30.72 -38.80 -32.60
N ALA H 193 30.55 -38.76 -33.91
CA ALA H 193 29.30 -39.17 -34.54
C ALA H 193 29.31 -40.68 -34.72
N SER H 194 28.44 -41.37 -33.98
CA SER H 194 28.35 -42.83 -34.04
C SER H 194 26.91 -43.26 -33.86
N PHE H 195 26.70 -44.57 -33.78
CA PHE H 195 25.35 -45.13 -33.75
C PHE H 195 24.65 -44.97 -32.40
N MET H 196 25.39 -44.93 -31.29
CA MET H 196 24.74 -44.69 -30.00
C MET H 196 24.23 -43.26 -29.94
N GLN H 197 23.07 -43.10 -29.29
CA GLN H 197 22.39 -41.82 -29.22
C GLN H 197 22.66 -41.13 -27.88
N THR H 198 22.74 -39.79 -27.93
CA THR H 198 23.03 -39.00 -26.75
C THR H 198 22.08 -37.80 -26.75
N LEU H 199 21.58 -37.44 -25.57
CA LEU H 199 20.59 -36.39 -25.44
C LEU H 199 21.26 -35.03 -25.27
N TRP H 200 20.88 -34.07 -26.12
CA TRP H 200 21.52 -32.76 -26.17
C TRP H 200 20.45 -31.68 -26.10
N ASN H 201 20.58 -30.76 -25.16
CA ASN H 201 19.69 -29.60 -25.06
C ASN H 201 20.48 -28.32 -25.26
N MET H 202 19.88 -27.36 -25.96
CA MET H 202 20.50 -26.08 -26.24
C MET H 202 19.83 -24.96 -25.45
N ASN H 203 20.62 -23.94 -25.13
CA ASN H 203 20.14 -22.78 -24.41
C ASN H 203 20.37 -21.52 -25.25
N PRO H 204 19.33 -20.79 -25.60
CA PRO H 204 19.52 -19.59 -26.42
C PRO H 204 20.28 -18.50 -25.67
N ILE H 205 20.98 -17.68 -26.44
CA ILE H 205 21.73 -16.55 -25.89
C ILE H 205 20.98 -15.25 -26.09
N CYS H 206 20.55 -14.96 -27.32
CA CYS H 206 19.79 -13.75 -27.61
C CYS H 206 18.91 -13.99 -28.82
N SER H 207 17.59 -13.89 -28.63
CA SER H 207 16.67 -14.05 -29.75
C SER H 207 16.75 -12.86 -30.70
N GLY H 208 16.92 -11.66 -30.17
CA GLY H 208 17.03 -10.46 -30.98
C GLY H 208 17.36 -9.24 -30.16
N CYS H 209 18.31 -8.44 -30.65
CA CYS H 209 18.76 -7.24 -29.95
C CYS H 209 18.37 -6.01 -30.74
N GLU H 210 17.80 -5.03 -30.04
CA GLU H 210 17.47 -3.75 -30.67
C GLU H 210 18.74 -3.04 -31.13
N GLU H 211 18.63 -2.35 -32.25
CA GLU H 211 19.78 -1.68 -32.84
C GLU H 211 20.26 -0.55 -31.96
N GLY H 212 21.57 -0.49 -31.72
CA GLY H 212 22.17 0.61 -30.99
C GLY H 212 22.01 0.55 -29.48
N TYR H 213 21.81 -0.64 -28.93
CA TYR H 213 21.70 -0.80 -27.48
C TYR H 213 22.72 -1.83 -27.01
N VAL H 214 23.36 -1.55 -25.88
CA VAL H 214 24.41 -2.42 -25.36
C VAL H 214 23.80 -3.70 -24.81
N THR H 215 24.38 -4.83 -25.17
CA THR H 215 23.95 -6.14 -24.70
C THR H 215 25.14 -6.93 -24.19
N GLY H 216 24.88 -8.13 -23.69
CA GLY H 216 25.94 -8.96 -23.15
C GLY H 216 26.66 -9.78 -24.20
N GLY H 217 27.94 -10.05 -23.92
CA GLY H 217 28.76 -10.86 -24.80
C GLY H 217 29.47 -10.10 -25.90
N HIS H 218 29.06 -8.86 -26.18
CA HIS H 218 29.71 -8.08 -27.24
C HIS H 218 31.07 -7.58 -26.77
N VAL H 219 31.93 -7.30 -27.75
CA VAL H 219 33.24 -6.71 -27.49
C VAL H 219 33.08 -5.21 -27.60
N LEU H 220 33.25 -4.51 -26.47
CA LEU H 220 33.02 -3.08 -26.41
C LEU H 220 34.33 -2.35 -26.17
N ARG H 221 34.28 -1.03 -26.28
CA ARG H 221 35.45 -0.17 -26.10
C ARG H 221 35.14 0.87 -25.04
N LEU H 222 35.92 0.88 -23.96
CA LEU H 222 35.65 1.72 -22.79
C LEU H 222 36.35 3.06 -22.96
N PHE H 223 35.57 4.10 -23.25
CA PHE H 223 36.09 5.46 -23.35
C PHE H 223 35.99 6.18 -22.01
N HIS H 224 37.09 6.79 -21.59
CA HIS H 224 37.14 7.59 -20.38
C HIS H 224 36.58 8.97 -20.69
N GLY H 225 35.26 9.13 -20.48
CA GLY H 225 34.61 10.41 -20.73
C GLY H 225 34.38 10.66 -22.21
N HIS H 226 33.91 11.87 -22.51
CA HIS H 226 33.65 12.26 -23.88
C HIS H 226 34.92 12.58 -24.67
N MET H 227 36.05 12.74 -24.00
CA MET H 227 37.30 13.05 -24.67
C MET H 227 37.88 11.79 -25.31
N ASP H 228 38.98 11.96 -26.04
CA ASP H 228 39.63 10.85 -26.73
C ASP H 228 40.58 10.14 -25.78
N GLU H 229 40.00 9.58 -24.72
CA GLU H 229 40.74 8.82 -23.73
C GLU H 229 40.00 7.52 -23.46
N CYS H 230 40.75 6.42 -23.40
CA CYS H 230 40.16 5.10 -23.19
C CYS H 230 41.08 4.27 -22.30
N LEU H 231 40.47 3.37 -21.53
CA LEU H 231 41.21 2.51 -20.62
C LEU H 231 41.79 1.33 -21.39
N THR H 232 43.12 1.18 -21.32
CA THR H 232 43.82 0.10 -21.99
C THR H 232 44.74 -0.60 -21.00
N ILE H 233 45.62 -1.44 -21.53
CA ILE H 233 46.55 -2.22 -20.73
C ILE H 233 47.96 -1.93 -21.24
N SER H 234 48.96 -2.31 -20.43
CA SER H 234 50.34 -1.99 -20.75
C SER H 234 50.74 -2.64 -22.09
N PRO H 235 51.59 -1.95 -22.86
CA PRO H 235 51.96 -2.47 -24.19
C PRO H 235 52.70 -3.80 -24.09
N ALA H 236 52.83 -4.44 -25.25
CA ALA H 236 53.44 -5.76 -25.33
C ALA H 236 54.95 -5.67 -25.05
N ASP H 237 55.51 -6.81 -24.63
CA ASP H 237 56.93 -6.94 -24.33
C ASP H 237 57.37 -5.96 -23.24
N SER H 238 56.49 -5.68 -22.28
CA SER H 238 56.81 -4.79 -21.18
C SER H 238 57.18 -5.57 -19.93
N ASP H 239 57.92 -4.92 -19.03
CA ASP H 239 58.34 -5.55 -17.79
C ASP H 239 57.17 -5.79 -16.83
N ASP H 240 56.08 -5.03 -16.97
CA ASP H 240 54.92 -5.20 -16.10
C ASP H 240 54.13 -6.46 -16.41
N GLN H 241 54.39 -7.11 -17.54
CA GLN H 241 53.71 -8.34 -17.95
C GLN H 241 52.19 -8.16 -18.03
N ARG H 242 51.75 -6.95 -18.42
CA ARG H 242 50.34 -6.62 -18.61
C ARG H 242 49.52 -6.87 -17.35
N ARG H 243 50.10 -6.69 -16.17
CA ARG H 243 49.35 -6.90 -14.94
C ARG H 243 48.48 -5.70 -14.59
N LEU H 244 48.90 -4.50 -14.99
CA LEU H 244 48.24 -3.27 -14.59
C LEU H 244 47.65 -2.55 -15.79
N VAL H 245 46.59 -1.79 -15.53
CA VAL H 245 45.86 -1.08 -16.58
C VAL H 245 46.01 0.42 -16.38
N TYR H 246 45.94 1.16 -17.49
CA TYR H 246 46.16 2.59 -17.47
C TYR H 246 45.33 3.24 -18.57
N TYR H 247 45.17 4.57 -18.46
CA TYR H 247 44.47 5.35 -19.46
C TYR H 247 45.44 5.88 -20.51
N GLU H 248 45.07 5.74 -21.79
CA GLU H 248 45.86 6.24 -22.90
C GLU H 248 44.96 7.02 -23.85
N GLY H 249 45.59 7.88 -24.66
CA GLY H 249 44.85 8.71 -25.59
C GLY H 249 44.50 8.03 -26.89
N GLY H 250 44.60 8.76 -27.99
CA GLY H 250 44.23 8.26 -29.30
C GLY H 250 45.23 7.34 -29.96
N SER H 251 46.44 7.21 -29.41
CA SER H 251 47.38 6.25 -29.97
C SER H 251 46.81 4.84 -29.89
N VAL H 252 46.46 4.39 -28.68
CA VAL H 252 45.96 3.02 -28.49
C VAL H 252 44.44 2.94 -28.67
N CYS H 253 43.78 4.06 -28.95
CA CYS H 253 42.32 4.06 -29.10
C CYS H 253 41.86 3.14 -30.22
N THR H 254 42.56 3.17 -31.36
CA THR H 254 42.23 2.32 -32.49
C THR H 254 42.64 0.88 -32.26
N HIS H 255 43.51 0.64 -31.26
CA HIS H 255 44.37 -0.53 -31.29
C HIS H 255 43.57 -1.74 -30.76
N ALA H 256 44.22 -2.90 -30.71
CA ALA H 256 43.57 -4.09 -30.16
C ALA H 256 43.46 -4.08 -28.64
N ARG H 257 44.30 -3.31 -27.94
CA ARG H 257 44.25 -3.25 -26.47
C ARG H 257 43.11 -2.40 -25.94
N SER H 258 42.48 -1.57 -26.76
CA SER H 258 41.37 -0.75 -26.29
C SER H 258 40.04 -1.49 -26.31
N LEU H 259 40.02 -2.73 -26.82
CA LEU H 259 38.80 -3.53 -26.85
C LEU H 259 38.59 -4.25 -25.53
N TRP H 260 37.33 -4.39 -25.14
CA TRP H 260 36.95 -4.97 -23.85
C TRP H 260 35.68 -5.79 -24.03
N ARG H 261 35.68 -7.01 -23.51
CA ARG H 261 34.54 -7.91 -23.65
C ARG H 261 34.00 -8.25 -22.27
N LEU H 262 32.73 -7.94 -22.04
CA LEU H 262 32.06 -8.23 -20.77
C LEU H 262 31.39 -9.59 -20.81
N GLU H 263 31.44 -10.29 -19.68
CA GLU H 263 30.86 -11.62 -19.55
C GLU H 263 29.82 -11.65 -18.43
N PRO H 264 28.53 -11.75 -18.74
CA PRO H 264 27.52 -11.81 -17.68
C PRO H 264 27.64 -13.09 -16.87
N LEU H 265 27.20 -13.00 -15.61
CA LEU H 265 27.23 -14.16 -14.72
C LEU H 265 26.32 -15.27 -15.23
N ARG H 266 25.12 -14.92 -15.70
CA ARG H 266 24.21 -15.92 -16.20
C ARG H 266 24.72 -16.54 -17.49
N ILE H 267 24.56 -17.85 -17.61
CA ILE H 267 24.97 -18.57 -18.82
C ILE H 267 23.86 -18.58 -19.86
N SER H 268 22.67 -19.02 -19.47
CA SER H 268 21.53 -19.01 -20.36
C SER H 268 21.02 -17.58 -20.55
N TRP H 269 20.66 -17.25 -21.78
CA TRP H 269 20.16 -15.91 -22.13
C TRP H 269 21.16 -14.83 -21.75
N SER H 270 22.45 -15.11 -21.97
CA SER H 270 23.51 -14.16 -21.64
C SER H 270 23.52 -12.96 -22.57
N GLY H 271 22.80 -13.02 -23.69
CA GLY H 271 22.72 -11.93 -24.63
C GLY H 271 21.69 -10.87 -24.32
N SER H 272 21.05 -10.96 -23.16
CA SER H 272 20.04 -9.98 -22.79
C SER H 272 20.68 -8.62 -22.49
N HIS H 273 19.88 -7.57 -22.63
CA HIS H 273 20.35 -6.22 -22.34
C HIS H 273 20.72 -6.09 -20.87
N LEU H 274 21.85 -5.44 -20.61
CA LEU H 274 22.31 -5.28 -19.24
C LEU H 274 21.46 -4.25 -18.50
N ARG H 275 21.23 -4.51 -17.22
CA ARG H 275 20.46 -3.61 -16.37
C ARG H 275 21.38 -2.88 -15.40
N TRP H 276 20.89 -1.75 -14.88
CA TRP H 276 21.66 -0.98 -13.91
C TRP H 276 21.81 -1.77 -12.62
N GLY H 277 23.05 -1.96 -12.18
CA GLY H 277 23.33 -2.70 -10.98
C GLY H 277 23.47 -4.20 -11.15
N GLN H 278 23.27 -4.71 -12.36
CA GLN H 278 23.39 -6.14 -12.65
C GLN H 278 24.86 -6.53 -12.67
N PRO H 279 25.23 -7.66 -12.06
CA PRO H 279 26.65 -8.00 -11.89
C PRO H 279 27.29 -8.43 -13.20
N LEU H 280 28.37 -7.75 -13.58
CA LEU H 280 29.12 -8.05 -14.80
C LEU H 280 30.46 -8.71 -14.46
N ARG H 281 31.25 -8.93 -15.51
CA ARG H 281 32.62 -9.43 -15.37
C ARG H 281 33.39 -9.01 -16.62
N ILE H 282 34.38 -8.13 -16.44
CA ILE H 282 35.13 -7.59 -17.57
C ILE H 282 36.26 -8.53 -17.93
N ARG H 283 36.40 -8.82 -19.22
CA ARG H 283 37.41 -9.75 -19.72
C ARG H 283 38.08 -9.16 -20.95
N HIS H 284 39.39 -9.38 -21.09
CA HIS H 284 40.14 -8.91 -22.25
C HIS H 284 40.10 -9.97 -23.35
N VAL H 285 40.06 -9.49 -24.60
CA VAL H 285 39.94 -10.41 -25.73
C VAL H 285 41.27 -11.06 -26.08
N THR H 286 42.36 -10.28 -26.07
CA THR H 286 43.65 -10.82 -26.47
C THR H 286 44.45 -11.33 -25.28
N THR H 287 44.51 -10.52 -24.21
CA THR H 287 45.21 -10.95 -23.01
C THR H 287 44.53 -12.15 -22.36
N GLY H 288 43.22 -12.25 -22.49
CA GLY H 288 42.48 -13.36 -21.92
C GLY H 288 42.47 -13.41 -20.41
N ARG H 289 42.37 -12.25 -19.76
CA ARG H 289 42.30 -12.18 -18.30
C ARG H 289 41.09 -11.34 -17.91
N TYR H 290 40.82 -11.30 -16.61
CA TYR H 290 39.65 -10.61 -16.07
C TYR H 290 40.10 -9.48 -15.14
N LEU H 291 39.24 -8.46 -15.04
CA LEU H 291 39.50 -7.32 -14.19
C LEU H 291 39.04 -7.63 -12.77
N ALA H 292 39.99 -7.70 -11.84
CA ALA H 292 39.71 -8.03 -10.45
C ALA H 292 40.39 -7.02 -9.53
N LEU H 293 40.02 -7.06 -8.26
CA LEU H 293 40.59 -6.19 -7.24
C LEU H 293 41.39 -7.06 -6.26
N ILE H 294 42.67 -6.76 -6.11
CA ILE H 294 43.56 -7.47 -5.20
C ILE H 294 43.93 -6.53 -4.06
N GLU H 295 43.69 -6.97 -2.82
CA GLU H 295 43.96 -6.13 -1.66
C GLU H 295 45.45 -5.93 -1.42
N ASP H 296 46.32 -6.69 -2.08
CA ASP H 296 47.75 -6.55 -1.87
C ASP H 296 48.41 -5.61 -2.87
N GLN H 297 47.82 -5.44 -4.05
CA GLN H 297 48.39 -4.57 -5.08
C GLN H 297 47.42 -3.56 -5.66
N GLY H 298 46.11 -3.77 -5.54
CA GLY H 298 45.15 -2.84 -6.11
C GLY H 298 44.38 -3.41 -7.28
N LEU H 299 44.12 -2.57 -8.29
CA LEU H 299 43.39 -3.01 -9.48
C LEU H 299 44.38 -3.69 -10.40
N VAL H 300 44.51 -5.01 -10.24
CA VAL H 300 45.44 -5.82 -11.03
C VAL H 300 44.64 -6.96 -11.67
N VAL H 301 44.86 -7.17 -12.97
CA VAL H 301 44.16 -8.24 -13.67
C VAL H 301 44.62 -9.60 -13.15
N VAL H 302 43.73 -10.57 -13.23
CA VAL H 302 43.98 -11.92 -12.72
C VAL H 302 43.67 -12.92 -13.82
N ASP H 303 44.46 -13.99 -13.87
CA ASP H 303 44.27 -15.03 -14.87
C ASP H 303 42.90 -15.70 -14.70
N ALA H 304 42.49 -16.40 -15.76
CA ALA H 304 41.18 -17.04 -15.76
C ALA H 304 41.08 -18.11 -14.69
N SER H 305 42.12 -18.93 -14.54
CA SER H 305 42.10 -20.00 -13.55
C SER H 305 42.27 -19.47 -12.13
N LYS H 306 43.09 -18.44 -11.95
CA LYS H 306 43.35 -17.89 -10.63
C LYS H 306 42.22 -17.01 -10.11
N ALA H 307 41.27 -16.64 -10.95
CA ALA H 307 40.17 -15.80 -10.51
C ALA H 307 39.25 -16.57 -9.55
N HIS H 308 38.81 -15.89 -8.50
CA HIS H 308 37.93 -16.48 -7.51
C HIS H 308 36.48 -16.03 -7.63
N THR H 309 36.20 -15.09 -8.54
CA THR H 309 34.84 -14.65 -8.87
C THR H 309 34.09 -14.12 -7.65
N LYS H 310 34.81 -13.60 -6.65
CA LYS H 310 34.19 -12.98 -5.50
C LYS H 310 34.47 -11.48 -5.39
N ALA H 311 35.54 -11.01 -6.01
CA ALA H 311 35.87 -9.58 -6.03
C ALA H 311 36.08 -9.09 -7.46
N THR H 312 35.44 -9.77 -8.43
CA THR H 312 35.57 -9.39 -9.83
C THR H 312 34.27 -8.83 -10.41
N SER H 313 33.16 -8.93 -9.70
CA SER H 313 31.87 -8.49 -10.21
C SER H 313 31.78 -6.97 -10.22
N PHE H 314 31.38 -6.41 -11.34
CA PHE H 314 31.18 -4.97 -11.50
C PHE H 314 29.79 -4.69 -12.05
N CYS H 315 29.29 -3.49 -11.75
CA CYS H 315 27.97 -3.08 -12.22
C CYS H 315 28.04 -1.63 -12.68
N PHE H 316 27.07 -1.26 -13.51
CA PHE H 316 26.97 0.09 -14.07
C PHE H 316 25.85 0.83 -13.37
N ARG H 317 26.17 1.98 -12.79
CA ARG H 317 25.19 2.84 -12.13
C ARG H 317 25.08 4.18 -12.87
N ILE H 318 23.96 4.86 -12.64
CA ILE H 318 23.69 6.14 -13.27
C ILE H 318 24.04 7.31 -12.35
N SER H 319 23.82 7.14 -11.05
CA SER H 319 24.09 8.19 -10.06
C SER H 319 25.15 7.73 -9.08
N LYS H 320 25.59 8.65 -8.24
CA LYS H 320 26.62 8.39 -7.23
C LYS H 320 25.96 8.47 -5.86
N GLU H 321 25.57 7.31 -5.33
CA GLU H 321 24.92 7.21 -4.03
C GLU H 321 25.71 6.28 -3.13
N LYS H 322 25.22 6.11 -1.90
CA LYS H 322 25.87 5.22 -0.95
C LYS H 322 25.63 3.76 -1.31
N LEU H 323 26.64 2.93 -1.05
CA LEU H 323 26.55 1.51 -1.33
C LEU H 323 26.89 0.68 -0.09
N LYS H 328 17.65 -7.64 -9.54
CA LYS H 328 17.89 -8.80 -8.68
C LYS H 328 16.84 -9.88 -8.93
N ARG H 329 15.94 -9.62 -9.87
CA ARG H 329 14.90 -10.59 -10.18
C ARG H 329 15.42 -11.79 -10.95
N ASP H 330 16.43 -11.58 -11.80
CA ASP H 330 17.02 -12.63 -12.63
C ASP H 330 15.96 -13.28 -13.51
N VAL H 331 15.34 -12.46 -14.36
CA VAL H 331 14.30 -12.93 -15.27
C VAL H 331 14.95 -13.69 -16.43
N GLU H 332 14.35 -14.82 -16.78
CA GLU H 332 14.84 -15.65 -17.89
C GLU H 332 14.24 -15.18 -19.22
N GLY H 333 14.57 -13.94 -19.57
CA GLY H 333 14.07 -13.38 -20.81
C GLY H 333 14.77 -12.09 -21.15
N MET H 334 14.26 -11.43 -22.19
CA MET H 334 14.80 -10.15 -22.63
C MET H 334 14.62 -9.09 -21.57
N GLY H 335 15.66 -8.27 -21.39
CA GLY H 335 15.61 -7.16 -20.46
C GLY H 335 15.16 -5.88 -21.12
N PRO H 336 14.89 -4.85 -20.33
CA PRO H 336 14.44 -3.58 -20.90
C PRO H 336 15.56 -2.92 -21.70
N PRO H 337 15.23 -2.21 -22.77
CA PRO H 337 16.21 -1.45 -23.58
C PRO H 337 16.52 -0.05 -23.05
N GLU H 338 17.48 0.04 -22.13
CA GLU H 338 17.85 1.32 -21.54
C GLU H 338 19.26 1.80 -21.89
N ILE H 339 20.21 0.89 -22.09
CA ILE H 339 21.60 1.28 -22.29
C ILE H 339 21.81 1.72 -23.73
N LYS H 340 22.56 2.81 -23.93
CA LYS H 340 22.82 3.39 -25.24
C LYS H 340 24.30 3.24 -25.60
N TYR H 341 24.64 3.67 -26.81
CA TYR H 341 26.01 3.63 -27.33
C TYR H 341 26.52 5.06 -27.44
N GLY H 342 27.26 5.51 -26.42
CA GLY H 342 27.90 6.81 -26.41
C GLY H 342 27.29 7.81 -25.46
N GLU H 343 25.97 7.78 -25.30
CA GLU H 343 25.28 8.71 -24.41
C GLU H 343 24.68 7.97 -23.23
N SER H 344 25.37 6.93 -22.76
CA SER H 344 24.92 6.16 -21.61
C SER H 344 25.40 6.75 -20.30
N LEU H 345 26.64 7.25 -20.27
CA LEU H 345 27.24 7.89 -19.11
C LEU H 345 27.19 6.98 -17.89
N CYS H 346 27.71 5.76 -18.06
CA CYS H 346 27.71 4.79 -16.98
C CYS H 346 28.87 5.06 -16.02
N PHE H 347 28.70 4.58 -14.79
CA PHE H 347 29.71 4.69 -13.74
C PHE H 347 30.09 3.29 -13.28
N VAL H 348 31.38 2.97 -13.39
CA VAL H 348 31.86 1.64 -13.00
C VAL H 348 32.16 1.63 -11.51
N GLN H 349 31.64 0.62 -10.81
CA GLN H 349 31.83 0.52 -9.36
C GLN H 349 31.91 -0.95 -8.98
N HIS H 350 32.48 -1.20 -7.81
CA HIS H 350 32.63 -2.54 -7.26
C HIS H 350 31.57 -2.78 -6.20
N VAL H 351 31.05 -4.00 -6.17
CA VAL H 351 30.04 -4.39 -5.19
C VAL H 351 30.61 -5.23 -4.06
N ALA H 352 31.71 -5.95 -4.27
CA ALA H 352 32.31 -6.73 -3.20
C ALA H 352 32.95 -5.84 -2.14
N SER H 353 33.55 -4.73 -2.55
CA SER H 353 34.23 -3.82 -1.64
C SER H 353 33.57 -2.45 -1.56
N GLY H 354 33.07 -1.92 -2.68
CA GLY H 354 32.33 -0.67 -2.67
C GLY H 354 33.07 0.56 -3.19
N LEU H 355 34.26 0.41 -3.76
CA LEU H 355 34.99 1.55 -4.30
C LEU H 355 34.44 1.92 -5.67
N TRP H 356 35.05 2.94 -6.29
CA TRP H 356 34.65 3.43 -7.61
C TRP H 356 35.87 3.50 -8.50
N LEU H 357 35.66 3.25 -9.80
CA LEU H 357 36.74 3.26 -10.78
C LEU H 357 36.95 4.70 -11.27
N THR H 358 38.05 5.30 -10.84
CA THR H 358 38.35 6.69 -11.19
C THR H 358 39.86 6.81 -11.39
N TYR H 359 40.25 7.79 -12.19
CA TYR H 359 41.68 8.03 -12.47
C TYR H 359 42.37 8.52 -11.20
N ALA H 360 43.68 8.73 -11.29
CA ALA H 360 44.47 9.17 -10.16
C ALA H 360 45.34 10.35 -10.55
N ALA H 361 45.73 11.15 -9.55
CA ALA H 361 46.60 12.30 -9.78
C ALA H 361 47.82 12.24 -8.88
N LEU H 372 53.22 10.56 -20.22
CA LEU H 372 52.06 11.32 -19.74
C LEU H 372 50.82 10.43 -19.68
N LYS H 373 50.91 9.38 -18.86
CA LYS H 373 49.87 8.37 -18.77
C LYS H 373 49.47 8.17 -17.30
N LYS H 374 48.16 8.15 -17.05
CA LYS H 374 47.62 8.14 -15.70
C LYS H 374 47.18 6.74 -15.30
N LYS H 375 47.50 6.36 -14.06
CA LYS H 375 47.16 5.05 -13.54
C LYS H 375 45.73 5.02 -13.01
N ALA H 376 45.05 3.91 -13.25
CA ALA H 376 43.67 3.73 -12.79
C ALA H 376 43.67 2.99 -11.46
N ILE H 377 43.20 3.66 -10.40
CA ILE H 377 43.10 3.08 -9.07
C ILE H 377 41.66 3.25 -8.59
N LEU H 378 41.09 2.18 -8.06
CA LEU H 378 39.77 2.28 -7.44
C LEU H 378 39.83 3.18 -6.22
N HIS H 379 38.84 4.07 -6.09
CA HIS H 379 38.78 5.02 -4.99
C HIS H 379 37.41 4.96 -4.34
N GLN H 380 37.38 5.21 -3.03
CA GLN H 380 36.12 5.20 -2.29
C GLN H 380 35.19 6.32 -2.74
N GLU H 381 35.74 7.50 -3.00
CA GLU H 381 34.96 8.66 -3.41
C GLU H 381 35.30 9.02 -4.85
N GLY H 382 34.27 9.14 -5.69
CA GLY H 382 34.48 9.49 -7.08
C GLY H 382 34.87 10.94 -7.26
N HIS H 383 35.45 11.23 -8.43
CA HIS H 383 35.89 12.56 -8.78
C HIS H 383 34.94 13.27 -9.74
N MET H 384 33.72 12.73 -9.93
CA MET H 384 32.68 13.23 -10.83
C MET H 384 33.07 13.04 -12.29
N ASP H 385 34.30 12.60 -12.57
CA ASP H 385 34.77 12.37 -13.93
C ASP H 385 35.01 10.90 -14.22
N ASP H 386 34.30 10.01 -13.52
CA ASP H 386 34.46 8.57 -13.69
C ASP H 386 33.50 7.99 -14.72
N ALA H 387 32.70 8.83 -15.38
CA ALA H 387 31.77 8.35 -16.38
C ALA H 387 32.52 7.78 -17.58
N LEU H 388 32.12 6.59 -18.02
CA LEU H 388 32.76 5.91 -19.15
C LEU H 388 31.76 5.75 -20.27
N SER H 389 32.12 6.20 -21.47
CA SER H 389 31.27 6.06 -22.63
C SER H 389 31.45 4.68 -23.26
N LEU H 390 30.39 4.21 -23.92
CA LEU H 390 30.38 2.91 -24.58
C LEU H 390 30.21 3.09 -26.07
N THR H 391 31.11 2.48 -26.85
CA THR H 391 31.03 2.50 -28.30
C THR H 391 31.34 1.11 -28.84
N ARG H 392 30.79 0.82 -30.00
CA ARG H 392 30.92 -0.50 -30.62
C ARG H 392 31.93 -0.45 -31.76
N CYS H 393 32.83 -1.43 -31.79
CA CYS H 393 33.84 -1.55 -32.83
C CYS H 393 33.36 -2.51 -33.92
N GLN H 394 34.15 -2.62 -34.98
CA GLN H 394 33.80 -3.49 -36.09
C GLN H 394 33.97 -4.96 -35.69
N GLN H 395 33.19 -5.82 -36.35
CA GLN H 395 33.27 -7.25 -36.07
C GLN H 395 34.59 -7.84 -36.54
N GLU H 396 35.21 -7.25 -37.56
CA GLU H 396 36.50 -7.74 -38.05
C GLU H 396 37.59 -7.57 -36.99
N GLU H 397 37.59 -6.44 -36.28
CA GLU H 397 38.57 -6.22 -35.24
C GLU H 397 38.40 -7.21 -34.09
N SER H 398 37.15 -7.47 -33.70
CA SER H 398 36.90 -8.45 -32.64
C SER H 398 37.31 -9.85 -33.06
N GLN H 399 37.03 -10.23 -34.31
CA GLN H 399 37.45 -11.52 -34.80
C GLN H 399 38.96 -11.62 -34.88
N ALA H 400 39.62 -10.55 -35.32
CA ALA H 400 41.08 -10.54 -35.39
C ALA H 400 41.70 -10.61 -34.00
N ALA H 401 41.09 -9.91 -33.02
CA ALA H 401 41.63 -9.92 -31.67
C ALA H 401 41.61 -11.31 -31.07
N ARG H 402 40.52 -12.06 -31.29
CA ARG H 402 40.47 -13.44 -30.83
C ARG H 402 41.46 -14.32 -31.56
N MET H 403 41.70 -14.04 -32.85
CA MET H 403 42.67 -14.81 -33.61
C MET H 403 44.07 -14.64 -33.06
N ILE H 404 44.40 -13.43 -32.60
CA ILE H 404 45.75 -13.16 -32.07
C ILE H 404 46.03 -14.03 -30.85
N TYR H 405 45.05 -14.13 -29.95
CA TYR H 405 45.23 -14.92 -28.74
C TYR H 405 45.45 -16.40 -29.06
N SER H 406 44.73 -16.93 -30.05
CA SER H 406 44.84 -18.34 -30.39
C SER H 406 46.21 -18.64 -31.01
N THR H 407 46.63 -17.84 -32.00
CA THR H 407 47.89 -18.11 -32.68
C THR H 407 49.09 -17.88 -31.77
N ALA H 408 49.02 -16.87 -30.89
CA ALA H 408 50.13 -16.61 -29.98
C ALA H 408 50.37 -17.78 -29.02
N GLY H 409 49.30 -18.37 -28.51
CA GLY H 409 49.47 -19.50 -27.60
C GLY H 409 50.10 -20.71 -28.28
N LEU H 410 49.66 -21.01 -29.51
CA LEU H 410 50.23 -22.13 -30.24
C LEU H 410 51.70 -21.89 -30.57
N TYR H 411 52.04 -20.66 -30.97
CA TYR H 411 53.43 -20.35 -31.29
C TYR H 411 54.30 -20.35 -30.03
N ASN H 412 53.76 -19.87 -28.92
CA ASN H 412 54.53 -19.85 -27.68
C ASN H 412 54.85 -21.25 -27.18
N HIS H 413 53.91 -22.19 -27.33
CA HIS H 413 54.16 -23.57 -26.97
C HIS H 413 55.21 -24.21 -27.87
N PHE H 414 55.28 -23.81 -29.14
CA PHE H 414 56.23 -24.40 -30.08
C PHE H 414 57.66 -23.94 -29.80
N ILE H 415 57.85 -22.66 -29.51
CA ILE H 415 59.20 -22.15 -29.28
C ILE H 415 59.79 -22.72 -27.99
N LYS H 416 58.96 -22.93 -26.97
CA LYS H 416 59.44 -23.49 -25.71
C LYS H 416 59.75 -24.97 -25.82
N GLY H 417 58.96 -25.72 -26.60
CA GLY H 417 59.19 -27.14 -26.73
C GLY H 417 60.50 -27.47 -27.43
N LEU H 418 60.84 -26.74 -28.48
CA LEU H 418 62.08 -27.01 -29.21
C LEU H 418 63.30 -26.56 -28.43
N ASP H 419 63.14 -25.58 -27.53
CA ASP H 419 64.27 -25.12 -26.74
C ASP H 419 64.82 -26.21 -25.83
N SER H 420 63.93 -27.00 -25.21
CA SER H 420 64.39 -28.08 -24.34
C SER H 420 65.12 -29.14 -25.14
N PHE H 421 64.64 -29.47 -26.33
CA PHE H 421 65.28 -30.50 -27.14
C PHE H 421 66.61 -30.03 -27.72
N SER H 422 66.67 -28.77 -28.17
CA SER H 422 67.90 -28.27 -28.78
C SER H 422 69.05 -28.18 -27.80
N GLY H 423 68.77 -28.00 -26.51
CA GLY H 423 69.82 -27.90 -25.52
C GLY H 423 70.60 -29.18 -25.29
N LYS H 424 69.90 -30.32 -25.33
CA LYS H 424 70.51 -31.61 -25.04
C LYS H 424 70.57 -32.46 -26.29
N PRO H 425 71.75 -32.99 -26.66
CA PRO H 425 71.82 -33.88 -27.83
C PRO H 425 71.00 -35.14 -27.62
N ARG H 426 70.43 -35.64 -28.72
CA ARG H 426 69.58 -36.81 -28.67
C ARG H 426 70.42 -38.07 -28.87
N GLY H 427 70.22 -39.06 -28.00
CA GLY H 427 70.92 -40.31 -28.10
C GLY H 427 70.30 -41.25 -29.12
N SER H 428 70.84 -42.47 -29.15
CA SER H 428 70.36 -43.48 -30.09
C SER H 428 69.00 -44.00 -29.65
N GLY H 429 67.97 -43.73 -30.44
CA GLY H 429 66.64 -44.20 -30.11
C GLY H 429 65.95 -43.44 -29.00
N ALA H 430 66.46 -42.26 -28.65
CA ALA H 430 65.89 -41.45 -27.58
C ALA H 430 65.46 -40.10 -28.14
N PRO H 431 64.17 -39.73 -28.03
CA PRO H 431 63.76 -38.41 -28.51
C PRO H 431 64.46 -37.26 -27.82
N ALA H 432 64.73 -37.39 -26.51
CA ALA H 432 65.42 -36.38 -25.73
C ALA H 432 64.73 -35.01 -25.81
N GLY H 433 63.41 -35.02 -25.89
CA GLY H 433 62.67 -33.77 -25.96
C GLY H 433 61.18 -34.01 -25.87
N THR H 434 60.47 -32.97 -25.45
CA THR H 434 59.01 -33.04 -25.36
C THR H 434 58.39 -33.07 -26.75
N ALA H 435 57.28 -33.78 -26.87
CA ALA H 435 56.57 -33.85 -28.15
C ALA H 435 56.12 -32.47 -28.58
N LEU H 436 56.38 -32.15 -29.85
CA LEU H 436 56.08 -30.84 -30.39
C LEU H 436 54.83 -30.88 -31.27
N PRO H 437 54.01 -29.82 -31.24
CA PRO H 437 52.81 -29.80 -32.08
C PRO H 437 53.18 -29.57 -33.55
N LEU H 438 52.85 -30.54 -34.39
CA LEU H 438 53.09 -30.45 -35.83
C LEU H 438 51.82 -30.27 -36.63
N GLU H 439 50.78 -31.06 -36.36
CA GLU H 439 49.51 -30.87 -37.04
C GLU H 439 48.88 -29.53 -36.70
N GLY H 440 49.00 -29.10 -35.44
CA GLY H 440 48.45 -27.82 -35.05
C GLY H 440 49.13 -26.63 -35.70
N VAL H 441 50.45 -26.69 -35.89
CA VAL H 441 51.17 -25.55 -36.44
C VAL H 441 51.03 -25.49 -37.96
N ILE H 442 50.98 -26.63 -38.64
CA ILE H 442 50.87 -26.64 -40.09
C ILE H 442 49.54 -26.06 -40.53
N LEU H 443 48.44 -26.50 -39.91
CA LEU H 443 47.13 -25.99 -40.27
C LEU H 443 47.00 -24.51 -39.94
N SER H 444 47.47 -24.09 -38.76
CA SER H 444 47.32 -22.71 -38.35
C SER H 444 48.06 -21.75 -39.29
N LEU H 445 49.26 -22.14 -39.73
CA LEU H 445 49.98 -21.32 -40.71
C LEU H 445 49.22 -21.23 -42.02
N GLN H 446 48.60 -22.33 -42.46
CA GLN H 446 47.81 -22.30 -43.68
C GLN H 446 46.61 -21.36 -43.57
N ASP H 447 45.90 -21.39 -42.44
CA ASP H 447 44.80 -20.46 -42.24
C ASP H 447 45.29 -19.02 -42.16
N LEU H 448 46.40 -18.78 -41.45
CA LEU H 448 46.94 -17.43 -41.38
C LEU H 448 47.46 -16.96 -42.73
N ILE H 449 48.06 -17.87 -43.50
CA ILE H 449 48.38 -17.57 -44.89
C ILE H 449 47.11 -17.32 -45.68
N GLY H 450 46.07 -18.13 -45.42
CA GLY H 450 44.79 -17.96 -46.05
C GLY H 450 44.01 -16.74 -45.55
N TYR H 451 44.69 -15.87 -44.81
CA TYR H 451 44.09 -14.67 -44.26
C TYR H 451 44.78 -13.39 -44.69
N PHE H 452 45.96 -13.47 -45.31
CA PHE H 452 46.78 -12.30 -45.63
C PHE H 452 47.05 -12.17 -47.13
N GLU H 453 46.25 -12.82 -48.00
CA GLU H 453 46.52 -12.66 -49.42
C GLU H 453 46.21 -11.23 -49.87
N PRO H 454 47.01 -10.69 -50.79
CA PRO H 454 46.62 -9.44 -51.45
C PRO H 454 45.40 -9.65 -52.33
N PRO H 455 44.58 -8.63 -52.52
CA PRO H 455 43.42 -8.77 -53.41
C PRO H 455 43.85 -8.92 -54.86
N SER H 456 43.02 -9.62 -55.63
CA SER H 456 43.28 -9.82 -57.04
C SER H 456 43.10 -8.52 -57.82
N GLU H 457 43.90 -8.35 -58.87
CA GLU H 457 43.85 -7.15 -59.69
C GLU H 457 42.64 -7.14 -60.63
N GLU H 458 41.96 -8.27 -60.81
CA GLU H 458 40.80 -8.30 -61.69
C GLU H 458 39.59 -7.60 -61.08
N LEU H 459 39.60 -7.35 -59.77
CA LEU H 459 38.48 -6.69 -59.12
C LEU H 459 38.41 -5.22 -59.52
N GLN H 460 37.26 -4.61 -59.26
CA GLN H 460 37.06 -3.21 -59.57
C GLN H 460 37.90 -2.33 -58.64
N HIS H 461 38.03 -1.06 -59.04
CA HIS H 461 38.83 -0.13 -58.25
C HIS H 461 38.23 0.09 -56.87
N GLU H 462 36.90 0.21 -56.78
CA GLU H 462 36.26 0.39 -55.47
C GLU H 462 36.45 -0.84 -54.59
N GLU H 463 36.32 -2.04 -55.17
CA GLU H 463 36.47 -3.26 -54.39
C GLU H 463 37.93 -3.52 -54.01
N LYS H 464 38.87 -3.21 -54.91
CA LYS H 464 40.27 -3.46 -54.62
C LYS H 464 40.77 -2.62 -53.45
N GLN H 465 40.39 -1.35 -53.40
CA GLN H 465 40.83 -0.49 -52.31
C GLN H 465 40.17 -0.85 -50.99
N SER H 466 38.93 -1.35 -51.04
CA SER H 466 38.26 -1.77 -49.82
C SER H 466 39.00 -2.93 -49.16
N LYS H 467 39.43 -3.91 -49.96
CA LYS H 467 40.23 -5.02 -49.42
C LYS H 467 41.62 -4.55 -49.02
N LEU H 468 42.21 -3.62 -49.78
CA LEU H 468 43.54 -3.11 -49.43
C LEU H 468 43.53 -2.36 -48.11
N ARG H 469 42.50 -1.55 -47.87
CA ARG H 469 42.41 -0.83 -46.60
C ARG H 469 42.26 -1.79 -45.43
N SER H 470 41.43 -2.83 -45.57
CA SER H 470 41.29 -3.82 -44.52
C SER H 470 42.57 -4.62 -44.33
N LEU H 471 43.28 -4.93 -45.42
CA LEU H 471 44.52 -5.68 -45.32
C LEU H 471 45.57 -4.90 -44.52
N ARG H 472 45.73 -3.62 -44.82
CA ARG H 472 46.69 -2.81 -44.07
C ARG H 472 46.17 -2.52 -42.66
N ASN H 473 44.86 -2.35 -42.50
CA ASN H 473 44.32 -2.16 -41.16
C ASN H 473 44.61 -3.37 -40.28
N ARG H 474 44.32 -4.58 -40.80
CA ARG H 474 44.59 -5.78 -40.02
C ARG H 474 46.07 -5.93 -39.72
N GLN H 475 46.93 -5.69 -40.73
CA GLN H 475 48.36 -5.84 -40.54
C GLN H 475 48.88 -4.93 -39.42
N SER H 476 48.20 -3.81 -39.18
CA SER H 476 48.57 -2.98 -38.03
C SER H 476 48.12 -3.63 -36.73
N LEU H 477 47.05 -4.42 -36.75
CA LEU H 477 46.59 -5.09 -35.54
C LEU H 477 47.35 -6.38 -35.24
N PHE H 478 48.31 -6.79 -36.09
CA PHE H 478 49.01 -8.04 -35.78
C PHE H 478 50.48 -7.82 -35.44
N GLN H 479 51.12 -6.83 -36.07
CA GLN H 479 52.52 -6.54 -35.74
C GLN H 479 52.68 -5.93 -34.36
N GLU H 480 51.63 -5.29 -33.85
CA GLU H 480 51.72 -4.57 -32.58
C GLU H 480 51.53 -5.51 -31.40
N GLU H 481 50.94 -6.68 -31.63
CA GLU H 481 50.79 -7.72 -30.63
C GLU H 481 52.04 -8.57 -30.47
N GLY H 482 53.10 -8.23 -31.21
CA GLY H 482 54.34 -8.97 -31.15
C GLY H 482 54.42 -10.18 -32.05
N MET H 483 53.42 -10.42 -32.90
CA MET H 483 53.43 -11.61 -33.72
C MET H 483 54.61 -11.63 -34.69
N LEU H 484 54.93 -10.48 -35.28
CA LEU H 484 56.13 -10.41 -36.12
C LEU H 484 57.38 -10.71 -35.31
N SER H 485 57.40 -10.31 -34.04
CA SER H 485 58.50 -10.73 -33.16
C SER H 485 58.45 -12.23 -32.89
N LEU H 486 57.25 -12.80 -32.79
CA LEU H 486 57.13 -14.24 -32.54
C LEU H 486 57.64 -15.05 -33.72
N VAL H 487 57.26 -14.68 -34.95
CA VAL H 487 57.71 -15.43 -36.11
C VAL H 487 59.21 -15.25 -36.33
N LEU H 488 59.72 -14.04 -36.06
CA LEU H 488 61.17 -13.83 -36.11
C LEU H 488 61.88 -14.65 -35.04
N ASN H 489 61.29 -14.74 -33.84
CA ASN H 489 61.89 -15.54 -32.77
C ASN H 489 61.94 -17.01 -33.15
N CYS H 490 60.88 -17.53 -33.78
CA CYS H 490 60.85 -18.93 -34.18
C CYS H 490 61.82 -19.23 -35.31
N ILE H 491 62.00 -18.31 -36.25
CA ILE H 491 62.89 -18.54 -37.38
C ILE H 491 64.34 -18.63 -36.89
N ASP H 492 64.74 -17.72 -36.01
CA ASP H 492 66.12 -17.68 -35.53
C ASP H 492 66.49 -18.93 -34.72
N ARG H 493 65.51 -19.65 -34.19
CA ARG H 493 65.77 -20.82 -33.37
C ARG H 493 65.57 -22.13 -34.10
N LEU H 494 64.74 -22.14 -35.14
CA LEU H 494 64.49 -23.37 -35.90
C LEU H 494 65.47 -23.57 -37.05
N ASN H 495 65.97 -22.48 -37.64
CA ASN H 495 66.91 -22.57 -38.75
C ASN H 495 68.32 -22.89 -38.29
N VAL H 496 68.54 -23.09 -36.99
CA VAL H 496 69.86 -23.44 -36.49
C VAL H 496 70.30 -24.80 -37.04
N TYR H 497 69.34 -25.69 -37.33
CA TYR H 497 69.69 -27.02 -37.82
C TYR H 497 70.45 -26.93 -39.13
N THR H 498 69.79 -26.44 -40.18
CA THR H 498 70.42 -26.13 -41.46
C THR H 498 71.17 -27.34 -42.04
N THR H 499 70.50 -28.49 -42.05
CA THR H 499 71.11 -29.70 -42.58
C THR H 499 70.16 -30.54 -43.43
N ALA H 500 69.10 -29.93 -43.97
CA ALA H 500 68.11 -30.62 -44.80
C ALA H 500 67.52 -31.82 -44.05
N ALA H 501 67.02 -31.57 -42.83
CA ALA H 501 66.38 -32.53 -41.94
C ALA H 501 67.33 -33.61 -41.45
N HIS H 502 68.63 -33.53 -41.75
CA HIS H 502 69.57 -34.51 -41.23
C HIS H 502 69.88 -34.25 -39.76
N PHE H 503 70.30 -33.02 -39.44
CA PHE H 503 70.52 -32.67 -38.05
C PHE H 503 69.21 -32.63 -37.27
N ALA H 504 68.11 -32.28 -37.93
CA ALA H 504 66.80 -32.28 -37.28
C ALA H 504 66.26 -33.68 -37.04
N GLU H 505 66.90 -34.71 -37.59
CA GLU H 505 66.45 -36.08 -37.37
C GLU H 505 67.02 -36.65 -36.08
N PHE H 506 66.83 -35.93 -34.98
CA PHE H 506 67.29 -36.35 -33.66
C PHE H 506 66.15 -36.58 -32.68
N ALA H 507 65.19 -35.65 -32.61
CA ALA H 507 64.03 -35.85 -31.74
C ALA H 507 63.18 -37.02 -32.23
N GLY H 508 63.12 -37.21 -33.54
CA GLY H 508 62.36 -38.32 -34.10
C GLY H 508 62.33 -38.30 -35.62
N GLU H 509 62.27 -39.50 -36.22
CA GLU H 509 62.20 -39.59 -37.67
C GLU H 509 60.90 -38.99 -38.20
N GLU H 510 59.78 -39.25 -37.53
CA GLU H 510 58.50 -38.73 -37.98
C GLU H 510 58.43 -37.20 -37.89
N ALA H 511 59.08 -36.62 -36.88
CA ALA H 511 59.04 -35.17 -36.73
C ALA H 511 59.90 -34.46 -37.77
N ALA H 512 60.87 -35.16 -38.35
CA ALA H 512 61.82 -34.54 -39.27
C ALA H 512 61.25 -34.28 -40.65
N GLU H 513 60.26 -35.05 -41.10
CA GLU H 513 59.71 -34.83 -42.44
C GLU H 513 58.92 -33.53 -42.52
N SER H 514 58.36 -33.07 -41.40
CA SER H 514 57.64 -31.81 -41.37
C SER H 514 58.56 -30.61 -41.21
N TRP H 515 59.86 -30.84 -41.04
CA TRP H 515 60.81 -29.73 -40.88
C TRP H 515 60.94 -28.92 -42.16
N LYS H 516 60.83 -29.56 -43.32
CA LYS H 516 60.92 -28.85 -44.59
C LYS H 516 59.69 -27.99 -44.86
N GLU H 517 58.51 -28.45 -44.44
CA GLU H 517 57.28 -27.71 -44.73
C GLU H 517 57.15 -26.49 -43.84
N ILE H 518 57.59 -26.57 -42.59
CA ILE H 518 57.40 -25.47 -41.65
C ILE H 518 58.25 -24.26 -42.05
N VAL H 519 59.46 -24.50 -42.56
CA VAL H 519 60.32 -23.39 -42.95
C VAL H 519 59.76 -22.65 -44.16
N ASN H 520 59.16 -23.38 -45.10
CA ASN H 520 58.62 -22.73 -46.29
C ASN H 520 57.39 -21.89 -45.95
N LEU H 521 56.53 -22.39 -45.06
CA LEU H 521 55.35 -21.63 -44.68
C LEU H 521 55.70 -20.46 -43.78
N LEU H 522 56.74 -20.59 -42.94
CA LEU H 522 57.14 -19.50 -42.06
C LEU H 522 57.67 -18.31 -42.86
N TYR H 523 58.41 -18.56 -43.93
CA TYR H 523 58.87 -17.48 -44.79
C TYR H 523 57.74 -16.94 -45.67
N GLU H 524 56.76 -17.78 -46.00
CA GLU H 524 55.63 -17.31 -46.81
C GLU H 524 54.72 -16.39 -45.99
N ILE H 525 54.44 -16.76 -44.73
CA ILE H 525 53.61 -15.91 -43.89
C ILE H 525 54.31 -14.60 -43.56
N LEU H 526 55.64 -14.64 -43.39
CA LEU H 526 56.37 -13.42 -43.08
C LEU H 526 56.32 -12.44 -44.25
N ALA H 527 56.48 -12.94 -45.48
CA ALA H 527 56.47 -12.06 -46.64
C ALA H 527 55.10 -11.41 -46.83
N SER H 528 54.02 -12.17 -46.63
CA SER H 528 52.69 -11.61 -46.77
C SER H 528 52.35 -10.63 -45.66
N LEU H 529 52.94 -10.79 -44.48
CA LEU H 529 52.70 -9.88 -43.37
C LEU H 529 53.40 -8.54 -43.55
N ILE H 530 54.62 -8.53 -44.10
CA ILE H 530 55.38 -7.30 -44.23
C ILE H 530 55.12 -6.56 -45.53
N ARG H 531 54.54 -7.23 -46.54
CA ARG H 531 54.30 -6.60 -47.81
C ARG H 531 53.18 -5.57 -47.71
N GLY H 532 53.42 -4.37 -48.22
CA GLY H 532 52.42 -3.33 -48.23
C GLY H 532 52.56 -2.31 -47.12
N ASN H 533 52.93 -2.75 -45.93
CA ASN H 533 53.04 -1.87 -44.78
C ASN H 533 54.47 -1.37 -44.63
N ARG H 534 54.62 -0.05 -44.63
CA ARG H 534 55.94 0.56 -44.45
C ARG H 534 56.41 0.47 -43.01
N ALA H 535 55.49 0.45 -42.04
CA ALA H 535 55.89 0.35 -40.63
C ALA H 535 56.58 -0.98 -40.34
N ASN H 536 56.06 -2.07 -40.91
CA ASN H 536 56.72 -3.37 -40.72
C ASN H 536 58.11 -3.38 -41.31
N CYS H 537 58.28 -2.80 -42.50
CA CYS H 537 59.60 -2.72 -43.11
C CYS H 537 60.53 -1.77 -42.37
N ALA H 538 59.97 -0.83 -41.59
CA ALA H 538 60.80 0.12 -40.86
C ALA H 538 61.51 -0.56 -39.69
N LEU H 539 60.78 -1.38 -38.93
CA LEU H 539 61.39 -2.05 -37.77
C LEU H 539 62.32 -3.18 -38.18
N PHE H 540 62.30 -3.58 -39.45
CA PHE H 540 63.17 -4.64 -39.96
C PHE H 540 64.51 -4.11 -40.44
N SER H 541 64.77 -2.81 -40.27
CA SER H 541 66.00 -2.19 -40.74
C SER H 541 67.14 -2.28 -39.72
N ASN H 542 67.09 -3.25 -38.80
CA ASN H 542 68.11 -3.39 -37.78
C ASN H 542 68.85 -4.72 -37.83
N ASN H 543 68.43 -5.66 -38.67
CA ASN H 543 69.04 -6.99 -38.76
C ASN H 543 69.27 -7.37 -40.22
N LEU H 544 69.81 -6.45 -41.01
CA LEU H 544 70.09 -6.73 -42.42
C LEU H 544 71.18 -7.80 -42.57
N ASP H 545 72.21 -7.75 -41.73
CA ASP H 545 73.27 -8.76 -41.80
C ASP H 545 72.75 -10.16 -41.50
N TRP H 546 71.69 -10.27 -40.69
CA TRP H 546 71.09 -11.58 -40.42
C TRP H 546 70.34 -12.11 -41.64
N LEU H 547 69.62 -11.25 -42.36
CA LEU H 547 68.84 -11.71 -43.52
C LEU H 547 69.77 -12.11 -44.67
N VAL H 548 70.75 -11.28 -44.98
CA VAL H 548 71.66 -11.58 -46.09
C VAL H 548 72.51 -12.81 -45.81
N SER H 549 72.70 -13.15 -44.54
CA SER H 549 73.39 -14.40 -44.21
C SER H 549 72.55 -15.61 -44.57
N LYS H 550 71.22 -15.46 -44.58
CA LYS H 550 70.32 -16.55 -44.89
C LYS H 550 70.07 -16.70 -46.39
N LEU H 551 70.53 -15.76 -47.22
CA LEU H 551 70.39 -15.91 -48.65
C LEU H 551 71.19 -17.11 -49.16
N ASP H 552 72.39 -17.33 -48.61
CA ASP H 552 73.21 -18.47 -48.97
C ASP H 552 72.64 -19.70 -48.26
N ARG H 553 71.53 -20.21 -48.81
CA ARG H 553 70.84 -21.35 -48.23
C ARG H 553 70.20 -22.16 -49.34
N LEU H 554 70.43 -23.48 -49.32
CA LEU H 554 69.88 -24.34 -50.35
C LEU H 554 68.41 -24.67 -50.11
N GLU H 555 67.95 -24.60 -48.87
CA GLU H 555 66.58 -24.95 -48.51
C GLU H 555 65.73 -23.69 -48.42
N ALA H 556 64.58 -23.70 -49.09
CA ALA H 556 63.64 -22.58 -49.10
C ALA H 556 64.32 -21.29 -49.57
N SER H 557 65.01 -21.39 -50.70
CA SER H 557 65.71 -20.24 -51.27
C SER H 557 64.74 -19.21 -51.83
N SER H 558 63.63 -19.64 -52.43
CA SER H 558 62.69 -18.71 -53.03
C SER H 558 61.92 -17.92 -51.98
N GLY H 559 61.65 -18.51 -50.82
CA GLY H 559 60.90 -17.79 -49.79
C GLY H 559 61.67 -16.60 -49.24
N ILE H 560 62.97 -16.78 -48.98
CA ILE H 560 63.78 -15.70 -48.46
C ILE H 560 63.96 -14.59 -49.50
N LEU H 561 64.10 -14.96 -50.77
CA LEU H 561 64.23 -13.96 -51.82
C LEU H 561 62.98 -13.10 -51.93
N GLU H 562 61.80 -13.68 -51.77
CA GLU H 562 60.56 -12.90 -51.77
C GLU H 562 60.51 -11.93 -50.61
N VAL H 563 61.06 -12.32 -49.44
CA VAL H 563 61.10 -11.42 -48.30
C VAL H 563 61.99 -10.21 -48.60
N LEU H 564 63.17 -10.45 -49.17
CA LEU H 564 64.08 -9.35 -49.50
C LEU H 564 63.49 -8.45 -50.57
N TYR H 565 62.77 -9.01 -51.53
CA TYR H 565 62.15 -8.21 -52.59
C TYR H 565 61.06 -7.30 -52.05
N CYS H 566 60.47 -7.63 -50.89
CA CYS H 566 59.40 -6.83 -50.32
C CYS H 566 59.88 -5.74 -49.38
N VAL H 567 61.06 -5.88 -48.79
CA VAL H 567 61.54 -4.89 -47.83
C VAL H 567 62.26 -3.72 -48.52
N LEU H 568 62.75 -3.91 -49.74
CA LEU H 568 63.49 -2.86 -50.43
C LEU H 568 62.58 -1.88 -51.16
N ILE H 569 61.40 -2.32 -51.59
CA ILE H 569 60.51 -1.45 -52.34
C ILE H 569 59.72 -0.54 -51.41
N GLU H 570 59.28 -1.05 -50.26
CA GLU H 570 58.40 -0.30 -49.37
C GLU H 570 59.16 0.81 -48.63
N SER H 571 60.14 0.43 -47.82
CA SER H 571 60.85 1.39 -46.98
C SER H 571 62.19 1.73 -47.61
N PRO H 572 62.43 3.00 -47.97
CA PRO H 572 63.73 3.37 -48.53
C PRO H 572 64.83 3.56 -47.50
N GLU H 573 64.50 3.53 -46.20
CA GLU H 573 65.53 3.71 -45.19
C GLU H 573 66.48 2.52 -45.13
N VAL H 574 66.03 1.35 -45.57
CA VAL H 574 66.91 0.19 -45.65
C VAL H 574 68.01 0.42 -46.67
N LEU H 575 67.69 1.08 -47.78
CA LEU H 575 68.67 1.37 -48.82
C LEU H 575 69.76 2.33 -48.37
N ASN H 576 69.53 3.08 -47.29
CA ASN H 576 70.52 4.04 -46.81
C ASN H 576 71.61 3.39 -45.97
N ILE H 577 71.43 2.13 -45.57
CA ILE H 577 72.39 1.44 -44.72
C ILE H 577 73.01 0.25 -45.45
N ILE H 578 72.83 0.17 -46.76
CA ILE H 578 73.36 -0.95 -47.54
C ILE H 578 74.88 -0.87 -47.55
N GLN H 579 75.52 -1.98 -47.22
CA GLN H 579 76.98 -2.08 -47.18
C GLN H 579 77.44 -3.10 -48.23
N GLU H 580 78.71 -2.97 -48.63
CA GLU H 580 79.21 -3.67 -49.81
C GLU H 580 79.07 -5.19 -49.68
N ASN H 581 79.15 -5.74 -48.47
CA ASN H 581 79.01 -7.19 -48.32
C ASN H 581 77.60 -7.65 -48.67
N HIS H 582 76.59 -6.80 -48.47
CA HIS H 582 75.25 -7.12 -48.92
C HIS H 582 75.18 -7.26 -50.43
N ILE H 583 75.92 -6.41 -51.15
CA ILE H 583 75.99 -6.52 -52.61
C ILE H 583 76.66 -7.82 -53.04
N LYS H 584 77.74 -8.20 -52.34
CA LYS H 584 78.42 -9.45 -52.66
C LYS H 584 77.50 -10.66 -52.48
N SER H 585 76.70 -10.67 -51.41
CA SER H 585 75.82 -11.80 -51.15
C SER H 585 74.76 -11.95 -52.24
N ILE H 586 74.19 -10.84 -52.70
CA ILE H 586 73.15 -10.90 -53.73
C ILE H 586 73.76 -11.37 -55.06
N ILE H 587 74.95 -10.86 -55.40
CA ILE H 587 75.62 -11.31 -56.62
C ILE H 587 75.95 -12.79 -56.54
N SER H 588 76.34 -13.26 -55.34
CA SER H 588 76.60 -14.68 -55.16
C SER H 588 75.35 -15.51 -55.36
N LEU H 589 74.18 -14.96 -55.03
CA LEU H 589 72.93 -15.68 -55.28
C LEU H 589 72.68 -15.89 -56.76
N LEU H 590 72.96 -14.89 -57.60
CA LEU H 590 72.83 -15.05 -59.03
C LEU H 590 73.78 -16.10 -59.56
N ASP H 591 74.94 -16.27 -58.92
CA ASP H 591 75.93 -17.23 -59.39
C ASP H 591 75.68 -18.63 -58.82
N LYS H 592 75.33 -18.74 -57.54
CA LYS H 592 75.11 -20.05 -56.95
C LYS H 592 73.78 -20.66 -57.38
N HIS H 593 72.72 -19.87 -57.46
CA HIS H 593 71.38 -20.38 -57.74
C HIS H 593 71.00 -20.23 -59.21
N GLY H 594 71.98 -20.08 -60.09
CA GLY H 594 71.73 -20.03 -61.51
C GLY H 594 71.14 -18.69 -61.95
N ARG H 595 70.80 -18.64 -63.24
CA ARG H 595 70.25 -17.43 -63.84
C ARG H 595 68.76 -17.34 -63.53
N ASN H 596 68.39 -16.41 -62.66
CA ASN H 596 66.99 -16.20 -62.27
C ASN H 596 66.60 -14.76 -62.53
N HIS H 597 65.40 -14.56 -63.05
CA HIS H 597 64.92 -13.22 -63.33
C HIS H 597 64.50 -12.46 -62.07
N LYS H 598 64.19 -13.19 -60.99
CA LYS H 598 63.75 -12.52 -59.77
C LYS H 598 64.91 -11.86 -59.05
N VAL H 599 66.07 -12.52 -58.97
CA VAL H 599 67.21 -11.94 -58.29
C VAL H 599 67.73 -10.71 -59.04
N LEU H 600 67.66 -10.73 -60.38
CA LEU H 600 68.06 -9.56 -61.14
C LEU H 600 67.14 -8.38 -60.90
N ASP H 601 65.83 -8.63 -60.73
CA ASP H 601 64.89 -7.56 -60.45
C ASP H 601 65.07 -6.98 -59.04
N VAL H 602 65.68 -7.74 -58.13
CA VAL H 602 65.92 -7.22 -56.79
C VAL H 602 66.90 -6.05 -56.83
N LEU H 603 67.97 -6.17 -57.64
CA LEU H 603 68.94 -5.09 -57.75
C LEU H 603 68.33 -3.84 -58.36
N CYS H 604 67.31 -3.99 -59.21
CA CYS H 604 66.68 -2.83 -59.83
C CYS H 604 66.02 -1.94 -58.77
N SER H 605 65.33 -2.55 -57.80
CA SER H 605 64.72 -1.78 -56.72
C SER H 605 65.77 -1.28 -55.74
N LEU H 606 66.96 -1.88 -55.71
CA LEU H 606 68.01 -1.44 -54.81
C LEU H 606 68.64 -0.13 -55.26
N CYS H 607 68.63 0.15 -56.57
CA CYS H 607 69.25 1.37 -57.08
C CYS H 607 68.33 2.57 -56.91
N VAL H 608 67.13 2.49 -57.47
CA VAL H 608 66.16 3.58 -57.44
C VAL H 608 64.94 3.13 -56.64
N CYS H 609 64.44 4.02 -55.79
CA CYS H 609 63.26 3.74 -54.98
C CYS H 609 62.56 5.05 -54.66
N ASN H 610 61.26 5.12 -54.94
CA ASN H 610 60.45 6.31 -54.67
C ASN H 610 61.02 7.55 -55.34
N GLY H 611 61.58 7.36 -56.54
CA GLY H 611 62.16 8.47 -57.28
C GLY H 611 63.49 8.97 -56.76
N VAL H 612 64.11 8.24 -55.84
CA VAL H 612 65.38 8.64 -55.23
C VAL H 612 66.38 7.51 -55.43
N ALA H 613 67.56 7.85 -55.96
CA ALA H 613 68.61 6.88 -56.23
C ALA H 613 69.82 7.18 -55.35
N VAL H 614 70.35 6.15 -54.71
CA VAL H 614 71.52 6.28 -53.84
C VAL H 614 72.78 6.05 -54.65
N ARG H 615 73.76 6.94 -54.47
CA ARG H 615 74.99 6.86 -55.24
C ARG H 615 75.89 5.72 -54.77
N SER H 616 75.84 5.36 -53.49
CA SER H 616 76.73 4.33 -52.96
C SER H 616 76.44 2.96 -53.56
N ASN H 617 75.15 2.60 -53.67
CA ASN H 617 74.82 1.27 -54.15
C ASN H 617 75.06 1.12 -55.64
N GLN H 618 74.75 2.16 -56.43
CA GLN H 618 74.97 2.09 -57.86
C GLN H 618 76.45 1.93 -58.20
N ASP H 619 77.32 2.67 -57.49
CA ASP H 619 78.75 2.54 -57.72
C ASP H 619 79.29 1.18 -57.30
N LEU H 620 78.62 0.51 -56.35
CA LEU H 620 79.10 -0.78 -55.88
C LEU H 620 78.67 -1.92 -56.80
N ILE H 621 77.43 -1.89 -57.29
CA ILE H 621 76.94 -2.97 -58.14
C ILE H 621 77.66 -2.96 -59.48
N THR H 622 77.94 -1.77 -60.02
CA THR H 622 78.64 -1.69 -61.30
C THR H 622 80.11 -2.08 -61.20
N GLU H 623 80.67 -2.14 -59.99
CA GLU H 623 82.07 -2.51 -59.81
C GLU H 623 82.27 -3.99 -59.58
N ASN H 624 81.27 -4.69 -59.02
CA ASN H 624 81.37 -6.10 -58.69
C ASN H 624 80.67 -6.99 -59.70
N LEU H 625 79.95 -6.42 -60.66
CA LEU H 625 79.19 -7.19 -61.64
C LEU H 625 79.59 -6.93 -63.08
N LEU H 626 79.86 -5.67 -63.43
CA LEU H 626 80.22 -5.37 -64.82
C LEU H 626 81.64 -5.81 -65.16
N PRO H 627 82.69 -5.49 -64.38
CA PRO H 627 84.04 -5.92 -64.76
C PRO H 627 84.22 -7.43 -64.82
N GLY H 628 83.39 -8.20 -64.12
CA GLY H 628 83.53 -9.65 -64.15
C GLY H 628 83.28 -10.23 -65.53
N ARG H 629 82.20 -9.79 -66.19
CA ARG H 629 81.84 -10.24 -67.53
C ARG H 629 81.72 -11.77 -67.58
N GLU H 630 81.17 -12.36 -66.52
CA GLU H 630 81.01 -13.81 -66.44
C GLU H 630 79.59 -14.23 -66.09
N LEU H 631 78.71 -13.30 -65.75
CA LEU H 631 77.33 -13.61 -65.40
C LEU H 631 76.34 -13.10 -66.43
N LEU H 632 76.44 -11.83 -66.82
CA LEU H 632 75.51 -11.27 -67.78
C LEU H 632 75.95 -11.60 -69.20
N LEU H 633 75.08 -11.28 -70.16
CA LEU H 633 75.31 -11.62 -71.56
C LEU H 633 75.77 -10.40 -72.33
N GLN H 634 76.83 -10.57 -73.12
CA GLN H 634 77.41 -9.49 -73.91
C GLN H 634 76.97 -9.59 -75.36
N THR H 635 76.96 -8.45 -76.04
CA THR H 635 76.51 -8.35 -77.42
C THR H 635 77.57 -7.67 -78.27
N ASN H 636 77.76 -8.18 -79.48
CA ASN H 636 78.71 -7.61 -80.42
C ASN H 636 78.22 -7.87 -81.84
N LEU H 637 78.72 -7.08 -82.79
CA LEU H 637 78.38 -7.21 -84.19
C LEU H 637 79.50 -7.95 -84.91
N ILE H 638 79.16 -9.05 -85.57
CA ILE H 638 80.14 -9.92 -86.21
C ILE H 638 79.75 -10.10 -87.68
N ASN H 639 80.76 -10.08 -88.55
CA ASN H 639 80.56 -10.31 -89.97
C ASN H 639 80.30 -11.78 -90.24
N TYR H 640 79.75 -12.06 -91.43
CA TYR H 640 79.52 -13.42 -91.87
C TYR H 640 80.77 -13.98 -92.55
N VAL H 641 80.89 -15.30 -92.53
CA VAL H 641 82.02 -16.00 -93.13
C VAL H 641 81.48 -17.08 -94.06
N THR H 642 82.14 -17.25 -95.21
CA THR H 642 81.75 -18.24 -96.20
C THR H 642 83.00 -18.96 -96.71
N SER H 643 82.90 -20.28 -96.85
CA SER H 643 84.00 -21.11 -97.32
C SER H 643 83.67 -21.70 -98.68
N ILE H 644 84.61 -21.60 -99.61
CA ILE H 644 84.46 -22.13 -100.97
C ILE H 644 85.57 -23.14 -101.20
N ARG H 645 85.20 -24.32 -101.69
CA ARG H 645 86.15 -25.39 -101.92
C ARG H 645 85.96 -25.98 -103.31
N PRO H 646 87.03 -26.51 -103.91
CA PRO H 646 86.89 -27.26 -105.16
C PRO H 646 86.36 -28.67 -104.89
N ASN H 647 85.94 -29.32 -105.96
CA ASN H 647 85.42 -30.69 -105.87
C ASN H 647 86.53 -31.73 -106.04
N ILE H 648 87.58 -31.59 -105.24
CA ILE H 648 88.69 -32.53 -105.23
C ILE H 648 88.88 -33.03 -103.79
N PHE H 649 89.02 -34.34 -103.63
CA PHE H 649 89.13 -34.98 -102.33
C PHE H 649 90.42 -35.78 -102.27
N VAL H 650 91.18 -35.58 -101.20
CA VAL H 650 92.45 -36.26 -100.98
C VAL H 650 92.39 -36.96 -99.63
N GLY H 651 92.62 -38.28 -99.62
CA GLY H 651 92.58 -39.04 -98.40
C GLY H 651 93.60 -40.16 -98.42
N ARG H 652 93.96 -40.62 -97.23
CA ARG H 652 94.92 -41.69 -97.03
C ARG H 652 94.26 -42.83 -96.27
N ALA H 653 94.49 -44.06 -96.75
CA ALA H 653 93.94 -45.25 -96.12
C ALA H 653 94.76 -46.45 -96.55
N GLU H 654 94.51 -47.59 -95.89
CA GLU H 654 95.21 -48.81 -96.25
C GLU H 654 94.85 -49.23 -97.66
N GLY H 655 95.87 -49.55 -98.46
CA GLY H 655 95.65 -49.91 -99.86
C GLY H 655 95.07 -48.78 -100.68
N THR H 656 95.54 -47.56 -100.47
CA THR H 656 95.01 -46.42 -101.19
C THR H 656 95.46 -46.44 -102.66
N THR H 657 94.67 -45.79 -103.51
CA THR H 657 94.95 -45.70 -104.94
C THR H 657 95.26 -44.27 -105.38
N GLN H 658 95.45 -43.35 -104.45
CA GLN H 658 95.73 -41.96 -104.75
C GLN H 658 97.07 -41.56 -104.18
N TYR H 659 97.70 -40.57 -104.83
CA TYR H 659 98.99 -40.09 -104.37
C TYR H 659 98.84 -39.36 -103.04
N SER H 660 99.80 -39.57 -102.14
CA SER H 660 99.68 -39.05 -100.78
C SER H 660 99.83 -37.54 -100.75
N LYS H 661 100.84 -37.01 -101.43
CA LYS H 661 101.19 -35.59 -101.32
C LYS H 661 100.61 -34.80 -102.47
N TRP H 662 100.08 -33.62 -102.16
CA TRP H 662 99.51 -32.73 -103.16
C TRP H 662 99.87 -31.29 -102.81
N TYR H 663 99.99 -30.47 -103.86
CA TYR H 663 100.46 -29.09 -103.73
C TYR H 663 99.60 -28.16 -104.57
N PHE H 664 99.32 -26.98 -104.04
CA PHE H 664 98.59 -25.97 -104.78
C PHE H 664 99.03 -24.59 -104.30
N GLU H 665 98.53 -23.56 -104.99
CA GLU H 665 98.80 -22.18 -104.64
C GLU H 665 97.52 -21.37 -104.74
N VAL H 666 97.47 -20.29 -103.97
CA VAL H 666 96.35 -19.35 -104.00
C VAL H 666 96.90 -17.94 -103.95
N MET H 667 96.35 -17.07 -104.80
CA MET H 667 96.83 -15.70 -104.93
C MET H 667 95.66 -14.73 -104.84
N VAL H 668 95.85 -13.66 -104.08
CA VAL H 668 94.83 -12.64 -103.87
C VAL H 668 94.99 -11.55 -104.94
N ASP H 669 93.86 -10.99 -105.38
CA ASP H 669 93.85 -9.93 -106.38
C ASP H 669 93.75 -8.55 -105.74
N GLU H 670 92.69 -8.31 -104.97
CA GLU H 670 92.49 -7.02 -104.32
C GLU H 670 91.55 -7.21 -103.15
N VAL H 671 91.98 -6.79 -101.97
CA VAL H 671 91.17 -6.84 -100.76
C VAL H 671 91.24 -5.49 -100.08
N VAL H 672 90.09 -4.97 -99.67
CA VAL H 672 90.00 -3.75 -98.87
C VAL H 672 89.99 -4.15 -97.40
N PRO H 673 90.99 -3.76 -96.62
CA PRO H 673 91.02 -4.16 -95.21
C PRO H 673 90.09 -3.31 -94.37
N PHE H 674 89.59 -3.93 -93.30
CA PHE H 674 88.96 -3.19 -92.20
C PHE H 674 87.66 -2.53 -92.63
N LEU H 675 86.88 -3.26 -93.44
CA LEU H 675 85.58 -2.79 -93.88
C LEU H 675 84.55 -2.98 -92.76
N THR H 676 83.46 -2.19 -92.86
CA THR H 676 82.32 -2.19 -91.94
C THR H 676 82.73 -2.33 -90.48
N ALA H 677 83.84 -1.68 -90.10
CA ALA H 677 84.29 -1.59 -88.71
C ALA H 677 84.57 -2.96 -88.09
N GLN H 678 85.30 -3.80 -88.85
CA GLN H 678 85.80 -5.06 -88.31
C GLN H 678 86.91 -5.56 -89.21
N ALA H 679 87.83 -6.34 -88.63
CA ALA H 679 88.95 -6.87 -89.38
C ALA H 679 88.49 -7.91 -90.40
N THR H 680 89.19 -7.96 -91.53
CA THR H 680 88.86 -8.90 -92.59
C THR H 680 89.42 -10.28 -92.25
N HIS H 681 88.54 -11.28 -92.20
CA HIS H 681 88.90 -12.65 -91.89
C HIS H 681 89.19 -13.39 -93.19
N LEU H 682 90.48 -13.59 -93.48
CA LEU H 682 90.89 -14.21 -94.74
C LEU H 682 92.00 -15.21 -94.43
N ARG H 683 91.72 -16.50 -94.69
CA ARG H 683 92.62 -17.60 -94.39
C ARG H 683 92.56 -18.64 -95.51
N VAL H 684 93.62 -19.42 -95.62
CA VAL H 684 93.69 -20.53 -96.58
C VAL H 684 94.27 -21.74 -95.88
N GLY H 685 93.87 -22.92 -96.34
CA GLY H 685 94.38 -24.15 -95.77
C GLY H 685 93.49 -25.33 -96.14
N TRP H 686 93.66 -26.42 -95.41
CA TRP H 686 92.90 -27.65 -95.61
C TRP H 686 91.78 -27.77 -94.59
N ALA H 687 90.96 -28.81 -94.77
CA ALA H 687 89.89 -29.12 -93.85
C ALA H 687 89.42 -30.55 -94.12
N LEU H 688 89.12 -31.27 -93.04
CA LEU H 688 88.61 -32.63 -93.17
C LEU H 688 87.19 -32.62 -93.72
N THR H 689 86.84 -33.69 -94.45
CA THR H 689 85.52 -33.80 -95.04
C THR H 689 84.44 -34.07 -94.00
N GLU H 690 84.80 -34.53 -92.80
CA GLU H 690 83.86 -34.81 -91.74
C GLU H 690 84.25 -34.02 -90.50
N GLY H 691 83.27 -33.33 -89.90
CA GLY H 691 83.49 -32.54 -88.70
C GLY H 691 83.66 -31.06 -88.94
N TYR H 692 83.81 -30.63 -90.20
CA TYR H 692 83.97 -29.21 -90.48
C TYR H 692 82.66 -28.45 -90.24
N SER H 693 81.63 -28.78 -91.02
CA SER H 693 80.28 -28.24 -90.91
C SER H 693 80.25 -26.72 -90.75
N PRO H 694 80.59 -25.95 -91.79
CA PRO H 694 80.46 -24.49 -91.71
C PRO H 694 78.98 -24.10 -91.58
N TYR H 695 78.71 -23.14 -90.70
CA TYR H 695 77.36 -22.61 -90.52
C TYR H 695 77.45 -21.10 -90.36
N PRO H 696 76.97 -20.31 -91.31
CA PRO H 696 77.09 -18.85 -91.19
C PRO H 696 76.22 -18.24 -90.11
N GLY H 697 75.16 -18.92 -89.68
CA GLY H 697 74.27 -18.38 -88.68
C GLY H 697 74.90 -18.21 -87.32
N GLY H 698 75.45 -19.30 -86.78
CA GLY H 698 76.07 -19.27 -85.48
C GLY H 698 77.43 -19.95 -85.51
N GLY H 699 78.24 -19.64 -84.49
CA GLY H 699 79.56 -20.20 -84.38
C GLY H 699 79.92 -20.47 -82.94
N GLU H 700 80.91 -21.36 -82.75
CA GLU H 700 81.37 -21.70 -81.42
C GLU H 700 82.04 -20.51 -80.75
N GLY H 701 82.97 -19.86 -81.45
CA GLY H 701 83.60 -18.66 -80.94
C GLY H 701 82.74 -17.43 -81.16
N TRP H 702 83.16 -16.33 -80.53
CA TRP H 702 82.42 -15.08 -80.66
C TRP H 702 82.37 -14.61 -82.11
N GLY H 703 83.50 -14.69 -82.81
CA GLY H 703 83.54 -14.34 -84.21
C GLY H 703 83.08 -15.46 -85.11
N GLY H 704 82.95 -15.14 -86.39
CA GLY H 704 82.55 -16.13 -87.37
C GLY H 704 83.59 -17.22 -87.51
N ASN H 705 83.20 -18.47 -87.29
CA ASN H 705 84.13 -19.59 -87.37
C ASN H 705 84.43 -19.95 -88.82
N GLY H 706 85.71 -20.07 -89.14
CA GLY H 706 86.13 -20.45 -90.48
C GLY H 706 87.16 -21.55 -90.46
N VAL H 707 88.05 -21.56 -91.45
CA VAL H 707 89.11 -22.56 -91.48
C VAL H 707 90.12 -22.27 -90.38
N GLY H 708 90.52 -23.31 -89.66
CA GLY H 708 91.43 -23.19 -88.55
C GLY H 708 90.77 -22.90 -87.21
N ASP H 709 89.46 -22.64 -87.20
CA ASP H 709 88.76 -22.37 -85.96
C ASP H 709 88.46 -23.64 -85.16
N ASP H 710 88.51 -24.80 -85.81
CA ASP H 710 88.24 -26.08 -85.16
C ASP H 710 89.40 -27.03 -85.43
N LEU H 711 89.39 -28.16 -84.72
CA LEU H 711 90.43 -29.16 -84.90
C LEU H 711 90.36 -29.86 -86.25
N TYR H 712 89.22 -29.77 -86.94
CA TYR H 712 89.05 -30.43 -88.23
C TYR H 712 89.52 -29.57 -89.40
N SER H 713 89.99 -28.36 -89.15
CA SER H 713 90.49 -27.49 -90.19
C SER H 713 91.86 -26.93 -89.81
N TYR H 714 92.68 -26.67 -90.82
CA TYR H 714 94.02 -26.13 -90.63
C TYR H 714 94.21 -24.97 -91.59
N GLY H 715 94.74 -23.86 -91.09
CA GLY H 715 94.93 -22.71 -91.94
C GLY H 715 95.73 -21.63 -91.23
N PHE H 716 95.93 -20.53 -91.96
CA PHE H 716 96.70 -19.40 -91.44
C PHE H 716 96.26 -18.14 -92.16
N ASP H 717 96.49 -17.00 -91.52
CA ASP H 717 96.21 -15.70 -92.10
C ASP H 717 97.47 -14.97 -92.55
N GLY H 718 98.60 -15.67 -92.60
CA GLY H 718 99.87 -15.10 -92.99
C GLY H 718 100.75 -14.69 -91.83
N LEU H 719 100.19 -14.54 -90.64
CA LEU H 719 100.97 -14.17 -89.47
C LEU H 719 100.75 -15.13 -88.32
N HIS H 720 99.53 -15.62 -88.16
CA HIS H 720 99.15 -16.48 -87.05
C HIS H 720 98.79 -17.88 -87.55
N LEU H 721 99.18 -18.88 -86.77
CA LEU H 721 98.79 -20.27 -87.02
C LEU H 721 97.58 -20.60 -86.15
N TRP H 722 96.46 -20.89 -86.81
CA TRP H 722 95.18 -21.07 -86.14
C TRP H 722 94.78 -22.54 -86.20
N THR H 723 94.78 -23.22 -85.04
CA THR H 723 94.33 -24.60 -84.94
C THR H 723 93.38 -24.69 -83.76
N GLY H 724 92.11 -24.94 -84.04
CA GLY H 724 91.11 -25.04 -82.99
C GLY H 724 90.89 -23.75 -82.22
N HIS H 725 90.79 -22.62 -82.92
CA HIS H 725 90.54 -21.32 -82.31
C HIS H 725 91.64 -20.94 -81.31
N VAL H 726 92.87 -21.30 -81.64
CA VAL H 726 94.02 -20.99 -80.78
C VAL H 726 95.03 -20.16 -81.56
N PRO H 727 95.00 -18.84 -81.44
CA PRO H 727 96.01 -17.99 -82.09
C PRO H 727 97.41 -18.42 -81.70
N ARG H 728 98.19 -18.85 -82.69
CA ARG H 728 99.59 -19.20 -82.49
C ARG H 728 100.45 -18.35 -83.41
N LEU H 729 101.39 -17.62 -82.84
CA LEU H 729 102.26 -16.73 -83.61
C LEU H 729 103.58 -17.43 -83.90
N VAL H 730 103.97 -17.45 -85.16
CA VAL H 730 105.22 -18.06 -85.60
C VAL H 730 106.06 -17.00 -86.31
N THR H 731 107.35 -16.99 -86.01
CA THR H 731 108.27 -16.04 -86.63
C THR H 731 108.55 -16.44 -88.07
N SER H 732 108.66 -15.44 -88.94
CA SER H 732 108.96 -15.66 -90.35
C SER H 732 109.60 -14.40 -90.90
N PRO H 733 110.47 -14.52 -91.92
CA PRO H 733 111.09 -13.33 -92.51
C PRO H 733 110.05 -12.46 -93.20
N GLY H 734 110.03 -11.19 -92.83
CA GLY H 734 109.07 -10.25 -93.38
C GLY H 734 107.63 -10.62 -93.06
N GLN H 735 107.38 -10.94 -91.80
CA GLN H 735 106.04 -11.39 -91.39
C GLN H 735 105.04 -10.24 -91.49
N HIS H 736 103.90 -10.52 -92.12
CA HIS H 736 102.81 -9.56 -92.22
C HIS H 736 101.56 -10.31 -92.67
N LEU H 737 100.41 -9.66 -92.49
CA LEU H 737 99.15 -10.25 -92.91
C LEU H 737 99.04 -10.25 -94.43
N LEU H 738 97.97 -10.86 -94.92
CA LEU H 738 97.76 -10.99 -96.36
C LEU H 738 97.51 -9.62 -96.97
N ALA H 739 98.31 -9.28 -97.98
CA ALA H 739 98.21 -8.01 -98.69
C ALA H 739 97.97 -8.25 -100.18
N PRO H 740 97.39 -7.28 -100.89
CA PRO H 740 97.13 -7.47 -102.31
C PRO H 740 98.42 -7.69 -103.10
N GLU H 741 98.28 -8.44 -104.19
CA GLU H 741 99.39 -8.79 -105.08
C GLU H 741 100.43 -9.64 -104.36
N ASP H 742 99.95 -10.66 -103.64
CA ASP H 742 100.80 -11.62 -102.96
C ASP H 742 100.34 -13.03 -103.30
N VAL H 743 101.28 -13.96 -103.35
CA VAL H 743 101.00 -15.36 -103.68
C VAL H 743 101.16 -16.19 -102.41
N VAL H 744 100.22 -17.12 -102.20
CA VAL H 744 100.23 -18.00 -101.04
C VAL H 744 100.24 -19.44 -101.53
N SER H 745 101.18 -20.23 -101.01
CA SER H 745 101.34 -21.63 -101.41
C SER H 745 101.23 -22.54 -100.20
N CYS H 746 100.53 -23.65 -100.38
CA CYS H 746 100.32 -24.63 -99.31
C CYS H 746 100.57 -26.03 -99.85
N CYS H 747 101.11 -26.89 -98.99
CA CYS H 747 101.38 -28.27 -99.35
C CYS H 747 101.08 -29.16 -98.15
N LEU H 748 100.77 -30.43 -98.45
CA LEU H 748 100.48 -31.40 -97.41
C LEU H 748 101.03 -32.75 -97.82
N ASP H 749 101.45 -33.53 -96.83
CA ASP H 749 101.95 -34.89 -97.04
C ASP H 749 101.08 -35.86 -96.23
N LEU H 750 100.69 -36.97 -96.87
CA LEU H 750 99.82 -37.93 -96.23
C LEU H 750 100.53 -39.18 -95.74
N SER H 751 101.65 -39.55 -96.35
CA SER H 751 102.43 -40.68 -95.86
C SER H 751 102.97 -40.40 -94.45
N VAL H 752 103.47 -39.20 -94.23
CA VAL H 752 103.90 -38.75 -92.91
C VAL H 752 103.07 -37.52 -92.56
N PRO H 753 102.59 -37.39 -91.32
CA PRO H 753 101.77 -36.22 -90.99
C PRO H 753 102.56 -34.92 -90.97
N SER H 754 102.36 -34.10 -91.99
CA SER H 754 103.06 -32.81 -92.11
C SER H 754 102.23 -31.90 -92.99
N ILE H 755 102.06 -30.66 -92.54
CA ILE H 755 101.34 -29.64 -93.29
C ILE H 755 102.28 -28.45 -93.47
N SER H 756 102.77 -28.24 -94.69
CA SER H 756 103.73 -27.20 -94.99
C SER H 756 103.05 -26.02 -95.65
N PHE H 757 103.58 -24.82 -95.40
CA PHE H 757 103.05 -23.58 -95.94
C PHE H 757 104.16 -22.76 -96.56
N ARG H 758 103.77 -21.88 -97.48
CA ARG H 758 104.75 -21.01 -98.14
C ARG H 758 104.07 -19.70 -98.50
N ILE H 759 104.77 -18.59 -98.27
CA ILE H 759 104.29 -17.26 -98.59
C ILE H 759 105.34 -16.56 -99.44
N ASN H 760 104.96 -16.20 -100.67
CA ASN H 760 105.85 -15.51 -101.61
C ASN H 760 107.16 -16.26 -101.79
N GLY H 761 107.09 -17.59 -101.83
CA GLY H 761 108.27 -18.40 -102.00
C GLY H 761 109.19 -18.44 -100.80
N CYS H 762 108.69 -18.08 -99.61
CA CYS H 762 109.48 -18.10 -98.40
C CYS H 762 109.05 -19.25 -97.52
N PRO H 763 109.98 -20.02 -96.96
CA PRO H 763 109.59 -21.15 -96.11
C PRO H 763 108.97 -20.68 -94.81
N VAL H 764 107.88 -21.34 -94.40
CA VAL H 764 107.18 -21.02 -93.17
C VAL H 764 107.69 -21.96 -92.08
N GLN H 765 108.03 -21.40 -90.93
CA GLN H 765 108.60 -22.15 -89.81
C GLN H 765 107.56 -22.88 -88.98
N GLY H 766 106.34 -23.05 -89.50
CA GLY H 766 105.31 -23.77 -88.77
C GLY H 766 104.75 -24.93 -89.56
N VAL H 767 104.82 -26.13 -88.99
CA VAL H 767 104.31 -27.34 -89.63
C VAL H 767 103.52 -28.14 -88.59
N PHE H 768 102.38 -28.68 -89.02
CA PHE H 768 101.55 -29.51 -88.15
C PHE H 768 101.97 -30.97 -88.28
N GLU H 769 101.71 -31.75 -87.24
CA GLU H 769 102.11 -33.16 -87.22
C GLU H 769 101.22 -33.91 -86.25
N ALA H 770 101.28 -35.24 -86.34
CA ALA H 770 100.57 -36.15 -85.44
C ALA H 770 99.07 -35.86 -85.43
N PHE H 771 98.50 -35.66 -86.61
CA PHE H 771 97.07 -35.46 -86.78
C PHE H 771 96.46 -36.68 -87.47
N ASN H 772 95.22 -36.98 -87.10
CA ASN H 772 94.54 -38.17 -87.63
C ASN H 772 94.35 -38.04 -89.14
N LEU H 773 94.58 -39.15 -89.83
CA LEU H 773 94.50 -39.21 -91.29
C LEU H 773 93.17 -39.77 -91.78
N ASN H 774 92.21 -39.98 -90.88
CA ASN H 774 90.91 -40.49 -91.29
C ASN H 774 90.15 -39.46 -92.12
N GLY H 775 89.32 -39.95 -93.02
CA GLY H 775 88.55 -39.07 -93.88
C GLY H 775 89.37 -38.58 -95.07
N LEU H 776 88.87 -37.51 -95.69
CA LEU H 776 89.48 -36.92 -96.86
C LEU H 776 89.76 -35.44 -96.61
N PHE H 777 90.70 -34.90 -97.39
CA PHE H 777 91.11 -33.51 -97.27
C PHE H 777 90.82 -32.78 -98.57
N PHE H 778 90.71 -31.45 -98.47
CA PHE H 778 90.41 -30.62 -99.62
C PHE H 778 90.87 -29.20 -99.33
N PRO H 779 91.33 -28.46 -100.34
CA PRO H 779 91.62 -27.04 -100.13
C PRO H 779 90.34 -26.26 -99.85
N VAL H 780 90.48 -25.22 -99.03
CA VAL H 780 89.34 -24.40 -98.64
C VAL H 780 89.86 -23.02 -98.22
N VAL H 781 89.12 -21.98 -98.60
CA VAL H 781 89.45 -20.61 -98.24
C VAL H 781 88.22 -19.97 -97.60
N SER H 782 88.44 -19.27 -96.49
CA SER H 782 87.39 -18.54 -95.79
C SER H 782 87.63 -17.06 -96.00
N PHE H 783 86.81 -16.42 -96.83
CA PHE H 783 86.95 -15.02 -97.17
C PHE H 783 85.78 -14.23 -96.62
N SER H 784 86.06 -13.01 -96.16
CA SER H 784 85.04 -12.13 -95.61
C SER H 784 84.49 -11.24 -96.72
N ALA H 785 83.71 -10.22 -96.33
CA ALA H 785 83.13 -9.30 -97.30
C ALA H 785 84.21 -8.44 -97.94
N GLY H 786 84.04 -8.13 -99.22
CA GLY H 786 84.99 -7.31 -99.93
C GLY H 786 86.35 -7.95 -100.12
N VAL H 787 86.39 -9.26 -100.36
CA VAL H 787 87.64 -10.00 -100.55
C VAL H 787 87.59 -10.65 -101.92
N LYS H 788 88.61 -10.40 -102.74
CA LYS H 788 88.74 -11.00 -104.05
C LYS H 788 89.99 -11.87 -104.07
N VAL H 789 89.80 -13.18 -104.16
CA VAL H 789 90.89 -14.14 -104.14
C VAL H 789 90.80 -15.00 -105.39
N ARG H 790 91.95 -15.51 -105.83
CA ARG H 790 92.03 -16.29 -107.06
C ARG H 790 92.81 -17.57 -106.81
N PHE H 791 92.29 -18.68 -107.32
CA PHE H 791 92.89 -19.99 -107.14
C PHE H 791 93.94 -20.28 -108.22
N LEU H 792 95.03 -20.92 -107.80
CA LEU H 792 96.06 -21.42 -108.71
C LEU H 792 96.14 -22.93 -108.48
N LEU H 793 95.30 -23.68 -109.19
CA LEU H 793 95.20 -25.13 -108.99
C LEU H 793 96.17 -25.91 -109.86
N GLY H 794 96.89 -25.27 -110.76
CA GLY H 794 97.86 -25.95 -111.58
C GLY H 794 97.26 -26.64 -112.79
N GLY H 795 98.12 -27.39 -113.47
CA GLY H 795 97.70 -28.05 -114.69
C GLY H 795 97.42 -27.05 -115.80
N ARG H 796 96.54 -27.45 -116.73
CA ARG H 796 96.12 -26.56 -117.78
C ARG H 796 95.14 -25.50 -117.30
N HIS H 797 94.52 -25.71 -116.13
CA HIS H 797 93.55 -24.75 -115.62
C HIS H 797 94.22 -23.59 -114.88
N GLY H 798 95.32 -23.86 -114.19
CA GLY H 798 96.00 -22.82 -113.41
C GLY H 798 97.47 -22.77 -113.72
N GLU H 799 98.04 -21.57 -113.59
CA GLU H 799 99.46 -21.34 -113.83
C GLU H 799 100.17 -21.11 -112.51
N PHE H 800 101.27 -21.83 -112.30
CA PHE H 800 102.04 -21.72 -111.06
C PHE H 800 102.99 -20.54 -111.14
N LYS H 801 102.85 -19.59 -110.21
CA LYS H 801 103.83 -18.52 -110.10
C LYS H 801 105.16 -19.02 -109.54
N PHE H 802 105.11 -20.04 -108.68
CA PHE H 802 106.30 -20.67 -108.13
C PHE H 802 106.27 -22.16 -108.44
N LEU H 803 107.43 -22.71 -108.77
CA LEU H 803 107.51 -24.12 -109.11
C LEU H 803 107.20 -24.99 -107.88
N PRO H 804 106.51 -26.10 -108.07
CA PRO H 804 106.21 -27.00 -106.94
C PRO H 804 107.50 -27.61 -106.39
N PRO H 805 107.58 -27.78 -105.08
CA PRO H 805 108.74 -28.48 -104.52
C PRO H 805 108.75 -29.92 -104.96
N PRO H 806 109.93 -30.53 -105.09
CA PRO H 806 110.02 -31.91 -105.57
C PRO H 806 109.31 -32.88 -104.64
N GLY H 807 108.73 -33.93 -105.23
CA GLY H 807 108.00 -34.93 -104.47
C GLY H 807 106.55 -34.62 -104.21
N TYR H 808 106.03 -33.52 -104.75
CA TYR H 808 104.63 -33.15 -104.55
C TYR H 808 104.03 -32.78 -105.90
N ALA H 809 102.80 -33.27 -106.16
CA ALA H 809 102.10 -33.09 -107.42
C ALA H 809 101.04 -32.01 -107.30
N PRO H 810 100.74 -31.31 -108.40
CA PRO H 810 99.68 -30.30 -108.36
C PRO H 810 98.31 -30.92 -108.11
N CYS H 811 97.45 -30.14 -107.44
CA CYS H 811 96.13 -30.65 -107.08
C CYS H 811 95.20 -30.80 -108.28
N HIS H 812 95.56 -30.21 -109.43
CA HIS H 812 94.72 -30.32 -110.61
C HIS H 812 94.56 -31.77 -111.07
N GLU H 813 95.53 -32.63 -110.77
CA GLU H 813 95.41 -34.04 -111.13
C GLU H 813 94.45 -34.79 -110.20
N ALA H 814 94.20 -34.26 -109.01
CA ALA H 814 93.34 -34.91 -108.03
C ALA H 814 91.86 -34.85 -108.41
N VAL H 815 91.50 -34.33 -109.58
CA VAL H 815 90.10 -34.29 -109.98
C VAL H 815 89.59 -35.71 -110.22
N LEU H 816 88.31 -35.92 -109.90
CA LEU H 816 87.71 -37.24 -110.08
C LEU H 816 87.63 -37.59 -111.56
N PRO H 817 87.82 -38.87 -111.90
CA PRO H 817 87.74 -39.27 -113.32
C PRO H 817 86.37 -39.03 -113.94
N ARG H 818 85.29 -39.19 -113.17
CA ARG H 818 83.93 -39.06 -113.68
C ARG H 818 83.30 -37.71 -113.35
N GLU H 819 84.02 -36.82 -112.68
CA GLU H 819 83.50 -35.52 -112.30
C GLU H 819 84.45 -34.42 -112.74
N ARG H 820 83.90 -33.33 -113.26
CA ARG H 820 84.70 -32.19 -113.68
C ARG H 820 85.12 -31.38 -112.46
N LEU H 821 85.92 -30.35 -112.70
CA LEU H 821 86.42 -29.47 -111.64
C LEU H 821 85.53 -28.25 -111.54
N ARG H 822 85.06 -27.96 -110.32
CA ARG H 822 84.18 -26.81 -110.09
C ARG H 822 84.29 -26.41 -108.63
N LEU H 823 83.85 -25.19 -108.35
CA LEU H 823 83.88 -24.64 -107.00
C LEU H 823 82.47 -24.62 -106.44
N GLU H 824 82.29 -25.21 -105.26
CA GLU H 824 80.99 -25.31 -104.61
C GLU H 824 81.15 -25.04 -103.12
N PRO H 825 80.11 -24.52 -102.47
CA PRO H 825 80.16 -24.32 -101.02
C PRO H 825 80.10 -25.65 -100.28
N ILE H 826 80.36 -25.58 -98.97
CA ILE H 826 80.42 -26.75 -98.11
C ILE H 826 79.17 -26.77 -97.24
N LYS H 827 78.41 -27.87 -97.32
CA LYS H 827 77.22 -28.08 -96.50
C LYS H 827 76.22 -26.93 -96.65
N GLU H 828 76.05 -26.45 -97.87
CA GLU H 828 75.12 -25.36 -98.13
C GLU H 828 73.69 -25.87 -98.08
N TYR H 829 72.92 -25.37 -97.12
CA TYR H 829 71.52 -25.77 -96.96
C TYR H 829 70.56 -24.91 -97.76
N ARG H 830 71.05 -23.90 -98.48
CA ARG H 830 70.20 -23.09 -99.35
C ARG H 830 71.06 -22.56 -100.49
N ARG H 831 70.49 -22.55 -101.69
CA ARG H 831 71.18 -22.07 -102.88
C ARG H 831 70.26 -21.14 -103.66
N GLU H 832 70.87 -20.24 -104.43
CA GLU H 832 70.10 -19.31 -105.24
C GLU H 832 69.42 -20.05 -106.40
N GLY H 833 68.14 -19.76 -106.61
CA GLY H 833 67.39 -20.41 -107.66
C GLY H 833 66.69 -19.40 -108.56
N PRO H 834 66.33 -19.83 -109.77
CA PRO H 834 65.65 -18.91 -110.69
C PRO H 834 64.30 -18.43 -110.18
N ARG H 835 63.40 -19.36 -109.86
CA ARG H 835 62.09 -18.98 -109.35
C ARG H 835 62.17 -18.47 -107.91
N GLY H 836 62.98 -19.13 -107.08
CA GLY H 836 63.12 -18.75 -105.69
C GLY H 836 64.22 -19.56 -105.00
N PRO H 837 64.42 -19.31 -103.72
CA PRO H 837 65.46 -20.06 -102.97
C PRO H 837 65.12 -21.54 -102.93
N HIS H 838 66.12 -22.36 -103.24
CA HIS H 838 65.96 -23.81 -103.27
C HIS H 838 66.56 -24.41 -102.00
N LEU H 839 65.72 -25.10 -101.23
CA LEU H 839 66.20 -25.72 -99.99
C LEU H 839 66.96 -27.00 -100.31
N VAL H 840 68.12 -27.16 -99.69
CA VAL H 840 69.00 -28.30 -99.92
C VAL H 840 69.23 -29.00 -98.59
N GLY H 841 69.01 -30.32 -98.58
CA GLY H 841 69.26 -31.12 -97.41
C GLY H 841 70.69 -31.59 -97.33
N PRO H 842 70.95 -32.61 -96.53
CA PRO H 842 72.32 -33.15 -96.45
C PRO H 842 72.75 -33.75 -97.79
N SER H 843 74.04 -33.64 -98.06
CA SER H 843 74.63 -34.14 -99.30
C SER H 843 75.64 -35.23 -98.98
N ARG H 844 75.53 -36.36 -99.69
CA ARG H 844 76.47 -37.46 -99.49
C ARG H 844 77.85 -37.08 -100.00
N CYS H 845 78.87 -37.63 -99.35
CA CYS H 845 80.26 -37.35 -99.69
C CYS H 845 81.08 -38.63 -99.57
N LEU H 846 82.21 -38.64 -100.26
CA LEU H 846 83.11 -39.78 -100.22
C LEU H 846 83.83 -39.85 -98.88
N SER H 847 84.42 -41.01 -98.60
CA SER H 847 85.13 -41.26 -97.36
C SER H 847 86.40 -42.02 -97.66
N HIS H 848 87.20 -42.29 -96.61
CA HIS H 848 88.50 -42.91 -96.79
C HIS H 848 88.39 -44.39 -97.13
N THR H 849 87.25 -45.04 -96.85
CA THR H 849 87.14 -46.46 -97.14
C THR H 849 86.99 -46.74 -98.63
N ASP H 850 86.64 -45.74 -99.41
CA ASP H 850 86.55 -45.89 -100.86
C ASP H 850 87.95 -45.69 -101.46
N PHE H 851 88.03 -45.72 -102.79
CA PHE H 851 89.29 -45.67 -103.54
C PHE H 851 90.26 -46.77 -103.11
N VAL H 852 89.75 -47.86 -102.55
CA VAL H 852 90.55 -48.98 -102.08
C VAL H 852 90.00 -50.26 -102.69
N PRO H 853 90.78 -51.01 -103.45
CA PRO H 853 90.27 -52.28 -104.00
C PRO H 853 90.05 -53.31 -102.90
N CYS H 854 89.03 -54.13 -103.10
CA CYS H 854 88.68 -55.20 -102.18
C CYS H 854 88.74 -56.54 -102.91
N PRO H 855 89.79 -57.35 -102.71
CA PRO H 855 89.93 -58.63 -103.40
C PRO H 855 88.87 -59.65 -103.02
N HIS H 866 86.11 -81.28 -116.26
CA HIS H 866 85.03 -80.57 -116.94
C HIS H 866 85.30 -79.08 -116.98
N LEU H 867 85.70 -78.52 -115.83
CA LEU H 867 86.01 -77.09 -115.76
C LEU H 867 87.20 -76.74 -116.64
N GLU H 868 88.24 -77.57 -116.62
CA GLU H 868 89.41 -77.31 -117.46
C GLU H 868 89.06 -77.42 -118.95
N ARG H 869 88.25 -78.41 -119.31
CA ARG H 869 87.85 -78.57 -120.71
C ARG H 869 87.00 -77.38 -121.17
N ILE H 870 86.09 -76.90 -120.33
CA ILE H 870 85.27 -75.75 -120.69
C ILE H 870 86.14 -74.49 -120.77
N ARG H 871 87.12 -74.37 -119.87
CA ARG H 871 87.99 -73.20 -119.90
C ARG H 871 88.83 -73.15 -121.17
N GLU H 872 89.32 -74.31 -121.63
CA GLU H 872 90.11 -74.33 -122.86
C GLU H 872 89.27 -73.92 -124.06
N LYS H 873 88.03 -74.39 -124.14
CA LYS H 873 87.16 -73.99 -125.24
C LYS H 873 86.84 -72.50 -125.19
N LEU H 874 86.56 -71.97 -124.00
CA LEU H 874 86.27 -70.55 -123.87
C LEU H 874 87.51 -69.70 -124.18
N ALA H 875 88.69 -70.14 -123.75
CA ALA H 875 89.91 -69.40 -124.06
C ALA H 875 90.18 -69.37 -125.56
N GLU H 876 89.96 -70.50 -126.23
CA GLU H 876 90.15 -70.55 -127.68
C GLU H 876 89.17 -69.61 -128.38
N ASN H 877 87.91 -69.60 -127.93
CA ASN H 877 86.93 -68.68 -128.49
C ASN H 877 87.29 -67.23 -128.17
N ILE H 878 87.80 -66.98 -126.96
CA ILE H 878 88.25 -65.64 -126.62
C ILE H 878 89.40 -65.21 -127.50
N HIS H 879 90.36 -66.12 -127.74
CA HIS H 879 91.45 -65.82 -128.67
C HIS H 879 90.92 -65.59 -130.08
N GLU H 880 89.94 -66.41 -130.51
CA GLU H 880 89.29 -66.17 -131.78
C GLU H 880 88.52 -64.85 -131.78
N LEU H 881 87.90 -64.51 -130.66
CA LEU H 881 87.21 -63.23 -130.54
C LEU H 881 88.18 -62.06 -130.61
N TRP H 882 89.41 -62.24 -130.13
CA TRP H 882 90.40 -61.18 -130.23
C TRP H 882 90.75 -60.92 -131.69
N ALA H 883 90.84 -61.98 -132.49
CA ALA H 883 91.08 -61.80 -133.92
C ALA H 883 89.88 -61.19 -134.63
N LEU H 884 88.68 -61.41 -134.09
CA LEU H 884 87.48 -60.82 -134.69
C LEU H 884 87.53 -59.30 -134.64
N THR H 885 87.94 -58.74 -133.50
CA THR H 885 88.11 -57.29 -133.39
C THR H 885 89.45 -56.83 -133.96
N ARG H 886 90.41 -57.73 -134.14
CA ARG H 886 91.67 -57.36 -134.78
C ARG H 886 91.50 -57.17 -136.27
N ILE H 887 90.76 -58.06 -136.94
CA ILE H 887 90.54 -57.91 -138.37
C ILE H 887 89.61 -56.74 -138.65
N GLU H 888 88.75 -56.39 -137.69
CA GLU H 888 87.89 -55.22 -137.85
C GLU H 888 88.71 -53.93 -137.91
N GLN H 889 89.77 -53.85 -137.11
CA GLN H 889 90.67 -52.70 -137.14
C GLN H 889 91.70 -52.78 -138.25
N GLY H 890 91.78 -53.90 -138.96
CA GLY H 890 92.72 -54.07 -140.05
C GLY H 890 93.98 -54.85 -139.73
N TRP H 891 94.08 -55.42 -138.53
CA TRP H 891 95.27 -56.16 -138.15
C TRP H 891 95.33 -57.51 -138.87
N THR H 892 96.55 -57.93 -139.19
CA THR H 892 96.83 -59.22 -139.80
C THR H 892 97.72 -60.04 -138.87
N TYR H 893 98.19 -61.18 -139.37
CA TYR H 893 99.04 -62.07 -138.59
C TYR H 893 100.50 -61.91 -139.02
N GLY H 894 101.38 -61.82 -138.02
CA GLY H 894 102.80 -61.67 -138.28
C GLY H 894 103.63 -62.19 -137.13
N PRO H 895 104.95 -62.10 -137.25
CA PRO H 895 105.84 -62.60 -136.19
C PRO H 895 105.72 -61.80 -134.89
N VAL H 896 105.61 -60.48 -135.01
CA VAL H 896 105.54 -59.60 -133.84
C VAL H 896 104.33 -58.69 -133.98
N ARG H 897 103.89 -58.15 -132.84
CA ARG H 897 102.76 -57.24 -132.79
C ARG H 897 103.25 -55.81 -132.92
N ASP H 898 103.00 -55.18 -134.06
CA ASP H 898 103.41 -53.81 -134.32
C ASP H 898 102.21 -53.01 -134.82
N ASP H 899 102.10 -51.77 -134.34
CA ASP H 899 101.01 -50.91 -134.78
C ASP H 899 101.14 -50.53 -136.24
N ASN H 900 102.35 -50.18 -136.68
CA ASN H 900 102.57 -49.78 -138.06
C ASN H 900 102.58 -50.94 -139.04
N LYS H 901 103.11 -52.10 -138.63
CA LYS H 901 103.21 -53.25 -139.52
C LYS H 901 101.87 -53.93 -139.75
N ARG H 902 100.85 -53.63 -138.95
CA ARG H 902 99.52 -54.23 -139.08
C ARG H 902 99.58 -55.76 -139.00
N LEU H 903 100.43 -56.27 -138.11
CA LEU H 903 100.58 -57.70 -137.91
C LEU H 903 100.56 -58.01 -136.43
N HIS H 904 99.86 -59.08 -136.05
CA HIS H 904 99.77 -59.51 -134.66
C HIS H 904 99.93 -61.02 -134.61
N PRO H 905 100.66 -61.56 -133.63
CA PRO H 905 100.98 -63.00 -133.67
C PRO H 905 99.83 -63.90 -133.28
N CYS H 906 98.95 -63.47 -132.38
CA CYS H 906 97.86 -64.32 -131.92
C CYS H 906 96.59 -64.14 -132.73
N LEU H 907 96.61 -63.34 -133.80
CA LEU H 907 95.46 -63.20 -134.67
C LEU H 907 95.13 -64.51 -135.39
N VAL H 908 96.10 -65.42 -135.49
CA VAL H 908 95.89 -66.74 -136.05
C VAL H 908 95.21 -67.58 -134.96
N ASP H 909 94.71 -68.76 -135.32
CA ASP H 909 94.00 -69.60 -134.37
C ASP H 909 94.84 -69.88 -133.13
N PHE H 910 94.14 -70.15 -132.02
CA PHE H 910 94.83 -70.32 -130.74
C PHE H 910 95.76 -71.53 -130.77
N HIS H 911 95.33 -72.62 -131.42
CA HIS H 911 96.19 -73.79 -131.53
C HIS H 911 97.46 -73.47 -132.30
N SER H 912 97.33 -72.73 -133.41
CA SER H 912 98.49 -72.30 -134.17
C SER H 912 99.23 -71.15 -133.50
N LEU H 913 98.59 -70.48 -132.54
CA LEU H 913 99.26 -69.44 -131.78
C LEU H 913 100.32 -70.05 -130.87
N PRO H 914 101.30 -69.26 -130.43
CA PRO H 914 102.33 -69.80 -129.54
C PRO H 914 101.72 -70.42 -128.28
N GLU H 915 102.23 -71.59 -127.91
CA GLU H 915 101.69 -72.32 -126.76
C GLU H 915 101.79 -71.56 -125.45
N PRO H 916 102.92 -70.94 -125.09
CA PRO H 916 102.94 -70.15 -123.85
C PRO H 916 101.92 -69.02 -123.83
N GLU H 917 101.69 -68.38 -124.98
CA GLU H 917 100.64 -67.36 -125.04
C GLU H 917 99.26 -67.97 -124.84
N ARG H 918 99.01 -69.14 -125.45
CA ARG H 918 97.74 -69.82 -125.26
C ARG H 918 97.60 -70.35 -123.83
N ASN H 919 98.71 -70.81 -123.23
CA ASN H 919 98.67 -71.28 -121.85
C ASN H 919 98.31 -70.15 -120.89
N TYR H 920 98.78 -68.93 -121.16
CA TYR H 920 98.40 -67.79 -120.34
C TYR H 920 96.89 -67.52 -120.40
N ASN H 921 96.28 -67.70 -121.57
CA ASN H 921 94.83 -67.55 -121.68
C ASN H 921 94.11 -68.61 -120.86
N LEU H 922 94.64 -69.84 -120.80
CA LEU H 922 94.04 -70.86 -119.96
C LEU H 922 94.11 -70.46 -118.49
N GLN H 923 95.23 -69.88 -118.06
CA GLN H 923 95.33 -69.40 -116.68
C GLN H 923 94.32 -68.29 -116.41
N MET H 924 94.16 -67.36 -117.37
CA MET H 924 93.15 -66.32 -117.23
C MET H 924 91.76 -66.91 -117.19
N SER H 925 91.48 -67.90 -118.06
CA SER H 925 90.20 -68.59 -118.01
C SER H 925 90.05 -69.37 -116.72
N GLY H 926 91.12 -70.02 -116.26
CA GLY H 926 91.07 -70.70 -114.97
C GLY H 926 90.83 -69.75 -113.82
N GLU H 927 91.48 -68.59 -113.84
CA GLU H 927 91.20 -67.56 -112.85
C GLU H 927 89.77 -67.05 -112.97
N THR H 928 89.28 -66.89 -114.19
CA THR H 928 87.88 -66.50 -114.39
C THR H 928 86.94 -67.55 -113.82
N LEU H 929 87.24 -68.83 -114.05
CA LEU H 929 86.44 -69.91 -113.49
C LEU H 929 86.50 -69.91 -111.96
N LYS H 930 87.66 -69.52 -111.40
CA LYS H 930 87.76 -69.41 -109.94
C LYS H 930 86.90 -68.30 -109.38
N THR H 931 86.55 -67.30 -110.19
CA THR H 931 85.67 -66.24 -109.72
C THR H 931 84.20 -66.63 -109.79
N LEU H 932 83.85 -67.58 -110.68
CA LEU H 932 82.47 -68.02 -110.78
C LEU H 932 82.01 -68.72 -109.50
N LEU H 933 82.86 -69.55 -108.92
CA LEU H 933 82.51 -70.24 -107.69
C LEU H 933 82.38 -69.27 -106.51
N ALA H 934 83.14 -68.18 -106.54
CA ALA H 934 83.03 -67.18 -105.47
C ALA H 934 81.66 -66.53 -105.45
N LEU H 935 81.12 -66.19 -106.64
CA LEU H 935 79.80 -65.59 -106.70
C LEU H 935 78.71 -66.59 -106.34
N GLY H 936 78.86 -67.84 -106.76
CA GLY H 936 77.89 -68.87 -106.47
C GLY H 936 77.02 -69.32 -107.63
N CYS H 937 77.29 -68.83 -108.84
CA CYS H 937 76.50 -69.21 -110.01
C CYS H 937 76.80 -70.65 -110.42
N HIS H 938 75.76 -71.33 -110.90
CA HIS H 938 75.86 -72.71 -111.37
C HIS H 938 75.71 -72.72 -112.88
N VAL H 939 76.66 -73.35 -113.57
CA VAL H 939 76.66 -73.44 -115.02
C VAL H 939 76.63 -74.91 -115.42
N GLY H 940 75.86 -75.22 -116.46
CA GLY H 940 75.75 -76.57 -116.94
C GLY H 940 75.03 -76.62 -118.27
N MET H 941 75.44 -77.55 -119.12
CA MET H 941 74.86 -77.73 -120.44
C MET H 941 74.22 -79.11 -120.53
N ALA H 942 72.95 -79.14 -120.94
CA ALA H 942 72.21 -80.38 -121.09
C ALA H 942 72.06 -80.83 -122.54
N ASP H 943 72.54 -80.03 -123.49
CA ASP H 943 72.44 -80.36 -124.91
C ASP H 943 73.85 -80.40 -125.49
N GLU H 944 74.26 -81.58 -125.97
CA GLU H 944 75.58 -81.73 -126.57
C GLU H 944 75.66 -81.13 -127.97
N LYS H 945 74.52 -81.01 -128.67
CA LYS H 945 74.54 -80.45 -130.01
C LYS H 945 74.89 -78.96 -130.02
N ALA H 946 74.46 -78.23 -128.99
CA ALA H 946 74.76 -76.80 -128.93
C ALA H 946 76.26 -76.56 -128.80
N GLU H 947 76.95 -77.35 -127.97
CA GLU H 947 78.38 -77.20 -127.83
C GLU H 947 79.12 -77.61 -129.10
N ASP H 948 78.65 -78.64 -129.80
CA ASP H 948 79.29 -79.08 -131.02
C ASP H 948 79.13 -78.09 -132.16
N ASN H 949 78.08 -77.27 -132.13
CA ASN H 949 77.86 -76.30 -133.19
C ASN H 949 78.93 -75.21 -133.14
N LEU H 950 79.41 -74.82 -134.32
CA LEU H 950 80.44 -73.81 -134.44
C LEU H 950 80.10 -72.87 -135.59
N ARG H 951 80.68 -71.67 -135.55
CA ARG H 951 80.43 -70.69 -136.60
C ARG H 951 80.99 -71.17 -137.93
N LYS H 952 80.20 -71.02 -138.98
CA LYS H 952 80.59 -71.44 -140.32
C LYS H 952 80.26 -70.33 -141.32
N THR H 953 81.17 -70.12 -142.27
CA THR H 953 81.05 -69.12 -143.32
C THR H 953 80.90 -67.70 -142.78
N LYS H 954 81.22 -67.47 -141.51
CA LYS H 954 81.14 -66.13 -140.93
C LYS H 954 82.38 -65.29 -141.19
N LEU H 955 83.44 -65.89 -141.75
CA LEU H 955 84.67 -65.18 -142.03
C LEU H 955 84.90 -65.11 -143.54
N PRO H 956 84.61 -63.98 -144.19
CA PRO H 956 84.84 -63.88 -145.63
C PRO H 956 86.31 -63.76 -145.98
N LYS H 957 86.61 -63.54 -147.26
CA LYS H 957 88.00 -63.36 -147.69
C LYS H 957 88.62 -62.13 -147.04
N THR H 958 87.82 -61.13 -146.70
CA THR H 958 88.33 -59.96 -146.00
C THR H 958 88.79 -60.32 -144.59
N TYR H 959 88.11 -61.26 -143.94
CA TYR H 959 88.50 -61.68 -142.60
C TYR H 959 89.81 -62.45 -142.60
N MET H 960 90.20 -63.01 -143.73
CA MET H 960 91.46 -63.75 -143.81
C MET H 960 92.64 -62.78 -143.67
N MET H 961 93.66 -63.22 -142.92
CA MET H 961 94.83 -62.39 -142.68
C MET H 961 95.76 -62.48 -143.89
N SER H 962 96.99 -61.96 -143.74
CA SER H 962 97.96 -62.01 -144.82
C SER H 962 98.36 -63.45 -145.15
N ASN H 963 98.39 -64.32 -144.15
CA ASN H 963 98.76 -65.71 -144.39
C ASN H 963 97.63 -66.49 -145.07
N GLY H 964 96.38 -66.08 -144.86
CA GLY H 964 95.24 -66.72 -145.48
C GLY H 964 94.27 -67.40 -144.52
N TYR H 965 94.60 -67.49 -143.23
CA TYR H 965 93.70 -68.13 -142.28
C TYR H 965 92.54 -67.21 -141.93
N LYS H 966 91.34 -67.79 -141.85
CA LYS H 966 90.14 -67.04 -141.51
C LYS H 966 89.72 -67.38 -140.09
N PRO H 967 89.77 -66.43 -139.15
CA PRO H 967 89.35 -66.73 -137.77
C PRO H 967 87.87 -67.05 -137.69
N ALA H 968 87.53 -68.00 -136.83
CA ALA H 968 86.15 -68.42 -136.61
C ALA H 968 85.83 -68.38 -135.14
N PRO H 969 84.80 -67.64 -134.70
CA PRO H 969 84.47 -67.61 -133.27
C PRO H 969 84.04 -68.96 -132.72
N LEU H 970 83.56 -69.86 -133.57
CA LEU H 970 83.12 -71.21 -133.17
C LEU H 970 82.02 -71.13 -132.11
N ASP H 971 81.16 -70.12 -132.19
CA ASP H 971 80.06 -69.95 -131.26
C ASP H 971 78.98 -69.11 -131.92
N LEU H 972 77.86 -69.75 -132.28
CA LEU H 972 76.77 -69.01 -132.91
C LEU H 972 76.16 -67.99 -131.97
N SER H 973 75.99 -68.36 -130.69
CA SER H 973 75.38 -67.49 -129.68
C SER H 973 74.01 -67.00 -130.12
N HIS H 974 73.22 -67.90 -130.72
CA HIS H 974 71.89 -67.53 -131.18
C HIS H 974 70.95 -67.25 -130.02
N VAL H 975 71.09 -67.98 -128.91
CA VAL H 975 70.22 -67.77 -127.76
C VAL H 975 70.54 -66.44 -127.09
N ARG H 976 69.57 -65.89 -126.40
CA ARG H 976 69.71 -64.61 -125.71
C ARG H 976 69.99 -64.82 -124.24
N LEU H 977 70.88 -64.01 -123.68
CA LEU H 977 71.23 -64.11 -122.28
C LEU H 977 70.05 -63.70 -121.40
N THR H 978 69.94 -64.35 -120.24
CA THR H 978 68.87 -64.05 -119.31
C THR H 978 69.05 -62.66 -118.72
N PRO H 979 67.97 -62.00 -118.32
CA PRO H 979 68.11 -60.69 -117.67
C PRO H 979 68.94 -60.72 -116.40
N ALA H 980 68.91 -61.83 -115.66
CA ALA H 980 69.79 -61.99 -114.52
C ALA H 980 71.22 -62.31 -114.92
N GLN H 981 71.42 -62.91 -116.11
CA GLN H 981 72.77 -63.27 -116.54
C GLN H 981 73.64 -62.04 -116.75
N THR H 982 73.08 -60.99 -117.37
CA THR H 982 73.87 -59.77 -117.58
C THR H 982 74.16 -59.05 -116.27
N THR H 983 73.26 -59.17 -115.30
CA THR H 983 73.55 -58.63 -113.96
C THR H 983 74.70 -59.40 -113.31
N LEU H 984 74.70 -60.73 -113.44
CA LEU H 984 75.81 -61.53 -112.93
C LEU H 984 77.10 -61.25 -113.70
N VAL H 985 77.00 -61.05 -115.01
CA VAL H 985 78.19 -60.75 -115.82
C VAL H 985 78.81 -59.43 -115.40
N ASP H 986 77.98 -58.45 -115.04
CA ASP H 986 78.51 -57.17 -114.55
C ASP H 986 79.27 -57.34 -113.25
N ARG H 987 78.81 -58.23 -112.37
CA ARG H 987 79.53 -58.49 -111.12
C ARG H 987 80.91 -59.08 -111.39
N LEU H 988 81.00 -60.02 -112.34
CA LEU H 988 82.30 -60.57 -112.71
C LEU H 988 83.20 -59.51 -113.34
N ALA H 989 82.62 -58.65 -114.17
CA ALA H 989 83.39 -57.55 -114.75
C ALA H 989 83.93 -56.61 -113.68
N GLU H 990 83.10 -56.30 -112.67
CA GLU H 990 83.57 -55.48 -111.57
C GLU H 990 84.67 -56.19 -110.78
N ASN H 991 84.50 -57.49 -110.54
CA ASN H 991 85.54 -58.25 -109.82
C ASN H 991 86.80 -58.39 -110.67
N GLY H 992 86.64 -58.61 -111.98
CA GLY H 992 87.81 -58.71 -112.85
C GLY H 992 88.63 -57.44 -112.89
N HIS H 993 87.97 -56.29 -112.93
CA HIS H 993 88.68 -55.02 -112.84
C HIS H 993 89.23 -54.79 -111.43
N ASN H 994 88.58 -55.36 -110.42
CA ASN H 994 89.02 -55.15 -109.04
C ASN H 994 90.36 -55.84 -108.78
N VAL H 995 90.49 -57.11 -109.18
CA VAL H 995 91.74 -57.83 -108.95
C VAL H 995 92.87 -57.22 -109.78
N TRP H 996 92.57 -56.71 -110.97
CA TRP H 996 93.58 -56.01 -111.76
C TRP H 996 94.07 -54.77 -111.03
N ALA H 997 93.17 -54.02 -110.40
CA ALA H 997 93.57 -52.88 -109.59
C ALA H 997 94.35 -53.33 -108.35
N ARG H 998 93.99 -54.47 -107.77
CA ARG H 998 94.74 -54.98 -106.63
C ARG H 998 96.17 -55.32 -107.01
N ASP H 999 96.37 -55.88 -108.21
CA ASP H 999 97.72 -56.13 -108.70
C ASP H 999 98.44 -54.86 -109.11
N ARG H 1000 97.70 -53.80 -109.46
CA ARG H 1000 98.33 -52.55 -109.85
C ARG H 1000 98.93 -51.83 -108.65
N VAL H 1001 98.20 -51.76 -107.54
CA VAL H 1001 98.72 -51.12 -106.34
C VAL H 1001 99.85 -51.95 -105.74
N ALA H 1002 99.79 -53.27 -105.86
CA ALA H 1002 100.85 -54.13 -105.35
C ALA H 1002 102.16 -53.88 -106.10
N GLN H 1003 102.10 -53.66 -107.41
CA GLN H 1003 103.31 -53.38 -108.17
C GLN H 1003 103.94 -52.05 -107.77
N GLY H 1004 103.11 -51.06 -107.41
CA GLY H 1004 103.58 -49.77 -106.93
C GLY H 1004 103.00 -48.58 -107.63
N TRP H 1005 102.35 -48.77 -108.79
CA TRP H 1005 101.78 -47.66 -109.55
C TRP H 1005 100.31 -47.54 -109.20
N SER H 1006 99.98 -46.54 -108.37
CA SER H 1006 98.60 -46.24 -108.00
C SER H 1006 98.35 -44.76 -108.28
N TYR H 1007 97.36 -44.47 -109.11
CA TYR H 1007 97.09 -43.11 -109.53
C TYR H 1007 95.71 -43.05 -110.15
N SER H 1008 95.05 -41.89 -110.02
CA SER H 1008 93.67 -41.75 -110.49
C SER H 1008 93.45 -40.43 -111.23
N ALA H 1009 94.44 -39.97 -111.99
CA ALA H 1009 94.32 -38.75 -112.77
C ALA H 1009 94.25 -39.05 -114.26
N VAL H 1010 93.64 -38.11 -114.99
CA VAL H 1010 93.47 -38.26 -116.44
C VAL H 1010 94.74 -37.96 -117.22
N GLN H 1011 95.76 -37.42 -116.58
CA GLN H 1011 97.00 -37.07 -117.26
C GLN H 1011 97.95 -38.28 -117.30
N ASP H 1012 98.96 -38.18 -118.15
CA ASP H 1012 99.96 -39.23 -118.32
C ASP H 1012 101.22 -38.85 -117.55
N ILE H 1013 101.59 -39.68 -116.57
CA ILE H 1013 102.77 -39.45 -115.74
C ILE H 1013 103.61 -40.71 -115.72
N PRO H 1014 104.94 -40.61 -115.84
CA PRO H 1014 105.77 -41.82 -115.86
C PRO H 1014 105.62 -42.70 -114.63
N ALA H 1015 105.36 -42.12 -113.46
CA ALA H 1015 105.15 -42.93 -112.26
C ALA H 1015 103.93 -43.83 -112.42
N ARG H 1016 102.82 -43.27 -112.89
CA ARG H 1016 101.61 -44.04 -113.18
C ARG H 1016 100.74 -43.20 -114.10
N ARG H 1017 100.51 -43.69 -115.31
CA ARG H 1017 99.78 -42.96 -116.34
C ARG H 1017 98.46 -43.65 -116.71
N ASN H 1018 97.76 -44.16 -115.72
CA ASN H 1018 96.50 -44.87 -115.95
C ASN H 1018 95.36 -44.13 -115.23
N PRO H 1019 94.38 -43.60 -115.95
CA PRO H 1019 93.25 -42.95 -115.29
C PRO H 1019 92.16 -43.91 -114.83
N ARG H 1020 92.10 -45.11 -115.39
CA ARG H 1020 91.06 -46.08 -115.05
C ARG H 1020 91.48 -47.00 -113.90
N LEU H 1021 92.44 -46.59 -113.09
CA LEU H 1021 92.89 -47.40 -111.96
C LEU H 1021 91.92 -47.35 -110.78
N VAL H 1022 90.96 -46.44 -110.81
CA VAL H 1022 89.96 -46.30 -109.73
C VAL H 1022 89.10 -47.56 -109.70
N PRO H 1023 88.45 -47.86 -108.57
CA PRO H 1023 87.58 -49.04 -108.51
C PRO H 1023 86.46 -48.97 -109.54
N TYR H 1024 85.80 -50.12 -109.74
CA TYR H 1024 84.80 -50.24 -110.78
C TYR H 1024 83.63 -49.28 -110.57
N ARG H 1025 83.34 -48.93 -109.32
CA ARG H 1025 82.25 -48.00 -109.05
C ARG H 1025 82.58 -46.60 -109.52
N LEU H 1026 83.86 -46.24 -109.56
CA LEU H 1026 84.29 -44.90 -109.94
C LEU H 1026 84.73 -44.78 -111.39
N LEU H 1027 84.65 -45.86 -112.17
CA LEU H 1027 85.05 -45.81 -113.56
C LEU H 1027 84.03 -45.05 -114.40
N ASP H 1028 84.50 -44.49 -115.52
CA ASP H 1028 83.62 -43.83 -116.46
C ASP H 1028 82.79 -44.85 -117.23
N GLU H 1029 81.65 -44.39 -117.75
CA GLU H 1029 80.75 -45.28 -118.47
C GLU H 1029 81.37 -45.79 -119.77
N ALA H 1030 82.31 -45.05 -120.36
CA ALA H 1030 82.93 -45.49 -121.61
C ALA H 1030 83.81 -46.72 -121.40
N THR H 1031 84.72 -46.66 -120.42
CA THR H 1031 85.60 -47.80 -120.18
C THR H 1031 84.87 -48.97 -119.55
N LYS H 1032 83.89 -48.69 -118.68
CA LYS H 1032 83.14 -49.77 -118.05
C LYS H 1032 82.34 -50.56 -119.05
N ARG H 1033 81.74 -49.89 -120.05
CA ARG H 1033 80.96 -50.61 -121.06
C ARG H 1033 81.83 -51.54 -121.88
N SER H 1034 83.03 -51.11 -122.25
CA SER H 1034 83.92 -51.95 -123.04
C SER H 1034 84.35 -53.19 -122.25
N ASN H 1035 84.69 -53.00 -120.97
CA ASN H 1035 85.07 -54.15 -120.15
C ASN H 1035 83.90 -55.09 -119.93
N ARG H 1036 82.71 -54.55 -119.70
CA ARG H 1036 81.53 -55.38 -119.52
C ARG H 1036 81.15 -56.10 -120.81
N ASP H 1037 81.29 -55.43 -121.97
CA ASP H 1037 80.95 -56.07 -123.23
C ASP H 1037 81.87 -57.24 -123.52
N SER H 1038 83.17 -57.10 -123.23
CA SER H 1038 84.10 -58.21 -123.46
C SER H 1038 83.75 -59.40 -122.57
N LEU H 1039 83.40 -59.14 -121.31
CA LEU H 1039 82.98 -60.23 -120.43
C LEU H 1039 81.62 -60.78 -120.83
N CYS H 1040 80.75 -59.93 -121.39
CA CYS H 1040 79.44 -60.39 -121.85
C CYS H 1040 79.56 -61.40 -122.99
N GLN H 1041 80.50 -61.18 -123.91
CA GLN H 1041 80.69 -62.12 -125.01
C GLN H 1041 81.15 -63.48 -124.51
N ALA H 1042 81.94 -63.51 -123.43
CA ALA H 1042 82.33 -64.79 -122.84
C ALA H 1042 81.11 -65.54 -122.32
N VAL H 1043 80.19 -64.84 -121.66
CA VAL H 1043 78.95 -65.46 -121.24
C VAL H 1043 78.08 -65.80 -122.44
N ARG H 1044 78.08 -64.94 -123.46
CA ARG H 1044 77.34 -65.25 -124.69
C ARG H 1044 77.92 -66.49 -125.37
N THR H 1045 79.25 -66.61 -125.40
CA THR H 1045 79.87 -67.82 -125.92
C THR H 1045 79.50 -69.03 -125.06
N LEU H 1046 79.47 -68.86 -123.74
CA LEU H 1046 79.03 -69.94 -122.86
C LEU H 1046 77.59 -70.31 -123.12
N LEU H 1047 76.73 -69.31 -123.34
CA LEU H 1047 75.34 -69.58 -123.68
C LEU H 1047 75.21 -70.20 -125.07
N GLY H 1048 76.15 -69.88 -125.97
CA GLY H 1048 76.11 -70.47 -127.29
C GLY H 1048 76.33 -71.97 -127.29
N TYR H 1049 77.10 -72.47 -126.32
CA TYR H 1049 77.37 -73.90 -126.22
C TYR H 1049 76.26 -74.65 -125.48
N GLY H 1050 75.24 -73.96 -125.01
CA GLY H 1050 74.15 -74.58 -124.29
C GLY H 1050 74.26 -74.57 -122.79
N TYR H 1051 75.27 -73.88 -122.23
CA TYR H 1051 75.45 -73.82 -120.79
C TYR H 1051 74.51 -72.78 -120.20
N ASN H 1052 73.65 -73.21 -119.27
CA ASN H 1052 72.70 -72.31 -118.63
C ASN H 1052 73.40 -71.54 -117.51
N ILE H 1053 72.64 -70.65 -116.87
CA ILE H 1053 73.17 -69.85 -115.77
C ILE H 1053 72.12 -69.70 -114.67
N ARG H 1071 71.18 -37.83 -90.29
CA ARG H 1071 71.37 -37.48 -91.69
C ARG H 1071 70.07 -37.02 -92.32
N VAL H 1072 69.19 -36.45 -91.51
CA VAL H 1072 67.90 -35.94 -91.96
C VAL H 1072 67.79 -34.48 -91.54
N ARG H 1073 67.38 -33.63 -92.48
CA ARG H 1073 67.20 -32.21 -92.24
C ARG H 1073 65.72 -31.87 -92.35
N ILE H 1074 65.22 -31.11 -91.37
CA ILE H 1074 63.81 -30.75 -91.29
C ILE H 1074 63.70 -29.24 -91.31
N PHE H 1075 62.85 -28.72 -92.19
CA PHE H 1075 62.61 -27.29 -92.33
C PHE H 1075 61.18 -26.97 -91.94
N ARG H 1076 61.01 -25.96 -91.09
CA ARG H 1076 59.69 -25.49 -90.70
C ARG H 1076 59.77 -23.97 -90.49
N ALA H 1077 58.67 -23.38 -90.03
CA ALA H 1077 58.59 -21.96 -89.76
C ALA H 1077 58.71 -21.70 -88.26
N GLU H 1078 58.81 -20.43 -87.90
CA GLU H 1078 58.93 -20.06 -86.50
C GLU H 1078 57.62 -20.27 -85.76
N LYS H 1079 57.71 -20.47 -84.45
CA LYS H 1079 56.53 -20.71 -83.63
C LYS H 1079 55.64 -19.49 -83.52
N SER H 1080 56.15 -18.29 -83.85
CA SER H 1080 55.35 -17.07 -83.75
C SER H 1080 54.28 -16.97 -84.82
N TYR H 1081 54.34 -17.80 -85.86
CA TYR H 1081 53.35 -17.79 -86.93
C TYR H 1081 52.32 -18.91 -86.79
N ALA H 1082 52.03 -19.32 -85.56
CA ALA H 1082 51.04 -20.36 -85.33
C ALA H 1082 49.65 -19.87 -85.72
N VAL H 1083 48.89 -20.74 -86.39
CA VAL H 1083 47.56 -20.42 -86.85
C VAL H 1083 46.53 -21.21 -86.04
N GLN H 1084 45.42 -20.54 -85.70
CA GLN H 1084 44.37 -21.15 -84.90
C GLN H 1084 43.02 -21.18 -85.59
N SER H 1085 42.81 -20.40 -86.65
CA SER H 1085 41.54 -20.39 -87.36
C SER H 1085 41.79 -19.93 -88.80
N GLY H 1086 40.79 -20.12 -89.64
CA GLY H 1086 40.88 -19.71 -91.03
C GLY H 1086 41.35 -20.83 -91.95
N ARG H 1087 41.70 -20.42 -93.17
CA ARG H 1087 42.15 -21.33 -94.20
C ARG H 1087 43.50 -20.88 -94.74
N TRP H 1088 44.39 -21.85 -94.96
CA TRP H 1088 45.75 -21.56 -95.40
C TRP H 1088 46.16 -22.58 -96.46
N TYR H 1089 47.09 -22.17 -97.32
CA TYR H 1089 47.60 -23.05 -98.36
C TYR H 1089 49.00 -22.60 -98.73
N PHE H 1090 49.83 -23.55 -99.15
CA PHE H 1090 51.18 -23.24 -99.61
C PHE H 1090 51.60 -24.31 -100.62
N GLU H 1091 52.49 -23.91 -101.52
CA GLU H 1091 52.99 -24.79 -102.57
C GLU H 1091 54.39 -25.29 -102.25
N PHE H 1092 54.80 -26.33 -102.97
CA PHE H 1092 56.13 -26.91 -102.80
C PHE H 1092 56.54 -27.56 -104.11
N GLU H 1093 57.60 -27.05 -104.72
CA GLU H 1093 58.13 -27.59 -105.97
C GLU H 1093 59.37 -28.41 -105.67
N ALA H 1094 59.38 -29.66 -106.11
CA ALA H 1094 60.50 -30.58 -105.91
C ALA H 1094 61.14 -30.87 -107.25
N VAL H 1095 62.37 -30.36 -107.44
CA VAL H 1095 63.06 -30.55 -108.72
C VAL H 1095 63.71 -31.93 -108.82
N THR H 1096 64.04 -32.56 -107.69
CA THR H 1096 64.68 -33.88 -107.68
C THR H 1096 63.78 -34.84 -106.91
N THR H 1097 63.46 -35.96 -107.54
CA THR H 1097 62.62 -36.97 -106.88
C THR H 1097 63.43 -37.74 -105.86
N GLY H 1098 62.75 -38.15 -104.78
CA GLY H 1098 63.40 -38.91 -103.72
C GLY H 1098 62.55 -39.02 -102.47
N GLU H 1099 63.19 -38.90 -101.31
CA GLU H 1099 62.51 -38.99 -100.03
C GLU H 1099 62.23 -37.58 -99.52
N MET H 1100 61.01 -37.10 -99.76
CA MET H 1100 60.59 -35.78 -99.31
C MET H 1100 59.22 -35.89 -98.65
N ARG H 1101 59.09 -35.24 -97.49
CA ARG H 1101 57.85 -35.23 -96.74
C ARG H 1101 57.40 -33.80 -96.54
N VAL H 1102 56.20 -33.47 -97.01
CA VAL H 1102 55.63 -32.15 -96.87
C VAL H 1102 54.34 -32.27 -96.07
N GLY H 1103 54.27 -31.51 -94.98
CA GLY H 1103 53.13 -31.62 -94.09
C GLY H 1103 53.23 -30.60 -92.97
N TRP H 1104 52.39 -30.80 -91.95
CA TRP H 1104 52.20 -29.86 -90.87
C TRP H 1104 52.39 -30.54 -89.52
N ALA H 1105 52.72 -29.73 -88.52
CA ALA H 1105 52.98 -30.25 -87.19
C ALA H 1105 52.77 -29.15 -86.17
N ARG H 1106 52.64 -29.55 -84.91
CA ARG H 1106 52.54 -28.61 -83.81
C ARG H 1106 53.88 -27.91 -83.62
N PRO H 1107 53.87 -26.70 -83.04
CA PRO H 1107 55.14 -26.00 -82.81
C PRO H 1107 56.12 -26.78 -81.94
N GLU H 1108 55.62 -27.57 -81.00
CA GLU H 1108 56.48 -28.40 -80.14
C GLU H 1108 56.80 -29.69 -80.89
N LEU H 1109 57.89 -29.66 -81.64
CA LEU H 1109 58.33 -30.81 -82.43
C LEU H 1109 59.68 -31.29 -81.91
N ARG H 1110 59.81 -32.60 -81.70
CA ARG H 1110 61.08 -33.18 -81.30
C ARG H 1110 61.95 -33.43 -82.52
N PRO H 1111 63.13 -32.81 -82.63
CA PRO H 1111 63.94 -32.98 -83.84
C PRO H 1111 64.62 -34.34 -83.94
N ASP H 1112 64.81 -35.05 -82.83
CA ASP H 1112 65.47 -36.34 -82.87
C ASP H 1112 64.66 -37.36 -83.66
N VAL H 1113 63.34 -37.39 -83.43
CA VAL H 1113 62.49 -38.34 -84.13
C VAL H 1113 62.24 -37.87 -85.55
N GLU H 1114 62.08 -38.83 -86.46
CA GLU H 1114 61.81 -38.50 -87.86
C GLU H 1114 60.42 -37.89 -87.99
N LEU H 1115 60.29 -36.98 -88.94
CA LEU H 1115 59.03 -36.25 -89.14
C LEU H 1115 57.92 -37.23 -89.53
N GLY H 1116 56.81 -37.16 -88.80
CA GLY H 1116 55.66 -38.01 -89.05
C GLY H 1116 55.63 -39.30 -88.26
N ALA H 1117 56.75 -39.68 -87.64
CA ALA H 1117 56.77 -40.91 -86.86
C ALA H 1117 55.84 -40.81 -85.65
N ASP H 1118 55.82 -39.67 -84.98
CA ASP H 1118 54.95 -39.45 -83.85
C ASP H 1118 53.65 -38.79 -84.31
N GLU H 1119 52.74 -38.58 -83.35
CA GLU H 1119 51.47 -37.94 -83.62
C GLU H 1119 51.57 -36.43 -83.75
N LEU H 1120 52.75 -35.86 -83.51
CA LEU H 1120 52.91 -34.41 -83.58
C LEU H 1120 52.87 -33.90 -85.01
N ALA H 1121 53.30 -34.70 -85.98
CA ALA H 1121 53.43 -34.25 -87.36
C ALA H 1121 52.46 -34.98 -88.27
N TYR H 1122 51.93 -34.25 -89.25
CA TYR H 1122 51.03 -34.78 -90.28
C TYR H 1122 51.70 -34.53 -91.63
N VAL H 1123 52.56 -35.45 -92.04
CA VAL H 1123 53.32 -35.30 -93.28
C VAL H 1123 52.84 -36.32 -94.30
N PHE H 1124 53.33 -36.19 -95.53
CA PHE H 1124 52.98 -37.08 -96.62
C PHE H 1124 54.24 -37.40 -97.41
N ASN H 1125 54.63 -38.67 -97.42
CA ASN H 1125 55.82 -39.09 -98.14
C ASN H 1125 55.58 -39.03 -99.65
N GLY H 1126 56.66 -38.77 -100.40
CA GLY H 1126 56.55 -38.66 -101.85
C GLY H 1126 57.37 -39.69 -102.59
N HIS H 1127 58.11 -40.54 -101.86
CA HIS H 1127 58.93 -41.56 -102.51
C HIS H 1127 58.06 -42.65 -103.12
N ARG H 1128 57.27 -43.33 -102.29
CA ARG H 1128 56.35 -44.36 -102.76
C ARG H 1128 54.90 -43.90 -102.73
N GLY H 1129 54.64 -42.66 -102.31
CA GLY H 1129 53.29 -42.14 -102.26
C GLY H 1129 52.43 -42.77 -101.18
N GLN H 1130 52.78 -42.52 -99.91
CA GLN H 1130 52.03 -43.07 -98.80
C GLN H 1130 52.13 -42.12 -97.61
N ARG H 1131 51.11 -42.18 -96.75
CA ARG H 1131 51.11 -41.36 -95.54
C ARG H 1131 51.95 -42.03 -94.45
N TRP H 1132 52.74 -41.22 -93.75
CA TRP H 1132 53.64 -41.73 -92.72
C TRP H 1132 53.19 -41.38 -91.30
N HIS H 1133 52.02 -40.78 -91.13
CA HIS H 1133 51.55 -40.41 -89.80
C HIS H 1133 51.15 -41.67 -89.04
N LEU H 1134 51.97 -42.07 -88.06
CA LEU H 1134 51.70 -43.23 -87.22
C LEU H 1134 51.52 -44.49 -88.06
N GLY H 1135 52.57 -44.84 -88.79
CA GLY H 1135 52.57 -46.00 -89.65
C GLY H 1135 52.53 -45.61 -91.12
N SER H 1136 52.72 -46.63 -91.96
CA SER H 1136 52.76 -46.46 -93.41
C SER H 1136 51.42 -46.88 -93.99
N GLU H 1137 50.69 -45.93 -94.55
CA GLU H 1137 49.41 -46.19 -95.20
C GLU H 1137 49.46 -45.60 -96.61
N LEU H 1138 49.14 -46.42 -97.61
CA LEU H 1138 49.21 -45.98 -98.99
C LEU H 1138 48.15 -44.90 -99.26
N PHE H 1139 48.56 -43.88 -100.00
CA PHE H 1139 47.66 -42.77 -100.33
C PHE H 1139 48.22 -42.04 -101.54
N GLY H 1140 47.48 -42.04 -102.64
CA GLY H 1140 47.92 -41.36 -103.84
C GLY H 1140 49.02 -42.13 -104.56
N ARG H 1141 49.67 -41.42 -105.48
CA ARG H 1141 50.74 -41.98 -106.28
C ARG H 1141 51.99 -41.12 -106.17
N PRO H 1142 53.18 -41.72 -106.27
CA PRO H 1142 54.42 -40.93 -106.21
C PRO H 1142 54.50 -39.95 -107.36
N TRP H 1143 55.06 -38.78 -107.08
CA TRP H 1143 55.15 -37.73 -108.08
C TRP H 1143 56.49 -37.77 -108.83
N GLN H 1144 56.48 -37.22 -110.03
CA GLN H 1144 57.66 -37.16 -110.89
C GLN H 1144 58.41 -35.85 -110.63
N SER H 1145 59.35 -35.52 -111.51
CA SER H 1145 60.10 -34.28 -111.38
C SER H 1145 59.17 -33.08 -111.46
N GLY H 1146 59.53 -32.02 -110.74
CA GLY H 1146 58.65 -30.89 -110.58
C GLY H 1146 57.48 -31.25 -109.67
N ASP H 1147 56.28 -31.31 -110.23
CA ASP H 1147 55.09 -31.84 -109.55
C ASP H 1147 54.84 -31.10 -108.23
N VAL H 1148 54.50 -29.82 -108.38
CA VAL H 1148 54.19 -28.98 -107.22
C VAL H 1148 53.03 -29.60 -106.45
N VAL H 1149 53.27 -29.95 -105.20
CA VAL H 1149 52.26 -30.56 -104.33
C VAL H 1149 51.79 -29.51 -103.32
N GLY H 1150 50.47 -29.42 -103.15
CA GLY H 1150 49.90 -28.44 -102.25
C GLY H 1150 49.23 -29.06 -101.04
N CYS H 1151 49.21 -28.32 -99.94
CA CYS H 1151 48.58 -28.74 -98.70
C CYS H 1151 47.58 -27.67 -98.28
N MET H 1152 46.38 -28.10 -97.90
CA MET H 1152 45.29 -27.19 -97.56
C MET H 1152 44.79 -27.48 -96.14
N ILE H 1153 43.84 -26.67 -95.69
CA ILE H 1153 43.28 -26.81 -94.36
C ILE H 1153 41.83 -26.34 -94.38
N ASP H 1154 41.05 -26.85 -93.42
CA ASP H 1154 39.75 -26.27 -93.06
C ASP H 1154 39.56 -26.53 -91.58
N LEU H 1155 39.96 -25.56 -90.75
CA LEU H 1155 39.84 -25.70 -89.31
C LEU H 1155 38.39 -25.65 -88.84
N THR H 1156 37.51 -25.03 -89.62
CA THR H 1156 36.08 -25.11 -89.34
C THR H 1156 35.53 -26.50 -89.64
N GLU H 1157 36.29 -27.33 -90.36
CA GLU H 1157 35.91 -28.71 -90.64
C GLU H 1157 36.93 -29.73 -90.16
N ASN H 1158 38.13 -29.30 -89.77
CA ASN H 1158 39.19 -30.18 -89.28
C ASN H 1158 39.54 -31.27 -90.30
N THR H 1159 39.68 -30.84 -91.56
CA THR H 1159 40.06 -31.74 -92.65
C THR H 1159 41.30 -31.20 -93.34
N ILE H 1160 42.21 -32.10 -93.68
CA ILE H 1160 43.44 -31.76 -94.39
C ILE H 1160 43.47 -32.55 -95.70
N ILE H 1161 43.69 -31.86 -96.81
CA ILE H 1161 43.74 -32.49 -98.13
C ILE H 1161 45.03 -32.10 -98.82
N PHE H 1162 45.54 -33.03 -99.63
CA PHE H 1162 46.77 -32.83 -100.39
C PHE H 1162 46.46 -32.84 -101.87
N THR H 1163 46.96 -31.83 -102.58
CA THR H 1163 46.74 -31.69 -104.02
C THR H 1163 48.06 -31.89 -104.76
N LEU H 1164 48.05 -32.78 -105.75
CA LEU H 1164 49.23 -33.07 -106.56
C LEU H 1164 48.96 -32.61 -107.99
N ASN H 1165 49.85 -31.75 -108.51
CA ASN H 1165 49.73 -31.20 -109.86
C ASN H 1165 48.41 -30.48 -110.06
N GLY H 1166 47.88 -29.87 -109.00
CA GLY H 1166 46.57 -29.26 -109.07
C GLY H 1166 45.41 -30.23 -109.09
N GLU H 1167 45.66 -31.52 -108.84
CA GLU H 1167 44.64 -32.55 -108.86
C GLU H 1167 44.43 -33.10 -107.45
N VAL H 1168 43.16 -33.29 -107.08
CA VAL H 1168 42.83 -33.79 -105.75
C VAL H 1168 43.24 -35.25 -105.63
N LEU H 1169 43.93 -35.58 -104.54
CA LEU H 1169 44.36 -36.94 -104.26
C LEU H 1169 43.32 -37.64 -103.39
N MET H 1170 42.92 -38.83 -103.79
CA MET H 1170 41.90 -39.61 -103.07
C MET H 1170 42.55 -40.83 -102.44
N SER H 1171 41.80 -41.46 -101.54
CA SER H 1171 42.26 -42.64 -100.83
C SER H 1171 41.81 -43.89 -101.59
N ASP H 1172 42.01 -45.06 -100.98
CA ASP H 1172 41.59 -46.31 -101.62
C ASP H 1172 40.07 -46.42 -101.72
N SER H 1173 39.34 -45.77 -100.83
CA SER H 1173 37.88 -45.79 -100.83
C SER H 1173 37.28 -44.65 -101.64
N GLY H 1174 38.11 -43.84 -102.30
CA GLY H 1174 37.61 -42.73 -103.07
C GLY H 1174 37.34 -41.47 -102.28
N SER H 1175 37.77 -41.41 -101.01
CA SER H 1175 37.55 -40.24 -100.17
C SER H 1175 38.67 -39.23 -100.42
N GLU H 1176 38.29 -37.98 -100.69
CA GLU H 1176 39.27 -36.94 -100.95
C GLU H 1176 39.99 -36.48 -99.69
N THR H 1177 39.41 -36.68 -98.51
CA THR H 1177 40.03 -36.26 -97.27
C THR H 1177 41.15 -37.23 -96.87
N ALA H 1178 42.18 -36.70 -96.24
CA ALA H 1178 43.29 -37.51 -95.76
C ALA H 1178 43.20 -37.77 -94.26
N PHE H 1179 43.11 -36.71 -93.46
CA PHE H 1179 42.99 -36.82 -92.01
C PHE H 1179 41.72 -36.10 -91.56
N ARG H 1180 40.99 -36.71 -90.63
CA ARG H 1180 39.73 -36.17 -90.14
C ARG H 1180 39.72 -36.22 -88.62
N ASP H 1181 38.92 -35.32 -88.04
CA ASP H 1181 38.76 -35.22 -86.58
C ASP H 1181 40.11 -34.96 -85.91
N ILE H 1182 40.73 -33.85 -86.29
CA ILE H 1182 42.02 -33.44 -85.74
C ILE H 1182 41.80 -32.34 -84.71
N GLU H 1183 42.51 -32.45 -83.59
CA GLU H 1183 42.40 -31.44 -82.54
C GLU H 1183 43.05 -30.14 -83.00
N VAL H 1184 42.47 -29.01 -82.56
CA VAL H 1184 43.01 -27.71 -82.93
C VAL H 1184 44.38 -27.51 -82.32
N GLY H 1185 44.56 -27.91 -81.05
CA GLY H 1185 45.83 -27.77 -80.38
C GLY H 1185 46.25 -26.33 -80.23
N ASP H 1186 47.57 -26.12 -80.14
CA ASP H 1186 48.10 -24.76 -80.07
C ASP H 1186 48.18 -24.12 -81.46
N GLY H 1187 48.57 -24.90 -82.47
CA GLY H 1187 48.65 -24.40 -83.82
C GLY H 1187 49.29 -25.40 -84.74
N PHE H 1188 49.41 -25.02 -86.00
CA PHE H 1188 50.03 -25.85 -87.03
C PHE H 1188 50.95 -25.00 -87.88
N LEU H 1189 52.09 -25.57 -88.24
CA LEU H 1189 53.11 -24.88 -89.01
C LEU H 1189 53.50 -25.67 -90.26
N PRO H 1190 53.88 -25.00 -91.34
CA PRO H 1190 54.37 -25.72 -92.53
C PRO H 1190 55.74 -26.31 -92.26
N VAL H 1191 55.82 -27.65 -92.37
CA VAL H 1191 57.04 -28.39 -92.07
C VAL H 1191 57.44 -29.19 -93.31
N CYS H 1192 58.73 -29.15 -93.64
CA CYS H 1192 59.27 -29.89 -94.76
C CYS H 1192 60.49 -30.67 -94.32
N SER H 1193 60.69 -31.83 -94.95
CA SER H 1193 61.82 -32.70 -94.66
C SER H 1193 62.49 -33.10 -95.97
N LEU H 1194 63.83 -33.11 -95.96
CA LEU H 1194 64.63 -33.46 -97.12
C LEU H 1194 65.62 -34.54 -96.74
N GLY H 1195 65.79 -35.53 -97.64
CA GLY H 1195 66.71 -36.61 -97.42
C GLY H 1195 68.08 -36.31 -97.99
N PRO H 1196 68.98 -37.29 -97.91
CA PRO H 1196 70.34 -37.10 -98.45
C PRO H 1196 70.31 -36.91 -99.96
N GLY H 1197 71.08 -35.93 -100.43
CA GLY H 1197 71.18 -35.67 -101.85
C GLY H 1197 69.88 -35.24 -102.50
N GLN H 1198 69.04 -34.49 -101.80
CA GLN H 1198 67.76 -34.03 -102.32
C GLN H 1198 67.71 -32.52 -102.35
N VAL H 1199 67.16 -31.97 -103.44
CA VAL H 1199 67.02 -30.53 -103.63
C VAL H 1199 65.55 -30.23 -103.85
N GLY H 1200 65.00 -29.32 -103.03
CA GLY H 1200 63.62 -28.93 -103.14
C GLY H 1200 63.45 -27.43 -103.03
N HIS H 1201 62.26 -26.97 -103.38
CA HIS H 1201 61.93 -25.55 -103.31
C HIS H 1201 60.62 -25.39 -102.57
N LEU H 1202 60.62 -24.53 -101.55
CA LEU H 1202 59.44 -24.27 -100.72
C LEU H 1202 58.93 -22.87 -100.99
N ASN H 1203 57.63 -22.75 -101.26
CA ASN H 1203 56.98 -21.47 -101.52
C ASN H 1203 55.89 -21.26 -100.48
N LEU H 1204 55.96 -20.13 -99.78
CA LEU H 1204 54.98 -19.82 -98.75
C LEU H 1204 53.81 -18.99 -99.28
N GLY H 1205 53.77 -18.73 -100.59
CA GLY H 1205 52.69 -17.94 -101.15
C GLY H 1205 52.76 -16.46 -100.84
N GLN H 1206 53.98 -15.94 -100.66
CA GLN H 1206 54.13 -14.51 -100.38
C GLN H 1206 53.70 -13.65 -101.57
N ASP H 1207 54.03 -14.09 -102.78
CA ASP H 1207 53.71 -13.35 -103.99
C ASP H 1207 52.68 -14.12 -104.82
N VAL H 1208 51.73 -13.39 -105.40
CA VAL H 1208 50.70 -14.01 -106.22
C VAL H 1208 51.31 -14.62 -107.48
N SER H 1209 52.25 -13.92 -108.12
CA SER H 1209 52.86 -14.42 -109.35
C SER H 1209 53.69 -15.68 -109.14
N SER H 1210 54.12 -15.94 -107.90
CA SER H 1210 54.91 -17.15 -107.62
C SER H 1210 54.06 -18.41 -107.58
N LEU H 1211 52.81 -18.32 -107.13
CA LEU H 1211 51.95 -19.49 -107.04
C LEU H 1211 51.54 -19.96 -108.43
N ARG H 1212 51.33 -21.28 -108.55
CA ARG H 1212 50.98 -21.90 -109.81
C ARG H 1212 49.63 -22.57 -109.81
N PHE H 1213 49.33 -23.38 -108.79
CA PHE H 1213 48.09 -24.14 -108.73
C PHE H 1213 47.08 -23.57 -107.73
N PHE H 1214 47.39 -22.43 -107.10
CA PHE H 1214 46.42 -21.81 -106.20
C PHE H 1214 45.26 -21.19 -106.95
N ALA H 1215 45.51 -20.67 -108.15
CA ALA H 1215 44.46 -20.04 -108.95
C ALA H 1215 43.45 -21.03 -109.50
N ILE H 1216 43.76 -22.33 -109.48
CA ILE H 1216 42.86 -23.33 -110.01
C ILE H 1216 42.23 -24.20 -108.92
N CYS H 1217 42.78 -24.21 -107.72
CA CYS H 1217 42.23 -24.98 -106.60
C CYS H 1217 41.81 -24.11 -105.42
N GLY H 1218 42.66 -23.18 -104.99
CA GLY H 1218 42.32 -22.34 -103.86
C GLY H 1218 41.16 -21.40 -104.15
N LEU H 1219 41.14 -20.81 -105.34
CA LEU H 1219 40.06 -19.89 -105.70
C LEU H 1219 38.73 -20.61 -105.82
N GLN H 1220 38.74 -21.89 -106.21
CA GLN H 1220 37.51 -22.65 -106.34
C GLN H 1220 36.81 -22.82 -105.00
N GLU H 1221 37.56 -23.10 -103.93
CA GLU H 1221 36.98 -23.28 -102.61
C GLU H 1221 36.89 -21.98 -101.82
N GLY H 1222 37.80 -21.03 -102.06
CA GLY H 1222 37.76 -19.77 -101.35
C GLY H 1222 38.75 -19.69 -100.20
N PHE H 1223 39.93 -20.28 -100.38
CA PHE H 1223 40.94 -20.31 -99.34
C PHE H 1223 41.84 -19.07 -99.47
N GLU H 1224 42.80 -18.95 -98.55
CA GLU H 1224 43.71 -17.82 -98.53
C GLU H 1224 45.15 -18.32 -98.38
N PRO H 1225 46.11 -17.59 -98.94
CA PRO H 1225 47.52 -17.98 -98.80
C PRO H 1225 48.02 -17.75 -97.38
N PHE H 1226 49.09 -18.47 -97.05
CA PHE H 1226 49.71 -18.34 -95.73
C PHE H 1226 50.42 -17.00 -95.54
N ALA H 1227 50.88 -16.37 -96.62
CA ALA H 1227 51.60 -15.11 -96.56
C ALA H 1227 50.96 -14.10 -97.51
N ILE H 1228 49.64 -13.98 -97.43
CA ILE H 1228 48.92 -13.09 -98.34
C ILE H 1228 49.35 -11.64 -98.13
N ASN H 1229 49.44 -11.22 -96.87
CA ASN H 1229 49.82 -9.85 -96.52
C ASN H 1229 50.97 -9.90 -95.52
N MET H 1230 52.19 -9.95 -96.04
CA MET H 1230 53.39 -9.97 -95.22
C MET H 1230 54.40 -8.97 -95.76
N GLN H 1231 54.98 -8.18 -94.86
CA GLN H 1231 56.00 -7.21 -95.23
C GLN H 1231 57.38 -7.84 -95.35
N ARG H 1232 57.65 -8.91 -94.59
CA ARG H 1232 58.93 -9.58 -94.60
C ARG H 1232 58.74 -11.08 -94.85
N PRO H 1233 59.73 -11.74 -95.44
CA PRO H 1233 59.59 -13.19 -95.68
C PRO H 1233 59.48 -13.96 -94.38
N VAL H 1234 58.74 -15.07 -94.44
CA VAL H 1234 58.53 -15.90 -93.26
C VAL H 1234 59.86 -16.53 -92.85
N THR H 1235 60.22 -16.36 -91.58
CA THR H 1235 61.48 -16.89 -91.09
C THR H 1235 61.38 -18.40 -90.89
N THR H 1236 62.31 -19.14 -91.49
CA THR H 1236 62.32 -20.59 -91.42
C THR H 1236 63.40 -21.07 -90.48
N TRP H 1237 63.18 -22.26 -89.92
CA TRP H 1237 64.11 -22.89 -88.99
C TRP H 1237 64.48 -24.27 -89.50
N PHE H 1238 65.76 -24.60 -89.40
CA PHE H 1238 66.28 -25.90 -89.84
C PHE H 1238 66.87 -26.65 -88.66
N SER H 1239 66.91 -27.98 -88.80
CA SER H 1239 67.45 -28.86 -87.77
C SER H 1239 68.95 -28.99 -88.01
N LYS H 1240 69.73 -28.28 -87.20
CA LYS H 1240 71.19 -28.35 -87.31
C LYS H 1240 71.67 -29.67 -86.74
N SER H 1241 72.48 -30.41 -87.51
CA SER H 1241 73.02 -31.68 -87.05
C SER H 1241 74.22 -31.52 -86.12
N LEU H 1242 74.57 -30.30 -85.75
CA LEU H 1242 75.74 -30.07 -84.90
C LEU H 1242 75.42 -30.51 -83.49
N PRO H 1243 76.16 -31.47 -82.92
CA PRO H 1243 75.79 -31.99 -81.59
C PRO H 1243 76.07 -30.95 -80.51
N GLN H 1244 75.02 -30.58 -79.80
CA GLN H 1244 75.09 -29.54 -78.78
C GLN H 1244 74.65 -30.14 -77.46
N PHE H 1245 75.39 -29.82 -76.39
CA PHE H 1245 75.03 -30.24 -75.05
C PHE H 1245 73.78 -29.52 -74.57
N GLU H 1246 72.85 -30.28 -73.98
CA GLU H 1246 71.63 -29.72 -73.42
C GLU H 1246 71.33 -30.38 -72.09
N ALA H 1247 70.62 -29.64 -71.24
CA ALA H 1247 70.29 -30.11 -69.91
C ALA H 1247 69.40 -31.35 -69.96
N VAL H 1248 69.61 -32.25 -69.00
CA VAL H 1248 68.83 -33.49 -68.97
C VAL H 1248 67.36 -33.16 -68.72
N PRO H 1249 66.43 -33.79 -69.45
CA PRO H 1249 65.01 -33.58 -69.15
C PRO H 1249 64.67 -34.06 -67.74
N LEU H 1250 63.77 -33.33 -67.09
CA LEU H 1250 63.40 -33.67 -65.73
C LEU H 1250 62.68 -35.01 -65.65
N GLU H 1251 61.89 -35.34 -66.67
CA GLU H 1251 61.16 -36.61 -66.76
C GLU H 1251 61.66 -37.36 -67.98
N HIS H 1252 62.71 -38.16 -67.79
CA HIS H 1252 63.29 -38.97 -68.85
C HIS H 1252 63.04 -40.44 -68.55
N PRO H 1253 62.32 -41.16 -69.41
CA PRO H 1253 61.98 -42.56 -69.07
C PRO H 1253 63.19 -43.48 -68.95
N HIS H 1254 64.22 -43.27 -69.78
CA HIS H 1254 65.34 -44.21 -69.80
C HIS H 1254 66.33 -43.94 -68.67
N TYR H 1255 66.81 -42.72 -68.55
CA TYR H 1255 67.83 -42.36 -67.57
C TYR H 1255 67.28 -41.32 -66.61
N GLU H 1256 67.44 -41.57 -65.31
CA GLU H 1256 66.97 -40.67 -64.27
C GLU H 1256 68.16 -40.18 -63.46
N VAL H 1257 68.25 -38.87 -63.27
CA VAL H 1257 69.34 -38.24 -62.53
C VAL H 1257 68.86 -37.90 -61.12
N SER H 1258 69.70 -38.20 -60.13
CA SER H 1258 69.37 -37.94 -58.74
C SER H 1258 70.61 -37.38 -58.04
N ARG H 1259 70.39 -36.45 -57.12
CA ARG H 1259 71.46 -35.85 -56.32
C ARG H 1259 71.27 -36.23 -54.86
N VAL H 1260 72.39 -36.41 -54.16
CA VAL H 1260 72.39 -36.84 -52.76
C VAL H 1260 72.85 -35.66 -51.91
N ASP H 1261 72.11 -35.40 -50.83
CA ASP H 1261 72.45 -34.32 -49.92
C ASP H 1261 73.76 -34.62 -49.20
N GLY H 1262 74.44 -33.56 -48.77
CA GLY H 1262 75.72 -33.71 -48.11
C GLY H 1262 75.60 -34.47 -46.80
N THR H 1263 76.35 -35.54 -46.66
CA THR H 1263 76.36 -36.33 -45.44
C THR H 1263 77.60 -36.01 -44.61
N VAL H 1264 77.54 -36.38 -43.32
CA VAL H 1264 78.65 -36.10 -42.42
C VAL H 1264 79.88 -36.91 -42.83
N ASP H 1265 79.70 -38.19 -43.16
CA ASP H 1265 80.82 -39.05 -43.50
C ASP H 1265 81.19 -38.98 -44.98
N THR H 1266 80.20 -38.83 -45.87
CA THR H 1266 80.43 -38.82 -47.30
C THR H 1266 80.02 -37.49 -47.88
N PRO H 1267 80.85 -36.86 -48.72
CA PRO H 1267 80.46 -35.60 -49.36
C PRO H 1267 79.29 -35.80 -50.30
N PRO H 1268 78.53 -34.74 -50.59
CA PRO H 1268 77.37 -34.89 -51.47
C PRO H 1268 77.76 -35.39 -52.85
N CYS H 1269 76.87 -36.20 -53.43
CA CYS H 1269 77.15 -36.84 -54.70
C CYS H 1269 75.92 -36.79 -55.59
N LEU H 1270 76.15 -36.82 -56.91
CA LEU H 1270 75.09 -36.87 -57.91
C LEU H 1270 75.21 -38.19 -58.65
N ARG H 1271 74.09 -38.90 -58.76
CA ARG H 1271 74.07 -40.23 -59.34
C ARG H 1271 73.09 -40.30 -60.51
N LEU H 1272 73.44 -41.12 -61.50
CA LEU H 1272 72.56 -41.41 -62.63
C LEU H 1272 72.31 -42.91 -62.65
N THR H 1273 71.03 -43.29 -62.66
CA THR H 1273 70.65 -44.69 -62.66
C THR H 1273 69.62 -44.93 -63.77
N HIS H 1274 69.85 -45.95 -64.58
CA HIS H 1274 68.92 -46.29 -65.66
C HIS H 1274 67.67 -46.94 -65.07
N ARG H 1275 66.52 -46.56 -65.62
CA ARG H 1275 65.24 -47.08 -65.16
C ARG H 1275 64.72 -48.16 -66.10
N SER H 1282 65.30 -50.28 -71.33
CA SER H 1282 64.95 -51.07 -72.50
C SER H 1282 65.82 -50.71 -73.69
N LEU H 1283 66.43 -49.53 -73.64
CA LEU H 1283 67.28 -49.02 -74.70
C LEU H 1283 68.67 -48.75 -74.13
N VAL H 1284 69.70 -49.20 -74.84
CA VAL H 1284 71.09 -48.96 -74.48
C VAL H 1284 71.67 -47.95 -75.47
N GLU H 1285 72.43 -47.00 -74.95
CA GLU H 1285 72.91 -45.89 -75.76
C GLU H 1285 74.04 -45.19 -75.02
N MET H 1286 75.14 -44.92 -75.74
CA MET H 1286 76.27 -44.20 -75.17
C MET H 1286 75.84 -42.82 -74.69
N LEU H 1287 76.24 -42.46 -73.48
CA LEU H 1287 75.90 -41.17 -72.90
C LEU H 1287 77.16 -40.32 -72.75
N PHE H 1288 77.09 -39.08 -73.22
CA PHE H 1288 78.19 -38.13 -73.10
C PHE H 1288 77.75 -37.07 -72.09
N LEU H 1289 78.11 -37.29 -70.84
CA LEU H 1289 77.69 -36.44 -69.73
C LEU H 1289 78.83 -35.51 -69.31
N ARG H 1290 78.44 -34.31 -68.87
CA ARG H 1290 79.40 -33.35 -68.32
C ARG H 1290 78.66 -32.34 -67.46
N LEU H 1291 79.42 -31.64 -66.62
CA LEU H 1291 78.87 -30.55 -65.83
C LEU H 1291 78.79 -29.28 -66.67
N SER H 1292 78.12 -28.26 -66.15
CA SER H 1292 77.83 -27.04 -66.89
C SER H 1292 78.56 -25.83 -66.33
N LEU H 1293 79.66 -26.06 -65.62
CA LEU H 1293 80.44 -24.98 -65.05
C LEU H 1293 81.92 -25.22 -65.36
N PRO H 1294 82.64 -24.24 -65.86
CA PRO H 1294 84.03 -24.44 -66.29
C PRO H 1294 85.04 -24.23 -65.16
N VAL H 1295 86.28 -24.61 -65.46
CA VAL H 1295 87.42 -24.40 -64.55
C VAL H 1295 88.53 -23.74 -65.37
N GLN H 1296 88.98 -22.57 -64.92
CA GLN H 1296 90.01 -21.82 -65.62
C GLN H 1296 91.36 -21.98 -64.91
N PHE H 1297 92.41 -21.53 -65.60
CA PHE H 1297 93.78 -21.61 -65.09
C PHE H 1297 94.39 -20.23 -64.86
N HIS H 1298 93.55 -19.18 -64.85
CA HIS H 1298 93.95 -17.79 -64.62
C HIS H 1298 95.22 -17.41 -65.36
N GLN H 1299 95.33 -17.82 -66.62
CA GLN H 1299 96.49 -17.52 -67.46
C GLN H 1299 97.80 -17.99 -66.82
N LEU H 1428 94.73 -24.28 -47.13
CA LEU H 1428 96.00 -23.91 -47.74
C LEU H 1428 95.78 -23.22 -49.08
N ASN H 1429 96.84 -22.64 -49.63
CA ASN H 1429 96.80 -21.95 -50.91
C ASN H 1429 97.07 -22.88 -52.09
N THR H 1430 96.87 -24.17 -51.91
CA THR H 1430 97.12 -25.13 -52.98
C THR H 1430 96.11 -24.93 -54.11
N THR H 1431 96.61 -25.02 -55.35
CA THR H 1431 95.80 -24.77 -56.54
C THR H 1431 95.18 -26.05 -57.12
N THR H 1432 95.35 -27.19 -56.47
CA THR H 1432 94.82 -28.45 -56.97
C THR H 1432 93.39 -28.65 -56.45
N TYR H 1433 92.47 -28.92 -57.38
CA TYR H 1433 91.07 -29.17 -57.06
C TYR H 1433 90.74 -30.63 -57.37
N TYR H 1434 90.12 -31.31 -56.41
CA TYR H 1434 89.88 -32.73 -56.50
C TYR H 1434 88.39 -33.03 -56.55
N TYR H 1435 87.99 -33.90 -57.48
CA TYR H 1435 86.66 -34.50 -57.50
C TYR H 1435 86.83 -35.95 -57.90
N SER H 1436 85.91 -36.80 -57.45
CA SER H 1436 86.01 -38.24 -57.69
C SER H 1436 84.73 -38.76 -58.34
N VAL H 1437 84.89 -39.85 -59.08
CA VAL H 1437 83.78 -40.56 -59.70
C VAL H 1437 83.84 -42.01 -59.27
N ARG H 1438 82.70 -42.56 -58.88
CA ARG H 1438 82.60 -43.94 -58.40
C ARG H 1438 81.76 -44.74 -59.39
N VAL H 1439 82.41 -45.66 -60.10
CA VAL H 1439 81.69 -46.56 -61.00
C VAL H 1439 81.18 -47.74 -60.19
N PHE H 1440 79.96 -48.18 -60.48
CA PHE H 1440 79.35 -49.24 -59.71
C PHE H 1440 79.96 -50.60 -60.07
N ALA H 1441 79.90 -51.53 -59.11
CA ALA H 1441 80.46 -52.86 -59.34
C ALA H 1441 79.74 -53.58 -60.47
N GLY H 1442 78.41 -53.43 -60.56
CA GLY H 1442 77.68 -54.05 -61.65
C GLY H 1442 78.08 -53.53 -63.02
N GLN H 1443 78.39 -52.24 -63.11
CA GLN H 1443 78.79 -51.66 -64.38
C GLN H 1443 80.14 -52.21 -64.82
N GLU H 1444 80.23 -52.56 -66.11
CA GLU H 1444 81.48 -53.06 -66.65
C GLU H 1444 82.48 -51.93 -66.82
N PRO H 1445 83.68 -52.02 -66.22
CA PRO H 1445 84.66 -50.94 -66.36
C PRO H 1445 85.29 -50.83 -67.73
N SER H 1446 85.06 -51.78 -68.63
CA SER H 1446 85.67 -51.73 -69.95
C SER H 1446 85.11 -50.60 -70.80
N CYS H 1447 83.85 -50.21 -70.56
CA CYS H 1447 83.19 -49.16 -71.32
C CYS H 1447 83.06 -47.86 -70.52
N VAL H 1448 83.99 -47.63 -69.59
CA VAL H 1448 83.99 -46.44 -68.75
C VAL H 1448 85.18 -45.58 -69.14
N TRP H 1449 84.91 -44.32 -69.49
CA TRP H 1449 85.93 -43.37 -69.88
C TRP H 1449 85.79 -42.13 -69.02
N VAL H 1450 86.75 -41.90 -68.13
CA VAL H 1450 86.70 -40.79 -67.17
C VAL H 1450 87.76 -39.77 -67.54
N GLY H 1451 87.37 -38.49 -67.53
CA GLY H 1451 88.33 -37.43 -67.82
C GLY H 1451 87.69 -36.07 -67.85
N TRP H 1452 88.15 -35.26 -68.79
CA TRP H 1452 87.74 -33.87 -68.94
C TRP H 1452 87.28 -33.64 -70.39
N VAL H 1453 86.78 -32.43 -70.63
CA VAL H 1453 86.30 -32.05 -71.96
C VAL H 1453 86.44 -30.54 -72.09
N THR H 1454 86.64 -30.08 -73.32
CA THR H 1454 86.76 -28.72 -73.78
C THR H 1454 85.47 -28.27 -74.46
N PRO H 1455 84.97 -27.07 -74.14
CA PRO H 1455 83.60 -26.69 -74.57
C PRO H 1455 83.32 -26.76 -76.07
N ASP H 1456 84.31 -26.98 -76.94
CA ASP H 1456 84.02 -27.20 -78.35
C ASP H 1456 83.98 -28.68 -78.72
N TYR H 1457 83.41 -29.51 -77.86
CA TYR H 1457 83.17 -30.92 -78.17
C TYR H 1457 81.86 -31.03 -78.95
N HIS H 1458 81.96 -31.29 -80.25
CA HIS H 1458 80.80 -31.30 -81.14
C HIS H 1458 80.86 -32.48 -82.11
N GLN H 1459 81.28 -33.64 -81.65
CA GLN H 1459 81.30 -34.85 -82.47
C GLN H 1459 80.72 -36.01 -81.67
N HIS H 1460 79.61 -36.56 -82.17
CA HIS H 1460 78.81 -37.58 -81.48
C HIS H 1460 78.65 -38.78 -82.40
N ASP H 1461 79.47 -39.81 -82.19
CA ASP H 1461 79.44 -41.00 -83.02
C ASP H 1461 79.38 -42.26 -82.15
N MET H 1462 78.86 -43.33 -82.73
CA MET H 1462 78.78 -44.62 -82.08
C MET H 1462 80.15 -45.29 -82.00
N ASN H 1463 80.25 -46.29 -81.12
CA ASN H 1463 81.48 -47.06 -80.92
C ASN H 1463 82.66 -46.14 -80.59
N PHE H 1464 82.43 -45.21 -79.67
CA PHE H 1464 83.46 -44.26 -79.28
C PHE H 1464 84.63 -44.99 -78.61
N ASP H 1465 85.85 -44.59 -78.96
CA ASP H 1465 87.06 -45.18 -78.42
C ASP H 1465 88.07 -44.07 -78.16
N LEU H 1466 89.20 -44.46 -77.57
CA LEU H 1466 90.23 -43.48 -77.22
C LEU H 1466 90.90 -42.89 -78.46
N THR H 1467 91.07 -43.68 -79.50
CA THR H 1467 91.77 -43.24 -80.71
C THR H 1467 90.93 -42.33 -81.59
N LYS H 1468 89.65 -42.14 -81.29
CA LYS H 1468 88.77 -41.33 -82.13
C LYS H 1468 88.88 -39.84 -81.83
N VAL H 1469 89.66 -39.44 -80.82
CA VAL H 1469 89.78 -38.03 -80.48
C VAL H 1469 90.65 -37.31 -81.50
N ARG H 1470 90.22 -36.12 -81.90
CA ARG H 1470 91.03 -35.28 -82.78
C ARG H 1470 92.18 -34.67 -81.99
N ALA H 1471 93.38 -34.77 -82.53
CA ALA H 1471 94.59 -34.33 -81.85
C ALA H 1471 95.58 -33.78 -82.86
N VAL H 1472 96.14 -32.60 -82.59
CA VAL H 1472 97.06 -31.92 -83.48
C VAL H 1472 98.25 -31.43 -82.67
N THR H 1473 99.46 -31.65 -83.20
CA THR H 1473 100.69 -31.12 -82.62
C THR H 1473 101.18 -29.99 -83.53
N VAL H 1474 101.17 -28.76 -83.03
CA VAL H 1474 101.73 -27.64 -83.75
C VAL H 1474 103.19 -27.50 -83.34
N THR H 1475 104.10 -27.69 -84.29
CA THR H 1475 105.53 -27.69 -84.02
C THR H 1475 106.17 -26.48 -84.69
N MET H 1476 106.93 -25.71 -83.91
CA MET H 1476 107.64 -24.54 -84.40
C MET H 1476 109.13 -24.76 -84.23
N GLY H 1477 109.92 -24.20 -85.16
CA GLY H 1477 111.35 -24.33 -85.10
C GLY H 1477 112.02 -23.39 -86.07
N ASP H 1478 113.25 -23.01 -85.76
CA ASP H 1478 114.05 -22.11 -86.59
C ASP H 1478 113.31 -20.79 -86.84
N SER H 1486 106.70 -26.54 -79.34
CA SER H 1486 105.77 -27.60 -79.73
C SER H 1486 104.70 -27.80 -78.67
N LEU H 1487 103.45 -27.50 -79.02
CA LEU H 1487 102.32 -27.62 -78.11
C LEU H 1487 101.32 -28.62 -78.66
N LYS H 1488 100.63 -29.30 -77.74
CA LYS H 1488 99.64 -30.31 -78.07
C LYS H 1488 98.25 -29.77 -77.78
N CYS H 1489 97.39 -29.76 -78.80
CA CYS H 1489 96.01 -29.31 -78.67
C CYS H 1489 95.08 -30.46 -79.00
N SER H 1490 94.07 -30.66 -78.16
CA SER H 1490 93.08 -31.70 -78.38
C SER H 1490 91.80 -31.30 -77.65
N ASN H 1491 90.70 -31.94 -78.06
CA ASN H 1491 89.39 -31.66 -77.49
C ASN H 1491 89.05 -32.52 -76.30
N CYS H 1492 89.63 -33.73 -76.20
CA CYS H 1492 89.28 -34.66 -75.14
C CYS H 1492 90.54 -35.10 -74.42
N TYR H 1493 90.47 -35.12 -73.09
CA TYR H 1493 91.56 -35.57 -72.23
C TYR H 1493 90.96 -36.59 -71.26
N MET H 1494 90.99 -37.87 -71.66
CA MET H 1494 90.37 -38.95 -70.90
C MET H 1494 91.25 -40.19 -70.96
N VAL H 1495 90.91 -41.15 -70.10
CA VAL H 1495 91.63 -42.42 -70.03
C VAL H 1495 90.71 -43.51 -70.56
N TRP H 1496 91.34 -44.60 -71.00
CA TRP H 1496 90.57 -45.73 -71.53
C TRP H 1496 89.71 -46.38 -70.45
N GLY H 1497 90.23 -46.50 -69.23
CA GLY H 1497 89.53 -47.10 -68.13
C GLY H 1497 89.69 -48.60 -68.03
N GLY H 1498 89.83 -49.30 -69.17
CA GLY H 1498 90.01 -50.74 -69.13
C GLY H 1498 91.32 -51.16 -68.48
N ASP H 1499 92.39 -50.37 -68.68
CA ASP H 1499 93.68 -50.73 -68.11
C ASP H 1499 93.67 -50.63 -66.58
N PHE H 1500 92.80 -49.80 -66.01
CA PHE H 1500 92.76 -49.67 -64.56
C PHE H 1500 92.13 -50.90 -63.90
N VAL H 1501 91.24 -51.58 -64.62
CA VAL H 1501 90.59 -52.76 -64.08
C VAL H 1501 91.54 -53.95 -64.07
N ASP H 1513 83.85 -52.31 -57.68
CA ASP H 1513 83.74 -50.86 -57.63
C ASP H 1513 85.11 -50.19 -57.77
N LEU H 1514 85.21 -49.22 -58.67
CA LEU H 1514 86.44 -48.49 -58.92
C LEU H 1514 86.17 -47.01 -58.75
N VAL H 1515 87.07 -46.32 -58.03
CA VAL H 1515 86.99 -44.88 -57.84
C VAL H 1515 88.16 -44.25 -58.56
N ILE H 1516 87.87 -43.23 -59.36
CA ILE H 1516 88.87 -42.52 -60.16
C ILE H 1516 88.99 -41.10 -59.62
N GLY H 1517 90.19 -40.73 -59.19
CA GLY H 1517 90.45 -39.41 -58.66
C GLY H 1517 91.08 -38.51 -59.71
N CYS H 1518 90.67 -37.25 -59.70
CA CYS H 1518 91.18 -36.25 -60.64
C CYS H 1518 91.68 -35.05 -59.88
N LEU H 1519 92.97 -34.75 -60.01
CA LEU H 1519 93.59 -33.59 -59.37
C LEU H 1519 94.06 -32.64 -60.46
N VAL H 1520 93.63 -31.38 -60.36
CA VAL H 1520 93.84 -30.41 -61.42
C VAL H 1520 94.52 -29.17 -60.82
N ASP H 1521 95.71 -28.85 -61.32
CA ASP H 1521 96.46 -27.70 -60.84
C ASP H 1521 96.12 -26.48 -61.67
N LEU H 1522 95.76 -25.38 -60.99
CA LEU H 1522 95.36 -24.17 -61.70
C LEU H 1522 96.55 -23.43 -62.31
N ALA H 1523 97.77 -23.74 -61.86
CA ALA H 1523 98.97 -23.08 -62.39
C ALA H 1523 99.56 -23.85 -63.57
N THR H 1524 98.71 -24.12 -64.57
CA THR H 1524 99.11 -24.85 -65.78
C THR H 1524 99.75 -26.20 -65.44
N GLY H 1525 99.21 -26.89 -64.43
CA GLY H 1525 99.80 -28.13 -64.01
C GLY H 1525 99.40 -29.31 -64.86
N LEU H 1526 100.16 -30.39 -64.75
CA LEU H 1526 99.89 -31.62 -65.48
C LEU H 1526 98.59 -32.26 -64.99
N MET H 1527 97.91 -32.95 -65.90
CA MET H 1527 96.59 -33.49 -65.60
C MET H 1527 96.72 -34.97 -65.23
N THR H 1528 96.68 -35.26 -63.93
CA THR H 1528 96.94 -36.61 -63.42
C THR H 1528 95.64 -37.21 -62.89
N PHE H 1529 95.29 -38.39 -63.40
CA PHE H 1529 94.12 -39.12 -62.94
C PHE H 1529 94.55 -40.29 -62.08
N THR H 1530 94.07 -40.33 -60.84
CA THR H 1530 94.43 -41.36 -59.88
C THR H 1530 93.30 -42.37 -59.74
N ALA H 1531 93.65 -43.66 -59.77
CA ALA H 1531 92.67 -44.73 -59.71
C ALA H 1531 92.45 -45.18 -58.27
N ASN H 1532 91.76 -46.30 -58.10
CA ASN H 1532 91.53 -46.89 -56.79
C ASN H 1532 92.75 -47.69 -56.39
N GLY H 1533 93.61 -47.10 -55.56
CA GLY H 1533 94.82 -47.78 -55.13
C GLY H 1533 95.81 -48.03 -56.25
N LYS H 1534 96.02 -47.05 -57.12
CA LYS H 1534 96.94 -47.17 -58.23
C LYS H 1534 97.62 -45.82 -58.45
N GLU H 1535 98.49 -45.76 -59.44
CA GLU H 1535 99.23 -44.54 -59.76
C GLU H 1535 98.51 -43.77 -60.86
N SER H 1536 99.01 -42.56 -61.12
CA SER H 1536 98.41 -41.71 -62.16
C SER H 1536 98.53 -42.34 -63.54
N ASN H 1537 99.77 -42.53 -64.00
CA ASN H 1537 100.14 -43.16 -65.27
C ASN H 1537 99.71 -42.35 -66.49
N THR H 1538 99.02 -41.23 -66.32
CA THR H 1538 98.59 -40.38 -67.42
C THR H 1538 98.80 -38.93 -67.06
N PHE H 1539 99.13 -38.12 -68.06
CA PHE H 1539 99.33 -36.69 -67.86
C PHE H 1539 99.19 -35.99 -69.21
N PHE H 1540 98.61 -34.79 -69.19
CA PHE H 1540 98.41 -34.00 -70.39
C PHE H 1540 98.77 -32.55 -70.11
N GLN H 1541 99.54 -31.94 -71.00
CA GLN H 1541 99.89 -30.53 -70.87
C GLN H 1541 98.70 -29.66 -71.24
N VAL H 1542 98.54 -28.55 -70.52
CA VAL H 1542 97.40 -27.65 -70.67
C VAL H 1542 97.90 -26.25 -70.96
N GLU H 1543 97.27 -25.58 -71.93
CA GLU H 1543 97.63 -24.20 -72.24
C GLU H 1543 97.27 -23.28 -71.08
N PRO H 1544 97.99 -22.16 -70.93
CA PRO H 1544 97.73 -21.27 -69.79
C PRO H 1544 96.30 -20.76 -69.73
N ASN H 1545 95.67 -20.47 -70.88
CA ASN H 1545 94.32 -19.92 -70.93
C ASN H 1545 93.43 -20.94 -71.63
N THR H 1546 92.77 -21.79 -70.84
CA THR H 1546 91.87 -22.80 -71.38
C THR H 1546 90.81 -23.12 -70.34
N LYS H 1547 89.57 -23.28 -70.79
CA LYS H 1547 88.46 -23.68 -69.94
C LYS H 1547 88.13 -25.15 -70.21
N LEU H 1548 88.03 -25.94 -69.13
CA LEU H 1548 87.79 -27.37 -69.24
C LEU H 1548 86.61 -27.75 -68.35
N PHE H 1549 85.81 -28.71 -68.84
CA PHE H 1549 84.67 -29.24 -68.09
C PHE H 1549 84.89 -30.71 -67.75
N PRO H 1550 84.44 -31.16 -66.58
CA PRO H 1550 84.55 -32.58 -66.25
C PRO H 1550 83.48 -33.40 -66.98
N ALA H 1551 83.91 -34.48 -67.63
CA ALA H 1551 83.00 -35.33 -68.39
C ALA H 1551 83.44 -36.77 -68.31
N VAL H 1552 82.46 -37.68 -68.30
CA VAL H 1552 82.70 -39.12 -68.38
C VAL H 1552 81.82 -39.68 -69.48
N PHE H 1553 82.38 -40.56 -70.31
CA PHE H 1553 81.63 -41.25 -71.36
C PHE H 1553 81.49 -42.71 -70.98
N VAL H 1554 80.27 -43.23 -71.01
CA VAL H 1554 79.97 -44.54 -70.45
C VAL H 1554 78.72 -45.10 -71.12
N LEU H 1555 78.63 -46.44 -71.12
CA LEU H 1555 77.61 -47.41 -71.51
C LEU H 1555 76.70 -47.72 -70.32
N PRO H 1556 75.38 -47.58 -70.47
CA PRO H 1556 74.48 -47.82 -69.35
C PRO H 1556 74.48 -49.25 -68.84
N THR H 1557 74.41 -50.22 -69.76
CA THR H 1557 74.42 -51.64 -69.45
C THR H 1557 73.24 -52.06 -68.57
N HIS H 1558 72.20 -51.23 -68.50
CA HIS H 1558 70.94 -51.57 -67.82
C HIS H 1558 71.17 -51.89 -66.34
N GLN H 1559 71.76 -50.93 -65.63
CA GLN H 1559 72.00 -51.03 -64.19
C GLN H 1559 72.38 -49.64 -63.69
N ASN H 1560 72.80 -49.56 -62.43
CA ASN H 1560 73.36 -48.31 -61.92
C ASN H 1560 74.68 -48.04 -62.61
N VAL H 1561 74.85 -46.82 -63.15
CA VAL H 1561 75.90 -46.59 -64.12
C VAL H 1561 77.06 -45.80 -63.53
N ILE H 1562 76.81 -44.54 -63.18
CA ILE H 1562 77.86 -43.60 -62.75
C ILE H 1562 77.30 -42.71 -61.66
N GLN H 1563 78.13 -42.40 -60.67
CA GLN H 1563 77.82 -41.41 -59.66
C GLN H 1563 78.96 -40.39 -59.60
N PHE H 1564 78.59 -39.11 -59.51
CA PHE H 1564 79.56 -38.02 -59.42
C PHE H 1564 79.70 -37.60 -57.97
N GLU H 1565 80.93 -37.63 -57.45
CA GLU H 1565 81.22 -37.25 -56.07
C GLU H 1565 82.00 -35.94 -56.06
N LEU H 1566 81.57 -35.01 -55.22
CA LEU H 1566 82.22 -33.71 -55.06
C LEU H 1566 82.75 -33.61 -53.63
N GLY H 1567 84.01 -34.01 -53.44
CA GLY H 1567 84.60 -33.99 -52.13
C GLY H 1567 86.06 -33.54 -52.20
N LYS H 1568 86.57 -33.18 -51.02
CA LYS H 1568 87.95 -32.72 -50.89
C LYS H 1568 88.79 -33.84 -50.29
N GLN H 1569 89.88 -34.20 -50.98
CA GLN H 1569 90.77 -35.26 -50.53
C GLN H 1569 92.19 -34.93 -50.95
N LYS H 1570 93.15 -35.55 -50.24
CA LYS H 1570 94.58 -35.35 -50.51
C LYS H 1570 94.97 -33.88 -50.39
N ASN H 1571 94.39 -33.19 -49.40
CA ASN H 1571 94.67 -31.77 -49.15
C ASN H 1571 94.44 -30.92 -50.40
N ILE H 1572 93.36 -31.22 -51.12
CA ILE H 1572 93.00 -30.51 -52.34
C ILE H 1572 91.63 -29.88 -52.14
N MET H 1573 91.49 -28.63 -52.59
CA MET H 1573 90.24 -27.91 -52.43
C MET H 1573 89.12 -28.59 -53.22
N PRO H 1574 87.88 -28.50 -52.76
CA PRO H 1574 86.76 -29.08 -53.51
C PRO H 1574 86.58 -28.39 -54.85
N LEU H 1575 86.01 -29.15 -55.79
CA LEU H 1575 85.82 -28.65 -57.15
C LEU H 1575 84.89 -27.44 -57.16
N SER H 1576 83.99 -27.33 -56.18
CA SER H 1576 83.11 -26.16 -56.08
C SER H 1576 83.88 -24.87 -55.84
N ALA H 1577 85.05 -24.94 -55.18
CA ALA H 1577 85.84 -23.73 -54.95
C ALA H 1577 86.36 -23.16 -56.26
N ALA H 1578 86.76 -24.02 -57.20
CA ALA H 1578 87.31 -23.53 -58.46
C ALA H 1578 86.24 -22.88 -59.33
N MET H 1579 85.08 -23.51 -59.47
CA MET H 1579 84.08 -23.05 -60.41
C MET H 1579 83.38 -21.79 -59.90
N PHE H 1580 83.14 -21.72 -58.59
CA PHE H 1580 82.43 -20.61 -57.99
C PHE H 1580 83.46 -19.62 -57.43
N LEU H 1581 83.37 -18.36 -57.88
CA LEU H 1581 84.30 -17.35 -57.39
C LEU H 1581 84.00 -16.96 -55.95
N SER H 1582 82.72 -17.00 -55.55
CA SER H 1582 82.35 -16.65 -54.17
C SER H 1582 82.90 -17.66 -53.18
N GLU H 1583 82.90 -18.95 -53.52
CA GLU H 1583 83.42 -20.00 -52.66
C GLU H 1583 84.89 -20.30 -52.92
N ARG H 1584 85.64 -19.31 -53.39
CA ARG H 1584 87.05 -19.53 -53.71
C ARG H 1584 87.85 -19.96 -52.48
N LYS H 1585 87.60 -19.31 -51.34
CA LYS H 1585 88.30 -19.61 -50.11
C LYS H 1585 87.49 -20.49 -49.16
N ASN H 1586 86.38 -21.06 -49.62
CA ASN H 1586 85.54 -21.89 -48.79
C ASN H 1586 86.00 -23.34 -48.89
N PRO H 1587 86.48 -23.95 -47.80
CA PRO H 1587 86.94 -25.34 -47.89
C PRO H 1587 85.82 -26.37 -47.84
N ALA H 1588 84.65 -26.01 -47.33
CA ALA H 1588 83.55 -26.96 -47.22
C ALA H 1588 82.92 -27.17 -48.60
N PRO H 1589 82.76 -28.42 -49.05
CA PRO H 1589 82.16 -28.65 -50.37
C PRO H 1589 80.65 -28.58 -50.34
N GLN H 1590 80.10 -27.78 -51.25
CA GLN H 1590 78.65 -27.65 -51.41
C GLN H 1590 78.27 -27.87 -52.85
N CYS H 1591 76.99 -28.17 -53.08
CA CYS H 1591 76.44 -28.38 -54.41
C CYS H 1591 75.29 -27.40 -54.62
N PRO H 1592 75.57 -26.22 -55.15
CA PRO H 1592 74.49 -25.25 -55.42
C PRO H 1592 73.58 -25.76 -56.53
N PRO H 1593 72.34 -25.26 -56.60
CA PRO H 1593 71.40 -25.77 -57.61
C PRO H 1593 71.83 -25.53 -59.05
N ARG H 1594 72.75 -24.60 -59.30
CA ARG H 1594 73.17 -24.32 -60.67
C ARG H 1594 73.84 -25.54 -61.31
N LEU H 1595 74.65 -26.27 -60.53
CA LEU H 1595 75.33 -27.43 -61.06
C LEU H 1595 74.34 -28.55 -61.36
N GLU H 1596 74.48 -29.16 -62.54
CA GLU H 1596 73.64 -30.28 -62.95
C GLU H 1596 74.35 -31.06 -64.04
N MET H 1597 73.90 -32.29 -64.26
CA MET H 1597 74.42 -33.13 -65.33
C MET H 1597 73.82 -32.69 -66.66
N GLN H 1598 74.62 -32.77 -67.72
CA GLN H 1598 74.21 -32.30 -69.04
C GLN H 1598 74.65 -33.31 -70.09
N MET H 1599 73.67 -33.92 -70.77
CA MET H 1599 73.96 -34.90 -71.81
C MET H 1599 74.13 -34.20 -73.16
N LEU H 1600 74.26 -34.99 -74.21
CA LEU H 1600 74.50 -34.50 -75.56
C LEU H 1600 73.32 -34.84 -76.46
N MET H 1601 72.78 -33.83 -77.13
CA MET H 1601 71.70 -34.02 -78.08
C MET H 1601 72.25 -34.03 -79.50
N PRO H 1602 72.05 -35.11 -80.26
CA PRO H 1602 72.63 -35.16 -81.62
C PRO H 1602 72.14 -34.05 -82.52
N VAL H 1603 70.90 -33.60 -82.36
CA VAL H 1603 70.32 -32.59 -83.23
C VAL H 1603 69.69 -31.49 -82.40
N SER H 1604 69.69 -30.28 -82.93
CA SER H 1604 69.11 -29.12 -82.27
C SER H 1604 68.56 -28.18 -83.34
N TRP H 1605 67.68 -27.28 -82.90
CA TRP H 1605 67.05 -26.32 -83.81
C TRP H 1605 67.91 -25.07 -83.93
N SER H 1606 68.00 -24.54 -85.16
CA SER H 1606 68.75 -23.33 -85.45
C SER H 1606 67.95 -22.44 -86.38
N ARG H 1607 68.21 -21.14 -86.32
CA ARG H 1607 67.50 -20.17 -87.14
C ARG H 1607 68.27 -19.90 -88.43
N MET H 1608 67.53 -19.79 -89.52
CA MET H 1608 68.11 -19.56 -90.84
C MET H 1608 68.28 -18.07 -91.09
N PRO H 1609 69.47 -17.61 -91.49
CA PRO H 1609 69.67 -16.18 -91.73
C PRO H 1609 68.81 -15.66 -92.87
N ASN H 1610 68.47 -14.37 -92.79
CA ASN H 1610 67.62 -13.76 -93.80
C ASN H 1610 68.36 -13.48 -95.09
N HIS H 1611 69.63 -13.06 -95.01
CA HIS H 1611 70.42 -12.72 -96.17
C HIS H 1611 71.74 -13.47 -96.14
N PHE H 1612 72.29 -13.71 -97.33
CA PHE H 1612 73.51 -14.48 -97.51
C PHE H 1612 74.44 -13.77 -98.47
N LEU H 1613 75.73 -14.09 -98.36
CA LEU H 1613 76.74 -13.49 -99.21
C LEU H 1613 76.67 -14.06 -100.63
N ARG H 1614 77.17 -13.29 -101.59
CA ARG H 1614 77.15 -13.67 -102.99
C ARG H 1614 78.56 -14.06 -103.42
N VAL H 1615 78.67 -15.25 -104.03
CA VAL H 1615 79.94 -15.78 -104.52
C VAL H 1615 79.79 -16.09 -105.99
N GLU H 1616 80.75 -15.63 -106.80
CA GLU H 1616 80.77 -15.87 -108.23
C GLU H 1616 82.08 -16.54 -108.62
N THR H 1617 82.01 -17.47 -109.56
CA THR H 1617 83.18 -18.23 -109.99
C THR H 1617 83.23 -18.32 -111.51
N ARG H 1618 84.41 -18.11 -112.06
CA ARG H 1618 84.65 -18.31 -113.49
C ARG H 1618 86.02 -18.95 -113.67
N ARG H 1619 86.18 -19.63 -114.81
CA ARG H 1619 87.48 -20.19 -115.14
C ARG H 1619 88.51 -19.08 -115.34
N ALA H 1620 88.10 -17.95 -115.93
CA ALA H 1620 88.95 -16.78 -116.14
C ALA H 1620 90.20 -17.12 -116.93
N GLY H 1621 90.07 -17.95 -117.96
CA GLY H 1621 91.19 -18.30 -118.80
C GLY H 1621 92.01 -19.45 -118.24
N GLU H 1622 93.12 -19.71 -118.92
CA GLU H 1622 94.03 -20.78 -118.52
C GLU H 1622 95.12 -20.32 -117.57
N ARG H 1623 95.64 -19.11 -117.75
CA ARG H 1623 96.66 -18.59 -116.85
C ARG H 1623 96.09 -18.39 -115.44
N LEU H 1624 94.87 -17.86 -115.35
CA LEU H 1624 94.19 -17.68 -114.07
C LEU H 1624 93.30 -18.89 -113.81
N GLY H 1625 93.48 -19.53 -112.65
CA GLY H 1625 92.76 -20.75 -112.35
C GLY H 1625 91.28 -20.55 -112.10
N TRP H 1626 90.94 -19.89 -110.98
CA TRP H 1626 89.55 -19.67 -110.61
C TRP H 1626 89.48 -18.39 -109.77
N ALA H 1627 88.41 -17.63 -109.94
CA ALA H 1627 88.26 -16.33 -109.30
C ALA H 1627 87.07 -16.32 -108.35
N VAL H 1628 87.28 -15.74 -107.17
CA VAL H 1628 86.23 -15.54 -106.18
C VAL H 1628 86.23 -14.07 -105.78
N GLN H 1629 85.05 -13.46 -105.77
CA GLN H 1629 84.91 -12.04 -105.47
C GLN H 1629 83.66 -11.81 -104.64
N CYS H 1630 83.67 -10.73 -103.86
CA CYS H 1630 82.53 -10.32 -103.05
C CYS H 1630 82.26 -8.84 -103.29
N GLN H 1631 80.98 -8.49 -103.39
CA GLN H 1631 80.56 -7.13 -103.71
C GLN H 1631 80.00 -6.39 -102.51
N GLU H 1632 78.98 -6.95 -101.85
CA GLU H 1632 78.31 -6.23 -100.78
C GLU H 1632 78.59 -6.88 -99.43
N PRO H 1633 78.74 -6.09 -98.37
CA PRO H 1633 78.95 -6.64 -97.03
C PRO H 1633 77.62 -6.97 -96.37
N LEU H 1634 77.70 -7.63 -95.22
CA LEU H 1634 76.52 -8.02 -94.46
C LEU H 1634 76.93 -8.31 -93.03
N THR H 1635 76.20 -7.75 -92.07
CA THR H 1635 76.48 -7.91 -90.66
C THR H 1635 75.31 -8.57 -89.95
N MET H 1636 75.51 -8.88 -88.67
CA MET H 1636 74.47 -9.48 -87.85
C MET H 1636 74.75 -9.15 -86.39
N MET H 1637 73.72 -9.31 -85.57
CA MET H 1637 73.79 -9.02 -84.15
C MET H 1637 73.70 -10.33 -83.38
N ALA H 1638 74.69 -10.59 -82.53
CA ALA H 1638 74.82 -11.89 -81.86
C ALA H 1638 75.12 -11.69 -80.38
N LEU H 1639 74.92 -12.76 -79.62
CA LEU H 1639 75.15 -12.81 -78.19
C LEU H 1639 76.36 -13.68 -77.88
N HIS H 1640 76.63 -13.88 -76.59
CA HIS H 1640 77.73 -14.72 -76.14
C HIS H 1640 77.42 -15.21 -74.75
N ILE H 1641 77.65 -16.50 -74.50
CA ILE H 1641 77.42 -17.09 -73.18
C ILE H 1641 78.76 -17.30 -72.49
N PRO H 1642 79.08 -16.53 -71.45
CA PRO H 1642 80.35 -16.76 -70.75
C PRO H 1642 80.53 -18.17 -70.23
N GLU H 1643 79.45 -18.81 -69.78
CA GLU H 1643 79.57 -20.14 -69.17
C GLU H 1643 79.92 -21.21 -70.18
N GLU H 1644 79.37 -21.13 -71.39
CA GLU H 1644 79.62 -22.13 -72.42
C GLU H 1644 80.56 -21.67 -73.52
N ASN H 1645 80.91 -20.38 -73.54
CA ASN H 1645 81.79 -19.82 -74.57
C ASN H 1645 81.26 -20.12 -75.97
N ARG H 1646 79.95 -19.91 -76.14
CA ARG H 1646 79.26 -20.22 -77.39
C ARG H 1646 78.47 -19.02 -77.85
N CYS H 1647 78.59 -18.68 -79.12
CA CYS H 1647 77.92 -17.52 -79.70
C CYS H 1647 76.61 -17.93 -80.37
N MET H 1648 75.59 -17.11 -80.17
CA MET H 1648 74.28 -17.36 -80.74
C MET H 1648 73.70 -16.04 -81.25
N ASP H 1649 72.79 -16.16 -82.22
CA ASP H 1649 72.12 -14.99 -82.76
C ASP H 1649 71.08 -14.47 -81.77
N ILE H 1650 70.80 -13.16 -81.86
CA ILE H 1650 69.79 -12.56 -80.98
C ILE H 1650 68.38 -12.84 -81.46
N LEU H 1651 68.20 -13.14 -82.76
CA LEU H 1651 66.87 -13.41 -83.28
C LEU H 1651 66.31 -14.74 -82.83
N GLU H 1652 67.13 -15.59 -82.20
CA GLU H 1652 66.66 -16.86 -81.67
C GLU H 1652 65.98 -16.71 -80.31
N LEU H 1653 66.08 -15.54 -79.68
CA LEU H 1653 65.42 -15.31 -78.39
C LEU H 1653 63.90 -15.28 -78.52
N SER H 1654 63.36 -15.08 -79.72
CA SER H 1654 61.91 -15.12 -79.89
C SER H 1654 61.35 -16.51 -79.64
N GLU H 1655 62.15 -17.55 -79.88
CA GLU H 1655 61.75 -18.92 -79.62
C GLU H 1655 62.24 -19.47 -78.29
N ARG H 1656 63.40 -19.00 -77.82
CA ARG H 1656 63.95 -19.44 -76.53
C ARG H 1656 63.49 -18.45 -75.47
N LEU H 1657 62.37 -18.76 -74.83
CA LEU H 1657 61.81 -17.89 -73.79
C LEU H 1657 62.58 -17.94 -72.49
N ASP H 1658 63.47 -18.91 -72.31
CA ASP H 1658 64.25 -19.00 -71.08
C ASP H 1658 65.32 -17.92 -71.00
N LEU H 1659 65.71 -17.33 -72.13
CA LEU H 1659 66.71 -16.27 -72.15
C LEU H 1659 66.14 -14.90 -72.45
N GLN H 1660 64.94 -14.82 -73.04
CA GLN H 1660 64.33 -13.51 -73.31
C GLN H 1660 64.01 -12.78 -72.03
N GLN H 1661 63.49 -13.50 -71.02
CA GLN H 1661 63.15 -12.86 -69.74
C GLN H 1661 64.39 -12.30 -69.06
N PHE H 1662 65.49 -13.06 -69.05
CA PHE H 1662 66.70 -12.60 -68.39
C PHE H 1662 67.30 -11.41 -69.13
N HIS H 1663 67.30 -11.44 -70.47
CA HIS H 1663 67.87 -10.33 -71.23
C HIS H 1663 66.98 -9.09 -71.12
N SER H 1664 65.66 -9.27 -71.07
CA SER H 1664 64.76 -8.13 -70.90
C SER H 1664 65.00 -7.45 -69.56
N HIS H 1665 65.19 -8.23 -68.51
CA HIS H 1665 65.52 -7.66 -67.20
C HIS H 1665 66.95 -7.16 -67.14
N THR H 1666 67.84 -7.66 -68.00
CA THR H 1666 69.17 -7.10 -68.10
C THR H 1666 69.13 -5.64 -68.53
N LEU H 1667 68.32 -5.33 -69.54
CA LEU H 1667 68.16 -3.95 -69.98
C LEU H 1667 67.37 -3.11 -68.97
N ARG H 1668 66.60 -3.76 -68.10
CA ARG H 1668 65.95 -3.04 -67.00
C ARG H 1668 66.97 -2.59 -65.96
N LEU H 1669 67.96 -3.44 -65.65
CA LEU H 1669 68.98 -3.05 -64.69
C LEU H 1669 69.79 -1.87 -65.21
N TYR H 1670 70.16 -1.90 -66.49
CA TYR H 1670 70.84 -0.75 -67.09
C TYR H 1670 69.96 0.49 -67.11
N ARG H 1671 68.65 0.32 -67.15
CA ARG H 1671 67.73 1.46 -67.07
C ARG H 1671 67.65 2.02 -65.67
N ALA H 1672 67.60 1.16 -64.65
CA ALA H 1672 67.56 1.64 -63.27
C ALA H 1672 68.85 2.38 -62.91
N VAL H 1673 69.99 1.79 -63.25
CA VAL H 1673 71.25 2.51 -63.11
C VAL H 1673 71.28 3.62 -64.16
N CYS H 1674 72.20 4.57 -63.96
CA CYS H 1674 72.41 5.68 -64.89
C CYS H 1674 71.20 6.61 -64.92
N ALA H 1675 70.51 6.73 -63.79
CA ALA H 1675 69.30 7.51 -63.68
C ALA H 1675 69.49 8.69 -62.74
N LEU H 1676 68.53 9.60 -62.78
CA LEU H 1676 68.54 10.81 -61.95
C LEU H 1676 69.82 11.62 -62.16
N GLY H 1677 70.12 11.91 -63.43
CA GLY H 1677 71.24 12.75 -63.77
C GLY H 1677 72.60 12.13 -63.61
N ASN H 1678 72.68 10.82 -63.40
CA ASN H 1678 73.96 10.17 -63.21
C ASN H 1678 74.73 10.11 -64.53
N ASN H 1679 75.98 10.59 -64.50
CA ASN H 1679 76.80 10.62 -65.71
C ASN H 1679 78.18 9.99 -65.54
N ARG H 1680 78.68 9.84 -64.31
CA ARG H 1680 79.97 9.14 -64.15
C ARG H 1680 79.86 7.69 -64.56
N VAL H 1681 78.75 7.04 -64.23
CA VAL H 1681 78.55 5.64 -64.60
C VAL H 1681 77.95 5.52 -66.00
N ALA H 1682 77.43 6.62 -66.56
CA ALA H 1682 76.92 6.59 -67.92
C ALA H 1682 78.02 6.27 -68.92
N HIS H 1683 79.21 6.83 -68.74
CA HIS H 1683 80.34 6.51 -69.61
C HIS H 1683 80.75 5.05 -69.48
N ALA H 1684 80.69 4.51 -68.26
CA ALA H 1684 81.10 3.12 -68.04
C ALA H 1684 80.21 2.14 -68.79
N LEU H 1685 78.89 2.36 -68.79
CA LEU H 1685 77.97 1.47 -69.48
C LEU H 1685 78.09 1.53 -71.00
N CYS H 1686 78.78 2.54 -71.54
CA CYS H 1686 78.96 2.62 -72.98
C CYS H 1686 79.84 1.51 -73.51
N SER H 1687 80.74 0.96 -72.69
CA SER H 1687 81.64 -0.10 -73.14
C SER H 1687 80.89 -1.39 -73.42
N HIS H 1688 80.00 -1.79 -72.49
CA HIS H 1688 79.30 -3.06 -72.65
C HIS H 1688 78.37 -3.06 -73.86
N VAL H 1689 77.64 -1.98 -74.06
CA VAL H 1689 76.69 -1.87 -75.16
C VAL H 1689 77.10 -0.65 -75.97
N ASP H 1690 77.91 -0.87 -77.01
CA ASP H 1690 78.45 0.21 -77.81
C ASP H 1690 77.40 0.73 -78.79
N GLN H 1691 77.71 1.88 -79.41
CA GLN H 1691 76.72 2.61 -80.19
C GLN H 1691 76.20 1.81 -81.38
N ALA H 1692 77.07 1.11 -82.11
CA ALA H 1692 76.60 0.31 -83.23
C ALA H 1692 75.59 -0.73 -82.78
N GLN H 1693 75.78 -1.29 -81.59
CA GLN H 1693 74.79 -2.22 -81.04
C GLN H 1693 73.47 -1.51 -80.78
N LEU H 1694 73.50 -0.24 -80.39
CA LEU H 1694 72.26 0.54 -80.31
C LEU H 1694 71.73 0.83 -81.70
N LEU H 1695 72.56 1.43 -82.56
CA LEU H 1695 72.08 1.91 -83.86
C LEU H 1695 71.59 0.76 -84.74
N HIS H 1696 72.28 -0.38 -84.70
CA HIS H 1696 71.81 -1.54 -85.45
C HIS H 1696 70.48 -2.06 -84.91
N ALA H 1697 70.27 -1.97 -83.60
CA ALA H 1697 69.02 -2.43 -83.01
C ALA H 1697 67.83 -1.58 -83.43
N LEU H 1698 68.06 -0.35 -83.87
CA LEU H 1698 66.96 0.49 -84.34
C LEU H 1698 66.39 -0.02 -85.65
N GLU H 1699 67.22 -0.10 -86.69
CA GLU H 1699 66.73 -0.50 -88.01
C GLU H 1699 66.36 -1.98 -88.07
N ASP H 1700 66.77 -2.78 -87.10
CA ASP H 1700 66.42 -4.20 -87.09
C ASP H 1700 64.93 -4.36 -86.81
N ALA H 1701 64.24 -5.13 -87.64
CA ALA H 1701 62.81 -5.35 -87.50
C ALA H 1701 62.47 -6.73 -86.95
N HIS H 1702 63.38 -7.70 -87.07
CA HIS H 1702 63.14 -9.04 -86.56
C HIS H 1702 63.41 -9.16 -85.07
N LEU H 1703 63.90 -8.10 -84.44
CA LEU H 1703 64.13 -8.13 -83.00
C LEU H 1703 62.79 -8.30 -82.27
N PRO H 1704 62.72 -9.13 -81.23
CA PRO H 1704 61.45 -9.34 -80.54
C PRO H 1704 60.92 -8.07 -79.90
N GLY H 1705 59.63 -8.11 -79.54
CA GLY H 1705 58.92 -6.97 -79.01
C GLY H 1705 59.55 -6.36 -77.77
N PRO H 1706 59.60 -7.12 -76.67
CA PRO H 1706 60.19 -6.58 -75.45
C PRO H 1706 61.63 -6.13 -75.61
N LEU H 1707 62.41 -6.80 -76.46
CA LEU H 1707 63.78 -6.37 -76.70
C LEU H 1707 63.84 -5.09 -77.52
N ARG H 1708 62.88 -4.90 -78.43
CA ARG H 1708 62.88 -3.70 -79.26
C ARG H 1708 62.62 -2.45 -78.42
N ALA H 1709 61.66 -2.52 -77.49
CA ALA H 1709 61.37 -1.38 -76.64
C ALA H 1709 62.48 -1.13 -75.63
N GLY H 1710 63.10 -2.18 -75.12
CA GLY H 1710 64.17 -2.01 -74.15
C GLY H 1710 65.38 -1.31 -74.73
N TYR H 1711 65.78 -1.70 -75.94
CA TYR H 1711 66.94 -1.07 -76.58
C TYR H 1711 66.67 0.39 -76.91
N TYR H 1712 65.45 0.71 -77.36
CA TYR H 1712 65.11 2.10 -77.63
C TYR H 1712 65.15 2.94 -76.36
N ASP H 1713 64.61 2.42 -75.27
CA ASP H 1713 64.68 3.14 -74.00
C ASP H 1713 66.12 3.24 -73.50
N LEU H 1714 66.94 2.25 -73.80
CA LEU H 1714 68.36 2.32 -73.43
C LEU H 1714 69.05 3.49 -74.10
N LEU H 1715 68.71 3.76 -75.36
CA LEU H 1715 69.27 4.92 -76.05
C LEU H 1715 68.91 6.22 -75.34
N ILE H 1716 67.66 6.35 -74.90
CA ILE H 1716 67.23 7.56 -74.22
C ILE H 1716 67.86 7.68 -72.84
N SER H 1717 68.00 6.55 -72.14
CA SER H 1717 68.35 6.58 -70.72
C SER H 1717 69.83 6.86 -70.46
N ILE H 1718 70.69 6.80 -71.47
CA ILE H 1718 72.12 6.96 -71.28
C ILE H 1718 72.65 8.21 -72.00
N HIS H 1719 72.14 8.50 -73.19
CA HIS H 1719 72.59 9.66 -73.94
C HIS H 1719 71.64 10.84 -73.90
N LEU H 1720 70.34 10.60 -73.67
CA LEU H 1720 69.35 11.67 -73.74
C LEU H 1720 68.56 11.82 -72.44
N GLU H 1721 68.96 11.15 -71.36
CA GLU H 1721 68.20 11.23 -70.11
C GLU H 1721 68.57 12.46 -69.29
N SER H 1722 69.87 12.72 -69.13
CA SER H 1722 70.31 13.81 -68.27
C SER H 1722 70.12 15.18 -68.92
N ALA H 1723 69.93 15.23 -70.25
CA ALA H 1723 69.86 16.51 -70.93
C ALA H 1723 68.43 17.01 -71.08
N CYS H 1724 67.48 16.12 -71.34
CA CYS H 1724 66.09 16.54 -71.50
C CYS H 1724 65.52 17.10 -70.21
N ARG H 1725 65.82 16.48 -69.07
CA ARG H 1725 65.27 16.91 -67.80
C ARG H 1725 65.83 18.27 -67.39
N SER H 1726 67.12 18.50 -67.66
CA SER H 1726 67.68 19.83 -67.45
C SER H 1726 67.01 20.86 -68.35
N ARG H 1727 66.63 20.44 -69.56
CA ARG H 1727 65.88 21.33 -70.46
C ARG H 1727 64.44 21.50 -69.98
N ARG H 1728 63.79 20.39 -69.59
CA ARG H 1728 62.40 20.48 -69.14
C ARG H 1728 62.26 21.26 -67.84
N SER H 1729 63.26 21.17 -66.95
CA SER H 1729 63.20 21.93 -65.71
C SER H 1729 63.22 23.43 -65.96
N MET H 1730 63.78 23.86 -67.07
CA MET H 1730 63.90 25.28 -67.39
C MET H 1730 62.83 25.75 -68.37
N LEU H 1731 61.90 24.88 -68.75
CA LEU H 1731 60.82 25.26 -69.66
C LEU H 1731 59.81 26.18 -69.00
N SER H 1732 59.66 26.11 -67.68
CA SER H 1732 58.71 26.96 -66.98
C SER H 1732 59.19 28.40 -66.86
N GLU H 1733 60.48 28.65 -67.02
CA GLU H 1733 61.04 29.99 -66.93
C GLU H 1733 60.96 30.68 -68.30
N TYR H 1734 60.69 31.98 -68.28
CA TYR H 1734 60.57 32.78 -69.50
C TYR H 1734 61.41 34.04 -69.31
N ILE H 1735 62.66 34.00 -69.77
CA ILE H 1735 63.57 35.13 -69.72
C ILE H 1735 63.70 35.69 -71.13
N VAL H 1736 63.34 36.96 -71.30
CA VAL H 1736 63.34 37.59 -72.62
C VAL H 1736 64.37 38.71 -72.65
N PRO H 1737 65.54 38.49 -73.23
CA PRO H 1737 66.52 39.57 -73.35
C PRO H 1737 66.06 40.65 -74.32
N LEU H 1738 66.53 41.87 -74.11
CA LEU H 1738 66.21 43.00 -74.97
C LEU H 1738 67.19 43.01 -76.14
N THR H 1739 66.80 42.33 -77.22
CA THR H 1739 67.62 42.18 -78.41
C THR H 1739 66.79 42.59 -79.63
N PRO H 1740 67.40 43.22 -80.64
CA PRO H 1740 66.65 43.58 -81.85
C PRO H 1740 66.00 42.37 -82.51
N GLU H 1741 66.60 41.19 -82.33
CA GLU H 1741 65.96 39.96 -82.80
C GLU H 1741 64.63 39.73 -82.09
N THR H 1742 64.59 39.99 -80.78
CA THR H 1742 63.34 39.88 -80.04
C THR H 1742 62.35 40.98 -80.41
N ARG H 1743 62.85 42.16 -80.81
CA ARG H 1743 61.96 43.25 -81.20
C ARG H 1743 61.13 42.88 -82.42
N ALA H 1744 61.73 42.24 -83.41
CA ALA H 1744 61.04 41.86 -84.65
C ALA H 1744 60.31 40.53 -84.48
N ILE H 1745 59.43 40.49 -83.48
CA ILE H 1745 58.61 39.33 -83.18
C ILE H 1745 57.15 39.78 -83.18
N THR H 1746 56.35 39.17 -84.04
CA THR H 1746 54.93 39.47 -84.14
C THR H 1746 54.11 38.25 -83.75
N LEU H 1747 53.03 38.49 -82.99
CA LEU H 1747 52.17 37.40 -82.54
C LEU H 1747 51.46 36.74 -83.72
N PHE H 1748 51.05 37.54 -84.71
CA PHE H 1748 50.52 36.93 -85.92
C PHE H 1748 51.59 36.88 -87.00
N PRO H 1749 51.71 35.76 -87.72
CA PRO H 1749 52.70 35.66 -88.79
C PRO H 1749 52.40 36.65 -89.91
N PRO H 1750 53.44 37.21 -90.55
CA PRO H 1750 53.26 38.18 -91.63
C PRO H 1750 52.80 37.52 -92.93
N ARG H 1760 45.16 33.91 -89.42
CA ARG H 1760 45.78 32.60 -89.63
C ARG H 1760 46.94 32.38 -88.67
N HIS H 1761 46.75 31.46 -87.74
CA HIS H 1761 47.80 31.15 -86.77
C HIS H 1761 48.97 30.45 -87.44
N GLY H 1762 50.18 30.83 -87.04
CA GLY H 1762 51.37 30.23 -87.58
C GLY H 1762 51.63 28.83 -87.02
N LEU H 1763 52.51 28.11 -87.71
CA LEU H 1763 52.85 26.76 -87.28
C LEU H 1763 53.64 26.81 -85.98
N PRO H 1764 53.36 25.92 -85.03
CA PRO H 1764 54.09 25.93 -83.76
C PRO H 1764 55.51 25.42 -83.93
N GLY H 1765 56.45 26.10 -83.27
CA GLY H 1765 57.84 25.69 -83.24
C GLY H 1765 58.68 26.22 -84.39
N VAL H 1766 58.07 26.74 -85.44
CA VAL H 1766 58.86 27.25 -86.56
C VAL H 1766 59.41 28.64 -86.25
N GLY H 1767 58.77 29.36 -85.32
CA GLY H 1767 59.29 30.67 -84.94
C GLY H 1767 60.43 30.55 -83.96
N VAL H 1768 61.41 31.45 -84.10
CA VAL H 1768 62.57 31.45 -83.22
C VAL H 1768 62.16 31.99 -81.86
N THR H 1769 62.53 31.27 -80.80
CA THR H 1769 62.12 31.66 -79.46
C THR H 1769 62.90 32.87 -78.95
N THR H 1770 64.21 32.92 -79.22
CA THR H 1770 65.08 33.98 -78.69
C THR H 1770 64.97 34.09 -77.17
N SER H 1771 64.91 32.95 -76.49
CA SER H 1771 64.83 32.89 -75.04
C SER H 1771 66.13 32.34 -74.47
N LEU H 1772 66.56 32.89 -73.35
CA LEU H 1772 67.80 32.43 -72.72
C LEU H 1772 67.58 31.04 -72.13
N ARG H 1773 68.32 30.06 -72.65
CA ARG H 1773 68.23 28.69 -72.19
C ARG H 1773 69.62 28.12 -71.95
N PRO H 1774 69.77 27.20 -71.00
CA PRO H 1774 71.08 26.58 -70.75
C PRO H 1774 71.49 25.71 -71.91
N PRO H 1775 72.63 26.00 -72.53
CA PRO H 1775 73.08 25.20 -73.68
C PRO H 1775 73.40 23.78 -73.28
N HIS H 1776 73.23 22.87 -74.24
CA HIS H 1776 73.53 21.46 -74.01
C HIS H 1776 75.03 21.25 -73.87
N HIS H 1777 75.39 20.27 -73.05
CA HIS H 1777 76.80 19.93 -72.83
C HIS H 1777 76.97 18.42 -72.96
N PHE H 1778 77.93 18.01 -73.79
CA PHE H 1778 78.20 16.61 -74.02
C PHE H 1778 79.71 16.40 -74.14
N SER H 1779 80.14 15.15 -73.97
CA SER H 1779 81.54 14.81 -74.08
C SER H 1779 81.68 13.38 -74.60
N ALA H 1780 82.81 13.12 -75.25
CA ALA H 1780 83.10 11.79 -75.76
C ALA H 1780 83.48 10.85 -74.63
N PRO H 1781 83.22 9.54 -74.78
CA PRO H 1781 83.61 8.59 -73.73
C PRO H 1781 85.11 8.57 -73.49
N CYS H 1782 85.88 8.31 -74.55
CA CYS H 1782 87.35 8.32 -74.50
C CYS H 1782 87.86 7.41 -73.38
N PHE H 1783 87.59 6.12 -73.56
CA PHE H 1783 87.92 5.13 -72.53
C PHE H 1783 89.42 5.03 -72.30
N VAL H 1784 90.23 5.26 -73.34
CA VAL H 1784 91.68 5.09 -73.23
C VAL H 1784 92.34 6.21 -72.44
N ALA H 1785 91.60 7.28 -72.14
CA ALA H 1785 92.19 8.41 -71.43
C ALA H 1785 92.65 8.01 -70.03
N ALA H 1786 93.75 8.60 -69.60
CA ALA H 1786 94.31 8.33 -68.29
C ALA H 1786 93.44 8.94 -67.20
N LEU H 1787 93.33 8.23 -66.07
CA LEU H 1787 92.55 8.69 -64.94
C LEU H 1787 93.47 9.20 -63.84
N PRO H 1788 93.18 10.38 -63.27
CA PRO H 1788 94.01 10.94 -62.20
C PRO H 1788 93.54 10.53 -60.80
N GLU H 1794 86.59 16.03 -54.26
CA GLU H 1794 87.07 17.07 -55.17
C GLU H 1794 87.29 16.50 -56.57
N ALA H 1795 86.22 16.00 -57.18
CA ALA H 1795 86.27 15.43 -58.51
C ALA H 1795 85.39 16.23 -59.47
N PRO H 1796 85.93 16.69 -60.60
CA PRO H 1796 85.09 17.45 -61.54
C PRO H 1796 83.97 16.59 -62.10
N ALA H 1797 82.83 17.24 -62.33
CA ALA H 1797 81.67 16.54 -62.88
C ALA H 1797 81.90 16.20 -64.35
N ARG H 1798 81.52 15.00 -64.75
CA ARG H 1798 81.67 14.54 -66.12
C ARG H 1798 80.33 14.59 -66.85
N LEU H 1799 80.36 15.06 -68.09
CA LEU H 1799 79.15 15.18 -68.89
C LEU H 1799 78.73 13.81 -69.43
N SER H 1800 77.51 13.76 -69.96
CA SER H 1800 76.96 12.52 -70.49
C SER H 1800 77.67 12.15 -71.80
N PRO H 1801 77.66 10.86 -72.15
CA PRO H 1801 78.26 10.45 -73.43
C PRO H 1801 77.63 11.18 -74.61
N SER H 1802 78.46 11.45 -75.61
CA SER H 1802 78.06 12.21 -76.79
C SER H 1802 77.96 11.29 -78.00
N ILE H 1803 76.83 11.40 -78.72
CA ILE H 1803 76.64 10.70 -79.99
C ILE H 1803 76.13 11.69 -81.02
N PRO H 1804 76.39 11.42 -82.30
CA PRO H 1804 75.97 12.37 -83.35
C PRO H 1804 74.47 12.60 -83.35
N LEU H 1805 74.08 13.84 -83.05
CA LEU H 1805 72.66 14.19 -83.04
C LEU H 1805 72.09 14.18 -84.46
N GLU H 1806 72.89 14.59 -85.45
CA GLU H 1806 72.41 14.64 -86.82
C GLU H 1806 72.04 13.25 -87.34
N ALA H 1807 72.83 12.24 -86.99
CA ALA H 1807 72.50 10.87 -87.40
C ALA H 1807 71.19 10.40 -86.80
N LEU H 1808 70.93 10.73 -85.54
CA LEU H 1808 69.66 10.34 -84.92
C LEU H 1808 68.47 10.99 -85.59
N ARG H 1809 68.58 12.26 -85.96
CA ARG H 1809 67.46 12.97 -86.57
C ARG H 1809 67.03 12.32 -87.88
N ASP H 1810 67.99 12.07 -88.78
CA ASP H 1810 67.65 11.45 -90.05
C ASP H 1810 67.09 10.04 -89.85
N LYS H 1811 67.67 9.28 -88.92
CA LYS H 1811 67.18 7.94 -88.64
C LYS H 1811 65.77 7.96 -88.05
N ALA H 1812 65.51 8.90 -87.13
CA ALA H 1812 64.18 8.97 -86.51
C ALA H 1812 63.12 9.35 -87.53
N LEU H 1813 63.41 10.31 -88.41
CA LEU H 1813 62.46 10.65 -89.47
C LEU H 1813 62.25 9.48 -90.44
N ARG H 1814 63.32 8.79 -90.82
CA ARG H 1814 63.15 7.64 -91.71
C ARG H 1814 62.37 6.53 -91.04
N MET H 1815 62.65 6.25 -89.76
CA MET H 1815 61.93 5.21 -89.05
C MET H 1815 60.46 5.58 -88.84
N LEU H 1816 60.18 6.82 -88.46
CA LEU H 1816 58.80 7.25 -88.31
C LEU H 1816 58.05 7.28 -89.64
N GLY H 1817 58.77 7.50 -90.75
CA GLY H 1817 58.11 7.52 -92.04
C GLY H 1817 57.58 6.15 -92.44
N GLU H 1818 58.37 5.10 -92.24
CA GLU H 1818 57.96 3.76 -92.64
C GLU H 1818 56.93 3.16 -91.70
N ALA H 1819 56.89 3.61 -90.43
CA ALA H 1819 55.88 3.11 -89.51
C ALA H 1819 54.47 3.49 -89.96
N VAL H 1820 54.30 4.72 -90.45
CA VAL H 1820 53.01 5.15 -90.96
C VAL H 1820 52.63 4.35 -92.21
N ARG H 1821 53.59 4.15 -93.11
CA ARG H 1821 53.32 3.35 -94.31
C ARG H 1821 52.98 1.91 -93.95
N ASP H 1822 53.72 1.33 -93.00
CA ASP H 1822 53.40 -0.03 -92.56
C ASP H 1822 52.06 -0.08 -91.83
N GLY H 1823 51.75 0.94 -91.02
CA GLY H 1823 50.47 0.95 -90.34
C GLY H 1823 49.29 1.08 -91.29
N GLY H 1824 49.45 1.89 -92.34
CA GLY H 1824 48.38 2.02 -93.32
C GLY H 1824 48.13 0.75 -94.10
N GLN H 1825 49.19 -0.01 -94.39
CA GLN H 1825 49.02 -1.27 -95.12
C GLN H 1825 48.35 -2.34 -94.26
N HIS H 1826 48.50 -2.25 -92.94
CA HIS H 1826 47.91 -3.20 -92.00
C HIS H 1826 48.37 -4.63 -92.31
N ALA H 1827 49.69 -4.83 -92.22
CA ALA H 1827 50.26 -6.14 -92.47
C ALA H 1827 49.92 -7.10 -91.33
N ARG H 1828 49.86 -8.39 -91.66
CA ARG H 1828 49.55 -9.39 -90.66
C ARG H 1828 50.69 -9.56 -89.65
N ASP H 1829 51.91 -9.16 -90.03
CA ASP H 1829 53.07 -9.24 -89.15
C ASP H 1829 53.65 -7.85 -88.96
N PRO H 1830 53.20 -7.11 -87.94
CA PRO H 1830 53.72 -5.75 -87.73
C PRO H 1830 55.13 -5.77 -87.17
N VAL H 1831 55.75 -4.59 -87.19
CA VAL H 1831 57.10 -4.44 -86.66
C VAL H 1831 57.05 -4.58 -85.16
N GLY H 1832 57.88 -5.49 -84.62
CA GLY H 1832 57.90 -5.77 -83.20
C GLY H 1832 56.88 -6.78 -82.74
N GLY H 1833 56.04 -7.30 -83.63
CA GLY H 1833 55.04 -8.28 -83.27
C GLY H 1833 53.69 -7.72 -82.86
N SER H 1834 53.59 -6.41 -82.67
CA SER H 1834 52.34 -5.80 -82.28
C SER H 1834 52.33 -4.34 -82.73
N VAL H 1835 51.13 -3.76 -82.81
CA VAL H 1835 50.99 -2.36 -83.19
C VAL H 1835 51.57 -1.45 -82.12
N GLU H 1836 51.39 -1.81 -80.85
CA GLU H 1836 51.91 -0.98 -79.76
C GLU H 1836 53.44 -0.93 -79.79
N PHE H 1837 54.08 -2.06 -80.01
CA PHE H 1837 55.54 -2.10 -80.03
C PHE H 1837 56.11 -1.40 -81.26
N GLN H 1838 55.28 -1.09 -82.26
CA GLN H 1838 55.74 -0.39 -83.45
C GLN H 1838 55.63 1.13 -83.30
N PHE H 1839 54.65 1.62 -82.55
CA PHE H 1839 54.40 3.05 -82.50
C PHE H 1839 54.81 3.70 -81.18
N VAL H 1840 54.60 3.02 -80.05
CA VAL H 1840 54.93 3.58 -78.74
C VAL H 1840 56.43 3.80 -78.60
N PRO H 1841 57.30 2.81 -78.83
CA PRO H 1841 58.74 3.05 -78.60
C PRO H 1841 59.34 4.09 -79.53
N VAL H 1842 58.91 4.16 -80.79
CA VAL H 1842 59.47 5.12 -81.72
C VAL H 1842 59.05 6.54 -81.34
N LEU H 1843 57.85 6.71 -80.78
CA LEU H 1843 57.40 8.03 -80.37
C LEU H 1843 58.17 8.56 -79.16
N LYS H 1844 58.80 7.66 -78.39
CA LYS H 1844 59.64 8.10 -77.28
C LYS H 1844 60.85 8.89 -77.76
N LEU H 1845 61.52 8.41 -78.82
CA LEU H 1845 62.69 9.11 -79.33
C LEU H 1845 62.31 10.47 -79.91
N VAL H 1846 61.19 10.54 -80.63
CA VAL H 1846 60.77 11.80 -81.23
C VAL H 1846 60.36 12.81 -80.16
N SER H 1847 59.58 12.35 -79.18
CA SER H 1847 59.14 13.26 -78.11
C SER H 1847 60.31 13.77 -77.29
N THR H 1848 61.28 12.90 -76.99
CA THR H 1848 62.45 13.33 -76.23
C THR H 1848 63.26 14.36 -77.00
N LEU H 1849 63.49 14.14 -78.29
CA LEU H 1849 64.31 15.06 -79.08
C LEU H 1849 63.62 16.40 -79.29
N LEU H 1850 62.29 16.41 -79.37
CA LEU H 1850 61.56 17.67 -79.48
C LEU H 1850 61.76 18.54 -78.25
N VAL H 1851 61.74 17.93 -77.06
CA VAL H 1851 62.01 18.68 -75.84
C VAL H 1851 63.44 19.23 -75.85
N MET H 1852 64.40 18.41 -76.30
CA MET H 1852 65.78 18.87 -76.42
C MET H 1852 65.89 20.06 -77.37
N GLY H 1853 65.07 20.11 -78.40
CA GLY H 1853 65.19 21.13 -79.43
C GLY H 1853 66.20 20.82 -80.52
N ILE H 1854 66.63 19.56 -80.62
CA ILE H 1854 67.60 19.19 -81.65
C ILE H 1854 66.98 19.33 -83.04
N PHE H 1855 65.70 19.01 -83.18
CA PHE H 1855 65.03 19.12 -84.47
C PHE H 1855 65.04 20.57 -84.94
N GLY H 1856 65.40 20.78 -86.20
CA GLY H 1856 65.43 22.11 -86.77
C GLY H 1856 64.07 22.56 -87.26
N ASP H 1857 64.06 23.72 -87.91
CA ASP H 1857 62.81 24.27 -88.43
C ASP H 1857 62.20 23.36 -89.49
N GLU H 1858 63.03 22.80 -90.37
CA GLU H 1858 62.53 21.87 -91.38
C GLU H 1858 62.09 20.55 -90.73
N ASP H 1859 62.79 20.11 -89.69
CA ASP H 1859 62.41 18.86 -89.02
C ASP H 1859 61.05 18.96 -88.35
N VAL H 1860 60.73 20.10 -87.74
CA VAL H 1860 59.44 20.26 -87.09
C VAL H 1860 58.30 20.15 -88.10
N LYS H 1861 58.51 20.66 -89.32
CA LYS H 1861 57.49 20.58 -90.35
C LYS H 1861 57.17 19.13 -90.70
N GLN H 1862 58.20 18.27 -90.79
CA GLN H 1862 57.96 16.87 -91.12
C GLN H 1862 57.14 16.17 -90.03
N ILE H 1863 57.47 16.43 -88.76
CA ILE H 1863 56.68 15.88 -87.66
C ILE H 1863 55.27 16.46 -87.68
N LEU H 1864 55.14 17.77 -87.88
CA LEU H 1864 53.83 18.41 -87.82
C LEU H 1864 52.94 17.99 -88.98
N LYS H 1865 53.51 17.79 -90.17
CA LYS H 1865 52.71 17.40 -91.32
C LYS H 1865 52.30 15.93 -91.25
N MET H 1866 53.10 15.09 -90.59
CA MET H 1866 52.79 13.66 -90.55
C MET H 1866 51.61 13.37 -89.62
N ILE H 1867 51.53 14.07 -88.48
CA ILE H 1867 50.44 13.84 -87.55
C ILE H 1867 49.12 14.34 -88.14
N GLU H 1868 49.13 15.45 -88.88
CA GLU H 1868 47.92 15.99 -89.47
C GLU H 1868 48.29 16.71 -90.76
N PRO H 1869 47.50 16.56 -91.83
CA PRO H 1869 47.84 17.24 -93.08
C PRO H 1869 47.47 18.72 -93.07
N GLU H 1870 46.44 19.08 -92.31
CA GLU H 1870 46.00 20.47 -92.26
C GLU H 1870 47.07 21.35 -91.61
N VAL H 1871 47.69 20.89 -90.54
CA VAL H 1871 48.69 21.67 -89.84
C VAL H 1871 50.06 21.02 -89.97
N GLU H 1925 47.57 9.14 -94.72
CA GLU H 1925 46.64 9.54 -93.67
C GLU H 1925 47.41 10.04 -92.44
N GLY H 1926 46.81 11.00 -91.73
CA GLY H 1926 47.45 11.53 -90.54
C GLY H 1926 47.44 10.54 -89.39
N LEU H 1927 48.32 10.79 -88.42
CA LEU H 1927 48.42 9.91 -87.27
C LEU H 1927 47.22 10.06 -86.34
N LEU H 1928 46.56 11.22 -86.35
CA LEU H 1928 45.40 11.44 -85.51
C LEU H 1928 44.23 10.54 -85.93
N GLN H 1929 44.01 10.40 -87.23
CA GLN H 1929 42.85 9.67 -87.72
C GLN H 1929 42.99 8.16 -87.54
N MET H 1930 44.21 7.62 -87.71
CA MET H 1930 44.41 6.18 -87.64
C MET H 1930 44.17 5.67 -86.22
N LYS H 1931 43.47 4.54 -86.12
CA LYS H 1931 43.21 3.93 -84.83
C LYS H 1931 44.50 3.35 -84.24
N LEU H 1932 44.61 3.42 -82.91
CA LEU H 1932 45.80 2.97 -82.22
C LEU H 1932 45.40 2.55 -80.81
N PRO H 1933 46.19 1.70 -80.16
CA PRO H 1933 45.87 1.31 -78.78
C PRO H 1933 46.01 2.50 -77.82
N GLU H 1934 45.59 2.26 -76.57
CA GLU H 1934 45.66 3.31 -75.56
C GLU H 1934 47.10 3.71 -75.26
N SER H 1935 48.04 2.78 -75.39
CA SER H 1935 49.45 3.10 -75.14
C SER H 1935 49.98 4.13 -76.14
N VAL H 1936 49.60 4.01 -77.41
CA VAL H 1936 50.03 4.98 -78.41
C VAL H 1936 49.44 6.36 -78.12
N LYS H 1937 48.18 6.40 -77.69
CA LYS H 1937 47.52 7.68 -77.42
C LYS H 1937 48.17 8.41 -76.26
N LEU H 1938 48.67 7.68 -75.26
CA LEU H 1938 49.34 8.32 -74.13
C LEU H 1938 50.56 9.10 -74.59
N GLN H 1939 51.38 8.49 -75.46
CA GLN H 1939 52.55 9.18 -75.98
C GLN H 1939 52.17 10.17 -77.07
N MET H 1940 51.01 9.99 -77.69
CA MET H 1940 50.53 10.96 -78.66
C MET H 1940 50.13 12.27 -78.00
N CYS H 1941 49.57 12.19 -76.79
CA CYS H 1941 49.24 13.40 -76.05
C CYS H 1941 50.49 14.17 -75.64
N ASN H 1942 51.56 13.47 -75.24
CA ASN H 1942 52.81 14.15 -74.91
C ASN H 1942 53.41 14.83 -76.13
N LEU H 1943 53.27 14.23 -77.31
CA LEU H 1943 53.75 14.88 -78.52
C LEU H 1943 53.00 16.18 -78.78
N LEU H 1944 51.68 16.18 -78.62
CA LEU H 1944 50.91 17.41 -78.70
C LEU H 1944 51.11 18.31 -77.50
N GLU H 1945 51.54 17.75 -76.36
CA GLU H 1945 51.81 18.57 -75.19
C GLU H 1945 52.93 19.57 -75.47
N TYR H 1946 53.96 19.14 -76.19
CA TYR H 1946 55.07 20.04 -76.52
C TYR H 1946 54.63 21.16 -77.45
N PHE H 1947 53.87 20.84 -78.50
CA PHE H 1947 53.47 21.86 -79.45
C PHE H 1947 52.54 22.89 -78.83
N CYS H 1948 51.73 22.47 -77.86
CA CYS H 1948 50.79 23.38 -77.22
C CYS H 1948 51.49 24.37 -76.29
N ASP H 1949 52.66 23.99 -75.76
CA ASP H 1949 53.47 24.92 -74.98
C ASP H 1949 54.21 25.91 -75.89
N GLN H 1950 54.52 25.52 -77.12
CA GLN H 1950 55.25 26.41 -78.02
C GLN H 1950 54.46 27.66 -78.34
N GLU H 1951 53.15 27.51 -78.62
CA GLU H 1951 52.32 28.68 -78.87
C GLU H 1951 52.12 29.51 -77.62
N LEU H 1952 52.08 28.86 -76.45
CA LEU H 1952 52.01 29.60 -75.19
C LEU H 1952 53.28 30.41 -74.97
N GLN H 1953 54.44 29.82 -75.30
CA GLN H 1953 55.70 30.55 -75.21
C GLN H 1953 55.73 31.74 -76.17
N HIS H 1954 55.15 31.58 -77.36
CA HIS H 1954 55.14 32.66 -78.33
C HIS H 1954 54.28 33.82 -77.86
N ARG H 1955 53.18 33.54 -77.16
CA ARG H 1955 52.29 34.60 -76.69
C ARG H 1955 52.94 35.45 -75.60
N VAL H 1956 53.55 34.81 -74.60
CA VAL H 1956 54.18 35.56 -73.51
C VAL H 1956 55.37 36.35 -74.03
N GLU H 1957 56.12 35.80 -74.99
CA GLU H 1957 57.26 36.51 -75.53
C GLU H 1957 56.83 37.70 -76.38
N SER H 1958 55.74 37.56 -77.14
CA SER H 1958 55.23 38.67 -77.92
C SER H 1958 54.74 39.80 -77.02
N LEU H 1959 54.22 39.47 -75.84
CA LEU H 1959 53.84 40.51 -74.88
C LEU H 1959 55.06 41.29 -74.40
N ALA H 1960 56.18 40.60 -74.14
CA ALA H 1960 57.38 41.29 -73.72
C ALA H 1960 57.93 42.20 -74.81
N ALA H 1961 57.89 41.75 -76.07
CA ALA H 1961 58.39 42.58 -77.16
C ALA H 1961 57.55 43.84 -77.33
N PHE H 1962 56.23 43.72 -77.24
CA PHE H 1962 55.38 44.90 -77.32
C PHE H 1962 55.56 45.81 -76.11
N ALA H 1963 55.83 45.23 -74.93
CA ALA H 1963 56.06 46.05 -73.75
C ALA H 1963 57.27 46.94 -73.92
N GLU H 1964 58.33 46.45 -74.59
CA GLU H 1964 59.51 47.27 -74.81
C GLU H 1964 59.21 48.45 -75.72
N ARG H 1965 58.43 48.25 -76.78
CA ARG H 1965 58.08 49.35 -77.67
C ARG H 1965 57.11 50.33 -77.01
N TYR H 1966 56.15 49.83 -76.23
CA TYR H 1966 55.16 50.70 -75.61
C TYR H 1966 55.77 51.59 -74.54
N VAL H 1967 56.68 51.05 -73.72
CA VAL H 1967 57.27 51.84 -72.65
C VAL H 1967 58.17 52.95 -73.20
N ASP H 1968 58.79 52.74 -74.36
CA ASP H 1968 59.62 53.79 -74.95
C ASP H 1968 58.80 55.01 -75.32
N LYS H 1969 57.61 54.79 -75.88
CA LYS H 1969 56.74 55.92 -76.24
C LYS H 1969 56.25 56.64 -74.99
N LEU H 1970 55.89 55.91 -73.94
CA LEU H 1970 55.45 56.54 -72.70
C LEU H 1970 56.58 57.32 -72.04
N GLN H 1971 57.80 56.78 -72.08
CA GLN H 1971 58.94 57.49 -71.51
C GLN H 1971 59.21 58.79 -72.24
N ALA H 1972 59.12 58.77 -73.57
CA ALA H 1972 59.31 60.00 -74.34
C ALA H 1972 58.17 60.98 -74.11
N ASN H 1973 56.93 60.49 -74.05
CA ASN H 1973 55.79 61.37 -73.80
C ASN H 1973 55.84 61.97 -72.41
N GLN H 1974 56.24 61.17 -71.40
CA GLN H 1974 56.34 61.70 -70.04
C GLN H 1974 57.41 62.78 -69.95
N ARG H 1975 58.56 62.56 -70.59
CA ARG H 1975 59.61 63.58 -70.59
C ARG H 1975 59.17 64.85 -71.33
N ASP H 1976 58.46 64.69 -72.44
CA ASP H 1976 57.96 65.86 -73.17
C ASP H 1976 56.96 66.65 -72.34
N ARG H 1977 56.07 65.95 -71.62
CA ARG H 1977 55.10 66.63 -70.78
C ARG H 1977 55.74 67.24 -69.54
N TYR H 1978 56.90 66.70 -69.13
CA TYR H 1978 57.62 67.28 -68.00
C TYR H 1978 58.09 68.69 -68.31
N GLY H 1979 58.71 68.89 -69.50
CA GLY H 1979 59.22 70.19 -69.85
C GLY H 1979 58.14 71.23 -70.04
N ILE H 1980 57.01 70.84 -70.64
CA ILE H 1980 55.93 71.78 -70.90
C ILE H 1980 55.36 72.32 -69.59
N LEU H 1981 55.12 71.44 -68.61
CA LEU H 1981 54.59 71.88 -67.33
C LEU H 1981 55.61 72.66 -66.53
N MET H 1982 56.90 72.32 -66.65
CA MET H 1982 57.93 72.99 -65.86
C MET H 1982 58.33 74.33 -66.47
N LYS H 1983 58.59 74.36 -67.77
CA LYS H 1983 59.04 75.59 -68.41
C LYS H 1983 57.93 76.65 -68.42
N ALA H 1984 56.74 76.27 -68.84
CA ALA H 1984 55.64 77.22 -68.91
C ALA H 1984 55.10 77.51 -67.51
N PHE H 1985 54.74 78.76 -67.28
CA PHE H 1985 54.18 79.16 -66.00
C PHE H 1985 52.79 78.58 -65.80
N THR H 1986 52.45 78.30 -64.54
CA THR H 1986 51.15 77.75 -64.18
C THR H 1986 50.22 78.89 -63.79
N MET H 1987 49.10 79.02 -64.52
CA MET H 1987 48.14 80.08 -64.22
C MET H 1987 47.49 79.89 -62.86
N THR H 1988 47.11 78.66 -62.53
CA THR H 1988 46.46 78.34 -61.27
C THR H 1988 47.31 77.34 -60.49
N ALA H 1989 47.43 77.57 -59.18
CA ALA H 1989 48.19 76.66 -58.34
C ALA H 1989 47.51 75.30 -58.19
N ALA H 1990 46.18 75.24 -58.30
CA ALA H 1990 45.48 73.97 -58.20
C ALA H 1990 45.87 73.04 -59.35
N GLU H 1991 45.98 73.57 -60.57
CA GLU H 1991 46.41 72.74 -61.69
C GLU H 1991 47.84 72.25 -61.51
N THR H 1992 48.73 73.11 -61.01
CA THR H 1992 50.10 72.69 -60.75
C THR H 1992 50.18 71.68 -59.62
N ALA H 1993 49.25 71.75 -58.66
CA ALA H 1993 49.23 70.78 -57.57
C ALA H 1993 48.95 69.37 -58.08
N ARG H 1994 48.01 69.26 -59.03
CA ARG H 1994 47.73 67.95 -59.62
C ARG H 1994 48.92 67.43 -60.42
N ARG H 1995 49.60 68.32 -61.15
CA ARG H 1995 50.78 67.90 -61.91
C ARG H 1995 51.89 67.41 -61.00
N THR H 1996 52.10 68.09 -59.87
CA THR H 1996 53.15 67.69 -58.95
C THR H 1996 52.80 66.38 -58.24
N ARG H 1997 51.52 66.10 -58.03
CA ARG H 1997 51.11 64.86 -57.40
C ARG H 1997 51.49 63.64 -58.23
N GLU H 1998 51.34 63.72 -59.55
CA GLU H 1998 51.77 62.65 -60.44
C GLU H 1998 53.28 62.60 -60.58
N PHE H 1999 53.93 63.76 -60.58
CA PHE H 1999 55.36 63.82 -60.86
C PHE H 1999 56.18 63.35 -59.66
N ARG H 2000 55.78 63.72 -58.45
CA ARG H 2000 56.47 63.27 -57.25
C ARG H 2000 56.04 61.88 -56.81
N SER H 2001 55.02 61.31 -57.44
CA SER H 2001 54.56 59.97 -57.09
C SER H 2001 55.60 58.92 -57.52
N PRO H 2002 55.61 57.78 -56.85
CA PRO H 2002 56.53 56.71 -57.26
C PRO H 2002 56.21 56.25 -58.67
N PRO H 2003 57.22 55.79 -59.42
CA PRO H 2003 56.96 55.34 -60.79
C PRO H 2003 55.99 54.18 -60.88
N GLN H 2004 55.90 53.35 -59.85
CA GLN H 2004 54.94 52.25 -59.87
C GLN H 2004 53.51 52.78 -59.98
N GLU H 2005 53.16 53.76 -59.15
CA GLU H 2005 51.83 54.37 -59.24
C GLU H 2005 51.70 55.26 -60.47
N GLN H 2006 52.80 55.80 -60.98
CA GLN H 2006 52.75 56.64 -62.17
C GLN H 2006 52.29 55.84 -63.39
N ILE H 2007 52.79 54.61 -63.54
CA ILE H 2007 52.39 53.78 -64.67
C ILE H 2007 50.93 53.37 -64.55
N ASN H 2008 50.48 53.05 -63.32
CA ASN H 2008 49.10 52.62 -63.13
C ASN H 2008 48.11 53.73 -63.49
N MET H 2009 48.42 54.97 -63.12
CA MET H 2009 47.53 56.08 -63.43
C MET H 2009 47.39 56.29 -64.94
N LEU H 2010 48.51 56.18 -65.67
CA LEU H 2010 48.47 56.36 -67.11
C LEU H 2010 47.82 55.19 -67.82
N LEU H 2011 47.93 53.97 -67.30
CA LEU H 2011 47.41 52.78 -67.96
C LEU H 2011 45.93 52.54 -67.66
N HIS H 2012 45.31 53.31 -66.77
CA HIS H 2012 43.91 53.13 -66.43
C HIS H 2012 43.09 54.09 -67.28
N PHE H 2013 42.74 53.66 -68.49
CA PHE H 2013 41.93 54.47 -69.39
C PHE H 2013 40.83 53.67 -70.08
N LYS H 2014 40.48 52.50 -69.56
CA LYS H 2014 39.45 51.67 -70.16
C LYS H 2014 38.08 52.34 -70.07
N PRO H 2023 45.43 61.59 -69.78
CA PRO H 2023 46.76 62.09 -69.43
C PRO H 2023 47.82 61.74 -70.48
N LEU H 2024 47.37 61.28 -71.64
CA LEU H 2024 48.26 60.90 -72.73
C LEU H 2024 47.48 60.98 -74.03
N PRO H 2025 48.14 61.32 -75.14
CA PRO H 2025 47.43 61.45 -76.42
C PRO H 2025 46.79 60.14 -76.84
N ASP H 2026 45.61 60.25 -77.47
CA ASP H 2026 44.86 59.06 -77.86
C ASP H 2026 45.58 58.24 -78.92
N GLU H 2027 46.52 58.84 -79.66
CA GLU H 2027 47.28 58.09 -80.65
C GLU H 2027 48.14 57.01 -79.98
N ILE H 2028 48.76 57.34 -78.84
CA ILE H 2028 49.57 56.36 -78.12
C ILE H 2028 48.68 55.26 -77.54
N ARG H 2029 47.52 55.63 -76.99
CA ARG H 2029 46.63 54.65 -76.39
C ARG H 2029 46.07 53.67 -77.41
N GLN H 2030 46.02 54.04 -78.70
CA GLN H 2030 45.53 53.14 -79.71
C GLN H 2030 46.47 51.97 -79.97
N ASP H 2031 47.75 52.12 -79.67
CA ASP H 2031 48.70 51.03 -79.87
C ASP H 2031 48.39 49.85 -78.94
N LEU H 2032 48.04 50.13 -77.69
CA LEU H 2032 47.73 49.06 -76.75
C LEU H 2032 46.45 48.33 -77.15
N LEU H 2033 45.47 49.06 -77.70
CA LEU H 2033 44.22 48.44 -78.12
C LEU H 2033 44.45 47.44 -79.24
N GLU H 2034 45.39 47.72 -80.16
CA GLU H 2034 45.68 46.78 -81.23
C GLU H 2034 46.21 45.46 -80.69
N PHE H 2035 47.11 45.52 -79.71
CA PHE H 2035 47.64 44.30 -79.12
C PHE H 2035 46.65 43.62 -78.20
N HIS H 2036 45.74 44.39 -77.59
CA HIS H 2036 44.78 43.79 -76.66
C HIS H 2036 43.83 42.83 -77.37
N GLN H 2037 43.26 43.26 -78.49
CA GLN H 2037 42.36 42.38 -79.24
C GLN H 2037 43.15 41.29 -79.96
N ASP H 2038 44.35 41.61 -80.44
CA ASP H 2038 45.19 40.61 -81.09
C ASP H 2038 45.59 39.51 -80.12
N LEU H 2039 45.92 39.86 -78.88
CA LEU H 2039 46.22 38.85 -77.88
C LEU H 2039 45.00 37.98 -77.60
N LEU H 2040 43.82 38.59 -77.51
CA LEU H 2040 42.60 37.81 -77.28
C LEU H 2040 42.27 36.92 -78.46
N THR H 2041 42.53 37.38 -79.68
CA THR H 2041 42.26 36.57 -80.86
C THR H 2041 43.12 35.32 -80.90
N HIS H 2042 44.40 35.43 -80.50
CA HIS H 2042 45.29 34.27 -80.53
C HIS H 2042 44.82 33.19 -79.56
N CYS H 2043 44.35 33.59 -78.38
CA CYS H 2043 43.85 32.63 -77.40
C CYS H 2043 42.53 32.00 -77.81
N GLY H 2044 41.86 32.51 -78.84
CA GLY H 2044 40.60 31.97 -79.32
C GLY H 2044 39.38 32.75 -78.90
N ILE H 2045 39.51 33.71 -77.99
CA ILE H 2045 38.37 34.51 -77.55
C ILE H 2045 38.05 35.54 -78.62
N GLN H 2046 36.77 35.60 -79.00
CA GLN H 2046 36.32 36.55 -80.03
C GLN H 2046 36.35 37.98 -79.50
N LEU H 2092 38.85 22.34 -87.53
CA LEU H 2092 40.26 22.22 -87.88
C LEU H 2092 40.86 23.58 -88.21
N GLN H 2093 41.89 23.57 -89.05
CA GLN H 2093 42.62 24.77 -89.50
C GLN H 2093 43.28 25.52 -88.35
N SER H 2094 43.42 24.91 -87.18
CA SER H 2094 44.06 25.55 -86.04
C SER H 2094 44.51 24.47 -85.07
N LEU H 2095 45.66 24.72 -84.44
CA LEU H 2095 46.20 23.74 -83.48
C LEU H 2095 45.26 23.57 -82.29
N GLN H 2096 44.74 24.67 -81.75
CA GLN H 2096 43.82 24.57 -80.62
C GLN H 2096 42.51 23.90 -81.02
N GLU H 2097 42.02 24.17 -82.22
CA GLU H 2097 40.80 23.52 -82.69
C GLU H 2097 41.03 22.05 -83.03
N LEU H 2098 42.20 21.71 -83.57
CA LEU H 2098 42.46 20.34 -83.96
C LEU H 2098 42.55 19.44 -82.74
N VAL H 2099 43.36 19.83 -81.74
CA VAL H 2099 43.55 18.99 -80.57
C VAL H 2099 42.27 18.84 -79.76
N SER H 2100 41.36 19.81 -79.83
CA SER H 2100 40.11 19.73 -79.09
C SER H 2100 39.16 18.68 -79.65
N HIS H 2101 39.14 18.50 -80.97
CA HIS H 2101 38.25 17.53 -81.59
C HIS H 2101 38.74 16.09 -81.43
N THR H 2102 40.05 15.87 -81.49
CA THR H 2102 40.56 14.50 -81.40
C THR H 2102 40.47 13.96 -79.98
N VAL H 2103 40.69 14.81 -78.97
CA VAL H 2103 40.63 14.34 -77.59
C VAL H 2103 39.21 13.98 -77.20
N VAL H 2104 38.21 14.72 -77.70
CA VAL H 2104 36.83 14.38 -77.38
C VAL H 2104 36.34 13.21 -78.23
N ARG H 2105 36.93 13.02 -79.43
CA ARG H 2105 36.56 11.87 -80.25
C ARG H 2105 37.08 10.56 -79.66
N TRP H 2106 38.24 10.60 -79.00
CA TRP H 2106 38.78 9.39 -78.38
C TRP H 2106 37.88 8.89 -77.27
N ALA H 2107 37.33 9.82 -76.47
CA ALA H 2107 36.43 9.42 -75.39
C ALA H 2107 35.13 8.82 -75.92
N GLN H 2108 34.64 9.32 -77.06
CA GLN H 2108 33.40 8.80 -77.63
C GLN H 2108 33.57 7.42 -78.25
N GLU H 2109 34.83 6.99 -78.47
CA GLU H 2109 35.05 5.68 -79.09
C GLU H 2109 34.68 4.55 -78.14
N ASP H 2110 35.34 4.47 -76.99
CA ASP H 2110 35.09 3.44 -76.01
C ASP H 2110 35.63 3.91 -74.66
N PHE H 2111 35.57 3.03 -73.65
CA PHE H 2111 36.09 3.37 -72.34
C PHE H 2111 37.61 3.30 -72.34
N VAL H 2112 38.24 4.26 -71.67
CA VAL H 2112 39.69 4.39 -71.70
C VAL H 2112 40.36 3.29 -70.89
N GLN H 2113 39.87 3.05 -69.67
CA GLN H 2113 40.43 2.03 -68.76
C GLN H 2113 41.93 2.23 -68.54
N SER H 2114 42.37 3.48 -68.39
CA SER H 2114 43.78 3.76 -68.16
C SER H 2114 43.94 5.04 -67.36
N PRO H 2115 44.31 4.96 -66.08
CA PRO H 2115 44.42 6.18 -65.27
C PRO H 2115 45.44 7.17 -65.78
N GLU H 2116 46.54 6.71 -66.35
CA GLU H 2116 47.55 7.64 -66.88
C GLU H 2116 47.08 8.33 -68.14
N LEU H 2117 46.13 7.74 -68.88
CA LEU H 2117 45.64 8.36 -70.10
C LEU H 2117 44.59 9.42 -69.83
N VAL H 2118 43.72 9.19 -68.84
CA VAL H 2118 42.65 10.14 -68.56
C VAL H 2118 43.22 11.49 -68.16
N ARG H 2119 44.23 11.50 -67.30
CA ARG H 2119 44.84 12.75 -66.86
C ARG H 2119 45.52 13.46 -68.03
N ALA H 2120 46.16 12.70 -68.92
CA ALA H 2120 46.83 13.30 -70.07
C ALA H 2120 45.83 13.94 -71.03
N MET H 2121 44.77 13.22 -71.38
CA MET H 2121 43.76 13.77 -72.29
C MET H 2121 43.07 14.99 -71.68
N PHE H 2122 42.73 14.92 -70.38
CA PHE H 2122 42.06 16.05 -69.74
C PHE H 2122 43.01 17.20 -69.48
N SER H 2123 44.32 16.93 -69.35
CA SER H 2123 45.30 18.02 -69.30
C SER H 2123 45.30 18.82 -70.59
N LEU H 2124 45.19 18.12 -71.73
CA LEU H 2124 45.05 18.80 -73.02
C LEU H 2124 43.74 19.55 -73.11
N LEU H 2125 42.68 19.03 -72.49
CA LEU H 2125 41.36 19.65 -72.65
C LEU H 2125 41.30 21.03 -72.00
N HIS H 2126 41.75 21.17 -70.75
CA HIS H 2126 41.53 22.39 -70.01
C HIS H 2126 42.35 23.56 -70.54
N ARG H 2127 43.61 23.30 -70.91
CA ARG H 2127 44.51 24.40 -71.26
C ARG H 2127 44.11 25.06 -72.58
N GLN H 2128 43.49 24.31 -73.49
CA GLN H 2128 43.21 24.84 -74.82
C GLN H 2128 41.86 25.54 -74.92
N TYR H 2129 41.08 25.54 -73.84
CA TYR H 2129 39.81 26.25 -73.80
C TYR H 2129 39.89 27.58 -73.06
N ASP H 2130 40.90 27.78 -72.22
CA ASP H 2130 41.14 29.03 -71.50
C ASP H 2130 42.56 29.49 -71.83
N GLY H 2131 42.70 30.21 -72.96
CA GLY H 2131 43.99 30.76 -73.32
C GLY H 2131 44.46 31.85 -72.39
N LEU H 2132 43.55 32.73 -71.96
CA LEU H 2132 43.92 33.82 -71.06
C LEU H 2132 44.34 33.30 -69.70
N GLY H 2133 43.67 32.27 -69.19
CA GLY H 2133 44.03 31.73 -67.89
C GLY H 2133 45.42 31.13 -67.88
N GLU H 2134 45.79 30.40 -68.93
CA GLU H 2134 47.13 29.85 -69.02
C GLU H 2134 48.18 30.94 -69.10
N LEU H 2135 47.91 31.99 -69.89
CA LEU H 2135 48.83 33.12 -69.95
C LEU H 2135 48.87 33.89 -68.62
N LEU H 2136 47.76 33.88 -67.88
CA LEU H 2136 47.72 34.57 -66.60
C LEU H 2136 48.70 33.99 -65.60
N ARG H 2137 48.86 32.66 -65.57
CA ARG H 2137 49.74 32.01 -64.62
C ARG H 2137 51.21 32.05 -65.03
N ALA H 2138 51.50 32.20 -66.32
CA ALA H 2138 52.88 32.20 -66.80
C ALA H 2138 53.54 33.57 -66.71
N LEU H 2139 52.75 34.65 -66.70
CA LEU H 2139 53.27 36.01 -66.63
C LEU H 2139 54.10 36.27 -65.37
N PRO H 2140 53.67 35.85 -64.18
CA PRO H 2140 54.51 36.07 -62.98
C PRO H 2140 55.89 35.43 -63.09
N ARG H 2141 56.03 34.33 -63.83
CA ARG H 2141 57.33 33.70 -64.02
C ARG H 2141 58.16 34.36 -65.10
N ALA H 2142 57.59 35.30 -65.85
CA ALA H 2142 58.33 35.98 -66.91
C ALA H 2142 59.20 37.09 -66.33
N TYR H 2143 60.29 37.39 -67.04
CA TYR H 2143 61.23 38.41 -66.62
C TYR H 2143 61.96 38.94 -67.83
N THR H 2144 62.38 40.21 -67.77
CA THR H 2144 63.10 40.87 -68.85
C THR H 2144 64.49 41.22 -68.36
N ILE H 2145 65.51 40.90 -69.16
CA ILE H 2145 66.90 41.11 -68.78
C ILE H 2145 67.58 41.97 -69.85
N SER H 2146 68.55 42.77 -69.41
CA SER H 2146 69.29 43.61 -70.32
C SER H 2146 70.17 42.77 -71.23
N PRO H 2147 70.37 43.20 -72.48
CA PRO H 2147 71.26 42.44 -73.39
C PRO H 2147 72.68 42.31 -72.88
N SER H 2148 73.19 43.32 -72.17
CA SER H 2148 74.55 43.25 -71.65
C SER H 2148 74.68 42.25 -70.51
N SER H 2149 73.58 41.86 -69.87
CA SER H 2149 73.59 40.93 -68.76
C SER H 2149 73.23 39.51 -69.18
N VAL H 2150 73.18 39.24 -70.48
CA VAL H 2150 72.83 37.91 -70.96
C VAL H 2150 73.92 36.90 -70.55
N GLU H 2151 75.19 37.27 -70.70
CA GLU H 2151 76.27 36.36 -70.35
C GLU H 2151 76.28 36.04 -68.86
N ASP H 2152 76.05 37.03 -68.00
CA ASP H 2152 76.02 36.78 -66.57
C ASP H 2152 74.84 35.90 -66.18
N THR H 2153 73.68 36.12 -66.80
CA THR H 2153 72.50 35.33 -66.47
C THR H 2153 72.63 33.90 -66.98
N MET H 2154 73.35 33.70 -68.08
CA MET H 2154 73.53 32.34 -68.61
C MET H 2154 74.28 31.46 -67.62
N SER H 2155 75.32 32.00 -66.97
CA SER H 2155 76.04 31.24 -65.97
C SER H 2155 75.18 30.95 -64.74
N LEU H 2156 74.35 31.90 -64.34
CA LEU H 2156 73.42 31.66 -63.23
C LEU H 2156 72.38 30.61 -63.60
N LEU H 2157 71.90 30.62 -64.85
CA LEU H 2157 70.90 29.65 -65.25
C LEU H 2157 71.47 28.23 -65.23
N GLU H 2158 72.71 28.06 -65.69
CA GLU H 2158 73.33 26.75 -65.68
C GLU H 2158 73.58 26.26 -64.26
N CYS H 2159 73.99 27.14 -63.35
CA CYS H 2159 74.20 26.75 -61.96
C CYS H 2159 72.92 26.29 -61.29
N LEU H 2160 71.79 26.94 -61.62
CA LEU H 2160 70.51 26.53 -61.04
C LEU H 2160 70.11 25.13 -61.47
N GLY H 2161 70.48 24.73 -62.70
CA GLY H 2161 70.16 23.38 -63.16
C GLY H 2161 70.83 22.30 -62.35
N GLN H 2162 72.07 22.55 -61.89
CA GLN H 2162 72.76 21.58 -61.05
C GLN H 2162 72.06 21.40 -59.70
N ILE H 2163 71.57 22.49 -59.12
CA ILE H 2163 70.87 22.42 -57.84
C ILE H 2163 69.56 21.68 -57.98
N ARG H 2164 68.78 22.01 -59.02
CA ARG H 2164 67.48 21.37 -59.21
C ARG H 2164 67.64 19.88 -59.51
N SER H 2165 68.65 19.51 -60.30
CA SER H 2165 68.92 18.10 -60.53
C SER H 2165 69.41 17.41 -59.26
N LEU H 2166 70.01 18.15 -58.33
CA LEU H 2166 70.46 17.59 -57.07
C LEU H 2166 69.31 17.33 -56.10
N LEU H 2167 68.19 18.03 -56.25
CA LEU H 2167 67.08 17.88 -55.32
C LEU H 2167 66.46 16.48 -55.39
N ILE H 2168 66.44 15.88 -56.57
CA ILE H 2168 65.76 14.60 -56.74
C ILE H 2168 66.66 13.41 -56.37
N VAL H 2169 67.98 13.59 -56.40
CA VAL H 2169 68.92 12.51 -56.13
C VAL H 2169 69.28 12.53 -54.66
N GLN H 2170 69.55 11.35 -54.08
CA GLN H 2170 69.97 11.31 -52.70
C GLN H 2170 71.39 11.88 -52.58
N MET H 2171 71.58 12.72 -51.58
CA MET H 2171 72.80 13.50 -51.44
C MET H 2171 73.99 12.61 -51.10
N GLY H 2172 75.18 13.03 -51.55
CA GLY H 2172 76.38 12.26 -51.33
C GLY H 2172 77.62 13.11 -51.17
N PRO H 2173 78.78 12.46 -50.94
CA PRO H 2173 80.02 13.22 -50.72
C PRO H 2173 80.44 14.05 -51.92
N GLN H 2174 80.47 13.42 -53.10
CA GLN H 2174 80.76 14.16 -54.32
C GLN H 2174 79.71 15.23 -54.60
N GLU H 2175 78.43 14.91 -54.36
CA GLU H 2175 77.36 15.87 -54.60
C GLU H 2175 77.46 17.07 -53.66
N GLU H 2176 78.01 16.87 -52.47
CA GLU H 2176 78.18 17.99 -51.54
C GLU H 2176 79.16 19.02 -52.09
N ASN H 2177 80.26 18.56 -52.71
CA ASN H 2177 81.24 19.49 -53.26
C ASN H 2177 80.67 20.32 -54.40
N LEU H 2178 79.83 19.72 -55.24
CA LEU H 2178 79.25 20.45 -56.36
C LEU H 2178 78.36 21.60 -55.88
N MET H 2179 77.54 21.36 -54.85
CA MET H 2179 76.67 22.42 -54.35
C MET H 2179 77.45 23.55 -53.70
N ILE H 2180 78.55 23.22 -53.00
CA ILE H 2180 79.39 24.26 -52.42
C ILE H 2180 79.96 25.16 -53.50
N GLN H 2181 80.44 24.57 -54.60
CA GLN H 2181 80.86 25.35 -55.75
C GLN H 2181 79.69 26.09 -56.40
N SER H 2182 78.47 25.55 -56.29
CA SER H 2182 77.31 26.20 -56.88
C SER H 2182 76.91 27.43 -56.09
N ILE H 2183 76.91 27.35 -54.76
CA ILE H 2183 76.58 28.50 -53.93
C ILE H 2183 77.61 29.60 -54.11
N GLY H 2184 78.89 29.23 -54.15
CA GLY H 2184 79.94 30.22 -54.36
C GLY H 2184 79.82 30.93 -55.70
N ASN H 2185 79.42 30.20 -56.75
CA ASN H 2185 79.24 30.82 -58.05
C ASN H 2185 78.10 31.83 -58.05
N ILE H 2186 76.98 31.51 -57.38
CA ILE H 2186 75.86 32.43 -57.29
C ILE H 2186 76.23 33.65 -56.46
N MET H 2187 76.97 33.45 -55.36
CA MET H 2187 77.37 34.53 -54.48
C MET H 2187 78.27 35.56 -55.19
N ASN H 2188 79.00 35.15 -56.22
CA ASN H 2188 79.89 36.04 -56.96
C ASN H 2188 79.25 36.57 -58.25
N ASN H 2189 77.95 36.37 -58.43
CA ASN H 2189 77.28 36.80 -59.66
C ASN H 2189 76.64 38.17 -59.45
N LYS H 2190 76.74 39.02 -60.47
CA LYS H 2190 76.23 40.39 -60.38
C LYS H 2190 74.71 40.44 -60.42
N VAL H 2191 74.06 39.56 -61.19
CA VAL H 2191 72.61 39.58 -61.31
C VAL H 2191 71.93 39.21 -59.99
N PHE H 2192 72.57 38.37 -59.18
CA PHE H 2192 71.97 37.95 -57.92
C PHE H 2192 71.68 39.15 -57.02
N TYR H 2193 72.67 40.02 -56.82
CA TYR H 2193 72.47 41.20 -55.98
C TYR H 2193 71.68 42.28 -56.71
N GLN H 2194 71.91 42.46 -58.00
CA GLN H 2194 71.27 43.56 -58.73
C GLN H 2194 69.81 43.28 -59.06
N HIS H 2195 69.42 42.01 -59.20
CA HIS H 2195 68.08 41.63 -59.62
C HIS H 2195 67.50 40.65 -58.60
N PRO H 2196 66.98 41.14 -57.47
CA PRO H 2196 66.33 40.23 -56.52
C PRO H 2196 64.99 39.71 -57.01
N ASN H 2197 64.29 40.46 -57.87
CA ASN H 2197 62.99 40.02 -58.36
C ASN H 2197 63.12 38.81 -59.28
N LEU H 2198 64.16 38.77 -60.10
CA LEU H 2198 64.40 37.60 -60.94
C LEU H 2198 64.60 36.34 -60.11
N MET H 2199 65.32 36.45 -58.99
CA MET H 2199 65.72 35.26 -58.25
C MET H 2199 64.53 34.64 -57.52
N ARG H 2200 63.58 35.47 -57.05
CA ARG H 2200 62.37 34.96 -56.42
C ARG H 2200 61.38 34.43 -57.45
N ALA H 2201 61.35 35.03 -58.64
CA ALA H 2201 60.41 34.59 -59.67
C ALA H 2201 60.69 33.15 -60.12
N LEU H 2202 61.96 32.75 -60.12
CA LEU H 2202 62.31 31.38 -60.46
C LEU H 2202 62.19 30.42 -59.28
N GLY H 2203 61.80 30.92 -58.10
CA GLY H 2203 61.60 30.08 -56.95
C GLY H 2203 62.86 29.42 -56.42
N MET H 2204 63.95 30.19 -56.35
CA MET H 2204 65.20 29.66 -55.82
C MET H 2204 65.09 29.28 -54.34
N HIS H 2205 64.46 30.14 -53.54
CA HIS H 2205 64.45 29.91 -52.10
C HIS H 2205 63.71 28.64 -51.74
N GLU H 2206 62.75 28.24 -52.57
CA GLU H 2206 62.10 26.95 -52.37
C GLU H 2206 63.04 25.79 -52.62
N THR H 2207 63.88 25.89 -53.66
CA THR H 2207 64.78 24.78 -54.01
C THR H 2207 65.85 24.56 -52.95
N VAL H 2208 66.52 25.62 -52.50
CA VAL H 2208 67.57 25.47 -51.50
C VAL H 2208 66.99 25.05 -50.16
N MET H 2209 65.82 25.59 -49.79
CA MET H 2209 65.18 25.20 -48.54
C MET H 2209 64.80 23.72 -48.57
N GLU H 2210 64.30 23.23 -49.70
CA GLU H 2210 63.94 21.82 -49.80
C GLU H 2210 65.16 20.91 -49.76
N VAL H 2211 66.32 21.37 -50.22
CA VAL H 2211 67.51 20.53 -50.22
C VAL H 2211 68.01 20.28 -48.80
N MET H 2212 68.06 21.34 -47.97
CA MET H 2212 68.63 21.19 -46.63
C MET H 2212 67.74 20.38 -45.71
N VAL H 2213 66.43 20.35 -45.98
CA VAL H 2213 65.56 19.49 -45.17
C VAL H 2213 65.84 18.01 -45.47
N ASN H 2214 66.18 17.69 -46.73
CA ASN H 2214 66.45 16.31 -47.10
C ASN H 2214 67.64 15.74 -46.35
N VAL H 2215 68.68 16.54 -46.14
CA VAL H 2215 69.80 16.07 -45.31
C VAL H 2215 69.44 16.04 -43.81
N LEU H 2216 68.71 17.04 -43.32
CA LEU H 2216 68.46 17.12 -41.88
C LEU H 2216 67.52 16.02 -41.41
N GLY H 2217 66.62 15.56 -42.28
CA GLY H 2217 65.76 14.43 -41.96
C GLY H 2217 66.38 13.12 -42.36
N ARG H 2225 74.55 14.70 -40.81
CA ARG H 2225 75.74 14.30 -41.55
C ARG H 2225 76.22 15.42 -42.48
N PHE H 2226 77.49 15.35 -42.87
CA PHE H 2226 78.14 16.35 -43.72
C PHE H 2226 77.94 17.76 -43.16
N PRO H 2227 78.70 18.13 -42.13
CA PRO H 2227 78.55 19.47 -41.55
C PRO H 2227 79.02 20.60 -42.45
N LYS H 2228 79.80 20.31 -43.51
CA LYS H 2228 80.32 21.38 -44.35
C LYS H 2228 79.20 22.08 -45.11
N MET H 2229 78.26 21.32 -45.65
CA MET H 2229 77.17 21.90 -46.43
C MET H 2229 76.10 22.57 -45.57
N VAL H 2230 75.84 22.04 -44.38
CA VAL H 2230 74.73 22.55 -43.59
C VAL H 2230 74.97 23.99 -43.17
N THR H 2231 76.23 24.34 -42.88
CA THR H 2231 76.56 25.73 -42.58
C THR H 2231 76.48 26.64 -43.80
N SER H 2232 76.92 26.17 -44.97
CA SER H 2232 76.97 27.00 -46.16
C SER H 2232 75.59 27.46 -46.59
N CYS H 2233 74.60 26.57 -46.58
CA CYS H 2233 73.25 26.97 -47.00
C CYS H 2233 72.65 27.98 -46.04
N CYS H 2234 72.95 27.86 -44.75
CA CYS H 2234 72.47 28.85 -43.78
C CYS H 2234 73.09 30.21 -44.04
N ARG H 2235 74.39 30.27 -44.35
CA ARG H 2235 74.98 31.53 -44.78
C ARG H 2235 74.24 32.11 -45.97
N PHE H 2236 73.94 31.28 -46.97
CA PHE H 2236 73.32 31.76 -48.19
C PHE H 2236 71.89 32.23 -47.95
N LEU H 2237 71.19 31.64 -46.99
CA LEU H 2237 69.82 32.06 -46.70
C LEU H 2237 69.79 33.38 -45.95
N CYS H 2238 70.67 33.56 -44.96
CA CYS H 2238 70.74 34.84 -44.26
C CYS H 2238 71.19 35.96 -45.19
N TYR H 2239 72.13 35.67 -46.09
CA TYR H 2239 72.52 36.66 -47.10
C TYR H 2239 71.36 37.01 -48.02
N PHE H 2240 70.48 36.04 -48.28
CA PHE H 2240 69.35 36.29 -49.17
C PHE H 2240 68.38 37.33 -48.59
N CYS H 2241 68.16 37.29 -47.28
CA CYS H 2241 67.24 38.24 -46.67
C CYS H 2241 67.79 39.66 -46.65
N ARG H 2242 69.11 39.82 -46.61
CA ARG H 2242 69.72 41.13 -46.55
C ARG H 2242 69.68 41.88 -47.87
N ILE H 2243 69.39 41.21 -48.98
CA ILE H 2243 69.34 41.89 -50.28
C ILE H 2243 68.21 42.89 -50.31
N SER H 2244 67.02 42.48 -49.87
CA SER H 2244 65.84 43.33 -49.93
C SER H 2244 64.84 42.92 -48.85
N ARG H 2245 63.93 43.85 -48.54
CA ARG H 2245 62.88 43.56 -47.56
C ARG H 2245 61.90 42.51 -48.08
N GLN H 2246 61.58 42.55 -49.38
CA GLN H 2246 60.67 41.56 -49.94
C GLN H 2246 61.24 40.15 -49.84
N ASN H 2247 62.55 40.00 -50.06
CA ASN H 2247 63.18 38.68 -49.94
C ASN H 2247 63.08 38.16 -48.51
N GLN H 2248 63.25 39.04 -47.52
CA GLN H 2248 63.11 38.65 -46.13
C GLN H 2248 61.67 38.25 -45.80
N ARG H 2249 60.69 38.90 -46.45
CA ARG H 2249 59.30 38.56 -46.21
C ARG H 2249 58.96 37.16 -46.73
N SER H 2250 59.58 36.75 -47.83
CA SER H 2250 59.33 35.42 -48.38
C SER H 2250 59.75 34.33 -47.41
N MET H 2251 60.90 34.51 -46.74
CA MET H 2251 61.34 33.54 -45.75
C MET H 2251 60.45 33.52 -44.52
N PHE H 2252 59.78 34.63 -44.22
CA PHE H 2252 58.90 34.66 -43.05
C PHE H 2252 57.72 33.71 -43.19
N ASP H 2253 57.19 33.56 -44.40
CA ASP H 2253 56.09 32.63 -44.62
C ASP H 2253 56.52 31.19 -44.35
N HIS H 2254 57.75 30.84 -44.74
CA HIS H 2254 58.29 29.51 -44.52
C HIS H 2254 59.05 29.39 -43.21
N LEU H 2255 59.02 30.43 -42.37
CA LEU H 2255 59.75 30.39 -41.11
C LEU H 2255 59.19 29.31 -40.17
N SER H 2256 57.91 29.00 -40.28
CA SER H 2256 57.34 27.95 -39.44
C SER H 2256 57.94 26.59 -39.75
N TYR H 2257 58.21 26.32 -41.03
CA TYR H 2257 58.84 25.05 -41.40
C TYR H 2257 60.25 24.93 -40.83
N LEU H 2258 61.00 26.02 -40.83
CA LEU H 2258 62.38 25.99 -40.33
C LEU H 2258 62.42 25.70 -38.84
N LEU H 2259 61.48 26.26 -38.06
CA LEU H 2259 61.47 26.02 -36.62
C LEU H 2259 61.21 24.56 -36.29
N GLU H 2260 60.39 23.88 -37.08
CA GLU H 2260 60.11 22.47 -36.83
C GLU H 2260 61.36 21.61 -36.99
N ASN H 2261 62.17 21.91 -38.02
CA ASN H 2261 63.39 21.13 -38.25
C ASN H 2261 64.52 21.48 -37.30
N SER H 2262 64.45 22.64 -36.64
CA SER H 2262 65.51 23.03 -35.72
C SER H 2262 65.52 22.16 -34.47
N GLY H 2263 64.34 21.76 -34.00
CA GLY H 2263 64.23 20.93 -32.81
C GLY H 2263 64.75 19.52 -33.01
N SER H 2271 74.58 28.37 -39.45
CA SER H 2271 74.99 27.05 -39.00
C SER H 2271 73.78 26.13 -38.81
N THR H 2272 72.68 26.72 -38.35
CA THR H 2272 71.46 25.98 -38.06
C THR H 2272 70.30 26.67 -38.75
N PRO H 2273 69.23 25.94 -39.08
CA PRO H 2273 68.03 26.60 -39.63
C PRO H 2273 67.40 27.58 -38.67
N LEU H 2274 67.66 27.47 -37.37
CA LEU H 2274 67.14 28.44 -36.41
C LEU H 2274 67.73 29.82 -36.65
N ASP H 2275 69.00 29.89 -37.04
CA ASP H 2275 69.62 31.18 -37.35
C ASP H 2275 68.96 31.82 -38.57
N VAL H 2276 68.48 31.01 -39.51
CA VAL H 2276 67.77 31.55 -40.66
C VAL H 2276 66.46 32.20 -40.22
N ALA H 2277 65.76 31.57 -39.28
CA ALA H 2277 64.51 32.15 -38.78
C ALA H 2277 64.76 33.48 -38.07
N ALA H 2278 65.86 33.60 -37.32
CA ALA H 2278 66.17 34.86 -36.67
C ALA H 2278 66.46 35.96 -37.67
N ALA H 2279 67.15 35.64 -38.77
CA ALA H 2279 67.46 36.64 -39.79
C ALA H 2279 66.22 37.09 -40.55
N SER H 2280 65.17 36.27 -40.59
CA SER H 2280 63.96 36.63 -41.31
C SER H 2280 63.08 37.61 -40.53
N VAL H 2281 63.33 37.79 -39.23
CA VAL H 2281 62.55 38.68 -38.41
C VAL H 2281 63.33 39.93 -38.00
N ILE H 2282 64.64 39.84 -37.87
CA ILE H 2282 65.44 40.97 -37.42
C ILE H 2282 65.34 42.13 -38.40
N ASP H 2283 65.45 43.35 -37.87
CA ASP H 2283 65.48 44.60 -38.63
C ASP H 2283 64.21 44.88 -39.41
N ASN H 2284 63.08 44.27 -39.01
CA ASN H 2284 61.79 44.52 -39.66
C ASN H 2284 60.71 44.50 -38.59
N ASN H 2285 60.07 45.64 -38.38
CA ASN H 2285 59.02 45.74 -37.37
C ASN H 2285 57.70 45.12 -37.84
N GLU H 2286 57.45 45.11 -39.15
CA GLU H 2286 56.18 44.58 -39.66
C GLU H 2286 56.06 43.08 -39.39
N LEU H 2287 57.12 42.32 -39.62
CA LEU H 2287 57.05 40.88 -39.39
C LEU H 2287 57.08 40.54 -37.91
N ALA H 2288 57.70 41.40 -37.09
CA ALA H 2288 57.70 41.17 -35.65
C ALA H 2288 56.29 41.24 -35.07
N LEU H 2289 55.48 42.18 -35.53
CA LEU H 2289 54.09 42.25 -35.06
C LEU H 2289 53.27 41.08 -35.57
N ALA H 2290 53.57 40.57 -36.76
CA ALA H 2290 52.80 39.48 -37.36
C ALA H 2290 53.31 38.11 -36.97
N LEU H 2291 54.32 38.02 -36.09
CA LEU H 2291 54.82 36.74 -35.64
C LEU H 2291 53.73 35.99 -34.89
N GLN H 2292 53.46 34.75 -35.30
CA GLN H 2292 52.37 33.97 -34.73
C GLN H 2292 52.72 33.48 -33.34
N GLU H 2293 51.70 33.41 -32.48
CA GLU H 2293 51.90 32.99 -31.10
C GLU H 2293 52.32 31.52 -31.01
N GLN H 2294 51.85 30.68 -31.94
CA GLN H 2294 52.21 29.28 -31.91
C GLN H 2294 53.71 29.07 -32.17
N ASP H 2295 54.30 29.92 -33.02
CA ASP H 2295 55.74 29.84 -33.24
C ASP H 2295 56.51 30.13 -31.96
N LEU H 2296 56.08 31.15 -31.21
CA LEU H 2296 56.71 31.44 -29.92
C LEU H 2296 56.47 30.30 -28.92
N GLU H 2297 55.27 29.72 -28.94
CA GLU H 2297 54.98 28.59 -28.07
C GLU H 2297 55.88 27.39 -28.39
N LYS H 2298 56.30 27.26 -29.65
CA LYS H 2298 57.24 26.20 -29.99
C LYS H 2298 58.61 26.45 -29.39
N VAL H 2299 59.10 27.69 -29.45
CA VAL H 2299 60.45 27.98 -28.97
C VAL H 2299 60.56 27.72 -27.47
N VAL H 2300 59.56 28.14 -26.70
CA VAL H 2300 59.62 27.93 -25.26
C VAL H 2300 59.51 26.44 -24.92
N SER H 2301 58.78 25.67 -25.73
CA SER H 2301 58.69 24.23 -25.49
C SER H 2301 60.04 23.55 -25.66
N TYR H 2302 60.79 23.92 -26.70
CA TYR H 2302 62.14 23.38 -26.86
C TYR H 2302 63.07 23.91 -25.79
N LEU H 2303 62.83 25.14 -25.29
CA LEU H 2303 63.62 25.66 -24.19
C LEU H 2303 63.45 24.82 -22.94
N ALA H 2304 62.23 24.36 -22.67
CA ALA H 2304 62.00 23.46 -21.54
C ALA H 2304 62.73 22.15 -21.72
N GLY H 2305 62.78 21.63 -22.95
CA GLY H 2305 63.50 20.40 -23.20
C GLY H 2305 65.00 20.53 -22.96
N CYS H 2306 65.57 21.68 -23.28
CA CYS H 2306 66.99 21.91 -22.99
C CYS H 2306 67.26 21.95 -21.50
N GLY H 2307 66.31 22.43 -20.71
CA GLY H 2307 66.46 22.48 -19.27
C GLY H 2307 66.22 21.17 -18.56
N LEU H 2308 65.77 20.14 -19.27
CA LEU H 2308 65.49 18.84 -18.66
C LEU H 2308 66.67 17.88 -18.82
N GLN H 2309 67.25 17.81 -20.03
CA GLN H 2309 68.35 16.91 -20.32
C GLN H 2309 69.48 17.68 -20.97
N SER H 2310 70.67 17.08 -20.95
CA SER H 2310 71.88 17.66 -21.51
C SER H 2310 72.61 16.63 -22.36
N CYS H 2311 71.86 15.97 -23.25
CA CYS H 2311 72.45 14.95 -24.12
C CYS H 2311 73.58 15.48 -25.00
N PRO H 2312 73.46 16.62 -25.67
CA PRO H 2312 74.57 17.09 -26.51
C PRO H 2312 75.78 17.47 -25.67
N MET H 2313 76.95 17.38 -26.32
CA MET H 2313 78.24 17.69 -25.69
C MET H 2313 78.49 16.82 -24.47
N LEU H 2314 78.11 15.54 -24.56
CA LEU H 2314 78.34 14.60 -23.47
C LEU H 2314 79.68 13.90 -23.59
N LEU H 2315 80.08 13.50 -24.80
CA LEU H 2315 81.35 12.82 -24.98
C LEU H 2315 82.53 13.77 -24.78
N ALA H 2316 82.44 14.96 -25.34
CA ALA H 2316 83.49 15.97 -25.26
C ALA H 2316 83.04 17.10 -24.35
N LYS H 2317 83.89 17.46 -23.39
CA LYS H 2317 83.62 18.54 -22.44
C LYS H 2317 82.34 18.29 -21.64
N GLY H 2318 82.01 17.01 -21.42
CA GLY H 2318 80.82 16.66 -20.69
C GLY H 2318 81.11 15.99 -19.36
N TYR H 2319 82.35 16.15 -18.87
CA TYR H 2319 82.76 15.57 -17.60
C TYR H 2319 81.90 16.10 -16.46
N PRO H 2320 81.58 17.41 -16.45
CA PRO H 2320 80.71 17.93 -15.39
C PRO H 2320 79.35 17.25 -15.36
N ASP H 2321 78.79 16.87 -16.51
CA ASP H 2321 77.52 16.17 -16.59
C ASP H 2321 76.39 16.92 -15.88
N ILE H 2322 76.23 18.19 -16.24
CA ILE H 2322 75.16 18.99 -15.66
C ILE H 2322 73.82 18.55 -16.24
N GLY H 2323 72.76 18.74 -15.43
CA GLY H 2323 71.46 18.23 -15.82
C GLY H 2323 70.87 18.91 -17.05
N TRP H 2324 70.97 20.23 -17.13
CA TRP H 2324 70.33 20.99 -18.19
C TRP H 2324 71.35 21.38 -19.26
N ASN H 2325 70.88 21.48 -20.50
CA ASN H 2325 71.74 21.80 -21.62
C ASN H 2325 71.69 23.30 -21.88
N PRO H 2326 72.77 24.04 -21.64
CA PRO H 2326 72.75 25.50 -21.89
C PRO H 2326 72.99 25.85 -23.35
N CYS H 2327 73.76 25.03 -24.05
CA CYS H 2327 74.09 25.32 -25.44
C CYS H 2327 72.85 25.29 -26.32
N GLY H 2328 71.96 24.31 -26.11
CA GLY H 2328 70.75 24.24 -26.91
C GLY H 2328 69.82 25.40 -26.67
N GLY H 2329 69.62 25.76 -25.40
CA GLY H 2329 68.72 26.86 -25.06
C GLY H 2329 69.25 28.23 -25.39
N GLU H 2330 70.56 28.37 -25.55
CA GLU H 2330 71.13 29.67 -25.90
C GLU H 2330 70.66 30.14 -27.27
N ARG H 2331 70.60 29.22 -28.24
CA ARG H 2331 70.14 29.58 -29.58
C ARG H 2331 68.68 30.00 -29.56
N TYR H 2332 67.84 29.30 -28.79
CA TYR H 2332 66.43 29.67 -28.72
C TYR H 2332 66.25 31.03 -28.07
N LEU H 2333 67.03 31.33 -27.04
CA LEU H 2333 66.98 32.64 -26.41
C LEU H 2333 67.42 33.75 -27.36
N ASP H 2334 68.35 33.47 -28.27
CA ASP H 2334 68.77 34.46 -29.25
C ASP H 2334 67.64 34.81 -30.21
N PHE H 2335 66.86 33.81 -30.63
CA PHE H 2335 65.75 34.08 -31.54
C PHE H 2335 64.67 34.93 -30.88
N LEU H 2336 64.41 34.71 -29.59
CA LEU H 2336 63.39 35.48 -28.89
C LEU H 2336 63.82 36.95 -28.72
N ARG H 2337 65.12 37.21 -28.64
CA ARG H 2337 65.59 38.59 -28.48
C ARG H 2337 65.23 39.44 -29.69
N PHE H 2338 65.40 38.91 -30.90
CA PHE H 2338 65.09 39.68 -32.09
C PHE H 2338 63.59 39.84 -32.32
N ALA H 2339 62.78 38.98 -31.72
CA ALA H 2339 61.33 39.08 -31.88
C ALA H 2339 60.75 40.21 -31.04
N VAL H 2340 61.29 40.44 -29.85
CA VAL H 2340 60.74 41.45 -28.95
C VAL H 2340 61.46 42.79 -29.09
N PHE H 2341 62.76 42.77 -29.41
CA PHE H 2341 63.56 43.98 -29.54
C PHE H 2341 63.89 44.20 -31.01
N VAL H 2342 63.30 45.23 -31.60
CA VAL H 2342 63.56 45.60 -32.98
C VAL H 2342 63.67 47.12 -33.08
N ASN H 2343 64.66 47.59 -33.81
CA ASN H 2343 64.88 49.02 -34.06
C ASN H 2343 65.00 49.82 -32.76
N GLY H 2344 65.51 49.18 -31.70
CA GLY H 2344 65.66 49.86 -30.44
C GLY H 2344 64.38 50.13 -29.68
N GLU H 2345 63.26 49.54 -30.10
CA GLU H 2345 61.97 49.73 -29.46
C GLU H 2345 61.39 48.37 -29.09
N SER H 2346 60.79 48.30 -27.90
CA SER H 2346 60.21 47.05 -27.41
C SER H 2346 58.78 46.92 -27.91
N VAL H 2347 58.45 45.73 -28.42
CA VAL H 2347 57.09 45.42 -28.86
C VAL H 2347 56.34 44.83 -27.67
N GLU H 2348 55.32 45.53 -27.20
CA GLU H 2348 54.59 45.07 -26.01
C GLU H 2348 53.73 43.84 -26.32
N GLU H 2349 53.30 43.68 -27.57
CA GLU H 2349 52.56 42.48 -27.94
C GLU H 2349 53.44 41.24 -27.81
N ASN H 2350 54.64 41.29 -28.39
CA ASN H 2350 55.57 40.17 -28.26
C ASN H 2350 56.05 40.01 -26.83
N ALA H 2351 56.35 41.11 -26.15
CA ALA H 2351 56.87 41.03 -24.78
C ALA H 2351 55.85 40.41 -23.83
N ASN H 2352 54.57 40.81 -23.96
CA ASN H 2352 53.54 40.27 -23.08
C ASN H 2352 53.35 38.78 -23.29
N VAL H 2353 53.40 38.33 -24.54
CA VAL H 2353 53.26 36.90 -24.83
C VAL H 2353 54.46 36.13 -24.30
N VAL H 2354 55.66 36.68 -24.44
CA VAL H 2354 56.87 35.98 -23.98
C VAL H 2354 56.86 35.82 -22.47
N VAL H 2355 56.56 36.90 -21.74
CA VAL H 2355 56.59 36.82 -20.28
C VAL H 2355 55.48 35.91 -19.77
N ARG H 2356 54.35 35.83 -20.49
CA ARG H 2356 53.28 34.95 -20.06
C ARG H 2356 53.69 33.49 -20.13
N LEU H 2357 54.41 33.10 -21.19
CA LEU H 2357 54.83 31.71 -21.33
C LEU H 2357 56.09 31.39 -20.54
N LEU H 2358 57.01 32.35 -20.42
CA LEU H 2358 58.25 32.10 -19.70
C LEU H 2358 57.99 31.82 -18.22
N ILE H 2359 57.09 32.58 -17.58
CA ILE H 2359 56.81 32.37 -16.16
C ILE H 2359 55.80 31.26 -15.93
N ARG H 2360 55.07 30.83 -16.95
CA ARG H 2360 54.09 29.77 -16.77
C ARG H 2360 54.75 28.42 -16.50
N LYS H 2361 55.82 28.12 -17.22
CA LYS H 2361 56.53 26.85 -17.07
C LYS H 2361 57.88 27.09 -16.44
N PRO H 2362 58.13 26.61 -15.21
CA PRO H 2362 59.45 26.79 -14.59
C PRO H 2362 60.57 26.00 -15.26
N GLU H 2363 60.22 25.01 -16.10
CA GLU H 2363 61.25 24.21 -16.76
C GLU H 2363 62.11 25.05 -17.70
N CYS H 2364 61.50 25.98 -18.44
CA CYS H 2364 62.25 26.83 -19.35
C CYS H 2364 63.21 27.75 -18.59
N PHE H 2365 62.81 28.22 -17.41
CA PHE H 2365 63.70 29.02 -16.58
C PHE H 2365 64.81 28.16 -16.01
N GLY H 2366 65.77 28.81 -15.36
CA GLY H 2366 66.86 28.12 -14.70
C GLY H 2366 66.37 27.20 -13.61
N PRO H 2367 66.85 25.95 -13.62
CA PRO H 2367 66.40 24.97 -12.60
C PRO H 2367 66.80 25.34 -11.19
N ALA H 2368 67.77 26.23 -10.99
CA ALA H 2368 68.19 26.60 -9.65
C ALA H 2368 67.11 27.34 -8.88
N LEU H 2369 66.20 28.01 -9.57
CA LEU H 2369 65.12 28.73 -8.90
C LEU H 2369 63.81 27.95 -8.96
N LEU H 2377 69.68 33.36 -8.08
CA LEU H 2377 70.29 33.58 -9.40
C LEU H 2377 71.75 33.97 -9.25
N LEU H 2378 72.07 34.72 -8.19
CA LEU H 2378 73.44 35.13 -7.95
C LEU H 2378 74.33 33.94 -7.61
N ALA H 2379 73.81 32.96 -6.87
CA ALA H 2379 74.62 31.80 -6.49
C ALA H 2379 75.04 31.00 -7.71
N THR H 2380 74.12 30.81 -8.67
CA THR H 2380 74.46 30.06 -9.87
C THR H 2380 75.50 30.79 -10.71
N ILE H 2381 75.36 32.12 -10.83
CA ILE H 2381 76.32 32.89 -11.63
C ILE H 2381 77.69 32.89 -10.97
N GLU H 2382 77.75 32.95 -9.64
CA GLU H 2382 79.02 32.90 -8.95
C GLU H 2382 79.70 31.55 -9.10
N GLU H 2383 78.93 30.48 -9.21
CA GLU H 2383 79.48 29.14 -9.37
C GLU H 2383 80.03 28.95 -10.78
N GLY H 2420 80.62 25.11 -18.37
CA GLY H 2420 81.00 26.23 -17.53
C GLY H 2420 80.69 27.58 -18.13
N HIS H 2421 81.34 27.89 -19.25
CA HIS H 2421 81.08 29.16 -19.93
C HIS H 2421 79.66 29.25 -20.45
N ALA H 2422 79.12 28.16 -20.99
CA ALA H 2422 77.76 28.17 -21.49
C ALA H 2422 76.73 28.31 -20.37
N ILE H 2423 77.09 27.94 -19.13
CA ILE H 2423 76.17 28.08 -18.01
C ILE H 2423 75.87 29.54 -17.76
N MET H 2424 76.91 30.38 -17.68
CA MET H 2424 76.71 31.80 -17.44
C MET H 2424 76.20 32.51 -18.68
N SER H 2425 76.47 31.96 -19.87
CA SER H 2425 75.95 32.55 -21.09
C SER H 2425 74.44 32.38 -21.22
N PHE H 2426 73.91 31.24 -20.79
CA PHE H 2426 72.47 31.01 -20.85
C PHE H 2426 71.72 31.98 -19.95
N TYR H 2427 72.23 32.18 -18.72
CA TYR H 2427 71.57 33.11 -17.81
C TYR H 2427 71.72 34.55 -18.29
N ALA H 2428 72.85 34.90 -18.89
CA ALA H 2428 73.03 36.25 -19.42
C ALA H 2428 72.03 36.54 -20.52
N ALA H 2429 71.81 35.58 -21.42
CA ALA H 2429 70.82 35.77 -22.48
C ALA H 2429 69.41 35.79 -21.92
N LEU H 2430 69.16 35.06 -20.83
CA LEU H 2430 67.83 35.04 -20.23
C LEU H 2430 67.48 36.41 -19.62
N ILE H 2431 68.41 37.00 -18.86
CA ILE H 2431 68.16 38.31 -18.28
C ILE H 2431 68.11 39.38 -19.36
N ASP H 2432 68.95 39.27 -20.38
CA ASP H 2432 68.90 40.21 -21.49
C ASP H 2432 67.57 40.14 -22.22
N LEU H 2433 67.04 38.92 -22.42
CA LEU H 2433 65.72 38.78 -23.00
C LEU H 2433 64.64 39.41 -22.11
N LEU H 2434 64.74 39.17 -20.80
CA LEU H 2434 63.76 39.75 -19.88
C LEU H 2434 63.83 41.27 -19.87
N GLY H 2435 65.03 41.83 -20.01
CA GLY H 2435 65.17 43.27 -20.07
C GLY H 2435 64.44 43.90 -21.23
N ARG H 2436 64.44 43.26 -22.40
CA ARG H 2436 63.72 43.79 -23.55
C ARG H 2436 62.22 43.79 -23.36
N CYS H 2437 61.69 42.95 -22.46
CA CYS H 2437 60.26 42.91 -22.23
C CYS H 2437 59.75 44.14 -21.49
N ALA H 2438 60.64 44.89 -20.83
CA ALA H 2438 60.22 46.09 -20.12
C ALA H 2438 59.73 47.15 -21.11
N PRO H 2439 58.71 47.92 -20.75
CA PRO H 2439 58.21 48.97 -21.65
C PRO H 2439 59.29 50.01 -21.92
N GLU H 2440 59.36 50.45 -23.19
CA GLU H 2440 60.39 51.40 -23.58
C GLU H 2440 60.04 52.82 -23.15
N MET H 2441 58.81 53.25 -23.43
CA MET H 2441 58.41 54.62 -23.12
C MET H 2441 58.19 54.78 -21.63
N HIS H 2442 58.74 55.87 -21.06
CA HIS H 2442 58.47 56.18 -19.66
C HIS H 2442 57.00 56.47 -19.43
N LEU H 2443 56.32 57.08 -20.41
CA LEU H 2443 54.88 57.26 -20.32
C LEU H 2443 54.16 55.92 -20.32
N ILE H 2444 54.62 54.98 -21.14
CA ILE H 2444 54.03 53.65 -21.15
C ILE H 2444 54.28 52.91 -19.84
N GLN H 2445 55.47 53.08 -19.26
CA GLN H 2445 55.78 52.39 -18.01
C GLN H 2445 54.93 52.90 -16.84
N ALA H 2446 54.73 54.22 -16.76
CA ALA H 2446 54.01 54.80 -15.63
C ALA H 2446 52.73 55.51 -16.03
N GLY H 2447 52.81 56.46 -16.98
CA GLY H 2447 51.63 57.25 -17.30
C GLY H 2447 50.54 56.46 -17.98
N LYS H 2448 50.89 55.66 -18.98
CA LYS H 2448 49.88 54.93 -19.74
C LYS H 2448 49.22 53.83 -18.91
N GLY H 2449 50.00 53.14 -18.09
CA GLY H 2449 49.46 52.05 -17.30
C GLY H 2449 49.39 50.75 -18.07
N GLU H 2450 48.73 49.77 -17.44
CA GLU H 2450 48.54 48.43 -17.99
C GLU H 2450 49.88 47.73 -18.18
N ALA H 2451 50.96 48.30 -17.66
CA ALA H 2451 52.29 47.72 -17.73
C ALA H 2451 52.95 47.62 -16.37
N LEU H 2452 52.32 48.09 -15.31
CA LEU H 2452 52.90 48.02 -13.98
C LEU H 2452 53.05 46.57 -13.50
N ARG H 2453 52.07 45.72 -13.82
CA ARG H 2453 52.14 44.33 -13.40
C ARG H 2453 53.32 43.61 -14.04
N ILE H 2454 53.55 43.83 -15.34
CA ILE H 2454 54.68 43.20 -16.01
C ILE H 2454 55.98 43.66 -15.41
N ARG H 2455 56.09 44.95 -15.09
CA ARG H 2455 57.27 45.44 -14.38
C ARG H 2455 57.41 44.79 -13.02
N ALA H 2456 56.29 44.61 -12.30
CA ALA H 2456 56.34 43.91 -11.02
C ALA H 2456 56.73 42.46 -11.18
N ILE H 2457 56.20 41.77 -12.19
CA ILE H 2457 56.58 40.37 -12.43
C ILE H 2457 58.06 40.28 -12.76
N LEU H 2458 58.55 41.16 -13.63
CA LEU H 2458 59.98 41.18 -13.93
C LEU H 2458 60.81 41.50 -12.69
N ARG H 2459 60.31 42.40 -11.84
CA ARG H 2459 61.01 42.72 -10.60
C ARG H 2459 61.08 41.52 -9.66
N SER H 2460 59.99 40.76 -9.55
CA SER H 2460 59.99 39.60 -8.66
C SER H 2460 60.94 38.50 -9.13
N LEU H 2461 61.02 38.28 -10.45
CA LEU H 2461 61.90 37.22 -10.96
C LEU H 2461 63.37 37.54 -10.69
N VAL H 2462 63.76 38.80 -10.87
CA VAL H 2462 65.15 39.20 -10.71
C VAL H 2462 65.25 40.28 -9.63
N PRO H 2463 65.82 39.97 -8.46
CA PRO H 2463 65.86 40.96 -7.37
C PRO H 2463 67.00 41.95 -7.53
N LEU H 2464 66.94 43.00 -6.69
CA LEU H 2464 68.01 44.00 -6.64
C LEU H 2464 69.32 43.40 -6.16
N ASP H 2465 69.27 42.55 -5.13
CA ASP H 2465 70.49 42.02 -4.54
C ASP H 2465 71.30 41.21 -5.54
N ASP H 2466 70.62 40.44 -6.39
CA ASP H 2466 71.33 39.63 -7.38
C ASP H 2466 71.97 40.46 -8.46
N LEU H 2467 71.34 41.56 -8.88
CA LEU H 2467 71.88 42.36 -9.98
C LEU H 2467 73.19 43.03 -9.60
N VAL H 2468 73.22 43.71 -8.45
CA VAL H 2468 74.42 44.45 -8.06
C VAL H 2468 75.59 43.51 -7.74
N GLY H 2469 75.31 42.34 -7.15
CA GLY H 2469 76.39 41.43 -6.81
C GLY H 2469 77.12 40.85 -8.01
N ILE H 2470 76.37 40.51 -9.07
CA ILE H 2470 76.99 39.92 -10.25
C ILE H 2470 77.86 40.94 -10.98
N ILE H 2471 77.43 42.21 -11.00
CA ILE H 2471 78.26 43.25 -11.58
C ILE H 2471 79.55 43.41 -10.79
N SER H 2472 79.47 43.29 -9.47
CA SER H 2472 80.66 43.41 -8.63
C SER H 2472 81.51 42.14 -8.76
N LEU H 2473 82.72 42.30 -9.28
CA LEU H 2473 83.60 41.16 -9.50
C LEU H 2473 85.05 41.53 -9.22
N PRO H 2489 97.15 36.51 -21.03
CA PRO H 2489 95.83 36.87 -21.55
C PRO H 2489 94.72 35.97 -21.03
N LYS H 2490 93.61 36.56 -20.60
CA LYS H 2490 92.49 35.78 -20.09
C LYS H 2490 91.81 35.03 -21.22
N MET H 2491 91.52 33.76 -20.99
CA MET H 2491 90.86 32.93 -21.99
C MET H 2491 89.42 33.38 -22.18
N SER H 2492 88.95 33.33 -23.43
CA SER H 2492 87.56 33.69 -23.72
C SER H 2492 86.59 32.72 -23.08
N ALA H 2493 87.01 31.49 -22.84
CA ALA H 2493 86.16 30.49 -22.20
C ALA H 2493 86.04 30.70 -20.70
N SER H 2494 86.88 31.54 -20.09
CA SER H 2494 86.82 31.77 -18.66
C SER H 2494 85.72 32.78 -18.32
N PHE H 2495 85.81 33.99 -18.86
CA PHE H 2495 84.83 35.03 -18.59
C PHE H 2495 84.76 35.97 -19.80
N VAL H 2496 83.56 36.48 -20.06
CA VAL H 2496 83.33 37.45 -21.11
C VAL H 2496 82.62 38.65 -20.49
N PRO H 2497 83.14 39.86 -20.62
CA PRO H 2497 82.49 41.03 -20.00
C PRO H 2497 81.17 41.41 -20.66
N ASP H 2498 80.86 40.88 -21.84
CA ASP H 2498 79.61 41.23 -22.50
C ASP H 2498 78.39 40.74 -21.72
N HIS H 2499 78.54 39.65 -20.97
CA HIS H 2499 77.41 39.11 -20.22
C HIS H 2499 76.90 40.09 -19.17
N LYS H 2500 77.77 40.96 -18.66
CA LYS H 2500 77.34 41.94 -17.67
C LYS H 2500 76.52 43.07 -18.29
N ALA H 2501 76.55 43.21 -19.62
CA ALA H 2501 75.71 44.20 -20.28
C ALA H 2501 74.23 43.85 -20.13
N SER H 2502 73.91 42.56 -20.02
CA SER H 2502 72.53 42.15 -19.78
C SER H 2502 72.04 42.63 -18.42
N MET H 2503 72.94 42.88 -17.48
CA MET H 2503 72.52 43.24 -16.13
C MET H 2503 72.28 44.75 -16.03
N VAL H 2504 73.16 45.55 -16.62
CA VAL H 2504 72.93 47.00 -16.67
C VAL H 2504 71.74 47.33 -17.55
N LEU H 2505 71.48 46.53 -18.58
CA LEU H 2505 70.27 46.73 -19.39
C LEU H 2505 69.03 46.49 -18.56
N PHE H 2506 69.02 45.42 -17.75
CA PHE H 2506 67.87 45.13 -16.90
C PHE H 2506 67.72 46.13 -15.76
N LEU H 2507 68.82 46.74 -15.30
CA LEU H 2507 68.75 47.66 -14.18
C LEU H 2507 68.02 48.93 -14.55
N ASP H 2508 68.38 49.55 -15.68
CA ASP H 2508 67.76 50.81 -16.07
C ASP H 2508 66.41 50.62 -16.75
N ARG H 2509 66.12 49.41 -17.20
CA ARG H 2509 64.88 49.17 -17.96
C ARG H 2509 63.73 48.77 -17.03
N VAL H 2510 64.03 48.06 -15.94
CA VAL H 2510 63.00 47.61 -15.01
C VAL H 2510 63.06 48.45 -13.75
N TYR H 2511 64.25 48.52 -13.15
CA TYR H 2511 64.44 49.22 -11.87
C TYR H 2511 64.91 50.65 -12.05
N GLY H 2512 65.14 51.10 -13.27
CA GLY H 2512 65.62 52.45 -13.50
C GLY H 2512 67.08 52.65 -13.10
N PHE H 2518 72.68 53.95 -2.11
CA PHE H 2518 71.96 54.78 -3.05
C PHE H 2518 72.47 54.57 -4.47
N LEU H 2519 72.19 55.53 -5.36
CA LEU H 2519 72.65 55.44 -6.74
C LEU H 2519 74.17 55.48 -6.82
N LEU H 2520 74.81 56.33 -6.01
CA LEU H 2520 76.26 56.44 -6.02
C LEU H 2520 76.94 55.17 -5.51
N HIS H 2521 76.22 54.33 -4.76
CA HIS H 2521 76.81 53.08 -4.28
C HIS H 2521 77.08 52.10 -5.41
N VAL H 2522 76.38 52.23 -6.54
CA VAL H 2522 76.63 51.36 -7.67
C VAL H 2522 77.73 51.89 -8.58
N LEU H 2523 77.90 53.21 -8.63
CA LEU H 2523 78.91 53.80 -9.52
C LEU H 2523 80.32 53.39 -9.12
N ASP H 2524 80.61 53.37 -7.81
CA ASP H 2524 81.94 52.95 -7.36
C ASP H 2524 82.23 51.51 -7.74
N VAL H 2525 81.20 50.66 -7.75
CA VAL H 2525 81.38 49.29 -8.25
C VAL H 2525 81.74 49.31 -9.74
N GLY H 2526 81.05 50.15 -10.52
CA GLY H 2526 81.36 50.27 -11.94
C GLY H 2526 82.60 51.07 -12.25
N PHE H 2527 83.12 51.82 -11.27
CA PHE H 2527 84.35 52.56 -11.48
C PHE H 2527 85.59 51.67 -11.46
N LEU H 2528 85.52 50.52 -10.78
CA LEU H 2528 86.68 49.61 -10.77
C LEU H 2528 87.03 49.12 -12.16
N PRO H 2529 86.10 48.65 -12.99
CA PRO H 2529 86.47 48.32 -14.38
C PRO H 2529 87.01 49.51 -15.16
N ASP H 2530 86.51 50.72 -14.88
CA ASP H 2530 87.04 51.91 -15.55
C ASP H 2530 88.51 52.13 -15.20
N MET H 2531 88.87 51.96 -13.93
CA MET H 2531 90.27 52.09 -13.53
C MET H 2531 91.10 50.94 -14.08
N ARG H 2532 90.54 49.73 -14.16
CA ARG H 2532 91.28 48.60 -14.69
C ARG H 2532 91.55 48.75 -16.18
N ALA H 2533 90.64 49.41 -16.92
CA ALA H 2533 90.83 49.59 -18.35
C ALA H 2533 91.99 50.54 -18.64
N ALA H 2534 92.29 51.45 -17.72
CA ALA H 2534 93.38 52.40 -17.91
C ALA H 2534 94.73 51.70 -17.73
N ALA H 2548 90.17 43.85 -22.87
CA ALA H 2548 90.85 44.38 -24.04
C ALA H 2548 89.91 45.21 -24.91
N LEU H 2549 89.79 44.82 -26.18
CA LEU H 2549 88.89 45.53 -27.08
C LEU H 2549 87.44 45.35 -26.68
N ALA H 2550 87.06 44.17 -26.20
CA ALA H 2550 85.68 43.94 -25.75
C ALA H 2550 85.33 44.82 -24.56
N LEU H 2551 86.27 44.97 -23.62
CA LEU H 2551 86.02 45.82 -22.46
C LEU H 2551 85.87 47.28 -22.86
N ASN H 2552 86.66 47.76 -23.82
CA ASN H 2552 86.53 49.13 -24.27
C ASN H 2552 85.18 49.39 -24.91
N ARG H 2553 84.70 48.45 -25.73
CA ARG H 2553 83.36 48.58 -26.32
C ARG H 2553 82.28 48.38 -25.26
N TYR H 2554 82.58 47.65 -24.20
CA TYR H 2554 81.61 47.46 -23.13
C TYR H 2554 81.32 48.76 -22.39
N LEU H 2555 82.38 49.48 -21.99
CA LEU H 2555 82.18 50.70 -21.22
C LEU H 2555 81.49 51.79 -22.03
N CYS H 2556 81.78 51.87 -23.32
CA CYS H 2556 81.17 52.88 -24.17
C CYS H 2556 79.68 52.64 -24.36
N LEU H 2557 79.25 51.38 -24.47
CA LEU H 2557 77.85 51.07 -24.72
C LEU H 2557 77.02 50.99 -23.45
N ALA H 2558 77.64 50.67 -22.32
CA ALA H 2558 76.91 50.48 -21.07
C ALA H 2558 77.23 51.53 -20.01
N VAL H 2559 78.51 51.69 -19.67
CA VAL H 2559 78.88 52.62 -18.61
C VAL H 2559 78.68 54.06 -19.04
N LEU H 2560 79.10 54.39 -20.27
CA LEU H 2560 79.00 55.74 -20.79
C LEU H 2560 77.54 56.18 -20.88
N PRO H 2561 76.65 55.33 -21.41
CA PRO H 2561 75.25 55.75 -21.55
C PRO H 2561 74.52 55.87 -20.22
N LEU H 2562 74.85 54.99 -19.28
CA LEU H 2562 74.19 55.01 -17.98
C LEU H 2562 74.51 56.28 -17.21
N ILE H 2563 75.78 56.72 -17.26
CA ILE H 2563 76.19 57.91 -16.53
C ILE H 2563 75.55 59.16 -17.13
N THR H 2564 75.41 59.21 -18.45
CA THR H 2564 74.85 60.39 -19.10
C THR H 2564 73.40 60.62 -18.68
N LYS H 2565 72.61 59.55 -18.58
CA LYS H 2565 71.21 59.69 -18.20
C LYS H 2565 71.04 60.05 -16.73
N CYS H 2566 71.96 59.64 -15.87
CA CYS H 2566 71.88 59.89 -14.43
C CYS H 2566 72.75 61.07 -14.01
N ALA H 2567 73.05 61.98 -14.93
CA ALA H 2567 73.87 63.16 -14.64
C ALA H 2567 73.21 64.09 -13.62
N PRO H 2568 71.92 64.44 -13.74
CA PRO H 2568 71.33 65.37 -12.77
C PRO H 2568 71.25 64.84 -11.35
N LEU H 2569 71.41 63.54 -11.14
CA LEU H 2569 71.31 62.97 -9.79
C LEU H 2569 72.41 63.48 -8.87
N PHE H 2570 73.55 63.88 -9.41
CA PHE H 2570 74.65 64.35 -8.59
C PHE H 2570 74.29 65.68 -7.92
N ALA H 2571 74.60 65.80 -6.64
CA ALA H 2571 74.31 67.01 -5.88
C ALA H 2571 75.22 67.12 -4.67
N MET H 2579 85.32 60.26 -4.08
CA MET H 2579 84.81 59.32 -5.08
C MET H 2579 84.51 60.05 -6.39
N VAL H 2580 83.97 61.27 -6.28
CA VAL H 2580 83.65 62.05 -7.47
C VAL H 2580 84.91 62.43 -8.24
N ASP H 2581 85.96 62.84 -7.53
CA ASP H 2581 87.18 63.28 -8.20
C ASP H 2581 87.82 62.17 -9.01
N SER H 2582 87.68 60.92 -8.56
CA SER H 2582 88.24 59.79 -9.32
C SER H 2582 87.45 59.55 -10.59
N MET H 2583 86.15 59.86 -10.60
CA MET H 2583 85.33 59.62 -11.78
C MET H 2583 85.79 60.48 -12.95
N LEU H 2584 86.06 61.76 -12.70
CA LEU H 2584 86.51 62.64 -13.77
C LEU H 2584 87.90 62.25 -14.28
N HIS H 2585 88.78 61.79 -13.37
CA HIS H 2585 90.12 61.38 -13.79
C HIS H 2585 90.08 60.13 -14.65
N THR H 2586 89.22 59.15 -14.31
CA THR H 2586 89.18 57.90 -15.06
C THR H 2586 88.65 58.12 -16.48
N VAL H 2587 87.59 58.92 -16.62
CA VAL H 2587 87.03 59.18 -17.95
C VAL H 2587 88.05 59.92 -18.82
N TYR H 2588 88.73 60.92 -18.23
CA TYR H 2588 89.79 61.61 -18.95
C TYR H 2588 90.94 60.66 -19.31
N ARG H 2589 91.30 59.78 -18.38
CA ARG H 2589 92.40 58.84 -18.64
C ARG H 2589 92.06 57.90 -19.80
N LEU H 2590 90.82 57.41 -19.85
CA LEU H 2590 90.42 56.51 -20.92
C LEU H 2590 90.22 57.24 -22.25
N SER H 2591 90.01 58.56 -22.22
CA SER H 2591 89.84 59.31 -23.46
C SER H 2591 91.13 59.29 -24.30
N ARG H 2592 92.28 59.44 -23.65
CA ARG H 2592 93.56 59.42 -24.36
C ARG H 2592 94.08 57.99 -24.48
N GLY H 2593 93.34 57.18 -25.24
CA GLY H 2593 93.70 55.80 -25.45
C GLY H 2593 93.93 55.45 -26.90
N ARG H 2594 95.10 54.88 -27.21
CA ARG H 2594 95.44 54.51 -28.56
C ARG H 2594 94.71 53.26 -29.05
N SER H 2595 94.10 52.50 -28.13
CA SER H 2595 93.39 51.28 -28.51
C SER H 2595 91.91 51.51 -28.75
N LEU H 2596 91.28 52.37 -27.93
CA LEU H 2596 89.85 52.64 -28.06
C LEU H 2596 89.64 53.85 -28.96
N THR H 2597 89.91 53.64 -30.26
CA THR H 2597 89.75 54.68 -31.27
C THR H 2597 88.70 54.33 -32.31
N LYS H 2598 87.99 53.21 -32.17
CA LYS H 2598 86.97 52.80 -33.13
C LYS H 2598 85.69 53.60 -32.88
N ALA H 2599 85.75 54.88 -33.26
CA ALA H 2599 84.62 55.81 -33.10
C ALA H 2599 84.18 55.91 -31.63
N GLN H 2600 85.11 55.75 -30.71
CA GLN H 2600 84.79 55.82 -29.29
C GLN H 2600 84.79 57.24 -28.74
N ARG H 2601 85.41 58.19 -29.45
CA ARG H 2601 85.44 59.57 -28.99
C ARG H 2601 84.08 60.25 -29.09
N ASP H 2602 83.19 59.74 -29.94
CA ASP H 2602 81.87 60.35 -30.09
C ASP H 2602 80.94 60.08 -28.93
N VAL H 2603 81.18 59.01 -28.16
CA VAL H 2603 80.31 58.66 -27.05
C VAL H 2603 80.94 59.09 -25.73
N ILE H 2604 82.27 59.11 -25.67
CA ILE H 2604 82.95 59.58 -24.47
C ILE H 2604 82.80 61.09 -24.31
N GLU H 2605 83.00 61.84 -25.41
CA GLU H 2605 82.88 63.29 -25.34
C GLU H 2605 81.43 63.72 -25.09
N GLU H 2606 80.47 62.98 -25.63
CA GLU H 2606 79.07 63.31 -25.38
C GLU H 2606 78.72 63.19 -23.91
N CYS H 2607 79.21 62.14 -23.24
CA CYS H 2607 78.97 61.99 -21.82
C CYS H 2607 79.82 62.95 -20.98
N LEU H 2608 81.03 63.26 -21.44
CA LEU H 2608 81.90 64.16 -20.69
C LEU H 2608 81.30 65.55 -20.59
N MET H 2609 80.73 66.05 -21.68
CA MET H 2609 80.10 67.37 -21.66
C MET H 2609 78.89 67.39 -20.74
N ALA H 2610 78.10 66.32 -20.76
CA ALA H 2610 76.93 66.25 -19.88
C ALA H 2610 77.34 66.06 -18.42
N LEU H 2611 78.49 65.44 -18.18
CA LEU H 2611 78.95 65.22 -16.81
C LEU H 2611 79.71 66.41 -16.24
N CYS H 2612 80.31 67.23 -17.10
CA CYS H 2612 81.06 68.39 -16.61
C CYS H 2612 80.14 69.42 -15.96
N ARG H 2613 78.91 69.54 -16.46
CA ARG H 2613 77.95 70.49 -15.90
C ARG H 2613 77.43 70.01 -14.56
N TYR H 2614 77.20 70.96 -13.66
CA TYR H 2614 76.68 70.73 -12.30
C TYR H 2614 77.33 69.52 -11.65
N ILE H 2615 78.67 69.49 -11.71
CA ILE H 2615 79.39 68.38 -11.09
C ILE H 2615 79.27 68.42 -9.57
N ARG H 2616 79.22 69.62 -8.98
CA ARG H 2616 79.09 69.81 -7.54
C ARG H 2616 78.83 71.27 -7.23
N PRO H 2617 78.43 71.60 -6.00
CA PRO H 2617 78.30 73.03 -5.65
C PRO H 2617 79.60 73.80 -5.81
N SER H 2618 80.73 73.17 -5.51
CA SER H 2618 82.05 73.73 -5.75
C SER H 2618 82.77 72.84 -6.75
N MET H 2619 83.24 73.43 -7.84
CA MET H 2619 83.91 72.66 -8.88
C MET H 2619 85.20 72.05 -8.36
N LEU H 2620 85.45 70.80 -8.73
CA LEU H 2620 86.67 70.10 -8.35
C LEU H 2620 87.76 70.41 -9.37
N GLN H 2621 88.85 71.00 -8.91
CA GLN H 2621 89.94 71.43 -9.78
C GLN H 2621 91.01 70.36 -9.96
N HIS H 2622 90.80 69.16 -9.44
CA HIS H 2622 91.77 68.08 -9.61
C HIS H 2622 91.92 67.69 -11.08
N LEU H 2623 90.80 67.61 -11.81
CA LEU H 2623 90.88 67.25 -13.22
C LEU H 2623 91.49 68.36 -14.05
N LEU H 2624 91.07 69.62 -13.84
CA LEU H 2624 91.61 70.71 -14.63
C LEU H 2624 93.08 70.98 -14.32
N ARG H 2625 93.56 70.53 -13.16
CA ARG H 2625 94.99 70.67 -12.85
C ARG H 2625 95.83 69.90 -13.85
N ARG H 2626 95.40 68.70 -14.22
CA ARG H 2626 96.07 67.93 -15.27
C ARG H 2626 95.66 68.37 -16.67
N LEU H 2627 94.57 69.13 -16.80
CA LEU H 2627 94.14 69.59 -18.11
C LEU H 2627 95.06 70.68 -18.65
N VAL H 2628 95.43 71.65 -17.82
CA VAL H 2628 96.30 72.73 -18.27
C VAL H 2628 97.67 72.19 -18.63
N PHE H 2629 98.18 71.24 -17.84
CA PHE H 2629 99.47 70.62 -18.13
C PHE H 2629 99.46 69.87 -19.46
N ASP H 2630 98.35 69.20 -19.79
CA ASP H 2630 98.25 68.48 -21.04
C ASP H 2630 98.09 69.41 -22.24
N VAL H 2631 97.55 70.61 -22.04
CA VAL H 2631 97.36 71.56 -23.13
C VAL H 2631 98.73 72.07 -23.61
N PRO H 2632 99.05 71.95 -24.90
CA PRO H 2632 100.33 72.41 -25.43
C PRO H 2632 100.42 73.93 -25.54
N UNK H 2633 91.31 69.06 -28.23
CA UNK H 2633 90.26 69.88 -28.85
C UNK H 2633 88.96 69.77 -28.07
N UNK H 2634 88.63 68.57 -27.63
CA UNK H 2634 87.41 68.33 -26.86
C UNK H 2634 87.54 68.90 -25.45
N UNK H 2635 88.78 69.00 -24.98
CA UNK H 2635 89.04 69.54 -23.64
C UNK H 2635 88.83 71.04 -23.61
N UNK H 2636 89.08 71.69 -24.74
CA UNK H 2636 88.92 73.14 -24.83
C UNK H 2636 87.45 73.52 -24.82
N UNK H 2637 86.61 72.64 -25.36
CA UNK H 2637 85.18 72.87 -25.41
C UNK H 2637 84.56 72.75 -24.01
N UNK H 2638 85.11 71.84 -23.21
CA UNK H 2638 84.64 71.65 -21.84
C UNK H 2638 85.04 72.81 -20.95
N UNK H 2639 86.19 73.40 -21.25
CA UNK H 2639 86.69 74.54 -20.48
C UNK H 2639 85.90 75.80 -20.83
N UNK H 2640 85.36 75.85 -22.04
CA UNK H 2640 84.58 76.98 -22.50
C UNK H 2640 83.22 77.01 -21.81
N UNK H 2641 82.68 75.82 -21.54
CA UNK H 2641 81.39 75.71 -20.88
C UNK H 2641 81.54 75.89 -19.37
N UNK H 2642 82.68 75.47 -18.83
CA UNK H 2642 82.95 75.60 -17.40
C UNK H 2642 83.19 77.05 -17.03
N UNK H 2643 83.87 77.78 -17.90
CA UNK H 2643 84.15 79.20 -17.67
C UNK H 2643 82.90 80.03 -17.83
N UNK H 2644 81.98 79.55 -18.67
CA UNK H 2644 80.72 80.25 -18.89
C UNK H 2644 79.77 80.07 -17.72
N UNK H 2645 79.95 78.97 -16.99
CA UNK H 2645 79.12 78.68 -15.83
C UNK H 2645 79.56 79.49 -14.62
N UNK H 2646 95.00 80.39 -5.04
CA UNK H 2646 95.63 79.31 -5.79
C UNK H 2646 94.82 78.96 -7.03
N UNK H 2647 93.49 79.03 -6.90
CA UNK H 2647 92.60 78.72 -8.01
C UNK H 2647 92.64 79.81 -9.06
N UNK H 2648 92.86 81.05 -8.62
CA UNK H 2648 92.95 82.19 -9.53
C UNK H 2648 94.25 82.14 -10.32
N UNK H 2649 95.29 81.61 -9.70
CA UNK H 2649 96.60 81.50 -10.34
C UNK H 2649 96.59 80.38 -11.38
N UNK H 2650 95.76 79.36 -11.15
CA UNK H 2650 95.64 78.24 -12.06
C UNK H 2650 94.92 78.66 -13.33
N UNK H 2651 94.00 79.61 -13.21
CA UNK H 2651 93.24 80.12 -14.35
C UNK H 2651 94.12 81.02 -15.20
N UNK H 2652 95.09 81.67 -14.57
CA UNK H 2652 96.00 82.56 -15.28
C UNK H 2652 96.99 81.76 -16.12
N UNK H 2653 97.32 80.57 -15.65
CA UNK H 2653 98.24 79.69 -16.39
C UNK H 2653 97.58 79.14 -17.64
N UNK H 2654 96.28 78.87 -17.54
CA UNK H 2654 95.51 78.36 -18.68
C UNK H 2654 95.31 79.44 -19.73
N UNK H 2655 95.18 80.68 -19.27
CA UNK H 2655 95.00 81.82 -20.17
C UNK H 2655 96.30 82.13 -20.91
N UNK H 2656 97.42 81.89 -20.24
CA UNK H 2656 98.74 82.12 -20.84
C UNK H 2656 99.06 81.02 -21.85
N UNK H 2657 98.55 79.82 -21.59
CA UNK H 2657 98.77 78.69 -22.48
C UNK H 2657 97.96 78.85 -23.77
N UNK H 2658 96.80 79.47 -23.65
CA UNK H 2658 95.93 79.71 -24.81
C UNK H 2658 96.51 80.81 -25.68
N UNK H 2659 97.17 81.78 -25.06
CA UNK H 2659 97.78 82.89 -25.77
C UNK H 2659 99.06 82.43 -26.47
N UNK H 2660 99.70 81.40 -25.92
CA UNK H 2660 100.92 80.86 -26.49
C UNK H 2660 100.61 80.02 -27.73
N UNK H 2661 99.42 79.41 -27.74
CA UNK H 2661 98.98 78.59 -28.86
C UNK H 2661 98.58 79.46 -30.04
N UNK H 2662 97.99 80.62 -29.74
CA UNK H 2662 97.57 81.56 -30.77
C UNK H 2662 98.78 82.27 -31.39
N UNK H 2663 99.84 82.40 -30.60
CA UNK H 2663 101.06 83.05 -31.07
C UNK H 2663 101.91 82.07 -31.87
N UNK H 2664 101.80 80.79 -31.56
CA UNK H 2664 102.56 79.76 -32.26
C UNK H 2664 101.96 79.48 -33.62
N UNK H 2665 100.63 79.48 -33.69
CA UNK H 2665 99.93 79.22 -34.94
C UNK H 2665 99.27 80.49 -35.46
N UNK H 2666 89.64 74.89 -35.80
CA UNK H 2666 90.75 74.92 -34.87
C UNK H 2666 90.85 76.27 -34.17
N UNK H 2667 91.11 77.31 -34.96
CA UNK H 2667 91.23 78.67 -34.43
C UNK H 2667 89.86 79.22 -34.05
N UNK H 2668 88.82 78.73 -34.70
CA UNK H 2668 87.46 79.17 -34.43
C UNK H 2668 86.96 78.63 -33.10
N UNK H 2669 87.47 77.47 -32.71
CA UNK H 2669 87.08 76.83 -31.46
C UNK H 2669 87.91 77.39 -30.30
N UNK H 2670 89.12 77.85 -30.60
CA UNK H 2670 90.00 78.40 -29.59
C UNK H 2670 89.66 79.87 -29.31
N UNK H 2671 89.04 80.52 -30.28
CA UNK H 2671 88.65 81.92 -30.14
C UNK H 2671 87.50 82.07 -29.15
N UNK H 2672 86.60 81.09 -29.14
CA UNK H 2672 85.46 81.11 -28.23
C UNK H 2672 85.89 80.74 -26.82
N UNK H 2673 86.94 79.94 -26.71
CA UNK H 2673 87.46 79.52 -25.41
C UNK H 2673 88.21 80.65 -24.73
N UNK H 2674 88.90 81.45 -25.53
CA UNK H 2674 89.67 82.57 -25.01
C UNK H 2674 88.76 83.70 -24.53
N UNK H 2675 87.66 83.91 -25.26
CA UNK H 2675 86.70 84.96 -24.90
C UNK H 2675 85.90 84.56 -23.66
N UNK H 2676 85.65 83.26 -23.52
CA UNK H 2676 84.92 82.75 -22.37
C UNK H 2676 85.77 82.78 -21.11
N UNK H 2677 87.08 82.61 -21.29
CA UNK H 2677 88.02 82.62 -20.17
C UNK H 2677 88.20 84.03 -19.63
N UNK H 2678 87.99 85.02 -20.50
CA UNK H 2678 88.13 86.42 -20.11
C UNK H 2678 86.86 86.93 -19.45
N ASP H 2679 109.07 69.56 -21.91
CA ASP H 2679 110.39 69.08 -22.35
C ASP H 2679 111.50 69.94 -21.77
N PRO H 2680 111.90 69.64 -20.53
CA PRO H 2680 112.97 70.41 -19.89
C PRO H 2680 114.31 70.11 -20.54
N ARG H 2681 115.06 71.17 -20.83
CA ARG H 2681 116.38 71.07 -21.47
C ARG H 2681 117.38 71.87 -20.67
N PRO H 2682 117.90 71.30 -19.58
CA PRO H 2682 118.89 72.04 -18.78
C PRO H 2682 120.20 72.23 -19.54
N VAL H 2683 120.90 73.30 -19.16
CA VAL H 2683 122.18 73.61 -19.79
C VAL H 2683 123.20 72.55 -19.45
N GLU H 2684 123.99 72.15 -20.45
CA GLU H 2684 125.00 71.12 -20.27
C GLU H 2684 126.20 71.71 -19.55
N THR H 2685 126.48 71.22 -18.35
CA THR H 2685 127.60 71.69 -17.55
C THR H 2685 128.69 70.63 -17.38
N LEU H 2686 128.61 69.52 -18.11
CA LEU H 2686 129.62 68.47 -17.99
C LEU H 2686 130.98 68.95 -18.47
N ASN H 2687 131.01 69.69 -19.58
CA ASN H 2687 132.25 70.19 -20.16
C ASN H 2687 132.61 71.59 -19.69
N VAL H 2688 131.83 72.18 -18.79
CA VAL H 2688 132.09 73.52 -18.30
C VAL H 2688 133.13 73.44 -17.19
N ILE H 2689 134.18 74.24 -17.32
CA ILE H 2689 135.28 74.28 -16.35
C ILE H 2689 135.24 75.63 -15.65
N ILE H 2690 135.14 75.58 -14.32
CA ILE H 2690 135.08 76.80 -13.51
C ILE H 2690 136.49 77.35 -13.34
N PRO H 2691 136.66 78.66 -13.17
CA PRO H 2691 138.00 79.21 -12.95
C PRO H 2691 138.56 78.81 -11.60
N GLU H 2692 139.90 78.77 -11.53
CA GLU H 2692 140.55 78.41 -10.29
C GLU H 2692 140.38 79.49 -9.22
N LYS H 2693 140.21 80.75 -9.65
CA LYS H 2693 140.02 81.84 -8.69
C LYS H 2693 138.67 81.74 -7.98
N LEU H 2694 137.72 81.03 -8.58
CA LEU H 2694 136.39 80.88 -7.99
C LEU H 2694 136.32 79.76 -6.95
N ASP H 2695 137.42 79.02 -6.74
CA ASP H 2695 137.42 77.97 -5.74
C ASP H 2695 137.23 78.52 -4.33
N SER H 2696 137.86 79.65 -4.02
CA SER H 2696 137.69 80.25 -2.71
C SER H 2696 136.25 80.68 -2.46
N PHE H 2697 135.60 81.26 -3.47
CA PHE H 2697 134.20 81.66 -3.33
C PHE H 2697 133.29 80.45 -3.18
N ILE H 2698 133.59 79.35 -3.87
CA ILE H 2698 132.77 78.15 -3.76
C ILE H 2698 132.83 77.58 -2.35
N ASN H 2699 134.03 77.53 -1.76
CA ASN H 2699 134.17 77.04 -0.40
C ASN H 2699 133.44 77.94 0.59
N LYS H 2700 133.55 79.26 0.41
CA LYS H 2700 132.85 80.19 1.30
C LYS H 2700 131.34 80.05 1.16
N PHE H 2701 130.84 79.90 -0.07
CA PHE H 2701 129.41 79.72 -0.28
C PHE H 2701 128.93 78.40 0.31
N ALA H 2702 129.71 77.33 0.16
CA ALA H 2702 129.31 76.04 0.72
C ALA H 2702 129.25 76.09 2.24
N GLU H 2703 130.21 76.76 2.88
CA GLU H 2703 130.19 76.90 4.33
C GLU H 2703 128.99 77.72 4.80
N TYR H 2704 128.65 78.79 4.07
CA TYR H 2704 127.48 79.58 4.44
C TYR H 2704 126.19 78.78 4.32
N THR H 2705 126.06 77.99 3.25
CA THR H 2705 124.87 77.18 3.08
CA THR H 2705 124.87 77.18 3.08
C THR H 2705 124.76 76.13 4.18
N HIS H 2706 125.88 75.49 4.54
CA HIS H 2706 125.86 74.51 5.60
C HIS H 2706 125.54 75.15 6.95
N GLU H 2707 126.09 76.34 7.21
CA GLU H 2707 125.81 77.05 8.45
C GLU H 2707 124.34 77.45 8.54
N LYS H 2708 123.75 77.90 7.43
CA LYS H 2708 122.34 78.27 7.44
C LYS H 2708 121.46 77.08 7.76
N TRP H 2709 121.75 75.92 7.16
CA TRP H 2709 121.00 74.71 7.48
C TRP H 2709 121.23 74.28 8.93
N ALA H 2710 122.47 74.37 9.42
CA ALA H 2710 122.74 74.02 10.81
C ALA H 2710 122.04 74.98 11.77
N PHE H 2711 122.02 76.28 11.45
CA PHE H 2711 121.35 77.25 12.31
C PHE H 2711 119.86 76.96 12.41
N ASP H 2712 119.22 76.63 11.28
CA ASP H 2712 117.81 76.27 11.32
C ASP H 2712 117.58 74.98 12.10
N LYS H 2713 118.46 73.99 11.93
CA LYS H 2713 118.34 72.76 12.70
C LYS H 2713 118.56 73.01 14.19
N ILE H 2714 119.51 73.87 14.53
CA ILE H 2714 119.78 74.19 15.93
C ILE H 2714 118.57 74.83 16.59
N GLN H 2715 117.84 75.67 15.86
CA GLN H 2715 116.63 76.28 16.39
C GLN H 2715 115.53 75.26 16.64
N ASN H 2716 115.62 74.08 16.03
CA ASN H 2716 114.62 73.02 16.21
C ASN H 2716 115.04 72.01 17.27
N ASN H 2717 115.84 72.46 18.25
CA ASN H 2717 116.29 71.60 19.36
C ASN H 2717 117.03 70.36 18.86
N TRP H 2718 117.84 70.52 17.82
CA TRP H 2718 118.64 69.42 17.30
C TRP H 2718 120.09 69.55 17.75
N SER H 2719 120.75 68.40 17.88
CA SER H 2719 122.13 68.35 18.34
C SER H 2719 122.89 67.33 17.52
N TYR H 2720 124.22 67.41 17.59
CA TYR H 2720 125.08 66.50 16.87
C TYR H 2720 124.93 65.08 17.41
N GLY H 2721 125.07 64.10 16.50
CA GLY H 2721 124.97 62.70 16.89
C GLY H 2721 125.75 61.83 15.93
N GLU H 2722 126.02 60.60 16.38
CA GLU H 2722 126.77 59.65 15.57
C GLU H 2722 125.97 59.25 14.33
N ASN H 2723 124.67 59.05 14.47
CA ASN H 2723 123.81 58.64 13.37
C ASN H 2723 122.58 59.52 13.32
N ILE H 2724 122.02 59.65 12.11
CA ILE H 2724 120.83 60.48 11.92
C ILE H 2724 119.63 59.80 12.56
N ASP H 2725 118.90 60.53 13.39
CA ASP H 2725 117.71 60.00 14.06
C ASP H 2725 116.68 61.10 14.16
N GLU H 2726 115.53 60.91 13.51
CA GLU H 2726 114.46 61.90 13.55
C GLU H 2726 113.85 62.01 14.94
N GLU H 2727 113.70 60.89 15.64
CA GLU H 2727 113.12 60.91 16.98
C GLU H 2727 114.00 61.66 17.96
N LEU H 2728 115.32 61.43 17.88
CA LEU H 2728 116.26 62.07 18.79
C LEU H 2728 116.78 63.40 18.28
N LYS H 2729 116.39 63.81 17.06
CA LYS H 2729 116.83 65.07 16.46
C LYS H 2729 118.35 65.16 16.40
N THR H 2730 118.97 64.07 15.94
CA THR H 2730 120.41 63.97 15.82
C THR H 2730 120.81 63.90 14.35
N HIS H 2731 121.93 64.55 14.02
CA HIS H 2731 122.44 64.57 12.67
C HIS H 2731 123.96 64.64 12.70
N PRO H 2732 124.64 63.79 11.92
CA PRO H 2732 126.12 63.84 11.90
C PRO H 2732 126.67 65.12 11.30
N MET H 2733 125.88 65.88 10.55
CA MET H 2733 126.35 67.09 9.90
C MET H 2733 126.26 68.32 10.80
N LEU H 2734 125.76 68.17 12.03
CA LEU H 2734 125.62 69.29 12.96
C LEU H 2734 126.98 69.58 13.61
N ARG H 2735 127.87 70.14 12.80
CA ARG H 2735 129.22 70.49 13.24
C ARG H 2735 129.82 71.53 12.32
N PRO H 2736 131.01 72.06 12.64
CA PRO H 2736 131.63 73.05 11.75
C PRO H 2736 131.97 72.45 10.40
N TYR H 2737 131.86 73.27 9.35
CA TYR H 2737 132.17 72.83 8.01
C TYR H 2737 133.66 72.58 7.80
N LYS H 2738 134.52 73.24 8.57
CA LYS H 2738 135.96 73.04 8.44
C LYS H 2738 136.40 71.66 8.90
N THR H 2739 135.64 71.02 9.79
CA THR H 2739 135.97 69.70 10.29
C THR H 2739 135.45 68.57 9.40
N PHE H 2740 134.68 68.91 8.36
CA PHE H 2740 134.15 67.89 7.46
C PHE H 2740 135.21 67.47 6.45
N SER H 2741 135.08 66.24 5.97
CA SER H 2741 136.00 65.70 4.99
C SER H 2741 135.68 66.26 3.60
N GLU H 2742 136.49 65.84 2.62
CA GLU H 2742 136.27 66.30 1.25
C GLU H 2742 134.94 65.82 0.69
N LYS H 2743 134.58 64.56 0.95
CA LYS H 2743 133.30 64.04 0.48
C LYS H 2743 132.13 64.76 1.15
N ASP H 2744 132.24 65.01 2.47
CA ASP H 2744 131.18 65.74 3.17
C ASP H 2744 131.05 67.17 2.66
N LYS H 2745 132.18 67.83 2.42
CA LYS H 2745 132.15 69.20 1.93
C LYS H 2745 131.65 69.29 0.49
N GLU H 2746 131.80 68.21 -0.28
CA GLU H 2746 131.35 68.21 -1.67
C GLU H 2746 129.83 68.15 -1.79
N ILE H 2747 129.11 67.84 -0.70
CA ILE H 2747 127.66 67.80 -0.76
C ILE H 2747 127.09 69.18 -1.04
N TYR H 2748 127.62 70.20 -0.37
CA TYR H 2748 127.18 71.58 -0.60
C TYR H 2748 127.91 72.26 -1.75
N ARG H 2749 129.12 71.81 -2.07
CA ARG H 2749 129.88 72.41 -3.16
C ARG H 2749 129.36 72.00 -4.53
N TRP H 2750 128.79 70.81 -4.65
CA TRP H 2750 128.26 70.32 -5.93
C TRP H 2750 127.14 71.22 -6.42
N PRO H 2751 126.16 71.54 -5.57
CA PRO H 2751 125.10 72.46 -6.01
C PRO H 2751 125.62 73.84 -6.38
N ILE H 2752 126.65 74.33 -5.68
CA ILE H 2752 127.21 75.64 -6.01
C ILE H 2752 127.97 75.58 -7.33
N LYS H 2753 128.72 74.51 -7.57
CA LYS H 2753 129.47 74.37 -8.81
C LYS H 2753 128.55 74.26 -10.02
N GLU H 2754 127.43 73.53 -9.88
CA GLU H 2754 126.49 73.40 -10.99
C GLU H 2754 125.89 74.75 -11.36
N SER H 2755 125.51 75.55 -10.36
CA SER H 2755 124.97 76.88 -10.63
C SER H 2755 126.01 77.78 -11.29
N LEU H 2756 127.26 77.72 -10.80
CA LEU H 2756 128.32 78.53 -11.39
C LEU H 2756 128.62 78.09 -12.82
N LYS H 2757 128.61 76.78 -13.07
CA LYS H 2757 128.86 76.28 -14.42
C LYS H 2757 127.76 76.68 -15.39
N ALA H 2758 126.51 76.72 -14.93
CA ALA H 2758 125.41 77.15 -15.78
C ALA H 2758 125.59 78.60 -16.23
N MET H 2759 126.02 79.47 -15.30
CA MET H 2759 126.28 80.86 -15.67
C MET H 2759 127.44 80.97 -16.66
N ILE H 2760 128.48 80.15 -16.47
CA ILE H 2760 129.62 80.17 -17.38
C ILE H 2760 129.20 79.72 -18.78
N ALA H 2761 128.30 78.73 -18.87
CA ALA H 2761 127.82 78.29 -20.18
C ALA H 2761 127.02 79.36 -20.88
N TRP H 2762 126.43 80.29 -20.13
CA TRP H 2762 125.65 81.39 -20.68
C TRP H 2762 126.49 82.61 -21.03
N GLU H 2763 127.82 82.44 -21.10
CA GLU H 2763 128.75 83.52 -21.43
C GLU H 2763 128.60 84.70 -20.45
N TRP H 2764 128.38 84.39 -19.18
CA TRP H 2764 128.28 85.41 -18.15
C TRP H 2764 129.65 85.71 -17.56
N THR H 2765 129.83 86.95 -17.13
CA THR H 2765 131.09 87.42 -16.57
C THR H 2765 130.98 87.50 -15.05
N ILE H 2766 131.96 86.94 -14.35
CA ILE H 2766 131.98 86.96 -12.90
C ILE H 2766 133.39 87.28 -12.43
N GLU H 2767 133.62 88.53 -12.02
CA GLU H 2767 134.93 88.97 -11.55
C GLU H 2767 134.75 89.78 -10.27
N LYS H 2768 135.74 89.71 -9.39
CA LYS H 2768 135.72 90.44 -8.13
C LYS H 2768 136.13 91.88 -8.39
N ALA H 2769 135.15 92.77 -8.48
CA ALA H 2769 135.41 94.17 -8.75
C ALA H 2769 135.75 94.97 -7.49
N ARG H 2770 135.27 94.53 -6.33
CA ARG H 2770 135.51 95.24 -5.09
C ARG H 2770 135.75 94.23 -3.97
N GLU H 2771 136.21 94.74 -2.83
CA GLU H 2771 136.45 93.89 -1.67
C GLU H 2771 135.13 93.45 -1.04
N GLY H 2772 135.19 92.39 -0.25
CA GLY H 2772 134.01 91.88 0.41
C GLY H 2772 133.54 92.77 1.54
N GLU H 2773 132.32 92.50 1.99
CA GLU H 2773 131.71 93.28 3.06
C GLU H 2773 132.29 92.88 4.42
N TYR H 2798 128.52 73.44 19.24
CA TYR H 2798 128.51 74.14 17.96
C TYR H 2798 127.43 75.23 17.94
N ASN H 2799 127.84 76.45 17.62
CA ASN H 2799 126.93 77.60 17.57
C ASN H 2799 127.13 78.32 16.24
N PRO H 2800 126.61 77.76 15.15
CA PRO H 2800 126.77 78.42 13.84
C PRO H 2800 125.93 79.69 13.76
N GLN H 2801 126.56 80.76 13.30
CA GLN H 2801 125.92 82.07 13.16
C GLN H 2801 126.19 82.60 11.76
N PRO H 2802 125.50 82.07 10.76
CA PRO H 2802 125.73 82.53 9.38
C PRO H 2802 125.27 83.97 9.20
N PRO H 2803 125.89 84.71 8.28
CA PRO H 2803 125.46 86.09 8.05
C PRO H 2803 124.07 86.16 7.45
N ASP H 2804 123.39 87.28 7.72
CA ASP H 2804 122.03 87.50 7.24
C ASP H 2804 122.06 88.15 5.87
N LEU H 2805 121.33 87.57 4.92
CA LEU H 2805 121.26 88.08 3.56
C LEU H 2805 119.98 88.85 3.29
N SER H 2806 119.19 89.16 4.33
CA SER H 2806 117.95 89.90 4.13
C SER H 2806 118.22 91.34 3.72
N GLY H 2807 119.33 91.91 4.15
CA GLY H 2807 119.69 93.29 3.83
C GLY H 2807 120.38 93.48 2.51
N VAL H 2808 120.56 92.43 1.72
CA VAL H 2808 121.23 92.52 0.42
C VAL H 2808 120.17 92.80 -0.64
N THR H 2809 120.34 93.91 -1.36
CA THR H 2809 119.40 94.31 -2.40
C THR H 2809 120.02 94.04 -3.77
N LEU H 2810 119.27 93.36 -4.63
CA LEU H 2810 119.72 93.03 -5.97
C LEU H 2810 119.07 93.96 -6.98
N SER H 2811 119.86 94.37 -7.98
CA SER H 2811 119.36 95.27 -9.01
C SER H 2811 118.39 94.54 -9.93
N ARG H 2812 117.74 95.32 -10.81
CA ARG H 2812 116.80 94.74 -11.77
C ARG H 2812 117.49 93.77 -12.71
N GLU H 2813 118.69 94.11 -13.19
CA GLU H 2813 119.44 93.19 -14.05
C GLU H 2813 119.80 91.91 -13.31
N LEU H 2814 120.22 92.04 -12.05
CA LEU H 2814 120.53 90.86 -11.25
C LEU H 2814 119.30 90.02 -10.99
N GLN H 2815 118.15 90.66 -10.73
CA GLN H 2815 116.91 89.92 -10.52
C GLN H 2815 116.50 89.16 -11.78
N ALA H 2816 116.66 89.79 -12.96
CA ALA H 2816 116.35 89.12 -14.21
C ALA H 2816 117.26 87.92 -14.44
N MET H 2817 118.55 88.05 -14.10
CA MET H 2817 119.46 86.92 -14.24
C MET H 2817 119.10 85.78 -13.30
N ALA H 2818 118.54 86.10 -12.13
CA ALA H 2818 118.12 85.05 -11.20
C ALA H 2818 116.96 84.25 -11.77
N GLU H 2819 116.10 84.86 -12.59
CA GLU H 2819 115.01 84.13 -13.22
C GLU H 2819 115.53 83.05 -14.16
N GLN H 2820 116.58 83.35 -14.94
CA GLN H 2820 117.17 82.34 -15.81
C GLN H 2820 117.76 81.19 -15.00
N LEU H 2821 118.43 81.51 -13.89
CA LEU H 2821 118.96 80.46 -13.01
C LEU H 2821 117.83 79.65 -12.38
N ALA H 2822 116.75 80.31 -11.97
CA ALA H 2822 115.61 79.59 -11.41
C ALA H 2822 114.97 78.68 -12.45
N GLU H 2823 114.86 79.15 -13.69
CA GLU H 2823 114.32 78.32 -14.75
C GLU H 2823 115.20 77.11 -15.03
N ASN H 2824 116.53 77.29 -14.99
CA ASN H 2824 117.44 76.17 -15.19
C ASN H 2824 117.32 75.14 -14.08
N TYR H 2825 117.15 75.59 -12.83
CA TYR H 2825 116.97 74.66 -11.72
C TYR H 2825 115.68 73.87 -11.87
N HIS H 2826 114.59 74.53 -12.30
CA HIS H 2826 113.35 73.82 -12.53
C HIS H 2826 113.48 72.82 -13.67
N ASN H 2827 114.18 73.20 -14.74
CA ASN H 2827 114.40 72.28 -15.85
C ASN H 2827 115.25 71.09 -15.43
N THR H 2828 116.29 71.32 -14.64
CA THR H 2828 117.12 70.22 -14.16
C THR H 2828 116.33 69.28 -13.26
N TRP H 2829 115.51 69.84 -12.36
CA TRP H 2829 114.67 68.99 -11.50
C TRP H 2829 113.61 68.26 -12.31
N GLY H 2830 113.02 68.93 -13.30
CA GLY H 2830 112.00 68.28 -14.12
C GLY H 2830 112.58 67.15 -14.97
N ARG H 2831 113.77 67.36 -15.52
CA ARG H 2831 114.41 66.30 -16.31
C ARG H 2831 114.75 65.10 -15.44
N LYS H 2832 115.25 65.33 -14.21
CA LYS H 2832 115.53 64.23 -13.30
C LYS H 2832 114.24 63.53 -12.86
N LYS H 2833 113.17 64.29 -12.63
CA LYS H 2833 111.90 63.69 -12.23
C LYS H 2833 111.33 62.80 -13.33
N LYS H 2834 111.46 63.22 -14.60
CA LYS H 2834 110.96 62.40 -15.70
C LYS H 2834 111.69 61.07 -15.78
N GLN H 2835 113.02 61.08 -15.62
CA GLN H 2835 113.77 59.84 -15.62
C GLN H 2835 113.43 58.97 -14.41
N GLU H 2836 113.26 59.58 -13.23
CA GLU H 2836 112.90 58.82 -12.05
C GLU H 2836 111.51 58.20 -12.18
N LEU H 2837 110.55 58.94 -12.72
CA LEU H 2837 109.20 58.41 -12.90
C LEU H 2837 109.19 57.24 -13.87
N GLU H 2838 109.94 57.35 -14.98
CA GLU H 2838 110.00 56.27 -15.96
C GLU H 2838 110.66 55.02 -15.37
N ALA H 2839 111.71 55.20 -14.56
CA ALA H 2839 112.38 54.05 -13.96
C ALA H 2839 111.53 53.39 -12.88
N LYS H 2840 110.53 54.09 -12.35
CA LYS H 2840 109.65 53.54 -11.32
C LYS H 2840 108.39 52.93 -11.90
N GLY H 2841 108.24 52.90 -13.22
CA GLY H 2841 107.06 52.34 -13.87
C GLY H 2841 106.15 53.34 -14.54
N GLY H 2842 106.49 54.61 -14.52
CA GLY H 2842 105.68 55.65 -15.13
C GLY H 2842 105.03 56.55 -14.10
N GLY H 2843 104.17 57.42 -14.60
CA GLY H 2843 103.44 58.36 -13.78
C GLY H 2843 103.57 59.78 -14.30
N THR H 2844 103.08 60.73 -13.50
CA THR H 2844 103.13 62.14 -13.85
C THR H 2844 103.32 62.96 -12.58
N HIS H 2845 103.50 64.26 -12.75
CA HIS H 2845 103.70 65.17 -11.63
C HIS H 2845 103.06 66.51 -11.97
N PRO H 2846 102.38 67.14 -11.01
CA PRO H 2846 101.78 68.45 -11.30
C PRO H 2846 102.78 69.55 -11.60
N LEU H 2847 104.04 69.38 -11.18
CA LEU H 2847 105.08 70.38 -11.41
C LEU H 2847 105.83 70.17 -12.72
N LEU H 2848 105.46 69.17 -13.51
CA LEU H 2848 106.13 68.90 -14.78
C LEU H 2848 105.55 69.79 -15.88
N VAL H 2849 105.78 71.09 -15.73
CA VAL H 2849 105.29 72.08 -16.69
C VAL H 2849 106.37 73.14 -16.89
N PRO H 2850 106.18 74.09 -17.80
CA PRO H 2850 107.19 75.14 -17.99
C PRO H 2850 107.31 76.04 -16.77
N TYR H 2851 108.52 76.60 -16.60
CA TYR H 2851 108.77 77.49 -15.47
C TYR H 2851 107.92 78.76 -15.55
N ASP H 2852 107.74 79.30 -16.76
CA ASP H 2852 106.93 80.51 -16.91
C ASP H 2852 105.46 80.27 -16.61
N THR H 2853 104.98 79.04 -16.76
CA THR H 2853 103.58 78.71 -16.48
C THR H 2853 103.32 78.43 -15.01
N LEU H 2854 104.36 78.29 -14.20
CA LEU H 2854 104.18 78.00 -12.78
C LEU H 2854 103.72 79.26 -12.04
N THR H 2855 103.06 79.04 -10.91
CA THR H 2855 102.57 80.13 -10.07
C THR H 2855 103.72 80.76 -9.29
N ALA H 2856 103.44 81.88 -8.64
CA ALA H 2856 104.46 82.57 -7.86
C ALA H 2856 104.93 81.72 -6.67
N LYS H 2857 104.00 81.04 -5.99
CA LYS H 2857 104.39 80.20 -4.87
C LYS H 2857 105.25 79.02 -5.32
N GLU H 2858 104.93 78.43 -6.47
CA GLU H 2858 105.71 77.31 -6.98
C GLU H 2858 107.12 77.73 -7.35
N LYS H 2859 107.30 78.92 -7.91
CA LYS H 2859 108.61 79.40 -8.32
C LYS H 2859 109.38 80.06 -7.17
N ALA H 2860 108.79 80.14 -5.98
CA ALA H 2860 109.49 80.74 -4.85
C ALA H 2860 110.72 79.92 -4.45
N ARG H 2861 110.61 78.60 -4.47
CA ARG H 2861 111.76 77.76 -4.10
C ARG H 2861 112.92 77.94 -5.07
N ASP H 2862 112.62 77.98 -6.38
CA ASP H 2862 113.68 78.16 -7.36
C ASP H 2862 114.25 79.57 -7.33
N ARG H 2863 113.40 80.59 -7.12
CA ARG H 2863 113.89 81.96 -7.07
C ARG H 2863 114.77 82.22 -5.85
N GLU H 2864 114.42 81.61 -4.71
CA GLU H 2864 115.21 81.82 -3.50
C GLU H 2864 116.63 81.28 -3.64
N LYS H 2865 116.78 80.10 -4.26
CA LYS H 2865 118.12 79.55 -4.46
C LYS H 2865 118.96 80.42 -5.38
N ALA H 2866 118.36 80.91 -6.47
CA ALA H 2866 119.10 81.78 -7.39
C ALA H 2866 119.44 83.11 -6.73
N GLN H 2867 118.51 83.67 -5.94
CA GLN H 2867 118.78 84.94 -5.27
C GLN H 2867 119.86 84.80 -4.21
N GLU H 2868 119.90 83.65 -3.51
CA GLU H 2868 120.91 83.45 -2.49
C GLU H 2868 122.32 83.43 -3.09
N LEU H 2869 122.48 82.76 -4.24
CA LEU H 2869 123.78 82.75 -4.91
C LEU H 2869 124.18 84.13 -5.40
N LEU H 2870 123.23 84.89 -5.96
CA LEU H 2870 123.54 86.24 -6.42
C LEU H 2870 123.87 87.16 -5.25
N LYS H 2871 123.13 87.05 -4.15
CA LYS H 2871 123.40 87.88 -2.98
C LYS H 2871 124.76 87.55 -2.37
N PHE H 2872 125.12 86.27 -2.30
CA PHE H 2872 126.42 85.89 -1.75
C PHE H 2872 127.56 86.42 -2.61
N LEU H 2873 127.43 86.35 -3.94
CA LEU H 2873 128.45 86.89 -4.82
C LEU H 2873 128.57 88.40 -4.69
N GLN H 2874 127.43 89.10 -4.57
CA GLN H 2874 127.46 90.54 -4.40
C GLN H 2874 128.08 90.94 -3.07
N MET H 2875 127.79 90.19 -2.01
CA MET H 2875 128.37 90.51 -0.70
C MET H 2875 129.88 90.29 -0.68
N ASN H 2876 130.39 89.43 -1.56
CA ASN H 2876 131.81 89.17 -1.66
C ASN H 2876 132.53 90.11 -2.62
N GLY H 2877 131.82 91.08 -3.19
CA GLY H 2877 132.43 92.01 -4.11
C GLY H 2877 132.57 91.50 -5.53
N TYR H 2878 131.85 90.45 -5.90
CA TYR H 2878 131.90 89.88 -7.24
C TYR H 2878 130.78 90.48 -8.08
N ALA H 2879 131.13 90.94 -9.29
CA ALA H 2879 130.17 91.55 -10.20
C ALA H 2879 129.73 90.51 -11.23
N VAL H 2880 128.42 90.41 -11.44
CA VAL H 2880 127.83 89.47 -12.38
C VAL H 2880 127.21 90.26 -13.52
N THR H 2881 127.63 89.97 -14.75
CA THR H 2881 127.13 90.67 -15.92
C THR H 2881 127.05 89.68 -17.09
N ARG H 2882 126.21 90.02 -18.06
CA ARG H 2882 126.04 89.18 -19.24
C ARG H 2882 126.42 89.94 -20.51
N UNK H 2883 95.94 91.74 -15.95
CA UNK H 2883 95.06 92.79 -16.45
C UNK H 2883 95.85 93.85 -17.21
N UNK H 2884 96.75 94.53 -16.51
CA UNK H 2884 97.58 95.56 -17.10
C UNK H 2884 98.62 94.95 -18.03
N UNK H 2885 99.07 93.74 -17.69
CA UNK H 2885 100.06 93.03 -18.50
C UNK H 2885 99.43 92.55 -19.80
N UNK H 2886 98.13 92.24 -19.76
CA UNK H 2886 97.41 91.79 -20.94
C UNK H 2886 97.24 92.94 -21.93
N UNK H 2887 97.05 94.14 -21.40
CA UNK H 2887 96.90 95.33 -22.23
C UNK H 2887 98.24 95.72 -22.85
N UNK H 2888 99.32 95.43 -22.12
CA UNK H 2888 100.66 95.72 -22.60
C UNK H 2888 101.04 94.76 -23.72
N UNK H 2889 100.58 93.52 -23.61
CA UNK H 2889 100.83 92.51 -24.64
C UNK H 2889 100.02 92.81 -25.88
N UNK H 2890 98.84 93.41 -25.69
CA UNK H 2890 97.98 93.79 -26.79
C UNK H 2890 98.57 94.99 -27.52
N UNK H 2891 99.27 95.85 -26.78
CA UNK H 2891 99.92 97.01 -27.36
C UNK H 2891 101.13 96.57 -28.18
N UNK H 2892 101.80 95.52 -27.72
CA UNK H 2892 102.94 94.97 -28.43
C UNK H 2892 102.49 94.29 -29.71
N UNK H 2893 101.30 93.71 -29.67
CA UNK H 2893 100.71 93.07 -30.84
C UNK H 2893 100.21 94.12 -31.83
N UNK H 2894 99.87 95.30 -31.29
CA UNK H 2894 99.41 96.40 -32.12
C UNK H 2894 100.56 96.98 -32.93
N UNK H 2895 101.76 96.93 -32.34
CA UNK H 2895 102.97 97.41 -33.01
C UNK H 2895 103.36 96.45 -34.14
N UNK H 2896 103.13 95.17 -33.90
CA UNK H 2896 103.41 94.14 -34.90
C UNK H 2896 102.38 94.20 -36.02
N UNK H 2897 101.17 94.63 -35.68
CA UNK H 2897 100.10 94.78 -36.65
C UNK H 2897 100.37 95.97 -37.57
N UNK H 2898 101.04 96.98 -37.03
CA UNK H 2898 101.40 98.16 -37.80
C UNK H 2898 102.50 97.82 -38.80
N UNK H 2899 103.37 96.90 -38.42
CA UNK H 2899 104.45 96.46 -39.30
C UNK H 2899 103.89 95.55 -40.40
N UNK H 2900 102.83 94.82 -40.08
CA UNK H 2900 102.18 93.95 -41.04
C UNK H 2900 101.40 94.77 -42.06
N UNK H 2901 100.86 95.90 -41.62
CA UNK H 2901 100.11 96.79 -42.49
C UNK H 2901 101.05 97.51 -43.45
N UNK H 2902 102.27 97.77 -42.99
CA UNK H 2902 103.28 98.42 -43.82
C UNK H 2902 103.83 97.46 -44.85
N UNK H 2903 103.85 96.17 -44.50
CA UNK H 2903 104.34 95.14 -45.40
C UNK H 2903 103.31 94.84 -46.47
N UNK H 2904 102.03 95.07 -46.15
CA UNK H 2904 100.95 94.83 -47.10
C UNK H 2904 100.84 95.98 -48.10
N UNK H 2905 101.36 97.14 -47.71
CA UNK H 2905 101.32 98.31 -48.58
C UNK H 2905 102.39 98.22 -49.67
N UNK H 2906 100.53 85.13 -41.60
CA UNK H 2906 100.50 84.40 -40.33
C UNK H 2906 100.15 85.33 -39.18
N UNK H 2907 100.84 86.47 -39.12
CA UNK H 2907 100.60 87.45 -38.06
C UNK H 2907 99.28 88.18 -38.28
N UNK H 2908 98.88 88.30 -39.55
CA UNK H 2908 97.64 88.98 -39.89
C UNK H 2908 96.44 88.11 -39.51
N UNK H 2909 96.60 86.80 -39.61
CA UNK H 2909 95.54 85.87 -39.26
C UNK H 2909 95.37 85.77 -37.75
N UNK H 2910 96.48 85.92 -37.03
CA UNK H 2910 96.47 85.86 -35.57
C UNK H 2910 95.84 87.12 -35.00
N UNK H 2911 95.99 88.23 -35.71
CA UNK H 2911 95.43 89.51 -35.28
C UNK H 2911 93.93 89.55 -35.55
N UNK H 2912 93.48 88.74 -36.52
CA UNK H 2912 92.07 88.68 -36.87
C UNK H 2912 91.27 87.91 -35.81
N UNK H 2913 91.95 86.99 -35.14
CA UNK H 2913 91.32 86.18 -34.10
C UNK H 2913 91.47 86.85 -32.74
N UNK H 2914 92.41 87.78 -32.63
CA UNK H 2914 92.65 88.48 -31.38
C UNK H 2914 91.82 89.76 -31.32
N UNK H 2915 91.24 90.14 -32.45
CA UNK H 2915 90.42 91.34 -32.52
C UNK H 2915 89.06 91.11 -31.84
N UNK H 2916 88.55 89.89 -31.96
CA UNK H 2916 87.27 89.55 -31.35
C UNK H 2916 87.42 89.34 -29.85
N UNK H 2917 88.60 88.89 -29.43
CA UNK H 2917 88.88 88.65 -28.02
C UNK H 2917 89.07 89.96 -27.27
N UNK H 2918 89.50 91.00 -27.99
CA UNK H 2918 89.73 92.30 -27.40
C UNK H 2918 88.42 93.08 -27.27
N UNK H 2919 87.49 92.82 -28.19
CA UNK H 2919 86.20 93.49 -28.17
C UNK H 2919 85.28 92.91 -27.09
N UNK H 2920 85.48 91.64 -26.78
CA UNK H 2920 84.67 90.96 -25.78
C UNK H 2920 85.20 91.24 -24.38
N UNK H 2921 86.51 91.40 -24.27
CA UNK H 2921 87.15 91.65 -22.98
C UNK H 2921 86.81 93.06 -22.47
N UNK H 2922 86.71 94.00 -23.40
CA UNK H 2922 86.39 95.38 -23.05
C UNK H 2922 84.91 95.53 -22.71
N UNK H 2923 84.08 94.70 -23.33
CA UNK H 2923 82.64 94.75 -23.09
C UNK H 2923 82.28 94.07 -21.77
N UNK H 2924 83.01 93.02 -21.44
CA UNK H 2924 82.76 92.28 -20.20
C UNK H 2924 83.25 93.05 -18.99
N UNK H 2925 84.47 93.58 -19.08
CA UNK H 2925 85.06 94.34 -17.99
C UNK H 2925 85.13 95.83 -18.34
N UNK H 2926 93.93 105.97 -19.89
CA UNK H 2926 95.22 105.45 -19.45
C UNK H 2926 95.95 104.77 -20.60
N UNK H 2927 96.45 103.56 -20.35
CA UNK H 2927 97.16 102.80 -21.38
C UNK H 2927 96.21 102.31 -22.45
N UNK H 2928 94.96 102.07 -22.06
CA UNK H 2928 93.94 101.61 -23.01
C UNK H 2928 93.53 102.75 -23.94
N UNK H 2929 93.59 103.98 -23.43
CA UNK H 2929 93.25 105.15 -24.22
C UNK H 2929 94.32 105.42 -25.28
N UNK H 2930 95.57 105.11 -24.93
CA UNK H 2930 96.68 105.29 -25.86
C UNK H 2930 96.65 104.22 -26.95
N UNK H 2931 96.15 103.03 -26.58
CA UNK H 2931 96.03 101.93 -27.52
C UNK H 2931 94.87 102.15 -28.48
N UNK H 2932 93.84 102.85 -28.01
CA UNK H 2932 92.68 103.15 -28.83
C UNK H 2932 93.03 104.20 -29.88
N UNK H 2933 93.92 105.11 -29.53
CA UNK H 2933 94.36 106.15 -30.45
C UNK H 2933 95.31 105.57 -31.49
N UNK H 2934 96.11 104.59 -31.08
CA UNK H 2934 97.04 103.93 -31.99
C UNK H 2934 96.30 103.03 -32.97
N UNK H 2935 95.21 102.43 -32.49
CA UNK H 2935 94.40 101.55 -33.33
C UNK H 2935 93.59 102.37 -34.33
N UNK H 2936 93.22 103.59 -33.92
CA UNK H 2936 92.45 104.49 -34.78
C UNK H 2936 93.34 105.03 -35.89
N UNK H 2937 94.62 105.20 -35.59
CA UNK H 2937 95.58 105.69 -36.57
C UNK H 2937 95.94 104.60 -37.57
N UNK H 2938 95.90 103.36 -37.12
CA UNK H 2938 96.21 102.21 -37.97
C UNK H 2938 95.07 101.93 -38.94
N UNK H 2939 93.86 102.32 -38.54
CA UNK H 2939 92.68 102.12 -39.38
C UNK H 2939 92.58 103.20 -40.44
N UNK H 2940 93.09 104.39 -40.12
CA UNK H 2940 93.07 105.51 -41.05
C UNK H 2940 94.14 105.35 -42.11
N UNK H 2941 88.10 94.52 -41.54
CA UNK H 2941 87.40 95.68 -42.10
C UNK H 2941 86.35 96.19 -41.12
N UNK H 2942 85.24 95.47 -41.03
CA UNK H 2942 84.14 95.86 -40.14
C UNK H 2942 84.48 95.51 -38.70
N UNK H 2943 85.41 94.58 -38.51
CA UNK H 2943 85.82 94.15 -37.18
C UNK H 2943 86.66 95.23 -36.50
N UNK H 2944 87.42 95.97 -37.30
CA UNK H 2944 88.27 97.04 -36.77
C UNK H 2944 87.43 98.22 -36.32
N UNK H 2945 86.36 98.51 -37.07
CA UNK H 2945 85.47 99.62 -36.74
C UNK H 2945 84.63 99.29 -35.51
N UNK H 2946 84.29 98.01 -35.36
CA UNK H 2946 83.49 97.56 -34.24
C UNK H 2946 84.32 97.55 -32.96
N UNK H 2947 85.61 97.26 -33.10
CA UNK H 2947 86.53 97.23 -31.97
C UNK H 2947 86.79 98.64 -31.46
N UNK H 2948 86.82 99.60 -32.37
CA UNK H 2948 87.04 101.00 -32.02
C UNK H 2948 85.83 101.57 -31.31
N UNK H 2949 84.65 101.12 -31.72
CA UNK H 2949 83.40 101.57 -31.12
C UNK H 2949 83.21 100.95 -29.74
N UNK H 2950 83.77 99.76 -29.56
CA UNK H 2950 83.68 99.05 -28.29
C UNK H 2950 84.66 99.63 -27.28
N UNK H 2951 85.75 100.20 -27.78
CA UNK H 2951 86.77 100.80 -26.91
C UNK H 2951 86.28 102.15 -26.38
N UNK H 2952 85.37 102.77 -27.10
CA UNK H 2952 84.82 104.06 -26.71
C UNK H 2952 83.84 103.91 -25.55
N UNK H 2953 95.85 111.89 -29.11
CA UNK H 2953 94.45 112.23 -29.03
C UNK H 2953 94.14 113.49 -29.84
N UNK H 2954 94.99 114.50 -29.70
CA UNK H 2954 94.82 115.75 -30.41
C UNK H 2954 95.14 115.57 -31.90
N UNK H 2955 96.07 114.67 -32.19
CA UNK H 2955 96.46 114.38 -33.56
C UNK H 2955 95.35 113.61 -34.28
N UNK H 2956 94.63 112.79 -33.52
CA UNK H 2956 93.52 112.01 -34.07
C UNK H 2956 92.34 112.92 -34.39
N UNK H 2957 92.13 113.94 -33.58
CA UNK H 2957 91.06 114.90 -33.79
C UNK H 2957 91.38 115.81 -34.96
N UNK H 2958 92.67 116.08 -35.16
CA UNK H 2958 93.12 116.92 -36.27
C UNK H 2958 93.01 116.16 -37.58
N UNK H 2959 93.25 114.85 -37.52
CA UNK H 2959 93.16 114.01 -38.71
C UNK H 2959 91.70 113.81 -39.12
N UNK H 2960 90.81 113.80 -38.12
CA UNK H 2960 89.38 113.65 -38.37
C UNK H 2960 88.81 114.92 -38.99
N UNK H 2961 89.35 116.06 -38.58
CA UNK H 2961 88.92 117.35 -39.11
C UNK H 2961 89.41 117.53 -40.55
N UNK H 2962 90.55 116.94 -40.86
CA UNK H 2962 91.11 117.00 -42.20
C UNK H 2962 90.35 116.09 -43.14
N UNK H 2963 89.90 114.95 -42.62
CA UNK H 2963 89.14 113.99 -43.42
C UNK H 2963 87.72 114.50 -43.65
N UNK H 2964 87.21 115.27 -42.69
CA UNK H 2964 85.87 115.84 -42.79
C UNK H 2964 85.85 116.98 -43.81
N UNK H 2965 86.97 117.70 -43.91
CA UNK H 2965 87.09 118.80 -44.86
C UNK H 2965 87.21 118.26 -46.28
N UNK H 2966 87.89 117.12 -46.42
CA UNK H 2966 88.06 116.49 -47.72
C UNK H 2966 86.76 115.83 -48.18
N UNK H 2967 85.98 115.36 -47.21
CA UNK H 2967 84.69 114.73 -47.51
C UNK H 2967 83.67 115.79 -47.91
N UNK H 2968 83.80 116.98 -47.35
CA UNK H 2968 82.90 118.09 -47.66
C UNK H 2968 83.21 118.64 -49.04
N UNK H 2969 84.47 118.56 -49.45
CA UNK H 2969 84.90 119.03 -50.76
C UNK H 2969 84.44 118.06 -51.84
N UNK H 2970 84.41 116.78 -51.51
CA UNK H 2970 83.99 115.74 -52.45
C UNK H 2970 82.47 115.79 -52.64
N UNK H 2971 81.76 116.18 -51.59
CA UNK H 2971 80.30 116.28 -51.64
C UNK H 2971 79.88 117.51 -52.45
N UNK H 2972 80.72 118.54 -52.45
CA UNK H 2972 80.44 119.75 -53.20
C UNK H 2972 80.76 119.56 -54.68
N UNK H 2973 81.61 118.58 -54.97
CA UNK H 2973 82.00 118.29 -56.34
C UNK H 2973 80.93 117.47 -57.05
N UNK H 2974 89.99 109.04 -48.10
CA UNK H 2974 88.99 108.37 -48.92
C UNK H 2974 87.58 108.68 -48.42
N UNK H 2975 86.60 108.47 -49.28
CA UNK H 2975 85.20 108.71 -48.93
C UNK H 2975 84.68 107.64 -48.00
N UNK H 2976 85.12 106.41 -48.22
CA UNK H 2976 84.70 105.28 -47.40
C UNK H 2976 85.33 105.35 -46.01
N UNK H 2977 86.56 105.85 -45.96
CA UNK H 2977 87.28 106.00 -44.69
C UNK H 2977 86.70 107.16 -43.88
N UNK H 2978 86.18 108.16 -44.58
CA UNK H 2978 85.59 109.32 -43.92
C UNK H 2978 84.23 108.96 -43.32
N UNK H 2979 83.54 108.03 -43.97
CA UNK H 2979 82.22 107.59 -43.49
C UNK H 2979 82.37 106.73 -42.25
N UNK H 2980 83.44 105.94 -42.19
CA UNK H 2980 83.70 105.08 -41.05
C UNK H 2980 84.24 105.89 -39.87
N UNK H 2981 84.97 106.96 -40.19
CA UNK H 2981 85.52 107.83 -39.15
C UNK H 2981 84.43 108.70 -38.53
N UNK H 2982 83.39 109.00 -39.32
CA UNK H 2982 82.28 109.81 -38.84
C UNK H 2982 81.43 109.02 -37.84
N UNK H 2983 81.33 107.72 -38.07
CA UNK H 2983 80.55 106.85 -37.19
C UNK H 2983 81.28 106.65 -35.87
N UNK H 2984 82.60 106.58 -35.93
CA UNK H 2984 83.42 106.40 -34.74
C UNK H 2984 83.48 107.69 -33.93
N UNK H 2985 83.43 108.82 -34.62
CA UNK H 2985 83.47 110.13 -33.96
C UNK H 2985 82.13 110.44 -33.31
N UNK H 2986 81.05 109.93 -33.91
CA UNK H 2986 79.70 110.14 -33.38
C UNK H 2986 79.50 109.36 -32.09
N UNK H 2987 80.15 108.19 -32.01
CA UNK H 2987 80.06 107.35 -30.82
C UNK H 2987 80.99 107.87 -29.73
N UNK H 2988 82.11 108.46 -30.15
CA UNK H 2988 83.08 109.01 -29.21
C UNK H 2988 82.56 110.30 -28.58
N UNK H 2989 81.85 111.09 -29.37
CA UNK H 2989 81.27 112.34 -28.89
C UNK H 2989 80.10 112.07 -27.96
N UNK H 2990 79.39 110.97 -28.21
CA UNK H 2990 78.25 110.57 -27.39
C UNK H 2990 78.73 110.04 -26.04
N UNK H 2991 79.92 109.45 -26.03
CA UNK H 2991 80.50 108.91 -24.81
C UNK H 2991 81.05 110.04 -23.94
N UNK H 2992 81.51 111.09 -24.59
CA UNK H 2992 82.05 112.25 -23.88
C UNK H 2992 80.93 113.06 -23.23
N UNK H 2993 79.74 112.99 -23.81
CA UNK H 2993 78.58 113.70 -23.30
C UNK H 2993 78.00 112.97 -22.08
N UNK H 2994 78.23 111.67 -22.03
CA UNK H 2994 77.73 110.85 -20.93
C UNK H 2994 78.67 110.93 -19.72
N UNK H 2995 90.97 122.05 -24.15
CA UNK H 2995 90.69 121.45 -25.44
C UNK H 2995 90.67 122.52 -26.54
N UNK H 2996 91.72 123.33 -26.58
CA UNK H 2996 91.83 124.38 -27.59
C UNK H 2996 92.06 123.79 -28.98
N UNK H 2997 92.84 122.71 -29.03
CA UNK H 2997 93.12 122.03 -30.29
C UNK H 2997 91.88 121.28 -30.78
N UNK H 2998 91.08 120.81 -29.83
CA UNK H 2998 89.85 120.10 -30.16
C UNK H 2998 88.77 121.09 -30.61
N UNK H 2999 88.85 122.31 -30.10
CA UNK H 2999 87.90 123.36 -30.46
C UNK H 2999 88.12 123.81 -31.90
N UNK H 3000 89.38 123.79 -32.33
CA UNK H 3000 89.73 124.15 -33.70
C UNK H 3000 89.25 123.08 -34.67
N UNK H 3001 89.32 121.83 -34.24
CA UNK H 3001 88.85 120.71 -35.05
C UNK H 3001 87.33 120.67 -35.08
N UNK H 3002 86.71 121.15 -34.00
CA UNK H 3002 85.26 121.21 -33.91
C UNK H 3002 84.72 122.33 -34.80
N UNK H 3003 85.50 123.40 -34.93
CA UNK H 3003 85.13 124.53 -35.78
C UNK H 3003 85.23 124.13 -37.24
N UNK H 3004 86.20 123.29 -37.55
CA UNK H 3004 86.38 122.79 -38.92
C UNK H 3004 85.29 121.78 -39.25
N UNK H 3005 84.83 121.06 -38.25
CA UNK H 3005 83.76 120.09 -38.43
C UNK H 3005 82.43 120.80 -38.65
N UNK H 3006 82.27 121.95 -38.00
CA UNK H 3006 81.08 122.76 -38.16
C UNK H 3006 81.07 123.45 -39.52
N UNK H 3007 82.27 123.72 -40.03
CA UNK H 3007 82.43 124.35 -41.33
C UNK H 3007 82.22 123.32 -42.44
N UNK H 3008 82.48 122.05 -42.12
CA UNK H 3008 82.30 120.97 -43.07
C UNK H 3008 80.82 120.64 -43.25
N UNK H 3009 80.03 120.94 -42.23
CA UNK H 3009 78.58 120.71 -42.28
C UNK H 3009 77.90 121.74 -43.16
N UNK H 3010 78.35 122.99 -43.05
CA UNK H 3010 77.81 124.10 -43.83
C UNK H 3010 76.30 124.24 -43.66
N UNK H 3011 73.44 112.33 -45.25
CA UNK H 3011 73.45 113.59 -44.53
C UNK H 3011 72.89 113.42 -43.12
N UNK H 3012 72.23 112.30 -42.88
CA UNK H 3012 71.65 112.01 -41.58
C UNK H 3012 72.74 111.69 -40.56
N UNK H 3013 73.81 111.06 -41.02
CA UNK H 3013 74.94 110.71 -40.17
C UNK H 3013 75.72 111.95 -39.76
N UNK H 3014 75.77 112.93 -40.67
CA UNK H 3014 76.47 114.18 -40.41
C UNK H 3014 75.68 115.04 -39.44
N UNK H 3015 74.35 114.94 -39.51
CA UNK H 3015 73.47 115.69 -38.63
C UNK H 3015 73.54 115.14 -37.21
N UNK H 3016 73.76 113.83 -37.10
CA UNK H 3016 73.88 113.17 -35.80
C UNK H 3016 75.22 113.52 -35.16
N UNK H 3017 76.24 113.70 -35.99
CA UNK H 3017 77.57 114.06 -35.50
C UNK H 3017 77.58 115.51 -35.03
N UNK H 3018 76.78 116.35 -35.67
CA UNK H 3018 76.68 117.75 -35.31
C UNK H 3018 75.88 117.91 -34.02
N UNK H 3019 74.91 117.03 -33.81
CA UNK H 3019 74.08 117.06 -32.61
C UNK H 3019 74.88 116.59 -31.41
N UNK H 3020 75.78 115.63 -31.64
CA UNK H 3020 76.63 115.10 -30.58
C UNK H 3020 77.72 116.11 -30.21
N UNK H 3021 78.14 116.90 -31.20
CA UNK H 3021 79.16 117.91 -30.98
C UNK H 3021 78.56 119.11 -30.24
N UNK H 3022 77.26 119.33 -30.42
CA UNK H 3022 76.57 120.43 -29.76
C UNK H 3022 76.35 120.10 -28.28
N UNK H 3023 76.23 118.82 -27.97
CA UNK H 3023 76.04 118.38 -26.59
C UNK H 3023 77.36 118.39 -25.84
N UNK H 3024 78.46 118.29 -26.58
CA UNK H 3024 79.80 118.30 -25.99
C UNK H 3024 80.22 119.72 -25.63
N UNK H 3025 72.01 133.05 -33.48
CA UNK H 3025 71.47 132.04 -32.58
C UNK H 3025 69.96 132.19 -32.43
N UNK H 3026 69.53 133.36 -31.96
CA UNK H 3026 68.11 133.64 -31.77
C UNK H 3026 67.41 133.84 -33.11
N UNK H 3027 68.15 134.37 -34.08
CA UNK H 3027 67.61 134.60 -35.42
C UNK H 3027 67.42 133.28 -36.16
N UNK H 3028 68.28 132.32 -35.85
CA UNK H 3028 68.21 131.00 -36.49
C UNK H 3028 67.01 130.22 -35.96
N UNK H 3029 66.68 130.43 -34.69
CA UNK H 3029 65.55 129.76 -34.07
C UNK H 3029 64.24 130.37 -34.54
N UNK H 3030 64.26 131.66 -34.86
CA UNK H 3030 63.08 132.36 -35.35
C UNK H 3030 62.78 131.97 -36.79
N UNK H 3031 63.84 131.71 -37.56
CA UNK H 3031 63.69 131.30 -38.95
C UNK H 3031 63.16 129.88 -39.05
N UNK H 3032 63.53 129.05 -38.09
CA UNK H 3032 63.08 127.66 -38.05
C UNK H 3032 61.61 127.59 -37.64
N UNK H 3033 61.18 128.54 -36.83
CA UNK H 3033 59.79 128.59 -36.37
C UNK H 3033 58.87 129.07 -37.48
N UNK H 3034 59.41 129.91 -38.37
CA UNK H 3034 58.64 130.44 -39.48
C UNK H 3034 58.57 129.42 -40.62
N UNK H 3035 59.48 128.47 -40.62
CA UNK H 3035 59.53 127.44 -41.65
C UNK H 3035 58.39 126.43 -41.45
N UNK H 3036 63.00 121.21 -47.46
CA UNK H 3036 64.33 121.66 -47.04
C UNK H 3036 64.95 120.68 -46.05
N UNK H 3037 65.98 119.97 -46.50
CA UNK H 3037 66.66 118.99 -45.65
C UNK H 3037 67.58 119.69 -44.65
N UNK H 3038 68.03 120.88 -45.01
CA UNK H 3038 68.92 121.66 -44.16
C UNK H 3038 68.17 122.23 -42.96
N UNK H 3039 66.87 122.49 -43.15
CA UNK H 3039 66.04 123.04 -42.09
C UNK H 3039 65.73 121.99 -41.03
N UNK H 3040 65.59 120.74 -41.46
CA UNK H 3040 65.30 119.63 -40.56
C UNK H 3040 66.55 119.25 -39.75
N UNK H 3041 67.72 119.38 -40.38
CA UNK H 3041 68.97 119.04 -39.73
C UNK H 3041 69.36 120.13 -38.72
N UNK H 3042 68.98 121.37 -39.02
CA UNK H 3042 69.28 122.49 -38.14
C UNK H 3042 68.37 122.49 -36.92
N UNK H 3043 67.15 121.98 -37.09
CA UNK H 3043 66.19 121.92 -36.00
C UNK H 3043 66.58 120.87 -34.98
N UNK H 3044 67.20 119.79 -35.45
CA UNK H 3044 67.64 118.71 -34.57
C UNK H 3044 68.89 119.13 -33.79
N UNK H 3045 69.71 119.98 -34.40
CA UNK H 3045 70.93 120.45 -33.76
C UNK H 3045 70.63 121.56 -32.76
N UNK H 3046 69.60 122.35 -33.06
CA UNK H 3046 69.21 123.45 -32.19
C UNK H 3046 68.49 122.93 -30.94
N UNK H 3047 67.81 121.79 -31.09
CA UNK H 3047 67.08 121.18 -29.99
C UNK H 3047 68.06 120.60 -28.96
N UNK H 3048 69.16 120.04 -29.44
CA UNK H 3048 70.17 119.47 -28.56
C UNK H 3048 71.00 120.57 -27.91
N UNK H 3049 71.09 121.71 -28.59
CA UNK H 3049 71.86 122.84 -28.07
C UNK H 3049 71.05 123.60 -27.02
N UNK H 3050 69.73 123.64 -27.19
CA UNK H 3050 68.85 124.31 -26.25
C UNK H 3050 68.71 123.51 -24.96
N UNK H 3051 68.88 122.20 -25.06
CA UNK H 3051 68.78 121.32 -23.91
C UNK H 3051 70.04 121.41 -23.05
N UNK H 3052 71.16 121.72 -23.69
CA UNK H 3052 72.43 121.83 -22.98
C UNK H 3052 72.49 123.14 -22.19
N UNK H 3053 65.45 131.11 -21.21
CA UNK H 3053 65.92 129.90 -21.91
C UNK H 3053 64.83 128.84 -21.89
N UNK H 3054 64.05 128.79 -20.82
CA UNK H 3054 62.98 127.81 -20.69
C UNK H 3054 61.84 128.12 -21.65
N UNK H 3055 61.59 129.41 -21.86
CA UNK H 3055 60.53 129.86 -22.77
C UNK H 3055 60.96 129.62 -24.22
N UNK H 3056 62.25 129.68 -24.47
CA UNK H 3056 62.79 129.46 -25.81
C UNK H 3056 62.71 127.99 -26.19
N UNK H 3057 62.85 127.12 -25.19
CA UNK H 3057 62.77 125.68 -25.42
C UNK H 3057 61.33 125.26 -25.69
N UNK H 3058 60.39 125.97 -25.09
CA UNK H 3058 58.98 125.69 -25.29
C UNK H 3058 58.51 126.15 -26.66
N UNK H 3059 59.09 127.25 -27.13
CA UNK H 3059 58.76 127.80 -28.43
C UNK H 3059 59.33 126.91 -29.55
N UNK H 3060 60.46 126.28 -29.26
CA UNK H 3060 61.10 125.38 -30.22
C UNK H 3060 60.30 124.10 -30.36
N UNK H 3061 59.69 123.66 -29.25
CA UNK H 3061 58.89 122.45 -29.25
C UNK H 3061 57.55 122.69 -29.94
N UNK H 3062 57.04 123.91 -29.82
CA UNK H 3062 55.78 124.28 -30.45
C UNK H 3062 55.96 124.41 -31.96
N UNK H 3063 57.14 124.88 -32.37
CA UNK H 3063 57.44 125.04 -33.78
C UNK H 3063 57.67 123.68 -34.44
N UNK H 3064 58.26 122.76 -33.69
CA UNK H 3064 58.51 121.41 -34.20
C UNK H 3064 57.22 120.61 -34.27
N UNK H 3065 56.27 120.94 -33.41
CA UNK H 3065 54.98 120.26 -33.38
C UNK H 3065 54.13 120.69 -34.57
N UNK H 3066 54.30 121.93 -35.00
CA UNK H 3066 53.56 122.47 -36.14
C UNK H 3066 54.10 121.90 -37.44
N UNK H 3067 55.39 121.58 -37.46
CA UNK H 3067 56.03 121.04 -38.64
C UNK H 3067 55.93 119.52 -38.66
N UNK H 3068 60.06 110.82 -38.04
CA UNK H 3068 60.57 109.68 -37.30
C UNK H 3068 61.91 109.99 -36.66
N UNK H 3069 62.85 110.47 -37.47
CA UNK H 3069 64.17 110.81 -36.99
C UNK H 3069 64.14 112.10 -36.17
N UNK H 3070 63.23 112.99 -36.53
CA UNK H 3070 63.09 114.26 -35.82
C UNK H 3070 62.34 114.07 -34.51
N UNK H 3071 61.56 112.99 -34.43
CA UNK H 3071 60.79 112.69 -33.22
C UNK H 3071 61.71 112.19 -32.11
N UNK H 3072 62.68 111.36 -32.47
CA UNK H 3072 63.63 110.81 -31.51
C UNK H 3072 64.68 111.84 -31.14
N UNK H 3073 64.91 112.80 -32.04
CA UNK H 3073 65.89 113.86 -31.81
C UNK H 3073 65.33 114.92 -30.89
N UNK H 3074 64.01 115.10 -30.93
CA UNK H 3074 63.34 116.10 -30.10
C UNK H 3074 62.62 115.43 -28.93
N UNK H 3075 63.10 114.26 -28.53
CA UNK H 3075 62.50 113.52 -27.42
C UNK H 3075 62.87 114.16 -26.09
N UNK H 3076 64.10 114.63 -25.98
CA UNK H 3076 64.58 115.26 -24.76
C UNK H 3076 63.95 116.65 -24.59
N UNK H 3077 63.72 117.33 -25.70
CA UNK H 3077 63.12 118.66 -25.69
C UNK H 3077 61.65 118.58 -25.32
N UNK H 3078 61.02 117.47 -25.69
CA UNK H 3078 59.60 117.27 -25.39
C UNK H 3078 59.39 116.95 -23.91
N UNK H 3079 60.43 116.42 -23.28
CA UNK H 3079 60.37 116.07 -21.87
C UNK H 3079 60.59 117.30 -20.99
N UNK H 3080 61.15 118.36 -21.58
CA UNK H 3080 61.40 119.60 -20.86
C UNK H 3080 60.14 120.44 -20.77
N UNK H 3081 49.19 123.46 -30.04
CA UNK H 3081 48.36 122.65 -29.16
C UNK H 3081 48.37 121.19 -29.58
N UNK H 3082 48.55 120.30 -28.61
CA UNK H 3082 48.58 118.86 -28.89
C UNK H 3082 47.17 118.29 -28.91
N UNK H 3083 46.21 119.05 -28.40
CA UNK H 3083 44.82 118.61 -28.35
C UNK H 3083 44.19 118.70 -29.74
N UNK H 3084 44.60 119.71 -30.51
CA UNK H 3084 44.07 119.92 -31.85
C UNK H 3084 44.65 118.89 -32.82
N UNK H 3085 45.91 118.53 -32.61
CA UNK H 3085 46.59 117.56 -33.46
C UNK H 3085 46.05 116.15 -33.21
N UNK H 3086 45.71 115.87 -31.95
CA UNK H 3086 45.18 114.57 -31.58
C UNK H 3086 43.75 114.41 -32.08
N UNK H 3087 43.01 115.51 -32.14
CA UNK H 3087 41.63 115.50 -32.61
C UNK H 3087 41.59 115.29 -34.12
N UNK H 3088 42.59 115.81 -34.81
CA UNK H 3088 42.68 115.66 -36.27
C UNK H 3088 43.03 114.23 -36.63
N UNK H 3089 43.85 113.60 -35.81
CA UNK H 3089 44.26 112.21 -36.04
C UNK H 3089 43.10 111.27 -35.73
N UNK H 3090 42.20 111.71 -34.86
CA UNK H 3090 41.03 110.92 -34.50
C UNK H 3090 39.99 110.94 -35.62
N UNK H 3091 39.93 112.07 -36.33
CA UNK H 3091 39.01 112.22 -37.45
C UNK H 3091 39.52 111.48 -38.68
N UNK H 3092 40.85 111.43 -38.82
CA UNK H 3092 41.47 110.73 -39.94
C UNK H 3092 41.28 109.22 -39.80
N UNK H 3093 41.34 108.74 -38.56
CA UNK H 3093 41.14 107.32 -38.27
C UNK H 3093 39.66 106.98 -38.32
N UNK H 3094 38.82 108.00 -38.14
CA UNK H 3094 37.37 107.83 -38.18
C UNK H 3094 36.90 107.49 -39.58
N UNK H 3095 37.50 108.13 -40.58
CA UNK H 3095 37.15 107.88 -41.97
C UNK H 3095 37.90 106.67 -42.51
N UNK H 3096 38.90 106.22 -41.77
CA UNK H 3096 39.70 105.06 -42.19
C UNK H 3096 38.91 103.76 -42.02
N UNK H 3097 38.36 103.56 -40.82
CA UNK H 3097 37.58 102.36 -40.54
C UNK H 3097 36.19 102.44 -41.15
N UNK H 3098 35.75 103.67 -41.44
CA UNK H 3098 34.45 103.89 -42.07
C UNK H 3098 34.48 103.37 -43.51
N UNK H 3099 35.63 103.45 -44.14
CA UNK H 3099 35.81 102.95 -45.50
C UNK H 3099 36.07 101.45 -45.47
N UNK H 3100 36.53 100.96 -44.32
CA UNK H 3100 36.79 99.53 -44.15
C UNK H 3100 35.50 98.77 -43.85
N UNK H 3101 34.51 99.50 -43.34
CA UNK H 3101 33.22 98.90 -43.01
C UNK H 3101 32.25 99.03 -44.18
N PRO H 3102 54.04 108.04 -28.92
CA PRO H 3102 54.78 109.07 -29.66
C PRO H 3102 55.33 110.17 -28.73
N LEU H 3103 55.31 111.41 -29.22
CA LEU H 3103 55.79 112.54 -28.43
C LEU H 3103 54.86 112.87 -27.27
N LEU H 3104 53.56 112.58 -27.39
CA LEU H 3104 52.63 112.88 -26.31
C LEU H 3104 52.82 111.95 -25.12
N ILE H 3105 53.40 110.76 -25.33
CA ILE H 3105 53.63 109.84 -24.22
C ILE H 3105 54.63 110.43 -23.23
N ARG H 3106 55.70 111.04 -23.73
CA ARG H 3106 56.69 111.64 -22.85
C ARG H 3106 56.12 112.84 -22.09
N TYR H 3107 55.15 113.53 -22.67
CA TYR H 3107 54.52 114.66 -22.01
C TYR H 3107 53.35 114.26 -21.12
N VAL H 3108 52.76 113.08 -21.33
CA VAL H 3108 51.60 112.66 -20.55
C VAL H 3108 52.01 112.35 -19.11
N ASP H 3109 53.08 111.57 -18.93
CA ASP H 3109 53.48 111.18 -17.58
C ASP H 3109 54.07 112.35 -16.80
N ASN H 3110 54.74 113.28 -17.48
CA ASN H 3110 55.31 114.43 -16.79
C ASN H 3110 54.21 115.32 -16.20
N ASN H 3111 53.10 115.49 -16.91
CA ASN H 3111 51.99 116.30 -16.43
C ASN H 3111 50.89 115.46 -15.79
N ARG H 3112 51.07 114.15 -15.69
CA ARG H 3112 50.05 113.29 -15.08
C ARG H 3112 49.87 113.61 -13.61
N ALA H 3113 50.95 113.93 -12.90
CA ALA H 3113 50.84 114.28 -11.48
C ALA H 3113 50.00 115.53 -11.29
N HIS H 3114 50.20 116.54 -12.13
CA HIS H 3114 49.38 117.75 -12.04
C HIS H 3114 47.94 117.47 -12.43
N TRP H 3115 47.72 116.57 -13.39
CA TRP H 3115 46.37 116.26 -13.84
C TRP H 3115 45.60 115.43 -12.81
N LEU H 3116 46.30 114.72 -11.93
CA LEU H 3116 45.62 113.89 -10.94
C LEU H 3116 45.17 114.73 -9.74
N THR H 3117 46.05 115.58 -9.22
CA THR H 3117 45.71 116.39 -8.06
C THR H 3117 44.78 117.55 -8.41
N GLU H 3118 44.72 117.95 -9.67
CA GLU H 3118 43.88 119.06 -10.11
C GLU H 3118 43.10 118.63 -11.35
N PRO H 3119 41.77 118.61 -11.30
CA PRO H 3119 41.00 118.24 -12.50
C PRO H 3119 41.21 119.25 -13.61
N ASN H 3120 41.24 118.75 -14.84
CA ASN H 3120 41.50 119.56 -16.02
C ASN H 3120 40.54 119.14 -17.12
N PRO H 3121 39.69 120.03 -17.65
CA PRO H 3121 38.73 119.58 -18.66
C PRO H 3121 39.35 119.30 -20.02
N SER H 3122 40.54 119.83 -20.30
CA SER H 3122 41.27 119.41 -21.49
C SER H 3122 41.82 118.00 -21.34
N ALA H 3123 42.24 117.63 -20.12
CA ALA H 3123 42.71 116.27 -19.88
C ALA H 3123 41.60 115.25 -20.06
N GLU H 3124 40.39 115.55 -19.56
CA GLU H 3124 39.26 114.67 -19.79
C GLU H 3124 38.90 114.60 -21.26
N GLU H 3125 38.94 115.74 -21.96
CA GLU H 3125 38.72 115.74 -23.40
C GLU H 3125 39.83 115.02 -24.15
N LEU H 3126 41.04 115.03 -23.60
CA LEU H 3126 42.15 114.29 -24.21
C LEU H 3126 41.92 112.80 -24.16
N PHE H 3127 41.27 112.30 -23.11
CA PHE H 3127 40.94 110.88 -23.03
C PHE H 3127 39.96 110.49 -24.13
N ARG H 3128 38.99 111.36 -24.43
CA ARG H 3128 38.04 111.07 -25.49
C ARG H 3128 38.72 110.96 -26.85
N MET H 3129 39.88 111.59 -27.03
CA MET H 3129 40.61 111.47 -28.29
C MET H 3129 41.34 110.13 -28.37
N VAL H 3130 42.16 109.82 -27.37
CA VAL H 3130 42.88 108.54 -27.36
C VAL H 3130 41.91 107.39 -27.15
N GLY H 3131 40.82 107.61 -26.42
CA GLY H 3131 39.82 106.56 -26.23
C GLY H 3131 39.18 106.12 -27.53
N GLU H 3132 38.91 107.08 -28.43
CA GLU H 3132 38.40 106.71 -29.75
C GLU H 3132 39.44 105.93 -30.55
N ILE H 3133 40.71 106.30 -30.42
CA ILE H 3133 41.77 105.55 -31.11
C ILE H 3133 41.85 104.13 -30.59
N PHE H 3134 41.80 103.96 -29.26
CA PHE H 3134 41.81 102.61 -28.69
C PHE H 3134 40.58 101.81 -29.08
N ILE H 3135 39.41 102.46 -29.13
CA ILE H 3135 38.20 101.76 -29.57
C ILE H 3135 38.33 101.36 -31.04
N TYR H 3136 38.87 102.24 -31.87
CA TYR H 3136 39.05 101.92 -33.29
C TYR H 3136 40.15 100.90 -33.50
N TRP H 3137 41.18 100.90 -32.64
CA TRP H 3137 42.24 99.91 -32.76
C TRP H 3137 41.72 98.50 -32.50
N SER H 3138 40.81 98.35 -31.53
CA SER H 3138 40.28 97.02 -31.22
C SER H 3138 39.53 96.43 -32.39
N LYS H 3139 38.74 97.25 -33.09
CA LYS H 3139 37.99 96.78 -34.26
C LYS H 3139 38.02 97.82 -35.37
N UNK H 3140 51.49 98.66 -29.57
CA UNK H 3140 52.08 98.75 -28.23
C UNK H 3140 52.11 100.19 -27.74
N UNK H 3141 52.35 101.13 -28.65
CA UNK H 3141 52.39 102.54 -28.31
C UNK H 3141 50.99 103.08 -28.04
N UNK H 3142 50.00 102.49 -28.70
CA UNK H 3142 48.62 102.91 -28.54
C UNK H 3142 48.06 102.42 -27.21
N UNK H 3143 48.52 101.25 -26.78
CA UNK H 3143 48.06 100.68 -25.52
C UNK H 3143 48.70 101.39 -24.33
N UNK H 3144 49.92 101.88 -24.52
CA UNK H 3144 50.63 102.59 -23.46
C UNK H 3144 50.03 103.96 -23.23
N UNK H 3145 49.62 104.62 -24.31
CA UNK H 3145 49.01 105.94 -24.23
C UNK H 3145 47.60 105.86 -23.64
N UNK H 3146 46.95 104.73 -23.88
CA UNK H 3146 45.59 104.51 -23.38
C UNK H 3146 45.61 104.12 -21.91
N UNK H 3147 46.75 103.59 -21.47
CA UNK H 3147 46.90 103.17 -20.07
C UNK H 3147 47.24 104.36 -19.18
N UNK H 3148 48.10 105.25 -19.69
CA UNK H 3148 48.50 106.44 -18.95
C UNK H 3148 47.33 107.41 -18.82
N UNK H 3149 46.46 107.42 -19.83
CA UNK H 3149 45.29 108.29 -19.82
C UNK H 3149 44.20 107.71 -18.93
N UNK H 3150 44.22 106.40 -18.74
CA UNK H 3150 43.24 105.72 -17.92
C UNK H 3150 43.42 106.08 -16.44
N UNK H 3151 44.60 106.56 -16.10
CA UNK H 3151 44.90 106.96 -14.73
C UNK H 3151 44.23 108.28 -14.38
N UNK H 3152 43.98 109.10 -15.40
CA UNK H 3152 43.39 110.42 -15.20
C UNK H 3152 41.86 110.36 -15.31
N UNK H 3153 41.36 109.43 -16.10
CA UNK H 3153 39.92 109.29 -16.32
C UNK H 3153 39.23 108.71 -15.09
N UNK H 3154 39.89 107.75 -14.44
CA UNK H 3154 39.34 107.10 -13.26
C UNK H 3154 39.26 108.08 -12.09
N UNK H 3155 40.19 109.03 -12.06
CA UNK H 3155 40.22 110.03 -11.01
C UNK H 3155 39.17 111.11 -11.27
N UNK H 3156 38.81 111.28 -12.54
CA UNK H 3156 37.82 112.27 -12.93
C UNK H 3156 36.41 111.71 -12.79
N UNK H 3157 36.28 110.40 -12.95
CA UNK H 3157 34.98 109.74 -12.84
C UNK H 3157 34.73 109.28 -11.41
N UNK H 3158 28.65 101.33 -14.40
CA UNK H 3158 29.66 100.55 -13.69
C UNK H 3158 29.92 99.23 -14.41
N UNK H 3159 29.92 98.14 -13.65
CA UNK H 3159 30.16 96.81 -14.20
C UNK H 3159 28.97 96.36 -15.05
N UNK H 3160 27.77 96.81 -14.66
CA UNK H 3160 26.56 96.47 -15.38
C UNK H 3160 26.50 97.20 -16.72
N UNK H 3161 27.10 98.39 -16.76
CA UNK H 3161 27.14 99.18 -17.98
C UNK H 3161 28.12 98.57 -18.98
N UNK H 3162 29.17 97.95 -18.45
CA UNK H 3162 30.17 97.28 -19.29
C UNK H 3162 29.59 96.02 -19.91
N UNK H 3163 28.69 95.36 -19.17
CA UNK H 3163 28.04 94.16 -19.67
C UNK H 3163 27.02 94.50 -20.74
N UNK H 3164 26.41 95.67 -20.62
CA UNK H 3164 25.43 96.14 -21.58
C UNK H 3164 26.13 96.56 -22.88
N UNK H 3165 27.37 97.05 -22.75
CA UNK H 3165 28.15 97.47 -23.89
C UNK H 3165 28.70 96.25 -24.63
N UNK H 3166 28.88 95.17 -23.90
CA UNK H 3166 29.39 93.93 -24.50
C UNK H 3166 28.29 93.24 -25.30
N UNK H 3167 27.04 93.48 -24.93
CA UNK H 3167 25.90 92.90 -25.63
C UNK H 3167 25.51 93.76 -26.82
N UNK H 3168 25.99 95.01 -26.83
CA UNK H 3168 25.71 95.96 -27.90
C UNK H 3168 24.20 96.15 -28.12
N UNK H 3169 23.98 104.03 -24.19
CA UNK H 3169 23.59 104.90 -23.08
C UNK H 3169 22.11 104.73 -22.75
N UNK H 3170 21.39 104.00 -23.60
CA UNK H 3170 19.97 103.75 -23.41
C UNK H 3170 19.74 102.77 -22.28
N UNK H 3171 20.63 101.79 -22.16
CA UNK H 3171 20.53 100.79 -21.11
C UNK H 3171 20.91 101.38 -19.75
N UNK H 3172 21.82 102.35 -19.78
CA UNK H 3172 22.25 103.02 -18.56
C UNK H 3172 21.20 103.99 -18.06
N UNK H 3173 20.42 104.54 -18.99
CA UNK H 3173 19.35 105.47 -18.65
C UNK H 3173 18.17 104.74 -18.03
N UNK H 3174 17.98 103.48 -18.44
CA UNK H 3174 16.89 102.66 -17.92
C UNK H 3174 17.22 102.15 -16.52
N UNK H 3175 18.51 101.99 -16.24
CA UNK H 3175 18.96 101.52 -14.94
C UNK H 3175 18.94 102.64 -13.92
N UNK H 3176 19.17 103.87 -14.39
CA UNK H 3176 19.18 105.07 -13.55
C UNK H 3176 20.17 104.94 -12.38
N SER H 3177 33.87 100.94 3.07
CA SER H 3177 34.75 101.10 1.91
C SER H 3177 34.39 102.35 1.12
N LEU H 3178 33.10 102.68 1.10
CA LEU H 3178 32.62 103.85 0.38
C LEU H 3178 32.85 105.15 1.15
N ARG H 3179 33.14 105.08 2.45
CA ARG H 3179 33.35 106.28 3.24
C ARG H 3179 34.60 107.03 2.79
N TRP H 3180 35.73 106.32 2.69
CA TRP H 3180 36.97 106.96 2.27
C TRP H 3180 37.00 107.27 0.78
N GLN H 3181 36.34 106.45 -0.04
CA GLN H 3181 36.29 106.74 -1.47
C GLN H 3181 35.52 108.03 -1.75
N MET H 3182 34.41 108.24 -1.04
CA MET H 3182 33.63 109.46 -1.23
C MET H 3182 34.38 110.70 -0.76
N ALA H 3183 35.23 110.56 0.26
CA ALA H 3183 36.00 111.70 0.74
C ALA H 3183 36.96 112.20 -0.34
N LEU H 3184 37.63 111.29 -1.04
CA LEU H 3184 38.51 111.69 -2.13
C LEU H 3184 37.74 112.19 -3.34
N TYR H 3185 36.53 111.68 -3.56
CA TYR H 3185 35.70 112.16 -4.66
C TYR H 3185 35.28 113.60 -4.44
N ARG H 3186 34.76 113.92 -3.26
CA ARG H 3186 34.33 115.29 -2.98
C ARG H 3186 35.52 116.22 -2.80
N GLY H 3187 36.57 115.74 -2.14
CA GLY H 3187 37.75 116.54 -1.91
C GLY H 3187 38.60 116.75 -3.15
N UNK H 3226 25.38 114.26 -18.12
CA UNK H 3226 26.84 114.34 -18.03
C UNK H 3226 27.41 113.09 -17.36
N UNK H 3227 26.71 112.61 -16.34
CA UNK H 3227 27.15 111.43 -15.60
C UNK H 3227 26.93 110.17 -16.42
N UNK H 3228 25.89 110.19 -17.25
CA UNK H 3228 25.55 109.04 -18.10
C UNK H 3228 26.50 108.97 -19.29
N UNK H 3229 27.07 110.11 -19.66
CA UNK H 3229 28.00 110.18 -20.79
C UNK H 3229 29.39 109.72 -20.38
N UNK H 3230 29.75 109.98 -19.13
CA UNK H 3230 31.06 109.61 -18.61
C UNK H 3230 31.11 108.12 -18.29
N UNK H 3231 29.95 107.54 -18.02
CA UNK H 3231 29.86 106.13 -17.69
C UNK H 3231 29.84 105.26 -18.95
N UNK H 3232 29.41 105.86 -20.06
CA UNK H 3232 29.33 105.14 -21.33
C UNK H 3232 30.71 105.02 -21.97
N UNK H 3233 31.54 106.04 -21.78
CA UNK H 3233 32.88 106.05 -22.34
C UNK H 3233 33.84 105.21 -21.51
N UNK H 3234 33.58 105.16 -20.21
CA UNK H 3234 34.44 104.40 -19.29
C UNK H 3234 34.18 102.90 -19.42
N UNK H 3235 32.92 102.53 -19.61
CA UNK H 3235 32.55 101.13 -19.74
C UNK H 3235 33.00 100.56 -21.08
N UNK H 3236 33.01 101.42 -22.11
CA UNK H 3236 33.41 101.00 -23.44
C UNK H 3236 34.91 100.78 -23.51
N UNK H 3237 35.67 101.60 -22.78
CA UNK H 3237 37.13 101.49 -22.75
C UNK H 3237 37.55 100.31 -21.90
N UNK H 3238 36.79 100.01 -20.86
CA UNK H 3238 37.10 98.90 -19.96
C UNK H 3238 36.77 97.57 -20.63
N UNK H 3239 35.72 97.55 -21.43
CA UNK H 3239 35.31 96.34 -22.13
C UNK H 3239 36.30 96.00 -23.24
N UNK H 3240 36.84 97.03 -23.88
CA UNK H 3240 37.81 96.84 -24.94
C UNK H 3240 39.17 96.42 -24.37
N UNK H 3241 39.47 96.89 -23.17
CA UNK H 3241 40.72 96.56 -22.50
C UNK H 3241 40.69 95.11 -22.00
N UNK H 3242 39.51 94.66 -21.59
CA UNK H 3242 39.33 93.30 -21.12
C UNK H 3242 39.40 92.31 -22.27
N UNK H 3243 38.93 92.74 -23.44
CA UNK H 3243 38.95 91.90 -24.62
C UNK H 3243 40.37 91.79 -25.18
N UNK H 3244 41.16 92.82 -24.95
CA UNK H 3244 42.55 92.84 -25.41
C UNK H 3244 43.41 91.91 -24.55
N UNK H 3245 43.05 91.78 -23.28
CA UNK H 3245 43.78 90.93 -22.36
C UNK H 3245 43.44 89.46 -22.59
N UNK H 3246 42.24 89.22 -23.11
CA UNK H 3246 41.79 87.86 -23.38
C UNK H 3246 42.41 87.32 -24.68
N MET H 3247 59.40 61.71 -56.27
CA MET H 3247 60.18 60.50 -56.54
C MET H 3247 60.89 60.60 -57.88
N THR H 3248 61.53 59.50 -58.27
CA THR H 3248 62.26 59.48 -59.53
C THR H 3248 61.27 59.50 -60.70
N PRO H 3249 61.50 60.35 -61.71
CA PRO H 3249 60.61 60.38 -62.87
C PRO H 3249 60.65 59.08 -63.65
N LEU H 3250 59.57 58.83 -64.40
CA LEU H 3250 59.44 57.59 -65.15
C LEU H 3250 60.50 57.47 -66.25
N TYR H 3251 60.82 58.59 -66.92
CA TYR H 3251 61.73 58.53 -68.05
C TYR H 3251 63.18 58.25 -67.63
N ASN H 3252 63.54 58.55 -66.38
CA ASN H 3252 64.88 58.26 -65.90
C ASN H 3252 65.10 56.78 -65.62
N LEU H 3253 64.03 55.98 -65.57
CA LEU H 3253 64.20 54.55 -65.35
C LEU H 3253 64.79 53.88 -66.59
N PRO H 3254 65.75 52.98 -66.41
CA PRO H 3254 66.26 52.23 -67.55
C PRO H 3254 65.19 51.35 -68.18
N THR H 3255 65.37 51.08 -69.48
CA THR H 3255 64.38 50.31 -70.22
C THR H 3255 64.23 48.89 -69.67
N HIS H 3256 65.35 48.28 -69.26
CA HIS H 3256 65.31 46.89 -68.81
C HIS H 3256 64.48 46.74 -67.54
N ARG H 3257 64.38 47.78 -66.72
CA ARG H 3257 63.63 47.70 -65.48
C ARG H 3257 62.20 48.19 -65.64
N ALA H 3258 61.96 49.13 -66.56
CA ALA H 3258 60.61 49.66 -66.74
C ALA H 3258 59.67 48.61 -67.29
N CYS H 3259 60.18 47.69 -68.11
CA CYS H 3259 59.33 46.62 -68.65
C CYS H 3259 58.86 45.67 -67.57
N ASN H 3260 59.66 45.50 -66.51
CA ASN H 3260 59.29 44.59 -65.43
C ASN H 3260 58.01 45.03 -64.74
N MET H 3261 57.92 46.33 -64.42
CA MET H 3261 56.72 46.86 -63.79
C MET H 3261 55.56 47.00 -64.78
N PHE H 3262 55.85 47.15 -66.06
CA PHE H 3262 54.79 47.20 -67.07
C PHE H 3262 54.04 45.88 -67.14
N LEU H 3263 54.76 44.76 -67.08
CA LEU H 3263 54.11 43.45 -67.14
C LEU H 3263 53.20 43.23 -65.93
N GLU H 3264 53.65 43.61 -64.73
CA GLU H 3264 52.83 43.46 -63.55
C GLU H 3264 51.58 44.34 -63.60
N SER H 3265 51.74 45.59 -64.06
CA SER H 3265 50.60 46.50 -64.14
C SER H 3265 49.62 46.09 -65.23
N TYR H 3266 50.13 45.70 -66.40
CA TYR H 3266 49.27 45.32 -67.51
C TYR H 3266 48.49 44.04 -67.24
N LYS H 3267 49.07 43.11 -66.46
CA LYS H 3267 48.39 41.86 -66.17
C LYS H 3267 47.13 42.09 -65.33
N ALA H 3268 47.23 42.92 -64.30
CA ALA H 3268 46.11 43.13 -63.40
C ALA H 3268 45.12 44.16 -63.91
N ALA H 3269 45.54 45.08 -64.78
CA ALA H 3269 44.67 46.14 -65.25
C ALA H 3269 43.81 45.74 -66.44
N TRP H 3270 44.30 44.86 -67.31
CA TRP H 3270 43.58 44.46 -68.51
C TRP H 3270 43.28 42.97 -68.55
N ILE H 3271 44.28 42.12 -68.32
CA ILE H 3271 44.09 40.68 -68.44
C ILE H 3271 43.22 40.15 -67.30
N LEU H 3272 43.43 40.64 -66.09
CA LEU H 3272 42.71 40.11 -64.93
C LEU H 3272 41.21 40.38 -65.03
N THR H 3273 40.83 41.57 -65.48
CA THR H 3273 39.42 41.95 -65.56
C THR H 3273 38.83 41.58 -66.93
N GLU H 3274 39.00 40.31 -67.28
CA GLU H 3274 38.50 39.77 -68.54
C GLU H 3274 37.39 38.78 -68.26
N ASP H 3275 36.41 38.75 -69.17
CA ASP H 3275 35.26 37.86 -69.06
C ASP H 3275 35.45 36.66 -69.97
N HIS H 3276 35.39 35.46 -69.39
CA HIS H 3276 35.54 34.22 -70.14
C HIS H 3276 34.40 33.28 -69.76
N SER H 3277 33.57 32.93 -70.75
CA SER H 3277 32.43 32.05 -70.54
C SER H 3277 32.68 30.65 -71.11
N PHE H 3278 33.93 30.21 -71.09
CA PHE H 3278 34.28 28.89 -71.61
C PHE H 3278 33.77 27.75 -70.72
N GLU H 3279 33.31 28.06 -69.50
CA GLU H 3279 32.78 27.02 -68.62
C GLU H 3279 31.51 26.40 -69.20
N ASP H 3280 30.63 27.23 -69.76
CA ASP H 3280 29.36 26.72 -70.28
C ASP H 3280 29.59 25.85 -71.52
N ARG H 3281 30.41 26.34 -72.46
CA ARG H 3281 30.63 25.62 -73.70
C ARG H 3281 31.32 24.28 -73.47
N MET H 3282 32.26 24.22 -72.52
CA MET H 3282 32.99 22.98 -72.28
C MET H 3282 32.08 21.90 -71.73
N ILE H 3283 31.19 22.25 -70.81
CA ILE H 3283 30.30 21.26 -70.21
C ILE H 3283 29.34 20.69 -71.26
N ASP H 3284 28.78 21.56 -72.10
CA ASP H 3284 27.87 21.08 -73.14
C ASP H 3284 28.59 20.21 -74.16
N ASP H 3285 29.85 20.53 -74.48
CA ASP H 3285 30.60 19.72 -75.44
C ASP H 3285 30.83 18.31 -74.91
N LEU H 3286 31.17 18.18 -73.63
CA LEU H 3286 31.42 16.85 -73.06
C LEU H 3286 30.12 16.09 -72.84
N SER H 3287 29.06 16.78 -72.41
CA SER H 3287 27.78 16.10 -72.16
C SER H 3287 27.17 15.58 -73.46
N LYS H 3288 27.22 16.39 -74.53
CA LYS H 3288 26.65 15.96 -75.81
C LYS H 3288 27.51 14.91 -76.50
N ALA H 3289 28.78 14.80 -76.14
CA ALA H 3289 29.65 13.81 -76.76
C ALA H 3289 29.23 12.38 -76.43
N GLY H 3290 28.78 12.15 -75.19
CA GLY H 3290 28.33 10.83 -74.81
C GLY H 3290 27.11 10.36 -75.58
N GLU H 3291 26.19 11.28 -75.88
CA GLU H 3291 24.99 10.97 -76.66
C GLU H 3291 25.12 11.44 -78.11
N GLN H 3292 26.34 11.37 -78.66
CA GLN H 3292 26.54 11.83 -80.04
C GLN H 3292 25.79 10.96 -81.02
N GLU H 3293 25.85 9.64 -80.85
CA GLU H 3293 25.16 8.72 -81.75
C GLU H 3293 24.85 7.43 -81.01
N GLU H 3294 23.88 6.69 -81.53
CA GLU H 3294 23.49 5.43 -80.94
C GLU H 3294 24.55 4.37 -81.22
N GLU H 3295 24.94 3.62 -80.19
CA GLU H 3295 25.94 2.57 -80.34
C GLU H 3295 25.40 1.43 -81.19
N GLU H 3296 26.24 0.94 -82.10
CA GLU H 3296 25.83 -0.18 -82.95
C GLU H 3296 25.69 -1.47 -82.14
N GLU H 3297 26.55 -1.67 -81.13
CA GLU H 3297 26.46 -2.87 -80.31
C GLU H 3297 25.18 -2.90 -79.49
N GLU H 3298 24.73 -1.74 -79.02
CA GLU H 3298 23.51 -1.62 -78.21
C GLU H 3298 23.59 -2.49 -76.95
N VAL H 3299 24.72 -2.39 -76.26
CA VAL H 3299 24.91 -3.16 -75.04
C VAL H 3299 24.03 -2.61 -73.93
N GLU H 3300 23.84 -3.44 -72.89
CA GLU H 3300 23.03 -3.01 -71.75
C GLU H 3300 23.66 -1.83 -71.02
N GLU H 3301 24.97 -1.85 -70.85
CA GLU H 3301 25.70 -0.78 -70.19
C GLU H 3301 26.28 0.12 -71.28
N LYS H 3302 25.67 1.30 -71.46
CA LYS H 3302 26.11 2.24 -72.47
C LYS H 3302 27.47 2.83 -72.10
N LYS H 3303 28.18 3.29 -73.12
CA LYS H 3303 29.48 3.90 -72.89
C LYS H 3303 29.32 5.21 -72.13
N PRO H 3304 30.02 5.40 -71.02
CA PRO H 3304 29.88 6.64 -70.26
C PRO H 3304 30.32 7.86 -71.06
N ASP H 3305 29.65 8.98 -70.80
CA ASP H 3305 29.98 10.23 -71.47
C ASP H 3305 31.33 10.74 -70.98
N PRO H 3306 31.99 11.60 -71.77
CA PRO H 3306 33.25 12.20 -71.27
C PRO H 3306 33.09 12.94 -69.96
N LEU H 3307 31.95 13.63 -69.78
CA LEU H 3307 31.64 14.20 -68.46
C LEU H 3307 31.45 13.10 -67.42
N HIS H 3308 30.77 12.01 -67.81
CA HIS H 3308 30.63 10.86 -66.92
C HIS H 3308 31.99 10.22 -66.64
N GLN H 3309 32.86 10.15 -67.66
CA GLN H 3309 34.20 9.62 -67.44
C GLN H 3309 35.03 10.56 -66.58
N LEU H 3310 34.71 11.85 -66.57
CA LEU H 3310 35.49 12.81 -65.80
C LEU H 3310 35.30 12.62 -64.31
N VAL H 3311 34.04 12.49 -63.87
CA VAL H 3311 33.78 12.31 -62.44
C VAL H 3311 34.27 10.95 -61.96
N LEU H 3312 34.27 9.94 -62.82
CA LEU H 3312 34.78 8.63 -62.44
C LEU H 3312 36.29 8.67 -62.19
N HIS H 3313 37.02 9.48 -62.96
CA HIS H 3313 38.45 9.59 -62.75
C HIS H 3313 38.77 10.27 -61.42
N PHE H 3314 38.05 11.33 -61.09
CA PHE H 3314 38.29 12.04 -59.84
C PHE H 3314 37.84 11.23 -58.64
N SER H 3315 36.76 10.47 -58.76
CA SER H 3315 36.34 9.60 -57.67
C SER H 3315 37.27 8.41 -57.49
N ARG H 3316 37.96 7.99 -58.55
CA ARG H 3316 38.89 6.87 -58.44
C ARG H 3316 40.08 7.22 -57.54
N THR H 3317 40.63 8.42 -57.71
CA THR H 3317 41.76 8.83 -56.87
C THR H 3317 41.33 9.21 -55.47
N ALA H 3318 40.04 9.52 -55.26
CA ALA H 3318 39.55 9.81 -53.92
C ALA H 3318 39.51 8.56 -53.06
N LEU H 3319 39.14 7.43 -53.66
CA LEU H 3319 39.08 6.16 -52.94
C LEU H 3319 40.45 5.50 -52.79
N THR H 3320 41.48 6.05 -53.41
CA THR H 3320 42.82 5.49 -53.26
C THR H 3320 43.29 5.66 -51.82
N GLU H 3321 43.79 4.58 -51.23
CA GLU H 3321 44.25 4.60 -49.85
C GLU H 3321 45.54 5.39 -49.75
N LYS H 3322 45.46 6.58 -49.16
CA LYS H 3322 46.63 7.44 -49.00
C LYS H 3322 46.58 8.10 -47.63
N SER H 3323 47.75 8.53 -47.16
CA SER H 3323 47.83 9.20 -45.86
C SER H 3323 47.16 10.57 -45.91
N LYS H 3324 47.63 11.45 -46.80
CA LYS H 3324 47.06 12.77 -46.97
C LYS H 3324 46.70 12.99 -48.42
N LEU H 3325 45.65 13.79 -48.64
CA LEU H 3325 45.17 14.08 -49.99
C LEU H 3325 46.07 15.15 -50.59
N ASP H 3326 46.92 14.75 -51.55
CA ASP H 3326 47.87 15.67 -52.15
C ASP H 3326 47.16 16.71 -53.00
N GLU H 3327 47.80 17.88 -53.12
CA GLU H 3327 47.25 18.96 -53.93
C GLU H 3327 47.27 18.59 -55.40
N ASP H 3328 46.17 18.88 -56.09
CA ASP H 3328 46.03 18.57 -57.51
C ASP H 3328 45.44 19.80 -58.19
N TYR H 3329 46.19 20.37 -59.13
CA TYR H 3329 45.72 21.57 -59.83
C TYR H 3329 44.62 21.25 -60.84
N LEU H 3330 44.66 20.06 -61.44
CA LEU H 3330 43.67 19.71 -62.46
C LEU H 3330 42.27 19.59 -61.87
N TYR H 3331 42.15 19.05 -60.65
CA TYR H 3331 40.84 18.92 -60.03
C TYR H 3331 40.27 20.28 -59.65
N MET H 3332 41.14 21.22 -59.26
CA MET H 3332 40.68 22.56 -58.88
C MET H 3332 39.99 23.26 -60.05
N ALA H 3333 40.57 23.16 -61.26
CA ALA H 3333 39.98 23.83 -62.41
C ALA H 3333 38.64 23.19 -62.79
N TYR H 3334 38.58 21.86 -62.83
CA TYR H 3334 37.35 21.18 -63.24
C TYR H 3334 36.24 21.33 -62.20
N ALA H 3335 36.59 21.43 -60.92
CA ALA H 3335 35.57 21.63 -59.89
C ALA H 3335 34.89 22.98 -60.04
N ASP H 3336 35.64 24.02 -60.42
CA ASP H 3336 35.05 25.34 -60.61
C ASP H 3336 34.16 25.42 -61.83
N ILE H 3337 34.55 24.78 -62.93
CA ILE H 3337 33.75 24.84 -64.16
C ILE H 3337 32.41 24.15 -63.95
N MET H 3338 32.42 22.98 -63.33
CA MET H 3338 31.18 22.22 -63.14
C MET H 3338 30.21 22.95 -62.21
N ALA H 3339 30.72 23.56 -61.15
CA ALA H 3339 29.85 24.33 -60.26
C ALA H 3339 29.33 25.60 -60.92
N LYS H 3340 30.20 26.29 -61.68
CA LYS H 3340 29.79 27.52 -62.33
C LYS H 3340 28.79 27.27 -63.45
N SER H 3341 28.94 26.18 -64.18
CA SER H 3341 28.04 25.88 -65.28
C SER H 3341 26.62 25.61 -64.77
N CYS H 3342 26.51 24.81 -63.71
CA CYS H 3342 25.19 24.49 -63.16
C CYS H 3342 24.61 25.64 -62.34
N HIS H 3343 25.45 26.57 -61.89
CA HIS H 3343 24.94 27.72 -61.14
C HIS H 3343 24.06 28.61 -62.01
N LEU H 3344 24.46 28.84 -63.26
CA LEU H 3344 23.69 29.68 -64.16
C LEU H 3344 23.88 29.24 -65.62
N SER H 3360 5.49 37.41 -62.17
CA SER H 3360 6.42 36.66 -63.01
C SER H 3360 6.45 35.19 -62.61
N PHE H 3361 5.27 34.57 -62.55
CA PHE H 3361 5.18 33.16 -62.20
C PHE H 3361 5.86 32.28 -63.24
N GLU H 3362 5.66 32.60 -64.53
CA GLU H 3362 6.29 31.82 -65.59
C GLU H 3362 7.79 32.01 -65.61
N GLU H 3363 8.28 33.22 -65.32
CA GLU H 3363 9.71 33.47 -65.32
C GLU H 3363 10.41 32.67 -64.22
N LYS H 3364 9.81 32.60 -63.03
CA LYS H 3364 10.43 31.84 -61.94
C LYS H 3364 10.46 30.35 -62.25
N GLU H 3365 9.38 29.81 -62.82
CA GLU H 3365 9.36 28.40 -63.17
C GLU H 3365 10.38 28.08 -64.25
N MET H 3366 10.54 28.96 -65.23
CA MET H 3366 11.52 28.75 -66.28
C MET H 3366 12.94 28.73 -65.72
N GLU H 3367 13.24 29.64 -64.79
CA GLU H 3367 14.54 29.63 -64.13
C GLU H 3367 14.69 28.42 -63.21
N LYS H 3368 13.60 27.98 -62.60
CA LYS H 3368 13.67 26.80 -61.73
C LYS H 3368 13.95 25.53 -62.52
N GLN H 3369 13.28 25.36 -63.67
CA GLN H 3369 13.52 24.15 -64.47
C GLN H 3369 14.87 24.22 -65.17
N ARG H 3370 15.35 25.42 -65.48
CA ARG H 3370 16.70 25.56 -66.03
C ARG H 3370 17.75 25.17 -65.00
N LEU H 3371 17.59 25.62 -63.75
CA LEU H 3371 18.53 25.26 -62.70
C LEU H 3371 18.49 23.77 -62.42
N LEU H 3372 17.29 23.17 -62.46
CA LEU H 3372 17.18 21.73 -62.27
C LEU H 3372 17.86 20.96 -63.39
N TYR H 3373 17.71 21.42 -64.64
CA TYR H 3373 18.28 20.70 -65.78
C TYR H 3373 19.79 20.67 -65.73
N GLN H 3374 20.42 21.81 -65.40
CA GLN H 3374 21.88 21.86 -65.34
C GLN H 3374 22.41 20.97 -64.22
N GLN H 3375 21.72 20.94 -63.08
CA GLN H 3375 22.13 20.05 -61.99
C GLN H 3375 21.89 18.59 -62.32
N ALA H 3376 20.90 18.30 -63.16
CA ALA H 3376 20.62 16.91 -63.53
C ALA H 3376 21.75 16.29 -64.33
N ARG H 3377 22.43 17.10 -65.16
CA ARG H 3377 23.56 16.59 -65.93
C ARG H 3377 24.67 16.10 -65.01
N LEU H 3378 24.96 16.85 -63.95
CA LEU H 3378 26.01 16.46 -63.03
C LEU H 3378 25.55 15.34 -62.09
N HIS H 3379 24.27 15.36 -61.69
CA HIS H 3379 23.77 14.33 -60.79
C HIS H 3379 23.75 12.96 -61.46
N ASN H 3380 23.31 12.91 -62.72
CA ASN H 3380 23.24 11.63 -63.43
C ASN H 3380 24.62 11.08 -63.73
N ARG H 3381 25.60 11.95 -63.98
CA ARG H 3381 26.95 11.50 -64.26
C ARG H 3381 27.61 10.85 -63.05
N GLY H 3382 27.17 11.17 -61.85
CA GLY H 3382 27.73 10.63 -60.64
C GLY H 3382 28.49 11.62 -59.76
N ALA H 3383 28.38 12.92 -60.02
CA ALA H 3383 29.08 13.91 -59.20
C ALA H 3383 28.51 14.00 -57.79
N ALA H 3384 27.28 13.52 -57.58
CA ALA H 3384 26.69 13.57 -56.24
C ALA H 3384 27.48 12.72 -55.25
N GLU H 3385 27.93 11.54 -55.68
CA GLU H 3385 28.78 10.72 -54.82
C GLU H 3385 30.21 11.22 -54.74
N MET H 3386 30.69 11.93 -55.77
CA MET H 3386 32.07 12.39 -55.79
C MET H 3386 32.34 13.39 -54.67
N VAL H 3387 31.40 14.31 -54.43
CA VAL H 3387 31.61 15.33 -53.41
C VAL H 3387 31.67 14.70 -52.02
N LEU H 3388 30.94 13.60 -51.80
CA LEU H 3388 30.99 12.93 -50.50
C LEU H 3388 32.29 12.17 -50.30
N GLN H 3389 32.82 11.54 -51.35
CA GLN H 3389 34.09 10.83 -51.22
C GLN H 3389 35.26 11.79 -51.01
N MET H 3390 35.22 12.97 -51.64
CA MET H 3390 36.28 13.95 -51.47
C MET H 3390 36.29 14.51 -50.06
N ILE H 3391 35.10 14.71 -49.47
CA ILE H 3391 35.02 15.22 -48.11
C ILE H 3391 35.64 14.24 -47.13
N SER H 3392 35.36 12.94 -47.30
CA SER H 3392 35.99 11.94 -46.45
C SER H 3392 37.49 11.80 -46.73
N ALA H 3393 37.96 12.28 -47.88
CA ALA H 3393 39.37 12.13 -48.24
C ALA H 3393 40.28 13.10 -47.50
N CYS H 3394 39.80 14.29 -47.14
CA CYS H 3394 40.67 15.27 -46.50
C CYS H 3394 41.05 14.85 -45.08
N LYS H 3395 40.25 13.97 -44.46
CA LYS H 3395 40.51 13.48 -43.11
C LYS H 3395 40.62 14.62 -42.10
N GLY H 3396 39.77 15.64 -42.24
CA GLY H 3396 39.75 16.76 -41.34
C GLY H 3396 40.72 17.88 -41.67
N GLU H 3397 41.53 17.72 -42.71
CA GLU H 3397 42.47 18.76 -43.10
C GLU H 3397 41.73 19.93 -43.76
N THR H 3398 42.34 21.10 -43.71
CA THR H 3398 41.78 22.32 -44.27
C THR H 3398 42.66 22.84 -45.39
N GLY H 3399 42.05 23.55 -46.33
CA GLY H 3399 42.77 24.11 -47.45
C GLY H 3399 41.83 24.39 -48.60
N ALA H 3400 42.42 24.57 -49.78
CA ALA H 3400 41.64 24.81 -50.99
C ALA H 3400 41.01 23.52 -51.53
N MET H 3401 41.51 22.36 -51.13
CA MET H 3401 40.92 21.10 -51.58
C MET H 3401 39.49 20.93 -51.06
N VAL H 3402 39.30 21.15 -49.76
CA VAL H 3402 37.96 21.03 -49.20
C VAL H 3402 37.07 22.19 -49.65
N SER H 3403 37.67 23.37 -49.85
CA SER H 3403 36.90 24.54 -50.28
C SER H 3403 36.30 24.34 -51.68
N SER H 3404 37.09 23.78 -52.60
CA SER H 3404 36.59 23.56 -53.96
C SER H 3404 35.45 22.55 -53.98
N THR H 3405 35.58 21.46 -53.23
CA THR H 3405 34.55 20.43 -53.21
C THR H 3405 33.27 20.93 -52.56
N LEU H 3406 33.38 21.71 -51.48
CA LEU H 3406 32.20 22.17 -50.77
C LEU H 3406 31.34 23.09 -51.63
N LYS H 3407 31.95 23.98 -52.41
CA LYS H 3407 31.17 24.86 -53.26
C LYS H 3407 30.51 24.09 -54.40
N LEU H 3408 31.15 23.00 -54.85
CA LEU H 3408 30.54 22.16 -55.87
C LEU H 3408 29.27 21.51 -55.37
N GLY H 3409 29.27 21.03 -54.13
CA GLY H 3409 28.07 20.45 -53.56
C GLY H 3409 26.95 21.43 -53.36
N ILE H 3410 27.28 22.65 -52.93
CA ILE H 3410 26.26 23.67 -52.71
C ILE H 3410 25.56 24.03 -54.01
N SER H 3411 26.32 24.15 -55.10
CA SER H 3411 25.72 24.48 -56.40
C SER H 3411 24.75 23.40 -56.84
N ILE H 3412 25.12 22.13 -56.66
CA ILE H 3412 24.23 21.03 -57.00
C ILE H 3412 23.04 20.99 -56.07
N LEU H 3413 23.25 21.30 -54.79
CA LEU H 3413 22.19 21.29 -53.79
C LEU H 3413 21.49 22.64 -53.64
N ASN H 3414 21.80 23.60 -54.51
CA ASN H 3414 21.16 24.91 -54.45
C ASN H 3414 19.68 24.80 -54.73
N GLY H 3415 18.88 25.56 -53.98
CA GLY H 3415 17.44 25.51 -54.15
C GLY H 3415 16.85 24.21 -53.64
N GLY H 3416 15.69 23.84 -54.19
CA GLY H 3416 15.01 22.62 -53.81
C GLY H 3416 15.34 21.50 -54.78
N ASN H 3417 15.96 20.45 -54.24
CA ASN H 3417 16.39 19.30 -55.04
C ASN H 3417 15.94 18.03 -54.30
N ALA H 3418 14.72 17.58 -54.58
CA ALA H 3418 14.23 16.36 -53.94
C ALA H 3418 14.99 15.13 -54.40
N ASP H 3419 15.31 15.06 -55.70
CA ASP H 3419 16.02 13.89 -56.22
C ASP H 3419 17.47 13.86 -55.77
N VAL H 3420 18.14 15.02 -55.73
CA VAL H 3420 19.55 15.05 -55.37
C VAL H 3420 19.73 14.72 -53.90
N GLN H 3421 18.91 15.30 -53.02
CA GLN H 3421 19.02 15.01 -51.60
C GLN H 3421 18.70 13.55 -51.30
N GLN H 3422 17.82 12.93 -52.08
CA GLN H 3422 17.52 11.51 -51.88
C GLN H 3422 18.74 10.65 -52.16
N LYS H 3423 19.50 10.97 -53.21
CA LYS H 3423 20.70 10.21 -53.52
C LYS H 3423 21.80 10.40 -52.49
N MET H 3424 21.79 11.52 -51.76
CA MET H 3424 22.79 11.75 -50.73
C MET H 3424 22.51 10.91 -49.48
N LEU H 3425 21.26 10.53 -49.26
CA LEU H 3425 20.89 9.80 -48.05
C LEU H 3425 21.22 8.32 -48.18
N ASP H 3426 20.70 7.66 -49.22
CA ASP H 3426 20.89 6.24 -49.39
C ASP H 3426 22.34 5.88 -49.69
N TYR H 3427 23.13 6.81 -50.22
CA TYR H 3427 24.54 6.53 -50.49
C TYR H 3427 25.31 6.27 -49.21
N LEU H 3428 25.02 7.04 -48.15
CA LEU H 3428 25.72 6.88 -46.89
C LEU H 3428 25.19 5.73 -46.04
N LYS H 3429 24.05 5.14 -46.42
CA LYS H 3429 23.47 4.06 -45.62
C LYS H 3429 24.12 2.71 -45.96
N ASP H 3430 24.05 2.31 -47.23
CA ASP H 3430 24.62 1.03 -47.63
C ASP H 3430 26.14 1.02 -47.56
N LYS H 3431 26.78 2.18 -47.77
CA LYS H 3431 28.24 2.23 -47.68
C LYS H 3431 28.71 1.95 -46.25
N LYS H 3432 27.99 2.47 -45.25
CA LYS H 3432 28.33 2.29 -43.84
C LYS H 3432 29.75 2.78 -43.54
N GLU H 3433 30.05 3.99 -44.00
CA GLU H 3433 31.36 4.60 -43.82
C GLU H 3433 31.23 5.80 -42.90
N VAL H 3434 32.17 5.92 -41.96
CA VAL H 3434 32.17 7.02 -40.99
C VAL H 3434 33.09 8.16 -41.40
N GLY H 3435 33.69 8.09 -42.59
CA GLY H 3435 34.62 9.12 -43.01
C GLY H 3435 33.97 10.45 -43.33
N PHE H 3436 32.68 10.44 -43.70
CA PHE H 3436 32.00 11.69 -44.02
C PHE H 3436 31.77 12.53 -42.77
N PHE H 3437 31.27 11.92 -41.70
CA PHE H 3437 30.99 12.66 -40.48
C PHE H 3437 32.24 12.93 -39.65
N GLN H 3438 33.29 12.13 -39.82
CA GLN H 3438 34.53 12.38 -39.09
C GLN H 3438 35.24 13.64 -39.58
N SER H 3439 35.06 14.00 -40.85
CA SER H 3439 35.69 15.20 -41.40
C SER H 3439 34.90 16.46 -41.12
N ILE H 3440 33.57 16.38 -41.12
CA ILE H 3440 32.74 17.55 -40.87
C ILE H 3440 32.97 18.08 -39.46
N GLN H 3441 33.05 17.19 -38.48
CA GLN H 3441 33.30 17.62 -37.10
C GLN H 3441 34.66 18.28 -36.97
N ALA H 3442 35.68 17.72 -37.62
CA ALA H 3442 37.02 18.30 -37.53
C ALA H 3442 37.10 19.67 -38.19
N LEU H 3443 36.42 19.85 -39.33
CA LEU H 3443 36.42 21.15 -39.99
C LEU H 3443 35.77 22.21 -39.11
N MET H 3444 34.66 21.86 -38.45
CA MET H 3444 33.94 22.79 -37.60
C MET H 3444 34.61 22.97 -36.24
N GLN H 3445 35.43 22.02 -35.81
CA GLN H 3445 36.10 22.14 -34.53
C GLN H 3445 37.17 23.24 -34.56
N THR H 3446 37.82 23.44 -35.69
CA THR H 3446 38.82 24.50 -35.84
C THR H 3446 38.30 25.51 -36.87
N CYS H 3447 38.00 26.72 -36.38
CA CYS H 3447 37.51 27.80 -37.23
C CYS H 3447 38.00 29.11 -36.66
N SER H 3448 38.37 30.04 -37.54
CA SER H 3448 38.88 31.33 -37.10
C SER H 3448 37.75 32.18 -36.54
N VAL H 3449 37.98 32.76 -35.37
CA VAL H 3449 37.02 33.66 -34.74
C VAL H 3449 37.68 35.02 -34.55
N LEU H 3450 36.86 36.03 -34.28
CA LEU H 3450 37.35 37.39 -34.11
C LEU H 3450 38.13 37.49 -32.81
N ASP H 3451 39.43 37.75 -32.91
CA ASP H 3451 40.30 37.87 -31.75
C ASP H 3451 40.66 39.33 -31.53
N LEU H 3452 40.50 39.80 -30.30
CA LEU H 3452 40.81 41.20 -29.99
C LEU H 3452 42.30 41.48 -30.14
N ASN H 3453 43.15 40.51 -29.78
CA ASN H 3453 44.59 40.71 -29.92
C ASN H 3453 45.01 40.74 -31.39
N ALA H 3454 44.36 39.95 -32.24
CA ALA H 3454 44.68 39.96 -33.66
C ALA H 3454 44.36 41.30 -34.30
N PHE H 3455 43.21 41.89 -33.94
CA PHE H 3455 42.84 43.19 -34.50
C PHE H 3455 43.73 44.30 -33.95
N GLU H 3456 44.14 44.20 -32.68
CA GLU H 3456 45.02 45.22 -32.11
C GLU H 3456 46.36 45.26 -32.84
N ARG H 3457 46.91 44.10 -33.16
CA ARG H 3457 48.14 44.06 -33.95
C ARG H 3457 47.92 44.57 -35.37
N GLN H 3458 46.73 44.31 -35.92
CA GLN H 3458 46.42 44.82 -37.25
C GLN H 3458 46.39 46.35 -37.28
N ASN H 3459 45.69 46.96 -36.33
CA ASN H 3459 45.61 48.42 -36.29
C ASN H 3459 46.97 49.06 -36.01
N LYS H 3460 47.74 48.49 -35.08
CA LYS H 3460 49.05 49.06 -34.75
C LYS H 3460 50.01 49.00 -35.94
N ALA H 3461 50.00 47.87 -36.66
CA ALA H 3461 50.86 47.74 -37.83
C ALA H 3461 50.46 48.68 -38.96
N GLU H 3462 49.18 49.05 -39.05
CA GLU H 3462 48.74 49.97 -40.08
C GLU H 3462 49.37 51.35 -39.93
N GLY H 3463 49.46 51.84 -38.70
CA GLY H 3463 50.05 53.15 -38.44
C GLY H 3463 51.55 53.17 -38.61
N GLU H 3480 42.86 40.98 -43.54
CA GLU H 3480 42.97 39.57 -43.87
C GLU H 3480 43.60 38.78 -42.73
N LYS H 3481 44.11 39.49 -41.73
CA LYS H 3481 44.73 38.88 -40.57
C LYS H 3481 43.83 38.86 -39.34
N VAL H 3482 42.70 39.58 -39.37
CA VAL H 3482 41.80 39.55 -38.23
C VAL H 3482 41.15 38.18 -38.07
N MET H 3483 40.78 37.54 -39.18
CA MET H 3483 40.19 36.21 -39.17
C MET H 3483 40.24 35.63 -40.57
N ALA H 3484 40.42 34.31 -40.64
CA ALA H 3484 40.52 33.61 -41.91
C ALA H 3484 39.26 32.77 -42.15
N ASP H 3485 39.25 32.07 -43.29
CA ASP H 3485 38.13 31.24 -43.70
C ASP H 3485 36.83 32.04 -43.72
N ASP H 3486 36.86 33.18 -44.41
CA ASP H 3486 35.73 34.09 -44.41
C ASP H 3486 34.55 33.51 -45.18
N GLU H 3487 34.74 33.25 -46.48
CA GLU H 3487 33.69 32.64 -47.28
C GLU H 3487 33.60 31.13 -47.06
N PHE H 3488 34.67 30.51 -46.56
CA PHE H 3488 34.65 29.07 -46.30
C PHE H 3488 33.68 28.72 -45.18
N THR H 3489 33.66 29.51 -44.11
CA THR H 3489 32.75 29.24 -42.99
C THR H 3489 31.30 29.44 -43.41
N GLN H 3490 31.01 30.48 -44.21
CA GLN H 3490 29.66 30.69 -44.70
C GLN H 3490 29.17 29.55 -45.58
N ASP H 3491 30.08 28.81 -46.21
CA ASP H 3491 29.70 27.69 -47.07
C ASP H 3491 29.61 26.38 -46.33
N LEU H 3492 30.37 26.20 -45.25
CA LEU H 3492 30.32 24.95 -44.48
C LEU H 3492 28.94 24.75 -43.85
N PHE H 3493 28.39 25.81 -43.23
CA PHE H 3493 27.06 25.72 -42.65
C PHE H 3493 25.97 25.72 -43.70
N ARG H 3494 26.18 26.43 -44.82
CA ARG H 3494 25.19 26.44 -45.89
C ARG H 3494 25.06 25.06 -46.54
N PHE H 3495 26.17 24.32 -46.66
CA PHE H 3495 26.10 22.98 -47.23
C PHE H 3495 25.24 22.06 -46.38
N LEU H 3496 25.37 22.15 -45.05
CA LEU H 3496 24.53 21.36 -44.16
C LEU H 3496 23.09 21.87 -44.13
N GLN H 3497 22.87 23.17 -44.35
CA GLN H 3497 21.53 23.72 -44.34
C GLN H 3497 20.71 23.21 -45.53
N LEU H 3498 21.30 23.22 -46.73
CA LEU H 3498 20.59 22.75 -47.92
C LEU H 3498 20.37 21.25 -47.90
N LEU H 3499 21.06 20.50 -47.04
CA LEU H 3499 20.80 19.07 -46.93
C LEU H 3499 19.41 18.80 -46.37
N CYS H 3500 18.89 19.71 -45.53
CA CYS H 3500 17.60 19.55 -44.88
C CYS H 3500 16.64 20.67 -45.25
N GLU H 3501 16.86 21.30 -46.41
CA GLU H 3501 16.02 22.42 -46.82
C GLU H 3501 14.65 21.97 -47.31
N GLY H 3502 14.54 20.77 -47.85
CA GLY H 3502 13.32 20.27 -48.42
C GLY H 3502 12.38 19.56 -47.46
N HIS H 3503 12.65 19.61 -46.16
CA HIS H 3503 11.85 18.92 -45.14
C HIS H 3503 11.75 17.43 -45.44
N ASN H 3504 12.92 16.78 -45.46
CA ASN H 3504 12.98 15.36 -45.79
C ASN H 3504 12.34 14.49 -44.72
N ASN H 3505 12.34 14.95 -43.47
CA ASN H 3505 11.76 14.28 -42.30
C ASN H 3505 12.52 13.02 -41.92
N ASP H 3506 13.54 12.62 -42.67
CA ASP H 3506 14.32 11.43 -42.35
C ASP H 3506 15.81 11.74 -42.33
N PHE H 3507 16.24 12.70 -43.14
CA PHE H 3507 17.65 13.09 -43.14
C PHE H 3507 18.03 13.82 -41.87
N GLN H 3508 17.08 14.55 -41.27
CA GLN H 3508 17.35 15.22 -40.00
C GLN H 3508 17.68 14.21 -38.91
N ASN H 3509 16.92 13.12 -38.85
CA ASN H 3509 17.22 12.07 -37.87
C ASN H 3509 18.56 11.41 -38.14
N TYR H 3510 18.86 11.17 -39.42
CA TYR H 3510 20.16 10.58 -39.77
C TYR H 3510 21.31 11.52 -39.44
N LEU H 3511 21.08 12.83 -39.57
CA LEU H 3511 22.11 13.81 -39.21
C LEU H 3511 22.41 13.79 -37.72
N ARG H 3512 21.37 13.64 -36.89
CA ARG H 3512 21.56 13.65 -35.45
C ARG H 3512 22.21 12.36 -34.95
N THR H 3513 21.76 11.21 -35.47
CA THR H 3513 22.25 9.92 -35.00
C THR H 3513 22.25 8.93 -36.15
N GLN H 3514 23.32 8.16 -36.26
CA GLN H 3514 23.48 7.16 -37.30
C GLN H 3514 23.34 5.76 -36.69
N THR H 3515 22.60 4.90 -37.38
CA THR H 3515 22.35 3.54 -36.91
C THR H 3515 23.25 2.50 -37.57
N GLY H 3516 23.41 2.57 -38.90
CA GLY H 3516 24.22 1.58 -39.58
C GLY H 3516 25.71 1.72 -39.31
N ASN H 3517 26.15 2.92 -38.98
CA ASN H 3517 27.57 3.15 -38.71
C ASN H 3517 27.97 2.54 -37.36
N THR H 3518 29.23 2.13 -37.26
CA THR H 3518 29.71 1.52 -36.03
C THR H 3518 29.85 2.54 -34.91
N THR H 3519 29.98 3.82 -35.24
CA THR H 3519 30.08 4.89 -34.26
C THR H 3519 29.11 6.00 -34.62
N THR H 3520 28.61 6.69 -33.60
CA THR H 3520 27.65 7.78 -33.77
C THR H 3520 28.37 9.09 -33.55
N ILE H 3521 28.33 9.97 -34.56
CA ILE H 3521 28.89 11.31 -34.48
C ILE H 3521 27.75 12.28 -34.72
N ASN H 3522 27.47 13.13 -33.74
CA ASN H 3522 26.35 14.04 -33.84
C ASN H 3522 26.83 15.41 -34.32
N ILE H 3523 26.12 15.94 -35.33
CA ILE H 3523 26.40 17.29 -35.81
C ILE H 3523 25.47 18.31 -35.14
N ILE H 3524 24.33 17.89 -34.61
CA ILE H 3524 23.38 18.81 -33.99
C ILE H 3524 24.02 19.51 -32.81
N ILE H 3525 24.64 18.75 -31.91
CA ILE H 3525 25.16 19.32 -30.66
C ILE H 3525 26.40 20.16 -30.90
N CYS H 3526 27.32 19.70 -31.75
CA CYS H 3526 28.57 20.42 -31.95
C CYS H 3526 28.38 21.69 -32.77
N THR H 3527 27.25 21.84 -33.45
CA THR H 3527 26.96 23.10 -34.13
C THR H 3527 26.80 24.22 -33.12
N VAL H 3528 26.15 23.94 -31.99
CA VAL H 3528 26.03 24.93 -30.92
C VAL H 3528 27.39 25.22 -30.31
N ASP H 3529 28.30 24.24 -30.32
CA ASP H 3529 29.63 24.44 -29.75
C ASP H 3529 30.38 25.56 -30.48
N TYR H 3530 30.30 25.59 -31.81
CA TYR H 3530 30.89 26.69 -32.56
C TYR H 3530 30.17 28.00 -32.25
N LEU H 3531 28.84 27.96 -32.11
CA LEU H 3531 28.08 29.17 -31.82
C LEU H 3531 28.49 29.75 -30.46
N LEU H 3532 28.68 28.90 -29.46
CA LEU H 3532 29.14 29.38 -28.16
C LEU H 3532 30.52 30.00 -28.24
N ARG H 3533 31.44 29.36 -28.98
CA ARG H 3533 32.77 29.94 -29.16
C ARG H 3533 32.70 31.27 -29.90
N LEU H 3534 31.71 31.45 -30.77
CA LEU H 3534 31.49 32.74 -31.41
C LEU H 3534 30.88 33.75 -30.44
N GLN H 3535 30.10 33.27 -29.47
CA GLN H 3535 29.48 34.17 -28.50
C GLN H 3535 30.53 34.95 -27.71
N GLU H 3536 31.59 34.27 -27.27
CA GLU H 3536 32.65 34.97 -26.55
C GLU H 3536 33.41 35.94 -27.45
N SER H 3537 33.65 35.55 -28.70
CA SER H 3537 34.39 36.42 -29.61
C SER H 3537 33.69 37.75 -29.82
N ILE H 3538 32.36 37.71 -29.98
CA ILE H 3538 31.59 38.94 -30.07
C ILE H 3538 31.51 39.64 -28.72
N SER H 3539 31.33 38.87 -27.64
CA SER H 3539 31.16 39.48 -26.32
C SER H 3539 32.41 40.24 -25.90
N ASP H 3540 33.59 39.62 -26.02
CA ASP H 3540 34.83 40.29 -25.66
C ASP H 3540 35.20 41.39 -26.66
N PHE H 3541 34.63 41.35 -27.86
CA PHE H 3541 34.94 42.37 -28.87
C PHE H 3541 34.22 43.68 -28.59
N TYR H 3542 33.20 43.66 -27.72
CA TYR H 3542 32.46 44.87 -27.37
C TYR H 3542 33.05 45.57 -26.15
N TRP H 3543 33.45 44.81 -25.13
CA TRP H 3543 33.96 45.45 -23.92
C TRP H 3543 35.27 46.18 -24.19
N TYR H 3544 35.98 45.81 -25.25
CA TYR H 3544 37.12 46.60 -25.70
C TYR H 3544 36.67 47.89 -26.37
N TYR H 3545 35.51 47.87 -27.02
CA TYR H 3545 34.92 49.07 -27.61
C TYR H 3545 33.99 49.82 -26.67
N SER H 3546 33.72 49.26 -25.47
CA SER H 3546 32.82 49.93 -24.54
C SER H 3546 33.40 51.26 -24.08
N GLY H 3547 34.69 51.30 -23.77
CA GLY H 3547 35.32 52.56 -23.39
C GLY H 3547 35.40 53.55 -24.53
N LYS H 3548 35.64 53.08 -25.75
CA LYS H 3548 35.75 53.96 -26.90
C LYS H 3548 34.39 54.58 -27.23
N ASP H 3549 34.43 55.81 -27.74
CA ASP H 3549 33.20 56.52 -28.08
C ASP H 3549 32.67 56.11 -29.46
N VAL H 3550 33.56 56.04 -30.44
CA VAL H 3550 33.18 55.72 -31.81
C VAL H 3550 34.06 54.58 -32.31
N ILE H 3551 33.44 53.58 -32.92
CA ILE H 3551 34.17 52.46 -33.50
C ILE H 3551 34.81 52.92 -34.81
N GLU H 3552 36.11 52.65 -34.95
CA GLU H 3552 36.83 53.07 -36.15
C GLU H 3552 36.34 52.29 -37.37
N GLU H 3553 36.65 52.83 -38.55
CA GLU H 3553 36.22 52.20 -39.80
C GLU H 3553 36.86 50.84 -39.99
N GLN H 3554 38.08 50.65 -39.49
CA GLN H 3554 38.74 49.35 -39.60
C GLN H 3554 37.99 48.28 -38.82
N GLY H 3555 37.51 48.62 -37.63
CA GLY H 3555 36.77 47.66 -36.82
C GLY H 3555 35.30 47.62 -37.17
N LYS H 3556 34.80 48.67 -37.82
CA LYS H 3556 33.39 48.69 -38.24
C LYS H 3556 33.10 47.65 -39.30
N ARG H 3557 34.02 47.46 -40.25
CA ARG H 3557 33.81 46.47 -41.31
C ARG H 3557 33.87 45.04 -40.78
N ASN H 3558 34.47 44.83 -39.60
CA ASN H 3558 34.53 43.49 -39.03
C ASN H 3558 33.16 43.01 -38.59
N PHE H 3559 32.31 43.92 -38.11
CA PHE H 3559 30.99 43.52 -37.64
C PHE H 3559 30.13 42.98 -38.76
N SER H 3560 30.09 43.69 -39.91
CA SER H 3560 29.27 43.25 -41.02
C SER H 3560 29.67 41.85 -41.49
N LYS H 3561 30.97 41.54 -41.43
CA LYS H 3561 31.42 40.19 -41.75
C LYS H 3561 31.14 39.21 -40.62
N ALA H 3562 31.24 39.68 -39.36
CA ALA H 3562 30.97 38.81 -38.22
C ALA H 3562 29.49 38.48 -38.08
N MET H 3563 28.61 39.47 -38.29
CA MET H 3563 27.18 39.22 -38.17
C MET H 3563 26.64 38.43 -39.35
N SER H 3564 27.33 38.43 -40.49
CA SER H 3564 26.87 37.65 -41.64
C SER H 3564 27.11 36.15 -41.44
N VAL H 3565 28.28 35.77 -40.90
CA VAL H 3565 28.56 34.36 -40.70
C VAL H 3565 27.67 33.78 -39.61
N ALA H 3566 27.35 34.58 -38.58
CA ALA H 3566 26.44 34.12 -37.54
C ALA H 3566 25.00 34.02 -38.04
N LYS H 3567 24.62 34.83 -39.03
CA LYS H 3567 23.29 34.73 -39.60
C LYS H 3567 23.08 33.39 -40.28
N GLN H 3568 24.09 32.92 -41.02
CA GLN H 3568 23.98 31.62 -41.69
C GLN H 3568 23.90 30.48 -40.68
N VAL H 3569 24.64 30.57 -39.57
CA VAL H 3569 24.56 29.55 -38.53
C VAL H 3569 23.16 29.51 -37.94
N PHE H 3570 22.57 30.69 -37.71
CA PHE H 3570 21.22 30.77 -37.17
C PHE H 3570 20.19 30.15 -38.12
N ASN H 3571 20.31 30.42 -39.42
CA ASN H 3571 19.41 29.80 -40.38
C ASN H 3571 19.64 28.30 -40.46
N SER H 3572 20.90 27.86 -40.35
CA SER H 3572 21.20 26.43 -40.38
C SER H 3572 20.55 25.72 -39.19
N LEU H 3573 20.59 26.33 -38.01
CA LEU H 3573 19.96 25.73 -36.84
C LEU H 3573 18.44 25.69 -36.98
N THR H 3574 17.86 26.63 -37.75
CA THR H 3574 16.42 26.65 -37.92
C THR H 3574 15.93 25.47 -38.76
N GLU H 3575 16.59 25.21 -39.89
CA GLU H 3575 16.22 24.09 -40.74
C GLU H 3575 16.52 22.75 -40.05
N TYR H 3576 17.42 22.74 -39.07
CA TYR H 3576 17.67 21.52 -38.31
C TYR H 3576 16.44 21.08 -37.53
N ILE H 3577 15.66 22.04 -37.05
CA ILE H 3577 14.48 21.79 -36.23
C ILE H 3577 13.22 22.42 -36.83
N GLN H 3578 13.27 22.75 -38.13
CA GLN H 3578 12.09 23.32 -38.79
C GLN H 3578 10.94 22.33 -38.79
N GLY H 3579 11.21 21.07 -39.12
CA GLY H 3579 10.20 20.05 -39.11
C GLY H 3579 9.85 19.62 -37.69
N PRO H 3580 8.66 19.04 -37.52
CA PRO H 3580 8.26 18.58 -36.19
C PRO H 3580 9.05 17.35 -35.75
N CYS H 3581 10.33 17.56 -35.43
CA CYS H 3581 11.23 16.48 -35.04
C CYS H 3581 11.38 16.48 -33.53
N THR H 3582 10.95 15.39 -32.88
CA THR H 3582 11.11 15.28 -31.44
C THR H 3582 12.57 15.11 -31.06
N GLY H 3583 13.30 14.28 -31.79
CA GLY H 3583 14.69 14.03 -31.45
C GLY H 3583 15.56 15.26 -31.56
N ASN H 3584 15.36 16.06 -32.61
CA ASN H 3584 16.14 17.29 -32.77
C ASN H 3584 15.77 18.33 -31.72
N GLN H 3585 14.49 18.46 -31.40
CA GLN H 3585 14.06 19.45 -30.42
C GLN H 3585 14.52 19.08 -29.01
N GLN H 3586 14.44 17.79 -28.66
CA GLN H 3586 14.92 17.35 -27.35
C GLN H 3586 16.41 17.56 -27.21
N SER H 3587 17.19 17.30 -28.26
CA SER H 3587 18.63 17.47 -28.18
C SER H 3587 19.02 18.91 -27.88
N LEU H 3588 18.40 19.86 -28.59
CA LEU H 3588 18.75 21.27 -28.39
C LEU H 3588 18.35 21.77 -27.00
N ALA H 3589 17.21 21.31 -26.49
CA ALA H 3589 16.80 21.71 -25.14
C ALA H 3589 17.80 21.22 -24.09
N HIS H 3590 18.25 19.97 -24.21
CA HIS H 3590 19.30 19.45 -23.35
C HIS H 3590 20.69 19.87 -23.81
N SER H 3591 20.82 20.48 -24.98
CA SER H 3591 22.10 20.96 -25.46
C SER H 3591 22.47 22.22 -24.69
N ARG H 3592 23.56 22.86 -25.11
CA ARG H 3592 24.10 24.01 -24.40
C ARG H 3592 23.70 25.33 -25.04
N LEU H 3593 22.53 25.36 -25.67
CA LEU H 3593 22.04 26.57 -26.34
C LEU H 3593 21.56 27.61 -25.34
N TRP H 3594 21.01 27.19 -24.19
CA TRP H 3594 20.42 28.13 -23.26
C TRP H 3594 21.47 29.04 -22.63
N ASP H 3595 22.73 28.58 -22.54
CA ASP H 3595 23.79 29.47 -22.11
C ASP H 3595 24.22 30.45 -23.20
N ALA H 3596 24.23 30.01 -24.46
CA ALA H 3596 24.58 30.92 -25.54
C ALA H 3596 23.56 32.03 -25.68
N VAL H 3597 22.27 31.71 -25.59
CA VAL H 3597 21.23 32.69 -25.88
C VAL H 3597 21.20 33.80 -24.82
N VAL H 3598 21.45 33.47 -23.55
CA VAL H 3598 21.40 34.50 -22.51
C VAL H 3598 22.59 35.45 -22.62
N GLY H 3599 23.78 34.90 -22.89
CA GLY H 3599 24.94 35.76 -23.13
C GLY H 3599 24.93 36.42 -24.49
N PHE H 3600 24.21 35.84 -25.45
CA PHE H 3600 24.07 36.47 -26.76
C PHE H 3600 23.22 37.73 -26.69
N LEU H 3601 22.10 37.66 -25.97
CA LEU H 3601 21.22 38.83 -25.81
C LEU H 3601 21.86 39.93 -24.97
N HIS H 3602 22.77 39.57 -24.07
CA HIS H 3602 23.37 40.57 -23.20
C HIS H 3602 24.19 41.59 -23.99
N VAL H 3603 24.92 41.12 -25.00
CA VAL H 3603 25.79 42.01 -25.76
C VAL H 3603 24.99 43.02 -26.60
N PHE H 3604 23.83 42.62 -27.14
CA PHE H 3604 23.06 43.60 -27.91
C PHE H 3604 22.38 44.65 -27.04
N ALA H 3605 21.95 44.28 -25.83
CA ALA H 3605 21.27 45.26 -24.98
C ALA H 3605 22.07 46.54 -24.81
N HIS H 3606 23.40 46.47 -24.99
CA HIS H 3606 24.25 47.64 -25.02
C HIS H 3606 24.70 48.00 -26.43
N MET H 3607 24.26 47.26 -27.46
CA MET H 3607 24.65 47.56 -28.84
C MET H 3607 23.90 48.77 -29.38
N MET H 3608 22.57 48.64 -29.52
CA MET H 3608 21.82 49.67 -30.24
C MET H 3608 21.79 51.01 -29.52
N MET H 3609 22.18 51.04 -28.25
CA MET H 3609 22.26 52.32 -27.55
C MET H 3609 23.37 53.20 -28.09
N LYS H 3610 24.40 52.60 -28.70
CA LYS H 3610 25.52 53.38 -29.22
C LYS H 3610 25.32 53.75 -30.68
N LEU H 3611 25.00 52.77 -31.53
CA LEU H 3611 24.86 53.03 -32.96
C LEU H 3611 23.72 53.98 -33.28
N ALA H 3612 22.68 54.02 -32.44
CA ALA H 3612 21.60 54.97 -32.65
C ALA H 3612 22.02 56.41 -32.39
N GLN H 3613 23.03 56.61 -31.55
CA GLN H 3613 23.50 57.97 -31.26
C GLN H 3613 24.16 58.60 -32.49
N ASP H 3614 24.94 57.81 -33.23
CA ASP H 3614 25.66 58.32 -34.38
C ASP H 3614 24.85 58.11 -35.66
N SER H 3615 24.89 59.11 -36.53
CA SER H 3615 24.18 59.07 -37.80
C SER H 3615 25.01 58.53 -38.95
N SER H 3616 26.30 58.26 -38.73
CA SER H 3616 27.16 57.76 -39.78
C SER H 3616 27.22 56.23 -39.84
N GLN H 3617 26.87 55.56 -38.76
CA GLN H 3617 26.90 54.09 -38.68
C GLN H 3617 25.48 53.51 -38.64
N ILE H 3618 24.54 54.18 -39.31
CA ILE H 3618 23.18 53.68 -39.35
C ILE H 3618 23.07 52.40 -40.18
N GLU H 3619 23.93 52.23 -41.19
CA GLU H 3619 23.90 51.01 -41.99
C GLU H 3619 24.44 49.81 -41.22
N LEU H 3620 25.40 50.03 -40.32
CA LEU H 3620 25.89 48.94 -39.48
C LEU H 3620 24.80 48.45 -38.52
N LEU H 3621 23.92 49.35 -38.09
CA LEU H 3621 22.80 48.95 -37.25
C LEU H 3621 21.81 48.06 -37.99
N LYS H 3622 21.74 48.21 -39.32
CA LYS H 3622 20.80 47.39 -40.09
C LYS H 3622 21.13 45.92 -39.98
N GLU H 3623 22.37 45.54 -40.26
CA GLU H 3623 22.78 44.14 -40.16
C GLU H 3623 22.66 43.60 -38.75
N LEU H 3624 22.66 44.47 -37.74
CA LEU H 3624 22.44 44.03 -36.37
C LEU H 3624 21.03 43.50 -36.19
N LEU H 3625 20.04 44.18 -36.76
CA LEU H 3625 18.64 43.77 -36.60
C LEU H 3625 18.30 42.51 -37.39
N ASP H 3626 18.88 42.34 -38.59
CA ASP H 3626 18.61 41.13 -39.36
C ASP H 3626 19.12 39.89 -38.64
N LEU H 3627 20.29 39.98 -38.00
CA LEU H 3627 20.79 38.83 -37.24
C LEU H 3627 19.89 38.53 -36.04
N GLN H 3628 19.50 39.57 -35.29
CA GLN H 3628 18.61 39.35 -34.15
C GLN H 3628 17.23 38.90 -34.62
N LYS H 3629 16.87 39.23 -35.87
CA LYS H 3629 15.64 38.69 -36.46
C LYS H 3629 15.68 37.17 -36.51
N ASP H 3630 16.81 36.59 -36.93
CA ASP H 3630 16.94 35.14 -37.02
C ASP H 3630 16.93 34.47 -35.66
N MET H 3631 17.10 35.23 -34.57
CA MET H 3631 17.21 34.64 -33.25
C MET H 3631 15.83 34.32 -32.66
N VAL H 3632 14.86 35.22 -32.82
CA VAL H 3632 13.52 34.96 -32.29
C VAL H 3632 12.84 33.86 -33.09
N VAL H 3633 13.02 33.83 -34.41
CA VAL H 3633 12.41 32.79 -35.22
C VAL H 3633 13.00 31.43 -34.87
N MET H 3634 14.30 31.38 -34.60
CA MET H 3634 14.93 30.12 -34.19
C MET H 3634 14.32 29.60 -32.89
N LEU H 3635 14.08 30.48 -31.92
CA LEU H 3635 13.41 30.06 -30.70
C LEU H 3635 11.95 29.71 -30.97
N LEU H 3636 11.30 30.40 -31.91
CA LEU H 3636 9.96 29.99 -32.33
C LEU H 3636 9.98 28.60 -32.96
N SER H 3637 11.00 28.31 -33.76
CA SER H 3637 11.14 26.98 -34.34
C SER H 3637 11.45 25.94 -33.27
N LEU H 3638 12.19 26.31 -32.22
CA LEU H 3638 12.43 25.38 -31.13
C LEU H 3638 11.17 25.12 -30.33
N LEU H 3639 10.43 26.18 -29.99
CA LEU H 3639 9.15 26.04 -29.31
C LEU H 3639 8.01 25.92 -30.33
N GLU H 3640 8.14 24.91 -31.20
CA GLU H 3640 7.16 24.68 -32.26
C GLU H 3640 6.08 23.69 -31.80
N GLY H 3641 6.50 22.47 -31.44
CA GLY H 3641 5.58 21.48 -30.92
C GLY H 3641 5.91 21.14 -29.48
N ASN H 3642 5.03 21.54 -28.55
CA ASN H 3642 5.31 21.36 -27.14
C ASN H 3642 4.01 21.13 -26.39
N VAL H 3643 4.12 20.44 -25.26
CA VAL H 3643 3.01 20.21 -24.35
C VAL H 3643 2.99 21.34 -23.33
N VAL H 3644 1.81 21.63 -22.77
CA VAL H 3644 1.68 22.71 -21.80
C VAL H 3644 2.57 22.49 -20.59
N ASN H 3645 2.92 21.23 -20.30
CA ASN H 3645 3.83 20.90 -19.22
C ASN H 3645 5.17 20.37 -19.73
N GLY H 3646 5.56 20.81 -20.93
CA GLY H 3646 6.80 20.33 -21.52
C GLY H 3646 8.03 20.94 -20.88
N MET H 3647 9.16 20.26 -21.07
CA MET H 3647 10.42 20.70 -20.49
C MET H 3647 11.03 21.87 -21.25
N ILE H 3648 10.82 21.93 -22.57
CA ILE H 3648 11.41 23.00 -23.38
C ILE H 3648 10.88 24.35 -22.93
N ALA H 3649 9.58 24.44 -22.66
CA ALA H 3649 9.01 25.70 -22.17
C ALA H 3649 9.57 26.06 -20.81
N ARG H 3650 9.77 25.07 -19.93
CA ARG H 3650 10.33 25.34 -18.61
C ARG H 3650 11.79 25.76 -18.71
N GLN H 3651 12.52 25.29 -19.72
CA GLN H 3651 13.86 25.81 -19.95
C GLN H 3651 13.81 27.22 -20.53
N MET H 3652 12.73 27.56 -21.23
CA MET H 3652 12.64 28.88 -21.86
C MET H 3652 12.34 29.96 -20.83
N VAL H 3653 11.52 29.64 -19.83
CA VAL H 3653 11.17 30.63 -18.82
C VAL H 3653 12.38 30.96 -17.96
N ASP H 3654 13.24 29.96 -17.70
CA ASP H 3654 14.43 30.20 -16.89
C ASP H 3654 15.45 31.08 -17.62
N MET H 3655 15.45 31.06 -18.97
CA MET H 3655 16.40 31.90 -19.71
C MET H 3655 15.99 33.37 -19.65
N LEU H 3656 14.69 33.66 -19.66
CA LEU H 3656 14.25 35.05 -19.54
C LEU H 3656 14.56 35.64 -18.16
N VAL H 3657 14.41 34.85 -17.10
CA VAL H 3657 14.69 35.34 -15.75
C VAL H 3657 16.18 35.65 -15.61
N GLU H 3658 17.04 34.83 -16.21
CA GLU H 3658 18.48 35.09 -16.13
C GLU H 3658 18.84 36.40 -16.80
N SER H 3659 18.22 36.72 -17.92
CA SER H 3659 18.46 37.98 -18.64
C SER H 3659 17.28 38.94 -18.47
N SER H 3660 16.67 38.94 -17.28
CA SER H 3660 15.51 39.78 -17.03
C SER H 3660 15.87 41.26 -17.15
N SER H 3661 17.02 41.66 -16.59
CA SER H 3661 17.48 43.04 -16.74
C SER H 3661 17.81 43.36 -18.19
N ASN H 3662 18.41 42.40 -18.90
CA ASN H 3662 18.73 42.64 -20.31
C ASN H 3662 17.48 42.73 -21.17
N VAL H 3663 16.57 41.76 -21.06
CA VAL H 3663 15.43 41.70 -21.97
C VAL H 3663 14.55 42.94 -21.81
N GLU H 3664 14.53 43.54 -20.62
CA GLU H 3664 13.85 44.82 -20.44
C GLU H 3664 14.49 45.91 -21.29
N MET H 3665 15.81 45.88 -21.43
CA MET H 3665 16.49 46.88 -22.26
C MET H 3665 16.14 46.71 -23.73
N ILE H 3666 16.08 45.45 -24.22
CA ILE H 3666 15.58 45.22 -25.57
C ILE H 3666 14.11 45.63 -25.67
N LEU H 3667 13.30 45.23 -24.69
CA LEU H 3667 11.87 45.51 -24.75
C LEU H 3667 11.57 47.00 -24.77
N LYS H 3668 12.34 47.81 -24.04
CA LYS H 3668 12.12 49.24 -24.01
C LYS H 3668 12.77 49.99 -25.17
N PHE H 3669 13.66 49.34 -25.91
CA PHE H 3669 14.34 50.05 -26.99
C PHE H 3669 13.42 50.24 -28.20
N PHE H 3670 12.90 49.13 -28.74
CA PHE H 3670 12.00 49.26 -29.88
C PHE H 3670 10.63 49.80 -29.49
N ASP H 3671 10.34 49.91 -28.20
CA ASP H 3671 9.04 50.43 -27.76
C ASP H 3671 8.94 51.94 -28.00
N MET H 3672 9.91 52.69 -27.48
CA MET H 3672 9.85 54.14 -27.61
C MET H 3672 10.12 54.58 -29.05
N PHE H 3673 10.86 53.79 -29.83
CA PHE H 3673 10.89 54.02 -31.28
C PHE H 3673 9.54 53.72 -31.91
N LEU H 3674 8.86 52.66 -31.46
CA LEU H 3674 7.53 52.37 -31.99
C LEU H 3674 6.55 53.49 -31.69
N LYS H 3675 6.60 54.04 -30.47
CA LYS H 3675 5.77 55.20 -30.16
C LYS H 3675 6.22 56.43 -30.92
N LEU H 3676 7.52 56.55 -31.21
CA LEU H 3676 8.04 57.71 -31.92
C LEU H 3676 7.38 57.85 -33.29
N LYS H 3677 7.04 56.73 -33.95
CA LYS H 3677 6.27 56.80 -35.18
C LYS H 3677 4.87 57.36 -34.92
N ASP H 3678 4.27 57.02 -33.78
CA ASP H 3678 2.95 57.55 -33.43
C ASP H 3678 3.03 58.99 -32.95
N ILE H 3679 4.10 59.34 -32.22
CA ILE H 3679 4.24 60.72 -31.74
C ILE H 3679 4.35 61.69 -32.90
N VAL H 3680 5.20 61.37 -33.88
CA VAL H 3680 5.38 62.25 -35.03
C VAL H 3680 4.13 62.30 -35.88
N GLY H 3681 3.27 61.28 -35.81
CA GLY H 3681 2.03 61.28 -36.56
C GLY H 3681 0.90 61.95 -35.82
N SER H 3682 0.96 61.97 -34.49
CA SER H 3682 -0.08 62.59 -33.68
C SER H 3682 0.12 64.10 -33.61
N GLU H 3683 -0.95 64.79 -33.24
CA GLU H 3683 -0.92 66.24 -33.10
C GLU H 3683 -0.25 66.71 -31.82
N ALA H 3684 0.03 65.80 -30.88
CA ALA H 3684 0.70 66.20 -29.65
C ALA H 3684 2.11 66.72 -29.91
N PHE H 3685 2.85 66.05 -30.80
CA PHE H 3685 4.17 66.53 -31.16
C PHE H 3685 4.11 67.86 -31.90
N GLN H 3686 3.11 68.04 -32.76
CA GLN H 3686 2.96 69.32 -33.45
C GLN H 3686 2.60 70.44 -32.49
N ASP H 3687 1.88 70.13 -31.41
CA ASP H 3687 1.56 71.15 -30.42
C ASP H 3687 2.82 71.66 -29.73
N TYR H 3688 3.74 70.75 -29.38
CA TYR H 3688 4.99 71.19 -28.76
C TYR H 3688 5.87 71.94 -29.74
N VAL H 3689 6.01 71.43 -30.96
CA VAL H 3689 6.81 72.07 -32.01
C VAL H 3689 5.99 72.03 -33.29
N THR H 3690 5.52 73.19 -33.75
CA THR H 3690 4.73 73.23 -34.98
C THR H 3690 5.59 72.91 -36.20
N ASP H 3691 6.85 73.34 -36.21
CA ASP H 3691 7.79 73.12 -37.31
C ASP H 3691 7.21 73.66 -38.61
N PRO H 3692 7.08 74.98 -38.76
CA PRO H 3692 6.52 75.51 -40.02
C PRO H 3692 7.47 75.37 -41.19
N ARG H 3693 8.77 75.61 -40.99
CA ARG H 3693 9.74 75.49 -42.05
C ARG H 3693 10.07 74.05 -42.39
N GLY H 3694 9.68 73.09 -41.54
CA GLY H 3694 9.95 71.68 -41.76
C GLY H 3694 10.99 71.10 -40.84
N LEU H 3695 11.77 71.93 -40.15
CA LEU H 3695 12.78 71.45 -39.21
C LEU H 3695 12.57 72.14 -37.85
N ILE H 3696 12.74 71.37 -36.79
CA ILE H 3696 12.61 71.87 -35.42
C ILE H 3696 13.89 71.51 -34.69
N SER H 3697 14.70 72.52 -34.37
CA SER H 3697 15.96 72.34 -33.67
C SER H 3697 15.80 72.77 -32.21
N LYS H 3698 16.16 71.86 -31.30
CA LYS H 3698 16.04 72.11 -29.86
C LYS H 3698 14.60 72.47 -29.49
N LYS H 3699 13.64 71.81 -30.12
CA LYS H 3699 12.22 72.06 -29.91
C LYS H 3699 11.54 70.76 -29.50
N ASP H 3700 10.32 70.92 -28.95
CA ASP H 3700 9.50 69.81 -28.49
C ASP H 3700 10.20 68.99 -27.41
N PHE H 3701 11.07 69.64 -26.64
CA PHE H 3701 11.74 68.94 -25.54
C PHE H 3701 10.78 68.57 -24.43
N GLN H 3702 9.82 69.44 -24.13
CA GLN H 3702 8.81 69.18 -23.11
C GLN H 3702 7.47 68.98 -23.81
N LYS H 3703 6.86 67.82 -23.60
CA LYS H 3703 5.58 67.50 -24.23
C LYS H 3703 4.64 66.82 -23.25
N UNK H 3704 15.02 61.93 -24.13
CA UNK H 3704 16.31 62.61 -24.23
C UNK H 3704 17.28 61.80 -25.09
N UNK H 3705 17.00 60.51 -25.24
CA UNK H 3705 17.85 59.63 -26.03
C UNK H 3705 17.68 59.91 -27.51
N UNK H 3706 16.49 60.34 -27.90
CA UNK H 3706 16.19 60.66 -29.30
C UNK H 3706 16.83 61.98 -29.69
N UNK H 3707 16.91 62.90 -28.73
CA UNK H 3707 17.51 64.21 -28.98
C UNK H 3707 19.02 64.09 -29.15
N UNK H 3708 19.62 63.17 -28.41
CA UNK H 3708 21.06 62.94 -28.49
C UNK H 3708 21.39 62.11 -29.74
N UNK H 3709 20.38 61.47 -30.30
CA UNK H 3709 20.55 60.66 -31.50
C UNK H 3709 20.51 61.52 -32.76
N GLU H 3710 16.67 68.14 -39.00
CA GLU H 3710 16.13 68.07 -37.65
C GLU H 3710 14.80 67.31 -37.63
N GLU H 3711 14.39 66.82 -38.79
CA GLU H 3711 13.15 66.07 -38.94
C GLU H 3711 13.44 64.74 -39.60
N PHE H 3712 12.91 63.66 -39.02
CA PHE H 3712 13.09 62.32 -39.55
C PHE H 3712 11.73 61.68 -39.79
N ALA H 3713 11.59 61.01 -40.92
CA ALA H 3713 10.32 60.36 -41.27
C ALA H 3713 10.00 59.25 -40.28
N ASN H 3714 10.99 58.42 -39.94
CA ASN H 3714 10.80 57.33 -39.00
C ASN H 3714 12.14 56.92 -38.43
N ARG H 3715 12.11 56.35 -37.22
CA ARG H 3715 13.32 55.88 -36.57
C ARG H 3715 13.55 54.39 -36.87
N PHE H 3716 13.68 54.10 -38.16
CA PHE H 3716 13.86 52.74 -38.66
C PHE H 3716 12.71 51.84 -38.20
N GLN H 3717 11.48 52.33 -38.39
CA GLN H 3717 10.30 51.57 -37.97
C GLN H 3717 10.00 50.42 -38.91
N GLU H 3718 10.39 50.52 -40.18
CA GLU H 3718 10.12 49.43 -41.13
C GLU H 3718 10.78 48.12 -40.72
N PRO H 3719 12.08 48.07 -40.36
CA PRO H 3719 12.62 46.83 -39.82
C PRO H 3719 12.21 46.54 -38.39
N ALA H 3720 11.83 47.57 -37.63
CA ALA H 3720 11.43 47.38 -36.24
C ALA H 3720 10.03 46.78 -36.11
N ARG H 3721 9.17 46.94 -37.12
CA ARG H 3721 7.82 46.40 -37.03
C ARG H 3721 7.81 44.88 -37.02
N ASP H 3722 8.61 44.24 -37.89
CA ASP H 3722 8.61 42.78 -37.96
C ASP H 3722 9.22 42.18 -36.70
N ILE H 3723 10.34 42.73 -36.23
CA ILE H 3723 10.99 42.19 -35.04
C ILE H 3723 10.11 42.41 -33.81
N GLY H 3724 9.31 43.47 -33.79
CA GLY H 3724 8.42 43.71 -32.68
C GLY H 3724 7.32 42.68 -32.55
N PHE H 3725 6.80 42.20 -33.68
CA PHE H 3725 5.72 41.21 -33.62
C PHE H 3725 6.27 39.83 -33.30
N ASN H 3726 7.45 39.49 -33.82
CA ASN H 3726 8.03 38.18 -33.55
C ASN H 3726 8.34 37.99 -32.07
N VAL H 3727 8.89 39.02 -31.42
CA VAL H 3727 9.09 38.92 -29.98
C VAL H 3727 7.75 38.99 -29.25
N ALA H 3728 6.78 39.73 -29.79
CA ALA H 3728 5.45 39.74 -29.20
C ALA H 3728 4.81 38.35 -29.27
N VAL H 3729 4.99 37.65 -30.39
CA VAL H 3729 4.57 36.26 -30.47
C VAL H 3729 5.35 35.41 -29.49
N LEU H 3730 6.66 35.67 -29.36
CA LEU H 3730 7.49 34.90 -28.44
C LEU H 3730 6.93 34.94 -27.02
N LEU H 3731 6.36 36.08 -26.62
CA LEU H 3731 5.81 36.18 -25.27
C LEU H 3731 4.50 35.40 -25.13
N THR H 3732 3.61 35.51 -26.13
CA THR H 3732 2.31 34.86 -26.00
C THR H 3732 2.41 33.34 -26.19
N ASN H 3733 3.47 32.87 -26.83
CA ASN H 3733 3.72 31.43 -26.84
C ASN H 3733 4.04 30.91 -25.45
N LEU H 3734 4.95 31.58 -24.75
CA LEU H 3734 5.38 31.10 -23.44
C LEU H 3734 4.30 31.33 -22.38
N SER H 3735 3.61 32.46 -22.43
CA SER H 3735 2.56 32.72 -21.45
C SER H 3735 1.43 31.72 -21.55
N GLU H 3736 1.03 31.36 -22.77
CA GLU H 3736 -0.09 30.45 -22.95
C GLU H 3736 0.29 28.99 -22.68
N HIS H 3737 1.52 28.60 -23.01
CA HIS H 3737 1.93 27.21 -22.79
C HIS H 3737 1.99 26.88 -21.30
N VAL H 3738 2.67 27.70 -20.51
CA VAL H 3738 2.74 27.53 -19.07
C VAL H 3738 1.92 28.66 -18.43
N PRO H 3739 0.77 28.36 -17.82
CA PRO H 3739 -0.05 29.41 -17.24
C PRO H 3739 0.19 29.60 -15.74
N HIS H 3740 0.96 28.71 -15.14
CA HIS H 3740 1.17 28.68 -13.70
C HIS H 3740 2.58 29.13 -13.32
N ASP H 3741 3.11 30.11 -14.03
CA ASP H 3741 4.44 30.65 -13.76
C ASP H 3741 4.33 32.12 -13.36
N PRO H 3742 4.54 32.46 -12.08
CA PRO H 3742 4.45 33.88 -11.69
C PRO H 3742 5.48 34.77 -12.35
N ARG H 3743 6.58 34.21 -12.85
CA ARG H 3743 7.59 35.03 -13.51
C ARG H 3743 7.08 35.64 -14.81
N LEU H 3744 6.18 34.94 -15.51
CA LEU H 3744 5.64 35.47 -16.75
C LEU H 3744 4.74 36.68 -16.51
N ARG H 3745 4.06 36.71 -15.37
CA ARG H 3745 3.21 37.86 -15.06
C ARG H 3745 4.02 39.15 -14.95
N ASN H 3746 5.19 39.08 -14.30
CA ASN H 3746 6.06 40.25 -14.24
C ASN H 3746 6.59 40.62 -15.62
N PHE H 3747 7.01 39.62 -16.39
CA PHE H 3747 7.56 39.88 -17.73
C PHE H 3747 6.49 40.44 -18.65
N LEU H 3748 5.26 39.93 -18.56
CA LEU H 3748 4.17 40.47 -19.36
C LEU H 3748 3.86 41.91 -18.97
N GLU H 3749 4.05 42.26 -17.69
CA GLU H 3749 3.83 43.63 -17.25
C GLU H 3749 4.83 44.58 -17.90
N LEU H 3750 6.10 44.17 -18.00
CA LEU H 3750 7.10 45.01 -18.62
C LEU H 3750 6.86 45.15 -20.12
N ALA H 3751 6.29 44.13 -20.76
CA ALA H 3751 6.00 44.15 -22.18
C ALA H 3751 4.53 44.44 -22.47
N GLU H 3752 3.80 44.95 -21.48
CA GLU H 3752 2.38 45.25 -21.67
C GLU H 3752 2.14 46.35 -22.68
N SER H 3753 3.13 47.21 -22.96
CA SER H 3753 2.95 48.27 -23.94
C SER H 3753 2.80 47.72 -25.35
N ILE H 3754 3.69 46.82 -25.76
CA ILE H 3754 3.61 46.25 -27.10
C ILE H 3754 2.42 45.29 -27.22
N LEU H 3755 2.13 44.52 -26.17
CA LEU H 3755 1.04 43.55 -26.25
C LEU H 3755 -0.29 44.21 -26.54
N GLU H 3756 -0.47 45.46 -26.11
CA GLU H 3756 -1.69 46.19 -26.45
C GLU H 3756 -1.67 46.67 -27.89
N TYR H 3757 -0.50 47.04 -28.41
CA TYR H 3757 -0.42 47.58 -29.76
C TYR H 3757 -0.55 46.48 -30.82
N PHE H 3758 0.16 45.36 -30.63
CA PHE H 3758 0.12 44.26 -31.58
C PHE H 3758 -1.06 43.31 -31.35
N ARG H 3759 -1.95 43.64 -30.41
CA ARG H 3759 -3.08 42.75 -30.15
C ARG H 3759 -3.99 42.56 -31.37
N PRO H 3760 -4.45 43.61 -32.06
CA PRO H 3760 -5.32 43.37 -33.22
C PRO H 3760 -4.61 42.70 -34.38
N TYR H 3761 -3.30 42.89 -34.53
CA TYR H 3761 -2.57 42.32 -35.65
C TYR H 3761 -2.30 40.83 -35.47
N LEU H 3762 -2.40 40.32 -34.24
CA LEU H 3762 -2.10 38.91 -33.97
C LEU H 3762 -3.29 38.04 -34.35
N GLY H 3763 -3.00 36.86 -34.89
CA GLY H 3763 -4.03 35.89 -35.24
C GLY H 3763 -3.91 34.61 -34.43
N ARG H 3764 -5.02 33.88 -34.30
CA ARG H 3764 -5.04 32.69 -33.44
C ARG H 3764 -6.03 31.68 -33.99
N ILE H 3765 -5.54 30.50 -34.35
CA ILE H 3765 -6.36 29.37 -34.74
C ILE H 3765 -5.77 28.11 -34.11
N GLU H 3766 -6.47 26.98 -34.27
CA GLU H 3766 -5.96 25.69 -33.85
C GLU H 3766 -5.97 24.74 -35.05
N ILE H 3767 -4.88 24.01 -35.23
CA ILE H 3767 -4.79 22.91 -36.19
C ILE H 3767 -4.33 21.67 -35.44
N MET H 3768 -5.06 20.57 -35.62
CA MET H 3768 -4.83 19.35 -34.86
C MET H 3768 -4.16 18.25 -35.66
N GLY H 3769 -4.38 18.19 -36.98
CA GLY H 3769 -3.90 17.08 -37.79
C GLY H 3769 -2.39 17.02 -37.96
N ALA H 3770 -1.65 18.03 -37.49
CA ALA H 3770 -0.20 18.03 -37.65
C ALA H 3770 0.44 16.84 -36.96
N SER H 3771 0.00 16.55 -35.73
CA SER H 3771 0.54 15.43 -34.95
C SER H 3771 -0.59 14.66 -34.25
N ARG H 3772 -1.79 14.66 -34.82
CA ARG H 3772 -2.96 14.05 -34.22
C ARG H 3772 -3.19 14.60 -32.81
N ARG H 3773 -2.96 15.90 -32.64
CA ARG H 3773 -2.82 16.49 -31.32
C ARG H 3773 -3.20 17.97 -31.42
N ILE H 3774 -3.96 18.44 -30.42
CA ILE H 3774 -4.39 19.83 -30.42
C ILE H 3774 -3.17 20.73 -30.28
N GLU H 3775 -3.08 21.76 -31.13
CA GLU H 3775 -1.91 22.61 -31.18
C GLU H 3775 -2.31 24.00 -31.64
N ARG H 3776 -1.50 24.99 -31.26
CA ARG H 3776 -1.75 26.40 -31.57
C ARG H 3776 -0.90 26.84 -32.75
N ILE H 3777 -1.47 27.73 -33.57
CA ILE H 3777 -0.77 28.31 -34.71
C ILE H 3777 -1.04 29.81 -34.74
N TYR H 3778 0.02 30.59 -34.94
CA TYR H 3778 -0.06 32.04 -35.00
C TYR H 3778 0.43 32.53 -36.37
N PHE H 3779 -0.01 33.73 -36.74
CA PHE H 3779 0.25 34.23 -38.08
C PHE H 3779 0.10 35.74 -38.11
N GLU H 3780 0.56 36.34 -39.20
CA GLU H 3780 0.42 37.77 -39.47
C GLU H 3780 -1.01 38.07 -39.90
N ILE H 3781 -1.56 39.18 -39.43
CA ILE H 3781 -2.73 39.80 -40.01
C ILE H 3781 -2.36 41.22 -40.41
N SER H 3782 -2.16 41.44 -41.70
CA SER H 3782 -1.69 42.74 -42.17
C SER H 3782 -2.79 43.78 -42.04
N GLU H 3783 -2.37 45.05 -41.93
CA GLU H 3783 -3.33 46.13 -41.72
C GLU H 3783 -4.15 46.41 -42.97
N THR H 3784 -3.54 46.29 -44.15
CA THR H 3784 -4.24 46.64 -45.38
C THR H 3784 -5.39 45.70 -45.68
N ASN H 3785 -5.28 44.43 -45.28
CA ASN H 3785 -6.38 43.49 -45.48
C ASN H 3785 -7.37 43.47 -44.31
N ARG H 3786 -6.87 43.70 -43.08
CA ARG H 3786 -7.78 43.81 -41.94
C ARG H 3786 -8.69 45.02 -42.08
N ALA H 3787 -8.15 46.15 -42.55
CA ALA H 3787 -8.99 47.30 -42.87
C ALA H 3787 -9.94 46.98 -44.01
N GLN H 3788 -9.46 46.25 -45.02
CA GLN H 3788 -10.32 45.81 -46.10
C GLN H 3788 -11.33 44.78 -45.62
N TRP H 3789 -11.00 44.03 -44.56
CA TRP H 3789 -11.95 43.08 -43.99
C TRP H 3789 -13.18 43.81 -43.44
N GLU H 3790 -12.97 44.96 -42.79
CA GLU H 3790 -14.08 45.75 -42.26
C GLU H 3790 -14.73 46.53 -43.41
N MET H 3791 -15.63 45.84 -44.10
CA MET H 3791 -16.37 46.38 -45.23
C MET H 3791 -17.74 45.72 -45.26
N PRO H 3792 -18.79 46.49 -45.55
CA PRO H 3792 -20.14 45.89 -45.57
C PRO H 3792 -20.29 44.73 -46.54
N GLN H 3793 -19.56 44.76 -47.66
CA GLN H 3793 -19.63 43.64 -48.60
C GLN H 3793 -19.09 42.35 -47.98
N VAL H 3794 -17.98 42.44 -47.24
CA VAL H 3794 -17.42 41.26 -46.60
C VAL H 3794 -18.31 40.79 -45.47
N LYS H 3795 -18.83 41.72 -44.67
CA LYS H 3795 -19.73 41.34 -43.59
C LYS H 3795 -21.01 40.70 -44.11
N GLU H 3796 -21.49 41.14 -45.27
CA GLU H 3796 -22.65 40.50 -45.89
C GLU H 3796 -22.35 39.07 -46.30
N SER H 3797 -21.14 38.83 -46.81
CA SER H 3797 -20.76 37.48 -47.22
C SER H 3797 -20.73 36.53 -46.03
N LYS H 3798 -20.18 36.98 -44.90
CA LYS H 3798 -20.11 36.15 -43.71
C LYS H 3798 -21.47 35.94 -43.05
N ARG H 3799 -22.35 36.95 -43.10
CA ARG H 3799 -23.66 36.84 -42.46
C ARG H 3799 -24.57 35.87 -43.21
N GLN H 3800 -24.61 35.98 -44.54
CA GLN H 3800 -25.47 35.11 -45.32
C GLN H 3800 -24.94 33.68 -45.40
N PHE H 3801 -23.62 33.50 -45.29
CA PHE H 3801 -23.05 32.15 -45.37
C PHE H 3801 -23.53 31.26 -44.25
N ILE H 3802 -23.86 31.83 -43.08
CA ILE H 3802 -24.34 31.03 -41.97
C ILE H 3802 -25.69 30.42 -42.30
N PHE H 3803 -26.56 31.18 -42.97
CA PHE H 3803 -27.87 30.65 -43.36
C PHE H 3803 -27.74 29.54 -44.39
N ASP H 3804 -26.75 29.62 -45.28
CA ASP H 3804 -26.55 28.58 -46.28
C ASP H 3804 -26.08 27.27 -45.67
N VAL H 3805 -25.58 27.29 -44.44
CA VAL H 3805 -25.11 26.08 -43.79
C VAL H 3805 -26.20 25.43 -42.92
N VAL H 3806 -27.11 26.24 -42.39
CA VAL H 3806 -28.19 25.70 -41.55
C VAL H 3806 -29.03 24.71 -42.33
N ASN H 3807 -29.36 25.04 -43.59
CA ASN H 3807 -30.10 24.12 -44.42
C ASN H 3807 -29.27 22.89 -44.76
N GLU H 3808 -27.96 23.03 -44.84
CA GLU H 3808 -27.09 21.89 -45.11
C GLU H 3808 -27.03 20.96 -43.90
N GLY H 3809 -27.16 19.66 -44.17
CA GLY H 3809 -27.18 18.68 -43.10
C GLY H 3809 -25.94 17.82 -43.01
N GLY H 3810 -24.86 18.26 -43.66
CA GLY H 3810 -23.63 17.48 -43.66
C GLY H 3810 -22.46 18.16 -43.01
N GLU H 3811 -21.80 17.47 -42.08
CA GLU H 3811 -20.60 18.03 -41.46
C GLU H 3811 -19.45 18.08 -42.45
N SER H 3812 -19.29 17.05 -43.28
CA SER H 3812 -18.22 17.03 -44.27
C SER H 3812 -18.39 18.13 -45.30
N GLU H 3813 -19.61 18.35 -45.80
CA GLU H 3813 -19.83 19.42 -46.76
C GLU H 3813 -19.67 20.79 -46.11
N LYS H 3814 -20.05 20.91 -44.83
CA LYS H 3814 -19.92 22.19 -44.14
C LYS H 3814 -18.47 22.66 -44.13
N MET H 3815 -17.53 21.73 -43.95
CA MET H 3815 -16.12 22.08 -44.10
C MET H 3815 -15.81 22.51 -45.53
N GLU H 3816 -16.37 21.81 -46.51
CA GLU H 3816 -16.12 22.17 -47.91
C GLU H 3816 -16.67 23.55 -48.24
N LEU H 3817 -17.89 23.86 -47.79
CA LEU H 3817 -18.43 25.20 -48.01
C LEU H 3817 -17.66 26.26 -47.24
N PHE H 3818 -17.20 25.96 -46.03
CA PHE H 3818 -16.42 26.94 -45.27
C PHE H 3818 -15.11 27.25 -45.98
N VAL H 3819 -14.41 26.23 -46.44
CA VAL H 3819 -13.14 26.44 -47.16
C VAL H 3819 -13.39 27.17 -48.46
N SER H 3820 -14.41 26.77 -49.21
CA SER H 3820 -14.71 27.43 -50.48
C SER H 3820 -15.13 28.89 -50.27
N PHE H 3821 -15.74 29.20 -49.13
CA PHE H 3821 -16.16 30.57 -48.87
C PHE H 3821 -14.97 31.49 -48.63
N CYS H 3822 -13.97 31.02 -47.87
CA CYS H 3822 -12.81 31.85 -47.56
C CYS H 3822 -11.99 32.15 -48.81
N GLU H 3823 -11.72 31.13 -49.63
CA GLU H 3823 -10.92 31.33 -50.84
C GLU H 3823 -11.63 32.23 -51.84
N ASP H 3824 -12.96 32.23 -51.85
CA ASP H 3824 -13.70 33.15 -52.71
C ASP H 3824 -13.61 34.60 -52.23
N THR H 3825 -13.52 34.80 -50.91
CA THR H 3825 -13.40 36.16 -50.39
C THR H 3825 -12.02 36.75 -50.67
N ILE H 3826 -10.99 35.90 -50.75
CA ILE H 3826 -9.65 36.39 -51.07
C ILE H 3826 -9.61 36.96 -52.48
N PHE H 3827 -10.32 36.34 -53.42
CA PHE H 3827 -10.39 36.86 -54.78
C PHE H 3827 -11.08 38.21 -54.83
N GLU H 3828 -11.95 38.51 -53.85
CA GLU H 3828 -12.60 39.81 -53.78
C GLU H 3828 -11.63 40.90 -53.34
N MET H 3829 -10.59 40.54 -52.58
CA MET H 3829 -9.64 41.55 -52.11
C MET H 3829 -8.83 42.16 -53.25
N GLN H 3830 -8.48 41.35 -54.26
CA GLN H 3830 -7.61 41.84 -55.32
C GLN H 3830 -8.33 42.78 -56.28
N ILE H 3831 -9.64 42.63 -56.46
CA ILE H 3831 -10.35 43.50 -57.39
C ILE H 3831 -10.61 44.88 -56.78
N ALA H 3832 -10.76 44.95 -55.45
CA ALA H 3832 -10.99 46.23 -54.81
C ALA H 3832 -9.68 46.94 -54.50
N ALA H 3833 -8.59 46.21 -54.27
CA ALA H 3833 -7.30 46.83 -54.00
C ALA H 3833 -6.68 47.42 -55.25
N GLN H 3834 -7.06 46.95 -56.43
CA GLN H 3834 -6.52 47.47 -57.68
C GLN H 3834 -7.32 48.65 -58.18
N GLU H 4132 -8.75 56.32 -72.88
CA GLU H 4132 -7.57 55.47 -73.03
C GLU H 4132 -6.43 55.97 -72.16
N VAL H 4133 -6.11 57.25 -72.28
CA VAL H 4133 -5.03 57.85 -71.49
C VAL H 4133 -5.40 57.84 -70.01
N GLN H 4134 -6.64 58.25 -69.69
CA GLN H 4134 -7.12 58.29 -68.32
C GLN H 4134 -8.26 57.31 -68.09
N ARG H 4135 -8.32 56.24 -68.89
CA ARG H 4135 -9.38 55.26 -68.75
C ARG H 4135 -9.26 54.47 -67.44
N VAL H 4136 -8.04 54.17 -67.01
CA VAL H 4136 -7.86 53.36 -65.81
C VAL H 4136 -8.38 54.09 -64.58
N LYS H 4137 -8.26 55.42 -64.54
CA LYS H 4137 -8.82 56.18 -63.42
C LYS H 4137 -10.34 56.22 -63.47
N PHE H 4138 -10.92 56.32 -64.65
CA PHE H 4138 -12.38 56.38 -64.78
C PHE H 4138 -13.03 55.04 -64.41
N LEU H 4139 -12.45 53.93 -64.87
CA LEU H 4139 -13.00 52.61 -64.56
C LEU H 4139 -12.92 52.32 -63.07
N ASN H 4140 -11.82 52.68 -62.42
CA ASN H 4140 -11.72 52.48 -60.97
C ASN H 4140 -12.74 53.35 -60.24
N TYR H 4141 -12.96 54.58 -60.70
CA TYR H 4141 -13.99 55.43 -60.11
C TYR H 4141 -15.37 54.84 -60.29
N LEU H 4142 -15.63 54.22 -61.44
CA LEU H 4142 -16.96 53.65 -61.69
C LEU H 4142 -17.22 52.41 -60.86
N SER H 4143 -16.18 51.62 -60.58
CA SER H 4143 -16.35 50.37 -59.84
C SER H 4143 -16.79 50.61 -58.40
N ARG H 4144 -16.18 51.59 -57.72
CA ARG H 4144 -16.49 51.82 -56.32
C ARG H 4144 -17.89 52.37 -56.12
N ASN H 4145 -18.41 53.16 -57.07
CA ASN H 4145 -19.70 53.80 -56.95
C ASN H 4145 -20.80 53.03 -57.70
N PHE H 4146 -20.64 51.71 -57.84
CA PHE H 4146 -21.69 50.92 -58.49
C PHE H 4146 -22.97 50.91 -57.68
N TYR H 4147 -22.86 50.94 -56.34
CA TYR H 4147 -24.06 50.94 -55.50
C TYR H 4147 -24.81 52.25 -55.58
N THR H 4148 -24.08 53.38 -55.53
CA THR H 4148 -24.73 54.68 -55.64
C THR H 4148 -25.24 54.92 -57.06
N LEU H 4149 -24.54 54.38 -58.07
CA LEU H 4149 -25.00 54.53 -59.44
C LEU H 4149 -26.36 53.84 -59.65
N ARG H 4150 -26.53 52.65 -59.08
CA ARG H 4150 -27.81 51.97 -59.15
C ARG H 4150 -28.90 52.75 -58.41
N PHE H 4151 -28.55 53.36 -57.27
CA PHE H 4151 -29.50 54.18 -56.54
C PHE H 4151 -29.90 55.42 -57.34
N LEU H 4152 -28.95 56.00 -58.09
CA LEU H 4152 -29.28 57.15 -58.92
C LEU H 4152 -30.20 56.77 -60.07
N ALA H 4153 -30.05 55.56 -60.62
CA ALA H 4153 -30.88 55.13 -61.74
C ALA H 4153 -32.35 55.04 -61.32
N LEU H 4154 -32.62 54.48 -60.14
CA LEU H 4154 -34.01 54.36 -59.69
C LEU H 4154 -34.60 55.71 -59.29
N PHE H 4155 -33.80 56.59 -58.71
CA PHE H 4155 -34.31 57.89 -58.27
C PHE H 4155 -34.76 58.73 -59.46
N LEU H 4156 -34.00 58.68 -60.56
CA LEU H 4156 -34.40 59.39 -61.77
C LEU H 4156 -35.71 58.85 -62.33
N ALA H 4157 -35.92 57.54 -62.21
CA ALA H 4157 -37.15 56.93 -62.74
C ALA H 4157 -38.38 57.49 -62.03
N PHE H 4158 -38.31 57.65 -60.71
CA PHE H 4158 -39.43 58.22 -59.96
C PHE H 4158 -39.78 59.62 -60.46
N ALA H 4159 -38.76 60.43 -60.78
CA ALA H 4159 -39.02 61.71 -61.40
C ALA H 4159 -39.65 61.55 -62.79
N ILE H 4160 -39.17 60.57 -63.56
CA ILE H 4160 -39.71 60.35 -64.90
C ILE H 4160 -41.16 59.92 -64.84
N ASN H 4161 -41.47 58.95 -63.97
CA ASN H 4161 -42.86 58.53 -63.81
C ASN H 4161 -43.72 59.65 -63.24
N PHE H 4162 -43.13 60.54 -62.45
CA PHE H 4162 -43.87 61.69 -61.95
C PHE H 4162 -44.23 62.64 -63.08
N ILE H 4163 -43.33 62.80 -64.06
CA ILE H 4163 -43.67 63.57 -65.26
C ILE H 4163 -44.75 62.86 -66.06
N LEU H 4164 -44.69 61.52 -66.12
CA LEU H 4164 -45.74 60.75 -66.77
C LEU H 4164 -47.05 60.81 -66.00
N LEU H 4165 -47.03 61.29 -64.75
CA LEU H 4165 -48.27 61.48 -64.00
C LEU H 4165 -49.07 62.67 -64.48
N PHE H 4166 -48.41 63.77 -64.85
CA PHE H 4166 -49.11 64.94 -65.35
C PHE H 4166 -49.51 64.80 -66.81
N TYR H 4167 -49.50 63.57 -67.33
CA TYR H 4167 -49.79 63.30 -68.73
C TYR H 4167 -51.28 63.51 -69.02
N LYS H 4168 -51.60 63.68 -70.30
CA LYS H 4168 -52.97 63.83 -70.75
C LYS H 4168 -53.04 63.47 -72.23
N VAL H 4169 -54.26 63.36 -72.75
CA VAL H 4169 -54.47 63.04 -74.16
C VAL H 4169 -55.56 63.96 -74.70
N SER H 4170 -55.50 64.22 -76.00
CA SER H 4170 -56.51 65.01 -76.69
C SER H 4170 -56.85 64.34 -78.01
N ASP H 4171 -58.11 64.48 -78.42
CA ASP H 4171 -58.56 63.86 -79.67
C ASP H 4171 -58.02 64.62 -80.88
N SER H 4172 -57.89 65.95 -80.77
CA SER H 4172 -57.42 66.76 -81.88
C SER H 4172 -56.09 67.42 -81.54
N PRO H 4173 -55.16 67.48 -82.49
CA PRO H 4173 -53.88 68.14 -82.23
C PRO H 4173 -54.06 69.63 -82.01
N PRO H 4174 -53.21 70.24 -81.17
CA PRO H 4174 -53.27 71.68 -80.87
C PRO H 4174 -51.95 72.22 -80.36
N VAL H 4215 -57.05 59.34 -85.71
CA VAL H 4215 -56.36 58.90 -84.50
C VAL H 4215 -56.46 59.98 -83.42
N TYR H 4216 -55.53 59.95 -82.47
CA TYR H 4216 -55.50 60.90 -81.37
C TYR H 4216 -54.10 61.50 -81.25
N TYR H 4217 -54.04 62.72 -80.72
CA TYR H 4217 -52.79 63.45 -80.54
C TYR H 4217 -52.38 63.38 -79.08
N PHE H 4218 -51.12 63.04 -78.83
CA PHE H 4218 -50.59 62.88 -77.49
C PHE H 4218 -49.82 64.13 -77.07
N LEU H 4219 -50.07 64.59 -75.85
CA LEU H 4219 -49.49 65.83 -75.35
C LEU H 4219 -49.21 65.70 -73.86
N GLU H 4220 -48.38 66.61 -73.35
CA GLU H 4220 -47.93 66.61 -71.97
C GLU H 4220 -48.72 67.64 -71.17
N GLU H 4221 -48.29 67.87 -69.93
CA GLU H 4221 -49.00 68.77 -69.03
C GLU H 4221 -48.96 70.21 -69.56
N SER H 4222 -49.92 71.01 -69.08
CA SER H 4222 -50.01 72.40 -69.51
C SER H 4222 -48.87 73.26 -68.97
N THR H 4223 -48.21 72.82 -67.91
CA THR H 4223 -47.10 73.58 -67.35
C THR H 4223 -45.93 73.59 -68.33
N GLY H 4224 -45.29 74.75 -68.47
CA GLY H 4224 -44.20 74.89 -69.41
C GLY H 4224 -42.91 74.23 -68.96
N TYR H 4225 -42.76 73.96 -67.67
CA TYR H 4225 -41.55 73.33 -67.16
C TYR H 4225 -41.50 71.84 -67.43
N MET H 4226 -42.65 71.21 -67.72
CA MET H 4226 -42.67 69.77 -67.92
C MET H 4226 -42.07 69.37 -69.26
N GLU H 4227 -42.21 70.22 -70.29
CA GLU H 4227 -41.71 69.85 -71.62
C GLU H 4227 -40.19 69.67 -71.63
N PRO H 4228 -39.37 70.59 -71.13
CA PRO H 4228 -37.92 70.36 -71.16
C PRO H 4228 -37.39 69.50 -70.03
N ALA H 4229 -38.18 69.29 -68.96
CA ALA H 4229 -37.71 68.48 -67.86
C ALA H 4229 -37.52 67.02 -68.27
N LEU H 4230 -38.43 66.49 -69.08
CA LEU H 4230 -38.33 65.10 -69.50
C LEU H 4230 -37.15 64.85 -70.42
N ARG H 4231 -36.70 65.86 -71.17
CA ARG H 4231 -35.58 65.66 -72.08
C ARG H 4231 -34.27 65.43 -71.32
N CYS H 4232 -34.01 66.26 -70.32
CA CYS H 4232 -32.75 66.13 -69.59
C CYS H 4232 -32.77 64.91 -68.66
N LEU H 4233 -33.89 64.67 -67.99
CA LEU H 4233 -33.97 63.53 -67.08
C LEU H 4233 -33.84 62.21 -67.82
N SER H 4234 -34.49 62.08 -68.97
CA SER H 4234 -34.38 60.84 -69.74
C SER H 4234 -33.00 60.70 -70.37
N LEU H 4235 -32.38 61.81 -70.77
CA LEU H 4235 -31.03 61.76 -71.32
C LEU H 4235 -30.04 61.25 -70.27
N LEU H 4236 -30.15 61.75 -69.04
CA LEU H 4236 -29.28 61.29 -67.97
C LEU H 4236 -29.57 59.84 -67.61
N HIS H 4237 -30.84 59.43 -67.65
CA HIS H 4237 -31.21 58.06 -67.30
C HIS H 4237 -30.62 57.08 -68.30
N THR H 4238 -30.64 57.42 -69.59
CA THR H 4238 -30.04 56.54 -70.59
C THR H 4238 -28.54 56.43 -70.39
N LEU H 4239 -27.87 57.55 -70.09
CA LEU H 4239 -26.42 57.52 -69.91
C LEU H 4239 -26.02 56.76 -68.65
N VAL H 4240 -26.74 56.95 -67.55
CA VAL H 4240 -26.39 56.27 -66.31
C VAL H 4240 -26.61 54.76 -66.45
N ALA H 4241 -27.56 54.36 -67.30
CA ALA H 4241 -27.76 52.94 -67.58
C ALA H 4241 -26.58 52.34 -68.33
N PHE H 4242 -25.80 53.16 -69.05
CA PHE H 4242 -24.61 52.68 -69.72
C PHE H 4242 -23.45 52.48 -68.74
N LEU H 4243 -23.34 53.34 -67.72
CA LEU H 4243 -22.24 53.24 -66.79
C LEU H 4243 -22.40 52.06 -65.83
N CYS H 4244 -23.64 51.69 -65.50
CA CYS H 4244 -23.86 50.56 -64.59
C CYS H 4244 -23.41 49.26 -65.24
N ILE H 4245 -23.69 49.08 -66.53
CA ILE H 4245 -23.22 47.88 -67.23
C ILE H 4245 -21.69 47.86 -67.28
N ILE H 4246 -21.07 49.00 -67.58
CA ILE H 4246 -19.61 49.08 -67.58
C ILE H 4246 -19.07 48.81 -66.18
N GLY H 4247 -19.71 49.39 -65.16
CA GLY H 4247 -19.32 49.07 -63.80
C GLY H 4247 -19.53 47.60 -63.46
N TYR H 4248 -20.63 47.02 -63.94
CA TYR H 4248 -20.84 45.58 -63.80
C TYR H 4248 -19.83 44.78 -64.60
N ASN H 4249 -19.27 45.34 -65.67
CA ASN H 4249 -18.30 44.63 -66.50
C ASN H 4249 -16.95 44.47 -65.81
N CYS H 4250 -16.67 45.26 -64.78
CA CYS H 4250 -15.38 45.20 -64.11
C CYS H 4250 -15.44 44.74 -62.66
N LEU H 4251 -16.63 44.66 -62.07
CA LEU H 4251 -16.77 44.28 -60.66
C LEU H 4251 -17.30 42.86 -60.49
N LYS H 4252 -18.45 42.55 -61.08
CA LYS H 4252 -19.06 41.23 -60.92
C LYS H 4252 -18.60 40.22 -61.95
N VAL H 4253 -18.07 40.67 -63.09
CA VAL H 4253 -17.54 39.73 -64.09
C VAL H 4253 -16.43 38.86 -63.53
N PRO H 4254 -15.39 39.40 -62.87
CA PRO H 4254 -14.34 38.51 -62.33
C PRO H 4254 -14.88 37.51 -61.32
N LEU H 4255 -15.88 37.87 -60.53
CA LEU H 4255 -16.42 36.94 -59.55
C LEU H 4255 -17.20 35.80 -60.19
N VAL H 4256 -18.02 36.11 -61.20
CA VAL H 4256 -18.84 35.07 -61.81
C VAL H 4256 -17.99 34.08 -62.62
N ILE H 4257 -16.92 34.55 -63.25
CA ILE H 4257 -16.07 33.63 -64.02
C ILE H 4257 -15.23 32.78 -63.08
N PHE H 4258 -14.87 33.32 -61.91
CA PHE H 4258 -14.12 32.54 -60.92
C PHE H 4258 -14.95 31.39 -60.38
N LYS H 4259 -16.28 31.51 -60.40
CA LYS H 4259 -17.14 30.44 -59.91
C LYS H 4259 -17.11 29.21 -60.82
N ARG H 4260 -16.64 29.36 -62.06
CA ARG H 4260 -16.53 28.24 -62.98
C ARG H 4260 -15.12 27.96 -63.45
N GLU H 4261 -14.26 28.98 -63.55
CA GLU H 4261 -12.87 28.74 -63.95
C GLU H 4261 -12.14 27.91 -62.91
N LYS H 4262 -12.33 28.24 -61.62
CA LYS H 4262 -11.68 27.48 -60.56
C LYS H 4262 -12.41 26.18 -60.25
N GLU H 4263 -13.67 26.04 -60.69
CA GLU H 4263 -14.42 24.82 -60.41
C GLU H 4263 -13.90 23.64 -61.25
N LEU H 4264 -13.47 23.90 -62.48
CA LEU H 4264 -12.95 22.83 -63.33
C LEU H 4264 -11.65 22.25 -62.78
N ALA H 4265 -10.86 23.07 -62.07
CA ALA H 4265 -9.62 22.56 -61.48
C ALA H 4265 -9.91 21.52 -60.41
N ARG H 4266 -11.01 21.65 -59.68
CA ARG H 4266 -11.39 20.69 -58.66
C ARG H 4266 -12.13 19.48 -59.23
N LYS H 4267 -12.41 19.47 -60.53
CA LYS H 4267 -13.09 18.36 -61.18
C LYS H 4267 -12.15 17.44 -61.94
N LEU H 4268 -11.20 18.00 -62.69
CA LEU H 4268 -10.24 17.19 -63.43
C LEU H 4268 -9.23 16.51 -62.52
N GLU H 4269 -8.93 17.08 -61.36
CA GLU H 4269 -7.92 16.53 -60.47
C GLU H 4269 -8.47 15.46 -59.53
N PHE H 4270 -9.74 15.57 -59.15
CA PHE H 4270 -10.34 14.62 -58.20
C PHE H 4270 -11.42 13.75 -58.82
N ASP H 4271 -12.28 14.29 -59.68
CA ASP H 4271 -13.35 13.54 -60.31
C ASP H 4271 -12.96 12.98 -61.67
N GLY H 4272 -12.21 13.72 -62.46
CA GLY H 4272 -11.81 13.27 -63.79
C GLY H 4272 -12.99 13.09 -64.73
N LEU H 4273 -13.88 14.07 -64.75
CA LEU H 4273 -15.10 14.00 -65.57
C LEU H 4273 -14.83 14.24 -67.06
N TYR H 4274 -13.58 14.52 -67.45
CA TYR H 4274 -13.24 14.71 -68.85
C TYR H 4274 -12.25 13.68 -69.36
N ILE H 4275 -11.14 13.48 -68.66
CA ILE H 4275 -10.09 12.57 -69.11
C ILE H 4275 -10.41 11.15 -68.66
N THR H 4276 -10.51 10.94 -67.35
CA THR H 4276 -10.77 9.60 -66.82
C THR H 4276 -12.16 9.10 -67.18
N GLU H 4277 -13.15 9.98 -67.20
CA GLU H 4277 -14.53 9.62 -67.45
C GLU H 4277 -15.08 10.48 -68.58
N GLN H 4278 -15.86 9.87 -69.47
CA GLN H 4278 -16.43 10.60 -70.59
C GLN H 4278 -17.51 11.55 -70.09
N PRO H 4279 -17.52 12.81 -70.54
CA PRO H 4279 -18.54 13.75 -70.06
C PRO H 4279 -19.95 13.27 -70.35
N GLU H 4280 -20.84 13.46 -69.38
CA GLU H 4280 -22.20 12.96 -69.50
C GLU H 4280 -23.03 13.80 -70.46
N ASP H 4281 -22.72 15.09 -70.58
CA ASP H 4281 -23.44 16.04 -71.42
C ASP H 4281 -24.90 16.16 -70.97
N ASP H 4282 -25.17 15.83 -69.70
CA ASP H 4282 -26.52 16.00 -69.17
C ASP H 4282 -26.82 17.47 -68.89
N ASP H 4283 -25.86 18.19 -68.34
CA ASP H 4283 -26.03 19.61 -68.06
C ASP H 4283 -25.45 20.45 -69.20
N VAL H 4284 -26.11 21.58 -69.48
CA VAL H 4284 -25.64 22.45 -70.55
C VAL H 4284 -24.29 23.06 -70.21
N LYS H 4285 -24.06 23.36 -68.92
CA LYS H 4285 -22.79 23.96 -68.52
C LYS H 4285 -21.61 23.01 -68.73
N GLY H 4286 -21.83 21.71 -68.60
CA GLY H 4286 -20.75 20.76 -68.80
C GLY H 4286 -20.22 20.76 -70.22
N GLN H 4287 -21.12 20.88 -71.20
CA GLN H 4287 -20.70 20.90 -72.60
C GLN H 4287 -19.95 22.19 -72.94
N TRP H 4288 -20.37 23.31 -72.34
CA TRP H 4288 -19.72 24.58 -72.63
C TRP H 4288 -18.30 24.65 -72.08
N ASP H 4289 -17.96 23.75 -71.15
CA ASP H 4289 -16.66 23.79 -70.50
C ASP H 4289 -15.59 23.01 -71.24
N ARG H 4290 -15.94 22.32 -72.35
CA ARG H 4290 -14.96 21.52 -73.06
C ARG H 4290 -14.01 22.39 -73.88
N LEU H 4291 -14.49 23.56 -74.33
CA LEU H 4291 -13.71 24.38 -75.25
C LEU H 4291 -12.60 25.16 -74.55
N VAL H 4292 -12.65 25.29 -73.23
CA VAL H 4292 -11.62 26.04 -72.50
C VAL H 4292 -10.38 25.19 -72.20
N LEU H 4293 -10.49 23.87 -72.33
CA LEU H 4293 -9.36 23.00 -71.98
C LEU H 4293 -8.16 23.26 -72.90
N ASN H 4294 -8.40 23.42 -74.19
CA ASN H 4294 -7.30 23.58 -75.14
C ASN H 4294 -6.59 24.92 -75.00
N THR H 4295 -7.26 25.93 -74.45
CA THR H 4295 -6.66 27.26 -74.33
C THR H 4295 -5.59 27.25 -73.24
N PRO H 4296 -4.38 27.72 -73.52
CA PRO H 4296 -3.34 27.78 -72.48
C PRO H 4296 -3.67 28.73 -71.34
N SER H 4297 -4.59 29.66 -71.52
CA SER H 4297 -4.95 30.63 -70.49
C SER H 4297 -6.07 30.14 -69.59
N PHE H 4298 -6.26 28.81 -69.50
CA PHE H 4298 -7.28 28.28 -68.60
C PHE H 4298 -6.99 28.59 -67.14
N PRO H 4299 -5.78 28.37 -66.60
CA PRO H 4299 -5.57 28.66 -65.17
C PRO H 4299 -5.21 30.12 -64.91
N SER H 4300 -5.46 30.99 -65.89
CA SER H 4300 -5.14 32.40 -65.71
C SER H 4300 -5.97 33.03 -64.60
N ASN H 4301 -7.25 32.66 -64.51
CA ASN H 4301 -8.11 33.23 -63.48
C ASN H 4301 -7.67 32.80 -62.09
N TYR H 4302 -7.46 31.49 -61.90
CA TYR H 4302 -7.07 30.98 -60.59
C TYR H 4302 -5.62 31.34 -60.28
N TRP H 4303 -5.32 31.42 -58.98
CA TRP H 4303 -3.96 31.75 -58.55
C TRP H 4303 -2.97 30.69 -58.99
N ASP H 4304 -3.33 29.41 -58.85
CA ASP H 4304 -2.44 28.31 -59.19
C ASP H 4304 -2.49 28.06 -60.69
N LYS H 4305 -1.35 28.16 -61.35
CA LYS H 4305 -1.23 27.89 -62.79
C LYS H 4305 -0.65 26.52 -63.08
N PHE H 4306 -0.56 25.65 -62.07
CA PHE H 4306 0.02 24.32 -62.23
C PHE H 4306 -1.03 23.24 -62.42
N VAL H 4307 -2.28 23.62 -62.68
CA VAL H 4307 -3.33 22.64 -62.91
C VAL H 4307 -3.08 21.82 -64.16
N LYS H 4308 -2.35 22.36 -65.14
CA LYS H 4308 -2.01 21.61 -66.34
C LYS H 4308 -1.00 20.50 -66.03
N ARG H 4309 -0.03 20.76 -65.16
CA ARG H 4309 0.94 19.75 -64.78
C ARG H 4309 0.41 18.79 -63.73
N LYS H 4310 -0.67 19.15 -63.04
CA LYS H 4310 -1.24 18.27 -62.02
C LYS H 4310 -2.11 17.17 -62.63
N VAL H 4311 -2.81 17.47 -63.73
CA VAL H 4311 -3.69 16.47 -64.32
C VAL H 4311 -2.89 15.31 -64.92
N LEU H 4312 -1.72 15.60 -65.50
CA LEU H 4312 -0.91 14.54 -66.09
C LEU H 4312 -0.31 13.63 -65.02
N ASP H 4313 0.05 14.18 -63.87
CA ASP H 4313 0.60 13.34 -62.79
C ASP H 4313 -0.50 12.56 -62.08
N LYS H 4314 -1.67 13.16 -61.88
CA LYS H 4314 -2.75 12.47 -61.17
C LYS H 4314 -3.26 11.27 -61.96
N HIS H 4315 -3.45 11.45 -63.27
CA HIS H 4315 -3.94 10.38 -64.15
C HIS H 4315 -3.02 10.31 -65.36
N GLY H 4316 -1.94 9.55 -65.24
CA GLY H 4316 -0.99 9.41 -66.33
C GLY H 4316 -0.72 7.97 -66.70
N ASP H 4317 -1.05 7.04 -65.81
CA ASP H 4317 -0.80 5.63 -66.05
C ASP H 4317 -2.04 4.86 -66.50
N ILE H 4318 -3.23 5.31 -66.10
CA ILE H 4318 -4.45 4.62 -66.53
C ILE H 4318 -4.66 4.76 -68.03
N TYR H 4319 -4.54 5.99 -68.56
CA TYR H 4319 -4.66 6.25 -69.98
C TYR H 4319 -3.37 6.88 -70.47
N GLY H 4320 -3.22 6.94 -71.79
CA GLY H 4320 -2.03 7.47 -72.41
C GLY H 4320 -1.72 8.91 -72.04
N ARG H 4321 -0.44 9.19 -71.73
CA ARG H 4321 -0.04 10.55 -71.39
C ARG H 4321 -0.19 11.49 -72.57
N GLU H 4322 0.11 11.03 -73.78
CA GLU H 4322 -0.04 11.87 -74.96
C GLU H 4322 -1.51 12.13 -75.29
N ARG H 4323 -2.39 11.16 -75.00
CA ARG H 4323 -3.80 11.34 -75.30
C ARG H 4323 -4.45 12.38 -74.39
N ILE H 4324 -4.14 12.34 -73.09
CA ILE H 4324 -4.72 13.31 -72.16
C ILE H 4324 -4.14 14.70 -72.41
N ALA H 4325 -2.89 14.78 -72.85
CA ALA H 4325 -2.29 16.08 -73.12
C ALA H 4325 -2.87 16.72 -74.38
N GLU H 4326 -3.35 15.91 -75.32
CA GLU H 4326 -3.94 16.42 -76.55
C GLU H 4326 -5.32 17.01 -76.29
N ILE H 4358 -3.80 37.09 -78.02
CA ILE H 4358 -5.14 36.77 -77.52
C ILE H 4358 -5.65 35.50 -78.16
N ASP H 4359 -6.08 34.55 -77.34
CA ASP H 4359 -6.61 33.28 -77.80
C ASP H 4359 -8.12 33.41 -78.02
N VAL H 4360 -8.55 33.22 -79.28
CA VAL H 4360 -9.96 33.37 -79.61
C VAL H 4360 -10.83 32.34 -78.91
N LYS H 4361 -10.27 31.18 -78.57
CA LYS H 4361 -11.04 30.16 -77.85
C LYS H 4361 -11.42 30.63 -76.45
N TYR H 4362 -10.51 31.33 -75.77
CA TYR H 4362 -10.86 31.88 -74.47
C TYR H 4362 -11.80 33.06 -74.60
N GLN H 4363 -11.68 33.83 -75.69
CA GLN H 4363 -12.53 34.99 -75.89
C GLN H 4363 -13.99 34.58 -76.01
N ILE H 4364 -14.27 33.53 -76.78
CA ILE H 4364 -15.66 33.09 -76.94
C ILE H 4364 -16.17 32.45 -75.65
N TRP H 4365 -15.30 31.73 -74.93
CA TRP H 4365 -15.72 31.08 -73.69
C TRP H 4365 -16.00 32.11 -72.61
N LYS H 4366 -15.19 33.17 -72.52
CA LYS H 4366 -15.44 34.21 -71.54
C LYS H 4366 -16.74 34.96 -71.85
N PHE H 4367 -17.05 35.17 -73.13
CA PHE H 4367 -18.29 35.84 -73.49
C PHE H 4367 -19.50 34.94 -73.24
N GLY H 4368 -19.33 33.62 -73.39
CA GLY H 4368 -20.44 32.72 -73.12
C GLY H 4368 -20.84 32.71 -71.66
N VAL H 4369 -19.86 32.85 -70.76
CA VAL H 4369 -20.16 32.90 -69.33
C VAL H 4369 -21.03 34.11 -69.00
N ILE H 4370 -20.70 35.27 -69.56
CA ILE H 4370 -21.44 36.48 -69.26
C ILE H 4370 -22.84 36.44 -69.88
N PHE H 4371 -22.94 35.92 -71.10
CA PHE H 4371 -24.23 35.88 -71.79
C PHE H 4371 -25.24 34.96 -71.12
N THR H 4372 -24.76 33.92 -70.42
CA THR H 4372 -25.66 33.01 -69.71
C THR H 4372 -25.96 33.46 -68.30
N ASP H 4373 -25.30 34.51 -67.81
CA ASP H 4373 -25.54 34.99 -66.46
C ASP H 4373 -26.86 35.75 -66.39
N ASN H 4374 -27.67 35.42 -65.38
CA ASN H 4374 -28.98 36.06 -65.25
C ASN H 4374 -28.86 37.53 -64.84
N SER H 4375 -27.93 37.84 -63.94
CA SER H 4375 -27.79 39.21 -63.48
C SER H 4375 -27.30 40.13 -64.60
N PHE H 4376 -26.39 39.65 -65.44
CA PHE H 4376 -25.93 40.46 -66.57
C PHE H 4376 -27.08 40.74 -67.54
N LEU H 4377 -27.91 39.73 -67.81
CA LEU H 4377 -29.06 39.93 -68.69
C LEU H 4377 -30.04 40.94 -68.10
N TYR H 4378 -30.25 40.90 -66.78
CA TYR H 4378 -31.16 41.85 -66.13
C TYR H 4378 -30.68 43.28 -66.35
N LEU H 4379 -29.39 43.54 -66.16
CA LEU H 4379 -28.86 44.87 -66.42
C LEU H 4379 -28.89 45.21 -67.90
N GLY H 4380 -28.65 44.22 -68.77
CA GLY H 4380 -28.90 44.43 -70.18
C GLY H 4380 -30.38 44.64 -70.47
N TRP H 4381 -31.25 43.90 -69.77
CA TRP H 4381 -32.68 44.15 -69.85
C TRP H 4381 -33.03 45.55 -69.35
N TYR H 4382 -32.26 46.08 -68.40
CA TYR H 4382 -32.45 47.45 -67.97
C TYR H 4382 -32.15 48.43 -69.09
N MET H 4383 -31.10 48.16 -69.87
CA MET H 4383 -30.68 49.06 -70.94
C MET H 4383 -31.72 49.14 -72.06
N VAL H 4384 -32.25 47.99 -72.48
CA VAL H 4384 -33.01 47.94 -73.73
C VAL H 4384 -34.26 48.82 -73.63
N MET H 4385 -34.96 48.78 -72.51
CA MET H 4385 -36.17 49.58 -72.37
C MET H 4385 -35.84 51.06 -72.22
N SER H 4386 -34.63 51.39 -71.79
CA SER H 4386 -34.19 52.78 -71.81
C SER H 4386 -34.06 53.30 -73.24
N LEU H 4387 -33.54 52.47 -74.14
CA LEU H 4387 -33.44 52.88 -75.54
C LEU H 4387 -34.81 53.02 -76.18
N LEU H 4388 -35.72 52.07 -75.91
CA LEU H 4388 -37.09 52.19 -76.38
C LEU H 4388 -37.87 53.24 -75.62
N GLY H 4389 -37.36 53.73 -74.49
CA GLY H 4389 -38.03 54.81 -73.79
C GLY H 4389 -38.07 56.10 -74.59
N HIS H 4390 -37.04 56.35 -75.39
CA HIS H 4390 -37.06 57.52 -76.27
C HIS H 4390 -38.15 57.42 -77.32
N TYR H 4391 -38.36 56.22 -77.88
CA TYR H 4391 -39.43 56.03 -78.85
C TYR H 4391 -40.80 56.27 -78.23
N ASN H 4392 -41.03 55.73 -77.03
CA ASN H 4392 -42.29 55.90 -76.32
C ASN H 4392 -41.99 56.11 -74.84
N ASN H 4393 -42.45 57.23 -74.29
CA ASN H 4393 -42.18 57.54 -72.90
C ASN H 4393 -42.89 56.59 -71.93
N PHE H 4394 -43.92 55.89 -72.39
CA PHE H 4394 -44.64 54.97 -71.53
C PHE H 4394 -43.81 53.73 -71.18
N PHE H 4395 -42.79 53.41 -71.98
CA PHE H 4395 -41.96 52.26 -71.69
C PHE H 4395 -41.10 52.45 -70.45
N PHE H 4396 -41.01 53.68 -69.93
CA PHE H 4396 -40.30 53.95 -68.69
C PHE H 4396 -41.01 53.36 -67.48
N ALA H 4397 -42.27 52.96 -67.61
CA ALA H 4397 -43.02 52.41 -66.49
C ALA H 4397 -42.45 51.06 -66.03
N ALA H 4398 -41.91 50.26 -66.94
CA ALA H 4398 -41.28 49.01 -66.54
C ALA H 4398 -40.06 49.25 -65.67
N HIS H 4399 -39.47 50.45 -65.76
CA HIS H 4399 -38.32 50.79 -64.93
C HIS H 4399 -38.70 50.98 -63.47
N LEU H 4400 -39.99 51.24 -63.20
CA LEU H 4400 -40.43 51.47 -61.83
C LEU H 4400 -40.55 50.17 -61.03
N LEU H 4401 -40.65 49.03 -61.71
CA LEU H 4401 -40.76 47.74 -61.05
C LEU H 4401 -39.46 47.30 -60.39
N ASP H 4402 -38.35 48.00 -60.63
CA ASP H 4402 -37.04 47.56 -60.17
C ASP H 4402 -36.70 48.05 -58.77
N ILE H 4403 -37.57 48.85 -58.14
CA ILE H 4403 -37.40 49.13 -56.72
C ILE H 4403 -37.89 47.96 -55.87
N ALA H 4404 -38.71 47.08 -56.47
CA ALA H 4404 -39.18 45.90 -55.74
C ALA H 4404 -38.02 44.99 -55.35
N MET H 4405 -37.00 44.90 -56.21
CA MET H 4405 -35.80 44.16 -55.86
C MET H 4405 -34.69 45.04 -55.27
N GLY H 4406 -34.73 46.34 -55.56
CA GLY H 4406 -33.62 47.20 -55.13
C GLY H 4406 -33.49 47.31 -53.63
N VAL H 4407 -34.60 47.53 -52.93
CA VAL H 4407 -34.54 47.71 -51.48
C VAL H 4407 -34.61 46.35 -50.80
N LYS H 4408 -33.79 46.17 -49.76
CA LYS H 4408 -33.66 44.87 -49.11
C LYS H 4408 -34.98 44.41 -48.50
N THR H 4409 -35.67 45.31 -47.79
CA THR H 4409 -36.91 44.91 -47.12
C THR H 4409 -38.05 44.65 -48.11
N LEU H 4410 -37.97 45.21 -49.31
CA LEU H 4410 -38.89 44.81 -50.37
C LEU H 4410 -38.68 43.36 -50.78
N ARG H 4411 -37.42 42.91 -50.85
CA ARG H 4411 -37.15 41.55 -51.26
C ARG H 4411 -37.71 40.54 -50.28
N THR H 4412 -37.63 40.81 -48.98
CA THR H 4412 -38.12 39.87 -47.98
C THR H 4412 -39.63 39.68 -48.09
N ILE H 4413 -40.39 40.77 -48.23
CA ILE H 4413 -41.83 40.66 -48.34
C ILE H 4413 -42.22 39.94 -49.63
N LEU H 4414 -41.56 40.29 -50.74
CA LEU H 4414 -41.85 39.61 -52.00
C LEU H 4414 -41.32 38.18 -52.01
N SER H 4415 -40.41 37.84 -51.11
CA SER H 4415 -39.91 36.48 -51.02
C SER H 4415 -40.90 35.52 -50.38
N SER H 4416 -41.93 36.03 -49.69
CA SER H 4416 -42.90 35.17 -49.04
C SER H 4416 -43.72 34.40 -50.07
N VAL H 4417 -44.18 35.08 -51.12
CA VAL H 4417 -44.97 34.42 -52.15
C VAL H 4417 -44.12 33.46 -52.97
N THR H 4418 -42.86 33.82 -53.22
CA THR H 4418 -41.98 32.97 -54.00
C THR H 4418 -41.58 31.70 -53.25
N HIS H 4419 -41.57 31.74 -51.91
CA HIS H 4419 -41.24 30.54 -51.14
C HIS H 4419 -42.26 29.44 -51.37
N ASN H 4420 -43.55 29.79 -51.43
CA ASN H 4420 -44.62 28.85 -51.68
C ASN H 4420 -45.19 29.01 -53.08
N GLY H 4421 -44.42 29.61 -53.99
CA GLY H 4421 -44.90 29.82 -55.34
C GLY H 4421 -45.01 28.55 -56.15
N LYS H 4422 -44.25 27.52 -55.78
CA LYS H 4422 -44.39 26.22 -56.46
C LYS H 4422 -45.78 25.65 -56.26
N GLN H 4423 -46.32 25.77 -55.05
CA GLN H 4423 -47.69 25.35 -54.78
C GLN H 4423 -48.72 26.42 -55.09
N LEU H 4424 -48.29 27.67 -55.30
CA LEU H 4424 -49.25 28.74 -55.54
C LEU H 4424 -49.73 28.78 -56.98
N VAL H 4425 -48.82 28.57 -57.94
CA VAL H 4425 -49.21 28.54 -59.34
C VAL H 4425 -50.12 27.36 -59.65
N MET H 4426 -50.25 26.41 -58.72
CA MET H 4426 -50.98 25.17 -58.95
C MET H 4426 -52.32 25.12 -58.23
N THR H 4427 -52.46 25.78 -57.08
CA THR H 4427 -53.78 25.86 -56.45
C THR H 4427 -54.77 26.61 -57.32
N VAL H 4428 -54.32 27.68 -57.97
CA VAL H 4428 -55.16 28.33 -58.97
C VAL H 4428 -55.40 27.40 -60.15
N GLY H 4429 -54.45 26.51 -60.43
CA GLY H 4429 -54.69 25.47 -61.43
C GLY H 4429 -55.75 24.49 -61.01
N LEU H 4430 -55.78 24.13 -59.71
CA LEU H 4430 -56.86 23.31 -59.20
C LEU H 4430 -58.21 24.01 -59.32
N LEU H 4431 -58.21 25.34 -59.21
CA LEU H 4431 -59.44 26.10 -59.41
C LEU H 4431 -59.94 25.97 -60.86
N ALA H 4432 -59.04 25.77 -61.81
CA ALA H 4432 -59.45 25.65 -63.20
C ALA H 4432 -60.20 24.35 -63.47
N VAL H 4433 -59.81 23.26 -62.81
CA VAL H 4433 -60.44 21.97 -63.07
C VAL H 4433 -61.72 21.76 -62.27
N VAL H 4434 -61.93 22.51 -61.19
CA VAL H 4434 -63.14 22.36 -60.40
C VAL H 4434 -64.26 23.25 -60.95
N VAL H 4435 -63.94 24.45 -61.42
CA VAL H 4435 -64.95 25.30 -62.02
C VAL H 4435 -65.46 24.70 -63.33
N TYR H 4436 -64.57 24.05 -64.09
CA TYR H 4436 -64.99 23.39 -65.32
C TYR H 4436 -66.02 22.30 -65.04
N LEU H 4437 -65.84 21.55 -63.96
CA LEU H 4437 -66.83 20.54 -63.59
C LEU H 4437 -68.16 21.18 -63.21
N TYR H 4438 -68.12 22.36 -62.60
CA TYR H 4438 -69.35 23.03 -62.21
C TYR H 4438 -70.06 23.68 -63.40
N THR H 4439 -69.32 24.07 -64.43
CA THR H 4439 -69.94 24.75 -65.56
C THR H 4439 -70.62 23.80 -66.53
N VAL H 4440 -70.36 22.49 -66.43
CA VAL H 4440 -71.03 21.54 -67.32
C VAL H 4440 -72.36 21.08 -66.71
N VAL H 4441 -72.43 20.95 -65.38
CA VAL H 4441 -73.69 20.64 -64.74
C VAL H 4441 -74.60 21.85 -64.74
N ALA H 4442 -74.03 23.06 -64.65
CA ALA H 4442 -74.84 24.27 -64.73
C ALA H 4442 -75.42 24.47 -66.11
N PHE H 4443 -74.67 24.10 -67.15
CA PHE H 4443 -75.16 24.25 -68.52
C PHE H 4443 -76.24 23.25 -68.87
N ASN H 4444 -76.14 22.01 -68.36
CA ASN H 4444 -77.08 20.97 -68.74
C ASN H 4444 -78.45 21.20 -68.09
N PHE H 4445 -78.47 21.61 -66.82
CA PHE H 4445 -79.70 21.71 -66.05
C PHE H 4445 -80.03 23.13 -65.61
N PHE H 4446 -79.06 23.88 -65.12
CA PHE H 4446 -79.30 25.22 -64.60
C PHE H 4446 -79.19 26.30 -65.69
N ARG H 4447 -79.23 25.91 -66.96
CA ARG H 4447 -79.16 26.89 -68.04
C ARG H 4447 -80.37 27.82 -68.06
N LYS H 4448 -81.57 27.26 -67.81
CA LYS H 4448 -82.77 28.09 -67.82
C LYS H 4448 -82.76 29.14 -66.73
N PHE H 4449 -82.06 28.87 -65.62
CA PHE H 4449 -81.99 29.84 -64.53
C PHE H 4449 -81.15 31.05 -64.91
N TYR H 4450 -80.13 30.86 -65.75
CA TYR H 4450 -79.32 31.98 -66.21
C TYR H 4450 -80.14 32.95 -67.04
N ASN H 4451 -80.99 32.44 -67.93
CA ASN H 4451 -81.80 33.29 -68.80
C ASN H 4451 -82.96 33.88 -68.02
N LYS H 4452 -83.35 35.10 -68.41
CA LYS H 4452 -84.46 35.79 -67.78
C LYS H 4452 -85.80 35.22 -68.24
N ASP H 4460 -76.17 37.51 -77.46
CA ASP H 4460 -75.27 36.53 -76.86
C ASP H 4460 -75.57 36.34 -75.37
N MET H 4461 -75.99 35.13 -75.01
CA MET H 4461 -76.32 34.80 -73.63
C MET H 4461 -75.36 33.76 -73.09
N LYS H 4462 -75.08 33.85 -71.79
CA LYS H 4462 -74.15 32.93 -71.16
C LYS H 4462 -74.70 31.50 -71.08
N CYS H 4463 -76.03 31.35 -71.15
CA CYS H 4463 -76.64 30.03 -71.03
C CYS H 4463 -76.77 29.31 -72.36
N ASP H 4464 -76.92 30.05 -73.46
CA ASP H 4464 -77.10 29.42 -74.76
C ASP H 4464 -75.86 28.63 -75.18
N ASP H 4465 -74.67 29.18 -74.93
CA ASP H 4465 -73.41 28.52 -75.26
C ASP H 4465 -72.65 28.20 -73.99
N MET H 4466 -72.11 26.98 -73.91
CA MET H 4466 -71.40 26.55 -72.71
C MET H 4466 -69.94 27.00 -72.72
N MET H 4467 -69.47 27.58 -73.83
CA MET H 4467 -68.27 28.40 -73.79
C MET H 4467 -68.55 29.80 -73.24
N THR H 4468 -69.72 30.36 -73.55
CA THR H 4468 -70.15 31.57 -72.84
C THR H 4468 -70.41 31.28 -71.37
N CYS H 4469 -70.82 30.05 -71.05
CA CYS H 4469 -71.03 29.68 -69.65
C CYS H 4469 -69.71 29.49 -68.91
N TYR H 4470 -68.70 28.90 -69.57
CA TYR H 4470 -67.42 28.71 -68.91
C TYR H 4470 -66.78 30.03 -68.52
N LEU H 4471 -66.84 31.02 -69.42
CA LEU H 4471 -66.36 32.35 -69.07
C LEU H 4471 -67.22 33.00 -68.00
N PHE H 4472 -68.53 32.71 -68.01
CA PHE H 4472 -69.43 33.27 -67.02
C PHE H 4472 -69.16 32.73 -65.61
N HIS H 4473 -68.56 31.54 -65.50
CA HIS H 4473 -68.27 30.95 -64.20
C HIS H 4473 -66.90 31.37 -63.66
N MET H 4474 -65.92 31.50 -64.54
CA MET H 4474 -64.56 31.83 -64.11
C MET H 4474 -64.33 33.34 -64.01
N TYR H 4475 -64.74 34.09 -65.03
CA TYR H 4475 -64.50 35.53 -65.03
C TYR H 4475 -65.44 36.27 -64.08
N VAL H 4476 -66.69 35.82 -63.98
CA VAL H 4476 -67.71 36.50 -63.20
C VAL H 4476 -67.99 35.79 -61.88
N GLY H 4477 -68.13 34.46 -61.91
CA GLY H 4477 -68.48 33.74 -60.70
C GLY H 4477 -67.40 33.82 -59.63
N VAL H 4478 -66.15 33.64 -60.03
CA VAL H 4478 -65.06 33.70 -59.06
C VAL H 4478 -64.84 35.11 -58.56
N ARG H 4479 -64.94 36.11 -59.45
CA ARG H 4479 -64.71 37.49 -59.04
C ARG H 4479 -65.78 37.97 -58.07
N ALA H 4480 -67.04 37.59 -58.30
CA ALA H 4480 -68.13 38.04 -57.43
C ALA H 4480 -68.02 37.37 -56.07
N GLY H 4481 -68.14 38.17 -55.01
CA GLY H 4481 -68.08 37.63 -53.67
C GLY H 4481 -69.33 36.91 -53.23
N GLY H 4482 -70.48 37.25 -53.82
CA GLY H 4482 -71.73 36.59 -53.47
C GLY H 4482 -71.87 35.19 -54.01
N GLY H 4483 -71.12 34.85 -55.05
CA GLY H 4483 -71.16 33.54 -55.65
C GLY H 4483 -71.75 33.58 -57.05
N ILE H 4484 -71.91 32.40 -57.63
CA ILE H 4484 -72.48 32.30 -58.97
C ILE H 4484 -73.95 32.71 -58.97
N GLY H 4485 -74.63 32.55 -57.84
CA GLY H 4485 -76.05 32.88 -57.76
C GLY H 4485 -76.36 34.35 -57.68
N ASP H 4486 -75.34 35.20 -57.51
CA ASP H 4486 -75.57 36.64 -57.47
C ASP H 4486 -75.81 37.24 -58.85
N GLU H 4487 -75.42 36.53 -59.91
CA GLU H 4487 -75.55 37.06 -61.27
C GLU H 4487 -76.62 36.34 -62.08
N ILE H 4488 -77.30 35.34 -61.52
CA ILE H 4488 -78.34 34.62 -62.24
C ILE H 4488 -79.57 35.49 -62.39
N GLU H 4489 -80.49 35.09 -63.27
CA GLU H 4489 -81.71 35.86 -63.47
C GLU H 4489 -82.64 35.73 -62.27
N ASP H 4490 -83.07 34.51 -61.97
CA ASP H 4490 -83.95 34.27 -60.83
C ASP H 4490 -83.93 32.79 -60.45
N PRO H 4491 -83.65 32.46 -59.19
CA PRO H 4491 -83.66 31.05 -58.76
C PRO H 4491 -85.04 30.53 -58.39
N ALA H 4492 -86.07 31.38 -58.42
CA ALA H 4492 -87.42 30.98 -58.03
C ALA H 4492 -88.14 30.33 -59.22
N GLY H 4493 -87.66 29.14 -59.56
CA GLY H 4493 -88.26 28.35 -60.62
C GLY H 4493 -88.85 27.07 -60.07
N ASP H 4494 -90.03 26.71 -60.57
CA ASP H 4494 -90.70 25.50 -60.10
C ASP H 4494 -89.87 24.26 -60.42
N GLU H 4495 -89.32 24.17 -61.62
CA GLU H 4495 -88.50 23.04 -62.01
C GLU H 4495 -87.12 23.15 -61.38
N TYR H 4496 -86.67 22.08 -60.74
CA TYR H 4496 -85.36 22.02 -60.08
C TYR H 4496 -85.19 23.16 -59.08
N GLU H 4497 -86.23 23.39 -58.28
CA GLU H 4497 -86.18 24.43 -57.27
C GLU H 4497 -85.15 24.11 -56.19
N LEU H 4498 -85.22 22.89 -55.64
CA LEU H 4498 -84.26 22.48 -54.62
C LEU H 4498 -82.87 22.28 -55.21
N TYR H 4499 -82.79 21.82 -56.45
CA TYR H 4499 -81.49 21.57 -57.08
C TYR H 4499 -80.70 22.86 -57.27
N ARG H 4500 -81.38 23.97 -57.53
CA ARG H 4500 -80.69 25.24 -57.71
C ARG H 4500 -80.08 25.75 -56.41
N VAL H 4501 -80.78 25.60 -55.29
CA VAL H 4501 -80.28 26.12 -54.01
C VAL H 4501 -79.03 25.37 -53.58
N VAL H 4502 -79.05 24.03 -53.67
CA VAL H 4502 -77.90 23.24 -53.26
C VAL H 4502 -76.71 23.49 -54.19
N PHE H 4503 -76.98 23.76 -55.47
CA PHE H 4503 -75.89 24.01 -56.41
C PHE H 4503 -75.09 25.26 -56.02
N ASP H 4504 -75.78 26.31 -55.56
CA ASP H 4504 -75.10 27.52 -55.15
C ASP H 4504 -74.40 27.37 -53.80
N ILE H 4505 -75.02 26.67 -52.85
CA ILE H 4505 -74.42 26.52 -51.53
C ILE H 4505 -73.12 25.74 -51.62
N THR H 4506 -73.11 24.64 -52.38
CA THR H 4506 -71.87 23.89 -52.59
C THR H 4506 -70.84 24.71 -53.35
N PHE H 4507 -71.27 25.48 -54.35
CA PHE H 4507 -70.35 26.33 -55.09
C PHE H 4507 -69.82 27.47 -54.23
N PHE H 4508 -70.70 28.13 -53.46
CA PHE H 4508 -70.26 29.23 -52.62
C PHE H 4508 -69.28 28.78 -51.55
N PHE H 4509 -69.52 27.61 -50.95
CA PHE H 4509 -68.64 27.12 -49.90
C PHE H 4509 -67.28 26.69 -50.44
N PHE H 4510 -67.24 26.08 -51.62
CA PHE H 4510 -66.01 25.43 -52.09
C PHE H 4510 -65.03 26.42 -52.70
N VAL H 4511 -65.41 27.06 -53.81
CA VAL H 4511 -64.44 27.86 -54.56
C VAL H 4511 -64.37 29.31 -54.07
N ILE H 4512 -65.40 29.80 -53.39
CA ILE H 4512 -65.33 31.15 -52.82
C ILE H 4512 -64.77 31.14 -51.40
N VAL H 4513 -65.05 30.10 -50.62
CA VAL H 4513 -64.63 30.08 -49.22
C VAL H 4513 -63.41 29.18 -49.04
N ILE H 4514 -63.54 27.90 -49.40
CA ILE H 4514 -62.47 26.94 -49.12
C ILE H 4514 -61.25 27.22 -50.00
N LEU H 4515 -61.47 27.35 -51.31
CA LEU H 4515 -60.35 27.51 -52.24
C LEU H 4515 -59.63 28.84 -52.05
N LEU H 4516 -60.36 29.92 -51.80
CA LEU H 4516 -59.71 31.20 -51.54
C LEU H 4516 -58.96 31.17 -50.21
N ALA H 4517 -59.45 30.39 -49.25
CA ALA H 4517 -58.71 30.20 -48.00
C ALA H 4517 -57.41 29.45 -48.23
N ILE H 4518 -57.37 28.57 -49.25
CA ILE H 4518 -56.12 27.88 -49.58
C ILE H 4518 -55.07 28.89 -50.03
N ILE H 4519 -55.47 29.84 -50.87
CA ILE H 4519 -54.54 30.89 -51.31
C ILE H 4519 -54.09 31.72 -50.12
N GLN H 4520 -55.02 32.07 -49.23
CA GLN H 4520 -54.66 32.80 -48.02
C GLN H 4520 -53.76 31.96 -47.11
N GLY H 4521 -54.03 30.65 -47.03
CA GLY H 4521 -53.25 29.79 -46.16
C GLY H 4521 -51.79 29.70 -46.58
N LEU H 4522 -51.54 29.59 -47.89
CA LEU H 4522 -50.16 29.50 -48.37
C LEU H 4522 -49.39 30.80 -48.13
N ILE H 4523 -50.09 31.93 -48.07
CA ILE H 4523 -49.41 33.20 -47.87
C ILE H 4523 -49.17 33.47 -46.40
N ILE H 4524 -50.20 33.28 -45.57
CA ILE H 4524 -50.07 33.52 -44.14
C ILE H 4524 -49.03 32.58 -43.53
N ASP H 4525 -49.05 31.31 -43.96
CA ASP H 4525 -48.03 30.37 -43.49
C ASP H 4525 -46.64 30.80 -43.91
N ALA H 4526 -46.51 31.29 -45.15
CA ALA H 4526 -45.20 31.66 -45.68
C ALA H 4526 -44.55 32.81 -44.91
N PHE H 4527 -45.35 33.73 -44.37
CA PHE H 4527 -44.80 34.83 -43.60
C PHE H 4527 -44.10 34.32 -42.35
N GLY H 4528 -44.67 33.31 -41.69
CA GLY H 4528 -43.99 32.70 -40.58
C GLY H 4528 -42.86 31.79 -41.01
N GLU H 4529 -42.79 31.47 -42.31
CA GLU H 4529 -41.77 30.56 -42.80
C GLU H 4529 -40.42 31.27 -42.93
N LEU H 4530 -40.43 32.56 -43.27
CA LEU H 4530 -39.20 33.33 -43.37
C LEU H 4530 -38.64 33.71 -42.00
N ARG H 4531 -39.35 33.38 -40.93
CA ARG H 4531 -38.93 33.68 -39.57
C ARG H 4531 -38.24 32.49 -38.91
N ASP H 4532 -38.94 31.34 -38.84
CA ASP H 4532 -38.39 30.20 -38.12
C ASP H 4532 -37.10 29.70 -38.74
N GLN H 4533 -36.92 29.92 -40.05
CA GLN H 4533 -35.62 29.68 -40.66
C GLN H 4533 -34.57 30.64 -40.11
N GLN H 4534 -34.93 31.91 -39.97
CA GLN H 4534 -34.02 32.87 -39.34
C GLN H 4534 -33.89 32.60 -37.84
N GLU H 4535 -34.95 32.13 -37.19
CA GLU H 4535 -34.88 31.80 -35.77
C GLU H 4535 -34.02 30.55 -35.54
N GLN H 4536 -34.16 29.55 -36.41
CA GLN H 4536 -33.38 28.32 -36.25
C GLN H 4536 -31.89 28.60 -36.42
N VAL H 4537 -31.51 29.39 -37.43
CA VAL H 4537 -30.09 29.68 -37.65
C VAL H 4537 -29.53 30.57 -36.56
N ARG H 4538 -30.33 31.48 -36.00
CA ARG H 4538 -29.85 32.35 -34.94
C ARG H 4538 -29.68 31.58 -33.63
N GLU H 4539 -30.63 30.69 -33.30
CA GLU H 4539 -30.53 29.93 -32.06
C GLU H 4539 -29.43 28.88 -32.14
N ASP H 4540 -29.20 28.29 -33.32
CA ASP H 4540 -28.20 27.23 -33.45
C ASP H 4540 -26.80 27.76 -33.17
N MET H 4541 -26.54 29.03 -33.52
CA MET H 4541 -25.21 29.61 -33.27
C MET H 4541 -24.91 29.69 -31.78
N GLU H 4542 -25.90 30.08 -30.97
CA GLU H 4542 -25.68 30.25 -29.54
C GLU H 4542 -25.57 28.93 -28.79
N THR H 4543 -26.18 27.86 -29.30
CA THR H 4543 -26.14 26.58 -28.60
C THR H 4543 -24.76 25.94 -28.66
N LYS H 4544 -24.07 26.06 -29.79
CA LYS H 4544 -22.76 25.43 -29.93
C LYS H 4544 -21.95 26.18 -30.97
N CYS H 4545 -20.63 26.12 -30.82
CA CYS H 4545 -19.73 26.70 -31.81
C CYS H 4545 -19.71 25.85 -33.07
N PHE H 4546 -19.65 26.52 -34.22
CA PHE H 4546 -19.68 25.81 -35.49
C PHE H 4546 -18.38 25.07 -35.75
N ILE H 4547 -17.24 25.71 -35.50
CA ILE H 4547 -15.95 25.07 -35.76
C ILE H 4547 -15.74 23.90 -34.81
N CYS H 4548 -16.07 24.10 -33.53
CA CYS H 4548 -15.85 23.05 -32.55
C CYS H 4548 -16.96 21.99 -32.61
N GLY H 4549 -18.21 22.41 -32.42
CA GLY H 4549 -19.33 21.50 -32.36
C GLY H 4549 -19.61 20.93 -30.99
N ILE H 4550 -18.82 21.28 -29.98
CA ILE H 4550 -19.05 20.80 -28.62
C ILE H 4550 -20.21 21.57 -27.99
N GLY H 4551 -20.74 21.00 -26.91
CA GLY H 4551 -21.87 21.60 -26.23
C GLY H 4551 -21.50 22.88 -25.50
N SER H 4552 -22.54 23.65 -25.17
CA SER H 4552 -22.34 24.92 -24.46
C SER H 4552 -21.98 24.70 -22.99
N ASP H 4553 -22.42 23.59 -22.40
CA ASP H 4553 -22.21 23.37 -20.97
C ASP H 4553 -20.72 23.33 -20.65
N TYR H 4554 -19.92 22.65 -21.48
CA TYR H 4554 -18.48 22.65 -21.27
C TYR H 4554 -17.86 24.01 -21.52
N PHE H 4555 -18.55 24.90 -22.23
CA PHE H 4555 -17.99 26.19 -22.62
C PHE H 4555 -18.58 27.35 -21.82
N ASP H 4556 -19.19 27.06 -20.67
CA ASP H 4556 -19.70 28.09 -19.76
C ASP H 4556 -19.24 27.83 -18.34
N THR H 4557 -18.13 27.10 -18.17
CA THR H 4557 -17.59 26.86 -16.83
C THR H 4557 -17.03 28.14 -16.23
N THR H 4558 -16.01 28.70 -16.87
CA THR H 4558 -15.48 30.01 -16.49
C THR H 4558 -16.49 31.10 -16.87
N PRO H 4559 -16.65 32.12 -16.03
CA PRO H 4559 -17.51 33.25 -16.43
C PRO H 4559 -17.02 33.88 -17.73
N HIS H 4560 -17.96 34.18 -18.62
CA HIS H 4560 -17.67 34.74 -19.94
C HIS H 4560 -16.69 33.86 -20.71
N ARG H 4561 -17.08 32.60 -20.88
CA ARG H 4561 -16.25 31.62 -21.58
C ARG H 4561 -16.71 31.36 -23.00
N PHE H 4562 -18.02 31.34 -23.25
CA PHE H 4562 -18.51 31.08 -24.60
C PHE H 4562 -18.08 32.17 -25.57
N GLU H 4563 -18.29 33.44 -25.20
CA GLU H 4563 -17.81 34.54 -26.03
C GLU H 4563 -16.29 34.61 -26.08
N THR H 4564 -15.60 34.06 -25.07
CA THR H 4564 -14.15 33.98 -25.15
C THR H 4564 -13.70 33.00 -26.22
N HIS H 4565 -14.51 31.95 -26.45
CA HIS H 4565 -14.12 30.91 -27.40
C HIS H 4565 -14.41 31.33 -28.85
N THR H 4566 -15.60 31.85 -29.12
CA THR H 4566 -16.03 32.11 -30.48
C THR H 4566 -15.56 33.47 -31.02
N LEU H 4567 -14.97 34.32 -30.18
CA LEU H 4567 -14.43 35.59 -30.64
C LEU H 4567 -12.92 35.57 -30.84
N GLU H 4568 -12.19 34.85 -30.00
CA GLU H 4568 -10.73 34.79 -30.10
C GLU H 4568 -10.20 33.38 -30.29
N GLU H 4569 -10.81 32.40 -29.65
CA GLU H 4569 -10.29 31.03 -29.70
C GLU H 4569 -10.72 30.31 -30.99
N HIS H 4570 -12.02 30.28 -31.25
CA HIS H 4570 -12.57 29.61 -32.43
C HIS H 4570 -13.29 30.61 -33.35
N ASN H 4571 -12.70 31.78 -33.55
CA ASN H 4571 -13.30 32.78 -34.42
C ASN H 4571 -13.28 32.30 -35.87
N LEU H 4572 -14.44 32.32 -36.51
CA LEU H 4572 -14.52 31.92 -37.92
C LEU H 4572 -13.80 32.90 -38.83
N ALA H 4573 -13.63 34.14 -38.40
CA ALA H 4573 -12.90 35.12 -39.20
C ALA H 4573 -11.40 34.89 -39.14
N ASN H 4574 -10.89 34.39 -38.01
CA ASN H 4574 -9.45 34.17 -37.87
C ASN H 4574 -8.95 33.11 -38.85
N TYR H 4575 -9.74 32.06 -39.09
CA TYR H 4575 -9.34 31.03 -40.04
C TYR H 4575 -9.22 31.56 -41.46
N MET H 4576 -9.95 32.62 -41.81
CA MET H 4576 -9.81 33.19 -43.14
C MET H 4576 -8.47 33.89 -43.31
N PHE H 4577 -8.02 34.61 -42.28
CA PHE H 4577 -6.73 35.31 -42.37
C PHE H 4577 -5.58 34.32 -42.53
N PHE H 4578 -5.68 33.15 -41.91
CA PHE H 4578 -4.65 32.13 -42.08
C PHE H 4578 -4.59 31.63 -43.52
N LEU H 4579 -5.74 31.51 -44.18
CA LEU H 4579 -5.76 31.12 -45.58
C LEU H 4579 -5.07 32.16 -46.45
N MET H 4580 -5.31 33.45 -46.17
CA MET H 4580 -4.62 34.51 -46.89
C MET H 4580 -3.13 34.50 -46.61
N TYR H 4581 -2.75 34.12 -45.39
CA TYR H 4581 -1.33 34.01 -45.05
C TYR H 4581 -0.62 32.95 -45.87
N LEU H 4582 -1.26 31.80 -46.08
CA LEU H 4582 -0.62 30.70 -46.80
C LEU H 4582 -0.44 31.01 -48.28
N ILE H 4583 -1.48 31.49 -48.94
CA ILE H 4583 -1.45 31.62 -50.39
C ILE H 4583 -0.51 32.74 -50.83
N ASN H 4584 -0.49 33.85 -50.07
CA ASN H 4584 0.35 34.98 -50.45
C ASN H 4584 1.83 34.66 -50.27
N LYS H 4585 2.18 33.94 -49.20
CA LYS H 4585 3.57 33.65 -48.92
C LYS H 4585 4.12 32.65 -49.93
N ASP H 4586 5.41 32.81 -50.26
CA ASP H 4586 6.06 31.91 -51.19
C ASP H 4586 6.28 30.53 -50.56
N GLU H 4587 6.47 29.54 -51.41
CA GLU H 4587 6.50 28.14 -50.98
C GLU H 4587 7.81 27.76 -50.30
N THR H 4588 8.84 28.59 -50.37
CA THR H 4588 10.13 28.25 -49.79
C THR H 4588 10.29 28.75 -48.35
N GLU H 4589 9.35 29.54 -47.84
CA GLU H 4589 9.47 30.12 -46.51
C GLU H 4589 8.43 29.58 -45.53
N HIS H 4590 7.45 28.80 -46.00
CA HIS H 4590 6.47 28.22 -45.11
C HIS H 4590 7.14 27.33 -44.06
N THR H 4591 6.67 27.44 -42.81
CA THR H 4591 7.24 26.71 -41.70
C THR H 4591 6.73 25.27 -41.71
N GLY H 4592 6.98 24.54 -40.62
CA GLY H 4592 6.55 23.15 -40.56
C GLY H 4592 5.04 23.00 -40.61
N GLN H 4593 4.32 23.86 -39.88
CA GLN H 4593 2.86 23.79 -39.88
C GLN H 4593 2.29 24.33 -41.18
N GLU H 4594 2.85 25.43 -41.70
CA GLU H 4594 2.34 26.02 -42.93
C GLU H 4594 2.48 25.07 -44.11
N SER H 4595 3.62 24.36 -44.20
CA SER H 4595 3.79 23.38 -45.26
C SER H 4595 2.81 22.22 -45.14
N TYR H 4596 2.55 21.75 -43.91
CA TYR H 4596 1.63 20.65 -43.71
C TYR H 4596 0.20 21.04 -44.09
N VAL H 4597 -0.25 22.21 -43.65
CA VAL H 4597 -1.62 22.65 -43.93
C VAL H 4597 -1.80 22.86 -45.43
N TRP H 4598 -0.80 23.43 -46.10
CA TRP H 4598 -0.88 23.62 -47.55
C TRP H 4598 -0.99 22.29 -48.27
N LYS H 4599 -0.27 21.26 -47.80
CA LYS H 4599 -0.35 19.95 -48.42
C LYS H 4599 -1.77 19.40 -48.35
N MET H 4600 -2.43 19.53 -47.19
CA MET H 4600 -3.84 19.17 -47.11
C MET H 4600 -4.70 20.06 -47.99
N TYR H 4601 -4.42 21.36 -48.02
CA TYR H 4601 -5.21 22.28 -48.83
C TYR H 4601 -5.09 21.97 -50.31
N GLN H 4602 -3.88 21.62 -50.77
CA GLN H 4602 -3.71 21.17 -52.14
C GLN H 4602 -4.47 19.87 -52.38
N GLU H 4603 -4.44 18.96 -51.42
CA GLU H 4603 -5.20 17.72 -51.50
C GLU H 4603 -6.68 17.91 -51.17
N ARG H 4604 -7.07 19.10 -50.74
CA ARG H 4604 -8.46 19.43 -50.42
C ARG H 4604 -9.04 18.50 -49.35
N CYS H 4605 -8.22 18.16 -48.36
CA CYS H 4605 -8.66 17.38 -47.20
C CYS H 4605 -8.88 18.29 -46.01
N TRP H 4606 -9.94 18.02 -45.26
CA TRP H 4606 -10.37 18.86 -44.15
C TRP H 4606 -10.12 18.19 -42.80
N ASP H 4607 -9.00 17.49 -42.68
CA ASP H 4607 -8.63 16.85 -41.41
C ASP H 4607 -7.83 17.78 -40.49
N PHE H 4608 -7.39 18.93 -40.98
CA PHE H 4608 -6.66 19.88 -40.14
C PHE H 4608 -7.57 20.66 -39.22
N PHE H 4609 -8.87 20.69 -39.51
CA PHE H 4609 -9.84 21.34 -38.63
C PHE H 4609 -9.95 20.54 -37.32
N PRO H 4610 -10.33 21.20 -36.23
CA PRO H 4610 -10.36 20.47 -34.94
C PRO H 4610 -11.45 19.41 -34.89
N ALA H 4611 -12.66 19.74 -35.35
CA ALA H 4611 -13.74 18.77 -35.54
C ALA H 4611 -14.07 18.02 -34.24
N GLY H 4612 -14.56 18.78 -33.26
CA GLY H 4612 -15.02 18.19 -32.01
C GLY H 4612 -14.01 18.14 -30.89
N ASP H 4613 -12.84 18.75 -31.07
CA ASP H 4613 -11.82 18.79 -30.03
C ASP H 4613 -11.32 20.21 -29.87
N CYS H 4614 -11.12 20.62 -28.62
CA CYS H 4614 -10.65 21.97 -28.30
C CYS H 4614 -9.53 21.88 -27.28
N PHE H 4615 -8.73 22.94 -27.21
CA PHE H 4615 -7.58 22.97 -26.32
C PHE H 4615 -7.99 22.83 -24.86
N ARG H 4616 -9.10 23.45 -24.46
CA ARG H 4616 -9.52 23.42 -23.07
C ARG H 4616 -9.90 22.00 -22.64
N LYS H 4617 -10.72 21.31 -23.42
CA LYS H 4617 -11.13 19.95 -23.08
C LYS H 4617 -9.99 18.95 -23.25
N GLN H 4618 -9.15 19.15 -24.27
CA GLN H 4618 -8.09 18.18 -24.56
C GLN H 4618 -7.02 18.19 -23.48
N TYR H 4619 -6.62 19.38 -23.03
CA TYR H 4619 -5.62 19.53 -21.97
C TYR H 4619 -6.27 19.84 -20.63
N GLU H 4620 -7.45 19.28 -20.37
CA GLU H 4620 -8.18 19.61 -19.15
C GLU H 4620 -7.42 19.15 -17.90
N ASP H 4621 -6.83 17.96 -17.96
CA ASP H 4621 -6.15 17.40 -16.79
C ASP H 4621 -4.92 18.19 -16.39
N GLN H 4622 -4.27 18.89 -17.34
CA GLN H 4622 -3.05 19.61 -17.03
C GLN H 4622 -3.36 20.97 -16.41
N LEU H 4623 -4.06 21.84 -17.14
CA LEU H 4623 -4.42 23.17 -16.67
C LEU H 4623 -5.93 23.31 -16.62
N SER H 4624 -6.40 24.10 -15.66
CA SER H 4624 -7.83 24.34 -15.49
C SER H 4624 -8.34 25.36 -16.50
ZN ZN I . -27.83 3.71 -33.32
ZN ZN J . -41.14 8.48 -11.60
ZN ZN K . -28.98 31.22 -9.16
ZN ZN L . -15.68 26.45 -30.88
#